data_6OGD
#
_entry.id   6OGD
#
_cell.length_a   1
_cell.length_b   1
_cell.length_c   1
_cell.angle_alpha   90
_cell.angle_beta   90
_cell.angle_gamma   90
#
_symmetry.space_group_name_H-M   'P 1'
#
loop_
_entity.id
_entity.type
_entity.pdbx_description
1 polymer 'Toxin subunit YenA1'
2 polymer 'Toxin subunit YenA2'
3 polymer 'Chitinase 2'
#
loop_
_entity_poly.entity_id
_entity_poly.type
_entity_poly.pdbx_seq_one_letter_code
_entity_poly.pdbx_strand_id
1 'polypeptide(L)'
;MDKYNNYSNVIKNKSSISPLLAAAAKIEPEITVLSSASKSNRSQYSQSLADTLLGLGYRSIFDIAKVSRQRFIKRHDESL
LGNGAVIFDKAVSMANQVLQKYRKNRLEKSNSPLVPQTSSSTDASSESQTNKLPEYNQLFPEPWDNFCRPGAIEALDSPA
SYLLDLYKFIQSVELDGSNQARKLETRRADIPKLSLDNDALYKEVTALSIVNDVLSGSAREYIDQSGQADKAVNQILGDT
HFPFTLPYSLPTQQINKGLGASNIELGTVIQRVDPQFSWNTTQEKYNQVLLAYTQLSSEQIALLSLPDVFTQNFLTQTEL
SAGYLSASTTEILAEKDLSRHGYIVKAADNIKGPTQLVEHSDASYDVIELTCTNQAKETITVKLRGENIITYQRTKARMV
PFDNSSPFSRQLKLTFVAEDNPSLGNLDKGPYFANMDIYAAEWVRENVSSETMVSRPFLTMTYRIAIAKAGASLEELQPE
ADAFFINNFGLSAEDSSQLVKLVAFGDQTGSKAEEIESLLSCGENLPIVSPNVIFANPIFGSYFNDEPFPAPYHFGGVYI
NAHQRNAMTIIRAEGGREIQSLSNFRLERLNRFIRLQRWLDLPSHQLDLLLTSVMQADADNSQQEITEPVLKSLGLFRHL
NLQYKITPEIFSSWLYQLTPFAVSGEIAFFDRIFNREQLFDQPFILDGGSFTYLDAKGSDAKSVKQLCAGLNISAVTFQF
IAPLVQSALGLEAGTLVRSFEVVSSLYRLVSIPQTFGLSTEDGLILMNILTDEMGYLAKQPAFDDKQTQDKDFLSIILKM
EALSAWLTKNNLTPASLALLLGVTRLAVVPTNNMVTFFKGIANGLSENVCLTTDDFQRQELEGADWWTLLSTNQVIDDMG
LVLDIHPVWGKSDEEMLMEKIQSIGVSNDNNTLSIIVQILIQAKNAQENLLSQTISAEYGVERSVVPLQLRWLGSNVYSV
LNQVLNNTPTDISSIVPKLSELTYSLLIYTQLINSLKLNKEFIFLRLTQPNWLGLTQPKLSTQLSLPEIYLITCYQDWVV
NANKNEDSIHEYLEFANIKKTEAEKTLVDNSEKCAELLAEILAWDAGEILKAASLLGLNPPQATNVFEIDWIRRLQTLSE
KTMISTEYLWQMGDLTENSEFSLKEGVGEAVMAALKAQGDSDNV
;
A,D,G,J,M
2 'polypeptide(L)'
;MSNSIEAKLQEDLRDALVDYYLGQIVPNSKDFTNLRSTIKNVDDLYDHLLLDTQVSAKVITSRLSLVTQSVQQYINRIAL
NLEPGLSINQQEATDWEEFANRYGYWAANQQLRMFPEIYVDPTLRLTKTEFFFQLESALNQGKLTDDVAQKAVLGYLNNF
EEVSNLEIIAGYQDGIDIENDKTYFVARTRMQPYRYFWRSLDASQRNANSQELYPTAWSEWKAISVPLENVANGIVRPIM
MDNRLYISWFEVAEEKETDSDGNIIVSGRYRTKIRLAHLGFDGVWSSGTTLREEVLADQMEEMIAVVDRMEDEPRLALVA
FKEMSESWDVVFSYICDSMLIESSNLPTTTHPPKPGDGDKGLSDLDDYGANLVWFYLHETANGGKAEYKQLILYPVIINR
DWPIELDKTHQGDFGTVDDFTLNSNYTGDELSLYLQSSSTYKYDFSKSKNIIYGIWKEDANNNRCWLNYKLLTPEDYEPQ
INATLVMCDKGDVNIITGFSLPNGGVDAGGKIKVTLRVGKKLRDKFQIKQFSQTQYLQFPEASSADVWYIGKQIRLNTLF
AKELIGKASRSLDLVLSWETQNSRLEEAILGGAAELIDLDGANGIYFWELFFHMPFMVSWRFNVEQRYEDANRWVKYLFN
PFECEDEPALLLGKPPYWNSRPLVDEPFKGYSLTQPSDPDAIAASDPIHYRKAVFNFLTKNIIDQGDMEYRKLQPSARTL
ARLSYSTASSLLGRRPDVQLTSFWQPLTLEDASYKTDSEIRAIEMQSQPLTFEPVVHDQTMSAVDNDIFMYPMNNELRGL
WDRIENRIYNLRHNLTLDGKEINMDLYDSSISPRGLMKQRYQRVVTARNASKMNFKVPNYRFEPMLNRSKSGVETLIQFG
STLLSLLERKDSLSFDAYQMIQSGDLYRFSIDLQQQDIDINKASLEALQVSKQSAQDRYDHFKELYDENISSTEQKVIEL
QSQAANSLLMAQGMRTAAAALDVIPNIYGLAVGGSHWGAPLNAAAEIIMIKYQADSSKSESLSVSESYRRRRQEWELQYK
QAEWEVNSVEQQINLQNMQIKAANKRLEQVEAQQQQAMALLDYFSERFTNESLYTWLISQLSSLYLQAYDAVLSLCLSAE
ASLLYELNLGEQSFVGGGGWNDLYQGLMAGETLKLALMRMERVYVEQNSRRQEITKTISLKALLGESWPAELNKLKQKTP
INFNLEEQIFVEDYQELYQRRIKSVSVSLPMLVGPYEDVCAQLTQTSSSYSTRADLKTVENMLTKRTFADTPHLVRSIQP
NQQISLSTGVNDSGLFMLNFDDERFLPFEGSGVDSSWRLQFTNLKQNLDSLNDVILHVKYTAAIGSSTFSQGVRKILANI
NNDE
;
B,E,H,K,N
3 'polypeptide(L)'
;MVNKYTYTSSKAMSDISDVIGEPLAAWDSQVGGRVFNVIFDGKVYTNTYWVERWQVPGIGSSDGNPHNAWKFVRAATADE
INKIGNPTTADVKPTENIPSPILVEDKYTEETYSRPDVNFKEDGSQGNLSYTATRVCAPMYNHYVGDKTKPKLSAYITDW
CQYDARLDGGGSKEEERGRGFDLATLMQNPATYDRLIFSFLGICGDIGNKSKKVQEVWDGWNAQAPSLGLPQIGKGHIVP
LDPYGDLGTARNVGLPPESADTSIESGTFLPYYQQNRAAGLLGGLRELQKKAHAMGHKLDLAFSIGGWSLSSYFSALAEN
PDERRVFVASVVDFFVRFPMFSCVDIDWEYPGGGGDEGNISSDKDGENYVLLIKELRSALDSRFGYSNRKEISIACSGVK
AKLKKSNIDQLVANGLDNIYLMSYDFFGTIWADYIGHHTNLYSPKDPGEQELFDLSAEAAIDYLHNELGIPMEKIHLGYA
NYGRSAVGGDLTTRQYTKNGPALGTMENGAPEFFDIVKNYMDAEHSLSMGKNGFVLMTDTNADADFLFSEAKGHFISLDT
PRTVKQKGEYAAKNKLGGVFSWSGDQDCGLLANAAREGLGYVADSNQETIDMGPLYNPGKEIYLKSISEIKSK
;
C,F,I,L,O
#
# COMPACT_ATOMS: atom_id res chain seq x y z
N TYR A 45 -78.62 -60.24 -9.75
CA TYR A 45 -77.58 -60.55 -10.73
C TYR A 45 -76.16 -60.30 -10.22
N SER A 46 -75.97 -59.37 -9.28
CA SER A 46 -74.66 -58.80 -8.88
C SER A 46 -73.63 -59.83 -8.46
N GLN A 47 -74.07 -60.94 -7.86
CA GLN A 47 -73.19 -62.03 -7.42
C GLN A 47 -72.46 -62.72 -8.60
N SER A 48 -73.00 -62.66 -9.82
CA SER A 48 -72.31 -63.12 -11.03
C SER A 48 -71.00 -62.36 -11.33
N LEU A 49 -70.88 -61.13 -10.83
CA LEU A 49 -69.66 -60.35 -10.89
C LEU A 49 -68.73 -60.78 -9.74
N ALA A 50 -69.22 -60.74 -8.49
CA ALA A 50 -68.47 -61.09 -7.28
C ALA A 50 -67.95 -62.55 -7.22
N ASP A 51 -68.47 -63.47 -8.04
CA ASP A 51 -67.90 -64.82 -8.22
C ASP A 51 -66.52 -64.80 -8.91
N THR A 52 -66.29 -63.91 -9.88
CA THR A 52 -65.12 -63.96 -10.80
C THR A 52 -64.28 -62.68 -10.83
N LEU A 53 -64.89 -61.51 -10.63
CA LEU A 53 -64.18 -60.28 -10.31
C LEU A 53 -63.36 -60.48 -9.04
N LEU A 54 -63.98 -61.07 -8.00
CA LEU A 54 -63.33 -61.43 -6.74
C LEU A 54 -62.69 -62.83 -6.77
N GLY A 55 -63.06 -63.65 -7.75
CA GLY A 55 -62.47 -64.98 -7.94
C GLY A 55 -61.04 -64.93 -8.48
N LEU A 56 -60.76 -64.01 -9.40
CA LEU A 56 -59.45 -63.88 -10.06
C LEU A 56 -59.09 -62.42 -10.41
N GLY A 57 -60.03 -61.64 -10.97
CA GLY A 57 -59.73 -60.38 -11.67
C GLY A 57 -59.05 -59.31 -10.82
N TYR A 58 -59.63 -59.03 -9.64
CA TYR A 58 -59.10 -58.17 -8.58
C TYR A 58 -59.28 -58.86 -7.22
N ARG A 59 -58.28 -58.78 -6.33
CA ARG A 59 -58.40 -59.26 -4.93
C ARG A 59 -59.56 -58.58 -4.19
N SER A 60 -59.68 -57.27 -4.37
CA SER A 60 -60.65 -56.40 -3.69
C SER A 60 -60.88 -55.11 -4.49
N ILE A 61 -61.97 -54.40 -4.18
CA ILE A 61 -62.26 -53.08 -4.78
C ILE A 61 -61.17 -52.05 -4.39
N PHE A 62 -60.48 -52.23 -3.26
CA PHE A 62 -59.41 -51.33 -2.83
C PHE A 62 -58.19 -51.35 -3.78
N ASP A 63 -57.97 -52.48 -4.45
CA ASP A 63 -56.90 -52.63 -5.45
C ASP A 63 -57.24 -51.96 -6.79
N ILE A 64 -58.48 -51.51 -7.00
CA ILE A 64 -58.85 -50.65 -8.14
C ILE A 64 -58.20 -49.26 -8.03
N ALA A 65 -57.61 -48.90 -6.88
CA ALA A 65 -56.71 -47.75 -6.74
C ALA A 65 -55.52 -47.75 -7.75
N LYS A 66 -55.18 -48.90 -8.34
CA LYS A 66 -54.21 -49.03 -9.44
C LYS A 66 -54.59 -48.21 -10.69
N VAL A 67 -55.87 -48.19 -11.05
CA VAL A 67 -56.30 -48.00 -12.45
C VAL A 67 -56.32 -46.56 -12.95
N SER A 68 -56.39 -46.44 -14.28
CA SER A 68 -56.94 -45.31 -15.01
C SER A 68 -58.06 -45.83 -15.92
N ARG A 69 -59.08 -45.00 -16.20
CA ARG A 69 -60.37 -45.47 -16.77
C ARG A 69 -60.20 -46.32 -18.03
N GLN A 70 -59.38 -45.90 -18.99
CA GLN A 70 -59.19 -46.63 -20.24
C GLN A 70 -58.59 -48.03 -19.99
N ARG A 71 -57.66 -48.15 -19.03
CA ARG A 71 -57.08 -49.44 -18.58
C ARG A 71 -58.17 -50.39 -18.09
N PHE A 72 -59.07 -49.87 -17.26
CA PHE A 72 -60.18 -50.62 -16.65
C PHE A 72 -61.25 -51.01 -17.67
N ILE A 73 -61.63 -50.08 -18.56
CA ILE A 73 -62.66 -50.28 -19.58
C ILE A 73 -62.25 -51.36 -20.59
N LYS A 74 -60.96 -51.40 -20.99
CA LYS A 74 -60.46 -52.35 -22.01
C LYS A 74 -60.72 -53.82 -21.67
N ARG A 75 -60.63 -54.19 -20.40
CA ARG A 75 -60.57 -55.60 -19.93
C ARG A 75 -61.91 -56.36 -19.95
N HIS A 76 -63.04 -55.67 -20.09
CA HIS A 76 -64.39 -56.18 -19.74
C HIS A 76 -65.32 -56.46 -20.94
N ASP A 77 -65.96 -57.64 -20.96
CA ASP A 77 -66.95 -58.04 -21.98
C ASP A 77 -68.30 -57.33 -21.79
N GLU A 78 -69.25 -57.50 -22.74
CA GLU A 78 -70.61 -56.93 -22.65
C GLU A 78 -71.34 -57.23 -21.34
N SER A 79 -71.15 -58.43 -20.74
CA SER A 79 -71.83 -58.79 -19.48
C SER A 79 -71.28 -58.04 -18.25
N LEU A 80 -70.13 -57.36 -18.39
CA LEU A 80 -69.57 -56.41 -17.41
C LEU A 80 -69.76 -54.97 -17.90
N LEU A 81 -69.29 -54.67 -19.10
CA LEU A 81 -69.26 -53.34 -19.71
C LEU A 81 -70.66 -52.75 -19.95
N GLY A 82 -71.65 -53.59 -20.29
CA GLY A 82 -73.06 -53.19 -20.37
C GLY A 82 -73.74 -52.91 -19.01
N ASN A 83 -73.04 -53.15 -17.89
CA ASN A 83 -73.49 -52.90 -16.51
C ASN A 83 -72.31 -52.47 -15.60
N GLY A 84 -71.41 -51.64 -16.14
CA GLY A 84 -70.13 -51.31 -15.51
C GLY A 84 -69.63 -49.88 -15.74
N ALA A 85 -70.14 -49.16 -16.75
CA ALA A 85 -69.71 -47.79 -17.06
C ALA A 85 -69.98 -46.76 -15.93
N VAL A 86 -70.87 -47.07 -14.97
CA VAL A 86 -71.12 -46.24 -13.78
C VAL A 86 -70.09 -46.45 -12.64
N ILE A 87 -69.30 -47.53 -12.67
CA ILE A 87 -68.59 -48.05 -11.48
C ILE A 87 -67.64 -47.00 -10.87
N PHE A 88 -66.78 -46.38 -11.66
CA PHE A 88 -65.75 -45.47 -11.15
C PHE A 88 -66.29 -44.15 -10.53
N ASP A 89 -67.58 -43.83 -10.64
CA ASP A 89 -68.23 -42.74 -9.92
C ASP A 89 -68.41 -43.01 -8.40
N LYS A 90 -68.37 -44.29 -7.99
CA LYS A 90 -68.45 -44.75 -6.58
C LYS A 90 -67.31 -45.68 -6.16
N ALA A 91 -66.71 -46.44 -7.07
CA ALA A 91 -65.62 -47.38 -6.76
C ALA A 91 -64.27 -46.68 -6.57
N VAL A 92 -63.98 -45.61 -7.30
CA VAL A 92 -62.78 -44.78 -7.01
C VAL A 92 -63.01 -43.99 -5.71
N SER A 93 -64.25 -43.61 -5.43
CA SER A 93 -64.70 -43.13 -4.12
C SER A 93 -64.49 -44.20 -3.02
N MET A 94 -64.77 -45.48 -3.26
CA MET A 94 -64.36 -46.60 -2.38
C MET A 94 -62.83 -46.61 -2.19
N ALA A 95 -62.08 -46.43 -3.27
CA ALA A 95 -60.61 -46.38 -3.25
C ALA A 95 -60.02 -45.15 -2.50
N ASN A 96 -60.87 -44.29 -1.92
CA ASN A 96 -60.48 -43.34 -0.86
C ASN A 96 -61.50 -43.27 0.32
N GLN A 97 -62.17 -44.39 0.63
CA GLN A 97 -63.19 -44.55 1.71
C GLN A 97 -62.62 -45.07 3.05
N VAL A 98 -61.57 -45.90 3.01
CA VAL A 98 -60.82 -46.36 4.20
C VAL A 98 -59.92 -45.26 4.80
N LEU A 99 -59.70 -44.15 4.08
CA LEU A 99 -58.57 -43.21 4.23
C LEU A 99 -58.24 -42.74 5.67
N GLN A 100 -59.17 -42.09 6.38
CA GLN A 100 -58.94 -41.64 7.77
C GLN A 100 -59.39 -42.64 8.86
N LYS A 101 -59.89 -43.85 8.53
CA LYS A 101 -60.36 -44.82 9.56
C LYS A 101 -59.24 -45.31 10.52
N TYR A 102 -57.97 -45.07 10.18
CA TYR A 102 -56.78 -45.30 11.01
C TYR A 102 -55.97 -44.00 11.32
N ARG A 103 -56.52 -42.80 11.05
CA ARG A 103 -55.94 -41.47 11.43
C ARG A 103 -56.92 -40.54 12.19
N LYS A 104 -58.23 -40.72 12.08
CA LYS A 104 -59.22 -39.95 12.89
C LYS A 104 -59.04 -40.18 14.40
N ASN A 105 -58.34 -41.26 14.74
CA ASN A 105 -57.86 -41.69 16.06
C ASN A 105 -56.76 -40.80 16.71
N ARG A 106 -56.41 -39.63 16.13
CA ARG A 106 -55.34 -38.71 16.60
C ARG A 106 -55.40 -38.32 18.09
N LEU A 107 -56.55 -38.43 18.76
CA LEU A 107 -56.64 -38.54 20.23
C LEU A 107 -56.52 -40.00 20.66
N LEU A 156 -44.67 -41.37 6.90
CA LEU A 156 -43.38 -40.69 6.79
C LEU A 156 -42.66 -40.96 5.46
N ASP A 157 -41.80 -40.04 5.02
CA ASP A 157 -41.23 -39.98 3.65
C ASP A 157 -39.69 -40.11 3.65
N SER A 158 -39.17 -40.66 2.54
CA SER A 158 -37.80 -41.19 2.39
C SER A 158 -37.38 -41.26 0.90
N PRO A 159 -36.09 -41.49 0.58
CA PRO A 159 -35.67 -41.75 -0.80
C PRO A 159 -36.40 -42.96 -1.40
N ALA A 160 -36.74 -43.95 -0.57
CA ALA A 160 -37.52 -45.11 -0.95
C ALA A 160 -38.99 -44.77 -1.28
N SER A 161 -39.68 -43.90 -0.52
CA SER A 161 -41.07 -43.54 -0.85
C SER A 161 -41.17 -42.73 -2.17
N TYR A 162 -40.13 -41.95 -2.48
CA TYR A 162 -39.96 -41.34 -3.81
C TYR A 162 -39.73 -42.39 -4.91
N LEU A 163 -38.89 -43.41 -4.68
CA LEU A 163 -38.61 -44.42 -5.69
C LEU A 163 -39.79 -45.39 -5.92
N LEU A 164 -40.46 -45.85 -4.87
CA LEU A 164 -41.55 -46.82 -4.99
C LEU A 164 -42.79 -46.23 -5.67
N ASP A 165 -43.03 -44.92 -5.46
CA ASP A 165 -44.06 -44.14 -6.16
C ASP A 165 -43.82 -44.06 -7.68
N LEU A 166 -42.59 -44.30 -8.15
CA LEU A 166 -42.30 -44.56 -9.56
C LEU A 166 -42.45 -46.06 -9.88
N TYR A 167 -41.87 -46.95 -9.07
CA TYR A 167 -41.78 -48.36 -9.45
C TYR A 167 -43.15 -49.07 -9.56
N LYS A 168 -44.00 -48.96 -8.52
CA LYS A 168 -45.36 -49.54 -8.59
C LYS A 168 -46.26 -48.82 -9.59
N PHE A 169 -45.92 -47.59 -9.99
CA PHE A 169 -46.61 -46.90 -11.07
C PHE A 169 -46.25 -47.44 -12.45
N ILE A 170 -44.96 -47.75 -12.73
CA ILE A 170 -44.57 -48.22 -14.06
C ILE A 170 -45.01 -49.66 -14.33
N GLN A 171 -45.11 -50.49 -13.29
CA GLN A 171 -45.59 -51.87 -13.42
C GLN A 171 -46.97 -51.99 -14.07
N SER A 172 -47.91 -51.10 -13.74
CA SER A 172 -49.27 -51.11 -14.30
C SER A 172 -49.41 -50.36 -15.63
N VAL A 173 -48.32 -49.99 -16.29
CA VAL A 173 -48.35 -49.52 -17.70
C VAL A 173 -48.38 -50.73 -18.64
N GLU A 174 -49.45 -51.53 -18.54
CA GLU A 174 -49.63 -52.79 -19.27
C GLU A 174 -50.28 -52.56 -20.64
N LEU A 175 -49.46 -52.56 -21.69
CA LEU A 175 -49.85 -52.85 -23.08
C LEU A 175 -48.84 -53.86 -23.64
N ASP A 176 -49.33 -54.88 -24.34
CA ASP A 176 -48.63 -56.16 -24.53
C ASP A 176 -48.17 -56.39 -25.98
N GLY A 177 -48.15 -57.66 -26.43
CA GLY A 177 -47.77 -58.07 -27.78
C GLY A 177 -46.26 -58.07 -28.05
N SER A 178 -45.91 -57.84 -29.32
CA SER A 178 -44.54 -57.85 -29.83
C SER A 178 -43.68 -56.66 -29.37
N ASN A 179 -44.25 -55.67 -28.69
CA ASN A 179 -43.56 -54.42 -28.39
C ASN A 179 -42.37 -54.58 -27.41
N GLN A 180 -41.27 -53.89 -27.70
CA GLN A 180 -39.98 -54.03 -26.99
C GLN A 180 -40.02 -53.69 -25.51
N ALA A 181 -40.87 -52.77 -25.03
CA ALA A 181 -40.54 -51.97 -23.84
C ALA A 181 -40.17 -52.79 -22.60
N ARG A 182 -40.99 -53.78 -22.21
CA ARG A 182 -40.63 -54.68 -21.10
C ARG A 182 -39.52 -55.66 -21.44
N LYS A 183 -39.44 -56.06 -22.71
CA LYS A 183 -38.41 -56.98 -23.23
C LYS A 183 -37.03 -56.37 -23.04
N LEU A 184 -36.86 -55.11 -23.40
CA LEU A 184 -35.66 -54.31 -23.17
C LEU A 184 -35.39 -54.08 -21.68
N GLU A 185 -36.41 -53.69 -20.92
CA GLU A 185 -36.22 -53.35 -19.50
C GLU A 185 -35.78 -54.55 -18.67
N THR A 186 -36.34 -55.73 -18.96
CA THR A 186 -35.93 -57.01 -18.36
C THR A 186 -34.61 -57.53 -18.89
N ARG A 187 -34.23 -57.25 -20.15
CA ARG A 187 -32.86 -57.48 -20.67
C ARG A 187 -31.82 -56.61 -19.97
N ARG A 188 -32.17 -55.36 -19.67
CA ARG A 188 -31.42 -54.38 -18.86
C ARG A 188 -31.51 -54.68 -17.34
N ALA A 189 -31.52 -55.96 -16.97
CA ALA A 189 -31.91 -56.49 -15.66
C ALA A 189 -31.28 -55.78 -14.44
N ASP A 190 -32.17 -55.37 -13.54
CA ASP A 190 -32.03 -55.07 -12.12
C ASP A 190 -33.43 -55.13 -11.47
N ILE A 191 -33.50 -55.18 -10.13
CA ILE A 191 -34.72 -55.58 -9.37
C ILE A 191 -34.94 -54.68 -8.15
N PRO A 192 -36.15 -54.62 -7.55
CA PRO A 192 -36.45 -53.74 -6.40
C PRO A 192 -35.58 -53.92 -5.14
N LYS A 193 -34.81 -55.03 -5.06
CA LYS A 193 -33.85 -55.35 -3.99
C LYS A 193 -32.49 -55.71 -4.61
N LEU A 194 -31.87 -54.76 -5.32
CA LEU A 194 -30.68 -54.98 -6.18
C LEU A 194 -29.54 -55.70 -5.45
N SER A 195 -29.08 -55.12 -4.35
CA SER A 195 -28.01 -55.63 -3.47
C SER A 195 -28.08 -54.94 -2.11
N LEU A 196 -27.47 -55.56 -1.09
CA LEU A 196 -27.32 -55.03 0.28
C LEU A 196 -28.68 -54.56 0.86
N ASP A 197 -28.71 -53.42 1.55
CA ASP A 197 -29.91 -52.79 2.09
C ASP A 197 -29.80 -51.26 1.99
N ASN A 198 -30.94 -50.59 2.10
CA ASN A 198 -31.17 -49.18 1.80
C ASN A 198 -30.37 -48.20 2.69
N ASP A 199 -29.88 -48.66 3.85
CA ASP A 199 -29.04 -47.86 4.77
C ASP A 199 -27.56 -47.76 4.34
N ALA A 200 -27.15 -48.48 3.30
CA ALA A 200 -25.80 -48.38 2.72
C ALA A 200 -25.49 -47.01 2.08
N LEU A 201 -26.52 -46.19 1.83
CA LEU A 201 -26.51 -44.98 0.99
C LEU A 201 -25.28 -44.07 1.14
N TYR A 202 -24.81 -43.86 2.37
CA TYR A 202 -23.66 -42.99 2.65
C TYR A 202 -22.33 -43.58 2.12
N LYS A 203 -22.16 -44.90 2.19
CA LYS A 203 -21.04 -45.66 1.60
C LYS A 203 -21.24 -46.02 0.13
N GLU A 204 -22.45 -45.85 -0.41
CA GLU A 204 -22.70 -46.05 -1.85
C GLU A 204 -22.03 -45.00 -2.75
N VAL A 205 -21.44 -43.94 -2.18
CA VAL A 205 -20.65 -42.93 -2.92
C VAL A 205 -19.48 -43.60 -3.67
N THR A 206 -19.51 -43.52 -4.99
CA THR A 206 -18.63 -44.27 -5.90
C THR A 206 -18.34 -43.45 -7.16
N ALA A 207 -17.19 -43.69 -7.79
CA ALA A 207 -16.84 -43.14 -9.10
C ALA A 207 -17.57 -43.86 -10.27
N LEU A 208 -17.29 -43.39 -11.50
CA LEU A 208 -17.75 -43.95 -12.78
C LEU A 208 -17.56 -45.48 -12.92
N SER A 209 -16.57 -46.05 -12.23
CA SER A 209 -16.23 -47.49 -12.20
C SER A 209 -17.45 -48.42 -11.96
N ILE A 210 -18.50 -47.92 -11.29
CA ILE A 210 -19.77 -48.62 -11.08
C ILE A 210 -20.43 -49.08 -12.40
N VAL A 211 -20.21 -48.37 -13.50
CA VAL A 211 -20.85 -48.62 -14.82
C VAL A 211 -20.22 -49.81 -15.54
N ASN A 212 -18.91 -50.02 -15.36
CA ASN A 212 -18.09 -50.92 -16.18
C ASN A 212 -18.61 -52.36 -16.22
N ASP A 213 -18.99 -52.94 -15.08
CA ASP A 213 -19.53 -54.30 -15.04
C ASP A 213 -20.97 -54.43 -15.54
N VAL A 214 -21.74 -53.33 -15.57
CA VAL A 214 -23.11 -53.34 -16.10
C VAL A 214 -23.11 -53.44 -17.62
N LEU A 215 -22.11 -52.83 -18.29
CA LEU A 215 -21.87 -53.03 -19.72
C LEU A 215 -21.07 -54.32 -19.98
N SER A 216 -19.85 -54.41 -19.45
CA SER A 216 -18.91 -55.48 -19.81
C SER A 216 -19.35 -56.86 -19.28
N GLY A 217 -20.02 -56.91 -18.12
CA GLY A 217 -20.32 -58.17 -17.43
C GLY A 217 -21.34 -59.04 -18.16
N SER A 218 -22.27 -58.45 -18.91
CA SER A 218 -23.08 -59.18 -19.90
C SER A 218 -22.30 -59.38 -21.20
N ALA A 219 -21.59 -58.36 -21.70
CA ALA A 219 -20.89 -58.42 -22.98
C ALA A 219 -19.90 -59.60 -23.09
N ARG A 220 -19.13 -59.86 -22.03
CA ARG A 220 -18.11 -60.92 -22.01
C ARG A 220 -18.68 -62.33 -22.13
N GLU A 221 -19.99 -62.50 -21.94
CA GLU A 221 -20.68 -63.77 -22.11
C GLU A 221 -20.79 -64.21 -23.59
N TYR A 222 -20.54 -63.34 -24.57
CA TYR A 222 -20.68 -63.71 -26.00
C TYR A 222 -19.92 -64.99 -26.38
N ILE A 223 -18.64 -65.15 -25.98
CA ILE A 223 -17.90 -66.38 -26.29
C ILE A 223 -18.47 -67.62 -25.60
N ASP A 224 -19.08 -67.45 -24.43
CA ASP A 224 -19.74 -68.53 -23.68
C ASP A 224 -21.08 -68.93 -24.31
N GLN A 225 -21.91 -67.93 -24.63
CA GLN A 225 -23.24 -68.05 -25.25
C GLN A 225 -23.16 -68.67 -26.65
N SER A 226 -22.28 -68.14 -27.51
CA SER A 226 -21.99 -68.69 -28.83
C SER A 226 -21.21 -70.01 -28.77
N GLY A 227 -20.64 -70.36 -27.61
CA GLY A 227 -19.85 -71.59 -27.42
C GLY A 227 -18.45 -71.55 -28.05
N GLN A 228 -17.99 -70.40 -28.52
CA GLN A 228 -16.73 -70.22 -29.25
C GLN A 228 -15.47 -70.36 -28.37
N ALA A 229 -15.54 -69.95 -27.10
CA ALA A 229 -14.43 -70.06 -26.14
C ALA A 229 -14.93 -70.00 -24.67
N ASP A 230 -14.11 -70.46 -23.73
CA ASP A 230 -14.47 -70.51 -22.30
C ASP A 230 -13.26 -70.36 -21.35
N LYS A 231 -12.18 -71.13 -21.55
CA LYS A 231 -10.95 -71.09 -20.72
C LYS A 231 -10.22 -69.74 -20.78
N ALA A 232 -10.35 -69.00 -21.88
CA ALA A 232 -9.82 -67.64 -22.03
C ALA A 232 -10.60 -66.62 -21.16
N VAL A 233 -9.95 -66.08 -20.12
CA VAL A 233 -10.61 -65.28 -19.06
C VAL A 233 -11.21 -63.94 -19.53
N ASN A 234 -10.62 -63.27 -20.51
CA ASN A 234 -11.15 -62.01 -21.08
C ASN A 234 -10.50 -61.61 -22.41
N GLN A 235 -9.21 -61.93 -22.60
CA GLN A 235 -8.32 -61.31 -23.60
C GLN A 235 -8.75 -61.43 -25.07
N ILE A 236 -9.76 -62.25 -25.40
CA ILE A 236 -10.29 -62.44 -26.77
C ILE A 236 -10.71 -61.13 -27.43
N LEU A 237 -11.12 -60.13 -26.63
CA LEU A 237 -11.49 -58.79 -27.12
C LEU A 237 -10.30 -57.98 -27.67
N GLY A 238 -9.07 -58.46 -27.50
CA GLY A 238 -7.87 -57.93 -28.14
C GLY A 238 -7.52 -58.59 -29.49
N ASP A 239 -8.32 -59.56 -29.96
CA ASP A 239 -8.02 -60.48 -31.08
C ASP A 239 -9.12 -60.47 -32.17
N THR A 240 -9.54 -59.31 -32.68
CA THR A 240 -10.54 -59.18 -33.76
C THR A 240 -10.29 -57.90 -34.58
N HIS A 241 -10.68 -57.83 -35.85
CA HIS A 241 -10.43 -56.65 -36.73
C HIS A 241 -11.64 -56.11 -37.47
N PHE A 242 -12.38 -56.94 -38.23
CA PHE A 242 -13.11 -56.53 -39.44
C PHE A 242 -14.15 -55.39 -39.25
N PRO A 243 -14.94 -55.32 -38.16
CA PRO A 243 -15.77 -54.16 -37.78
C PRO A 243 -14.99 -52.89 -37.32
N PHE A 244 -13.77 -52.70 -37.82
CA PHE A 244 -12.75 -51.74 -37.34
C PHE A 244 -12.60 -51.78 -35.81
N THR A 245 -12.35 -52.98 -35.28
CA THR A 245 -12.47 -53.36 -33.86
C THR A 245 -11.37 -52.81 -32.94
N LEU A 246 -10.27 -52.27 -33.48
CA LEU A 246 -9.11 -51.74 -32.74
C LEU A 246 -8.47 -52.79 -31.80
N PRO A 247 -7.88 -53.88 -32.35
CA PRO A 247 -7.24 -54.95 -31.57
C PRO A 247 -5.98 -54.51 -30.80
N TYR A 248 -5.40 -55.44 -30.03
CA TYR A 248 -4.20 -55.24 -29.17
C TYR A 248 -4.33 -54.16 -28.08
N SER A 249 -5.51 -53.55 -27.93
CA SER A 249 -5.83 -52.42 -27.04
C SER A 249 -5.72 -52.70 -25.53
N LEU A 250 -5.48 -53.95 -25.14
CA LEU A 250 -5.34 -54.36 -23.74
C LEU A 250 -4.20 -53.58 -23.05
N PRO A 251 -4.38 -53.18 -21.77
CA PRO A 251 -3.49 -52.25 -21.08
C PRO A 251 -2.04 -52.71 -21.02
N THR A 252 -1.76 -54.02 -21.06
CA THR A 252 -0.39 -54.59 -21.08
C THR A 252 0.47 -54.11 -22.26
N GLN A 253 -0.14 -53.59 -23.32
CA GLN A 253 0.58 -52.93 -24.41
C GLN A 253 0.75 -51.43 -24.13
N GLN A 254 -0.32 -50.73 -23.77
CA GLN A 254 -0.32 -49.27 -23.58
C GLN A 254 0.50 -48.80 -22.38
N ILE A 255 0.40 -49.47 -21.21
CA ILE A 255 1.18 -49.11 -20.00
C ILE A 255 2.68 -49.21 -20.25
N ASN A 256 3.10 -50.14 -21.12
CA ASN A 256 4.51 -50.31 -21.49
C ASN A 256 5.08 -49.09 -22.26
N LYS A 257 4.22 -48.19 -22.79
CA LYS A 257 4.59 -46.87 -23.32
C LYS A 257 4.37 -45.77 -22.27
N GLY A 258 3.14 -45.60 -21.79
CA GLY A 258 2.76 -44.45 -20.97
C GLY A 258 3.28 -44.51 -19.53
N LEU A 259 3.05 -45.62 -18.83
CA LEU A 259 3.45 -45.78 -17.43
C LEU A 259 4.98 -45.80 -17.27
N GLY A 260 5.69 -46.44 -18.22
CA GLY A 260 7.16 -46.44 -18.27
C GLY A 260 7.79 -45.07 -18.53
N ALA A 261 7.05 -44.12 -19.13
CA ALA A 261 7.46 -42.72 -19.23
C ALA A 261 7.05 -41.89 -18.01
N SER A 262 5.87 -42.14 -17.44
CA SER A 262 5.19 -41.24 -16.49
C SER A 262 5.92 -40.97 -15.17
N ASN A 263 6.84 -41.85 -14.76
CA ASN A 263 7.54 -41.76 -13.48
C ASN A 263 8.69 -40.72 -13.48
N ILE A 264 9.69 -40.93 -14.35
CA ILE A 264 11.00 -40.28 -14.44
C ILE A 264 11.46 -40.09 -15.92
N GLU A 265 10.55 -40.32 -16.88
CA GLU A 265 10.72 -40.05 -18.32
C GLU A 265 11.80 -40.90 -19.03
N LEU A 266 11.90 -42.19 -18.71
CA LEU A 266 12.86 -43.14 -19.33
C LEU A 266 12.44 -43.61 -20.74
N GLY A 267 11.18 -44.01 -20.92
CA GLY A 267 10.67 -44.61 -22.17
C GLY A 267 11.31 -45.96 -22.54
N THR A 268 11.26 -46.35 -23.82
CA THR A 268 11.88 -47.58 -24.34
C THR A 268 13.40 -47.48 -24.57
N VAL A 269 13.96 -46.27 -24.47
CA VAL A 269 15.38 -45.91 -24.70
C VAL A 269 16.36 -46.72 -23.83
N ILE A 270 15.85 -47.31 -22.74
CA ILE A 270 16.60 -48.21 -21.83
C ILE A 270 17.36 -49.33 -22.57
N GLN A 271 16.88 -49.80 -23.72
CA GLN A 271 17.57 -50.83 -24.50
C GLN A 271 18.95 -50.39 -25.04
N ARG A 272 19.24 -49.08 -25.09
CA ARG A 272 20.55 -48.53 -25.48
C ARG A 272 21.60 -48.59 -24.36
N VAL A 273 21.20 -48.86 -23.12
CA VAL A 273 22.05 -48.69 -21.93
C VAL A 273 22.91 -49.91 -21.59
N ASP A 274 22.50 -51.12 -21.94
CA ASP A 274 23.07 -52.38 -21.42
C ASP A 274 23.21 -53.51 -22.47
N PRO A 275 24.00 -54.58 -22.20
CA PRO A 275 25.00 -54.77 -21.13
C PRO A 275 26.43 -54.42 -21.57
N GLN A 276 26.56 -53.90 -22.79
CA GLN A 276 27.81 -53.76 -23.55
C GLN A 276 28.65 -52.56 -23.08
N PHE A 277 29.98 -52.65 -23.25
CA PHE A 277 30.92 -51.64 -22.74
C PHE A 277 30.90 -50.30 -23.51
N SER A 278 30.67 -50.32 -24.83
CA SER A 278 30.54 -49.10 -25.65
C SER A 278 29.65 -49.29 -26.90
N TRP A 279 29.05 -48.19 -27.37
CA TRP A 279 28.13 -48.17 -28.52
C TRP A 279 28.80 -48.38 -29.89
N ASN A 280 30.13 -48.48 -29.94
CA ASN A 280 30.87 -49.00 -31.09
C ASN A 280 30.66 -50.53 -31.21
N THR A 281 29.46 -50.93 -31.62
CA THR A 281 28.92 -52.30 -31.51
C THR A 281 28.11 -52.70 -32.74
N THR A 282 27.96 -54.01 -32.98
CA THR A 282 27.42 -54.58 -34.23
C THR A 282 25.94 -54.27 -34.49
N GLN A 283 25.57 -54.30 -35.78
CA GLN A 283 24.31 -53.76 -36.31
C GLN A 283 23.03 -54.21 -35.60
N GLU A 284 22.96 -55.45 -35.12
CA GLU A 284 21.73 -55.96 -34.52
C GLU A 284 21.29 -55.15 -33.30
N LYS A 285 22.22 -54.60 -32.51
CA LYS A 285 21.91 -53.75 -31.35
C LYS A 285 21.11 -52.53 -31.75
N TYR A 286 21.56 -51.76 -32.74
CA TYR A 286 20.83 -50.57 -33.20
C TYR A 286 19.44 -50.94 -33.72
N ASN A 287 19.31 -52.12 -34.34
CA ASN A 287 18.02 -52.63 -34.81
C ASN A 287 17.07 -53.05 -33.67
N GLN A 288 17.59 -53.39 -32.48
CA GLN A 288 16.75 -53.48 -31.27
C GLN A 288 16.19 -52.10 -30.92
N VAL A 289 17.09 -51.13 -30.73
CA VAL A 289 16.77 -49.81 -30.14
C VAL A 289 15.89 -48.98 -31.06
N LEU A 290 16.18 -48.94 -32.36
CA LEU A 290 15.39 -48.14 -33.30
C LEU A 290 13.96 -48.66 -33.38
N LEU A 291 13.77 -49.99 -33.44
CA LEU A 291 12.45 -50.59 -33.35
C LEU A 291 11.79 -50.32 -32.00
N ALA A 292 12.53 -50.34 -30.88
CA ALA A 292 12.00 -49.96 -29.58
C ALA A 292 11.49 -48.50 -29.57
N TYR A 293 12.18 -47.58 -30.26
CA TYR A 293 11.73 -46.21 -30.44
C TYR A 293 10.48 -46.11 -31.32
N THR A 294 10.32 -46.96 -32.36
CA THR A 294 9.11 -46.93 -33.22
C THR A 294 7.83 -47.27 -32.46
N GLN A 295 7.91 -48.02 -31.35
CA GLN A 295 6.81 -48.89 -30.89
C GLN A 295 5.44 -48.23 -30.85
N LEU A 296 5.13 -47.43 -29.82
CA LEU A 296 3.82 -46.79 -29.58
C LEU A 296 2.60 -47.73 -29.63
N SER A 297 2.82 -49.05 -29.65
CA SER A 297 1.85 -50.08 -30.03
C SER A 297 2.37 -51.45 -29.55
N SER A 298 2.64 -52.41 -30.44
CA SER A 298 3.15 -53.76 -30.13
C SER A 298 3.64 -54.50 -31.38
N GLU A 299 3.91 -55.81 -31.25
CA GLU A 299 4.09 -56.78 -32.33
C GLU A 299 2.95 -56.79 -33.39
N GLN A 300 1.82 -56.11 -33.14
CA GLN A 300 0.77 -55.86 -34.13
C GLN A 300 1.30 -55.24 -35.44
N ILE A 301 2.40 -54.49 -35.42
CA ILE A 301 3.00 -53.90 -36.63
C ILE A 301 3.41 -54.94 -37.69
N ALA A 302 3.51 -56.23 -37.33
CA ALA A 302 3.64 -57.32 -38.29
C ALA A 302 2.50 -57.40 -39.33
N LEU A 303 1.35 -56.73 -39.10
CA LEU A 303 0.27 -56.64 -40.08
C LEU A 303 0.66 -55.83 -41.33
N LEU A 304 1.62 -54.90 -41.24
CA LEU A 304 2.08 -54.09 -42.38
C LEU A 304 2.95 -54.94 -43.32
N ASN A 584 -12.30 -50.66 -54.26
CA ASN A 584 -12.93 -51.78 -53.54
C ASN A 584 -12.05 -52.29 -52.39
N PHE A 585 -12.59 -53.17 -51.54
CA PHE A 585 -11.93 -53.68 -50.33
C PHE A 585 -10.50 -54.22 -50.55
N ARG A 586 -10.23 -54.86 -51.71
CA ARG A 586 -8.89 -55.38 -52.08
C ARG A 586 -7.82 -54.29 -52.19
N LEU A 587 -8.22 -53.02 -52.38
CA LEU A 587 -7.37 -51.84 -52.37
C LEU A 587 -7.50 -51.03 -51.07
N GLU A 588 -8.73 -50.86 -50.55
CA GLU A 588 -8.97 -50.11 -49.31
C GLU A 588 -8.32 -50.77 -48.09
N ARG A 589 -8.20 -52.10 -48.06
CA ARG A 589 -7.44 -52.86 -47.06
C ARG A 589 -5.93 -52.57 -47.05
N LEU A 590 -5.39 -51.95 -48.12
CA LEU A 590 -4.04 -51.37 -48.16
C LEU A 590 -4.03 -49.92 -47.67
N ASN A 591 -5.09 -49.14 -47.93
CA ASN A 591 -5.28 -47.80 -47.38
C ASN A 591 -5.53 -47.83 -45.86
N ARG A 592 -6.06 -48.93 -45.32
CA ARG A 592 -6.18 -49.19 -43.87
C ARG A 592 -4.83 -49.08 -43.13
N PHE A 593 -3.68 -49.31 -43.77
CA PHE A 593 -2.37 -49.06 -43.13
C PHE A 593 -2.09 -47.58 -42.82
N ILE A 594 -2.79 -46.64 -43.49
CA ILE A 594 -2.80 -45.21 -43.15
C ILE A 594 -3.95 -44.90 -42.16
N ARG A 595 -5.12 -45.51 -42.31
CA ARG A 595 -6.24 -45.36 -41.35
C ARG A 595 -5.84 -45.79 -39.94
N LEU A 596 -5.08 -46.87 -39.82
CA LEU A 596 -4.52 -47.42 -38.58
C LEU A 596 -3.31 -46.63 -38.03
N GLN A 597 -3.10 -45.38 -38.47
CA GLN A 597 -2.24 -44.40 -37.79
C GLN A 597 -2.70 -44.07 -36.35
N ARG A 598 -3.87 -44.57 -35.92
CA ARG A 598 -4.49 -44.33 -34.60
C ARG A 598 -3.57 -44.60 -33.40
N TRP A 599 -2.52 -45.41 -33.54
CA TRP A 599 -1.53 -45.66 -32.48
C TRP A 599 -0.65 -44.43 -32.17
N LEU A 600 -0.66 -43.43 -33.05
CA LEU A 600 0.18 -42.24 -33.05
C LEU A 600 -0.69 -40.97 -33.15
N ASP A 601 -0.30 -39.86 -32.51
CA ASP A 601 -1.04 -38.60 -32.55
C ASP A 601 -0.74 -37.79 -33.85
N LEU A 602 -0.87 -38.44 -35.00
CA LEU A 602 -0.52 -37.92 -36.32
C LEU A 602 -1.78 -37.55 -37.13
N PRO A 603 -1.87 -36.35 -37.73
CA PRO A 603 -2.98 -35.98 -38.62
C PRO A 603 -2.86 -36.67 -39.99
N SER A 604 -3.97 -36.74 -40.72
CA SER A 604 -4.07 -37.41 -42.04
C SER A 604 -3.11 -36.89 -43.13
N HIS A 605 -2.60 -35.65 -43.01
CA HIS A 605 -1.58 -35.09 -43.92
C HIS A 605 -0.14 -35.56 -43.65
N GLN A 606 0.15 -36.20 -42.50
CA GLN A 606 1.52 -36.51 -42.08
C GLN A 606 2.11 -37.74 -42.78
N LEU A 607 1.40 -38.89 -42.83
CA LEU A 607 2.00 -40.15 -43.32
C LEU A 607 2.45 -40.10 -44.79
N ASP A 608 1.73 -39.44 -45.70
CA ASP A 608 2.20 -39.33 -47.10
C ASP A 608 3.46 -38.45 -47.23
N LEU A 609 3.56 -37.38 -46.42
CA LEU A 609 4.77 -36.54 -46.33
C LEU A 609 5.94 -37.34 -45.74
N LEU A 610 5.70 -38.11 -44.68
CA LEU A 610 6.67 -38.98 -44.01
C LEU A 610 7.20 -40.08 -44.94
N LEU A 611 6.29 -40.82 -45.61
CA LEU A 611 6.62 -42.06 -46.32
C LEU A 611 7.14 -41.84 -47.75
N THR A 612 6.72 -40.79 -48.46
CA THR A 612 7.09 -40.61 -49.88
C THR A 612 8.59 -40.48 -50.13
N SER A 613 9.36 -39.78 -49.28
CA SER A 613 10.81 -39.63 -49.46
C SER A 613 11.57 -40.95 -49.32
N VAL A 614 11.34 -41.71 -48.25
CA VAL A 614 11.94 -43.04 -48.01
C VAL A 614 11.48 -44.08 -49.04
N MET A 615 10.22 -44.04 -49.48
CA MET A 615 9.71 -44.89 -50.57
C MET A 615 10.25 -44.50 -51.97
N GLN A 616 10.75 -43.28 -52.16
CA GLN A 616 11.49 -42.88 -53.38
C GLN A 616 12.97 -43.29 -53.30
N ALA A 617 13.59 -43.20 -52.11
CA ALA A 617 14.96 -43.62 -51.86
C ALA A 617 15.16 -45.14 -52.03
N ASP A 618 14.15 -45.95 -51.65
CA ASP A 618 14.03 -47.37 -51.96
C ASP A 618 13.73 -47.60 -53.47
N ALA A 619 14.56 -48.36 -54.17
CA ALA A 619 14.41 -48.70 -55.59
C ALA A 619 13.32 -49.73 -55.93
N ASP A 620 12.76 -50.46 -54.96
CA ASP A 620 11.76 -51.52 -55.20
C ASP A 620 10.44 -50.99 -55.80
N ASN A 621 9.74 -51.80 -56.60
CA ASN A 621 8.63 -51.38 -57.45
C ASN A 621 7.23 -51.63 -56.84
N SER A 622 6.97 -52.82 -56.30
CA SER A 622 5.63 -53.26 -55.87
C SER A 622 5.23 -52.79 -54.45
N GLN A 623 3.95 -52.95 -54.10
CA GLN A 623 3.32 -52.45 -52.86
C GLN A 623 3.92 -53.00 -51.55
N GLN A 624 4.75 -54.06 -51.61
CA GLN A 624 5.51 -54.59 -50.47
C GLN A 624 6.48 -53.57 -49.85
N GLU A 625 6.73 -52.43 -50.52
CA GLU A 625 7.50 -51.30 -50.00
C GLU A 625 6.98 -50.71 -48.67
N ILE A 626 5.78 -51.07 -48.20
CA ILE A 626 5.23 -50.73 -46.87
C ILE A 626 5.92 -51.46 -45.69
N THR A 627 6.61 -52.58 -45.96
CA THR A 627 7.20 -53.48 -44.95
C THR A 627 8.28 -52.85 -44.04
N GLU A 628 8.62 -53.56 -42.97
CA GLU A 628 9.41 -53.08 -41.82
C GLU A 628 10.75 -52.37 -42.14
N PRO A 629 11.50 -52.71 -43.20
CA PRO A 629 12.69 -51.94 -43.58
C PRO A 629 12.45 -50.45 -43.85
N VAL A 630 11.19 -50.01 -44.06
CA VAL A 630 10.80 -48.60 -44.06
C VAL A 630 10.31 -48.10 -42.69
N LEU A 631 9.56 -48.93 -41.95
CA LEU A 631 8.92 -48.53 -40.68
C LEU A 631 9.94 -48.12 -39.61
N LYS A 632 11.14 -48.72 -39.62
CA LYS A 632 12.26 -48.33 -38.74
C LYS A 632 12.52 -46.82 -38.71
N SER A 633 12.32 -46.12 -39.83
CA SER A 633 12.57 -44.67 -39.92
C SER A 633 11.68 -43.82 -38.99
N LEU A 634 10.48 -44.25 -38.60
CA LEU A 634 9.59 -43.43 -37.79
C LEU A 634 10.06 -43.30 -36.32
N GLY A 635 10.87 -44.26 -35.85
CA GLY A 635 11.46 -44.22 -34.52
C GLY A 635 12.50 -43.11 -34.40
N LEU A 636 13.28 -42.89 -35.47
CA LEU A 636 14.22 -41.77 -35.57
C LEU A 636 13.48 -40.42 -35.57
N PHE A 637 12.35 -40.33 -36.30
CA PHE A 637 11.47 -39.17 -36.23
C PHE A 637 10.95 -38.93 -34.80
N ARG A 638 10.38 -39.96 -34.17
CA ARG A 638 9.86 -39.90 -32.79
C ARG A 638 10.92 -39.45 -31.79
N HIS A 639 12.12 -40.01 -31.89
CA HIS A 639 13.30 -39.66 -31.10
C HIS A 639 13.68 -38.19 -31.26
N LEU A 640 13.94 -37.74 -32.50
CA LEU A 640 14.34 -36.36 -32.74
C LEU A 640 13.23 -35.35 -32.38
N ASN A 641 11.96 -35.73 -32.51
CA ASN A 641 10.80 -34.96 -32.06
C ASN A 641 10.81 -34.81 -30.52
N LEU A 642 10.85 -35.91 -29.78
CA LEU A 642 10.80 -35.88 -28.32
C LEU A 642 11.98 -35.12 -27.69
N GLN A 643 13.19 -35.32 -28.22
CA GLN A 643 14.40 -34.68 -27.69
C GLN A 643 14.61 -33.26 -28.20
N TYR A 644 14.34 -32.98 -29.49
CA TYR A 644 14.79 -31.74 -30.14
C TYR A 644 13.69 -30.98 -30.94
N LYS A 645 12.47 -31.52 -31.02
CA LYS A 645 11.28 -30.91 -31.65
C LYS A 645 11.50 -30.49 -33.12
N ILE A 646 11.98 -31.44 -33.94
CA ILE A 646 11.97 -31.33 -35.41
C ILE A 646 10.52 -31.37 -35.98
N THR A 647 10.39 -31.25 -37.31
CA THR A 647 9.10 -31.28 -38.04
C THR A 647 9.17 -32.29 -39.21
N PRO A 648 8.08 -33.02 -39.54
CA PRO A 648 8.11 -34.04 -40.60
C PRO A 648 8.57 -33.52 -41.97
N GLU A 649 8.32 -32.23 -42.27
CA GLU A 649 8.78 -31.58 -43.50
C GLU A 649 10.30 -31.55 -43.62
N ILE A 650 11.01 -31.09 -42.58
CA ILE A 650 12.47 -30.96 -42.56
C ILE A 650 13.13 -32.34 -42.61
N PHE A 651 12.59 -33.30 -41.84
CA PHE A 651 13.07 -34.68 -41.81
C PHE A 651 12.91 -35.36 -43.19
N SER A 652 11.72 -35.27 -43.80
CA SER A 652 11.47 -35.83 -45.14
C SER A 652 12.20 -35.09 -46.26
N SER A 653 12.52 -33.79 -46.07
CA SER A 653 13.34 -32.99 -47.00
C SER A 653 14.82 -33.38 -46.98
N TRP A 654 15.45 -33.50 -45.80
CA TRP A 654 16.85 -33.93 -45.73
C TRP A 654 17.01 -35.42 -46.10
N LEU A 655 16.01 -36.26 -45.83
CA LEU A 655 15.89 -37.60 -46.43
C LEU A 655 15.42 -37.46 -47.89
N ALA A 701 25.56 -13.28 -62.94
CA ALA A 701 25.89 -14.66 -62.58
C ALA A 701 25.09 -15.16 -61.36
N LYS A 702 25.13 -16.47 -61.10
CA LYS A 702 24.46 -17.13 -59.95
C LYS A 702 25.08 -16.85 -58.58
N SER A 703 26.14 -16.04 -58.52
CA SER A 703 26.92 -15.74 -57.30
C SER A 703 26.08 -15.17 -56.14
N VAL A 704 24.98 -14.48 -56.43
CA VAL A 704 24.04 -13.97 -55.41
C VAL A 704 23.38 -15.13 -54.66
N LYS A 705 22.90 -16.17 -55.37
CA LYS A 705 22.33 -17.39 -54.76
C LYS A 705 23.40 -18.25 -54.08
N GLN A 706 24.59 -18.35 -54.69
CA GLN A 706 25.76 -19.03 -54.11
C GLN A 706 26.18 -18.41 -52.76
N LEU A 707 26.06 -17.08 -52.60
CA LEU A 707 26.27 -16.37 -51.34
C LEU A 707 25.07 -16.44 -50.38
N CYS A 708 23.83 -16.31 -50.88
CA CYS A 708 22.61 -16.28 -50.07
C CYS A 708 22.34 -17.60 -49.31
N ALA A 709 22.87 -18.73 -49.78
CA ALA A 709 22.91 -19.98 -49.02
C ALA A 709 23.57 -19.83 -47.63
N GLY A 710 24.40 -18.78 -47.44
CA GLY A 710 25.06 -18.41 -46.19
C GLY A 710 24.15 -17.84 -45.08
N LEU A 711 22.83 -17.77 -45.28
CA LEU A 711 21.84 -17.35 -44.29
C LEU A 711 21.83 -18.23 -43.02
N ASN A 712 21.85 -19.56 -43.17
CA ASN A 712 21.78 -20.50 -42.04
C ASN A 712 23.11 -20.53 -41.26
N ILE A 713 24.21 -20.81 -41.96
CA ILE A 713 25.60 -20.76 -41.45
C ILE A 713 26.47 -19.95 -42.43
N SER A 714 27.35 -19.09 -41.93
CA SER A 714 28.18 -18.16 -42.72
C SER A 714 28.89 -18.80 -43.92
N ALA A 715 28.78 -18.17 -45.11
CA ALA A 715 29.29 -18.68 -46.39
C ALA A 715 30.81 -18.94 -46.43
N VAL A 716 31.58 -18.45 -45.44
CA VAL A 716 33.03 -18.75 -45.30
C VAL A 716 33.31 -20.25 -45.13
N THR A 717 32.32 -21.05 -44.72
CA THR A 717 32.40 -22.52 -44.66
C THR A 717 32.39 -23.19 -46.05
N PHE A 718 32.03 -22.50 -47.13
CA PHE A 718 31.86 -23.13 -48.46
C PHE A 718 33.16 -23.62 -49.11
N GLN A 719 34.32 -23.36 -48.48
CA GLN A 719 35.56 -24.12 -48.70
C GLN A 719 35.40 -25.65 -48.51
N PHE A 720 34.40 -26.09 -47.73
CA PHE A 720 34.01 -27.49 -47.54
C PHE A 720 32.90 -27.96 -48.51
N ILE A 721 32.25 -27.05 -49.25
CA ILE A 721 31.14 -27.37 -50.16
C ILE A 721 31.62 -27.77 -51.56
N ALA A 722 32.73 -27.22 -52.06
CA ALA A 722 33.38 -27.74 -53.28
C ALA A 722 33.86 -29.21 -53.12
N PRO A 723 34.38 -29.64 -51.95
CA PRO A 723 34.53 -31.06 -51.61
C PRO A 723 33.22 -31.88 -51.51
N LEU A 724 32.08 -31.27 -51.20
CA LEU A 724 30.77 -31.95 -51.13
C LEU A 724 30.21 -32.27 -52.52
N VAL A 725 30.25 -31.33 -53.47
CA VAL A 725 29.66 -31.50 -54.81
C VAL A 725 30.35 -32.57 -55.67
N GLN A 726 31.52 -33.07 -55.23
CA GLN A 726 32.19 -34.25 -55.79
C GLN A 726 31.36 -35.56 -55.71
N SER A 727 30.27 -35.60 -54.92
CA SER A 727 29.28 -36.70 -54.96
C SER A 727 28.38 -36.66 -56.22
N ALA A 728 28.41 -35.55 -56.96
CA ALA A 728 27.79 -35.33 -58.27
C ALA A 728 28.85 -34.78 -59.25
N LEU A 729 28.56 -33.72 -60.01
CA LEU A 729 29.53 -32.94 -60.77
C LEU A 729 29.29 -31.45 -60.50
N GLY A 730 30.35 -30.69 -60.21
CA GLY A 730 30.27 -29.25 -59.93
C GLY A 730 31.62 -28.61 -59.58
N LEU A 731 31.63 -27.28 -59.57
CA LEU A 731 32.74 -26.38 -59.26
C LEU A 731 32.21 -25.18 -58.43
N GLU A 732 33.06 -24.41 -57.76
CA GLU A 732 32.61 -23.32 -56.87
C GLU A 732 31.65 -22.32 -57.55
N ALA A 733 31.88 -21.99 -58.83
CA ALA A 733 30.92 -21.29 -59.69
C ALA A 733 29.97 -22.25 -60.44
N GLY A 734 30.49 -23.38 -60.97
CA GLY A 734 29.75 -24.32 -61.81
C GLY A 734 28.62 -25.10 -61.13
N THR A 735 28.49 -25.03 -59.80
CA THR A 735 27.39 -25.61 -59.02
C THR A 735 26.06 -24.82 -59.16
N LEU A 736 26.04 -23.77 -60.00
CA LEU A 736 24.90 -22.89 -60.32
C LEU A 736 23.56 -23.57 -60.65
N VAL A 737 23.59 -24.86 -61.03
CA VAL A 737 22.39 -25.66 -61.32
C VAL A 737 21.60 -26.05 -60.05
N ARG A 738 22.23 -26.06 -58.87
CA ARG A 738 21.62 -26.35 -57.54
C ARG A 738 20.69 -27.57 -57.52
N SER A 739 21.10 -28.67 -58.16
CA SER A 739 20.31 -29.91 -58.32
C SER A 739 19.97 -30.58 -56.97
N PHE A 740 18.79 -31.21 -56.87
CA PHE A 740 18.26 -31.77 -55.62
C PHE A 740 19.17 -32.81 -54.94
N GLU A 741 19.92 -33.60 -55.69
CA GLU A 741 20.90 -34.56 -55.13
C GLU A 741 22.05 -33.84 -54.39
N VAL A 742 22.39 -32.61 -54.81
CA VAL A 742 23.38 -31.73 -54.15
C VAL A 742 22.73 -30.93 -53.02
N VAL A 743 21.65 -30.18 -53.28
CA VAL A 743 21.07 -29.28 -52.25
C VAL A 743 20.39 -30.03 -51.10
N SER A 744 19.83 -31.22 -51.29
CA SER A 744 19.40 -32.05 -50.15
C SER A 744 20.58 -32.51 -49.28
N SER A 745 21.77 -32.68 -49.85
CA SER A 745 22.99 -32.99 -49.10
C SER A 745 23.55 -31.77 -48.34
N LEU A 746 23.37 -30.55 -48.88
CA LEU A 746 23.54 -29.31 -48.12
C LEU A 746 22.54 -29.25 -46.96
N TYR A 747 21.28 -29.63 -47.19
CA TYR A 747 20.24 -29.67 -46.17
C TYR A 747 20.58 -30.66 -45.03
N ARG A 748 21.11 -31.84 -45.35
CA ARG A 748 21.66 -32.80 -44.36
C ARG A 748 22.82 -32.18 -43.58
N LEU A 749 23.85 -31.67 -44.28
CA LEU A 749 25.08 -31.15 -43.68
C LEU A 749 24.86 -29.90 -42.81
N VAL A 750 23.90 -29.03 -43.16
CA VAL A 750 23.57 -27.84 -42.36
C VAL A 750 22.64 -28.15 -41.19
N SER A 751 21.73 -29.13 -41.32
CA SER A 751 20.74 -29.44 -40.26
C SER A 751 21.30 -30.32 -39.14
N ILE A 752 21.87 -31.47 -39.49
CA ILE A 752 22.08 -32.59 -38.55
C ILE A 752 23.07 -32.24 -37.41
N PRO A 753 24.24 -31.62 -37.66
CA PRO A 753 25.18 -31.26 -36.59
C PRO A 753 24.64 -30.20 -35.61
N GLN A 754 23.79 -29.27 -36.09
CA GLN A 754 23.23 -28.19 -35.26
C GLN A 754 22.26 -28.68 -34.19
N THR A 755 21.64 -29.85 -34.37
CA THR A 755 20.84 -30.54 -33.33
C THR A 755 21.66 -30.79 -32.06
N PHE A 756 22.95 -31.06 -32.21
CA PHE A 756 23.92 -31.29 -31.13
C PHE A 756 24.74 -30.03 -30.77
N GLY A 757 24.44 -28.88 -31.38
CA GLY A 757 25.15 -27.61 -31.17
C GLY A 757 26.53 -27.52 -31.83
N LEU A 758 26.87 -28.45 -32.72
CA LEU A 758 28.16 -28.51 -33.43
C LEU A 758 28.27 -27.40 -34.49
N SER A 759 29.48 -26.86 -34.69
CA SER A 759 29.81 -26.13 -35.92
C SER A 759 30.15 -27.11 -37.06
N THR A 760 30.11 -26.66 -38.32
CA THR A 760 30.41 -27.49 -39.50
C THR A 760 31.79 -28.16 -39.41
N GLU A 761 32.78 -27.46 -38.84
CA GLU A 761 34.14 -27.96 -38.59
C GLU A 761 34.21 -29.03 -37.47
N ASP A 762 33.25 -29.04 -36.54
CA ASP A 762 33.11 -30.08 -35.52
C ASP A 762 32.36 -31.30 -36.07
N GLY A 763 31.31 -31.09 -36.87
CA GLY A 763 30.55 -32.15 -37.53
C GLY A 763 31.44 -32.98 -38.48
N LEU A 764 32.28 -32.31 -39.28
CA LEU A 764 33.27 -32.97 -40.13
C LEU A 764 34.30 -33.79 -39.33
N ILE A 765 34.64 -33.37 -38.10
CA ILE A 765 35.48 -34.17 -37.20
C ILE A 765 34.77 -35.46 -36.79
N LEU A 766 33.51 -35.41 -36.35
CA LEU A 766 32.79 -36.63 -35.95
C LEU A 766 32.70 -37.64 -37.09
N MET A 767 32.33 -37.19 -38.29
CA MET A 767 32.24 -38.06 -39.47
C MET A 767 33.60 -38.72 -39.79
N ASN A 768 34.69 -37.94 -39.80
CA ASN A 768 36.04 -38.45 -40.02
C ASN A 768 36.47 -39.46 -38.94
N ILE A 769 36.26 -39.15 -37.65
CA ILE A 769 36.66 -39.98 -36.51
C ILE A 769 35.86 -41.30 -36.46
N LEU A 770 34.55 -41.24 -36.68
CA LEU A 770 33.66 -42.40 -36.59
C LEU A 770 33.70 -43.30 -37.83
N THR A 771 33.91 -42.75 -39.04
CA THR A 771 33.64 -43.47 -40.31
C THR A 771 34.81 -43.51 -41.32
N ASP A 772 35.88 -42.76 -41.08
CA ASP A 772 36.99 -42.50 -42.03
C ASP A 772 36.58 -41.76 -43.32
N GLU A 773 35.35 -41.24 -43.39
CA GLU A 773 34.79 -40.50 -44.55
C GLU A 773 33.72 -39.48 -44.10
N MET A 774 32.90 -39.00 -45.02
CA MET A 774 31.83 -38.01 -44.78
C MET A 774 30.56 -38.57 -44.08
N GLY A 775 30.53 -39.84 -43.67
CA GLY A 775 29.44 -40.44 -42.87
C GLY A 775 28.03 -40.28 -43.44
N TYR A 776 27.87 -40.34 -44.78
CA TYR A 776 26.65 -40.06 -45.54
C TYR A 776 26.10 -38.63 -45.47
N LEU A 777 26.82 -37.66 -44.91
CA LEU A 777 26.71 -36.25 -45.34
C LEU A 777 27.35 -36.14 -46.74
N ALA A 778 27.02 -35.12 -47.54
CA ALA A 778 27.45 -34.94 -48.96
C ALA A 778 27.01 -36.04 -49.97
N LYS A 779 27.04 -37.31 -49.57
CA LYS A 779 26.47 -38.47 -50.28
C LYS A 779 24.94 -38.58 -50.08
N GLN A 780 24.33 -39.59 -50.68
CA GLN A 780 22.92 -39.98 -50.50
C GLN A 780 22.60 -40.41 -49.05
N PRO A 781 21.32 -40.37 -48.60
CA PRO A 781 20.87 -40.83 -47.26
C PRO A 781 21.00 -42.34 -46.96
N ALA A 782 21.93 -43.06 -47.60
CA ALA A 782 22.25 -44.48 -47.42
C ALA A 782 21.09 -45.50 -47.59
N PHE A 783 19.89 -45.12 -48.05
CA PHE A 783 18.69 -45.92 -47.76
C PHE A 783 18.70 -47.34 -48.33
N ASP A 784 19.21 -47.56 -49.55
CA ASP A 784 19.44 -48.88 -50.18
C ASP A 784 20.85 -49.45 -49.92
N ASP A 785 21.75 -48.69 -49.29
CA ASP A 785 23.05 -49.17 -48.78
C ASP A 785 22.89 -49.80 -47.37
N LYS A 786 21.92 -49.29 -46.62
CA LYS A 786 21.36 -49.86 -45.38
C LYS A 786 20.73 -51.24 -45.60
N GLN A 787 20.11 -51.48 -46.77
CA GLN A 787 19.65 -52.82 -47.19
C GLN A 787 20.80 -53.84 -47.33
N THR A 788 22.07 -53.41 -47.42
CA THR A 788 23.27 -54.25 -47.39
C THR A 788 24.23 -53.89 -46.24
N GLN A 789 23.69 -53.26 -45.18
CA GLN A 789 24.35 -52.93 -43.90
C GLN A 789 25.68 -52.13 -44.03
N ASP A 790 25.81 -51.29 -45.05
CA ASP A 790 27.02 -50.52 -45.34
C ASP A 790 27.04 -49.14 -44.62
N LYS A 791 27.58 -49.10 -43.39
CA LYS A 791 27.78 -47.89 -42.54
C LYS A 791 26.53 -47.03 -42.32
N ASP A 792 25.35 -47.64 -42.20
CA ASP A 792 24.06 -46.98 -42.48
C ASP A 792 23.76 -45.68 -41.69
N PHE A 793 23.22 -44.70 -42.41
CA PHE A 793 22.87 -43.35 -41.92
C PHE A 793 21.99 -43.34 -40.66
N LEU A 794 21.06 -44.29 -40.54
CA LEU A 794 20.19 -44.43 -39.37
C LEU A 794 20.95 -44.77 -38.07
N SER A 795 22.17 -45.31 -38.16
CA SER A 795 23.07 -45.49 -37.01
C SER A 795 23.92 -44.24 -36.71
N ILE A 796 24.22 -43.43 -37.73
CA ILE A 796 25.15 -42.29 -37.60
C ILE A 796 24.62 -41.24 -36.61
N ILE A 797 23.34 -40.87 -36.70
CA ILE A 797 22.73 -39.88 -35.79
C ILE A 797 22.69 -40.40 -34.34
N LEU A 798 22.60 -41.73 -34.13
CA LEU A 798 22.73 -42.32 -32.79
C LEU A 798 24.15 -42.16 -32.25
N LYS A 799 25.17 -42.38 -33.08
CA LYS A 799 26.58 -42.19 -32.70
C LYS A 799 26.89 -40.72 -32.40
N MET A 800 26.36 -39.78 -33.19
CA MET A 800 26.46 -38.35 -32.94
C MET A 800 25.84 -37.96 -31.59
N GLU A 801 24.67 -38.51 -31.26
CA GLU A 801 24.05 -38.28 -29.95
C GLU A 801 24.88 -38.87 -28.80
N ALA A 802 25.32 -40.14 -28.92
CA ALA A 802 26.10 -40.83 -27.90
C ALA A 802 27.43 -40.12 -27.58
N LEU A 803 28.13 -39.63 -28.60
CA LEU A 803 29.33 -38.79 -28.41
C LEU A 803 28.97 -37.40 -27.87
N SER A 804 27.86 -36.78 -28.29
CA SER A 804 27.46 -35.46 -27.76
C SER A 804 27.16 -35.51 -26.25
N ALA A 805 26.64 -36.63 -25.75
CA ALA A 805 26.45 -36.88 -24.32
C ALA A 805 27.80 -37.05 -23.60
N TRP A 806 28.67 -37.92 -24.11
CA TRP A 806 29.99 -38.17 -23.52
C TRP A 806 30.89 -36.92 -23.51
N LEU A 807 30.82 -36.12 -24.58
CA LEU A 807 31.57 -34.87 -24.75
C LEU A 807 30.88 -33.66 -24.07
N THR A 808 29.66 -33.85 -23.55
CA THR A 808 29.04 -32.92 -22.58
C THR A 808 29.40 -33.30 -21.14
N LYS A 809 29.48 -34.60 -20.84
CA LYS A 809 29.93 -35.16 -19.54
C LYS A 809 31.39 -34.80 -19.20
N ASN A 810 32.24 -34.59 -20.20
CA ASN A 810 33.66 -34.29 -20.04
C ASN A 810 34.04 -32.97 -20.72
N ASN A 811 34.91 -32.17 -20.10
CA ASN A 811 35.22 -30.79 -20.53
C ASN A 811 36.21 -30.69 -21.72
N LEU A 812 36.31 -31.75 -22.52
CA LEU A 812 37.00 -31.78 -23.81
C LEU A 812 36.21 -31.02 -24.90
N THR A 813 36.79 -30.94 -26.10
CA THR A 813 36.19 -30.30 -27.29
C THR A 813 36.43 -31.16 -28.53
N PRO A 814 35.64 -31.05 -29.60
CA PRO A 814 35.88 -31.82 -30.83
C PRO A 814 37.27 -31.58 -31.41
N ALA A 815 37.74 -30.32 -31.40
CA ALA A 815 39.05 -29.94 -31.93
C ALA A 815 40.22 -30.54 -31.13
N SER A 816 40.12 -30.52 -29.79
CA SER A 816 41.14 -31.17 -28.94
C SER A 816 41.08 -32.68 -29.06
N LEU A 817 39.88 -33.29 -28.98
CA LEU A 817 39.72 -34.74 -29.08
C LEU A 817 40.22 -35.29 -30.42
N ALA A 818 39.98 -34.61 -31.54
CA ALA A 818 40.51 -34.99 -32.85
C ALA A 818 42.05 -34.92 -32.90
N LEU A 819 42.64 -33.90 -32.28
CA LEU A 819 44.10 -33.78 -32.19
C LEU A 819 44.69 -34.91 -31.34
N LEU A 820 44.09 -35.19 -30.17
CA LEU A 820 44.48 -36.26 -29.26
C LEU A 820 44.33 -37.67 -29.88
N LEU A 821 43.31 -37.88 -30.72
CA LEU A 821 43.13 -39.08 -31.56
C LEU A 821 44.02 -39.10 -32.82
N GLY A 822 44.80 -38.05 -33.08
CA GLY A 822 45.78 -38.00 -34.16
C GLY A 822 45.20 -37.76 -35.55
N VAL A 823 44.07 -37.05 -35.68
CA VAL A 823 43.45 -36.71 -36.97
C VAL A 823 43.62 -35.21 -37.27
N THR A 824 44.09 -34.90 -38.49
CA THR A 824 44.48 -33.54 -38.93
C THR A 824 45.51 -32.91 -37.97
N ARG A 825 46.70 -33.52 -37.91
CA ARG A 825 47.72 -33.30 -36.87
C ARG A 825 48.39 -31.92 -36.93
N LEU A 826 49.03 -31.54 -35.82
CA LEU A 826 49.71 -30.26 -35.58
C LEU A 826 50.89 -30.00 -36.54
N ALA A 827 51.36 -28.75 -36.64
CA ALA A 827 52.61 -28.36 -37.30
C ALA A 827 53.53 -27.57 -36.33
N VAL A 828 54.85 -27.77 -36.43
CA VAL A 828 55.87 -27.19 -35.53
C VAL A 828 57.17 -26.88 -36.26
N VAL A 829 57.97 -25.96 -35.75
CA VAL A 829 59.25 -25.51 -36.35
C VAL A 829 60.45 -26.07 -35.57
N PRO A 830 61.44 -26.70 -36.23
CA PRO A 830 62.65 -27.20 -35.59
C PRO A 830 63.65 -26.06 -35.29
N THR A 831 63.29 -25.17 -34.36
CA THR A 831 64.12 -24.04 -33.90
C THR A 831 65.40 -24.55 -33.24
N ASN A 832 66.56 -23.94 -33.53
CA ASN A 832 67.87 -24.37 -33.01
C ASN A 832 67.98 -24.33 -31.47
N ASN A 833 67.06 -23.67 -30.77
CA ASN A 833 66.83 -23.83 -29.33
C ASN A 833 66.76 -25.31 -28.90
N MET A 834 66.21 -26.20 -29.74
CA MET A 834 66.24 -27.65 -29.48
C MET A 834 67.67 -28.19 -29.35
N VAL A 835 68.61 -27.74 -30.18
CA VAL A 835 70.02 -28.12 -30.04
C VAL A 835 70.57 -27.62 -28.71
N THR A 836 70.22 -26.41 -28.27
CA THR A 836 70.67 -25.89 -26.97
C THR A 836 70.17 -26.75 -25.80
N PHE A 837 68.97 -27.33 -25.92
CA PHE A 837 68.41 -28.29 -24.98
C PHE A 837 69.13 -29.65 -25.03
N PHE A 838 69.31 -30.26 -26.22
CA PHE A 838 70.03 -31.54 -26.33
C PHE A 838 71.52 -31.43 -25.98
N LYS A 839 72.18 -30.34 -26.35
CA LYS A 839 73.53 -30.00 -25.88
C LYS A 839 73.54 -29.78 -24.36
N GLY A 840 72.44 -29.28 -23.78
CA GLY A 840 72.25 -29.21 -22.33
C GLY A 840 72.20 -30.59 -21.67
N ILE A 841 71.53 -31.56 -22.28
CA ILE A 841 71.54 -32.97 -21.84
C ILE A 841 72.96 -33.54 -21.96
N ALA A 842 73.65 -33.34 -23.08
CA ALA A 842 75.02 -33.82 -23.29
C ALA A 842 76.01 -33.21 -22.29
N ASN A 843 75.89 -31.91 -22.01
CA ASN A 843 76.64 -31.21 -20.98
C ASN A 843 76.37 -31.82 -19.59
N GLY A 844 75.10 -32.00 -19.22
CA GLY A 844 74.68 -32.61 -17.95
C GLY A 844 75.17 -34.05 -17.79
N LEU A 845 75.21 -34.83 -18.88
CA LEU A 845 75.82 -36.16 -18.95
C LEU A 845 77.35 -36.13 -18.78
N SER A 846 78.02 -35.08 -19.27
CA SER A 846 79.48 -34.99 -19.35
C SER A 846 80.16 -34.42 -18.10
N GLU A 847 79.54 -33.44 -17.43
CA GLU A 847 80.10 -32.77 -16.24
C GLU A 847 80.00 -33.64 -14.98
N ASN A 848 81.08 -34.40 -14.72
CA ASN A 848 81.35 -35.26 -13.55
C ASN A 848 80.33 -36.36 -13.20
N VAL A 849 79.22 -36.52 -13.93
CA VAL A 849 78.30 -37.67 -13.75
C VAL A 849 78.98 -39.01 -14.08
N CYS A 850 80.02 -39.00 -14.93
CA CYS A 850 80.93 -40.13 -15.19
C CYS A 850 80.20 -41.46 -15.49
N LEU A 851 79.15 -41.39 -16.30
CA LEU A 851 78.13 -42.45 -16.40
C LEU A 851 78.61 -43.75 -17.09
N THR A 852 78.26 -44.89 -16.52
CA THR A 852 78.52 -46.27 -17.03
C THR A 852 77.78 -46.62 -18.35
N THR A 853 77.16 -45.63 -19.02
CA THR A 853 76.39 -45.78 -20.26
C THR A 853 77.24 -46.14 -21.50
N ASP A 854 78.58 -46.17 -21.35
CA ASP A 854 79.57 -46.59 -22.35
C ASP A 854 79.25 -48.00 -22.90
N ASP A 855 78.65 -48.07 -24.10
CA ASP A 855 78.03 -49.26 -24.72
C ASP A 855 77.17 -50.08 -23.74
N PHE A 856 76.12 -49.44 -23.18
CA PHE A 856 75.43 -49.86 -21.96
C PHE A 856 74.93 -51.33 -21.94
N GLN A 857 74.00 -51.72 -22.82
CA GLN A 857 73.27 -52.99 -22.72
C GLN A 857 74.02 -54.22 -23.27
N ARG A 858 74.38 -54.18 -24.56
CA ARG A 858 74.54 -55.37 -25.41
C ARG A 858 75.66 -56.32 -24.95
N GLN A 859 75.49 -57.63 -25.20
CA GLN A 859 76.26 -58.71 -24.59
C GLN A 859 77.79 -58.60 -24.75
N GLU A 860 78.52 -59.10 -23.74
CA GLU A 860 79.95 -58.88 -23.52
C GLU A 860 80.31 -57.38 -23.42
N LEU A 861 79.98 -56.78 -22.27
CA LEU A 861 80.05 -55.35 -21.93
C LEU A 861 81.50 -54.82 -21.74
N GLU A 862 82.45 -55.35 -22.49
CA GLU A 862 83.92 -55.23 -22.31
C GLU A 862 84.47 -53.79 -22.31
N GLY A 863 85.62 -53.58 -21.64
CA GLY A 863 86.46 -52.39 -21.77
C GLY A 863 85.96 -51.12 -21.07
N ALA A 864 85.13 -51.24 -20.04
CA ALA A 864 84.51 -50.14 -19.30
C ALA A 864 85.22 -49.89 -17.95
N ASP A 865 85.49 -48.63 -17.65
CA ASP A 865 86.47 -48.19 -16.63
C ASP A 865 86.20 -48.73 -15.21
N TRP A 866 84.94 -48.73 -14.79
CA TRP A 866 84.53 -48.80 -13.38
C TRP A 866 85.01 -50.06 -12.63
N TRP A 867 84.83 -51.26 -13.19
CA TRP A 867 85.28 -52.51 -12.53
C TRP A 867 86.78 -52.79 -12.68
N THR A 868 87.51 -52.08 -13.54
CA THR A 868 88.99 -52.18 -13.59
C THR A 868 89.63 -51.61 -12.32
N LEU A 869 89.10 -50.50 -11.81
CA LEU A 869 89.51 -49.90 -10.53
C LEU A 869 89.18 -50.82 -9.34
N LEU A 870 87.97 -51.39 -9.33
CA LEU A 870 87.46 -52.28 -8.28
C LEU A 870 87.82 -53.77 -8.49
N SER A 871 88.84 -54.06 -9.30
CA SER A 871 89.20 -55.43 -9.74
C SER A 871 89.74 -56.33 -8.63
N THR A 872 90.25 -55.76 -7.53
CA THR A 872 90.57 -56.50 -6.29
C THR A 872 89.33 -57.10 -5.62
N ASN A 873 88.14 -56.57 -5.91
CA ASN A 873 86.85 -57.05 -5.37
C ASN A 873 86.05 -57.85 -6.42
N GLN A 874 86.05 -57.45 -7.69
CA GLN A 874 85.62 -58.28 -8.84
C GLN A 874 86.11 -57.76 -10.21
N VAL A 875 86.75 -58.63 -10.99
CA VAL A 875 87.34 -58.35 -12.31
C VAL A 875 86.34 -58.27 -13.47
N ILE A 876 85.32 -59.16 -13.53
CA ILE A 876 84.62 -59.54 -14.79
C ILE A 876 83.66 -58.47 -15.38
N ASP A 877 84.21 -57.33 -15.76
CA ASP A 877 83.54 -56.16 -16.32
C ASP A 877 82.67 -56.46 -17.56
N ASP A 878 83.04 -57.47 -18.34
CA ASP A 878 82.34 -57.91 -19.55
C ASP A 878 81.00 -58.60 -19.24
N MET A 879 80.86 -59.12 -18.01
CA MET A 879 79.71 -59.88 -17.50
C MET A 879 79.27 -61.02 -18.44
N GLY A 880 78.24 -60.79 -19.26
CA GLY A 880 77.59 -61.80 -20.09
C GLY A 880 76.47 -61.19 -20.93
N LEU A 881 75.23 -61.64 -20.70
CA LEU A 881 73.99 -61.07 -21.26
C LEU A 881 73.72 -59.65 -20.69
N VAL A 882 72.65 -58.99 -21.18
CA VAL A 882 72.39 -57.55 -21.03
C VAL A 882 72.07 -57.07 -19.60
N LEU A 883 72.33 -55.78 -19.37
CA LEU A 883 72.14 -55.04 -18.11
C LEU A 883 71.09 -53.92 -18.30
N ASP A 884 69.82 -54.28 -18.52
CA ASP A 884 68.70 -53.32 -18.69
C ASP A 884 67.36 -53.94 -18.23
N ILE A 885 66.33 -53.10 -18.00
CA ILE A 885 65.09 -53.46 -17.29
C ILE A 885 63.80 -53.03 -18.03
N HIS A 886 62.78 -53.89 -17.99
CA HIS A 886 61.37 -53.61 -18.33
C HIS A 886 60.51 -53.60 -17.04
N PRO A 887 59.65 -52.60 -16.81
CA PRO A 887 58.80 -52.54 -15.61
C PRO A 887 57.77 -53.68 -15.54
N VAL A 888 57.40 -54.05 -14.32
CA VAL A 888 56.28 -54.97 -13.99
C VAL A 888 55.62 -54.58 -12.65
N TRP A 889 54.31 -54.80 -12.56
CA TRP A 889 53.45 -54.42 -11.42
C TRP A 889 53.82 -55.07 -10.08
N GLY A 890 53.47 -54.41 -8.97
CA GLY A 890 53.59 -54.92 -7.60
C GLY A 890 55.01 -54.83 -7.03
N LYS A 891 56.01 -55.32 -7.77
CA LYS A 891 57.44 -55.22 -7.44
C LYS A 891 58.33 -55.36 -8.68
N SER A 892 58.97 -54.25 -9.08
CA SER A 892 60.11 -54.21 -10.01
C SER A 892 61.43 -54.13 -9.22
N ASP A 893 62.14 -52.99 -9.26
CA ASP A 893 63.33 -52.65 -8.48
C ASP A 893 64.57 -53.54 -8.70
N GLU A 894 65.66 -53.24 -7.98
CA GLU A 894 66.97 -53.88 -8.08
C GLU A 894 66.98 -55.40 -7.83
N GLU A 895 65.95 -55.98 -7.21
CA GLU A 895 65.82 -57.43 -7.03
C GLU A 895 65.70 -58.17 -8.38
N MET A 896 65.05 -57.57 -9.39
CA MET A 896 64.99 -58.13 -10.74
C MET A 896 66.34 -57.99 -11.46
N LEU A 897 67.02 -56.86 -11.30
CA LEU A 897 68.36 -56.63 -11.85
C LEU A 897 69.38 -57.62 -11.26
N MET A 898 69.28 -57.90 -9.95
CA MET A 898 70.04 -58.93 -9.25
C MET A 898 69.71 -60.32 -9.80
N GLU A 899 68.42 -60.71 -9.86
CA GLU A 899 68.01 -62.04 -10.34
C GLU A 899 68.42 -62.30 -11.80
N LYS A 900 68.33 -61.29 -12.67
CA LYS A 900 68.77 -61.39 -14.07
C LYS A 900 70.28 -61.69 -14.14
N ILE A 901 71.14 -60.93 -13.46
CA ILE A 901 72.60 -61.22 -13.46
C ILE A 901 72.97 -62.50 -12.68
N GLN A 902 72.20 -62.89 -11.67
CA GLN A 902 72.38 -64.13 -10.91
C GLN A 902 72.01 -65.37 -11.74
N SER A 903 71.00 -65.28 -12.61
CA SER A 903 70.53 -66.39 -13.46
C SER A 903 71.54 -66.83 -14.53
N ILE A 904 72.34 -65.90 -15.07
CA ILE A 904 73.24 -66.11 -16.21
C ILE A 904 74.59 -66.77 -15.86
N GLY A 905 74.51 -67.91 -15.17
CA GLY A 905 75.61 -68.87 -15.05
C GLY A 905 76.76 -68.50 -14.10
N VAL A 906 76.63 -67.44 -13.30
CA VAL A 906 77.56 -67.18 -12.19
C VAL A 906 77.42 -68.28 -11.13
N SER A 907 78.48 -69.07 -10.95
CA SER A 907 78.58 -70.08 -9.89
C SER A 907 79.16 -69.50 -8.58
N ASN A 908 79.87 -68.37 -8.66
CA ASN A 908 80.36 -67.60 -7.50
C ASN A 908 79.22 -66.81 -6.82
N ASP A 909 78.32 -67.52 -6.14
CA ASP A 909 77.14 -66.96 -5.44
C ASP A 909 77.45 -66.20 -4.13
N ASN A 910 78.73 -66.12 -3.74
CA ASN A 910 79.19 -65.37 -2.56
C ASN A 910 79.10 -63.84 -2.77
N ASN A 911 79.60 -63.08 -1.79
CA ASN A 911 79.51 -61.61 -1.75
C ASN A 911 80.09 -60.89 -2.99
N THR A 912 81.01 -61.50 -3.75
CA THR A 912 81.53 -60.90 -5.01
C THR A 912 80.44 -60.65 -6.06
N LEU A 913 79.32 -61.40 -6.02
CA LEU A 913 78.14 -61.17 -6.86
C LEU A 913 77.22 -60.07 -6.29
N SER A 914 76.96 -60.06 -4.98
CA SER A 914 76.04 -59.08 -4.38
C SER A 914 76.65 -57.67 -4.28
N ILE A 915 77.95 -57.54 -4.03
CA ILE A 915 78.61 -56.22 -3.94
C ILE A 915 78.50 -55.44 -5.25
N ILE A 916 78.62 -56.12 -6.40
CA ILE A 916 78.51 -55.46 -7.71
C ILE A 916 77.07 -55.10 -8.11
N VAL A 917 76.06 -55.48 -7.33
CA VAL A 917 74.69 -54.91 -7.43
C VAL A 917 74.63 -53.58 -6.68
N GLN A 918 75.08 -53.52 -5.42
CA GLN A 918 75.11 -52.27 -4.65
C GLN A 918 76.11 -51.21 -5.18
N ILE A 919 77.08 -51.61 -6.03
CA ILE A 919 77.90 -50.69 -6.85
C ILE A 919 77.10 -50.14 -8.08
N LEU A 920 76.14 -50.91 -8.61
CA LEU A 920 75.40 -50.61 -9.84
C LEU A 920 74.15 -49.73 -9.65
N ILE A 921 73.49 -49.78 -8.49
CA ILE A 921 72.22 -49.07 -8.23
C ILE A 921 72.34 -47.55 -8.48
N GLN A 922 73.34 -46.87 -7.90
CA GLN A 922 73.55 -45.44 -8.12
C GLN A 922 73.98 -45.13 -9.57
N ALA A 923 74.66 -46.06 -10.26
CA ALA A 923 75.01 -45.91 -11.67
C ALA A 923 73.79 -46.02 -12.61
N LYS A 924 72.75 -46.81 -12.25
CA LYS A 924 71.45 -46.78 -12.94
C LYS A 924 70.71 -45.47 -12.68
N ASN A 925 70.63 -45.03 -11.43
CA ASN A 925 70.06 -43.71 -11.07
C ASN A 925 70.72 -42.59 -11.87
N ALA A 926 72.05 -42.58 -12.00
CA ALA A 926 72.78 -41.57 -12.76
C ALA A 926 72.44 -41.55 -14.28
N GLN A 927 71.78 -42.58 -14.83
CA GLN A 927 71.23 -42.55 -16.20
C GLN A 927 69.80 -41.97 -16.24
N GLU A 928 68.93 -42.36 -15.31
CA GLU A 928 67.52 -41.95 -15.22
C GLU A 928 67.31 -40.51 -14.70
N ASN A 929 68.04 -40.13 -13.65
CA ASN A 929 67.82 -38.89 -12.90
C ASN A 929 68.03 -37.63 -13.76
N LEU A 930 68.85 -37.72 -14.82
CA LEU A 930 69.06 -36.63 -15.77
C LEU A 930 67.76 -36.22 -16.47
N LEU A 931 67.05 -37.16 -17.10
CA LEU A 931 65.81 -36.85 -17.82
C LEU A 931 64.69 -36.44 -16.85
N SER A 932 64.48 -37.23 -15.80
CA SER A 932 63.41 -36.97 -14.82
C SER A 932 63.55 -35.64 -14.08
N GLN A 933 64.78 -35.14 -13.86
CA GLN A 933 64.99 -33.81 -13.26
C GLN A 933 64.99 -32.65 -14.26
N THR A 934 65.40 -32.86 -15.52
CA THR A 934 65.51 -31.79 -16.54
C THR A 934 64.22 -31.55 -17.31
N ILE A 935 63.63 -32.55 -17.96
CA ILE A 935 62.47 -32.33 -18.85
C ILE A 935 61.23 -31.91 -18.06
N SER A 936 61.20 -32.22 -16.76
CA SER A 936 60.18 -31.70 -15.82
C SER A 936 60.12 -30.16 -15.80
N ALA A 937 61.25 -29.48 -16.01
CA ALA A 937 61.36 -28.02 -16.10
C ALA A 937 61.07 -27.45 -17.52
N GLU A 938 61.08 -28.29 -18.55
CA GLU A 938 60.65 -27.91 -19.90
C GLU A 938 59.13 -27.95 -20.07
N TYR A 939 58.48 -29.00 -19.56
CA TYR A 939 57.10 -29.35 -19.94
C TYR A 939 56.08 -29.38 -18.80
N GLY A 940 56.49 -29.21 -17.55
CA GLY A 940 55.57 -29.06 -16.41
C GLY A 940 54.87 -30.35 -15.99
N VAL A 941 55.64 -31.41 -15.74
CA VAL A 941 55.19 -32.71 -15.18
C VAL A 941 56.08 -33.15 -14.02
N GLU A 942 55.52 -33.81 -13.02
CA GLU A 942 56.25 -34.25 -11.82
C GLU A 942 57.26 -35.36 -12.13
N ARG A 943 58.45 -35.31 -11.50
CA ARG A 943 59.58 -36.24 -11.73
C ARG A 943 59.27 -37.74 -11.52
N SER A 944 58.18 -38.07 -10.84
CA SER A 944 57.67 -39.45 -10.70
C SER A 944 56.91 -39.96 -11.93
N VAL A 945 56.46 -39.09 -12.83
CA VAL A 945 55.72 -39.45 -14.06
C VAL A 945 56.66 -39.63 -15.26
N VAL A 946 57.73 -38.84 -15.34
CA VAL A 946 58.59 -38.70 -16.54
C VAL A 946 59.04 -40.03 -17.20
N PRO A 947 59.66 -41.02 -16.51
CA PRO A 947 60.11 -42.25 -17.17
C PRO A 947 58.94 -43.11 -17.70
N LEU A 948 57.80 -43.14 -16.99
CA LEU A 948 56.59 -43.81 -17.45
C LEU A 948 55.97 -43.10 -18.66
N GLN A 949 55.92 -41.76 -18.66
CA GLN A 949 55.43 -41.01 -19.82
C GLN A 949 56.31 -41.29 -21.04
N LEU A 950 57.63 -41.29 -20.85
CA LEU A 950 58.62 -41.55 -21.89
C LEU A 950 58.41 -42.93 -22.53
N ARG A 951 58.28 -43.99 -21.74
CA ARG A 951 58.01 -45.33 -22.30
C ARG A 951 56.60 -45.44 -22.91
N TRP A 952 55.56 -44.91 -22.27
CA TRP A 952 54.18 -45.01 -22.78
C TRP A 952 53.97 -44.24 -24.10
N LEU A 953 54.75 -43.17 -24.32
CA LEU A 953 54.88 -42.46 -25.59
C LEU A 953 55.55 -43.30 -26.71
N GLY A 954 56.26 -44.37 -26.34
CA GLY A 954 57.01 -45.24 -27.25
C GLY A 954 58.49 -44.87 -27.38
N SER A 955 59.19 -44.76 -26.25
CA SER A 955 60.62 -44.41 -26.18
C SER A 955 61.39 -45.17 -25.10
N ASN A 956 62.71 -45.10 -25.13
CA ASN A 956 63.62 -45.66 -24.13
C ASN A 956 64.68 -44.62 -23.71
N VAL A 957 64.96 -44.55 -22.40
CA VAL A 957 65.91 -43.59 -21.79
C VAL A 957 67.30 -43.64 -22.43
N TYR A 958 67.81 -44.85 -22.69
CA TYR A 958 69.08 -45.00 -23.39
C TYR A 958 68.97 -44.61 -24.87
N SER A 959 67.86 -44.93 -25.54
CA SER A 959 67.68 -44.55 -26.95
C SER A 959 67.74 -43.04 -27.12
N VAL A 960 67.19 -42.27 -26.18
CA VAL A 960 67.28 -40.80 -26.15
C VAL A 960 68.73 -40.34 -25.88
N LEU A 961 69.39 -40.94 -24.90
CA LEU A 961 70.77 -40.62 -24.53
C LEU A 961 71.80 -40.98 -25.63
N ASN A 962 71.54 -42.02 -26.43
CA ASN A 962 72.35 -42.41 -27.59
C ASN A 962 72.33 -41.32 -28.70
N GLN A 963 71.34 -40.43 -28.74
CA GLN A 963 71.32 -39.40 -29.76
C GLN A 963 72.43 -38.35 -29.59
N VAL A 964 73.04 -38.28 -28.40
CA VAL A 964 74.31 -37.57 -28.14
C VAL A 964 75.46 -38.18 -28.93
N LEU A 965 75.54 -39.52 -28.96
CA LEU A 965 76.52 -40.29 -29.73
C LEU A 965 76.26 -40.18 -31.26
N ASN A 966 74.99 -39.96 -31.64
CA ASN A 966 74.59 -39.62 -33.01
C ASN A 966 74.77 -38.12 -33.36
N ASN A 967 75.56 -37.37 -32.58
CA ASN A 967 75.95 -35.97 -32.82
C ASN A 967 74.80 -34.95 -32.80
N THR A 968 73.69 -35.24 -32.11
CA THR A 968 72.59 -34.26 -31.92
C THR A 968 73.04 -32.90 -31.35
N PRO A 969 74.05 -32.80 -30.45
CA PRO A 969 74.54 -31.52 -29.96
C PRO A 969 75.17 -30.60 -31.01
N THR A 970 75.43 -31.08 -32.24
CA THR A 970 75.96 -30.23 -33.33
C THR A 970 74.89 -29.26 -33.83
N ASP A 971 75.18 -27.96 -33.82
CA ASP A 971 74.22 -26.89 -34.19
C ASP A 971 74.10 -26.67 -35.71
N ILE A 972 74.03 -27.77 -36.47
CA ILE A 972 73.35 -27.77 -37.77
C ILE A 972 71.83 -27.72 -37.54
N SER A 973 71.09 -27.10 -38.44
CA SER A 973 69.62 -26.93 -38.29
C SER A 973 68.82 -28.19 -38.65
N SER A 974 69.41 -29.38 -38.48
CA SER A 974 68.83 -30.70 -38.76
C SER A 974 69.14 -31.68 -37.62
N ILE A 975 68.15 -32.46 -37.20
CA ILE A 975 68.28 -33.57 -36.24
C ILE A 975 67.41 -34.76 -36.68
N VAL A 976 67.71 -35.94 -36.14
CA VAL A 976 67.04 -37.22 -36.44
C VAL A 976 65.52 -37.13 -36.15
N PRO A 977 64.65 -37.78 -36.95
CA PRO A 977 63.21 -37.91 -36.66
C PRO A 977 62.91 -38.50 -35.27
N LYS A 978 63.75 -39.46 -34.84
CA LYS A 978 63.75 -40.10 -33.52
C LYS A 978 63.77 -39.11 -32.35
N LEU A 979 64.25 -37.88 -32.57
CA LEU A 979 64.07 -36.75 -31.65
C LEU A 979 63.03 -35.74 -32.12
N SER A 980 63.14 -35.26 -33.36
CA SER A 980 62.35 -34.11 -33.83
C SER A 980 60.84 -34.40 -33.93
N GLU A 981 60.45 -35.66 -34.19
CA GLU A 981 59.06 -36.11 -34.13
C GLU A 981 58.65 -36.66 -32.75
N LEU A 982 59.60 -37.24 -32.00
CA LEU A 982 59.38 -37.62 -30.60
C LEU A 982 58.99 -36.41 -29.74
N THR A 983 59.73 -35.30 -29.90
CA THR A 983 59.51 -34.05 -29.17
C THR A 983 58.14 -33.46 -29.50
N TYR A 984 57.74 -33.53 -30.76
CA TYR A 984 56.41 -33.16 -31.23
C TYR A 984 55.33 -34.05 -30.61
N SER A 985 55.57 -35.36 -30.58
CA SER A 985 54.66 -36.36 -30.01
C SER A 985 54.52 -36.23 -28.49
N LEU A 986 55.57 -35.81 -27.78
CA LEU A 986 55.53 -35.59 -26.35
C LEU A 986 54.49 -34.54 -25.94
N LEU A 987 54.27 -33.49 -26.74
CA LEU A 987 53.31 -32.42 -26.41
C LEU A 987 51.86 -32.90 -26.47
N ILE A 988 51.51 -33.73 -27.45
CA ILE A 988 50.17 -34.33 -27.55
C ILE A 988 49.93 -35.31 -26.40
N TYR A 989 50.90 -36.16 -26.07
CA TYR A 989 50.81 -37.03 -24.90
C TYR A 989 50.86 -36.25 -23.58
N THR A 990 51.40 -35.03 -23.54
CA THR A 990 51.31 -34.14 -22.36
C THR A 990 49.87 -33.63 -22.16
N GLN A 991 49.15 -33.32 -23.23
CA GLN A 991 47.74 -32.95 -23.13
C GLN A 991 46.84 -34.12 -22.73
N LEU A 992 47.17 -35.36 -23.13
CA LEU A 992 46.51 -36.58 -22.64
C LEU A 992 46.61 -36.77 -21.12
N ILE A 993 47.57 -36.13 -20.45
CA ILE A 993 47.77 -36.18 -18.99
C ILE A 993 47.55 -34.83 -18.28
N ASN A 994 46.92 -33.86 -18.97
CA ASN A 994 46.54 -32.56 -18.38
C ASN A 994 45.12 -32.10 -18.72
N SER A 995 44.58 -32.45 -19.89
CA SER A 995 43.14 -32.27 -20.18
C SER A 995 42.26 -33.19 -19.31
N LEU A 996 42.86 -34.25 -18.75
CA LEU A 996 42.39 -35.01 -17.59
C LEU A 996 43.62 -35.36 -16.73
N LYS A 997 43.48 -35.39 -15.41
CA LYS A 997 44.58 -35.74 -14.48
C LYS A 997 44.38 -37.15 -13.92
N LEU A 998 45.44 -37.96 -13.93
CA LEU A 998 45.47 -39.30 -13.31
C LEU A 998 46.84 -39.63 -12.71
N ASN A 999 46.86 -40.60 -11.80
CA ASN A 999 48.00 -41.03 -11.00
C ASN A 999 48.84 -42.13 -11.68
N LYS A 1000 50.12 -42.21 -11.31
CA LYS A 1000 51.10 -43.10 -11.98
C LYS A 1000 50.76 -44.59 -11.94
N GLU A 1001 50.10 -45.10 -10.90
CA GLU A 1001 49.79 -46.53 -10.79
C GLU A 1001 48.89 -47.02 -11.93
N PHE A 1002 48.01 -46.15 -12.44
CA PHE A 1002 47.20 -46.44 -13.62
C PHE A 1002 48.10 -46.66 -14.85
N ILE A 1003 49.04 -45.74 -15.09
CA ILE A 1003 50.00 -45.81 -16.19
C ILE A 1003 50.88 -47.05 -16.06
N PHE A 1004 51.35 -47.35 -14.84
CA PHE A 1004 52.18 -48.49 -14.50
C PHE A 1004 51.49 -49.83 -14.81
N LEU A 1005 50.19 -49.97 -14.49
CA LEU A 1005 49.39 -51.14 -14.88
C LEU A 1005 49.19 -51.21 -16.40
N ARG A 1006 48.76 -50.11 -17.01
CA ARG A 1006 48.52 -49.95 -18.46
C ARG A 1006 49.76 -50.30 -19.30
N LEU A 1007 50.95 -49.92 -18.82
CA LEU A 1007 52.24 -50.19 -19.42
C LEU A 1007 52.73 -51.64 -19.17
N THR A 1008 52.41 -52.21 -18.00
CA THR A 1008 52.80 -53.58 -17.62
C THR A 1008 52.04 -54.64 -18.42
N GLN A 1009 50.70 -54.54 -18.47
CA GLN A 1009 49.86 -55.70 -18.83
C GLN A 1009 48.51 -55.30 -19.42
N PRO A 1010 48.46 -54.85 -20.70
CA PRO A 1010 47.24 -54.32 -21.33
C PRO A 1010 46.05 -55.31 -21.32
N ASN A 1011 46.25 -56.59 -21.67
CA ASN A 1011 45.16 -57.57 -21.68
C ASN A 1011 44.61 -57.88 -20.27
N TRP A 1012 45.47 -57.81 -19.26
CA TRP A 1012 45.13 -58.00 -17.85
C TRP A 1012 44.31 -56.82 -17.30
N LEU A 1013 44.66 -55.59 -17.69
CA LEU A 1013 43.84 -54.40 -17.40
C LEU A 1013 42.44 -54.55 -18.02
N GLY A 1014 42.40 -55.05 -19.26
CA GLY A 1014 41.18 -55.40 -19.99
C GLY A 1014 41.20 -55.01 -21.48
N LEU A 1015 42.32 -54.56 -22.03
CA LEU A 1015 42.43 -54.17 -23.45
C LEU A 1015 42.61 -55.38 -24.39
N THR A 1016 42.60 -55.13 -25.71
CA THR A 1016 42.95 -56.11 -26.74
C THR A 1016 44.45 -56.08 -27.09
N GLN A 1017 44.99 -57.19 -27.59
CA GLN A 1017 46.41 -57.37 -27.89
C GLN A 1017 47.04 -56.26 -28.78
N PRO A 1018 46.39 -55.73 -29.83
CA PRO A 1018 46.98 -54.64 -30.63
C PRO A 1018 47.33 -53.38 -29.84
N LYS A 1019 46.73 -53.16 -28.67
CA LYS A 1019 46.98 -51.99 -27.79
C LYS A 1019 48.18 -52.14 -26.85
N LEU A 1020 49.02 -53.17 -27.08
CA LEU A 1020 50.44 -53.12 -26.72
C LEU A 1020 51.22 -52.07 -27.55
N SER A 1021 50.72 -51.69 -28.74
CA SER A 1021 51.25 -50.55 -29.53
C SER A 1021 50.94 -49.19 -28.89
N THR A 1022 51.58 -48.13 -29.40
CA THR A 1022 51.39 -46.73 -28.97
C THR A 1022 50.03 -46.12 -29.35
N GLN A 1023 49.27 -46.75 -30.26
CA GLN A 1023 48.01 -46.21 -30.78
C GLN A 1023 46.87 -46.23 -29.75
N LEU A 1024 46.00 -45.21 -29.79
CA LEU A 1024 44.85 -45.02 -28.88
C LEU A 1024 43.58 -44.74 -29.68
N SER A 1025 42.42 -45.27 -29.26
CA SER A 1025 41.11 -44.96 -29.86
C SER A 1025 39.96 -44.91 -28.83
N LEU A 1026 38.82 -44.34 -29.25
CA LEU A 1026 37.68 -44.05 -28.36
C LEU A 1026 37.24 -45.19 -27.42
N PRO A 1027 37.21 -46.48 -27.83
CA PRO A 1027 36.91 -47.60 -26.94
C PRO A 1027 37.81 -47.72 -25.69
N GLU A 1028 39.04 -47.20 -25.71
CA GLU A 1028 39.84 -47.01 -24.49
C GLU A 1028 39.40 -45.75 -23.75
N ILE A 1029 39.26 -44.63 -24.46
CA ILE A 1029 39.01 -43.33 -23.85
C ILE A 1029 37.71 -43.32 -23.03
N TYR A 1030 36.62 -43.96 -23.48
CA TYR A 1030 35.41 -44.13 -22.68
C TYR A 1030 35.71 -44.86 -21.36
N LEU A 1031 36.37 -46.03 -21.46
CA LEU A 1031 36.56 -46.98 -20.36
C LEU A 1031 37.52 -46.45 -19.29
N ILE A 1032 38.63 -45.83 -19.71
CA ILE A 1032 39.61 -45.21 -18.80
C ILE A 1032 39.06 -43.95 -18.14
N THR A 1033 38.18 -43.21 -18.83
CA THR A 1033 37.50 -42.03 -18.25
C THR A 1033 36.44 -42.45 -17.24
N CYS A 1034 35.59 -43.41 -17.58
CA CYS A 1034 34.56 -43.96 -16.68
C CYS A 1034 35.18 -44.72 -15.48
N TYR A 1035 36.36 -45.32 -15.64
CA TYR A 1035 37.20 -45.77 -14.53
C TYR A 1035 37.66 -44.59 -13.66
N GLN A 1036 38.19 -43.53 -14.27
CA GLN A 1036 38.69 -42.36 -13.56
C GLN A 1036 37.58 -41.60 -12.80
N ASP A 1037 36.32 -41.71 -13.22
CA ASP A 1037 35.16 -41.34 -12.40
C ASP A 1037 34.85 -42.36 -11.30
N TRP A 1038 34.82 -43.66 -11.62
CA TRP A 1038 34.43 -44.69 -10.66
C TRP A 1038 35.39 -44.84 -9.48
N VAL A 1039 36.70 -44.66 -9.69
CA VAL A 1039 37.71 -44.69 -8.62
C VAL A 1039 37.53 -43.56 -7.60
N VAL A 1040 36.90 -42.45 -8.00
CA VAL A 1040 36.49 -41.35 -7.11
C VAL A 1040 35.10 -41.61 -6.51
N ASN A 1041 34.16 -42.10 -7.31
CA ASN A 1041 32.78 -42.36 -6.89
C ASN A 1041 32.62 -43.51 -5.87
N ALA A 1042 33.53 -44.49 -5.87
CA ALA A 1042 33.50 -45.62 -4.95
C ALA A 1042 33.55 -45.20 -3.46
N ASN A 1043 32.93 -45.98 -2.58
CA ASN A 1043 32.68 -45.62 -1.18
C ASN A 1043 33.87 -45.85 -0.23
N LYS A 1044 35.07 -46.12 -0.76
CA LYS A 1044 36.30 -46.39 0.01
C LYS A 1044 37.53 -45.78 -0.67
N ASN A 1045 38.64 -45.64 0.06
CA ASN A 1045 39.85 -44.99 -0.46
C ASN A 1045 40.51 -45.72 -1.65
N GLU A 1046 41.60 -45.15 -2.15
CA GLU A 1046 42.28 -45.52 -3.41
C GLU A 1046 42.50 -47.03 -3.64
N ASP A 1047 43.09 -47.75 -2.68
CA ASP A 1047 43.85 -48.97 -3.02
C ASP A 1047 43.03 -50.27 -2.95
N SER A 1048 41.87 -50.29 -2.30
CA SER A 1048 41.04 -51.50 -2.14
C SER A 1048 40.64 -52.12 -3.48
N ILE A 1049 40.51 -51.30 -4.52
CA ILE A 1049 40.21 -51.74 -5.89
C ILE A 1049 41.33 -52.65 -6.43
N HIS A 1050 42.60 -52.34 -6.15
CA HIS A 1050 43.72 -53.19 -6.56
C HIS A 1050 43.67 -54.55 -5.88
N GLU A 1051 43.49 -54.61 -4.55
CA GLU A 1051 43.44 -55.90 -3.86
C GLU A 1051 42.27 -56.78 -4.33
N TYR A 1052 41.13 -56.17 -4.68
CA TYR A 1052 40.01 -56.90 -5.28
C TYR A 1052 40.36 -57.47 -6.66
N LEU A 1053 40.92 -56.67 -7.57
CA LEU A 1053 41.26 -57.11 -8.93
C LEU A 1053 42.37 -58.16 -8.96
N GLU A 1054 43.39 -58.01 -8.11
CA GLU A 1054 44.45 -59.01 -7.94
C GLU A 1054 43.91 -60.35 -7.46
N PHE A 1055 42.97 -60.34 -6.51
CA PHE A 1055 42.30 -61.56 -6.06
C PHE A 1055 41.43 -62.19 -7.18
N ALA A 1056 40.70 -61.39 -7.94
CA ALA A 1056 39.86 -61.90 -9.03
C ALA A 1056 40.68 -62.68 -10.08
N ASN A 1057 41.93 -62.28 -10.30
CA ASN A 1057 42.83 -62.83 -11.32
C ASN A 1057 43.57 -64.15 -10.94
N ILE A 1058 43.59 -64.56 -9.67
CA ILE A 1058 44.25 -65.79 -9.19
C ILE A 1058 43.79 -67.04 -9.94
N LYS A 1059 44.68 -67.63 -10.75
CA LYS A 1059 44.71 -69.05 -11.20
C LYS A 1059 43.34 -69.66 -11.54
N LYS A 1060 42.67 -69.17 -12.59
CA LYS A 1060 41.31 -69.65 -12.90
C LYS A 1060 41.29 -71.13 -13.32
N THR A 1061 42.17 -71.57 -14.22
CA THR A 1061 42.15 -72.94 -14.76
C THR A 1061 42.72 -73.98 -13.79
N GLU A 1062 43.89 -73.74 -13.21
CA GLU A 1062 44.57 -74.69 -12.31
C GLU A 1062 43.95 -74.80 -10.90
N ALA A 1063 43.08 -73.87 -10.49
CA ALA A 1063 42.50 -73.87 -9.15
C ALA A 1063 41.07 -73.31 -9.08
N GLU A 1064 40.86 -72.02 -9.36
CA GLU A 1064 39.74 -71.28 -8.80
C GLU A 1064 38.39 -71.48 -9.51
N LYS A 1065 38.35 -71.69 -10.84
CA LYS A 1065 37.07 -71.76 -11.59
C LYS A 1065 36.17 -72.90 -11.13
N THR A 1066 36.72 -74.10 -10.97
CA THR A 1066 35.97 -75.27 -10.47
C THR A 1066 35.59 -75.16 -8.99
N LEU A 1067 36.28 -74.31 -8.22
CA LEU A 1067 35.94 -73.91 -6.85
C LEU A 1067 35.04 -72.66 -6.80
N VAL A 1068 34.45 -72.27 -7.94
CA VAL A 1068 33.58 -71.09 -8.16
C VAL A 1068 34.17 -69.79 -7.61
N ASP A 1069 35.51 -69.69 -7.56
CA ASP A 1069 36.29 -68.58 -6.99
C ASP A 1069 35.97 -68.30 -5.50
N ASN A 1070 35.31 -69.24 -4.79
CA ASN A 1070 34.55 -68.99 -3.55
C ASN A 1070 33.61 -67.77 -3.66
N SER A 1071 32.68 -67.86 -4.61
CA SER A 1071 31.68 -66.87 -4.99
C SER A 1071 30.98 -66.20 -3.82
N GLU A 1072 30.70 -66.94 -2.74
CA GLU A 1072 30.05 -66.46 -1.52
C GLU A 1072 30.81 -65.33 -0.78
N LYS A 1073 32.13 -65.19 -1.01
CA LYS A 1073 32.95 -64.10 -0.42
C LYS A 1073 33.77 -63.28 -1.41
N CYS A 1074 34.18 -63.80 -2.57
CA CYS A 1074 34.88 -62.97 -3.55
C CYS A 1074 33.93 -61.92 -4.18
N ALA A 1075 32.70 -62.31 -4.55
CA ALA A 1075 31.68 -61.42 -5.08
C ALA A 1075 31.11 -60.45 -4.02
N GLU A 1076 31.39 -60.70 -2.74
CA GLU A 1076 30.98 -59.83 -1.65
C GLU A 1076 31.78 -58.51 -1.68
N LEU A 1077 33.10 -58.56 -1.92
CA LEU A 1077 33.95 -57.37 -1.89
C LEU A 1077 33.63 -56.38 -3.05
N LEU A 1078 33.17 -56.91 -4.19
CA LEU A 1078 32.65 -56.16 -5.34
C LEU A 1078 31.38 -55.37 -5.01
N ALA A 1079 30.54 -55.90 -4.13
CA ALA A 1079 29.41 -55.17 -3.55
C ALA A 1079 29.89 -54.17 -2.47
N GLU A 1080 30.81 -54.57 -1.60
CA GLU A 1080 31.24 -53.75 -0.45
C GLU A 1080 31.92 -52.43 -0.87
N ILE A 1081 32.74 -52.44 -1.93
CA ILE A 1081 33.37 -51.22 -2.49
C ILE A 1081 32.37 -50.20 -3.04
N LEU A 1082 31.16 -50.66 -3.41
CA LEU A 1082 30.02 -49.85 -3.83
C LEU A 1082 29.04 -49.50 -2.69
N ALA A 1083 29.28 -50.05 -1.48
CA ALA A 1083 28.32 -50.09 -0.38
C ALA A 1083 26.94 -50.67 -0.79
N TRP A 1084 26.92 -51.61 -1.75
CA TRP A 1084 25.69 -52.07 -2.43
C TRP A 1084 25.31 -53.53 -2.09
N ASP A 1085 24.23 -54.04 -2.70
CA ASP A 1085 23.70 -55.38 -2.47
C ASP A 1085 24.60 -56.52 -3.01
N ALA A 1086 25.13 -57.35 -2.12
CA ALA A 1086 25.86 -58.58 -2.48
C ALA A 1086 24.96 -59.69 -3.07
N GLY A 1087 23.63 -59.54 -3.01
CA GLY A 1087 22.63 -60.45 -3.56
C GLY A 1087 22.52 -60.37 -5.08
N GLU A 1088 21.78 -59.38 -5.60
CA GLU A 1088 21.33 -59.41 -7.01
C GLU A 1088 22.47 -59.33 -8.03
N ILE A 1089 23.66 -58.83 -7.64
CA ILE A 1089 24.87 -58.86 -8.47
C ILE A 1089 25.27 -60.27 -8.91
N LEU A 1090 24.88 -61.32 -8.18
CA LEU A 1090 25.11 -62.72 -8.58
C LEU A 1090 24.36 -63.11 -9.86
N LYS A 1091 23.37 -62.33 -10.34
CA LYS A 1091 22.75 -62.52 -11.66
C LYS A 1091 23.76 -62.48 -12.80
N ALA A 1092 24.93 -61.87 -12.61
CA ALA A 1092 26.02 -61.93 -13.58
C ALA A 1092 26.42 -63.37 -13.96
N ALA A 1093 26.19 -64.36 -13.09
CA ALA A 1093 26.38 -65.79 -13.38
C ALA A 1093 25.52 -66.32 -14.57
N SER A 1094 24.57 -65.52 -15.06
CA SER A 1094 23.81 -65.80 -16.30
C SER A 1094 24.61 -65.57 -17.60
N LEU A 1095 25.86 -65.12 -17.52
CA LEU A 1095 26.79 -64.97 -18.65
C LEU A 1095 28.26 -65.25 -18.26
N LEU A 1096 29.15 -65.30 -19.26
CA LEU A 1096 30.61 -65.52 -19.14
C LEU A 1096 30.99 -66.89 -18.57
N GLY A 1097 30.56 -67.97 -19.24
CA GLY A 1097 31.25 -69.27 -19.22
C GLY A 1097 31.32 -69.99 -17.87
N LEU A 1098 30.27 -69.86 -17.04
CA LEU A 1098 30.15 -70.46 -15.70
C LEU A 1098 31.20 -69.96 -14.66
N ASN A 1099 31.95 -68.90 -15.00
CA ASN A 1099 32.72 -68.12 -14.02
C ASN A 1099 31.77 -67.37 -13.03
N PRO A 1100 32.30 -66.74 -11.94
CA PRO A 1100 31.49 -65.98 -11.01
C PRO A 1100 30.46 -64.99 -11.60
N PRO A 1101 30.71 -64.28 -12.72
CA PRO A 1101 31.99 -63.88 -13.33
C PRO A 1101 32.52 -62.56 -12.74
N GLN A 1102 33.84 -62.40 -12.67
CA GLN A 1102 34.47 -61.19 -12.08
C GLN A 1102 35.82 -60.79 -12.70
N ALA A 1103 36.60 -61.73 -13.26
CA ALA A 1103 37.94 -61.48 -13.78
C ALA A 1103 37.99 -60.63 -15.07
N THR A 1104 36.85 -60.35 -15.71
CA THR A 1104 36.73 -59.31 -16.75
C THR A 1104 36.80 -57.94 -16.06
N ASN A 1105 38.03 -57.43 -15.94
CA ASN A 1105 38.44 -56.51 -14.87
C ASN A 1105 37.84 -55.08 -14.91
N VAL A 1106 37.00 -54.73 -15.90
CA VAL A 1106 36.31 -53.43 -15.93
C VAL A 1106 34.84 -53.52 -16.32
N PHE A 1107 34.48 -54.24 -17.39
CA PHE A 1107 33.15 -54.15 -18.00
C PHE A 1107 31.99 -54.47 -17.04
N GLU A 1108 32.17 -55.43 -16.13
CA GLU A 1108 31.15 -55.75 -15.11
C GLU A 1108 30.94 -54.60 -14.11
N ILE A 1109 32.01 -53.90 -13.74
CA ILE A 1109 31.97 -52.74 -12.85
C ILE A 1109 31.33 -51.55 -13.57
N ASP A 1110 31.72 -51.36 -14.83
CA ASP A 1110 31.24 -50.30 -15.74
C ASP A 1110 29.72 -50.40 -15.99
N TRP A 1111 29.23 -51.61 -16.18
CA TRP A 1111 27.80 -51.92 -16.26
C TRP A 1111 27.10 -51.69 -14.90
N ILE A 1112 27.67 -52.18 -13.80
CA ILE A 1112 27.11 -52.04 -12.45
C ILE A 1112 27.00 -50.57 -11.99
N ARG A 1113 27.86 -49.66 -12.47
CA ARG A 1113 27.66 -48.21 -12.30
C ARG A 1113 26.28 -47.80 -12.82
N ARG A 1114 25.94 -48.19 -14.04
CA ARG A 1114 24.65 -47.91 -14.70
C ARG A 1114 23.48 -48.67 -14.07
N LEU A 1115 23.70 -49.91 -13.60
CA LEU A 1115 22.68 -50.64 -12.83
C LEU A 1115 22.38 -49.97 -11.49
N GLN A 1116 23.39 -49.43 -10.80
CA GLN A 1116 23.21 -48.71 -9.54
C GLN A 1116 22.44 -47.39 -9.74
N THR A 1117 22.72 -46.63 -10.80
CA THR A 1117 21.96 -45.40 -11.11
C THR A 1117 20.54 -45.71 -11.61
N LEU A 1118 20.34 -46.71 -12.48
CA LEU A 1118 19.00 -47.19 -12.87
C LEU A 1118 18.19 -47.65 -11.64
N SER A 1119 18.83 -48.35 -10.70
CA SER A 1119 18.24 -48.77 -9.41
C SER A 1119 17.90 -47.61 -8.45
N GLU A 1120 18.23 -46.37 -8.82
CA GLU A 1120 17.85 -45.13 -8.12
C GLU A 1120 16.87 -44.25 -8.91
N LYS A 1121 16.83 -44.37 -10.25
CA LYS A 1121 15.70 -43.90 -11.08
C LYS A 1121 14.40 -44.64 -10.72
N THR A 1122 14.47 -45.96 -10.54
CA THR A 1122 13.33 -46.85 -10.29
C THR A 1122 13.69 -47.96 -9.31
N MET A 1123 12.69 -48.53 -8.62
CA MET A 1123 12.84 -49.61 -7.65
C MET A 1123 12.84 -51.02 -8.29
N ILE A 1124 12.91 -51.13 -9.62
CA ILE A 1124 12.97 -52.41 -10.33
C ILE A 1124 14.30 -53.17 -10.09
N SER A 1125 14.23 -54.51 -10.10
CA SER A 1125 15.36 -55.43 -9.94
C SER A 1125 16.18 -55.58 -11.23
N THR A 1126 17.47 -55.95 -11.10
CA THR A 1126 18.27 -56.36 -12.27
C THR A 1126 17.75 -57.64 -12.92
N GLU A 1127 17.07 -58.49 -12.15
CA GLU A 1127 16.40 -59.69 -12.64
C GLU A 1127 15.30 -59.37 -13.66
N TYR A 1128 14.53 -58.29 -13.42
CA TYR A 1128 13.49 -57.84 -14.36
C TYR A 1128 14.07 -57.05 -15.53
N LEU A 1129 15.14 -56.28 -15.32
CA LEU A 1129 15.86 -55.60 -16.40
C LEU A 1129 16.43 -56.57 -17.45
N TRP A 1130 16.80 -57.79 -17.04
CA TRP A 1130 17.13 -58.89 -17.95
C TRP A 1130 15.96 -59.30 -18.85
N GLN A 1131 14.74 -59.39 -18.30
CA GLN A 1131 13.54 -59.75 -19.09
C GLN A 1131 13.23 -58.68 -20.14
N MET A 1132 13.43 -57.41 -19.80
CA MET A 1132 13.30 -56.28 -20.74
C MET A 1132 14.28 -56.38 -21.93
N GLY A 1133 15.40 -57.10 -21.78
CA GLY A 1133 16.27 -57.51 -22.89
C GLY A 1133 15.73 -58.72 -23.67
N ASP A 1134 15.38 -59.80 -22.98
CA ASP A 1134 14.87 -61.05 -23.57
C ASP A 1134 13.63 -60.86 -24.45
N LEU A 1135 12.78 -59.88 -24.14
CA LEU A 1135 11.54 -59.57 -24.86
C LEU A 1135 11.74 -58.89 -26.25
N THR A 1136 12.97 -58.59 -26.64
CA THR A 1136 13.27 -57.80 -27.85
C THR A 1136 12.81 -58.47 -29.16
N GLU A 1137 13.04 -59.77 -29.30
CA GLU A 1137 13.19 -60.44 -30.61
C GLU A 1137 11.90 -61.13 -31.11
N ASN A 1138 10.75 -60.45 -31.05
CA ASN A 1138 9.44 -61.09 -31.25
C ASN A 1138 9.22 -62.31 -30.32
N SER A 1139 9.70 -62.21 -29.07
CA SER A 1139 9.70 -63.28 -28.06
C SER A 1139 8.29 -63.67 -27.56
N GLU A 1140 8.22 -64.75 -26.78
CA GLU A 1140 6.99 -65.28 -26.17
C GLU A 1140 6.19 -64.21 -25.40
N PHE A 1141 4.86 -64.19 -25.57
CA PHE A 1141 4.00 -63.06 -25.16
C PHE A 1141 3.70 -62.98 -23.64
N SER A 1142 3.57 -64.11 -22.94
CA SER A 1142 3.19 -64.12 -21.52
C SER A 1142 4.22 -63.42 -20.63
N LEU A 1143 5.50 -63.48 -20.99
CA LEU A 1143 6.57 -62.72 -20.34
C LEU A 1143 6.39 -61.20 -20.49
N LYS A 1144 5.88 -60.70 -21.62
CA LYS A 1144 5.60 -59.25 -21.81
C LYS A 1144 4.36 -58.84 -21.02
N GLU A 1145 3.30 -59.65 -21.08
CA GLU A 1145 2.07 -59.44 -20.32
C GLU A 1145 2.34 -59.39 -18.80
N GLY A 1146 3.26 -60.22 -18.30
CA GLY A 1146 3.73 -60.23 -16.92
C GLY A 1146 4.66 -59.06 -16.55
N VAL A 1147 5.63 -58.73 -17.41
CA VAL A 1147 6.59 -57.62 -17.17
C VAL A 1147 5.90 -56.27 -17.12
N GLY A 1148 4.91 -56.01 -18.00
CA GLY A 1148 4.13 -54.77 -17.97
C GLY A 1148 3.38 -54.60 -16.65
N GLU A 1149 2.72 -55.66 -16.18
CA GLU A 1149 2.03 -55.69 -14.89
C GLU A 1149 3.00 -55.55 -13.70
N ALA A 1150 4.18 -56.17 -13.76
CA ALA A 1150 5.20 -56.06 -12.72
C ALA A 1150 5.77 -54.63 -12.59
N VAL A 1151 5.95 -53.93 -13.71
CA VAL A 1151 6.39 -52.52 -13.72
C VAL A 1151 5.27 -51.60 -13.22
N MET A 1152 4.01 -51.86 -13.57
CA MET A 1152 2.86 -51.15 -13.03
C MET A 1152 2.77 -51.27 -11.50
N ALA A 1153 2.89 -52.49 -10.96
CA ALA A 1153 2.89 -52.73 -9.52
C ALA A 1153 4.07 -52.02 -8.81
N ALA A 1154 5.24 -52.00 -9.45
CA ALA A 1154 6.40 -51.26 -8.93
C ALA A 1154 6.18 -49.74 -8.89
N LEU A 1155 5.34 -49.17 -9.78
CA LEU A 1155 4.92 -47.76 -9.66
C LEU A 1155 3.88 -47.56 -8.56
N LYS A 1156 2.86 -48.43 -8.42
CA LYS A 1156 1.88 -48.32 -7.33
C LYS A 1156 2.55 -48.31 -5.95
N ALA A 1157 3.63 -49.08 -5.78
CA ALA A 1157 4.46 -49.12 -4.59
C ALA A 1157 5.18 -47.78 -4.26
N GLN A 1158 5.17 -46.80 -5.18
CA GLN A 1158 5.60 -45.42 -4.95
C GLN A 1158 4.41 -44.44 -4.95
N GLY A 1159 3.51 -44.55 -5.93
CA GLY A 1159 2.26 -43.80 -6.04
C GLY A 1159 2.41 -42.27 -6.21
N ASP A 1160 1.34 -41.53 -5.92
CA ASP A 1160 1.35 -40.05 -5.88
C ASP A 1160 2.05 -39.47 -4.63
N SER A 1161 2.31 -40.30 -3.62
CA SER A 1161 3.14 -40.01 -2.45
C SER A 1161 4.64 -40.06 -2.81
N ASP A 1162 5.46 -40.86 -2.11
CA ASP A 1162 6.81 -41.25 -2.53
C ASP A 1162 7.14 -42.72 -2.21
N ASN A 1163 6.95 -43.16 -0.96
CA ASN A 1163 7.06 -44.53 -0.46
C ASN A 1163 8.30 -45.32 -0.98
N VAL A 1164 8.21 -46.65 -1.12
CA VAL A 1164 9.24 -47.52 -1.73
C VAL A 1164 8.61 -48.81 -2.27
N MET B 1 -3.77 -44.63 -8.27
CA MET B 1 -2.90 -43.42 -8.37
C MET B 1 -3.19 -42.68 -9.67
N SER B 2 -2.86 -41.38 -9.76
CA SER B 2 -3.39 -40.48 -10.79
C SER B 2 -3.20 -40.94 -12.25
N ASN B 3 -2.12 -41.65 -12.58
CA ASN B 3 -1.88 -42.19 -13.92
C ASN B 3 -2.49 -43.58 -14.18
N SER B 4 -2.78 -44.39 -13.16
CA SER B 4 -3.47 -45.68 -13.35
C SER B 4 -4.95 -45.50 -13.71
N ILE B 5 -5.52 -44.33 -13.39
CA ILE B 5 -6.88 -43.92 -13.77
C ILE B 5 -7.09 -43.99 -15.29
N GLU B 6 -6.06 -43.64 -16.06
CA GLU B 6 -6.08 -43.63 -17.53
C GLU B 6 -6.47 -45.00 -18.11
N ALA B 7 -5.94 -46.09 -17.52
CA ALA B 7 -6.25 -47.47 -17.91
C ALA B 7 -7.63 -47.93 -17.38
N LYS B 8 -8.05 -47.51 -16.19
CA LYS B 8 -9.40 -47.81 -15.67
C LYS B 8 -10.51 -47.13 -16.46
N LEU B 9 -10.21 -45.99 -17.11
CA LEU B 9 -11.08 -45.42 -18.15
C LEU B 9 -10.99 -46.20 -19.46
N GLN B 10 -9.79 -46.39 -20.03
CA GLN B 10 -9.63 -46.90 -21.41
C GLN B 10 -10.32 -48.25 -21.65
N GLU B 11 -10.35 -49.15 -20.65
CA GLU B 11 -11.05 -50.45 -20.78
C GLU B 11 -12.57 -50.32 -20.94
N ASP B 12 -13.20 -49.23 -20.48
CA ASP B 12 -14.64 -48.99 -20.70
C ASP B 12 -14.93 -48.02 -21.86
N LEU B 13 -14.02 -47.07 -22.11
CA LEU B 13 -14.13 -46.12 -23.23
C LEU B 13 -14.12 -46.85 -24.60
N ARG B 14 -13.36 -47.95 -24.70
CA ARG B 14 -13.12 -48.69 -25.94
C ARG B 14 -13.48 -50.17 -25.81
N ASP B 15 -12.66 -50.95 -25.09
CA ASP B 15 -12.71 -52.42 -25.11
C ASP B 15 -14.10 -52.98 -24.81
N ALA B 16 -14.70 -52.60 -23.69
CA ALA B 16 -16.02 -53.08 -23.28
C ALA B 16 -17.16 -52.62 -24.21
N LEU B 17 -16.97 -51.57 -25.01
CA LEU B 17 -18.02 -51.00 -25.84
C LEU B 17 -18.04 -51.57 -27.27
N VAL B 18 -16.89 -51.62 -27.94
CA VAL B 18 -16.81 -52.11 -29.33
C VAL B 18 -17.04 -53.62 -29.44
N ASP B 19 -16.44 -54.41 -28.53
CA ASP B 19 -16.62 -55.88 -28.50
C ASP B 19 -18.05 -56.28 -28.12
N TYR B 20 -18.72 -55.46 -27.31
CA TYR B 20 -20.16 -55.59 -27.06
C TYR B 20 -20.96 -55.29 -28.32
N TYR B 21 -20.69 -54.15 -28.95
CA TYR B 21 -21.50 -53.65 -30.04
C TYR B 21 -21.49 -54.61 -31.23
N LEU B 22 -20.31 -55.04 -31.67
CA LEU B 22 -20.23 -55.95 -32.79
C LEU B 22 -20.69 -57.34 -32.40
N GLY B 23 -20.16 -57.87 -31.31
CA GLY B 23 -20.26 -59.30 -31.00
C GLY B 23 -21.64 -59.69 -30.55
N GLN B 24 -22.18 -58.93 -29.59
CA GLN B 24 -23.48 -59.25 -29.05
C GLN B 24 -24.58 -59.02 -30.07
N ILE B 25 -24.55 -57.88 -30.76
CA ILE B 25 -25.67 -57.56 -31.64
C ILE B 25 -25.65 -58.39 -32.92
N VAL B 26 -24.52 -58.44 -33.61
CA VAL B 26 -24.54 -59.00 -34.95
C VAL B 26 -24.55 -60.52 -35.03
N PRO B 27 -23.52 -61.24 -34.52
CA PRO B 27 -23.55 -62.70 -34.52
C PRO B 27 -24.35 -63.35 -33.41
N ASN B 28 -24.10 -62.90 -32.18
CA ASN B 28 -24.26 -63.80 -31.05
C ASN B 28 -25.72 -64.07 -30.70
N SER B 29 -26.47 -62.99 -30.54
CA SER B 29 -27.71 -63.02 -29.77
C SER B 29 -28.99 -63.56 -30.40
N LYS B 30 -29.97 -63.77 -29.50
CA LYS B 30 -31.43 -63.72 -29.74
C LYS B 30 -32.04 -62.68 -28.77
N ASP B 31 -31.27 -61.62 -28.48
CA ASP B 31 -31.42 -60.68 -27.37
C ASP B 31 -31.59 -59.25 -27.93
N PHE B 32 -30.57 -58.77 -28.64
CA PHE B 32 -30.55 -57.55 -29.46
C PHE B 32 -30.83 -57.82 -30.94
N THR B 33 -30.48 -59.02 -31.43
CA THR B 33 -30.51 -59.39 -32.85
C THR B 33 -31.94 -59.49 -33.40
N ASN B 34 -32.94 -59.70 -32.53
CA ASN B 34 -34.36 -59.58 -32.88
C ASN B 34 -34.77 -58.14 -33.27
N LEU B 35 -33.90 -57.16 -32.96
CA LEU B 35 -34.07 -55.71 -33.15
C LEU B 35 -32.86 -55.11 -33.89
N ARG B 36 -32.22 -55.91 -34.76
CA ARG B 36 -30.91 -55.66 -35.41
C ARG B 36 -30.69 -54.26 -36.00
N SER B 37 -31.72 -53.64 -36.57
CA SER B 37 -31.64 -52.32 -37.23
C SER B 37 -31.64 -51.14 -36.25
N THR B 38 -32.01 -51.35 -34.99
CA THR B 38 -32.27 -50.26 -34.02
C THR B 38 -31.04 -49.53 -33.50
N ILE B 39 -29.84 -50.14 -33.56
CA ILE B 39 -28.59 -49.60 -33.02
C ILE B 39 -27.55 -49.41 -34.13
N LYS B 40 -27.00 -48.20 -34.24
CA LYS B 40 -25.89 -47.85 -35.15
C LYS B 40 -24.86 -46.87 -34.55
N ASN B 41 -25.15 -46.24 -33.41
CA ASN B 41 -24.29 -45.24 -32.77
C ASN B 41 -24.37 -45.29 -31.22
N VAL B 42 -23.39 -44.70 -30.53
CA VAL B 42 -23.36 -44.57 -29.06
C VAL B 42 -24.61 -43.86 -28.49
N ASP B 43 -25.23 -42.96 -29.24
CA ASP B 43 -26.52 -42.33 -28.87
C ASP B 43 -27.65 -43.37 -28.73
N ASP B 44 -27.62 -44.43 -29.55
CA ASP B 44 -28.54 -45.57 -29.43
C ASP B 44 -28.17 -46.45 -28.24
N LEU B 45 -26.89 -46.67 -27.96
CA LEU B 45 -26.46 -47.42 -26.77
C LEU B 45 -26.94 -46.74 -25.48
N TYR B 46 -26.80 -45.41 -25.42
CA TYR B 46 -27.32 -44.57 -24.34
C TYR B 46 -28.84 -44.71 -24.20
N ASP B 47 -29.58 -44.52 -25.29
CA ASP B 47 -31.05 -44.57 -25.26
C ASP B 47 -31.58 -45.96 -24.89
N HIS B 48 -30.92 -47.03 -25.37
CA HIS B 48 -31.35 -48.43 -25.18
C HIS B 48 -30.95 -48.99 -23.81
N LEU B 49 -29.72 -48.73 -23.34
CA LEU B 49 -29.21 -49.24 -22.05
C LEU B 49 -29.47 -48.32 -20.85
N LEU B 50 -29.98 -47.10 -21.07
CA LEU B 50 -30.23 -46.08 -20.03
C LEU B 50 -28.98 -45.71 -19.21
N LEU B 51 -27.77 -45.79 -19.81
CA LEU B 51 -26.49 -45.60 -19.10
C LEU B 51 -25.55 -44.62 -19.82
N ASP B 52 -24.92 -43.76 -19.03
CA ASP B 52 -24.07 -42.64 -19.42
C ASP B 52 -22.65 -43.08 -19.81
N THR B 53 -22.53 -43.81 -20.93
CA THR B 53 -21.24 -44.32 -21.43
C THR B 53 -20.33 -43.23 -22.02
N GLN B 54 -19.02 -43.45 -21.99
CA GLN B 54 -17.94 -42.64 -22.61
C GLN B 54 -17.66 -41.26 -21.98
N VAL B 55 -18.19 -40.97 -20.80
CA VAL B 55 -18.21 -39.62 -20.20
C VAL B 55 -18.03 -39.66 -18.68
N SER B 56 -17.74 -38.50 -18.07
CA SER B 56 -17.78 -38.24 -16.61
C SER B 56 -16.65 -38.87 -15.78
N ALA B 57 -15.44 -38.94 -16.33
CA ALA B 57 -14.28 -39.65 -15.76
C ALA B 57 -13.87 -39.28 -14.31
N LYS B 58 -14.24 -38.08 -13.82
CA LYS B 58 -13.85 -37.53 -12.50
C LYS B 58 -14.97 -37.50 -11.46
N VAL B 59 -16.22 -37.77 -11.86
CA VAL B 59 -17.42 -37.58 -11.03
C VAL B 59 -17.58 -38.70 -10.01
N ILE B 60 -18.10 -38.38 -8.82
CA ILE B 60 -18.44 -39.32 -7.73
C ILE B 60 -19.86 -39.08 -7.23
N THR B 61 -20.63 -40.15 -6.98
CA THR B 61 -22.04 -40.07 -6.54
C THR B 61 -22.52 -41.41 -5.96
N SER B 62 -23.65 -41.44 -5.25
CA SER B 62 -24.24 -42.68 -4.71
C SER B 62 -24.75 -43.63 -5.80
N ARG B 63 -24.62 -44.95 -5.61
CA ARG B 63 -25.29 -45.96 -6.45
C ARG B 63 -26.80 -45.72 -6.57
N LEU B 64 -27.49 -45.33 -5.49
CA LEU B 64 -28.91 -44.97 -5.54
C LEU B 64 -29.22 -43.89 -6.59
N SER B 65 -28.34 -42.90 -6.78
CA SER B 65 -28.52 -41.89 -7.83
C SER B 65 -28.53 -42.52 -9.23
N LEU B 66 -27.62 -43.44 -9.55
CA LEU B 66 -27.58 -44.13 -10.86
C LEU B 66 -28.83 -44.99 -11.09
N VAL B 67 -29.25 -45.74 -10.06
CA VAL B 67 -30.47 -46.56 -10.10
C VAL B 67 -31.68 -45.67 -10.34
N THR B 68 -31.79 -44.59 -9.57
CA THR B 68 -32.84 -43.59 -9.70
C THR B 68 -32.84 -43.02 -11.12
N GLN B 69 -31.69 -42.48 -11.57
CA GLN B 69 -31.49 -41.89 -12.90
C GLN B 69 -31.98 -42.78 -14.04
N SER B 70 -31.79 -44.10 -13.96
CA SER B 70 -32.24 -45.00 -15.02
C SER B 70 -33.77 -45.02 -15.17
N VAL B 71 -34.50 -45.18 -14.06
CA VAL B 71 -35.98 -45.18 -14.02
C VAL B 71 -36.53 -43.78 -14.26
N GLN B 72 -35.91 -42.79 -13.64
CA GLN B 72 -36.15 -41.36 -13.79
C GLN B 72 -36.06 -40.93 -15.27
N GLN B 73 -35.03 -41.38 -15.99
CA GLN B 73 -34.94 -41.21 -17.44
C GLN B 73 -36.00 -42.01 -18.17
N TYR B 74 -36.24 -43.27 -17.83
CA TYR B 74 -37.22 -44.11 -18.53
C TYR B 74 -38.65 -43.55 -18.45
N ILE B 75 -39.10 -43.13 -17.26
CA ILE B 75 -40.43 -42.56 -17.04
C ILE B 75 -40.58 -41.18 -17.70
N ASN B 76 -39.47 -40.44 -17.88
CA ASN B 76 -39.42 -39.34 -18.85
C ASN B 76 -39.53 -39.85 -20.31
N ARG B 77 -38.69 -40.80 -20.73
CA ARG B 77 -38.51 -41.29 -22.12
C ARG B 77 -39.79 -41.85 -22.74
N ILE B 78 -40.59 -42.63 -21.99
CA ILE B 78 -41.86 -43.17 -22.50
C ILE B 78 -42.93 -42.10 -22.76
N ALA B 79 -42.84 -40.96 -22.04
CA ALA B 79 -43.69 -39.78 -22.25
C ALA B 79 -43.11 -38.80 -23.30
N LEU B 80 -41.79 -38.83 -23.51
CA LEU B 80 -41.05 -38.05 -24.51
C LEU B 80 -41.31 -38.52 -25.94
N ASN B 81 -41.39 -39.84 -26.16
CA ASN B 81 -41.76 -40.44 -27.45
C ASN B 81 -42.52 -41.78 -27.29
N LEU B 82 -43.37 -42.11 -28.27
CA LEU B 82 -44.27 -43.27 -28.30
C LEU B 82 -43.69 -44.48 -29.06
N GLU B 83 -42.36 -44.64 -29.03
CA GLU B 83 -41.65 -45.89 -29.34
C GLU B 83 -40.85 -46.34 -28.10
N PRO B 84 -40.98 -47.60 -27.64
CA PRO B 84 -41.85 -48.67 -28.16
C PRO B 84 -43.36 -48.36 -28.04
N GLY B 85 -44.21 -49.19 -28.64
CA GLY B 85 -45.62 -48.90 -28.96
C GLY B 85 -46.63 -48.68 -27.81
N LEU B 86 -46.19 -48.48 -26.57
CA LEU B 86 -47.04 -48.14 -25.42
C LEU B 86 -47.77 -46.80 -25.60
N SER B 87 -48.79 -46.56 -24.76
CA SER B 87 -49.48 -45.27 -24.62
C SER B 87 -49.81 -44.96 -23.16
N ILE B 88 -50.09 -43.69 -22.88
CA ILE B 88 -50.30 -43.11 -21.56
C ILE B 88 -51.70 -42.49 -21.51
N ASN B 89 -52.53 -42.86 -20.53
CA ASN B 89 -53.89 -42.32 -20.37
C ASN B 89 -53.85 -40.83 -19.98
N GLN B 90 -54.91 -40.06 -20.26
CA GLN B 90 -54.91 -38.62 -20.00
C GLN B 90 -54.68 -38.22 -18.53
N GLN B 91 -55.06 -39.05 -17.56
CA GLN B 91 -54.70 -38.83 -16.15
C GLN B 91 -53.18 -38.98 -15.92
N GLU B 92 -52.59 -40.06 -16.40
CA GLU B 92 -51.15 -40.35 -16.29
C GLU B 92 -50.29 -39.30 -17.05
N ALA B 93 -50.77 -38.91 -18.23
CA ALA B 93 -50.27 -37.83 -19.09
C ALA B 93 -50.51 -36.43 -18.52
N THR B 94 -51.43 -36.26 -17.55
CA THR B 94 -51.51 -35.05 -16.70
C THR B 94 -50.46 -35.09 -15.59
N ASP B 95 -50.27 -36.26 -14.96
CA ASP B 95 -49.58 -36.36 -13.69
C ASP B 95 -48.05 -36.47 -13.74
N TRP B 96 -47.42 -36.44 -14.92
CA TRP B 96 -45.98 -36.16 -15.00
C TRP B 96 -45.61 -34.74 -14.50
N GLU B 97 -46.62 -33.88 -14.29
CA GLU B 97 -46.57 -32.69 -13.44
C GLU B 97 -45.92 -32.95 -12.06
N GLU B 98 -46.06 -34.15 -11.50
CA GLU B 98 -45.47 -34.57 -10.22
C GLU B 98 -44.05 -35.17 -10.35
N PHE B 99 -43.39 -35.09 -11.51
CA PHE B 99 -41.95 -35.39 -11.64
C PHE B 99 -41.20 -34.46 -12.60
N ALA B 100 -41.80 -33.32 -12.96
CA ALA B 100 -41.21 -32.31 -13.83
C ALA B 100 -39.92 -31.69 -13.26
N ASN B 101 -39.94 -31.29 -11.98
CA ASN B 101 -38.79 -31.03 -11.12
C ASN B 101 -38.93 -31.86 -9.82
N ARG B 102 -37.82 -32.28 -9.19
CA ARG B 102 -37.83 -33.52 -8.39
C ARG B 102 -37.55 -33.35 -6.89
N TYR B 103 -36.30 -33.12 -6.47
CA TYR B 103 -35.97 -33.30 -5.05
C TYR B 103 -36.52 -32.18 -4.15
N GLY B 104 -37.02 -32.53 -2.96
CA GLY B 104 -37.79 -31.64 -2.08
C GLY B 104 -39.20 -31.30 -2.59
N TYR B 105 -39.34 -31.04 -3.90
CA TYR B 105 -40.63 -30.79 -4.57
C TYR B 105 -41.58 -32.00 -4.47
N TRP B 106 -41.04 -33.22 -4.59
CA TRP B 106 -41.80 -34.46 -4.43
C TRP B 106 -42.30 -34.69 -3.00
N ALA B 107 -41.43 -34.56 -1.99
CA ALA B 107 -41.79 -34.78 -0.58
C ALA B 107 -42.87 -33.81 -0.10
N ALA B 108 -42.81 -32.54 -0.55
CA ALA B 108 -43.85 -31.55 -0.33
C ALA B 108 -45.24 -31.96 -0.86
N ASN B 109 -45.36 -32.90 -1.81
CA ASN B 109 -46.66 -33.39 -2.29
C ASN B 109 -47.51 -33.98 -1.16
N GLN B 110 -46.87 -34.66 -0.20
CA GLN B 110 -47.48 -35.16 1.04
C GLN B 110 -47.42 -34.12 2.17
N GLN B 111 -46.24 -33.65 2.57
CA GLN B 111 -46.09 -32.89 3.82
C GLN B 111 -46.84 -31.54 3.84
N LEU B 112 -47.12 -30.94 2.67
CA LEU B 112 -47.95 -29.74 2.53
C LEU B 112 -49.47 -29.99 2.70
N ARG B 113 -49.91 -31.26 2.76
CA ARG B 113 -51.23 -31.73 3.23
C ARG B 113 -51.16 -32.33 4.65
N MET B 114 -50.12 -33.11 4.94
CA MET B 114 -49.93 -33.87 6.19
C MET B 114 -49.50 -33.04 7.41
N PHE B 115 -49.07 -31.79 7.21
CA PHE B 115 -48.96 -30.78 8.27
C PHE B 115 -49.77 -29.51 7.94
N PRO B 116 -51.06 -29.43 8.30
CA PRO B 116 -51.92 -28.27 8.06
C PRO B 116 -51.36 -26.93 8.54
N GLU B 117 -50.59 -26.92 9.63
CA GLU B 117 -49.93 -25.72 10.16
C GLU B 117 -48.93 -25.08 9.18
N ILE B 118 -48.36 -25.85 8.25
CA ILE B 118 -47.55 -25.32 7.14
C ILE B 118 -48.43 -24.56 6.14
N TYR B 119 -49.64 -25.08 5.88
CA TYR B 119 -50.56 -24.56 4.88
C TYR B 119 -51.39 -23.36 5.36
N VAL B 120 -51.75 -23.31 6.65
CA VAL B 120 -52.47 -22.19 7.29
C VAL B 120 -51.60 -20.91 7.30
N ASP B 121 -52.10 -19.87 6.64
CA ASP B 121 -51.59 -18.48 6.66
C ASP B 121 -52.77 -17.52 6.38
N PRO B 122 -52.69 -16.21 6.72
CA PRO B 122 -53.75 -15.25 6.41
C PRO B 122 -53.95 -15.02 4.89
N THR B 123 -52.98 -15.42 4.05
CA THR B 123 -52.98 -15.34 2.58
C THR B 123 -53.90 -16.41 1.93
N LEU B 124 -55.14 -16.51 2.41
CA LEU B 124 -56.17 -17.43 1.91
C LEU B 124 -56.62 -17.09 0.47
N ARG B 125 -57.37 -18.01 -0.16
CA ARG B 125 -58.02 -17.89 -1.50
C ARG B 125 -59.16 -16.86 -1.59
N LEU B 126 -59.10 -15.78 -0.80
CA LEU B 126 -60.23 -14.94 -0.36
C LEU B 126 -61.21 -14.55 -1.47
N THR B 127 -62.46 -14.96 -1.24
CA THR B 127 -63.69 -14.54 -1.93
C THR B 127 -64.30 -13.28 -1.32
N LYS B 128 -64.07 -13.02 -0.02
CA LYS B 128 -64.63 -11.89 0.76
C LYS B 128 -64.07 -10.51 0.39
N THR B 129 -63.71 -10.29 -0.88
CA THR B 129 -63.05 -9.06 -1.34
C THR B 129 -63.92 -7.81 -1.17
N GLU B 130 -65.24 -7.93 -1.14
CA GLU B 130 -66.12 -6.78 -0.91
C GLU B 130 -65.95 -6.15 0.49
N PHE B 131 -65.43 -6.86 1.50
CA PHE B 131 -65.19 -6.30 2.84
C PHE B 131 -63.80 -6.50 3.41
N PHE B 132 -63.07 -7.57 3.07
CA PHE B 132 -61.80 -7.83 3.75
C PHE B 132 -60.71 -6.79 3.41
N PHE B 133 -60.75 -6.22 2.20
CA PHE B 133 -59.92 -5.04 1.86
C PHE B 133 -60.16 -3.85 2.82
N GLN B 134 -61.33 -3.73 3.46
CA GLN B 134 -61.62 -2.58 4.32
C GLN B 134 -61.05 -2.71 5.74
N LEU B 135 -60.52 -3.89 6.11
CA LEU B 135 -59.56 -4.00 7.21
C LEU B 135 -58.17 -3.53 6.75
N GLU B 136 -57.65 -4.12 5.67
CA GLU B 136 -56.24 -3.88 5.28
C GLU B 136 -55.92 -2.41 4.94
N SER B 137 -56.81 -1.67 4.26
CA SER B 137 -56.50 -0.29 3.85
C SER B 137 -56.30 0.70 5.02
N ALA B 138 -56.69 0.34 6.25
CA ALA B 138 -56.31 1.07 7.47
C ALA B 138 -54.96 0.59 8.07
N LEU B 139 -54.65 -0.70 7.95
CA LEU B 139 -53.35 -1.30 8.35
C LEU B 139 -52.23 -1.07 7.33
N ASN B 140 -52.55 -0.47 6.17
CA ASN B 140 -51.63 -0.15 5.07
C ASN B 140 -50.62 0.99 5.40
N GLN B 141 -49.79 0.78 6.43
CA GLN B 141 -48.86 1.78 6.95
C GLN B 141 -47.48 1.17 7.21
N GLY B 142 -46.42 1.93 6.93
CA GLY B 142 -45.04 1.41 6.96
C GLY B 142 -44.46 1.17 8.35
N LYS B 143 -44.65 2.13 9.27
CA LYS B 143 -44.36 1.99 10.70
C LYS B 143 -45.57 2.54 11.48
N LEU B 144 -46.06 1.80 12.47
CA LEU B 144 -47.32 2.03 13.19
C LEU B 144 -47.21 1.64 14.67
N THR B 145 -48.26 1.94 15.44
CA THR B 145 -48.33 1.75 16.90
C THR B 145 -49.66 1.13 17.31
N ASP B 146 -49.77 0.74 18.59
CA ASP B 146 -50.93 0.01 19.16
C ASP B 146 -52.28 0.73 19.01
N ASP B 147 -52.26 2.07 18.89
CA ASP B 147 -53.46 2.87 18.68
C ASP B 147 -54.16 2.59 17.34
N VAL B 148 -53.37 2.48 16.26
CA VAL B 148 -53.85 2.47 14.87
C VAL B 148 -54.83 1.33 14.61
N ALA B 149 -54.58 0.18 15.23
CA ALA B 149 -55.45 -0.98 15.12
C ALA B 149 -56.88 -0.69 15.59
N GLN B 150 -57.09 0.09 16.64
CA GLN B 150 -58.45 0.36 17.13
C GLN B 150 -59.28 1.15 16.10
N LYS B 151 -58.66 2.14 15.46
CA LYS B 151 -59.26 2.89 14.35
C LYS B 151 -59.56 1.98 13.15
N ALA B 152 -58.65 1.07 12.83
CA ALA B 152 -58.84 0.08 11.77
C ALA B 152 -59.99 -0.89 12.07
N VAL B 153 -60.07 -1.41 13.30
CA VAL B 153 -61.10 -2.35 13.75
C VAL B 153 -62.49 -1.70 13.70
N LEU B 154 -62.66 -0.55 14.32
CA LEU B 154 -63.95 0.13 14.35
C LEU B 154 -64.39 0.59 12.95
N GLY B 155 -63.46 0.97 12.08
CA GLY B 155 -63.78 1.29 10.68
C GLY B 155 -64.40 0.14 9.90
N TYR B 156 -64.05 -1.11 10.25
CA TYR B 156 -64.72 -2.32 9.72
C TYR B 156 -66.03 -2.61 10.45
N LEU B 157 -66.03 -2.51 11.78
CA LEU B 157 -67.19 -2.89 12.59
C LEU B 157 -68.40 -1.97 12.39
N ASN B 158 -68.21 -0.71 11.98
CA ASN B 158 -69.31 0.16 11.52
C ASN B 158 -70.01 -0.43 10.28
N ASN B 159 -69.23 -0.88 9.29
CA ASN B 159 -69.73 -1.43 8.02
C ASN B 159 -70.45 -2.77 8.23
N PHE B 160 -69.90 -3.62 9.09
CA PHE B 160 -70.35 -5.00 9.31
C PHE B 160 -71.85 -5.12 9.62
N GLU B 161 -72.38 -4.23 10.43
CA GLU B 161 -73.76 -4.32 10.90
C GLU B 161 -74.76 -4.07 9.77
N GLU B 162 -74.46 -3.20 8.80
CA GLU B 162 -75.34 -2.95 7.64
C GLU B 162 -75.53 -4.24 6.82
N VAL B 163 -74.44 -4.98 6.59
CA VAL B 163 -74.44 -6.27 5.90
C VAL B 163 -75.33 -7.28 6.62
N SER B 164 -75.21 -7.37 7.94
CA SER B 164 -76.02 -8.29 8.75
C SER B 164 -77.53 -7.95 8.76
N ASN B 165 -77.91 -6.72 8.37
CA ASN B 165 -79.30 -6.26 8.26
C ASN B 165 -79.89 -6.30 6.84
N LEU B 166 -79.15 -6.80 5.83
CA LEU B 166 -79.64 -6.93 4.46
C LEU B 166 -80.94 -7.74 4.36
N GLU B 167 -81.86 -7.28 3.52
CA GLU B 167 -83.19 -7.87 3.32
C GLU B 167 -83.36 -8.46 1.91
N ILE B 168 -83.78 -9.73 1.84
CA ILE B 168 -84.01 -10.45 0.58
C ILE B 168 -85.36 -10.05 -0.01
N ILE B 169 -85.35 -9.68 -1.29
CA ILE B 169 -86.54 -9.15 -2.00
C ILE B 169 -87.15 -10.18 -2.96
N ALA B 170 -86.32 -10.91 -3.71
CA ALA B 170 -86.80 -11.86 -4.70
C ALA B 170 -85.78 -12.98 -4.98
N GLY B 171 -86.25 -14.08 -5.56
CA GLY B 171 -85.44 -15.23 -5.95
C GLY B 171 -85.88 -15.86 -7.27
N TYR B 172 -84.92 -16.18 -8.12
CA TYR B 172 -85.14 -16.80 -9.43
C TYR B 172 -84.96 -18.32 -9.36
N GLN B 173 -86.09 -19.02 -9.38
CA GLN B 173 -86.17 -20.47 -9.61
C GLN B 173 -85.69 -20.78 -11.04
N ASP B 174 -85.18 -21.99 -11.32
CA ASP B 174 -84.71 -22.44 -12.64
C ASP B 174 -85.83 -22.62 -13.71
N GLY B 175 -86.50 -21.52 -14.07
CA GLY B 175 -87.62 -21.46 -15.02
C GLY B 175 -88.87 -22.17 -14.52
N ILE B 176 -88.87 -23.50 -14.67
CA ILE B 176 -89.93 -24.43 -14.23
C ILE B 176 -89.38 -25.67 -13.49
N ASP B 177 -88.06 -25.86 -13.41
CA ASP B 177 -87.43 -27.03 -12.79
C ASP B 177 -87.28 -26.91 -11.27
N ILE B 178 -87.13 -28.05 -10.60
CA ILE B 178 -86.95 -28.21 -9.15
C ILE B 178 -85.91 -29.32 -8.89
N GLU B 179 -85.35 -29.37 -7.66
CA GLU B 179 -84.17 -30.16 -7.26
C GLU B 179 -82.84 -29.70 -7.88
N ASN B 180 -81.80 -29.62 -7.04
CA ASN B 180 -80.41 -29.28 -7.40
C ASN B 180 -80.26 -27.96 -8.18
N ASP B 181 -81.08 -26.96 -7.83
CA ASP B 181 -81.09 -25.62 -8.42
C ASP B 181 -80.00 -24.71 -7.80
N LYS B 182 -79.43 -23.78 -8.59
CA LYS B 182 -78.55 -22.70 -8.11
C LYS B 182 -79.30 -21.58 -7.39
N THR B 183 -80.57 -21.37 -7.74
CA THR B 183 -81.55 -20.47 -7.11
C THR B 183 -80.99 -19.11 -6.69
N TYR B 184 -80.74 -18.22 -7.65
CA TYR B 184 -80.24 -16.87 -7.40
C TYR B 184 -81.22 -16.03 -6.57
N PHE B 185 -80.74 -15.21 -5.63
CA PHE B 185 -81.53 -14.26 -4.83
C PHE B 185 -80.95 -12.86 -4.89
N VAL B 186 -81.81 -11.83 -4.85
CA VAL B 186 -81.46 -10.40 -4.80
C VAL B 186 -81.88 -9.77 -3.46
N ALA B 187 -81.02 -8.92 -2.89
CA ALA B 187 -81.21 -8.29 -1.58
C ALA B 187 -80.71 -6.84 -1.54
N ARG B 188 -81.20 -6.05 -0.57
CA ARG B 188 -80.83 -4.63 -0.37
C ARG B 188 -80.70 -4.21 1.09
N THR B 189 -80.03 -3.08 1.32
CA THR B 189 -80.01 -2.40 2.62
C THR B 189 -81.37 -1.79 2.96
N ARG B 190 -81.85 -1.94 4.20
CA ARG B 190 -83.14 -1.34 4.61
C ARG B 190 -83.06 0.16 4.90
N MET B 191 -81.96 0.65 5.47
CA MET B 191 -81.83 2.05 5.92
C MET B 191 -81.96 3.07 4.78
N GLN B 192 -81.39 2.80 3.61
CA GLN B 192 -81.80 3.44 2.36
C GLN B 192 -81.82 2.43 1.19
N PRO B 193 -82.68 2.61 0.16
CA PRO B 193 -82.73 1.75 -1.02
C PRO B 193 -81.53 1.88 -1.99
N TYR B 194 -80.36 2.27 -1.49
CA TYR B 194 -79.19 2.61 -2.33
C TYR B 194 -78.40 1.39 -2.83
N ARG B 195 -78.25 0.33 -2.02
CA ARG B 195 -77.38 -0.81 -2.33
C ARG B 195 -78.20 -2.04 -2.69
N TYR B 196 -77.82 -2.70 -3.78
CA TYR B 196 -78.38 -3.97 -4.22
C TYR B 196 -77.29 -5.02 -4.42
N PHE B 197 -77.60 -6.27 -4.12
CA PHE B 197 -76.66 -7.39 -4.14
C PHE B 197 -77.33 -8.68 -4.61
N TRP B 198 -76.55 -9.64 -5.11
CA TRP B 198 -77.04 -10.99 -5.41
C TRP B 198 -76.16 -12.10 -4.82
N ARG B 199 -76.73 -13.28 -4.57
CA ARG B 199 -76.02 -14.53 -4.27
C ARG B 199 -76.84 -15.81 -4.52
N SER B 200 -76.29 -16.98 -4.20
CA SER B 200 -76.65 -18.30 -4.74
C SER B 200 -76.28 -19.45 -3.79
N LEU B 201 -76.79 -20.66 -4.04
CA LEU B 201 -76.48 -21.86 -3.23
C LEU B 201 -76.46 -23.16 -4.06
N ASP B 202 -75.69 -24.15 -3.58
CA ASP B 202 -75.38 -25.42 -4.24
C ASP B 202 -76.19 -26.59 -3.65
N ALA B 203 -77.48 -26.67 -3.98
CA ALA B 203 -78.40 -27.64 -3.37
C ALA B 203 -78.04 -29.13 -3.62
N SER B 204 -77.15 -29.42 -4.56
CA SER B 204 -76.55 -30.74 -4.80
C SER B 204 -75.46 -31.13 -3.79
N GLN B 205 -74.82 -30.18 -3.08
CA GLN B 205 -73.67 -30.44 -2.23
C GLN B 205 -74.09 -30.80 -0.80
N ARG B 206 -74.08 -32.10 -0.48
CA ARG B 206 -74.73 -32.69 0.70
C ARG B 206 -74.08 -34.03 1.10
N ASN B 207 -74.51 -34.58 2.22
CA ASN B 207 -74.33 -35.99 2.54
C ASN B 207 -75.71 -36.67 2.71
N ALA B 208 -75.83 -37.93 2.31
CA ALA B 208 -77.10 -38.66 2.24
C ALA B 208 -77.60 -39.20 3.60
N ASN B 209 -76.73 -39.33 4.60
CA ASN B 209 -76.98 -40.07 5.86
C ASN B 209 -77.78 -39.24 6.88
N SER B 210 -78.92 -38.68 6.45
CA SER B 210 -79.74 -37.67 7.16
C SER B 210 -79.11 -36.28 7.33
N GLN B 211 -78.03 -36.00 6.59
CA GLN B 211 -77.45 -34.65 6.47
C GLN B 211 -78.23 -33.79 5.46
N GLU B 212 -77.87 -32.51 5.39
CA GLU B 212 -78.47 -31.49 4.50
C GLU B 212 -77.39 -30.82 3.63
N LEU B 213 -77.65 -29.60 3.14
CA LEU B 213 -76.64 -28.80 2.43
C LEU B 213 -75.39 -28.60 3.31
N TYR B 214 -74.23 -28.93 2.74
CA TYR B 214 -72.92 -28.85 3.36
C TYR B 214 -72.51 -27.39 3.66
N PRO B 215 -71.63 -27.08 4.64
CA PRO B 215 -71.34 -25.70 5.05
C PRO B 215 -70.84 -24.80 3.92
N THR B 216 -70.07 -25.34 2.98
CA THR B 216 -69.54 -24.59 1.81
C THR B 216 -70.60 -24.33 0.73
N ALA B 217 -71.77 -24.98 0.79
CA ALA B 217 -72.79 -25.00 -0.27
C ALA B 217 -73.59 -23.69 -0.44
N TRP B 218 -73.10 -22.56 0.07
CA TRP B 218 -73.76 -21.26 -0.01
C TRP B 218 -72.72 -20.19 -0.40
N SER B 219 -73.05 -19.29 -1.32
CA SER B 219 -72.13 -18.21 -1.74
C SER B 219 -72.29 -16.93 -0.90
N GLU B 220 -71.52 -15.91 -1.25
CA GLU B 220 -71.41 -14.63 -0.55
C GLU B 220 -71.78 -13.47 -1.46
N TRP B 221 -72.36 -12.40 -0.89
CA TRP B 221 -73.00 -11.32 -1.65
C TRP B 221 -72.00 -10.52 -2.49
N LYS B 222 -72.35 -10.31 -3.77
CA LYS B 222 -71.72 -9.35 -4.66
C LYS B 222 -72.63 -8.16 -4.88
N ALA B 223 -72.08 -6.96 -4.78
CA ALA B 223 -72.81 -5.72 -5.05
C ALA B 223 -73.05 -5.51 -6.56
N ILE B 224 -74.07 -4.72 -6.89
CA ILE B 224 -74.47 -4.37 -8.27
C ILE B 224 -73.96 -2.97 -8.61
N SER B 225 -73.29 -2.84 -9.75
CA SER B 225 -72.53 -1.64 -10.15
C SER B 225 -73.34 -0.55 -10.85
N VAL B 226 -74.33 -0.95 -11.68
CA VAL B 226 -75.06 -0.04 -12.58
C VAL B 226 -75.81 1.05 -11.81
N PRO B 227 -75.66 2.35 -12.16
CA PRO B 227 -76.25 3.45 -11.40
C PRO B 227 -77.76 3.62 -11.68
N LEU B 228 -78.57 2.71 -11.14
CA LEU B 228 -80.03 2.84 -11.03
C LEU B 228 -80.43 3.96 -10.05
N GLU B 229 -81.49 4.69 -10.40
CA GLU B 229 -82.01 5.84 -9.66
C GLU B 229 -83.56 5.87 -9.61
N ASN B 230 -84.21 5.23 -10.57
CA ASN B 230 -85.66 5.06 -10.67
C ASN B 230 -86.00 3.58 -10.85
N VAL B 231 -87.09 3.14 -10.22
CA VAL B 231 -87.59 1.76 -10.25
C VAL B 231 -89.10 1.77 -10.09
N ALA B 232 -89.79 0.72 -10.58
CA ALA B 232 -91.18 0.45 -10.25
C ALA B 232 -91.32 -0.02 -8.79
N ASN B 233 -91.23 0.92 -7.85
CA ASN B 233 -91.53 0.71 -6.43
C ASN B 233 -90.76 -0.48 -5.80
N GLY B 234 -89.43 -0.51 -5.97
CA GLY B 234 -88.55 -1.56 -5.46
C GLY B 234 -88.54 -2.87 -6.28
N ILE B 235 -89.37 -3.00 -7.31
CA ILE B 235 -89.38 -4.17 -8.20
C ILE B 235 -88.24 -4.07 -9.22
N VAL B 236 -87.08 -4.62 -8.83
CA VAL B 236 -85.96 -4.96 -9.73
C VAL B 236 -85.90 -6.48 -9.87
N ARG B 237 -85.78 -7.01 -11.11
CA ARG B 237 -85.86 -8.46 -11.39
C ARG B 237 -84.53 -9.03 -11.94
N PRO B 238 -83.91 -10.01 -11.26
CA PRO B 238 -82.81 -10.80 -11.81
C PRO B 238 -83.34 -11.98 -12.64
N ILE B 239 -82.57 -12.42 -13.63
CA ILE B 239 -82.87 -13.60 -14.46
C ILE B 239 -81.59 -14.26 -14.98
N MET B 240 -81.66 -15.56 -15.30
CA MET B 240 -80.53 -16.33 -15.80
C MET B 240 -80.68 -16.60 -17.31
N MET B 241 -79.64 -16.28 -18.07
CA MET B 241 -79.60 -16.37 -19.53
C MET B 241 -78.51 -17.37 -19.97
N ASP B 242 -78.83 -18.66 -19.85
CA ASP B 242 -77.91 -19.77 -20.08
C ASP B 242 -76.56 -19.60 -19.36
N ASN B 243 -76.65 -19.46 -18.03
CA ASN B 243 -75.58 -19.19 -17.06
C ASN B 243 -74.92 -17.80 -17.12
N ARG B 244 -75.29 -16.90 -18.04
CA ARG B 244 -75.12 -15.45 -17.80
C ARG B 244 -76.10 -14.95 -16.74
N LEU B 245 -75.79 -13.85 -16.09
CA LEU B 245 -76.67 -13.15 -15.14
C LEU B 245 -77.16 -11.83 -15.74
N TYR B 246 -78.48 -11.65 -15.75
CA TYR B 246 -79.17 -10.50 -16.32
C TYR B 246 -80.08 -9.87 -15.24
N ILE B 247 -80.32 -8.57 -15.35
CA ILE B 247 -81.14 -7.76 -14.44
C ILE B 247 -82.05 -6.83 -15.27
N SER B 248 -83.19 -6.40 -14.73
CA SER B 248 -84.13 -5.53 -15.46
C SER B 248 -84.97 -4.60 -14.56
N TRP B 249 -85.49 -3.53 -15.18
CA TRP B 249 -86.34 -2.51 -14.56
C TRP B 249 -87.54 -2.14 -15.44
N PHE B 250 -88.60 -1.67 -14.80
CA PHE B 250 -89.72 -0.97 -15.42
C PHE B 250 -89.72 0.51 -14.98
N GLU B 251 -89.71 1.43 -15.95
CA GLU B 251 -89.73 2.87 -15.67
C GLU B 251 -91.14 3.37 -15.30
N VAL B 252 -91.26 4.09 -14.19
CA VAL B 252 -92.49 4.79 -13.80
C VAL B 252 -92.27 6.28 -13.98
N ALA B 253 -93.11 6.91 -14.80
CA ALA B 253 -92.90 8.27 -15.31
C ALA B 253 -94.21 9.02 -15.50
N GLU B 254 -94.14 10.35 -15.55
CA GLU B 254 -95.25 11.22 -15.94
C GLU B 254 -94.80 12.37 -16.85
N GLU B 255 -95.65 12.69 -17.82
CA GLU B 255 -95.62 13.92 -18.61
C GLU B 255 -97.08 14.28 -18.97
N LYS B 256 -97.40 15.54 -19.24
CA LYS B 256 -98.78 15.92 -19.62
C LYS B 256 -99.10 15.54 -21.07
N GLU B 257 -100.21 14.85 -21.32
CA GLU B 257 -100.88 14.83 -22.63
C GLU B 257 -101.59 16.18 -22.90
N THR B 258 -100.82 17.27 -22.99
CA THR B 258 -101.33 18.65 -23.10
C THR B 258 -102.09 18.88 -24.41
N ASP B 259 -103.37 19.24 -24.30
CA ASP B 259 -104.19 19.75 -25.40
C ASP B 259 -103.88 21.23 -25.70
N SER B 260 -104.10 21.68 -26.94
CA SER B 260 -103.88 23.09 -27.35
C SER B 260 -104.76 24.07 -26.57
N ASP B 261 -106.01 23.69 -26.28
CA ASP B 261 -106.92 24.46 -25.41
C ASP B 261 -106.63 24.31 -23.90
N GLY B 262 -105.70 23.43 -23.53
CA GLY B 262 -105.54 22.91 -22.16
C GLY B 262 -106.61 21.87 -21.79
N ASN B 263 -106.25 20.91 -20.96
CA ASN B 263 -107.08 19.77 -20.56
C ASN B 263 -106.73 19.25 -19.15
N ILE B 264 -107.68 18.58 -18.49
CA ILE B 264 -107.48 17.91 -17.19
C ILE B 264 -107.04 16.45 -17.32
N ILE B 265 -107.47 15.74 -18.37
CA ILE B 265 -107.21 14.31 -18.60
C ILE B 265 -105.85 14.11 -19.29
N VAL B 266 -104.78 14.55 -18.64
CA VAL B 266 -103.40 14.60 -19.17
C VAL B 266 -102.66 13.23 -19.19
N SER B 267 -103.40 12.13 -19.33
CA SER B 267 -102.97 10.76 -18.96
C SER B 267 -103.53 9.69 -19.92
N GLY B 268 -102.83 8.55 -20.05
CA GLY B 268 -103.20 7.45 -20.94
C GLY B 268 -102.01 6.67 -21.48
N ARG B 269 -101.29 7.25 -22.45
CA ARG B 269 -100.04 6.74 -23.03
C ARG B 269 -98.90 7.71 -22.76
N TYR B 270 -97.85 7.23 -22.08
CA TYR B 270 -96.61 7.94 -21.79
C TYR B 270 -95.41 7.17 -22.37
N ARG B 271 -94.31 7.84 -22.67
CA ARG B 271 -93.03 7.19 -23.03
C ARG B 271 -92.32 6.64 -21.79
N THR B 272 -93.00 5.73 -21.09
CA THR B 272 -92.36 4.76 -20.20
C THR B 272 -91.44 3.83 -21.03
N LYS B 273 -90.50 3.16 -20.36
CA LYS B 273 -89.52 2.25 -20.97
C LYS B 273 -89.31 1.03 -20.08
N ILE B 274 -88.75 -0.02 -20.64
CA ILE B 274 -88.30 -1.20 -19.89
C ILE B 274 -86.84 -1.42 -20.28
N ARG B 275 -86.01 -1.66 -19.27
CA ARG B 275 -84.56 -1.65 -19.38
C ARG B 275 -83.99 -2.99 -18.90
N LEU B 276 -82.92 -3.42 -19.55
CA LEU B 276 -82.19 -4.65 -19.31
C LEU B 276 -80.73 -4.33 -19.01
N ALA B 277 -80.05 -5.16 -18.23
CA ALA B 277 -78.61 -5.13 -18.02
C ALA B 277 -78.04 -6.55 -17.86
N HIS B 278 -76.73 -6.71 -18.06
CA HIS B 278 -76.01 -7.94 -17.71
C HIS B 278 -74.62 -7.61 -17.17
N LEU B 279 -74.03 -8.51 -16.38
CA LEU B 279 -72.67 -8.36 -15.86
C LEU B 279 -71.71 -9.25 -16.67
N GLY B 280 -70.61 -8.66 -17.13
CA GLY B 280 -69.61 -9.27 -18.00
C GLY B 280 -68.66 -10.24 -17.28
N PHE B 281 -67.63 -10.71 -18.00
CA PHE B 281 -66.73 -11.76 -17.52
C PHE B 281 -65.81 -11.34 -16.36
N ASP B 282 -65.79 -10.06 -15.97
CA ASP B 282 -65.11 -9.57 -14.74
C ASP B 282 -66.06 -8.95 -13.70
N GLY B 283 -67.38 -9.06 -13.90
CA GLY B 283 -68.41 -8.52 -13.00
C GLY B 283 -68.85 -7.07 -13.25
N VAL B 284 -68.22 -6.33 -14.17
CA VAL B 284 -68.68 -4.99 -14.58
C VAL B 284 -69.84 -5.10 -15.59
N TRP B 285 -70.82 -4.20 -15.52
CA TRP B 285 -71.95 -4.15 -16.45
C TRP B 285 -71.59 -3.45 -17.77
N SER B 286 -72.36 -3.73 -18.84
CA SER B 286 -72.17 -3.07 -20.15
C SER B 286 -73.46 -2.97 -20.98
N SER B 287 -74.15 -4.10 -21.23
CA SER B 287 -75.43 -4.18 -21.98
C SER B 287 -76.65 -3.64 -21.21
N GLY B 288 -76.52 -2.48 -20.55
CA GLY B 288 -77.58 -1.75 -19.83
C GLY B 288 -78.60 -1.07 -20.76
N THR B 289 -79.07 -1.79 -21.78
CA THR B 289 -79.83 -1.27 -22.92
C THR B 289 -81.34 -1.18 -22.66
N THR B 290 -82.06 -0.52 -23.58
CA THR B 290 -83.51 -0.30 -23.52
C THR B 290 -84.20 -0.90 -24.75
N LEU B 291 -84.57 -2.18 -24.68
CA LEU B 291 -85.41 -2.84 -25.67
C LEU B 291 -86.86 -2.29 -25.67
N ARG B 292 -87.40 -2.01 -24.48
CA ARG B 292 -88.75 -1.47 -24.23
C ARG B 292 -89.90 -2.13 -25.02
N GLU B 293 -89.85 -3.46 -25.16
CA GLU B 293 -90.96 -4.28 -25.69
C GLU B 293 -92.29 -3.94 -24.96
N GLU B 294 -93.24 -3.39 -25.71
CA GLU B 294 -94.26 -2.49 -25.17
C GLU B 294 -95.41 -3.15 -24.38
N VAL B 295 -96.00 -2.41 -23.42
CA VAL B 295 -97.26 -2.78 -22.76
C VAL B 295 -98.45 -2.59 -23.71
N LEU B 296 -98.75 -3.60 -24.54
CA LEU B 296 -99.76 -3.59 -25.62
C LEU B 296 -101.25 -3.52 -25.17
N ALA B 297 -101.55 -2.77 -24.10
CA ALA B 297 -102.90 -2.60 -23.55
C ALA B 297 -103.12 -1.16 -22.99
N ASP B 298 -104.39 -0.74 -22.88
CA ASP B 298 -104.78 0.63 -22.55
C ASP B 298 -104.37 1.09 -21.14
N GLN B 299 -104.07 2.39 -20.99
CA GLN B 299 -103.68 3.10 -19.77
C GLN B 299 -102.48 2.43 -19.05
N MET B 300 -101.27 2.90 -19.38
CA MET B 300 -100.07 2.69 -18.54
C MET B 300 -100.13 3.60 -17.30
N GLU B 301 -99.01 3.94 -16.65
CA GLU B 301 -98.94 4.61 -15.33
C GLU B 301 -99.44 3.74 -14.16
N GLU B 302 -100.43 2.90 -14.39
CA GLU B 302 -100.96 1.89 -13.48
C GLU B 302 -99.88 0.89 -13.04
N MET B 303 -99.88 0.53 -11.75
CA MET B 303 -99.05 -0.55 -11.22
C MET B 303 -99.50 -1.90 -11.78
N ILE B 304 -98.58 -2.58 -12.48
CA ILE B 304 -98.78 -3.88 -13.13
C ILE B 304 -97.62 -4.86 -12.92
N ALA B 305 -96.70 -4.53 -12.01
CA ALA B 305 -95.41 -5.22 -11.77
C ALA B 305 -94.54 -5.33 -13.05
N VAL B 306 -93.40 -6.03 -12.96
CA VAL B 306 -92.77 -6.69 -14.12
C VAL B 306 -92.26 -8.06 -13.70
N VAL B 307 -92.46 -9.07 -14.56
CA VAL B 307 -92.40 -10.51 -14.19
C VAL B 307 -91.85 -11.34 -15.36
N ASP B 308 -91.31 -12.53 -15.10
CA ASP B 308 -91.20 -13.59 -16.12
C ASP B 308 -91.38 -15.01 -15.52
N ARG B 309 -91.79 -15.97 -16.35
CA ARG B 309 -91.97 -17.41 -16.06
C ARG B 309 -91.33 -18.26 -17.19
N MET B 310 -90.05 -18.01 -17.48
CA MET B 310 -89.33 -18.56 -18.65
C MET B 310 -89.35 -20.10 -18.70
N GLU B 311 -89.50 -20.69 -19.90
CA GLU B 311 -89.60 -22.15 -20.08
C GLU B 311 -88.92 -22.69 -21.36
N ASP B 312 -88.94 -21.95 -22.48
CA ASP B 312 -88.32 -22.34 -23.75
C ASP B 312 -87.86 -21.13 -24.59
N GLU B 313 -86.86 -21.36 -25.45
CA GLU B 313 -86.16 -20.41 -26.33
C GLU B 313 -85.63 -19.15 -25.61
N PRO B 314 -84.34 -19.14 -25.18
CA PRO B 314 -83.74 -18.01 -24.48
C PRO B 314 -83.82 -16.66 -25.19
N ARG B 315 -83.70 -16.59 -26.54
CA ARG B 315 -83.80 -15.31 -27.27
C ARG B 315 -85.24 -14.77 -27.38
N LEU B 316 -86.21 -15.48 -26.82
CA LEU B 316 -87.62 -15.05 -26.68
C LEU B 316 -88.05 -14.95 -25.20
N ALA B 317 -87.12 -14.75 -24.26
CA ALA B 317 -87.37 -14.55 -22.83
C ALA B 317 -87.99 -13.17 -22.47
N LEU B 318 -88.99 -12.71 -23.23
CA LEU B 318 -89.66 -11.41 -23.05
C LEU B 318 -90.45 -11.35 -21.73
N VAL B 319 -90.57 -10.13 -21.17
CA VAL B 319 -91.22 -9.84 -19.87
C VAL B 319 -92.74 -10.06 -19.87
N ALA B 320 -93.35 -9.94 -18.70
CA ALA B 320 -94.78 -10.10 -18.42
C ALA B 320 -95.26 -9.11 -17.33
N PHE B 321 -96.57 -8.93 -17.23
CA PHE B 321 -97.23 -7.99 -16.31
C PHE B 321 -98.42 -8.65 -15.59
N LYS B 322 -98.58 -8.36 -14.30
CA LYS B 322 -99.51 -9.03 -13.37
C LYS B 322 -100.93 -8.42 -13.34
N GLU B 323 -101.17 -7.29 -14.02
CA GLU B 323 -102.48 -6.64 -14.16
C GLU B 323 -102.59 -5.90 -15.50
N MET B 324 -103.82 -5.69 -15.97
CA MET B 324 -104.22 -4.61 -16.89
C MET B 324 -105.68 -4.21 -16.60
N SER B 325 -105.87 -2.96 -16.17
CA SER B 325 -107.15 -2.29 -15.86
C SER B 325 -107.98 -2.88 -14.72
N GLU B 326 -108.35 -4.16 -14.79
CA GLU B 326 -109.28 -4.80 -13.85
C GLU B 326 -109.20 -6.34 -13.82
N SER B 327 -108.95 -7.01 -14.95
CA SER B 327 -108.82 -8.48 -15.00
C SER B 327 -108.18 -9.03 -16.28
N TRP B 328 -108.52 -8.48 -17.45
CA TRP B 328 -108.16 -9.07 -18.74
C TRP B 328 -106.66 -8.99 -19.07
N ASP B 329 -106.20 -9.92 -19.90
CA ASP B 329 -104.81 -10.07 -20.34
C ASP B 329 -104.43 -9.15 -21.53
N VAL B 330 -103.20 -9.28 -22.02
CA VAL B 330 -102.61 -8.54 -23.14
C VAL B 330 -102.07 -9.49 -24.22
N VAL B 331 -102.16 -9.10 -25.50
CA VAL B 331 -101.72 -9.93 -26.67
C VAL B 331 -100.21 -10.17 -26.74
N PHE B 332 -99.44 -9.42 -25.95
CA PHE B 332 -97.98 -9.51 -25.80
C PHE B 332 -97.51 -10.87 -25.24
N ARG B 523 -96.75 -28.48 -17.04
CA ARG B 523 -96.39 -27.47 -16.04
C ARG B 523 -96.80 -27.90 -14.62
N ASP B 524 -96.30 -27.16 -13.63
CA ASP B 524 -96.53 -27.35 -12.19
C ASP B 524 -96.18 -26.07 -11.40
N LYS B 525 -96.61 -25.97 -10.13
CA LYS B 525 -96.28 -24.87 -9.21
C LYS B 525 -95.90 -25.40 -7.82
N PHE B 526 -95.21 -24.56 -7.02
CA PHE B 526 -94.68 -24.92 -5.71
C PHE B 526 -94.72 -23.73 -4.74
N GLN B 527 -94.86 -24.00 -3.43
CA GLN B 527 -94.87 -22.98 -2.37
C GLN B 527 -93.45 -22.50 -1.98
N ILE B 528 -92.66 -22.07 -2.97
CA ILE B 528 -91.42 -21.31 -2.77
C ILE B 528 -91.81 -19.82 -2.67
N LYS B 529 -92.22 -19.39 -1.47
CA LYS B 529 -93.13 -18.24 -1.28
C LYS B 529 -92.70 -17.31 -0.13
N GLN B 530 -93.28 -16.11 -0.13
CA GLN B 530 -93.26 -15.14 0.98
C GLN B 530 -93.66 -15.78 2.32
N PHE B 531 -93.25 -15.17 3.45
CA PHE B 531 -93.35 -15.78 4.78
C PHE B 531 -93.57 -14.76 5.90
N SER B 532 -94.09 -15.26 7.03
CA SER B 532 -94.40 -14.51 8.24
C SER B 532 -93.17 -13.85 8.90
N GLN B 533 -93.38 -13.12 10.00
CA GLN B 533 -92.57 -11.99 10.46
C GLN B 533 -91.03 -12.20 10.50
N THR B 534 -90.51 -13.41 10.74
CA THR B 534 -89.06 -13.71 10.73
C THR B 534 -88.46 -13.91 9.32
N GLN B 535 -89.17 -13.55 8.24
CA GLN B 535 -88.65 -13.34 6.86
C GLN B 535 -88.00 -14.55 6.14
N TYR B 536 -88.05 -15.78 6.67
CA TYR B 536 -87.23 -16.90 6.17
C TYR B 536 -87.66 -17.54 4.84
N LEU B 537 -88.75 -17.07 4.21
CA LEU B 537 -89.46 -17.72 3.10
C LEU B 537 -90.02 -19.12 3.43
N GLN B 538 -91.11 -19.48 2.75
CA GLN B 538 -91.70 -20.81 2.79
C GLN B 538 -90.85 -21.79 1.98
N PHE B 539 -90.75 -23.03 2.45
CA PHE B 539 -90.15 -24.15 1.71
C PHE B 539 -91.26 -25.10 1.24
N PRO B 540 -91.28 -25.53 -0.03
CA PRO B 540 -92.49 -26.08 -0.65
C PRO B 540 -92.88 -27.52 -0.24
N GLU B 541 -91.98 -28.31 0.35
CA GLU B 541 -92.26 -29.71 0.65
C GLU B 541 -91.56 -30.23 1.93
N ALA B 542 -92.24 -31.07 2.70
CA ALA B 542 -91.70 -31.70 3.91
C ALA B 542 -90.77 -32.88 3.55
N SER B 543 -91.18 -33.72 2.61
CA SER B 543 -90.32 -34.72 1.94
C SER B 543 -89.31 -34.10 0.96
N SER B 544 -88.99 -32.81 1.14
CA SER B 544 -87.98 -32.01 0.45
C SER B 544 -88.24 -31.70 -1.04
N ALA B 545 -87.80 -30.51 -1.45
CA ALA B 545 -87.66 -30.11 -2.86
C ALA B 545 -86.42 -30.72 -3.53
N ASP B 546 -85.52 -31.32 -2.74
CA ASP B 546 -84.20 -31.85 -3.14
C ASP B 546 -83.98 -33.29 -2.62
N VAL B 547 -82.76 -33.80 -2.74
CA VAL B 547 -82.41 -35.24 -2.66
C VAL B 547 -82.92 -35.92 -1.38
N TRP B 548 -82.75 -35.28 -0.22
CA TRP B 548 -83.10 -35.86 1.09
C TRP B 548 -84.08 -34.97 1.88
N TYR B 549 -84.88 -35.62 2.72
CA TYR B 549 -86.10 -35.18 3.40
C TYR B 549 -85.91 -34.12 4.52
N ILE B 550 -85.23 -33.01 4.21
CA ILE B 550 -84.84 -31.94 5.15
C ILE B 550 -86.00 -31.17 5.83
N GLY B 551 -87.26 -31.46 5.54
CA GLY B 551 -88.43 -30.77 6.11
C GLY B 551 -88.71 -29.40 5.47
N LYS B 552 -89.94 -28.89 5.65
CA LYS B 552 -90.40 -27.62 5.06
C LYS B 552 -89.94 -26.37 5.84
N GLN B 553 -88.67 -26.37 6.25
CA GLN B 553 -88.08 -25.38 7.15
C GLN B 553 -86.71 -24.89 6.65
N ILE B 554 -86.47 -23.58 6.77
CA ILE B 554 -85.20 -22.89 6.44
C ILE B 554 -85.02 -21.65 7.35
N ARG B 555 -83.78 -21.15 7.48
CA ARG B 555 -83.43 -19.84 8.07
C ARG B 555 -82.56 -19.02 7.11
N LEU B 556 -82.68 -17.69 7.18
CA LEU B 556 -81.98 -16.73 6.32
C LEU B 556 -81.34 -15.60 7.14
N ASN B 557 -82.11 -14.56 7.50
CA ASN B 557 -81.66 -13.38 8.24
C ASN B 557 -81.26 -13.68 9.70
N THR B 558 -80.71 -12.69 10.42
CA THR B 558 -80.41 -12.74 11.87
C THR B 558 -80.61 -11.38 12.53
N LEU B 559 -80.91 -11.38 13.83
CA LEU B 559 -81.08 -10.18 14.66
C LEU B 559 -79.77 -9.74 15.35
N PHE B 560 -78.64 -10.40 15.08
CA PHE B 560 -77.38 -10.26 15.84
C PHE B 560 -76.93 -8.82 16.09
N ALA B 561 -77.10 -7.91 15.14
CA ALA B 561 -76.74 -6.50 15.33
C ALA B 561 -77.43 -5.88 16.56
N LYS B 562 -78.71 -6.18 16.79
CA LYS B 562 -79.48 -5.69 17.95
C LYS B 562 -78.95 -6.25 19.28
N GLU B 563 -78.25 -7.38 19.27
CA GLU B 563 -77.52 -7.90 20.44
C GLU B 563 -76.12 -7.30 20.56
N LEU B 564 -75.49 -6.92 19.45
CA LEU B 564 -74.11 -6.47 19.37
C LEU B 564 -73.93 -4.97 19.67
N ILE B 565 -74.80 -4.11 19.13
CA ILE B 565 -74.65 -2.63 19.16
C ILE B 565 -74.32 -2.11 20.56
N GLY B 566 -75.07 -2.57 21.56
CA GLY B 566 -74.79 -2.24 22.96
C GLY B 566 -73.40 -2.71 23.34
N LYS B 567 -73.19 -4.02 23.39
CA LYS B 567 -71.94 -4.63 23.89
C LYS B 567 -70.68 -4.09 23.20
N ALA B 568 -70.71 -3.93 21.88
CA ALA B 568 -69.60 -3.43 21.08
C ALA B 568 -69.32 -1.93 21.29
N SER B 569 -70.34 -1.11 21.53
CA SER B 569 -70.14 0.29 21.92
C SER B 569 -69.65 0.44 23.37
N ARG B 570 -69.83 -0.57 24.23
CA ARG B 570 -69.21 -0.62 25.56
C ARG B 570 -67.73 -0.97 25.49
N SER B 571 -67.34 -2.13 24.95
CA SER B 571 -65.93 -2.34 24.58
C SER B 571 -65.75 -3.48 23.56
N LEU B 572 -64.58 -3.48 22.91
CA LEU B 572 -64.03 -4.61 22.16
C LEU B 572 -63.79 -5.82 23.08
N ASP B 573 -63.29 -5.56 24.29
CA ASP B 573 -62.98 -6.59 25.28
C ASP B 573 -64.20 -7.43 25.72
N LEU B 574 -65.41 -6.85 25.65
CA LEU B 574 -66.68 -7.57 25.81
C LEU B 574 -67.11 -8.39 24.57
N VAL B 575 -66.75 -7.97 23.35
CA VAL B 575 -67.04 -8.75 22.13
C VAL B 575 -66.19 -10.02 22.10
N LEU B 576 -64.90 -9.93 22.44
CA LEU B 576 -64.01 -11.08 22.58
C LEU B 576 -64.14 -11.73 23.98
N SER B 577 -65.38 -11.80 24.48
CA SER B 577 -65.80 -12.62 25.62
C SER B 577 -66.73 -13.74 25.17
N TRP B 578 -66.37 -14.97 25.53
CA TRP B 578 -67.17 -16.17 25.29
C TRP B 578 -68.60 -16.04 25.82
N GLU B 579 -68.80 -15.30 26.91
CA GLU B 579 -70.13 -15.03 27.45
C GLU B 579 -70.99 -14.14 26.53
N THR B 580 -70.39 -13.18 25.83
CA THR B 580 -71.08 -12.37 24.82
C THR B 580 -71.44 -13.21 23.60
N GLN B 581 -70.51 -14.06 23.16
CA GLN B 581 -70.69 -14.90 21.98
C GLN B 581 -71.90 -15.85 22.10
N ASN B 582 -72.37 -16.15 23.32
CA ASN B 582 -73.45 -17.10 23.59
C ASN B 582 -74.85 -16.45 23.72
N SER B 583 -75.01 -15.21 23.24
CA SER B 583 -76.27 -14.44 23.25
C SER B 583 -77.41 -15.11 22.46
N ARG B 584 -78.67 -14.86 22.87
CA ARG B 584 -79.91 -15.48 22.35
C ARG B 584 -80.52 -14.76 21.13
N LEU B 585 -81.28 -15.50 20.31
CA LEU B 585 -82.12 -15.02 19.19
C LEU B 585 -83.57 -15.61 19.32
N GLU B 586 -84.41 -15.57 18.28
CA GLU B 586 -85.76 -16.19 18.33
C GLU B 586 -86.18 -16.85 17.00
N GLU B 587 -87.12 -17.80 17.07
CA GLU B 587 -87.53 -18.69 15.98
C GLU B 587 -89.03 -19.10 16.00
N ALA B 588 -89.80 -18.71 17.04
CA ALA B 588 -91.17 -19.19 17.27
C ALA B 588 -92.18 -19.16 16.08
N ILE B 589 -92.00 -18.22 15.14
CA ILE B 589 -92.79 -18.09 13.90
C ILE B 589 -92.66 -19.31 12.96
N LEU B 590 -91.48 -19.97 12.86
CA LEU B 590 -91.35 -21.22 12.09
C LEU B 590 -91.62 -22.49 12.92
N GLY B 591 -91.88 -22.35 14.23
CA GLY B 591 -92.11 -23.46 15.15
C GLY B 591 -90.83 -24.07 15.73
N GLY B 592 -89.85 -23.26 16.14
CA GLY B 592 -88.72 -23.70 16.95
C GLY B 592 -88.26 -22.61 17.94
N ALA B 593 -87.10 -22.77 18.58
CA ALA B 593 -86.50 -21.70 19.40
C ALA B 593 -84.98 -21.54 19.15
N ALA B 594 -84.49 -20.31 18.99
CA ALA B 594 -83.07 -20.00 18.74
C ALA B 594 -82.33 -19.56 20.02
N GLU B 595 -82.10 -20.51 20.94
CA GLU B 595 -81.53 -20.29 22.28
C GLU B 595 -80.10 -19.69 22.31
N LEU B 596 -79.40 -19.66 21.17
CA LEU B 596 -78.21 -18.84 20.96
C LEU B 596 -78.02 -18.56 19.47
N ILE B 597 -77.15 -17.58 19.17
CA ILE B 597 -76.62 -17.34 17.82
C ILE B 597 -76.00 -18.63 17.27
N ASP B 598 -76.58 -19.17 16.20
CA ASP B 598 -76.13 -20.43 15.58
C ASP B 598 -75.34 -20.14 14.31
N LEU B 599 -74.18 -20.81 14.16
CA LEU B 599 -73.20 -20.60 13.07
C LEU B 599 -73.68 -21.17 11.72
N ASP B 600 -74.94 -20.96 11.33
CA ASP B 600 -75.56 -21.56 10.13
C ASP B 600 -74.93 -21.07 8.81
N GLY B 601 -74.61 -22.00 7.90
CA GLY B 601 -73.79 -21.73 6.70
C GLY B 601 -74.23 -20.57 5.81
N ALA B 602 -75.53 -20.29 5.72
CA ALA B 602 -76.06 -19.14 4.96
C ALA B 602 -75.59 -17.76 5.48
N ASN B 603 -75.13 -17.67 6.73
CA ASN B 603 -74.71 -16.42 7.38
C ASN B 603 -73.45 -16.57 8.26
N GLY B 604 -73.01 -17.79 8.54
CA GLY B 604 -72.09 -18.13 9.63
C GLY B 604 -70.70 -17.46 9.54
N ILE B 605 -70.24 -17.22 8.32
CA ILE B 605 -68.93 -16.64 8.03
C ILE B 605 -68.76 -15.30 8.74
N TYR B 606 -69.82 -14.49 8.79
CA TYR B 606 -69.79 -13.18 9.44
C TYR B 606 -69.50 -13.25 10.94
N PHE B 607 -69.82 -14.35 11.62
CA PHE B 607 -69.38 -14.55 13.00
C PHE B 607 -67.87 -14.81 13.07
N TRP B 608 -67.35 -15.68 12.22
CA TRP B 608 -65.94 -16.08 12.12
C TRP B 608 -65.00 -14.92 11.73
N GLU B 609 -65.45 -14.13 10.78
CA GLU B 609 -64.76 -12.94 10.30
C GLU B 609 -64.58 -11.93 11.45
N LEU B 610 -65.65 -11.73 12.24
CA LEU B 610 -65.67 -10.84 13.40
C LEU B 610 -64.97 -11.41 14.64
N PHE B 611 -65.17 -12.70 14.95
CA PHE B 611 -64.66 -13.38 16.15
C PHE B 611 -63.27 -14.03 15.98
N PHE B 612 -62.62 -13.92 14.82
CA PHE B 612 -61.27 -14.49 14.64
C PHE B 612 -60.33 -13.64 13.79
N HIS B 613 -60.75 -13.23 12.59
CA HIS B 613 -59.82 -12.70 11.57
C HIS B 613 -59.31 -11.27 11.81
N MET B 614 -60.23 -10.41 12.26
CA MET B 614 -59.94 -9.10 12.79
C MET B 614 -59.00 -9.17 14.01
N PRO B 615 -59.24 -10.06 15.00
CA PRO B 615 -58.26 -10.35 16.06
C PRO B 615 -56.90 -10.84 15.57
N PHE B 616 -56.86 -11.61 14.48
CA PHE B 616 -55.63 -12.22 13.98
C PHE B 616 -54.69 -11.23 13.27
N MET B 617 -55.15 -10.44 12.30
CA MET B 617 -54.29 -9.64 11.41
C MET B 617 -53.48 -8.57 12.15
N VAL B 618 -54.10 -7.97 13.17
CA VAL B 618 -53.42 -7.04 14.10
C VAL B 618 -52.25 -7.73 14.78
N SER B 619 -52.49 -8.92 15.35
CA SER B 619 -51.44 -9.69 16.04
C SER B 619 -50.31 -10.12 15.10
N TRP B 620 -50.65 -10.40 13.84
CA TRP B 620 -49.71 -10.79 12.78
C TRP B 620 -48.78 -9.63 12.40
N ARG B 621 -49.32 -8.41 12.21
CA ARG B 621 -48.56 -7.17 11.95
C ARG B 621 -47.64 -6.81 13.14
N PHE B 622 -48.20 -6.80 14.35
CA PHE B 622 -47.50 -6.44 15.58
C PHE B 622 -46.36 -7.40 15.93
N ASN B 623 -46.54 -8.71 15.70
CA ASN B 623 -45.48 -9.72 15.89
C ASN B 623 -44.24 -9.35 15.09
N VAL B 624 -44.44 -8.97 13.83
CA VAL B 624 -43.32 -8.61 12.94
C VAL B 624 -42.65 -7.31 13.38
N GLU B 625 -43.45 -6.27 13.64
CA GLU B 625 -42.98 -4.89 13.81
C GLU B 625 -42.47 -4.55 15.24
N GLN B 626 -41.75 -5.48 15.86
CA GLN B 626 -41.15 -5.36 17.20
C GLN B 626 -42.16 -5.09 18.34
N ARG B 627 -43.45 -5.37 18.13
CA ARG B 627 -44.55 -5.08 19.08
C ARG B 627 -45.02 -6.35 19.81
N TYR B 628 -44.08 -7.22 20.17
CA TYR B 628 -44.33 -8.56 20.69
C TYR B 628 -45.36 -8.63 21.82
N GLU B 629 -45.26 -7.76 22.83
CA GLU B 629 -46.23 -7.78 23.94
C GLU B 629 -47.61 -7.21 23.55
N ASP B 630 -47.68 -6.41 22.49
CA ASP B 630 -48.94 -5.94 21.92
C ASP B 630 -49.59 -7.05 21.09
N ALA B 631 -48.80 -7.80 20.32
CA ALA B 631 -49.24 -9.02 19.66
C ALA B 631 -49.79 -10.03 20.69
N ASN B 632 -49.12 -10.19 21.83
CA ASN B 632 -49.64 -10.99 22.96
C ASN B 632 -50.99 -10.46 23.46
N ARG B 633 -51.17 -9.15 23.64
CA ARG B 633 -52.46 -8.56 24.07
C ARG B 633 -53.60 -8.84 23.10
N TRP B 634 -53.33 -9.05 21.81
CA TRP B 634 -54.33 -9.52 20.85
C TRP B 634 -54.50 -11.04 20.84
N VAL B 635 -53.42 -11.83 20.93
CA VAL B 635 -53.51 -13.31 21.01
C VAL B 635 -54.29 -13.77 22.25
N LYS B 636 -54.24 -13.01 23.34
CA LYS B 636 -55.05 -13.21 24.55
C LYS B 636 -56.57 -13.13 24.35
N TYR B 637 -57.07 -12.75 23.18
CA TYR B 637 -58.48 -12.93 22.84
C TYR B 637 -58.82 -14.32 22.28
N LEU B 638 -57.82 -15.06 21.80
CA LEU B 638 -57.98 -16.45 21.37
C LEU B 638 -57.70 -17.44 22.53
N PHE B 639 -56.55 -17.32 23.18
CA PHE B 639 -56.01 -18.35 24.08
C PHE B 639 -55.32 -17.76 25.32
N ASN B 640 -55.45 -18.38 26.49
CA ASN B 640 -54.96 -17.84 27.76
C ASN B 640 -54.27 -18.86 28.68
N PRO B 641 -53.07 -19.36 28.31
CA PRO B 641 -52.23 -20.22 29.16
C PRO B 641 -51.55 -19.47 30.33
N PHE B 642 -52.24 -18.49 30.91
CA PHE B 642 -51.78 -17.65 32.03
C PHE B 642 -52.89 -17.30 33.05
N GLU B 643 -54.14 -17.75 32.84
CA GLU B 643 -55.27 -17.43 33.72
C GLU B 643 -56.16 -18.66 33.98
N CYS B 644 -56.67 -18.76 35.21
CA CYS B 644 -57.40 -19.92 35.75
C CYS B 644 -58.51 -19.48 36.74
N GLU B 645 -58.94 -18.23 36.62
CA GLU B 645 -59.70 -17.51 37.65
C GLU B 645 -60.62 -16.41 37.04
N ASP B 646 -61.07 -16.63 35.81
CA ASP B 646 -62.10 -15.82 35.14
C ASP B 646 -63.43 -15.79 35.93
N GLU B 647 -64.25 -14.80 35.62
CA GLU B 647 -65.46 -14.45 36.37
C GLU B 647 -66.63 -15.44 36.19
N PRO B 648 -66.97 -15.92 34.97
CA PRO B 648 -68.11 -16.81 34.77
C PRO B 648 -67.76 -18.27 35.10
N ALA B 649 -68.52 -18.93 35.97
CA ALA B 649 -68.33 -20.34 36.32
C ALA B 649 -68.42 -21.28 35.10
N LEU B 650 -69.27 -20.94 34.12
CA LEU B 650 -69.37 -21.66 32.86
C LEU B 650 -68.13 -21.49 31.97
N LEU B 651 -67.49 -20.31 31.99
CA LEU B 651 -66.23 -20.05 31.29
C LEU B 651 -65.03 -20.72 31.99
N LEU B 652 -65.04 -20.77 33.32
CA LEU B 652 -64.09 -21.58 34.09
C LEU B 652 -64.23 -23.07 33.73
N GLY B 653 -65.46 -23.56 33.56
CA GLY B 653 -65.76 -24.95 33.26
C GLY B 653 -65.44 -25.41 31.83
N LYS B 654 -66.10 -24.81 30.83
CA LYS B 654 -66.34 -25.50 29.56
C LYS B 654 -65.22 -25.42 28.49
N PRO B 655 -64.65 -24.24 28.11
CA PRO B 655 -63.69 -24.19 26.99
C PRO B 655 -62.39 -24.98 27.20
N PRO B 656 -61.67 -24.90 28.35
CA PRO B 656 -61.67 -23.82 29.33
C PRO B 656 -60.68 -22.68 28.96
N TYR B 657 -59.59 -22.99 28.22
CA TYR B 657 -58.51 -22.04 27.89
C TYR B 657 -58.76 -21.15 26.66
N TRP B 658 -59.75 -21.51 25.84
CA TRP B 658 -60.01 -20.94 24.52
C TRP B 658 -61.19 -19.97 24.60
N ASN B 659 -61.07 -18.78 24.01
CA ASN B 659 -61.97 -17.66 24.29
C ASN B 659 -62.72 -17.10 23.06
N SER B 660 -62.53 -17.71 21.89
CA SER B 660 -63.46 -17.57 20.74
C SER B 660 -64.10 -18.93 20.48
N ARG B 661 -65.43 -19.04 20.63
CA ARG B 661 -66.08 -20.37 20.66
C ARG B 661 -65.99 -21.18 19.37
N PRO B 662 -65.88 -20.62 18.14
CA PRO B 662 -65.69 -21.45 16.94
C PRO B 662 -64.38 -22.26 16.90
N LEU B 663 -63.46 -22.05 17.85
CA LEU B 663 -62.31 -22.94 18.11
C LEU B 663 -62.66 -24.23 18.86
N VAL B 664 -63.92 -24.42 19.27
CA VAL B 664 -64.39 -25.56 20.08
C VAL B 664 -65.80 -26.02 19.69
N ASP B 665 -66.68 -25.12 19.24
CA ASP B 665 -68.11 -25.36 18.99
C ASP B 665 -68.39 -26.34 17.82
N GLU B 666 -69.59 -26.92 17.80
CA GLU B 666 -70.04 -28.13 17.07
C GLU B 666 -69.52 -28.31 15.61
N PRO B 667 -68.53 -29.20 15.36
CA PRO B 667 -68.08 -29.61 14.03
C PRO B 667 -68.81 -30.87 13.53
N PHE B 668 -68.71 -31.20 12.23
CA PHE B 668 -68.99 -32.55 11.70
C PHE B 668 -68.21 -32.87 10.40
N LYS B 669 -67.88 -34.15 10.20
CA LYS B 669 -67.33 -34.87 9.01
C LYS B 669 -66.34 -34.15 8.08
N GLY B 670 -66.73 -33.07 7.40
CA GLY B 670 -66.03 -32.52 6.23
C GLY B 670 -66.36 -33.22 4.89
N TYR B 671 -67.47 -33.97 4.82
CA TYR B 671 -67.78 -34.91 3.74
C TYR B 671 -67.78 -34.29 2.32
N SER B 672 -68.65 -33.33 2.02
CA SER B 672 -68.96 -32.91 0.64
C SER B 672 -67.89 -32.04 -0.06
N LEU B 673 -66.65 -32.07 0.42
CA LEU B 673 -65.45 -31.53 -0.24
C LEU B 673 -64.33 -32.59 -0.40
N THR B 674 -64.64 -33.84 -0.08
CA THR B 674 -63.71 -34.99 -0.08
C THR B 674 -63.32 -35.41 -1.49
N GLN B 675 -64.25 -35.49 -2.45
CA GLN B 675 -63.94 -35.98 -3.81
C GLN B 675 -62.93 -35.10 -4.61
N PRO B 676 -62.83 -33.76 -4.41
CA PRO B 676 -61.71 -32.95 -4.87
C PRO B 676 -60.66 -32.63 -3.77
N SER B 677 -60.58 -33.43 -2.70
CA SER B 677 -59.82 -33.10 -1.47
C SER B 677 -58.37 -32.64 -1.72
N ASP B 678 -57.95 -31.67 -0.91
CA ASP B 678 -56.74 -30.85 -0.99
C ASP B 678 -56.50 -30.19 0.38
N PRO B 679 -55.30 -29.62 0.67
CA PRO B 679 -55.10 -28.81 1.88
C PRO B 679 -56.04 -27.58 1.97
N ASP B 680 -56.49 -27.02 0.83
CA ASP B 680 -57.55 -25.99 0.77
C ASP B 680 -58.89 -26.45 1.38
N ALA B 681 -59.14 -27.76 1.50
CA ALA B 681 -60.26 -28.33 2.24
C ALA B 681 -59.87 -28.65 3.71
N ILE B 682 -58.76 -29.36 3.92
CA ILE B 682 -58.37 -29.94 5.22
C ILE B 682 -57.90 -28.89 6.24
N ALA B 683 -57.40 -27.72 5.81
CA ALA B 683 -57.01 -26.61 6.71
C ALA B 683 -58.17 -26.02 7.56
N ALA B 684 -59.42 -26.40 7.27
CA ALA B 684 -60.59 -26.09 8.08
C ALA B 684 -61.63 -27.24 8.10
N SER B 685 -61.19 -28.51 8.15
CA SER B 685 -62.08 -29.66 8.41
C SER B 685 -62.60 -29.68 9.85
N ASP B 686 -61.72 -29.36 10.82
CA ASP B 686 -61.92 -29.43 12.26
C ASP B 686 -61.12 -28.33 13.00
N PRO B 687 -61.54 -27.90 14.19
CA PRO B 687 -60.87 -26.82 14.91
C PRO B 687 -59.56 -27.23 15.60
N ILE B 688 -59.33 -28.53 15.88
CA ILE B 688 -58.21 -28.94 16.76
C ILE B 688 -56.84 -28.59 16.16
N HIS B 689 -56.61 -28.93 14.89
CA HIS B 689 -55.35 -28.57 14.21
C HIS B 689 -55.23 -27.07 13.92
N TYR B 690 -56.35 -26.39 13.74
CA TYR B 690 -56.38 -24.94 13.60
C TYR B 690 -55.96 -24.27 14.91
N ARG B 691 -56.45 -24.74 16.07
CA ARG B 691 -56.03 -24.20 17.37
C ARG B 691 -54.61 -24.59 17.75
N LYS B 692 -54.12 -25.77 17.36
CA LYS B 692 -52.70 -26.13 17.52
C LYS B 692 -51.77 -25.25 16.66
N ALA B 693 -52.25 -24.75 15.52
CA ALA B 693 -51.54 -23.70 14.79
C ALA B 693 -51.49 -22.35 15.56
N VAL B 694 -52.51 -21.98 16.33
CA VAL B 694 -52.42 -20.77 17.19
C VAL B 694 -51.31 -20.93 18.22
N PHE B 695 -51.18 -22.13 18.81
CA PHE B 695 -50.07 -22.47 19.70
C PHE B 695 -48.69 -22.35 19.01
N ASN B 696 -48.57 -22.77 17.75
CA ASN B 696 -47.32 -22.63 17.00
C ASN B 696 -46.93 -21.16 16.76
N PHE B 697 -47.90 -20.30 16.45
CA PHE B 697 -47.63 -18.85 16.35
C PHE B 697 -47.24 -18.25 17.70
N LEU B 698 -47.93 -18.62 18.77
CA LEU B 698 -47.66 -18.13 20.12
C LEU B 698 -46.27 -18.53 20.62
N THR B 699 -45.89 -19.80 20.49
CA THR B 699 -44.58 -20.29 20.96
C THR B 699 -43.42 -19.60 20.25
N LYS B 700 -43.55 -19.26 18.96
CA LYS B 700 -42.59 -18.39 18.26
C LYS B 700 -42.50 -17.00 18.88
N ASN B 701 -43.63 -16.35 19.17
CA ASN B 701 -43.66 -14.97 19.65
C ASN B 701 -42.84 -14.72 20.93
N ILE B 702 -42.76 -15.68 21.85
CA ILE B 702 -41.90 -15.55 23.05
C ILE B 702 -40.42 -15.53 22.64
N ILE B 703 -40.01 -16.42 21.76
CA ILE B 703 -38.62 -16.55 21.31
C ILE B 703 -38.19 -15.35 20.47
N ASP B 704 -39.08 -14.88 19.60
CA ASP B 704 -38.85 -13.69 18.77
C ASP B 704 -38.54 -12.43 19.60
N GLN B 705 -39.14 -12.29 20.80
CA GLN B 705 -38.78 -11.25 21.75
C GLN B 705 -37.51 -11.58 22.53
N GLY B 706 -37.33 -12.82 22.99
CA GLY B 706 -36.18 -13.21 23.81
C GLY B 706 -34.84 -12.86 23.16
N ASP B 707 -34.72 -13.09 21.86
CA ASP B 707 -33.48 -12.79 21.12
C ASP B 707 -33.17 -11.28 21.07
N MET B 708 -34.19 -10.42 21.11
CA MET B 708 -34.02 -8.96 21.16
C MET B 708 -33.46 -8.47 22.51
N GLU B 709 -33.55 -9.28 23.57
CA GLU B 709 -32.84 -9.02 24.82
C GLU B 709 -31.38 -9.51 24.78
N TYR B 710 -31.12 -10.63 24.09
CA TYR B 710 -29.78 -11.23 24.00
C TYR B 710 -28.84 -10.47 23.06
N ARG B 711 -29.32 -10.00 21.90
CA ARG B 711 -28.48 -9.24 20.96
C ARG B 711 -28.22 -7.83 21.44
N LYS B 712 -27.02 -7.30 21.13
CA LYS B 712 -26.50 -5.94 21.33
C LYS B 712 -26.53 -5.32 22.75
N LEU B 713 -27.23 -5.90 23.72
CA LEU B 713 -27.23 -5.43 25.11
C LEU B 713 -25.96 -5.89 25.88
N GLN B 714 -25.94 -5.63 27.18
CA GLN B 714 -24.85 -5.96 28.14
C GLN B 714 -25.21 -7.18 29.04
N PRO B 715 -24.26 -7.89 29.66
CA PRO B 715 -24.48 -9.23 30.23
C PRO B 715 -25.72 -9.42 31.13
N SER B 716 -25.96 -8.59 32.14
CA SER B 716 -27.12 -8.80 33.04
C SER B 716 -28.48 -8.49 32.38
N ALA B 717 -28.48 -7.88 31.20
CA ALA B 717 -29.65 -7.74 30.33
C ALA B 717 -29.72 -8.87 29.30
N ARG B 718 -28.59 -9.28 28.72
CA ARG B 718 -28.53 -10.40 27.75
C ARG B 718 -28.99 -11.71 28.38
N THR B 719 -28.47 -12.01 29.56
CA THR B 719 -28.84 -13.19 30.36
C THR B 719 -30.30 -13.20 30.82
N LEU B 720 -30.97 -12.03 30.84
CA LEU B 720 -32.39 -11.93 31.15
C LEU B 720 -33.27 -12.68 30.13
N ALA B 721 -32.78 -12.87 28.90
CA ALA B 721 -33.43 -13.69 27.87
C ALA B 721 -33.70 -15.13 28.33
N ARG B 722 -32.94 -15.65 29.30
CA ARG B 722 -33.17 -16.99 29.85
C ARG B 722 -34.52 -17.08 30.59
N LEU B 723 -35.04 -15.99 31.15
CA LEU B 723 -36.42 -15.90 31.67
C LEU B 723 -37.51 -16.01 30.59
N SER B 724 -37.16 -15.84 29.31
CA SER B 724 -38.05 -16.12 28.18
C SER B 724 -37.85 -17.55 27.66
N TYR B 725 -36.61 -17.99 27.47
CA TYR B 725 -36.35 -19.35 26.97
C TYR B 725 -36.87 -20.41 27.95
N SER B 726 -36.80 -20.15 29.25
CA SER B 726 -37.39 -21.01 30.30
C SER B 726 -38.92 -21.00 30.36
N THR B 727 -39.63 -20.04 29.72
CA THR B 727 -41.09 -20.17 29.53
C THR B 727 -41.43 -20.84 28.21
N ALA B 728 -40.70 -20.56 27.14
CA ALA B 728 -40.88 -21.24 25.85
C ALA B 728 -40.67 -22.76 25.99
N SER B 729 -39.62 -23.17 26.69
CA SER B 729 -39.36 -24.58 27.01
C SER B 729 -40.34 -25.21 28.04
N SER B 730 -41.27 -24.43 28.61
CA SER B 730 -42.41 -24.96 29.39
C SER B 730 -43.65 -25.27 28.53
N LEU B 731 -43.71 -24.70 27.32
CA LEU B 731 -44.74 -25.00 26.32
C LEU B 731 -44.26 -26.10 25.38
N LEU B 732 -43.07 -25.91 24.80
CA LEU B 732 -42.47 -26.80 23.81
C LEU B 732 -41.86 -28.05 24.48
N GLY B 733 -42.12 -29.22 23.88
CA GLY B 733 -41.54 -30.51 24.29
C GLY B 733 -40.16 -30.79 23.69
N ARG B 734 -39.65 -32.00 23.96
CA ARG B 734 -38.38 -32.57 23.45
C ARG B 734 -38.54 -32.98 21.98
N ASN B 795 -42.72 -30.34 11.12
CA ASN B 795 -41.27 -30.10 11.05
C ASN B 795 -40.86 -28.82 11.78
N GLU B 796 -41.76 -27.82 11.82
CA GLU B 796 -41.52 -26.54 12.48
C GLU B 796 -41.31 -26.70 13.99
N LEU B 797 -42.07 -27.56 14.67
CA LEU B 797 -41.89 -27.84 16.10
C LEU B 797 -40.48 -28.35 16.40
N ARG B 798 -39.99 -29.29 15.58
CA ARG B 798 -38.67 -29.92 15.74
C ARG B 798 -37.51 -28.96 15.46
N GLY B 799 -37.67 -28.08 14.47
CA GLY B 799 -36.72 -27.00 14.23
C GLY B 799 -36.73 -25.94 15.33
N LEU B 800 -37.91 -25.64 15.89
CA LEU B 800 -38.09 -24.64 16.93
C LEU B 800 -37.48 -25.10 18.25
N TRP B 801 -37.79 -26.32 18.71
CA TRP B 801 -37.25 -26.76 20.01
C TRP B 801 -35.74 -26.98 19.97
N ASP B 802 -35.20 -27.42 18.84
CA ASP B 802 -33.75 -27.54 18.68
C ASP B 802 -33.04 -26.17 18.59
N ARG B 803 -33.68 -25.16 17.98
CA ARG B 803 -33.16 -23.79 17.99
C ARG B 803 -33.05 -23.25 19.41
N ILE B 804 -34.10 -23.38 20.24
CA ILE B 804 -34.03 -22.86 21.61
C ILE B 804 -33.01 -23.62 22.46
N GLU B 805 -32.81 -24.93 22.23
CA GLU B 805 -31.78 -25.71 22.92
C GLU B 805 -30.36 -25.21 22.57
N ASN B 806 -30.09 -24.91 21.30
CA ASN B 806 -28.84 -24.32 20.87
C ASN B 806 -28.61 -22.92 21.46
N ARG B 807 -29.65 -22.09 21.48
CA ARG B 807 -29.54 -20.71 22.00
C ARG B 807 -29.35 -20.69 23.52
N ILE B 808 -29.98 -21.61 24.26
CA ILE B 808 -29.69 -21.81 25.69
C ILE B 808 -28.23 -22.20 25.89
N TYR B 809 -27.69 -23.14 25.10
CA TYR B 809 -26.27 -23.53 25.20
C TYR B 809 -25.34 -22.32 25.01
N ASN B 810 -25.61 -21.48 24.01
CA ASN B 810 -24.86 -20.26 23.78
C ASN B 810 -24.96 -19.27 24.96
N LEU B 811 -26.15 -19.01 25.48
CA LEU B 811 -26.36 -18.14 26.63
C LEU B 811 -25.69 -18.69 27.90
N ARG B 812 -25.67 -20.01 28.06
CA ARG B 812 -25.07 -20.74 29.18
C ARG B 812 -23.54 -20.69 29.17
N HIS B 813 -22.90 -20.63 28.00
CA HIS B 813 -21.51 -20.18 27.86
C HIS B 813 -21.35 -18.66 28.03
N ASN B 814 -22.36 -17.88 27.61
CA ASN B 814 -22.44 -16.42 27.51
C ASN B 814 -21.38 -15.79 26.59
N LEU B 815 -20.11 -15.93 26.96
CA LEU B 815 -18.99 -15.06 26.55
C LEU B 815 -18.60 -15.14 25.06
N THR B 816 -19.29 -16.00 24.29
CA THR B 816 -19.20 -16.08 22.83
C THR B 816 -20.04 -15.00 22.14
N LEU B 817 -21.33 -14.87 22.50
CA LEU B 817 -22.37 -14.26 21.65
C LEU B 817 -22.44 -14.91 20.24
N ASP B 818 -22.18 -16.22 20.20
CA ASP B 818 -21.82 -17.05 19.03
C ASP B 818 -20.55 -16.60 18.24
N GLY B 819 -19.99 -15.45 18.59
CA GLY B 819 -18.63 -15.01 18.27
C GLY B 819 -17.65 -15.36 19.38
N LYS B 820 -16.80 -14.39 19.75
CA LYS B 820 -15.69 -14.56 20.74
C LYS B 820 -15.42 -13.23 21.51
N GLU B 821 -16.39 -12.64 22.23
CA GLU B 821 -16.25 -11.27 22.84
C GLU B 821 -15.01 -11.13 23.76
N ILE B 822 -14.90 -11.99 24.78
CA ILE B 822 -13.99 -11.76 25.93
C ILE B 822 -12.51 -11.95 25.58
N ASN B 823 -12.13 -13.06 24.96
CA ASN B 823 -10.73 -13.45 24.75
C ASN B 823 -10.34 -13.40 23.26
N MET B 824 -9.36 -12.55 22.92
CA MET B 824 -8.87 -12.33 21.57
C MET B 824 -7.50 -11.62 21.58
N ASP B 825 -6.79 -11.63 20.45
CA ASP B 825 -5.54 -10.91 20.13
C ASP B 825 -4.31 -11.16 21.05
N LEU B 826 -4.44 -11.96 22.12
CA LEU B 826 -3.37 -12.35 23.04
C LEU B 826 -2.23 -13.09 22.33
N TYR B 827 -0.98 -12.84 22.73
CA TYR B 827 0.21 -13.51 22.18
C TYR B 827 1.34 -13.67 23.21
N ASP B 828 2.27 -14.60 22.96
CA ASP B 828 3.21 -15.19 23.93
C ASP B 828 4.66 -15.27 23.40
N SER B 829 5.49 -16.18 23.95
CA SER B 829 6.90 -16.40 23.60
C SER B 829 7.83 -15.21 23.95
N SER B 830 9.09 -15.25 23.52
CA SER B 830 10.22 -14.39 23.94
C SER B 830 10.58 -14.51 25.44
N ILE B 831 10.29 -15.67 26.05
CA ILE B 831 10.25 -15.82 27.52
C ILE B 831 11.58 -16.13 28.21
N SER B 832 12.58 -16.72 27.54
CA SER B 832 13.73 -17.35 28.23
C SER B 832 15.11 -17.03 27.61
N PRO B 833 16.12 -16.74 28.45
CA PRO B 833 17.55 -16.90 28.14
C PRO B 833 17.99 -18.38 28.05
N ARG B 834 19.30 -18.61 27.98
CA ARG B 834 20.00 -19.91 27.93
C ARG B 834 21.35 -19.83 28.64
N GLY B 835 21.90 -20.97 29.09
CA GLY B 835 23.25 -21.06 29.68
C GLY B 835 24.40 -20.81 28.69
N LEU B 836 25.64 -21.08 29.13
CA LEU B 836 26.88 -20.79 28.41
C LEU B 836 27.97 -21.86 28.61
N MET B 837 28.96 -21.91 27.72
CA MET B 837 30.19 -22.68 27.93
C MET B 837 31.13 -21.95 28.90
N LYS B 838 31.00 -22.23 30.21
CA LYS B 838 31.90 -21.73 31.27
C LYS B 838 33.24 -22.51 31.26
N GLN B 839 33.95 -22.45 30.14
CA GLN B 839 35.08 -23.32 29.76
C GLN B 839 36.43 -22.91 30.42
N ARG B 840 36.38 -22.54 31.71
CA ARG B 840 37.50 -21.93 32.44
C ARG B 840 38.52 -22.92 33.02
N TYR B 841 38.21 -24.21 33.11
CA TYR B 841 39.00 -25.16 33.92
C TYR B 841 40.46 -25.36 33.47
N GLN B 842 41.36 -25.40 34.46
CA GLN B 842 42.77 -25.72 34.32
C GLN B 842 43.06 -27.23 34.16
N ARG B 843 44.30 -27.54 33.78
CA ARG B 843 44.90 -28.90 33.79
C ARG B 843 46.27 -28.87 34.46
N VAL B 844 46.64 -29.98 35.11
CA VAL B 844 47.80 -30.09 36.01
C VAL B 844 48.95 -30.89 35.37
N VAL B 845 50.17 -30.39 35.47
CA VAL B 845 51.42 -31.08 35.06
C VAL B 845 52.23 -31.45 36.30
N THR B 846 52.56 -32.73 36.47
CA THR B 846 53.29 -33.27 37.64
C THR B 846 54.81 -33.06 37.54
N ALA B 847 55.25 -31.84 37.82
CA ALA B 847 56.67 -31.45 37.82
C ALA B 847 57.48 -32.07 38.99
N ARG B 848 57.86 -33.34 38.85
CA ARG B 848 58.75 -34.10 39.76
C ARG B 848 59.46 -35.25 39.03
N ASN B 849 60.49 -35.83 39.64
CA ASN B 849 61.35 -36.86 39.03
C ASN B 849 61.55 -38.11 39.93
N ALA B 850 62.33 -39.08 39.42
CA ALA B 850 62.95 -40.19 40.16
C ALA B 850 64.26 -40.62 39.47
N SER B 851 65.22 -41.21 40.20
CA SER B 851 66.57 -41.53 39.69
C SER B 851 67.31 -42.60 40.51
N LYS B 852 68.40 -43.16 39.95
CA LYS B 852 69.14 -44.34 40.48
C LYS B 852 70.67 -44.17 40.44
N MET B 853 71.38 -44.99 41.21
CA MET B 853 72.84 -44.94 41.44
C MET B 853 73.68 -45.71 40.39
N ASN B 854 75.01 -45.57 40.45
CA ASN B 854 75.99 -46.11 39.50
C ASN B 854 77.22 -46.79 40.16
N PHE B 855 77.98 -47.56 39.39
CA PHE B 855 79.19 -48.29 39.83
C PHE B 855 80.30 -48.26 38.74
N LYS B 856 80.73 -49.42 38.20
CA LYS B 856 81.74 -49.63 37.15
C LYS B 856 83.19 -49.24 37.52
N VAL B 857 84.15 -49.71 36.74
CA VAL B 857 85.62 -49.55 36.92
C VAL B 857 86.27 -49.14 35.58
N PRO B 858 87.23 -48.19 35.54
CA PRO B 858 87.77 -47.66 34.29
C PRO B 858 88.82 -48.58 33.64
N ASN B 859 89.11 -48.34 32.36
CA ASN B 859 90.15 -49.05 31.59
C ASN B 859 91.21 -48.15 30.92
N TYR B 860 90.96 -46.84 30.75
CA TYR B 860 91.95 -45.83 30.31
C TYR B 860 91.53 -44.39 30.73
N ARG B 861 92.41 -43.39 30.52
CA ARG B 861 92.42 -42.10 31.22
C ARG B 861 91.20 -41.18 31.03
N PHE B 862 91.08 -40.21 31.93
CA PHE B 862 89.97 -39.24 32.06
C PHE B 862 89.80 -38.28 30.88
N GLU B 863 90.80 -37.46 30.55
CA GLU B 863 90.67 -36.44 29.50
C GLU B 863 90.39 -37.03 28.10
N PRO B 864 91.00 -38.16 27.69
CA PRO B 864 90.60 -38.84 26.46
C PRO B 864 89.12 -39.22 26.38
N MET B 865 88.43 -39.40 27.51
CA MET B 865 86.97 -39.61 27.53
C MET B 865 86.18 -38.30 27.47
N LEU B 866 86.68 -37.22 28.08
CA LEU B 866 86.12 -35.88 27.85
C LEU B 866 86.20 -35.45 26.37
N ASN B 867 87.25 -35.90 25.66
CA ASN B 867 87.41 -35.69 24.23
C ASN B 867 86.54 -36.63 23.35
N ARG B 868 85.67 -37.47 23.92
CA ARG B 868 84.73 -38.35 23.17
C ARG B 868 83.27 -38.20 23.60
N SER B 869 83.03 -37.98 24.89
CA SER B 869 81.67 -37.90 25.45
C SER B 869 80.84 -36.73 24.92
N LYS B 870 81.46 -35.59 24.58
CA LYS B 870 80.76 -34.35 24.18
C LYS B 870 79.88 -34.51 22.93
N SER B 871 80.46 -34.96 21.82
CA SER B 871 79.78 -34.96 20.51
C SER B 871 78.60 -35.93 20.43
N GLY B 872 78.66 -37.07 21.13
CA GLY B 872 77.54 -38.00 21.22
C GLY B 872 76.34 -37.41 21.99
N VAL B 873 76.62 -36.63 23.05
CA VAL B 873 75.60 -35.90 23.82
C VAL B 873 74.99 -34.77 22.99
N GLU B 874 75.80 -33.91 22.36
CA GLU B 874 75.30 -32.78 21.56
C GLU B 874 74.57 -33.21 20.27
N THR B 875 74.93 -34.37 19.71
CA THR B 875 74.15 -35.03 18.66
C THR B 875 72.75 -35.43 19.17
N LEU B 876 72.62 -35.86 20.44
CA LEU B 876 71.31 -36.17 21.02
C LEU B 876 70.45 -34.90 21.23
N ILE B 877 71.06 -33.76 21.60
CA ILE B 877 70.36 -32.45 21.62
C ILE B 877 69.89 -32.08 20.21
N GLN B 878 70.70 -32.33 19.17
CA GLN B 878 70.32 -32.09 17.78
C GLN B 878 69.20 -33.04 17.32
N PHE B 879 69.24 -34.34 17.63
CA PHE B 879 68.15 -35.28 17.32
C PHE B 879 66.86 -34.96 18.06
N GLY B 880 66.93 -34.55 19.34
CA GLY B 880 65.77 -34.22 20.17
C GLY B 880 65.07 -32.94 19.72
N SER B 881 65.84 -31.89 19.42
CA SER B 881 65.29 -30.65 18.83
C SER B 881 64.80 -30.86 17.39
N THR B 882 65.42 -31.76 16.61
CA THR B 882 64.89 -32.18 15.30
C THR B 882 63.52 -32.86 15.45
N LEU B 883 63.39 -33.83 16.35
CA LEU B 883 62.11 -34.50 16.65
C LEU B 883 61.03 -33.50 17.11
N LEU B 884 61.38 -32.58 18.01
CA LEU B 884 60.44 -31.59 18.56
C LEU B 884 59.95 -30.59 17.49
N SER B 885 60.88 -30.02 16.72
CA SER B 885 60.57 -29.03 15.68
C SER B 885 59.82 -29.63 14.48
N LEU B 886 60.12 -30.88 14.09
CA LEU B 886 59.30 -31.62 13.11
C LEU B 886 57.89 -31.94 13.65
N LEU B 887 57.74 -32.23 14.94
CA LEU B 887 56.44 -32.56 15.52
C LEU B 887 55.51 -31.33 15.62
N GLU B 888 56.05 -30.12 15.81
CA GLU B 888 55.30 -28.88 15.59
C GLU B 888 54.85 -28.70 14.12
N ARG B 889 55.70 -29.06 13.14
CA ARG B 889 55.36 -28.97 11.71
C ARG B 889 54.26 -29.98 11.33
N LYS B 890 54.33 -31.20 11.87
CA LYS B 890 53.28 -32.22 11.77
C LYS B 890 51.95 -31.74 12.34
N ASP B 891 51.90 -31.36 13.62
CA ASP B 891 50.62 -31.07 14.29
C ASP B 891 50.01 -29.70 13.91
N SER B 892 50.82 -28.77 13.36
CA SER B 892 50.32 -27.54 12.72
C SER B 892 49.52 -27.83 11.44
N LEU B 893 50.07 -28.63 10.51
CA LEU B 893 49.40 -28.89 9.22
C LEU B 893 48.13 -29.74 9.37
N SER B 894 48.09 -30.66 10.34
CA SER B 894 46.87 -31.41 10.66
C SER B 894 45.72 -30.51 11.16
N PHE B 895 46.02 -29.35 11.73
CA PHE B 895 44.99 -28.36 12.06
C PHE B 895 44.45 -27.65 10.81
N ASP B 896 45.36 -27.23 9.91
CA ASP B 896 45.01 -26.62 8.62
C ASP B 896 44.15 -27.54 7.71
N ALA B 897 44.31 -28.86 7.84
CA ALA B 897 43.48 -29.86 7.16
C ALA B 897 42.03 -29.89 7.69
N TYR B 898 41.88 -30.14 9.00
CA TYR B 898 40.59 -30.30 9.69
C TYR B 898 39.72 -29.02 9.66
N GLN B 899 40.37 -27.86 9.58
CA GLN B 899 39.71 -26.55 9.44
C GLN B 899 38.95 -26.36 8.11
N MET B 900 39.26 -27.13 7.04
CA MET B 900 38.57 -27.02 5.74
C MET B 900 37.19 -27.68 5.74
N ILE B 901 37.08 -28.90 6.28
CA ILE B 901 35.85 -29.72 6.25
C ILE B 901 34.68 -29.10 7.04
N GLN B 902 34.97 -28.12 7.90
CA GLN B 902 33.99 -27.32 8.67
C GLN B 902 32.99 -26.55 7.79
N SER B 903 33.32 -26.33 6.51
CA SER B 903 32.45 -25.68 5.52
C SER B 903 31.36 -26.60 4.94
N GLY B 904 31.52 -27.93 5.02
CA GLY B 904 30.69 -28.90 4.28
C GLY B 904 29.21 -28.92 4.67
N ASP B 905 28.91 -28.88 5.97
CA ASP B 905 27.52 -28.75 6.47
C ASP B 905 26.92 -27.37 6.14
N LEU B 906 27.72 -26.30 6.22
CA LEU B 906 27.26 -24.93 6.03
C LEU B 906 26.80 -24.68 4.59
N TYR B 907 27.48 -25.24 3.58
CA TYR B 907 27.00 -25.21 2.19
C TYR B 907 25.66 -25.93 2.02
N ARG B 908 25.49 -27.12 2.64
CA ARG B 908 24.25 -27.90 2.57
C ARG B 908 23.06 -27.12 3.14
N PHE B 909 23.20 -26.60 4.37
CA PHE B 909 22.20 -25.76 5.02
C PHE B 909 21.93 -24.45 4.25
N SER B 910 22.95 -23.82 3.66
CA SER B 910 22.80 -22.59 2.87
C SER B 910 21.94 -22.79 1.62
N ILE B 911 22.19 -23.86 0.85
CA ILE B 911 21.42 -24.19 -0.36
C ILE B 911 19.98 -24.59 0.03
N ASP B 912 19.81 -25.48 1.01
CA ASP B 912 18.50 -26.00 1.41
C ASP B 912 17.63 -25.02 2.20
N LEU B 913 18.17 -23.90 2.67
CA LEU B 913 17.39 -22.72 3.07
C LEU B 913 17.05 -21.83 1.86
N GLN B 914 18.04 -21.43 1.06
CA GLN B 914 17.85 -20.40 0.03
C GLN B 914 17.01 -20.86 -1.16
N GLN B 915 17.08 -22.13 -1.57
CA GLN B 915 16.39 -22.65 -2.78
C GLN B 915 14.89 -22.32 -2.82
N GLN B 916 14.23 -22.24 -1.65
CA GLN B 916 12.83 -21.86 -1.52
C GLN B 916 12.50 -20.48 -2.11
N ASP B 917 13.44 -19.54 -2.27
CA ASP B 917 13.14 -18.24 -2.86
C ASP B 917 12.79 -18.30 -4.37
N ILE B 918 13.20 -19.36 -5.09
CA ILE B 918 12.70 -19.67 -6.43
C ILE B 918 11.22 -20.08 -6.37
N ASP B 919 10.86 -20.94 -5.41
CA ASP B 919 9.47 -21.38 -5.22
C ASP B 919 8.55 -20.26 -4.72
N ILE B 920 9.07 -19.33 -3.92
CA ILE B 920 8.35 -18.10 -3.52
C ILE B 920 8.21 -17.13 -4.70
N ASN B 921 9.25 -16.93 -5.52
CA ASN B 921 9.15 -16.08 -6.71
C ASN B 921 8.18 -16.65 -7.75
N LYS B 922 8.06 -17.98 -7.87
CA LYS B 922 6.99 -18.64 -8.66
C LYS B 922 5.61 -18.46 -8.03
N ALA B 923 5.46 -18.65 -6.71
CA ALA B 923 4.19 -18.43 -6.01
C ALA B 923 3.70 -16.96 -6.11
N SER B 924 4.62 -16.00 -6.12
CA SER B 924 4.32 -14.57 -6.35
C SER B 924 3.84 -14.29 -7.79
N LEU B 925 4.40 -14.96 -8.80
CA LEU B 925 3.90 -14.90 -10.19
C LEU B 925 2.47 -15.46 -10.31
N GLU B 926 2.15 -16.56 -9.61
CA GLU B 926 0.76 -17.06 -9.53
C GLU B 926 -0.20 -16.06 -8.84
N ALA B 927 0.25 -15.35 -7.80
CA ALA B 927 -0.54 -14.29 -7.17
C ALA B 927 -0.79 -13.09 -8.11
N LEU B 928 0.18 -12.72 -8.94
CA LEU B 928 0.02 -11.71 -10.00
C LEU B 928 -0.98 -12.18 -11.09
N GLN B 929 -0.90 -13.44 -11.52
CA GLN B 929 -1.86 -14.06 -12.44
C GLN B 929 -3.29 -14.10 -11.86
N VAL B 930 -3.45 -14.30 -10.54
CA VAL B 930 -4.73 -14.19 -9.82
C VAL B 930 -5.24 -12.75 -9.76
N SER B 931 -4.39 -11.77 -9.47
CA SER B 931 -4.78 -10.36 -9.32
C SER B 931 -5.35 -9.75 -10.61
N LYS B 932 -4.91 -10.21 -11.79
CA LYS B 932 -5.38 -9.75 -13.12
C LYS B 932 -6.92 -9.71 -13.24
N GLN B 933 -7.61 -10.73 -12.74
CA GLN B 933 -9.08 -10.84 -12.76
C GLN B 933 -9.79 -9.72 -11.96
N SER B 934 -9.15 -9.14 -10.94
CA SER B 934 -9.74 -8.05 -10.15
C SER B 934 -10.03 -6.81 -11.01
N ALA B 935 -9.08 -6.48 -11.92
CA ALA B 935 -9.22 -5.44 -12.94
C ALA B 935 -9.98 -5.94 -14.17
N GLN B 936 -9.67 -7.14 -14.69
CA GLN B 936 -10.25 -7.66 -15.93
C GLN B 936 -11.77 -7.91 -15.81
N ASP B 937 -12.25 -8.48 -14.69
CA ASP B 937 -13.69 -8.69 -14.45
C ASP B 937 -14.43 -7.37 -14.21
N ARG B 938 -13.75 -6.37 -13.61
CA ARG B 938 -14.27 -5.00 -13.43
C ARG B 938 -14.37 -4.23 -14.75
N TYR B 939 -13.45 -4.47 -15.69
CA TYR B 939 -13.49 -3.94 -17.06
C TYR B 939 -14.55 -4.64 -17.92
N ASP B 940 -14.36 -5.92 -18.24
CA ASP B 940 -14.94 -6.52 -19.46
C ASP B 940 -16.47 -6.71 -19.44
N HIS B 941 -17.12 -6.60 -18.28
CA HIS B 941 -18.58 -6.47 -18.19
C HIS B 941 -19.12 -5.23 -18.90
N PHE B 942 -18.44 -4.08 -18.79
CA PHE B 942 -19.09 -2.78 -19.02
C PHE B 942 -19.45 -2.45 -20.47
N LYS B 943 -19.09 -3.28 -21.47
CA LYS B 943 -19.69 -3.20 -22.82
C LYS B 943 -21.21 -3.43 -22.81
N GLU B 944 -21.75 -4.05 -21.75
CA GLU B 944 -23.19 -4.15 -21.45
C GLU B 944 -23.80 -2.86 -20.85
N LEU B 945 -23.03 -1.76 -20.75
CA LEU B 945 -23.47 -0.47 -20.20
C LEU B 945 -22.98 0.76 -20.99
N TYR B 946 -21.76 0.76 -21.57
CA TYR B 946 -21.37 1.78 -22.56
C TYR B 946 -21.99 1.53 -23.96
N ASP B 947 -22.68 0.41 -24.13
CA ASP B 947 -23.58 0.08 -25.24
C ASP B 947 -24.83 -0.65 -24.69
N GLU B 948 -25.90 -0.73 -25.47
CA GLU B 948 -27.26 -1.14 -25.08
C GLU B 948 -27.82 -0.37 -23.86
N ASN B 949 -27.49 0.93 -23.79
CA ASN B 949 -27.82 1.87 -22.72
C ASN B 949 -29.32 2.25 -22.61
N ILE B 950 -30.18 1.73 -23.50
CA ILE B 950 -31.64 1.93 -23.58
C ILE B 950 -32.30 0.60 -24.03
N SER B 951 -33.56 0.39 -23.64
CA SER B 951 -34.43 -0.73 -24.04
C SER B 951 -35.88 -0.29 -24.23
N SER B 952 -36.69 -1.08 -24.93
CA SER B 952 -38.01 -0.66 -25.46
C SER B 952 -39.02 -0.20 -24.40
N THR B 953 -38.92 -0.70 -23.16
CA THR B 953 -39.79 -0.27 -22.04
C THR B 953 -39.50 1.16 -21.57
N GLU B 954 -38.23 1.56 -21.47
CA GLU B 954 -37.86 2.91 -21.02
C GLU B 954 -37.97 3.98 -22.14
N GLN B 955 -38.27 3.54 -23.38
CA GLN B 955 -38.78 4.39 -24.45
C GLN B 955 -40.26 4.78 -24.20
N LYS B 956 -41.13 3.83 -23.85
CA LYS B 956 -42.56 4.11 -23.55
C LYS B 956 -42.74 5.02 -22.33
N VAL B 957 -41.78 5.02 -21.41
CA VAL B 957 -41.66 5.97 -20.29
C VAL B 957 -41.54 7.45 -20.75
N ILE B 958 -41.02 7.70 -21.96
CA ILE B 958 -41.02 9.01 -22.63
C ILE B 958 -42.32 9.21 -23.43
N GLU B 959 -42.70 8.24 -24.29
CA GLU B 959 -43.80 8.41 -25.25
C GLU B 959 -45.13 8.81 -24.61
N LEU B 960 -45.48 8.19 -23.48
CA LEU B 960 -46.70 8.47 -22.71
C LEU B 960 -46.64 9.82 -21.95
N GLN B 961 -45.49 10.50 -21.92
CA GLN B 961 -45.33 11.90 -21.47
C GLN B 961 -45.51 12.88 -22.66
N SER B 962 -44.76 12.68 -23.76
CA SER B 962 -44.73 13.58 -24.93
C SER B 962 -46.02 13.52 -25.78
N GLN B 963 -46.81 12.44 -25.67
CA GLN B 963 -48.15 12.30 -26.27
C GLN B 963 -49.13 13.43 -25.90
N ALA B 964 -48.89 14.18 -24.81
CA ALA B 964 -49.62 15.40 -24.45
C ALA B 964 -49.47 16.57 -25.45
N ALA B 965 -48.83 16.38 -26.61
CA ALA B 965 -48.89 17.28 -27.76
C ALA B 965 -50.32 17.57 -28.29
N ASN B 966 -51.32 16.73 -27.97
CA ASN B 966 -52.74 17.03 -28.22
C ASN B 966 -53.36 18.09 -27.26
N SER B 967 -52.58 18.71 -26.36
CA SER B 967 -53.05 19.83 -25.50
C SER B 967 -53.35 21.14 -26.28
N LEU B 968 -53.11 21.16 -27.60
CA LEU B 968 -53.65 22.10 -28.59
C LEU B 968 -55.12 21.82 -28.98
N LEU B 969 -55.64 20.61 -28.66
CA LEU B 969 -56.94 20.06 -29.06
C LEU B 969 -57.83 19.66 -27.86
N MET B 970 -57.23 19.34 -26.70
CA MET B 970 -57.89 18.79 -25.49
C MET B 970 -59.04 19.62 -24.89
N ALA B 971 -59.14 20.91 -25.22
CA ALA B 971 -60.08 21.85 -24.59
C ALA B 971 -61.13 22.41 -25.57
N GLN B 972 -60.89 22.34 -26.87
CA GLN B 972 -61.49 23.24 -27.85
C GLN B 972 -63.02 23.07 -27.98
N GLY B 973 -63.55 21.86 -27.73
CA GLY B 973 -65.00 21.65 -27.71
C GLY B 973 -65.75 22.39 -26.60
N MET B 974 -65.03 22.93 -25.60
CA MET B 974 -65.54 23.86 -24.57
C MET B 974 -66.20 25.09 -25.20
N ARG B 975 -65.43 25.82 -26.03
CA ARG B 975 -65.86 27.14 -26.50
C ARG B 975 -67.12 27.04 -27.33
N THR B 976 -67.15 26.04 -28.21
CA THR B 976 -68.25 25.83 -29.16
C THR B 976 -69.53 25.40 -28.42
N ALA B 977 -69.39 24.57 -27.39
CA ALA B 977 -70.49 24.19 -26.50
C ALA B 977 -71.07 25.38 -25.69
N ALA B 978 -70.18 26.19 -25.10
CA ALA B 978 -70.52 27.43 -24.43
C ALA B 978 -71.20 28.45 -25.37
N ALA B 979 -70.69 28.60 -26.60
CA ALA B 979 -71.29 29.43 -27.63
C ALA B 979 -72.68 28.90 -28.05
N ALA B 980 -72.84 27.58 -28.22
CA ALA B 980 -74.13 26.99 -28.60
C ALA B 980 -75.17 27.11 -27.47
N LEU B 981 -74.72 27.18 -26.21
CA LEU B 981 -75.52 27.49 -25.02
C LEU B 981 -75.77 29.00 -24.82
N ASP B 982 -75.30 29.86 -25.73
CA ASP B 982 -75.43 31.32 -25.64
C ASP B 982 -76.13 31.98 -26.85
N VAL B 983 -75.64 31.79 -28.08
CA VAL B 983 -76.07 32.54 -29.28
C VAL B 983 -77.58 32.44 -29.60
N ILE B 984 -78.26 31.39 -29.12
CA ILE B 984 -79.70 31.14 -29.31
C ILE B 984 -80.36 30.66 -28.00
N PRO B 985 -81.68 30.90 -27.82
CA PRO B 985 -82.42 30.51 -26.61
C PRO B 985 -82.63 29.00 -26.49
N ASN B 986 -82.73 28.56 -25.22
CA ASN B 986 -83.08 27.23 -24.68
C ASN B 986 -84.56 26.89 -24.82
N ILE B 987 -85.41 27.91 -24.80
CA ILE B 987 -86.87 27.82 -24.69
C ILE B 987 -87.59 28.97 -25.42
N TYR B 988 -88.75 28.66 -25.99
CA TYR B 988 -89.68 29.57 -26.69
C TYR B 988 -91.12 29.36 -26.17
N GLY B 989 -91.92 30.44 -26.07
CA GLY B 989 -93.31 30.38 -25.62
C GLY B 989 -93.81 31.72 -25.06
N LEU B 990 -94.72 31.65 -24.06
CA LEU B 990 -95.11 32.82 -23.25
C LEU B 990 -93.89 33.47 -22.58
N ALA B 991 -92.94 32.65 -22.13
CA ALA B 991 -91.58 33.06 -21.79
C ALA B 991 -90.57 32.46 -22.80
N VAL B 992 -89.62 33.28 -23.27
CA VAL B 992 -88.55 32.93 -24.24
C VAL B 992 -87.19 33.30 -23.66
N GLY B 993 -86.13 32.50 -23.91
CA GLY B 993 -84.78 32.80 -23.42
C GLY B 993 -83.96 31.58 -23.02
N GLY B 994 -83.22 31.74 -21.91
CA GLY B 994 -82.35 30.73 -21.30
C GLY B 994 -80.88 30.77 -21.76
N SER B 995 -80.49 31.79 -22.55
CA SER B 995 -79.08 32.03 -22.95
C SER B 995 -78.20 32.23 -21.70
N HIS B 996 -77.23 31.36 -21.49
CA HIS B 996 -76.40 31.34 -20.28
C HIS B 996 -75.29 32.41 -20.33
N TRP B 997 -75.60 33.65 -19.93
CA TRP B 997 -74.78 34.85 -20.17
C TRP B 997 -73.26 34.66 -19.98
N GLY B 998 -72.83 34.11 -18.85
CA GLY B 998 -71.41 33.95 -18.50
C GLY B 998 -70.68 32.79 -19.19
N ALA B 999 -71.36 31.92 -19.93
CA ALA B 999 -70.80 30.66 -20.43
C ALA B 999 -69.43 30.75 -21.16
N PRO B 1000 -69.19 31.68 -22.10
CA PRO B 1000 -67.91 31.73 -22.83
C PRO B 1000 -66.74 32.16 -21.94
N LEU B 1001 -66.91 33.22 -21.16
CA LEU B 1001 -65.87 33.74 -20.27
C LEU B 1001 -65.59 32.76 -19.13
N ASN B 1002 -66.62 32.05 -18.65
CA ASN B 1002 -66.46 30.93 -17.73
C ASN B 1002 -65.65 29.77 -18.33
N ALA B 1003 -65.78 29.53 -19.64
CA ALA B 1003 -65.04 28.48 -20.34
C ALA B 1003 -63.58 28.87 -20.62
N ALA B 1004 -63.29 30.15 -20.88
CA ALA B 1004 -61.96 30.63 -21.22
C ALA B 1004 -60.91 30.28 -20.14
N ALA B 1005 -61.26 30.43 -18.86
CA ALA B 1005 -60.38 30.10 -17.75
C ALA B 1005 -59.95 28.61 -17.73
N GLU B 1006 -60.82 27.68 -18.15
CA GLU B 1006 -60.46 26.27 -18.25
C GLU B 1006 -59.48 26.01 -19.40
N ILE B 1007 -59.72 26.64 -20.56
CA ILE B 1007 -58.83 26.57 -21.73
C ILE B 1007 -57.44 27.10 -21.36
N ILE B 1008 -57.38 28.26 -20.70
CA ILE B 1008 -56.14 28.90 -20.23
C ILE B 1008 -55.41 28.02 -19.20
N MET B 1009 -56.13 27.39 -18.28
CA MET B 1009 -55.54 26.51 -17.26
C MET B 1009 -54.82 25.30 -17.86
N ILE B 1010 -55.40 24.66 -18.89
CA ILE B 1010 -54.93 23.38 -19.45
C ILE B 1010 -53.47 23.44 -19.94
N LYS B 1011 -53.00 24.60 -20.40
CA LYS B 1011 -51.62 24.81 -20.88
C LYS B 1011 -50.56 24.35 -19.87
N TYR B 1012 -50.77 24.63 -18.58
CA TYR B 1012 -49.79 24.39 -17.50
C TYR B 1012 -49.49 22.89 -17.23
N GLN B 1013 -50.52 22.04 -17.18
CA GLN B 1013 -50.43 20.60 -16.94
C GLN B 1013 -49.63 19.89 -18.06
N ALA B 1014 -49.78 20.36 -19.30
CA ALA B 1014 -49.00 19.93 -20.45
C ALA B 1014 -47.54 20.41 -20.37
N ASP B 1015 -47.29 21.71 -20.23
CA ASP B 1015 -45.92 22.25 -20.24
C ASP B 1015 -45.08 21.78 -19.02
N SER B 1016 -45.67 21.76 -17.82
CA SER B 1016 -45.04 21.16 -16.63
C SER B 1016 -44.99 19.63 -16.63
N SER B 1017 -45.39 18.95 -17.72
CA SER B 1017 -45.15 17.50 -17.97
C SER B 1017 -44.32 17.22 -19.24
N LYS B 1018 -44.28 18.15 -20.20
CA LYS B 1018 -43.22 18.30 -21.21
C LYS B 1018 -41.86 18.55 -20.53
N SER B 1019 -41.83 19.27 -19.41
CA SER B 1019 -40.64 19.43 -18.56
C SER B 1019 -40.21 18.12 -17.89
N GLU B 1020 -41.13 17.19 -17.60
CA GLU B 1020 -40.82 15.84 -17.13
C GLU B 1020 -40.29 14.95 -18.27
N SER B 1021 -40.87 15.07 -19.47
CA SER B 1021 -40.36 14.42 -20.69
C SER B 1021 -38.92 14.86 -21.01
N LEU B 1022 -38.65 16.18 -21.01
CA LEU B 1022 -37.32 16.70 -21.31
C LEU B 1022 -36.33 16.56 -20.13
N SER B 1023 -36.82 16.46 -18.89
CA SER B 1023 -35.99 16.05 -17.73
C SER B 1023 -35.51 14.59 -17.86
N VAL B 1024 -36.35 13.67 -18.36
CA VAL B 1024 -35.93 12.31 -18.74
C VAL B 1024 -34.97 12.34 -19.94
N SER B 1025 -35.22 13.22 -20.92
CA SER B 1025 -34.38 13.40 -22.11
C SER B 1025 -32.94 13.86 -21.78
N GLU B 1026 -32.78 14.74 -20.78
CA GLU B 1026 -31.46 15.08 -20.21
C GLU B 1026 -30.90 13.95 -19.34
N SER B 1027 -31.70 13.32 -18.47
CA SER B 1027 -31.23 12.28 -17.55
C SER B 1027 -30.64 11.07 -18.29
N TYR B 1028 -31.29 10.58 -19.35
CA TYR B 1028 -30.75 9.49 -20.19
C TYR B 1028 -29.44 9.89 -20.89
N ARG B 1029 -29.26 11.18 -21.23
CA ARG B 1029 -28.01 11.74 -21.79
C ARG B 1029 -26.89 11.82 -20.74
N ARG B 1030 -27.22 12.22 -19.51
CA ARG B 1030 -26.27 12.24 -18.35
C ARG B 1030 -25.83 10.84 -17.92
N ARG B 1031 -26.71 9.83 -18.00
CA ARG B 1031 -26.47 8.46 -17.49
C ARG B 1031 -25.27 7.77 -18.15
N ARG B 1032 -25.14 7.81 -19.48
CA ARG B 1032 -24.08 7.11 -20.23
C ARG B 1032 -22.66 7.49 -19.79
N GLN B 1033 -22.44 8.76 -19.41
CA GLN B 1033 -21.11 9.27 -19.02
C GLN B 1033 -20.50 8.55 -17.80
N GLU B 1034 -21.32 8.09 -16.86
CA GLU B 1034 -20.84 7.40 -15.65
C GLU B 1034 -20.27 6.00 -15.94
N TRP B 1035 -20.85 5.32 -16.93
CA TRP B 1035 -20.42 4.01 -17.41
C TRP B 1035 -19.27 4.11 -18.43
N GLU B 1036 -19.27 5.16 -19.26
CA GLU B 1036 -18.17 5.53 -20.17
C GLU B 1036 -16.83 5.70 -19.43
N LEU B 1037 -16.83 6.45 -18.32
CA LEU B 1037 -15.66 6.62 -17.46
C LEU B 1037 -15.27 5.31 -16.75
N GLN B 1038 -16.26 4.59 -16.20
CA GLN B 1038 -16.02 3.39 -15.41
C GLN B 1038 -15.37 2.26 -16.21
N TYR B 1039 -15.78 2.04 -17.46
CA TYR B 1039 -15.15 1.02 -18.31
C TYR B 1039 -13.72 1.41 -18.71
N LYS B 1040 -13.51 2.67 -19.14
CA LYS B 1040 -12.22 3.10 -19.72
C LYS B 1040 -11.11 3.23 -18.67
N GLN B 1041 -11.44 3.65 -17.45
CA GLN B 1041 -10.50 3.60 -16.32
C GLN B 1041 -10.13 2.15 -15.97
N ALA B 1042 -11.10 1.23 -15.92
CA ALA B 1042 -10.82 -0.18 -15.67
C ALA B 1042 -9.98 -0.81 -16.81
N GLU B 1043 -10.28 -0.51 -18.07
CA GLU B 1043 -9.53 -0.94 -19.25
C GLU B 1043 -8.06 -0.47 -19.22
N TRP B 1044 -7.80 0.74 -18.72
CA TRP B 1044 -6.44 1.24 -18.55
C TRP B 1044 -5.72 0.68 -17.31
N GLU B 1045 -6.43 0.27 -16.26
CA GLU B 1045 -5.80 -0.52 -15.17
C GLU B 1045 -5.51 -1.97 -15.57
N VAL B 1046 -6.31 -2.57 -16.46
CA VAL B 1046 -5.96 -3.83 -17.16
C VAL B 1046 -4.68 -3.66 -17.99
N ASN B 1047 -4.42 -2.45 -18.53
CA ASN B 1047 -3.15 -2.09 -19.16
C ASN B 1047 -2.02 -1.91 -18.12
N SER B 1048 -2.27 -1.23 -17.00
CA SER B 1048 -1.27 -0.95 -15.96
C SER B 1048 -0.75 -2.22 -15.25
N VAL B 1049 -1.63 -3.19 -14.95
CA VAL B 1049 -1.25 -4.46 -14.28
C VAL B 1049 -0.27 -5.30 -15.10
N GLU B 1050 -0.25 -5.15 -16.43
CA GLU B 1050 0.63 -5.92 -17.32
C GLU B 1050 2.13 -5.65 -17.07
N GLN B 1051 2.49 -4.47 -16.59
CA GLN B 1051 3.88 -4.17 -16.19
C GLN B 1051 4.31 -4.95 -14.95
N GLN B 1052 3.43 -5.11 -13.96
CA GLN B 1052 3.74 -5.77 -12.69
C GLN B 1052 3.99 -7.28 -12.85
N ILE B 1053 3.24 -7.94 -13.75
CA ILE B 1053 3.47 -9.35 -14.10
C ILE B 1053 4.73 -9.54 -14.97
N ASN B 1054 5.01 -8.64 -15.92
CA ASN B 1054 6.23 -8.69 -16.75
C ASN B 1054 7.52 -8.45 -15.94
N LEU B 1055 7.48 -7.58 -14.92
CA LEU B 1055 8.58 -7.31 -13.99
C LEU B 1055 9.03 -8.56 -13.22
N GLN B 1056 8.15 -9.52 -12.92
CA GLN B 1056 8.48 -10.66 -12.06
C GLN B 1056 9.51 -11.64 -12.67
N ASN B 1057 9.65 -11.64 -14.00
CA ASN B 1057 10.69 -12.41 -14.70
C ASN B 1057 12.11 -12.07 -14.21
N MET B 1058 12.37 -10.82 -13.83
CA MET B 1058 13.69 -10.38 -13.38
C MET B 1058 14.09 -11.01 -12.04
N GLN B 1059 13.17 -11.12 -11.07
CA GLN B 1059 13.44 -11.75 -9.78
C GLN B 1059 13.49 -13.28 -9.89
N ILE B 1060 12.73 -13.88 -10.82
CA ILE B 1060 12.83 -15.30 -11.13
C ILE B 1060 14.23 -15.64 -11.71
N LYS B 1061 14.74 -14.80 -12.62
CA LYS B 1061 16.12 -14.89 -13.12
C LYS B 1061 17.16 -14.65 -12.03
N ALA B 1062 16.98 -13.64 -11.18
CA ALA B 1062 17.89 -13.33 -10.08
C ALA B 1062 18.01 -14.49 -9.09
N ALA B 1063 16.90 -15.12 -8.67
CA ALA B 1063 16.91 -16.26 -7.76
C ALA B 1063 17.65 -17.49 -8.33
N ASN B 1064 17.52 -17.76 -9.63
CA ASN B 1064 18.30 -18.81 -10.30
C ASN B 1064 19.79 -18.45 -10.40
N LYS B 1065 20.11 -17.22 -10.81
CA LYS B 1065 21.49 -16.69 -10.87
C LYS B 1065 22.16 -16.50 -9.49
N ARG B 1066 21.38 -16.52 -8.41
CA ARG B 1066 21.82 -16.56 -7.00
C ARG B 1066 22.22 -17.98 -6.57
N LEU B 1067 21.31 -18.95 -6.73
CA LEU B 1067 21.47 -20.31 -6.21
C LEU B 1067 22.72 -21.05 -6.77
N GLU B 1068 23.01 -20.88 -8.07
CA GLU B 1068 24.16 -21.54 -8.73
C GLU B 1068 25.54 -21.10 -8.20
N GLN B 1069 25.64 -19.95 -7.53
CA GLN B 1069 26.90 -19.44 -6.97
C GLN B 1069 27.32 -20.19 -5.71
N VAL B 1070 26.35 -20.64 -4.89
CA VAL B 1070 26.63 -21.42 -3.68
C VAL B 1070 27.14 -22.81 -4.05
N GLU B 1071 26.60 -23.41 -5.10
CA GLU B 1071 27.08 -24.66 -5.69
C GLU B 1071 28.51 -24.54 -6.25
N ALA B 1072 28.81 -23.45 -6.98
CA ALA B 1072 30.15 -23.17 -7.49
C ALA B 1072 31.17 -23.03 -6.35
N GLN B 1073 30.84 -22.26 -5.31
CA GLN B 1073 31.63 -22.09 -4.09
C GLN B 1073 31.89 -23.42 -3.36
N GLN B 1074 30.85 -24.25 -3.17
CA GLN B 1074 31.00 -25.57 -2.55
C GLN B 1074 31.96 -26.46 -3.33
N GLN B 1075 31.79 -26.58 -4.64
CA GLN B 1075 32.61 -27.46 -5.47
C GLN B 1075 34.07 -26.98 -5.58
N GLN B 1076 34.35 -25.67 -5.61
CA GLN B 1076 35.74 -25.19 -5.57
C GLN B 1076 36.37 -25.26 -4.17
N ALA B 1077 35.59 -25.19 -3.08
CA ALA B 1077 36.09 -25.49 -1.74
C ALA B 1077 36.50 -26.98 -1.60
N MET B 1078 35.76 -27.89 -2.22
CA MET B 1078 36.13 -29.30 -2.36
C MET B 1078 37.38 -29.48 -3.26
N ALA B 1079 37.50 -28.73 -4.35
CA ALA B 1079 38.70 -28.72 -5.20
C ALA B 1079 39.95 -28.15 -4.50
N LEU B 1080 39.81 -27.18 -3.60
CA LEU B 1080 40.90 -26.70 -2.73
C LEU B 1080 41.34 -27.76 -1.72
N LEU B 1081 40.40 -28.50 -1.12
CA LEU B 1081 40.71 -29.62 -0.21
C LEU B 1081 41.44 -30.75 -0.94
N ASP B 1082 41.05 -31.06 -2.19
CA ASP B 1082 41.80 -31.97 -3.08
C ASP B 1082 43.21 -31.42 -3.39
N TYR B 1083 43.35 -30.16 -3.79
CA TYR B 1083 44.65 -29.58 -4.12
C TYR B 1083 45.61 -29.52 -2.91
N PHE B 1084 45.09 -29.25 -1.72
CA PHE B 1084 45.81 -29.30 -0.45
C PHE B 1084 46.19 -30.74 -0.05
N SER B 1085 45.25 -31.68 -0.09
CA SER B 1085 45.51 -33.10 0.27
C SER B 1085 46.36 -33.85 -0.77
N GLU B 1086 46.56 -33.29 -1.97
CA GLU B 1086 47.50 -33.75 -3.00
C GLU B 1086 48.78 -32.89 -3.12
N ARG B 1087 49.05 -31.99 -2.15
CA ARG B 1087 50.35 -31.31 -1.94
C ARG B 1087 51.45 -32.34 -1.60
N PHE B 1088 52.68 -32.15 -2.08
CA PHE B 1088 53.79 -33.07 -1.79
C PHE B 1088 54.09 -33.16 -0.29
N THR B 1089 54.48 -32.06 0.36
CA THR B 1089 54.78 -32.00 1.80
C THR B 1089 53.51 -31.90 2.67
N ASN B 1090 52.56 -32.80 2.40
CA ASN B 1090 51.39 -33.08 3.24
C ASN B 1090 51.79 -33.85 4.52
N GLU B 1091 50.78 -34.11 5.36
CA GLU B 1091 50.88 -34.77 6.67
C GLU B 1091 51.71 -36.07 6.69
N SER B 1092 51.74 -36.82 5.58
CA SER B 1092 52.48 -38.09 5.50
C SER B 1092 54.00 -37.93 5.66
N LEU B 1093 54.61 -36.85 5.14
CA LEU B 1093 56.09 -36.74 5.12
C LEU B 1093 56.68 -36.44 6.50
N TYR B 1094 56.08 -35.52 7.25
CA TYR B 1094 56.45 -35.27 8.65
C TYR B 1094 56.23 -36.52 9.51
N THR B 1095 55.11 -37.22 9.28
CA THR B 1095 54.78 -38.49 9.96
C THR B 1095 55.84 -39.56 9.67
N TRP B 1096 56.23 -39.75 8.41
CA TRP B 1096 57.28 -40.69 8.02
C TRP B 1096 58.65 -40.33 8.64
N LEU B 1097 59.08 -39.06 8.60
CA LEU B 1097 60.33 -38.64 9.25
C LEU B 1097 60.31 -38.91 10.76
N ILE B 1098 59.30 -38.44 11.50
CA ILE B 1098 59.23 -38.57 12.96
C ILE B 1098 59.18 -40.04 13.38
N SER B 1099 58.36 -40.86 12.71
CA SER B 1099 58.21 -42.29 13.02
C SER B 1099 59.45 -43.15 12.69
N GLN B 1100 60.43 -42.63 11.94
CA GLN B 1100 61.79 -43.19 11.88
C GLN B 1100 62.74 -42.57 12.91
N LEU B 1101 62.81 -41.23 12.99
CA LEU B 1101 63.70 -40.49 13.91
C LEU B 1101 63.53 -40.85 15.39
N SER B 1102 62.32 -41.26 15.81
CA SER B 1102 62.03 -41.72 17.17
C SER B 1102 62.90 -42.91 17.60
N SER B 1103 63.35 -43.74 16.65
CA SER B 1103 64.29 -44.84 16.87
C SER B 1103 65.74 -44.37 16.96
N LEU B 1104 66.18 -43.41 16.13
CA LEU B 1104 67.55 -42.86 16.13
C LEU B 1104 67.88 -42.24 17.51
N TYR B 1105 66.92 -41.52 18.11
CA TYR B 1105 67.09 -40.91 19.43
C TYR B 1105 67.30 -41.96 20.54
N LEU B 1106 66.47 -43.00 20.59
CA LEU B 1106 66.57 -44.05 21.62
C LEU B 1106 67.81 -44.96 21.44
N GLN B 1107 68.18 -45.27 20.19
CA GLN B 1107 69.41 -46.02 19.87
C GLN B 1107 70.69 -45.26 20.30
N ALA B 1108 70.68 -43.92 20.26
CA ALA B 1108 71.74 -43.09 20.81
C ALA B 1108 71.68 -43.00 22.35
N TYR B 1109 70.51 -42.74 22.94
CA TYR B 1109 70.33 -42.56 24.38
C TYR B 1109 70.78 -43.77 25.22
N ASP B 1110 70.40 -45.00 24.85
CA ASP B 1110 70.81 -46.21 25.59
C ASP B 1110 72.33 -46.51 25.46
N ALA B 1111 73.01 -45.89 24.49
CA ALA B 1111 74.44 -46.09 24.19
C ALA B 1111 75.37 -45.02 24.81
N VAL B 1112 74.99 -43.74 24.80
CA VAL B 1112 75.90 -42.61 25.15
C VAL B 1112 76.32 -42.58 26.63
N LEU B 1113 75.47 -43.07 27.54
CA LEU B 1113 75.60 -42.89 28.98
C LEU B 1113 76.84 -43.55 29.60
N SER B 1114 77.41 -44.55 28.93
CA SER B 1114 78.64 -45.22 29.35
C SER B 1114 79.87 -44.31 29.20
N LEU B 1115 79.84 -43.33 28.30
CA LEU B 1115 80.94 -42.38 28.12
C LEU B 1115 81.07 -41.45 29.34
N CYS B 1116 79.96 -40.84 29.79
CA CYS B 1116 79.98 -40.02 30.99
C CYS B 1116 80.11 -40.86 32.28
N LEU B 1117 79.55 -42.07 32.35
CA LEU B 1117 79.79 -42.97 33.48
C LEU B 1117 81.27 -43.36 33.61
N SER B 1118 81.94 -43.71 32.51
CA SER B 1118 83.36 -44.03 32.52
C SER B 1118 84.25 -42.80 32.78
N ALA B 1119 83.79 -41.59 32.42
CA ALA B 1119 84.41 -40.34 32.86
C ALA B 1119 84.37 -40.17 34.39
N GLU B 1120 83.24 -40.45 35.07
CA GLU B 1120 83.21 -40.52 36.54
C GLU B 1120 84.17 -41.58 37.09
N ALA B 1121 84.09 -42.81 36.57
CA ALA B 1121 84.90 -43.93 37.06
C ALA B 1121 86.41 -43.66 36.93
N SER B 1122 86.82 -43.08 35.79
CA SER B 1122 88.22 -42.70 35.53
C SER B 1122 88.67 -41.47 36.32
N LEU B 1123 87.84 -40.44 36.50
CA LEU B 1123 88.17 -39.27 37.34
C LEU B 1123 88.49 -39.69 38.77
N LEU B 1124 87.59 -40.46 39.38
CA LEU B 1124 87.69 -40.87 40.78
C LEU B 1124 88.81 -41.88 41.02
N TYR B 1125 89.17 -42.71 40.04
CA TYR B 1125 90.38 -43.54 40.13
C TYR B 1125 91.66 -42.74 39.90
N GLU B 1126 91.74 -41.95 38.83
CA GLU B 1126 92.98 -41.28 38.40
C GLU B 1126 93.42 -40.14 39.35
N LEU B 1127 92.48 -39.50 40.06
CA LEU B 1127 92.76 -38.62 41.20
C LEU B 1127 92.66 -39.32 42.58
N ASN B 1128 92.28 -40.60 42.66
CA ASN B 1128 92.04 -41.36 43.90
C ASN B 1128 91.13 -40.59 44.90
N LEU B 1129 89.84 -40.43 44.55
CA LEU B 1129 88.86 -39.58 45.25
C LEU B 1129 87.64 -40.34 45.79
N GLY B 1130 87.04 -39.82 46.87
CA GLY B 1130 85.75 -40.26 47.40
C GLY B 1130 84.55 -39.88 46.52
N GLU B 1131 83.37 -40.43 46.83
CA GLU B 1131 82.17 -40.39 45.97
C GLU B 1131 81.57 -38.97 45.80
N GLN B 1132 81.05 -38.70 44.58
CA GLN B 1132 80.34 -37.46 44.23
C GLN B 1132 79.08 -37.68 43.36
N SER B 1133 78.92 -38.84 42.71
CA SER B 1133 77.71 -39.31 42.00
C SER B 1133 77.05 -38.25 41.07
N PHE B 1134 77.76 -37.82 40.04
CA PHE B 1134 77.25 -36.89 39.03
C PHE B 1134 76.28 -37.55 38.04
N VAL B 1135 76.58 -38.76 37.56
CA VAL B 1135 75.83 -39.44 36.48
C VAL B 1135 74.75 -40.35 37.06
N GLY B 1136 73.64 -39.74 37.49
CA GLY B 1136 72.46 -40.44 37.99
C GLY B 1136 71.66 -41.09 36.86
N GLY B 1137 71.30 -42.36 37.03
CA GLY B 1137 70.47 -43.12 36.09
C GLY B 1137 68.99 -42.75 36.16
N GLY B 1138 68.24 -43.06 35.10
CA GLY B 1138 66.78 -42.90 35.02
C GLY B 1138 66.26 -41.61 34.37
N GLY B 1139 67.10 -40.87 33.64
CA GLY B 1139 66.77 -39.56 33.03
C GLY B 1139 65.76 -39.60 31.86
N TRP B 1140 65.43 -40.77 31.34
CA TRP B 1140 64.42 -40.96 30.28
C TRP B 1140 63.00 -40.60 30.74
N ASN B 1141 62.10 -40.30 29.80
CA ASN B 1141 60.70 -39.97 30.09
C ASN B 1141 59.74 -40.68 29.11
N ASP B 1142 58.65 -41.26 29.62
CA ASP B 1142 57.65 -42.04 28.86
C ASP B 1142 56.25 -41.42 28.82
N LEU B 1143 56.14 -40.14 29.17
CA LEU B 1143 55.01 -39.28 28.80
C LEU B 1143 55.36 -38.44 27.56
N TYR B 1144 56.65 -38.06 27.47
CA TYR B 1144 57.22 -37.10 26.51
C TYR B 1144 58.40 -37.68 25.69
N GLN B 1145 58.53 -39.02 25.69
CA GLN B 1145 59.42 -39.80 24.81
C GLN B 1145 60.88 -39.29 24.79
N GLY B 1146 61.45 -39.15 25.99
CA GLY B 1146 62.85 -38.81 26.21
C GLY B 1146 63.25 -37.35 25.94
N LEU B 1147 62.32 -36.42 25.71
CA LEU B 1147 62.63 -34.99 25.61
C LEU B 1147 63.43 -34.49 26.83
N MET B 1148 64.36 -33.56 26.60
CA MET B 1148 65.33 -33.03 27.58
C MET B 1148 66.30 -34.06 28.23
N ALA B 1149 66.29 -35.35 27.86
CA ALA B 1149 67.15 -36.38 28.45
C ALA B 1149 68.65 -36.35 28.04
N GLY B 1150 69.09 -35.31 27.32
CA GLY B 1150 70.48 -35.09 26.91
C GLY B 1150 71.12 -33.84 27.54
N GLU B 1151 70.37 -32.75 27.70
CA GLU B 1151 70.84 -31.48 28.29
C GLU B 1151 71.33 -31.64 29.74
N THR B 1152 70.78 -32.62 30.48
CA THR B 1152 71.25 -33.02 31.82
C THR B 1152 72.67 -33.57 31.81
N LEU B 1153 73.11 -34.22 30.73
CA LEU B 1153 74.45 -34.79 30.59
C LEU B 1153 75.51 -33.69 30.44
N LYS B 1154 75.18 -32.58 29.76
CA LYS B 1154 76.05 -31.38 29.72
C LYS B 1154 76.29 -30.83 31.13
N LEU B 1155 75.22 -30.65 31.91
CA LEU B 1155 75.35 -30.21 33.31
C LEU B 1155 76.03 -31.24 34.21
N ALA B 1156 75.93 -32.55 33.93
CA ALA B 1156 76.70 -33.58 34.64
C ALA B 1156 78.21 -33.42 34.38
N LEU B 1157 78.61 -33.21 33.13
CA LEU B 1157 79.99 -32.97 32.73
C LEU B 1157 80.52 -31.65 33.31
N MET B 1158 79.71 -30.59 33.37
CA MET B 1158 80.08 -29.31 34.03
C MET B 1158 80.33 -29.49 35.54
N ARG B 1159 79.44 -30.21 36.25
CA ARG B 1159 79.61 -30.53 37.68
C ARG B 1159 80.84 -31.41 37.94
N MET B 1160 81.15 -32.31 37.01
CA MET B 1160 82.30 -33.21 37.03
C MET B 1160 83.64 -32.50 36.78
N GLU B 1161 83.72 -31.70 35.70
CA GLU B 1161 84.93 -31.00 35.25
C GLU B 1161 85.56 -30.14 36.35
N ARG B 1162 84.70 -29.44 37.10
CA ARG B 1162 85.10 -28.52 38.18
C ARG B 1162 85.84 -29.22 39.33
N VAL B 1163 85.67 -30.54 39.52
CA VAL B 1163 86.49 -31.33 40.47
C VAL B 1163 87.94 -31.40 39.98
N TYR B 1164 88.15 -31.53 38.66
CA TYR B 1164 89.48 -31.55 38.06
C TYR B 1164 90.14 -30.15 38.06
N VAL B 1165 89.33 -29.09 37.88
CA VAL B 1165 89.80 -27.69 37.97
C VAL B 1165 90.41 -27.38 39.35
N GLU B 1166 89.80 -27.87 40.43
CA GLU B 1166 90.35 -27.74 41.79
C GLU B 1166 91.47 -28.74 42.11
N GLN B 1167 91.18 -30.05 42.03
CA GLN B 1167 91.88 -31.11 42.77
C GLN B 1167 93.13 -31.66 42.06
N ASN B 1168 93.76 -30.87 41.19
CA ASN B 1168 95.04 -31.21 40.57
C ASN B 1168 96.17 -30.31 41.11
N SER B 1169 97.22 -30.94 41.60
CA SER B 1169 98.47 -30.36 42.13
C SER B 1169 99.56 -31.44 42.13
N ARG B 1170 100.84 -31.07 42.28
CA ARG B 1170 101.92 -32.06 42.45
C ARG B 1170 101.85 -32.68 43.84
N ARG B 1171 101.46 -33.96 43.92
CA ARG B 1171 101.64 -34.80 45.12
C ARG B 1171 103.14 -35.11 45.30
N GLN B 1172 103.56 -35.62 46.45
CA GLN B 1172 104.99 -35.80 46.77
C GLN B 1172 105.57 -36.99 45.99
N GLU B 1173 106.04 -36.77 44.76
CA GLU B 1173 106.61 -37.84 43.94
C GLU B 1173 107.99 -38.29 44.46
N ILE B 1174 108.10 -39.59 44.76
CA ILE B 1174 109.26 -40.27 45.35
C ILE B 1174 109.69 -41.41 44.41
N THR B 1175 111.00 -41.67 44.38
CA THR B 1175 111.62 -42.79 43.67
C THR B 1175 112.38 -43.68 44.64
N LYS B 1176 112.34 -45.00 44.42
CA LYS B 1176 112.86 -46.02 45.34
C LYS B 1176 113.48 -47.21 44.60
N THR B 1177 114.41 -47.90 45.25
CA THR B 1177 114.98 -49.17 44.76
C THR B 1177 115.31 -50.12 45.91
N ILE B 1178 115.38 -51.42 45.62
CA ILE B 1178 115.72 -52.50 46.57
C ILE B 1178 116.47 -53.63 45.85
N SER B 1179 117.34 -54.32 46.59
CA SER B 1179 118.02 -55.57 46.23
C SER B 1179 117.41 -56.72 47.03
N LEU B 1180 117.09 -57.85 46.41
CA LEU B 1180 116.57 -59.02 47.14
C LEU B 1180 117.59 -59.57 48.15
N LYS B 1181 118.89 -59.57 47.83
CA LYS B 1181 119.97 -59.93 48.78
C LYS B 1181 119.96 -59.00 50.01
N ALA B 1182 119.82 -57.69 49.81
CA ALA B 1182 119.72 -56.70 50.88
C ALA B 1182 118.39 -56.79 51.67
N LEU B 1183 117.29 -57.13 51.00
CA LEU B 1183 115.95 -57.27 51.57
C LEU B 1183 115.84 -58.49 52.49
N LEU B 1184 116.20 -59.66 51.96
CA LEU B 1184 115.94 -60.97 52.57
C LEU B 1184 117.11 -61.48 53.43
N GLY B 1185 118.35 -61.14 53.09
CA GLY B 1185 119.56 -61.70 53.70
C GLY B 1185 120.02 -63.02 53.08
N GLU B 1186 121.29 -63.38 53.31
CA GLU B 1186 122.04 -64.43 52.60
C GLU B 1186 121.43 -65.84 52.64
N SER B 1187 120.62 -66.14 53.66
CA SER B 1187 119.88 -67.40 53.78
C SER B 1187 118.90 -67.65 52.62
N TRP B 1188 118.36 -66.61 51.98
CA TRP B 1188 117.44 -66.75 50.85
C TRP B 1188 118.14 -66.96 49.49
N PRO B 1189 119.23 -66.24 49.14
CA PRO B 1189 120.11 -66.63 48.03
C PRO B 1189 120.78 -68.02 48.19
N ALA B 1190 120.84 -68.57 49.41
CA ALA B 1190 121.18 -69.97 49.65
C ALA B 1190 119.99 -70.94 49.42
N GLU B 1191 118.80 -70.60 49.94
CA GLU B 1191 117.55 -71.37 49.77
C GLU B 1191 117.08 -71.42 48.31
N LEU B 1192 117.43 -70.39 47.52
CA LEU B 1192 117.19 -70.24 46.08
C LEU B 1192 117.62 -71.46 45.25
N ASN B 1193 118.50 -72.34 45.75
CA ASN B 1193 118.81 -73.62 45.11
C ASN B 1193 117.58 -74.56 44.95
N LYS B 1194 116.50 -74.36 45.70
CA LYS B 1194 115.16 -74.91 45.39
C LYS B 1194 114.37 -74.01 44.40
N LEU B 1195 114.28 -72.72 44.72
CA LEU B 1195 113.44 -71.75 43.98
C LEU B 1195 113.90 -71.47 42.54
N LYS B 1196 115.14 -71.85 42.17
CA LYS B 1196 115.62 -71.90 40.77
C LYS B 1196 114.72 -72.77 39.88
N GLN B 1197 114.20 -73.89 40.39
CA GLN B 1197 113.48 -74.89 39.58
C GLN B 1197 112.02 -75.12 40.03
N LYS B 1198 111.75 -75.22 41.34
CA LYS B 1198 110.48 -75.77 41.87
C LYS B 1198 109.33 -74.77 41.98
N THR B 1199 109.60 -73.51 42.32
CA THR B 1199 108.57 -72.53 42.75
C THR B 1199 108.86 -71.11 42.24
N PRO B 1200 107.86 -70.21 42.23
CA PRO B 1200 108.10 -68.77 42.28
C PRO B 1200 108.85 -68.34 43.56
N ILE B 1201 109.27 -67.07 43.59
CA ILE B 1201 109.78 -66.36 44.77
C ILE B 1201 108.71 -65.36 45.23
N ASN B 1202 108.39 -65.33 46.52
CA ASN B 1202 107.20 -64.72 47.11
C ASN B 1202 107.53 -63.45 47.93
N PHE B 1203 106.83 -62.33 47.70
CA PHE B 1203 107.15 -61.01 48.27
C PHE B 1203 105.93 -60.21 48.79
N ASN B 1204 106.20 -59.22 49.67
CA ASN B 1204 105.26 -58.19 50.14
C ASN B 1204 106.08 -56.98 50.68
N LEU B 1205 105.81 -55.77 50.17
CA LEU B 1205 106.53 -54.53 50.52
C LEU B 1205 106.09 -53.94 51.89
N GLU B 1206 106.37 -54.68 52.96
CA GLU B 1206 106.04 -54.34 54.34
C GLU B 1206 106.84 -53.13 54.89
N GLU B 1207 106.33 -52.46 55.93
CA GLU B 1207 106.76 -51.11 56.31
C GLU B 1207 108.23 -50.99 56.74
N GLN B 1208 108.86 -52.04 57.28
CA GLN B 1208 110.21 -51.97 57.86
C GLN B 1208 111.33 -51.69 56.84
N ILE B 1209 111.05 -51.82 55.54
CA ILE B 1209 111.92 -51.42 54.43
C ILE B 1209 111.32 -50.32 53.55
N PHE B 1210 110.00 -50.29 53.33
CA PHE B 1210 109.39 -49.32 52.42
C PHE B 1210 109.08 -47.96 53.07
N VAL B 1211 108.75 -47.93 54.37
CA VAL B 1211 108.23 -46.75 55.09
C VAL B 1211 109.10 -46.36 56.29
N GLU B 1212 109.35 -47.28 57.23
CA GLU B 1212 110.11 -46.99 58.46
C GLU B 1212 111.58 -46.65 58.21
N ASP B 1213 112.14 -47.07 57.07
CA ASP B 1213 113.50 -46.77 56.63
C ASP B 1213 113.61 -45.44 55.84
N TYR B 1214 112.51 -44.68 55.75
CA TYR B 1214 112.32 -43.47 54.97
C TYR B 1214 111.45 -42.45 55.76
N GLN B 1215 111.31 -41.21 55.28
CA GLN B 1215 110.39 -40.24 55.90
C GLN B 1215 108.91 -40.69 55.81
N GLU B 1216 108.16 -40.47 56.89
CA GLU B 1216 106.77 -40.89 57.08
C GLU B 1216 105.76 -40.16 56.17
N LEU B 1217 104.57 -40.75 56.00
CA LEU B 1217 103.50 -40.28 55.11
C LEU B 1217 102.10 -40.68 55.61
N TYR B 1218 101.08 -39.90 55.25
CA TYR B 1218 99.66 -40.18 55.48
C TYR B 1218 99.06 -41.07 54.37
N GLN B 1219 99.44 -40.85 53.10
CA GLN B 1219 98.97 -41.58 51.92
C GLN B 1219 100.09 -41.87 50.91
N ARG B 1220 99.86 -42.84 50.01
CA ARG B 1220 100.86 -43.51 49.16
C ARG B 1220 100.21 -44.15 47.93
N ARG B 1221 100.53 -43.75 46.69
CA ARG B 1221 99.99 -44.36 45.45
C ARG B 1221 101.04 -44.51 44.33
N ILE B 1222 101.16 -45.71 43.76
CA ILE B 1222 102.17 -46.10 42.74
C ILE B 1222 101.95 -45.37 41.41
N LYS B 1223 103.05 -45.20 40.65
CA LYS B 1223 103.10 -44.59 39.31
C LYS B 1223 103.82 -45.44 38.26
N SER B 1224 104.93 -46.12 38.62
CA SER B 1224 105.70 -47.00 37.73
C SER B 1224 106.58 -47.98 38.51
N VAL B 1225 107.01 -49.07 37.87
CA VAL B 1225 107.98 -50.05 38.41
C VAL B 1225 108.88 -50.62 37.30
N SER B 1226 110.07 -51.14 37.66
CA SER B 1226 110.96 -51.89 36.74
C SER B 1226 111.97 -52.78 37.48
N VAL B 1227 112.59 -53.72 36.74
CA VAL B 1227 113.47 -54.79 37.23
C VAL B 1227 114.79 -54.88 36.45
N SER B 1228 115.89 -55.13 37.16
CA SER B 1228 117.19 -55.54 36.59
C SER B 1228 117.71 -56.81 37.26
N LEU B 1229 118.40 -57.65 36.50
CA LEU B 1229 118.77 -59.01 36.89
C LEU B 1229 120.28 -59.25 36.80
N PRO B 1230 121.03 -59.06 37.91
CA PRO B 1230 122.42 -59.48 38.08
C PRO B 1230 122.68 -60.97 37.79
N MET B 1231 122.90 -61.30 36.51
CA MET B 1231 123.12 -62.64 35.99
C MET B 1231 124.11 -62.60 34.81
N LEU B 1232 124.86 -63.69 34.56
CA LEU B 1232 125.89 -63.76 33.50
C LEU B 1232 125.28 -64.06 32.11
N VAL B 1233 124.40 -63.17 31.63
CA VAL B 1233 123.70 -63.24 30.35
C VAL B 1233 124.19 -62.18 29.36
N GLY B 1234 124.58 -62.59 28.14
CA GLY B 1234 125.04 -61.70 27.06
C GLY B 1234 123.90 -61.12 26.19
N PRO B 1235 124.23 -60.23 25.21
CA PRO B 1235 123.24 -59.66 24.29
C PRO B 1235 122.59 -60.69 23.34
N TYR B 1236 123.28 -61.79 23.08
CA TYR B 1236 122.91 -62.88 22.16
C TYR B 1236 121.94 -63.92 22.77
N GLU B 1237 121.42 -63.71 23.99
CA GLU B 1237 120.58 -64.67 24.71
C GLU B 1237 119.42 -64.01 25.48
N ASP B 1238 118.41 -64.79 25.80
CA ASP B 1238 117.06 -64.38 26.22
C ASP B 1238 116.78 -64.65 27.71
N VAL B 1239 116.31 -63.62 28.42
CA VAL B 1239 116.03 -63.65 29.88
C VAL B 1239 114.52 -63.82 30.13
N CYS B 1240 113.98 -65.00 29.80
CA CYS B 1240 112.54 -65.27 29.68
C CYS B 1240 111.72 -65.29 30.99
N ALA B 1241 112.20 -64.66 32.07
CA ALA B 1241 111.54 -64.65 33.38
C ALA B 1241 110.22 -63.84 33.39
N GLN B 1242 109.51 -63.89 34.50
CA GLN B 1242 108.17 -63.34 34.72
C GLN B 1242 108.09 -62.63 36.08
N LEU B 1243 107.38 -61.50 36.12
CA LEU B 1243 106.93 -60.85 37.36
C LEU B 1243 105.41 -60.77 37.39
N THR B 1244 104.84 -60.76 38.59
CA THR B 1244 103.39 -60.67 38.83
C THR B 1244 103.08 -59.96 40.15
N GLN B 1245 101.96 -59.25 40.20
CA GLN B 1245 101.24 -58.86 41.42
C GLN B 1245 100.02 -59.77 41.54
N THR B 1246 99.70 -60.29 42.72
CA THR B 1246 98.58 -61.23 42.92
C THR B 1246 97.28 -60.72 42.24
N SER B 1247 96.63 -61.58 41.43
CA SER B 1247 95.81 -61.16 40.28
C SER B 1247 94.51 -61.98 40.14
N SER B 1248 93.55 -61.44 39.39
CA SER B 1248 92.31 -62.11 39.01
C SER B 1248 91.81 -61.67 37.63
N SER B 1249 91.00 -62.54 37.00
CA SER B 1249 90.34 -62.31 35.70
C SER B 1249 88.91 -62.88 35.70
N TYR B 1250 88.23 -62.75 36.85
CA TYR B 1250 87.13 -63.61 37.27
C TYR B 1250 85.85 -62.78 37.51
N SER B 1251 84.70 -63.39 37.26
CA SER B 1251 83.41 -62.69 37.14
C SER B 1251 82.51 -62.93 38.36
N THR B 1252 82.00 -61.84 38.95
CA THR B 1252 81.29 -61.81 40.25
C THR B 1252 79.88 -62.38 40.16
N ARG B 1253 79.55 -63.41 40.95
CA ARG B 1253 78.22 -64.07 40.96
C ARG B 1253 77.44 -63.87 42.28
N ALA B 1254 76.25 -63.29 42.17
CA ALA B 1254 75.31 -63.06 43.27
C ALA B 1254 74.38 -64.26 43.55
N ASP B 1255 73.70 -64.23 44.69
CA ASP B 1255 72.69 -65.18 45.16
C ASP B 1255 71.34 -65.07 44.39
N LEU B 1256 70.63 -66.19 44.22
CA LEU B 1256 69.19 -66.26 43.88
C LEU B 1256 68.59 -67.59 44.35
N LYS B 1257 67.26 -67.66 44.56
CA LYS B 1257 66.51 -68.87 44.92
C LYS B 1257 65.43 -69.24 43.88
N HIS B 1273 93.20 -66.79 33.28
CA HIS B 1273 92.88 -68.14 32.81
C HIS B 1273 92.80 -68.22 31.27
N LEU B 1274 92.74 -69.44 30.73
CA LEU B 1274 93.18 -69.86 29.39
C LEU B 1274 94.71 -69.74 29.19
N VAL B 1275 95.25 -70.50 28.24
CA VAL B 1275 96.69 -70.85 28.10
C VAL B 1275 97.63 -69.64 28.11
N ARG B 1276 98.16 -69.30 29.30
CA ARG B 1276 99.00 -68.12 29.58
C ARG B 1276 98.44 -66.81 29.00
N SER B 1277 97.11 -66.69 28.98
CA SER B 1277 96.42 -65.47 28.54
C SER B 1277 96.58 -64.31 29.55
N ILE B 1278 96.24 -63.09 29.12
CA ILE B 1278 96.50 -61.86 29.87
C ILE B 1278 95.32 -61.56 30.81
N GLN B 1279 95.56 -61.63 32.12
CA GLN B 1279 94.62 -61.11 33.13
C GLN B 1279 94.62 -59.57 33.10
N PRO B 1280 93.47 -58.89 33.27
CA PRO B 1280 93.34 -57.45 33.03
C PRO B 1280 94.18 -56.56 33.95
N ASN B 1281 94.69 -57.09 35.06
CA ASN B 1281 95.60 -56.41 35.99
C ASN B 1281 97.06 -56.33 35.50
N GLN B 1282 97.43 -57.04 34.42
CA GLN B 1282 98.75 -57.08 33.78
C GLN B 1282 99.88 -57.74 34.61
N GLN B 1283 100.75 -58.51 33.92
CA GLN B 1283 101.82 -59.34 34.49
C GLN B 1283 103.05 -59.32 33.57
N ILE B 1284 104.09 -58.55 33.91
CA ILE B 1284 105.21 -58.24 32.99
C ILE B 1284 106.20 -59.41 32.80
N SER B 1285 106.52 -59.71 31.53
CA SER B 1285 107.45 -60.77 31.13
C SER B 1285 108.78 -60.17 30.66
N LEU B 1286 109.89 -60.62 31.25
CA LEU B 1286 111.25 -60.14 31.00
C LEU B 1286 111.81 -60.61 29.65
N SER B 1287 112.86 -59.93 29.16
CA SER B 1287 113.51 -60.20 27.88
C SER B 1287 115.02 -59.92 27.91
N THR B 1288 115.42 -58.74 28.39
CA THR B 1288 116.80 -58.23 28.47
C THR B 1288 117.50 -58.52 29.80
N GLY B 1289 116.75 -58.66 30.91
CA GLY B 1289 117.32 -58.70 32.26
C GLY B 1289 117.82 -57.34 32.79
N VAL B 1290 117.34 -56.23 32.21
CA VAL B 1290 117.64 -54.83 32.55
C VAL B 1290 116.31 -54.05 32.55
N ASN B 1291 116.23 -52.85 33.14
CA ASN B 1291 115.00 -52.09 33.41
C ASN B 1291 114.01 -51.94 32.23
N ASP B 1292 114.45 -52.03 30.96
CA ASP B 1292 113.55 -52.05 29.79
C ASP B 1292 112.76 -53.37 29.62
N SER B 1293 113.07 -54.41 30.41
CA SER B 1293 112.20 -55.56 30.70
C SER B 1293 111.01 -55.23 31.62
N GLY B 1294 111.02 -54.07 32.30
CA GLY B 1294 109.98 -53.65 33.26
C GLY B 1294 108.88 -52.77 32.66
N LEU B 1295 109.20 -51.96 31.63
CA LEU B 1295 108.25 -51.21 30.80
C LEU B 1295 108.84 -51.00 29.38
N PHE B 1296 107.96 -50.89 28.37
CA PHE B 1296 108.35 -50.74 26.95
C PHE B 1296 107.85 -49.42 26.34
N MET B 1297 108.67 -48.83 25.45
CA MET B 1297 108.42 -47.65 24.58
C MET B 1297 108.09 -46.31 25.27
N LEU B 1298 107.24 -46.32 26.29
CA LEU B 1298 106.62 -45.16 26.93
C LEU B 1298 107.63 -44.38 27.78
N ASN B 1299 107.60 -43.05 27.67
CA ASN B 1299 108.40 -42.15 28.50
C ASN B 1299 107.69 -41.86 29.84
N PHE B 1300 106.79 -40.87 29.86
CA PHE B 1300 106.13 -40.31 31.05
C PHE B 1300 104.62 -40.10 30.85
N ASP B 1301 104.08 -40.47 29.68
CA ASP B 1301 102.66 -40.36 29.29
C ASP B 1301 102.20 -41.55 28.43
N ASP B 1302 100.90 -41.85 28.49
CA ASP B 1302 100.13 -42.76 27.62
C ASP B 1302 98.64 -42.43 27.76
N GLU B 1303 97.79 -42.93 26.86
CA GLU B 1303 96.32 -42.85 26.97
C GLU B 1303 95.74 -43.62 28.17
N ARG B 1304 96.55 -44.48 28.80
CA ARG B 1304 96.14 -45.55 29.72
C ARG B 1304 97.10 -45.65 30.90
N PHE B 1305 96.58 -46.11 32.04
CA PHE B 1305 97.32 -46.28 33.29
C PHE B 1305 98.51 -47.23 33.13
N LEU B 1306 99.69 -46.88 33.66
CA LEU B 1306 100.90 -47.71 33.66
C LEU B 1306 100.79 -48.91 34.64
N PRO B 1307 101.73 -49.88 34.63
CA PRO B 1307 101.70 -51.02 35.56
C PRO B 1307 101.57 -50.58 37.03
N PHE B 1308 100.55 -51.12 37.70
CA PHE B 1308 100.16 -50.84 39.09
C PHE B 1308 99.78 -49.36 39.41
N GLU B 1309 99.66 -48.48 38.41
CA GLU B 1309 99.40 -47.05 38.64
C GLU B 1309 98.07 -46.81 39.38
N GLY B 1310 98.11 -46.01 40.45
CA GLY B 1310 96.95 -45.69 41.31
C GLY B 1310 96.70 -46.68 42.45
N SER B 1311 97.47 -47.78 42.54
CA SER B 1311 97.45 -48.74 43.65
C SER B 1311 98.25 -48.22 44.86
N GLY B 1312 97.86 -48.66 46.06
CA GLY B 1312 98.77 -48.68 47.21
C GLY B 1312 99.88 -49.75 47.08
N VAL B 1313 100.89 -49.67 47.96
CA VAL B 1313 102.05 -50.58 48.01
C VAL B 1313 101.86 -51.81 48.94
N ASP B 1314 100.65 -52.04 49.45
CA ASP B 1314 100.35 -53.11 50.42
C ASP B 1314 100.18 -54.51 49.78
N SER B 1315 100.33 -54.64 48.46
CA SER B 1315 100.15 -55.86 47.67
C SER B 1315 101.19 -56.97 47.96
N SER B 1316 100.99 -58.13 47.34
CA SER B 1316 101.97 -59.23 47.27
C SER B 1316 102.33 -59.55 45.82
N TRP B 1317 103.58 -59.97 45.60
CA TRP B 1317 104.19 -60.14 44.28
C TRP B 1317 104.91 -61.49 44.14
N ARG B 1318 105.15 -61.89 42.89
CA ARG B 1318 105.87 -63.11 42.51
C ARG B 1318 106.93 -62.84 41.43
N LEU B 1319 108.09 -63.49 41.57
CA LEU B 1319 109.07 -63.70 40.50
C LEU B 1319 109.09 -65.19 40.11
N GLN B 1320 108.94 -65.50 38.83
CA GLN B 1320 109.01 -66.86 38.30
C GLN B 1320 109.93 -66.87 37.06
N PHE B 1321 110.79 -67.88 36.92
CA PHE B 1321 111.72 -67.97 35.79
C PHE B 1321 111.07 -68.54 34.51
N THR B 1322 110.03 -69.37 34.62
CA THR B 1322 109.43 -70.11 33.49
C THR B 1322 110.53 -70.89 32.73
N ASN B 1323 110.46 -70.99 31.40
CA ASN B 1323 111.49 -71.63 30.55
C ASN B 1323 112.93 -71.12 30.77
N LEU B 1324 113.15 -69.94 31.37
CA LEU B 1324 114.49 -69.48 31.77
C LEU B 1324 115.16 -70.47 32.75
N LYS B 1325 114.37 -71.18 33.58
CA LYS B 1325 114.84 -72.23 34.49
C LYS B 1325 115.49 -73.43 33.80
N GLN B 1326 115.33 -73.58 32.49
CA GLN B 1326 115.99 -74.61 31.68
C GLN B 1326 117.46 -74.26 31.32
N ASN B 1327 117.91 -73.02 31.58
CA ASN B 1327 119.31 -72.60 31.40
C ASN B 1327 119.85 -71.69 32.52
N LEU B 1328 119.06 -71.38 33.54
CA LEU B 1328 119.42 -70.64 34.76
C LEU B 1328 120.61 -71.30 35.49
N ASP B 1329 121.77 -70.64 35.49
CA ASP B 1329 123.04 -71.22 36.00
C ASP B 1329 123.98 -70.21 36.69
N SER B 1330 123.62 -68.92 36.71
CA SER B 1330 124.57 -67.82 36.98
C SER B 1330 123.90 -66.53 37.49
N LEU B 1331 122.73 -66.65 38.14
CA LEU B 1331 122.03 -65.57 38.84
C LEU B 1331 122.70 -65.28 40.21
N ASN B 1332 122.71 -64.02 40.63
CA ASN B 1332 123.45 -63.56 41.82
C ASN B 1332 122.59 -62.72 42.78
N ASP B 1333 121.71 -61.87 42.24
CA ASP B 1333 120.82 -60.96 42.96
C ASP B 1333 119.69 -60.52 42.00
N VAL B 1334 118.64 -59.88 42.51
CA VAL B 1334 117.62 -59.20 41.70
C VAL B 1334 117.41 -57.78 42.24
N ILE B 1335 117.33 -56.80 41.33
CA ILE B 1335 117.15 -55.38 41.64
C ILE B 1335 115.79 -54.89 41.16
N LEU B 1336 115.05 -54.19 42.02
CA LEU B 1336 113.74 -53.59 41.71
C LEU B 1336 113.78 -52.07 41.88
N HIS B 1337 112.99 -51.35 41.08
CA HIS B 1337 112.83 -49.89 41.06
C HIS B 1337 111.34 -49.50 41.09
N VAL B 1338 110.97 -48.47 41.85
CA VAL B 1338 109.58 -48.00 42.05
C VAL B 1338 109.49 -46.47 41.94
N LYS B 1339 108.44 -45.96 41.27
CA LYS B 1339 107.96 -44.58 41.32
C LYS B 1339 106.60 -44.54 41.99
N TYR B 1340 106.40 -43.68 42.99
CA TYR B 1340 105.14 -43.50 43.69
C TYR B 1340 104.96 -42.06 44.19
N THR B 1341 103.74 -41.65 44.48
CA THR B 1341 103.45 -40.38 45.16
C THR B 1341 103.04 -40.63 46.60
N ALA B 1342 103.67 -39.92 47.53
CA ALA B 1342 103.23 -39.76 48.90
C ALA B 1342 102.32 -38.52 49.06
N ALA B 1343 101.69 -38.41 50.23
CA ALA B 1343 101.10 -37.18 50.76
C ALA B 1343 101.11 -37.21 52.30
N VAL C 92 -42.60 -100.12 -4.45
CA VAL C 92 -43.50 -99.98 -3.29
C VAL C 92 -43.45 -101.17 -2.32
N LYS C 93 -42.29 -101.32 -1.65
CA LYS C 93 -42.06 -102.17 -0.47
C LYS C 93 -43.17 -101.90 0.59
N PRO C 94 -43.53 -102.86 1.47
CA PRO C 94 -44.79 -102.86 2.23
C PRO C 94 -45.26 -101.50 2.78
N THR C 95 -46.21 -100.86 2.07
CA THR C 95 -46.68 -99.47 2.26
C THR C 95 -48.18 -99.33 1.94
N GLU C 96 -48.86 -98.42 2.62
CA GLU C 96 -50.31 -98.20 2.57
C GLU C 96 -50.68 -96.78 2.08
N ASN C 97 -51.88 -96.63 1.49
CA ASN C 97 -52.57 -95.35 1.29
C ASN C 97 -54.09 -95.48 1.53
N ILE C 98 -54.77 -94.33 1.63
CA ILE C 98 -56.13 -94.17 2.19
C ILE C 98 -57.03 -93.37 1.20
N PRO C 99 -58.33 -93.71 1.05
CA PRO C 99 -59.24 -93.07 0.09
C PRO C 99 -59.80 -91.72 0.57
N SER C 100 -60.38 -90.95 -0.35
CA SER C 100 -61.25 -89.81 -0.02
C SER C 100 -62.66 -90.28 0.40
N PRO C 101 -63.32 -89.64 1.39
CA PRO C 101 -64.65 -90.07 1.88
C PRO C 101 -65.80 -89.78 0.90
N ILE C 102 -65.61 -88.80 0.01
CA ILE C 102 -66.50 -88.46 -1.11
C ILE C 102 -65.65 -88.13 -2.34
N LEU C 103 -66.28 -88.16 -3.51
CA LEU C 103 -65.69 -87.79 -4.80
C LEU C 103 -66.57 -86.72 -5.48
N VAL C 104 -66.55 -85.53 -4.87
CA VAL C 104 -67.43 -84.35 -5.07
C VAL C 104 -68.90 -84.63 -4.78
N GLU C 105 -69.50 -85.55 -5.55
CA GLU C 105 -70.87 -86.04 -5.40
C GLU C 105 -71.96 -84.95 -5.53
N ASP C 106 -71.92 -84.19 -6.61
CA ASP C 106 -73.01 -83.28 -7.01
C ASP C 106 -74.24 -84.03 -7.59
N LYS C 107 -75.20 -83.30 -8.16
CA LYS C 107 -76.59 -83.74 -8.48
C LYS C 107 -76.69 -85.13 -9.12
N TYR C 108 -76.23 -85.25 -10.36
CA TYR C 108 -76.70 -86.20 -11.38
C TYR C 108 -76.73 -87.69 -10.96
N THR C 109 -75.57 -88.33 -10.94
CA THR C 109 -75.37 -89.80 -10.97
C THR C 109 -76.28 -90.60 -10.03
N GLU C 110 -76.46 -90.11 -8.80
CA GLU C 110 -77.27 -90.79 -7.78
C GLU C 110 -78.75 -90.98 -8.18
N GLU C 111 -79.27 -90.11 -9.05
CA GLU C 111 -80.59 -90.26 -9.69
C GLU C 111 -80.47 -90.88 -11.10
N THR C 112 -79.40 -90.55 -11.83
CA THR C 112 -79.09 -91.06 -13.18
C THR C 112 -79.05 -92.58 -13.26
N TYR C 113 -78.65 -93.27 -12.19
CA TYR C 113 -78.61 -94.73 -12.11
C TYR C 113 -79.88 -95.41 -12.66
N SER C 114 -81.06 -94.83 -12.41
CA SER C 114 -82.37 -95.40 -12.78
C SER C 114 -82.86 -95.05 -14.20
N ARG C 115 -82.14 -94.21 -14.96
CA ARG C 115 -82.66 -93.62 -16.21
C ARG C 115 -82.83 -94.67 -17.33
N PRO C 116 -83.81 -94.49 -18.25
CA PRO C 116 -84.47 -95.59 -18.96
C PRO C 116 -83.67 -96.40 -19.98
N ASP C 117 -82.43 -96.02 -20.33
CA ASP C 117 -81.48 -96.91 -21.02
C ASP C 117 -80.04 -96.83 -20.46
N VAL C 118 -79.91 -96.86 -19.13
CA VAL C 118 -78.64 -97.03 -18.39
C VAL C 118 -78.44 -98.49 -17.93
N ASN C 119 -78.14 -99.39 -18.88
CA ASN C 119 -77.97 -100.85 -18.67
C ASN C 119 -76.59 -101.26 -18.10
N PHE C 120 -76.12 -100.53 -17.08
CA PHE C 120 -74.81 -100.73 -16.48
C PHE C 120 -74.86 -101.79 -15.36
N LYS C 121 -74.52 -103.04 -15.71
CA LYS C 121 -74.18 -104.09 -14.74
C LYS C 121 -72.75 -103.85 -14.23
N GLU C 122 -72.54 -103.76 -12.92
CA GLU C 122 -71.21 -103.74 -12.29
C GLU C 122 -70.42 -105.06 -12.47
N ASP C 123 -71.03 -106.06 -13.10
CA ASP C 123 -70.45 -107.33 -13.59
C ASP C 123 -70.09 -107.30 -15.09
N GLY C 124 -70.43 -106.20 -15.79
CA GLY C 124 -70.33 -105.98 -17.24
C GLY C 124 -71.59 -106.39 -18.02
N SER C 125 -71.74 -105.91 -19.25
CA SER C 125 -72.89 -106.24 -20.12
C SER C 125 -72.61 -105.94 -21.61
N GLN C 126 -73.46 -106.48 -22.49
CA GLN C 126 -73.63 -105.96 -23.86
C GLN C 126 -74.50 -104.68 -23.94
N GLY C 127 -74.64 -103.93 -22.84
CA GLY C 127 -75.47 -102.74 -22.73
C GLY C 127 -74.85 -101.54 -23.45
N ASN C 128 -75.23 -101.34 -24.71
CA ASN C 128 -74.61 -100.35 -25.61
C ASN C 128 -74.90 -98.86 -25.26
N LEU C 129 -75.54 -98.58 -24.12
CA LEU C 129 -75.80 -97.24 -23.57
C LEU C 129 -75.69 -97.18 -22.03
N SER C 130 -75.08 -96.11 -21.51
CA SER C 130 -75.07 -95.72 -20.08
C SER C 130 -74.60 -94.27 -19.87
N TYR C 131 -75.04 -93.56 -18.81
CA TYR C 131 -75.02 -92.07 -18.76
C TYR C 131 -74.46 -91.40 -17.49
N THR C 132 -73.77 -92.11 -16.59
CA THR C 132 -73.19 -91.57 -15.33
C THR C 132 -72.42 -90.27 -15.56
N ALA C 133 -72.66 -89.24 -14.75
CA ALA C 133 -71.98 -87.95 -14.89
C ALA C 133 -70.55 -87.96 -14.30
N THR C 134 -69.70 -87.04 -14.80
CA THR C 134 -68.26 -86.99 -14.49
C THR C 134 -67.99 -86.52 -13.06
N ARG C 135 -68.84 -85.64 -12.51
CA ARG C 135 -68.62 -84.93 -11.23
C ARG C 135 -68.99 -85.71 -9.95
N VAL C 136 -69.21 -87.02 -10.05
CA VAL C 136 -69.62 -87.87 -8.90
C VAL C 136 -68.63 -89.01 -8.59
N CYS C 137 -67.55 -89.11 -9.39
CA CYS C 137 -66.36 -89.92 -9.11
C CYS C 137 -65.08 -89.05 -9.17
N ALA C 138 -65.26 -87.74 -8.94
CA ALA C 138 -64.28 -86.69 -9.18
C ALA C 138 -63.25 -86.54 -8.04
N PRO C 139 -61.93 -86.67 -8.33
CA PRO C 139 -60.84 -86.39 -7.39
C PRO C 139 -60.38 -84.92 -7.39
N MET C 140 -60.73 -84.16 -8.44
CA MET C 140 -60.38 -82.74 -8.67
C MET C 140 -58.86 -82.43 -8.80
N TYR C 141 -58.56 -81.31 -9.45
CA TYR C 141 -57.22 -80.85 -9.81
C TYR C 141 -56.44 -80.23 -8.63
N ASN C 142 -55.13 -80.09 -8.81
CA ASN C 142 -54.18 -79.55 -7.83
C ASN C 142 -53.18 -78.60 -8.52
N HIS C 143 -52.85 -77.46 -7.90
CA HIS C 143 -51.82 -76.53 -8.38
C HIS C 143 -50.40 -77.09 -8.19
N TYR C 144 -49.51 -76.74 -9.13
CA TYR C 144 -48.09 -77.09 -9.17
C TYR C 144 -47.30 -75.93 -9.77
N VAL C 145 -45.98 -75.92 -9.57
CA VAL C 145 -45.07 -75.00 -10.25
C VAL C 145 -45.05 -75.35 -11.74
N GLY C 146 -45.52 -74.42 -12.59
CA GLY C 146 -45.71 -74.58 -14.03
C GLY C 146 -44.54 -74.09 -14.87
N ASP C 147 -43.33 -74.62 -14.67
CA ASP C 147 -42.15 -74.24 -15.49
C ASP C 147 -42.13 -74.98 -16.84
N LYS C 148 -42.25 -74.22 -17.94
CA LYS C 148 -42.63 -74.69 -19.29
C LYS C 148 -41.56 -75.45 -20.10
N THR C 149 -40.35 -75.64 -19.60
CA THR C 149 -39.22 -76.29 -20.30
C THR C 149 -39.34 -77.83 -20.35
N LYS C 150 -40.49 -78.33 -20.83
CA LYS C 150 -40.94 -79.74 -20.87
C LYS C 150 -41.75 -80.04 -22.15
N PRO C 151 -42.05 -81.31 -22.51
CA PRO C 151 -43.06 -81.61 -23.52
C PRO C 151 -44.41 -81.01 -23.10
N LYS C 152 -45.09 -80.28 -24.00
CA LYS C 152 -46.32 -79.55 -23.70
C LYS C 152 -47.56 -80.45 -23.57
N LEU C 153 -48.20 -80.42 -22.40
CA LEU C 153 -49.42 -81.17 -22.09
C LEU C 153 -50.67 -80.42 -22.58
N SER C 154 -51.41 -81.04 -23.50
CA SER C 154 -52.41 -80.36 -24.35
C SER C 154 -53.74 -81.13 -24.41
N ALA C 155 -54.81 -80.52 -24.93
CA ALA C 155 -56.10 -81.24 -25.13
C ALA C 155 -56.93 -80.77 -26.34
N TYR C 156 -57.54 -81.73 -27.04
CA TYR C 156 -58.61 -81.50 -28.00
C TYR C 156 -59.99 -81.36 -27.31
N ILE C 157 -60.96 -80.72 -27.99
CA ILE C 157 -62.35 -80.61 -27.51
C ILE C 157 -63.41 -80.83 -28.63
N THR C 158 -64.53 -81.47 -28.24
CA THR C 158 -65.77 -81.68 -29.04
C THR C 158 -67.01 -81.12 -28.30
N ASP C 159 -68.03 -80.67 -29.03
CA ASP C 159 -69.04 -79.72 -28.51
C ASP C 159 -70.30 -80.32 -27.82
N TRP C 160 -70.37 -81.65 -27.65
CA TRP C 160 -71.56 -82.34 -27.12
C TRP C 160 -71.18 -83.43 -26.11
N CYS C 161 -71.62 -83.28 -24.86
CA CYS C 161 -71.20 -84.15 -23.77
C CYS C 161 -71.91 -85.50 -23.84
N GLN C 162 -73.24 -85.51 -23.76
CA GLN C 162 -74.11 -86.64 -24.12
C GLN C 162 -74.10 -86.86 -25.65
N TYR C 163 -72.93 -87.21 -26.19
CA TYR C 163 -72.68 -87.40 -27.63
C TYR C 163 -73.51 -88.58 -28.19
N ASP C 164 -74.18 -88.37 -29.32
CA ASP C 164 -75.15 -89.30 -29.90
C ASP C 164 -75.46 -88.93 -31.36
N ALA C 165 -75.43 -89.89 -32.29
CA ALA C 165 -75.78 -89.68 -33.69
C ALA C 165 -77.21 -89.10 -33.84
N ARG C 166 -77.38 -88.21 -34.82
CA ARG C 166 -78.53 -87.32 -35.05
C ARG C 166 -79.02 -86.63 -33.76
N LEU C 167 -78.37 -85.53 -33.43
CA LEU C 167 -78.59 -84.69 -32.23
C LEU C 167 -79.95 -83.96 -32.24
N ASP C 168 -80.40 -83.50 -31.06
CA ASP C 168 -81.67 -82.78 -30.85
C ASP C 168 -81.45 -81.36 -30.29
N GLY C 169 -82.50 -80.54 -30.26
CA GLY C 169 -82.58 -79.34 -29.42
C GLY C 169 -82.70 -79.66 -27.91
N GLY C 170 -82.56 -78.63 -27.07
CA GLY C 170 -82.65 -78.74 -25.60
C GLY C 170 -81.51 -79.53 -24.93
N GLY C 171 -81.71 -79.87 -23.65
CA GLY C 171 -80.74 -80.58 -22.81
C GLY C 171 -81.32 -81.02 -21.44
N SER C 172 -80.44 -81.55 -20.58
CA SER C 172 -80.73 -82.11 -19.25
C SER C 172 -81.64 -83.35 -19.19
N LYS C 173 -81.96 -84.00 -20.31
CA LYS C 173 -83.05 -85.01 -20.42
C LYS C 173 -82.76 -86.09 -21.47
N GLU C 174 -81.76 -86.93 -21.21
CA GLU C 174 -81.27 -88.09 -22.02
C GLU C 174 -80.79 -87.81 -23.45
N GLU C 175 -81.54 -87.06 -24.26
CA GLU C 175 -81.19 -86.81 -25.66
C GLU C 175 -79.93 -85.94 -25.76
N GLU C 176 -79.85 -84.92 -24.92
CA GLU C 176 -78.68 -84.13 -24.58
C GLU C 176 -78.66 -83.88 -23.04
N ARG C 177 -77.45 -83.77 -22.50
CA ARG C 177 -77.04 -83.56 -21.10
C ARG C 177 -75.61 -83.05 -21.12
N GLY C 178 -75.20 -82.26 -20.13
CA GLY C 178 -73.84 -81.72 -19.99
C GLY C 178 -72.80 -82.69 -19.40
N ARG C 179 -73.22 -83.87 -18.91
CA ARG C 179 -72.42 -84.85 -18.12
C ARG C 179 -71.67 -84.24 -16.92
N GLY C 180 -72.20 -83.15 -16.36
CA GLY C 180 -71.56 -82.34 -15.32
C GLY C 180 -70.40 -81.45 -15.80
N PHE C 181 -70.07 -81.44 -17.10
CA PHE C 181 -69.05 -80.57 -17.71
C PHE C 181 -69.53 -79.12 -17.86
N ASP C 182 -69.55 -78.38 -16.75
CA ASP C 182 -69.45 -76.92 -16.74
C ASP C 182 -67.98 -76.49 -16.89
N LEU C 183 -67.72 -75.50 -17.76
CA LEU C 183 -66.41 -74.88 -17.97
C LEU C 183 -65.78 -74.33 -16.66
N ALA C 184 -66.56 -74.13 -15.60
CA ALA C 184 -66.12 -73.69 -14.27
C ALA C 184 -64.88 -74.41 -13.71
N THR C 185 -64.75 -75.73 -13.89
CA THR C 185 -63.59 -76.48 -13.37
C THR C 185 -62.27 -76.11 -14.05
N LEU C 186 -62.32 -75.55 -15.27
CA LEU C 186 -61.16 -74.93 -15.93
C LEU C 186 -61.06 -73.42 -15.64
N MET C 187 -62.19 -72.70 -15.50
CA MET C 187 -62.20 -71.28 -15.12
C MET C 187 -61.59 -71.01 -13.74
N GLN C 188 -61.71 -71.95 -12.79
CA GLN C 188 -61.00 -71.90 -11.50
C GLN C 188 -59.64 -72.61 -11.51
N ASN C 189 -59.23 -73.20 -12.64
CA ASN C 189 -57.90 -73.82 -12.85
C ASN C 189 -57.32 -73.45 -14.23
N PRO C 190 -57.18 -72.15 -14.59
CA PRO C 190 -56.91 -71.74 -15.98
C PRO C 190 -55.60 -72.31 -16.55
N ALA C 191 -54.62 -72.57 -15.69
CA ALA C 191 -53.35 -73.21 -16.00
C ALA C 191 -53.40 -74.73 -16.29
N THR C 192 -54.57 -75.35 -16.45
CA THR C 192 -54.69 -76.83 -16.59
C THR C 192 -54.01 -77.41 -17.85
N TYR C 193 -53.94 -76.67 -18.96
CA TYR C 193 -53.33 -77.12 -20.24
C TYR C 193 -52.39 -76.09 -20.88
N ASP C 194 -51.39 -76.58 -21.59
CA ASP C 194 -50.36 -75.77 -22.25
C ASP C 194 -50.80 -75.33 -23.67
N ARG C 195 -51.82 -76.00 -24.21
CA ARG C 195 -52.53 -75.73 -25.47
C ARG C 195 -53.92 -76.37 -25.45
N LEU C 196 -54.91 -75.73 -26.06
CA LEU C 196 -56.17 -76.36 -26.44
C LEU C 196 -56.35 -76.39 -27.96
N ILE C 197 -57.06 -77.40 -28.47
CA ILE C 197 -57.40 -77.58 -29.89
C ILE C 197 -58.91 -77.74 -30.09
N PHE C 198 -59.53 -76.67 -30.56
CA PHE C 198 -60.95 -76.56 -30.86
C PHE C 198 -61.37 -77.34 -32.12
N SER C 199 -62.67 -77.59 -32.30
CA SER C 199 -63.27 -78.22 -33.48
C SER C 199 -64.73 -77.74 -33.67
N PHE C 200 -65.21 -77.41 -34.87
CA PHE C 200 -64.56 -77.32 -36.19
C PHE C 200 -65.31 -76.33 -37.11
N LEU C 201 -64.92 -76.22 -38.38
CA LEU C 201 -65.68 -75.54 -39.45
C LEU C 201 -66.11 -76.54 -40.54
N GLY C 202 -67.28 -76.28 -41.15
CA GLY C 202 -67.69 -76.92 -42.39
C GLY C 202 -67.04 -76.25 -43.61
N ILE C 203 -67.30 -76.79 -44.80
CA ILE C 203 -66.85 -76.25 -46.09
C ILE C 203 -68.03 -76.27 -47.07
N CYS C 204 -68.26 -75.19 -47.81
CA CYS C 204 -69.28 -75.10 -48.85
C CYS C 204 -69.09 -76.19 -49.93
N GLY C 205 -70.16 -76.93 -50.21
CA GLY C 205 -70.13 -78.10 -51.10
C GLY C 205 -69.58 -79.39 -50.49
N ASP C 206 -69.07 -79.38 -49.24
CA ASP C 206 -68.49 -80.56 -48.60
C ASP C 206 -69.53 -81.41 -47.87
N ILE C 207 -70.14 -82.32 -48.64
CA ILE C 207 -70.99 -83.43 -48.19
C ILE C 207 -70.35 -84.36 -47.16
N GLY C 208 -69.03 -84.28 -46.93
CA GLY C 208 -68.34 -85.10 -45.93
C GLY C 208 -68.67 -84.68 -44.49
N ASN C 209 -68.76 -83.38 -44.24
CA ASN C 209 -69.17 -82.88 -42.92
C ASN C 209 -70.66 -83.17 -42.70
N LYS C 210 -71.49 -82.65 -43.63
CA LYS C 210 -72.93 -82.93 -43.79
C LYS C 210 -73.38 -82.38 -45.17
N SER C 211 -74.17 -83.15 -45.91
CA SER C 211 -74.73 -82.72 -47.22
C SER C 211 -75.89 -81.72 -47.13
N LYS C 212 -76.61 -81.72 -46.00
CA LYS C 212 -77.94 -81.10 -45.83
C LYS C 212 -77.98 -79.96 -44.80
N LYS C 213 -77.92 -80.24 -43.50
CA LYS C 213 -78.19 -79.27 -42.41
C LYS C 213 -77.15 -78.15 -42.33
N VAL C 214 -75.86 -78.46 -42.39
CA VAL C 214 -74.80 -77.43 -42.54
C VAL C 214 -75.00 -76.62 -43.82
N GLN C 215 -75.38 -77.27 -44.93
CA GLN C 215 -75.67 -76.57 -46.19
C GLN C 215 -76.99 -75.75 -46.14
N GLU C 216 -77.83 -75.92 -45.11
CA GLU C 216 -78.94 -75.01 -44.76
C GLU C 216 -78.48 -73.76 -43.99
N VAL C 217 -77.37 -73.85 -43.25
CA VAL C 217 -76.67 -72.68 -42.70
C VAL C 217 -75.99 -71.89 -43.83
N TRP C 218 -75.41 -72.59 -44.81
CA TRP C 218 -74.89 -71.99 -46.06
C TRP C 218 -76.00 -71.35 -46.93
N ASP C 219 -77.15 -72.01 -47.08
CA ASP C 219 -78.37 -71.36 -47.63
C ASP C 219 -78.78 -70.12 -46.83
N GLY C 220 -78.50 -70.11 -45.52
CA GLY C 220 -78.71 -68.97 -44.64
C GLY C 220 -77.80 -67.80 -45.00
N TRP C 221 -76.49 -68.05 -45.12
CA TRP C 221 -75.50 -67.05 -45.59
C TRP C 221 -75.90 -66.51 -46.96
N ASN C 222 -76.13 -67.40 -47.91
CA ASN C 222 -76.50 -67.08 -49.28
C ASN C 222 -77.98 -66.63 -49.46
N ALA C 223 -78.58 -66.11 -48.38
CA ALA C 223 -79.87 -65.40 -48.38
C ALA C 223 -79.81 -64.13 -47.52
N GLN C 224 -79.27 -64.22 -46.30
CA GLN C 224 -79.12 -63.08 -45.40
C GLN C 224 -78.00 -62.12 -45.85
N ALA C 225 -76.87 -62.63 -46.36
CA ALA C 225 -75.73 -61.82 -46.76
C ALA C 225 -76.11 -60.78 -47.84
N PRO C 226 -76.72 -61.14 -48.98
CA PRO C 226 -77.13 -60.14 -49.97
C PRO C 226 -78.20 -59.18 -49.43
N SER C 227 -79.04 -59.61 -48.49
CA SER C 227 -79.98 -58.70 -47.79
C SER C 227 -79.25 -57.65 -46.95
N LEU C 228 -78.13 -58.03 -46.33
CA LEU C 228 -77.19 -57.16 -45.61
C LEU C 228 -76.19 -56.45 -46.53
N GLY C 229 -76.25 -56.67 -47.85
CA GLY C 229 -75.29 -56.15 -48.85
C GLY C 229 -73.93 -56.85 -48.85
N LEU C 230 -73.76 -57.89 -48.03
CA LEU C 230 -72.58 -58.73 -47.88
C LEU C 230 -72.52 -59.83 -48.98
N PRO C 231 -71.34 -60.35 -49.34
CA PRO C 231 -71.20 -61.34 -50.39
C PRO C 231 -71.67 -62.75 -49.98
N GLN C 232 -72.48 -63.37 -50.84
CA GLN C 232 -72.63 -64.83 -50.88
C GLN C 232 -71.29 -65.52 -51.10
N ILE C 233 -71.18 -66.76 -50.63
CA ILE C 233 -69.95 -67.57 -50.64
C ILE C 233 -70.14 -68.86 -51.46
N GLY C 234 -69.12 -69.22 -52.24
CA GLY C 234 -69.11 -70.40 -53.12
C GLY C 234 -68.48 -71.64 -52.47
N LYS C 235 -68.46 -72.76 -53.20
CA LYS C 235 -67.86 -74.02 -52.74
C LYS C 235 -66.38 -73.85 -52.37
N GLY C 236 -65.91 -74.56 -51.35
CA GLY C 236 -64.58 -74.39 -50.76
C GLY C 236 -64.47 -73.34 -49.64
N HIS C 237 -65.40 -72.38 -49.49
CA HIS C 237 -65.39 -71.45 -48.35
C HIS C 237 -65.70 -72.18 -47.03
N ILE C 238 -65.12 -71.76 -45.91
CA ILE C 238 -65.55 -72.24 -44.58
C ILE C 238 -66.97 -71.79 -44.21
N VAL C 239 -67.70 -72.57 -43.42
CA VAL C 239 -69.01 -72.21 -42.85
C VAL C 239 -69.19 -72.68 -41.40
N PRO C 240 -69.92 -71.91 -40.56
CA PRO C 240 -70.26 -72.30 -39.19
C PRO C 240 -71.26 -73.48 -39.13
N LEU C 241 -71.14 -74.29 -38.08
CA LEU C 241 -71.86 -75.55 -37.94
C LEU C 241 -73.29 -75.41 -37.39
N ASP C 242 -73.48 -74.55 -36.39
CA ASP C 242 -74.72 -74.48 -35.59
C ASP C 242 -74.79 -73.09 -34.92
N PRO C 243 -75.18 -72.00 -35.62
CA PRO C 243 -75.05 -70.64 -35.09
C PRO C 243 -75.69 -70.43 -33.71
N TYR C 244 -76.84 -71.07 -33.45
CA TYR C 244 -77.53 -70.99 -32.17
C TYR C 244 -76.75 -71.71 -31.04
N GLY C 245 -76.29 -72.94 -31.31
CA GLY C 245 -75.48 -73.70 -30.36
C GLY C 245 -74.04 -73.17 -30.19
N ASP C 246 -73.50 -72.51 -31.20
CA ASP C 246 -72.17 -71.90 -31.22
C ASP C 246 -72.14 -70.55 -30.49
N LEU C 247 -73.07 -69.64 -30.83
CA LEU C 247 -73.11 -68.24 -30.39
C LEU C 247 -74.40 -67.80 -29.67
N GLY C 248 -75.52 -68.53 -29.81
CA GLY C 248 -76.81 -68.15 -29.18
C GLY C 248 -76.92 -68.53 -27.70
N THR C 249 -76.47 -69.73 -27.34
CA THR C 249 -76.55 -70.33 -25.99
C THR C 249 -75.64 -69.64 -24.95
N ALA C 250 -76.02 -69.68 -23.66
CA ALA C 250 -75.22 -69.14 -22.55
C ALA C 250 -74.94 -70.10 -21.36
N ARG C 251 -75.76 -71.13 -21.12
CA ARG C 251 -75.57 -72.06 -19.98
C ARG C 251 -74.34 -72.98 -20.15
N ASN C 252 -73.76 -73.45 -19.04
CA ASN C 252 -72.60 -74.35 -18.91
C ASN C 252 -71.26 -73.91 -19.54
N VAL C 253 -71.23 -72.84 -20.35
CA VAL C 253 -70.03 -72.22 -20.91
C VAL C 253 -69.44 -71.11 -20.02
N GLY C 254 -69.87 -71.02 -18.76
CA GLY C 254 -69.32 -70.09 -17.76
C GLY C 254 -69.78 -68.64 -17.93
N LEU C 255 -70.91 -68.39 -18.59
CA LEU C 255 -71.46 -67.05 -18.81
C LEU C 255 -72.65 -66.76 -17.86
N PRO C 256 -72.85 -65.48 -17.45
CA PRO C 256 -74.02 -65.04 -16.71
C PRO C 256 -75.32 -65.25 -17.51
N PRO C 257 -76.48 -65.53 -16.88
CA PRO C 257 -77.68 -66.01 -17.58
C PRO C 257 -78.21 -65.08 -18.68
N GLU C 258 -78.12 -63.77 -18.47
CA GLU C 258 -78.67 -62.75 -19.36
C GLU C 258 -77.91 -62.63 -20.71
N SER C 259 -76.75 -63.29 -20.84
CA SER C 259 -75.89 -63.33 -22.06
C SER C 259 -76.52 -64.11 -23.24
N ALA C 260 -77.55 -64.90 -22.94
CA ALA C 260 -78.39 -65.70 -23.85
C ALA C 260 -79.04 -64.84 -24.95
N ASP C 261 -78.82 -65.21 -26.23
CA ASP C 261 -79.24 -64.45 -27.42
C ASP C 261 -79.92 -65.37 -28.45
N THR C 262 -81.25 -65.38 -28.41
CA THR C 262 -82.15 -66.31 -29.14
C THR C 262 -82.35 -66.05 -30.64
N SER C 263 -81.91 -64.91 -31.17
CA SER C 263 -82.19 -64.50 -32.57
C SER C 263 -81.32 -65.22 -33.61
N ILE C 264 -80.28 -65.95 -33.18
CA ILE C 264 -79.19 -66.47 -34.03
C ILE C 264 -79.57 -67.79 -34.75
N GLU C 265 -80.71 -67.78 -35.43
CA GLU C 265 -81.19 -68.86 -36.31
C GLU C 265 -80.77 -68.64 -37.77
N SER C 266 -80.94 -69.65 -38.64
CA SER C 266 -80.38 -69.70 -40.02
C SER C 266 -80.72 -68.53 -40.96
N GLY C 267 -81.75 -67.72 -40.67
CA GLY C 267 -82.13 -66.57 -41.48
C GLY C 267 -81.51 -65.22 -41.04
N THR C 268 -81.01 -65.13 -39.80
CA THR C 268 -80.47 -63.90 -39.20
C THR C 268 -79.31 -64.18 -38.23
N PHE C 269 -78.12 -64.50 -38.77
CA PHE C 269 -76.94 -64.79 -37.94
C PHE C 269 -75.61 -64.15 -38.38
N LEU C 270 -75.43 -63.80 -39.66
CA LEU C 270 -74.11 -63.32 -40.15
C LEU C 270 -73.53 -62.08 -39.43
N PRO C 271 -74.34 -61.10 -38.95
CA PRO C 271 -73.81 -59.94 -38.21
C PRO C 271 -73.07 -60.28 -36.91
N TYR C 272 -73.34 -61.43 -36.30
CA TYR C 272 -72.65 -61.92 -35.09
C TYR C 272 -71.26 -62.52 -35.36
N TYR C 273 -70.90 -62.76 -36.62
CA TYR C 273 -69.79 -63.63 -37.01
C TYR C 273 -68.40 -62.97 -36.96
N GLN C 274 -68.05 -62.41 -35.79
CA GLN C 274 -66.73 -61.85 -35.43
C GLN C 274 -66.49 -61.85 -33.91
N GLN C 275 -65.23 -61.76 -33.50
CA GLN C 275 -64.81 -61.82 -32.09
C GLN C 275 -65.44 -60.74 -31.19
N ASN C 276 -65.72 -59.57 -31.75
CA ASN C 276 -66.39 -58.45 -31.07
C ASN C 276 -67.82 -58.79 -30.59
N ARG C 277 -68.43 -59.87 -31.10
CA ARG C 277 -69.75 -60.39 -30.70
C ARG C 277 -69.69 -61.83 -30.15
N ALA C 278 -68.50 -62.26 -29.69
CA ALA C 278 -68.25 -63.59 -29.14
C ALA C 278 -69.19 -63.95 -27.96
N ALA C 279 -69.78 -65.14 -28.03
CA ALA C 279 -70.75 -65.69 -27.10
C ALA C 279 -70.73 -67.22 -27.16
N GLY C 280 -71.52 -67.89 -26.32
CA GLY C 280 -71.40 -69.33 -26.10
C GLY C 280 -69.99 -69.73 -25.65
N LEU C 281 -69.56 -70.92 -26.07
CA LEU C 281 -68.21 -71.40 -25.79
C LEU C 281 -67.13 -70.50 -26.43
N LEU C 282 -67.42 -69.91 -27.60
CA LEU C 282 -66.53 -68.96 -28.28
C LEU C 282 -66.33 -67.65 -27.48
N GLY C 283 -67.23 -67.35 -26.53
CA GLY C 283 -67.00 -66.40 -25.45
C GLY C 283 -66.13 -67.00 -24.35
N GLY C 284 -66.47 -68.17 -23.80
CA GLY C 284 -65.74 -68.78 -22.68
C GLY C 284 -64.25 -69.03 -22.95
N LEU C 285 -63.90 -69.43 -24.17
CA LEU C 285 -62.51 -69.60 -24.60
C LEU C 285 -61.74 -68.26 -24.61
N ARG C 286 -62.36 -67.18 -25.13
CA ARG C 286 -61.75 -65.85 -25.20
C ARG C 286 -61.58 -65.26 -23.81
N GLU C 287 -62.59 -65.47 -22.96
CA GLU C 287 -62.57 -65.14 -21.54
C GLU C 287 -61.43 -65.85 -20.80
N LEU C 288 -61.22 -67.16 -21.04
CA LEU C 288 -60.12 -67.91 -20.43
C LEU C 288 -58.75 -67.38 -20.84
N GLN C 289 -58.56 -67.03 -22.12
CA GLN C 289 -57.27 -66.51 -22.59
C GLN C 289 -56.86 -65.24 -21.83
N LYS C 290 -57.82 -64.36 -21.54
CA LYS C 290 -57.59 -63.17 -20.72
C LYS C 290 -57.32 -63.52 -19.25
N LYS C 291 -58.13 -64.39 -18.63
CA LYS C 291 -58.02 -64.74 -17.20
C LYS C 291 -56.72 -65.46 -16.87
N ALA C 292 -56.25 -66.36 -17.74
CA ALA C 292 -54.96 -67.02 -17.60
C ALA C 292 -53.81 -66.00 -17.57
N HIS C 293 -53.80 -65.04 -18.51
CA HIS C 293 -52.83 -63.93 -18.53
C HIS C 293 -52.99 -62.96 -17.34
N ALA C 294 -54.21 -62.71 -16.87
CA ALA C 294 -54.48 -61.83 -15.73
C ALA C 294 -53.92 -62.38 -14.41
N MET C 295 -54.01 -63.70 -14.18
CA MET C 295 -53.36 -64.34 -13.03
C MET C 295 -51.86 -64.60 -13.25
N GLY C 296 -51.43 -64.87 -14.50
CA GLY C 296 -50.02 -65.05 -14.83
C GLY C 296 -49.80 -65.27 -16.32
N HIS C 297 -49.67 -66.54 -16.72
CA HIS C 297 -49.15 -66.96 -18.04
C HIS C 297 -50.23 -67.38 -19.04
N LYS C 298 -49.90 -67.22 -20.33
CA LYS C 298 -50.80 -67.34 -21.49
C LYS C 298 -51.27 -68.77 -21.83
N LEU C 299 -52.17 -68.88 -22.82
CA LEU C 299 -52.69 -70.12 -23.40
C LEU C 299 -52.71 -70.09 -24.94
N ASP C 300 -52.18 -71.16 -25.55
CA ASP C 300 -52.18 -71.41 -26.99
C ASP C 300 -53.48 -72.10 -27.47
N LEU C 301 -54.05 -71.64 -28.59
CA LEU C 301 -55.40 -72.02 -29.06
C LEU C 301 -55.42 -72.36 -30.56
N ALA C 302 -55.36 -73.65 -30.89
CA ALA C 302 -55.52 -74.14 -32.26
C ALA C 302 -56.98 -74.52 -32.60
N PHE C 303 -57.29 -74.76 -33.87
CA PHE C 303 -58.57 -75.36 -34.29
C PHE C 303 -58.46 -76.34 -35.48
N SER C 304 -59.32 -77.36 -35.43
CA SER C 304 -59.48 -78.48 -36.38
C SER C 304 -60.49 -78.19 -37.51
N ILE C 305 -60.22 -78.68 -38.71
CA ILE C 305 -61.18 -78.83 -39.81
C ILE C 305 -61.07 -80.25 -40.38
N GLY C 306 -62.17 -81.00 -40.36
CA GLY C 306 -62.24 -82.38 -40.87
C GLY C 306 -62.05 -83.49 -39.83
N GLY C 307 -62.06 -84.74 -40.29
CA GLY C 307 -61.99 -85.95 -39.45
C GLY C 307 -62.44 -87.23 -40.17
N TRP C 308 -62.76 -88.27 -39.39
CA TRP C 308 -62.92 -89.65 -39.89
C TRP C 308 -64.06 -89.86 -40.89
N SER C 309 -65.22 -89.23 -40.67
CA SER C 309 -66.31 -89.14 -41.66
C SER C 309 -66.30 -87.82 -42.45
N LEU C 310 -65.42 -86.89 -42.06
CA LEU C 310 -65.42 -85.48 -42.45
C LEU C 310 -64.21 -85.12 -43.34
N SER C 311 -64.00 -85.90 -44.41
CA SER C 311 -62.87 -85.68 -45.35
C SER C 311 -63.27 -85.95 -46.82
N SER C 312 -64.43 -85.47 -47.26
CA SER C 312 -64.93 -85.68 -48.64
C SER C 312 -64.34 -84.67 -49.63
N TYR C 313 -64.67 -83.38 -49.48
CA TYR C 313 -64.28 -82.34 -50.44
C TYR C 313 -62.78 -81.99 -50.42
N PHE C 314 -61.98 -82.54 -49.51
CA PHE C 314 -60.51 -82.34 -49.54
C PHE C 314 -59.89 -82.78 -50.88
N SER C 315 -60.44 -83.84 -51.51
CA SER C 315 -60.05 -84.28 -52.86
C SER C 315 -60.48 -83.33 -53.99
N ALA C 316 -61.48 -82.47 -53.78
CA ALA C 316 -61.81 -81.38 -54.71
C ALA C 316 -60.91 -80.15 -54.43
N LEU C 317 -60.92 -79.71 -53.17
CA LEU C 317 -60.18 -78.56 -52.63
C LEU C 317 -58.69 -78.57 -53.00
N ALA C 318 -57.95 -79.60 -52.59
CA ALA C 318 -56.49 -79.65 -52.78
C ALA C 318 -56.08 -79.70 -54.26
N GLU C 319 -56.85 -80.44 -55.06
CA GLU C 319 -56.52 -80.87 -56.42
C GLU C 319 -56.40 -79.73 -57.43
N ASN C 320 -57.13 -78.62 -57.25
CA ASN C 320 -57.33 -77.60 -58.27
C ASN C 320 -57.41 -76.19 -57.68
N PRO C 321 -56.68 -75.18 -58.22
CA PRO C 321 -56.61 -73.84 -57.65
C PRO C 321 -57.96 -73.16 -57.42
N ASP C 322 -58.96 -73.42 -58.26
CA ASP C 322 -60.26 -72.71 -58.23
C ASP C 322 -61.08 -72.98 -56.95
N GLU C 323 -60.84 -74.12 -56.28
CA GLU C 323 -61.33 -74.38 -54.94
C GLU C 323 -60.38 -73.84 -53.85
N ARG C 324 -59.05 -73.96 -54.05
CA ARG C 324 -58.03 -73.43 -53.12
C ARG C 324 -58.19 -71.94 -52.87
N ARG C 325 -58.42 -71.12 -53.90
CA ARG C 325 -58.57 -69.66 -53.76
C ARG C 325 -59.67 -69.28 -52.78
N VAL C 326 -60.88 -69.82 -52.98
CA VAL C 326 -62.05 -69.55 -52.12
C VAL C 326 -61.80 -70.00 -50.68
N PHE C 327 -61.16 -71.16 -50.52
CA PHE C 327 -60.77 -71.66 -49.21
C PHE C 327 -59.75 -70.75 -48.51
N VAL C 328 -58.61 -70.46 -49.14
CA VAL C 328 -57.53 -69.63 -48.56
C VAL C 328 -58.03 -68.22 -48.23
N ALA C 329 -58.86 -67.63 -49.10
CA ALA C 329 -59.54 -66.38 -48.84
C ALA C 329 -60.47 -66.46 -47.62
N SER C 330 -61.13 -67.61 -47.41
CA SER C 330 -61.97 -67.87 -46.25
C SER C 330 -61.18 -68.11 -44.95
N VAL C 331 -59.96 -68.65 -45.02
CA VAL C 331 -59.05 -68.72 -43.85
C VAL C 331 -58.54 -67.33 -43.46
N VAL C 332 -58.14 -66.52 -44.45
CA VAL C 332 -57.82 -65.09 -44.23
C VAL C 332 -59.00 -64.36 -43.59
N ASP C 333 -60.20 -64.52 -44.15
CA ASP C 333 -61.43 -63.92 -43.62
C ASP C 333 -61.76 -64.40 -42.19
N PHE C 334 -61.48 -65.67 -41.86
CA PHE C 334 -61.62 -66.19 -40.50
C PHE C 334 -60.67 -65.48 -39.52
N PHE C 335 -59.38 -65.38 -39.82
CA PHE C 335 -58.43 -64.71 -38.91
C PHE C 335 -58.63 -63.19 -38.87
N VAL C 336 -59.23 -62.58 -39.90
CA VAL C 336 -59.72 -61.20 -39.87
C VAL C 336 -60.92 -61.07 -38.90
N ARG C 337 -61.86 -62.01 -38.91
CA ARG C 337 -63.03 -62.06 -38.00
C ARG C 337 -62.69 -62.45 -36.55
N PHE C 338 -61.70 -63.30 -36.36
CA PHE C 338 -61.40 -63.99 -35.08
C PHE C 338 -59.88 -64.11 -34.83
N PRO C 339 -59.17 -63.02 -34.47
CA PRO C 339 -57.72 -63.03 -34.28
C PRO C 339 -57.20 -63.86 -33.08
N MET C 340 -58.04 -64.20 -32.10
CA MET C 340 -57.64 -64.92 -30.87
C MET C 340 -56.97 -66.28 -31.12
N PHE C 341 -57.39 -67.00 -32.16
CA PHE C 341 -56.79 -68.30 -32.52
C PHE C 341 -55.34 -68.15 -32.99
N SER C 342 -54.48 -69.10 -32.63
CA SER C 342 -53.05 -69.09 -32.96
C SER C 342 -52.65 -70.06 -34.08
N CYS C 343 -53.54 -70.97 -34.49
CA CYS C 343 -53.16 -72.15 -35.28
C CYS C 343 -54.37 -72.81 -35.95
N VAL C 344 -54.24 -73.26 -37.21
CA VAL C 344 -55.29 -74.03 -37.92
C VAL C 344 -54.72 -75.32 -38.54
N ASP C 345 -55.38 -76.44 -38.26
CA ASP C 345 -54.96 -77.77 -38.71
C ASP C 345 -56.07 -78.49 -39.52
N ILE C 346 -55.73 -78.93 -40.74
CA ILE C 346 -56.52 -79.92 -41.49
C ILE C 346 -56.33 -81.30 -40.85
N ASP C 347 -57.44 -82.00 -40.60
CA ASP C 347 -57.47 -83.37 -40.07
C ASP C 347 -58.02 -84.36 -41.11
N TRP C 348 -57.42 -84.39 -42.30
CA TRP C 348 -57.72 -85.36 -43.35
C TRP C 348 -57.36 -86.80 -42.92
N GLU C 349 -58.31 -87.74 -43.00
CA GLU C 349 -58.11 -89.16 -42.69
C GLU C 349 -58.49 -90.05 -43.89
N TYR C 350 -57.55 -90.45 -44.76
CA TYR C 350 -56.07 -90.21 -44.73
C TYR C 350 -55.50 -89.83 -46.12
N PRO C 351 -54.24 -89.35 -46.19
CA PRO C 351 -53.48 -89.15 -47.44
C PRO C 351 -53.32 -90.38 -48.34
N GLY C 352 -53.38 -91.59 -47.76
CA GLY C 352 -53.69 -92.82 -48.47
C GLY C 352 -55.19 -92.93 -48.77
N GLY C 353 -55.91 -93.71 -47.97
CA GLY C 353 -57.38 -93.84 -48.00
C GLY C 353 -58.03 -93.55 -46.64
N GLY C 354 -57.72 -94.36 -45.63
CA GLY C 354 -58.08 -94.15 -44.22
C GLY C 354 -59.57 -94.29 -43.91
N GLY C 355 -60.27 -93.16 -43.87
CA GLY C 355 -61.57 -93.01 -43.21
C GLY C 355 -62.79 -93.62 -43.90
N ASP C 356 -63.97 -93.13 -43.52
CA ASP C 356 -65.27 -93.59 -44.01
C ASP C 356 -65.44 -93.42 -45.54
N GLU C 357 -66.29 -94.23 -46.16
CA GLU C 357 -66.60 -94.21 -47.61
C GLU C 357 -67.22 -92.88 -48.11
N GLY C 358 -67.70 -92.00 -47.22
CA GLY C 358 -68.04 -90.60 -47.54
C GLY C 358 -66.82 -89.72 -47.86
N ASN C 359 -65.65 -90.04 -47.31
CA ASN C 359 -64.38 -89.38 -47.65
C ASN C 359 -63.93 -89.76 -49.07
N ILE C 360 -63.12 -88.90 -49.71
CA ILE C 360 -62.63 -89.10 -51.08
C ILE C 360 -61.11 -88.89 -51.11
N SER C 361 -60.38 -89.74 -51.84
CA SER C 361 -58.94 -89.62 -52.03
C SER C 361 -58.49 -90.29 -53.34
N SER C 362 -57.72 -89.57 -54.16
CA SER C 362 -56.80 -90.16 -55.15
C SER C 362 -55.42 -90.33 -54.53
N ASP C 363 -54.63 -91.28 -55.02
CA ASP C 363 -53.19 -91.40 -54.72
C ASP C 363 -52.45 -90.04 -54.79
N LYS C 364 -52.73 -89.24 -55.84
CA LYS C 364 -52.16 -87.89 -56.04
C LYS C 364 -52.59 -86.85 -54.99
N ASP C 365 -53.69 -87.05 -54.25
CA ASP C 365 -54.06 -86.10 -53.20
C ASP C 365 -53.03 -86.01 -52.07
N GLY C 366 -52.26 -87.09 -51.83
CA GLY C 366 -51.15 -87.10 -50.88
C GLY C 366 -50.03 -86.12 -51.25
N GLU C 367 -49.90 -85.76 -52.53
CA GLU C 367 -49.11 -84.61 -53.00
C GLU C 367 -49.95 -83.31 -53.06
N ASN C 368 -51.20 -83.34 -53.53
CA ASN C 368 -52.05 -82.13 -53.61
C ASN C 368 -52.20 -81.40 -52.25
N TYR C 369 -52.20 -82.16 -51.15
CA TYR C 369 -52.20 -81.68 -49.77
C TYR C 369 -50.96 -80.84 -49.42
N VAL C 370 -49.78 -81.20 -49.96
CA VAL C 370 -48.52 -80.44 -49.83
C VAL C 370 -48.61 -79.11 -50.57
N LEU C 371 -49.25 -79.08 -51.75
CA LEU C 371 -49.54 -77.84 -52.48
C LEU C 371 -50.54 -76.99 -51.69
N LEU C 372 -51.67 -77.56 -51.25
CA LEU C 372 -52.73 -76.85 -50.51
C LEU C 372 -52.17 -76.13 -49.26
N ILE C 373 -51.34 -76.82 -48.47
CA ILE C 373 -50.75 -76.25 -47.26
C ILE C 373 -49.65 -75.22 -47.55
N LYS C 374 -48.84 -75.40 -48.60
CA LYS C 374 -47.82 -74.42 -49.00
C LYS C 374 -48.45 -73.13 -49.55
N GLU C 375 -49.50 -73.26 -50.36
CA GLU C 375 -50.29 -72.12 -50.85
C GLU C 375 -50.92 -71.34 -49.69
N LEU C 376 -51.54 -72.03 -48.72
CA LEU C 376 -52.07 -71.39 -47.52
C LEU C 376 -50.96 -70.75 -46.67
N ARG C 377 -49.86 -71.45 -46.39
CA ARG C 377 -48.71 -70.92 -45.66
C ARG C 377 -48.20 -69.61 -46.29
N SER C 378 -48.09 -69.57 -47.62
CA SER C 378 -47.68 -68.40 -48.39
C SER C 378 -48.67 -67.22 -48.28
N ALA C 379 -49.98 -67.48 -48.39
CA ALA C 379 -51.02 -66.46 -48.25
C ALA C 379 -51.11 -65.89 -46.81
N LEU C 380 -50.98 -66.77 -45.81
CA LEU C 380 -50.98 -66.38 -44.40
C LEU C 380 -49.70 -65.64 -44.01
N ASP C 381 -48.52 -66.06 -44.49
CA ASP C 381 -47.28 -65.28 -44.37
C ASP C 381 -47.41 -63.89 -45.00
N SER C 382 -48.05 -63.81 -46.16
CA SER C 382 -48.31 -62.54 -46.87
C SER C 382 -49.21 -61.61 -46.06
N ARG C 383 -50.33 -62.12 -45.52
CA ARG C 383 -51.32 -61.31 -44.80
C ARG C 383 -50.95 -61.00 -43.33
N PHE C 384 -50.35 -61.94 -42.61
CA PHE C 384 -50.16 -61.88 -41.16
C PHE C 384 -48.68 -61.85 -40.72
N GLY C 385 -47.75 -61.75 -41.68
CA GLY C 385 -46.32 -61.56 -41.40
C GLY C 385 -45.68 -62.76 -40.70
N TYR C 386 -44.79 -62.47 -39.75
CA TYR C 386 -43.92 -63.47 -39.09
C TYR C 386 -43.87 -63.34 -37.57
N SER C 387 -43.81 -62.12 -37.04
CA SER C 387 -43.74 -61.83 -35.59
C SER C 387 -44.93 -62.37 -34.78
N ASN C 388 -46.08 -62.59 -35.43
CA ASN C 388 -47.31 -63.13 -34.81
C ASN C 388 -48.06 -64.10 -35.75
N ARG C 389 -47.33 -64.86 -36.57
CA ARG C 389 -47.93 -65.78 -37.57
C ARG C 389 -48.64 -67.00 -36.96
N LYS C 390 -49.67 -67.50 -37.66
CA LYS C 390 -50.51 -68.64 -37.23
C LYS C 390 -49.88 -69.99 -37.61
N GLU C 391 -49.81 -70.91 -36.66
CA GLU C 391 -49.13 -72.21 -36.83
C GLU C 391 -49.92 -73.23 -37.67
N ILE C 392 -49.20 -74.18 -38.28
CA ILE C 392 -49.73 -75.28 -39.09
C ILE C 392 -49.05 -76.64 -38.74
N SER C 393 -49.86 -77.64 -38.42
CA SER C 393 -49.43 -79.00 -38.01
C SER C 393 -50.27 -80.09 -38.68
N ILE C 394 -49.82 -81.36 -38.61
CA ILE C 394 -50.51 -82.50 -39.25
C ILE C 394 -50.89 -83.60 -38.27
N ALA C 395 -51.91 -84.39 -38.63
CA ALA C 395 -52.34 -85.59 -37.93
C ALA C 395 -51.81 -86.85 -38.66
N CYS C 396 -50.72 -87.41 -38.15
CA CYS C 396 -50.10 -88.60 -38.75
C CYS C 396 -50.79 -89.89 -38.26
N SER C 397 -50.84 -90.90 -39.13
CA SER C 397 -51.17 -92.27 -38.73
C SER C 397 -50.04 -92.88 -37.89
N GLY C 398 -50.40 -93.70 -36.91
CA GLY C 398 -49.47 -94.52 -36.13
C GLY C 398 -49.17 -95.89 -36.75
N VAL C 399 -49.71 -96.19 -37.94
CA VAL C 399 -49.55 -97.45 -38.67
C VAL C 399 -48.42 -97.32 -39.70
N LYS C 400 -47.50 -98.29 -39.74
CA LYS C 400 -46.20 -98.17 -40.40
C LYS C 400 -46.31 -97.97 -41.91
N ALA C 401 -47.25 -98.64 -42.59
CA ALA C 401 -47.52 -98.38 -44.00
C ALA C 401 -48.03 -96.94 -44.24
N LYS C 402 -48.92 -96.45 -43.37
CA LYS C 402 -49.66 -95.19 -43.59
C LYS C 402 -48.86 -93.94 -43.24
N LEU C 403 -47.91 -94.04 -42.31
CA LEU C 403 -46.92 -92.97 -42.09
C LEU C 403 -46.00 -92.75 -43.30
N LYS C 404 -45.83 -93.75 -44.19
CA LYS C 404 -45.23 -93.55 -45.52
C LYS C 404 -46.14 -92.69 -46.39
N LYS C 405 -47.43 -93.07 -46.50
CA LYS C 405 -48.45 -92.38 -47.34
C LYS C 405 -48.71 -90.95 -46.86
N SER C 406 -48.53 -90.69 -45.56
CA SER C 406 -48.57 -89.36 -44.91
C SER C 406 -47.51 -88.38 -45.47
N ASN C 407 -46.42 -88.87 -46.07
CA ASN C 407 -45.49 -88.08 -46.92
C ASN C 407 -44.81 -86.89 -46.20
N ILE C 408 -44.50 -87.07 -44.91
CA ILE C 408 -43.86 -86.06 -44.05
C ILE C 408 -42.50 -85.59 -44.60
N ASP C 409 -41.75 -86.52 -45.20
CA ASP C 409 -40.44 -86.26 -45.80
C ASP C 409 -40.47 -85.37 -47.05
N GLN C 410 -41.65 -84.97 -47.53
CA GLN C 410 -41.82 -83.83 -48.45
C GLN C 410 -42.33 -82.57 -47.72
N LEU C 411 -43.29 -82.72 -46.80
CA LEU C 411 -43.86 -81.60 -46.03
C LEU C 411 -42.80 -80.83 -45.21
N VAL C 412 -41.83 -81.55 -44.65
CA VAL C 412 -40.66 -81.01 -43.94
C VAL C 412 -39.87 -79.96 -44.74
N ALA C 413 -39.90 -80.05 -46.07
CA ALA C 413 -39.27 -79.11 -47.01
C ALA C 413 -40.22 -78.03 -47.57
N ASN C 414 -41.54 -78.17 -47.37
CA ASN C 414 -42.58 -77.26 -47.86
C ASN C 414 -43.18 -76.35 -46.76
N GLY C 415 -42.95 -76.67 -45.48
CA GLY C 415 -43.33 -75.87 -44.31
C GLY C 415 -44.37 -76.58 -43.43
N LEU C 416 -43.93 -77.00 -42.24
CA LEU C 416 -44.72 -77.76 -41.28
C LEU C 416 -44.15 -77.57 -39.86
N ASP C 417 -44.95 -77.06 -38.92
CA ASP C 417 -44.46 -76.78 -37.57
C ASP C 417 -44.33 -78.06 -36.73
N ASN C 418 -45.41 -78.83 -36.56
CA ASN C 418 -45.45 -80.01 -35.70
C ASN C 418 -46.19 -81.21 -36.33
N ILE C 419 -45.88 -82.40 -35.82
CA ILE C 419 -46.31 -83.70 -36.31
C ILE C 419 -47.01 -84.45 -35.18
N TYR C 420 -48.31 -84.70 -35.33
CA TYR C 420 -49.11 -85.31 -34.26
C TYR C 420 -49.29 -86.80 -34.48
N LEU C 421 -48.60 -87.59 -33.65
CA LEU C 421 -48.70 -89.04 -33.63
C LEU C 421 -50.03 -89.45 -32.95
N MET C 422 -51.11 -89.60 -33.73
CA MET C 422 -52.36 -90.22 -33.27
C MET C 422 -52.25 -91.75 -33.32
N SER C 423 -51.32 -92.33 -32.57
CA SER C 423 -51.07 -93.77 -32.44
C SER C 423 -52.07 -94.48 -31.52
N TYR C 424 -53.36 -94.36 -31.82
CA TYR C 424 -54.46 -95.02 -31.11
C TYR C 424 -55.65 -95.35 -32.06
N ASP C 425 -56.62 -96.14 -31.56
CA ASP C 425 -57.55 -96.98 -32.35
C ASP C 425 -56.89 -98.21 -33.00
N PHE C 426 -55.87 -98.77 -32.33
CA PHE C 426 -55.30 -100.10 -32.62
C PHE C 426 -56.20 -101.26 -32.17
N PHE C 427 -57.23 -100.98 -31.37
CA PHE C 427 -58.39 -101.84 -31.13
C PHE C 427 -59.69 -101.04 -31.07
N GLY C 428 -60.80 -101.73 -31.33
CA GLY C 428 -62.17 -101.26 -31.21
C GLY C 428 -63.12 -102.45 -31.13
N THR C 429 -64.27 -102.24 -30.47
CA THR C 429 -65.10 -103.33 -29.92
C THR C 429 -65.56 -104.39 -30.94
N ILE C 430 -65.84 -103.97 -32.17
CA ILE C 430 -66.54 -104.78 -33.20
C ILE C 430 -65.63 -105.28 -34.35
N TRP C 431 -64.66 -104.48 -34.80
CA TRP C 431 -64.02 -104.68 -36.11
C TRP C 431 -62.78 -105.60 -36.12
N ALA C 432 -62.23 -105.98 -34.96
CA ALA C 432 -61.17 -106.99 -34.87
C ALA C 432 -61.73 -108.38 -34.50
N ASP C 433 -61.20 -109.48 -35.04
CA ASP C 433 -61.72 -110.85 -34.81
C ASP C 433 -61.52 -111.39 -33.38
N TYR C 434 -60.69 -110.72 -32.59
CA TYR C 434 -60.24 -111.09 -31.25
C TYR C 434 -60.20 -109.85 -30.36
N ILE C 435 -60.23 -110.03 -29.04
CA ILE C 435 -60.02 -108.96 -28.05
C ILE C 435 -58.60 -108.36 -28.17
N GLY C 436 -58.44 -107.08 -27.82
CA GLY C 436 -57.20 -106.33 -27.96
C GLY C 436 -57.21 -105.00 -27.21
N HIS C 437 -56.27 -104.10 -27.55
CA HIS C 437 -55.92 -102.90 -26.76
C HIS C 437 -55.83 -101.63 -27.64
N HIS C 438 -56.44 -100.51 -27.20
CA HIS C 438 -56.60 -99.28 -28.02
C HIS C 438 -55.28 -98.69 -28.55
N THR C 439 -54.22 -98.82 -27.77
CA THR C 439 -52.78 -98.77 -28.09
C THR C 439 -52.02 -99.30 -26.88
N ASN C 440 -50.69 -99.22 -26.84
CA ASN C 440 -49.85 -99.39 -25.64
C ASN C 440 -48.39 -98.93 -25.91
N LEU C 441 -47.57 -98.80 -24.85
CA LEU C 441 -46.15 -98.46 -24.98
C LEU C 441 -45.30 -99.52 -25.70
N TYR C 442 -45.61 -100.82 -25.64
CA TYR C 442 -44.70 -101.91 -26.05
C TYR C 442 -45.40 -103.17 -26.59
N SER C 443 -45.35 -103.37 -27.92
CA SER C 443 -45.94 -104.54 -28.61
C SER C 443 -45.54 -105.89 -27.97
N PRO C 444 -46.42 -106.92 -27.94
CA PRO C 444 -46.11 -108.21 -27.32
C PRO C 444 -44.91 -108.91 -27.99
N LYS C 445 -44.86 -108.87 -29.33
CA LYS C 445 -43.65 -109.04 -30.18
C LYS C 445 -43.97 -108.57 -31.60
N ASP C 446 -45.16 -108.95 -32.08
CA ASP C 446 -45.58 -108.87 -33.48
C ASP C 446 -47.08 -108.49 -33.60
N PRO C 447 -47.53 -107.86 -34.72
CA PRO C 447 -48.90 -107.36 -34.93
C PRO C 447 -49.94 -108.47 -35.25
N GLY C 448 -49.83 -109.63 -34.60
CA GLY C 448 -50.69 -110.81 -34.79
C GLY C 448 -50.86 -111.21 -36.26
N GLU C 449 -52.12 -111.32 -36.71
CA GLU C 449 -52.53 -111.62 -38.09
C GLU C 449 -52.25 -110.46 -39.10
N GLN C 450 -51.20 -109.67 -38.87
CA GLN C 450 -50.92 -108.39 -39.55
C GLN C 450 -52.09 -107.40 -39.42
N GLU C 451 -52.75 -107.41 -38.26
CA GLU C 451 -53.93 -106.59 -37.94
C GLU C 451 -53.52 -105.20 -37.38
N LEU C 452 -54.50 -104.39 -36.97
CA LEU C 452 -54.28 -103.23 -36.10
C LEU C 452 -53.93 -103.61 -34.64
N PHE C 453 -54.42 -104.74 -34.11
CA PHE C 453 -54.06 -105.16 -32.75
C PHE C 453 -52.60 -105.61 -32.64
N ASP C 454 -52.08 -105.69 -31.40
CA ASP C 454 -50.69 -106.01 -31.07
C ASP C 454 -49.62 -105.04 -31.63
N LEU C 455 -50.06 -103.86 -32.09
CA LEU C 455 -49.24 -102.66 -32.32
C LEU C 455 -48.89 -101.95 -31.00
N SER C 456 -48.08 -100.89 -31.10
CA SER C 456 -47.64 -100.05 -29.98
C SER C 456 -46.97 -98.76 -30.44
N ALA C 457 -46.91 -97.78 -29.55
CA ALA C 457 -46.25 -96.49 -29.76
C ALA C 457 -44.72 -96.59 -29.95
N GLU C 458 -44.09 -97.67 -29.46
CA GLU C 458 -42.66 -97.94 -29.69
C GLU C 458 -42.32 -98.05 -31.19
N ALA C 459 -43.23 -98.61 -31.99
CA ALA C 459 -42.97 -98.92 -33.40
C ALA C 459 -42.71 -97.68 -34.29
N ALA C 460 -43.54 -96.64 -34.17
CA ALA C 460 -43.55 -95.52 -35.12
C ALA C 460 -42.29 -94.64 -35.04
N ILE C 461 -41.95 -94.13 -33.85
CA ILE C 461 -40.86 -93.15 -33.68
C ILE C 461 -39.48 -93.69 -34.12
N ASP C 462 -39.27 -95.01 -34.01
CA ASP C 462 -38.05 -95.68 -34.48
C ASP C 462 -37.83 -95.48 -35.98
N TYR C 463 -38.91 -95.47 -36.77
CA TYR C 463 -38.86 -95.14 -38.20
C TYR C 463 -38.86 -93.62 -38.45
N LEU C 464 -39.77 -92.89 -37.81
CA LEU C 464 -39.97 -91.45 -38.05
C LEU C 464 -38.71 -90.63 -37.78
N HIS C 465 -38.06 -90.82 -36.63
CA HIS C 465 -36.84 -90.07 -36.27
C HIS C 465 -35.62 -90.37 -37.16
N ASN C 466 -35.61 -91.51 -37.86
CA ASN C 466 -34.40 -92.05 -38.50
C ASN C 466 -34.53 -92.24 -40.02
N GLU C 467 -35.56 -92.94 -40.48
CA GLU C 467 -35.84 -93.15 -41.91
C GLU C 467 -36.60 -91.97 -42.53
N LEU C 468 -37.39 -91.21 -41.75
CA LEU C 468 -37.89 -89.89 -42.14
C LEU C 468 -37.07 -88.72 -41.54
N GLY C 469 -36.21 -88.98 -40.55
CA GLY C 469 -35.25 -88.00 -40.00
C GLY C 469 -35.82 -86.93 -39.06
N ILE C 470 -37.05 -87.11 -38.57
CA ILE C 470 -37.86 -86.06 -37.92
C ILE C 470 -37.32 -85.68 -36.52
N PRO C 471 -37.25 -84.38 -36.14
CA PRO C 471 -36.95 -83.98 -34.77
C PRO C 471 -38.07 -84.37 -33.79
N MET C 472 -37.73 -84.99 -32.67
CA MET C 472 -38.72 -85.34 -31.64
C MET C 472 -39.48 -84.09 -31.14
N GLU C 473 -38.85 -82.92 -31.19
CA GLU C 473 -39.47 -81.65 -30.79
C GLU C 473 -40.58 -81.15 -31.74
N LYS C 474 -40.71 -81.73 -32.96
CA LYS C 474 -41.92 -81.60 -33.79
C LYS C 474 -42.98 -82.63 -33.42
N ILE C 475 -42.56 -83.83 -33.05
CA ILE C 475 -43.45 -84.95 -32.76
C ILE C 475 -44.19 -84.70 -31.44
N HIS C 476 -45.50 -84.90 -31.45
CA HIS C 476 -46.35 -84.88 -30.26
C HIS C 476 -47.13 -86.18 -30.15
N LEU C 477 -47.24 -86.74 -28.93
CA LEU C 477 -47.90 -88.03 -28.66
C LEU C 477 -49.37 -87.86 -28.24
N GLY C 478 -50.27 -88.35 -29.08
CA GLY C 478 -51.71 -88.41 -28.79
C GLY C 478 -52.11 -89.65 -28.00
N TYR C 479 -53.08 -89.48 -27.10
CA TYR C 479 -53.66 -90.56 -26.30
C TYR C 479 -55.14 -90.31 -26.00
N ALA C 480 -55.92 -91.38 -25.89
CA ALA C 480 -57.33 -91.35 -25.49
C ALA C 480 -57.50 -91.24 -23.96
N ASN C 481 -58.62 -90.68 -23.49
CA ASN C 481 -58.95 -90.59 -22.06
C ASN C 481 -60.04 -91.58 -21.61
N TYR C 482 -60.18 -92.71 -22.32
CA TYR C 482 -61.26 -93.69 -22.14
C TYR C 482 -60.75 -95.14 -22.37
N GLY C 483 -61.62 -96.12 -22.09
CA GLY C 483 -61.38 -97.54 -22.37
C GLY C 483 -62.05 -98.05 -23.65
N ARG C 484 -61.79 -99.31 -23.99
CA ARG C 484 -62.41 -100.06 -25.10
C ARG C 484 -62.86 -101.45 -24.63
N SER C 485 -64.14 -101.74 -24.78
CA SER C 485 -64.78 -102.97 -24.29
C SER C 485 -64.87 -104.09 -25.33
N ALA C 486 -64.99 -105.33 -24.85
CA ALA C 486 -65.31 -106.53 -25.63
C ALA C 486 -66.05 -107.57 -24.75
N VAL C 487 -66.52 -108.67 -25.36
CA VAL C 487 -67.40 -109.66 -24.70
C VAL C 487 -67.18 -111.08 -25.25
N GLY C 488 -67.48 -112.11 -24.45
CA GLY C 488 -67.16 -113.51 -24.77
C GLY C 488 -65.67 -113.86 -24.68
N GLY C 489 -64.85 -112.97 -24.10
CA GLY C 489 -63.40 -113.09 -24.05
C GLY C 489 -62.90 -114.29 -23.25
N ASP C 490 -61.83 -114.91 -23.76
CA ASP C 490 -60.93 -115.80 -23.02
C ASP C 490 -59.49 -115.31 -23.19
N LEU C 491 -58.69 -115.38 -22.13
CA LEU C 491 -57.38 -114.72 -22.10
C LEU C 491 -56.25 -115.56 -22.74
N THR C 492 -56.46 -116.87 -22.82
CA THR C 492 -55.55 -117.85 -23.45
C THR C 492 -55.75 -118.00 -24.97
N THR C 493 -56.84 -117.46 -25.54
CA THR C 493 -57.20 -117.61 -26.96
C THR C 493 -57.77 -116.34 -27.62
N ARG C 494 -58.10 -115.30 -26.86
CA ARG C 494 -58.60 -113.98 -27.32
C ARG C 494 -59.87 -113.99 -28.20
N GLN C 495 -60.50 -115.14 -28.40
CA GLN C 495 -61.76 -115.27 -29.15
C GLN C 495 -62.83 -114.35 -28.55
N TYR C 496 -63.64 -113.74 -29.41
CA TYR C 496 -64.62 -112.69 -29.11
C TYR C 496 -65.99 -113.07 -29.68
N THR C 497 -67.09 -112.68 -29.02
CA THR C 497 -68.45 -112.81 -29.59
C THR C 497 -68.59 -111.87 -30.80
N LYS C 498 -68.50 -112.44 -32.01
CA LYS C 498 -68.19 -111.78 -33.29
C LYS C 498 -68.97 -110.51 -33.63
N ASN C 499 -70.18 -110.32 -33.10
CA ASN C 499 -71.02 -109.13 -33.29
C ASN C 499 -71.68 -108.62 -31.99
N GLY C 500 -70.99 -108.76 -30.84
CA GLY C 500 -71.45 -108.26 -29.54
C GLY C 500 -70.98 -106.83 -29.23
N PRO C 501 -71.87 -105.81 -29.19
CA PRO C 501 -71.50 -104.42 -28.93
C PRO C 501 -71.39 -104.15 -27.41
N ALA C 502 -70.27 -104.56 -26.82
CA ALA C 502 -70.02 -104.52 -25.37
C ALA C 502 -70.19 -103.11 -24.74
N LEU C 503 -70.45 -103.07 -23.43
CA LEU C 503 -70.80 -101.86 -22.69
C LEU C 503 -69.80 -100.72 -22.86
N GLY C 504 -70.34 -99.50 -22.90
CA GLY C 504 -69.60 -98.26 -22.67
C GLY C 504 -70.52 -97.12 -22.23
N THR C 505 -69.98 -95.91 -22.12
CA THR C 505 -70.74 -94.68 -21.85
C THR C 505 -71.45 -94.21 -23.13
N MET C 506 -72.35 -93.22 -23.01
CA MET C 506 -73.04 -92.59 -24.14
C MET C 506 -73.87 -93.63 -24.91
N GLU C 507 -73.61 -93.83 -26.22
CA GLU C 507 -74.46 -94.64 -27.11
C GLU C 507 -73.65 -95.20 -28.30
N ASN C 508 -73.40 -96.52 -28.31
CA ASN C 508 -72.44 -97.22 -29.18
C ASN C 508 -70.97 -96.71 -29.08
N GLY C 509 -70.62 -96.09 -27.95
CA GLY C 509 -69.29 -95.53 -27.67
C GLY C 509 -68.58 -96.13 -26.45
N ALA C 510 -67.32 -95.74 -26.24
CA ALA C 510 -66.40 -96.21 -25.21
C ALA C 510 -66.83 -95.98 -23.74
N PRO C 511 -66.49 -96.88 -22.79
CA PRO C 511 -66.57 -96.62 -21.34
C PRO C 511 -65.49 -95.63 -20.87
N GLU C 512 -65.82 -94.63 -20.05
CA GLU C 512 -64.84 -93.77 -19.38
C GLU C 512 -64.39 -94.28 -18.01
N PHE C 513 -63.17 -93.91 -17.61
CA PHE C 513 -62.53 -94.40 -16.38
C PHE C 513 -63.27 -94.05 -15.07
N PHE C 514 -63.94 -92.90 -15.00
CA PHE C 514 -64.67 -92.51 -13.79
C PHE C 514 -65.83 -93.48 -13.45
N ASP C 515 -66.60 -93.90 -14.46
CA ASP C 515 -67.69 -94.89 -14.37
C ASP C 515 -67.15 -96.33 -14.18
N ILE C 516 -65.89 -96.56 -14.56
CA ILE C 516 -65.14 -97.80 -14.30
C ILE C 516 -64.68 -97.88 -12.82
N VAL C 517 -64.09 -96.82 -12.26
CA VAL C 517 -63.73 -96.75 -10.83
C VAL C 517 -64.98 -96.77 -9.94
N LYS C 518 -66.09 -96.20 -10.40
CA LYS C 518 -67.38 -96.22 -9.70
C LYS C 518 -67.97 -97.63 -9.52
N ASN C 519 -67.57 -98.61 -10.34
CA ASN C 519 -68.25 -99.90 -10.44
C ASN C 519 -67.32 -101.13 -10.43
N TYR C 520 -66.23 -101.10 -11.20
CA TYR C 520 -65.37 -102.27 -11.48
C TYR C 520 -64.03 -102.26 -10.75
N MET C 521 -63.46 -101.11 -10.37
CA MET C 521 -62.00 -101.01 -10.11
C MET C 521 -61.62 -100.25 -8.84
N ASP C 522 -60.63 -100.77 -8.10
CA ASP C 522 -60.06 -100.19 -6.88
C ASP C 522 -59.15 -98.96 -7.16
N ALA C 523 -59.46 -97.86 -6.50
CA ALA C 523 -58.68 -96.62 -6.42
C ALA C 523 -58.58 -96.13 -4.96
N GLU C 524 -58.71 -97.05 -4.01
CA GLU C 524 -59.04 -96.80 -2.60
C GLU C 524 -58.13 -97.52 -1.57
N HIS C 525 -57.69 -98.77 -1.80
CA HIS C 525 -57.17 -99.64 -0.73
C HIS C 525 -55.86 -100.40 -1.08
N SER C 526 -54.79 -99.67 -1.38
CA SER C 526 -53.38 -100.12 -1.44
C SER C 526 -52.99 -101.30 -2.38
N LEU C 527 -53.85 -101.63 -3.35
CA LEU C 527 -53.58 -102.61 -4.42
C LEU C 527 -54.40 -102.31 -5.68
N SER C 528 -53.76 -102.33 -6.85
CA SER C 528 -54.42 -102.26 -8.15
C SER C 528 -55.15 -103.57 -8.48
N MET C 529 -56.47 -103.58 -8.30
CA MET C 529 -57.36 -104.75 -8.49
C MET C 529 -58.81 -104.34 -8.84
N GLY C 530 -59.62 -105.31 -9.24
CA GLY C 530 -61.07 -105.13 -9.45
C GLY C 530 -61.89 -105.24 -8.17
N LYS C 531 -63.18 -104.86 -8.24
CA LYS C 531 -64.18 -104.92 -7.16
C LYS C 531 -65.59 -105.19 -7.72
N ASN C 532 -66.53 -105.54 -6.85
CA ASN C 532 -67.89 -106.01 -7.21
C ASN C 532 -67.91 -107.24 -8.16
N GLY C 533 -66.81 -108.00 -8.24
CA GLY C 533 -66.67 -109.19 -9.08
C GLY C 533 -65.84 -109.02 -10.37
N PHE C 534 -65.41 -107.80 -10.73
CA PHE C 534 -64.39 -107.62 -11.79
C PHE C 534 -62.98 -107.98 -11.31
N VAL C 535 -62.07 -108.26 -12.26
CA VAL C 535 -60.62 -108.46 -12.04
C VAL C 535 -59.80 -107.51 -12.91
N LEU C 536 -58.54 -107.24 -12.54
CA LEU C 536 -57.60 -106.38 -13.27
C LEU C 536 -56.31 -107.14 -13.63
N MET C 537 -56.07 -107.27 -14.92
CA MET C 537 -55.04 -108.09 -15.54
C MET C 537 -53.89 -107.23 -16.08
N THR C 538 -52.72 -107.83 -16.24
CA THR C 538 -51.50 -107.25 -16.85
C THR C 538 -50.87 -108.26 -17.78
N ASP C 539 -50.70 -107.94 -19.06
CA ASP C 539 -50.19 -108.90 -20.06
C ASP C 539 -48.67 -109.11 -19.90
N THR C 540 -48.21 -110.34 -19.63
CA THR C 540 -46.76 -110.65 -19.52
C THR C 540 -45.97 -110.46 -20.82
N ASN C 541 -46.64 -110.33 -21.97
CA ASN C 541 -46.02 -110.07 -23.27
C ASN C 541 -45.82 -108.57 -23.55
N ALA C 542 -46.90 -107.76 -23.54
CA ALA C 542 -46.89 -106.32 -23.83
C ALA C 542 -46.72 -105.42 -22.59
N ASP C 543 -47.04 -105.92 -21.39
CA ASP C 543 -47.06 -105.23 -20.08
C ASP C 543 -48.14 -104.13 -19.88
N ALA C 544 -49.10 -104.03 -20.80
CA ALA C 544 -50.33 -103.23 -20.62
C ALA C 544 -51.32 -103.86 -19.62
N ASP C 545 -52.24 -103.08 -19.03
CA ASP C 545 -53.32 -103.58 -18.16
C ASP C 545 -54.70 -103.62 -18.84
N PHE C 546 -55.60 -104.51 -18.40
CA PHE C 546 -57.00 -104.56 -18.83
C PHE C 546 -57.90 -105.17 -17.76
N LEU C 547 -59.15 -104.72 -17.66
CA LEU C 547 -60.17 -105.32 -16.79
C LEU C 547 -60.84 -106.52 -17.45
N PHE C 548 -61.22 -107.51 -16.64
CA PHE C 548 -61.91 -108.71 -17.11
C PHE C 548 -62.91 -109.24 -16.06
N SER C 549 -63.85 -110.07 -16.50
CA SER C 549 -64.97 -110.60 -15.69
C SER C 549 -65.30 -112.06 -16.06
N GLU C 550 -65.69 -112.86 -15.06
CA GLU C 550 -65.78 -114.33 -15.14
C GLU C 550 -67.21 -114.89 -15.32
N ALA C 551 -68.16 -114.06 -15.75
CA ALA C 551 -69.40 -114.48 -16.40
C ALA C 551 -69.13 -115.04 -17.83
N LYS C 552 -69.92 -114.66 -18.83
CA LYS C 552 -69.70 -115.04 -20.25
C LYS C 552 -68.33 -114.57 -20.79
N GLY C 553 -67.89 -113.37 -20.41
CA GLY C 553 -66.50 -112.90 -20.61
C GLY C 553 -66.34 -111.41 -20.93
N HIS C 554 -66.89 -110.50 -20.09
CA HIS C 554 -66.74 -109.06 -20.29
C HIS C 554 -65.27 -108.62 -20.10
N PHE C 555 -64.77 -107.84 -21.04
CA PHE C 555 -63.38 -107.38 -21.14
C PHE C 555 -63.38 -105.87 -21.37
N ILE C 556 -62.48 -105.13 -20.71
CA ILE C 556 -62.27 -103.70 -20.96
C ILE C 556 -60.77 -103.39 -20.94
N SER C 557 -60.22 -103.08 -22.12
CA SER C 557 -58.96 -102.35 -22.29
C SER C 557 -59.10 -100.94 -21.70
N LEU C 558 -58.14 -100.50 -20.88
CA LEU C 558 -58.14 -99.18 -20.22
C LEU C 558 -56.74 -98.71 -19.79
N ASP C 559 -56.55 -97.39 -19.69
CA ASP C 559 -55.38 -96.77 -19.04
C ASP C 559 -55.55 -96.68 -17.51
N THR C 560 -54.45 -96.44 -16.80
CA THR C 560 -54.38 -96.41 -15.34
C THR C 560 -53.49 -95.27 -14.84
N PRO C 561 -53.60 -94.86 -13.55
CA PRO C 561 -52.65 -93.92 -12.97
C PRO C 561 -51.19 -94.38 -13.09
N ARG C 562 -50.94 -95.70 -12.99
CA ARG C 562 -49.62 -96.33 -13.16
C ARG C 562 -49.04 -96.06 -14.55
N THR C 563 -49.78 -96.41 -15.59
CA THR C 563 -49.31 -96.29 -16.96
C THR C 563 -49.20 -94.83 -17.36
N VAL C 564 -50.11 -93.95 -16.94
CA VAL C 564 -49.99 -92.51 -17.22
C VAL C 564 -48.78 -91.87 -16.50
N LYS C 565 -48.56 -92.22 -15.22
CA LYS C 565 -47.34 -91.84 -14.45
C LYS C 565 -46.08 -92.27 -15.19
N GLN C 566 -46.11 -93.42 -15.87
CA GLN C 566 -45.01 -93.91 -16.71
C GLN C 566 -44.89 -93.19 -18.08
N LYS C 567 -45.98 -93.09 -18.84
CA LYS C 567 -46.05 -92.44 -20.17
C LYS C 567 -45.51 -91.00 -20.15
N GLY C 568 -45.76 -90.24 -19.08
CA GLY C 568 -45.22 -88.89 -18.91
C GLY C 568 -43.70 -88.85 -18.72
N GLU C 569 -43.15 -89.75 -17.88
CA GLU C 569 -41.70 -89.87 -17.67
C GLU C 569 -40.99 -90.42 -18.91
N TYR C 570 -41.64 -91.35 -19.62
CA TYR C 570 -41.24 -91.82 -20.94
C TYR C 570 -41.19 -90.66 -21.95
N ALA C 571 -42.27 -89.93 -22.13
CA ALA C 571 -42.39 -88.81 -23.08
C ALA C 571 -41.36 -87.69 -22.82
N ALA C 572 -41.11 -87.37 -21.54
CA ALA C 572 -40.05 -86.44 -21.15
C ALA C 572 -38.67 -86.90 -21.63
N LYS C 573 -38.31 -88.17 -21.39
CA LYS C 573 -37.02 -88.74 -21.86
C LYS C 573 -36.95 -88.94 -23.38
N ASN C 574 -38.10 -89.17 -24.02
CA ASN C 574 -38.24 -89.35 -25.47
C ASN C 574 -38.48 -88.03 -26.23
N LYS C 575 -38.18 -86.89 -25.59
CA LYS C 575 -37.78 -85.61 -26.21
C LYS C 575 -38.86 -84.92 -27.06
N LEU C 576 -40.12 -85.35 -26.89
CA LEU C 576 -41.28 -84.86 -27.63
C LEU C 576 -41.50 -83.35 -27.51
N GLY C 577 -42.08 -82.76 -28.56
CA GLY C 577 -42.65 -81.41 -28.50
C GLY C 577 -43.82 -81.32 -27.52
N GLY C 578 -44.57 -82.43 -27.34
CA GLY C 578 -45.67 -82.50 -26.39
C GLY C 578 -46.45 -83.82 -26.36
N VAL C 579 -47.53 -83.80 -25.59
CA VAL C 579 -48.48 -84.90 -25.42
C VAL C 579 -49.91 -84.35 -25.39
N PHE C 580 -50.87 -85.07 -25.97
CA PHE C 580 -52.24 -84.55 -26.09
C PHE C 580 -53.38 -85.54 -25.78
N SER C 581 -54.29 -85.06 -24.94
CA SER C 581 -55.57 -85.67 -24.57
C SER C 581 -56.64 -85.57 -25.66
N TRP C 582 -57.59 -86.50 -25.61
CA TRP C 582 -58.75 -86.63 -26.47
C TRP C 582 -59.92 -87.32 -25.72
N SER C 583 -61.05 -86.67 -25.44
CA SER C 583 -61.37 -85.22 -25.48
C SER C 583 -61.42 -84.65 -24.05
N GLY C 584 -61.02 -83.39 -23.85
CA GLY C 584 -60.74 -82.82 -22.51
C GLY C 584 -61.91 -82.75 -21.51
N ASP C 585 -63.15 -82.97 -21.97
CA ASP C 585 -64.38 -83.01 -21.16
C ASP C 585 -64.59 -84.33 -20.39
N GLN C 586 -63.69 -85.31 -20.57
CA GLN C 586 -63.83 -86.71 -20.12
C GLN C 586 -63.05 -87.07 -18.84
N ASP C 587 -62.35 -86.12 -18.21
CA ASP C 587 -61.60 -86.37 -16.97
C ASP C 587 -61.81 -85.27 -15.91
N CYS C 588 -62.45 -85.65 -14.80
CA CYS C 588 -62.64 -84.87 -13.57
C CYS C 588 -61.39 -84.83 -12.67
N GLY C 589 -60.30 -85.49 -13.07
CA GLY C 589 -58.95 -85.30 -12.55
C GLY C 589 -58.17 -86.59 -12.26
N LEU C 590 -58.68 -87.77 -12.65
CA LEU C 590 -58.12 -89.08 -12.31
C LEU C 590 -56.76 -89.34 -12.98
N LEU C 591 -56.67 -89.13 -14.30
CA LEU C 591 -55.46 -89.32 -15.10
C LEU C 591 -54.74 -88.00 -15.41
N ALA C 592 -55.46 -86.87 -15.43
CA ALA C 592 -54.86 -85.55 -15.67
C ALA C 592 -53.95 -85.07 -14.51
N ASN C 593 -54.30 -85.35 -13.25
CA ASN C 593 -53.35 -85.22 -12.14
C ASN C 593 -52.10 -86.09 -12.41
N ALA C 594 -52.31 -87.37 -12.77
CA ALA C 594 -51.23 -88.31 -13.03
C ALA C 594 -50.34 -87.88 -14.22
N ALA C 595 -50.86 -87.15 -15.20
CA ALA C 595 -50.08 -86.56 -16.28
C ALA C 595 -49.12 -85.46 -15.79
N ARG C 596 -49.57 -84.48 -14.98
CA ARG C 596 -48.67 -83.45 -14.41
C ARG C 596 -47.60 -84.10 -13.50
N GLU C 597 -48.04 -85.06 -12.68
CA GLU C 597 -47.17 -85.88 -11.83
C GLU C 597 -46.23 -86.81 -12.63
N GLY C 598 -46.60 -87.20 -13.86
CA GLY C 598 -45.80 -87.99 -14.79
C GLY C 598 -44.76 -87.14 -15.51
N LEU C 599 -45.13 -85.94 -15.97
CA LEU C 599 -44.18 -85.00 -16.60
C LEU C 599 -43.24 -84.33 -15.59
N GLY C 600 -43.54 -84.34 -14.29
CA GLY C 600 -42.66 -83.83 -13.23
C GLY C 600 -42.94 -82.37 -12.80
N TYR C 601 -44.17 -81.90 -12.97
CA TYR C 601 -44.67 -80.71 -12.28
C TYR C 601 -44.87 -81.03 -10.79
N VAL C 602 -44.51 -80.10 -9.89
CA VAL C 602 -44.44 -80.37 -8.42
C VAL C 602 -44.76 -79.16 -7.55
N ALA C 603 -45.06 -79.43 -6.28
CA ALA C 603 -45.16 -78.49 -5.16
C ALA C 603 -44.83 -79.24 -3.84
N ASP C 604 -44.23 -78.58 -2.85
CA ASP C 604 -43.70 -79.25 -1.65
C ASP C 604 -44.80 -79.80 -0.74
N GLU C 608 -52.68 -82.18 -1.21
CA GLU C 608 -53.24 -82.84 -2.39
C GLU C 608 -54.65 -83.39 -2.13
N THR C 609 -55.51 -83.43 -3.15
CA THR C 609 -56.84 -84.04 -3.03
C THR C 609 -56.81 -85.57 -2.85
N ILE C 610 -55.88 -86.29 -3.50
CA ILE C 610 -55.70 -87.76 -3.36
C ILE C 610 -54.27 -88.17 -3.79
N ASP C 611 -53.75 -89.31 -3.30
CA ASP C 611 -52.41 -89.82 -3.68
C ASP C 611 -52.36 -91.35 -3.78
N MET C 612 -51.46 -91.87 -4.61
CA MET C 612 -51.63 -93.16 -5.31
C MET C 612 -50.42 -94.11 -5.26
N GLY C 613 -49.45 -93.94 -4.35
CA GLY C 613 -48.19 -94.72 -4.35
C GLY C 613 -48.40 -96.25 -4.39
N PRO C 614 -49.02 -96.87 -3.35
CA PRO C 614 -49.50 -98.26 -3.35
C PRO C 614 -50.68 -98.55 -4.31
N LEU C 615 -51.02 -97.63 -5.22
CA LEU C 615 -51.97 -97.79 -6.32
C LEU C 615 -51.29 -97.59 -7.70
N TYR C 616 -49.95 -97.55 -7.73
CA TYR C 616 -49.09 -97.67 -8.91
C TYR C 616 -48.48 -99.08 -9.08
N ASN C 617 -48.76 -100.04 -8.19
CA ASN C 617 -48.41 -101.45 -8.42
C ASN C 617 -49.24 -102.08 -9.57
N PRO C 618 -48.76 -103.12 -10.26
CA PRO C 618 -49.44 -103.76 -11.41
C PRO C 618 -50.55 -104.76 -11.03
N GLY C 619 -51.27 -105.28 -12.04
CA GLY C 619 -52.32 -106.30 -11.92
C GLY C 619 -51.85 -107.75 -12.11
N LYS C 620 -52.81 -108.68 -12.30
CA LYS C 620 -52.54 -110.13 -12.42
C LYS C 620 -51.81 -110.48 -13.71
N GLU C 621 -50.63 -111.09 -13.59
CA GLU C 621 -49.66 -111.33 -14.66
C GLU C 621 -50.07 -112.46 -15.64
N ILE C 622 -51.06 -112.19 -16.50
CA ILE C 622 -51.62 -113.12 -17.48
C ILE C 622 -50.82 -113.20 -18.78
N TYR C 623 -50.70 -114.41 -19.34
CA TYR C 623 -50.09 -114.68 -20.66
C TYR C 623 -51.09 -114.47 -21.81
N LEU C 624 -51.49 -113.20 -22.03
CA LEU C 624 -52.31 -112.76 -23.17
C LEU C 624 -51.48 -112.74 -24.48
N LYS C 625 -51.35 -113.94 -25.06
CA LYS C 625 -50.60 -114.26 -26.29
C LYS C 625 -50.94 -113.34 -27.49
N SER C 626 -49.96 -112.96 -28.32
CA SER C 626 -50.30 -112.40 -29.64
C SER C 626 -51.07 -113.45 -30.46
N ILE C 627 -51.83 -113.08 -31.49
CA ILE C 627 -52.55 -114.12 -32.25
C ILE C 627 -51.59 -115.12 -32.92
N SER C 628 -50.36 -114.71 -33.27
CA SER C 628 -49.28 -115.59 -33.71
C SER C 628 -48.90 -116.66 -32.67
N GLU C 629 -48.94 -116.28 -31.39
CA GLU C 629 -48.73 -117.15 -30.23
C GLU C 629 -49.99 -117.97 -29.83
N ILE C 630 -51.15 -117.69 -30.44
CA ILE C 630 -52.36 -118.52 -30.41
C ILE C 630 -52.41 -119.49 -31.61
N LYS C 631 -51.92 -119.08 -32.78
CA LYS C 631 -51.71 -119.96 -33.95
C LYS C 631 -50.58 -120.98 -33.74
N SER C 632 -49.52 -120.63 -33.00
CA SER C 632 -48.36 -121.51 -32.77
C SER C 632 -48.75 -122.80 -32.04
N TYR D 45 -74.60 -2.55 65.82
CA TYR D 45 -74.03 -3.88 65.62
C TYR D 45 -72.52 -3.85 65.32
N SER D 46 -72.01 -2.77 64.73
CA SER D 46 -70.67 -2.69 64.11
C SER D 46 -69.52 -3.08 65.03
N GLN D 47 -69.65 -2.81 66.34
CA GLN D 47 -68.65 -3.16 67.35
C GLN D 47 -68.43 -4.68 67.48
N SER D 48 -69.41 -5.52 67.10
CA SER D 48 -69.23 -6.98 67.02
C SER D 48 -68.17 -7.41 66.01
N LEU D 49 -67.90 -6.57 65.01
CA LEU D 49 -66.81 -6.78 64.05
C LEU D 49 -65.50 -6.28 64.68
N ALA D 50 -65.46 -5.02 65.14
CA ALA D 50 -64.28 -4.37 65.73
C ALA D 50 -63.74 -5.05 67.02
N ASP D 51 -64.52 -5.90 67.69
CA ASP D 51 -64.04 -6.75 68.79
C ASP D 51 -63.04 -7.84 68.32
N THR D 52 -63.23 -8.42 67.13
CA THR D 52 -62.51 -9.65 66.68
C THR D 52 -61.79 -9.50 65.34
N LEU D 53 -62.31 -8.68 64.42
CA LEU D 53 -61.55 -8.22 63.26
C LEU D 53 -60.29 -7.48 63.74
N LEU D 54 -60.44 -6.58 64.73
CA LEU D 54 -59.33 -5.86 65.37
C LEU D 54 -58.73 -6.63 66.56
N GLY D 55 -59.43 -7.66 67.06
CA GLY D 55 -58.93 -8.52 68.14
C GLY D 55 -57.83 -9.46 67.68
N LEU D 56 -57.96 -10.03 66.47
CA LEU D 56 -57.02 -11.01 65.91
C LEU D 56 -56.86 -10.91 64.38
N GLY D 57 -57.96 -10.75 63.62
CA GLY D 57 -57.99 -11.00 62.17
C GLY D 57 -57.06 -10.10 61.34
N TYR D 58 -57.14 -8.80 61.57
CA TYR D 58 -56.26 -7.76 61.04
C TYR D 58 -55.87 -6.78 62.15
N ARG D 59 -54.60 -6.33 62.20
CA ARG D 59 -54.15 -5.28 63.14
C ARG D 59 -54.95 -3.98 62.94
N SER D 60 -55.16 -3.60 61.69
CA SER D 60 -55.81 -2.35 61.26
C SER D 60 -56.36 -2.48 59.84
N ILE D 61 -57.26 -1.56 59.45
CA ILE D 61 -57.79 -1.48 58.08
C ILE D 61 -56.67 -1.16 57.07
N PHE D 62 -55.58 -0.51 57.49
CA PHE D 62 -54.44 -0.18 56.62
C PHE D 62 -53.71 -1.45 56.13
N ASP D 63 -53.73 -2.52 56.92
CA ASP D 63 -53.14 -3.81 56.56
C ASP D 63 -54.00 -4.59 55.55
N ILE D 64 -55.24 -4.16 55.26
CA ILE D 64 -56.04 -4.70 54.15
C ILE D 64 -55.42 -4.32 52.78
N ALA D 65 -54.44 -3.41 52.74
CA ALA D 65 -53.60 -3.19 51.55
C ALA D 65 -52.90 -4.46 51.02
N LYS D 66 -52.79 -5.52 51.84
CA LYS D 66 -52.33 -6.87 51.43
C LYS D 66 -53.18 -7.51 50.33
N VAL D 67 -54.50 -7.34 50.41
CA VAL D 67 -55.45 -8.32 49.84
C VAL D 67 -55.71 -8.22 48.33
N SER D 68 -56.30 -9.28 47.80
CA SER D 68 -57.12 -9.30 46.59
C SER D 68 -58.50 -9.87 46.96
N ARG D 69 -59.57 -9.44 46.29
CA ARG D 69 -60.96 -9.65 46.74
C ARG D 69 -61.28 -11.10 47.09
N GLN D 70 -60.90 -12.06 46.24
CA GLN D 70 -61.22 -13.47 46.49
C GLN D 70 -60.52 -13.99 47.75
N ARG D 71 -59.29 -13.55 48.03
CA ARG D 71 -58.55 -13.84 49.28
C ARG D 71 -59.34 -13.38 50.50
N PHE D 72 -59.84 -12.15 50.45
CA PHE D 72 -60.60 -11.52 51.53
C PHE D 72 -61.98 -12.16 51.73
N ILE D 73 -62.70 -12.43 50.64
CA ILE D 73 -64.06 -13.01 50.66
C ILE D 73 -64.05 -14.43 51.26
N LYS D 74 -63.02 -15.24 50.96
CA LYS D 74 -62.93 -16.65 51.41
C LYS D 74 -63.00 -16.81 52.93
N ARG D 75 -62.40 -15.88 53.70
CA ARG D 75 -62.13 -16.02 55.14
C ARG D 75 -63.35 -15.84 56.07
N HIS D 76 -64.47 -15.31 55.56
CA HIS D 76 -65.55 -14.72 56.38
C HIS D 76 -66.87 -15.51 56.40
N ASP D 77 -67.43 -15.74 57.59
CA ASP D 77 -68.74 -16.41 57.79
C ASP D 77 -69.93 -15.50 57.43
N GLU D 78 -71.15 -16.04 57.43
CA GLU D 78 -72.39 -15.27 57.14
C GLU D 78 -72.54 -14.00 57.99
N SER D 79 -72.11 -13.99 59.26
CA SER D 79 -72.23 -12.79 60.13
C SER D 79 -71.25 -11.66 59.74
N LEU D 80 -70.27 -11.93 58.88
CA LEU D 80 -69.40 -10.95 58.23
C LEU D 80 -69.80 -10.77 56.76
N LEU D 81 -69.84 -11.86 56.00
CA LEU D 81 -70.08 -11.90 54.56
C LEU D 81 -71.49 -11.39 54.17
N GLY D 82 -72.51 -11.65 55.00
CA GLY D 82 -73.84 -11.05 54.84
C GLY D 82 -73.93 -9.55 55.14
N ASN D 83 -72.85 -8.91 55.62
CA ASN D 83 -72.73 -7.47 55.91
C ASN D 83 -71.30 -6.97 55.62
N GLY D 84 -70.70 -7.45 54.53
CA GLY D 84 -69.29 -7.23 54.20
C GLY D 84 -68.95 -7.08 52.71
N ALA D 85 -69.84 -7.50 51.80
CA ALA D 85 -69.61 -7.41 50.35
C ALA D 85 -69.43 -5.98 49.81
N VAL D 86 -69.86 -4.95 50.56
CA VAL D 86 -69.65 -3.53 50.24
C VAL D 86 -68.25 -2.99 50.63
N ILE D 87 -67.51 -3.70 51.49
CA ILE D 87 -66.37 -3.12 52.25
C ILE D 87 -65.28 -2.56 51.33
N PHE D 88 -64.83 -3.31 50.33
CA PHE D 88 -63.70 -2.90 49.49
C PHE D 88 -63.97 -1.70 48.56
N ASP D 89 -65.21 -1.22 48.44
CA ASP D 89 -65.56 0.05 47.78
C ASP D 89 -65.11 1.31 48.55
N LYS D 90 -64.90 1.19 49.87
CA LYS D 90 -64.40 2.26 50.78
C LYS D 90 -63.16 1.85 51.59
N ALA D 91 -62.95 0.57 51.89
CA ALA D 91 -61.81 0.11 52.69
C ALA D 91 -60.51 0.05 51.88
N VAL D 92 -60.55 -0.29 50.59
CA VAL D 92 -59.36 -0.15 49.72
C VAL D 92 -59.07 1.33 49.45
N SER D 93 -60.12 2.16 49.40
CA SER D 93 -60.02 3.62 49.46
C SER D 93 -59.38 4.09 50.78
N MET D 94 -59.70 3.52 51.95
CA MET D 94 -58.95 3.71 53.21
C MET D 94 -57.47 3.33 53.03
N ALA D 95 -57.20 2.19 52.37
CA ALA D 95 -55.84 1.70 52.08
C ALA D 95 -55.04 2.59 51.10
N ASN D 96 -55.60 3.71 50.62
CA ASN D 96 -54.86 4.83 50.03
C ASN D 96 -55.34 6.23 50.53
N GLN D 97 -55.81 6.33 51.78
CA GLN D 97 -56.31 7.55 52.46
C GLN D 97 -55.25 8.31 53.29
N VAL D 98 -54.28 7.60 53.87
CA VAL D 98 -53.11 8.19 54.57
C VAL D 98 -52.07 8.79 53.59
N LEU D 99 -52.19 8.49 52.28
CA LEU D 99 -51.10 8.57 51.27
C LEU D 99 -50.25 9.86 51.26
N GLN D 100 -50.84 11.04 51.04
CA GLN D 100 -50.11 12.33 51.04
C GLN D 100 -50.07 13.04 52.41
N LYS D 101 -50.61 12.50 53.51
CA LYS D 101 -50.61 13.19 54.82
C LYS D 101 -49.21 13.44 55.41
N TYR D 102 -48.17 12.78 54.86
CA TYR D 102 -46.74 12.99 55.15
C TYR D 102 -45.92 13.43 53.91
N ARG D 103 -46.56 13.84 52.80
CA ARG D 103 -45.91 14.46 51.59
C ARG D 103 -46.53 15.79 51.14
N LYS D 104 -47.78 16.11 51.50
CA LYS D 104 -48.40 17.44 51.21
C LYS D 104 -47.62 18.58 51.89
N ASN D 105 -46.82 18.23 52.89
CA ASN D 105 -45.85 19.03 53.64
C ASN D 105 -44.61 19.53 52.84
N ARG D 106 -44.53 19.33 51.52
CA ARG D 106 -43.39 19.69 50.64
C ARG D 106 -42.87 21.14 50.77
N LEU D 107 -43.66 22.07 51.30
CA LEU D 107 -43.17 23.33 51.88
C LEU D 107 -42.85 23.13 53.38
N LEU D 156 -37.33 6.57 48.12
CA LEU D 156 -36.20 6.29 47.24
C LEU D 156 -36.06 4.78 46.94
N ASP D 157 -35.46 4.44 45.79
CA ASP D 157 -35.47 3.08 45.18
C ASP D 157 -34.06 2.47 45.04
N SER D 158 -34.00 1.14 45.11
CA SER D 158 -32.80 0.33 45.33
C SER D 158 -32.99 -1.13 44.83
N PRO D 159 -31.92 -1.95 44.73
CA PRO D 159 -32.07 -3.37 44.44
C PRO D 159 -32.95 -4.09 45.48
N ALA D 160 -32.90 -3.62 46.73
CA ALA D 160 -33.75 -4.09 47.82
C ALA D 160 -35.23 -3.72 47.64
N SER D 161 -35.59 -2.51 47.19
CA SER D 161 -37.01 -2.16 46.99
C SER D 161 -37.63 -2.96 45.82
N TYR D 162 -36.83 -3.31 44.81
CA TYR D 162 -37.21 -4.28 43.78
C TYR D 162 -37.41 -5.69 44.35
N LEU D 163 -36.51 -6.17 45.23
CA LEU D 163 -36.62 -7.52 45.81
C LEU D 163 -37.78 -7.65 46.81
N LEU D 164 -37.98 -6.68 47.70
CA LEU D 164 -38.99 -6.75 48.75
C LEU D 164 -40.42 -6.66 48.18
N ASP D 165 -40.60 -5.92 47.08
CA ASP D 165 -41.84 -5.87 46.29
C ASP D 165 -42.21 -7.23 45.67
N LEU D 166 -41.25 -8.15 45.54
CA LEU D 166 -41.53 -9.57 45.27
C LEU D 166 -41.76 -10.34 46.57
N TYR D 167 -40.90 -10.19 47.57
CA TYR D 167 -40.93 -11.06 48.75
C TYR D 167 -42.20 -10.92 49.59
N LYS D 168 -42.58 -9.69 49.98
CA LYS D 168 -43.85 -9.48 50.72
C LYS D 168 -45.09 -9.74 49.87
N PHE D 169 -44.96 -9.77 48.54
CA PHE D 169 -46.04 -10.19 47.65
C PHE D 169 -46.23 -11.71 47.64
N ILE D 170 -45.16 -12.51 47.62
CA ILE D 170 -45.30 -13.98 47.55
C ILE D 170 -45.77 -14.58 48.88
N GLN D 171 -45.44 -13.96 50.01
CA GLN D 171 -45.89 -14.41 51.33
C GLN D 171 -47.42 -14.51 51.46
N SER D 172 -48.18 -13.56 50.89
CA SER D 172 -49.65 -13.56 50.94
C SER D 172 -50.33 -14.38 49.84
N VAL D 173 -49.58 -15.20 49.08
CA VAL D 173 -50.17 -16.22 48.19
C VAL D 173 -50.54 -17.47 49.02
N GLU D 174 -51.46 -17.30 49.97
CA GLU D 174 -51.89 -18.32 50.92
C GLU D 174 -53.04 -19.18 50.37
N LEU D 175 -52.68 -20.38 49.89
CA LEU D 175 -53.58 -21.54 49.77
C LEU D 175 -52.84 -22.76 50.34
N ASP D 176 -53.55 -23.56 51.14
CA ASP D 176 -52.95 -24.44 52.15
C ASP D 176 -53.09 -25.94 51.81
N GLY D 177 -53.21 -26.79 52.84
CA GLY D 177 -53.38 -28.24 52.71
C GLY D 177 -52.10 -29.01 52.37
N SER D 178 -52.29 -30.14 51.69
CA SER D 178 -51.22 -31.08 51.29
C SER D 178 -50.29 -30.55 50.20
N ASN D 179 -50.57 -29.39 49.60
CA ASN D 179 -49.85 -28.91 48.41
C ASN D 179 -48.37 -28.57 48.70
N GLN D 180 -47.49 -28.95 47.77
CA GLN D 180 -46.02 -28.84 47.92
C GLN D 180 -45.48 -27.44 48.10
N ALA D 181 -46.10 -26.39 47.55
CA ALA D 181 -45.35 -25.19 47.14
C ALA D 181 -44.49 -24.55 48.25
N ARG D 182 -45.07 -24.30 49.44
CA ARG D 182 -44.29 -23.80 50.58
C ARG D 182 -43.37 -24.85 51.19
N LYS D 183 -43.78 -26.12 51.13
CA LYS D 183 -43.02 -27.26 51.64
C LYS D 183 -41.68 -27.37 50.91
N LEU D 184 -41.71 -27.28 49.58
CA LEU D 184 -40.54 -27.22 48.72
C LEU D 184 -39.71 -25.95 48.96
N GLU D 185 -40.36 -24.79 49.01
CA GLU D 185 -39.64 -23.52 49.14
C GLU D 185 -38.87 -23.40 50.46
N THR D 186 -39.47 -23.88 51.54
CA THR D 186 -38.84 -23.98 52.86
C THR D 186 -37.80 -25.11 52.96
N ARG D 187 -37.96 -26.22 52.22
CA ARG D 187 -36.91 -27.24 52.03
C ARG D 187 -35.70 -26.68 51.28
N ARG D 188 -35.94 -25.84 50.28
CA ARG D 188 -34.95 -25.06 49.51
C ARG D 188 -34.42 -23.84 50.30
N ALA D 189 -34.26 -23.99 51.61
CA ALA D 189 -34.08 -22.92 52.60
C ALA D 189 -33.05 -21.83 52.25
N ASP D 190 -33.53 -20.59 52.30
CA ASP D 190 -32.84 -19.30 52.48
C ASP D 190 -33.87 -18.27 52.99
N ILE D 191 -33.42 -17.12 53.49
CA ILE D 191 -34.21 -16.18 54.31
C ILE D 191 -33.96 -14.71 53.91
N PRO D 192 -34.84 -13.74 54.24
CA PRO D 192 -34.69 -12.33 53.86
C PRO D 192 -33.39 -11.62 54.30
N LYS D 193 -32.62 -12.24 55.23
CA LYS D 193 -31.32 -11.78 55.73
C LYS D 193 -30.29 -12.93 55.63
N LEU D 194 -30.03 -13.41 54.41
CA LEU D 194 -29.27 -14.65 54.12
C LEU D 194 -27.91 -14.70 54.85
N SER D 195 -27.07 -13.70 54.59
CA SER D 195 -25.74 -13.52 55.18
C SER D 195 -25.27 -12.07 55.00
N LEU D 196 -24.30 -11.64 55.81
CA LEU D 196 -23.64 -10.33 55.75
C LEU D 196 -24.67 -9.17 55.73
N ASP D 197 -24.46 -8.16 54.90
CA ASP D 197 -25.37 -7.03 54.69
C ASP D 197 -25.34 -6.58 53.21
N ASN D 198 -26.36 -5.84 52.82
CA ASN D 198 -26.72 -5.49 51.45
C ASN D 198 -25.66 -4.66 50.71
N ASP D 199 -24.75 -4.00 51.42
CA ASP D 199 -23.64 -3.22 50.86
C ASP D 199 -22.45 -4.08 50.38
N ALA D 200 -22.46 -5.39 50.62
CA ALA D 200 -21.46 -6.32 50.11
C ALA D 200 -21.46 -6.48 48.59
N LEU D 201 -22.52 -6.02 47.91
CA LEU D 201 -22.87 -6.30 46.50
C LEU D 201 -21.71 -6.27 45.51
N TYR D 202 -20.79 -5.31 45.64
CA TYR D 202 -19.64 -5.16 44.73
C TYR D 202 -18.62 -6.30 44.88
N LYS D 203 -18.40 -6.79 46.11
CA LYS D 203 -17.58 -7.98 46.43
C LYS D 203 -18.34 -9.30 46.31
N GLU D 204 -19.67 -9.27 46.17
CA GLU D 204 -20.46 -10.49 45.92
C GLU D 204 -20.22 -11.12 44.54
N VAL D 205 -19.47 -10.45 43.64
CA VAL D 205 -19.07 -11.00 42.34
C VAL D 205 -18.27 -12.29 42.52
N THR D 206 -18.82 -13.40 42.01
CA THR D 206 -18.35 -14.77 42.26
C THR D 206 -18.60 -15.66 41.04
N ALA D 207 -17.79 -16.69 40.86
CA ALA D 207 -17.99 -17.74 39.86
C ALA D 207 -19.10 -18.74 40.25
N LEU D 208 -19.34 -19.72 39.37
CA LEU D 208 -20.26 -20.86 39.56
C LEU D 208 -20.09 -21.61 40.89
N SER D 209 -18.89 -21.59 41.48
CA SER D 209 -18.55 -22.22 42.78
C SER D 209 -19.54 -21.92 43.91
N ILE D 210 -20.25 -20.79 43.85
CA ILE D 210 -21.33 -20.41 44.78
C ILE D 210 -22.45 -21.47 44.89
N VAL D 211 -22.68 -22.24 43.82
CA VAL D 211 -23.78 -23.23 43.73
C VAL D 211 -23.46 -24.52 44.49
N ASN D 212 -22.18 -24.89 44.52
CA ASN D 212 -21.72 -26.23 44.95
C ASN D 212 -22.18 -26.61 46.37
N ASP D 213 -22.07 -25.71 47.35
CA ASP D 213 -22.51 -25.99 48.72
C ASP D 213 -24.03 -25.95 48.90
N VAL D 214 -24.78 -25.30 48.00
CA VAL D 214 -26.25 -25.26 48.06
C VAL D 214 -26.84 -26.61 47.66
N LEU D 215 -26.20 -27.31 46.71
CA LEU D 215 -26.53 -28.70 46.37
C LEU D 215 -25.87 -29.68 47.35
N SER D 216 -24.54 -29.71 47.41
CA SER D 216 -23.79 -30.74 48.14
C SER D 216 -23.95 -30.64 49.66
N GLY D 217 -24.11 -29.43 50.21
CA GLY D 217 -24.08 -29.19 51.66
C GLY D 217 -25.28 -29.78 52.40
N SER D 218 -26.45 -29.86 51.75
CA SER D 218 -27.56 -30.69 52.23
C SER D 218 -27.37 -32.16 51.86
N ALA D 219 -26.92 -32.46 50.64
CA ALA D 219 -26.78 -33.84 50.14
C ALA D 219 -25.89 -34.71 51.03
N ARG D 220 -24.75 -34.18 51.50
CA ARG D 220 -23.79 -34.91 52.33
C ARG D 220 -24.32 -35.34 53.69
N GLU D 221 -25.45 -34.77 54.13
CA GLU D 221 -26.11 -35.14 55.37
C GLU D 221 -26.78 -36.53 55.32
N TYR D 222 -26.96 -37.15 54.13
CA TYR D 222 -27.65 -38.45 54.03
C TYR D 222 -27.06 -39.52 54.96
N ILE D 223 -25.72 -39.70 55.03
CA ILE D 223 -25.14 -40.68 55.95
C ILE D 223 -25.36 -40.35 57.43
N ASP D 224 -25.45 -39.06 57.76
CA ASP D 224 -25.75 -38.58 59.12
C ASP D 224 -27.22 -38.79 59.51
N GLN D 225 -28.13 -38.41 58.61
CA GLN D 225 -29.59 -38.51 58.73
C GLN D 225 -30.05 -39.96 58.83
N SER D 226 -29.60 -40.81 57.92
CA SER D 226 -29.83 -42.26 57.94
C SER D 226 -29.06 -42.97 59.07
N GLY D 227 -28.07 -42.30 59.67
CA GLY D 227 -27.24 -42.88 60.74
C GLY D 227 -26.20 -43.90 60.27
N GLN D 228 -25.99 -44.05 58.96
CA GLN D 228 -25.12 -45.06 58.35
C GLN D 228 -23.62 -44.80 58.56
N ALA D 229 -23.19 -43.53 58.59
CA ALA D 229 -21.80 -43.15 58.85
C ALA D 229 -21.68 -41.70 59.35
N ASP D 230 -20.54 -41.33 59.95
CA ASP D 230 -20.30 -40.00 60.53
C ASP D 230 -18.82 -39.57 60.52
N LYS D 231 -17.90 -40.40 60.99
CA LYS D 231 -16.44 -40.12 61.02
C LYS D 231 -15.82 -39.93 59.62
N ALA D 232 -16.39 -40.56 58.58
CA ALA D 232 -16.00 -40.38 57.18
C ALA D 232 -16.40 -38.97 56.66
N VAL D 233 -15.41 -38.12 56.38
CA VAL D 233 -15.62 -36.68 56.11
C VAL D 233 -16.40 -36.36 54.81
N ASN D 234 -16.25 -37.17 53.75
CA ASN D 234 -16.99 -37.00 52.48
C ASN D 234 -16.93 -38.24 51.56
N GLN D 235 -15.81 -38.98 51.59
CA GLN D 235 -15.40 -39.92 50.53
C GLN D 235 -16.37 -41.07 50.23
N ILE D 236 -17.41 -41.30 51.06
CA ILE D 236 -18.42 -42.36 50.86
C ILE D 236 -19.11 -42.28 49.50
N LEU D 237 -19.20 -41.08 48.90
CA LEU D 237 -19.76 -40.89 47.56
C LEU D 237 -18.91 -41.49 46.43
N GLY D 238 -17.68 -41.96 46.73
CA GLY D 238 -16.85 -42.74 45.82
C GLY D 238 -17.05 -44.26 45.93
N ASP D 239 -17.93 -44.73 46.81
CA ASP D 239 -18.08 -46.14 47.24
C ASP D 239 -19.52 -46.68 47.06
N THR D 240 -20.14 -46.54 45.89
CA THR D 240 -21.49 -47.06 45.57
C THR D 240 -21.60 -47.38 44.07
N HIS D 241 -22.47 -48.31 43.65
CA HIS D 241 -22.61 -48.72 42.23
C HIS D 241 -24.03 -48.73 41.67
N PHE D 242 -24.98 -49.41 42.32
CA PHE D 242 -26.14 -50.04 41.66
C PHE D 242 -27.06 -49.09 40.84
N PRO D 243 -27.35 -47.84 41.27
CA PRO D 243 -28.00 -46.80 40.44
C PRO D 243 -27.12 -46.22 39.30
N PHE D 244 -26.21 -47.01 38.75
CA PHE D 244 -25.11 -46.60 37.85
C PHE D 244 -24.37 -45.35 38.36
N THR D 245 -23.90 -45.44 39.61
CA THR D 245 -23.45 -44.31 40.45
C THR D 245 -22.09 -43.71 40.07
N LEU D 246 -21.31 -44.38 39.19
CA LEU D 246 -19.96 -43.96 38.76
C LEU D 246 -18.97 -43.76 39.94
N PRO D 247 -18.62 -44.84 40.68
CA PRO D 247 -17.70 -44.80 41.82
C PRO D 247 -16.25 -44.43 41.46
N TYR D 248 -15.38 -44.30 42.47
CA TYR D 248 -13.96 -43.93 42.37
C TYR D 248 -13.68 -42.54 41.75
N SER D 249 -14.72 -41.77 41.42
CA SER D 249 -14.68 -40.49 40.72
C SER D 249 -13.98 -39.33 41.46
N LEU D 250 -13.58 -39.54 42.71
CA LEU D 250 -12.89 -38.55 43.54
C LEU D 250 -11.59 -38.07 42.84
N PRO D 251 -11.27 -36.77 42.93
CA PRO D 251 -10.20 -36.14 42.14
C PRO D 251 -8.82 -36.79 42.35
N THR D 252 -8.55 -37.39 43.51
CA THR D 252 -7.29 -38.10 43.80
C THR D 252 -6.97 -39.26 42.83
N GLN D 253 -7.96 -39.76 42.09
CA GLN D 253 -7.75 -40.70 40.99
C GLN D 253 -7.51 -39.97 39.66
N GLN D 254 -8.38 -39.01 39.32
CA GLN D 254 -8.35 -38.32 38.02
C GLN D 254 -7.12 -37.41 37.85
N ILE D 255 -6.74 -36.62 38.86
CA ILE D 255 -5.56 -35.72 38.80
C ILE D 255 -4.28 -36.52 38.57
N ASN D 256 -4.21 -37.74 39.07
CA ASN D 256 -3.05 -38.63 38.87
C ASN D 256 -2.86 -39.04 37.39
N LYS D 257 -3.88 -38.86 36.52
CA LYS D 257 -3.78 -38.96 35.06
C LYS D 257 -3.60 -37.57 34.42
N GLY D 258 -4.55 -36.66 34.62
CA GLY D 258 -4.60 -35.39 33.89
C GLY D 258 -3.56 -34.37 34.33
N LEU D 259 -3.47 -34.08 35.64
CA LEU D 259 -2.54 -33.09 36.19
C LEU D 259 -1.08 -33.52 36.00
N GLY D 260 -0.78 -34.80 36.16
CA GLY D 260 0.54 -35.37 35.90
C GLY D 260 0.99 -35.33 34.43
N ALA D 261 0.06 -35.23 33.48
CA ALA D 261 0.35 -34.95 32.07
C ALA D 261 0.45 -33.44 31.77
N SER D 262 -0.41 -32.62 32.39
CA SER D 262 -0.70 -31.23 31.98
C SER D 262 0.49 -30.27 32.05
N ASN D 263 1.52 -30.56 32.85
CA ASN D 263 2.66 -29.68 33.06
C ASN D 263 3.69 -29.72 31.90
N ILE D 264 4.27 -30.88 31.65
CA ILE D 264 5.44 -31.19 30.79
C ILE D 264 5.27 -32.55 30.06
N GLU D 265 4.07 -33.13 30.10
CA GLU D 265 3.65 -34.34 29.35
C GLU D 265 4.38 -35.64 29.72
N LEU D 266 4.63 -35.88 31.02
CA LEU D 266 5.28 -37.10 31.52
C LEU D 266 4.36 -38.34 31.57
N GLY D 267 3.14 -38.20 32.10
CA GLY D 267 2.20 -39.31 32.32
C GLY D 267 2.67 -40.34 33.36
N THR D 268 2.14 -41.57 33.29
CA THR D 268 2.54 -42.69 34.17
C THR D 268 3.83 -43.40 33.75
N VAL D 269 4.36 -43.06 32.56
CA VAL D 269 5.56 -43.64 31.93
C VAL D 269 6.83 -43.54 32.80
N ILE D 270 6.81 -42.64 33.79
CA ILE D 270 7.87 -42.46 34.80
C ILE D 270 8.31 -43.77 35.47
N GLN D 271 7.44 -44.76 35.60
CA GLN D 271 7.78 -46.07 36.18
C GLN D 271 8.82 -46.86 35.37
N ARG D 272 9.04 -46.52 34.09
CA ARG D 272 10.08 -47.12 33.22
C ARG D 272 11.48 -46.55 33.48
N VAL D 273 11.61 -45.44 34.21
CA VAL D 273 12.86 -44.66 34.30
C VAL D 273 13.82 -45.13 35.40
N ASP D 274 13.33 -45.73 36.48
CA ASP D 274 14.08 -45.95 37.74
C ASP D 274 13.84 -47.32 38.41
N PRO D 275 14.69 -47.77 39.36
CA PRO D 275 16.04 -47.27 39.73
C PRO D 275 17.17 -48.03 39.01
N GLN D 276 16.80 -48.94 38.11
CA GLN D 276 17.64 -49.98 37.51
C GLN D 276 18.57 -49.44 36.41
N PHE D 277 19.73 -50.08 36.22
CA PHE D 277 20.76 -49.62 35.30
C PHE D 277 20.41 -49.77 33.80
N SER D 278 19.68 -50.83 33.42
CA SER D 278 19.21 -51.05 32.04
C SER D 278 17.90 -51.86 31.96
N TRP D 279 17.14 -51.65 30.88
CA TRP D 279 15.84 -52.30 30.63
C TRP D 279 15.92 -53.78 30.26
N ASN D 280 17.13 -54.34 30.11
CA ASN D 280 17.37 -55.79 30.09
C ASN D 280 17.18 -56.38 31.51
N THR D 281 15.92 -56.45 31.96
CA THR D 281 15.51 -56.67 33.36
C THR D 281 14.28 -57.59 33.45
N THR D 282 14.08 -58.21 34.61
CA THR D 282 13.12 -59.31 34.82
C THR D 282 11.65 -58.89 34.70
N GLN D 283 10.80 -59.87 34.36
CA GLN D 283 9.41 -59.69 33.89
C GLN D 283 8.53 -58.78 34.75
N GLU D 284 8.68 -58.80 36.07
CA GLU D 284 7.79 -58.04 36.95
C GLU D 284 7.85 -56.54 36.67
N LYS D 285 9.01 -56.00 36.28
CA LYS D 285 9.17 -54.57 35.93
C LYS D 285 8.22 -54.17 34.78
N TYR D 286 8.23 -54.91 33.66
CA TYR D 286 7.35 -54.59 32.53
C TYR D 286 5.87 -54.69 32.94
N ASN D 287 5.55 -55.60 33.84
CA ASN D 287 4.20 -55.74 34.39
C ASN D 287 3.79 -54.58 35.31
N GLN D 288 4.73 -53.85 35.93
CA GLN D 288 4.43 -52.55 36.56
C GLN D 288 4.02 -51.54 35.49
N VAL D 289 4.90 -51.35 34.48
CA VAL D 289 4.80 -50.26 33.51
C VAL D 289 3.62 -50.42 32.58
N LEU D 290 3.37 -51.62 32.06
CA LEU D 290 2.25 -51.85 31.14
C LEU D 290 0.91 -51.60 31.84
N LEU D 291 0.77 -52.07 33.09
CA LEU D 291 -0.41 -51.74 33.91
C LEU D 291 -0.48 -50.25 34.20
N ALA D 292 0.63 -49.56 34.46
CA ALA D 292 0.65 -48.11 34.63
C ALA D 292 0.15 -47.39 33.36
N TYR D 293 0.48 -47.88 32.17
CA TYR D 293 -0.04 -47.37 30.90
C TYR D 293 -1.54 -47.65 30.74
N THR D 294 -2.07 -48.80 31.21
CA THR D 294 -3.51 -49.09 31.10
C THR D 294 -4.39 -48.10 31.87
N GLN D 295 -3.87 -47.46 32.93
CA GLN D 295 -4.66 -47.00 34.08
C GLN D 295 -5.93 -46.23 33.70
N LEU D 296 -5.81 -44.94 33.36
CA LEU D 296 -6.95 -44.04 33.04
C LEU D 296 -8.07 -43.98 34.12
N SER D 297 -7.85 -44.57 35.29
CA SER D 297 -8.86 -44.93 36.28
C SER D 297 -8.16 -45.20 37.63
N SER D 298 -8.24 -46.42 38.18
CA SER D 298 -7.61 -46.82 39.45
C SER D 298 -7.63 -48.35 39.65
N GLU D 299 -7.30 -48.81 40.86
CA GLU D 299 -7.54 -50.17 41.38
C GLU D 299 -9.00 -50.67 41.23
N GLN D 300 -9.96 -49.80 40.87
CA GLN D 300 -11.32 -50.19 40.48
C GLN D 300 -11.36 -51.28 39.39
N ILE D 301 -10.36 -51.37 38.51
CA ILE D 301 -10.30 -52.41 37.47
C ILE D 301 -10.31 -53.84 38.01
N ALA D 302 -10.05 -54.06 39.30
CA ALA D 302 -10.28 -55.33 39.99
C ALA D 302 -11.73 -55.84 39.90
N LEU D 303 -12.71 -54.98 39.56
CA LEU D 303 -14.10 -55.40 39.32
C LEU D 303 -14.25 -56.31 38.09
N LEU D 304 -13.35 -56.25 37.10
CA LEU D 304 -13.41 -57.09 35.90
C LEU D 304 -12.94 -58.52 36.23
N ASN D 584 -31.38 -60.89 31.18
CA ASN D 584 -31.64 -60.45 32.56
C ASN D 584 -30.37 -59.96 33.27
N PHE D 585 -30.51 -59.37 34.46
CA PHE D 585 -29.42 -58.76 35.23
C PHE D 585 -28.18 -59.66 35.41
N ARG D 586 -28.36 -60.98 35.57
CA ARG D 586 -27.27 -61.96 35.72
C ARG D 586 -26.34 -62.05 34.49
N LEU D 587 -26.83 -61.60 33.32
CA LEU D 587 -26.06 -61.46 32.07
C LEU D 587 -25.71 -59.99 31.78
N GLU D 588 -26.62 -59.06 32.00
CA GLU D 588 -26.37 -57.63 31.75
C GLU D 588 -25.28 -57.05 32.66
N ARG D 589 -25.13 -57.57 33.89
CA ARG D 589 -24.02 -57.26 34.80
C ARG D 589 -22.63 -57.69 34.27
N LEU D 590 -22.57 -58.55 33.26
CA LEU D 590 -21.37 -58.86 32.48
C LEU D 590 -21.20 -57.90 31.29
N ASN D 591 -22.30 -57.48 30.66
CA ASN D 591 -22.28 -56.43 29.63
C ASN D 591 -21.91 -55.04 30.19
N ARG D 592 -22.16 -54.80 31.49
CA ARG D 592 -21.69 -53.62 32.23
C ARG D 592 -20.18 -53.41 32.14
N PHE D 593 -19.35 -54.46 31.95
CA PHE D 593 -17.90 -54.29 31.72
C PHE D 593 -17.57 -53.57 30.39
N ILE D 594 -18.49 -53.55 29.42
CA ILE D 594 -18.41 -52.72 28.20
C ILE D 594 -19.08 -51.36 28.42
N ARG D 595 -20.21 -51.29 29.14
CA ARG D 595 -20.87 -50.01 29.50
C ARG D 595 -19.93 -49.11 30.31
N LEU D 596 -19.15 -49.68 31.22
CA LEU D 596 -18.14 -49.01 32.05
C LEU D 596 -16.83 -48.68 31.30
N GLN D 597 -16.85 -48.67 29.96
CA GLN D 597 -15.81 -48.04 29.12
C GLN D 597 -15.67 -46.52 29.38
N ARG D 598 -16.57 -45.91 30.17
CA ARG D 598 -16.63 -44.46 30.49
C ARG D 598 -15.31 -43.86 30.98
N TRP D 599 -14.38 -44.66 31.51
CA TRP D 599 -13.04 -44.19 31.93
C TRP D 599 -12.14 -43.78 30.74
N LEU D 600 -12.52 -44.16 29.52
CA LEU D 600 -11.78 -44.04 28.27
C LEU D 600 -12.66 -43.34 27.21
N ASP D 601 -12.05 -42.52 26.33
CA ASP D 601 -12.79 -41.83 25.26
C ASP D 601 -13.04 -42.74 24.03
N LEU D 602 -13.61 -43.93 24.28
CA LEU D 602 -13.82 -45.00 23.30
C LEU D 602 -15.31 -45.11 22.91
N PRO D 603 -15.65 -45.14 21.61
CA PRO D 603 -17.02 -45.38 21.15
C PRO D 603 -17.43 -46.85 21.32
N SER D 604 -18.74 -47.11 21.32
CA SER D 604 -19.33 -48.45 21.54
C SER D 604 -18.89 -49.53 20.53
N HIS D 605 -18.41 -49.16 19.33
CA HIS D 605 -17.84 -50.10 18.34
C HIS D 605 -16.40 -50.55 18.63
N GLN D 606 -15.67 -49.90 19.54
CA GLN D 606 -14.24 -50.14 19.76
C GLN D 606 -13.94 -51.41 20.56
N LEU D 607 -14.58 -51.62 21.73
CA LEU D 607 -14.19 -52.72 22.65
C LEU D 607 -14.35 -54.13 22.04
N ASP D 608 -15.39 -54.41 21.24
CA ASP D 608 -15.51 -55.73 20.60
C ASP D 608 -14.42 -55.96 19.54
N LEU D 609 -14.05 -54.91 18.78
CA LEU D 609 -12.92 -54.96 17.84
C LEU D 609 -11.59 -55.17 18.58
N LEU D 610 -11.38 -54.46 19.69
CA LEU D 610 -10.20 -54.55 20.54
C LEU D 610 -10.05 -55.95 21.18
N LEU D 611 -11.12 -56.46 21.79
CA LEU D 611 -11.08 -57.65 22.66
C LEU D 611 -11.17 -58.98 21.90
N THR D 612 -11.86 -59.05 20.75
CA THR D 612 -12.08 -60.34 20.06
C THR D 612 -10.80 -61.05 19.61
N SER D 613 -9.78 -60.34 19.12
CA SER D 613 -8.52 -60.95 18.66
C SER D 613 -7.74 -61.59 19.82
N VAL D 614 -7.50 -60.85 20.91
CA VAL D 614 -6.83 -61.36 22.12
C VAL D 614 -7.63 -62.46 22.82
N MET D 615 -8.96 -62.38 22.86
CA MET D 615 -9.83 -63.45 23.37
C MET D 615 -9.90 -64.69 22.47
N GLN D 616 -9.54 -64.59 21.18
CA GLN D 616 -9.35 -65.74 20.28
C GLN D 616 -7.95 -66.36 20.44
N ALA D 617 -6.92 -65.52 20.65
CA ALA D 617 -5.55 -65.96 20.89
C ALA D 617 -5.40 -66.74 22.22
N ASP D 618 -6.15 -66.34 23.26
CA ASP D 618 -6.35 -67.10 24.50
C ASP D 618 -7.21 -68.36 24.26
N ALA D 619 -6.69 -69.55 24.61
CA ALA D 619 -7.38 -70.83 24.47
C ALA D 619 -8.50 -71.12 25.50
N ASP D 620 -8.61 -70.35 26.59
CA ASP D 620 -9.60 -70.60 27.67
C ASP D 620 -11.07 -70.44 27.18
N ASN D 621 -12.00 -71.18 27.80
CA ASN D 621 -13.37 -71.35 27.31
C ASN D 621 -14.42 -70.43 27.98
N SER D 622 -14.40 -70.30 29.31
CA SER D 622 -15.45 -69.62 30.08
C SER D 622 -15.28 -68.10 30.17
N GLN D 623 -16.31 -67.40 30.66
CA GLN D 623 -16.41 -65.92 30.70
C GLN D 623 -15.34 -65.21 31.56
N GLN D 624 -14.58 -65.95 32.37
CA GLN D 624 -13.41 -65.44 33.12
C GLN D 624 -12.30 -64.88 32.21
N GLU D 625 -12.37 -65.11 30.89
CA GLU D 625 -11.48 -64.53 29.89
C GLU D 625 -11.45 -62.98 29.86
N ILE D 626 -12.37 -62.29 30.55
CA ILE D 626 -12.36 -60.83 30.77
C ILE D 626 -11.24 -60.33 31.72
N THR D 627 -10.67 -61.22 32.55
CA THR D 627 -9.72 -60.90 33.63
C THR D 627 -8.39 -60.26 33.16
N GLU D 628 -7.62 -59.73 34.12
CA GLU D 628 -6.47 -58.84 33.92
C GLU D 628 -5.38 -59.33 32.93
N PRO D 629 -5.10 -60.64 32.78
CA PRO D 629 -4.17 -61.12 31.74
C PRO D 629 -4.54 -60.70 30.30
N VAL D 630 -5.78 -60.28 30.03
CA VAL D 630 -6.19 -59.61 28.78
C VAL D 630 -6.10 -58.09 28.87
N LEU D 631 -6.48 -57.48 29.99
CA LEU D 631 -6.58 -56.02 30.15
C LEU D 631 -5.23 -55.31 29.95
N LYS D 632 -4.12 -55.97 30.30
CA LYS D 632 -2.76 -55.47 30.06
C LYS D 632 -2.54 -54.98 28.61
N SER D 633 -3.19 -55.61 27.62
CA SER D 633 -3.02 -55.24 26.21
C SER D 633 -3.49 -53.82 25.87
N LEU D 634 -4.45 -53.22 26.60
CA LEU D 634 -4.96 -51.88 26.25
C LEU D 634 -3.96 -50.76 26.55
N GLY D 635 -3.01 -50.99 27.46
CA GLY D 635 -1.93 -50.05 27.76
C GLY D 635 -0.97 -49.91 26.59
N LEU D 636 -0.66 -51.01 25.90
CA LEU D 636 0.13 -51.02 24.67
C LEU D 636 -0.59 -50.27 23.55
N PHE D 637 -1.91 -50.45 23.41
CA PHE D 637 -2.72 -49.65 22.49
C PHE D 637 -2.65 -48.16 22.83
N ARG D 638 -2.90 -47.79 24.09
CA ARG D 638 -2.84 -46.40 24.58
C ARG D 638 -1.49 -45.76 24.31
N HIS D 639 -0.40 -46.48 24.60
CA HIS D 639 0.98 -46.08 24.34
C HIS D 639 1.24 -45.82 22.86
N LEU D 640 0.97 -46.79 21.99
CA LEU D 640 1.21 -46.64 20.56
C LEU D 640 0.31 -45.57 19.93
N ASN D 641 -0.91 -45.37 20.45
CA ASN D 641 -1.81 -44.28 20.07
C ASN D 641 -1.21 -42.91 20.44
N LEU D 642 -0.84 -42.69 21.71
CA LEU D 642 -0.32 -41.40 22.16
C LEU D 642 0.99 -41.02 21.47
N GLN D 643 1.90 -41.97 21.28
CA GLN D 643 3.20 -41.71 20.66
C GLN D 643 3.16 -41.70 19.12
N TYR D 644 2.41 -42.60 18.49
CA TYR D 644 2.52 -42.87 17.04
C TYR D 644 1.19 -42.89 16.27
N LYS D 645 0.04 -42.71 16.95
CA LYS D 645 -1.30 -42.60 16.36
C LYS D 645 -1.70 -43.79 15.45
N ILE D 646 -1.55 -45.01 15.99
CA ILE D 646 -2.14 -46.23 15.40
C ILE D 646 -3.69 -46.22 15.49
N THR D 647 -4.34 -47.27 14.96
CA THR D 647 -5.81 -47.45 14.97
C THR D 647 -6.19 -48.85 15.50
N PRO D 648 -7.30 -49.03 16.25
CA PRO D 648 -7.66 -50.31 16.85
C PRO D 648 -7.78 -51.47 15.84
N GLU D 649 -8.17 -51.16 14.59
CA GLU D 649 -8.25 -52.14 13.50
C GLU D 649 -6.89 -52.77 13.17
N ILE D 650 -5.85 -51.96 12.97
CA ILE D 650 -4.50 -52.42 12.61
C ILE D 650 -3.88 -53.20 13.77
N PHE D 651 -4.05 -52.71 15.00
CA PHE D 651 -3.56 -53.37 16.21
C PHE D 651 -4.23 -54.73 16.42
N SER D 652 -5.57 -54.81 16.33
CA SER D 652 -6.31 -56.06 16.45
C SER D 652 -6.10 -57.02 15.27
N SER D 653 -5.76 -56.50 14.08
CA SER D 653 -5.40 -57.29 12.89
C SER D 653 -4.02 -57.93 13.01
N TRP D 654 -2.97 -57.20 13.41
CA TRP D 654 -1.64 -57.80 13.60
C TRP D 654 -1.60 -58.73 14.83
N LEU D 655 -2.39 -58.44 15.88
CA LEU D 655 -2.72 -59.41 16.93
C LEU D 655 -3.72 -60.44 16.40
N ALA D 701 -0.92 -68.06 -12.73
CA ALA D 701 -0.45 -68.38 -11.38
C ALA D 701 -0.69 -67.23 -10.38
N LYS D 702 -0.50 -67.49 -9.08
CA LYS D 702 -0.67 -66.52 -7.97
C LYS D 702 0.45 -65.46 -7.89
N SER D 703 1.42 -65.49 -8.80
CA SER D 703 2.61 -64.62 -8.80
C SER D 703 2.28 -63.11 -8.81
N VAL D 704 1.13 -62.70 -9.36
CA VAL D 704 0.67 -61.31 -9.34
C VAL D 704 0.37 -60.85 -7.90
N LYS D 705 -0.32 -61.67 -7.10
CA LYS D 705 -0.57 -61.39 -5.67
C LYS D 705 0.70 -61.51 -4.82
N GLN D 706 1.56 -62.49 -5.13
CA GLN D 706 2.88 -62.67 -4.49
C GLN D 706 3.79 -61.43 -4.70
N LEU D 707 3.69 -60.76 -5.85
CA LEU D 707 4.37 -59.49 -6.14
C LEU D 707 3.64 -58.27 -5.55
N CYS D 708 2.31 -58.20 -5.63
CA CYS D 708 1.50 -57.06 -5.19
C CYS D 708 1.57 -56.80 -3.67
N ALA D 709 1.91 -57.81 -2.87
CA ALA D 709 2.28 -57.63 -1.46
C ALA D 709 3.44 -56.62 -1.26
N GLY D 710 4.24 -56.37 -2.30
CA GLY D 710 5.32 -55.38 -2.34
C GLY D 710 4.91 -53.90 -2.35
N LEU D 711 3.61 -53.58 -2.26
CA LEU D 711 3.08 -52.22 -2.16
C LEU D 711 3.60 -51.46 -0.92
N ASN D 712 3.60 -52.09 0.26
CA ASN D 712 4.00 -51.44 1.51
C ASN D 712 5.53 -51.25 1.58
N ILE D 713 6.28 -52.34 1.42
CA ILE D 713 7.76 -52.39 1.32
C ILE D 713 8.13 -53.24 0.09
N SER D 714 9.13 -52.80 -0.68
CA SER D 714 9.55 -53.44 -1.95
C SER D 714 9.76 -54.96 -1.87
N ALA D 715 9.17 -55.70 -2.82
CA ALA D 715 9.15 -57.17 -2.86
C ALA D 715 10.54 -57.84 -2.89
N VAL D 716 11.62 -57.09 -3.14
CA VAL D 716 13.01 -57.60 -3.05
C VAL D 716 13.38 -58.11 -1.66
N THR D 717 12.65 -57.70 -0.61
CA THR D 717 12.78 -58.21 0.76
C THR D 717 12.25 -59.65 0.92
N PHE D 718 11.46 -60.19 -0.01
CA PHE D 718 10.81 -61.50 0.16
C PHE D 718 11.77 -62.71 0.19
N GLN D 719 13.07 -62.49 -0.04
CA GLN D 719 14.14 -63.40 0.39
C GLN D 719 14.10 -63.74 1.90
N PHE D 720 13.51 -62.87 2.73
CA PHE D 720 13.25 -63.09 4.16
C PHE D 720 11.87 -63.70 4.46
N ILE D 721 10.96 -63.77 3.48
CA ILE D 721 9.59 -64.28 3.66
C ILE D 721 9.48 -65.80 3.49
N ALA D 722 10.30 -66.42 2.63
CA ALA D 722 10.43 -67.88 2.60
C ALA D 722 10.97 -68.46 3.94
N PRO D 723 11.92 -67.80 4.64
CA PRO D 723 12.23 -68.08 6.04
C PRO D 723 11.08 -67.84 7.06
N LEU D 724 10.13 -66.94 6.78
CA LEU D 724 8.98 -66.67 7.66
C LEU D 724 7.92 -67.78 7.59
N VAL D 725 7.57 -68.25 6.39
CA VAL D 725 6.50 -69.26 6.21
C VAL D 725 6.83 -70.64 6.80
N GLN D 726 8.08 -70.87 7.22
CA GLN D 726 8.51 -72.03 8.02
C GLN D 726 7.80 -72.13 9.39
N SER D 727 7.13 -71.08 9.88
CA SER D 727 6.22 -71.18 11.05
C SER D 727 4.90 -71.93 10.75
N ALA D 728 4.61 -72.16 9.47
CA ALA D 728 3.52 -72.98 8.94
C ALA D 728 4.10 -74.00 7.93
N LEU D 729 3.50 -74.15 6.75
CA LEU D 729 4.08 -74.86 5.60
C LEU D 729 3.92 -74.00 4.34
N GLY D 730 4.99 -73.85 3.55
CA GLY D 730 5.00 -73.05 2.33
C GLY D 730 6.35 -72.98 1.62
N LEU D 731 6.33 -72.49 0.38
CA LEU D 731 7.46 -72.29 -0.53
C LEU D 731 7.26 -70.95 -1.28
N GLU D 732 8.29 -70.39 -1.93
CA GLU D 732 8.20 -69.06 -2.57
C GLU D 732 7.03 -68.94 -3.56
N ALA D 733 6.73 -70.00 -4.33
CA ALA D 733 5.49 -70.14 -5.10
C ALA D 733 4.35 -70.80 -4.30
N GLY D 734 4.64 -71.84 -3.51
CA GLY D 734 3.65 -72.66 -2.79
C GLY D 734 2.90 -71.96 -1.66
N THR D 735 3.30 -70.74 -1.26
CA THR D 735 2.61 -69.88 -0.27
C THR D 735 1.32 -69.24 -0.83
N LEU D 736 0.93 -69.58 -2.08
CA LEU D 736 -0.25 -69.11 -2.82
C LEU D 736 -1.59 -69.18 -2.07
N VAL D 737 -1.69 -69.99 -1.01
CA VAL D 737 -2.88 -70.10 -0.15
C VAL D 737 -3.11 -68.88 0.76
N ARG D 738 -2.06 -68.09 1.05
CA ARG D 738 -2.09 -66.84 1.86
C ARG D 738 -2.90 -66.93 3.16
N SER D 739 -2.76 -68.03 3.90
CA SER D 739 -3.51 -68.34 5.13
C SER D 739 -3.28 -67.32 6.25
N PHE D 740 -4.30 -67.05 7.07
CA PHE D 740 -4.29 -65.99 8.10
C PHE D 740 -3.17 -66.11 9.14
N GLU D 741 -2.74 -67.33 9.49
CA GLU D 741 -1.60 -67.54 10.40
C GLU D 741 -0.27 -67.04 9.79
N VAL D 742 -0.15 -67.07 8.46
CA VAL D 742 0.99 -66.53 7.69
C VAL D 742 0.83 -65.04 7.43
N VAL D 743 -0.29 -64.60 6.83
CA VAL D 743 -0.45 -63.18 6.42
C VAL D 743 -0.59 -62.22 7.61
N SER D 744 -1.16 -62.64 8.75
CA SER D 744 -1.09 -61.81 9.97
C SER D 744 0.36 -61.64 10.49
N SER D 745 1.23 -62.64 10.25
CA SER D 745 2.65 -62.53 10.59
C SER D 745 3.43 -61.63 9.61
N LEU D 746 3.03 -61.58 8.34
CA LEU D 746 3.46 -60.53 7.40
C LEU D 746 2.99 -59.15 7.89
N TYR D 747 1.75 -59.04 8.39
CA TYR D 747 1.18 -57.81 8.94
C TYR D 747 1.97 -57.31 10.16
N ARG D 748 2.37 -58.21 11.07
CA ARG D 748 3.28 -57.91 12.19
C ARG D 748 4.65 -57.44 11.69
N LEU D 749 5.29 -58.21 10.82
CA LEU D 749 6.65 -57.95 10.32
C LEU D 749 6.77 -56.66 9.48
N VAL D 750 5.73 -56.30 8.72
CA VAL D 750 5.71 -55.06 7.93
C VAL D 750 5.32 -53.83 8.76
N SER D 751 4.45 -53.97 9.78
CA SER D 751 3.96 -52.83 10.58
C SER D 751 4.94 -52.39 11.68
N ILE D 752 5.36 -53.32 12.53
CA ILE D 752 5.95 -52.99 13.85
C ILE D 752 7.30 -52.25 13.74
N PRO D 753 8.26 -52.66 12.88
CA PRO D 753 9.53 -51.93 12.75
C PRO D 753 9.38 -50.51 12.17
N GLN D 754 8.41 -50.28 11.29
CA GLN D 754 8.19 -48.97 10.65
C GLN D 754 7.74 -47.88 11.63
N THR D 755 7.12 -48.24 12.76
CA THR D 755 6.81 -47.32 13.87
C THR D 755 8.07 -46.61 14.40
N PHE D 756 9.20 -47.31 14.38
CA PHE D 756 10.52 -46.81 14.78
C PHE D 756 11.39 -46.32 13.60
N GLY D 757 10.84 -46.32 12.38
CA GLY D 757 11.54 -45.93 11.14
C GLY D 757 12.56 -46.95 10.61
N LEU D 758 12.54 -48.18 11.13
CA LEU D 758 13.45 -49.27 10.74
C LEU D 758 13.11 -49.81 9.33
N SER D 759 14.12 -50.22 8.57
CA SER D 759 13.93 -51.12 7.43
C SER D 759 13.82 -52.58 7.90
N THR D 760 13.27 -53.48 7.07
CA THR D 760 13.11 -54.92 7.40
C THR D 760 14.43 -55.57 7.84
N GLU D 761 15.55 -55.18 7.21
CA GLU D 761 16.90 -55.63 7.52
C GLU D 761 17.44 -55.09 8.88
N ASP D 762 16.93 -53.96 9.35
CA ASP D 762 17.21 -53.41 10.69
C ASP D 762 16.34 -54.06 11.76
N GLY D 763 15.05 -54.30 11.47
CA GLY D 763 14.14 -55.00 12.37
C GLY D 763 14.60 -56.42 12.68
N LEU D 764 15.03 -57.16 11.66
CA LEU D 764 15.63 -58.50 11.81
C LEU D 764 16.91 -58.47 12.67
N ILE D 765 17.69 -57.39 12.63
CA ILE D 765 18.84 -57.20 13.54
C ILE D 765 18.37 -57.08 14.98
N LEU D 766 17.39 -56.23 15.29
CA LEU D 766 16.92 -56.07 16.68
C LEU D 766 16.42 -57.40 17.25
N MET D 767 15.59 -58.13 16.51
CA MET D 767 15.07 -59.44 16.93
C MET D 767 16.22 -60.43 17.21
N ASN D 768 17.19 -60.54 16.31
CA ASN D 768 18.36 -61.40 16.49
C ASN D 768 19.21 -61.01 17.71
N ILE D 769 19.50 -59.71 17.88
CA ILE D 769 20.34 -59.19 18.97
C ILE D 769 19.66 -59.34 20.34
N LEU D 770 18.37 -59.03 20.42
CA LEU D 770 17.61 -59.07 21.69
C LEU D 770 17.18 -60.49 22.11
N THR D 771 16.89 -61.39 21.16
CA THR D 771 16.16 -62.65 21.46
C THR D 771 16.83 -63.94 20.97
N ASP D 772 17.91 -63.85 20.17
CA ASP D 772 18.54 -64.96 19.43
C ASP D 772 17.63 -65.64 18.37
N GLU D 773 16.46 -65.09 18.08
CA GLU D 773 15.49 -65.60 17.11
C GLU D 773 14.65 -64.46 16.49
N MET D 774 13.51 -64.77 15.86
CA MET D 774 12.60 -63.82 15.21
C MET D 774 11.72 -62.97 16.17
N GLY D 775 11.89 -63.08 17.49
CA GLY D 775 11.21 -62.23 18.50
C GLY D 775 9.69 -62.16 18.39
N TYR D 776 9.02 -63.28 18.03
CA TYR D 776 7.59 -63.38 17.73
C TYR D 776 7.08 -62.60 16.50
N LEU D 777 7.94 -62.01 15.67
CA LEU D 777 7.63 -61.84 14.25
C LEU D 777 7.67 -63.23 13.57
N ALA D 778 7.03 -63.41 12.42
CA ALA D 778 6.85 -64.71 11.70
C ALA D 778 6.09 -65.83 12.47
N LYS D 779 6.30 -65.97 13.78
CA LYS D 779 5.52 -66.80 14.72
C LYS D 779 4.20 -66.13 15.14
N GLN D 780 3.42 -66.81 15.98
CA GLN D 780 2.21 -66.28 16.63
C GLN D 780 2.50 -65.08 17.57
N PRO D 781 1.50 -64.22 17.88
CA PRO D 781 1.62 -63.09 18.84
C PRO D 781 1.90 -63.43 20.32
N ALA D 782 2.52 -64.58 20.62
CA ALA D 782 2.91 -65.06 21.95
C ALA D 782 1.82 -65.17 23.02
N PHE D 783 0.52 -65.00 22.72
CA PHE D 783 -0.45 -64.62 23.76
C PHE D 783 -0.63 -65.64 24.90
N ASP D 784 -0.63 -66.94 24.60
CA ASP D 784 -0.63 -68.04 25.59
C ASP D 784 0.78 -68.55 25.97
N ASP D 785 1.83 -68.04 25.33
CA ASP D 785 3.24 -68.24 25.72
C ASP D 785 3.66 -67.21 26.80
N LYS D 786 3.05 -66.02 26.74
CA LYS D 786 3.04 -64.98 27.76
C LYS D 786 2.41 -65.45 29.07
N GLN D 787 1.39 -66.32 29.01
CA GLN D 787 0.83 -67.02 30.20
C GLN D 787 1.87 -67.92 30.91
N THR D 788 2.97 -68.28 30.26
CA THR D 788 4.12 -69.01 30.86
C THR D 788 5.43 -68.22 30.74
N GLN D 789 5.34 -66.89 30.60
CA GLN D 789 6.44 -65.91 30.60
C GLN D 789 7.60 -66.19 29.60
N ASP D 790 7.30 -66.81 28.46
CA ASP D 790 8.28 -67.20 27.44
C ASP D 790 8.55 -66.09 26.40
N LYS D 791 9.53 -65.21 26.68
CA LYS D 791 10.01 -64.11 25.80
C LYS D 791 8.92 -63.14 25.28
N ASP D 792 7.90 -62.86 26.09
CA ASP D 792 6.59 -62.38 25.60
C ASP D 792 6.59 -61.13 24.70
N PHE D 793 5.78 -61.18 23.65
CA PHE D 793 5.62 -60.15 22.61
C PHE D 793 5.31 -58.74 23.16
N LEU D 794 4.53 -58.66 24.24
CA LEU D 794 4.20 -57.39 24.90
C LEU D 794 5.41 -56.69 25.51
N SER D 795 6.51 -57.39 25.78
CA SER D 795 7.80 -56.80 26.18
C SER D 795 8.65 -56.37 24.98
N ILE D 796 8.52 -57.06 23.84
CA ILE D 796 9.40 -56.86 22.67
C ILE D 796 9.27 -55.44 22.11
N ILE D 797 8.04 -54.93 21.95
CA ILE D 797 7.82 -53.57 21.43
C ILE D 797 8.37 -52.50 22.39
N LEU D 798 8.39 -52.76 23.71
CA LEU D 798 9.05 -51.89 24.67
C LEU D 798 10.57 -51.86 24.48
N LYS D 799 11.19 -53.03 24.24
CA LYS D 799 12.63 -53.13 23.95
C LYS D 799 12.99 -52.44 22.63
N MET D 800 12.17 -52.59 21.60
CA MET D 800 12.33 -51.87 20.31
C MET D 800 12.28 -50.36 20.51
N GLU D 801 11.35 -49.85 21.32
CA GLU D 801 11.29 -48.42 21.65
C GLU D 801 12.52 -47.95 22.45
N ALA D 802 12.90 -48.68 23.50
CA ALA D 802 14.04 -48.34 24.36
C ALA D 802 15.37 -48.28 23.58
N LEU D 803 15.60 -49.22 22.66
CA LEU D 803 16.75 -49.17 21.75
C LEU D 803 16.59 -48.07 20.69
N SER D 804 15.40 -47.80 20.17
CA SER D 804 15.20 -46.72 19.19
C SER D 804 15.53 -45.34 19.78
N ALA D 805 15.26 -45.13 21.07
CA ALA D 805 15.66 -43.93 21.80
C ALA D 805 17.19 -43.85 21.97
N TRP D 806 17.81 -44.93 22.47
CA TRP D 806 19.27 -44.98 22.68
C TRP D 806 20.07 -44.84 21.37
N LEU D 807 19.57 -45.44 20.29
CA LEU D 807 20.15 -45.38 18.95
C LEU D 807 19.76 -44.12 18.17
N THR D 808 18.84 -43.30 18.70
CA THR D 808 18.62 -41.91 18.26
C THR D 808 19.53 -40.93 19.04
N LYS D 809 19.76 -41.19 20.33
CA LYS D 809 20.70 -40.44 21.21
C LYS D 809 22.16 -40.53 20.75
N ASN D 810 22.55 -41.62 20.08
CA ASN D 810 23.92 -41.87 19.62
C ASN D 810 23.96 -42.11 18.10
N ASN D 811 24.98 -41.59 17.42
CA ASN D 811 25.07 -41.56 15.94
C ASN D 811 25.50 -42.90 15.29
N LEU D 812 25.30 -44.01 15.99
CA LEU D 812 25.44 -45.38 15.47
C LEU D 812 24.26 -45.75 14.55
N THR D 813 24.32 -46.96 13.98
CA THR D 813 23.28 -47.53 13.09
C THR D 813 23.04 -49.00 13.45
N PRO D 814 21.88 -49.60 13.11
CA PRO D 814 21.65 -51.02 13.38
C PRO D 814 22.70 -51.92 12.73
N ALA D 815 23.10 -51.61 11.50
CA ALA D 815 24.09 -52.40 10.74
C ALA D 815 25.49 -52.34 11.37
N SER D 816 25.92 -51.16 11.82
CA SER D 816 27.21 -51.02 12.53
C SER D 816 27.14 -51.67 13.92
N LEU D 817 26.09 -51.40 14.69
CA LEU D 817 25.95 -51.96 16.04
C LEU D 817 25.89 -53.49 16.03
N ALA D 818 25.20 -54.12 15.06
CA ALA D 818 25.20 -55.56 14.90
C ALA D 818 26.58 -56.14 14.56
N LEU D 819 27.36 -55.45 13.71
CA LEU D 819 28.72 -55.83 13.38
C LEU D 819 29.62 -55.73 14.62
N LEU D 820 29.54 -54.63 15.36
CA LEU D 820 30.28 -54.38 16.60
C LEU D 820 29.93 -55.39 17.72
N LEU D 821 28.68 -55.81 17.81
CA LEU D 821 28.20 -56.91 18.68
C LEU D 821 28.53 -58.32 18.13
N GLY D 822 29.12 -58.43 16.95
CA GLY D 822 29.60 -59.68 16.38
C GLY D 822 28.51 -60.58 15.79
N VAL D 823 27.42 -60.03 15.29
CA VAL D 823 26.32 -60.79 14.64
C VAL D 823 26.32 -60.56 13.13
N THR D 824 26.27 -61.66 12.35
CA THR D 824 26.41 -61.67 10.88
C THR D 824 27.72 -60.99 10.44
N ARG D 825 28.85 -61.58 10.83
CA ARG D 825 30.20 -60.97 10.80
C ARG D 825 30.75 -60.74 9.38
N LEU D 826 31.78 -59.89 9.29
CA LEU D 826 32.45 -59.45 8.06
C LEU D 826 33.16 -60.60 7.31
N ALA D 827 33.51 -60.39 6.04
CA ALA D 827 34.40 -61.26 5.24
C ALA D 827 35.60 -60.47 4.68
N VAL D 828 36.78 -61.10 4.61
CA VAL D 828 38.06 -60.47 4.21
C VAL D 828 38.97 -61.46 3.46
N VAL D 829 39.88 -60.96 2.64
CA VAL D 829 40.80 -61.75 1.81
C VAL D 829 42.22 -61.72 2.38
N PRO D 830 42.90 -62.88 2.59
CA PRO D 830 44.28 -62.94 3.06
C PRO D 830 45.28 -62.63 1.93
N THR D 831 45.29 -61.37 1.47
CA THR D 831 46.21 -60.86 0.44
C THR D 831 47.66 -60.93 0.91
N ASN D 832 48.59 -61.38 0.06
CA ASN D 832 50.01 -61.55 0.41
C ASN D 832 50.72 -60.25 0.87
N ASN D 833 50.12 -59.08 0.64
CA ASN D 833 50.49 -57.82 1.31
C ASN D 833 50.63 -57.97 2.83
N MET D 834 49.83 -58.83 3.47
CA MET D 834 49.98 -59.15 4.89
C MET D 834 51.35 -59.75 5.20
N VAL D 835 51.88 -60.63 4.36
CA VAL D 835 53.25 -61.15 4.52
C VAL D 835 54.27 -60.03 4.40
N THR D 836 54.07 -59.08 3.48
CA THR D 836 54.99 -57.93 3.36
C THR D 836 55.02 -57.07 4.63
N PHE D 837 53.89 -56.96 5.33
CA PHE D 837 53.77 -56.31 6.62
C PHE D 837 54.43 -57.10 7.75
N PHE D 838 54.16 -58.41 7.89
CA PHE D 838 54.80 -59.23 8.92
C PHE D 838 56.30 -59.43 8.70
N LYS D 839 56.74 -59.57 7.45
CA LYS D 839 58.16 -59.52 7.05
C LYS D 839 58.76 -58.15 7.36
N GLY D 840 57.97 -57.07 7.26
CA GLY D 840 58.35 -55.73 7.71
C GLY D 840 58.61 -55.65 9.22
N ILE D 841 57.76 -56.30 10.03
CA ILE D 841 57.99 -56.46 11.48
C ILE D 841 59.27 -57.27 11.74
N ALA D 842 59.44 -58.41 11.07
CA ALA D 842 60.64 -59.24 11.21
C ALA D 842 61.93 -58.52 10.80
N ASN D 843 61.89 -57.74 9.71
CA ASN D 843 62.98 -56.88 9.28
C ASN D 843 63.29 -55.81 10.35
N GLY D 844 62.26 -55.11 10.86
CA GLY D 844 62.40 -54.10 11.91
C GLY D 844 62.94 -54.66 13.23
N LEU D 845 62.58 -55.89 13.57
CA LEU D 845 63.14 -56.66 14.69
C LEU D 845 64.61 -57.05 14.46
N SER D 846 65.00 -57.33 13.22
CA SER D 846 66.32 -57.89 12.86
C SER D 846 67.42 -56.84 12.62
N GLU D 847 67.09 -55.69 12.04
CA GLU D 847 68.05 -54.62 11.72
C GLU D 847 68.48 -53.83 12.96
N ASN D 848 69.59 -54.26 13.58
CA ASN D 848 70.32 -53.67 14.71
C ASN D 848 69.54 -53.41 16.02
N VAL D 849 68.25 -53.71 16.11
CA VAL D 849 67.50 -53.64 17.39
C VAL D 849 68.04 -54.67 18.41
N CYS D 850 68.65 -55.77 17.96
CA CYS D 850 69.42 -56.74 18.76
C CYS D 850 68.66 -57.21 20.03
N LEU D 851 67.36 -57.51 19.87
CA LEU D 851 66.43 -57.63 20.98
C LEU D 851 66.63 -58.87 21.87
N THR D 852 66.56 -58.68 23.20
CA THR D 852 66.64 -59.71 24.26
C THR D 852 65.45 -60.71 24.27
N THR D 853 64.59 -60.69 23.25
CA THR D 853 63.39 -61.54 23.09
C THR D 853 63.70 -63.04 22.88
N ASP D 854 64.99 -63.39 22.74
CA ASP D 854 65.51 -64.77 22.63
C ASP D 854 65.04 -65.65 23.82
N ASP D 855 64.03 -66.49 23.59
CA ASP D 855 63.23 -67.25 24.58
C ASP D 855 62.85 -66.39 25.81
N PHE D 856 62.09 -65.31 25.58
CA PHE D 856 61.94 -64.16 26.49
C PHE D 856 61.52 -64.51 27.94
N GLN D 857 60.33 -65.08 28.17
CA GLN D 857 59.75 -65.20 29.51
C GLN D 857 60.24 -66.38 30.34
N ARG D 858 60.07 -67.61 29.82
CA ARG D 858 59.91 -68.84 30.62
C ARG D 858 61.14 -69.19 31.47
N GLN D 859 60.91 -69.83 32.62
CA GLN D 859 61.90 -69.98 33.71
C GLN D 859 63.24 -70.63 33.30
N GLU D 860 64.31 -70.21 33.97
CA GLU D 860 65.72 -70.44 33.59
C GLU D 860 66.04 -69.93 32.18
N LEU D 861 66.19 -68.61 32.06
CA LEU D 861 66.34 -67.82 30.83
C LEU D 861 67.73 -67.97 30.15
N GLU D 862 68.33 -69.16 30.24
CA GLU D 862 69.74 -69.47 29.95
C GLU D 862 70.21 -69.14 28.51
N GLY D 863 71.53 -68.90 28.37
CA GLY D 863 72.23 -68.87 27.07
C GLY D 863 72.01 -67.63 26.20
N ALA D 864 71.65 -66.49 26.80
CA ALA D 864 71.34 -65.23 26.12
C ALA D 864 72.52 -64.23 26.22
N ASP D 865 72.86 -63.60 25.09
CA ASP D 865 74.14 -62.92 24.86
C ASP D 865 74.47 -61.80 25.87
N TRP D 866 73.47 -60.98 26.22
CA TRP D 866 73.65 -59.65 26.82
C TRP D 866 74.43 -59.65 28.15
N TRP D 867 74.06 -60.50 29.12
CA TRP D 867 74.78 -60.55 30.42
C TRP D 867 76.10 -61.33 30.38
N THR D 868 76.42 -62.07 29.31
CA THR D 868 77.75 -62.67 29.14
C THR D 868 78.82 -61.61 28.94
N LEU D 869 78.51 -60.56 28.15
CA LEU D 869 79.39 -59.39 27.95
C LEU D 869 79.56 -58.59 29.25
N LEU D 870 78.48 -58.36 29.99
CA LEU D 870 78.44 -57.60 31.25
C LEU D 870 78.73 -58.47 32.51
N SER D 871 79.35 -59.64 32.34
CA SER D 871 79.55 -60.65 33.39
C SER D 871 80.51 -60.21 34.52
N THR D 872 81.38 -59.24 34.26
CA THR D 872 82.19 -58.57 35.30
C THR D 872 81.33 -57.77 36.29
N ASN D 873 80.10 -57.39 35.91
CA ASN D 873 79.15 -56.66 36.74
C ASN D 873 78.02 -57.56 37.28
N GLN D 874 77.50 -58.51 36.48
CA GLN D 874 76.68 -59.65 36.95
C GLN D 874 76.58 -60.80 35.93
N VAL D 875 76.89 -62.03 36.37
CA VAL D 875 76.90 -63.26 35.57
C VAL D 875 75.51 -63.87 35.29
N ILE D 876 74.58 -63.89 36.26
CA ILE D 876 73.45 -64.85 36.32
C ILE D 876 72.30 -64.63 35.29
N ASP D 877 72.64 -64.74 34.01
CA ASP D 877 71.77 -64.54 32.85
C ASP D 877 70.49 -65.41 32.86
N ASP D 878 70.56 -66.58 33.49
CA ASP D 878 69.45 -67.53 33.61
C ASP D 878 68.35 -67.04 34.58
N MET D 879 68.71 -66.12 35.49
CA MET D 879 67.89 -65.57 36.56
C MET D 879 67.14 -66.63 37.38
N GLY D 880 65.86 -66.89 37.06
CA GLY D 880 64.96 -67.73 37.84
C GLY D 880 63.59 -67.83 37.19
N LEU D 881 62.55 -67.36 37.89
CA LEU D 881 61.19 -67.18 37.37
C LEU D 881 61.11 -66.08 36.28
N VAL D 882 59.92 -65.87 35.70
CA VAL D 882 59.71 -65.11 34.45
C VAL D 882 59.97 -63.60 34.52
N LEU D 883 60.27 -63.02 33.36
CA LEU D 883 60.56 -61.59 33.13
C LEU D 883 59.50 -60.97 32.19
N ASP D 884 58.25 -60.84 32.66
CA ASP D 884 57.14 -60.23 31.91
C ASP D 884 56.09 -59.59 32.85
N ILE D 885 55.21 -58.72 32.32
CA ILE D 885 54.36 -57.79 33.09
C ILE D 885 52.88 -57.82 32.66
N HIS D 886 51.97 -57.73 33.65
CA HIS D 886 50.55 -57.42 33.51
C HIS D 886 50.26 -56.00 34.07
N PRO D 887 49.53 -55.12 33.36
CA PRO D 887 49.22 -53.77 33.84
C PRO D 887 48.32 -53.77 35.09
N VAL D 888 48.48 -52.72 35.92
CA VAL D 888 47.61 -52.37 37.05
C VAL D 888 47.51 -50.85 37.23
N TRP D 889 46.35 -50.38 37.69
CA TRP D 889 45.99 -48.97 37.87
C TRP D 889 46.88 -48.18 38.85
N GLY D 890 46.97 -46.86 38.66
CA GLY D 890 47.63 -45.92 39.57
C GLY D 890 49.15 -45.90 39.43
N LYS D 891 49.80 -47.07 39.48
CA LYS D 891 51.25 -47.26 39.26
C LYS D 891 51.58 -48.70 38.82
N SER D 892 51.99 -48.85 37.57
CA SER D 892 52.67 -50.05 37.03
C SER D 892 54.19 -49.81 36.99
N ASP D 893 54.79 -49.68 35.80
CA ASP D 893 56.19 -49.30 35.55
C ASP D 893 57.27 -50.27 36.10
N GLU D 894 58.54 -49.93 35.88
CA GLU D 894 59.72 -50.73 36.21
C GLU D 894 59.87 -51.06 37.71
N GLU D 895 59.18 -50.37 38.63
CA GLU D 895 59.17 -50.71 40.05
C GLU D 895 58.55 -52.11 40.31
N MET D 896 57.53 -52.51 39.53
CA MET D 896 56.97 -53.86 39.60
C MET D 896 57.92 -54.91 39.02
N LEU D 897 58.59 -54.60 37.91
CA LEU D 897 59.59 -55.46 37.29
C LEU D 897 60.78 -55.68 38.23
N MET D 898 61.22 -54.63 38.94
CA MET D 898 62.21 -54.69 40.00
C MET D 898 61.73 -55.55 41.18
N GLU D 899 60.53 -55.28 41.74
CA GLU D 899 60.00 -56.04 42.88
C GLU D 899 59.80 -57.53 42.56
N LYS D 900 59.36 -57.88 41.35
CA LYS D 900 59.21 -59.27 40.91
C LYS D 900 60.58 -59.98 40.92
N ILE D 901 61.62 -59.42 40.30
CA ILE D 901 62.97 -60.04 40.32
C ILE D 901 63.65 -59.99 41.71
N GLN D 902 63.34 -58.99 42.52
CA GLN D 902 63.84 -58.86 43.91
C GLN D 902 63.20 -59.90 44.84
N SER D 903 61.93 -60.25 44.64
CA SER D 903 61.19 -61.22 45.47
C SER D 903 61.71 -62.66 45.36
N ILE D 904 62.22 -63.07 44.18
CA ILE D 904 62.60 -64.45 43.85
C ILE D 904 64.00 -64.86 44.35
N GLY D 905 64.22 -64.66 45.65
CA GLY D 905 65.31 -65.31 46.40
C GLY D 905 66.72 -64.77 46.18
N VAL D 906 66.89 -63.64 45.48
CA VAL D 906 68.17 -62.93 45.44
C VAL D 906 68.48 -62.38 46.84
N SER D 907 69.56 -62.89 47.46
CA SER D 907 70.10 -62.39 48.73
C SER D 907 71.12 -61.26 48.53
N ASN D 908 71.72 -61.16 47.34
CA ASN D 908 72.60 -60.05 46.92
C ASN D 908 71.80 -58.78 46.61
N ASP D 909 71.26 -58.13 47.65
CA ASP D 909 70.44 -56.91 47.55
C ASP D 909 71.22 -55.62 47.22
N ASN D 910 72.55 -55.70 47.07
CA ASN D 910 73.41 -54.59 46.68
C ASN D 910 73.22 -54.16 45.20
N ASN D 911 74.04 -53.22 44.73
CA ASN D 911 73.93 -52.61 43.39
C ASN D 911 73.96 -53.61 42.22
N THR D 912 74.52 -54.81 42.38
CA THR D 912 74.49 -55.86 41.34
C THR D 912 73.06 -56.29 40.94
N LEU D 913 72.08 -56.13 41.82
CA LEU D 913 70.65 -56.35 41.52
C LEU D 913 70.01 -55.12 40.85
N SER D 914 70.29 -53.89 41.31
CA SER D 914 69.65 -52.69 40.75
C SER D 914 70.20 -52.31 39.37
N ILE D 915 71.50 -52.50 39.12
CA ILE D 915 72.11 -52.18 37.82
C ILE D 915 71.48 -52.98 36.68
N ILE D 916 71.15 -54.26 36.90
CA ILE D 916 70.52 -55.10 35.89
C ILE D 916 69.02 -54.80 35.65
N VAL D 917 68.41 -53.90 36.44
CA VAL D 917 67.11 -53.30 36.10
C VAL D 917 67.30 -52.14 35.12
N GLN D 918 68.22 -51.20 35.40
CA GLN D 918 68.51 -50.08 34.48
C GLN D 918 69.20 -50.51 33.17
N ILE D 919 69.77 -51.72 33.09
CA ILE D 919 70.17 -52.38 31.83
C ILE D 919 68.94 -52.94 31.05
N LEU D 920 67.88 -53.35 31.75
CA LEU D 920 66.69 -54.03 31.19
C LEU D 920 65.60 -53.10 30.64
N ILE D 921 65.46 -51.88 31.18
CA ILE D 921 64.37 -50.95 30.81
C ILE D 921 64.34 -50.64 29.30
N GLN D 922 65.47 -50.24 28.71
CA GLN D 922 65.54 -49.99 27.26
C GLN D 922 65.36 -51.27 26.42
N ALA D 923 65.73 -52.44 26.94
CA ALA D 923 65.49 -53.73 26.29
C ALA D 923 64.01 -54.13 26.28
N LYS D 924 63.21 -53.75 27.30
CA LYS D 924 61.74 -53.88 27.27
C LYS D 924 61.13 -52.90 26.25
N ASN D 925 61.55 -51.63 26.27
CA ASN D 925 61.13 -50.64 25.27
C ASN D 925 61.40 -51.14 23.85
N ALA D 926 62.57 -51.72 23.58
CA ALA D 926 62.91 -52.27 22.27
C ALA D 926 62.01 -53.44 21.79
N GLN D 927 61.21 -54.06 22.68
CA GLN D 927 60.17 -55.03 22.30
C GLN D 927 58.82 -54.35 21.98
N GLU D 928 58.40 -53.38 22.79
CA GLU D 928 57.12 -52.64 22.68
C GLU D 928 57.10 -51.59 21.55
N ASN D 929 58.17 -50.80 21.42
CA ASN D 929 58.24 -49.63 20.55
C ASN D 929 58.06 -49.98 19.06
N LEU D 930 58.39 -51.21 18.66
CA LEU D 930 58.19 -51.70 17.30
C LEU D 930 56.70 -51.69 16.89
N LEU D 931 55.83 -52.32 17.69
CA LEU D 931 54.41 -52.38 17.37
C LEU D 931 53.74 -51.00 17.50
N SER D 932 53.99 -50.31 18.61
CA SER D 932 53.38 -49.00 18.87
C SER D 932 53.76 -47.92 17.85
N GLN D 933 54.95 -47.99 17.25
CA GLN D 933 55.37 -47.05 16.19
C GLN D 933 54.94 -47.48 14.77
N THR D 934 54.83 -48.79 14.49
CA THR D 934 54.50 -49.31 13.15
C THR D 934 53.01 -49.43 12.87
N ILE D 935 52.24 -50.14 13.70
CA ILE D 935 50.82 -50.41 13.39
C ILE D 935 49.97 -49.13 13.45
N SER D 936 50.45 -48.12 14.18
CA SER D 936 49.88 -46.76 14.18
C SER D 936 49.80 -46.14 12.77
N ALA D 937 50.74 -46.48 11.87
CA ALA D 937 50.76 -46.06 10.48
C ALA D 937 49.93 -46.96 9.53
N GLU D 938 49.55 -48.17 9.96
CA GLU D 938 48.61 -49.03 9.23
C GLU D 938 47.15 -48.65 9.47
N TYR D 939 46.78 -48.36 10.72
CA TYR D 939 45.37 -48.34 11.15
C TYR D 939 44.88 -46.99 11.72
N GLY D 940 45.75 -46.01 11.91
CA GLY D 940 45.34 -44.65 12.30
C GLY D 940 44.90 -44.50 13.76
N VAL D 941 45.73 -44.97 14.70
CA VAL D 941 45.57 -44.81 16.15
C VAL D 941 46.86 -44.28 16.80
N GLU D 942 46.75 -43.46 17.85
CA GLU D 942 47.90 -42.86 18.53
C GLU D 942 48.75 -43.90 19.29
N ARG D 943 50.08 -43.76 19.24
CA ARG D 943 51.05 -44.70 19.85
C ARG D 943 50.89 -44.97 21.36
N SER D 944 50.15 -44.12 22.08
CA SER D 944 49.78 -44.33 23.48
C SER D 944 48.61 -45.31 23.68
N VAL D 945 47.82 -45.60 22.65
CA VAL D 945 46.67 -46.51 22.70
C VAL D 945 47.06 -47.94 22.32
N VAL D 946 48.00 -48.11 21.39
CA VAL D 946 48.32 -49.39 20.72
C VAL D 946 48.51 -50.61 21.65
N PRO D 947 49.36 -50.59 22.70
CA PRO D 947 49.54 -51.78 23.55
C PRO D 947 48.30 -52.14 24.37
N LEU D 948 47.53 -51.13 24.82
CA LEU D 948 46.24 -51.35 25.49
C LEU D 948 45.18 -51.90 24.53
N GLN D 949 45.09 -51.38 23.30
CA GLN D 949 44.17 -51.92 22.30
C GLN D 949 44.51 -53.39 22.02
N LEU D 950 45.80 -53.71 21.86
CA LEU D 950 46.31 -55.05 21.59
C LEU D 950 45.90 -56.03 22.69
N ARG D 951 46.11 -55.68 23.96
CA ARG D 951 45.68 -56.57 25.06
C ARG D 951 44.15 -56.63 25.21
N TRP D 952 43.43 -55.51 25.10
CA TRP D 952 41.97 -55.50 25.25
C TRP D 952 41.24 -56.26 24.13
N LEU D 953 41.84 -56.34 22.95
CA LEU D 953 41.44 -57.22 21.84
C LEU D 953 41.64 -58.72 22.14
N GLY D 954 42.46 -59.06 23.13
CA GLY D 954 42.82 -60.42 23.52
C GLY D 954 44.12 -60.92 22.89
N SER D 955 45.20 -60.18 23.05
CA SER D 955 46.53 -60.51 22.49
C SER D 955 47.68 -60.12 23.44
N ASN D 956 48.89 -60.59 23.13
CA ASN D 956 50.13 -60.26 23.84
C ASN D 956 51.25 -59.90 22.85
N VAL D 957 52.02 -58.85 23.15
CA VAL D 957 53.11 -58.30 22.30
C VAL D 957 54.13 -59.37 21.91
N TYR D 958 54.53 -60.23 22.85
CA TYR D 958 55.43 -61.34 22.56
C TYR D 958 54.73 -62.43 21.72
N SER D 959 53.46 -62.72 21.99
CA SER D 959 52.73 -63.72 21.21
C SER D 959 52.68 -63.33 19.73
N VAL D 960 52.52 -62.04 19.42
CA VAL D 960 52.58 -61.51 18.05
C VAL D 960 54.00 -61.63 17.47
N LEU D 961 55.01 -61.24 18.24
CA LEU D 961 56.42 -61.30 17.83
C LEU D 961 56.94 -62.75 17.63
N ASN D 962 56.41 -63.73 18.37
CA ASN D 962 56.71 -65.15 18.21
C ASN D 962 56.24 -65.69 16.86
N GLN D 963 55.29 -65.05 16.17
CA GLN D 963 54.83 -65.53 14.87
C GLN D 963 55.91 -65.40 13.77
N VAL D 964 56.93 -64.57 14.00
CA VAL D 964 58.17 -64.53 13.21
C VAL D 964 58.94 -65.86 13.33
N LEU D 965 59.03 -66.39 14.55
CA LEU D 965 59.64 -67.70 14.84
C LEU D 965 58.80 -68.86 14.29
N ASN D 966 57.49 -68.68 14.16
CA ASN D 966 56.58 -69.57 13.46
C ASN D 966 56.56 -69.38 11.93
N ASN D 967 57.58 -68.72 11.36
CA ASN D 967 57.81 -68.55 9.92
C ASN D 967 56.72 -67.74 9.16
N THR D 968 55.99 -66.86 9.84
CA THR D 968 55.03 -65.95 9.18
C THR D 968 55.64 -65.12 8.03
N PRO D 969 56.90 -64.67 8.07
CA PRO D 969 57.51 -63.95 6.95
C PRO D 969 57.67 -64.74 5.65
N THR D 970 57.43 -66.07 5.64
CA THR D 970 57.47 -66.87 4.41
C THR D 970 56.27 -66.57 3.52
N ASP D 971 56.50 -66.18 2.26
CA ASP D 971 55.45 -65.76 1.30
C ASP D 971 54.73 -66.94 0.63
N ILE D 972 54.40 -67.97 1.40
CA ILE D 972 53.27 -68.85 1.09
C ILE D 972 51.96 -68.08 1.37
N SER D 973 50.90 -68.36 0.62
CA SER D 973 49.61 -67.66 0.76
C SER D 973 48.76 -68.14 1.95
N SER D 974 49.41 -68.64 3.00
CA SER D 974 48.79 -69.16 4.24
C SER D 974 49.55 -68.66 5.48
N ILE D 975 48.82 -68.23 6.51
CA ILE D 975 49.35 -67.87 7.83
C ILE D 975 48.41 -68.37 8.94
N VAL D 976 48.93 -68.45 10.16
CA VAL D 976 48.22 -68.94 11.36
C VAL D 976 46.94 -68.12 11.64
N PRO D 977 45.83 -68.73 12.11
CA PRO D 977 44.63 -68.00 12.57
C PRO D 977 44.93 -66.94 13.63
N LYS D 978 45.88 -67.23 14.52
CA LYS D 978 46.42 -66.32 15.55
C LYS D 978 46.88 -64.95 15.01
N LEU D 979 47.19 -64.86 13.71
CA LEU D 979 47.36 -63.59 13.01
C LEU D 979 46.20 -63.26 12.08
N SER D 980 45.81 -64.18 11.20
CA SER D 980 44.86 -63.88 10.11
C SER D 980 43.45 -63.53 10.61
N GLU D 981 43.01 -64.08 11.75
CA GLU D 981 41.76 -63.70 12.42
C GLU D 981 41.95 -62.58 13.46
N LEU D 982 43.13 -62.47 14.09
CA LEU D 982 43.48 -61.33 14.94
C LEU D 982 43.44 -60.02 14.15
N THR D 983 44.02 -60.01 12.96
CA THR D 983 44.07 -58.84 12.07
C THR D 983 42.67 -58.42 11.64
N TYR D 984 41.81 -59.40 11.35
CA TYR D 984 40.40 -59.18 11.08
C TYR D 984 39.66 -58.59 12.29
N SER D 985 39.93 -59.13 13.48
CA SER D 985 39.35 -58.68 14.75
C SER D 985 39.81 -57.28 15.15
N LEU D 986 41.04 -56.90 14.82
CA LEU D 986 41.57 -55.56 15.10
C LEU D 986 40.74 -54.46 14.42
N LEU D 987 40.21 -54.68 13.22
CA LEU D 987 39.42 -53.67 12.50
C LEU D 987 38.08 -53.37 13.17
N ILE D 988 37.39 -54.40 13.67
CA ILE D 988 36.14 -54.22 14.41
C ILE D 988 36.40 -53.51 15.75
N TYR D 989 37.44 -53.90 16.49
CA TYR D 989 37.83 -53.17 17.70
C TYR D 989 38.38 -51.77 17.40
N THR D 990 38.86 -51.48 16.18
CA THR D 990 39.22 -50.11 15.77
C THR D 990 37.97 -49.23 15.61
N GLN D 991 36.87 -49.78 15.09
CA GLN D 991 35.60 -49.06 14.99
C GLN D 991 34.97 -48.82 16.37
N LEU D 992 35.15 -49.74 17.34
CA LEU D 992 34.75 -49.53 18.73
C LEU D 992 35.46 -48.33 19.41
N ILE D 993 36.59 -47.86 18.86
CA ILE D 993 37.34 -46.70 19.37
C ILE D 993 37.37 -45.52 18.39
N ASN D 994 36.51 -45.52 17.36
CA ASN D 994 36.36 -44.41 16.42
C ASN D 994 34.91 -44.02 16.09
N SER D 995 33.95 -44.96 16.13
CA SER D 995 32.52 -44.63 16.12
C SER D 995 32.08 -43.91 17.40
N LEU D 996 32.86 -44.03 18.46
CA LEU D 996 32.92 -43.14 19.63
C LEU D 996 34.39 -42.99 20.04
N LYS D 997 34.79 -41.81 20.53
CA LYS D 997 36.16 -41.52 20.97
C LYS D 997 36.24 -41.51 22.50
N LEU D 998 37.23 -42.18 23.07
CA LEU D 998 37.53 -42.16 24.51
C LEU D 998 39.04 -42.25 24.80
N ASN D 999 39.44 -41.83 25.99
CA ASN D 999 40.81 -41.72 26.47
C ASN D 999 41.35 -43.00 27.13
N LYS D 1000 42.68 -43.18 27.12
CA LYS D 1000 43.32 -44.43 27.55
C LYS D 1000 43.07 -44.82 29.00
N GLU D 1001 42.89 -43.88 29.93
CA GLU D 1001 42.68 -44.20 31.36
C GLU D 1001 41.42 -45.04 31.58
N PHE D 1002 40.39 -44.84 30.76
CA PHE D 1002 39.20 -45.68 30.77
C PHE D 1002 39.53 -47.13 30.41
N ILE D 1003 40.28 -47.33 29.32
CA ILE D 1003 40.74 -48.65 28.86
C ILE D 1003 41.62 -49.31 29.91
N PHE D 1004 42.54 -48.54 30.51
CA PHE D 1004 43.47 -48.97 31.55
C PHE D 1004 42.75 -49.47 32.81
N LEU D 1005 41.69 -48.80 33.26
CA LEU D 1005 40.82 -49.27 34.35
C LEU D 1005 40.04 -50.53 33.95
N ARG D 1006 39.38 -50.49 32.79
CA ARG D 1006 38.58 -51.60 32.22
C ARG D 1006 39.40 -52.88 32.05
N LEU D 1007 40.67 -52.76 31.66
CA LEU D 1007 41.64 -53.85 31.50
C LEU D 1007 42.22 -54.33 32.84
N THR D 1008 42.40 -53.41 33.81
CA THR D 1008 42.94 -53.74 35.14
C THR D 1008 41.95 -54.55 35.99
N GLN D 1009 40.70 -54.08 36.11
CA GLN D 1009 39.82 -54.51 37.20
C GLN D 1009 38.33 -54.39 36.86
N PRO D 1010 37.77 -55.30 36.03
CA PRO D 1010 36.39 -55.21 35.55
C PRO D 1010 35.33 -55.14 36.66
N ASN D 1011 35.40 -55.99 37.69
CA ASN D 1011 34.43 -55.98 38.79
C ASN D 1011 34.48 -54.68 39.62
N TRP D 1012 35.67 -54.09 39.75
CA TRP D 1012 35.91 -52.82 40.46
C TRP D 1012 35.34 -51.64 39.68
N LEU D 1013 35.48 -51.63 38.34
CA LEU D 1013 34.82 -50.66 37.47
C LEU D 1013 33.29 -50.76 37.65
N GLY D 1014 32.77 -51.98 37.70
CA GLY D 1014 31.37 -52.30 37.99
C GLY D 1014 30.79 -53.44 37.14
N LEU D 1015 31.60 -54.16 36.34
CA LEU D 1015 31.13 -55.26 35.51
C LEU D 1015 30.97 -56.58 36.28
N THR D 1016 30.43 -57.61 35.62
CA THR D 1016 30.37 -58.99 36.13
C THR D 1016 31.61 -59.81 35.74
N GLN D 1017 31.94 -60.85 36.52
CA GLN D 1017 33.14 -61.68 36.34
C GLN D 1017 33.34 -62.25 34.92
N PRO D 1018 32.31 -62.72 34.18
CA PRO D 1018 32.51 -63.23 32.80
C PRO D 1018 33.11 -62.21 31.83
N LYS D 1019 33.01 -60.89 32.12
CA LYS D 1019 33.54 -59.81 31.28
C LYS D 1019 35.03 -59.49 31.54
N LEU D 1020 35.74 -60.36 32.28
CA LEU D 1020 37.19 -60.55 32.12
C LEU D 1020 37.54 -61.14 30.73
N SER D 1021 36.60 -61.84 30.06
CA SER D 1021 36.77 -62.29 28.66
C SER D 1021 36.70 -61.12 27.65
N THR D 1022 37.05 -61.41 26.40
CA THR D 1022 37.01 -60.45 25.27
C THR D 1022 35.60 -60.07 24.81
N GLN D 1023 34.56 -60.81 25.22
CA GLN D 1023 33.18 -60.61 24.75
C GLN D 1023 32.53 -59.33 25.31
N LEU D 1024 31.70 -58.67 24.49
CA LEU D 1024 31.00 -57.41 24.79
C LEU D 1024 29.49 -57.54 24.48
N SER D 1025 28.62 -56.95 25.31
CA SER D 1025 27.17 -56.89 25.04
C SER D 1025 26.52 -55.58 25.53
N LEU D 1026 25.29 -55.32 25.06
CA LEU D 1026 24.59 -54.06 25.26
C LEU D 1026 24.57 -53.50 26.70
N PRO D 1027 24.42 -54.32 27.77
CA PRO D 1027 24.52 -53.86 29.16
C PRO D 1027 25.84 -53.15 29.53
N GLU D 1028 26.96 -53.43 28.85
CA GLU D 1028 28.16 -52.59 28.93
C GLU D 1028 28.02 -51.33 28.08
N ILE D 1029 27.59 -51.47 26.83
CA ILE D 1029 27.56 -50.38 25.85
C ILE D 1029 26.68 -49.21 26.33
N TYR D 1030 25.52 -49.46 26.96
CA TYR D 1030 24.73 -48.39 27.59
C TYR D 1030 25.54 -47.64 28.66
N LEU D 1031 26.13 -48.39 29.61
CA LEU D 1031 26.76 -47.86 30.81
C LEU D 1031 28.06 -47.10 30.51
N ILE D 1032 28.90 -47.62 29.61
CA ILE D 1032 30.15 -46.96 29.18
C ILE D 1032 29.87 -45.73 28.31
N THR D 1033 28.77 -45.72 27.54
CA THR D 1033 28.34 -44.56 26.75
C THR D 1033 27.77 -43.47 27.65
N CYS D 1034 26.87 -43.81 28.58
CA CYS D 1034 26.31 -42.88 29.55
C CYS D 1034 27.36 -42.35 30.57
N TYR D 1035 28.40 -43.13 30.87
CA TYR D 1035 29.61 -42.64 31.52
C TYR D 1035 30.35 -41.62 30.62
N GLN D 1036 30.57 -41.95 29.34
CA GLN D 1036 31.29 -41.07 28.41
C GLN D 1036 30.54 -39.75 28.13
N ASP D 1037 29.22 -39.71 28.32
CA ASP D 1037 28.46 -38.45 28.44
C ASP D 1037 28.65 -37.77 29.80
N TRP D 1038 28.52 -38.51 30.90
CA TRP D 1038 28.56 -37.94 32.24
C TRP D 1038 29.92 -37.31 32.61
N VAL D 1039 31.02 -37.90 32.16
CA VAL D 1039 32.38 -37.36 32.37
C VAL D 1039 32.59 -36.00 31.69
N VAL D 1040 31.82 -35.70 30.63
CA VAL D 1040 31.76 -34.39 29.97
C VAL D 1040 30.74 -33.48 30.65
N ASN D 1041 29.57 -34.01 30.99
CA ASN D 1041 28.47 -33.25 31.59
C ASN D 1041 28.75 -32.74 33.02
N ALA D 1042 29.61 -33.42 33.78
CA ALA D 1042 29.97 -33.05 35.15
C ALA D 1042 30.60 -31.63 35.24
N ASN D 1043 30.39 -30.95 36.36
CA ASN D 1043 30.71 -29.52 36.54
C ASN D 1043 32.18 -29.21 36.85
N LYS D 1044 33.08 -30.19 36.73
CA LYS D 1044 34.52 -30.07 37.04
C LYS D 1044 35.36 -30.87 36.03
N ASN D 1045 36.67 -30.58 35.96
CA ASN D 1045 37.56 -31.22 34.99
C ASN D 1045 37.71 -32.75 35.16
N GLU D 1046 38.51 -33.36 34.28
CA GLU D 1046 38.64 -34.81 34.10
C GLU D 1046 38.80 -35.65 35.39
N ASP D 1047 39.74 -35.30 36.27
CA ASP D 1047 40.33 -36.30 37.18
C ASP D 1047 39.64 -36.45 38.54
N SER D 1048 38.83 -35.47 38.96
CA SER D 1048 38.17 -35.49 40.27
C SER D 1048 37.28 -36.73 40.49
N ILE D 1049 36.73 -37.27 39.40
CA ILE D 1049 35.94 -38.51 39.41
C ILE D 1049 36.77 -39.71 39.88
N HIS D 1050 38.04 -39.80 39.48
CA HIS D 1050 38.93 -40.86 39.95
C HIS D 1050 39.19 -40.77 41.45
N GLU D 1051 39.54 -39.58 41.96
CA GLU D 1051 39.81 -39.45 43.40
C GLU D 1051 38.56 -39.76 44.25
N TYR D 1052 37.37 -39.43 43.77
CA TYR D 1052 36.12 -39.81 44.43
C TYR D 1052 35.91 -41.34 44.45
N LEU D 1053 36.05 -42.01 43.31
CA LEU D 1053 35.82 -43.47 43.21
C LEU D 1053 36.87 -44.28 44.00
N GLU D 1054 38.14 -43.86 43.97
CA GLU D 1054 39.22 -44.46 44.78
C GLU D 1054 38.93 -44.34 46.28
N PHE D 1055 38.44 -43.19 46.74
CA PHE D 1055 38.02 -43.01 48.13
C PHE D 1055 36.81 -43.89 48.49
N ALA D 1056 35.81 -44.00 47.61
CA ALA D 1056 34.63 -44.82 47.87
C ALA D 1056 34.99 -46.30 48.10
N ASN D 1057 36.05 -46.79 47.46
CA ASN D 1057 36.48 -48.19 47.48
C ASN D 1057 37.35 -48.61 48.70
N ILE D 1058 37.88 -47.68 49.50
CA ILE D 1058 38.71 -47.96 50.69
C ILE D 1058 38.01 -48.90 51.69
N LYS D 1059 38.53 -50.14 51.82
CA LYS D 1059 38.42 -51.05 52.99
C LYS D 1059 37.03 -51.08 53.66
N LYS D 1060 35.99 -51.55 52.98
CA LYS D 1060 34.63 -51.52 53.55
C LYS D 1060 34.49 -52.42 54.79
N THR D 1061 34.96 -53.67 54.75
CA THR D 1061 34.77 -54.63 55.86
C THR D 1061 35.69 -54.38 57.04
N GLU D 1062 36.99 -54.20 56.81
CA GLU D 1062 38.00 -54.03 57.88
C GLU D 1062 37.98 -52.65 58.55
N ALA D 1063 37.32 -51.64 57.98
CA ALA D 1063 37.32 -50.27 58.50
C ALA D 1063 36.01 -49.50 58.26
N GLU D 1064 35.68 -49.20 57.00
CA GLU D 1064 34.84 -48.04 56.68
C GLU D 1064 33.33 -48.24 56.85
N LYS D 1065 32.77 -49.44 56.63
CA LYS D 1065 31.31 -49.66 56.64
C LYS D 1065 30.69 -49.36 58.00
N THR D 1066 31.29 -49.87 59.09
CA THR D 1066 30.83 -49.60 60.47
C THR D 1066 31.05 -48.14 60.91
N LEU D 1067 31.97 -47.43 60.26
CA LEU D 1067 32.19 -45.98 60.40
C LEU D 1067 31.34 -45.16 59.40
N VAL D 1068 30.34 -45.78 58.77
CA VAL D 1068 29.44 -45.23 57.74
C VAL D 1068 30.16 -44.49 56.60
N ASP D 1069 31.41 -44.88 56.32
CA ASP D 1069 32.31 -44.26 55.35
C ASP D 1069 32.60 -42.76 55.63
N ASN D 1070 32.30 -42.26 56.85
CA ASN D 1070 32.09 -40.83 57.15
C ASN D 1070 31.15 -40.14 56.13
N SER D 1071 29.91 -40.66 56.07
CA SER D 1071 28.82 -40.27 55.17
C SER D 1071 28.62 -38.75 55.06
N GLU D 1072 28.81 -38.02 56.15
CA GLU D 1072 28.68 -36.56 56.21
C GLU D 1072 29.64 -35.78 55.28
N LYS D 1073 30.76 -36.39 54.85
CA LYS D 1073 31.72 -35.77 53.91
C LYS D 1073 32.07 -36.61 52.67
N CYS D 1074 31.99 -37.95 52.71
CA CYS D 1074 32.23 -38.74 51.50
C CYS D 1074 31.08 -38.56 50.47
N ALA D 1075 29.82 -38.58 50.92
CA ALA D 1075 28.65 -38.32 50.09
C ALA D 1075 28.52 -36.86 49.63
N GLU D 1076 29.28 -35.96 50.24
CA GLU D 1076 29.32 -34.56 49.85
C GLU D 1076 30.01 -34.38 48.49
N LEU D 1077 31.13 -35.07 48.23
CA LEU D 1077 31.88 -34.92 46.99
C LEU D 1077 31.13 -35.43 45.75
N LEU D 1078 30.25 -36.44 45.94
CA LEU D 1078 29.30 -36.96 44.96
C LEU D 1078 28.25 -35.93 44.53
N ALA D 1079 27.83 -35.07 45.47
CA ALA D 1079 27.01 -33.90 45.17
C ALA D 1079 27.85 -32.78 44.51
N GLU D 1080 29.05 -32.51 45.01
CA GLU D 1080 29.88 -31.39 44.56
C GLU D 1080 30.30 -31.49 43.09
N ILE D 1081 30.63 -32.70 42.60
CA ILE D 1081 30.97 -32.95 41.19
C ILE D 1081 29.80 -32.69 40.22
N LEU D 1082 28.56 -32.74 40.72
CA LEU D 1082 27.32 -32.40 40.02
C LEU D 1082 26.87 -30.94 40.25
N ALA D 1083 27.57 -30.20 41.10
CA ALA D 1083 27.12 -28.92 41.67
C ALA D 1083 25.70 -29.00 42.31
N TRP D 1084 25.33 -30.16 42.86
CA TRP D 1084 23.96 -30.47 43.27
C TRP D 1084 23.78 -30.58 44.80
N ASP D 1085 22.56 -30.91 45.26
CA ASP D 1085 22.18 -31.02 46.67
C ASP D 1085 22.83 -32.23 47.39
N ALA D 1086 23.69 -31.97 48.37
CA ALA D 1086 24.24 -32.98 49.28
C ALA D 1086 23.22 -33.58 50.27
N GLY D 1087 22.02 -32.99 50.36
CA GLY D 1087 20.91 -33.44 51.19
C GLY D 1087 20.21 -34.68 50.63
N GLU D 1088 19.29 -34.50 49.67
CA GLU D 1088 18.33 -35.55 49.30
C GLU D 1088 18.97 -36.82 48.69
N ILE D 1089 20.20 -36.72 48.18
CA ILE D 1089 20.99 -37.87 47.72
C ILE D 1089 21.22 -38.92 48.82
N LEU D 1090 21.18 -38.53 50.11
CA LEU D 1090 21.27 -39.47 51.23
C LEU D 1090 20.08 -40.45 51.30
N LYS D 1091 18.97 -40.22 50.58
CA LYS D 1091 17.88 -41.20 50.43
C LYS D 1091 18.36 -42.53 49.84
N ALA D 1092 19.50 -42.56 49.14
CA ALA D 1092 20.12 -43.80 48.69
C ALA D 1092 20.38 -44.81 49.84
N ALA D 1093 20.53 -44.33 51.09
CA ALA D 1093 20.62 -45.19 52.29
C ALA D 1093 19.39 -46.08 52.53
N SER D 1094 18.29 -45.88 51.80
CA SER D 1094 17.12 -46.77 51.76
C SER D 1094 17.34 -48.09 50.99
N LEU D 1095 18.51 -48.30 50.39
CA LEU D 1095 18.92 -49.56 49.72
C LEU D 1095 20.43 -49.85 49.86
N LEU D 1096 20.85 -51.03 49.43
CA LEU D 1096 22.24 -51.53 49.43
C LEU D 1096 22.86 -51.68 50.84
N GLY D 1097 22.23 -52.49 51.69
CA GLY D 1097 22.90 -53.21 52.78
C GLY D 1097 23.51 -52.34 53.89
N LEU D 1098 22.88 -51.21 54.21
CA LEU D 1098 23.30 -50.23 55.23
C LEU D 1098 24.66 -49.54 54.93
N ASN D 1099 25.19 -49.70 53.72
CA ASN D 1099 26.27 -48.85 53.18
C ASN D 1099 25.77 -47.39 52.98
N PRO D 1100 26.65 -46.41 52.67
CA PRO D 1100 26.27 -45.03 52.39
C PRO D 1100 25.06 -44.81 51.45
N PRO D 1101 24.83 -45.61 50.38
CA PRO D 1101 25.76 -46.44 49.60
C PRO D 1101 26.44 -45.63 48.49
N GLN D 1102 27.68 -45.98 48.13
CA GLN D 1102 28.46 -45.25 47.10
C GLN D 1102 29.45 -46.12 46.30
N ALA D 1103 29.96 -47.22 46.86
CA ALA D 1103 30.99 -48.06 46.23
C ALA D 1103 30.51 -48.87 45.00
N THR D 1104 29.20 -48.91 44.72
CA THR D 1104 28.66 -49.37 43.43
C THR D 1104 28.96 -48.31 42.38
N ASN D 1105 30.12 -48.45 41.73
CA ASN D 1105 30.89 -47.33 41.16
C ASN D 1105 30.29 -46.63 39.93
N VAL D 1106 29.13 -47.05 39.41
CA VAL D 1106 28.44 -46.35 38.32
C VAL D 1106 26.94 -46.19 38.51
N PHE D 1107 26.21 -47.25 38.89
CA PHE D 1107 24.73 -47.26 38.82
C PHE D 1107 24.05 -46.15 39.63
N GLU D 1108 24.60 -45.78 40.79
CA GLU D 1108 24.08 -44.67 41.60
C GLU D 1108 24.26 -43.31 40.90
N ILE D 1109 25.36 -43.12 40.18
CA ILE D 1109 25.65 -41.90 39.41
C ILE D 1109 24.75 -41.86 38.17
N ASP D 1110 24.60 -43.00 37.51
CA ASP D 1110 23.78 -43.23 36.31
C ASP D 1110 22.29 -42.94 36.57
N TRP D 1111 21.78 -43.37 37.73
CA TRP D 1111 20.45 -43.04 38.21
C TRP D 1111 20.33 -41.54 38.57
N ILE D 1112 21.31 -40.98 39.28
CA ILE D 1112 21.32 -39.56 39.70
C ILE D 1112 21.37 -38.59 38.51
N ARG D 1113 21.94 -38.97 37.36
CA ARG D 1113 21.79 -38.23 36.10
C ARG D 1113 20.30 -38.02 35.77
N ARG D 1114 19.52 -39.10 35.80
CA ARG D 1114 18.07 -39.10 35.53
C ARG D 1114 17.26 -38.42 36.65
N LEU D 1115 17.67 -38.55 37.91
CA LEU D 1115 17.06 -37.80 39.01
C LEU D 1115 17.31 -36.29 38.88
N GLN D 1116 18.49 -35.86 38.44
CA GLN D 1116 18.79 -34.45 38.22
C GLN D 1116 17.97 -33.87 37.06
N THR D 1117 17.80 -34.60 35.95
CA THR D 1117 16.93 -34.13 34.84
C THR D 1117 15.45 -34.17 35.19
N LEU D 1118 14.94 -35.22 35.87
CA LEU D 1118 13.58 -35.24 36.41
C LEU D 1118 13.32 -34.07 37.38
N SER D 1119 14.30 -33.74 38.23
CA SER D 1119 14.28 -32.59 39.14
C SER D 1119 14.31 -31.22 38.44
N GLU D 1120 14.43 -31.20 37.10
CA GLU D 1120 14.34 -29.99 36.27
C GLU D 1120 13.10 -30.01 35.34
N LYS D 1121 12.53 -31.19 35.01
CA LYS D 1121 11.16 -31.32 34.49
C LYS D 1121 10.13 -30.82 35.52
N THR D 1122 10.30 -31.19 36.79
CA THR D 1122 9.36 -30.88 37.89
C THR D 1122 10.12 -30.59 39.19
N MET D 1123 9.48 -29.84 40.10
CA MET D 1123 10.03 -29.47 41.40
C MET D 1123 9.82 -30.53 42.51
N ILE D 1124 9.36 -31.74 42.15
CA ILE D 1124 9.16 -32.85 43.10
C ILE D 1124 10.50 -33.39 43.66
N SER D 1125 10.46 -33.86 44.92
CA SER D 1125 11.60 -34.47 45.64
C SER D 1125 11.84 -35.92 45.21
N THR D 1126 13.08 -36.41 45.39
CA THR D 1126 13.37 -37.86 45.24
C THR D 1126 12.67 -38.71 46.31
N GLU D 1127 12.36 -38.11 47.47
CA GLU D 1127 11.58 -38.74 48.54
C GLU D 1127 10.17 -39.09 48.07
N TYR D 1128 9.53 -38.23 47.28
CA TYR D 1128 8.20 -38.49 46.73
C TYR D 1128 8.24 -39.42 45.51
N LEU D 1129 9.29 -39.33 44.69
CA LEU D 1129 9.51 -40.26 43.58
C LEU D 1129 9.65 -41.73 44.04
N TRP D 1130 10.19 -41.95 45.25
CA TRP D 1130 10.16 -43.26 45.90
C TRP D 1130 8.74 -43.77 46.20
N GLN D 1131 7.83 -42.89 46.65
CA GLN D 1131 6.44 -43.27 46.93
C GLN D 1131 5.71 -43.68 45.64
N MET D 1132 5.99 -42.98 44.54
CA MET D 1132 5.48 -43.33 43.20
C MET D 1132 5.91 -44.73 42.74
N GLY D 1133 7.01 -45.27 43.27
CA GLY D 1133 7.39 -46.68 43.14
C GLY D 1133 6.62 -47.60 44.09
N ASP D 1134 6.60 -47.28 45.39
CA ASP D 1134 5.92 -48.07 46.44
C ASP D 1134 4.42 -48.31 46.19
N LEU D 1135 3.75 -47.38 45.51
CA LEU D 1135 2.31 -47.45 45.19
C LEU D 1135 1.94 -48.46 44.08
N THR D 1136 2.91 -49.13 43.45
CA THR D 1136 2.69 -49.98 42.28
C THR D 1136 1.77 -51.18 42.55
N GLU D 1137 1.96 -51.86 43.67
CA GLU D 1137 1.60 -53.28 43.82
C GLU D 1137 0.24 -53.51 44.52
N ASN D 1138 -0.81 -52.80 44.10
CA ASN D 1138 -2.09 -52.74 44.85
C ASN D 1138 -1.90 -52.30 46.33
N SER D 1139 -0.97 -51.37 46.57
CA SER D 1139 -0.55 -50.90 47.88
C SER D 1139 -1.62 -50.12 48.65
N GLU D 1140 -1.36 -49.82 49.92
CA GLU D 1140 -2.23 -49.05 50.83
C GLU D 1140 -2.69 -47.70 50.21
N PHE D 1141 -3.99 -47.37 50.36
CA PHE D 1141 -4.63 -46.29 49.59
C PHE D 1141 -4.33 -44.86 50.07
N SER D 1142 -4.13 -44.62 51.37
CA SER D 1142 -3.94 -43.27 51.92
C SER D 1142 -2.65 -42.61 51.38
N LEU D 1143 -1.62 -43.41 51.11
CA LEU D 1143 -0.39 -42.95 50.45
C LEU D 1143 -0.65 -42.46 49.02
N LYS D 1144 -1.57 -43.06 48.25
CA LYS D 1144 -1.95 -42.59 46.90
C LYS D 1144 -2.80 -41.32 46.97
N GLU D 1145 -3.76 -41.29 47.89
CA GLU D 1145 -4.61 -40.12 48.15
C GLU D 1145 -3.76 -38.89 48.56
N GLY D 1146 -2.70 -39.10 49.35
CA GLY D 1146 -1.72 -38.08 49.73
C GLY D 1146 -0.76 -37.67 48.61
N VAL D 1147 -0.20 -38.64 47.86
CA VAL D 1147 0.75 -38.36 46.75
C VAL D 1147 0.08 -37.57 45.62
N GLY D 1148 -1.16 -37.87 45.26
CA GLY D 1148 -1.90 -37.11 44.25
C GLY D 1148 -2.08 -35.65 44.65
N GLU D 1149 -2.47 -35.41 45.90
CA GLU D 1149 -2.60 -34.06 46.47
C GLU D 1149 -1.24 -33.34 46.56
N ALA D 1150 -0.17 -34.04 46.93
CA ALA D 1150 1.18 -33.47 47.00
C ALA D 1150 1.71 -33.03 45.61
N VAL D 1151 1.42 -33.80 44.56
CA VAL D 1151 1.78 -33.44 43.18
C VAL D 1151 0.93 -32.27 42.68
N MET D 1152 -0.35 -32.22 43.02
CA MET D 1152 -1.23 -31.09 42.72
C MET D 1152 -0.71 -29.78 43.36
N ALA D 1153 -0.35 -29.81 44.64
CA ALA D 1153 0.22 -28.67 45.34
C ALA D 1153 1.56 -28.23 44.72
N ALA D 1154 2.40 -29.17 44.30
CA ALA D 1154 3.64 -28.88 43.59
C ALA D 1154 3.42 -28.20 42.22
N LEU D 1155 2.30 -28.44 41.54
CA LEU D 1155 1.90 -27.69 40.34
C LEU D 1155 1.37 -26.29 40.68
N LYS D 1156 0.52 -26.13 41.71
CA LYS D 1156 0.04 -24.80 42.14
C LYS D 1156 1.20 -23.85 42.47
N ALA D 1157 2.28 -24.38 43.06
CA ALA D 1157 3.51 -23.66 43.35
C ALA D 1157 4.27 -23.15 42.10
N GLN D 1158 3.88 -23.57 40.89
CA GLN D 1158 4.32 -23.02 39.61
C GLN D 1158 3.20 -22.23 38.89
N GLY D 1159 2.00 -22.79 38.82
CA GLY D 1159 0.78 -22.16 38.30
C GLY D 1159 0.82 -21.79 36.80
N ASP D 1160 -0.07 -20.89 36.38
CA ASP D 1160 -0.09 -20.31 35.02
C ASP D 1160 1.04 -19.29 34.77
N SER D 1161 1.69 -18.81 35.84
CA SER D 1161 2.91 -17.99 35.82
C SER D 1161 4.15 -18.87 35.50
N ASP D 1162 5.20 -18.85 36.33
CA ASP D 1162 6.28 -19.83 36.32
C ASP D 1162 6.75 -20.22 37.74
N ASN D 1163 7.08 -19.24 38.60
CA ASN D 1163 7.41 -19.35 40.02
C ASN D 1163 8.37 -20.54 40.38
N VAL D 1164 8.26 -21.12 41.58
CA VAL D 1164 8.99 -22.32 42.02
C VAL D 1164 8.23 -23.04 43.15
N MET E 1 -5.62 -22.23 39.33
CA MET E 1 -4.88 -22.19 38.04
C MET E 1 -5.68 -22.93 36.96
N SER E 2 -5.44 -22.64 35.68
CA SER E 2 -6.35 -23.01 34.58
C SER E 2 -6.74 -24.49 34.50
N ASN E 3 -5.86 -25.43 34.88
CA ASN E 3 -6.15 -26.87 34.90
C ASN E 3 -6.79 -27.38 36.20
N SER E 4 -6.62 -26.70 37.34
CA SER E 4 -7.31 -27.09 38.58
C SER E 4 -8.82 -26.80 38.55
N ILE E 5 -9.24 -25.89 37.66
CA ILE E 5 -10.66 -25.58 37.37
C ILE E 5 -11.44 -26.83 36.97
N GLU E 6 -10.81 -27.74 36.23
CA GLU E 6 -11.40 -28.99 35.74
C GLU E 6 -11.95 -29.85 36.88
N ALA E 7 -11.21 -29.94 38.00
CA ALA E 7 -11.61 -30.66 39.21
C ALA E 7 -12.66 -29.91 40.04
N LYS E 8 -12.59 -28.56 40.12
CA LYS E 8 -13.61 -27.75 40.79
C LYS E 8 -14.96 -27.78 40.07
N LEU E 9 -14.98 -28.02 38.76
CA LEU E 9 -16.18 -28.39 38.03
C LEU E 9 -16.60 -29.85 38.30
N GLN E 10 -15.72 -30.82 38.09
CA GLN E 10 -16.10 -32.25 38.09
C GLN E 10 -16.80 -32.72 39.38
N GLU E 11 -16.42 -32.18 40.54
CA GLU E 11 -17.07 -32.51 41.82
C GLU E 11 -18.54 -32.07 41.91
N ASP E 12 -18.97 -31.05 41.15
CA ASP E 12 -20.38 -30.63 41.09
C ASP E 12 -21.12 -31.17 39.86
N LEU E 13 -20.41 -31.35 38.74
CA LEU E 13 -20.98 -31.94 37.51
C LEU E 13 -21.49 -33.37 37.73
N ARG E 14 -20.80 -34.13 38.59
CA ARG E 14 -21.05 -35.57 38.84
C ARG E 14 -21.29 -35.86 40.32
N ASP E 15 -20.24 -35.84 41.14
CA ASP E 15 -20.25 -36.37 42.51
C ASP E 15 -21.40 -35.82 43.36
N ALA E 16 -21.52 -34.50 43.47
CA ALA E 16 -22.56 -33.86 44.28
C ALA E 16 -23.98 -34.08 43.73
N LEU E 17 -24.14 -34.45 42.46
CA LEU E 17 -25.46 -34.57 41.84
C LEU E 17 -26.01 -36.01 41.89
N VAL E 18 -25.22 -37.01 41.53
CA VAL E 18 -25.70 -38.42 41.51
C VAL E 18 -25.90 -38.98 42.91
N ASP E 19 -24.98 -38.72 43.85
CA ASP E 19 -25.08 -39.16 45.25
C ASP E 19 -26.25 -38.48 45.99
N TYR E 20 -26.57 -37.24 45.60
CA TYR E 20 -27.78 -36.56 46.05
C TYR E 20 -29.02 -37.24 45.49
N TYR E 21 -29.04 -37.47 44.17
CA TYR E 21 -30.24 -37.93 43.49
C TYR E 21 -30.68 -39.29 43.98
N LEU E 22 -29.74 -40.26 44.03
CA LEU E 22 -30.10 -41.59 44.50
C LEU E 22 -30.34 -41.59 46.00
N GLY E 23 -29.40 -41.04 46.77
CA GLY E 23 -29.33 -41.27 48.20
C GLY E 23 -30.41 -40.54 48.95
N GLN E 24 -30.55 -39.25 48.65
CA GLN E 24 -31.53 -38.43 49.34
C GLN E 24 -32.94 -38.84 48.98
N ILE E 25 -33.21 -39.01 47.69
CA ILE E 25 -34.60 -39.25 47.29
C ILE E 25 -35.06 -40.65 47.63
N VAL E 26 -34.29 -41.68 47.26
CA VAL E 26 -34.83 -43.03 47.34
C VAL E 26 -34.83 -43.65 48.73
N PRO E 27 -33.67 -43.83 49.40
CA PRO E 27 -33.65 -44.37 50.76
C PRO E 27 -33.94 -43.37 51.85
N ASN E 28 -33.22 -42.24 51.81
CA ASN E 28 -32.91 -41.55 53.05
C ASN E 28 -34.11 -40.82 53.65
N SER E 29 -34.77 -40.02 52.83
CA SER E 29 -35.60 -38.93 53.31
C SER E 29 -37.01 -39.21 53.82
N LYS E 30 -37.56 -38.16 54.48
CA LYS E 30 -39.00 -37.84 54.59
C LYS E 30 -39.20 -36.40 54.05
N ASP E 31 -38.40 -36.05 53.04
CA ASP E 31 -38.13 -34.68 52.54
C ASP E 31 -38.54 -34.57 51.06
N PHE E 32 -37.90 -35.38 50.22
CA PHE E 32 -38.22 -35.63 48.81
C PHE E 32 -39.06 -36.89 48.62
N THR E 33 -38.90 -37.89 49.51
CA THR E 33 -39.48 -39.23 49.39
C THR E 33 -41.00 -39.23 49.55
N ASN E 34 -41.58 -38.21 50.20
CA ASN E 34 -43.02 -37.96 50.20
C ASN E 34 -43.58 -37.63 48.80
N LEU E 35 -42.70 -37.30 47.84
CA LEU E 35 -42.97 -36.87 46.47
C LEU E 35 -42.16 -37.71 45.46
N ARG E 36 -41.89 -38.98 45.81
CA ARG E 36 -40.95 -39.91 45.14
C ARG E 36 -41.01 -39.97 43.62
N SER E 37 -42.20 -39.88 43.02
CA SER E 37 -42.42 -39.99 41.57
C SER E 37 -42.07 -38.71 40.79
N THR E 38 -41.91 -37.56 41.46
CA THR E 38 -41.80 -36.25 40.81
C THR E 38 -40.46 -35.96 40.10
N ILE E 39 -39.38 -36.66 40.45
CA ILE E 39 -38.02 -36.45 39.92
C ILE E 39 -37.52 -37.70 39.20
N LYS E 40 -37.08 -37.55 37.95
CA LYS E 40 -36.43 -38.59 37.13
C LYS E 40 -35.27 -38.10 36.27
N ASN E 41 -35.11 -36.78 36.10
CA ASN E 41 -34.09 -36.16 35.24
C ASN E 41 -33.55 -34.83 35.81
N VAL E 42 -32.39 -34.37 35.33
CA VAL E 42 -31.80 -33.06 35.68
C VAL E 42 -32.73 -31.87 35.42
N ASP E 43 -33.63 -31.95 34.44
CA ASP E 43 -34.67 -30.96 34.19
C ASP E 43 -35.64 -30.80 35.39
N ASP E 44 -35.90 -31.90 36.10
CA ASP E 44 -36.67 -31.91 37.35
C ASP E 44 -35.85 -31.33 38.51
N LEU E 45 -34.54 -31.64 38.58
CA LEU E 45 -33.66 -31.04 39.60
C LEU E 45 -33.62 -29.52 39.47
N TYR E 46 -33.50 -29.02 38.24
CA TYR E 46 -33.58 -27.60 37.90
C TYR E 46 -34.92 -27.00 38.34
N ASP E 47 -36.04 -27.59 37.91
CA ASP E 47 -37.36 -27.07 38.21
C ASP E 47 -37.67 -27.08 39.72
N HIS E 48 -37.22 -28.11 40.45
CA HIS E 48 -37.52 -28.31 41.87
C HIS E 48 -36.60 -27.48 42.79
N LEU E 49 -35.29 -27.42 42.49
CA LEU E 49 -34.30 -26.69 43.32
C LEU E 49 -34.09 -25.22 42.90
N LEU E 50 -34.68 -24.77 41.77
CA LEU E 50 -34.52 -23.42 41.21
C LEU E 50 -33.05 -23.02 40.93
N LEU E 51 -32.18 -23.99 40.60
CA LEU E 51 -30.73 -23.79 40.44
C LEU E 51 -30.17 -24.38 39.15
N ASP E 52 -29.30 -23.60 38.50
CA ASP E 52 -28.70 -23.83 37.18
C ASP E 52 -27.53 -24.84 37.24
N THR E 53 -27.84 -26.11 37.52
CA THR E 53 -26.85 -27.19 37.62
C THR E 53 -26.28 -27.60 36.25
N GLN E 54 -25.05 -28.13 36.25
CA GLN E 54 -24.33 -28.75 35.12
C GLN E 54 -23.85 -27.81 33.99
N VAL E 55 -23.88 -26.49 34.21
CA VAL E 55 -23.70 -25.47 33.15
C VAL E 55 -22.93 -24.24 33.66
N SER E 56 -22.47 -23.39 32.74
CA SER E 56 -21.93 -22.04 32.98
C SER E 56 -20.55 -21.96 33.66
N ALA E 57 -19.64 -22.89 33.34
CA ALA E 57 -18.33 -23.07 33.99
C ALA E 57 -17.40 -21.84 34.05
N LYS E 58 -17.58 -20.85 33.16
CA LYS E 58 -16.72 -19.65 33.03
C LYS E 58 -17.35 -18.34 33.52
N VAL E 59 -18.64 -18.34 33.85
CA VAL E 59 -19.42 -17.13 34.14
C VAL E 59 -19.14 -16.61 35.56
N ILE E 60 -19.15 -15.29 35.74
CA ILE E 60 -19.02 -14.59 37.02
C ILE E 60 -20.15 -13.55 37.20
N THR E 61 -20.72 -13.46 38.41
CA THR E 61 -21.84 -12.55 38.71
C THR E 61 -22.03 -12.37 40.23
N SER E 62 -22.79 -11.36 40.68
CA SER E 62 -23.08 -11.15 42.11
C SER E 62 -23.95 -12.26 42.72
N ARG E 63 -23.72 -12.63 43.98
CA ARG E 63 -24.65 -13.49 44.76
C ARG E 63 -26.09 -12.96 44.75
N LEU E 64 -26.30 -11.65 44.85
CA LEU E 64 -27.64 -11.05 44.75
C LEU E 64 -28.36 -11.44 43.44
N SER E 65 -27.65 -11.55 42.31
CA SER E 65 -28.25 -12.01 41.06
C SER E 65 -28.80 -13.44 41.19
N LEU E 66 -28.07 -14.39 41.78
CA LEU E 66 -28.53 -15.78 41.99
C LEU E 66 -29.75 -15.85 42.92
N VAL E 67 -29.71 -15.09 44.02
CA VAL E 67 -30.82 -14.99 44.98
C VAL E 67 -32.05 -14.44 44.27
N THR E 68 -31.88 -13.34 43.54
CA THR E 68 -32.93 -12.70 42.74
C THR E 68 -33.49 -13.71 41.74
N GLN E 69 -32.64 -14.31 40.91
CA GLN E 69 -32.97 -15.30 39.88
C GLN E 69 -33.85 -16.44 40.41
N SER E 70 -33.61 -16.93 41.62
CA SER E 70 -34.43 -18.00 42.20
C SER E 70 -35.89 -17.59 42.42
N VAL E 71 -36.12 -16.44 43.05
CA VAL E 71 -37.47 -15.89 43.32
C VAL E 71 -38.11 -15.37 42.03
N GLN E 72 -37.31 -14.70 41.21
CA GLN E 72 -37.64 -14.22 39.87
C GLN E 72 -38.14 -15.36 38.97
N GLN E 73 -37.46 -16.52 38.98
CA GLN E 73 -37.95 -17.72 38.32
C GLN E 73 -39.20 -18.27 39.01
N TYR E 74 -39.25 -18.36 40.33
CA TYR E 74 -40.41 -18.91 41.04
C TYR E 74 -41.70 -18.13 40.79
N ILE E 75 -41.66 -16.79 40.86
CA ILE E 75 -42.81 -15.92 40.63
C ILE E 75 -43.24 -15.92 39.15
N ASN E 76 -42.31 -16.20 38.21
CA ASN E 76 -42.68 -16.65 36.87
C ASN E 76 -43.34 -18.05 36.88
N ARG E 77 -42.70 -19.06 37.48
CA ARG E 77 -43.08 -20.48 37.45
C ARG E 77 -44.48 -20.78 37.98
N ILE E 78 -44.90 -20.14 39.08
CA ILE E 78 -46.26 -20.32 39.63
C ILE E 78 -47.37 -19.76 38.72
N ALA E 79 -47.04 -18.77 37.89
CA ALA E 79 -47.93 -18.20 36.87
C ALA E 79 -47.82 -18.95 35.52
N LEU E 80 -46.69 -19.61 35.25
CA LEU E 80 -46.41 -20.43 34.07
C LEU E 80 -47.22 -21.75 34.09
N ASN E 81 -47.34 -22.40 35.25
CA ASN E 81 -48.18 -23.60 35.44
C ASN E 81 -48.78 -23.68 36.86
N LEU E 82 -49.94 -24.35 36.98
CA LEU E 82 -50.75 -24.47 38.21
C LEU E 82 -50.48 -25.78 38.99
N GLU E 83 -49.24 -26.28 38.92
CA GLU E 83 -48.69 -27.27 39.87
C GLU E 83 -47.44 -26.65 40.56
N PRO E 84 -47.35 -26.67 41.90
CA PRO E 84 -48.33 -27.21 42.86
C PRO E 84 -49.67 -26.45 42.88
N GLY E 85 -50.68 -26.98 43.59
CA GLY E 85 -52.11 -26.64 43.46
C GLY E 85 -52.59 -25.21 43.79
N LEU E 86 -51.70 -24.23 43.94
CA LEU E 86 -52.03 -22.82 44.15
C LEU E 86 -52.81 -22.20 42.96
N SER E 87 -53.42 -21.04 43.18
CA SER E 87 -54.04 -20.19 42.15
C SER E 87 -53.77 -18.71 42.40
N ILE E 88 -53.95 -17.91 41.35
CA ILE E 88 -53.64 -16.48 41.28
C ILE E 88 -54.92 -15.70 40.95
N ASN E 89 -55.30 -14.71 41.77
CA ASN E 89 -56.50 -13.89 41.55
C ASN E 89 -56.34 -13.02 40.29
N GLN E 90 -57.45 -12.59 39.66
CA GLN E 90 -57.38 -11.84 38.40
C GLN E 90 -56.60 -10.51 38.47
N GLN E 91 -56.55 -9.85 39.62
CA GLN E 91 -55.67 -8.68 39.82
C GLN E 91 -54.19 -9.08 39.79
N GLU E 92 -53.80 -10.11 40.53
CA GLU E 92 -52.42 -10.64 40.61
C GLU E 92 -51.96 -11.21 39.24
N ALA E 93 -52.88 -11.91 38.56
CA ALA E 93 -52.78 -12.43 37.20
C ALA E 93 -52.81 -11.32 36.11
N THR E 94 -53.28 -10.11 36.43
CA THR E 94 -53.05 -8.90 35.60
C THR E 94 -51.65 -8.34 35.84
N ASP E 95 -51.21 -8.30 37.10
CA ASP E 95 -50.06 -7.49 37.49
C ASP E 95 -48.67 -8.12 37.32
N TRP E 96 -48.56 -9.36 36.80
CA TRP E 96 -47.27 -9.83 36.27
C TRP E 96 -46.77 -9.00 35.07
N GLU E 97 -47.64 -8.15 34.50
CA GLU E 97 -47.30 -7.00 33.67
C GLU E 97 -46.14 -6.14 34.25
N GLU E 98 -46.02 -6.05 35.58
CA GLU E 98 -44.96 -5.32 36.29
C GLU E 98 -43.69 -6.15 36.56
N PHE E 99 -43.55 -7.36 36.00
CA PHE E 99 -42.27 -8.09 36.01
C PHE E 99 -41.98 -8.84 34.70
N ALA E 100 -42.70 -8.51 33.62
CA ALA E 100 -42.52 -9.11 32.29
C ALA E 100 -41.13 -8.84 31.69
N ASN E 101 -40.66 -7.59 31.74
CA ASN E 101 -39.25 -7.17 31.59
C ASN E 101 -38.87 -6.31 32.82
N ARG E 102 -37.59 -6.32 33.24
CA ARG E 102 -37.25 -6.09 34.65
C ARG E 102 -36.41 -4.84 34.94
N TYR E 103 -35.11 -4.84 34.66
CA TYR E 103 -34.23 -3.80 35.24
C TYR E 103 -34.41 -2.42 34.58
N GLY E 104 -34.40 -1.35 35.38
CA GLY E 104 -34.78 0.01 34.98
C GLY E 104 -36.28 0.19 34.73
N TYR E 105 -36.93 -0.78 34.08
CA TYR E 105 -38.38 -0.79 33.84
C TYR E 105 -39.19 -0.82 35.16
N TRP E 106 -38.71 -1.56 36.16
CA TRP E 106 -39.32 -1.63 37.49
C TRP E 106 -39.21 -0.30 38.26
N ALA E 107 -38.02 0.30 38.32
CA ALA E 107 -37.78 1.56 39.06
C ALA E 107 -38.62 2.73 38.49
N ALA E 108 -38.77 2.77 37.16
CA ALA E 108 -39.67 3.71 36.48
C ALA E 108 -41.14 3.59 36.92
N ASN E 109 -41.60 2.47 37.50
CA ASN E 109 -42.97 2.34 38.01
C ASN E 109 -43.29 3.40 39.07
N GLN E 110 -42.31 3.74 39.92
CA GLN E 110 -42.37 4.85 40.89
C GLN E 110 -41.91 6.18 40.29
N GLN E 111 -40.67 6.27 39.78
CA GLN E 111 -40.05 7.57 39.47
C GLN E 111 -40.78 8.35 38.35
N LEU E 112 -41.51 7.66 37.45
CA LEU E 112 -42.36 8.29 36.42
C LEU E 112 -43.69 8.89 36.96
N ARG E 113 -44.03 8.63 38.24
CA ARG E 113 -45.04 9.33 39.05
C ARG E 113 -44.41 10.30 40.06
N MET E 114 -43.32 9.88 40.71
CA MET E 114 -42.64 10.60 41.80
C MET E 114 -41.79 11.81 41.36
N PHE E 115 -41.49 11.95 40.06
CA PHE E 115 -41.00 13.20 39.46
C PHE E 115 -41.91 13.66 38.30
N PRO E 116 -42.96 14.48 38.57
CA PRO E 116 -43.87 15.00 37.55
C PRO E 116 -43.20 15.70 36.37
N GLU E 117 -42.06 16.37 36.59
CA GLU E 117 -41.28 17.04 35.54
C GLU E 117 -40.76 16.08 34.45
N ILE E 118 -40.59 14.78 34.77
CA ILE E 118 -40.29 13.73 33.77
C ILE E 118 -41.52 13.46 32.89
N TYR E 119 -42.71 13.50 33.49
CA TYR E 119 -43.96 13.14 32.82
C TYR E 119 -44.57 14.30 32.01
N VAL E 120 -44.39 15.55 32.44
CA VAL E 120 -44.82 16.77 31.73
C VAL E 120 -44.05 16.94 30.40
N ASP E 121 -44.80 16.95 29.30
CA ASP E 121 -44.36 17.29 27.94
C ASP E 121 -45.59 17.82 27.14
N PRO E 122 -45.41 18.56 26.03
CA PRO E 122 -46.53 19.03 25.20
C PRO E 122 -47.32 17.88 24.53
N THR E 123 -46.75 16.67 24.46
CA THR E 123 -47.32 15.44 23.91
C THR E 123 -48.39 14.81 24.83
N LEU E 124 -49.35 15.63 25.29
CA LEU E 124 -50.47 15.23 26.16
C LEU E 124 -51.45 14.28 25.44
N ARG E 125 -52.36 13.66 26.21
CA ARG E 125 -53.49 12.80 25.77
C ARG E 125 -54.60 13.51 24.96
N LEU E 126 -54.26 14.56 24.21
CA LEU E 126 -55.15 15.65 23.77
C LEU E 126 -56.50 15.18 23.20
N THR E 127 -57.54 15.68 23.86
CA THR E 127 -58.95 15.68 23.45
C THR E 127 -59.32 16.89 22.60
N LYS E 128 -58.61 18.02 22.73
CA LYS E 128 -58.84 19.31 22.04
C LYS E 128 -58.50 19.30 20.53
N THR E 129 -58.68 18.16 19.86
CA THR E 129 -58.28 17.97 18.45
C THR E 129 -59.04 18.90 17.49
N GLU E 130 -60.24 19.36 17.83
CA GLU E 130 -60.99 20.29 16.99
C GLU E 130 -60.30 21.67 16.83
N PHE E 131 -59.40 22.07 17.74
CA PHE E 131 -58.68 23.35 17.62
C PHE E 131 -57.16 23.27 17.76
N PHE E 132 -56.60 22.32 18.52
CA PHE E 132 -55.15 22.35 18.77
C PHE E 132 -54.32 22.07 17.52
N PHE E 133 -54.84 21.25 16.59
CA PHE E 133 -54.25 21.10 15.25
C PHE E 133 -54.12 22.45 14.50
N GLN E 134 -54.95 23.44 14.80
CA GLN E 134 -54.91 24.72 14.07
C GLN E 134 -53.82 25.68 14.55
N LEU E 135 -53.16 25.38 15.68
CA LEU E 135 -51.85 25.95 15.98
C LEU E 135 -50.76 25.23 15.17
N GLU E 136 -50.68 23.90 15.27
CA GLU E 136 -49.56 23.14 14.68
C GLU E 136 -49.43 23.29 13.17
N SER E 137 -50.52 23.29 12.39
CA SER E 137 -50.44 23.34 10.92
C SER E 137 -49.82 24.64 10.36
N ALA E 138 -49.68 25.70 11.17
CA ALA E 138 -48.88 26.87 10.82
C ALA E 138 -47.40 26.74 11.24
N LEU E 139 -47.11 26.04 12.35
CA LEU E 139 -45.76 25.71 12.82
C LEU E 139 -45.13 24.51 12.08
N ASN E 140 -45.90 23.86 11.19
CA ASN E 140 -45.48 22.70 10.39
C ASN E 140 -44.46 23.04 9.27
N GLN E 141 -43.29 23.56 9.66
CA GLN E 141 -42.25 24.03 8.75
C GLN E 141 -40.87 23.53 9.17
N GLY E 142 -40.02 23.20 8.20
CA GLY E 142 -38.73 22.54 8.46
C GLY E 142 -37.65 23.45 9.05
N LYS E 143 -37.47 24.65 8.49
CA LYS E 143 -36.66 25.73 9.04
C LYS E 143 -37.46 27.03 8.98
N LEU E 144 -37.51 27.77 10.08
CA LEU E 144 -38.39 28.92 10.32
C LEU E 144 -37.69 30.01 11.15
N THR E 145 -38.36 31.16 11.31
CA THR E 145 -37.85 32.37 11.97
C THR E 145 -38.90 32.98 12.91
N ASP E 146 -38.49 33.96 13.72
CA ASP E 146 -39.30 34.59 14.78
C ASP E 146 -40.63 35.22 14.27
N ASP E 147 -40.69 35.60 13.00
CA ASP E 147 -41.90 36.15 12.37
C ASP E 147 -43.06 35.13 12.31
N VAL E 148 -42.75 33.90 11.93
CA VAL E 148 -43.75 32.87 11.54
C VAL E 148 -44.71 32.57 12.69
N ALA E 149 -44.21 32.59 13.92
CA ALA E 149 -45.02 32.38 15.11
C ALA E 149 -46.17 33.39 15.24
N GLN E 150 -45.97 34.66 14.88
CA GLN E 150 -47.04 35.67 15.03
C GLN E 150 -48.22 35.38 14.10
N LYS E 151 -47.92 34.97 12.86
CA LYS E 151 -48.94 34.51 11.89
C LYS E 151 -49.65 33.25 12.40
N ALA E 152 -48.91 32.31 12.99
CA ALA E 152 -49.48 31.10 13.58
C ALA E 152 -50.41 31.42 14.77
N VAL E 153 -49.98 32.31 15.68
CA VAL E 153 -50.73 32.72 16.87
C VAL E 153 -52.03 33.40 16.49
N LEU E 154 -51.98 34.43 15.64
CA LEU E 154 -53.17 35.17 15.24
C LEU E 154 -54.14 34.29 14.43
N GLY E 155 -53.64 33.34 13.62
CA GLY E 155 -54.48 32.38 12.92
C GLY E 155 -55.33 31.50 13.84
N TYR E 156 -54.86 31.22 15.05
CA TYR E 156 -55.63 30.56 16.11
C TYR E 156 -56.55 31.55 16.85
N LEU E 157 -56.03 32.73 17.20
CA LEU E 157 -56.77 33.70 18.01
C LEU E 157 -57.99 34.29 17.28
N ASN E 158 -58.00 34.34 15.95
CA ASN E 158 -59.22 34.65 15.17
C ASN E 158 -60.33 33.62 15.42
N ASN E 159 -59.99 32.33 15.39
CA ASN E 159 -60.94 31.23 15.56
C ASN E 159 -61.48 31.14 16.99
N PHE E 160 -60.61 31.38 17.98
CA PHE E 160 -60.91 31.22 19.40
C PHE E 160 -62.17 31.97 19.88
N GLU E 161 -62.35 33.20 19.40
CA GLU E 161 -63.44 34.05 19.88
C GLU E 161 -64.81 33.53 19.43
N GLU E 162 -64.93 32.92 18.26
CA GLU E 162 -66.19 32.33 17.79
C GLU E 162 -66.67 31.22 18.74
N VAL E 163 -65.74 30.36 19.16
CA VAL E 163 -65.98 29.29 20.15
C VAL E 163 -66.49 29.86 21.47
N SER E 164 -65.85 30.91 21.97
CA SER E 164 -66.26 31.56 23.23
C SER E 164 -67.64 32.23 23.16
N ASN E 165 -68.18 32.48 21.95
CA ASN E 165 -69.51 33.06 21.73
C ASN E 165 -70.61 32.02 21.40
N LEU E 166 -70.33 30.71 21.40
CA LEU E 166 -71.31 29.66 21.15
C LEU E 166 -72.51 29.74 22.09
N GLU E 167 -73.70 29.52 21.53
CA GLU E 167 -75.00 29.60 22.23
C GLU E 167 -75.68 28.24 22.35
N ILE E 168 -76.06 27.86 23.58
CA ILE E 168 -76.75 26.59 23.87
C ILE E 168 -78.23 26.71 23.53
N ILE E 169 -78.75 25.75 22.76
CA ILE E 169 -80.12 25.77 22.23
C ILE E 169 -81.04 24.78 22.96
N ALA E 170 -80.56 23.57 23.26
CA ALA E 170 -81.36 22.53 23.90
C ALA E 170 -80.50 21.52 24.67
N GLY E 171 -81.14 20.78 25.58
CA GLY E 171 -80.51 19.74 26.39
C GLY E 171 -81.43 18.54 26.61
N TYR E 172 -80.88 17.33 26.46
CA TYR E 172 -81.57 16.07 26.64
C TYR E 172 -81.34 15.50 28.04
N GLN E 173 -82.36 15.63 28.89
CA GLN E 173 -82.50 14.92 30.17
C GLN E 173 -82.62 13.40 29.90
N ASP E 174 -82.22 12.55 30.85
CA ASP E 174 -82.29 11.08 30.76
C ASP E 174 -83.73 10.49 30.76
N GLY E 175 -84.52 10.82 29.74
CA GLY E 175 -85.92 10.43 29.54
C GLY E 175 -86.86 11.05 30.58
N ILE E 176 -86.89 10.42 31.76
CA ILE E 176 -87.66 10.85 32.95
C ILE E 176 -86.84 10.82 34.26
N ASP E 177 -85.59 10.35 34.24
CA ASP E 177 -84.73 10.23 35.42
C ASP E 177 -84.00 11.53 35.78
N ILE E 178 -83.57 11.62 37.04
CA ILE E 178 -82.83 12.74 37.64
C ILE E 178 -81.75 12.19 38.59
N GLU E 179 -80.76 13.02 38.95
CA GLU E 179 -79.50 12.65 39.62
C GLU E 179 -78.52 11.82 38.77
N ASN E 180 -77.24 12.20 38.79
CA ASN E 180 -76.10 11.52 38.13
C ASN E 180 -76.31 11.28 36.62
N ASP E 181 -76.95 12.24 35.95
CA ASP E 181 -77.23 12.23 34.50
C ASP E 181 -76.01 12.71 33.68
N LYS E 182 -75.82 12.17 32.46
CA LYS E 182 -74.84 12.66 31.47
C LYS E 182 -75.27 13.97 30.79
N THR E 183 -76.59 14.20 30.69
CA THR E 183 -77.27 15.43 30.23
C THR E 183 -76.61 16.08 29.00
N TYR E 184 -76.80 15.50 27.82
CA TYR E 184 -76.26 16.04 26.57
C TYR E 184 -76.87 17.41 26.23
N PHE E 185 -76.07 18.34 25.70
CA PHE E 185 -76.50 19.66 25.22
C PHE E 185 -76.04 19.91 23.78
N VAL E 186 -76.83 20.64 22.99
CA VAL E 186 -76.53 21.09 21.62
C VAL E 186 -76.41 22.62 21.54
N ALA E 187 -75.42 23.11 20.80
CA ALA E 187 -75.08 24.54 20.68
C ALA E 187 -74.64 24.94 19.26
N ARG E 188 -74.73 26.23 18.93
CA ARG E 188 -74.35 26.79 17.62
C ARG E 188 -73.67 28.15 17.69
N THR E 189 -72.99 28.53 16.60
CA THR E 189 -72.47 29.89 16.39
C THR E 189 -73.62 30.89 16.17
N ARG E 190 -73.57 32.07 16.79
CA ARG E 190 -74.60 33.12 16.59
C ARG E 190 -74.45 33.88 15.27
N MET E 191 -73.22 34.15 14.82
CA MET E 191 -72.97 35.01 13.66
C MET E 191 -73.56 34.46 12.35
N GLN E 192 -73.49 33.15 12.11
CA GLN E 192 -74.37 32.46 11.18
C GLN E 192 -74.83 31.09 11.74
N PRO E 193 -76.02 30.58 11.38
CA PRO E 193 -76.51 29.26 11.79
C PRO E 193 -75.80 28.05 11.15
N TYR E 194 -74.53 28.20 10.74
CA TYR E 194 -73.80 27.19 9.97
C TYR E 194 -73.23 26.04 10.81
N ARG E 195 -72.76 26.30 12.03
CA ARG E 195 -72.05 25.29 12.84
C ARG E 195 -72.91 24.82 14.01
N TYR E 196 -72.97 23.50 14.19
CA TYR E 196 -73.63 22.86 15.33
C TYR E 196 -72.68 21.91 16.04
N PHE E 197 -72.82 21.81 17.37
CA PHE E 197 -71.94 21.06 18.24
C PHE E 197 -72.70 20.41 19.39
N TRP E 198 -72.16 19.35 20.00
CA TRP E 198 -72.69 18.77 21.23
C TRP E 198 -71.61 18.55 22.31
N ARG E 199 -72.03 18.53 23.58
CA ARG E 199 -71.21 18.07 24.73
C ARG E 199 -72.04 17.68 25.97
N SER E 200 -71.38 17.33 27.06
CA SER E 200 -71.87 16.50 28.17
C SER E 200 -71.14 16.77 29.50
N LEU E 201 -71.67 16.29 30.63
CA LEU E 201 -71.05 16.42 31.95
C LEU E 201 -71.31 15.23 32.89
N ASP E 202 -70.40 15.01 33.83
CA ASP E 202 -70.34 13.85 34.75
C ASP E 202 -70.83 14.21 36.16
N ALA E 203 -72.14 14.37 36.34
CA ALA E 203 -72.72 14.86 37.59
C ALA E 203 -72.45 13.98 38.84
N SER E 204 -71.99 12.75 38.64
CA SER E 204 -71.50 11.84 39.70
C SER E 204 -70.09 12.17 40.22
N GLN E 205 -69.26 12.89 39.45
CA GLN E 205 -67.85 13.12 39.78
C GLN E 205 -67.66 14.37 40.67
N ARG E 206 -67.50 14.15 41.97
CA ARG E 206 -67.62 15.18 43.02
C ARG E 206 -66.84 14.81 44.28
N ASN E 207 -66.76 15.72 45.25
CA ASN E 207 -66.44 15.41 46.64
C ASN E 207 -67.63 15.79 47.54
N ALA E 208 -67.86 15.02 48.61
CA ALA E 208 -69.03 15.15 49.47
C ALA E 208 -68.96 16.30 50.50
N ASN E 209 -67.76 16.80 50.82
CA ASN E 209 -67.47 17.69 51.95
C ASN E 209 -67.83 19.16 51.66
N SER E 210 -69.06 19.41 51.18
CA SER E 210 -69.56 20.67 50.62
C SER E 210 -68.94 21.11 49.28
N GLN E 211 -68.24 20.20 48.59
CA GLN E 211 -67.81 20.38 47.20
C GLN E 211 -68.94 20.11 46.19
N GLU E 212 -68.67 20.40 44.92
CA GLU E 212 -69.59 20.22 43.79
C GLU E 212 -68.96 19.34 42.70
N LEU E 213 -69.42 19.45 41.44
CA LEU E 213 -68.79 18.78 40.30
C LEU E 213 -67.30 19.16 40.20
N TYR E 214 -66.46 18.15 40.12
CA TYR E 214 -65.00 18.24 40.02
C TYR E 214 -64.54 18.89 38.70
N PRO E 215 -63.36 19.53 38.60
CA PRO E 215 -62.97 20.29 37.40
C PRO E 215 -62.98 19.47 36.11
N THR E 216 -62.62 18.19 36.16
CA THR E 216 -62.62 17.28 35.00
C THR E 216 -64.03 16.81 34.58
N ALA E 217 -65.06 17.05 35.40
CA ALA E 217 -66.41 16.49 35.23
C ALA E 217 -67.25 17.11 34.09
N TRP E 218 -66.63 17.79 33.13
CA TRP E 218 -67.29 18.45 32.00
C TRP E 218 -66.51 18.14 30.71
N SER E 219 -67.19 17.79 29.62
CA SER E 219 -66.55 17.50 28.34
C SER E 219 -66.40 18.75 27.45
N GLU E 220 -65.86 18.55 26.25
CA GLU E 220 -65.52 19.59 25.27
C GLU E 220 -66.24 19.37 23.95
N TRP E 221 -66.58 20.47 23.26
CA TRP E 221 -67.49 20.43 22.10
C TRP E 221 -66.93 19.64 20.92
N LYS E 222 -67.75 18.76 20.37
CA LYS E 222 -67.54 18.11 19.07
C LYS E 222 -68.50 18.70 18.04
N ALA E 223 -67.98 19.03 16.86
CA ALA E 223 -68.79 19.52 15.74
C ALA E 223 -69.61 18.39 15.10
N ILE E 224 -70.70 18.75 14.42
CA ILE E 224 -71.61 17.84 13.71
C ILE E 224 -71.32 17.89 12.20
N SER E 225 -71.15 16.71 11.60
CA SER E 225 -70.63 16.54 10.23
C SER E 225 -71.70 16.62 9.12
N VAL E 226 -72.91 16.12 9.38
CA VAL E 226 -73.96 15.94 8.35
C VAL E 226 -74.38 17.28 7.72
N PRO E 227 -74.41 17.40 6.37
CA PRO E 227 -74.68 18.67 5.71
C PRO E 227 -76.18 19.03 5.71
N LEU E 228 -76.69 19.46 6.87
CA LEU E 228 -77.98 20.11 7.01
C LEU E 228 -78.01 21.51 6.37
N GLU E 229 -79.14 21.85 5.75
CA GLU E 229 -79.36 23.11 5.02
C GLU E 229 -80.75 23.71 5.27
N ASN E 230 -81.73 22.88 5.65
CA ASN E 230 -83.09 23.25 6.01
C ASN E 230 -83.43 22.67 7.39
N VAL E 231 -84.17 23.44 8.18
CA VAL E 231 -84.61 23.09 9.54
C VAL E 231 -85.94 23.75 9.84
N ALA E 232 -86.73 23.19 10.75
CA ALA E 232 -87.88 23.87 11.36
C ALA E 232 -87.42 25.00 12.30
N ASN E 233 -86.99 26.13 11.71
CA ASN E 233 -86.71 27.38 12.43
C ASN E 233 -85.72 27.20 13.61
N GLY E 234 -84.57 26.58 13.37
CA GLY E 234 -83.53 26.32 14.37
C GLY E 234 -83.80 25.12 15.31
N ILE E 235 -84.97 24.48 15.23
CA ILE E 235 -85.30 23.29 16.03
C ILE E 235 -84.65 22.05 15.41
N VAL E 236 -83.42 21.76 15.84
CA VAL E 236 -82.74 20.46 15.68
C VAL E 236 -82.70 19.76 17.05
N ARG E 237 -83.06 18.47 17.11
CA ARG E 237 -83.20 17.72 18.38
C ARG E 237 -82.18 16.57 18.49
N PRO E 238 -81.32 16.55 19.53
CA PRO E 238 -80.51 15.40 19.91
C PRO E 238 -81.30 14.44 20.81
N ILE E 239 -80.98 13.15 20.76
CA ILE E 239 -81.54 12.12 21.63
C ILE E 239 -80.55 10.98 21.87
N MET E 240 -80.70 10.25 22.97
CA MET E 240 -79.85 9.13 23.35
C MET E 240 -80.57 7.79 23.12
N MET E 241 -79.92 6.87 22.39
CA MET E 241 -80.46 5.57 22.00
C MET E 241 -79.60 4.45 22.59
N ASP E 242 -79.81 4.18 23.88
CA ASP E 242 -79.03 3.24 24.69
C ASP E 242 -77.51 3.44 24.55
N ASN E 243 -77.08 4.67 24.87
CA ASN E 243 -75.71 5.23 24.76
C ASN E 243 -75.16 5.45 23.34
N ARG E 244 -75.90 5.13 22.26
CA ARG E 244 -75.68 5.80 20.96
C ARG E 244 -76.18 7.24 21.01
N LEU E 245 -75.66 8.11 20.15
CA LEU E 245 -76.12 9.48 19.96
C LEU E 245 -76.84 9.63 18.62
N TYR E 246 -78.06 10.16 18.66
CA TYR E 246 -78.95 10.35 17.53
C TYR E 246 -79.38 11.83 17.45
N ILE E 247 -79.67 12.30 16.25
CA ILE E 247 -80.09 13.67 15.92
C ILE E 247 -81.26 13.62 14.94
N SER E 248 -82.11 14.66 14.90
CA SER E 248 -83.29 14.69 14.02
C SER E 248 -83.74 16.09 13.59
N TRP E 249 -84.48 16.15 12.47
CA TRP E 249 -85.05 17.36 11.87
C TRP E 249 -86.49 17.17 11.44
N PHE E 250 -87.23 18.28 11.39
CA PHE E 250 -88.53 18.40 10.72
C PHE E 250 -88.40 19.32 9.50
N GLU E 251 -88.78 18.83 8.32
CA GLU E 251 -88.74 19.61 7.07
C GLU E 251 -89.90 20.61 6.97
N VAL E 252 -89.59 21.87 6.69
CA VAL E 252 -90.58 22.90 6.37
C VAL E 252 -90.49 23.22 4.89
N ALA E 253 -91.60 23.04 4.17
CA ALA E 253 -91.63 23.04 2.71
C ALA E 253 -92.95 23.61 2.17
N GLU E 254 -92.93 24.04 0.90
CA GLU E 254 -94.13 24.43 0.15
C GLU E 254 -94.09 23.90 -1.29
N GLU E 255 -95.27 23.49 -1.77
CA GLU E 255 -95.59 23.25 -3.18
C GLU E 255 -97.08 23.60 -3.38
N LYS E 256 -97.52 23.95 -4.60
CA LYS E 256 -98.93 24.25 -4.85
C LYS E 256 -99.78 22.98 -4.92
N GLU E 257 -100.88 22.91 -4.16
CA GLU E 257 -102.02 22.02 -4.48
C GLU E 257 -102.81 22.54 -5.71
N THR E 258 -102.16 22.58 -6.88
CA THR E 258 -102.72 23.18 -8.10
C THR E 258 -103.94 22.42 -8.61
N ASP E 259 -105.08 23.10 -8.72
CA ASP E 259 -106.28 22.63 -9.41
C ASP E 259 -106.15 22.81 -10.94
N SER E 260 -106.84 21.99 -11.73
CA SER E 260 -106.84 22.07 -13.20
C SER E 260 -107.37 23.43 -13.72
N ASP E 261 -108.39 23.99 -13.07
CA ASP E 261 -108.90 25.34 -13.33
C ASP E 261 -108.04 26.48 -12.74
N GLY E 262 -107.02 26.13 -11.95
CA GLY E 262 -106.32 27.06 -11.05
C GLY E 262 -107.13 27.37 -9.79
N ASN E 263 -106.45 27.61 -8.67
CA ASN E 263 -107.04 27.83 -7.35
C ASN E 263 -106.14 28.72 -6.46
N ILE E 264 -106.75 29.37 -5.46
CA ILE E 264 -106.03 30.18 -4.45
C ILE E 264 -105.64 29.37 -3.19
N ILE E 265 -106.44 28.36 -2.82
CA ILE E 265 -106.24 27.54 -1.60
C ILE E 265 -105.25 26.38 -1.88
N VAL E 266 -104.02 26.73 -2.25
CA VAL E 266 -102.97 25.80 -2.71
C VAL E 266 -102.27 25.03 -1.56
N SER E 267 -102.96 24.75 -0.46
CA SER E 267 -102.40 24.40 0.86
C SER E 267 -103.25 23.39 1.63
N GLY E 268 -102.64 22.62 2.54
CA GLY E 268 -103.31 21.57 3.32
C GLY E 268 -102.39 20.40 3.68
N ARG E 269 -102.13 19.52 2.69
CA ARG E 269 -101.20 18.39 2.77
C ARG E 269 -100.06 18.58 1.77
N TYR E 270 -98.84 18.61 2.26
CA TYR E 270 -97.59 18.67 1.48
C TYR E 270 -96.71 17.46 1.82
N ARG E 271 -95.81 17.06 0.91
CA ARG E 271 -94.77 16.06 1.18
C ARG E 271 -93.61 16.67 1.98
N THR E 272 -93.94 17.17 3.18
CA THR E 272 -92.97 17.35 4.27
C THR E 272 -92.44 15.98 4.71
N LYS E 273 -91.30 15.95 5.39
CA LYS E 273 -90.61 14.75 5.86
C LYS E 273 -90.04 15.00 7.26
N ILE E 274 -89.71 13.92 7.97
CA ILE E 274 -88.97 13.97 9.23
C ILE E 274 -87.78 13.04 9.05
N ARG E 275 -86.62 13.51 9.47
CA ARG E 275 -85.32 12.90 9.19
C ARG E 275 -84.58 12.62 10.49
N LEU E 276 -83.83 11.53 10.50
CA LEU E 276 -83.04 11.02 11.62
C LEU E 276 -81.59 10.87 11.16
N ALA E 277 -80.64 10.99 12.08
CA ALA E 277 -79.23 10.67 11.89
C ALA E 277 -78.62 10.08 13.16
N HIS E 278 -77.49 9.38 13.02
CA HIS E 278 -76.65 8.98 14.16
C HIS E 278 -75.17 9.06 13.81
N LEU E 279 -74.29 9.19 14.80
CA LEU E 279 -72.85 9.21 14.61
C LEU E 279 -72.26 7.85 15.01
N GLY E 280 -71.44 7.27 14.12
CA GLY E 280 -70.84 5.94 14.23
C GLY E 280 -69.68 5.86 15.22
N PHE E 281 -69.00 4.71 15.25
CA PHE E 281 -67.95 4.41 16.23
C PHE E 281 -66.66 5.24 16.07
N ASP E 282 -66.51 6.03 15.01
CA ASP E 282 -65.42 7.02 14.85
C ASP E 282 -65.91 8.49 14.77
N GLY E 283 -67.19 8.75 15.02
CA GLY E 283 -67.80 10.09 14.98
C GLY E 283 -68.35 10.56 13.63
N VAL E 284 -68.13 9.82 12.54
CA VAL E 284 -68.76 10.13 11.23
C VAL E 284 -70.22 9.64 11.20
N TRP E 285 -71.11 10.38 10.54
CA TRP E 285 -72.52 9.99 10.38
C TRP E 285 -72.74 8.99 9.23
N SER E 286 -73.85 8.25 9.27
CA SER E 286 -74.21 7.30 8.20
C SER E 286 -75.72 7.09 8.05
N SER E 287 -76.42 6.70 9.12
CA SER E 287 -77.88 6.49 9.16
C SER E 287 -78.72 7.79 9.12
N GLY E 288 -78.37 8.73 8.24
CA GLY E 288 -79.09 9.99 7.97
C GLY E 288 -80.40 9.80 7.20
N THR E 289 -81.21 8.83 7.61
CA THR E 289 -82.38 8.32 6.88
C THR E 289 -83.68 9.11 7.13
N THR E 290 -84.71 8.82 6.34
CA THR E 290 -86.02 9.48 6.39
C THR E 290 -87.12 8.44 6.66
N LEU E 291 -87.40 8.17 7.93
CA LEU E 291 -88.56 7.37 8.36
C LEU E 291 -89.90 8.09 8.09
N ARG E 292 -89.93 9.42 8.31
CA ARG E 292 -91.09 10.31 8.13
C ARG E 292 -92.43 9.79 8.67
N GLU E 293 -92.42 9.17 9.85
CA GLU E 293 -93.63 8.80 10.63
C GLU E 293 -94.56 10.03 10.76
N GLU E 294 -95.76 9.92 10.17
CA GLU E 294 -96.50 11.10 9.68
C GLU E 294 -97.22 11.93 10.74
N VAL E 295 -97.40 13.23 10.47
CA VAL E 295 -98.29 14.12 11.24
C VAL E 295 -99.78 13.79 10.95
N LEU E 296 -100.34 12.82 11.66
CA LEU E 296 -101.70 12.26 11.46
C LEU E 296 -102.89 13.20 11.79
N ALA E 297 -102.78 14.50 11.50
CA ALA E 297 -103.80 15.53 11.75
C ALA E 297 -103.82 16.60 10.64
N ASP E 298 -104.95 17.30 10.50
CA ASP E 298 -105.22 18.25 9.39
C ASP E 298 -104.30 19.47 9.37
N GLN E 299 -104.00 19.98 8.15
CA GLN E 299 -103.16 21.15 7.84
C GLN E 299 -101.77 21.09 8.49
N MET E 300 -100.80 20.54 7.75
CA MET E 300 -99.36 20.76 8.02
C MET E 300 -98.96 22.18 7.59
N GLU E 301 -97.68 22.46 7.31
CA GLU E 301 -97.10 23.81 7.11
C GLU E 301 -97.09 24.69 8.38
N GLU E 302 -98.08 24.53 9.26
CA GLU E 302 -98.17 25.14 10.58
C GLU E 302 -96.98 24.76 11.47
N MET E 303 -96.46 25.73 12.24
CA MET E 303 -95.47 25.49 13.28
C MET E 303 -96.07 24.66 14.42
N ILE E 304 -95.48 23.49 14.66
CA ILE E 304 -95.90 22.52 15.70
C ILE E 304 -94.71 21.93 16.49
N ALA E 305 -93.51 22.50 16.33
CA ALA E 305 -92.22 21.99 16.82
C ALA E 305 -91.92 20.53 16.36
N VAL E 306 -90.82 19.95 16.86
CA VAL E 306 -90.68 18.49 16.98
C VAL E 306 -90.01 18.16 18.31
N VAL E 307 -90.50 17.13 19.00
CA VAL E 307 -90.27 16.89 20.44
C VAL E 307 -90.20 15.39 20.74
N ASP E 308 -89.58 14.97 21.84
CA ASP E 308 -89.85 13.67 22.47
C ASP E 308 -89.74 13.72 24.01
N ARG E 309 -90.43 12.80 24.71
CA ARG E 309 -90.43 12.58 26.17
C ARG E 309 -90.27 11.07 26.47
N MET E 310 -89.21 10.46 25.94
CA MET E 310 -89.00 8.99 25.94
C MET E 310 -89.00 8.39 27.36
N GLU E 311 -89.60 7.21 27.53
CA GLU E 311 -89.71 6.54 28.85
C GLU E 311 -89.58 5.00 28.81
N ASP E 312 -90.06 4.32 27.76
CA ASP E 312 -89.98 2.85 27.60
C ASP E 312 -89.90 2.42 26.12
N GLU E 313 -89.34 1.25 25.89
CA GLU E 313 -89.05 0.59 24.59
C GLU E 313 -88.32 1.48 23.57
N PRO E 314 -86.97 1.39 23.49
CA PRO E 314 -86.16 2.20 22.58
C PRO E 314 -86.56 2.12 21.10
N ARG E 315 -86.96 0.94 20.57
CA ARG E 315 -87.37 0.82 19.15
C ARG E 315 -88.75 1.44 18.85
N LEU E 316 -89.42 2.01 19.86
CA LEU E 316 -90.66 2.79 19.74
C LEU E 316 -90.49 4.25 20.22
N ALA E 317 -89.26 4.79 20.17
CA ALA E 317 -88.94 6.19 20.50
C ALA E 317 -89.40 7.22 19.45
N LEU E 318 -90.64 7.10 18.93
CA LEU E 318 -91.21 7.98 17.90
C LEU E 318 -91.42 9.41 18.40
N VAL E 319 -91.34 10.39 17.49
CA VAL E 319 -91.43 11.84 17.76
C VAL E 319 -92.83 12.30 18.20
N ALA E 320 -92.93 13.57 18.59
CA ALA E 320 -94.13 14.26 19.06
C ALA E 320 -94.17 15.73 18.58
N PHE E 321 -95.34 16.35 18.67
CA PHE E 321 -95.61 17.72 18.21
C PHE E 321 -96.40 18.52 19.26
N LYS E 322 -96.04 19.79 19.44
CA LYS E 322 -96.53 20.68 20.52
C LYS E 322 -97.83 21.43 20.21
N GLU E 323 -98.34 21.35 18.96
CA GLU E 323 -99.62 21.94 18.53
C GLU E 323 -100.27 21.11 17.42
N MET E 324 -101.60 21.21 17.28
CA MET E 324 -102.34 20.97 16.04
C MET E 324 -103.58 21.89 16.00
N SER E 325 -103.63 22.78 15.02
CA SER E 325 -104.70 23.75 14.71
C SER E 325 -104.99 24.81 15.78
N GLU E 326 -105.33 24.40 17.00
CA GLU E 326 -105.80 25.31 18.07
C GLU E 326 -105.67 24.74 19.49
N SER E 327 -105.87 23.43 19.69
CA SER E 327 -105.74 22.80 21.02
C SER E 327 -105.63 21.27 21.00
N TRP E 328 -106.42 20.60 20.16
CA TRP E 328 -106.58 19.14 20.23
C TRP E 328 -105.33 18.35 19.80
N ASP E 329 -105.21 17.12 20.30
CA ASP E 329 -104.11 16.19 20.07
C ASP E 329 -104.24 15.39 18.75
N VAL E 330 -103.31 14.47 18.52
CA VAL E 330 -103.22 13.58 17.35
C VAL E 330 -103.12 12.10 17.80
N VAL E 331 -103.71 11.18 17.03
CA VAL E 331 -103.76 9.73 17.34
C VAL E 331 -102.39 9.03 17.28
N PHE E 332 -101.39 9.71 16.72
CA PHE E 332 -99.99 9.30 16.61
C PHE E 332 -99.31 9.09 17.98
N ARG E 523 -94.93 9.36 36.92
CA ARG E 523 -94.24 10.46 36.26
C ARG E 523 -94.04 11.67 37.18
N ASP E 524 -93.21 12.62 36.75
CA ASP E 524 -92.86 13.87 37.44
C ASP E 524 -92.25 14.89 36.45
N LYS E 525 -92.16 16.16 36.85
CA LYS E 525 -91.52 17.26 36.08
C LYS E 525 -90.60 18.12 36.96
N PHE E 526 -89.69 18.87 36.33
CA PHE E 526 -88.67 19.67 37.02
C PHE E 526 -88.35 20.96 36.24
N GLN E 527 -87.97 22.02 36.94
CA GLN E 527 -87.58 23.32 36.34
C GLN E 527 -86.13 23.32 35.78
N ILE E 528 -85.81 22.35 34.93
CA ILE E 528 -84.61 22.36 34.08
C ILE E 528 -84.97 23.14 32.80
N LYS E 529 -84.88 24.47 32.86
CA LYS E 529 -85.67 25.39 32.00
C LYS E 529 -84.85 26.55 31.45
N GLN E 530 -85.41 27.21 30.43
CA GLN E 530 -84.99 28.51 29.89
C GLN E 530 -84.81 29.57 31.00
N PHE E 531 -84.01 30.61 30.73
CA PHE E 531 -83.56 31.56 31.75
C PHE E 531 -83.34 32.99 31.21
N SER E 532 -83.36 33.95 32.14
CA SER E 532 -83.20 35.38 31.89
C SER E 532 -81.82 35.75 31.30
N GLN E 533 -81.60 37.04 31.02
CA GLN E 533 -80.70 37.56 29.99
C GLN E 533 -79.28 36.97 29.94
N THR E 534 -78.66 36.54 31.05
CA THR E 534 -77.33 35.91 31.08
C THR E 534 -77.32 34.41 30.70
N GLN E 535 -78.41 33.87 30.14
CA GLN E 535 -78.47 32.58 29.41
C GLN E 535 -78.14 31.28 30.18
N TYR E 536 -77.94 31.30 31.49
CA TYR E 536 -77.36 30.18 32.23
C TYR E 536 -78.25 28.94 32.46
N LEU E 537 -79.52 28.96 32.00
CA LEU E 537 -80.60 28.02 32.36
C LEU E 537 -80.94 27.99 33.86
N GLN E 538 -82.21 27.67 34.14
CA GLN E 538 -82.70 27.42 35.50
C GLN E 538 -82.21 26.05 36.00
N PHE E 539 -81.90 25.97 37.29
CA PHE E 539 -81.61 24.71 37.99
C PHE E 539 -82.79 24.35 38.90
N PRO E 540 -83.30 23.11 38.89
CA PRO E 540 -84.65 22.80 39.40
C PRO E 540 -84.79 22.76 40.93
N GLU E 541 -83.72 22.65 41.70
CA GLU E 541 -83.82 22.50 43.17
C GLU E 541 -82.67 23.15 43.94
N ALA E 542 -82.96 23.75 45.10
CA ALA E 542 -81.98 24.35 45.99
C ALA E 542 -81.23 23.29 46.81
N SER E 543 -81.96 22.31 47.35
CA SER E 543 -81.42 21.07 47.92
C SER E 543 -80.88 20.08 46.84
N SER E 544 -80.56 20.60 45.65
CA SER E 544 -79.92 19.94 44.51
C SER E 544 -80.74 18.87 43.78
N ALA E 545 -80.53 18.81 42.46
CA ALA E 545 -80.96 17.69 41.61
C ALA E 545 -80.06 16.44 41.75
N ASP E 546 -78.92 16.59 42.42
CA ASP E 546 -77.85 15.58 42.55
C ASP E 546 -77.41 15.42 44.03
N VAL E 547 -76.32 14.68 44.25
CA VAL E 547 -75.94 14.11 45.57
C VAL E 547 -75.88 15.13 46.70
N TRP E 548 -75.29 16.31 46.47
CA TRP E 548 -75.08 17.34 47.50
C TRP E 548 -75.69 18.68 47.08
N TYR E 549 -76.07 19.46 48.11
CA TYR E 549 -76.94 20.64 48.12
C TYR E 549 -76.35 21.92 47.47
N ILE E 550 -75.88 21.82 46.23
CA ILE E 550 -75.19 22.89 45.47
C ILE E 550 -76.00 24.17 45.17
N GLY E 551 -77.28 24.26 45.57
CA GLY E 551 -78.14 25.43 45.30
C GLY E 551 -78.68 25.48 43.87
N LYS E 552 -79.75 26.25 43.66
CA LYS E 552 -80.44 26.40 42.35
C LYS E 552 -79.74 27.35 41.38
N GLN E 553 -78.41 27.26 41.30
CA GLN E 553 -77.54 28.18 40.58
C GLN E 553 -76.49 27.44 39.74
N ILE E 554 -76.25 27.94 38.52
CA ILE E 554 -75.23 27.47 37.55
C ILE E 554 -74.74 28.64 36.67
N ARG E 555 -73.56 28.49 36.05
CA ARG E 555 -73.04 29.36 34.97
C ARG E 555 -72.64 28.52 33.75
N LEU E 556 -72.76 29.11 32.56
CA LEU E 556 -72.48 28.48 31.26
C LEU E 556 -71.60 29.38 30.37
N ASN E 557 -72.20 30.34 29.65
CA ASN E 557 -71.52 31.25 28.73
C ASN E 557 -70.56 32.26 29.41
N THR E 558 -69.80 33.03 28.65
CA THR E 558 -68.96 34.15 29.12
C THR E 558 -68.91 35.30 28.10
N LEU E 559 -68.68 36.52 28.59
CA LEU E 559 -68.54 37.74 27.77
C LEU E 559 -67.08 38.02 27.37
N PHE E 560 -66.12 37.13 27.72
CA PHE E 560 -64.67 37.39 27.63
C PHE E 560 -64.19 37.99 26.29
N ALA E 561 -64.74 37.57 25.16
CA ALA E 561 -64.38 38.12 23.85
C ALA E 561 -64.54 39.65 23.79
N LYS E 562 -65.63 40.19 24.37
CA LYS E 562 -65.88 41.64 24.42
C LYS E 562 -64.86 42.40 25.29
N GLU E 563 -64.21 41.72 26.23
CA GLU E 563 -63.05 42.27 26.96
C GLU E 563 -61.72 42.09 26.23
N LEU E 564 -61.60 41.05 25.39
CA LEU E 564 -60.37 40.66 24.72
C LEU E 564 -60.13 41.40 23.39
N ILE E 565 -61.15 41.57 22.56
CA ILE E 565 -61.05 42.08 21.17
C ILE E 565 -60.20 43.37 21.10
N GLY E 566 -60.49 44.32 21.98
CA GLY E 566 -59.71 45.54 22.09
C GLY E 566 -58.26 45.20 22.41
N LYS E 567 -58.00 44.68 23.61
CA LYS E 567 -56.65 44.45 24.14
C LYS E 567 -55.78 43.61 23.20
N ALA E 568 -56.33 42.54 22.62
CA ALA E 568 -55.63 41.64 21.71
C ALA E 568 -55.33 42.27 20.33
N SER E 569 -56.19 43.15 19.83
CA SER E 569 -55.90 43.93 18.62
C SER E 569 -54.88 45.05 18.87
N ARG E 570 -54.68 45.48 20.13
CA ARG E 570 -53.58 46.39 20.51
C ARG E 570 -52.25 45.66 20.57
N SER E 571 -52.06 44.63 21.40
CA SER E 571 -50.91 43.74 21.24
C SER E 571 -51.11 42.38 21.93
N LEU E 572 -50.30 41.41 21.52
CA LEU E 572 -50.06 40.14 22.23
C LEU E 572 -49.45 40.40 23.62
N ASP E 573 -48.52 41.35 23.71
CA ASP E 573 -47.81 41.71 24.93
C ASP E 573 -48.75 42.22 26.04
N LEU E 574 -49.90 42.80 25.70
CA LEU E 574 -50.98 43.14 26.63
C LEU E 574 -51.84 41.92 27.06
N VAL E 575 -52.00 40.90 26.20
CA VAL E 575 -52.73 39.67 26.57
C VAL E 575 -51.94 38.87 27.61
N LEU E 576 -50.61 38.72 27.42
CA LEU E 576 -49.72 38.12 28.38
C LEU E 576 -49.26 39.12 29.46
N SER E 577 -50.21 39.96 29.91
CA SER E 577 -50.13 40.80 31.11
C SER E 577 -51.12 40.31 32.16
N TRP E 578 -50.63 40.05 33.37
CA TRP E 578 -51.42 39.68 34.53
C TRP E 578 -52.54 40.70 34.83
N GLU E 579 -52.31 41.98 34.52
CA GLU E 579 -53.33 43.02 34.68
C GLU E 579 -54.49 42.87 33.68
N THR E 580 -54.24 42.40 32.46
CA THR E 580 -55.30 42.07 31.49
C THR E 580 -56.08 40.85 31.93
N GLN E 581 -55.39 39.83 32.42
CA GLN E 581 -56.00 38.57 32.83
C GLN E 581 -57.02 38.75 33.96
N ASN E 582 -56.97 39.86 34.73
CA ASN E 582 -57.84 40.12 35.88
C ASN E 582 -59.10 40.98 35.55
N SER E 583 -59.46 41.08 34.27
CA SER E 583 -60.62 41.82 33.77
C SER E 583 -61.97 41.30 34.31
N ARG E 584 -62.97 42.19 34.43
CA ARG E 584 -64.30 41.97 35.04
C ARG E 584 -65.37 41.40 34.07
N LEU E 585 -66.37 40.69 34.62
CA LEU E 585 -67.60 40.21 33.94
C LEU E 585 -68.85 40.62 34.77
N GLU E 586 -70.04 40.05 34.54
CA GLU E 586 -71.24 40.34 35.34
C GLU E 586 -72.15 39.11 35.59
N GLU E 587 -72.96 39.16 36.65
CA GLU E 587 -73.73 38.02 37.19
C GLU E 587 -75.08 38.43 37.83
N ALA E 588 -75.40 39.73 37.94
CA ALA E 588 -76.57 40.25 38.69
C ALA E 588 -77.95 39.59 38.44
N ILE E 589 -78.18 39.08 37.23
CA ILE E 589 -79.39 38.34 36.82
C ILE E 589 -79.61 37.04 37.62
N LEU E 590 -78.56 36.30 38.01
CA LEU E 590 -78.70 35.12 38.89
C LEU E 590 -78.60 35.47 40.39
N GLY E 591 -78.33 36.73 40.73
CA GLY E 591 -78.15 37.19 42.11
C GLY E 591 -76.73 37.00 42.66
N GLY E 592 -75.70 37.31 41.87
CA GLY E 592 -74.31 37.44 42.36
C GLY E 592 -73.54 38.52 41.60
N ALA E 593 -72.21 38.60 41.76
CA ALA E 593 -71.37 39.48 40.94
C ALA E 593 -70.07 38.79 40.46
N ALA E 594 -69.72 38.93 39.18
CA ALA E 594 -68.52 38.32 38.58
C ALA E 594 -67.34 39.31 38.47
N GLU E 595 -66.75 39.68 39.62
CA GLU E 595 -65.70 40.71 39.75
C GLU E 595 -64.39 40.44 38.96
N LEU E 596 -64.20 39.23 38.45
CA LEU E 596 -63.21 38.92 37.42
C LEU E 596 -63.62 37.68 36.63
N ILE E 597 -62.97 37.47 35.49
CA ILE E 597 -63.02 36.22 34.72
C ILE E 597 -62.64 35.05 35.64
N ASP E 598 -63.57 34.13 35.89
CA ASP E 598 -63.37 32.98 36.78
C ASP E 598 -63.15 31.71 35.95
N LEU E 599 -62.13 30.93 36.33
CA LEU E 599 -61.66 29.73 35.62
C LEU E 599 -62.61 28.52 35.78
N ASP E 600 -63.93 28.70 35.68
CA ASP E 600 -64.96 27.67 35.93
C ASP E 600 -64.91 26.50 34.94
N GLY E 601 -64.95 25.26 35.45
CA GLY E 601 -64.66 24.04 34.67
C GLY E 601 -65.45 23.86 33.36
N ALA E 602 -66.69 24.35 33.29
CA ALA E 602 -67.51 24.31 32.06
C ALA E 602 -66.91 25.10 30.88
N ASN E 603 -65.99 26.04 31.12
CA ASN E 603 -65.38 26.92 30.10
C ASN E 603 -63.87 27.17 30.32
N GLY E 604 -63.33 26.80 31.48
CA GLY E 604 -62.05 27.27 32.00
C GLY E 604 -60.83 26.95 31.13
N ILE E 605 -60.89 25.82 30.42
CA ILE E 605 -59.81 25.33 29.56
C ILE E 605 -59.42 26.37 28.52
N TYR E 606 -60.39 27.09 27.96
CA TYR E 606 -60.13 28.11 26.96
C TYR E 606 -59.28 29.28 27.46
N PHE E 607 -59.28 29.58 28.77
CA PHE E 607 -58.33 30.52 29.34
C PHE E 607 -56.90 29.95 29.34
N TRP E 608 -56.74 28.71 29.79
CA TRP E 608 -55.46 27.98 29.90
C TRP E 608 -54.79 27.74 28.54
N GLU E 609 -55.59 27.37 27.56
CA GLU E 609 -55.18 27.15 26.18
C GLU E 609 -54.59 28.44 25.60
N LEU E 610 -55.26 29.58 25.84
CA LEU E 610 -54.85 30.91 25.40
C LEU E 610 -53.70 31.51 26.23
N PHE E 611 -53.73 31.38 27.55
CA PHE E 611 -52.78 31.98 28.51
C PHE E 611 -51.55 31.11 28.82
N PHE E 612 -51.41 29.92 28.23
CA PHE E 612 -50.23 29.06 28.48
C PHE E 612 -49.72 28.31 27.24
N HIS E 613 -50.59 27.59 26.54
CA HIS E 613 -50.14 26.57 25.55
C HIS E 613 -49.62 27.12 24.22
N MET E 614 -50.32 28.15 23.73
CA MET E 614 -49.87 28.99 22.62
C MET E 614 -48.53 29.67 22.95
N PRO E 615 -48.32 30.28 24.14
CA PRO E 615 -47.01 30.74 24.60
C PRO E 615 -45.94 29.64 24.66
N PHE E 616 -46.31 28.41 25.00
CA PHE E 616 -45.36 27.31 25.21
C PHE E 616 -44.79 26.73 23.89
N MET E 617 -45.63 26.36 22.92
CA MET E 617 -45.20 25.59 21.74
C MET E 617 -44.19 26.33 20.85
N VAL E 618 -44.36 27.65 20.73
CA VAL E 618 -43.42 28.54 20.07
C VAL E 618 -42.05 28.46 20.74
N SER E 619 -42.01 28.60 22.07
CA SER E 619 -40.76 28.53 22.83
C SER E 619 -40.09 27.17 22.74
N TRP E 620 -40.88 26.09 22.64
CA TRP E 620 -40.43 24.71 22.50
C TRP E 620 -39.74 24.47 21.14
N ARG E 621 -40.35 24.96 20.03
CA ARG E 621 -39.78 24.92 18.67
C ARG E 621 -38.49 25.74 18.56
N PHE E 622 -38.52 26.99 19.06
CA PHE E 622 -37.41 27.92 19.00
C PHE E 622 -36.20 27.46 19.82
N ASN E 623 -36.41 26.85 21.00
CA ASN E 623 -35.34 26.26 21.82
C ASN E 623 -34.52 25.26 21.01
N VAL E 624 -35.21 24.39 20.28
CA VAL E 624 -34.54 23.36 19.46
C VAL E 624 -33.79 23.99 18.29
N GLU E 625 -34.44 24.88 17.54
CA GLU E 625 -33.97 25.37 16.23
C GLU E 625 -32.97 26.53 16.29
N GLN E 626 -32.03 26.48 17.25
CA GLN E 626 -30.95 27.45 17.48
C GLN E 626 -31.44 28.89 17.78
N ARG E 627 -32.71 29.06 18.18
CA ARG E 627 -33.34 30.37 18.41
C ARG E 627 -33.46 30.70 19.90
N TYR E 628 -32.43 30.36 20.67
CA TYR E 628 -32.43 30.40 22.13
C TYR E 628 -32.93 31.71 22.75
N GLU E 629 -32.46 32.87 22.26
CA GLU E 629 -32.92 34.15 22.80
C GLU E 629 -34.35 34.52 22.37
N ASP E 630 -34.86 33.93 21.29
CA ASP E 630 -36.25 34.07 20.87
C ASP E 630 -37.15 33.17 21.74
N ALA E 631 -36.70 31.96 22.05
CA ALA E 631 -37.34 31.10 23.05
C ALA E 631 -37.41 31.80 24.41
N ASN E 632 -36.34 32.48 24.84
CA ASN E 632 -36.35 33.34 26.02
C ASN E 632 -37.42 34.44 25.93
N ARG E 633 -37.54 35.16 24.80
CA ARG E 633 -38.57 36.20 24.61
C ARG E 633 -40.00 35.67 24.74
N TRP E 634 -40.25 34.39 24.46
CA TRP E 634 -41.53 33.75 24.74
C TRP E 634 -41.64 33.23 26.18
N VAL E 635 -40.61 32.64 26.78
CA VAL E 635 -40.63 32.20 28.18
C VAL E 635 -40.83 33.37 29.16
N LYS E 636 -40.38 34.57 28.79
CA LYS E 636 -40.64 35.82 29.52
C LYS E 636 -42.12 36.22 29.63
N TYR E 637 -43.05 35.53 28.97
CA TYR E 637 -44.48 35.68 29.26
C TYR E 637 -44.97 34.82 30.42
N LEU E 638 -44.23 33.76 30.80
CA LEU E 638 -44.50 32.94 31.97
C LEU E 638 -43.77 33.46 33.22
N PHE E 639 -42.46 33.66 33.13
CA PHE E 639 -41.58 33.86 34.30
C PHE E 639 -40.48 34.89 34.03
N ASN E 640 -40.12 35.72 35.04
CA ASN E 640 -39.19 36.84 34.86
C ASN E 640 -38.16 37.00 36.00
N PRO E 641 -37.18 36.08 36.15
CA PRO E 641 -36.06 36.18 37.08
C PRO E 641 -34.99 37.22 36.65
N PHE E 642 -35.43 38.33 36.06
CA PHE E 642 -34.60 39.44 35.57
C PHE E 642 -35.23 40.83 35.76
N GLU E 643 -36.44 40.93 36.33
CA GLU E 643 -37.15 42.21 36.51
C GLU E 643 -37.83 42.30 37.88
N CYS E 644 -37.81 43.50 38.46
CA CYS E 644 -38.24 43.79 39.83
C CYS E 644 -38.88 45.20 39.94
N GLU E 645 -39.36 45.72 38.81
CA GLU E 645 -39.66 47.14 38.61
C GLU E 645 -40.77 47.34 37.55
N ASP E 646 -41.68 46.37 37.41
CA ASP E 646 -42.90 46.46 36.61
C ASP E 646 -43.81 47.62 37.06
N GLU E 647 -44.72 48.02 36.17
CA GLU E 647 -45.53 49.22 36.31
C GLU E 647 -46.67 49.12 37.36
N PRO E 648 -47.44 48.02 37.46
CA PRO E 648 -48.55 47.92 38.42
C PRO E 648 -48.06 47.54 39.82
N ALA E 649 -48.39 48.33 40.84
CA ALA E 649 -48.05 48.03 42.24
C ALA E 649 -48.59 46.67 42.72
N LEU E 650 -49.76 46.26 42.22
CA LEU E 650 -50.34 44.94 42.50
C LEU E 650 -49.55 43.80 41.84
N LEU E 651 -48.98 44.02 40.64
CA LEU E 651 -48.11 43.07 39.96
C LEU E 651 -46.71 42.99 40.61
N LEU E 652 -46.19 44.13 41.10
CA LEU E 652 -45.00 44.14 41.95
C LEU E 652 -45.22 43.33 43.24
N GLY E 653 -46.41 43.44 43.85
CA GLY E 653 -46.78 42.79 45.10
C GLY E 653 -47.03 41.27 44.98
N LYS E 654 -48.03 40.87 44.20
CA LYS E 654 -48.75 39.61 44.47
C LYS E 654 -48.14 38.33 43.86
N PRO E 655 -47.80 38.24 42.55
CA PRO E 655 -47.36 36.95 41.96
C PRO E 655 -46.05 36.37 42.56
N PRO E 656 -44.95 37.14 42.74
CA PRO E 656 -44.57 38.38 42.05
C PRO E 656 -43.84 38.11 40.72
N TYR E 657 -43.14 36.98 40.57
CA TYR E 657 -42.30 36.66 39.41
C TYR E 657 -43.03 36.03 38.22
N TRP E 658 -44.26 35.55 38.44
CA TRP E 658 -45.03 34.72 37.51
C TRP E 658 -46.11 35.56 36.83
N ASN E 659 -46.26 35.45 35.52
CA ASN E 659 -47.00 36.43 34.72
C ASN E 659 -48.18 35.84 33.91
N SER E 660 -48.46 34.54 34.06
CA SER E 660 -49.76 33.94 33.72
C SER E 660 -50.42 33.43 35.00
N ARG E 661 -51.58 34.00 35.37
CA ARG E 661 -52.14 33.78 36.71
C ARG E 661 -52.54 32.33 37.03
N PRO E 662 -52.93 31.45 36.10
CA PRO E 662 -53.22 30.05 36.43
C PRO E 662 -52.00 29.25 36.96
N LEU E 663 -50.79 29.81 36.92
CA LEU E 663 -49.61 29.29 37.63
C LEU E 663 -49.61 29.59 39.14
N VAL E 664 -50.59 30.32 39.66
CA VAL E 664 -50.67 30.77 41.07
C VAL E 664 -52.12 30.76 41.61
N ASP E 665 -53.12 31.02 40.77
CA ASP E 665 -54.53 31.23 41.14
C ASP E 665 -55.22 29.95 41.71
N GLU E 666 -56.32 30.15 42.45
CA GLU E 666 -56.98 29.24 43.41
C GLU E 666 -57.08 27.74 43.01
N PRO E 667 -56.24 26.85 43.58
CA PRO E 667 -56.35 25.39 43.46
C PRO E 667 -57.18 24.75 44.58
N PHE E 668 -57.59 23.48 44.44
CA PHE E 668 -58.03 22.63 45.56
C PHE E 668 -57.81 21.12 45.31
N LYS E 669 -57.55 20.36 46.39
CA LYS E 669 -57.49 18.87 46.56
C LYS E 669 -56.97 17.98 45.42
N GLY E 670 -57.62 17.94 44.25
CA GLY E 670 -57.46 16.89 43.24
C GLY E 670 -58.26 15.60 43.51
N TYR E 671 -59.29 15.66 44.36
CA TYR E 671 -59.98 14.50 44.93
C TYR E 671 -60.55 13.51 43.89
N SER E 672 -61.50 13.91 43.04
CA SER E 672 -62.34 12.99 42.25
C SER E 672 -61.64 12.34 41.03
N LEU E 673 -60.32 12.29 41.01
CA LEU E 673 -59.49 11.49 40.08
C LEU E 673 -58.49 10.57 40.83
N THR E 674 -58.62 10.49 42.15
CA THR E 674 -57.74 9.74 43.06
C THR E 674 -57.92 8.21 42.93
N GLN E 675 -59.15 7.71 42.84
CA GLN E 675 -59.38 6.25 42.80
C GLN E 675 -58.80 5.53 41.55
N PRO E 676 -58.66 6.16 40.35
CA PRO E 676 -57.83 5.66 39.25
C PRO E 676 -56.44 6.36 39.15
N SER E 677 -55.92 6.95 40.23
CA SER E 677 -54.76 7.85 40.20
C SER E 677 -53.53 7.29 39.45
N ASP E 678 -52.85 8.20 38.75
CA ASP E 678 -51.79 8.00 37.76
C ASP E 678 -51.04 9.33 37.55
N PRO E 679 -49.85 9.36 36.92
CA PRO E 679 -49.22 10.62 36.54
C PRO E 679 -50.07 11.49 35.59
N ASP E 680 -50.93 10.88 34.76
CA ASP E 680 -51.97 11.59 33.95
C ASP E 680 -52.95 12.42 34.81
N ALA E 681 -53.09 12.12 36.10
CA ALA E 681 -53.82 12.95 37.08
C ALA E 681 -52.89 13.95 37.79
N ILE E 682 -51.76 13.47 38.34
CA ILE E 682 -50.87 14.23 39.23
C ILE E 682 -50.06 15.34 38.52
N ALA E 683 -49.80 15.23 37.21
CA ALA E 683 -49.13 16.27 36.41
C ALA E 683 -49.87 17.62 36.34
N ALA E 684 -51.12 17.67 36.80
CA ALA E 684 -51.89 18.90 36.97
C ALA E 684 -52.81 18.87 38.23
N SER E 685 -52.34 18.28 39.35
CA SER E 685 -53.04 18.41 40.65
C SER E 685 -52.94 19.83 41.22
N ASP E 686 -51.77 20.45 41.09
CA ASP E 686 -51.38 21.74 41.68
C ASP E 686 -50.39 22.49 40.76
N PRO E 687 -50.31 23.83 40.83
CA PRO E 687 -49.44 24.60 39.95
C PRO E 687 -47.95 24.58 40.35
N ILE E 688 -47.60 24.25 41.60
CA ILE E 688 -46.22 24.46 42.09
C ILE E 688 -45.20 23.58 41.34
N HIS E 689 -45.49 22.29 41.19
CA HIS E 689 -44.59 21.39 40.43
C HIS E 689 -44.64 21.65 38.92
N TYR E 690 -45.76 22.14 38.41
CA TYR E 690 -45.88 22.56 37.03
C TYR E 690 -44.99 23.79 36.76
N ARG E 691 -44.98 24.79 37.66
CA ARG E 691 -44.10 25.96 37.53
C ARG E 691 -42.63 25.62 37.77
N LYS E 692 -42.30 24.69 38.67
CA LYS E 692 -40.92 24.19 38.81
C LYS E 692 -40.43 23.44 37.56
N ALA E 693 -41.33 22.82 36.79
CA ALA E 693 -41.00 22.32 35.45
C ALA E 693 -40.68 23.45 34.45
N VAL E 694 -41.32 24.63 34.52
CA VAL E 694 -40.95 25.77 33.67
C VAL E 694 -39.50 26.21 33.98
N PHE E 695 -39.12 26.22 35.27
CA PHE E 695 -37.74 26.47 35.69
C PHE E 695 -36.75 25.43 35.13
N ASN E 696 -37.12 24.15 35.08
CA ASN E 696 -36.27 23.11 34.49
C ASN E 696 -36.04 23.31 32.98
N PHE E 697 -37.08 23.70 32.23
CA PHE E 697 -36.91 24.05 30.82
C PHE E 697 -36.03 25.29 30.64
N LEU E 698 -36.24 26.33 31.45
CA LEU E 698 -35.47 27.57 31.39
C LEU E 698 -33.98 27.36 31.71
N THR E 699 -33.65 26.64 32.78
CA THR E 699 -32.26 26.39 33.16
C THR E 699 -31.48 25.63 32.09
N LYS E 700 -32.12 24.69 31.37
CA LYS E 700 -31.53 24.06 30.19
C LYS E 700 -31.23 25.08 29.08
N ASN E 701 -32.18 25.97 28.77
CA ASN E 701 -32.06 26.90 27.64
C ASN E 701 -30.81 27.80 27.68
N ILE E 702 -30.35 28.21 28.87
CA ILE E 702 -29.09 28.98 29.01
C ILE E 702 -27.89 28.12 28.60
N ILE E 703 -27.84 26.87 29.08
CA ILE E 703 -26.73 25.94 28.81
C ILE E 703 -26.70 25.51 27.34
N ASP E 704 -27.86 25.26 26.78
CA ASP E 704 -28.02 24.90 25.36
C ASP E 704 -27.44 25.97 24.41
N GLN E 705 -27.52 27.26 24.77
CA GLN E 705 -26.84 28.34 24.05
C GLN E 705 -25.36 28.42 24.41
N GLY E 706 -24.99 28.30 25.69
CA GLY E 706 -23.59 28.45 26.14
C GLY E 706 -22.63 27.55 25.37
N ASP E 707 -23.01 26.29 25.13
CA ASP E 707 -22.18 25.33 24.40
C ASP E 707 -21.94 25.74 22.93
N MET E 708 -22.89 26.46 22.32
CA MET E 708 -22.75 26.97 20.94
C MET E 708 -21.73 28.11 20.84
N GLU E 709 -21.37 28.76 21.95
CA GLU E 709 -20.23 29.69 22.02
C GLU E 709 -18.89 28.94 22.22
N TYR E 710 -18.89 27.83 22.98
CA TYR E 710 -17.68 27.07 23.29
C TYR E 710 -17.20 26.20 22.12
N ARG E 711 -18.11 25.56 21.37
CA ARG E 711 -17.73 24.72 20.23
C ARG E 711 -17.34 25.56 19.01
N LYS E 712 -16.38 25.06 18.23
CA LYS E 712 -15.85 25.55 16.94
C LYS E 712 -15.33 27.01 16.84
N LEU E 713 -15.59 27.88 17.81
CA LEU E 713 -15.05 29.24 17.84
C LEU E 713 -13.57 29.28 18.31
N GLN E 714 -13.05 30.49 18.50
CA GLN E 714 -11.66 30.80 18.93
C GLN E 714 -11.61 31.26 20.42
N PRO E 715 -10.47 31.18 21.14
CA PRO E 715 -10.41 31.26 22.60
C PRO E 715 -11.20 32.39 23.28
N SER E 716 -11.05 33.66 22.89
CA SER E 716 -11.75 34.77 23.57
C SER E 716 -13.27 34.80 23.30
N ALA E 717 -13.75 34.01 22.33
CA ALA E 717 -15.16 33.74 22.10
C ALA E 717 -15.61 32.46 22.83
N ARG E 718 -14.79 31.40 22.84
CA ARG E 718 -15.08 30.15 23.55
C ARG E 718 -15.23 30.36 25.04
N THR E 719 -14.28 31.08 25.63
CA THR E 719 -14.28 31.46 27.05
C THR E 719 -15.45 32.37 27.45
N LEU E 720 -16.07 33.06 26.49
CA LEU E 720 -17.26 33.87 26.73
C LEU E 720 -18.45 33.03 27.23
N ALA E 721 -18.48 31.73 26.93
CA ALA E 721 -19.46 30.78 27.45
C ALA E 721 -19.49 30.74 28.99
N ARG E 722 -18.39 31.10 29.67
CA ARG E 722 -18.37 31.17 31.14
C ARG E 722 -19.31 32.25 31.69
N LEU E 723 -19.60 33.33 30.95
CA LEU E 723 -20.65 34.29 31.27
C LEU E 723 -22.07 33.71 31.19
N SER E 724 -22.26 32.56 30.55
CA SER E 724 -23.52 31.81 30.60
C SER E 724 -23.51 30.76 31.71
N TYR E 725 -22.43 29.98 31.85
CA TYR E 725 -22.36 28.97 32.91
C TYR E 725 -22.43 29.59 34.31
N SER E 726 -21.86 30.79 34.48
CA SER E 726 -21.96 31.57 35.72
C SER E 726 -23.35 32.17 35.99
N THR E 727 -24.27 32.23 35.00
CA THR E 727 -25.70 32.54 35.31
C THR E 727 -26.50 31.28 35.56
N ALA E 728 -26.26 30.21 34.81
CA ALA E 728 -26.91 28.93 35.05
C ALA E 728 -26.63 28.41 36.47
N SER E 729 -25.37 28.48 36.92
CA SER E 729 -24.97 28.14 38.28
C SER E 729 -25.45 29.14 39.37
N SER E 730 -26.11 30.25 38.99
CA SER E 730 -26.83 31.13 39.93
C SER E 730 -28.30 30.72 40.13
N LEU E 731 -28.85 29.92 39.22
CA LEU E 731 -30.18 29.32 39.34
C LEU E 731 -30.08 27.92 39.97
N LEU E 732 -29.22 27.08 39.40
CA LEU E 732 -29.03 25.68 39.81
C LEU E 732 -28.18 25.57 41.09
N GLY E 733 -28.62 24.73 42.02
CA GLY E 733 -27.89 24.40 43.25
C GLY E 733 -26.85 23.28 43.09
N ARG E 734 -26.25 22.89 44.22
CA ARG E 734 -25.28 21.79 44.37
C ARG E 734 -25.98 20.43 44.29
N ASN E 795 -34.16 13.57 38.96
CA ASN E 795 -32.86 13.09 38.47
C ASN E 795 -32.23 14.05 37.45
N GLU E 796 -33.06 14.76 36.68
CA GLU E 796 -32.62 15.72 35.67
C GLU E 796 -31.83 16.88 36.28
N LEU E 797 -32.24 17.41 37.43
CA LEU E 797 -31.50 18.48 38.12
C LEU E 797 -30.07 18.04 38.47
N ARG E 798 -29.92 16.82 38.99
CA ARG E 798 -28.62 16.26 39.41
C ARG E 798 -27.70 15.95 38.23
N GLY E 799 -28.26 15.49 37.12
CA GLY E 799 -27.51 15.34 35.87
C GLY E 799 -27.11 16.68 35.25
N LEU E 800 -27.99 17.68 35.35
CA LEU E 800 -27.77 19.01 34.80
C LEU E 800 -26.68 19.75 35.56
N TRP E 801 -26.74 19.82 36.90
CA TRP E 801 -25.73 20.57 37.65
C TRP E 801 -24.35 19.92 37.59
N ASP E 802 -24.29 18.59 37.53
CA ASP E 802 -23.01 17.89 37.35
C ASP E 802 -22.44 18.06 35.92
N ARG E 803 -23.29 18.15 34.90
CA ARG E 803 -22.83 18.48 33.53
C ARG E 803 -22.19 19.86 33.49
N ILE E 804 -22.82 20.89 34.06
CA ILE E 804 -22.24 22.23 34.02
C ILE E 804 -20.95 22.33 34.83
N GLU E 805 -20.82 21.58 35.93
CA GLU E 805 -19.58 21.50 36.71
C GLU E 805 -18.42 20.88 35.91
N ASN E 806 -18.69 19.81 35.17
CA ASN E 806 -17.72 19.21 34.26
C ASN E 806 -17.32 20.15 33.11
N ARG E 807 -18.29 20.85 32.52
CA ARG E 807 -18.01 21.77 31.41
C ARG E 807 -17.24 23.01 31.85
N ILE E 808 -17.50 23.52 33.05
CA ILE E 808 -16.67 24.57 33.66
C ILE E 808 -15.24 24.08 33.85
N TYR E 809 -15.03 22.87 34.38
CA TYR E 809 -13.68 22.30 34.53
C TYR E 809 -12.93 22.25 33.19
N ASN E 810 -13.59 21.81 32.12
CA ASN E 810 -13.02 21.79 30.78
C ASN E 810 -12.68 23.19 30.27
N LEU E 811 -13.58 24.16 30.41
CA LEU E 811 -13.33 25.55 30.00
C LEU E 811 -12.21 26.20 30.83
N ARG E 812 -12.10 25.84 32.10
CA ARG E 812 -11.08 26.33 33.04
C ARG E 812 -9.68 25.79 32.75
N HIS E 813 -9.56 24.57 32.20
CA HIS E 813 -8.34 24.13 31.50
C HIS E 813 -8.17 24.77 30.12
N ASN E 814 -9.27 25.05 29.43
CA ASN E 814 -9.43 25.54 28.05
C ASN E 814 -8.83 24.60 26.98
N LEU E 815 -7.52 24.41 27.01
CA LEU E 815 -6.67 23.99 25.90
C LEU E 815 -6.90 22.54 25.42
N THR E 816 -7.80 21.81 26.06
CA THR E 816 -8.30 20.50 25.65
C THR E 816 -9.37 20.61 24.56
N LEU E 817 -10.41 21.41 24.77
CA LEU E 817 -11.71 21.28 24.09
C LEU E 817 -12.32 19.87 24.25
N ASP E 818 -12.07 19.25 25.40
CA ASP E 818 -12.18 17.81 25.73
C ASP E 818 -11.34 16.85 24.84
N GLY E 819 -10.70 17.37 23.80
CA GLY E 819 -9.60 16.77 23.05
C GLY E 819 -8.24 17.24 23.58
N LYS E 820 -7.35 17.62 22.65
CA LYS E 820 -5.94 18.01 22.96
C LYS E 820 -5.41 19.07 21.94
N GLU E 821 -6.04 20.25 21.77
CA GLU E 821 -5.69 21.22 20.68
C GLU E 821 -4.20 21.62 20.66
N ILE E 822 -3.68 22.15 21.77
CA ILE E 822 -2.41 22.89 21.79
C ILE E 822 -1.17 21.99 21.59
N ASN E 823 -1.04 20.91 22.37
CA ASN E 823 0.18 20.10 22.42
C ASN E 823 -0.05 18.70 21.81
N MET E 824 0.69 18.37 20.76
CA MET E 824 0.60 17.11 20.02
C MET E 824 1.86 16.90 19.15
N ASP E 825 2.06 15.67 18.67
CA ASP E 825 3.07 15.22 17.67
C ASP E 825 4.57 15.47 18.00
N LEU E 826 4.88 16.14 19.13
CA LEU E 826 6.24 16.41 19.60
C LEU E 826 7.04 15.12 19.88
N TYR E 827 8.34 15.10 19.57
CA TYR E 827 9.23 13.97 19.80
C TYR E 827 10.68 14.39 20.12
N ASP E 828 11.46 13.49 20.74
CA ASP E 828 12.71 13.77 21.44
C ASP E 828 13.84 12.77 21.10
N SER E 829 14.83 12.61 21.99
CA SER E 829 16.01 11.73 21.84
C SER E 829 16.97 12.13 20.70
N SER E 830 17.97 11.30 20.39
CA SER E 830 19.15 11.58 19.54
C SER E 830 20.06 12.69 20.09
N ILE E 831 20.06 12.89 21.41
CA ILE E 831 20.60 14.11 22.05
C ILE E 831 22.11 14.12 22.34
N SER E 832 22.78 12.97 22.51
CA SER E 832 24.13 12.92 23.12
C SER E 832 25.14 12.02 22.40
N PRO E 833 26.40 12.48 22.23
CA PRO E 833 27.59 11.65 22.04
C PRO E 833 27.99 10.86 23.31
N ARG E 834 29.19 10.25 23.28
CA ARG E 834 29.83 9.48 24.37
C ARG E 834 31.36 9.63 24.29
N GLY E 835 32.06 9.40 25.40
CA GLY E 835 33.54 9.39 25.47
C GLY E 835 34.21 8.22 24.72
N LEU E 836 35.52 8.07 24.90
CA LEU E 836 36.37 7.11 24.19
C LEU E 836 37.47 6.50 25.07
N MET E 837 38.04 5.36 24.66
CA MET E 837 39.28 4.82 25.24
C MET E 837 40.51 5.58 24.73
N LYS E 838 40.90 6.66 25.44
CA LYS E 838 42.14 7.43 25.17
C LYS E 838 43.39 6.66 25.67
N GLN E 839 43.59 5.46 25.12
CA GLN E 839 44.50 4.42 25.62
C GLN E 839 45.98 4.65 25.24
N ARG E 840 46.45 5.91 25.33
CA ARG E 840 47.75 6.37 24.82
C ARG E 840 48.94 6.13 25.75
N TYR E 841 48.73 5.84 27.03
CA TYR E 841 49.78 5.90 28.05
C TYR E 841 50.96 4.92 27.84
N GLN E 842 52.16 5.44 28.07
CA GLN E 842 53.43 4.70 28.08
C GLN E 842 53.67 3.90 29.37
N ARG E 843 54.67 3.00 29.33
CA ARG E 843 55.25 2.31 30.49
C ARG E 843 56.78 2.41 30.47
N VAL E 844 57.41 2.42 31.65
CA VAL E 844 58.83 2.73 31.86
C VAL E 844 59.65 1.49 32.19
N VAL E 845 60.81 1.32 31.55
CA VAL E 845 61.80 0.27 31.86
C VAL E 845 63.05 0.91 32.47
N THR E 846 63.44 0.45 33.67
CA THR E 846 64.58 1.01 34.43
C THR E 846 65.94 0.46 33.95
N ALA E 847 66.44 0.99 32.83
CA ALA E 847 67.72 0.63 32.24
C ALA E 847 68.94 1.11 33.07
N ARG E 848 69.27 0.39 34.14
CA ARG E 848 70.46 0.57 34.99
C ARG E 848 70.86 -0.73 35.70
N ASN E 849 72.06 -0.78 36.28
CA ASN E 849 72.64 -2.00 36.88
C ASN E 849 73.21 -1.77 38.31
N ALA E 850 73.74 -2.83 38.91
CA ALA E 850 74.63 -2.83 40.09
C ALA E 850 75.58 -4.05 40.03
N SER E 851 76.76 -3.98 40.67
CA SER E 851 77.82 -5.02 40.57
C SER E 851 78.84 -4.98 41.72
N LYS E 852 79.63 -6.05 41.88
CA LYS E 852 80.55 -6.29 43.01
C LYS E 852 81.95 -6.81 42.59
N MET E 853 82.92 -6.70 43.49
CA MET E 853 84.35 -7.00 43.28
C MET E 853 84.73 -8.49 43.50
N ASN E 854 85.98 -8.87 43.17
CA ASN E 854 86.52 -10.24 43.19
C ASN E 854 87.92 -10.35 43.84
N PHE E 855 88.34 -11.58 44.17
CA PHE E 855 89.64 -11.90 44.79
C PHE E 855 90.23 -13.21 44.23
N LYS E 856 90.44 -14.25 45.06
CA LYS E 856 90.96 -15.61 44.73
C LYS E 856 92.42 -15.65 44.25
N VAL E 857 93.02 -16.85 44.27
CA VAL E 857 94.43 -17.14 43.94
C VAL E 857 94.50 -18.37 43.00
N PRO E 858 95.34 -18.40 41.96
CA PRO E 858 95.33 -19.48 40.95
C PRO E 858 96.06 -20.75 41.43
N ASN E 859 95.82 -21.87 40.73
CA ASN E 859 96.48 -23.16 40.96
C ASN E 859 97.18 -23.78 39.73
N TYR E 860 96.86 -23.35 38.50
CA TYR E 860 97.56 -23.71 37.25
C TYR E 860 97.31 -22.67 36.11
N ARG E 861 98.01 -22.79 34.97
CA ARG E 861 98.26 -21.71 34.00
C ARG E 861 97.04 -21.10 33.29
N PHE E 862 97.26 -19.93 32.70
CA PHE E 862 96.27 -19.07 32.04
C PHE E 862 95.62 -19.67 30.78
N GLU E 863 96.39 -20.00 29.74
CA GLU E 863 95.83 -20.48 28.47
C GLU E 863 95.05 -21.80 28.59
N PRO E 864 95.46 -22.79 29.41
CA PRO E 864 94.65 -23.96 29.71
C PRO E 864 93.26 -23.64 30.28
N MET E 865 93.06 -22.49 30.93
CA MET E 865 91.75 -22.03 31.38
C MET E 865 90.95 -21.32 30.27
N LEU E 866 91.62 -20.56 29.39
CA LEU E 866 90.98 -20.07 28.16
C LEU E 866 90.48 -21.22 27.26
N ASN E 867 91.16 -22.36 27.28
CA ASN E 867 90.74 -23.57 26.58
C ASN E 867 89.62 -24.37 27.30
N ARG E 868 89.07 -23.88 28.42
CA ARG E 868 87.94 -24.50 29.14
C ARG E 868 86.76 -23.56 29.38
N SER E 869 87.03 -22.28 29.65
CA SER E 869 86.00 -21.29 29.99
C SER E 869 85.00 -21.02 28.86
N LYS E 870 85.41 -21.11 27.58
CA LYS E 870 84.58 -20.75 26.42
C LYS E 870 83.29 -21.56 26.31
N SER E 871 83.39 -22.88 26.25
CA SER E 871 82.26 -23.77 25.95
C SER E 871 81.16 -23.77 27.01
N GLY E 872 81.52 -23.62 28.29
CA GLY E 872 80.55 -23.47 29.37
C GLY E 872 79.74 -22.17 29.28
N VAL E 873 80.38 -21.07 28.85
CA VAL E 873 79.73 -19.78 28.60
C VAL E 873 78.81 -19.86 27.38
N GLU E 874 79.30 -20.37 26.25
CA GLU E 874 78.50 -20.47 25.01
C GLU E 874 77.33 -21.47 25.11
N THR E 875 77.47 -22.51 25.94
CA THR E 875 76.34 -23.38 26.32
C THR E 875 75.29 -22.59 27.10
N LEU E 876 75.66 -21.61 27.94
CA LEU E 876 74.69 -20.76 28.64
C LEU E 876 73.96 -19.80 27.67
N ILE E 877 74.63 -19.27 26.64
CA ILE E 877 73.97 -18.53 25.55
C ILE E 877 72.96 -19.44 24.81
N GLN E 878 73.31 -20.70 24.56
CA GLN E 878 72.42 -21.68 23.95
C GLN E 878 71.22 -22.02 24.86
N PHE E 879 71.42 -22.25 26.16
CA PHE E 879 70.33 -22.48 27.12
C PHE E 879 69.42 -21.25 27.28
N GLY E 880 69.98 -20.04 27.32
CA GLY E 880 69.22 -18.79 27.48
C GLY E 880 68.37 -18.45 26.25
N SER E 881 68.93 -18.60 25.05
CA SER E 881 68.17 -18.46 23.79
C SER E 881 67.16 -19.60 23.60
N THR E 882 67.44 -20.81 24.07
CA THR E 882 66.45 -21.91 24.11
C THR E 882 65.27 -21.54 25.02
N LEU E 883 65.53 -21.08 26.25
CA LEU E 883 64.49 -20.60 27.17
C LEU E 883 63.65 -19.47 26.58
N LEU E 884 64.29 -18.47 25.97
CA LEU E 884 63.62 -17.30 25.38
C LEU E 884 62.73 -17.68 24.19
N SER E 885 63.27 -18.45 23.25
CA SER E 885 62.54 -18.88 22.03
C SER E 885 61.41 -19.86 22.32
N LEU E 886 61.55 -20.76 23.30
CA LEU E 886 60.43 -21.58 23.81
C LEU E 886 59.36 -20.74 24.50
N LEU E 887 59.74 -19.69 25.24
CA LEU E 887 58.77 -18.84 25.95
C LEU E 887 57.93 -17.97 25.00
N GLU E 888 58.48 -17.56 23.85
CA GLU E 888 57.67 -17.02 22.74
C GLU E 888 56.68 -18.05 22.17
N ARG E 889 57.07 -19.33 22.03
CA ARG E 889 56.19 -20.40 21.53
C ARG E 889 55.07 -20.71 22.52
N LYS E 890 55.37 -20.72 23.83
CA LYS E 890 54.40 -20.81 24.93
C LYS E 890 53.38 -19.66 24.88
N ASP E 891 53.84 -18.40 24.96
CA ASP E 891 52.90 -17.27 25.13
C ASP E 891 52.17 -16.88 23.83
N SER E 892 52.67 -17.29 22.65
CA SER E 892 51.93 -17.21 21.38
C SER E 892 50.70 -18.13 21.36
N LEU E 893 50.84 -19.42 21.70
CA LEU E 893 49.75 -20.39 21.63
C LEU E 893 48.65 -20.12 22.68
N SER E 894 49.02 -19.61 23.86
CA SER E 894 48.04 -19.17 24.88
C SER E 894 47.16 -18.01 24.39
N PHE E 895 47.63 -17.18 23.45
CA PHE E 895 46.78 -16.17 22.81
C PHE E 895 45.79 -16.81 21.83
N ASP E 896 46.25 -17.73 20.99
CA ASP E 896 45.41 -18.51 20.06
C ASP E 896 44.29 -19.30 20.75
N ALA E 897 44.52 -19.75 21.99
CA ALA E 897 43.52 -20.40 22.84
C ALA E 897 42.39 -19.44 23.29
N TYR E 898 42.76 -18.35 23.98
CA TYR E 898 41.85 -17.35 24.56
C TYR E 898 41.03 -16.60 23.51
N GLN E 899 41.55 -16.47 22.29
CA GLN E 899 40.87 -15.86 21.15
C GLN E 899 39.63 -16.68 20.66
N MET E 900 39.52 -17.99 20.96
CA MET E 900 38.37 -18.81 20.55
C MET E 900 37.11 -18.57 21.39
N ILE E 901 37.26 -18.52 22.73
CA ILE E 901 36.13 -18.41 23.67
C ILE E 901 35.35 -17.08 23.56
N GLN E 902 35.93 -16.09 22.88
CA GLN E 902 35.32 -14.79 22.56
C GLN E 902 34.04 -14.90 21.72
N SER E 903 33.83 -16.03 21.04
CA SER E 903 32.62 -16.33 20.25
C SER E 903 31.41 -16.78 21.10
N GLY E 904 31.62 -17.25 22.33
CA GLY E 904 30.59 -17.96 23.12
C GLY E 904 29.39 -17.10 23.52
N ASP E 905 29.62 -15.86 23.96
CA ASP E 905 28.55 -14.90 24.23
C ASP E 905 27.82 -14.44 22.95
N LEU E 906 28.57 -14.27 21.85
CA LEU E 906 28.03 -13.77 20.60
C LEU E 906 27.04 -14.75 19.95
N TYR E 907 27.28 -16.06 20.03
CA TYR E 907 26.30 -17.07 19.62
C TYR E 907 25.01 -17.00 20.47
N ARG E 908 25.13 -16.85 21.79
CA ARG E 908 23.98 -16.76 22.71
C ARG E 908 23.09 -15.55 22.37
N PHE E 909 23.70 -14.36 22.27
CA PHE E 909 23.00 -13.13 21.86
C PHE E 909 22.42 -13.20 20.44
N SER E 910 23.11 -13.86 19.49
CA SER E 910 22.63 -14.02 18.11
C SER E 910 21.36 -14.87 18.03
N ILE E 911 21.31 -16.01 18.73
CA ILE E 911 20.14 -16.89 18.77
C ILE E 911 18.98 -16.19 19.50
N ASP E 912 19.24 -15.61 20.68
CA ASP E 912 18.20 -15.00 21.52
C ASP E 912 17.68 -13.64 21.02
N LEU E 913 18.34 -13.02 20.03
CA LEU E 913 17.74 -11.97 19.19
C LEU E 913 16.93 -12.55 18.02
N GLN E 914 17.52 -13.45 17.22
CA GLN E 914 16.92 -13.89 15.96
C GLN E 914 15.68 -14.77 16.14
N GLN E 915 15.62 -15.63 17.18
CA GLN E 915 14.52 -16.61 17.37
C GLN E 915 13.12 -15.98 17.30
N GLN E 916 12.98 -14.71 17.73
CA GLN E 916 11.73 -13.96 17.64
C GLN E 916 11.14 -13.85 16.22
N ASP E 917 11.93 -13.98 15.14
CA ASP E 917 11.39 -13.89 13.78
C ASP E 917 10.48 -15.08 13.40
N ILE E 918 10.60 -16.23 14.08
CA ILE E 918 9.62 -17.33 14.01
C ILE E 918 8.30 -16.89 14.66
N ASP E 919 8.36 -16.25 15.83
CA ASP E 919 7.17 -15.76 16.55
C ASP E 919 6.49 -14.60 15.82
N ILE E 920 7.26 -13.75 15.12
CA ILE E 920 6.73 -12.69 14.24
C ILE E 920 6.11 -13.30 12.96
N ASN E 921 6.74 -14.29 12.34
CA ASN E 921 6.16 -14.97 11.17
C ASN E 921 4.87 -15.73 11.52
N LYS E 922 4.74 -16.29 12.74
CA LYS E 922 3.47 -16.82 13.27
C LYS E 922 2.44 -15.72 13.55
N ALA E 923 2.82 -14.60 14.18
CA ALA E 923 1.93 -13.47 14.41
C ALA E 923 1.41 -12.84 13.10
N SER E 924 2.21 -12.82 12.04
CA SER E 924 1.82 -12.39 10.69
C SER E 924 0.80 -13.35 10.04
N LEU E 925 0.94 -14.66 10.23
CA LEU E 925 -0.06 -15.65 9.80
C LEU E 925 -1.42 -15.45 10.53
N GLU E 926 -1.41 -15.14 11.82
CA GLU E 926 -2.64 -14.76 12.54
C GLU E 926 -3.28 -13.46 12.00
N ALA E 927 -2.48 -12.46 11.62
CA ALA E 927 -2.98 -11.24 10.97
C ALA E 927 -3.60 -11.52 9.59
N LEU E 928 -3.05 -12.45 8.80
CA LEU E 928 -3.64 -12.94 7.55
C LEU E 928 -4.97 -13.68 7.79
N GLN E 929 -5.03 -14.54 8.81
CA GLN E 929 -6.26 -15.21 9.24
C GLN E 929 -7.35 -14.22 9.71
N VAL E 930 -6.97 -13.11 10.35
CA VAL E 930 -7.87 -12.00 10.71
C VAL E 930 -8.36 -11.23 9.46
N SER E 931 -7.47 -10.92 8.51
CA SER E 931 -7.81 -10.13 7.31
C SER E 931 -8.86 -10.81 6.42
N LYS E 932 -8.91 -12.15 6.38
CA LYS E 932 -9.88 -12.95 5.60
C LYS E 932 -11.35 -12.50 5.77
N GLN E 933 -11.76 -12.20 7.00
CA GLN E 933 -13.11 -11.73 7.34
C GLN E 933 -13.48 -10.38 6.68
N SER E 934 -12.50 -9.52 6.37
CA SER E 934 -12.77 -8.23 5.73
C SER E 934 -13.39 -8.40 4.33
N ALA E 935 -12.89 -9.40 3.58
CA ALA E 935 -13.44 -9.84 2.30
C ALA E 935 -14.62 -10.81 2.47
N GLN E 936 -14.50 -11.81 3.36
CA GLN E 936 -15.52 -12.86 3.55
C GLN E 936 -16.85 -12.30 4.07
N ASP E 937 -16.85 -11.39 5.05
CA ASP E 937 -18.07 -10.74 5.56
C ASP E 937 -18.68 -9.78 4.53
N ARG E 938 -17.85 -9.15 3.68
CA ARG E 938 -18.29 -8.30 2.56
C ARG E 938 -18.91 -9.11 1.42
N TYR E 939 -18.43 -10.34 1.20
CA TYR E 939 -19.02 -11.30 0.25
C TYR E 939 -20.32 -11.91 0.79
N ASP E 940 -20.25 -12.73 1.85
CA ASP E 940 -21.23 -13.80 2.10
C ASP E 940 -22.62 -13.31 2.54
N HIS E 941 -22.77 -12.04 2.92
CA HIS E 941 -24.09 -11.39 3.08
C HIS E 941 -24.90 -11.34 1.77
N PHE E 942 -24.26 -11.07 0.63
CA PHE E 942 -24.97 -10.56 -0.55
C PHE E 942 -25.89 -11.56 -1.27
N LYS E 943 -25.93 -12.84 -0.89
CA LYS E 943 -27.01 -13.76 -1.31
C LYS E 943 -28.40 -13.29 -0.84
N GLU E 944 -28.45 -12.43 0.17
CA GLU E 944 -29.65 -11.69 0.61
C GLU E 944 -30.02 -10.47 -0.28
N LEU E 945 -29.31 -10.26 -1.40
CA LEU E 945 -29.52 -9.16 -2.35
C LEU E 945 -29.42 -9.57 -3.84
N TYR E 946 -28.52 -10.49 -4.22
CA TYR E 946 -28.57 -11.11 -5.56
C TYR E 946 -29.69 -12.17 -5.70
N ASP E 947 -30.35 -12.49 -4.59
CA ASP E 947 -31.62 -13.24 -4.51
C ASP E 947 -32.52 -12.58 -3.44
N GLU E 948 -33.82 -12.92 -3.44
CA GLU E 948 -34.92 -12.24 -2.70
C GLU E 948 -34.96 -10.71 -2.93
N ASN E 949 -34.67 -10.29 -4.16
CA ASN E 949 -34.57 -8.90 -4.63
C ASN E 949 -35.92 -8.13 -4.70
N ILE E 950 -37.04 -8.79 -4.37
CA ILE E 950 -38.42 -8.27 -4.33
C ILE E 950 -39.17 -8.90 -3.14
N SER E 951 -40.17 -8.20 -2.61
CA SER E 951 -41.09 -8.64 -1.54
C SER E 951 -42.52 -8.12 -1.78
N SER E 952 -43.52 -8.72 -1.14
CA SER E 952 -44.95 -8.55 -1.48
C SER E 952 -45.47 -7.11 -1.39
N THR E 953 -44.88 -6.26 -0.54
CA THR E 953 -45.26 -4.84 -0.43
C THR E 953 -44.83 -4.01 -1.65
N GLU E 954 -43.63 -4.23 -2.20
CA GLU E 954 -43.15 -3.48 -3.37
C GLU E 954 -43.72 -4.01 -4.71
N GLN E 955 -44.47 -5.13 -4.66
CA GLN E 955 -45.39 -5.54 -5.73
C GLN E 955 -46.65 -4.67 -5.75
N LYS E 956 -47.30 -4.40 -4.61
CA LYS E 956 -48.49 -3.53 -4.52
C LYS E 956 -48.22 -2.08 -4.94
N VAL E 957 -46.96 -1.63 -4.79
CA VAL E 957 -46.44 -0.36 -5.34
C VAL E 957 -46.55 -0.27 -6.88
N ILE E 958 -46.54 -1.40 -7.60
CA ILE E 958 -46.85 -1.48 -9.04
C ILE E 958 -48.36 -1.64 -9.28
N GLU E 959 -49.03 -2.59 -8.59
CA GLU E 959 -50.42 -2.96 -8.88
C GLU E 959 -51.39 -1.78 -8.82
N LEU E 960 -51.26 -0.92 -7.81
CA LEU E 960 -52.09 0.27 -7.62
C LEU E 960 -51.76 1.40 -8.62
N GLN E 961 -50.72 1.27 -9.45
CA GLN E 961 -50.43 2.11 -10.63
C GLN E 961 -51.08 1.52 -11.89
N SER E 962 -50.83 0.24 -12.20
CA SER E 962 -51.28 -0.45 -13.42
C SER E 962 -52.79 -0.74 -13.43
N GLN E 963 -53.45 -0.76 -12.27
CA GLN E 963 -54.91 -0.85 -12.11
C GLN E 963 -55.70 0.23 -12.88
N ALA E 964 -55.07 1.35 -13.25
CA ALA E 964 -55.63 2.38 -14.14
C ALA E 964 -55.92 1.91 -15.59
N ALA E 965 -55.77 0.60 -15.89
CA ALA E 965 -56.30 -0.04 -17.10
C ALA E 965 -57.83 0.14 -17.31
N ASN E 966 -58.60 0.46 -16.26
CA ASN E 966 -60.02 0.86 -16.38
C ASN E 966 -60.23 2.29 -16.95
N SER E 967 -59.18 3.02 -17.35
CA SER E 967 -59.32 4.33 -18.04
C SER E 967 -59.91 4.26 -19.46
N LEU E 968 -60.22 3.05 -19.94
CA LEU E 968 -61.13 2.73 -21.06
C LEU E 968 -62.64 2.82 -20.68
N LEU E 969 -62.94 2.84 -19.38
CA LEU E 969 -64.28 2.75 -18.77
C LEU E 969 -64.62 3.95 -17.86
N MET E 970 -63.61 4.62 -17.28
CA MET E 970 -63.72 5.68 -16.26
C MET E 970 -64.58 6.91 -16.64
N ALA E 971 -64.82 7.15 -17.93
CA ALA E 971 -65.46 8.36 -18.44
C ALA E 971 -66.82 8.11 -19.10
N GLN E 972 -67.11 6.88 -19.51
CA GLN E 972 -68.08 6.59 -20.57
C GLN E 972 -69.52 6.96 -20.20
N GLY E 973 -69.88 6.91 -18.91
CA GLY E 973 -71.22 7.37 -18.46
C GLY E 973 -71.49 8.87 -18.66
N MET E 974 -70.43 9.67 -18.95
CA MET E 974 -70.53 11.08 -19.39
C MET E 974 -71.40 11.22 -20.63
N ARG E 975 -71.05 10.51 -21.72
CA ARG E 975 -71.65 10.74 -23.03
C ARG E 975 -73.14 10.44 -22.99
N THR E 976 -73.49 9.33 -22.35
CA THR E 976 -74.87 8.84 -22.28
C THR E 976 -75.75 9.76 -21.44
N ALA E 977 -75.19 10.30 -20.34
CA ALA E 977 -75.84 11.32 -19.51
C ALA E 977 -76.08 12.64 -20.25
N ALA E 978 -75.06 13.13 -20.95
CA ALA E 978 -75.14 14.29 -21.83
C ALA E 978 -76.15 14.10 -22.97
N ALA E 979 -76.17 12.92 -23.60
CA ALA E 979 -77.16 12.56 -24.62
C ALA E 979 -78.58 12.50 -24.04
N ALA E 980 -78.77 11.92 -22.85
CA ALA E 980 -80.07 11.84 -22.19
C ALA E 980 -80.60 13.23 -21.77
N LEU E 981 -79.69 14.17 -21.49
CA LEU E 981 -79.97 15.59 -21.25
C LEU E 981 -80.16 16.41 -22.55
N ASP E 982 -80.11 15.78 -23.73
CA ASP E 982 -80.22 16.44 -25.03
C ASP E 982 -81.36 15.89 -25.93
N VAL E 983 -81.39 14.59 -26.24
CA VAL E 983 -82.27 13.99 -27.26
C VAL E 983 -83.78 14.22 -27.01
N ILE E 984 -84.19 14.48 -25.77
CA ILE E 984 -85.58 14.74 -25.36
C ILE E 984 -85.67 15.93 -24.38
N PRO E 985 -86.82 16.64 -24.31
CA PRO E 985 -87.00 17.80 -23.44
C PRO E 985 -87.11 17.42 -21.94
N ASN E 986 -86.69 18.39 -21.12
CA ASN E 986 -86.77 18.48 -19.65
C ASN E 986 -88.19 18.77 -19.12
N ILE E 987 -88.98 19.47 -19.93
CA ILE E 987 -90.29 20.04 -19.55
C ILE E 987 -91.25 20.09 -20.74
N TYR E 988 -92.54 19.91 -20.45
CA TYR E 988 -93.68 19.98 -21.37
C TYR E 988 -94.79 20.86 -20.77
N GLY E 989 -95.52 21.62 -21.60
CA GLY E 989 -96.64 22.49 -21.17
C GLY E 989 -96.89 23.64 -22.14
N LEU E 990 -97.33 24.79 -21.60
CA LEU E 990 -97.42 26.06 -22.35
C LEU E 990 -96.04 26.45 -22.95
N ALA E 991 -94.97 26.18 -22.19
CA ALA E 991 -93.60 26.14 -22.68
C ALA E 991 -93.04 24.70 -22.63
N VAL E 992 -92.38 24.26 -23.70
CA VAL E 992 -91.78 22.91 -23.87
C VAL E 992 -90.30 23.05 -24.26
N GLY E 993 -89.42 22.18 -23.77
CA GLY E 993 -87.99 22.23 -24.12
C GLY E 993 -87.04 21.82 -22.98
N GLY E 994 -85.93 22.57 -22.89
CA GLY E 994 -84.86 22.41 -21.90
C GLY E 994 -83.70 21.51 -22.34
N SER E 995 -83.67 21.06 -23.60
CA SER E 995 -82.55 20.31 -24.19
C SER E 995 -81.25 21.14 -24.12
N HIS E 996 -80.24 20.65 -23.39
CA HIS E 996 -79.01 21.39 -23.11
C HIS E 996 -78.04 21.35 -24.31
N TRP E 997 -78.19 22.26 -25.28
CA TRP E 997 -77.56 22.20 -26.61
C TRP E 997 -76.09 21.76 -26.63
N GLY E 998 -75.23 22.37 -25.81
CA GLY E 998 -73.79 22.10 -25.79
C GLY E 998 -73.35 20.82 -25.05
N ALA E 999 -74.26 20.10 -24.38
CA ALA E 999 -73.91 19.01 -23.47
C ALA E 999 -72.94 17.94 -24.02
N PRO E 1000 -73.10 17.37 -25.24
CA PRO E 1000 -72.21 16.32 -25.73
C PRO E 1000 -70.81 16.82 -26.04
N LEU E 1001 -70.69 17.94 -26.74
CA LEU E 1001 -69.39 18.53 -27.10
C LEU E 1001 -68.65 19.05 -25.85
N ASN E 1002 -69.39 19.55 -24.86
CA ASN E 1002 -68.85 19.88 -23.56
C ASN E 1002 -68.32 18.65 -22.81
N ALA E 1003 -68.94 17.48 -22.99
CA ALA E 1003 -68.51 16.23 -22.37
C ALA E 1003 -67.29 15.61 -23.07
N ALA E 1004 -67.17 15.76 -24.40
CA ALA E 1004 -66.08 15.17 -25.17
C ALA E 1004 -64.69 15.59 -24.66
N ALA E 1005 -64.52 16.87 -24.32
CA ALA E 1005 -63.25 17.39 -23.79
C ALA E 1005 -62.82 16.71 -22.48
N GLU E 1006 -63.75 16.31 -21.61
CA GLU E 1006 -63.43 15.58 -20.38
C GLU E 1006 -62.98 14.15 -20.70
N ILE E 1007 -63.67 13.48 -21.62
CA ILE E 1007 -63.31 12.13 -22.09
C ILE E 1007 -61.90 12.14 -22.69
N ILE E 1008 -61.62 13.10 -23.56
CA ILE E 1008 -60.30 13.30 -24.21
C ILE E 1008 -59.21 13.61 -23.18
N MET E 1009 -59.49 14.43 -22.16
CA MET E 1009 -58.52 14.76 -21.11
C MET E 1009 -58.07 13.54 -20.30
N ILE E 1010 -59.00 12.64 -19.95
CA ILE E 1010 -58.74 11.52 -19.02
C ILE E 1010 -57.61 10.59 -19.47
N LYS E 1011 -57.38 10.45 -20.79
CA LYS E 1011 -56.30 9.62 -21.38
C LYS E 1011 -54.92 9.94 -20.79
N TYR E 1012 -54.61 11.23 -20.59
CA TYR E 1012 -53.28 11.72 -20.18
C TYR E 1012 -52.86 11.30 -18.75
N GLN E 1013 -53.76 11.39 -17.77
CA GLN E 1013 -53.56 11.03 -16.36
C GLN E 1013 -53.24 9.52 -16.20
N ALA E 1014 -53.88 8.68 -17.03
CA ALA E 1014 -53.59 7.27 -17.13
C ALA E 1014 -52.25 6.99 -17.80
N ASP E 1015 -51.98 7.50 -19.01
CA ASP E 1015 -50.74 7.20 -19.74
C ASP E 1015 -49.49 7.77 -19.03
N SER E 1016 -49.55 9.01 -18.53
CA SER E 1016 -48.49 9.58 -17.68
C SER E 1016 -48.41 8.98 -16.26
N SER E 1017 -49.20 7.95 -15.92
CA SER E 1017 -49.02 7.13 -14.70
C SER E 1017 -48.76 5.64 -14.99
N LYS E 1018 -49.12 5.14 -16.19
CA LYS E 1018 -48.54 3.95 -16.83
C LYS E 1018 -47.04 4.13 -17.07
N SER E 1019 -46.59 5.36 -17.37
CA SER E 1019 -45.16 5.72 -17.44
C SER E 1019 -44.46 5.66 -16.07
N GLU E 1020 -45.18 5.90 -14.96
CA GLU E 1020 -44.67 5.68 -13.60
C GLU E 1020 -44.61 4.18 -13.24
N SER E 1021 -45.62 3.40 -13.65
CA SER E 1021 -45.62 1.94 -13.54
C SER E 1021 -44.43 1.31 -14.29
N LEU E 1022 -44.22 1.70 -15.56
CA LEU E 1022 -43.12 1.16 -16.36
C LEU E 1022 -41.75 1.78 -16.01
N SER E 1023 -41.70 2.98 -15.43
CA SER E 1023 -40.48 3.52 -14.80
C SER E 1023 -40.04 2.69 -13.57
N VAL E 1024 -40.99 2.24 -12.73
CA VAL E 1024 -40.72 1.25 -11.66
C VAL E 1024 -40.32 -0.11 -12.25
N SER E 1025 -40.95 -0.53 -13.35
CA SER E 1025 -40.64 -1.79 -14.05
C SER E 1025 -39.22 -1.84 -14.62
N GLU E 1026 -38.69 -0.72 -15.12
CA GLU E 1026 -37.27 -0.57 -15.47
C GLU E 1026 -36.38 -0.45 -14.22
N SER E 1027 -36.76 0.35 -13.23
CA SER E 1027 -35.95 0.58 -12.03
C SER E 1027 -35.65 -0.70 -11.24
N TYR E 1028 -36.66 -1.57 -11.03
CA TYR E 1028 -36.46 -2.88 -10.39
C TYR E 1028 -35.53 -3.80 -11.22
N ARG E 1029 -35.55 -3.68 -12.55
CA ARG E 1029 -34.63 -4.40 -13.46
C ARG E 1029 -33.19 -3.86 -13.38
N ARG E 1030 -33.01 -2.54 -13.29
CA ARG E 1030 -31.69 -1.89 -13.09
C ARG E 1030 -31.08 -2.19 -11.71
N ARG E 1031 -31.90 -2.30 -10.66
CA ARG E 1031 -31.43 -2.47 -9.26
C ARG E 1031 -30.57 -3.71 -9.03
N ARG E 1032 -30.99 -4.89 -9.53
CA ARG E 1032 -30.29 -6.17 -9.30
C ARG E 1032 -28.82 -6.15 -9.74
N GLN E 1033 -28.49 -5.44 -10.83
CA GLN E 1033 -27.14 -5.40 -11.40
C GLN E 1033 -26.08 -4.83 -10.44
N GLU E 1034 -26.45 -3.90 -9.56
CA GLU E 1034 -25.51 -3.29 -8.60
C GLU E 1034 -25.08 -4.26 -7.49
N TRP E 1035 -25.97 -5.15 -7.09
CA TRP E 1035 -25.74 -6.20 -6.10
C TRP E 1035 -25.09 -7.45 -6.72
N GLU E 1036 -25.43 -7.76 -7.98
CA GLU E 1036 -24.80 -8.80 -8.80
C GLU E 1036 -23.27 -8.59 -8.93
N LEU E 1037 -22.86 -7.36 -9.26
CA LEU E 1037 -21.44 -6.98 -9.34
C LEU E 1037 -20.77 -6.99 -7.95
N GLN E 1038 -21.46 -6.44 -6.94
CA GLN E 1038 -20.89 -6.28 -5.60
C GLN E 1038 -20.58 -7.61 -4.92
N TYR E 1039 -21.44 -8.63 -5.06
CA TYR E 1039 -21.17 -9.95 -4.49
C TYR E 1039 -20.03 -10.66 -5.23
N LYS E 1040 -20.02 -10.64 -6.57
CA LYS E 1040 -19.09 -11.43 -7.38
C LYS E 1040 -17.66 -10.89 -7.34
N GLN E 1041 -17.49 -9.57 -7.28
CA GLN E 1041 -16.18 -8.96 -7.01
C GLN E 1041 -15.65 -9.32 -5.61
N ALA E 1042 -16.50 -9.27 -4.58
CA ALA E 1042 -16.12 -9.68 -3.22
C ALA E 1042 -15.77 -11.18 -3.15
N GLU E 1043 -16.56 -12.04 -3.81
CA GLU E 1043 -16.33 -13.49 -3.92
C GLU E 1043 -14.97 -13.81 -4.59
N TRP E 1044 -14.58 -13.03 -5.59
CA TRP E 1044 -13.27 -13.18 -6.23
C TRP E 1044 -12.10 -12.58 -5.42
N GLU E 1045 -12.32 -11.57 -4.57
CA GLU E 1045 -11.31 -11.15 -3.59
C GLU E 1045 -11.15 -12.15 -2.41
N VAL E 1046 -12.23 -12.84 -2.02
CA VAL E 1046 -12.15 -14.03 -1.15
C VAL E 1046 -11.29 -15.14 -1.79
N ASN E 1047 -11.30 -15.25 -3.12
CA ASN E 1047 -10.39 -16.12 -3.88
C ASN E 1047 -8.95 -15.56 -3.89
N SER E 1048 -8.76 -14.25 -4.13
CA SER E 1048 -7.43 -13.61 -4.19
C SER E 1048 -6.65 -13.65 -2.88
N VAL E 1049 -7.30 -13.44 -1.73
CA VAL E 1049 -6.68 -13.47 -0.39
C VAL E 1049 -6.06 -14.84 -0.04
N GLU E 1050 -6.58 -15.92 -0.63
CA GLU E 1050 -6.10 -17.29 -0.35
C GLU E 1050 -4.63 -17.52 -0.76
N GLN E 1051 -4.13 -16.79 -1.76
CA GLN E 1051 -2.71 -16.84 -2.15
C GLN E 1051 -1.80 -16.22 -1.07
N GLN E 1052 -2.23 -15.11 -0.46
CA GLN E 1052 -1.42 -14.36 0.53
C GLN E 1052 -1.22 -15.16 1.83
N ILE E 1053 -2.24 -15.90 2.28
CA ILE E 1053 -2.13 -16.81 3.43
C ILE E 1053 -1.32 -18.07 3.11
N ASN E 1054 -1.46 -18.65 1.90
CA ASN E 1054 -0.66 -19.82 1.48
C ASN E 1054 0.85 -19.49 1.31
N LEU E 1055 1.17 -18.29 0.84
CA LEU E 1055 2.56 -17.78 0.73
C LEU E 1055 3.31 -17.74 2.06
N GLN E 1056 2.62 -17.53 3.20
CA GLN E 1056 3.30 -17.33 4.49
C GLN E 1056 4.04 -18.57 5.02
N ASN E 1057 3.64 -19.77 4.56
CA ASN E 1057 4.34 -21.02 4.88
C ASN E 1057 5.84 -20.98 4.49
N MET E 1058 6.19 -20.29 3.40
CA MET E 1058 7.57 -20.21 2.92
C MET E 1058 8.48 -19.43 3.87
N GLN E 1059 8.01 -18.31 4.45
CA GLN E 1059 8.79 -17.54 5.42
C GLN E 1059 8.83 -18.22 6.80
N ILE E 1060 7.78 -18.96 7.17
CA ILE E 1060 7.79 -19.80 8.38
C ILE E 1060 8.85 -20.91 8.27
N LYS E 1061 8.95 -21.57 7.10
CA LYS E 1061 10.02 -22.53 6.79
C LYS E 1061 11.40 -21.87 6.76
N ALA E 1062 11.53 -20.70 6.13
CA ALA E 1062 12.79 -19.97 6.05
C ALA E 1062 13.33 -19.58 7.44
N ALA E 1063 12.48 -19.07 8.34
CA ALA E 1063 12.88 -18.71 9.71
C ALA E 1063 13.37 -19.91 10.53
N ASN E 1064 12.75 -21.09 10.38
CA ASN E 1064 13.22 -22.32 11.01
C ASN E 1064 14.55 -22.81 10.39
N LYS E 1065 14.65 -22.82 9.05
CA LYS E 1065 15.88 -23.17 8.31
C LYS E 1065 17.03 -22.16 8.48
N ARG E 1066 16.75 -20.96 8.99
CA ARG E 1066 17.71 -19.92 9.41
C ARG E 1066 18.27 -20.21 10.81
N LEU E 1067 17.39 -20.39 11.80
CA LEU E 1067 17.79 -20.50 13.22
C LEU E 1067 18.73 -21.69 13.51
N GLU E 1068 18.50 -22.85 12.87
CA GLU E 1068 19.29 -24.07 13.08
C GLU E 1068 20.77 -23.95 12.63
N GLN E 1069 21.09 -22.98 11.76
CA GLN E 1069 22.46 -22.77 11.25
C GLN E 1069 23.35 -22.11 12.30
N VAL E 1070 22.80 -21.24 13.14
CA VAL E 1070 23.55 -20.57 14.22
C VAL E 1070 23.91 -21.59 15.32
N GLU E 1071 23.01 -22.53 15.61
CA GLU E 1071 23.26 -23.65 16.50
C GLU E 1071 24.35 -24.60 15.96
N ALA E 1072 24.30 -24.94 14.67
CA ALA E 1072 25.33 -25.75 14.01
C ALA E 1072 26.72 -25.08 14.09
N GLN E 1073 26.80 -23.78 13.77
CA GLN E 1073 28.01 -22.96 13.87
C GLN E 1073 28.56 -22.92 15.31
N GLN E 1074 27.70 -22.68 16.32
CA GLN E 1074 28.12 -22.69 17.73
C GLN E 1074 28.72 -24.04 18.14
N GLN E 1075 28.04 -25.14 17.85
CA GLN E 1075 28.50 -26.48 18.25
C GLN E 1075 29.78 -26.91 17.52
N GLN E 1076 29.99 -26.56 16.25
CA GLN E 1076 31.27 -26.84 15.58
C GLN E 1076 32.41 -25.89 16.02
N ALA E 1077 32.12 -24.66 16.43
CA ALA E 1077 33.11 -23.79 17.08
C ALA E 1077 33.59 -24.36 18.43
N MET E 1078 32.67 -24.96 19.19
CA MET E 1078 33.00 -25.75 20.40
C MET E 1078 33.80 -27.02 20.06
N ALA E 1079 33.46 -27.72 18.98
CA ALA E 1079 34.23 -28.89 18.49
C ALA E 1079 35.65 -28.52 17.99
N LEU E 1080 35.85 -27.33 17.41
CA LEU E 1080 37.18 -26.79 17.06
C LEU E 1080 38.00 -26.48 18.31
N LEU E 1081 37.39 -25.91 19.35
CA LEU E 1081 38.07 -25.64 20.64
C LEU E 1081 38.47 -26.95 21.33
N ASP E 1082 37.63 -27.99 21.28
CA ASP E 1082 38.00 -29.36 21.69
C ASP E 1082 39.16 -29.94 20.85
N TYR E 1083 39.10 -29.86 19.53
CA TYR E 1083 40.15 -30.40 18.66
C TYR E 1083 41.51 -29.69 18.84
N PHE E 1084 41.48 -28.37 19.07
CA PHE E 1084 42.64 -27.55 19.42
C PHE E 1084 43.20 -27.88 20.82
N SER E 1085 42.34 -27.92 21.84
CA SER E 1085 42.74 -28.23 23.23
C SER E 1085 43.14 -29.71 23.45
N GLU E 1086 42.84 -30.59 22.50
CA GLU E 1086 43.31 -31.99 22.42
C GLU E 1086 44.42 -32.22 21.38
N ARG E 1087 45.03 -31.16 20.82
CA ARG E 1087 46.29 -31.20 20.04
C ARG E 1087 47.46 -31.68 20.93
N PHE E 1088 48.40 -32.46 20.38
CA PHE E 1088 49.55 -32.95 21.15
C PHE E 1088 50.42 -31.79 21.68
N THR E 1089 51.01 -30.98 20.81
CA THR E 1089 51.85 -29.81 21.18
C THR E 1089 51.02 -28.58 21.58
N ASN E 1090 50.07 -28.81 22.49
CA ASN E 1090 49.33 -27.77 23.21
C ASN E 1090 50.21 -27.11 24.29
N GLU E 1091 49.63 -26.11 24.97
CA GLU E 1091 50.23 -25.27 26.01
C GLU E 1091 51.05 -26.02 27.08
N SER E 1092 50.67 -27.27 27.40
CA SER E 1092 51.35 -28.06 28.43
C SER E 1092 52.79 -28.42 28.09
N LEU E 1093 53.13 -28.68 26.82
CA LEU E 1093 54.47 -29.19 26.45
C LEU E 1093 55.55 -28.10 26.54
N TYR E 1094 55.28 -26.90 26.03
CA TYR E 1094 56.16 -25.74 26.19
C TYR E 1094 56.32 -25.38 27.68
N THR E 1095 55.22 -25.44 28.44
CA THR E 1095 55.21 -25.21 29.89
C THR E 1095 56.10 -26.23 30.63
N TRP E 1096 55.98 -27.52 30.31
CA TRP E 1096 56.82 -28.58 30.88
C TRP E 1096 58.30 -28.40 30.53
N LEU E 1097 58.64 -28.12 29.27
CA LEU E 1097 60.04 -27.85 28.87
C LEU E 1097 60.63 -26.66 29.63
N ILE E 1098 59.97 -25.49 29.60
CA ILE E 1098 60.49 -24.25 30.22
C ILE E 1098 60.65 -24.41 31.75
N SER E 1099 59.65 -25.00 32.41
CA SER E 1099 59.67 -25.20 33.87
C SER E 1099 60.69 -26.25 34.35
N GLN E 1100 61.29 -27.05 33.46
CA GLN E 1100 62.52 -27.80 33.73
C GLN E 1100 63.79 -27.02 33.33
N LEU E 1101 63.87 -26.49 32.11
CA LEU E 1101 65.02 -25.75 31.57
C LEU E 1101 65.46 -24.55 32.43
N SER E 1102 64.52 -23.90 33.15
CA SER E 1102 64.80 -22.80 34.07
C SER E 1102 65.80 -23.18 35.17
N SER E 1103 65.85 -24.47 35.55
CA SER E 1103 66.83 -25.02 36.50
C SER E 1103 68.20 -25.28 35.85
N LEU E 1104 68.24 -25.80 34.60
CA LEU E 1104 69.49 -26.07 33.87
C LEU E 1104 70.32 -24.79 33.69
N TYR E 1105 69.66 -23.66 33.38
CA TYR E 1105 70.32 -22.36 33.22
C TYR E 1105 70.97 -21.87 34.52
N LEU E 1106 70.25 -21.91 35.66
CA LEU E 1106 70.78 -21.46 36.96
C LEU E 1106 71.87 -22.39 37.52
N GLN E 1107 71.73 -23.71 37.35
CA GLN E 1107 72.75 -24.69 37.73
C GLN E 1107 74.07 -24.51 36.95
N ALA E 1108 74.01 -24.04 35.70
CA ALA E 1108 75.18 -23.64 34.93
C ALA E 1108 75.74 -22.27 35.35
N TYR E 1109 74.88 -21.25 35.51
CA TYR E 1109 75.28 -19.87 35.85
C TYR E 1109 76.05 -19.76 37.18
N ASP E 1110 75.59 -20.41 38.26
CA ASP E 1110 76.29 -20.36 39.56
C ASP E 1110 77.64 -21.13 39.55
N ALA E 1111 77.87 -21.97 38.54
CA ALA E 1111 79.07 -22.80 38.38
C ALA E 1111 80.15 -22.21 37.45
N VAL E 1112 79.76 -21.62 36.31
CA VAL E 1112 80.70 -21.22 35.23
C VAL E 1112 81.66 -20.09 35.62
N LEU E 1113 81.24 -19.20 36.51
CA LEU E 1113 81.94 -17.93 36.79
C LEU E 1113 83.34 -18.08 37.41
N SER E 1114 83.62 -19.24 38.02
CA SER E 1114 84.94 -19.55 38.58
C SER E 1114 85.99 -19.79 37.49
N LEU E 1115 85.58 -20.19 36.27
CA LEU E 1115 86.51 -20.39 35.16
C LEU E 1115 87.07 -19.05 34.67
N CYS E 1116 86.22 -18.05 34.43
CA CYS E 1116 86.68 -16.71 34.06
C CYS E 1116 87.34 -15.96 35.25
N LEU E 1117 86.87 -16.15 36.49
CA LEU E 1117 87.56 -15.59 37.66
C LEU E 1117 88.99 -16.15 37.82
N SER E 1118 89.16 -17.46 37.66
CA SER E 1118 90.50 -18.08 37.73
C SER E 1118 91.38 -17.72 36.53
N ALA E 1119 90.78 -17.42 35.36
CA ALA E 1119 91.51 -16.80 34.24
C ALA E 1119 92.06 -15.41 34.59
N GLU E 1120 91.29 -14.54 35.27
CA GLU E 1120 91.85 -13.29 35.82
C GLU E 1120 92.97 -13.55 36.83
N ALA E 1121 92.73 -14.42 37.81
CA ALA E 1121 93.69 -14.70 38.88
C ALA E 1121 95.01 -15.25 38.33
N SER E 1122 94.94 -16.16 37.35
CA SER E 1122 96.10 -16.74 36.69
C SER E 1122 96.80 -15.77 35.73
N LEU E 1123 96.09 -14.94 34.96
CA LEU E 1123 96.68 -13.91 34.11
C LEU E 1123 97.56 -12.95 34.91
N LEU E 1124 96.98 -12.39 35.97
CA LEU E 1124 97.63 -11.37 36.79
C LEU E 1124 98.78 -11.94 37.64
N TYR E 1125 98.75 -13.22 38.02
CA TYR E 1125 99.91 -13.87 38.62
C TYR E 1125 100.99 -14.24 37.59
N GLU E 1126 100.63 -14.89 36.48
CA GLU E 1126 101.57 -15.45 35.50
C GLU E 1126 102.32 -14.38 34.69
N LEU E 1127 101.73 -13.19 34.49
CA LEU E 1127 102.40 -11.99 34.01
C LEU E 1127 102.88 -11.03 35.12
N ASN E 1128 102.60 -11.30 36.40
CA ASN E 1128 102.88 -10.42 37.56
C ASN E 1128 102.40 -8.96 37.33
N LEU E 1129 101.09 -8.74 37.29
CA LEU E 1129 100.43 -7.48 36.88
C LEU E 1129 99.54 -6.86 37.97
N GLY E 1130 99.41 -5.53 37.95
CA GLY E 1130 98.44 -4.76 38.74
C GLY E 1130 96.98 -4.96 38.30
N GLU E 1131 96.03 -4.48 39.11
CA GLU E 1131 94.59 -4.77 38.99
C GLU E 1131 93.93 -4.18 37.72
N GLN E 1132 92.97 -4.94 37.14
CA GLN E 1132 92.14 -4.54 36.00
C GLN E 1132 90.65 -4.91 36.12
N SER E 1133 90.29 -5.84 37.02
CA SER E 1133 88.90 -6.19 37.40
C SER E 1133 87.91 -6.36 36.25
N PHE E 1134 88.15 -7.34 35.38
CA PHE E 1134 87.26 -7.69 34.26
C PHE E 1134 85.98 -8.44 34.71
N VAL E 1135 86.11 -9.40 35.64
CA VAL E 1135 85.01 -10.31 36.02
C VAL E 1135 84.27 -9.76 37.24
N GLY E 1136 83.40 -8.77 37.00
CA GLY E 1136 82.53 -8.17 38.01
C GLY E 1136 81.36 -9.10 38.39
N GLY E 1137 81.14 -9.29 39.69
CA GLY E 1137 80.03 -10.09 40.21
C GLY E 1137 78.67 -9.36 40.14
N GLY E 1138 77.58 -10.13 40.20
CA GLY E 1138 76.21 -9.61 40.27
C GLY E 1138 75.45 -9.50 38.94
N GLY E 1139 75.91 -10.16 37.87
CA GLY E 1139 75.32 -10.08 36.51
C GLY E 1139 73.95 -10.74 36.32
N TRP E 1140 73.46 -11.50 37.30
CA TRP E 1140 72.13 -12.13 37.29
C TRP E 1140 71.00 -11.08 37.36
N ASN E 1141 69.79 -11.44 36.91
CA ASN E 1141 68.60 -10.59 36.93
C ASN E 1141 67.36 -11.34 37.43
N ASP E 1142 66.58 -10.73 38.32
CA ASP E 1142 65.38 -11.33 38.97
C ASP E 1142 64.04 -10.63 38.61
N LEU E 1143 64.05 -9.82 37.55
CA LEU E 1143 62.85 -9.40 36.81
C LEU E 1143 62.67 -10.29 35.56
N TYR E 1144 63.80 -10.68 34.96
CA TYR E 1144 63.93 -11.36 33.67
C TYR E 1144 64.70 -12.70 33.75
N GLN E 1145 64.86 -13.24 34.95
CA GLN E 1145 65.35 -14.61 35.24
C GLN E 1145 66.67 -14.95 34.53
N GLY E 1146 67.66 -14.07 34.69
CA GLY E 1146 69.03 -14.27 34.22
C GLY E 1146 69.26 -14.10 32.70
N LEU E 1147 68.29 -13.62 31.92
CA LEU E 1147 68.49 -13.29 30.51
C LEU E 1147 69.70 -12.33 30.32
N MET E 1148 70.44 -12.53 29.23
CA MET E 1148 71.69 -11.84 28.88
C MET E 1148 72.87 -12.00 29.89
N ALA E 1149 72.75 -12.79 30.97
CA ALA E 1149 73.80 -12.97 31.99
C ALA E 1149 75.02 -13.85 31.57
N GLY E 1150 75.10 -14.25 30.29
CA GLY E 1150 76.22 -15.00 29.71
C GLY E 1150 77.03 -14.24 28.66
N GLU E 1151 76.37 -13.43 27.83
CA GLU E 1151 77.01 -12.62 26.77
C GLU E 1151 78.03 -11.61 27.32
N THR E 1152 77.84 -11.15 28.55
CA THR E 1152 78.80 -10.30 29.28
C THR E 1152 80.13 -11.02 29.56
N LEU E 1153 80.11 -12.34 29.74
CA LEU E 1153 81.32 -13.15 29.99
C LEU E 1153 82.20 -13.25 28.74
N LYS E 1154 81.61 -13.32 27.54
CA LYS E 1154 82.35 -13.21 26.27
C LYS E 1154 83.11 -11.89 26.20
N LEU E 1155 82.43 -10.76 26.46
CA LEU E 1155 83.09 -9.46 26.48
C LEU E 1155 84.10 -9.31 27.63
N ALA E 1156 83.93 -9.99 28.77
CA ALA E 1156 84.94 -10.03 29.83
C ALA E 1156 86.22 -10.73 29.36
N LEU E 1157 86.09 -11.87 28.67
CA LEU E 1157 87.20 -12.61 28.09
C LEU E 1157 87.88 -11.82 26.96
N MET E 1158 87.14 -11.10 26.12
CA MET E 1158 87.69 -10.19 25.11
C MET E 1158 88.52 -9.05 25.72
N ARG E 1159 88.00 -8.39 26.77
CA ARG E 1159 88.74 -7.34 27.52
C ARG E 1159 89.99 -7.88 28.21
N MET E 1160 89.93 -9.12 28.70
CA MET E 1160 91.02 -9.84 29.35
C MET E 1160 92.13 -10.27 28.37
N GLU E 1161 91.77 -10.93 27.27
CA GLU E 1161 92.68 -11.50 26.27
C GLU E 1161 93.67 -10.46 25.72
N ARG E 1162 93.16 -9.25 25.47
CA ARG E 1162 93.92 -8.12 24.91
C ARG E 1162 95.07 -7.66 25.81
N VAL E 1163 95.02 -7.92 27.13
CA VAL E 1163 96.17 -7.70 28.04
C VAL E 1163 97.31 -8.66 27.70
N TYR E 1164 97.00 -9.91 27.36
CA TYR E 1164 97.99 -10.90 26.94
C TYR E 1164 98.55 -10.63 25.54
N VAL E 1165 97.71 -10.10 24.63
CA VAL E 1165 98.15 -9.68 23.27
C VAL E 1165 99.24 -8.59 23.34
N GLU E 1166 99.12 -7.63 24.26
CA GLU E 1166 100.13 -6.61 24.50
C GLU E 1166 101.32 -7.11 25.35
N GLN E 1167 101.05 -7.55 26.58
CA GLN E 1167 102.03 -7.55 27.69
C GLN E 1167 102.91 -8.82 27.76
N ASN E 1168 103.12 -9.51 26.64
CA ASN E 1168 104.07 -10.62 26.53
C ASN E 1168 105.30 -10.22 25.68
N SER E 1169 106.47 -10.41 26.27
CA SER E 1169 107.81 -10.19 25.69
C SER E 1169 108.85 -10.96 26.51
N ARG E 1170 110.07 -11.15 26.00
CA ARG E 1170 111.15 -11.77 26.78
C ARG E 1170 111.64 -10.77 27.84
N ARG E 1171 111.35 -11.05 29.12
CA ARG E 1171 112.01 -10.39 30.27
C ARG E 1171 113.47 -10.88 30.36
N GLN E 1172 114.32 -10.23 31.15
CA GLN E 1172 115.77 -10.52 31.19
C GLN E 1172 116.03 -11.85 31.94
N GLU E 1173 115.97 -12.99 31.25
CA GLU E 1173 116.20 -14.29 31.88
C GLU E 1173 117.68 -14.51 32.24
N ILE E 1174 117.92 -14.77 33.53
CA ILE E 1174 119.24 -14.93 34.17
C ILE E 1174 119.31 -16.30 34.83
N THR E 1175 120.51 -16.89 34.84
CA THR E 1175 120.82 -18.14 35.55
C THR E 1175 121.92 -17.91 36.58
N LYS E 1176 121.83 -18.57 37.73
CA LYS E 1176 122.71 -18.33 38.90
C LYS E 1176 123.01 -19.64 39.66
N THR E 1177 124.13 -19.66 40.37
CA THR E 1177 124.49 -20.76 41.29
C THR E 1177 125.29 -20.24 42.49
N ILE E 1178 125.26 -20.99 43.60
CA ILE E 1178 125.97 -20.70 44.84
C ILE E 1178 126.40 -22.00 45.54
N SER E 1179 127.51 -21.93 46.28
CA SER E 1179 128.03 -22.95 47.21
C SER E 1179 127.81 -22.46 48.63
N LEU E 1180 127.30 -23.29 49.55
CA LEU E 1180 127.15 -22.91 50.95
C LEU E 1180 128.49 -22.62 51.63
N LYS E 1181 129.56 -23.35 51.30
CA LYS E 1181 130.93 -23.05 51.77
C LYS E 1181 131.39 -21.65 51.32
N ALA E 1182 131.14 -21.30 50.05
CA ALA E 1182 131.45 -19.97 49.51
C ALA E 1182 130.54 -18.85 50.07
N LEU E 1183 129.27 -19.17 50.35
CA LEU E 1183 128.27 -18.24 50.90
C LEU E 1183 128.56 -17.86 52.35
N LEU E 1184 128.73 -18.88 53.20
CA LEU E 1184 128.75 -18.75 54.66
C LEU E 1184 130.17 -18.61 55.23
N GLY E 1185 131.17 -19.23 54.60
CA GLY E 1185 132.54 -19.33 55.10
C GLY E 1185 132.75 -20.52 56.06
N GLU E 1186 134.01 -20.91 56.26
CA GLU E 1186 134.46 -22.17 56.88
C GLU E 1186 133.93 -22.43 58.30
N SER E 1187 133.61 -21.38 59.04
CA SER E 1187 133.01 -21.48 60.39
C SER E 1187 131.65 -22.23 60.40
N TRP E 1188 130.89 -22.20 59.30
CA TRP E 1188 129.60 -22.90 59.22
C TRP E 1188 129.71 -24.39 58.85
N PRO E 1189 130.55 -24.82 57.88
CA PRO E 1189 130.95 -26.22 57.73
C PRO E 1189 131.65 -26.83 58.96
N ALA E 1190 132.19 -26.01 59.87
CA ALA E 1190 132.64 -26.45 61.20
C ALA E 1190 131.48 -26.57 62.21
N GLU E 1191 130.59 -25.57 62.27
CA GLU E 1191 129.39 -25.56 63.13
C GLU E 1191 128.38 -26.67 62.77
N LEU E 1192 128.37 -27.09 61.50
CA LEU E 1192 127.58 -28.18 60.92
C LEU E 1192 127.68 -29.49 61.73
N ASN E 1193 128.71 -29.70 62.55
CA ASN E 1193 128.76 -30.84 63.47
C ASN E 1193 127.60 -30.89 64.51
N LYS E 1194 126.89 -29.78 64.75
CA LYS E 1194 125.55 -29.78 65.37
C LYS E 1194 124.44 -30.00 64.35
N LEU E 1195 124.43 -29.22 63.26
CA LEU E 1195 123.34 -29.19 62.26
C LEU E 1195 123.19 -30.50 61.44
N LYS E 1196 124.19 -31.40 61.48
CA LYS E 1196 124.08 -32.79 60.98
C LYS E 1196 122.93 -33.56 61.64
N GLN E 1197 122.68 -33.34 62.94
CA GLN E 1197 121.73 -34.15 63.73
C GLN E 1197 120.58 -33.33 64.33
N LYS E 1198 120.84 -32.15 64.90
CA LYS E 1198 119.91 -31.45 65.79
C LYS E 1198 118.85 -30.57 65.09
N THR E 1199 119.20 -29.90 64.00
CA THR E 1199 118.40 -28.81 63.39
C THR E 1199 118.43 -28.83 61.86
N PRO E 1200 117.49 -28.15 61.18
CA PRO E 1200 117.69 -27.66 59.82
C PRO E 1200 118.87 -26.67 59.73
N ILE E 1201 119.24 -26.32 58.49
CA ILE E 1201 120.16 -25.23 58.12
C ILE E 1201 119.32 -24.09 57.51
N ASN E 1202 119.54 -22.85 57.98
CA ASN E 1202 118.65 -21.70 57.80
C ASN E 1202 119.25 -20.64 56.84
N PHE E 1203 118.48 -20.18 55.84
CA PHE E 1203 118.97 -19.31 54.74
C PHE E 1203 118.04 -18.14 54.38
N ASN E 1204 118.60 -17.12 53.71
CA ASN E 1204 117.91 -16.00 53.06
C ASN E 1204 118.83 -15.38 51.98
N LEU E 1205 118.36 -15.27 50.72
CA LEU E 1205 119.13 -14.77 49.56
C LEU E 1205 119.25 -13.23 49.54
N GLU E 1206 119.94 -12.69 50.54
CA GLU E 1206 120.19 -11.25 50.74
C GLU E 1206 121.10 -10.61 49.66
N GLU E 1207 121.02 -9.29 49.47
CA GLU E 1207 121.53 -8.62 48.27
C GLU E 1207 123.05 -8.74 48.05
N GLN E 1208 123.86 -8.88 49.11
CA GLN E 1208 125.33 -8.84 49.01
C GLN E 1208 125.95 -10.01 48.21
N ILE E 1209 125.18 -11.08 47.96
CA ILE E 1209 125.54 -12.19 47.07
C ILE E 1209 124.62 -12.33 45.86
N PHE E 1210 123.32 -12.03 45.98
CA PHE E 1210 122.38 -12.24 44.87
C PHE E 1210 122.30 -11.07 43.88
N VAL E 1211 122.52 -9.83 44.35
CA VAL E 1211 122.29 -8.59 43.56
C VAL E 1211 123.55 -7.73 43.46
N GLU E 1212 124.17 -7.35 44.58
CA GLU E 1212 125.34 -6.44 44.60
C GLU E 1212 126.59 -7.06 43.95
N ASP E 1213 126.66 -8.40 43.87
CA ASP E 1213 127.73 -9.16 43.22
C ASP E 1213 127.50 -9.37 41.70
N TYR E 1214 126.43 -8.78 41.15
CA TYR E 1214 125.91 -8.94 39.79
C TYR E 1214 125.42 -7.58 39.25
N GLN E 1215 125.05 -7.48 37.97
CA GLN E 1215 124.43 -6.26 37.43
C GLN E 1215 123.05 -5.98 38.06
N GLU E 1216 122.77 -4.70 38.34
CA GLU E 1216 121.58 -4.20 39.02
C GLU E 1216 120.28 -4.36 38.21
N LEU E 1217 119.14 -4.29 38.90
CA LEU E 1217 117.78 -4.49 38.35
C LEU E 1217 116.71 -3.72 39.13
N TYR E 1218 115.61 -3.38 38.45
CA TYR E 1218 114.40 -2.78 39.02
C TYR E 1218 113.43 -3.84 39.58
N GLN E 1219 113.28 -4.98 38.89
CA GLN E 1219 112.40 -6.10 39.26
C GLN E 1219 113.04 -7.47 39.00
N ARG E 1220 112.50 -8.51 39.65
CA ARG E 1220 113.11 -9.86 39.84
C ARG E 1220 112.03 -10.92 40.13
N ARG E 1221 111.83 -11.95 39.29
CA ARG E 1221 110.87 -13.04 39.53
C ARG E 1221 111.40 -14.44 39.14
N ILE E 1222 111.31 -15.42 40.04
CA ILE E 1222 111.84 -16.78 39.90
C ILE E 1222 111.11 -17.58 38.82
N LYS E 1223 111.81 -18.56 38.22
CA LYS E 1223 111.32 -19.51 37.21
C LYS E 1223 111.59 -20.98 37.53
N SER E 1224 112.77 -21.31 38.09
CA SER E 1224 113.14 -22.68 38.49
C SER E 1224 114.29 -22.68 39.51
N VAL E 1225 114.47 -23.79 40.24
CA VAL E 1225 115.58 -24.03 41.18
C VAL E 1225 116.00 -25.51 41.19
N SER E 1226 117.24 -25.82 41.59
CA SER E 1226 117.72 -27.20 41.83
C SER E 1226 118.96 -27.26 42.74
N VAL E 1227 119.26 -28.47 43.26
CA VAL E 1227 120.30 -28.75 44.27
C VAL E 1227 121.21 -29.92 43.87
N SER E 1228 122.50 -29.80 44.16
CA SER E 1228 123.48 -30.90 44.13
C SER E 1228 124.25 -30.98 45.46
N LEU E 1229 124.62 -32.19 45.86
CA LEU E 1229 125.13 -32.49 47.20
C LEU E 1229 126.50 -33.19 47.14
N PRO E 1230 127.61 -32.44 47.19
CA PRO E 1230 128.98 -32.94 47.41
C PRO E 1230 129.13 -33.84 48.67
N MET E 1231 128.84 -35.13 48.51
CA MET E 1231 128.87 -36.16 49.55
C MET E 1231 129.32 -37.51 48.96
N LEU E 1232 129.94 -38.39 49.76
CA LEU E 1232 130.47 -39.69 49.31
C LEU E 1232 129.37 -40.78 49.23
N VAL E 1233 128.36 -40.55 48.39
CA VAL E 1233 127.20 -41.43 48.15
C VAL E 1233 127.24 -42.06 46.75
N GLY E 1234 127.13 -43.39 46.66
CA GLY E 1234 127.11 -44.15 45.40
C GLY E 1234 125.71 -44.29 44.76
N PRO E 1235 125.60 -44.92 43.58
CA PRO E 1235 124.32 -45.15 42.89
C PRO E 1235 123.37 -46.10 43.64
N TYR E 1236 123.93 -46.98 44.47
CA TYR E 1236 123.25 -48.03 45.24
C TYR E 1236 122.62 -47.55 46.58
N GLU E 1237 122.63 -46.24 46.87
CA GLU E 1237 122.16 -45.67 48.14
C GLU E 1237 121.38 -44.36 47.96
N ASP E 1238 120.59 -44.01 48.97
CA ASP E 1238 119.51 -43.02 48.95
C ASP E 1238 119.84 -41.74 49.73
N VAL E 1239 119.66 -40.58 49.10
CA VAL E 1239 119.98 -39.25 49.65
C VAL E 1239 118.70 -38.55 50.14
N CYS E 1240 118.10 -39.08 51.21
CA CYS E 1240 116.73 -38.77 51.67
C CYS E 1240 116.49 -37.35 52.25
N ALA E 1241 117.35 -36.37 51.95
CA ALA E 1241 117.25 -35.00 52.48
C ALA E 1241 116.03 -34.22 51.95
N GLN E 1242 115.81 -33.04 52.49
CA GLN E 1242 114.65 -32.17 52.27
C GLN E 1242 115.09 -30.71 52.07
N LEU E 1243 114.43 -30.01 51.15
CA LEU E 1243 114.49 -28.55 51.03
C LEU E 1243 113.09 -27.94 51.23
N THR E 1244 113.04 -26.71 51.71
CA THR E 1244 111.80 -25.95 51.94
C THR E 1244 112.03 -24.45 51.77
N GLN E 1245 110.99 -23.74 51.32
CA GLN E 1245 110.81 -22.29 51.47
C GLN E 1245 109.74 -22.10 52.56
N THR E 1246 109.93 -21.16 53.48
CA THR E 1246 109.00 -20.93 54.60
C THR E 1246 107.53 -20.87 54.13
N SER E 1247 106.64 -21.65 54.76
CA SER E 1247 105.41 -22.18 54.14
C SER E 1247 104.20 -22.15 55.07
N SER E 1248 103.00 -22.24 54.48
CA SER E 1248 101.72 -22.37 55.19
C SER E 1248 100.71 -23.22 54.40
N SER E 1249 99.74 -23.79 55.13
CA SER E 1249 98.62 -24.60 54.61
C SER E 1249 97.32 -24.28 55.37
N TYR E 1250 97.15 -23.01 55.74
CA TYR E 1250 96.31 -22.57 56.86
C TYR E 1250 95.21 -21.61 56.39
N SER E 1251 94.07 -21.64 57.07
CA SER E 1251 92.82 -21.02 56.59
C SER E 1251 92.48 -19.74 57.36
N THR E 1252 92.22 -18.65 56.63
CA THR E 1252 92.08 -17.28 57.15
C THR E 1252 90.75 -17.06 57.88
N ARG E 1253 90.79 -16.64 59.16
CA ARG E 1253 89.59 -16.40 59.99
C ARG E 1253 89.38 -14.92 60.38
N ALA E 1254 88.23 -14.38 59.99
CA ALA E 1254 87.80 -13.00 60.30
C ALA E 1254 87.08 -12.89 61.67
N ASP E 1255 86.90 -11.64 62.12
CA ASP E 1255 86.18 -11.23 63.33
C ASP E 1255 84.64 -11.37 63.20
N LEU E 1256 83.94 -11.68 64.30
CA LEU E 1256 82.49 -11.47 64.49
C LEU E 1256 82.16 -11.36 65.99
N LYS E 1257 81.02 -10.73 66.33
CA LYS E 1257 80.49 -10.59 67.72
C LYS E 1257 79.11 -11.23 67.89
N HIS E 1273 100.41 -29.34 57.50
CA HIS E 1273 99.96 -30.13 58.64
C HIS E 1273 99.29 -31.45 58.22
N LEU E 1274 99.04 -32.34 59.20
CA LEU E 1274 98.94 -33.81 59.06
C LEU E 1274 100.27 -34.47 58.63
N VAL E 1275 100.41 -35.76 58.93
CA VAL E 1275 101.69 -36.52 58.98
C VAL E 1275 102.52 -36.40 57.70
N ARG E 1276 103.46 -35.44 57.69
CA ARG E 1276 104.33 -35.07 56.54
C ARG E 1276 103.55 -34.89 55.23
N SER E 1277 102.31 -34.39 55.32
CA SER E 1277 101.48 -34.07 54.16
C SER E 1277 101.98 -32.83 53.39
N ILE E 1278 101.47 -32.62 52.18
CA ILE E 1278 101.98 -31.62 51.24
C ILE E 1278 101.26 -30.28 51.46
N GLN E 1279 101.99 -29.27 51.93
CA GLN E 1279 101.51 -27.88 51.94
C GLN E 1279 101.46 -27.33 50.48
N PRO E 1280 100.45 -26.53 50.11
CA PRO E 1280 100.19 -26.16 48.71
C PRO E 1280 101.32 -25.33 48.04
N ASN E 1281 102.24 -24.76 48.83
CA ASN E 1281 103.41 -24.05 48.35
C ASN E 1281 104.57 -24.95 47.86
N GLN E 1282 104.49 -26.27 48.10
CA GLN E 1282 105.46 -27.31 47.72
C GLN E 1282 106.85 -27.24 48.41
N GLN E 1283 107.39 -28.42 48.75
CA GLN E 1283 108.62 -28.62 49.54
C GLN E 1283 109.39 -29.85 49.00
N ILE E 1284 110.46 -29.64 48.23
CA ILE E 1284 111.12 -30.71 47.46
C ILE E 1284 111.98 -31.67 48.31
N SER E 1285 111.79 -32.97 48.13
CA SER E 1285 112.51 -34.05 48.82
C SER E 1285 113.53 -34.71 47.88
N LEU E 1286 114.80 -34.76 48.31
CA LEU E 1286 115.93 -35.28 47.55
C LEU E 1286 115.93 -36.81 47.45
N SER E 1287 116.69 -37.35 46.48
CA SER E 1287 116.80 -38.79 46.21
C SER E 1287 118.18 -39.19 45.70
N THR E 1288 118.71 -38.49 44.70
CA THR E 1288 119.99 -38.73 44.02
C THR E 1288 121.17 -37.94 44.61
N GLY E 1289 120.92 -36.78 45.23
CA GLY E 1289 121.98 -35.83 45.62
C GLY E 1289 122.61 -35.06 44.45
N VAL E 1290 121.91 -34.98 43.31
CA VAL E 1290 122.28 -34.27 42.07
C VAL E 1290 121.04 -33.51 41.56
N ASN E 1291 121.19 -32.53 40.65
CA ASN E 1291 120.12 -31.58 40.26
C ASN E 1291 118.75 -32.19 39.87
N ASP E 1292 118.66 -33.46 39.47
CA ASP E 1292 117.37 -34.15 39.25
C ASP E 1292 116.62 -34.51 40.55
N SER E 1293 117.23 -34.33 41.72
CA SER E 1293 116.57 -34.19 43.04
C SER E 1293 115.84 -32.85 43.24
N GLY E 1294 116.08 -31.84 42.38
CA GLY E 1294 115.49 -30.50 42.48
C GLY E 1294 114.22 -30.30 41.64
N LEU E 1295 114.10 -30.99 40.51
CA LEU E 1295 112.88 -31.09 39.69
C LEU E 1295 112.85 -32.43 38.93
N PHE E 1296 111.66 -32.96 38.64
CA PHE E 1296 111.45 -34.26 37.97
C PHE E 1296 110.72 -34.11 36.63
N MET E 1297 111.10 -34.95 35.65
CA MET E 1297 110.50 -35.18 34.29
C MET E 1297 110.43 -33.97 33.33
N LEU E 1298 110.05 -32.80 33.83
CA LEU E 1298 109.71 -31.60 33.07
C LEU E 1298 110.95 -30.94 32.45
N ASN E 1299 110.85 -30.54 31.19
CA ASN E 1299 111.88 -29.77 30.49
C ASN E 1299 111.75 -28.26 30.78
N PHE E 1300 110.91 -27.55 30.01
CA PHE E 1300 110.75 -26.10 30.00
C PHE E 1300 109.27 -25.65 29.98
N ASP E 1301 108.33 -26.59 30.04
CA ASP E 1301 106.87 -26.39 30.05
C ASP E 1301 106.13 -27.40 30.93
N ASP E 1302 104.97 -27.00 31.45
CA ASP E 1302 103.96 -27.81 32.14
C ASP E 1302 102.63 -27.03 32.13
N GLU E 1303 101.51 -27.69 32.44
CA GLU E 1303 100.19 -27.04 32.64
C GLU E 1303 100.15 -26.08 33.85
N ARG E 1304 101.16 -26.14 34.73
CA ARG E 1304 101.17 -25.60 36.09
C ARG E 1304 102.53 -24.97 36.42
N PHE E 1305 102.51 -23.99 37.31
CA PHE E 1305 103.69 -23.23 37.75
C PHE E 1305 104.74 -24.14 38.38
N LEU E 1306 106.01 -23.98 38.04
CA LEU E 1306 107.16 -24.72 38.61
C LEU E 1306 107.47 -24.28 40.07
N PRO E 1307 108.36 -24.99 40.81
CA PRO E 1307 108.73 -24.60 42.16
C PRO E 1307 109.17 -23.12 42.26
N PHE E 1308 108.51 -22.39 43.16
CA PHE E 1308 108.69 -20.95 43.43
C PHE E 1308 108.43 -20.00 42.23
N GLU E 1309 107.91 -20.48 41.10
CA GLU E 1309 107.71 -19.67 39.89
C GLU E 1309 106.78 -18.47 40.14
N GLY E 1310 107.22 -17.26 39.74
CA GLY E 1310 106.49 -16.01 39.91
C GLY E 1310 106.73 -15.29 41.25
N SER E 1311 107.48 -15.90 42.18
CA SER E 1311 107.94 -15.29 43.43
C SER E 1311 109.13 -14.35 43.22
N GLY E 1312 109.27 -13.35 44.10
CA GLY E 1312 110.55 -12.68 44.33
C GLY E 1312 111.54 -13.59 45.10
N VAL E 1313 112.81 -13.17 45.15
CA VAL E 1313 113.92 -13.87 45.83
C VAL E 1313 114.14 -13.46 47.29
N ASP E 1314 113.24 -12.67 47.87
CA ASP E 1314 113.36 -12.14 49.25
C ASP E 1314 113.00 -13.14 50.37
N SER E 1315 112.62 -14.36 50.02
CA SER E 1315 112.19 -15.43 50.93
C SER E 1315 113.27 -15.96 51.88
N SER E 1316 112.88 -16.85 52.79
CA SER E 1316 113.78 -17.66 53.63
C SER E 1316 113.55 -19.16 53.39
N TRP E 1317 114.62 -19.95 53.50
CA TRP E 1317 114.66 -21.36 53.11
C TRP E 1317 115.30 -22.24 54.20
N ARG E 1318 115.06 -23.54 54.12
CA ARG E 1318 115.59 -24.59 55.01
C ARG E 1318 116.14 -25.77 54.23
N LEU E 1319 117.26 -26.32 54.68
CA LEU E 1319 117.75 -27.66 54.37
C LEU E 1319 117.67 -28.55 55.62
N GLN E 1320 117.03 -29.71 55.50
CA GLN E 1320 116.91 -30.70 56.58
C GLN E 1320 117.27 -32.09 56.04
N PHE E 1321 118.03 -32.89 56.78
CA PHE E 1321 118.45 -34.22 56.34
C PHE E 1321 117.36 -35.29 56.54
N THR E 1322 116.47 -35.14 57.52
CA THR E 1322 115.50 -36.17 57.94
C THR E 1322 116.22 -37.50 58.23
N ASN E 1323 115.65 -38.66 57.90
CA ASN E 1323 116.27 -39.98 58.04
C ASN E 1323 117.67 -40.13 57.40
N LEU E 1324 118.07 -39.25 56.47
CA LEU E 1324 119.46 -39.22 55.95
C LEU E 1324 120.47 -38.99 57.08
N LYS E 1325 120.09 -38.24 58.14
CA LYS E 1325 120.92 -38.02 59.34
C LYS E 1325 121.28 -39.29 60.12
N GLN E 1326 120.62 -40.41 59.85
CA GLN E 1326 120.94 -41.72 60.43
C GLN E 1326 122.12 -42.43 59.75
N ASN E 1327 122.61 -41.91 58.61
CA ASN E 1327 123.82 -42.41 57.92
C ASN E 1327 124.74 -41.30 57.35
N LEU E 1328 124.39 -40.02 57.54
CA LEU E 1328 125.19 -38.85 57.19
C LEU E 1328 126.59 -38.88 57.85
N ASP E 1329 127.64 -39.05 57.05
CA ASP E 1329 129.01 -39.28 57.53
C ASP E 1329 130.13 -38.66 56.66
N SER E 1330 129.78 -38.03 55.54
CA SER E 1330 130.73 -37.73 54.44
C SER E 1330 130.27 -36.57 53.52
N LEU E 1331 129.46 -35.66 54.05
CA LEU E 1331 129.08 -34.39 53.39
C LEU E 1331 130.21 -33.36 53.47
N ASN E 1332 130.36 -32.53 52.43
CA ASN E 1332 131.50 -31.61 52.26
C ASN E 1332 131.06 -30.17 51.94
N ASP E 1333 130.02 -30.00 51.13
CA ASP E 1333 129.45 -28.73 50.67
C ASP E 1333 128.02 -28.99 50.13
N VAL E 1334 127.24 -27.94 49.88
CA VAL E 1334 125.96 -28.02 49.15
C VAL E 1334 125.96 -26.97 48.04
N ILE E 1335 125.50 -27.35 46.84
CA ILE E 1335 125.43 -26.50 45.65
C ILE E 1335 123.97 -26.25 45.28
N LEU E 1336 123.60 -24.99 45.03
CA LEU E 1336 122.27 -24.57 44.58
C LEU E 1336 122.33 -23.87 43.22
N HIS E 1337 121.27 -24.01 42.42
CA HIS E 1337 121.09 -23.42 41.09
C HIS E 1337 119.72 -22.73 40.99
N VAL E 1338 119.65 -21.56 40.34
CA VAL E 1338 118.44 -20.72 40.20
C VAL E 1338 118.27 -20.21 38.75
N LYS E 1339 117.04 -20.24 38.24
CA LYS E 1339 116.58 -19.51 37.05
C LYS E 1339 115.59 -18.44 37.46
N TYR E 1340 115.78 -17.20 37.02
CA TYR E 1340 114.88 -16.07 37.30
C TYR E 1340 114.89 -15.05 36.16
N THR E 1341 113.86 -14.20 36.07
CA THR E 1341 113.84 -13.06 35.16
C THR E 1341 114.02 -11.76 35.94
N ALA E 1342 114.95 -10.94 35.48
CA ALA E 1342 115.07 -9.54 35.87
C ALA E 1342 114.28 -8.61 34.92
N ALA E 1343 114.16 -7.35 35.31
CA ALA E 1343 113.80 -6.24 34.43
C ALA E 1343 114.41 -4.93 34.97
N VAL F 92 -38.41 -25.57 98.62
CA VAL F 92 -38.78 -24.19 99.03
C VAL F 92 -38.33 -23.82 100.45
N LYS F 93 -36.99 -23.72 100.61
CA LYS F 93 -36.30 -23.10 101.75
C LYS F 93 -36.90 -21.70 102.04
N PRO F 94 -36.87 -21.16 103.27
CA PRO F 94 -37.72 -20.06 103.73
C PRO F 94 -37.98 -18.92 102.73
N THR F 95 -39.15 -18.96 102.07
CA THR F 95 -39.54 -18.12 100.91
C THR F 95 -41.04 -17.80 100.93
N GLU F 96 -41.42 -16.64 100.42
CA GLU F 96 -42.79 -16.09 100.44
C GLU F 96 -43.36 -15.85 99.02
N ASN F 97 -44.68 -15.87 98.88
CA ASN F 97 -45.43 -15.33 97.75
C ASN F 97 -46.73 -14.63 98.20
N ILE F 98 -47.35 -13.87 97.28
CA ILE F 98 -48.38 -12.84 97.53
C ILE F 98 -49.62 -13.08 96.63
N PRO F 99 -50.87 -12.88 97.11
CA PRO F 99 -52.09 -13.13 96.35
C PRO F 99 -52.45 -12.03 95.35
N SER F 100 -53.38 -12.32 94.42
CA SER F 100 -54.08 -11.31 93.61
C SER F 100 -55.18 -10.62 94.42
N PRO F 101 -55.43 -9.30 94.26
CA PRO F 101 -56.44 -8.56 95.04
C PRO F 101 -57.89 -8.88 94.65
N ILE F 102 -58.10 -9.35 93.41
CA ILE F 102 -59.36 -9.88 92.87
C ILE F 102 -59.06 -11.11 92.01
N LEU F 103 -60.11 -11.90 91.76
CA LEU F 103 -60.09 -13.08 90.90
C LEU F 103 -61.19 -12.96 89.83
N VAL F 104 -60.95 -12.01 88.92
CA VAL F 104 -61.87 -11.42 87.91
C VAL F 104 -63.10 -10.76 88.51
N GLU F 105 -63.93 -11.54 89.20
CA GLU F 105 -65.13 -11.11 89.94
C GLU F 105 -66.20 -10.43 89.07
N ASP F 106 -66.61 -11.09 87.98
CA ASP F 106 -67.79 -10.71 87.19
C ASP F 106 -69.13 -11.04 87.91
N LYS F 107 -70.26 -10.91 87.20
CA LYS F 107 -71.65 -10.87 87.74
C LYS F 107 -71.96 -11.89 88.84
N TYR F 108 -72.02 -13.17 88.46
CA TYR F 108 -72.83 -14.22 89.08
C TYR F 108 -72.66 -14.40 90.61
N THR F 109 -71.56 -15.03 91.02
CA THR F 109 -71.35 -15.66 92.34
C THR F 109 -71.79 -14.83 93.55
N GLU F 110 -71.50 -13.53 93.53
CA GLU F 110 -71.82 -12.61 94.63
C GLU F 110 -73.33 -12.49 94.92
N GLU F 111 -74.18 -12.74 93.92
CA GLU F 111 -75.63 -12.88 94.06
C GLU F 111 -76.06 -14.36 94.16
N THR F 112 -75.37 -15.24 93.43
CA THR F 112 -75.61 -16.70 93.41
C THR F 112 -75.57 -17.34 94.78
N TYR F 113 -74.76 -16.82 95.71
CA TYR F 113 -74.66 -17.31 97.09
C TYR F 113 -76.02 -17.58 97.75
N SER F 114 -77.02 -16.73 97.49
CA SER F 114 -78.35 -16.79 98.12
C SER F 114 -79.38 -17.69 97.40
N ARG F 115 -79.04 -18.30 96.25
CA ARG F 115 -80.02 -18.97 95.37
C ARG F 115 -80.59 -20.26 96.02
N PRO F 116 -81.86 -20.64 95.71
CA PRO F 116 -82.72 -21.42 96.61
C PRO F 116 -82.35 -22.89 96.88
N ASP F 117 -81.36 -23.46 96.20
CA ASP F 117 -80.74 -24.74 96.65
C ASP F 117 -79.20 -24.74 96.52
N VAL F 118 -78.55 -23.66 96.96
CA VAL F 118 -77.09 -23.54 97.15
C VAL F 118 -76.68 -23.76 98.63
N ASN F 119 -76.76 -25.01 99.11
CA ASN F 119 -76.49 -25.43 100.50
C ASN F 119 -74.99 -25.58 100.84
N PHE F 120 -74.17 -24.60 100.42
CA PHE F 120 -72.72 -24.63 100.58
C PHE F 120 -72.30 -24.05 101.95
N LYS F 121 -72.10 -24.91 102.93
CA LYS F 121 -71.38 -24.60 104.18
C LYS F 121 -69.87 -24.58 103.88
N GLU F 122 -69.17 -23.50 104.21
CA GLU F 122 -67.69 -23.43 104.16
C GLU F 122 -67.00 -24.35 105.21
N ASP F 123 -67.80 -25.04 106.03
CA ASP F 123 -67.42 -26.13 106.94
C ASP F 123 -67.67 -27.55 106.35
N GLY F 124 -68.29 -27.62 105.17
CA GLY F 124 -68.78 -28.82 104.46
C GLY F 124 -70.23 -29.19 104.80
N SER F 125 -70.87 -30.02 103.98
CA SER F 125 -72.25 -30.47 104.17
C SER F 125 -72.59 -31.73 103.37
N GLN F 126 -73.70 -32.39 103.72
CA GLN F 126 -74.41 -33.32 102.81
C GLN F 126 -75.28 -32.60 101.74
N GLY F 127 -74.98 -31.33 101.44
CA GLY F 127 -75.74 -30.50 100.50
C GLY F 127 -75.49 -30.89 99.04
N ASN F 128 -76.33 -31.77 98.50
CA ASN F 128 -76.15 -32.40 97.18
C ASN F 128 -76.30 -31.45 95.97
N LEU F 129 -76.45 -30.13 96.19
CA LEU F 129 -76.51 -29.07 95.17
C LEU F 129 -75.80 -27.77 95.60
N SER F 130 -75.06 -27.15 94.68
CA SER F 130 -74.51 -25.78 94.79
C SER F 130 -74.03 -25.23 93.43
N TYR F 131 -74.03 -23.91 93.20
CA TYR F 131 -74.03 -23.32 91.82
C TYR F 131 -73.03 -22.18 91.53
N THR F 132 -72.03 -21.92 92.37
CA THR F 132 -71.01 -20.85 92.19
C THR F 132 -70.44 -20.84 90.77
N ALA F 133 -70.37 -19.68 90.12
CA ALA F 133 -69.81 -19.56 88.76
C ALA F 133 -68.27 -19.56 88.72
N THR F 134 -67.72 -19.96 87.58
CA THR F 134 -66.28 -20.19 87.39
C THR F 134 -65.47 -18.89 87.37
N ARG F 135 -66.07 -17.79 86.87
CA ARG F 135 -65.38 -16.50 86.60
C ARG F 135 -65.19 -15.56 87.81
N VAL F 136 -65.40 -16.05 89.04
CA VAL F 136 -65.30 -15.23 90.28
C VAL F 136 -64.23 -15.75 91.27
N CYS F 137 -63.56 -16.84 90.92
CA CYS F 137 -62.34 -17.33 91.57
C CYS F 137 -61.21 -17.52 90.52
N ALA F 138 -61.31 -16.77 89.42
CA ALA F 138 -60.53 -16.94 88.20
C ALA F 138 -59.14 -16.27 88.26
N PRO F 139 -58.04 -17.04 88.07
CA PRO F 139 -56.68 -16.52 87.94
C PRO F 139 -56.29 -16.15 86.49
N MET F 140 -57.03 -16.64 85.49
CA MET F 140 -56.84 -16.44 84.05
C MET F 140 -55.51 -16.97 83.46
N TYR F 141 -55.52 -17.22 82.15
CA TYR F 141 -54.44 -17.84 81.38
C TYR F 141 -53.27 -16.88 81.07
N ASN F 142 -52.14 -17.46 80.66
CA ASN F 142 -50.90 -16.75 80.32
C ASN F 142 -50.27 -17.36 79.05
N HIS F 143 -49.76 -16.52 78.14
CA HIS F 143 -49.02 -16.96 76.94
C HIS F 143 -47.63 -17.51 77.28
N TYR F 144 -47.20 -18.50 76.51
CA TYR F 144 -45.90 -19.16 76.58
C TYR F 144 -45.44 -19.54 75.17
N VAL F 145 -44.13 -19.82 75.02
CA VAL F 145 -43.60 -20.40 73.78
C VAL F 145 -44.15 -21.82 73.60
N GLY F 146 -44.93 -22.03 72.55
CA GLY F 146 -45.68 -23.25 72.26
C GLY F 146 -44.94 -24.22 71.32
N ASP F 147 -43.74 -24.68 71.67
CA ASP F 147 -42.99 -25.65 70.86
C ASP F 147 -43.48 -27.11 71.09
N LYS F 148 -44.04 -27.73 70.04
CA LYS F 148 -44.91 -28.92 70.11
C LYS F 148 -44.22 -30.27 70.36
N THR F 149 -42.90 -30.35 70.50
CA THR F 149 -42.13 -31.59 70.70
C THR F 149 -42.22 -32.16 72.13
N LYS F 150 -43.44 -32.34 72.63
CA LYS F 150 -43.84 -32.74 73.99
C LYS F 150 -45.09 -33.66 73.99
N PRO F 151 -45.47 -34.32 75.10
CA PRO F 151 -46.79 -34.95 75.21
C PRO F 151 -47.88 -33.89 75.01
N LYS F 152 -48.88 -34.15 74.16
CA LYS F 152 -49.91 -33.17 73.78
C LYS F 152 -50.97 -32.95 74.85
N LEU F 153 -51.11 -31.71 75.32
CA LEU F 153 -52.09 -31.29 76.33
C LEU F 153 -53.45 -30.98 75.68
N SER F 154 -54.47 -31.74 76.07
CA SER F 154 -55.75 -31.86 75.34
C SER F 154 -56.97 -31.73 76.25
N ALA F 155 -58.18 -31.56 75.70
CA ALA F 155 -59.42 -31.54 76.49
C ALA F 155 -60.67 -32.10 75.80
N TYR F 156 -61.48 -32.85 76.56
CA TYR F 156 -62.86 -33.21 76.21
C TYR F 156 -63.85 -32.08 76.54
N ILE F 157 -65.02 -32.07 75.89
CA ILE F 157 -66.12 -31.12 76.16
C ILE F 157 -67.52 -31.78 76.19
N THR F 158 -68.38 -31.30 77.10
CA THR F 158 -69.83 -31.61 77.24
C THR F 158 -70.69 -30.33 77.16
N ASP F 159 -71.93 -30.42 76.67
CA ASP F 159 -72.68 -29.26 76.14
C ASP F 159 -73.55 -28.45 77.13
N TRP F 160 -73.52 -28.76 78.43
CA TRP F 160 -74.39 -28.13 79.45
C TRP F 160 -73.61 -27.81 80.72
N CYS F 161 -73.54 -26.52 81.07
CA CYS F 161 -72.69 -26.05 82.17
C CYS F 161 -73.34 -26.36 83.52
N GLN F 162 -74.54 -25.82 83.78
CA GLN F 162 -75.44 -26.24 84.85
C GLN F 162 -76.03 -27.64 84.55
N TYR F 163 -75.15 -28.66 84.51
CA TYR F 163 -75.49 -30.04 84.17
C TYR F 163 -76.43 -30.66 85.22
N ASP F 164 -77.51 -31.31 84.76
CA ASP F 164 -78.60 -31.81 85.59
C ASP F 164 -79.47 -32.82 84.82
N ALA F 165 -79.78 -33.98 85.40
CA ALA F 165 -80.66 -34.98 84.80
C ALA F 165 -82.05 -34.38 84.45
N ARG F 166 -82.61 -34.84 83.33
CA ARG F 166 -83.79 -34.30 82.62
C ARG F 166 -83.75 -32.77 82.48
N LEU F 167 -83.04 -32.30 81.45
CA LEU F 167 -82.80 -30.89 81.12
C LEU F 167 -84.06 -30.12 80.65
N ASP F 168 -84.02 -28.80 80.69
CA ASP F 168 -85.13 -27.90 80.30
C ASP F 168 -84.74 -26.96 79.14
N GLY F 169 -85.72 -26.27 78.57
CA GLY F 169 -85.49 -25.07 77.74
C GLY F 169 -85.02 -23.86 78.55
N GLY F 170 -84.57 -22.81 77.85
CA GLY F 170 -84.07 -21.55 78.44
C GLY F 170 -82.74 -21.68 79.21
N GLY F 171 -82.41 -20.63 79.99
CA GLY F 171 -81.17 -20.51 80.76
C GLY F 171 -81.15 -19.30 81.72
N SER F 172 -80.01 -19.06 82.35
CA SER F 172 -79.72 -18.02 83.36
C SER F 172 -80.50 -18.11 84.69
N LYS F 173 -81.24 -19.20 84.97
CA LYS F 173 -82.25 -19.27 86.05
C LYS F 173 -82.37 -20.67 86.65
N GLU F 174 -81.32 -21.12 87.36
CA GLU F 174 -81.15 -22.41 88.09
C GLU F 174 -81.29 -23.71 87.27
N GLU F 175 -82.32 -23.85 86.44
CA GLU F 175 -82.55 -25.09 85.68
C GLU F 175 -81.45 -25.32 84.64
N GLU F 176 -81.07 -24.23 83.96
CA GLU F 176 -79.88 -24.07 83.13
C GLU F 176 -79.28 -22.68 83.39
N ARG F 177 -77.94 -22.60 83.28
CA ARG F 177 -77.03 -21.47 83.48
C ARG F 177 -75.73 -21.81 82.76
N GLY F 178 -74.98 -20.81 82.29
CA GLY F 178 -73.70 -20.98 81.61
C GLY F 178 -72.49 -21.19 82.52
N ARG F 179 -72.64 -21.07 83.86
CA ARG F 179 -71.58 -21.04 84.88
C ARG F 179 -70.44 -20.04 84.60
N GLY F 180 -70.73 -18.97 83.85
CA GLY F 180 -69.74 -18.02 83.34
C GLY F 180 -68.90 -18.50 82.15
N PHE F 181 -69.11 -19.73 81.67
CA PHE F 181 -68.43 -20.31 80.49
C PHE F 181 -68.97 -19.73 79.17
N ASP F 182 -68.56 -18.49 78.86
CA ASP F 182 -68.51 -17.98 77.47
C ASP F 182 -67.22 -18.49 76.79
N LEU F 183 -67.36 -18.94 75.54
CA LEU F 183 -66.24 -19.36 74.67
C LEU F 183 -65.15 -18.27 74.49
N ALA F 184 -65.46 -17.00 74.78
CA ALA F 184 -64.55 -15.85 74.75
C ALA F 184 -63.17 -16.09 75.39
N THR F 185 -63.10 -16.78 76.53
CA THR F 185 -61.80 -17.02 77.22
C THR F 185 -60.86 -17.93 76.42
N LEU F 186 -61.40 -18.76 75.51
CA LEU F 186 -60.61 -19.51 74.51
C LEU F 186 -60.44 -18.74 73.20
N MET F 187 -61.45 -17.96 72.76
CA MET F 187 -61.34 -17.10 71.56
C MET F 187 -60.25 -16.02 71.68
N GLN F 188 -59.96 -15.52 72.88
CA GLN F 188 -58.81 -14.64 73.14
C GLN F 188 -57.53 -15.41 73.58
N ASN F 189 -57.58 -16.74 73.67
CA ASN F 189 -56.44 -17.60 73.96
C ASN F 189 -56.45 -18.87 73.06
N PRO F 190 -56.50 -18.76 71.71
CA PRO F 190 -56.81 -19.89 70.83
C PRO F 190 -55.82 -21.06 70.96
N ALA F 191 -54.57 -20.76 71.32
CA ALA F 191 -53.50 -21.72 71.59
C ALA F 191 -53.62 -22.51 72.92
N THR F 192 -54.75 -22.46 73.64
CA THR F 192 -54.88 -23.07 74.99
C THR F 192 -54.73 -24.62 75.00
N TYR F 193 -55.13 -25.33 73.93
CA TYR F 193 -55.05 -26.80 73.82
C TYR F 193 -54.46 -27.30 72.51
N ASP F 194 -53.81 -28.46 72.56
CA ASP F 194 -53.15 -29.11 71.41
C ASP F 194 -54.12 -29.99 70.60
N ARG F 195 -55.25 -30.34 71.23
CA ARG F 195 -56.40 -31.08 70.67
C ARG F 195 -57.65 -30.80 71.52
N LEU F 196 -58.83 -30.73 70.87
CA LEU F 196 -60.12 -30.84 71.55
C LEU F 196 -60.89 -32.09 71.10
N ILE F 197 -61.72 -32.65 71.99
CA ILE F 197 -62.57 -33.81 71.74
C ILE F 197 -64.04 -33.49 72.08
N PHE F 198 -64.83 -33.29 71.03
CA PHE F 198 -66.25 -32.99 71.07
C PHE F 198 -67.11 -34.22 71.46
N SER F 199 -68.36 -34.00 71.85
CA SER F 199 -69.37 -35.04 72.13
C SER F 199 -70.79 -34.51 71.88
N PHE F 200 -71.72 -35.24 71.24
CA PHE F 200 -71.63 -36.58 70.62
C PHE F 200 -72.71 -36.73 69.53
N LEU F 201 -72.86 -37.92 68.93
CA LEU F 201 -74.00 -38.31 68.08
C LEU F 201 -74.80 -39.45 68.72
N GLY F 202 -76.11 -39.47 68.47
CA GLY F 202 -76.96 -40.64 68.73
C GLY F 202 -76.86 -41.65 67.59
N ILE F 203 -77.55 -42.79 67.75
CA ILE F 203 -77.66 -43.85 66.74
C ILE F 203 -79.13 -44.28 66.64
N CYS F 204 -79.65 -44.43 65.42
CA CYS F 204 -81.01 -44.93 65.17
C CYS F 204 -81.23 -46.33 65.78
N GLY F 205 -82.30 -46.46 66.56
CA GLY F 205 -82.60 -47.66 67.36
C GLY F 205 -81.82 -47.82 68.66
N ASP F 206 -80.86 -46.93 68.97
CA ASP F 206 -80.05 -47.02 70.19
C ASP F 206 -80.70 -46.33 71.40
N ILE F 207 -81.53 -47.11 72.09
CA ILE F 207 -82.12 -46.82 73.40
C ILE F 207 -81.10 -46.51 74.50
N GLY F 208 -79.79 -46.76 74.29
CA GLY F 208 -78.74 -46.44 75.26
C GLY F 208 -78.50 -44.95 75.41
N ASN F 209 -78.51 -44.21 74.30
CA ASN F 209 -78.39 -42.75 74.34
C ASN F 209 -79.66 -42.13 74.92
N LYS F 210 -80.79 -42.45 74.27
CA LYS F 210 -82.18 -42.18 74.71
C LYS F 210 -83.15 -42.99 73.82
N SER F 211 -84.15 -43.63 74.42
CA SER F 211 -85.18 -44.41 73.69
C SER F 211 -86.24 -43.54 72.98
N LYS F 212 -86.47 -42.32 73.47
CA LYS F 212 -87.63 -41.47 73.17
C LYS F 212 -87.29 -40.15 72.47
N LYS F 213 -86.71 -39.15 73.15
CA LYS F 213 -86.56 -37.77 72.65
C LYS F 213 -85.61 -37.65 71.46
N VAL F 214 -84.43 -38.28 71.50
CA VAL F 214 -83.54 -38.41 70.33
C VAL F 214 -84.25 -39.14 69.19
N GLN F 215 -85.02 -40.19 69.49
CA GLN F 215 -85.80 -40.91 68.47
C GLN F 215 -87.01 -40.09 67.95
N GLU F 216 -87.37 -38.97 68.58
CA GLU F 216 -88.29 -37.95 68.04
C GLU F 216 -87.59 -36.99 67.06
N VAL F 217 -86.28 -36.76 67.20
CA VAL F 217 -85.44 -36.12 66.18
C VAL F 217 -85.28 -37.05 64.96
N TRP F 218 -85.12 -38.36 65.19
CA TRP F 218 -85.15 -39.40 64.14
C TRP F 218 -86.53 -39.51 63.44
N ASP F 219 -87.63 -39.47 64.19
CA ASP F 219 -88.98 -39.27 63.60
C ASP F 219 -89.07 -37.98 62.78
N GLY F 220 -88.30 -36.95 63.17
CA GLY F 220 -88.18 -35.70 62.43
C GLY F 220 -87.50 -35.89 61.07
N TRP F 221 -86.34 -36.55 61.04
CA TRP F 221 -85.65 -36.94 59.80
C TRP F 221 -86.57 -37.78 58.91
N ASN F 222 -87.13 -38.85 59.46
CA ASN F 222 -88.02 -39.77 58.77
C ASN F 222 -89.45 -39.22 58.55
N ALA F 223 -89.59 -37.90 58.50
CA ALA F 223 -90.79 -37.18 58.07
C ALA F 223 -90.44 -35.98 57.16
N GLN F 224 -89.46 -35.16 57.56
CA GLN F 224 -89.00 -34.02 56.77
C GLN F 224 -88.17 -34.45 55.55
N ALA F 225 -87.32 -35.48 55.67
CA ALA F 225 -86.45 -35.94 54.59
C ALA F 225 -87.24 -36.34 53.34
N PRO F 226 -88.25 -37.24 53.39
CA PRO F 226 -89.05 -37.58 52.21
C PRO F 226 -89.84 -36.38 51.67
N SER F 227 -90.23 -35.43 52.52
CA SER F 227 -90.85 -34.16 52.05
C SER F 227 -89.87 -33.30 51.24
N LEU F 228 -88.58 -33.32 51.61
CA LEU F 228 -87.46 -32.70 50.89
C LEU F 228 -86.92 -33.60 49.74
N GLY F 229 -87.48 -34.79 49.53
CA GLY F 229 -87.01 -35.80 48.57
C GLY F 229 -85.74 -36.55 48.98
N LEU F 230 -85.24 -36.28 50.19
CA LEU F 230 -84.06 -36.89 50.83
C LEU F 230 -84.42 -38.25 51.47
N PRO F 231 -83.45 -39.18 51.64
CA PRO F 231 -83.73 -40.50 52.19
C PRO F 231 -83.96 -40.49 53.71
N GLN F 232 -85.03 -41.16 54.15
CA GLN F 232 -85.15 -41.69 55.51
C GLN F 232 -83.97 -42.62 55.86
N ILE F 233 -83.66 -42.70 57.15
CA ILE F 233 -82.52 -43.45 57.69
C ILE F 233 -82.98 -44.56 58.64
N GLY F 234 -82.34 -45.73 58.55
CA GLY F 234 -82.64 -46.92 59.36
C GLY F 234 -81.78 -47.04 60.61
N LYS F 235 -82.03 -48.09 61.41
CA LYS F 235 -81.26 -48.38 62.64
C LYS F 235 -79.75 -48.52 62.36
N GLY F 236 -78.91 -48.08 63.28
CA GLY F 236 -77.46 -47.98 63.09
C GLY F 236 -76.95 -46.67 62.47
N HIS F 237 -77.76 -45.86 61.78
CA HIS F 237 -77.33 -44.54 61.29
C HIS F 237 -77.08 -43.57 62.45
N ILE F 238 -76.11 -42.65 62.34
CA ILE F 238 -75.97 -41.54 63.30
C ILE F 238 -77.15 -40.55 63.23
N VAL F 239 -77.48 -39.90 64.34
CA VAL F 239 -78.47 -38.81 64.41
C VAL F 239 -78.06 -37.68 65.36
N PRO F 240 -78.41 -36.42 65.05
CA PRO F 240 -78.18 -35.26 65.92
C PRO F 240 -79.04 -35.29 67.19
N LEU F 241 -78.50 -34.72 68.27
CA LEU F 241 -79.08 -34.82 69.62
C LEU F 241 -80.18 -33.79 69.91
N ASP F 242 -80.00 -32.54 69.47
CA ASP F 242 -80.81 -31.38 69.87
C ASP F 242 -80.64 -30.26 68.81
N PRO F 243 -81.31 -30.33 67.65
CA PRO F 243 -81.02 -29.42 66.53
C PRO F 243 -81.08 -27.93 66.89
N TYR F 244 -82.02 -27.53 67.76
CA TYR F 244 -82.14 -26.15 68.23
C TYR F 244 -80.96 -25.74 69.13
N GLY F 245 -80.61 -26.58 70.11
CA GLY F 245 -79.48 -26.33 71.00
C GLY F 245 -78.11 -26.50 70.33
N ASP F 246 -78.01 -27.33 69.29
CA ASP F 246 -76.81 -27.59 68.50
C ASP F 246 -76.54 -26.47 67.47
N LEU F 247 -77.56 -26.10 66.68
CA LEU F 247 -77.45 -25.19 65.52
C LEU F 247 -78.37 -23.95 65.57
N GLY F 248 -79.43 -23.94 66.37
CA GLY F 248 -80.38 -22.81 66.45
C GLY F 248 -79.89 -21.63 67.32
N THR F 249 -79.31 -21.92 68.48
CA THR F 249 -78.83 -20.96 69.49
C THR F 249 -77.60 -20.13 69.04
N ALA F 250 -77.44 -18.90 69.56
CA ALA F 250 -76.28 -18.04 69.30
C ALA F 250 -75.54 -17.48 70.54
N ARG F 251 -76.16 -17.35 71.72
CA ARG F 251 -75.53 -16.78 72.92
C ARG F 251 -74.44 -17.71 73.50
N ASN F 252 -73.46 -17.13 74.22
CA ASN F 252 -72.32 -17.78 74.90
C ASN F 252 -71.34 -18.62 74.06
N VAL F 253 -71.66 -18.94 72.80
CA VAL F 253 -70.78 -19.62 71.83
C VAL F 253 -69.93 -18.65 71.00
N GLY F 254 -69.83 -17.38 71.41
CA GLY F 254 -68.96 -16.38 70.78
C GLY F 254 -69.48 -15.83 69.45
N LEU F 255 -70.78 -15.91 69.19
CA LEU F 255 -71.41 -15.40 67.97
C LEU F 255 -72.14 -14.05 68.20
N PRO F 256 -72.19 -13.17 67.18
CA PRO F 256 -72.99 -11.94 67.21
C PRO F 256 -74.49 -12.26 67.36
N PRO F 257 -75.31 -11.40 68.02
CA PRO F 257 -76.67 -11.74 68.45
C PRO F 257 -77.61 -12.16 67.30
N GLU F 258 -77.47 -11.52 66.14
CA GLU F 258 -78.36 -11.71 64.98
C GLU F 258 -78.20 -13.10 64.31
N SER F 259 -77.16 -13.88 64.67
CA SER F 259 -76.86 -15.23 64.17
C SER F 259 -77.87 -16.31 64.62
N ALA F 260 -78.69 -15.98 65.62
CA ALA F 260 -79.80 -16.76 66.20
C ALA F 260 -80.85 -17.16 65.14
N ASP F 261 -81.14 -18.46 65.02
CA ASP F 261 -82.01 -19.05 64.00
C ASP F 261 -83.02 -20.05 64.63
N THR F 262 -84.23 -19.54 64.87
CA THR F 262 -85.31 -20.18 65.65
C THR F 262 -86.08 -21.29 64.94
N SER F 263 -85.93 -21.49 63.63
CA SER F 263 -86.74 -22.44 62.85
C SER F 263 -86.35 -23.91 63.02
N ILE F 264 -85.20 -24.19 63.68
CA ILE F 264 -84.52 -25.49 63.68
C ILE F 264 -85.11 -26.46 64.74
N GLU F 265 -86.43 -26.64 64.69
CA GLU F 265 -87.18 -27.62 65.49
C GLU F 265 -87.39 -28.94 64.73
N SER F 266 -87.85 -30.00 65.42
CA SER F 266 -87.87 -31.40 64.91
C SER F 266 -88.59 -31.65 63.57
N GLY F 267 -89.45 -30.74 63.09
CA GLY F 267 -90.14 -30.87 61.80
C GLY F 267 -89.44 -30.22 60.61
N THR F 268 -88.49 -29.30 60.85
CA THR F 268 -87.78 -28.53 59.81
C THR F 268 -86.33 -28.21 60.20
N PHE F 269 -85.45 -29.21 60.13
CA PHE F 269 -84.02 -29.03 60.47
C PHE F 269 -83.00 -29.64 59.50
N LEU F 270 -83.33 -30.68 58.72
CA LEU F 270 -82.34 -31.40 57.89
C LEU F 270 -81.54 -30.52 56.88
N PRO F 271 -82.12 -29.46 56.27
CA PRO F 271 -81.38 -28.59 55.34
C PRO F 271 -80.17 -27.87 55.97
N TYR F 272 -80.16 -27.67 57.29
CA TYR F 272 -79.03 -27.06 58.02
C TYR F 272 -77.85 -28.01 58.26
N TYR F 273 -78.00 -29.31 58.00
CA TYR F 273 -77.11 -30.37 58.50
C TYR F 273 -75.83 -30.57 57.67
N GLN F 274 -75.06 -29.48 57.48
CA GLN F 274 -73.73 -29.44 56.86
C GLN F 274 -72.92 -28.21 57.32
N GLN F 275 -71.59 -28.28 57.16
CA GLN F 275 -70.65 -27.25 57.62
C GLN F 275 -70.90 -25.85 57.02
N ASN F 276 -71.41 -25.80 55.79
CA ASN F 276 -71.78 -24.56 55.08
C ASN F 276 -72.90 -23.76 55.80
N ARG F 277 -73.63 -24.38 56.74
CA ARG F 277 -74.69 -23.76 57.57
C ARG F 277 -74.37 -23.84 59.07
N ALA F 278 -73.09 -24.03 59.43
CA ALA F 278 -72.61 -24.14 60.81
C ALA F 278 -72.99 -22.92 61.68
N ALA F 279 -73.53 -23.21 62.86
CA ALA F 279 -74.05 -22.27 63.84
C ALA F 279 -74.01 -22.90 65.25
N GLY F 280 -74.40 -22.14 66.28
CA GLY F 280 -74.17 -22.53 67.67
C GLY F 280 -72.68 -22.78 67.95
N LEU F 281 -72.42 -23.73 68.85
CA LEU F 281 -71.05 -24.17 69.16
C LEU F 281 -70.34 -24.77 67.94
N LEU F 282 -71.08 -25.43 67.04
CA LEU F 282 -70.56 -25.98 65.80
C LEU F 282 -70.09 -24.90 64.81
N GLY F 283 -70.55 -23.65 64.99
CA GLY F 283 -69.94 -22.45 64.43
C GLY F 283 -68.69 -22.04 65.19
N GLY F 284 -68.76 -21.88 66.52
CA GLY F 284 -67.63 -21.40 67.34
C GLY F 284 -66.36 -22.25 67.24
N LEU F 285 -66.50 -23.58 67.14
CA LEU F 285 -65.39 -24.51 66.93
C LEU F 285 -64.72 -24.29 65.55
N ARG F 286 -65.53 -24.12 64.49
CA ARG F 286 -65.03 -23.90 63.12
C ARG F 286 -64.34 -22.55 63.01
N GLU F 287 -64.92 -21.54 63.65
CA GLU F 287 -64.36 -20.21 63.81
C GLU F 287 -63.01 -20.25 64.53
N LEU F 288 -62.88 -21.01 65.62
CA LEU F 288 -61.61 -21.16 66.33
C LEU F 288 -60.51 -21.80 65.49
N GLN F 289 -60.85 -22.83 64.70
CA GLN F 289 -59.86 -23.51 63.86
C GLN F 289 -59.21 -22.54 62.86
N LYS F 290 -60.01 -21.62 62.29
CA LYS F 290 -59.51 -20.55 61.42
C LYS F 290 -58.68 -19.53 62.19
N LYS F 291 -59.16 -19.02 63.33
CA LYS F 291 -58.48 -17.97 64.11
C LYS F 291 -57.13 -18.40 64.68
N ALA F 292 -57.03 -19.65 65.15
CA ALA F 292 -55.77 -20.25 65.59
C ALA F 292 -54.73 -20.24 64.46
N HIS F 293 -55.10 -20.70 63.25
CA HIS F 293 -54.26 -20.65 62.06
C HIS F 293 -53.96 -19.22 61.58
N ALA F 294 -54.91 -18.29 61.69
CA ALA F 294 -54.73 -16.89 61.30
C ALA F 294 -53.68 -16.16 62.16
N MET F 295 -53.64 -16.41 63.47
CA MET F 295 -52.57 -15.90 64.35
C MET F 295 -51.28 -16.72 64.25
N GLY F 296 -51.36 -18.04 64.03
CA GLY F 296 -50.19 -18.90 63.85
C GLY F 296 -50.56 -20.34 63.53
N HIS F 297 -50.57 -21.20 64.55
CA HIS F 297 -50.60 -22.66 64.42
C HIS F 297 -51.97 -23.30 64.66
N LYS F 298 -52.18 -24.47 64.04
CA LYS F 298 -53.47 -25.18 63.91
C LYS F 298 -54.00 -25.82 65.21
N LEU F 299 -55.20 -26.40 65.12
CA LEU F 299 -55.88 -27.17 66.17
C LEU F 299 -56.50 -28.47 65.64
N ASP F 300 -56.24 -29.58 66.34
CA ASP F 300 -56.79 -30.91 66.10
C ASP F 300 -58.16 -31.12 66.80
N LEU F 301 -59.13 -31.70 66.10
CA LEU F 301 -60.54 -31.76 66.53
C LEU F 301 -61.15 -33.16 66.35
N ALA F 302 -61.19 -33.95 67.41
CA ALA F 302 -61.87 -35.25 67.45
C ALA F 302 -63.33 -35.16 67.94
N PHE F 303 -64.11 -36.23 67.79
CA PHE F 303 -65.43 -36.35 68.43
C PHE F 303 -65.78 -37.77 68.93
N SER F 304 -66.53 -37.81 70.03
CA SER F 304 -67.01 -38.98 70.78
C SER F 304 -68.39 -39.47 70.32
N ILE F 305 -68.60 -40.79 70.32
CA ILE F 305 -69.92 -41.44 70.26
C ILE F 305 -70.00 -42.49 71.37
N GLY F 306 -70.99 -42.37 72.27
CA GLY F 306 -71.22 -43.27 73.39
C GLY F 306 -70.61 -42.86 74.74
N GLY F 307 -70.76 -43.72 75.75
CA GLY F 307 -70.35 -43.47 77.13
C GLY F 307 -71.01 -44.39 78.15
N TRP F 308 -70.97 -44.00 79.44
CA TRP F 308 -71.27 -44.87 80.59
C TRP F 308 -72.71 -45.40 80.63
N SER F 309 -73.70 -44.57 80.32
CA SER F 309 -75.11 -45.01 80.09
C SER F 309 -75.44 -45.18 78.60
N LEU F 310 -74.49 -44.83 77.71
CA LEU F 310 -74.68 -44.64 76.27
C LEU F 310 -73.92 -45.71 75.45
N SER F 311 -74.13 -46.99 75.78
CA SER F 311 -73.48 -48.12 75.08
C SER F 311 -74.41 -49.34 74.90
N SER F 312 -75.66 -49.12 74.52
CA SER F 312 -76.66 -50.20 74.34
C SER F 312 -76.53 -50.88 72.97
N TYR F 313 -76.81 -50.16 71.88
CA TYR F 313 -76.86 -50.75 70.54
C TYR F 313 -75.48 -51.15 69.97
N PHE F 314 -74.36 -50.85 70.64
CA PHE F 314 -73.04 -51.32 70.21
C PHE F 314 -72.98 -52.86 70.07
N SER F 315 -73.70 -53.59 70.94
CA SER F 315 -73.86 -55.06 70.84
C SER F 315 -74.73 -55.52 69.65
N ALA F 316 -75.59 -54.67 69.08
CA ALA F 316 -76.27 -54.95 67.81
C ALA F 316 -75.38 -54.57 66.62
N LEU F 317 -74.91 -53.32 66.62
CA LEU F 317 -74.04 -52.70 65.62
C LEU F 317 -72.82 -53.55 65.26
N ALA F 318 -71.95 -53.84 66.23
CA ALA F 318 -70.68 -54.54 65.97
C ALA F 318 -70.88 -55.98 65.45
N GLU F 319 -71.89 -56.66 66.01
CA GLU F 319 -72.11 -58.12 65.90
C GLU F 319 -72.42 -58.60 64.48
N ASN F 320 -73.05 -57.78 63.65
CA ASN F 320 -73.66 -58.21 62.40
C ASN F 320 -73.53 -57.14 61.29
N PRO F 321 -73.10 -57.50 60.05
CA PRO F 321 -72.85 -56.54 58.97
C PRO F 321 -74.02 -55.60 58.64
N ASP F 322 -75.26 -56.07 58.78
CA ASP F 322 -76.46 -55.32 58.36
C ASP F 322 -76.70 -54.03 59.17
N GLU F 323 -76.20 -53.96 60.40
CA GLU F 323 -76.11 -52.73 61.17
C GLU F 323 -74.83 -51.93 60.86
N ARG F 324 -73.68 -52.63 60.68
CA ARG F 324 -72.39 -52.00 60.32
C ARG F 324 -72.46 -51.17 59.05
N ARG F 325 -73.12 -51.67 57.99
CA ARG F 325 -73.22 -50.96 56.70
C ARG F 325 -73.86 -49.58 56.86
N VAL F 326 -75.04 -49.53 57.50
CA VAL F 326 -75.79 -48.27 57.72
C VAL F 326 -74.97 -47.29 58.58
N PHE F 327 -74.29 -47.81 59.61
CA PHE F 327 -73.41 -47.00 60.43
C PHE F 327 -72.22 -46.44 59.65
N VAL F 328 -71.43 -47.27 58.98
CA VAL F 328 -70.23 -46.86 58.22
C VAL F 328 -70.59 -45.88 57.11
N ALA F 329 -71.71 -46.12 56.41
CA ALA F 329 -72.27 -45.18 55.43
C ALA F 329 -72.64 -43.83 56.07
N SER F 330 -73.14 -43.84 57.32
CA SER F 330 -73.45 -42.63 58.09
C SER F 330 -72.21 -41.89 58.61
N VAL F 331 -71.09 -42.59 58.88
CA VAL F 331 -69.80 -41.94 59.18
C VAL F 331 -69.22 -41.27 57.93
N VAL F 332 -69.25 -41.96 56.79
CA VAL F 332 -68.91 -41.36 55.48
C VAL F 332 -69.77 -40.13 55.20
N ASP F 333 -71.09 -40.23 55.37
CA ASP F 333 -72.02 -39.12 55.19
C ASP F 333 -71.75 -37.95 56.18
N PHE F 334 -71.33 -38.24 57.41
CA PHE F 334 -70.91 -37.21 58.37
C PHE F 334 -69.68 -36.45 57.88
N PHE F 335 -68.60 -37.13 57.48
CA PHE F 335 -67.39 -36.44 56.99
C PHE F 335 -67.60 -35.77 55.62
N VAL F 336 -68.57 -36.23 54.82
CA VAL F 336 -69.05 -35.50 53.62
C VAL F 336 -69.77 -34.20 54.02
N ARG F 337 -70.61 -34.22 55.06
CA ARG F 337 -71.33 -33.04 55.59
C ARG F 337 -70.44 -32.07 56.37
N PHE F 338 -69.42 -32.56 57.07
CA PHE F 338 -68.64 -31.82 58.08
C PHE F 338 -67.13 -32.20 58.02
N PRO F 339 -66.37 -31.75 57.01
CA PRO F 339 -64.96 -32.10 56.84
C PRO F 339 -63.99 -31.56 57.92
N MET F 340 -64.38 -30.54 58.69
CA MET F 340 -63.50 -29.90 59.70
C MET F 340 -62.96 -30.85 60.77
N PHE F 341 -63.72 -31.86 61.17
CA PHE F 341 -63.28 -32.86 62.16
C PHE F 341 -62.13 -33.73 61.62
N SER F 342 -61.19 -34.08 62.48
CA SER F 342 -60.00 -34.87 62.13
C SER F 342 -60.05 -36.32 62.58
N CYS F 343 -61.00 -36.70 63.45
CA CYS F 343 -60.94 -37.95 64.21
C CYS F 343 -62.29 -38.34 64.81
N VAL F 344 -62.66 -39.63 64.80
CA VAL F 344 -63.87 -40.15 65.44
C VAL F 344 -63.57 -41.36 66.34
N ASP F 345 -64.04 -41.30 67.59
CA ASP F 345 -63.79 -42.33 68.61
C ASP F 345 -65.11 -42.89 69.20
N ILE F 346 -65.27 -44.22 69.14
CA ILE F 346 -66.27 -44.94 69.95
C ILE F 346 -65.80 -44.98 71.41
N ASP F 347 -66.70 -44.62 72.32
CA ASP F 347 -66.49 -44.66 73.78
C ASP F 347 -67.39 -45.72 74.45
N TRP F 348 -67.30 -46.97 73.99
CA TRP F 348 -67.97 -48.12 74.59
C TRP F 348 -67.43 -48.40 76.01
N GLU F 349 -68.31 -48.48 77.01
CA GLU F 349 -67.96 -48.82 78.40
C GLU F 349 -68.77 -50.04 78.88
N TYR F 350 -68.22 -51.27 78.81
CA TYR F 350 -66.87 -51.68 78.36
C TYR F 350 -66.90 -52.95 77.46
N PRO F 351 -65.78 -53.27 76.78
CA PRO F 351 -65.57 -54.53 76.05
C PRO F 351 -65.75 -55.82 76.87
N GLY F 352 -65.54 -55.75 78.18
CA GLY F 352 -66.08 -56.71 79.16
C GLY F 352 -67.57 -56.46 79.42
N GLY F 353 -67.90 -55.80 80.53
CA GLY F 353 -69.26 -55.35 80.87
C GLY F 353 -69.33 -53.85 81.16
N GLY F 354 -68.62 -53.40 82.20
CA GLY F 354 -68.41 -51.98 82.52
C GLY F 354 -69.65 -51.24 83.02
N GLY F 355 -70.31 -50.53 82.09
CA GLY F 355 -71.25 -49.44 82.38
C GLY F 355 -72.63 -49.82 82.93
N ASP F 356 -73.57 -48.90 82.79
CA ASP F 356 -74.95 -49.03 83.28
C ASP F 356 -75.71 -50.22 82.64
N GLU F 357 -76.73 -50.75 83.33
CA GLU F 357 -77.57 -51.87 82.88
C GLU F 357 -78.38 -51.59 81.59
N GLY F 358 -78.48 -50.33 81.14
CA GLY F 358 -78.96 -49.97 79.79
C GLY F 358 -78.00 -50.35 78.67
N ASN F 359 -76.69 -50.42 78.95
CA ASN F 359 -75.67 -50.91 78.01
C ASN F 359 -75.81 -52.43 77.82
N ILE F 360 -75.34 -52.96 76.68
CA ILE F 360 -75.43 -54.38 76.33
C ILE F 360 -74.04 -54.87 75.87
N SER F 361 -73.63 -56.07 76.30
CA SER F 361 -72.39 -56.71 75.88
C SER F 361 -72.47 -58.23 76.00
N SER F 362 -72.10 -58.95 74.93
CA SER F 362 -71.63 -60.34 74.99
C SER F 362 -70.12 -60.37 75.14
N ASP F 363 -69.56 -61.43 75.73
CA ASP F 363 -68.10 -61.73 75.69
C ASP F 363 -67.50 -61.55 74.28
N LYS F 364 -68.18 -62.05 73.24
CA LYS F 364 -67.78 -61.93 71.82
C LYS F 364 -67.79 -60.49 71.27
N ASP F 365 -68.49 -59.54 71.89
CA ASP F 365 -68.45 -58.15 71.42
C ASP F 365 -67.06 -57.52 71.54
N GLY F 366 -66.24 -57.98 72.49
CA GLY F 366 -64.84 -57.57 72.63
C GLY F 366 -63.97 -57.93 71.41
N GLU F 367 -64.37 -58.93 70.62
CA GLU F 367 -63.86 -59.19 69.27
C GLU F 367 -64.67 -58.46 68.19
N ASN F 368 -66.02 -58.43 68.27
CA ASN F 368 -66.86 -57.76 67.26
C ASN F 368 -66.48 -56.28 67.05
N TYR F 369 -66.03 -55.61 68.12
CA TYR F 369 -65.50 -54.23 68.13
C TYR F 369 -64.23 -54.08 67.26
N VAL F 370 -63.36 -55.09 67.22
CA VAL F 370 -62.18 -55.15 66.35
C VAL F 370 -62.58 -55.26 64.88
N LEU F 371 -63.63 -56.04 64.57
CA LEU F 371 -64.21 -56.09 63.23
C LEU F 371 -64.85 -54.75 62.87
N LEU F 372 -65.71 -54.19 63.72
CA LEU F 372 -66.39 -52.91 63.49
C LEU F 372 -65.42 -51.77 63.14
N ILE F 373 -64.32 -51.64 63.90
CA ILE F 373 -63.32 -50.60 63.67
C ILE F 373 -62.45 -50.86 62.44
N LYS F 374 -62.11 -52.12 62.12
CA LYS F 374 -61.36 -52.47 60.90
C LYS F 374 -62.18 -52.24 59.64
N GLU F 375 -63.46 -52.61 59.66
CA GLU F 375 -64.40 -52.32 58.57
C GLU F 375 -64.55 -50.81 58.33
N LEU F 376 -64.72 -50.02 59.40
CA LEU F 376 -64.75 -48.56 59.30
C LEU F 376 -63.43 -47.99 58.79
N ARG F 377 -62.29 -48.40 59.36
CA ARG F 377 -60.95 -47.99 58.90
C ARG F 377 -60.75 -48.23 57.41
N SER F 378 -61.18 -49.39 56.91
CA SER F 378 -61.15 -49.77 55.49
C SER F 378 -62.05 -48.88 54.61
N ALA F 379 -63.29 -48.62 55.02
CA ALA F 379 -64.20 -47.74 54.29
C ALA F 379 -63.73 -46.27 54.26
N LEU F 380 -63.21 -45.77 55.38
CA LEU F 380 -62.66 -44.42 55.48
C LEU F 380 -61.34 -44.27 54.71
N ASP F 381 -60.45 -45.26 54.74
CA ASP F 381 -59.27 -45.32 53.86
C ASP F 381 -59.68 -45.29 52.37
N SER F 382 -60.73 -46.03 52.02
CA SER F 382 -61.26 -46.07 50.66
C SER F 382 -61.80 -44.71 50.21
N ARG F 383 -62.61 -44.04 51.05
CA ARG F 383 -63.26 -42.77 50.70
C ARG F 383 -62.36 -41.54 50.83
N PHE F 384 -61.49 -41.48 51.84
CA PHE F 384 -60.74 -40.27 52.23
C PHE F 384 -59.22 -40.42 52.10
N GLY F 385 -58.74 -41.54 51.54
CA GLY F 385 -57.33 -41.74 51.21
C GLY F 385 -56.43 -41.80 52.45
N TYR F 386 -55.23 -41.21 52.36
CA TYR F 386 -54.15 -41.32 53.36
C TYR F 386 -53.52 -39.97 53.74
N SER F 387 -53.28 -39.09 52.76
CA SER F 387 -52.66 -37.77 52.96
C SER F 387 -53.42 -36.85 53.93
N ASN F 388 -54.73 -37.07 54.10
CA ASN F 388 -55.59 -36.30 55.02
C ASN F 388 -56.63 -37.19 55.73
N ARG F 389 -56.27 -38.45 56.06
CA ARG F 389 -57.18 -39.42 56.68
C ARG F 389 -57.57 -39.09 58.13
N LYS F 390 -58.78 -39.52 58.54
CA LYS F 390 -59.35 -39.27 59.87
C LYS F 390 -58.89 -40.32 60.90
N GLU F 391 -58.42 -39.87 62.06
CA GLU F 391 -57.83 -40.74 63.09
C GLU F 391 -58.86 -41.55 63.89
N ILE F 392 -58.42 -42.68 64.45
CA ILE F 392 -59.19 -43.60 65.31
C ILE F 392 -58.40 -44.03 66.56
N SER F 393 -59.00 -43.85 67.74
CA SER F 393 -58.40 -44.15 69.06
C SER F 393 -59.41 -44.83 69.99
N ILE F 394 -58.95 -45.39 71.12
CA ILE F 394 -59.79 -46.11 72.09
C ILE F 394 -59.73 -45.55 73.49
N ALA F 395 -60.79 -45.78 74.28
CA ALA F 395 -60.89 -45.48 75.70
C ALA F 395 -60.66 -46.74 76.54
N CYS F 396 -59.43 -46.91 77.05
CA CYS F 396 -59.07 -48.08 77.85
C CYS F 396 -59.48 -47.89 79.32
N SER F 397 -59.84 -48.99 79.98
CA SER F 397 -59.94 -49.04 81.44
C SER F 397 -58.57 -48.95 82.10
N GLY F 398 -58.49 -48.27 83.24
CA GLY F 398 -57.32 -48.24 84.11
C GLY F 398 -57.24 -49.39 85.13
N VAL F 399 -58.20 -50.32 85.10
CA VAL F 399 -58.31 -51.49 86.00
C VAL F 399 -57.68 -52.71 85.35
N LYS F 400 -56.83 -53.43 86.09
CA LYS F 400 -55.89 -54.42 85.54
C LYS F 400 -56.60 -55.60 84.88
N ALA F 401 -57.69 -56.10 85.44
CA ALA F 401 -58.52 -57.11 84.77
C ALA F 401 -59.12 -56.60 83.44
N LYS F 402 -59.60 -55.36 83.42
CA LYS F 402 -60.40 -54.83 82.31
C LYS F 402 -59.55 -54.35 81.13
N LEU F 403 -58.31 -53.92 81.36
CA LEU F 403 -57.35 -53.69 80.28
C LEU F 403 -56.98 -54.99 79.51
N LYS F 404 -57.15 -56.18 80.12
CA LYS F 404 -57.13 -57.45 79.40
C LYS F 404 -58.34 -57.56 78.47
N LYS F 405 -59.55 -57.34 78.99
CA LYS F 405 -60.83 -57.44 78.26
C LYS F 405 -60.92 -56.40 77.12
N SER F 406 -60.25 -55.25 77.29
CA SER F 406 -60.07 -54.21 76.27
C SER F 406 -59.34 -54.69 74.99
N ASN F 407 -58.56 -55.79 75.07
CA ASN F 407 -58.06 -56.55 73.90
C ASN F 407 -57.17 -55.73 72.92
N ILE F 408 -56.37 -54.80 73.46
CA ILE F 408 -55.48 -53.92 72.71
C ILE F 408 -54.46 -54.71 71.86
N ASP F 409 -53.97 -55.82 72.39
CA ASP F 409 -53.01 -56.72 71.75
C ASP F 409 -53.56 -57.46 70.50
N GLN F 410 -54.84 -57.30 70.16
CA GLN F 410 -55.39 -57.60 68.83
C GLN F 410 -55.60 -56.32 67.99
N LEU F 411 -56.12 -55.26 68.59
CA LEU F 411 -56.37 -53.97 67.89
C LEU F 411 -55.10 -53.37 67.28
N VAL F 412 -53.97 -53.50 67.97
CA VAL F 412 -52.62 -53.10 67.52
C VAL F 412 -52.24 -53.68 66.14
N ALA F 413 -52.78 -54.85 65.79
CA ALA F 413 -52.59 -55.54 64.51
C ALA F 413 -53.73 -55.28 63.47
N ASN F 414 -54.85 -54.68 63.89
CA ASN F 414 -56.02 -54.41 63.05
C ASN F 414 -56.16 -52.91 62.67
N GLY F 415 -55.43 -52.01 63.36
CA GLY F 415 -55.35 -50.57 63.06
C GLY F 415 -55.94 -49.71 64.18
N LEU F 416 -55.06 -49.00 64.89
CA LEU F 416 -55.39 -48.17 66.04
C LEU F 416 -54.31 -47.09 66.24
N ASP F 417 -54.69 -45.81 66.21
CA ASP F 417 -53.72 -44.72 66.32
C ASP F 417 -53.23 -44.51 67.76
N ASN F 418 -54.15 -44.28 68.71
CA ASN F 418 -53.81 -43.95 70.10
C ASN F 418 -54.70 -44.68 71.12
N ILE F 419 -54.19 -44.79 72.35
CA ILE F 419 -54.75 -45.54 73.47
C ILE F 419 -54.93 -44.59 74.65
N TYR F 420 -56.17 -44.34 75.06
CA TYR F 420 -56.47 -43.36 76.10
C TYR F 420 -56.68 -44.05 77.45
N LEU F 421 -55.72 -43.88 78.34
CA LEU F 421 -55.76 -44.35 79.72
C LEU F 421 -56.70 -43.45 80.54
N MET F 422 -57.99 -43.78 80.59
CA MET F 422 -58.94 -43.17 81.55
C MET F 422 -58.84 -43.81 82.93
N SER F 423 -57.66 -43.73 83.56
CA SER F 423 -57.35 -44.23 84.90
C SER F 423 -57.89 -43.34 86.02
N TYR F 424 -59.20 -43.10 86.03
CA TYR F 424 -59.92 -42.34 87.06
C TYR F 424 -61.37 -42.85 87.26
N ASP F 425 -62.04 -42.37 88.31
CA ASP F 425 -63.19 -43.02 88.98
C ASP F 425 -62.81 -44.27 89.81
N PHE F 426 -61.60 -44.27 90.38
CA PHE F 426 -61.15 -45.21 91.41
C PHE F 426 -61.78 -44.93 92.80
N PHE F 427 -62.41 -43.76 92.97
CA PHE F 427 -63.36 -43.47 94.05
C PHE F 427 -64.55 -42.66 93.55
N GLY F 428 -65.65 -42.75 94.28
CA GLY F 428 -66.88 -41.97 94.11
C GLY F 428 -67.70 -42.01 95.40
N THR F 429 -68.49 -40.95 95.62
CA THR F 429 -69.02 -40.59 96.95
C THR F 429 -69.80 -41.69 97.67
N ILE F 430 -70.57 -42.50 96.92
CA ILE F 430 -71.59 -43.43 97.46
C ILE F 430 -71.20 -44.91 97.38
N TRP F 431 -70.50 -45.36 96.33
CA TRP F 431 -70.42 -46.79 95.97
C TRP F 431 -69.26 -47.58 96.63
N ALA F 432 -68.30 -46.92 97.27
CA ALA F 432 -67.26 -47.59 98.06
C ALA F 432 -67.59 -47.59 99.56
N ASP F 433 -67.28 -48.65 100.32
CA ASP F 433 -67.64 -48.77 101.75
C ASP F 433 -66.89 -47.81 102.70
N TYR F 434 -65.83 -47.18 102.19
CA TYR F 434 -64.87 -46.32 102.90
C TYR F 434 -64.52 -45.11 102.04
N ILE F 435 -64.01 -44.04 102.66
CA ILE F 435 -63.47 -42.88 101.94
C ILE F 435 -62.22 -43.26 101.12
N GLY F 436 -61.97 -42.54 100.03
CA GLY F 436 -60.91 -42.83 99.06
C GLY F 436 -60.66 -41.69 98.08
N HIS F 437 -59.95 -41.99 96.98
CA HIS F 437 -59.35 -41.00 96.06
C HIS F 437 -59.64 -41.30 94.58
N HIS F 438 -60.06 -40.30 93.79
CA HIS F 438 -60.56 -40.49 92.40
C HIS F 438 -59.57 -41.21 91.45
N THR F 439 -58.28 -40.96 91.66
CA THR F 439 -57.10 -41.73 91.26
C THR F 439 -55.90 -41.16 92.03
N ASN F 440 -54.66 -41.58 91.74
CA ASN F 440 -53.41 -40.90 92.16
C ASN F 440 -52.19 -41.49 91.41
N LEU F 441 -51.03 -40.82 91.49
CA LEU F 441 -49.78 -41.31 90.90
C LEU F 441 -49.25 -42.62 91.50
N TYR F 442 -49.49 -42.94 92.78
CA TYR F 442 -48.77 -44.01 93.51
C TYR F 442 -49.62 -44.70 94.61
N SER F 443 -50.07 -45.93 94.36
CA SER F 443 -50.86 -46.74 95.32
C SER F 443 -50.20 -46.83 96.71
N PRO F 444 -50.97 -46.88 97.82
CA PRO F 444 -50.41 -46.94 99.18
C PRO F 444 -49.56 -48.19 99.41
N LYS F 445 -50.03 -49.34 98.92
CA LYS F 445 -49.26 -50.57 98.60
C LYS F 445 -50.12 -51.51 97.74
N ASP F 446 -51.39 -51.63 98.13
CA ASP F 446 -52.34 -52.64 97.67
C ASP F 446 -53.78 -52.08 97.53
N PRO F 447 -54.63 -52.64 96.65
CA PRO F 447 -55.99 -52.16 96.34
C PRO F 447 -57.05 -52.47 97.43
N GLY F 448 -56.66 -52.37 98.72
CA GLY F 448 -57.49 -52.67 99.89
C GLY F 448 -58.22 -54.01 99.80
N GLU F 449 -59.55 -53.99 99.97
CA GLU F 449 -60.46 -55.14 99.85
C GLU F 449 -60.63 -55.68 98.41
N GLN F 450 -59.60 -55.57 97.56
CA GLN F 450 -59.64 -55.78 96.10
C GLN F 450 -60.69 -54.88 95.42
N GLU F 451 -60.85 -53.67 95.93
CA GLU F 451 -61.81 -52.66 95.47
C GLU F 451 -61.25 -51.81 94.30
N LEU F 452 -62.02 -50.82 93.84
CA LEU F 452 -61.50 -49.72 93.01
C LEU F 452 -60.59 -48.74 93.79
N PHE F 453 -60.81 -48.52 95.10
CA PHE F 453 -59.93 -47.63 95.87
C PHE F 453 -58.54 -48.23 96.09
N ASP F 454 -57.58 -47.37 96.48
CA ASP F 454 -56.16 -47.70 96.67
C ASP F 454 -55.42 -48.20 95.39
N LEU F 455 -56.04 -48.02 94.22
CA LEU F 455 -55.40 -48.06 92.89
C LEU F 455 -54.57 -46.79 92.61
N SER F 456 -53.90 -46.77 91.46
CA SER F 456 -53.07 -45.65 90.97
C SER F 456 -52.67 -45.82 89.50
N ALA F 457 -52.28 -44.71 88.88
CA ALA F 457 -51.80 -44.66 87.50
C ALA F 457 -50.47 -45.39 87.28
N GLU F 458 -49.66 -45.60 88.34
CA GLU F 458 -48.44 -46.40 88.29
C GLU F 458 -48.71 -47.85 87.83
N ALA F 459 -49.85 -48.43 88.23
CA ALA F 459 -50.16 -49.85 88.01
C ALA F 459 -50.30 -50.24 86.53
N ALA F 460 -51.04 -49.46 85.74
CA ALA F 460 -51.44 -49.85 84.38
C ALA F 460 -50.29 -49.91 83.38
N ILE F 461 -49.52 -48.83 83.25
CA ILE F 461 -48.46 -48.71 82.22
C ILE F 461 -47.37 -49.78 82.33
N ASP F 462 -47.09 -50.24 83.56
CA ASP F 462 -46.13 -51.32 83.83
C ASP F 462 -46.53 -52.62 83.10
N TYR F 463 -47.83 -52.91 83.01
CA TYR F 463 -48.36 -54.03 82.23
C TYR F 463 -48.49 -53.69 80.74
N LEU F 464 -49.10 -52.54 80.42
CA LEU F 464 -49.42 -52.15 79.04
C LEU F 464 -48.16 -52.06 78.16
N HIS F 465 -47.10 -51.38 78.61
CA HIS F 465 -45.87 -51.23 77.83
C HIS F 465 -45.09 -52.54 77.61
N ASN F 466 -45.33 -53.57 78.43
CA ASN F 466 -44.45 -54.74 78.53
C ASN F 466 -45.16 -56.07 78.22
N GLU F 467 -46.28 -56.35 78.88
CA GLU F 467 -47.08 -57.56 78.66
C GLU F 467 -48.05 -57.38 77.47
N LEU F 468 -48.49 -56.16 77.17
CA LEU F 468 -49.14 -55.83 75.89
C LEU F 468 -48.18 -55.17 74.87
N GLY F 469 -46.99 -54.73 75.29
CA GLY F 469 -45.92 -54.24 74.40
C GLY F 469 -46.10 -52.83 73.81
N ILE F 470 -47.04 -52.05 74.35
CA ILE F 470 -47.55 -50.80 73.73
C ILE F 470 -46.51 -49.65 73.74
N PRO F 471 -46.33 -48.88 72.65
CA PRO F 471 -45.54 -47.65 72.67
C PRO F 471 -46.17 -46.57 73.55
N MET F 472 -45.40 -45.95 74.45
CA MET F 472 -45.90 -44.83 75.27
C MET F 472 -46.42 -43.68 74.40
N GLU F 473 -45.90 -43.52 73.19
CA GLU F 473 -46.34 -42.48 72.24
C GLU F 473 -47.75 -42.72 71.66
N LYS F 474 -48.33 -43.92 71.81
CA LYS F 474 -49.77 -44.17 71.62
C LYS F 474 -50.59 -43.85 72.87
N ILE F 475 -50.02 -44.12 74.04
CA ILE F 475 -50.69 -43.97 75.33
C ILE F 475 -50.86 -42.48 75.65
N HIS F 476 -52.07 -42.10 76.05
CA HIS F 476 -52.37 -40.76 76.57
C HIS F 476 -53.02 -40.87 77.95
N LEU F 477 -52.63 -39.99 78.88
CA LEU F 477 -53.09 -40.00 80.27
C LEU F 477 -54.28 -39.06 80.50
N GLY F 478 -55.43 -39.63 80.83
CA GLY F 478 -56.63 -38.89 81.22
C GLY F 478 -56.67 -38.53 82.71
N TYR F 479 -57.21 -37.35 83.00
CA TYR F 479 -57.40 -36.85 84.37
C TYR F 479 -58.65 -35.97 84.49
N ALA F 480 -59.30 -36.00 85.64
CA ALA F 480 -60.44 -35.14 85.99
C ALA F 480 -60.00 -33.73 86.42
N ASN F 481 -60.85 -32.72 86.24
CA ASN F 481 -60.59 -31.34 86.67
C ASN F 481 -61.40 -30.93 87.93
N TYR F 482 -61.77 -31.90 88.77
CA TYR F 482 -62.68 -31.73 89.91
C TYR F 482 -62.26 -32.62 91.10
N GLY F 483 -62.92 -32.45 92.25
CA GLY F 483 -62.78 -33.29 93.44
C GLY F 483 -63.88 -34.35 93.59
N ARG F 484 -63.74 -35.20 94.61
CA ARG F 484 -64.74 -36.20 95.05
C ARG F 484 -64.92 -36.14 96.57
N SER F 485 -66.16 -35.93 97.01
CA SER F 485 -66.51 -35.74 98.41
C SER F 485 -66.99 -37.00 99.12
N ALA F 486 -66.88 -37.02 100.46
CA ALA F 486 -67.44 -38.01 101.37
C ALA F 486 -67.75 -37.38 102.75
N VAL F 487 -68.40 -38.13 103.65
CA VAL F 487 -68.92 -37.62 104.93
C VAL F 487 -68.91 -38.70 106.03
N GLY F 488 -68.83 -38.28 107.30
CA GLY F 488 -68.63 -39.18 108.44
C GLY F 488 -67.22 -39.77 108.56
N GLY F 489 -66.26 -39.23 107.79
CA GLY F 489 -64.90 -39.76 107.66
C GLY F 489 -64.09 -39.70 108.97
N ASP F 490 -63.30 -40.74 109.19
CA ASP F 490 -62.16 -40.76 110.11
C ASP F 490 -60.91 -41.24 109.37
N LEU F 491 -59.76 -40.64 109.64
CA LEU F 491 -58.55 -40.82 108.83
C LEU F 491 -57.76 -42.09 109.21
N THR F 492 -57.94 -42.57 110.43
CA THR F 492 -57.33 -43.80 110.98
C THR F 492 -58.10 -45.08 110.66
N THR F 493 -59.35 -44.98 110.15
CA THR F 493 -60.23 -46.13 109.87
C THR F 493 -61.05 -46.03 108.58
N ARG F 494 -61.08 -44.87 107.90
CA ARG F 494 -61.75 -44.60 106.62
C ARG F 494 -63.26 -44.91 106.54
N GLN F 495 -63.90 -45.28 107.65
CA GLN F 495 -65.34 -45.53 107.73
C GLN F 495 -66.11 -44.27 107.26
N TYR F 496 -67.22 -44.51 106.55
CA TYR F 496 -68.02 -43.52 105.84
C TYR F 496 -69.50 -43.66 106.23
N THR F 497 -70.26 -42.57 106.27
CA THR F 497 -71.73 -42.61 106.42
C THR F 497 -72.35 -43.25 105.18
N LYS F 498 -72.74 -44.53 105.29
CA LYS F 498 -72.98 -45.50 104.20
C LYS F 498 -73.86 -45.04 103.03
N ASN F 499 -74.76 -44.08 103.24
CA ASN F 499 -75.63 -43.51 102.21
C ASN F 499 -75.74 -41.97 102.28
N GLY F 500 -74.66 -41.28 102.67
CA GLY F 500 -74.58 -39.82 102.72
C GLY F 500 -74.06 -39.19 101.41
N PRO F 501 -74.89 -38.47 100.62
CA PRO F 501 -74.49 -37.85 99.35
C PRO F 501 -73.80 -36.49 99.58
N ALA F 502 -72.52 -36.53 99.98
CA ALA F 502 -71.73 -35.36 100.37
C ALA F 502 -71.66 -34.25 99.30
N LEU F 503 -71.38 -33.01 99.74
CA LEU F 503 -71.45 -31.80 98.92
C LEU F 503 -70.62 -31.89 97.63
N GLY F 504 -71.17 -31.28 96.58
CA GLY F 504 -70.44 -30.89 95.38
C GLY F 504 -71.14 -29.76 94.62
N THR F 505 -70.63 -29.41 93.44
CA THR F 505 -71.26 -28.46 92.51
C THR F 505 -72.42 -29.12 91.77
N MET F 506 -73.21 -28.34 91.04
CA MET F 506 -74.32 -28.83 90.20
C MET F 506 -75.35 -29.60 91.04
N GLU F 507 -75.62 -30.87 90.76
CA GLU F 507 -76.73 -31.63 91.35
C GLU F 507 -76.44 -33.15 91.35
N ASN F 508 -76.18 -33.73 92.53
CA ASN F 508 -75.62 -35.09 92.74
C ASN F 508 -74.25 -35.33 92.06
N GLY F 509 -73.49 -34.26 91.79
CA GLY F 509 -72.18 -34.28 91.14
C GLY F 509 -71.03 -33.71 91.99
N ALA F 510 -69.80 -33.85 91.48
CA ALA F 510 -68.53 -33.46 92.10
C ALA F 510 -68.37 -31.95 92.44
N PRO F 511 -67.66 -31.59 93.54
CA PRO F 511 -67.17 -30.22 93.78
C PRO F 511 -66.00 -29.85 92.85
N GLU F 512 -66.02 -28.65 92.25
CA GLU F 512 -64.87 -28.11 91.50
C GLU F 512 -63.91 -27.29 92.36
N PHE F 513 -62.64 -27.24 91.94
CA PHE F 513 -61.55 -26.59 92.69
C PHE F 513 -61.73 -25.08 92.92
N PHE F 514 -62.36 -24.35 91.99
CA PHE F 514 -62.55 -22.90 92.15
C PHE F 514 -63.46 -22.57 93.35
N ASP F 515 -64.56 -23.30 93.54
CA ASP F 515 -65.51 -23.20 94.67
C ASP F 515 -64.89 -23.76 95.98
N ILE F 516 -63.88 -24.62 95.86
CA ILE F 516 -63.05 -25.12 96.97
C ILE F 516 -62.06 -24.06 97.46
N VAL F 517 -61.32 -23.39 96.56
CA VAL F 517 -60.43 -22.27 96.91
C VAL F 517 -61.22 -21.06 97.43
N LYS F 518 -62.44 -20.85 96.92
CA LYS F 518 -63.35 -19.79 97.40
C LYS F 518 -63.78 -19.95 98.86
N ASN F 519 -63.72 -21.16 99.43
CA ASN F 519 -64.34 -21.47 100.72
C ASN F 519 -63.45 -22.25 101.71
N TYR F 520 -62.75 -23.30 101.24
CA TYR F 520 -62.04 -24.27 102.08
C TYR F 520 -60.52 -24.13 102.10
N MET F 521 -59.88 -23.58 101.06
CA MET F 521 -58.45 -23.84 100.82
C MET F 521 -57.61 -22.60 100.46
N ASP F 522 -56.40 -22.51 101.03
CA ASP F 522 -55.40 -21.44 100.79
C ASP F 522 -54.72 -21.57 99.41
N ALA F 523 -54.77 -20.48 98.65
CA ALA F 523 -54.06 -20.24 97.39
C ALA F 523 -53.40 -18.84 97.41
N GLU F 524 -53.12 -18.31 98.61
CA GLU F 524 -52.87 -16.90 98.89
C GLU F 524 -51.62 -16.60 99.74
N HIS F 525 -51.27 -17.41 100.76
CA HIS F 525 -50.34 -17.00 101.84
C HIS F 525 -49.27 -18.05 102.21
N SER F 526 -48.41 -18.42 101.25
CA SER F 526 -47.13 -19.14 101.42
C SER F 526 -47.13 -20.51 102.13
N LEU F 527 -48.28 -21.17 102.26
CA LEU F 527 -48.42 -22.54 102.78
C LEU F 527 -49.68 -23.22 102.22
N SER F 528 -49.55 -24.46 101.75
CA SER F 528 -50.67 -25.33 101.36
C SER F 528 -51.44 -25.82 102.59
N MET F 529 -52.59 -25.20 102.88
CA MET F 529 -53.44 -25.48 104.04
C MET F 529 -54.92 -25.12 103.79
N GLY F 530 -55.80 -25.53 104.70
CA GLY F 530 -57.22 -25.12 104.70
C GLY F 530 -57.48 -23.76 105.37
N LYS F 531 -58.69 -23.23 105.21
CA LYS F 531 -59.20 -21.96 105.78
C LYS F 531 -60.70 -22.05 106.08
N ASN F 532 -61.22 -21.10 106.86
CA ASN F 532 -62.60 -21.09 107.40
C ASN F 532 -62.95 -22.35 108.22
N GLY F 533 -61.95 -23.09 108.73
CA GLY F 533 -62.12 -24.31 109.53
C GLY F 533 -61.87 -25.65 108.81
N PHE F 534 -61.64 -25.66 107.49
CA PHE F 534 -61.14 -26.85 106.80
C PHE F 534 -59.64 -27.10 107.06
N VAL F 535 -59.17 -28.32 106.86
CA VAL F 535 -57.74 -28.73 106.87
C VAL F 535 -57.35 -29.42 105.55
N LEU F 536 -56.06 -29.45 105.23
CA LEU F 536 -55.50 -30.10 104.02
C LEU F 536 -54.44 -31.15 104.40
N MET F 537 -54.73 -32.39 104.06
CA MET F 537 -54.01 -33.60 104.44
C MET F 537 -53.18 -34.15 103.27
N THR F 538 -52.14 -34.93 103.59
CA THR F 538 -51.28 -35.65 102.63
C THR F 538 -51.04 -37.06 103.17
N ASP F 539 -51.40 -38.10 102.42
CA ASP F 539 -51.30 -39.49 102.89
C ASP F 539 -49.84 -39.98 102.90
N THR F 540 -49.28 -40.36 104.05
CA THR F 540 -47.89 -40.90 104.12
C THR F 540 -47.68 -42.23 103.38
N ASN F 541 -48.75 -42.93 103.01
CA ASN F 541 -48.71 -44.17 102.23
C ASN F 541 -48.66 -43.92 100.70
N ALA F 542 -49.67 -43.24 100.15
CA ALA F 542 -49.81 -42.96 98.71
C ALA F 542 -49.19 -41.63 98.25
N ASP F 543 -49.00 -40.67 99.16
CA ASP F 543 -48.51 -39.28 98.95
C ASP F 543 -49.45 -38.32 98.19
N ALA F 544 -50.71 -38.72 97.94
CA ALA F 544 -51.79 -37.85 97.46
C ALA F 544 -52.29 -36.86 98.55
N ASP F 545 -52.92 -35.74 98.17
CA ASP F 545 -53.56 -34.78 99.10
C ASP F 545 -55.09 -34.90 99.15
N PHE F 546 -55.72 -34.53 100.27
CA PHE F 546 -57.19 -34.42 100.41
C PHE F 546 -57.58 -33.40 101.47
N LEU F 547 -58.70 -32.70 101.30
CA LEU F 547 -59.28 -31.82 102.31
C LEU F 547 -60.12 -32.58 103.33
N PHE F 548 -60.12 -32.12 104.56
CA PHE F 548 -60.91 -32.71 105.65
C PHE F 548 -61.41 -31.66 106.64
N SER F 549 -62.43 -32.00 107.44
CA SER F 549 -63.12 -31.10 108.38
C SER F 549 -63.55 -31.84 109.67
N GLU F 550 -63.47 -31.14 110.81
CA GLU F 550 -63.56 -31.73 112.16
C GLU F 550 -64.93 -31.57 112.86
N ALA F 551 -65.99 -31.29 112.10
CA ALA F 551 -67.38 -31.56 112.50
C ALA F 551 -67.67 -33.09 112.49
N LYS F 552 -68.81 -33.53 111.93
CA LYS F 552 -69.15 -34.97 111.78
C LYS F 552 -68.12 -35.75 110.95
N GLY F 553 -67.59 -35.13 109.88
CA GLY F 553 -66.40 -35.62 109.14
C GLY F 553 -66.42 -35.40 107.64
N HIS F 554 -66.62 -34.16 107.16
CA HIS F 554 -66.59 -33.84 105.72
C HIS F 554 -65.19 -34.05 105.13
N PHE F 555 -65.11 -34.75 104.01
CA PHE F 555 -63.89 -35.16 103.32
C PHE F 555 -64.00 -34.81 101.84
N ILE F 556 -62.94 -34.29 101.22
CA ILE F 556 -62.88 -34.04 99.77
C ILE F 556 -61.50 -34.45 99.24
N SER F 557 -61.48 -35.53 98.47
CA SER F 557 -60.41 -35.87 97.53
C SER F 557 -60.33 -34.80 96.43
N LEU F 558 -59.14 -34.26 96.15
CA LEU F 558 -58.92 -33.21 95.14
C LEU F 558 -57.46 -33.17 94.60
N ASP F 559 -57.29 -32.66 93.38
CA ASP F 559 -55.97 -32.29 92.82
C ASP F 559 -55.53 -30.88 93.27
N THR F 560 -54.24 -30.59 93.10
CA THR F 560 -53.60 -29.34 93.55
C THR F 560 -52.62 -28.82 92.51
N PRO F 561 -52.23 -27.53 92.57
CA PRO F 561 -51.16 -27.00 91.73
C PRO F 561 -49.85 -27.80 91.87
N ARG F 562 -49.55 -28.29 93.09
CA ARG F 562 -48.38 -29.14 93.39
C ARG F 562 -48.39 -30.44 92.59
N THR F 563 -49.48 -31.20 92.70
CA THR F 563 -49.59 -32.50 92.05
C THR F 563 -49.67 -32.34 90.55
N VAL F 564 -50.36 -31.33 90.01
CA VAL F 564 -50.40 -31.10 88.56
C VAL F 564 -49.04 -30.66 88.01
N LYS F 565 -48.32 -29.78 88.73
CA LYS F 565 -46.91 -29.41 88.42
C LYS F 565 -46.01 -30.65 88.37
N GLN F 566 -46.28 -31.65 89.21
CA GLN F 566 -45.59 -32.94 89.21
C GLN F 566 -46.05 -33.88 88.07
N LYS F 567 -47.36 -34.12 87.90
CA LYS F 567 -47.95 -34.99 86.87
C LYS F 567 -47.49 -34.65 85.45
N GLY F 568 -47.31 -33.36 85.15
CA GLY F 568 -46.78 -32.91 83.85
C GLY F 568 -45.31 -33.27 83.63
N GLU F 569 -44.45 -33.07 84.64
CA GLU F 569 -43.03 -33.45 84.59
C GLU F 569 -42.86 -34.98 84.58
N TYR F 570 -43.71 -35.70 85.31
CA TYR F 570 -43.84 -37.15 85.24
C TYR F 570 -44.21 -37.61 83.82
N ALA F 571 -45.31 -37.10 83.26
CA ALA F 571 -45.81 -37.47 81.93
C ALA F 571 -44.80 -37.19 80.80
N ALA F 572 -44.08 -36.07 80.89
CA ALA F 572 -42.97 -35.76 79.98
C ALA F 572 -41.88 -36.85 80.02
N LYS F 573 -41.42 -37.24 81.21
CA LYS F 573 -40.40 -38.30 81.37
C LYS F 573 -40.94 -39.70 81.05
N ASN F 574 -42.24 -39.93 81.24
CA ASN F 574 -42.93 -41.19 80.95
C ASN F 574 -43.49 -41.28 79.51
N LYS F 575 -42.98 -40.40 78.62
CA LYS F 575 -42.90 -40.61 77.16
C LYS F 575 -44.24 -40.70 76.42
N LEU F 576 -45.31 -40.26 77.07
CA LEU F 576 -46.69 -40.30 76.57
C LEU F 576 -46.87 -39.56 75.24
N GLY F 577 -47.84 -40.04 74.46
CA GLY F 577 -48.37 -39.30 73.31
C GLY F 577 -49.08 -38.00 73.74
N GLY F 578 -49.66 -37.99 74.95
CA GLY F 578 -50.30 -36.81 75.53
C GLY F 578 -50.96 -36.99 76.88
N VAL F 579 -51.65 -35.93 77.30
CA VAL F 579 -52.43 -35.86 78.54
C VAL F 579 -53.75 -35.12 78.28
N PHE F 580 -54.85 -35.53 78.92
CA PHE F 580 -56.17 -34.96 78.62
C PHE F 580 -57.06 -34.66 79.84
N SER F 581 -57.58 -33.43 79.82
CA SER F 581 -58.60 -32.89 80.71
C SER F 581 -60.02 -33.40 80.44
N TRP F 582 -60.84 -33.36 81.49
CA TRP F 582 -62.25 -33.73 81.51
C TRP F 582 -63.00 -32.92 82.60
N SER F 583 -63.95 -32.03 82.27
CA SER F 583 -64.30 -31.43 80.97
C SER F 583 -63.80 -29.97 80.93
N GLY F 584 -63.39 -29.47 79.75
CA GLY F 584 -62.61 -28.22 79.61
C GLY F 584 -63.30 -26.92 80.06
N ASP F 585 -64.60 -26.95 80.33
CA ASP F 585 -65.42 -25.83 80.84
C ASP F 585 -65.29 -25.58 82.36
N GLN F 586 -64.50 -26.42 83.05
CA GLN F 586 -64.41 -26.50 84.52
C GLN F 586 -63.18 -25.82 85.14
N ASP F 587 -62.32 -25.17 84.36
CA ASP F 587 -61.14 -24.47 84.88
C ASP F 587 -60.93 -23.07 84.24
N CYS F 588 -61.09 -22.03 85.07
CA CYS F 588 -60.79 -20.63 84.79
C CYS F 588 -59.30 -20.28 84.83
N GLY F 589 -58.44 -21.27 85.13
CA GLY F 589 -56.98 -21.22 84.90
C GLY F 589 -56.14 -21.73 86.07
N LEU F 590 -56.73 -22.31 87.12
CA LEU F 590 -56.05 -22.70 88.36
C LEU F 590 -55.05 -23.86 88.14
N LEU F 591 -55.49 -24.95 87.50
CA LEU F 591 -54.68 -26.14 87.23
C LEU F 591 -54.19 -26.18 85.77
N ALA F 592 -54.87 -25.52 84.83
CA ALA F 592 -54.45 -25.44 83.43
C ALA F 592 -53.17 -24.61 83.20
N ASN F 593 -52.99 -23.50 83.95
CA ASN F 593 -51.69 -22.83 84.04
C ASN F 593 -50.63 -23.84 84.55
N ALA F 594 -50.93 -24.54 85.65
CA ALA F 594 -50.01 -25.50 86.26
C ALA F 594 -49.66 -26.67 85.32
N ALA F 595 -50.55 -27.06 84.40
CA ALA F 595 -50.27 -28.05 83.36
C ALA F 595 -49.22 -27.57 82.34
N ARG F 596 -49.34 -26.35 81.78
CA ARG F 596 -48.32 -25.80 80.87
C ARG F 596 -46.97 -25.64 81.58
N GLU F 597 -47.01 -25.14 82.82
CA GLU F 597 -45.87 -25.02 83.72
C GLU F 597 -45.29 -26.39 84.16
N GLY F 598 -46.11 -27.45 84.17
CA GLY F 598 -45.71 -28.83 84.48
C GLY F 598 -45.06 -29.51 83.27
N LEU F 599 -45.61 -29.32 82.07
CA LEU F 599 -45.02 -29.86 80.84
C LEU F 599 -43.77 -29.08 80.39
N GLY F 600 -43.54 -27.86 80.87
CA GLY F 600 -42.32 -27.07 80.60
C GLY F 600 -42.44 -26.07 79.44
N TYR F 601 -43.66 -25.60 79.15
CA TYR F 601 -43.87 -24.39 78.35
C TYR F 601 -43.46 -23.15 79.17
N VAL F 602 -42.80 -22.17 78.55
CA VAL F 602 -42.16 -21.04 79.27
C VAL F 602 -42.14 -19.73 78.48
N ALA F 603 -41.92 -18.63 79.20
CA ALA F 603 -41.58 -17.29 78.72
C ALA F 603 -40.75 -16.55 79.80
N ASP F 604 -39.82 -15.67 79.41
CA ASP F 604 -38.84 -15.07 80.34
C ASP F 604 -39.48 -14.11 81.34
N GLU F 608 -46.85 -12.58 84.69
CA GLU F 608 -47.82 -13.63 85.03
C GLU F 608 -48.99 -13.10 85.85
N THR F 609 -50.18 -13.69 85.70
CA THR F 609 -51.35 -13.34 86.52
C THR F 609 -51.21 -13.76 88.00
N ILE F 610 -50.59 -14.91 88.30
CA ILE F 610 -50.33 -15.41 89.67
C ILE F 610 -49.17 -16.42 89.68
N ASP F 611 -48.48 -16.63 90.80
CA ASP F 611 -47.38 -17.60 90.94
C ASP F 611 -47.34 -18.28 92.32
N MET F 612 -46.82 -19.51 92.38
CA MET F 612 -47.23 -20.52 93.37
C MET F 612 -46.07 -21.27 94.07
N GLY F 613 -44.82 -20.76 94.06
CA GLY F 613 -43.65 -21.49 94.58
C GLY F 613 -43.81 -22.02 96.02
N PRO F 614 -43.96 -21.13 97.03
CA PRO F 614 -44.37 -21.49 98.40
C PRO F 614 -45.82 -21.98 98.57
N LEU F 615 -46.51 -22.30 97.46
CA LEU F 615 -47.82 -22.98 97.41
C LEU F 615 -47.74 -24.33 96.65
N TYR F 616 -46.52 -24.81 96.38
CA TYR F 616 -46.19 -26.18 95.96
C TYR F 616 -45.66 -27.06 97.11
N ASN F 617 -45.55 -26.55 98.34
CA ASN F 617 -45.27 -27.39 99.52
C ASN F 617 -46.48 -28.32 99.86
N PRO F 618 -46.27 -29.47 100.53
CA PRO F 618 -47.34 -30.45 100.84
C PRO F 618 -48.18 -30.10 102.09
N GLY F 619 -49.23 -30.90 102.36
CA GLY F 619 -50.12 -30.79 103.52
C GLY F 619 -49.73 -31.65 104.73
N LYS F 620 -50.66 -31.82 105.68
CA LYS F 620 -50.42 -32.55 106.95
C LYS F 620 -50.25 -34.06 106.72
N GLU F 621 -49.10 -34.60 107.13
CA GLU F 621 -48.62 -35.95 106.84
C GLU F 621 -49.36 -37.06 107.64
N ILE F 622 -50.62 -37.34 107.28
CA ILE F 622 -51.49 -38.33 107.92
C ILE F 622 -51.26 -39.77 107.42
N TYR F 623 -51.34 -40.74 108.33
CA TYR F 623 -51.30 -42.17 108.06
C TYR F 623 -52.68 -42.74 107.64
N LEU F 624 -53.15 -42.31 106.46
CA LEU F 624 -54.37 -42.84 105.81
C LEU F 624 -54.12 -44.25 105.23
N LYS F 625 -54.20 -45.24 106.11
CA LYS F 625 -53.98 -46.68 105.88
C LYS F 625 -54.78 -47.24 104.69
N SER F 626 -54.22 -48.16 103.90
CA SER F 626 -55.08 -48.97 103.00
C SER F 626 -56.08 -49.79 103.84
N ILE F 627 -57.19 -50.26 103.27
CA ILE F 627 -58.13 -51.05 104.11
C ILE F 627 -57.47 -52.34 104.66
N SER F 628 -56.49 -52.91 103.95
CA SER F 628 -55.65 -54.02 104.45
C SER F 628 -54.87 -53.65 105.72
N GLU F 629 -54.41 -52.39 105.80
CA GLU F 629 -53.74 -51.78 106.96
C GLU F 629 -54.72 -51.30 108.06
N ILE F 630 -56.03 -51.31 107.80
CA ILE F 630 -57.12 -51.16 108.78
C ILE F 630 -57.60 -52.52 109.30
N LYS F 631 -57.62 -53.56 108.44
CA LYS F 631 -57.87 -54.96 108.84
C LYS F 631 -56.73 -55.56 109.66
N SER F 632 -55.48 -55.17 109.40
CA SER F 632 -54.28 -55.71 110.11
C SER F 632 -54.34 -55.42 111.62
N TYR G 45 -42.64 82.18 36.55
CA TYR G 45 -42.15 81.31 37.63
C TYR G 45 -40.89 80.53 37.25
N SER G 46 -40.67 80.24 35.96
CA SER G 46 -39.68 79.26 35.47
C SER G 46 -38.25 79.50 35.93
N GLN G 47 -37.87 80.77 36.14
CA GLN G 47 -36.54 81.15 36.63
C GLN G 47 -36.25 80.61 38.05
N SER G 48 -37.28 80.33 38.87
CA SER G 48 -37.11 79.67 40.18
C SER G 48 -36.53 78.25 40.06
N LEU G 49 -36.68 77.61 38.90
CA LEU G 49 -36.06 76.33 38.60
C LEU G 49 -34.62 76.58 38.13
N ALA G 50 -34.44 77.43 37.11
CA ALA G 50 -33.14 77.75 36.50
C ALA G 50 -32.12 78.41 37.46
N ASP G 51 -32.54 78.96 38.61
CA ASP G 51 -31.64 79.41 39.68
C ASP G 51 -30.89 78.24 40.36
N THR G 52 -31.51 77.07 40.54
CA THR G 52 -31.01 75.99 41.41
C THR G 52 -30.86 74.63 40.71
N LEU G 53 -31.72 74.33 39.74
CA LEU G 53 -31.50 73.24 38.79
C LEU G 53 -30.17 73.47 38.06
N LEU G 54 -29.94 74.70 37.58
CA LEU G 54 -28.69 75.12 36.94
C LEU G 54 -27.65 75.64 37.95
N GLY G 55 -28.07 75.95 39.18
CA GLY G 55 -27.17 76.37 40.25
C GLY G 55 -26.31 75.23 40.80
N LEU G 56 -26.89 74.03 40.94
CA LEU G 56 -26.22 72.86 41.50
C LEU G 56 -26.68 71.54 40.88
N GLY G 57 -28.00 71.33 40.68
CA GLY G 57 -28.59 70.01 40.43
C GLY G 57 -28.07 69.29 39.18
N TYR G 58 -28.09 70.01 38.04
CA TYR G 58 -27.51 69.61 36.75
C TYR G 58 -26.75 70.79 36.14
N ARG G 59 -25.58 70.54 35.55
CA ARG G 59 -24.83 71.57 34.79
C ARG G 59 -25.66 72.17 33.66
N SER G 60 -26.36 71.31 32.92
CA SER G 60 -27.16 71.64 31.73
C SER G 60 -28.22 70.57 31.47
N ILE G 61 -29.22 70.89 30.65
CA ILE G 61 -30.25 69.94 30.20
C ILE G 61 -29.62 68.79 29.39
N PHE G 62 -28.48 69.00 28.74
CA PHE G 62 -27.77 67.97 27.95
C PHE G 62 -27.26 66.82 28.84
N ASP G 63 -26.94 67.11 30.11
CA ASP G 63 -26.52 66.11 31.09
C ASP G 63 -27.69 65.26 31.62
N ILE G 64 -28.95 65.61 31.34
CA ILE G 64 -30.11 64.75 31.60
C ILE G 64 -30.09 63.50 30.70
N ALA G 65 -29.22 63.44 29.67
CA ALA G 65 -28.91 62.20 28.93
C ALA G 65 -28.45 61.03 29.83
N LYS G 66 -27.99 61.31 31.07
CA LYS G 66 -27.70 60.30 32.10
C LYS G 66 -28.91 59.42 32.47
N VAL G 67 -30.10 60.01 32.57
CA VAL G 67 -31.17 59.50 33.44
C VAL G 67 -32.00 58.34 32.89
N SER G 68 -32.72 57.70 33.80
CA SER G 68 -33.95 56.95 33.56
C SER G 68 -35.05 57.56 34.44
N ARG G 69 -36.32 57.51 34.00
CA ARG G 69 -37.41 58.32 34.57
C ARG G 69 -37.53 58.19 36.09
N GLN G 70 -37.50 56.98 36.64
CA GLN G 70 -37.65 56.78 38.09
C GLN G 70 -36.51 57.43 38.88
N ARG G 71 -35.27 57.39 38.34
CA ARG G 71 -34.10 58.09 38.91
C ARG G 71 -34.34 59.60 39.01
N PHE G 72 -34.87 60.18 37.94
CA PHE G 72 -35.15 61.62 37.83
C PHE G 72 -36.33 62.05 38.72
N ILE G 73 -37.41 61.26 38.74
CA ILE G 73 -38.64 61.55 39.50
C ILE G 73 -38.35 61.54 41.01
N LYS G 74 -37.51 60.62 41.51
CA LYS G 74 -37.21 60.45 42.95
C LYS G 74 -36.67 61.73 43.61
N ARG G 75 -35.85 62.50 42.90
CA ARG G 75 -35.02 63.60 43.46
C ARG G 75 -35.79 64.89 43.80
N HIS G 76 -37.03 65.06 43.33
CA HIS G 76 -37.71 66.36 43.23
C HIS G 76 -38.91 66.55 44.19
N ASP G 77 -38.94 67.69 44.90
CA ASP G 77 -40.05 68.09 45.80
C ASP G 77 -41.32 68.53 45.04
N GLU G 78 -42.42 68.77 45.74
CA GLU G 78 -43.68 69.25 45.14
C GLU G 78 -43.52 70.51 44.26
N SER G 79 -42.63 71.44 44.59
CA SER G 79 -42.42 72.68 43.79
C SER G 79 -41.71 72.41 42.45
N LEU G 80 -41.14 71.22 42.26
CA LEU G 80 -40.62 70.71 40.98
C LEU G 80 -41.57 69.66 40.40
N LEU G 81 -41.88 68.61 41.17
CA LEU G 81 -42.67 67.45 40.76
C LEU G 81 -44.13 67.81 40.39
N GLY G 82 -44.73 68.80 41.08
CA GLY G 82 -46.03 69.35 40.70
C GLY G 82 -46.04 70.20 39.42
N ASN G 83 -44.88 70.45 38.80
CA ASN G 83 -44.68 71.19 37.55
C ASN G 83 -43.49 70.63 36.73
N GLY G 84 -43.37 69.29 36.72
CA GLY G 84 -42.20 68.59 36.18
C GLY G 84 -42.48 67.25 35.50
N ALA G 85 -43.63 66.62 35.73
CA ALA G 85 -44.00 65.34 35.13
C ALA G 85 -44.08 65.34 33.59
N VAL G 86 -44.22 66.51 32.95
CA VAL G 86 -44.18 66.68 31.49
C VAL G 86 -42.76 66.72 30.89
N ILE G 87 -41.70 66.93 31.70
CA ILE G 87 -40.39 67.39 31.22
C ILE G 87 -39.76 66.42 30.22
N PHE G 88 -39.71 65.13 30.51
CA PHE G 88 -39.02 64.14 29.67
C PHE G 88 -39.67 63.89 28.28
N ASP G 89 -40.87 64.41 28.01
CA ASP G 89 -41.48 64.42 26.67
C ASP G 89 -40.80 65.41 25.68
N LYS G 90 -40.07 66.42 26.20
CA LYS G 90 -39.28 67.41 25.42
C LYS G 90 -37.82 67.52 25.85
N ALA G 91 -37.47 67.23 27.11
CA ALA G 91 -36.09 67.34 27.61
C ALA G 91 -35.21 66.15 27.18
N VAL G 92 -35.76 64.94 27.08
CA VAL G 92 -35.01 63.82 26.47
C VAL G 92 -34.89 64.03 24.95
N SER G 93 -35.89 64.66 24.33
CA SER G 93 -35.81 65.22 22.99
C SER G 93 -34.71 66.29 22.87
N MET G 94 -34.54 67.20 23.85
CA MET G 94 -33.36 68.08 23.96
C MET G 94 -32.06 67.26 24.02
N ALA G 95 -32.04 66.19 24.81
CA ALA G 95 -30.90 65.27 24.94
C ALA G 95 -30.58 64.46 23.65
N ASN G 96 -31.31 64.67 22.55
CA ASN G 96 -30.88 64.31 21.19
C ASN G 96 -31.16 65.42 20.14
N GLN G 97 -31.09 66.71 20.53
CA GLN G 97 -31.33 67.92 19.70
C GLN G 97 -30.05 68.54 19.10
N VAL G 98 -28.91 68.42 19.79
CA VAL G 98 -27.57 68.82 19.28
C VAL G 98 -27.01 67.83 18.23
N LEU G 99 -27.62 66.64 18.08
CA LEU G 99 -27.03 65.42 17.50
C LEU G 99 -26.28 65.58 16.16
N GLN G 100 -26.94 66.03 15.09
CA GLN G 100 -26.30 66.24 13.76
C GLN G 100 -25.74 67.67 13.55
N LYS G 101 -25.80 68.61 14.50
CA LYS G 101 -25.30 70.00 14.30
C LYS G 101 -23.78 70.09 14.03
N TYR G 102 -23.03 69.01 14.29
CA TYR G 102 -21.61 68.82 13.96
C TYR G 102 -21.35 67.63 13.00
N ARG G 103 -22.38 67.04 12.35
CA ARG G 103 -22.27 66.01 11.28
C ARG G 103 -23.06 66.34 9.98
N LYS G 104 -24.07 67.21 10.02
CA LYS G 104 -24.78 67.67 8.80
C LYS G 104 -23.84 68.40 7.83
N ASN G 105 -22.69 68.84 8.35
CA ASN G 105 -21.52 69.43 7.70
C ASN G 105 -20.71 68.50 6.76
N ARG G 106 -21.16 67.26 6.49
CA ARG G 106 -20.47 66.23 5.68
C ARG G 106 -19.98 66.69 4.29
N LEU G 107 -20.52 67.77 3.72
CA LEU G 107 -19.86 68.56 2.67
C LEU G 107 -18.98 69.65 3.30
N LEU G 156 -15.56 57.06 16.02
CA LEU G 156 -14.86 55.80 15.82
C LEU G 156 -14.81 54.93 17.09
N ASP G 157 -14.69 53.60 16.93
CA ASP G 157 -14.92 52.59 17.98
C ASP G 157 -13.66 51.74 18.27
N SER G 158 -13.55 51.28 19.52
CA SER G 158 -12.33 50.74 20.15
C SER G 158 -12.67 49.84 21.36
N PRO G 159 -11.72 49.08 21.91
CA PRO G 159 -11.92 48.35 23.17
C PRO G 159 -12.30 49.30 24.32
N ALA G 160 -11.78 50.54 24.28
CA ALA G 160 -12.12 51.59 25.23
C ALA G 160 -13.56 52.09 25.08
N SER G 161 -14.10 52.29 23.86
CA SER G 161 -15.49 52.75 23.71
C SER G 161 -16.50 51.68 24.17
N TYR G 162 -16.15 50.40 24.02
CA TYR G 162 -16.88 49.29 24.65
C TYR G 162 -16.80 49.33 26.19
N LEU G 163 -15.63 49.59 26.77
CA LEU G 163 -15.48 49.62 28.23
C LEU G 163 -16.13 50.85 28.88
N LEU G 164 -15.98 52.05 28.30
CA LEU G 164 -16.51 53.28 28.88
C LEU G 164 -18.05 53.32 28.85
N ASP G 165 -18.65 52.72 27.83
CA ASP G 165 -20.11 52.50 27.73
C ASP G 165 -20.66 51.60 28.85
N LEU G 166 -19.81 50.80 29.50
CA LEU G 166 -20.13 50.16 30.78
C LEU G 166 -19.81 51.06 31.97
N TYR G 167 -18.63 51.68 32.01
CA TYR G 167 -18.18 52.37 33.21
C TYR G 167 -19.03 53.60 33.57
N LYS G 168 -19.25 54.52 32.63
CA LYS G 168 -20.12 55.68 32.87
C LYS G 168 -21.59 55.30 33.05
N PHE G 169 -22.00 54.11 32.61
CA PHE G 169 -23.33 53.58 32.89
C PHE G 169 -23.47 53.07 34.34
N ILE G 170 -22.47 52.38 34.90
CA ILE G 170 -22.58 51.83 36.25
C ILE G 170 -22.49 52.92 37.34
N GLN G 171 -21.76 54.00 37.08
CA GLN G 171 -21.63 55.13 37.99
C GLN G 171 -22.99 55.74 38.39
N SER G 172 -23.93 55.88 37.45
CA SER G 172 -25.26 56.45 37.71
C SER G 172 -26.30 55.43 38.22
N VAL G 173 -25.90 54.22 38.62
CA VAL G 173 -26.77 53.29 39.36
C VAL G 173 -26.74 53.67 40.85
N GLU G 174 -27.22 54.87 41.16
CA GLU G 174 -27.22 55.47 42.49
C GLU G 174 -28.46 55.09 43.31
N LEU G 175 -28.30 54.11 44.20
CA LEU G 175 -29.14 53.90 45.38
C LEU G 175 -28.22 53.68 46.59
N ASP G 176 -28.52 54.32 47.72
CA ASP G 176 -27.55 54.65 48.77
C ASP G 176 -27.78 53.85 50.07
N GLY G 177 -27.46 54.46 51.22
CA GLY G 177 -27.64 53.88 52.56
C GLY G 177 -26.57 52.85 52.95
N SER G 178 -26.98 51.91 53.80
CA SER G 178 -26.14 50.84 54.36
C SER G 178 -25.72 49.76 53.35
N ASN G 179 -26.24 49.78 52.12
CA ASN G 179 -26.06 48.68 51.17
C ASN G 179 -24.60 48.52 50.70
N GLN G 180 -24.14 47.27 50.60
CA GLN G 180 -22.74 46.91 50.31
C GLN G 180 -22.20 47.40 48.96
N ALA G 181 -23.02 47.53 47.91
CA ALA G 181 -22.52 47.35 46.54
C ALA G 181 -21.31 48.24 46.17
N ARG G 182 -21.38 49.55 46.43
CA ARG G 182 -20.23 50.45 46.21
C ARG G 182 -19.12 50.25 47.23
N LYS G 183 -19.49 49.89 48.47
CA LYS G 183 -18.56 49.62 49.57
C LYS G 183 -17.62 48.48 49.20
N LEU G 184 -18.16 47.38 48.69
CA LEU G 184 -17.43 46.25 48.14
C LEU G 184 -16.60 46.62 46.91
N GLU G 185 -17.20 47.33 45.96
CA GLU G 185 -16.53 47.65 44.69
C GLU G 185 -15.31 48.54 44.90
N THR G 186 -15.42 49.51 45.80
CA THR G 186 -14.30 50.39 46.23
C THR G 186 -13.30 49.68 47.12
N ARG G 187 -13.71 48.69 47.95
CA ARG G 187 -12.78 47.78 48.65
C ARG G 187 -11.99 46.90 47.69
N ARG G 188 -12.61 46.44 46.61
CA ARG G 188 -12.03 45.72 45.47
C ARG G 188 -11.27 46.66 44.51
N ALA G 189 -10.59 47.68 45.06
CA ALA G 189 -10.07 48.86 44.35
C ALA G 189 -9.29 48.58 43.05
N ASP G 190 -9.73 49.27 42.00
CA ASP G 190 -9.07 49.63 40.75
C ASP G 190 -9.84 50.83 40.13
N ILE G 191 -9.25 51.52 39.15
CA ILE G 191 -9.70 52.85 38.68
C ILE G 191 -9.65 52.96 37.14
N PRO G 192 -10.35 53.92 36.51
CA PRO G 192 -10.40 54.06 35.03
C PRO G 192 -9.05 54.23 34.32
N LYS G 193 -7.98 54.53 35.06
CA LYS G 193 -6.58 54.66 34.59
C LYS G 193 -5.65 53.80 35.45
N LEU G 194 -5.87 52.47 35.45
CA LEU G 194 -5.25 51.50 36.37
C LEU G 194 -3.73 51.62 36.44
N SER G 195 -3.07 51.46 35.29
CA SER G 195 -1.62 51.56 35.09
C SER G 195 -1.31 51.78 33.60
N LEU G 196 -0.10 52.28 33.31
CA LEU G 196 0.45 52.47 31.97
C LEU G 196 -0.55 53.25 31.05
N ASP G 197 -0.70 52.84 29.80
CA ASP G 197 -1.64 53.40 28.82
C ASP G 197 -2.20 52.29 27.93
N ASN G 198 -3.32 52.60 27.28
CA ASN G 198 -4.20 51.68 26.57
C ASN G 198 -3.54 50.96 25.36
N ASP G 199 -2.43 51.50 24.84
CA ASP G 199 -1.66 50.91 23.74
C ASP G 199 -0.73 49.76 24.18
N ALA G 200 -0.61 49.48 25.49
CA ALA G 200 0.14 48.34 26.02
C ALA G 200 -0.46 46.97 25.65
N LEU G 201 -1.71 46.94 25.18
CA LEU G 201 -2.58 45.76 25.04
C LEU G 201 -1.90 44.49 24.49
N TYR G 202 -1.03 44.63 23.48
CA TYR G 202 -0.34 43.50 22.86
C TYR G 202 0.69 42.85 23.79
N LYS G 203 1.38 43.64 24.62
CA LYS G 203 2.30 43.18 25.69
C LYS G 203 1.58 42.86 27.00
N GLU G 204 0.31 43.24 27.16
CA GLU G 204 -0.49 42.85 28.33
C GLU G 204 -0.79 41.34 28.42
N VAL G 205 -0.48 40.56 27.38
CA VAL G 205 -0.61 39.10 27.39
C VAL G 205 0.23 38.48 28.52
N THR G 206 -0.44 37.83 29.47
CA THR G 206 0.12 37.38 30.75
C THR G 206 -0.57 36.09 31.22
N ALA G 207 0.14 35.26 31.98
CA ALA G 207 -0.42 34.09 32.66
C ALA G 207 -1.26 34.45 33.90
N LEU G 208 -1.80 33.42 34.56
CA LEU G 208 -2.55 33.49 35.83
C LEU G 208 -1.85 34.29 36.95
N SER G 209 -0.51 34.38 36.92
CA SER G 209 0.32 35.14 37.86
C SER G 209 -0.14 36.58 38.13
N ILE G 210 -0.85 37.19 37.18
CA ILE G 210 -1.49 38.51 37.32
C ILE G 210 -2.44 38.62 38.52
N VAL G 211 -3.06 37.51 38.94
CA VAL G 211 -4.08 37.45 40.00
C VAL G 211 -3.46 37.52 41.39
N ASN G 212 -2.26 36.95 41.55
CA ASN G 212 -1.63 36.66 42.85
C ASN G 212 -1.50 37.90 43.75
N ASP G 213 -1.03 39.03 43.21
CA ASP G 213 -0.88 40.26 44.01
C ASP G 213 -2.22 40.98 44.28
N VAL G 214 -3.26 40.72 43.51
CA VAL G 214 -4.60 41.30 43.73
C VAL G 214 -5.27 40.66 44.95
N LEU G 215 -5.04 39.37 45.18
CA LEU G 215 -5.44 38.69 46.41
C LEU G 215 -4.42 38.93 47.54
N SER G 216 -3.17 38.49 47.36
CA SER G 216 -2.17 38.47 48.44
C SER G 216 -1.72 39.87 48.87
N GLY G 217 -1.69 40.84 47.96
CA GLY G 217 -1.10 42.16 48.21
C GLY G 217 -1.89 43.02 49.19
N SER G 218 -3.22 42.84 49.25
CA SER G 218 -4.03 43.34 50.37
C SER G 218 -3.95 42.41 51.59
N ALA G 219 -4.02 41.09 51.38
CA ALA G 219 -4.05 40.12 52.47
C ALA G 219 -2.86 40.23 53.43
N ARG G 220 -1.65 40.43 52.90
CA ARG G 220 -0.42 40.52 53.70
C ARG G 220 -0.36 41.73 54.63
N GLU G 221 -1.24 42.71 54.44
CA GLU G 221 -1.36 43.88 55.31
C GLU G 221 -1.95 43.56 56.68
N TYR G 222 -2.57 42.38 56.90
CA TYR G 222 -3.21 42.06 58.19
C TYR G 222 -2.27 42.25 59.39
N ILE G 223 -1.02 41.77 59.36
CA ILE G 223 -0.09 41.98 60.48
C ILE G 223 0.28 43.45 60.70
N ASP G 224 0.28 44.25 59.63
CA ASP G 224 0.55 45.70 59.67
C ASP G 224 -0.65 46.48 60.24
N GLN G 225 -1.85 46.17 59.73
CA GLN G 225 -3.14 46.76 60.12
C GLN G 225 -3.49 46.48 61.58
N SER G 226 -3.41 45.20 61.99
CA SER G 226 -3.58 44.78 63.38
C SER G 226 -2.41 45.21 64.29
N GLY G 227 -1.28 45.63 63.71
CA GLY G 227 -0.07 46.03 64.45
C GLY G 227 0.71 44.88 65.08
N GLN G 228 0.38 43.63 64.74
CA GLN G 228 0.97 42.42 65.34
C GLN G 228 2.43 42.16 64.92
N ALA G 229 2.81 42.50 63.68
CA ALA G 229 4.18 42.36 63.17
C ALA G 229 4.45 43.29 61.96
N ASP G 230 5.72 43.53 61.64
CA ASP G 230 6.13 44.45 60.55
C ASP G 230 7.47 44.06 59.89
N LYS G 231 8.54 43.82 60.68
CA LYS G 231 9.88 43.42 60.18
C LYS G 231 9.89 42.07 59.44
N ALA G 232 8.98 41.16 59.78
CA ALA G 232 8.78 39.89 59.07
C ALA G 232 8.18 40.10 57.67
N VAL G 233 8.96 39.82 56.61
CA VAL G 233 8.62 40.20 55.22
C VAL G 233 7.40 39.48 54.63
N ASN G 234 7.12 38.22 55.01
CA ASN G 234 5.95 37.46 54.56
C ASN G 234 5.67 36.18 55.39
N GLN G 235 6.73 35.54 55.89
CA GLN G 235 6.71 34.13 56.36
C GLN G 235 5.73 33.80 57.49
N ILE G 236 5.11 34.79 58.14
CA ILE G 236 4.12 34.60 59.23
C ILE G 236 2.96 33.70 58.83
N LEU G 237 2.61 33.66 57.53
CA LEU G 237 1.56 32.79 57.00
C LEU G 237 1.92 31.29 57.04
N GLY G 238 3.16 30.94 57.38
CA GLY G 238 3.60 29.57 57.66
C GLY G 238 3.50 29.17 59.14
N ASP G 239 3.03 30.08 60.02
CA ASP G 239 3.11 29.97 61.49
C ASP G 239 1.73 30.14 62.18
N THR G 240 0.70 29.39 61.75
CA THR G 240 -0.65 29.41 62.37
C THR G 240 -1.35 28.06 62.19
N HIS G 241 -2.29 27.66 63.06
CA HIS G 241 -2.96 26.34 62.99
C HIS G 241 -4.49 26.36 63.05
N PHE G 242 -5.09 27.01 64.06
CA PHE G 242 -6.40 26.63 64.62
C PHE G 242 -7.59 26.60 63.61
N PRO G 243 -7.71 27.53 62.65
CA PRO G 243 -8.66 27.44 61.51
C PRO G 243 -8.33 26.37 60.45
N PHE G 244 -7.67 25.27 60.85
CA PHE G 244 -7.04 24.26 59.99
C PHE G 244 -6.19 24.90 58.88
N THR G 245 -5.26 25.76 59.29
CA THR G 245 -4.54 26.74 58.45
C THR G 245 -3.45 26.14 57.54
N LEU G 246 -3.07 24.87 57.74
CA LEU G 246 -2.02 24.17 56.98
C LEU G 246 -0.64 24.90 57.03
N PRO G 247 0.00 25.01 58.21
CA PRO G 247 1.30 25.68 58.39
C PRO G 247 2.47 24.99 57.68
N TYR G 248 3.67 25.60 57.77
CA TYR G 248 4.93 25.15 57.15
C TYR G 248 4.91 25.02 55.61
N SER G 249 3.81 25.40 54.95
CA SER G 249 3.53 25.25 53.52
C SER G 249 4.43 26.06 52.58
N LEU G 250 5.30 26.92 53.12
CA LEU G 250 6.24 27.74 52.35
C LEU G 250 7.15 26.87 51.46
N PRO G 251 7.44 27.30 50.23
CA PRO G 251 8.10 26.48 49.20
C PRO G 251 9.46 25.93 49.64
N THR G 252 10.18 26.59 50.54
CA THR G 252 11.47 26.13 51.10
C THR G 252 11.41 24.77 51.79
N GLN G 253 10.23 24.30 52.18
CA GLN G 253 10.02 22.93 52.65
C GLN G 253 9.69 21.98 51.51
N GLN G 254 8.73 22.34 50.64
CA GLN G 254 8.23 21.48 49.56
C GLN G 254 9.27 21.23 48.45
N ILE G 255 10.00 22.26 47.99
CA ILE G 255 11.04 22.11 46.95
C ILE G 255 12.14 21.15 47.39
N ASN G 256 12.44 21.11 48.69
CA ASN G 256 13.44 20.20 49.24
C ASN G 256 13.04 18.71 49.11
N LYS G 257 11.76 18.40 48.83
CA LYS G 257 11.28 17.06 48.42
C LYS G 257 11.16 16.96 46.89
N GLY G 258 10.34 17.81 46.27
CA GLY G 258 9.98 17.68 44.85
C GLY G 258 11.09 18.06 43.87
N LEU G 259 11.68 19.25 44.03
CA LEU G 259 12.72 19.76 43.13
C LEU G 259 14.00 18.92 43.22
N GLY G 260 14.36 18.48 44.42
CA GLY G 260 15.50 17.57 44.65
C GLY G 260 15.34 16.16 44.04
N ALA G 261 14.09 15.72 43.79
CA ALA G 261 13.80 14.51 43.02
C ALA G 261 13.74 14.78 41.49
N SER G 262 13.17 15.91 41.08
CA SER G 262 12.72 16.18 39.71
C SER G 262 13.82 16.16 38.64
N ASN G 263 15.07 16.37 39.01
CA ASN G 263 16.19 16.48 38.07
C ASN G 263 16.68 15.11 37.54
N ILE G 264 17.15 14.25 38.46
CA ILE G 264 17.90 12.99 38.25
C ILE G 264 17.48 11.92 39.30
N GLU G 265 16.40 12.16 40.06
CA GLU G 265 15.75 11.22 41.00
C GLU G 265 16.60 10.79 42.22
N LEU G 266 17.35 11.73 42.82
CA LEU G 266 18.18 11.48 44.02
C LEU G 266 17.38 11.40 45.34
N GLY G 267 16.46 12.34 45.58
CA GLY G 267 15.71 12.46 46.84
C GLY G 267 16.59 12.79 48.06
N THR G 268 16.09 12.47 49.27
CA THR G 268 16.83 12.67 50.55
C THR G 268 17.88 11.59 50.83
N VAL G 269 17.89 10.51 50.04
CA VAL G 269 18.76 9.31 50.17
C VAL G 269 20.26 9.65 50.16
N ILE G 270 20.61 10.83 49.66
CA ILE G 270 21.98 11.39 49.64
C ILE G 270 22.68 11.32 51.01
N GLN G 271 21.95 11.39 52.12
CA GLN G 271 22.53 11.29 53.47
C GLN G 271 23.20 9.92 53.76
N ARG G 272 22.87 8.87 52.99
CA ARG G 272 23.50 7.54 53.09
C ARG G 272 24.88 7.46 52.41
N VAL G 273 25.26 8.45 51.60
CA VAL G 273 26.42 8.37 50.69
C VAL G 273 27.75 8.80 51.33
N ASP G 274 27.74 9.68 52.33
CA ASP G 274 28.93 10.41 52.82
C ASP G 274 29.00 10.57 54.36
N PRO G 275 30.18 10.91 54.95
CA PRO G 275 31.54 10.93 54.38
C PRO G 275 32.32 9.63 54.66
N GLN G 276 31.64 8.66 55.27
CA GLN G 276 32.22 7.46 55.89
C GLN G 276 32.62 6.38 54.88
N PHE G 277 33.63 5.57 55.22
CA PHE G 277 34.20 4.58 54.30
C PHE G 277 33.29 3.36 54.02
N SER G 278 32.50 2.90 55.00
CA SER G 278 31.53 1.81 54.82
C SER G 278 30.32 1.90 55.77
N TRP G 279 29.19 1.33 55.34
CA TRP G 279 27.91 1.33 56.08
C TRP G 279 27.88 0.45 57.33
N ASN G 280 28.94 -0.32 57.60
CA ASN G 280 29.19 -0.96 58.89
C ASN G 280 29.59 0.11 59.94
N THR G 281 28.60 0.92 60.36
CA THR G 281 28.78 2.19 61.09
C THR G 281 27.72 2.36 62.18
N THR G 282 28.01 3.20 63.18
CA THR G 282 27.24 3.32 64.43
C THR G 282 25.82 3.90 64.24
N GLN G 283 24.92 3.55 65.18
CA GLN G 283 23.47 3.70 65.09
C GLN G 283 22.97 5.09 64.68
N GLU G 284 23.63 6.18 65.11
CA GLU G 284 23.14 7.52 64.85
C GLU G 284 23.06 7.82 63.34
N LYS G 285 23.94 7.26 62.51
CA LYS G 285 23.91 7.43 61.05
C LYS G 285 22.59 6.92 60.46
N TYR G 286 22.18 5.70 60.77
CA TYR G 286 20.91 5.16 60.26
C TYR G 286 19.72 5.99 60.72
N ASN G 287 19.80 6.55 61.93
CA ASN G 287 18.78 7.45 62.46
C ASN G 287 18.72 8.81 61.74
N GLN G 288 19.82 9.28 61.13
CA GLN G 288 19.77 10.41 60.18
C GLN G 288 18.94 10.00 58.95
N VAL G 289 19.35 8.91 58.29
CA VAL G 289 18.85 8.51 56.97
C VAL G 289 17.39 8.07 57.00
N LEU G 290 16.99 7.27 58.00
CA LEU G 290 15.62 6.80 58.09
C LEU G 290 14.65 7.97 58.32
N LEU G 291 15.01 8.91 59.19
CA LEU G 291 14.25 10.15 59.35
C LEU G 291 14.26 10.98 58.07
N ALA G 292 15.37 11.06 57.34
CA ALA G 292 15.41 11.73 56.04
C ALA G 292 14.44 11.10 55.03
N TYR G 293 14.29 9.77 55.04
CA TYR G 293 13.31 9.06 54.24
C TYR G 293 11.87 9.36 54.69
N THR G 294 11.59 9.52 55.99
CA THR G 294 10.23 9.84 56.48
C THR G 294 9.70 11.18 55.96
N GLN G 295 10.58 12.13 55.63
CA GLN G 295 10.29 13.57 55.70
C GLN G 295 8.95 13.99 55.09
N LEU G 296 8.88 14.12 53.74
CA LEU G 296 7.70 14.60 52.99
C LEU G 296 7.09 15.93 53.49
N SER G 297 7.78 16.64 54.37
CA SER G 297 7.25 17.73 55.21
C SER G 297 8.42 18.52 55.80
N SER G 298 8.59 18.59 57.12
CA SER G 298 9.69 19.29 57.81
C SER G 298 9.79 18.92 59.30
N GLU G 299 10.58 19.67 60.08
CA GLU G 299 10.59 19.69 61.54
C GLU G 299 9.21 19.90 62.21
N GLN G 300 8.17 20.26 61.44
CA GLN G 300 6.77 20.27 61.91
C GLN G 300 6.33 18.94 62.56
N ILE G 301 6.91 17.80 62.19
CA ILE G 301 6.58 16.50 62.79
C ILE G 301 6.82 16.44 64.31
N ALA G 302 7.57 17.37 64.89
CA ALA G 302 7.66 17.58 66.34
C ALA G 302 6.30 17.83 67.02
N LEU G 303 5.24 18.20 66.28
CA LEU G 303 3.88 18.34 66.82
C LEU G 303 3.28 17.00 67.29
N LEU G 304 3.73 15.86 66.75
CA LEU G 304 3.23 14.54 67.14
C LEU G 304 3.81 14.12 68.50
N ASN G 584 -15.06 15.50 72.11
CA ASN G 584 -14.77 16.93 72.21
C ASN G 584 -13.32 17.27 71.77
N PHE G 585 -13.01 18.56 71.63
CA PHE G 585 -11.71 19.06 71.14
C PHE G 585 -10.49 18.44 71.83
N ARG G 586 -10.55 18.16 73.14
CA ARG G 586 -9.47 17.53 73.92
C ARG G 586 -9.10 16.11 73.44
N LEU G 587 -10.00 15.45 72.72
CA LEU G 587 -9.81 14.16 72.05
C LEU G 587 -9.62 14.31 70.53
N GLU G 588 -10.41 15.17 69.88
CA GLU G 588 -10.32 15.40 68.43
C GLU G 588 -8.97 16.01 68.02
N ARG G 589 -8.34 16.82 68.87
CA ARG G 589 -6.96 17.31 68.70
C ARG G 589 -5.89 16.20 68.69
N LEU G 590 -6.21 15.00 69.16
CA LEU G 590 -5.40 13.79 68.99
C LEU G 590 -5.74 13.06 67.67
N ASN G 591 -7.00 13.07 67.25
CA ASN G 591 -7.43 12.56 65.94
C ASN G 591 -6.90 13.42 64.78
N ARG G 592 -6.63 14.71 65.02
CA ARG G 592 -5.93 15.62 64.09
C ARG G 592 -4.58 15.08 63.61
N PHE G 593 -3.87 14.24 64.38
CA PHE G 593 -2.63 13.58 63.92
C PHE G 593 -2.85 12.60 62.75
N ILE G 594 -4.09 12.10 62.56
CA ILE G 594 -4.51 11.32 61.38
C ILE G 594 -5.08 12.26 60.29
N ARG G 595 -5.83 13.30 60.65
CA ARG G 595 -6.33 14.32 59.70
C ARG G 595 -5.17 15.01 58.97
N LEU G 596 -4.09 15.32 59.67
CA LEU G 596 -2.85 15.89 59.15
C LEU G 596 -1.95 14.90 58.38
N GLN G 597 -2.49 13.77 57.93
CA GLN G 597 -1.88 12.92 56.89
C GLN G 597 -1.70 13.65 55.54
N ARG G 598 -2.22 14.87 55.38
CA ARG G 598 -2.18 15.70 54.16
C ARG G 598 -0.79 15.87 53.55
N TRP G 599 0.29 15.71 54.31
CA TRP G 599 1.66 15.76 53.78
C TRP G 599 2.02 14.57 52.87
N LEU G 600 1.20 13.52 52.89
CA LEU G 600 1.39 12.23 52.22
C LEU G 600 0.15 11.89 51.38
N ASP G 601 0.34 11.22 50.22
CA ASP G 601 -0.78 10.81 49.35
C ASP G 601 -1.46 9.52 49.83
N LEU G 602 -1.86 9.49 51.11
CA LEU G 602 -2.42 8.32 51.81
C LEU G 602 -3.93 8.49 52.04
N PRO G 603 -4.76 7.48 51.69
CA PRO G 603 -6.19 7.49 51.99
C PRO G 603 -6.47 7.24 53.48
N SER G 604 -7.67 7.62 53.94
CA SER G 604 -8.09 7.51 55.36
C SER G 604 -8.06 6.09 55.96
N HIS G 605 -8.09 5.03 55.13
CA HIS G 605 -7.93 3.63 55.58
C HIS G 605 -6.48 3.19 55.86
N GLN G 606 -5.47 3.96 55.44
CA GLN G 606 -4.07 3.55 55.49
C GLN G 606 -3.44 3.66 56.90
N LEU G 607 -3.56 4.81 57.58
CA LEU G 607 -2.82 5.05 58.84
C LEU G 607 -3.17 4.07 59.97
N ASP G 608 -4.43 3.65 60.14
CA ASP G 608 -4.76 2.66 61.18
C ASP G 608 -4.18 1.27 60.86
N LEU G 609 -4.15 0.87 59.58
CA LEU G 609 -3.49 -0.35 59.11
C LEU G 609 -1.97 -0.26 59.34
N LEU G 610 -1.35 0.87 59.00
CA LEU G 610 0.07 1.15 59.18
C LEU G 610 0.48 1.13 60.66
N LEU G 611 -0.24 1.84 61.52
CA LEU G 611 0.17 2.13 62.89
C LEU G 611 -0.17 1.02 63.91
N THR G 612 -1.26 0.25 63.70
CA THR G 612 -1.71 -0.74 64.70
C THR G 612 -0.69 -1.83 65.00
N SER G 613 0.03 -2.36 64.01
CA SER G 613 1.03 -3.43 64.22
C SER G 613 2.23 -2.95 65.07
N VAL G 614 2.84 -1.82 64.71
CA VAL G 614 3.95 -1.22 65.46
C VAL G 614 3.53 -0.73 66.86
N MET G 615 2.31 -0.20 67.00
CA MET G 615 1.74 0.16 68.32
C MET G 615 1.36 -1.06 69.18
N GLN G 616 1.18 -2.25 68.60
CA GLN G 616 1.03 -3.51 69.35
C GLN G 616 2.38 -4.11 69.73
N ALA G 617 3.40 -3.98 68.86
CA ALA G 617 4.77 -4.43 69.12
C ALA G 617 5.44 -3.62 70.25
N ASP G 618 5.15 -2.33 70.35
CA ASP G 618 5.47 -1.47 71.50
C ASP G 618 4.62 -1.82 72.74
N ALA G 619 5.27 -2.15 73.87
CA ALA G 619 4.61 -2.51 75.13
C ALA G 619 3.99 -1.32 75.92
N ASP G 620 4.30 -0.05 75.59
CA ASP G 620 3.82 1.12 76.34
C ASP G 620 2.28 1.30 76.28
N ASN G 621 1.68 1.88 77.32
CA ASN G 621 0.24 1.88 77.55
C ASN G 621 -0.49 3.17 77.09
N SER G 622 0.05 4.35 77.41
CA SER G 622 -0.64 5.64 77.20
C SER G 622 -0.48 6.23 75.79
N GLN G 623 -1.25 7.27 75.47
CA GLN G 623 -1.36 7.89 74.13
C GLN G 623 -0.06 8.50 73.58
N GLN G 624 0.99 8.66 74.41
CA GLN G 624 2.33 9.07 73.98
C GLN G 624 2.98 8.10 72.98
N GLU G 625 2.41 6.91 72.77
CA GLU G 625 2.82 5.94 71.74
C GLU G 625 2.79 6.48 70.29
N ILE G 626 2.21 7.66 70.04
CA ILE G 626 2.27 8.38 68.74
C ILE G 626 3.65 8.98 68.42
N THR G 627 4.52 9.16 69.42
CA THR G 627 5.82 9.85 69.32
C THR G 627 6.84 9.22 68.35
N GLU G 628 7.90 9.98 68.04
CA GLU G 628 8.87 9.70 66.96
C GLU G 628 9.49 8.29 66.91
N PRO G 629 9.72 7.57 68.02
CA PRO G 629 10.17 6.18 67.96
C PRO G 629 9.27 5.23 67.17
N VAL G 630 8.01 5.60 66.90
CA VAL G 630 7.12 4.92 65.93
C VAL G 630 7.19 5.53 64.52
N LEU G 631 7.27 6.85 64.40
CA LEU G 631 7.21 7.56 63.11
C LEU G 631 8.35 7.17 62.17
N LYS G 632 9.52 6.84 62.70
CA LYS G 632 10.67 6.31 61.93
C LYS G 632 10.29 5.18 60.97
N SER G 633 9.32 4.34 61.33
CA SER G 633 8.90 3.20 60.50
C SER G 633 8.31 3.59 59.13
N LEU G 634 7.71 4.78 58.99
CA LEU G 634 7.06 5.16 57.71
C LEU G 634 8.07 5.47 56.59
N GLY G 635 9.31 5.83 56.95
CA GLY G 635 10.38 6.05 56.00
C GLY G 635 10.82 4.75 55.32
N LEU G 636 10.85 3.65 56.08
CA LEU G 636 11.09 2.30 55.54
C LEU G 636 9.98 1.88 54.59
N PHE G 637 8.71 2.16 54.94
CA PHE G 637 7.58 1.95 54.03
C PHE G 637 7.75 2.78 52.74
N ARG G 638 8.01 4.08 52.85
CA ARG G 638 8.21 4.99 51.71
C ARG G 638 9.34 4.52 50.80
N HIS G 639 10.46 4.11 51.38
CA HIS G 639 11.62 3.54 50.69
C HIS G 639 11.27 2.27 49.92
N LEU G 640 10.71 1.27 50.59
CA LEU G 640 10.36 0.00 49.93
C LEU G 640 9.26 0.18 48.88
N ASN G 641 8.34 1.14 49.07
CA ASN G 641 7.34 1.54 48.08
C ASN G 641 8.00 2.15 46.83
N LEU G 642 8.83 3.18 46.99
CA LEU G 642 9.46 3.86 45.85
C LEU G 642 10.38 2.94 45.05
N GLN G 643 11.17 2.10 45.72
CA GLN G 643 12.11 1.20 45.06
C GLN G 643 11.47 -0.10 44.55
N TYR G 644 10.55 -0.70 45.30
CA TYR G 644 10.09 -2.08 45.05
C TYR G 644 8.56 -2.28 45.02
N LYS G 645 7.77 -1.23 45.29
CA LYS G 645 6.30 -1.21 45.21
C LYS G 645 5.62 -2.28 46.08
N ILE G 646 5.98 -2.33 47.37
CA ILE G 646 5.24 -3.07 48.41
C ILE G 646 3.85 -2.44 48.70
N THR G 647 3.08 -3.05 49.60
CA THR G 647 1.73 -2.59 50.01
C THR G 647 1.63 -2.50 51.54
N PRO G 648 0.91 -1.53 52.14
CA PRO G 648 0.84 -1.37 53.60
C PRO G 648 0.35 -2.62 54.35
N GLU G 649 -0.49 -3.44 53.72
CA GLU G 649 -0.97 -4.70 54.28
C GLU G 649 0.16 -5.70 54.54
N ILE G 650 1.02 -5.94 53.54
CA ILE G 650 2.13 -6.91 53.62
C ILE G 650 3.18 -6.43 54.63
N PHE G 651 3.50 -5.13 54.61
CA PHE G 651 4.44 -4.50 55.54
C PHE G 651 3.94 -4.59 56.99
N SER G 652 2.68 -4.22 57.25
CA SER G 652 2.06 -4.30 58.58
C SER G 652 1.83 -5.76 59.04
N SER G 653 1.65 -6.70 58.11
CA SER G 653 1.54 -8.14 58.38
C SER G 653 2.88 -8.77 58.81
N TRP G 654 3.97 -8.53 58.07
CA TRP G 654 5.29 -9.06 58.47
C TRP G 654 5.82 -8.36 59.73
N LEU G 655 5.50 -7.08 59.95
CA LEU G 655 5.64 -6.41 61.24
C LEU G 655 4.55 -6.90 62.19
N ALA G 701 -4.14 -35.69 59.18
CA ALA G 701 -3.17 -34.83 59.86
C ALA G 701 -3.03 -33.47 59.16
N LYS G 702 -2.34 -32.50 59.80
CA LYS G 702 -2.08 -31.15 59.29
C LYS G 702 -1.06 -31.07 58.15
N SER G 703 -0.51 -32.21 57.70
CA SER G 703 0.55 -32.31 56.69
C SER G 703 0.21 -31.66 55.35
N VAL G 704 -1.07 -31.57 54.99
CA VAL G 704 -1.52 -30.86 53.78
C VAL G 704 -1.24 -29.36 53.87
N LYS G 705 -1.54 -28.72 55.02
CA LYS G 705 -1.21 -27.31 55.27
C LYS G 705 0.29 -27.08 55.45
N GLN G 706 0.98 -28.01 56.12
CA GLN G 706 2.45 -28.01 56.26
C GLN G 706 3.17 -28.04 54.90
N LEU G 707 2.62 -28.76 53.92
CA LEU G 707 3.09 -28.77 52.52
C LEU G 707 2.63 -27.56 51.70
N CYS G 708 1.36 -27.13 51.84
CA CYS G 708 0.76 -26.04 51.06
C CYS G 708 1.42 -24.67 51.31
N ALA G 709 2.08 -24.47 52.46
CA ALA G 709 2.97 -23.32 52.70
C ALA G 709 4.08 -23.19 51.63
N GLY G 710 4.41 -24.27 50.92
CA GLY G 710 5.36 -24.34 49.81
C GLY G 710 4.94 -23.65 48.49
N LEU G 711 3.77 -23.00 48.44
CA LEU G 711 3.29 -22.21 47.29
C LEU G 711 4.23 -21.05 46.92
N ASN G 712 4.71 -20.27 47.89
CA ASN G 712 5.55 -19.10 47.63
C ASN G 712 6.99 -19.52 47.23
N ILE G 713 7.64 -20.33 48.06
CA ILE G 713 8.96 -20.96 47.83
C ILE G 713 8.84 -22.46 48.15
N SER G 714 9.45 -23.32 47.32
CA SER G 714 9.35 -24.79 47.42
C SER G 714 9.61 -25.36 48.83
N ALA G 715 8.70 -26.24 49.30
CA ALA G 715 8.72 -26.81 50.65
C ALA G 715 10.00 -27.58 51.04
N VAL G 716 10.87 -27.91 50.08
CA VAL G 716 12.20 -28.52 50.34
C VAL G 716 13.10 -27.63 51.22
N THR G 717 12.82 -26.32 51.30
CA THR G 717 13.50 -25.38 52.23
C THR G 717 13.12 -25.58 53.69
N PHE G 718 12.04 -26.31 54.02
CA PHE G 718 11.54 -26.40 55.40
C PHE G 718 12.46 -27.17 56.38
N GLN G 719 13.56 -27.75 55.87
CA GLN G 719 14.74 -28.11 56.69
C GLN G 719 15.31 -26.92 57.50
N PHE G 720 15.06 -25.68 57.07
CA PHE G 720 15.40 -24.44 57.79
C PHE G 720 14.25 -23.91 58.70
N ILE G 721 13.04 -24.46 58.59
CA ILE G 721 11.85 -23.99 59.34
C ILE G 721 11.74 -24.67 60.71
N ALA G 722 12.16 -25.93 60.87
CA ALA G 722 12.30 -26.53 62.19
C ALA G 722 13.35 -25.79 63.09
N PRO G 723 14.48 -25.29 62.55
CA PRO G 723 15.31 -24.30 63.23
C PRO G 723 14.67 -22.93 63.52
N LEU G 724 13.66 -22.49 62.75
CA LEU G 724 12.93 -21.22 62.98
C LEU G 724 11.97 -21.31 64.16
N VAL G 725 11.18 -22.39 64.27
CA VAL G 725 10.14 -22.54 65.32
C VAL G 725 10.71 -22.66 66.75
N GLN G 726 12.04 -22.82 66.88
CA GLN G 726 12.78 -22.72 68.16
C GLN G 726 12.68 -21.34 68.83
N SER G 727 12.22 -20.28 68.13
CA SER G 727 11.84 -18.99 68.75
C SER G 727 10.53 -19.06 69.56
N ALA G 728 9.77 -20.14 69.41
CA ALA G 728 8.57 -20.50 70.18
C ALA G 728 8.74 -21.95 70.70
N LEU G 729 7.73 -22.81 70.54
CA LEU G 729 7.83 -24.27 70.73
C LEU G 729 7.16 -24.98 69.53
N GLY G 730 7.84 -25.97 68.95
CA GLY G 730 7.34 -26.73 67.81
C GLY G 730 8.31 -27.81 67.30
N LEU G 731 7.78 -28.67 66.42
CA LEU G 731 8.46 -29.79 65.75
C LEU G 731 7.95 -29.87 64.30
N GLU G 732 8.62 -30.58 63.39
CA GLU G 732 8.26 -30.61 61.96
C GLU G 732 6.78 -30.99 61.71
N ALA G 733 6.23 -31.93 62.49
CA ALA G 733 4.79 -32.20 62.58
C ALA G 733 4.07 -31.36 63.65
N GLY G 734 4.69 -31.18 64.82
CA GLY G 734 4.09 -30.50 65.99
C GLY G 734 3.81 -28.99 65.84
N THR G 735 4.31 -28.36 64.77
CA THR G 735 4.05 -26.95 64.42
C THR G 735 2.62 -26.74 63.85
N LEU G 736 1.79 -27.79 63.80
CA LEU G 736 0.40 -27.82 63.33
C LEU G 736 -0.55 -26.73 63.86
N VAL G 737 -0.20 -26.08 64.98
CA VAL G 737 -0.95 -24.96 65.57
C VAL G 737 -0.84 -23.64 64.77
N ARG G 738 0.23 -23.48 63.96
CA ARG G 738 0.49 -22.32 63.07
C ARG G 738 0.25 -20.94 63.73
N SER G 739 0.71 -20.77 64.96
CA SER G 739 0.51 -19.56 65.78
C SER G 739 1.13 -18.30 65.16
N PHE G 740 0.50 -17.13 65.35
CA PHE G 740 0.89 -15.86 64.70
C PHE G 740 2.34 -15.42 64.98
N GLU G 741 2.89 -15.71 66.15
CA GLU G 741 4.31 -15.43 66.46
C GLU G 741 5.28 -16.23 65.57
N VAL G 742 4.86 -17.43 65.14
CA VAL G 742 5.60 -18.30 64.20
C VAL G 742 5.30 -17.91 62.75
N VAL G 743 4.03 -17.87 62.32
CA VAL G 743 3.70 -17.64 60.90
C VAL G 743 4.00 -16.21 60.42
N SER G 744 3.94 -15.18 61.28
CA SER G 744 4.47 -13.86 60.90
C SER G 744 5.98 -13.87 60.68
N SER G 745 6.72 -14.74 61.38
CA SER G 745 8.17 -14.93 61.16
C SER G 745 8.48 -15.71 59.87
N LEU G 746 7.60 -16.64 59.47
CA LEU G 746 7.59 -17.21 58.12
C LEU G 746 7.33 -16.11 57.08
N TYR G 747 6.38 -15.21 57.35
CA TYR G 747 6.05 -14.08 56.47
C TYR G 747 7.25 -13.13 56.29
N ARG G 748 7.99 -12.81 57.36
CA ARG G 748 9.26 -12.07 57.29
C ARG G 748 10.30 -12.81 56.46
N LEU G 749 10.58 -14.08 56.78
CA LEU G 749 11.62 -14.89 56.15
C LEU G 749 11.37 -15.18 54.65
N VAL G 750 10.11 -15.33 54.24
CA VAL G 750 9.74 -15.54 52.83
C VAL G 750 9.68 -14.23 52.03
N SER G 751 9.29 -13.10 52.64
CA SER G 751 9.12 -11.83 51.92
C SER G 751 10.44 -11.07 51.72
N ILE G 752 11.19 -10.82 52.80
CA ILE G 752 12.24 -9.79 52.83
C ILE G 752 13.42 -10.09 51.88
N PRO G 753 13.98 -11.32 51.81
CA PRO G 753 15.07 -11.62 50.89
C PRO G 753 14.68 -11.54 49.40
N GLN G 754 13.43 -11.85 49.05
CA GLN G 754 12.95 -11.85 47.66
C GLN G 754 12.88 -10.44 47.05
N THR G 755 12.77 -9.39 47.86
CA THR G 755 12.90 -7.99 47.43
C THR G 755 14.24 -7.72 46.73
N PHE G 756 15.29 -8.40 47.18
CA PHE G 756 16.66 -8.34 46.63
C PHE G 756 16.97 -9.49 45.64
N GLY G 757 15.99 -10.33 45.33
CA GLY G 757 16.14 -11.49 44.44
C GLY G 757 16.89 -12.69 45.04
N LEU G 758 17.12 -12.70 46.36
CA LEU G 758 17.82 -13.76 47.09
C LEU G 758 16.97 -15.04 47.19
N SER G 759 17.62 -16.21 47.15
CA SER G 759 17.01 -17.46 47.64
C SER G 759 17.12 -17.55 49.17
N THR G 760 16.32 -18.39 49.83
CA THR G 760 16.34 -18.58 51.29
C THR G 760 17.74 -18.92 51.83
N GLU G 761 18.50 -19.72 51.07
CA GLU G 761 19.89 -20.09 51.37
C GLU G 761 20.89 -18.93 51.22
N ASP G 762 20.59 -17.91 50.41
CA ASP G 762 21.36 -16.68 50.30
C ASP G 762 21.00 -15.67 51.40
N GLY G 763 19.70 -15.57 51.74
CA GLY G 763 19.23 -14.72 52.84
C GLY G 763 19.82 -15.15 54.19
N LEU G 764 19.83 -16.44 54.47
CA LEU G 764 20.47 -17.02 55.65
C LEU G 764 21.99 -16.73 55.70
N ILE G 765 22.66 -16.64 54.55
CA ILE G 765 24.07 -16.21 54.48
C ILE G 765 24.21 -14.76 54.93
N LEU G 766 23.40 -13.82 54.41
CA LEU G 766 23.51 -12.41 54.80
C LEU G 766 23.31 -12.22 56.30
N MET G 767 22.27 -12.84 56.88
CA MET G 767 22.00 -12.78 58.32
C MET G 767 23.18 -13.31 59.14
N ASN G 768 23.73 -14.47 58.78
CA ASN G 768 24.89 -15.06 59.44
C ASN G 768 26.14 -14.16 59.34
N ILE G 769 26.45 -13.64 58.14
CA ILE G 769 27.63 -12.81 57.87
C ILE G 769 27.55 -11.46 58.59
N LEU G 770 26.39 -10.80 58.54
CA LEU G 770 26.18 -9.46 59.12
C LEU G 770 26.00 -9.48 60.65
N THR G 771 25.38 -10.51 61.22
CA THR G 771 24.86 -10.47 62.61
C THR G 771 25.32 -11.60 63.54
N ASP G 772 25.98 -12.64 63.01
CA ASP G 772 26.31 -13.91 63.69
C ASP G 772 25.08 -14.74 64.14
N GLU G 773 23.87 -14.37 63.72
CA GLU G 773 22.60 -15.05 64.04
C GLU G 773 21.56 -14.86 62.90
N MET G 774 20.28 -15.10 63.18
CA MET G 774 19.15 -14.99 62.24
C MET G 774 18.71 -13.54 61.90
N GLY G 775 19.39 -12.50 62.41
CA GLY G 775 19.14 -11.09 62.07
C GLY G 775 17.70 -10.61 62.22
N TYR G 776 16.97 -11.09 63.25
CA TYR G 776 15.53 -10.88 63.49
C TYR G 776 14.55 -11.46 62.45
N LEU G 777 15.00 -12.26 61.48
CA LEU G 777 14.16 -13.31 60.89
C LEU G 777 13.97 -14.41 61.95
N ALA G 778 12.93 -15.25 61.86
CA ALA G 778 12.52 -16.27 62.86
C ALA G 778 12.14 -15.76 64.27
N LYS G 779 12.86 -14.77 64.80
CA LYS G 779 12.54 -13.98 66.02
C LYS G 779 11.47 -12.91 65.74
N GLN G 780 11.10 -12.16 66.79
CA GLN G 780 10.23 -10.98 66.72
C GLN G 780 10.82 -9.83 65.86
N PRO G 781 10.02 -8.88 65.34
CA PRO G 781 10.48 -7.70 64.58
C PRO G 781 11.33 -6.64 65.33
N ALA G 782 12.04 -7.03 66.39
CA ALA G 782 12.94 -6.20 67.22
C ALA G 782 12.35 -4.93 67.86
N PHE G 783 11.04 -4.66 67.82
CA PHE G 783 10.55 -3.29 67.97
C PHE G 783 10.85 -2.63 69.33
N ASP G 784 10.76 -3.36 70.44
CA ASP G 784 11.19 -2.92 71.79
C ASP G 784 12.65 -3.29 72.14
N ASP G 785 13.35 -4.03 71.29
CA ASP G 785 14.80 -4.26 71.38
C ASP G 785 15.58 -3.11 70.69
N LYS G 786 14.97 -2.50 69.68
CA LYS G 786 15.33 -1.24 69.03
C LYS G 786 15.28 -0.06 70.01
N GLN G 787 14.34 -0.07 70.98
CA GLN G 787 14.31 0.89 72.11
C GLN G 787 15.57 0.81 73.02
N THR G 788 16.34 -0.28 72.96
CA THR G 788 17.65 -0.45 73.63
C THR G 788 18.79 -0.73 72.64
N GLN G 789 18.62 -0.33 71.38
CA GLN G 789 19.60 -0.36 70.28
C GLN G 789 20.28 -1.72 70.01
N ASP G 790 19.56 -2.83 70.27
CA ASP G 790 20.09 -4.20 70.14
C ASP G 790 19.89 -4.78 68.71
N LYS G 791 20.88 -4.56 67.82
CA LYS G 791 20.96 -5.08 66.42
C LYS G 791 19.71 -4.78 65.54
N ASP G 792 19.09 -3.62 65.71
CA ASP G 792 17.68 -3.40 65.33
C ASP G 792 17.31 -3.71 63.86
N PHE G 793 16.14 -4.34 63.70
CA PHE G 793 15.56 -4.79 62.42
C PHE G 793 15.45 -3.69 61.35
N LEU G 794 15.16 -2.45 61.76
CA LEU G 794 15.08 -1.30 60.85
C LEU G 794 16.43 -0.95 60.20
N SER G 795 17.56 -1.38 60.77
CA SER G 795 18.88 -1.27 60.13
C SER G 795 19.18 -2.45 59.20
N ILE G 796 18.63 -3.63 59.48
CA ILE G 796 18.96 -4.87 58.76
C ILE G 796 18.59 -4.79 57.28
N ILE G 797 17.40 -4.29 56.95
CA ILE G 797 16.95 -4.16 55.55
C ILE G 797 17.81 -3.14 54.78
N LEU G 798 18.35 -2.12 55.47
CA LEU G 798 19.32 -1.20 54.86
C LEU G 798 20.64 -1.90 54.52
N LYS G 799 21.14 -2.76 55.42
CA LYS G 799 22.35 -3.55 55.18
C LYS G 799 22.15 -4.56 54.04
N MET G 800 20.99 -5.22 53.98
CA MET G 800 20.62 -6.10 52.86
C MET G 800 20.61 -5.36 51.52
N GLU G 801 20.07 -4.14 51.47
CA GLU G 801 20.10 -3.31 50.27
C GLU G 801 21.53 -2.90 49.89
N ALA G 802 22.31 -2.39 50.85
CA ALA G 802 23.69 -1.94 50.64
C ALA G 802 24.61 -3.06 50.09
N LEU G 803 24.48 -4.28 50.63
CA LEU G 803 25.17 -5.45 50.09
C LEU G 803 24.60 -5.89 48.74
N SER G 804 23.28 -5.82 48.52
CA SER G 804 22.69 -6.19 47.23
C SER G 804 23.18 -5.30 46.08
N ALA G 805 23.45 -4.01 46.36
CA ALA G 805 24.06 -3.08 45.42
C ALA G 805 25.54 -3.46 45.15
N TRP G 806 26.34 -3.65 46.21
CA TRP G 806 27.75 -4.01 46.08
C TRP G 806 27.97 -5.36 45.38
N LEU G 807 27.10 -6.33 45.66
CA LEU G 807 27.10 -7.67 45.08
C LEU G 807 26.40 -7.74 43.70
N THR G 808 25.76 -6.65 43.28
CA THR G 808 25.34 -6.43 41.87
C THR G 808 26.47 -5.74 41.07
N LYS G 809 27.19 -4.80 41.70
CA LYS G 809 28.37 -4.11 41.14
C LYS G 809 29.54 -5.06 40.83
N ASN G 810 29.66 -6.17 41.55
CA ASN G 810 30.74 -7.14 41.41
C ASN G 810 30.20 -8.55 41.12
N ASN G 811 30.85 -9.31 40.25
CA ASN G 811 30.34 -10.60 39.72
C ASN G 811 30.52 -11.81 40.66
N LEU G 812 30.65 -11.55 41.97
CA LEU G 812 30.60 -12.53 43.05
C LEU G 812 29.16 -13.05 43.28
N THR G 813 29.02 -14.01 44.21
CA THR G 813 27.74 -14.61 44.61
C THR G 813 27.69 -14.76 46.13
N PRO G 814 26.51 -14.85 46.77
CA PRO G 814 26.43 -15.06 48.22
C PRO G 814 27.16 -16.33 48.67
N ALA G 815 27.04 -17.42 47.92
CA ALA G 815 27.68 -18.69 48.22
C ALA G 815 29.20 -18.65 48.16
N SER G 816 29.76 -17.98 47.13
CA SER G 816 31.21 -17.78 47.02
C SER G 816 31.71 -16.81 48.09
N LEU G 817 31.04 -15.67 48.28
CA LEU G 817 31.45 -14.67 49.26
C LEU G 817 31.44 -15.22 50.69
N ALA G 818 30.45 -16.03 51.07
CA ALA G 818 30.40 -16.71 52.36
C ALA G 818 31.57 -17.71 52.55
N LEU G 819 31.92 -18.45 51.49
CA LEU G 819 33.06 -19.36 51.53
C LEU G 819 34.38 -18.59 51.68
N LEU G 820 34.56 -17.51 50.91
CA LEU G 820 35.72 -16.62 50.97
C LEU G 820 35.87 -15.91 52.33
N LEU G 821 34.75 -15.54 52.97
CA LEU G 821 34.69 -15.02 54.35
C LEU G 821 34.82 -16.13 55.43
N GLY G 822 34.89 -17.40 55.03
CA GLY G 822 35.14 -18.53 55.93
C GLY G 822 33.93 -18.98 56.76
N VAL G 823 32.70 -18.81 56.26
CA VAL G 823 31.47 -19.25 56.93
C VAL G 823 30.86 -20.47 56.23
N THR G 824 30.55 -21.52 57.00
CA THR G 824 30.10 -22.84 56.50
C THR G 824 31.11 -23.43 55.50
N ARG G 825 32.32 -23.72 55.99
CA ARG G 825 33.53 -24.01 55.19
C ARG G 825 33.47 -25.34 54.42
N LEU G 826 34.36 -25.47 53.43
CA LEU G 826 34.48 -26.60 52.50
C LEU G 826 34.86 -27.92 53.21
N ALA G 827 34.69 -29.06 52.52
CA ALA G 827 35.21 -30.37 52.92
C ALA G 827 36.08 -30.99 51.80
N VAL G 828 37.15 -31.71 52.17
CA VAL G 828 38.15 -32.28 51.25
C VAL G 828 38.71 -33.61 51.76
N VAL G 829 39.22 -34.46 50.86
CA VAL G 829 39.75 -35.79 51.19
C VAL G 829 41.29 -35.80 51.11
N PRO G 830 42.02 -36.29 52.13
CA PRO G 830 43.47 -36.40 52.13
C PRO G 830 43.95 -37.60 51.28
N THR G 831 43.74 -37.53 49.97
CA THR G 831 44.17 -38.56 49.00
C THR G 831 45.69 -38.71 48.98
N ASN G 832 46.22 -39.93 48.96
CA ASN G 832 47.67 -40.21 49.00
C ASN G 832 48.47 -39.59 47.83
N ASN G 833 47.81 -39.14 46.76
CA ASN G 833 48.36 -38.23 45.75
C ASN G 833 49.10 -37.03 46.38
N MET G 834 48.63 -36.51 47.52
CA MET G 834 49.34 -35.46 48.26
C MET G 834 50.75 -35.90 48.68
N VAL G 835 50.93 -37.14 49.14
CA VAL G 835 52.25 -37.69 49.45
C VAL G 835 53.11 -37.74 48.20
N THR G 836 52.56 -38.11 47.05
CA THR G 836 53.32 -38.11 45.77
C THR G 836 53.82 -36.72 45.39
N PHE G 837 53.05 -35.67 45.71
CA PHE G 837 53.43 -34.28 45.55
C PHE G 837 54.51 -33.85 46.56
N PHE G 838 54.34 -34.11 47.86
CA PHE G 838 55.36 -33.75 48.86
C PHE G 838 56.66 -34.56 48.71
N LYS G 839 56.58 -35.85 48.36
CA LYS G 839 57.72 -36.67 47.95
C LYS G 839 58.35 -36.11 46.67
N GLY G 840 57.56 -35.51 45.78
CA GLY G 840 58.06 -34.77 44.62
C GLY G 840 58.89 -33.55 45.00
N ILE G 841 58.45 -32.78 46.01
CA ILE G 841 59.23 -31.67 46.59
C ILE G 841 60.52 -32.21 47.22
N ALA G 842 60.46 -33.27 48.02
CA ALA G 842 61.63 -33.88 48.65
C ALA G 842 62.64 -34.42 47.62
N ASN G 843 62.15 -35.05 46.56
CA ASN G 843 62.96 -35.49 45.43
C ASN G 843 63.63 -34.30 44.73
N GLY G 844 62.87 -33.24 44.42
CA GLY G 844 63.39 -32.01 43.81
C GLY G 844 64.43 -31.28 44.68
N LEU G 845 64.26 -31.31 46.00
CA LEU G 845 65.22 -30.84 46.99
C LEU G 845 66.51 -31.70 47.03
N SER G 846 66.38 -33.01 46.81
CA SER G 846 67.47 -33.99 47.00
C SER G 846 68.35 -34.19 45.76
N GLU G 847 67.79 -34.15 44.55
CA GLU G 847 68.52 -34.39 43.29
C GLU G 847 69.39 -33.18 42.90
N ASN G 848 70.65 -33.21 43.31
CA ASN G 848 71.77 -32.28 43.01
C ASN G 848 71.56 -30.78 43.34
N VAL G 849 70.41 -30.34 43.86
CA VAL G 849 70.22 -28.96 44.35
C VAL G 849 71.14 -28.65 45.55
N CYS G 850 71.56 -29.67 46.32
CA CYS G 850 72.60 -29.60 47.35
C CYS G 850 72.41 -28.43 48.34
N LEU G 851 71.17 -28.21 48.79
CA LEU G 851 70.75 -26.95 49.41
C LEU G 851 71.31 -26.73 50.83
N THR G 852 71.77 -25.49 51.10
CA THR G 852 72.28 -24.99 52.39
C THR G 852 71.23 -24.93 53.52
N THR G 853 70.03 -25.50 53.32
CA THR G 853 68.88 -25.52 54.26
C THR G 853 69.13 -26.37 55.53
N ASP G 854 70.25 -27.07 55.60
CA ASP G 854 70.73 -27.85 56.74
C ASP G 854 70.79 -27.00 58.03
N ASP G 855 69.79 -27.15 58.90
CA ASP G 855 69.47 -26.29 60.07
C ASP G 855 69.57 -24.78 59.75
N PHE G 856 68.76 -24.31 58.79
CA PHE G 856 68.95 -23.05 58.06
C PHE G 856 69.16 -21.79 58.92
N GLN G 857 68.15 -21.38 59.72
CA GLN G 857 68.15 -20.06 60.38
C GLN G 857 68.96 -19.96 61.67
N ARG G 858 68.63 -20.80 62.67
CA ARG G 858 68.82 -20.51 64.11
C ARG G 858 70.30 -20.36 64.51
N GLN G 859 70.56 -19.51 65.51
CA GLN G 859 71.90 -18.99 65.86
C GLN G 859 72.97 -20.06 66.09
N GLU G 860 74.23 -19.71 65.74
CA GLU G 860 75.38 -20.62 65.60
C GLU G 860 75.10 -21.76 64.61
N LEU G 861 75.16 -21.43 63.31
CA LEU G 861 74.80 -22.25 62.15
C LEU G 861 75.81 -23.38 61.83
N GLU G 862 76.43 -23.96 62.87
CA GLU G 862 77.61 -24.82 62.83
C GLU G 862 77.49 -26.11 61.96
N GLY G 863 78.62 -26.61 61.48
CA GLY G 863 78.75 -27.96 60.91
C GLY G 863 78.18 -28.17 59.50
N ALA G 864 78.05 -27.11 58.70
CA ALA G 864 77.47 -27.12 57.36
C ALA G 864 78.57 -27.08 56.26
N ASP G 865 78.42 -27.94 55.25
CA ASP G 865 79.50 -28.34 54.33
C ASP G 865 80.17 -27.18 53.56
N TRP G 866 79.37 -26.22 53.09
CA TRP G 866 79.74 -25.28 52.03
C TRP G 866 80.97 -24.40 52.33
N TRP G 867 81.04 -23.77 53.51
CA TRP G 867 82.20 -22.93 53.86
C TRP G 867 83.43 -23.72 54.35
N THR G 868 83.31 -25.03 54.63
CA THR G 868 84.50 -25.87 54.91
C THR G 868 85.37 -26.03 53.67
N LEU G 869 84.74 -26.21 52.49
CA LEU G 869 85.44 -26.26 51.20
C LEU G 869 86.10 -24.92 50.85
N LEU G 870 85.38 -23.81 51.06
CA LEU G 870 85.83 -22.44 50.79
C LEU G 870 86.61 -21.78 51.95
N SER G 871 87.14 -22.58 52.88
CA SER G 871 87.76 -22.11 54.14
C SER G 871 89.07 -21.33 53.94
N THR G 872 89.76 -21.50 52.81
CA THR G 872 90.88 -20.65 52.40
C THR G 872 90.47 -19.20 52.12
N ASN G 873 89.18 -18.95 51.85
CA ASN G 873 88.61 -17.62 51.60
C ASN G 873 87.81 -17.09 52.80
N GLN G 874 87.05 -17.95 53.51
CA GLN G 874 86.50 -17.67 54.86
C GLN G 874 86.03 -18.94 55.61
N VAL G 875 86.52 -19.12 56.84
CA VAL G 875 86.24 -20.26 57.73
C VAL G 875 84.89 -20.24 58.43
N ILE G 876 84.40 -19.08 58.92
CA ILE G 876 83.41 -18.98 60.03
C ILE G 876 81.96 -19.37 59.67
N ASP G 877 81.76 -20.62 59.29
CA ASP G 877 80.49 -21.23 58.87
C ASP G 877 79.35 -21.09 59.89
N ASP G 878 79.68 -21.02 61.18
CA ASP G 878 78.74 -20.86 62.29
C ASP G 878 78.10 -19.46 62.33
N MET G 879 78.76 -18.47 61.73
CA MET G 879 78.42 -17.05 61.69
C MET G 879 78.08 -16.46 63.08
N GLY G 880 76.79 -16.39 63.42
CA GLY G 880 76.28 -15.70 64.63
C GLY G 880 74.76 -15.81 64.72
N LEU G 881 74.08 -14.66 64.68
CA LEU G 881 72.61 -14.56 64.58
C LEU G 881 72.09 -15.06 63.20
N VAL G 882 70.76 -15.06 63.02
CA VAL G 882 70.05 -15.78 61.94
C VAL G 882 70.28 -15.24 60.51
N LEU G 883 70.09 -16.13 59.54
CA LEU G 883 70.23 -15.92 58.09
C LEU G 883 68.87 -16.10 57.38
N ASP G 884 67.91 -15.20 57.62
CA ASP G 884 66.57 -15.23 57.00
C ASP G 884 65.96 -13.81 56.88
N ILE G 885 64.93 -13.64 56.05
CA ILE G 885 64.43 -12.32 55.59
C ILE G 885 62.89 -12.18 55.71
N HIS G 886 62.45 -10.98 56.10
CA HIS G 886 61.07 -10.47 56.00
C HIS G 886 61.00 -9.37 54.92
N PRO G 887 60.01 -9.39 54.00
CA PRO G 887 59.90 -8.37 52.95
C PRO G 887 59.56 -6.97 53.51
N VAL G 888 59.99 -5.94 52.78
CA VAL G 888 59.63 -4.52 52.98
C VAL G 888 59.58 -3.75 51.64
N TRP G 889 58.68 -2.78 51.55
CA TRP G 889 58.38 -1.99 50.34
C TRP G 889 59.58 -1.17 49.81
N GLY G 890 59.54 -0.87 48.49
CA GLY G 890 60.49 0.01 47.81
C GLY G 890 61.83 -0.65 47.49
N LYS G 891 62.47 -1.26 48.49
CA LYS G 891 63.72 -2.04 48.34
C LYS G 891 63.90 -3.05 49.48
N SER G 892 63.78 -4.34 49.15
CA SER G 892 64.22 -5.48 49.97
C SER G 892 65.60 -5.97 49.49
N ASP G 893 65.67 -7.16 48.87
CA ASP G 893 66.86 -7.75 48.21
C ASP G 893 68.09 -8.01 49.10
N GLU G 894 69.16 -8.53 48.50
CA GLU G 894 70.40 -8.96 49.15
C GLU G 894 71.14 -7.85 49.94
N GLU G 895 70.85 -6.56 49.71
CA GLU G 895 71.40 -5.46 50.50
C GLU G 895 70.96 -5.53 51.98
N MET G 896 69.73 -5.99 52.26
CA MET G 896 69.28 -6.22 53.64
C MET G 896 69.95 -7.44 54.27
N LEU G 897 70.12 -8.52 53.50
CA LEU G 897 70.82 -9.73 53.94
C LEU G 897 72.30 -9.43 54.24
N MET G 898 72.94 -8.58 53.43
CA MET G 898 74.27 -8.05 53.67
C MET G 898 74.31 -7.18 54.93
N GLU G 899 73.43 -6.19 55.07
CA GLU G 899 73.41 -5.29 56.25
C GLU G 899 73.14 -6.05 57.56
N LYS G 900 72.26 -7.05 57.56
CA LYS G 900 71.99 -7.89 58.72
C LYS G 900 73.26 -8.63 59.17
N ILE G 901 73.97 -9.34 58.26
CA ILE G 901 75.23 -10.03 58.62
C ILE G 901 76.40 -9.07 58.92
N GLN G 902 76.42 -7.87 58.31
CA GLN G 902 77.41 -6.82 58.56
C GLN G 902 77.22 -6.17 59.94
N SER G 903 75.98 -6.04 60.41
CA SER G 903 75.66 -5.41 61.71
C SER G 903 76.12 -6.23 62.93
N ILE G 904 76.13 -7.56 62.83
CA ILE G 904 76.39 -8.50 63.95
C ILE G 904 77.88 -8.71 64.27
N GLY G 905 78.61 -7.60 64.48
CA GLY G 905 79.90 -7.59 65.14
C GLY G 905 81.10 -8.08 64.32
N VAL G 906 80.96 -8.33 63.02
CA VAL G 906 82.11 -8.55 62.13
C VAL G 906 82.93 -7.27 62.02
N SER G 907 84.17 -7.31 62.53
CA SER G 907 85.16 -6.22 62.39
C SER G 907 85.98 -6.33 61.11
N ASN G 908 86.07 -7.54 60.52
CA ASN G 908 86.68 -7.80 59.21
C ASN G 908 85.79 -7.32 58.05
N ASP G 909 85.68 -6.00 57.88
CA ASP G 909 84.86 -5.33 56.86
C ASP G 909 85.41 -5.42 55.42
N ASN G 910 86.57 -6.06 55.22
CA ASN G 910 87.19 -6.28 53.91
C ASN G 910 86.42 -7.33 53.07
N ASN G 911 86.96 -7.68 51.90
CA ASN G 911 86.34 -8.56 50.90
C ASN G 911 85.92 -9.95 51.44
N THR G 912 86.53 -10.45 52.53
CA THR G 912 86.12 -11.73 53.15
C THR G 912 84.65 -11.72 53.66
N LEU G 913 84.09 -10.55 53.97
CA LEU G 913 82.67 -10.37 54.30
C LEU G 913 81.79 -10.27 53.05
N SER G 914 82.20 -9.52 52.02
CA SER G 914 81.35 -9.33 50.82
C SER G 914 81.31 -10.56 49.92
N ILE G 915 82.41 -11.32 49.80
CA ILE G 915 82.46 -12.54 48.97
C ILE G 915 81.44 -13.58 49.44
N ILE G 916 81.26 -13.74 50.75
CA ILE G 916 80.30 -14.70 51.32
C ILE G 916 78.83 -14.26 51.21
N VAL G 917 78.55 -13.03 50.73
CA VAL G 917 77.21 -12.63 50.27
C VAL G 917 76.98 -13.12 48.84
N GLN G 918 77.90 -12.86 47.91
CA GLN G 918 77.78 -13.33 46.51
C GLN G 918 77.91 -14.87 46.37
N ILE G 919 78.44 -15.58 47.37
CA ILE G 919 78.31 -17.06 47.50
C ILE G 919 76.91 -17.49 47.97
N LEU G 920 76.20 -16.67 48.76
CA LEU G 920 74.92 -16.98 49.40
C LEU G 920 73.68 -16.71 48.52
N ILE G 921 73.72 -15.75 47.61
CA ILE G 921 72.56 -15.32 46.79
C ILE G 921 71.93 -16.50 46.02
N GLN G 922 72.72 -17.27 45.26
CA GLN G 922 72.21 -18.45 44.54
C GLN G 922 71.75 -19.58 45.48
N ALA G 923 72.33 -19.69 46.68
CA ALA G 923 71.88 -20.64 47.71
C ALA G 923 70.52 -20.27 48.33
N LYS G 924 70.19 -18.97 48.43
CA LYS G 924 68.82 -18.52 48.78
C LYS G 924 67.84 -18.81 47.65
N ASN G 925 68.20 -18.47 46.40
CA ASN G 925 67.39 -18.81 45.22
C ASN G 925 67.09 -20.32 45.18
N ALA G 926 68.07 -21.18 45.43
CA ALA G 926 67.89 -22.63 45.45
C ALA G 926 66.90 -23.14 46.53
N GLN G 927 66.52 -22.33 47.53
CA GLN G 927 65.44 -22.64 48.47
C GLN G 927 64.06 -22.19 47.96
N GLU G 928 63.97 -20.97 47.40
CA GLU G 928 62.74 -20.35 46.90
C GLU G 928 62.24 -20.92 45.55
N ASN G 929 63.17 -21.12 44.60
CA ASN G 929 62.85 -21.46 43.20
C ASN G 929 62.11 -22.80 43.07
N LEU G 930 62.29 -23.72 44.02
CA LEU G 930 61.58 -25.00 44.06
C LEU G 930 60.06 -24.81 44.17
N LEU G 931 59.58 -24.05 45.16
CA LEU G 931 58.14 -23.83 45.34
C LEU G 931 57.56 -22.98 44.23
N SER G 932 58.20 -21.86 43.90
CA SER G 932 57.70 -20.92 42.87
C SER G 932 57.63 -21.54 41.48
N GLN G 933 58.50 -22.51 41.13
CA GLN G 933 58.44 -23.22 39.86
C GLN G 933 57.49 -24.44 39.86
N THR G 934 57.32 -25.14 41.00
CA THR G 934 56.49 -26.36 41.08
C THR G 934 55.01 -26.11 41.35
N ILE G 935 54.65 -25.38 42.42
CA ILE G 935 53.23 -25.24 42.81
C ILE G 935 52.44 -24.41 41.78
N SER G 936 53.15 -23.59 41.00
CA SER G 936 52.60 -22.88 39.83
C SER G 936 51.95 -23.83 38.80
N ALA G 937 52.47 -25.06 38.67
CA ALA G 937 51.92 -26.12 37.80
C ALA G 937 50.82 -26.97 38.46
N GLU G 938 50.66 -26.91 39.79
CA GLU G 938 49.54 -27.52 40.52
C GLU G 938 48.28 -26.65 40.48
N TYR G 939 48.42 -25.34 40.70
CA TYR G 939 47.30 -24.46 41.04
C TYR G 939 47.03 -23.29 40.07
N GLY G 940 47.89 -23.08 39.07
CA GLY G 940 47.63 -22.10 38.00
C GLY G 940 47.79 -20.63 38.42
N VAL G 941 48.94 -20.30 39.03
CA VAL G 941 49.36 -18.92 39.39
C VAL G 941 50.78 -18.65 38.89
N GLU G 942 51.07 -17.41 38.50
CA GLU G 942 52.38 -17.01 37.97
C GLU G 942 53.48 -17.04 39.05
N ARG G 943 54.69 -17.49 38.68
CA ARG G 943 55.85 -17.68 39.59
C ARG G 943 56.29 -16.42 40.37
N SER G 944 55.88 -15.23 39.94
CA SER G 944 56.11 -13.97 40.65
C SER G 944 55.13 -13.74 41.83
N VAL G 945 54.00 -14.45 41.88
CA VAL G 945 52.99 -14.33 42.95
C VAL G 945 53.23 -15.33 44.09
N VAL G 946 53.72 -16.52 43.77
CA VAL G 946 53.79 -17.69 44.70
C VAL G 946 54.36 -17.40 46.10
N PRO G 947 55.56 -16.80 46.29
CA PRO G 947 56.09 -16.58 47.65
C PRO G 947 55.28 -15.55 48.46
N LEU G 948 54.72 -14.53 47.80
CA LEU G 948 53.82 -13.57 48.43
C LEU G 948 52.47 -14.21 48.80
N GLN G 949 51.90 -15.05 47.93
CA GLN G 949 50.68 -15.78 48.26
C GLN G 949 50.90 -16.69 49.47
N LEU G 950 52.03 -17.41 49.49
CA LEU G 950 52.42 -18.32 50.57
C LEU G 950 52.51 -17.58 51.91
N ARG G 951 53.20 -16.43 51.98
CA ARG G 951 53.26 -15.66 53.24
C ARG G 951 51.92 -15.02 53.59
N TRP G 952 51.18 -14.44 52.64
CA TRP G 952 49.89 -13.79 52.92
C TRP G 952 48.80 -14.77 53.39
N LEU G 953 48.88 -16.03 52.96
CA LEU G 953 48.10 -17.17 53.48
C LEU G 953 48.45 -17.52 54.94
N GLY G 954 49.60 -17.09 55.45
CA GLY G 954 50.11 -17.39 56.79
C GLY G 954 51.07 -18.58 56.83
N SER G 955 52.12 -18.56 56.00
CA SER G 955 53.12 -19.63 55.90
C SER G 955 54.55 -19.08 55.66
N ASN G 956 55.55 -19.95 55.80
CA ASN G 956 56.96 -19.66 55.52
C ASN G 956 57.58 -20.79 54.67
N VAL G 957 58.39 -20.41 53.67
CA VAL G 957 59.04 -21.32 52.70
C VAL G 957 59.85 -22.42 53.39
N TYR G 958 60.61 -22.07 54.43
CA TYR G 958 61.35 -23.06 55.21
C TYR G 958 60.40 -23.93 56.06
N SER G 959 59.35 -23.35 56.64
CA SER G 959 58.39 -24.13 57.43
C SER G 959 57.76 -25.24 56.59
N VAL G 960 57.46 -24.97 55.32
CA VAL G 960 56.97 -25.98 54.37
C VAL G 960 58.04 -27.02 54.04
N LEU G 961 59.28 -26.58 53.77
CA LEU G 961 60.41 -27.46 53.46
C LEU G 961 60.85 -28.35 54.65
N ASN G 962 60.67 -27.88 55.88
CA ASN G 962 60.91 -28.65 57.11
C ASN G 962 59.96 -29.85 57.25
N GLN G 963 58.80 -29.85 56.57
CA GLN G 963 57.88 -31.00 56.67
C GLN G 963 58.44 -32.27 56.01
N VAL G 964 59.44 -32.12 55.14
CA VAL G 964 60.27 -33.23 54.64
C VAL G 964 61.06 -33.90 55.78
N LEU G 965 61.65 -33.08 56.67
CA LEU G 965 62.35 -33.52 57.87
C LEU G 965 61.39 -34.14 58.92
N ASN G 966 60.13 -33.71 58.92
CA ASN G 966 59.03 -34.31 59.68
C ASN G 966 58.41 -35.56 58.99
N ASN G 967 59.11 -36.16 58.01
CA ASN G 967 58.75 -37.42 57.35
C ASN G 967 57.43 -37.38 56.52
N THR G 968 57.00 -36.20 56.06
CA THR G 968 55.84 -36.10 55.14
C THR G 968 55.92 -36.99 53.90
N PRO G 969 57.10 -37.24 53.28
CA PRO G 969 57.20 -38.16 52.13
C PRO G 969 56.84 -39.63 52.42
N THR G 970 56.66 -40.04 53.68
CA THR G 970 56.23 -41.40 54.01
C THR G 970 54.76 -41.62 53.64
N ASP G 971 54.48 -42.65 52.82
CA ASP G 971 53.12 -42.93 52.30
C ASP G 971 52.23 -43.70 53.30
N ILE G 972 52.25 -43.29 54.56
CA ILE G 972 51.11 -43.48 55.46
C ILE G 972 50.01 -42.49 55.05
N SER G 973 48.75 -42.86 55.25
CA SER G 973 47.59 -42.02 54.85
C SER G 973 47.29 -40.87 55.83
N SER G 974 48.32 -40.38 56.55
CA SER G 974 48.25 -39.29 57.54
C SER G 974 49.42 -38.32 57.35
N ILE G 975 49.14 -37.01 57.42
CA ILE G 975 50.14 -35.93 57.43
C ILE G 975 49.72 -34.84 58.42
N VAL G 976 50.68 -34.00 58.81
CA VAL G 976 50.51 -32.90 59.78
C VAL G 976 49.43 -31.90 59.32
N PRO G 977 48.61 -31.33 60.23
CA PRO G 977 47.67 -30.24 59.91
C PRO G 977 48.33 -29.04 59.21
N LYS G 978 49.57 -28.72 59.62
CA LYS G 978 50.44 -27.69 59.03
C LYS G 978 50.61 -27.82 57.51
N LEU G 979 50.39 -29.00 56.94
CA LEU G 979 50.23 -29.21 55.50
C LEU G 979 48.79 -29.47 55.07
N SER G 980 48.11 -30.42 55.70
CA SER G 980 46.81 -30.90 55.23
C SER G 980 45.69 -29.85 55.30
N GLU G 981 45.76 -28.90 56.25
CA GLU G 981 44.86 -27.75 56.34
C GLU G 981 45.42 -26.52 55.61
N LEU G 982 46.74 -26.36 55.53
CA LEU G 982 47.38 -25.32 54.69
C LEU G 982 47.00 -25.50 53.21
N THR G 983 47.06 -26.73 52.71
CA THR G 983 46.72 -27.09 51.32
C THR G 983 45.25 -26.80 51.02
N TYR G 984 44.38 -27.08 51.98
CA TYR G 984 42.96 -26.75 51.92
C TYR G 984 42.75 -25.22 51.89
N SER G 985 43.48 -24.50 52.74
CA SER G 985 43.43 -23.04 52.85
C SER G 985 43.98 -22.34 51.60
N LEU G 986 44.97 -22.92 50.93
CA LEU G 986 45.53 -22.38 49.70
C LEU G 986 44.48 -22.26 48.58
N LEU G 987 43.52 -23.17 48.49
CA LEU G 987 42.50 -23.15 47.43
C LEU G 987 41.51 -21.98 47.61
N ILE G 988 41.10 -21.68 48.83
CA ILE G 988 40.24 -20.52 49.14
C ILE G 988 40.99 -19.21 48.86
N TYR G 989 42.25 -19.10 49.29
CA TYR G 989 43.06 -17.93 48.95
C TYR G 989 43.41 -17.86 47.46
N THR G 990 43.37 -18.97 46.71
CA THR G 990 43.50 -18.94 45.24
C THR G 990 42.26 -18.32 44.58
N GLN G 991 41.07 -18.58 45.10
CA GLN G 991 39.85 -17.93 44.60
C GLN G 991 39.79 -16.44 44.95
N LEU G 992 40.36 -16.02 46.09
CA LEU G 992 40.55 -14.60 46.43
C LEU G 992 41.43 -13.83 45.42
N ILE G 993 42.24 -14.52 44.61
CA ILE G 993 43.11 -13.93 43.58
C ILE G 993 42.72 -14.35 42.14
N ASN G 994 41.52 -14.92 41.96
CA ASN G 994 40.98 -15.28 40.63
C ASN G 994 39.52 -14.88 40.41
N SER G 995 38.68 -14.86 41.46
CA SER G 995 37.33 -14.24 41.38
C SER G 995 37.42 -12.71 41.22
N LEU G 996 38.57 -12.12 41.54
CA LEU G 996 39.05 -10.82 41.10
C LEU G 996 40.57 -10.93 40.84
N LYS G 997 41.09 -10.21 39.84
CA LYS G 997 42.53 -10.23 39.49
C LYS G 997 43.20 -8.94 39.97
N LEU G 998 44.35 -9.05 40.62
CA LEU G 998 45.19 -7.91 41.02
C LEU G 998 46.69 -8.25 40.95
N ASN G 999 47.51 -7.20 40.89
CA ASN G 999 48.96 -7.25 40.71
C ASN G 999 49.74 -7.34 42.03
N LYS G 1000 50.96 -7.90 41.98
CA LYS G 1000 51.77 -8.21 43.17
C LYS G 1000 52.12 -7.02 44.07
N GLU G 1001 52.28 -5.81 43.52
CA GLU G 1001 52.65 -4.64 44.33
C GLU G 1001 51.61 -4.29 45.39
N PHE G 1002 50.33 -4.56 45.10
CA PHE G 1002 49.26 -4.44 46.09
C PHE G 1002 49.47 -5.39 47.26
N ILE G 1003 49.73 -6.67 46.96
CA ILE G 1003 50.00 -7.72 47.95
C ILE G 1003 51.26 -7.37 48.76
N PHE G 1004 52.31 -6.90 48.10
CA PHE G 1004 53.59 -6.51 48.69
C PHE G 1004 53.43 -5.35 49.70
N LEU G 1005 52.62 -4.33 49.39
CA LEU G 1005 52.26 -3.27 50.33
C LEU G 1005 51.42 -3.79 51.50
N ARG G 1006 50.34 -4.54 51.20
CA ARG G 1006 49.43 -5.17 52.16
C ARG G 1006 50.14 -6.07 53.17
N LEU G 1007 51.15 -6.80 52.71
CA LEU G 1007 52.00 -7.70 53.51
C LEU G 1007 53.08 -6.93 54.30
N THR G 1008 53.60 -5.83 53.74
CA THR G 1008 54.63 -5.00 54.39
C THR G 1008 54.07 -4.21 55.58
N GLN G 1009 52.96 -3.49 55.40
CA GLN G 1009 52.59 -2.40 56.31
C GLN G 1009 51.08 -2.12 56.33
N PRO G 1010 50.26 -2.96 57.00
CA PRO G 1010 48.80 -2.85 56.98
C PRO G 1010 48.26 -1.50 57.46
N ASN G 1011 48.76 -0.95 58.58
CA ASN G 1011 48.28 0.35 59.09
C ASN G 1011 48.64 1.53 58.16
N TRP G 1012 49.77 1.42 57.44
CA TRP G 1012 50.24 2.41 56.47
C TRP G 1012 49.38 2.39 55.20
N LEU G 1013 48.97 1.20 54.75
CA LEU G 1013 48.00 1.05 53.66
C LEU G 1013 46.67 1.71 54.05
N GLY G 1014 46.24 1.47 55.29
CA GLY G 1014 45.08 2.11 55.93
C GLY G 1014 44.24 1.17 56.80
N LEU G 1015 44.69 -0.07 57.06
CA LEU G 1015 43.96 -1.03 57.89
C LEU G 1015 44.14 -0.79 59.40
N THR G 1016 43.41 -1.55 60.24
CA THR G 1016 43.59 -1.60 61.70
C THR G 1016 44.60 -2.68 62.12
N GLN G 1017 45.23 -2.51 63.28
CA GLN G 1017 46.28 -3.39 63.81
C GLN G 1017 45.93 -4.90 63.82
N PRO G 1018 44.70 -5.35 64.19
CA PRO G 1018 44.35 -6.77 64.17
C PRO G 1018 44.50 -7.45 62.81
N LYS G 1019 44.49 -6.68 61.70
CA LYS G 1019 44.63 -7.20 60.32
C LYS G 1019 46.09 -7.40 59.86
N LEU G 1020 47.05 -7.33 60.79
CA LEU G 1020 48.33 -8.06 60.67
C LEU G 1020 48.12 -9.58 60.71
N SER G 1021 47.01 -10.08 61.30
CA SER G 1021 46.62 -11.50 61.23
C SER G 1021 46.13 -11.92 59.83
N THR G 1022 45.98 -13.23 59.61
CA THR G 1022 45.47 -13.82 58.36
C THR G 1022 43.98 -13.58 58.08
N GLN G 1023 43.20 -13.13 59.08
CA GLN G 1023 41.74 -12.96 58.96
C GLN G 1023 41.33 -11.78 58.07
N LEU G 1024 40.23 -11.94 57.33
CA LEU G 1024 39.68 -10.97 56.37
C LEU G 1024 38.17 -10.74 56.64
N SER G 1025 37.68 -9.51 56.51
CA SER G 1025 36.24 -9.20 56.61
C SER G 1025 35.80 -8.06 55.67
N LEU G 1026 34.48 -7.93 55.47
CA LEU G 1026 33.88 -7.04 54.48
C LEU G 1026 34.43 -5.59 54.45
N PRO G 1027 34.72 -4.93 55.58
CA PRO G 1027 35.36 -3.60 55.60
C PRO G 1027 36.70 -3.49 54.84
N GLU G 1028 37.45 -4.59 54.69
CA GLU G 1028 38.57 -4.63 53.73
C GLU G 1028 38.07 -4.84 52.30
N ILE G 1029 37.19 -5.81 52.10
CA ILE G 1029 36.76 -6.24 50.77
C ILE G 1029 36.12 -5.08 49.98
N TYR G 1030 35.30 -4.21 50.61
CA TYR G 1030 34.79 -3.00 49.96
C TYR G 1030 35.94 -2.09 49.48
N LEU G 1031 36.87 -1.78 50.39
CA LEU G 1031 37.91 -0.77 50.19
C LEU G 1031 38.97 -1.20 49.16
N ILE G 1032 39.40 -2.47 49.22
CA ILE G 1032 40.36 -3.04 48.25
C ILE G 1032 39.72 -3.23 46.87
N THR G 1033 38.42 -3.50 46.81
CA THR G 1033 37.69 -3.59 45.53
C THR G 1033 37.48 -2.21 44.90
N CYS G 1034 37.03 -1.22 45.67
CA CYS G 1034 36.88 0.16 45.23
C CYS G 1034 38.21 0.84 44.90
N TYR G 1035 39.31 0.44 45.55
CA TYR G 1035 40.68 0.74 45.10
C TYR G 1035 40.99 0.10 43.74
N GLN G 1036 40.68 -1.20 43.59
CA GLN G 1036 40.95 -1.94 42.35
C GLN G 1036 40.13 -1.43 41.15
N ASP G 1037 38.99 -0.77 41.39
CA ASP G 1037 38.30 0.06 40.38
C ASP G 1037 38.98 1.41 40.18
N TRP G 1038 39.33 2.14 41.25
CA TRP G 1038 39.88 3.49 41.15
C TRP G 1038 41.25 3.55 40.47
N VAL G 1039 42.11 2.55 40.68
CA VAL G 1039 43.42 2.44 40.02
C VAL G 1039 43.32 2.29 38.50
N VAL G 1040 42.19 1.76 38.00
CA VAL G 1040 41.84 1.69 36.57
C VAL G 1040 41.14 2.98 36.11
N ASN G 1041 40.21 3.51 36.92
CA ASN G 1041 39.42 4.69 36.60
C ASN G 1041 40.23 6.00 36.55
N ALA G 1042 41.34 6.09 37.30
CA ALA G 1042 42.19 7.28 37.33
C ALA G 1042 42.77 7.65 35.94
N ASN G 1043 43.00 8.95 35.71
CA ASN G 1043 43.32 9.51 34.39
C ASN G 1043 44.79 9.36 33.96
N LYS G 1044 45.60 8.58 34.68
CA LYS G 1044 47.04 8.37 34.44
C LYS G 1044 47.44 6.92 34.69
N ASN G 1045 48.60 6.49 34.20
CA ASN G 1045 49.06 5.10 34.31
C ASN G 1045 49.30 4.63 35.77
N GLU G 1046 49.71 3.37 35.92
CA GLU G 1046 49.80 2.63 37.18
C GLU G 1046 50.47 3.37 38.36
N ASP G 1047 51.67 3.93 38.17
CA ASP G 1047 52.59 4.11 39.30
C ASP G 1047 52.50 5.48 40.01
N SER G 1048 51.90 6.49 39.37
CA SER G 1048 51.81 7.85 39.93
C SER G 1048 51.11 7.89 41.30
N ILE G 1049 50.19 6.96 41.54
CA ILE G 1049 49.48 6.79 42.81
C ILE G 1049 50.47 6.46 43.95
N HIS G 1050 51.48 5.62 43.69
CA HIS G 1050 52.51 5.31 44.69
C HIS G 1050 53.34 6.54 45.04
N GLU G 1051 53.84 7.29 44.05
CA GLU G 1051 54.63 8.49 44.37
C GLU G 1051 53.84 9.55 45.15
N TYR G 1052 52.54 9.68 44.87
CA TYR G 1052 51.67 10.55 45.65
C TYR G 1052 51.52 10.09 47.11
N LEU G 1053 51.22 8.81 47.35
CA LEU G 1053 51.01 8.26 48.70
C LEU G 1053 52.29 8.26 49.54
N GLU G 1054 53.44 7.94 48.93
CA GLU G 1054 54.76 8.03 49.58
C GLU G 1054 55.09 9.46 50.01
N PHE G 1055 54.79 10.45 49.17
CA PHE G 1055 54.94 11.86 49.54
C PHE G 1055 54.00 12.28 50.68
N ALA G 1056 52.73 11.84 50.65
CA ALA G 1056 51.77 12.18 51.69
C ALA G 1056 52.23 11.71 53.09
N ASN G 1057 52.96 10.60 53.15
CA ASN G 1057 53.40 9.95 54.39
C ASN G 1057 54.69 10.53 55.03
N ILE G 1058 55.47 11.38 54.35
CA ILE G 1058 56.71 11.99 54.86
C ILE G 1058 56.48 12.75 56.19
N LYS G 1059 57.04 12.22 57.29
CA LYS G 1059 57.43 12.92 58.55
C LYS G 1059 56.42 13.99 59.03
N LYS G 1060 55.20 13.60 59.42
CA LYS G 1060 54.17 14.59 59.79
C LYS G 1060 54.55 15.37 61.06
N THR G 1061 55.00 14.71 62.13
CA THR G 1061 55.28 15.37 63.43
C THR G 1061 56.59 16.15 63.43
N GLU G 1062 57.69 15.55 62.98
CA GLU G 1062 59.03 16.18 63.00
C GLU G 1062 59.24 17.27 61.94
N ALA G 1063 58.38 17.38 60.91
CA ALA G 1063 58.55 18.34 59.83
C ALA G 1063 57.24 18.88 59.24
N GLU G 1064 56.44 18.02 58.61
CA GLU G 1064 55.51 18.48 57.56
C GLU G 1064 54.19 19.09 58.06
N LYS G 1065 53.63 18.66 59.20
CA LYS G 1065 52.29 19.11 59.64
C LYS G 1065 52.25 20.62 59.92
N THR G 1066 53.24 21.14 60.64
CA THR G 1066 53.35 22.59 60.94
C THR G 1066 53.69 23.43 59.69
N LEU G 1067 54.27 22.80 58.66
CA LEU G 1067 54.48 23.38 57.31
C LEU G 1067 53.29 23.13 56.36
N VAL G 1068 52.14 22.72 56.90
CA VAL G 1068 50.89 22.36 56.19
C VAL G 1068 51.09 21.41 55.01
N ASP G 1069 52.13 20.57 55.08
CA ASP G 1069 52.58 19.64 54.03
C ASP G 1069 52.90 20.33 52.69
N ASN G 1070 53.09 21.66 52.67
CA ASN G 1070 52.99 22.53 51.49
C ASN G 1070 51.70 22.25 50.65
N SER G 1071 50.56 22.44 51.33
CA SER G 1071 49.18 22.20 50.84
C SER G 1071 48.92 22.73 49.43
N GLU G 1072 49.52 23.88 49.07
CA GLU G 1072 49.37 24.51 47.77
C GLU G 1072 49.88 23.67 46.58
N LYS G 1073 50.75 22.67 46.82
CA LYS G 1073 51.25 21.74 45.77
C LYS G 1073 51.09 20.25 46.09
N CYS G 1074 51.07 19.82 47.35
CA CYS G 1074 50.83 18.40 47.64
C CYS G 1074 49.38 17.99 47.32
N ALA G 1075 48.40 18.83 47.71
CA ALA G 1075 46.98 18.62 47.39
C ALA G 1075 46.65 18.81 45.90
N GLU G 1076 47.57 19.40 45.14
CA GLU G 1076 47.42 19.58 43.70
C GLU G 1076 47.51 18.23 42.97
N LEU G 1077 48.45 17.35 43.34
CA LEU G 1077 48.66 16.06 42.67
C LEU G 1077 47.48 15.09 42.86
N LEU G 1078 46.79 15.19 44.00
CA LEU G 1078 45.54 14.48 44.32
C LEU G 1078 44.37 14.88 43.40
N ALA G 1079 44.33 16.14 42.98
CA ALA G 1079 43.44 16.62 41.93
C ALA G 1079 43.90 16.17 40.54
N GLU G 1080 45.21 16.27 40.24
CA GLU G 1080 45.76 16.00 38.92
C GLU G 1080 45.57 14.55 38.46
N ILE G 1081 45.72 13.57 39.36
CA ILE G 1081 45.48 12.14 39.07
C ILE G 1081 44.02 11.82 38.70
N LEU G 1082 43.08 12.68 39.13
CA LEU G 1082 41.66 12.65 38.79
C LEU G 1082 41.29 13.54 37.58
N ALA G 1083 42.26 14.30 37.05
CA ALA G 1083 42.04 15.42 36.13
C ALA G 1083 40.99 16.44 36.64
N TRP G 1084 40.89 16.62 37.97
CA TRP G 1084 39.79 17.35 38.62
C TRP G 1084 40.23 18.69 39.26
N ASP G 1085 39.30 19.38 39.92
CA ASP G 1085 39.52 20.69 40.55
C ASP G 1085 40.42 20.63 41.81
N ALA G 1086 41.59 21.26 41.74
CA ALA G 1086 42.48 21.47 42.89
C ALA G 1086 41.93 22.46 43.95
N GLY G 1087 40.87 23.19 43.63
CA GLY G 1087 40.18 24.13 44.52
C GLY G 1087 39.34 23.44 45.59
N GLU G 1088 38.13 23.01 45.26
CA GLU G 1088 37.12 22.65 46.28
C GLU G 1088 37.51 21.43 47.14
N ILE G 1089 38.42 20.59 46.67
CA ILE G 1089 39.01 19.49 47.46
C ILE G 1089 39.68 19.96 48.76
N LEU G 1090 40.13 21.23 48.84
CA LEU G 1090 40.68 21.81 50.07
C LEU G 1090 39.64 21.94 51.20
N LYS G 1091 38.33 21.80 50.93
CA LYS G 1091 37.30 21.70 51.97
C LYS G 1091 37.54 20.53 52.93
N ALA G 1092 38.31 19.51 52.53
CA ALA G 1092 38.73 18.45 53.43
C ALA G 1092 39.45 18.97 54.70
N ALA G 1093 40.07 20.16 54.66
CA ALA G 1093 40.65 20.84 55.82
C ALA G 1093 39.63 21.16 56.94
N SER G 1094 38.32 20.99 56.70
CA SER G 1094 37.26 21.05 57.71
C SER G 1094 37.19 19.83 58.65
N LEU G 1095 38.03 18.81 58.45
CA LEU G 1095 38.16 17.64 59.33
C LEU G 1095 39.63 17.11 59.39
N LEU G 1096 39.87 16.15 60.28
CA LEU G 1096 41.16 15.48 60.51
C LEU G 1096 42.30 16.40 61.01
N GLY G 1097 42.07 17.06 62.15
CA GLY G 1097 43.13 17.49 63.07
C GLY G 1097 44.10 18.55 62.53
N LEU G 1098 43.62 19.47 61.68
CA LEU G 1098 44.39 20.54 61.04
C LEU G 1098 45.50 20.06 60.08
N ASN G 1099 45.51 18.77 59.73
CA ASN G 1099 46.28 18.24 58.58
C ASN G 1099 45.70 18.79 57.24
N PRO G 1100 46.37 18.56 56.08
CA PRO G 1100 45.86 18.97 54.79
C PRO G 1100 44.38 18.68 54.46
N PRO G 1101 43.77 17.55 54.88
CA PRO G 1101 44.33 16.24 55.25
C PRO G 1101 44.51 15.34 54.02
N GLN G 1102 45.51 14.46 54.01
CA GLN G 1102 45.80 13.57 52.87
C GLN G 1102 46.42 12.20 53.24
N ALA G 1103 47.15 12.09 54.36
CA ALA G 1103 47.86 10.88 54.77
C ALA G 1103 46.96 9.70 55.20
N THR G 1104 45.64 9.92 55.36
CA THR G 1104 44.65 8.83 55.45
C THR G 1104 44.49 8.21 54.06
N ASN G 1105 45.30 7.19 53.79
CA ASN G 1105 45.76 6.83 52.45
C ASN G 1105 44.70 6.25 51.47
N VAL G 1106 43.44 6.07 51.89
CA VAL G 1106 42.36 5.62 50.99
C VAL G 1106 41.06 6.40 51.16
N PHE G 1107 40.56 6.59 52.39
CA PHE G 1107 39.19 7.06 52.63
C PHE G 1107 38.85 8.40 51.97
N GLU G 1108 39.79 9.34 51.91
CA GLU G 1108 39.61 10.63 51.23
C GLU G 1108 39.46 10.47 49.72
N ILE G 1109 40.20 9.53 49.12
CA ILE G 1109 40.12 9.21 47.69
C ILE G 1109 38.80 8.48 47.39
N ASP G 1110 38.44 7.56 48.26
CA ASP G 1110 37.21 6.74 48.21
C ASP G 1110 35.94 7.59 48.26
N TRP G 1111 35.95 8.60 49.13
CA TRP G 1111 34.90 9.62 49.20
C TRP G 1111 34.89 10.51 47.96
N ILE G 1112 36.05 10.99 47.51
CA ILE G 1112 36.19 11.87 46.33
C ILE G 1112 35.74 11.19 45.03
N ARG G 1113 35.83 9.86 44.91
CA ARG G 1113 35.17 9.11 43.82
C ARG G 1113 33.68 9.43 43.77
N ARG G 1114 32.99 9.34 44.92
CA ARG G 1114 31.55 9.62 45.06
C ARG G 1114 31.23 11.12 44.95
N LEU G 1115 32.12 12.01 45.41
CA LEU G 1115 31.96 13.45 45.17
C LEU G 1115 32.10 13.80 43.68
N GLN G 1116 33.00 13.16 42.95
CA GLN G 1116 33.17 13.38 41.51
C GLN G 1116 31.93 12.89 40.72
N THR G 1117 31.36 11.74 41.06
CA THR G 1117 30.12 11.27 40.40
C THR G 1117 28.89 12.09 40.81
N LEU G 1118 28.72 12.46 42.09
CA LEU G 1118 27.67 13.40 42.52
C LEU G 1118 27.78 14.76 41.80
N SER G 1119 29.02 15.25 41.61
CA SER G 1119 29.33 16.47 40.84
C SER G 1119 29.05 16.36 39.33
N GLU G 1120 28.64 15.18 38.84
CA GLU G 1120 28.18 14.95 37.47
C GLU G 1120 26.68 14.59 37.38
N LYS G 1121 26.07 14.08 38.47
CA LYS G 1121 24.61 14.06 38.65
C LYS G 1121 24.04 15.50 38.69
N THR G 1122 24.70 16.39 39.42
CA THR G 1122 24.28 17.78 39.65
C THR G 1122 25.47 18.74 39.68
N MET G 1123 25.23 20.02 39.41
CA MET G 1123 26.23 21.08 39.40
C MET G 1123 26.49 21.71 40.78
N ILE G 1124 25.97 21.14 41.86
CA ILE G 1124 26.19 21.60 43.24
C ILE G 1124 27.65 21.41 43.71
N SER G 1125 28.13 22.31 44.57
CA SER G 1125 29.46 22.31 45.19
C SER G 1125 29.56 21.31 46.35
N THR G 1126 30.77 20.85 46.65
CA THR G 1126 31.03 20.09 47.90
C THR G 1126 30.82 20.95 49.16
N GLU G 1127 30.98 22.26 49.03
CA GLU G 1127 30.70 23.23 50.10
C GLU G 1127 29.22 23.21 50.52
N TYR G 1128 28.30 23.08 49.56
CA TYR G 1128 26.87 22.99 49.84
C TYR G 1128 26.46 21.57 50.29
N LEU G 1129 27.09 20.53 49.76
CA LEU G 1129 26.88 19.15 50.22
C LEU G 1129 27.23 18.96 51.72
N TRP G 1130 28.20 19.72 52.23
CA TRP G 1130 28.47 19.81 53.67
C TRP G 1130 27.29 20.38 54.47
N GLN G 1131 26.61 21.42 53.97
CA GLN G 1131 25.45 22.01 54.65
C GLN G 1131 24.29 21.02 54.71
N MET G 1132 24.10 20.23 53.66
CA MET G 1132 23.10 19.14 53.62
C MET G 1132 23.35 18.07 54.70
N GLY G 1133 24.59 17.93 55.20
CA GLY G 1133 24.91 17.16 56.40
C GLY G 1133 24.60 17.91 57.70
N ASP G 1134 25.09 19.16 57.84
CA ASP G 1134 24.90 20.01 59.03
C ASP G 1134 23.43 20.23 59.41
N LEU G 1135 22.52 20.25 58.44
CA LEU G 1135 21.08 20.45 58.63
C LEU G 1135 20.33 19.26 59.26
N THR G 1136 20.99 18.14 59.52
CA THR G 1136 20.34 16.88 59.96
C THR G 1136 19.63 16.99 61.32
N GLU G 1137 20.26 17.64 62.30
CA GLU G 1137 20.02 17.37 63.72
C GLU G 1137 19.06 18.37 64.39
N ASN G 1138 17.91 18.66 63.76
CA ASN G 1138 17.04 19.78 64.17
C ASN G 1138 17.78 21.13 64.22
N SER G 1139 18.70 21.35 63.28
CA SER G 1139 19.60 22.51 63.21
C SER G 1139 18.88 23.84 62.91
N GLU G 1140 19.62 24.95 63.02
CA GLU G 1140 19.16 26.32 62.75
C GLU G 1140 18.46 26.46 61.37
N PHE G 1141 17.32 27.16 61.32
CA PHE G 1141 16.40 27.13 60.18
C PHE G 1141 16.83 27.96 58.96
N SER G 1142 17.52 29.10 59.14
CA SER G 1142 17.88 29.99 58.01
C SER G 1142 18.83 29.32 57.01
N LEU G 1143 19.69 28.43 57.50
CA LEU G 1143 20.55 27.59 56.65
C LEU G 1143 19.73 26.63 55.76
N LYS G 1144 18.60 26.09 56.22
CA LYS G 1144 17.71 25.23 55.40
C LYS G 1144 16.93 26.06 54.38
N GLU G 1145 16.40 27.21 54.82
CA GLU G 1145 15.69 28.16 53.96
C GLU G 1145 16.61 28.67 52.81
N GLY G 1146 17.90 28.89 53.09
CA GLY G 1146 18.92 29.24 52.11
C GLY G 1146 19.36 28.09 51.20
N VAL G 1147 19.60 26.89 51.75
CA VAL G 1147 20.02 25.71 50.97
C VAL G 1147 18.96 25.25 49.97
N GLY G 1148 17.68 25.29 50.34
CA GLY G 1148 16.57 24.96 49.43
C GLY G 1148 16.53 25.92 48.23
N GLU G 1149 16.65 27.21 48.48
CA GLU G 1149 16.74 28.25 47.44
C GLU G 1149 17.99 28.11 46.57
N ALA G 1150 19.14 27.77 47.16
CA ALA G 1150 20.39 27.56 46.44
C ALA G 1150 20.33 26.36 45.49
N VAL G 1151 19.68 25.27 45.90
CA VAL G 1151 19.45 24.09 45.05
C VAL G 1151 18.44 24.39 43.93
N MET G 1152 17.39 25.16 44.22
CA MET G 1152 16.44 25.64 43.21
C MET G 1152 17.15 26.47 42.13
N ALA G 1153 17.97 27.45 42.52
CA ALA G 1153 18.75 28.26 41.59
C ALA G 1153 19.73 27.41 40.75
N ALA G 1154 20.35 26.40 41.35
CA ALA G 1154 21.21 25.45 40.63
C ALA G 1154 20.44 24.62 39.58
N LEU G 1155 19.15 24.34 39.78
CA LEU G 1155 18.31 23.73 38.74
C LEU G 1155 17.92 24.73 37.65
N LYS G 1156 17.53 25.97 37.98
CA LYS G 1156 17.23 27.00 36.97
C LYS G 1156 18.40 27.23 36.00
N ALA G 1157 19.63 27.16 36.51
CA ALA G 1157 20.87 27.22 35.73
C ALA G 1157 21.05 26.07 34.72
N GLN G 1158 20.23 25.02 34.77
CA GLN G 1158 20.12 23.96 33.77
C GLN G 1158 18.79 24.04 32.98
N GLY G 1159 17.67 24.20 33.68
CA GLY G 1159 16.32 24.42 33.12
C GLY G 1159 15.77 23.25 32.28
N ASP G 1160 14.76 23.55 31.45
CA ASP G 1160 14.20 22.59 30.47
C ASP G 1160 15.11 22.37 29.24
N SER G 1161 16.12 23.22 29.05
CA SER G 1161 17.21 23.07 28.07
C SER G 1161 18.25 22.03 28.57
N ASP G 1162 19.52 22.38 28.66
CA ASP G 1162 20.55 21.61 29.39
C ASP G 1162 21.55 22.53 30.14
N ASN G 1163 22.16 23.50 29.46
CA ASN G 1163 23.03 24.57 29.99
C ASN G 1163 24.08 24.09 31.03
N VAL G 1164 24.46 24.95 31.99
CA VAL G 1164 25.34 24.62 33.13
C VAL G 1164 25.09 25.59 34.29
N MET H 1 10.86 27.56 34.59
CA MET H 1 11.02 26.20 34.00
C MET H 1 9.89 25.30 34.46
N SER H 2 9.59 24.22 33.74
CA SER H 2 8.33 23.46 33.86
C SER H 2 7.98 22.99 35.29
N ASN H 3 8.96 22.65 36.12
CA ASN H 3 8.73 22.24 37.52
C ASN H 3 8.68 23.39 38.54
N SER H 4 9.26 24.57 38.25
CA SER H 4 9.13 25.73 39.14
C SER H 4 7.72 26.35 39.12
N ILE H 5 6.97 26.07 38.04
CA ILE H 5 5.54 26.45 37.91
C ILE H 5 4.70 25.92 39.06
N GLU H 6 5.00 24.72 39.54
CA GLU H 6 4.30 24.05 40.65
C GLU H 6 4.26 24.91 41.92
N ALA H 7 5.38 25.57 42.25
CA ALA H 7 5.51 26.48 43.38
C ALA H 7 4.86 27.85 43.13
N LYS H 8 4.91 28.39 41.90
CA LYS H 8 4.22 29.64 41.54
C LYS H 8 2.69 29.49 41.55
N LEU H 9 2.17 28.28 41.35
CA LEU H 9 0.78 27.95 41.65
C LEU H 9 0.54 27.79 43.16
N GLN H 10 1.30 26.93 43.85
CA GLN H 10 0.99 26.54 45.24
C GLN H 10 0.86 27.73 46.22
N GLU H 11 1.65 28.79 46.03
CA GLU H 11 1.57 29.99 46.88
C GLU H 11 0.23 30.76 46.74
N ASP H 12 -0.48 30.63 45.61
CA ASP H 12 -1.81 31.24 45.43
C ASP H 12 -2.96 30.25 45.65
N LEU H 13 -2.74 28.97 45.34
CA LEU H 13 -3.73 27.91 45.57
C LEU H 13 -4.08 27.75 47.06
N ARG H 14 -3.09 27.96 47.94
CA ARG H 14 -3.19 27.73 49.39
C ARG H 14 -2.82 28.97 50.19
N ASP H 15 -1.53 29.31 50.26
CA ASP H 15 -1.00 30.30 51.22
C ASP H 15 -1.73 31.64 51.19
N ALA H 16 -1.83 32.27 50.00
CA ALA H 16 -2.48 33.56 49.85
C ALA H 16 -4.00 33.52 50.12
N LEU H 17 -4.63 32.35 50.07
CA LEU H 17 -6.09 32.24 50.20
C LEU H 17 -6.54 31.95 51.63
N VAL H 18 -5.93 30.98 52.32
CA VAL H 18 -6.33 30.63 53.69
C VAL H 18 -5.96 31.70 54.72
N ASP H 19 -4.75 32.27 54.63
CA ASP H 19 -4.28 33.34 55.52
C ASP H 19 -5.08 34.64 55.32
N TYR H 20 -5.56 34.88 54.10
CA TYR H 20 -6.51 35.95 53.81
C TYR H 20 -7.86 35.66 54.46
N TYR H 21 -8.39 34.45 54.25
CA TYR H 21 -9.75 34.12 54.65
C TYR H 21 -9.92 34.20 56.16
N LEU H 22 -9.03 33.55 56.92
CA LEU H 22 -9.13 33.59 58.36
C LEU H 22 -8.75 34.96 58.90
N GLY H 23 -7.60 35.49 58.48
CA GLY H 23 -6.98 36.60 59.17
C GLY H 23 -7.70 37.92 58.91
N GLN H 24 -7.96 38.19 57.64
CA GLN H 24 -8.61 39.43 57.27
C GLN H 24 -10.05 39.47 57.75
N ILE H 25 -10.81 38.40 57.54
CA ILE H 25 -12.23 38.45 57.86
C ILE H 25 -12.48 38.40 59.36
N VAL H 26 -11.89 37.42 60.05
CA VAL H 26 -12.32 37.19 61.43
C VAL H 26 -11.77 38.15 62.47
N PRO H 27 -10.42 38.24 62.67
CA PRO H 27 -9.87 39.20 63.61
C PRO H 27 -9.71 40.62 63.09
N ASN H 28 -9.12 40.74 61.90
CA ASN H 28 -8.35 41.95 61.62
C ASN H 28 -9.24 43.17 61.34
N SER H 29 -10.18 42.99 60.44
CA SER H 29 -10.79 44.10 59.72
C SER H 29 -11.88 44.94 60.38
N LYS H 30 -12.16 46.08 59.72
CA LYS H 30 -13.43 46.81 59.70
C LYS H 30 -13.87 46.95 58.22
N ASP H 31 -13.54 45.93 57.42
CA ASP H 31 -13.52 45.91 55.94
C ASP H 31 -14.49 44.83 55.42
N PHE H 32 -14.20 43.57 55.78
CA PHE H 32 -15.06 42.40 55.60
C PHE H 32 -15.87 42.06 56.86
N THR H 33 -15.34 42.40 58.04
CA THR H 33 -15.89 42.01 59.36
C THR H 33 -17.23 42.69 59.66
N ASN H 34 -17.52 43.83 59.02
CA ASN H 34 -18.86 44.44 59.03
C ASN H 34 -19.94 43.56 58.35
N LEU H 35 -19.50 42.55 57.59
CA LEU H 35 -20.30 41.62 56.77
C LEU H 35 -19.93 40.15 57.09
N ARG H 36 -19.51 39.89 58.33
CA ARG H 36 -18.89 38.64 58.83
C ARG H 36 -19.55 37.32 58.39
N SER H 37 -20.87 37.27 58.30
CA SER H 37 -21.65 36.07 57.96
C SER H 37 -21.66 35.74 56.46
N THR H 38 -21.27 36.68 55.59
CA THR H 38 -21.46 36.58 54.13
C THR H 38 -20.52 35.59 53.41
N ILE H 39 -19.37 35.25 54.00
CA ILE H 39 -18.34 34.39 53.40
C ILE H 39 -18.13 33.12 54.24
N LYS H 40 -18.23 31.95 53.61
CA LYS H 40 -17.92 30.63 54.21
C LYS H 40 -17.21 29.66 53.25
N ASN H 41 -17.15 29.95 51.95
CA ASN H 41 -16.57 29.08 50.93
C ASN H 41 -15.89 29.86 49.79
N VAL H 42 -15.02 29.20 49.00
CA VAL H 42 -14.38 29.78 47.81
C VAL H 42 -15.36 30.33 46.77
N ASP H 43 -16.57 29.77 46.67
CA ASP H 43 -17.66 30.30 45.84
C ASP H 43 -18.07 31.74 46.26
N ASP H 44 -18.01 32.03 47.55
CA ASP H 44 -18.22 33.37 48.10
C ASP H 44 -17.03 34.29 47.81
N LEU H 45 -15.79 33.78 47.91
CA LEU H 45 -14.60 34.56 47.55
C LEU H 45 -14.64 34.99 46.07
N TYR H 46 -15.03 34.08 45.19
CA TYR H 46 -15.27 34.34 43.77
C TYR H 46 -16.35 35.41 43.57
N ASP H 47 -17.53 35.23 44.17
CA ASP H 47 -18.64 36.15 44.01
C ASP H 47 -18.33 37.56 44.56
N HIS H 48 -17.61 37.63 45.69
CA HIS H 48 -17.31 38.89 46.39
C HIS H 48 -16.13 39.65 45.77
N LEU H 49 -15.04 38.95 45.40
CA LEU H 49 -13.83 39.57 44.83
C LEU H 49 -13.84 39.68 43.30
N LEU H 50 -14.82 39.08 42.61
CA LEU H 50 -14.94 39.06 41.14
C LEU H 50 -13.71 38.43 40.43
N LEU H 51 -13.02 37.49 41.07
CA LEU H 51 -11.76 36.91 40.59
C LEU H 51 -11.73 35.38 40.61
N ASP H 52 -11.21 34.81 39.54
CA ASP H 52 -11.17 33.37 39.22
C ASP H 52 -10.05 32.63 39.97
N THR H 53 -10.19 32.52 41.30
CA THR H 53 -9.21 31.85 42.17
C THR H 53 -9.21 30.32 42.01
N GLN H 54 -8.07 29.68 42.29
CA GLN H 54 -7.84 28.22 42.37
C GLN H 54 -7.86 27.43 41.05
N VAL H 55 -7.84 28.11 39.90
CA VAL H 55 -8.12 27.53 38.57
C VAL H 55 -7.24 28.13 37.48
N SER H 56 -7.19 27.49 36.30
CA SER H 56 -6.64 28.01 35.03
C SER H 56 -5.10 28.13 34.96
N ALA H 57 -4.38 27.18 35.56
CA ALA H 57 -2.92 27.21 35.73
C ALA H 57 -2.07 27.38 34.45
N LYS H 58 -2.60 27.05 33.26
CA LYS H 58 -1.89 27.07 31.96
C LYS H 58 -2.31 28.20 31.01
N VAL H 59 -3.36 28.94 31.33
CA VAL H 59 -4.00 29.93 30.44
C VAL H 59 -3.19 31.23 30.38
N ILE H 60 -3.18 31.87 29.21
CA ILE H 60 -2.56 33.19 28.96
C ILE H 60 -3.55 34.12 28.25
N THR H 61 -3.61 35.40 28.65
CA THR H 61 -4.54 36.40 28.10
C THR H 61 -4.12 37.83 28.46
N SER H 62 -4.67 38.86 27.81
CA SER H 62 -4.38 40.27 28.13
C SER H 62 -4.92 40.70 29.50
N ARG H 63 -4.19 41.56 30.23
CA ARG H 63 -4.72 42.24 31.43
C ARG H 63 -6.06 42.94 31.18
N LEU H 64 -6.26 43.59 30.03
CA LEU H 64 -7.55 44.19 29.67
C LEU H 64 -8.70 43.19 29.72
N SER H 65 -8.50 41.93 29.33
CA SER H 65 -9.53 40.89 29.44
C SER H 65 -9.94 40.67 30.90
N LEU H 66 -9.01 40.58 31.86
CA LEU H 66 -9.33 40.40 33.28
C LEU H 66 -10.08 41.62 33.87
N VAL H 67 -9.62 42.83 33.52
CA VAL H 67 -10.27 44.07 33.93
C VAL H 67 -11.70 44.11 33.39
N THR H 68 -11.85 43.84 32.10
CA THR H 68 -13.15 43.75 31.42
C THR H 68 -14.03 42.73 32.12
N GLN H 69 -13.56 41.48 32.25
CA GLN H 69 -14.25 40.36 32.89
C GLN H 69 -14.82 40.71 34.26
N SER H 70 -14.11 41.49 35.09
CA SER H 70 -14.60 41.87 36.42
C SER H 70 -15.87 42.73 36.34
N VAL H 71 -15.87 43.78 35.52
CA VAL H 71 -17.00 44.70 35.32
C VAL H 71 -18.11 44.01 34.52
N GLN H 72 -17.73 43.27 33.50
CA GLN H 72 -18.57 42.41 32.66
C GLN H 72 -19.35 41.40 33.51
N GLN H 73 -18.70 40.74 34.47
CA GLN H 73 -19.37 39.90 35.45
C GLN H 73 -20.24 40.73 36.39
N TYR H 74 -19.76 41.86 36.92
CA TYR H 74 -20.54 42.67 37.87
C TYR H 74 -21.84 43.21 37.27
N ILE H 75 -21.80 43.75 36.05
CA ILE H 75 -22.98 44.28 35.36
C ILE H 75 -23.96 43.17 34.94
N ASN H 76 -23.46 41.94 34.73
CA ASN H 76 -24.32 40.74 34.76
C ASN H 76 -24.88 40.47 36.18
N ARG H 77 -24.04 40.38 37.22
CA ARG H 77 -24.36 39.97 38.59
C ARG H 77 -25.44 40.81 39.27
N ILE H 78 -25.40 42.14 39.11
CA ILE H 78 -26.42 43.03 39.69
C ILE H 78 -27.82 42.85 39.05
N ALA H 79 -27.87 42.39 37.80
CA ALA H 79 -29.10 42.04 37.08
C ALA H 79 -29.52 40.57 37.31
N LEU H 80 -28.56 39.70 37.65
CA LEU H 80 -28.76 38.28 37.99
C LEU H 80 -29.46 38.10 39.35
N ASN H 81 -29.09 38.89 40.36
CA ASN H 81 -29.76 38.91 41.67
C ASN H 81 -29.75 40.31 42.32
N LEU H 82 -30.75 40.59 43.16
CA LEU H 82 -31.01 41.88 43.82
C LEU H 82 -30.43 41.97 45.25
N GLU H 83 -29.30 41.29 45.49
CA GLU H 83 -28.39 41.54 46.63
C GLU H 83 -26.99 41.91 46.08
N PRO H 84 -26.38 43.03 46.52
CA PRO H 84 -26.89 44.00 47.50
C PRO H 84 -28.13 44.78 47.03
N GLY H 85 -28.77 45.55 47.92
CA GLY H 85 -30.15 46.07 47.79
C GLY H 85 -30.49 47.05 46.66
N LEU H 86 -29.64 47.23 45.65
CA LEU H 86 -29.90 48.05 44.46
C LEU H 86 -31.10 47.54 43.63
N SER H 87 -31.60 48.37 42.72
CA SER H 87 -32.60 48.02 41.70
C SER H 87 -32.29 48.68 40.36
N ILE H 88 -32.88 48.15 39.30
CA ILE H 88 -32.66 48.51 37.90
C ILE H 88 -33.99 48.97 37.28
N ASN H 89 -34.04 50.17 36.69
CA ASN H 89 -35.25 50.71 36.05
C ASN H 89 -35.62 49.89 34.80
N GLN H 90 -36.89 49.90 34.38
CA GLN H 90 -37.35 49.08 33.25
C GLN H 90 -36.63 49.35 31.92
N GLN H 91 -36.14 50.57 31.68
CA GLN H 91 -35.30 50.85 30.51
C GLN H 91 -33.93 50.14 30.62
N GLU H 92 -33.25 50.27 31.76
CA GLU H 92 -31.96 49.65 32.04
C GLU H 92 -32.05 48.10 32.04
N ALA H 93 -33.14 47.58 32.62
CA ALA H 93 -33.59 46.19 32.64
C ALA H 93 -34.07 45.68 31.26
N THR H 94 -34.39 46.56 30.32
CA THR H 94 -34.53 46.21 28.88
C THR H 94 -33.18 46.13 28.20
N ASP H 95 -32.27 47.06 28.51
CA ASP H 95 -31.08 47.30 27.69
C ASP H 95 -29.85 46.42 28.00
N TRP H 96 -29.92 45.47 28.95
CA TRP H 96 -28.93 44.39 29.00
C TRP H 96 -28.98 43.47 27.76
N GLU H 97 -30.01 43.61 26.92
CA GLU H 97 -30.06 43.20 25.52
C GLU H 97 -28.80 43.61 24.72
N GLU H 98 -28.17 44.74 25.06
CA GLU H 98 -26.93 45.24 24.44
C GLU H 98 -25.63 44.71 25.09
N PHE H 99 -25.69 43.75 26.00
CA PHE H 99 -24.50 43.01 26.46
C PHE H 99 -24.72 41.51 26.68
N ALA H 100 -25.81 40.97 26.14
CA ALA H 100 -26.16 39.54 26.24
C ALA H 100 -25.12 38.63 25.55
N ASN H 101 -24.70 38.97 24.33
CA ASN H 101 -23.49 38.49 23.64
C ASN H 101 -22.67 39.72 23.19
N ARG H 102 -21.32 39.62 23.13
CA ARG H 102 -20.46 40.80 23.32
C ARG H 102 -19.61 41.21 22.12
N TYR H 103 -18.52 40.50 21.80
CA TYR H 103 -17.52 41.07 20.89
C TYR H 103 -17.97 41.08 19.42
N GLY H 104 -17.67 42.15 18.69
CA GLY H 104 -18.22 42.45 17.36
C GLY H 104 -19.70 42.84 17.35
N TYR H 105 -20.53 42.16 18.14
CA TYR H 105 -21.96 42.47 18.32
C TYR H 105 -22.18 43.87 18.92
N TRP H 106 -21.32 44.28 19.86
CA TRP H 106 -21.36 45.63 20.46
C TRP H 106 -20.99 46.73 19.46
N ALA H 107 -19.88 46.58 18.73
CA ALA H 107 -19.41 47.60 17.76
C ALA H 107 -20.43 47.84 16.63
N ALA H 108 -21.09 46.77 16.17
CA ALA H 108 -22.20 46.84 15.23
C ALA H 108 -23.38 47.71 15.72
N ASN H 109 -23.55 47.96 17.03
CA ASN H 109 -24.61 48.83 17.55
C ASN H 109 -24.51 50.26 16.97
N GLN H 110 -23.28 50.75 16.77
CA GLN H 110 -22.99 52.01 16.07
C GLN H 110 -22.84 51.82 14.57
N GLN H 111 -21.90 50.99 14.11
CA GLN H 111 -21.49 50.97 12.68
C GLN H 111 -22.62 50.56 11.72
N LEU H 112 -23.63 49.79 12.18
CA LEU H 112 -24.83 49.44 11.39
C LEU H 112 -25.85 50.61 11.24
N ARG H 113 -25.65 51.73 11.96
CA ARG H 113 -26.28 53.05 11.75
C ARG H 113 -25.33 54.04 11.08
N MET H 114 -24.05 54.07 11.49
CA MET H 114 -23.03 55.03 11.08
C MET H 114 -22.45 54.78 9.66
N PHE H 115 -22.69 53.61 9.05
CA PHE H 115 -22.50 53.38 7.61
C PHE H 115 -23.81 52.88 6.95
N PRO H 116 -24.68 53.79 6.47
CA PRO H 116 -25.94 53.44 5.80
C PRO H 116 -25.80 52.44 4.63
N GLU H 117 -24.69 52.47 3.90
CA GLU H 117 -24.41 51.54 2.80
C GLU H 117 -24.32 50.06 3.25
N ILE H 118 -24.01 49.79 4.52
CA ILE H 118 -24.09 48.45 5.12
C ILE H 118 -25.56 48.03 5.28
N TYR H 119 -26.43 48.98 5.66
CA TYR H 119 -27.83 48.73 5.97
C TYR H 119 -28.75 48.67 4.72
N VAL H 120 -28.44 49.45 3.67
CA VAL H 120 -29.15 49.43 2.38
C VAL H 120 -28.97 48.09 1.66
N ASP H 121 -30.08 47.40 1.41
CA ASP H 121 -30.23 46.21 0.57
C ASP H 121 -31.67 46.16 0.02
N PRO H 122 -31.96 45.41 -1.07
CA PRO H 122 -33.33 45.28 -1.59
C PRO H 122 -34.29 44.56 -0.61
N THR H 123 -33.76 43.85 0.39
CA THR H 123 -34.49 43.12 1.45
C THR H 123 -35.09 44.07 2.52
N LEU H 124 -35.80 45.11 2.07
CA LEU H 124 -36.49 46.09 2.91
C LEU H 124 -37.65 45.48 3.72
N ARG H 125 -38.17 46.23 4.70
CA ARG H 125 -39.35 45.95 5.55
C ARG H 125 -40.72 45.91 4.80
N LEU H 126 -40.71 45.54 3.53
CA LEU H 126 -41.74 45.87 2.51
C LEU H 126 -43.19 45.70 2.99
N THR H 127 -43.90 46.83 2.91
CA THR H 127 -45.36 46.98 3.02
C THR H 127 -46.06 46.81 1.67
N LYS H 128 -45.38 47.09 0.54
CA LYS H 128 -45.90 47.05 -0.86
C LYS H 128 -46.19 45.64 -1.39
N THR H 129 -46.58 44.70 -0.52
CA THR H 129 -46.77 43.28 -0.89
C THR H 129 -47.86 43.08 -1.93
N GLU H 130 -48.85 43.96 -2.04
CA GLU H 130 -49.89 43.85 -3.06
C GLU H 130 -49.34 43.98 -4.51
N PHE H 131 -48.17 44.59 -4.74
CA PHE H 131 -47.59 44.70 -6.09
C PHE H 131 -46.14 44.26 -6.22
N PHE H 132 -45.29 44.34 -5.18
CA PHE H 132 -43.88 44.07 -5.37
C PHE H 132 -43.59 42.58 -5.65
N PHE H 133 -44.41 41.67 -5.11
CA PHE H 133 -44.40 40.25 -5.52
C PHE H 133 -44.60 40.06 -7.03
N GLN H 134 -45.27 40.98 -7.74
CA GLN H 134 -45.56 40.81 -9.16
C GLN H 134 -44.39 41.19 -10.08
N LEU H 135 -43.33 41.82 -9.54
CA LEU H 135 -42.02 41.82 -10.17
C LEU H 135 -41.32 40.47 -9.95
N GLU H 136 -41.17 40.03 -8.70
CA GLU H 136 -40.36 38.85 -8.38
C GLU H 136 -40.84 37.55 -9.04
N SER H 137 -42.15 37.28 -9.12
CA SER H 137 -42.65 36.00 -9.67
C SER H 137 -42.34 35.78 -11.15
N ALA H 138 -41.92 36.81 -11.89
CA ALA H 138 -41.34 36.66 -13.24
C ALA H 138 -39.82 36.45 -13.22
N LEU H 139 -39.10 37.04 -12.25
CA LEU H 139 -37.66 36.84 -12.01
C LEU H 139 -37.35 35.54 -11.25
N ASN H 140 -38.38 34.81 -10.81
CA ASN H 140 -38.29 33.54 -10.08
C ASN H 140 -37.80 32.34 -10.92
N GLN H 141 -36.59 32.45 -11.47
CA GLN H 141 -36.00 31.48 -12.38
C GLN H 141 -34.55 31.16 -12.01
N GLY H 142 -34.14 29.90 -12.16
CA GLY H 142 -32.83 29.42 -11.69
C GLY H 142 -31.63 29.87 -12.50
N LYS H 143 -31.73 29.77 -13.84
CA LYS H 143 -30.77 30.35 -14.80
C LYS H 143 -31.58 31.08 -15.89
N LEU H 144 -31.21 32.31 -16.21
CA LEU H 144 -31.96 33.25 -17.06
C LEU H 144 -31.01 34.12 -17.91
N THR H 145 -31.60 34.91 -18.81
CA THR H 145 -30.90 35.75 -19.80
C THR H 145 -31.50 37.16 -19.88
N ASP H 146 -30.83 38.06 -20.60
CA ASP H 146 -31.19 39.50 -20.70
C ASP H 146 -32.61 39.77 -21.23
N ASP H 147 -33.19 38.83 -21.99
CA ASP H 147 -34.55 38.93 -22.50
C ASP H 147 -35.62 38.91 -21.40
N VAL H 148 -35.46 38.02 -20.41
CA VAL H 148 -36.49 37.67 -19.42
C VAL H 148 -36.93 38.88 -18.61
N ALA H 149 -35.98 39.78 -18.30
CA ALA H 149 -36.25 41.01 -17.58
C ALA H 149 -37.28 41.90 -18.29
N GLN H 150 -37.28 41.99 -19.61
CA GLN H 150 -38.21 42.86 -20.32
C GLN H 150 -39.66 42.38 -20.17
N LYS H 151 -39.87 41.06 -20.25
CA LYS H 151 -41.16 40.43 -19.96
C LYS H 151 -41.60 40.65 -18.51
N ALA H 152 -40.67 40.54 -17.57
CA ALA H 152 -40.92 40.81 -16.15
C ALA H 152 -41.31 42.28 -15.89
N VAL H 153 -40.59 43.23 -16.50
CA VAL H 153 -40.82 44.67 -16.36
C VAL H 153 -42.18 45.06 -16.90
N LEU H 154 -42.49 44.70 -18.15
CA LEU H 154 -43.77 45.05 -18.77
C LEU H 154 -44.95 44.38 -18.06
N GLY H 155 -44.78 43.16 -17.54
CA GLY H 155 -45.81 42.50 -16.72
C GLY H 155 -46.20 43.28 -15.46
N TYR H 156 -45.28 44.04 -14.88
CA TYR H 156 -45.56 44.98 -13.79
C TYR H 156 -46.15 46.30 -14.31
N LEU H 157 -45.56 46.85 -15.38
CA LEU H 157 -45.94 48.16 -15.89
C LEU H 157 -47.36 48.20 -16.48
N ASN H 158 -47.90 47.08 -16.96
CA ASN H 158 -49.32 46.96 -17.31
C ASN H 158 -50.23 47.20 -16.08
N ASN H 159 -49.89 46.57 -14.94
CA ASN H 159 -50.68 46.65 -13.70
C ASN H 159 -50.60 48.04 -13.07
N PHE H 160 -49.42 48.66 -13.11
CA PHE H 160 -49.13 49.94 -12.44
C PHE H 160 -50.12 51.07 -12.77
N GLU H 161 -50.52 51.17 -14.04
CA GLU H 161 -51.35 52.28 -14.49
C GLU H 161 -52.77 52.20 -13.93
N GLU H 162 -53.33 51.00 -13.73
CA GLU H 162 -54.65 50.84 -13.11
C GLU H 162 -54.69 51.42 -11.70
N VAL H 163 -53.65 51.13 -10.91
CA VAL H 163 -53.46 51.66 -9.55
C VAL H 163 -53.42 53.20 -9.55
N SER H 164 -52.66 53.78 -10.48
CA SER H 164 -52.56 55.24 -10.60
C SER H 164 -53.88 55.93 -11.00
N ASN H 165 -54.85 55.18 -11.55
CA ASN H 165 -56.17 55.68 -11.94
C ASN H 165 -57.28 55.40 -10.91
N LEU H 166 -56.99 54.82 -9.74
CA LEU H 166 -57.97 54.56 -8.68
C LEU H 166 -58.71 55.83 -8.24
N GLU H 167 -60.02 55.71 -8.02
CA GLU H 167 -60.93 56.79 -7.65
C GLU H 167 -61.49 56.64 -6.24
N ILE H 168 -61.35 57.68 -5.41
CA ILE H 168 -61.83 57.71 -4.03
C ILE H 168 -63.33 57.99 -4.01
N ILE H 169 -64.08 57.16 -3.27
CA ILE H 169 -65.55 57.21 -3.23
C ILE H 169 -66.08 57.79 -1.92
N ALA H 170 -65.50 57.43 -0.78
CA ALA H 170 -65.95 57.88 0.53
C ALA H 170 -64.83 57.87 1.57
N GLY H 171 -65.04 58.60 2.67
CA GLY H 171 -64.12 58.69 3.80
C GLY H 171 -64.85 58.76 5.15
N TYR H 172 -64.36 57.99 6.13
CA TYR H 172 -64.90 57.92 7.48
C TYR H 172 -64.13 58.84 8.43
N GLN H 173 -64.74 59.97 8.76
CA GLN H 173 -64.34 60.86 9.86
C GLN H 173 -64.50 60.12 11.20
N ASP H 174 -63.76 60.47 12.24
CA ASP H 174 -63.82 59.88 13.60
C ASP H 174 -65.13 60.17 14.37
N GLY H 175 -66.27 59.69 13.86
CA GLY H 175 -67.63 59.89 14.39
C GLY H 175 -68.09 61.34 14.32
N ILE H 176 -67.63 62.14 15.29
CA ILE H 176 -67.88 63.59 15.42
C ILE H 176 -66.62 64.40 15.74
N ASP H 177 -65.47 63.76 15.96
CA ASP H 177 -64.22 64.44 16.33
C ASP H 177 -63.43 64.96 15.12
N ILE H 178 -62.54 65.93 15.38
CA ILE H 178 -61.66 66.59 14.41
C ILE H 178 -60.27 66.81 15.05
N GLU H 179 -59.24 67.07 14.24
CA GLU H 179 -57.81 67.06 14.59
C GLU H 179 -57.23 65.67 14.92
N ASN H 180 -56.05 65.37 14.36
CA ASN H 180 -55.25 64.16 14.59
C ASN H 180 -56.03 62.84 14.35
N ASP H 181 -56.89 62.84 13.33
CA ASP H 181 -57.73 61.70 12.91
C ASP H 181 -56.94 60.74 11.99
N LYS H 182 -57.23 59.42 12.06
CA LYS H 182 -56.73 58.41 11.10
C LYS H 182 -57.43 58.46 9.74
N THR H 183 -58.69 58.93 9.72
CA THR H 183 -59.52 59.23 8.54
C THR H 183 -59.42 58.19 7.42
N TYR H 184 -60.04 57.03 7.60
CA TYR H 184 -60.05 55.96 6.60
C TYR H 184 -60.78 56.38 5.31
N PHE H 185 -60.27 55.99 4.14
CA PHE H 185 -60.90 56.21 2.82
C PHE H 185 -61.04 54.92 2.03
N VAL H 186 -62.10 54.80 1.24
CA VAL H 186 -62.37 53.67 0.30
C VAL H 186 -62.33 54.12 -1.15
N ALA H 187 -61.72 53.31 -2.03
CA ALA H 187 -61.50 53.63 -3.44
C ALA H 187 -61.67 52.39 -4.35
N ARG H 188 -61.90 52.62 -5.65
CA ARG H 188 -62.09 51.56 -6.67
C ARG H 188 -61.47 51.88 -8.03
N THR H 189 -61.27 50.85 -8.85
CA THR H 189 -60.92 50.99 -10.27
C THR H 189 -62.08 51.57 -11.08
N ARG H 190 -61.82 52.52 -11.99
CA ARG H 190 -62.87 53.10 -12.85
C ARG H 190 -63.28 52.20 -14.01
N MET H 191 -62.33 51.47 -14.62
CA MET H 191 -62.58 50.70 -15.85
C MET H 191 -63.63 49.60 -15.67
N GLN H 192 -63.61 48.88 -14.54
CA GLN H 192 -64.78 48.14 -14.05
C GLN H 192 -64.94 48.28 -12.53
N PRO H 193 -66.16 48.20 -11.98
CA PRO H 193 -66.43 48.25 -10.53
C PRO H 193 -65.99 47.00 -9.74
N TYR H 194 -64.99 46.25 -10.22
CA TYR H 194 -64.60 44.95 -9.66
C TYR H 194 -63.71 45.04 -8.41
N ARG H 195 -62.80 46.01 -8.32
CA ARG H 195 -61.80 46.09 -7.23
C ARG H 195 -62.13 47.23 -6.27
N TYR H 196 -62.09 46.92 -4.98
CA TYR H 196 -62.22 47.89 -3.89
C TYR H 196 -61.03 47.81 -2.94
N PHE H 197 -60.65 48.96 -2.39
CA PHE H 197 -59.47 49.12 -1.54
C PHE H 197 -59.71 50.14 -0.43
N TRP H 198 -58.95 50.07 0.66
CA TRP H 198 -58.93 51.12 1.70
C TRP H 198 -57.52 51.57 2.08
N ARG H 199 -57.39 52.81 2.58
CA ARG H 199 -56.19 53.33 3.26
C ARG H 199 -56.45 54.54 4.16
N SER H 200 -55.39 55.11 4.74
CA SER H 200 -55.40 55.95 5.96
C SER H 200 -54.20 56.92 6.03
N LEU H 201 -54.25 57.90 6.94
CA LEU H 201 -53.15 58.86 7.14
C LEU H 201 -52.99 59.31 8.61
N ASP H 202 -51.78 59.72 8.98
CA ASP H 202 -51.34 60.06 10.34
C ASP H 202 -51.24 61.58 10.55
N ALA H 203 -52.38 62.25 10.68
CA ALA H 203 -52.43 63.72 10.74
C ALA H 203 -51.66 64.36 11.92
N SER H 204 -51.30 63.58 12.93
CA SER H 204 -50.41 63.97 14.03
C SER H 204 -48.92 64.04 13.66
N GLN H 205 -48.47 63.36 12.60
CA GLN H 205 -47.06 63.21 12.27
C GLN H 205 -46.57 64.37 11.37
N ARG H 206 -45.89 65.35 11.96
CA ARG H 206 -45.62 66.67 11.38
C ARG H 206 -44.39 67.34 12.03
N ASN H 207 -43.97 68.47 11.47
CA ASN H 207 -43.12 69.44 12.18
C ASN H 207 -43.87 70.78 12.32
N ALA H 208 -43.64 71.50 13.41
CA ALA H 208 -44.38 72.71 13.78
C ALA H 208 -43.93 73.99 13.04
N ASN H 209 -42.72 74.01 12.49
CA ASN H 209 -42.04 75.21 11.98
C ASN H 209 -42.52 75.63 10.57
N SER H 210 -43.83 75.75 10.39
CA SER H 210 -44.55 75.91 9.11
C SER H 210 -44.52 74.71 8.16
N GLN H 211 -44.13 73.53 8.66
CA GLN H 211 -44.27 72.25 7.97
C GLN H 211 -45.71 71.69 8.07
N GLU H 212 -45.97 70.60 7.34
CA GLU H 212 -47.25 69.90 7.29
C GLU H 212 -47.08 68.40 7.64
N LEU H 213 -47.99 67.54 7.19
CA LEU H 213 -47.85 66.09 7.33
C LEU H 213 -46.54 65.61 6.70
N TYR H 214 -45.77 64.86 7.48
CA TYR H 214 -44.47 64.30 7.12
C TYR H 214 -44.58 63.24 5.99
N PRO H 215 -43.54 62.96 5.17
CA PRO H 215 -43.68 62.08 4.01
C PRO H 215 -44.18 60.67 4.34
N THR H 216 -43.80 60.12 5.49
CA THR H 216 -44.23 58.78 5.95
C THR H 216 -45.67 58.74 6.47
N ALA H 217 -46.31 59.90 6.70
CA ALA H 217 -47.60 60.04 7.39
C ALA H 217 -48.83 59.60 6.57
N TRP H 218 -48.66 58.79 5.53
CA TRP H 218 -49.73 58.30 4.66
C TRP H 218 -49.52 56.81 4.40
N SER H 219 -50.56 55.99 4.46
CA SER H 219 -50.47 54.54 4.19
C SER H 219 -50.71 54.19 2.72
N GLU H 220 -50.67 52.90 2.42
CA GLU H 220 -50.77 52.32 1.07
C GLU H 220 -51.95 51.37 0.96
N TRP H 221 -52.56 51.29 -0.23
CA TRP H 221 -53.85 50.61 -0.42
C TRP H 221 -53.78 49.10 -0.18
N LYS H 222 -54.74 48.60 0.60
CA LYS H 222 -55.04 47.17 0.74
C LYS H 222 -56.34 46.85 0.01
N ALA H 223 -56.34 45.77 -0.78
CA ALA H 223 -57.53 45.28 -1.46
C ALA H 223 -58.52 44.61 -0.48
N ILE H 224 -59.79 44.54 -0.87
CA ILE H 224 -60.87 43.93 -0.10
C ILE H 224 -61.20 42.55 -0.69
N SER H 225 -61.26 41.53 0.17
CA SER H 225 -61.32 40.11 -0.22
C SER H 225 -62.73 39.57 -0.48
N VAL H 226 -63.73 40.03 0.27
CA VAL H 226 -65.09 39.47 0.28
C VAL H 226 -65.77 39.57 -1.10
N PRO H 227 -66.33 38.48 -1.65
CA PRO H 227 -66.87 38.46 -3.00
C PRO H 227 -68.25 39.13 -3.09
N LEU H 228 -68.28 40.46 -3.02
CA LEU H 228 -69.43 41.30 -3.36
C LEU H 228 -69.73 41.26 -4.87
N GLU H 229 -71.02 41.27 -5.21
CA GLU H 229 -71.54 41.18 -6.57
C GLU H 229 -72.75 42.10 -6.82
N ASN H 230 -73.46 42.47 -5.77
CA ASN H 230 -74.59 43.41 -5.76
C ASN H 230 -74.34 44.51 -4.71
N VAL H 231 -74.74 45.74 -5.04
CA VAL H 231 -74.60 46.93 -4.19
C VAL H 231 -75.72 47.91 -4.49
N ALA H 232 -76.07 48.77 -3.53
CA ALA H 232 -76.91 49.95 -3.77
C ALA H 232 -76.14 51.00 -4.59
N ASN H 233 -76.00 50.77 -5.90
CA ASN H 233 -75.49 51.74 -6.88
C ASN H 233 -74.12 52.34 -6.49
N GLY H 234 -73.14 51.48 -6.18
CA GLY H 234 -71.78 51.88 -5.77
C GLY H 234 -71.63 52.34 -4.31
N ILE H 235 -72.73 52.45 -3.54
CA ILE H 235 -72.69 52.82 -2.12
C ILE H 235 -72.30 51.60 -1.29
N VAL H 236 -70.99 51.42 -1.07
CA VAL H 236 -70.39 50.57 -0.04
C VAL H 236 -69.81 51.46 1.06
N ARG H 237 -70.08 51.17 2.34
CA ARG H 237 -69.70 52.02 3.48
C ARG H 237 -68.68 51.34 4.42
N PRO H 238 -67.48 51.91 4.63
CA PRO H 238 -66.56 51.52 5.70
C PRO H 238 -66.90 52.23 7.01
N ILE H 239 -66.60 51.59 8.13
CA ILE H 239 -66.75 52.16 9.48
C ILE H 239 -65.71 51.58 10.46
N MET H 240 -65.40 52.33 11.52
CA MET H 240 -64.44 51.92 12.55
C MET H 240 -65.16 51.48 13.84
N MET H 241 -64.82 50.30 14.34
CA MET H 241 -65.44 49.67 15.51
C MET H 241 -64.39 49.45 16.60
N ASP H 242 -64.07 50.54 17.31
CA ASP H 242 -63.02 50.61 18.31
C ASP H 242 -61.67 50.03 17.83
N ASN H 243 -61.18 50.59 16.72
CA ASN H 243 -59.99 50.22 15.96
C ASN H 243 -60.05 48.88 15.18
N ARG H 244 -61.14 48.10 15.25
CA ARG H 244 -61.46 47.16 14.15
C ARG H 244 -61.94 47.92 12.92
N LEU H 245 -61.82 47.31 11.74
CA LEU H 245 -62.35 47.82 10.48
C LEU H 245 -63.54 46.98 10.02
N TYR H 246 -64.66 47.65 9.74
CA TYR H 246 -65.93 47.06 9.34
C TYR H 246 -66.39 47.69 8.02
N ILE H 247 -67.15 46.94 7.23
CA ILE H 247 -67.70 47.32 5.91
C ILE H 247 -69.16 46.87 5.83
N SER H 248 -69.98 47.53 5.00
CA SER H 248 -71.41 47.20 4.87
C SER H 248 -72.03 47.52 3.50
N TRP H 249 -73.14 46.84 3.20
CA TRP H 249 -73.94 46.97 1.97
C TRP H 249 -75.43 47.05 2.25
N PHE H 250 -76.16 47.68 1.34
CA PHE H 250 -77.62 47.61 1.21
C PHE H 250 -77.99 46.86 -0.07
N GLU H 251 -78.80 45.79 0.05
CA GLU H 251 -79.28 45.00 -1.08
C GLU H 251 -80.41 45.70 -1.85
N VAL H 252 -80.26 45.81 -3.17
CA VAL H 252 -81.33 46.27 -4.07
C VAL H 252 -81.84 45.08 -4.87
N ALA H 253 -83.13 44.80 -4.76
CA ALA H 253 -83.74 43.55 -5.23
C ALA H 253 -85.18 43.77 -5.73
N GLU H 254 -85.66 42.83 -6.54
CA GLU H 254 -87.07 42.76 -6.94
C GLU H 254 -87.59 41.32 -6.94
N GLU H 255 -88.84 41.17 -6.53
CA GLU H 255 -89.69 40.00 -6.71
C GLU H 255 -91.15 40.47 -6.86
N LYS H 256 -92.03 39.72 -7.52
CA LYS H 256 -93.45 40.13 -7.64
C LYS H 256 -94.23 39.90 -6.34
N GLU H 257 -94.94 40.91 -5.85
CA GLU H 257 -96.08 40.72 -4.93
C GLU H 257 -97.30 40.14 -5.68
N THR H 258 -97.17 38.92 -6.23
CA THR H 258 -98.17 38.28 -7.09
C THR H 258 -99.48 38.00 -6.34
N ASP H 259 -100.58 38.57 -6.82
CA ASP H 259 -101.95 38.24 -6.42
C ASP H 259 -102.43 36.94 -7.11
N SER H 260 -103.37 36.21 -6.49
CA SER H 260 -103.95 34.98 -7.06
C SER H 260 -104.67 35.22 -8.40
N ASP H 261 -105.36 36.35 -8.53
CA ASP H 261 -105.98 36.80 -9.78
C ASP H 261 -104.97 37.42 -10.79
N GLY H 262 -103.71 37.60 -10.38
CA GLY H 262 -102.74 38.47 -11.06
C GLY H 262 -103.01 39.96 -10.81
N ASN H 263 -101.94 40.76 -10.77
CA ASN H 263 -101.97 42.19 -10.44
C ASN H 263 -100.82 42.96 -11.12
N ILE H 264 -100.99 44.28 -11.30
CA ILE H 264 -99.96 45.19 -11.83
C ILE H 264 -99.09 45.83 -10.73
N ILE H 265 -99.64 46.06 -9.53
CA ILE H 265 -98.97 46.73 -8.40
C ILE H 265 -98.14 45.72 -7.58
N VAL H 266 -97.17 45.09 -8.23
CA VAL H 266 -96.35 43.97 -7.70
C VAL H 266 -95.24 44.42 -6.71
N SER H 267 -95.44 45.51 -5.98
CA SER H 267 -94.38 46.32 -5.32
C SER H 267 -94.85 46.91 -3.98
N GLY H 268 -93.90 47.18 -3.07
CA GLY H 268 -94.19 47.71 -1.72
C GLY H 268 -93.18 47.26 -0.67
N ARG H 269 -93.30 45.99 -0.23
CA ARG H 269 -92.38 45.30 0.70
C ARG H 269 -91.74 44.10 0.00
N TYR H 270 -90.41 44.10 -0.06
CA TYR H 270 -89.58 43.02 -0.58
C TYR H 270 -88.60 42.54 0.50
N ARG H 271 -88.14 41.30 0.43
CA ARG H 271 -87.05 40.78 1.27
C ARG H 271 -85.68 41.29 0.78
N THR H 272 -85.53 42.61 0.76
CA THR H 272 -84.21 43.27 0.79
C THR H 272 -83.51 42.94 2.13
N LYS H 273 -82.20 43.12 2.18
CA LYS H 273 -81.35 42.84 3.34
C LYS H 273 -80.28 43.93 3.48
N ILE H 274 -79.68 44.01 4.66
CA ILE H 274 -78.50 44.85 4.90
C ILE H 274 -77.45 43.93 5.51
N ARG H 275 -76.23 44.05 5.02
CA ARG H 275 -75.13 43.12 5.28
C ARG H 275 -73.94 43.87 5.84
N LEU H 276 -73.21 43.22 6.74
CA LEU H 276 -72.03 43.69 7.45
C LEU H 276 -70.87 42.73 7.19
N ALA H 277 -69.65 43.22 7.23
CA ALA H 277 -68.42 42.43 7.22
C ALA H 277 -67.34 43.10 8.09
N HIS H 278 -66.34 42.31 8.51
CA HIS H 278 -65.11 42.84 9.12
C HIS H 278 -63.89 42.04 8.68
N LEU H 279 -62.70 42.63 8.74
CA LEU H 279 -61.44 41.96 8.41
C LEU H 279 -60.72 41.58 9.71
N GLY H 280 -60.29 40.32 9.82
CA GLY H 280 -59.67 39.72 11.00
C GLY H 280 -58.20 40.11 11.20
N PHE H 281 -57.54 39.47 12.17
CA PHE H 281 -56.18 39.83 12.60
C PHE H 281 -55.08 39.53 11.56
N ASP H 282 -55.38 38.86 10.44
CA ASP H 282 -54.47 38.70 9.29
C ASP H 282 -54.99 39.35 7.99
N GLY H 283 -56.08 40.12 8.04
CA GLY H 283 -56.67 40.80 6.88
C GLY H 283 -57.72 40.00 6.09
N VAL H 284 -57.94 38.71 6.38
CA VAL H 284 -59.03 37.93 5.77
C VAL H 284 -60.37 38.24 6.46
N TRP H 285 -61.47 38.29 5.69
CA TRP H 285 -62.82 38.50 6.23
C TRP H 285 -63.45 37.23 6.82
N SER H 286 -64.44 37.38 7.71
CA SER H 286 -65.17 36.23 8.30
C SER H 286 -66.61 36.57 8.69
N SER H 287 -66.83 37.59 9.53
CA SER H 287 -68.15 38.07 9.98
C SER H 287 -68.96 38.81 8.91
N GLY H 288 -69.02 38.28 7.68
CA GLY H 288 -69.80 38.77 6.54
C GLY H 288 -71.31 38.52 6.67
N THR H 289 -71.88 38.80 7.85
CA THR H 289 -73.22 38.40 8.28
C THR H 289 -74.33 39.37 7.84
N THR H 290 -75.58 38.95 8.03
CA THR H 290 -76.79 39.70 7.65
C THR H 290 -77.68 39.94 8.88
N LEU H 291 -77.42 41.03 9.61
CA LEU H 291 -78.30 41.52 10.69
C LEU H 291 -79.65 42.03 10.14
N ARG H 292 -79.63 42.73 9.00
CA ARG H 292 -80.78 43.31 8.29
C ARG H 292 -81.80 44.06 9.18
N GLU H 293 -81.30 44.85 10.14
CA GLU H 293 -82.10 45.80 10.94
C GLU H 293 -82.93 46.70 10.01
N GLU H 294 -84.26 46.59 10.10
CA GLU H 294 -85.17 46.86 8.98
C GLU H 294 -85.44 48.34 8.68
N VAL H 295 -85.74 48.66 7.41
CA VAL H 295 -86.28 49.97 6.98
C VAL H 295 -87.75 50.11 7.44
N LEU H 296 -87.96 50.57 8.68
CA LEU H 296 -89.28 50.68 9.35
C LEU H 296 -90.27 51.74 8.78
N ALA H 297 -90.30 51.93 7.46
CA ALA H 297 -91.17 52.89 6.76
C ALA H 297 -91.65 52.34 5.39
N ASP H 298 -92.77 52.87 4.89
CA ASP H 298 -93.48 52.37 3.70
C ASP H 298 -92.67 52.47 2.38
N GLN H 299 -92.89 51.51 1.47
CA GLN H 299 -92.27 51.38 0.14
C GLN H 299 -90.73 51.41 0.18
N MET H 300 -90.11 50.23 0.28
CA MET H 300 -88.69 50.03 -0.07
C MET H 300 -88.52 50.04 -1.61
N GLU H 301 -87.47 49.45 -2.17
CA GLU H 301 -87.06 49.57 -3.59
C GLU H 301 -86.55 50.97 -3.98
N GLU H 302 -87.12 52.02 -3.38
CA GLU H 302 -86.71 53.42 -3.48
C GLU H 302 -85.25 53.62 -3.04
N MET H 303 -84.50 54.45 -3.78
CA MET H 303 -83.16 54.89 -3.38
C MET H 303 -83.25 55.78 -2.13
N ILE H 304 -82.57 55.35 -1.06
CA ILE H 304 -82.53 56.02 0.25
C ILE H 304 -81.12 56.06 0.87
N ALA H 305 -80.08 55.71 0.08
CA ALA H 305 -78.70 55.49 0.50
C ALA H 305 -78.57 54.45 1.65
N VAL H 306 -77.35 54.27 2.18
CA VAL H 306 -77.14 53.77 3.55
C VAL H 306 -75.99 54.56 4.19
N VAL H 307 -76.15 54.95 5.45
CA VAL H 307 -75.36 56.01 6.11
C VAL H 307 -75.14 55.68 7.59
N ASP H 308 -74.13 56.26 8.24
CA ASP H 308 -74.09 56.41 9.70
C ASP H 308 -73.38 57.72 10.15
N ARG H 309 -73.73 58.22 11.35
CA ARG H 309 -73.15 59.39 12.03
C ARG H 309 -72.85 59.05 13.51
N MET H 310 -72.06 57.98 13.73
CA MET H 310 -71.83 57.36 15.05
C MET H 310 -71.25 58.36 16.08
N GLU H 311 -71.71 58.29 17.34
CA GLU H 311 -71.28 59.21 18.41
C GLU H 311 -71.13 58.56 19.80
N ASP H 312 -71.98 57.58 20.17
CA ASP H 312 -71.92 56.87 21.46
C ASP H 312 -72.43 55.43 21.36
N GLU H 313 -71.96 54.57 22.29
CA GLU H 313 -72.19 53.13 22.42
C GLU H 313 -71.95 52.31 21.14
N PRO H 314 -70.74 51.73 20.97
CA PRO H 314 -70.37 50.96 19.78
C PRO H 314 -71.31 49.79 19.44
N ARG H 315 -71.87 49.06 20.42
CA ARG H 315 -72.81 47.94 20.13
C ARG H 315 -74.21 48.41 19.68
N LEU H 316 -74.43 49.72 19.60
CA LEU H 316 -75.64 50.35 19.04
C LEU H 316 -75.33 51.23 17.81
N ALA H 317 -74.24 50.96 17.09
CA ALA H 317 -73.84 51.64 15.86
C ALA H 317 -74.71 51.28 14.61
N LEU H 318 -76.04 51.24 14.77
CA LEU H 318 -77.00 50.88 13.72
C LEU H 318 -77.03 51.91 12.57
N VAL H 319 -77.34 51.45 11.36
CA VAL H 319 -77.36 52.26 10.12
C VAL H 319 -78.47 53.32 10.07
N ALA H 320 -78.45 54.15 9.03
CA ALA H 320 -79.38 55.24 8.74
C ALA H 320 -79.64 55.38 7.22
N PHE H 321 -80.70 56.10 6.87
CA PHE H 321 -81.17 56.31 5.49
C PHE H 321 -81.50 57.79 5.22
N LYS H 322 -81.13 58.29 4.04
CA LYS H 322 -81.17 59.72 3.66
C LYS H 322 -82.52 60.18 3.08
N GLU H 323 -83.47 59.28 2.82
CA GLU H 323 -84.83 59.58 2.35
C GLU H 323 -85.84 58.55 2.86
N MET H 324 -87.12 58.94 2.93
CA MET H 324 -88.29 58.05 2.88
C MET H 324 -89.46 58.80 2.23
N SER H 325 -89.91 58.30 1.07
CA SER H 325 -91.05 58.77 0.26
C SER H 325 -90.92 60.19 -0.33
N GLU H 326 -90.74 61.21 0.50
CA GLU H 326 -90.78 62.62 0.09
C GLU H 326 -90.08 63.59 1.07
N SER H 327 -90.15 63.36 2.38
CA SER H 327 -89.50 64.21 3.39
C SER H 327 -89.36 63.60 4.78
N TRP H 328 -90.40 62.91 5.28
CA TRP H 328 -90.49 62.48 6.67
C TRP H 328 -89.49 61.38 7.05
N ASP H 329 -89.16 61.32 8.34
CA ASP H 329 -88.21 60.38 8.94
C ASP H 329 -88.84 59.00 9.28
N VAL H 330 -88.04 58.12 9.90
CA VAL H 330 -88.39 56.76 10.33
C VAL H 330 -88.08 56.57 11.83
N VAL H 331 -88.92 55.78 12.53
CA VAL H 331 -88.79 55.51 13.99
C VAL H 331 -87.54 54.73 14.39
N PHE H 332 -86.86 54.13 13.41
CA PHE H 332 -85.60 53.39 13.53
C PHE H 332 -84.43 54.25 14.05
N ARG H 523 -72.99 69.04 19.32
CA ARG H 523 -72.63 68.62 17.97
C ARG H 523 -72.11 69.80 17.12
N ASP H 524 -71.55 69.49 15.95
CA ASP H 524 -70.98 70.41 14.97
C ASP H 524 -70.85 69.72 13.59
N LYS H 525 -70.63 70.50 12.52
CA LYS H 525 -70.36 70.01 11.15
C LYS H 525 -69.21 70.76 10.49
N PHE H 526 -68.63 70.17 9.43
CA PHE H 526 -67.44 70.69 8.73
C PHE H 526 -67.49 70.39 7.23
N GLN H 527 -66.89 71.24 6.40
CA GLN H 527 -66.79 71.07 4.94
C GLN H 527 -65.69 70.08 4.52
N ILE H 528 -65.70 68.87 5.08
CA ILE H 528 -64.92 67.71 4.59
C ILE H 528 -65.78 67.04 3.51
N LYS H 529 -65.72 67.54 2.28
CA LYS H 529 -66.79 67.42 1.27
C LYS H 529 -66.29 67.10 -0.14
N GLN H 530 -67.22 66.66 -0.98
CA GLN H 530 -67.07 66.53 -2.44
C GLN H 530 -66.50 67.80 -3.09
N PHE H 531 -65.90 67.67 -4.28
CA PHE H 531 -65.11 68.74 -4.90
C PHE H 531 -65.16 68.72 -6.43
N SER H 532 -64.83 69.88 -7.02
CA SER H 532 -64.82 70.14 -8.46
C SER H 532 -63.79 69.28 -9.23
N GLN H 533 -63.73 69.44 -10.55
CA GLN H 533 -63.32 68.42 -11.54
C GLN H 533 -62.02 67.65 -11.24
N THR H 534 -61.01 68.23 -10.57
CA THR H 534 -59.75 67.54 -10.19
C THR H 534 -59.86 66.66 -8.93
N GLN H 535 -61.06 66.37 -8.43
CA GLN H 535 -61.39 65.29 -7.47
C GLN H 535 -60.75 65.35 -6.06
N TYR H 536 -60.05 66.42 -5.68
CA TYR H 536 -59.18 66.43 -4.49
C TYR H 536 -59.89 66.49 -3.11
N LEU H 537 -61.23 66.55 -3.07
CA LEU H 537 -62.07 66.89 -1.91
C LEU H 537 -61.79 68.29 -1.32
N GLN H 538 -62.83 68.88 -0.72
CA GLN H 538 -62.74 70.12 0.04
C GLN H 538 -62.07 69.88 1.40
N PHE H 539 -61.27 70.84 1.85
CA PHE H 539 -60.70 70.86 3.20
C PHE H 539 -61.41 71.94 4.04
N PRO H 540 -61.86 71.65 5.27
CA PRO H 540 -62.88 72.45 5.94
C PRO H 540 -62.42 73.80 6.51
N GLU H 541 -61.12 74.05 6.69
CA GLU H 541 -60.64 75.28 7.34
C GLU H 541 -59.28 75.78 6.80
N ALA H 542 -59.12 77.10 6.67
CA ALA H 542 -57.88 77.74 6.24
C ALA H 542 -56.84 77.78 7.37
N SER H 543 -57.27 78.14 8.58
CA SER H 543 -56.52 77.97 9.83
C SER H 543 -56.43 76.49 10.30
N SER H 544 -56.60 75.55 9.37
CA SER H 544 -56.46 74.10 9.50
C SER H 544 -57.48 73.37 10.39
N ALA H 545 -57.80 72.14 9.99
CA ALA H 545 -58.50 71.15 10.81
C ALA H 545 -57.59 70.49 11.86
N ASP H 546 -56.28 70.70 11.76
CA ASP H 546 -55.22 70.08 12.57
C ASP H 546 -54.23 71.12 13.14
N VAL H 547 -53.12 70.66 13.70
CA VAL H 547 -52.24 71.43 14.60
C VAL H 547 -51.76 72.76 14.03
N TRP H 548 -51.34 72.78 12.76
CA TRP H 548 -50.78 73.96 12.10
C TRP H 548 -51.53 74.33 10.82
N TYR H 549 -51.50 75.63 10.50
CA TYR H 549 -52.32 76.39 9.55
C TYR H 549 -52.07 76.10 8.05
N ILE H 550 -52.12 74.83 7.66
CA ILE H 550 -51.80 74.32 6.30
C ILE H 550 -52.70 74.83 5.14
N GLY H 551 -53.73 75.65 5.40
CA GLY H 551 -54.64 76.16 4.37
C GLY H 551 -55.71 75.14 3.94
N LYS H 552 -56.80 75.64 3.33
CA LYS H 552 -57.94 74.82 2.89
C LYS H 552 -57.71 74.08 1.55
N GLN H 553 -56.52 73.51 1.39
CA GLN H 553 -56.02 72.92 0.15
C GLN H 553 -55.37 71.55 0.38
N ILE H 554 -55.64 70.60 -0.52
CA ILE H 554 -55.08 69.23 -0.57
C ILE H 554 -54.98 68.74 -2.03
N ARG H 555 -54.15 67.72 -2.29
CA ARG H 555 -54.12 66.93 -3.55
C ARG H 555 -54.22 65.44 -3.24
N LEU H 556 -54.80 64.66 -4.16
CA LEU H 556 -55.04 63.22 -4.05
C LEU H 556 -54.60 62.47 -5.32
N ASN H 557 -55.46 62.43 -6.35
CA ASN H 557 -55.22 61.73 -7.62
C ASN H 557 -54.10 62.35 -8.48
N THR H 558 -53.72 61.70 -9.59
CA THR H 558 -52.79 62.22 -10.60
C THR H 558 -53.17 61.76 -12.01
N LEU H 559 -52.80 62.55 -13.03
CA LEU H 559 -53.02 62.24 -14.46
C LEU H 559 -51.84 61.49 -15.10
N PHE H 560 -50.81 61.11 -14.32
CA PHE H 560 -49.52 60.61 -14.83
C PHE H 560 -49.62 59.51 -15.90
N ALA H 561 -50.56 58.58 -15.79
CA ALA H 561 -50.74 57.53 -16.80
C ALA H 561 -50.96 58.11 -18.21
N LYS H 562 -51.75 59.18 -18.35
CA LYS H 562 -52.00 59.86 -19.63
C LYS H 562 -50.74 60.52 -20.22
N GLU H 563 -49.74 60.84 -19.39
CA GLU H 563 -48.41 61.26 -19.85
C GLU H 563 -47.48 60.08 -20.15
N LEU H 564 -47.67 58.95 -19.47
CA LEU H 564 -46.78 57.78 -19.53
C LEU H 564 -47.10 56.84 -20.70
N ILE H 565 -48.39 56.54 -20.97
CA ILE H 565 -48.84 55.50 -21.92
C ILE H 565 -48.13 55.61 -23.28
N GLY H 566 -48.07 56.83 -23.82
CA GLY H 566 -47.33 57.09 -25.05
C GLY H 566 -45.87 56.73 -24.87
N LYS H 567 -45.15 57.48 -24.04
CA LYS H 567 -43.70 57.36 -23.87
C LYS H 567 -43.24 55.93 -23.54
N ALA H 568 -43.95 55.24 -22.65
CA ALA H 568 -43.65 53.87 -22.23
C ALA H 568 -43.92 52.82 -23.33
N SER H 569 -44.94 53.01 -24.16
CA SER H 569 -45.16 52.16 -25.34
C SER H 569 -44.16 52.43 -26.46
N ARG H 570 -43.48 53.60 -26.48
CA ARG H 570 -42.35 53.87 -27.39
C ARG H 570 -41.08 53.17 -26.91
N SER H 571 -40.56 53.44 -25.71
CA SER H 571 -39.54 52.57 -25.12
C SER H 571 -39.42 52.72 -23.61
N LEU H 572 -38.80 51.72 -22.96
CA LEU H 572 -38.28 51.78 -21.59
C LEU H 572 -37.17 52.85 -21.48
N ASP H 573 -36.31 52.93 -22.49
CA ASP H 573 -35.19 53.88 -22.54
C ASP H 573 -35.62 55.35 -22.49
N LEU H 574 -36.84 55.68 -22.94
CA LEU H 574 -37.47 57.00 -22.77
C LEU H 574 -38.06 57.20 -21.36
N VAL H 575 -38.53 56.16 -20.66
CA VAL H 575 -39.01 56.28 -19.28
C VAL H 575 -37.86 56.59 -18.33
N LEU H 576 -36.71 55.90 -18.48
CA LEU H 576 -35.49 56.18 -17.74
C LEU H 576 -34.68 57.33 -18.39
N SER H 577 -35.39 58.36 -18.87
CA SER H 577 -34.87 59.66 -19.26
C SER H 577 -35.36 60.75 -18.30
N TRP H 578 -34.42 61.50 -17.74
CA TRP H 578 -34.68 62.66 -16.88
C TRP H 578 -35.62 63.68 -17.54
N GLU H 579 -35.56 63.80 -18.87
CA GLU H 579 -36.46 64.70 -19.61
C GLU H 579 -37.92 64.20 -19.61
N THR H 580 -38.15 62.89 -19.62
CA THR H 580 -39.50 62.31 -19.46
C THR H 580 -40.02 62.51 -18.04
N GLN H 581 -39.15 62.30 -17.06
CA GLN H 581 -39.52 62.42 -15.65
C GLN H 581 -40.03 63.83 -15.27
N ASN H 582 -39.71 64.86 -16.05
CA ASN H 582 -40.07 66.26 -15.78
C ASN H 582 -41.37 66.75 -16.46
N SER H 583 -42.21 65.81 -16.92
CA SER H 583 -43.50 66.07 -17.58
C SER H 583 -44.51 66.82 -16.69
N ARG H 584 -45.40 67.61 -17.32
CA ARG H 584 -46.38 68.53 -16.69
C ARG H 584 -47.73 67.86 -16.30
N LEU H 585 -48.42 68.43 -15.30
CA LEU H 585 -49.80 68.12 -14.87
C LEU H 585 -50.63 69.42 -14.77
N GLU H 586 -51.80 69.44 -14.12
CA GLU H 586 -52.60 70.67 -13.92
C GLU H 586 -53.30 70.75 -12.54
N GLU H 587 -53.63 71.96 -12.10
CA GLU H 587 -54.10 72.28 -10.74
C GLU H 587 -55.11 73.46 -10.68
N ALA H 588 -55.38 74.15 -11.80
CA ALA H 588 -56.18 75.39 -11.84
C ALA H 588 -57.53 75.44 -11.09
N ILE H 589 -58.21 74.29 -10.97
CA ILE H 589 -59.47 74.11 -10.22
C ILE H 589 -59.32 74.39 -8.71
N LEU H 590 -58.18 74.06 -8.06
CA LEU H 590 -57.93 74.44 -6.66
C LEU H 590 -57.26 75.82 -6.50
N GLY H 591 -56.91 76.49 -7.61
CA GLY H 591 -56.21 77.77 -7.60
C GLY H 591 -54.68 77.67 -7.49
N GLY H 592 -54.04 76.74 -8.21
CA GLY H 592 -52.59 76.71 -8.40
C GLY H 592 -52.20 76.19 -9.78
N ALA H 593 -50.92 75.88 -10.02
CA ALA H 593 -50.49 75.19 -11.25
C ALA H 593 -49.47 74.07 -10.99
N ALA H 594 -49.65 72.89 -11.60
CA ALA H 594 -48.77 71.72 -11.43
C ALA H 594 -47.75 71.57 -12.59
N GLU H 595 -46.78 72.48 -12.64
CA GLU H 595 -45.78 72.60 -13.73
C GLU H 595 -44.88 71.37 -13.96
N LEU H 596 -44.87 70.41 -13.04
CA LEU H 596 -44.36 69.06 -13.26
C LEU H 596 -45.02 68.07 -12.30
N ILE H 597 -44.86 66.77 -12.59
CA ILE H 597 -45.19 65.67 -11.67
C ILE H 597 -44.44 65.89 -10.34
N ASP H 598 -45.17 66.10 -9.26
CA ASP H 598 -44.61 66.37 -7.93
C ASP H 598 -44.70 65.11 -7.05
N LEU H 599 -43.60 64.78 -6.37
CA LEU H 599 -43.41 63.57 -5.57
C LEU H 599 -44.19 63.60 -4.23
N ASP H 600 -45.46 64.05 -4.22
CA ASP H 600 -46.27 64.25 -3.01
C ASP H 600 -46.58 62.95 -2.25
N GLY H 601 -46.40 62.94 -0.93
CA GLY H 601 -46.41 61.73 -0.09
C GLY H 601 -47.64 60.81 -0.23
N ALA H 602 -48.83 61.38 -0.51
CA ALA H 602 -50.05 60.60 -0.73
C ALA H 602 -50.00 59.66 -1.97
N ASN H 603 -49.07 59.90 -2.91
CA ASN H 603 -48.93 59.12 -4.15
C ASN H 603 -47.47 58.87 -4.57
N GLY H 604 -46.50 59.53 -3.93
CA GLY H 604 -45.13 59.69 -4.42
C GLY H 604 -44.35 58.39 -4.61
N ILE H 605 -44.65 57.38 -3.79
CA ILE H 605 -43.98 56.08 -3.78
C ILE H 605 -44.06 55.43 -5.16
N TYR H 606 -45.20 55.57 -5.86
CA TYR H 606 -45.37 54.99 -7.18
C TYR H 606 -44.42 55.55 -8.24
N PHE H 607 -43.91 56.78 -8.08
CA PHE H 607 -42.84 57.28 -8.95
C PHE H 607 -41.52 56.56 -8.64
N TRP H 608 -41.15 56.43 -7.38
CA TRP H 608 -39.92 55.80 -6.87
C TRP H 608 -39.83 54.30 -7.21
N GLU H 609 -40.95 53.61 -7.05
CA GLU H 609 -41.11 52.21 -7.38
C GLU H 609 -40.83 51.97 -8.86
N LEU H 610 -41.37 52.84 -9.73
CA LEU H 610 -41.20 52.80 -11.18
C LEU H 610 -39.83 53.32 -11.65
N PHE H 611 -39.34 54.42 -11.09
CA PHE H 611 -38.11 55.12 -11.48
C PHE H 611 -36.83 54.63 -10.78
N PHE H 612 -36.90 53.63 -9.89
CA PHE H 612 -35.70 53.11 -9.21
C PHE H 612 -35.69 51.59 -9.01
N HIS H 613 -36.76 51.02 -8.42
CA HIS H 613 -36.70 49.65 -7.87
C HIS H 613 -36.76 48.53 -8.92
N MET H 614 -37.62 48.73 -9.91
CA MET H 614 -37.67 47.93 -11.14
C MET H 614 -36.32 47.98 -11.89
N PRO H 615 -35.68 49.16 -12.09
CA PRO H 615 -34.31 49.24 -12.59
C PRO H 615 -33.27 48.51 -11.73
N PHE H 616 -33.45 48.49 -10.41
CA PHE H 616 -32.47 47.92 -9.48
C PHE H 616 -32.45 46.38 -9.47
N MET H 617 -33.59 45.70 -9.30
CA MET H 617 -33.64 44.26 -9.05
C MET H 617 -33.08 43.41 -10.20
N VAL H 618 -33.32 43.85 -11.43
CA VAL H 618 -32.73 43.27 -12.64
C VAL H 618 -31.21 43.33 -12.57
N SER H 619 -30.66 44.51 -12.27
CA SER H 619 -29.20 44.69 -12.16
C SER H 619 -28.59 43.86 -11.03
N TRP H 620 -29.33 43.67 -9.94
CA TRP H 620 -28.93 42.88 -8.78
C TRP H 620 -28.83 41.37 -9.12
N ARG H 621 -29.84 40.83 -9.84
CA ARG H 621 -29.85 39.43 -10.35
C ARG H 621 -28.73 39.18 -11.36
N PHE H 622 -28.59 40.08 -12.35
CA PHE H 622 -27.61 39.99 -13.43
C PHE H 622 -26.16 40.09 -12.92
N ASN H 623 -25.89 40.95 -11.93
CA ASN H 623 -24.56 41.05 -11.29
C ASN H 623 -24.10 39.69 -10.76
N VAL H 624 -25.00 38.99 -10.10
CA VAL H 624 -24.68 37.67 -9.51
C VAL H 624 -24.47 36.62 -10.61
N GLU H 625 -25.39 36.54 -11.57
CA GLU H 625 -25.48 35.43 -12.53
C GLU H 625 -24.56 35.57 -13.76
N GLN H 626 -23.32 36.02 -13.55
CA GLN H 626 -22.27 36.20 -14.56
C GLN H 626 -22.63 37.15 -15.72
N ARG H 627 -23.64 38.01 -15.54
CA ARG H 627 -24.17 38.93 -16.57
C ARG H 627 -23.70 40.37 -16.36
N TYR H 628 -22.44 40.54 -15.96
CA TYR H 628 -21.86 41.81 -15.52
C TYR H 628 -22.12 43.00 -16.45
N GLU H 629 -21.92 42.83 -17.76
CA GLU H 629 -22.15 43.94 -18.70
C GLU H 629 -23.64 44.22 -18.95
N ASP H 630 -24.51 43.25 -18.66
CA ASP H 630 -25.97 43.44 -18.70
C ASP H 630 -26.43 44.18 -17.44
N ALA H 631 -25.87 43.83 -16.28
CA ALA H 631 -26.04 44.60 -15.05
C ALA H 631 -25.59 46.05 -15.24
N ASN H 632 -24.44 46.29 -15.91
CA ASN H 632 -24.02 47.63 -16.31
C ASN H 632 -25.06 48.34 -17.19
N ARG H 633 -25.64 47.67 -18.21
CA ARG H 633 -26.69 48.26 -19.06
C ARG H 633 -27.93 48.69 -18.28
N TRP H 634 -28.24 48.06 -17.16
CA TRP H 634 -29.30 48.53 -16.25
C TRP H 634 -28.82 49.62 -15.28
N VAL H 635 -27.62 49.54 -14.70
CA VAL H 635 -27.06 50.58 -13.82
C VAL H 635 -26.90 51.93 -14.56
N LYS H 636 -26.66 51.90 -15.87
CA LYS H 636 -26.65 53.08 -16.75
C LYS H 636 -27.97 53.84 -16.83
N TYR H 637 -29.07 53.36 -16.26
CA TYR H 637 -30.28 54.17 -16.06
C TYR H 637 -30.24 55.03 -14.79
N LEU H 638 -29.39 54.69 -13.82
CA LEU H 638 -29.16 55.49 -12.62
C LEU H 638 -28.01 56.50 -12.81
N PHE H 639 -26.84 56.02 -13.25
CA PHE H 639 -25.58 56.79 -13.19
C PHE H 639 -24.70 56.55 -14.42
N ASN H 640 -24.00 57.58 -14.92
CA ASN H 640 -23.23 57.52 -16.17
C ASN H 640 -21.84 58.19 -16.12
N PRO H 641 -20.87 57.62 -15.37
CA PRO H 641 -19.47 58.06 -15.34
C PRO H 641 -18.69 57.70 -16.63
N PHE H 642 -19.35 57.75 -17.79
CA PHE H 642 -18.80 57.44 -19.11
C PHE H 642 -19.34 58.35 -20.24
N GLU H 643 -20.23 59.30 -19.95
CA GLU H 643 -20.85 60.18 -20.95
C GLU H 643 -20.94 61.64 -20.47
N CYS H 644 -20.72 62.57 -21.40
CA CYS H 644 -20.59 64.01 -21.15
C CYS H 644 -21.16 64.85 -22.31
N GLU H 645 -22.06 64.25 -23.08
CA GLU H 645 -22.46 64.71 -24.42
C GLU H 645 -23.90 64.27 -24.78
N ASP H 646 -24.75 64.11 -23.76
CA ASP H 646 -26.20 63.91 -23.92
C ASP H 646 -26.89 65.04 -24.68
N GLU H 647 -28.08 64.75 -25.21
CA GLU H 647 -28.82 65.59 -26.14
C GLU H 647 -29.44 66.87 -25.51
N PRO H 648 -30.09 66.83 -24.32
CA PRO H 648 -30.71 68.00 -23.73
C PRO H 648 -29.70 68.89 -23.00
N ALA H 649 -29.64 70.17 -23.33
CA ALA H 649 -28.76 71.14 -22.66
C ALA H 649 -29.04 71.24 -21.14
N LEU H 650 -30.29 71.08 -20.73
CA LEU H 650 -30.67 71.04 -19.31
C LEU H 650 -30.19 69.76 -18.60
N LEU H 651 -30.15 68.62 -19.31
CA LEU H 651 -29.58 67.37 -18.79
C LEU H 651 -28.05 67.41 -18.74
N LEU H 652 -27.41 68.06 -19.71
CA LEU H 652 -25.98 68.38 -19.64
C LEU H 652 -25.65 69.26 -18.42
N GLY H 653 -26.51 70.24 -18.14
CA GLY H 653 -26.34 71.20 -17.05
C GLY H 653 -26.58 70.64 -15.65
N LYS H 654 -27.80 70.17 -15.36
CA LYS H 654 -28.32 70.20 -13.98
C LYS H 654 -27.96 68.98 -13.09
N PRO H 655 -28.16 67.70 -13.49
CA PRO H 655 -27.96 66.57 -12.56
C PRO H 655 -26.51 66.40 -12.05
N PRO H 656 -25.44 66.43 -12.88
CA PRO H 656 -25.40 66.18 -14.33
C PRO H 656 -25.25 64.67 -14.64
N TYR H 657 -24.62 63.88 -13.75
CA TYR H 657 -24.30 62.45 -13.98
C TYR H 657 -25.43 61.47 -13.67
N TRP H 658 -26.45 61.92 -12.94
CA TRP H 658 -27.51 61.09 -12.34
C TRP H 658 -28.79 61.21 -13.18
N ASN H 659 -29.44 60.09 -13.48
CA ASN H 659 -30.47 60.03 -14.53
C ASN H 659 -31.85 59.54 -14.06
N SER H 660 -32.01 59.29 -12.75
CA SER H 660 -33.33 59.24 -12.10
C SER H 660 -33.42 60.39 -11.09
N ARG H 661 -34.35 61.34 -11.30
CA ARG H 661 -34.34 62.60 -10.55
C ARG H 661 -34.54 62.49 -9.04
N PRO H 662 -35.24 61.49 -8.46
CA PRO H 662 -35.34 61.36 -7.00
C PRO H 662 -34.00 61.08 -6.29
N LEU H 663 -32.91 60.83 -7.03
CA LEU H 663 -31.54 60.83 -6.51
C LEU H 663 -30.95 62.23 -6.28
N VAL H 664 -31.67 63.30 -6.63
CA VAL H 664 -31.20 64.70 -6.55
C VAL H 664 -32.32 65.69 -6.14
N ASP H 665 -33.57 65.41 -6.49
CA ASP H 665 -34.73 66.31 -6.33
C ASP H 665 -35.10 66.58 -4.84
N GLU H 666 -35.82 67.68 -4.59
CA GLU H 666 -36.04 68.40 -3.32
C GLU H 666 -36.25 67.53 -2.04
N PRO H 667 -35.23 67.41 -1.17
CA PRO H 667 -35.34 66.79 0.17
C PRO H 667 -35.65 67.82 1.28
N PHE H 668 -36.05 67.37 2.47
CA PHE H 668 -35.98 68.18 3.71
C PHE H 668 -35.85 67.32 4.99
N LYS H 669 -35.16 67.87 6.01
CA LYS H 669 -35.01 67.45 7.44
C LYS H 669 -34.96 65.97 7.80
N GLY H 670 -36.01 65.19 7.56
CA GLY H 670 -36.24 63.86 8.18
C GLY H 670 -36.83 63.90 9.60
N TYR H 671 -37.46 65.03 9.99
CA TYR H 671 -37.83 65.34 11.39
C TYR H 671 -38.74 64.29 12.06
N SER H 672 -39.95 64.03 11.55
CA SER H 672 -41.01 63.32 12.29
C SER H 672 -40.84 61.79 12.37
N LEU H 673 -39.61 61.28 12.20
CA LEU H 673 -39.21 59.89 12.49
C LEU H 673 -37.97 59.83 13.42
N THR H 674 -37.57 60.99 13.95
CA THR H 674 -36.38 61.18 14.81
C THR H 674 -36.56 60.56 16.21
N GLN H 675 -37.72 60.73 16.86
CA GLN H 675 -37.91 60.24 18.24
C GLN H 675 -37.85 58.70 18.40
N PRO H 676 -38.20 57.86 17.40
CA PRO H 676 -37.86 56.43 17.36
C PRO H 676 -36.65 56.10 16.44
N SER H 677 -35.75 57.06 16.16
CA SER H 677 -34.72 56.95 15.12
C SER H 677 -33.87 55.67 15.19
N ASP H 678 -33.56 55.16 14.00
CA ASP H 678 -32.96 53.85 13.69
C ASP H 678 -32.39 53.90 12.25
N PRO H 679 -31.54 52.94 11.82
CA PRO H 679 -31.13 52.85 10.41
C PRO H 679 -32.32 52.67 9.43
N ASP H 680 -33.42 52.04 9.87
CA ASP H 680 -34.70 51.98 9.12
C ASP H 680 -35.30 53.37 8.80
N ALA H 681 -34.91 54.42 9.52
CA ALA H 681 -35.21 55.82 9.19
C ALA H 681 -34.10 56.47 8.34
N ILE H 682 -32.84 56.36 8.78
CA ILE H 682 -31.69 57.09 8.23
C ILE H 682 -31.25 56.59 6.82
N ALA H 683 -31.52 55.34 6.45
CA ALA H 683 -31.24 54.79 5.11
C ALA H 683 -31.99 55.49 3.95
N ALA H 684 -32.96 56.37 4.26
CA ALA H 684 -33.63 57.24 3.30
C ALA H 684 -33.98 58.64 3.91
N SER H 685 -33.10 59.21 4.74
CA SER H 685 -33.24 60.63 5.17
C SER H 685 -32.96 61.61 4.03
N ASP H 686 -31.95 61.31 3.21
CA ASP H 686 -31.39 62.15 2.14
C ASP H 686 -30.85 61.28 0.98
N PRO H 687 -30.79 61.81 -0.26
CA PRO H 687 -30.35 61.03 -1.41
C PRO H 687 -28.84 60.83 -1.51
N ILE H 688 -28.00 61.65 -0.84
CA ILE H 688 -26.55 61.65 -1.11
C ILE H 688 -25.88 60.33 -0.71
N HIS H 689 -26.17 59.83 0.49
CA HIS H 689 -25.63 58.52 0.92
C HIS H 689 -26.27 57.34 0.19
N TYR H 690 -27.52 57.48 -0.24
CA TYR H 690 -28.19 56.49 -1.08
C TYR H 690 -27.50 56.41 -2.45
N ARG H 691 -27.16 57.54 -3.08
CA ARG H 691 -26.43 57.55 -4.36
C ARG H 691 -24.97 57.10 -4.21
N LYS H 692 -24.29 57.41 -3.10
CA LYS H 692 -22.95 56.85 -2.82
C LYS H 692 -22.98 55.32 -2.62
N ALA H 693 -24.09 54.77 -2.15
CA ALA H 693 -24.30 53.31 -2.18
C ALA H 693 -24.43 52.76 -3.63
N VAL H 694 -25.03 53.48 -4.57
CA VAL H 694 -25.04 53.04 -5.99
C VAL H 694 -23.61 52.95 -6.53
N PHE H 695 -22.75 53.92 -6.18
CA PHE H 695 -21.32 53.88 -6.50
C PHE H 695 -20.60 52.66 -5.88
N ASN H 696 -20.93 52.28 -4.65
CA ASN H 696 -20.36 51.08 -4.02
C ASN H 696 -20.76 49.79 -4.74
N PHE H 697 -22.00 49.65 -5.18
CA PHE H 697 -22.41 48.52 -6.00
C PHE H 697 -21.70 48.50 -7.36
N LEU H 698 -21.60 49.66 -8.02
CA LEU H 698 -20.95 49.79 -9.32
C LEU H 698 -19.46 49.45 -9.27
N THR H 699 -18.71 49.98 -8.30
CA THR H 699 -17.28 49.73 -8.18
C THR H 699 -16.96 48.25 -7.95
N LYS H 700 -17.81 47.52 -7.21
CA LYS H 700 -17.72 46.05 -7.12
C LYS H 700 -17.90 45.37 -8.48
N ASN H 701 -18.92 45.77 -9.25
CA ASN H 701 -19.27 45.10 -10.51
C ASN H 701 -18.13 45.04 -11.53
N ILE H 702 -17.25 46.04 -11.61
CA ILE H 702 -16.06 45.99 -12.48
C ILE H 702 -15.10 44.90 -12.02
N ILE H 703 -14.82 44.82 -10.70
CA ILE H 703 -13.89 43.86 -10.12
C ILE H 703 -14.43 42.43 -10.21
N ASP H 704 -15.72 42.26 -9.97
CA ASP H 704 -16.41 40.97 -10.08
C ASP H 704 -16.27 40.34 -11.48
N GLN H 705 -16.24 41.17 -12.54
CA GLN H 705 -15.93 40.70 -13.90
C GLN H 705 -14.41 40.50 -14.11
N GLY H 706 -13.58 41.42 -13.63
CA GLY H 706 -12.13 41.36 -13.86
C GLY H 706 -11.51 40.03 -13.44
N ASP H 707 -11.93 39.50 -12.28
CA ASP H 707 -11.43 38.22 -11.78
C ASP H 707 -11.80 37.03 -12.67
N MET H 708 -12.92 37.10 -13.38
CA MET H 708 -13.35 36.06 -14.33
C MET H 708 -12.48 36.03 -15.61
N GLU H 709 -11.72 37.10 -15.89
CA GLU H 709 -10.68 37.09 -16.92
C GLU H 709 -9.36 36.51 -16.39
N TYR H 710 -9.03 36.75 -15.11
CA TYR H 710 -7.77 36.30 -14.50
C TYR H 710 -7.77 34.81 -14.15
N ARG H 711 -8.88 34.25 -13.65
CA ARG H 711 -8.97 32.82 -13.32
C ARG H 711 -9.10 31.96 -14.57
N LYS H 712 -8.52 30.76 -14.52
CA LYS H 712 -8.55 29.64 -15.50
C LYS H 712 -8.15 29.91 -16.96
N LEU H 713 -8.02 31.15 -17.41
CA LEU H 713 -7.56 31.49 -18.75
C LEU H 713 -6.01 31.37 -18.89
N GLN H 714 -5.48 31.80 -20.03
CA GLN H 714 -4.04 31.80 -20.41
C GLN H 714 -3.43 33.23 -20.34
N PRO H 715 -2.09 33.40 -20.24
CA PRO H 715 -1.47 34.66 -19.83
C PRO H 715 -1.94 35.95 -20.53
N SER H 716 -1.99 36.02 -21.86
CA SER H 716 -2.41 37.27 -22.54
C SER H 716 -3.91 37.59 -22.42
N ALA H 717 -4.70 36.64 -21.91
CA ALA H 717 -6.09 36.85 -21.50
C ALA H 717 -6.18 37.16 -20.00
N ARG H 718 -5.40 36.48 -19.15
CA ARG H 718 -5.35 36.73 -17.71
C ARG H 718 -4.90 38.14 -17.39
N THR H 719 -3.82 38.57 -18.02
CA THR H 719 -3.27 39.93 -17.89
C THR H 719 -4.21 41.03 -18.43
N LEU H 720 -5.18 40.68 -19.27
CA LEU H 720 -6.21 41.62 -19.75
C LEU H 720 -7.08 42.16 -18.61
N ALA H 721 -7.19 41.43 -17.49
CA ALA H 721 -7.86 41.89 -16.28
C ALA H 721 -7.29 43.20 -15.72
N ARG H 722 -6.01 43.52 -16.02
CA ARG H 722 -5.42 44.80 -15.60
C ARG H 722 -6.10 46.01 -16.27
N LEU H 723 -6.67 45.86 -17.46
CA LEU H 723 -7.55 46.88 -18.08
C LEU H 723 -8.87 47.11 -17.33
N SER H 724 -9.27 46.20 -16.44
CA SER H 724 -10.39 46.41 -15.51
C SER H 724 -9.91 46.97 -14.17
N TYR H 725 -8.85 46.42 -13.59
CA TYR H 725 -8.33 46.92 -12.30
C TYR H 725 -7.86 48.38 -12.41
N SER H 726 -7.30 48.76 -13.56
CA SER H 726 -6.93 50.16 -13.86
C SER H 726 -8.12 51.11 -14.10
N THR H 727 -9.35 50.62 -14.33
CA THR H 727 -10.54 51.50 -14.28
C THR H 727 -11.16 51.53 -12.90
N ALA H 728 -11.20 50.41 -12.18
CA ALA H 728 -11.68 50.38 -10.80
C ALA H 728 -10.85 51.31 -9.90
N SER H 729 -9.52 51.26 -10.02
CA SER H 729 -8.60 52.17 -9.32
C SER H 729 -8.65 53.63 -9.81
N SER H 730 -9.43 53.95 -10.86
CA SER H 730 -9.74 55.34 -11.24
C SER H 730 -11.00 55.90 -10.56
N LEU H 731 -11.85 55.02 -10.02
CA LEU H 731 -13.01 55.36 -9.20
C LEU H 731 -12.64 55.36 -7.71
N LEU H 732 -12.04 54.25 -7.26
CA LEU H 732 -11.68 54.02 -5.86
C LEU H 732 -10.38 54.77 -5.48
N GLY H 733 -10.41 55.42 -4.32
CA GLY H 733 -9.24 56.09 -3.72
C GLY H 733 -8.32 55.17 -2.91
N ARG H 734 -7.31 55.78 -2.28
CA ARG H 734 -6.33 55.15 -1.37
C ARG H 734 -6.97 54.83 -0.01
N ASN H 795 -16.42 50.64 5.96
CA ASN H 795 -15.41 49.59 6.03
C ASN H 795 -15.25 48.83 4.69
N GLU H 796 -16.34 48.74 3.93
CA GLU H 796 -16.35 48.07 2.63
C GLU H 796 -15.41 48.74 1.62
N LEU H 797 -15.36 50.08 1.57
CA LEU H 797 -14.42 50.80 0.69
C LEU H 797 -12.97 50.43 0.97
N ARG H 798 -12.59 50.36 2.25
CA ARG H 798 -11.23 50.05 2.69
C ARG H 798 -10.83 48.60 2.44
N GLY H 799 -11.77 47.67 2.60
CA GLY H 799 -11.56 46.28 2.19
C GLY H 799 -11.48 46.09 0.68
N LEU H 800 -12.27 46.87 -0.08
CA LEU H 800 -12.32 46.81 -1.53
C LEU H 800 -11.03 47.34 -2.15
N TRP H 801 -10.57 48.54 -1.76
CA TRP H 801 -9.36 49.10 -2.37
C TRP H 801 -8.10 48.32 -2.02
N ASP H 802 -8.03 47.75 -0.81
CA ASP H 802 -6.92 46.87 -0.44
C ASP H 802 -6.95 45.52 -1.16
N ARG H 803 -8.14 44.97 -1.44
CA ARG H 803 -8.28 43.76 -2.28
C ARG H 803 -7.73 44.00 -3.69
N ILE H 804 -8.10 45.10 -4.35
CA ILE H 804 -7.62 45.35 -5.71
C ILE H 804 -6.11 45.63 -5.73
N GLU H 805 -5.55 46.25 -4.70
CA GLU H 805 -4.11 46.44 -4.58
C GLU H 805 -3.34 45.11 -4.46
N ASN H 806 -3.85 44.17 -3.66
CA ASN H 806 -3.30 42.83 -3.57
C ASN H 806 -3.40 42.05 -4.88
N ARG H 807 -4.54 42.15 -5.57
CA ARG H 807 -4.76 41.43 -6.84
C ARG H 807 -3.90 41.99 -7.97
N ILE H 808 -3.69 43.30 -8.01
CA ILE H 808 -2.71 43.92 -8.93
C ILE H 808 -1.31 43.39 -8.64
N TYR H 809 -0.87 43.32 -7.38
CA TYR H 809 0.44 42.76 -7.02
C TYR H 809 0.61 41.33 -7.54
N ASN H 810 -0.41 40.48 -7.37
CA ASN H 810 -0.41 39.12 -7.90
C ASN H 810 -0.33 39.07 -9.42
N LEU H 811 -1.13 39.87 -10.14
CA LEU H 811 -1.10 39.95 -11.60
C LEU H 811 0.24 40.50 -12.11
N ARG H 812 0.86 41.42 -11.37
CA ARG H 812 2.15 42.05 -11.69
C ARG H 812 3.34 41.09 -11.51
N HIS H 813 3.26 40.13 -10.59
CA HIS H 813 4.11 38.93 -10.61
C HIS H 813 3.71 37.92 -11.69
N ASN H 814 2.41 37.82 -12.00
CA ASN H 814 1.72 36.88 -12.88
C ASN H 814 1.87 35.40 -12.46
N LEU H 815 3.10 34.89 -12.50
CA LEU H 815 3.45 33.47 -12.61
C LEU H 815 3.08 32.61 -11.39
N THR H 816 2.53 33.22 -10.34
CA THR H 816 1.94 32.55 -9.18
C THR H 816 0.52 32.04 -9.46
N LEU H 817 -0.37 32.90 -9.97
CA LEU H 817 -1.83 32.73 -9.85
C LEU H 817 -2.29 32.56 -8.39
N ASP H 818 -1.58 33.23 -7.47
CA ASP H 818 -1.53 33.01 -6.00
C ASP H 818 -1.07 31.60 -5.54
N GLY H 819 -0.92 30.67 -6.49
CA GLY H 819 -0.19 29.41 -6.35
C GLY H 819 1.26 29.56 -6.85
N LYS H 820 1.72 28.58 -7.65
CA LYS H 820 3.11 28.49 -8.14
C LYS H 820 3.17 27.80 -9.55
N GLU H 821 2.51 28.33 -10.60
CA GLU H 821 2.37 27.63 -11.92
C GLU H 821 3.72 27.23 -12.55
N ILE H 822 4.62 28.19 -12.76
CA ILE H 822 5.78 28.02 -13.66
C ILE H 822 6.86 27.08 -13.10
N ASN H 823 7.32 27.30 -11.86
CA ASN H 823 8.48 26.61 -11.28
C ASN H 823 8.06 25.66 -10.15
N MET H 824 8.34 24.37 -10.31
CA MET H 824 7.99 23.29 -9.37
C MET H 824 8.81 22.02 -9.67
N ASP H 825 8.84 21.08 -8.72
CA ASP H 825 9.39 19.70 -8.80
C ASP H 825 10.89 19.55 -9.18
N LEU H 826 11.61 20.64 -9.47
CA LEU H 826 13.04 20.67 -9.80
C LEU H 826 13.91 20.15 -8.63
N TYR H 827 14.98 19.41 -8.95
CA TYR H 827 15.92 18.87 -7.95
C TYR H 827 17.36 18.77 -8.49
N ASP H 828 18.34 18.70 -7.58
CA ASP H 828 19.78 18.96 -7.81
C ASP H 828 20.70 17.89 -7.18
N SER H 829 21.96 18.25 -6.90
CA SER H 829 23.01 17.38 -6.34
C SER H 829 23.43 16.20 -7.25
N SER H 830 24.24 15.27 -6.75
CA SER H 830 24.99 14.22 -7.48
C SER H 830 26.02 14.78 -8.49
N ILE H 831 26.54 15.98 -8.23
CA ILE H 831 27.25 16.79 -9.24
C ILE H 831 28.76 16.51 -9.41
N SER H 832 29.47 15.98 -8.39
CA SER H 832 30.94 16.01 -8.37
C SER H 832 31.62 14.70 -7.93
N PRO H 833 32.69 14.27 -8.64
CA PRO H 833 33.74 13.38 -8.12
C PRO H 833 34.63 14.03 -7.05
N ARG H 834 35.72 13.36 -6.69
CA ARG H 834 36.76 13.78 -5.72
C ARG H 834 38.13 13.23 -6.13
N GLY H 835 39.23 13.83 -5.68
CA GLY H 835 40.60 13.36 -5.88
C GLY H 835 40.95 12.04 -5.16
N LEU H 836 42.24 11.68 -5.17
CA LEU H 836 42.76 10.41 -4.66
C LEU H 836 44.13 10.55 -3.98
N MET H 837 44.53 9.57 -3.16
CA MET H 837 45.90 9.43 -2.67
C MET H 837 46.81 8.84 -3.76
N LYS H 838 47.42 9.69 -4.58
CA LYS H 838 48.44 9.31 -5.59
C LYS H 838 49.80 9.01 -4.92
N GLN H 839 49.81 8.02 -4.02
CA GLN H 839 50.87 7.73 -3.04
C GLN H 839 52.07 6.97 -3.64
N ARG H 840 52.50 7.35 -4.84
CA ARG H 840 53.48 6.61 -5.66
C ARG H 840 54.95 6.91 -5.33
N TYR H 841 55.26 7.97 -4.60
CA TYR H 841 56.64 8.49 -4.49
C TYR H 841 57.66 7.53 -3.85
N GLN H 842 58.84 7.48 -4.46
CA GLN H 842 60.03 6.77 -3.98
C GLN H 842 60.78 7.49 -2.86
N ARG H 843 61.70 6.77 -2.21
CA ARG H 843 62.72 7.31 -1.27
C ARG H 843 64.11 6.78 -1.62
N VAL H 844 65.15 7.57 -1.34
CA VAL H 844 66.53 7.36 -1.80
C VAL H 844 67.44 6.89 -0.67
N VAL H 845 68.26 5.87 -0.92
CA VAL H 845 69.32 5.39 -0.01
C VAL H 845 70.69 5.71 -0.60
N THR H 846 71.54 6.42 0.14
CA THR H 846 72.87 6.88 -0.31
C THR H 846 73.94 5.78 -0.19
N ALA H 847 73.94 4.83 -1.13
CA ALA H 847 74.90 3.73 -1.21
C ALA H 847 76.34 4.19 -1.59
N ARG H 848 77.08 4.73 -0.61
CA ARG H 848 78.51 5.10 -0.70
C ARG H 848 79.18 5.09 0.68
N ASN H 849 80.52 5.14 0.72
CA ASN H 849 81.31 5.00 1.95
C ASN H 849 82.39 6.10 2.11
N ALA H 850 83.16 6.04 3.22
CA ALA H 850 84.43 6.73 3.44
C ALA H 850 85.31 5.89 4.41
N SER H 851 86.64 6.04 4.35
CA SER H 851 87.59 5.19 5.12
C SER H 851 88.99 5.84 5.28
N LYS H 852 89.82 5.28 6.20
CA LYS H 852 91.11 5.85 6.64
C LYS H 852 92.23 4.79 6.76
N MET H 853 93.48 5.26 6.78
CA MET H 853 94.72 4.45 6.76
C MET H 853 95.19 3.96 8.15
N ASN H 854 96.22 3.09 8.19
CA ASN H 854 96.76 2.41 9.37
C ASN H 854 98.30 2.43 9.46
N PHE H 855 98.85 2.11 10.64
CA PHE H 855 100.30 2.06 10.93
C PHE H 855 100.66 0.88 11.87
N LYS H 856 101.19 1.13 13.07
CA LYS H 856 101.58 0.17 14.13
C LYS H 856 102.74 -0.77 13.77
N VAL H 857 103.33 -1.43 14.79
CA VAL H 857 104.50 -2.32 14.72
C VAL H 857 104.22 -3.60 15.55
N PRO H 858 104.59 -4.81 15.08
CA PRO H 858 104.21 -6.06 15.76
C PRO H 858 105.10 -6.38 16.97
N ASN H 859 104.63 -7.31 17.82
CA ASN H 859 105.36 -7.82 18.99
C ASN H 859 105.53 -9.37 19.04
N TYR H 860 104.75 -10.15 18.28
CA TYR H 860 104.91 -11.61 18.09
C TYR H 860 104.21 -12.09 16.80
N ARG H 861 104.40 -13.37 16.42
CA ARG H 861 104.23 -13.90 15.04
C ARG H 861 102.80 -13.84 14.45
N PHE H 862 102.75 -13.99 13.12
CA PHE H 862 101.57 -13.90 12.27
C PHE H 862 100.48 -14.97 12.52
N GLU H 863 100.79 -16.26 12.36
CA GLU H 863 99.78 -17.33 12.48
C GLU H 863 99.15 -17.43 13.87
N PRO H 864 99.88 -17.24 15.00
CA PRO H 864 99.27 -17.12 16.32
C PRO H 864 98.20 -16.02 16.44
N MET H 865 98.26 -14.96 15.61
CA MET H 865 97.22 -13.95 15.56
C MET H 865 96.04 -14.34 14.66
N LEU H 866 96.28 -15.07 13.56
CA LEU H 866 95.20 -15.71 12.80
C LEU H 866 94.40 -16.71 13.66
N ASN H 867 95.08 -17.37 14.61
CA ASN H 867 94.44 -18.27 15.58
C ASN H 867 93.72 -17.55 16.74
N ARG H 868 93.64 -16.21 16.74
CA ARG H 868 92.90 -15.42 17.76
C ARG H 868 91.88 -14.45 17.15
N SER H 869 92.21 -13.83 16.01
CA SER H 869 91.37 -12.81 15.36
C SER H 869 90.00 -13.32 14.91
N LYS H 870 89.88 -14.60 14.50
CA LYS H 870 88.65 -15.17 13.92
C LYS H 870 87.43 -15.09 14.86
N SER H 871 87.54 -15.67 16.06
CA SER H 871 86.40 -15.86 16.97
C SER H 871 85.81 -14.56 17.50
N GLY H 872 86.63 -13.53 17.72
CA GLY H 872 86.17 -12.20 18.10
C GLY H 872 85.36 -11.50 16.99
N VAL H 873 85.76 -11.70 15.73
CA VAL H 873 85.02 -11.21 14.55
C VAL H 873 83.71 -11.95 14.37
N GLU H 874 83.72 -13.29 14.40
CA GLU H 874 82.49 -14.09 14.21
C GLU H 874 81.49 -13.98 15.37
N THR H 875 81.96 -13.69 16.59
CA THR H 875 81.11 -13.27 17.70
C THR H 875 80.41 -11.94 17.42
N LEU H 876 81.07 -10.99 16.72
CA LEU H 876 80.43 -9.74 16.31
C LEU H 876 79.35 -9.95 15.23
N ILE H 877 79.56 -10.88 14.28
CA ILE H 877 78.49 -11.31 13.34
C ILE H 877 77.31 -11.92 14.11
N GLN H 878 77.56 -12.72 15.15
CA GLN H 878 76.52 -13.29 16.00
C GLN H 878 75.79 -12.20 16.82
N PHE H 879 76.48 -11.25 17.44
CA PHE H 879 75.87 -10.12 18.15
C PHE H 879 75.06 -9.20 17.20
N GLY H 880 75.56 -8.92 16.00
CA GLY H 880 74.90 -8.06 15.02
C GLY H 880 73.62 -8.67 14.44
N SER H 881 73.67 -9.96 14.08
CA SER H 881 72.48 -10.72 13.66
C SER H 881 71.49 -10.95 14.82
N THR H 882 71.96 -11.10 16.06
CA THR H 882 71.10 -11.10 17.26
C THR H 882 70.37 -9.76 17.41
N LEU H 883 71.07 -8.63 17.35
CA LEU H 883 70.47 -7.30 17.39
C LEU H 883 69.44 -7.09 16.28
N LEU H 884 69.77 -7.47 15.04
CA LEU H 884 68.89 -7.30 13.87
C LEU H 884 67.61 -8.14 13.97
N SER H 885 67.75 -9.44 14.30
CA SER H 885 66.62 -10.38 14.40
C SER H 885 65.71 -10.07 15.60
N LEU H 886 66.25 -9.62 16.75
CA LEU H 886 65.45 -9.10 17.85
C LEU H 886 64.71 -7.81 17.48
N LEU H 887 65.31 -6.92 16.69
CA LEU H 887 64.70 -5.65 16.30
C LEU H 887 63.52 -5.85 15.31
N GLU H 888 63.56 -6.88 14.46
CA GLU H 888 62.37 -7.35 13.73
C GLU H 888 61.26 -7.85 14.67
N ARG H 889 61.61 -8.58 15.73
CA ARG H 889 60.62 -9.10 16.72
C ARG H 889 59.98 -7.95 17.52
N LYS H 890 60.78 -6.95 17.91
CA LYS H 890 60.32 -5.69 18.51
C LYS H 890 59.34 -4.94 17.60
N ASP H 891 59.75 -4.57 16.39
CA ASP H 891 58.94 -3.68 15.55
C ASP H 891 57.75 -4.39 14.87
N SER H 892 57.75 -5.73 14.79
CA SER H 892 56.56 -6.52 14.41
C SER H 892 55.45 -6.44 15.46
N LEU H 893 55.76 -6.68 16.75
CA LEU H 893 54.73 -6.71 17.81
C LEU H 893 54.14 -5.32 18.09
N SER H 894 54.93 -4.24 17.95
CA SER H 894 54.41 -2.87 18.03
C SER H 894 53.38 -2.54 16.95
N PHE H 895 53.42 -3.21 15.79
CA PHE H 895 52.38 -3.08 14.78
C PHE H 895 51.09 -3.80 15.21
N ASP H 896 51.21 -5.03 15.72
CA ASP H 896 50.08 -5.82 16.26
C ASP H 896 49.35 -5.11 17.42
N ALA H 897 50.05 -4.29 18.20
CA ALA H 897 49.48 -3.45 19.26
C ALA H 897 48.60 -2.31 18.69
N TYR H 898 49.20 -1.45 17.85
CA TYR H 898 48.56 -0.26 17.28
C TYR H 898 47.36 -0.58 16.37
N GLN H 899 47.37 -1.77 15.76
CA GLN H 899 46.27 -2.28 14.93
C GLN H 899 44.97 -2.56 15.73
N MET H 900 45.02 -2.75 17.06
CA MET H 900 43.81 -2.99 17.89
C MET H 900 42.99 -1.73 18.15
N ILE H 901 43.64 -0.62 18.51
CA ILE H 901 42.97 0.64 18.91
C ILE H 901 42.19 1.31 17.78
N GLN H 902 42.43 0.88 16.52
CA GLN H 902 41.71 1.31 15.32
C GLN H 902 40.19 1.00 15.36
N SER H 903 39.76 0.08 16.22
CA SER H 903 38.36 -0.27 16.44
C SER H 903 37.59 0.71 17.35
N GLY H 904 38.28 1.52 18.16
CA GLY H 904 37.67 2.31 19.23
C GLY H 904 36.69 3.39 18.77
N ASP H 905 37.04 4.14 17.73
CA ASP H 905 36.14 5.12 17.09
C ASP H 905 34.96 4.45 16.38
N LEU H 906 35.20 3.30 15.73
CA LEU H 906 34.20 2.59 14.94
C LEU H 906 33.06 2.04 15.80
N TYR H 907 33.35 1.54 17.00
CA TYR H 907 32.31 1.16 17.96
C TYR H 907 31.46 2.38 18.40
N ARG H 908 32.09 3.53 18.68
CA ARG H 908 31.39 4.77 19.08
C ARG H 908 30.41 5.22 18.00
N PHE H 909 30.89 5.35 16.76
CA PHE H 909 30.07 5.72 15.60
C PHE H 909 28.96 4.67 15.30
N SER H 910 29.25 3.37 15.47
CA SER H 910 28.27 2.30 15.25
C SER H 910 27.10 2.38 16.22
N ILE H 911 27.35 2.56 17.52
CA ILE H 911 26.31 2.70 18.55
C ILE H 911 25.51 3.99 18.33
N ASP H 912 26.20 5.13 18.15
CA ASP H 912 25.56 6.45 18.03
C ASP H 912 24.85 6.70 16.69
N LEU H 913 25.05 5.85 15.67
CA LEU H 913 24.15 5.73 14.52
C LEU H 913 22.96 4.81 14.81
N GLN H 914 23.21 3.58 15.27
CA GLN H 914 22.17 2.55 15.37
C GLN H 914 21.13 2.81 16.46
N GLN H 915 21.50 3.42 17.60
CA GLN H 915 20.59 3.61 18.75
C GLN H 915 19.27 4.28 18.38
N GLN H 916 19.26 5.16 17.38
CA GLN H 916 18.06 5.82 16.85
C GLN H 916 16.97 4.84 16.37
N ASP H 917 17.28 3.59 16.01
CA ASP H 917 16.23 2.64 15.57
C ASP H 917 15.29 2.20 16.71
N ILE H 918 15.68 2.32 17.98
CA ILE H 918 14.78 2.21 19.14
C ILE H 918 13.81 3.40 19.17
N ASP H 919 14.32 4.62 18.95
CA ASP H 919 13.49 5.84 18.93
C ASP H 919 12.55 5.88 17.71
N ILE H 920 12.96 5.32 16.57
CA ILE H 920 12.11 5.14 15.38
C ILE H 920 11.05 4.06 15.64
N ASN H 921 11.40 2.92 16.25
CA ASN H 921 10.43 1.87 16.58
C ASN H 921 9.40 2.35 17.62
N LYS H 922 9.77 3.24 18.57
CA LYS H 922 8.83 3.95 19.44
C LYS H 922 7.96 4.96 18.68
N ALA H 923 8.54 5.77 17.79
CA ALA H 923 7.78 6.72 16.97
C ALA H 923 6.76 6.02 16.03
N SER H 924 7.10 4.83 15.54
CA SER H 924 6.19 3.97 14.75
C SER H 924 5.02 3.42 15.59
N LEU H 925 5.26 3.04 16.86
CA LEU H 925 4.19 2.68 17.79
C LEU H 925 3.22 3.85 18.08
N GLU H 926 3.73 5.08 18.22
CA GLU H 926 2.88 6.27 18.31
C GLU H 926 2.05 6.52 17.03
N ALA H 927 2.61 6.27 15.84
CA ALA H 927 1.87 6.34 14.58
C ALA H 927 0.74 5.28 14.48
N LEU H 928 0.97 4.06 15.00
CA LEU H 928 -0.05 3.01 15.12
C LEU H 928 -1.16 3.42 16.12
N GLN H 929 -0.79 4.01 17.27
CA GLN H 929 -1.74 4.56 18.24
C GLN H 929 -2.57 5.72 17.65
N VAL H 930 -2.01 6.55 16.78
CA VAL H 930 -2.72 7.58 16.00
C VAL H 930 -3.68 6.98 14.97
N SER H 931 -3.24 5.96 14.21
CA SER H 931 -4.05 5.33 13.15
C SER H 931 -5.35 4.69 13.65
N LYS H 932 -5.38 4.19 14.90
CA LYS H 932 -6.56 3.56 15.53
C LYS H 932 -7.84 4.40 15.42
N GLN H 933 -7.75 5.72 15.62
CA GLN H 933 -8.87 6.67 15.52
C GLN H 933 -9.50 6.73 14.11
N SER H 934 -8.75 6.44 13.05
CA SER H 934 -9.28 6.45 11.67
C SER H 934 -10.39 5.40 11.48
N ALA H 935 -10.21 4.23 12.07
CA ALA H 935 -11.20 3.15 12.15
C ALA H 935 -12.20 3.36 13.31
N GLN H 936 -11.72 3.72 14.51
CA GLN H 936 -12.55 3.85 15.72
C GLN H 936 -13.58 4.98 15.59
N ASP H 937 -13.21 6.16 15.07
CA ASP H 937 -14.14 7.27 14.84
C ASP H 937 -15.15 6.96 13.70
N ARG H 938 -14.73 6.17 12.70
CA ARG H 938 -15.60 5.69 11.62
C ARG H 938 -16.59 4.62 12.10
N TYR H 939 -16.21 3.80 13.08
CA TYR H 939 -17.10 2.85 13.77
C TYR H 939 -18.07 3.55 14.73
N ASP H 940 -17.57 4.13 15.83
CA ASP H 940 -18.34 4.31 17.06
C ASP H 940 -19.46 5.36 16.99
N HIS H 941 -19.48 6.22 15.95
CA HIS H 941 -20.65 7.06 15.62
C HIS H 941 -21.90 6.24 15.28
N PHE H 942 -21.77 5.13 14.54
CA PHE H 942 -22.90 4.56 13.80
C PHE H 942 -24.01 3.90 14.64
N LYS H 943 -23.86 3.76 15.97
CA LYS H 943 -25.00 3.46 16.87
C LYS H 943 -26.10 4.53 16.82
N GLU H 944 -25.77 5.73 16.35
CA GLU H 944 -26.73 6.81 16.02
C GLU H 944 -27.45 6.62 14.66
N LEU H 945 -27.24 5.49 13.96
CA LEU H 945 -27.82 5.15 12.66
C LEU H 945 -28.31 3.69 12.53
N TYR H 946 -27.61 2.70 13.10
CA TYR H 946 -28.17 1.34 13.26
C TYR H 946 -29.22 1.23 14.38
N ASP H 947 -29.39 2.30 15.15
CA ASP H 947 -30.50 2.55 16.09
C ASP H 947 -30.93 4.03 15.99
N GLU H 948 -32.11 4.37 16.51
CA GLU H 948 -32.85 5.64 16.31
C GLU H 948 -33.01 6.03 14.82
N ASN H 949 -33.24 5.01 13.97
CA ASN H 949 -33.38 5.10 12.51
C ASN H 949 -34.66 5.80 12.00
N ILE H 950 -35.54 6.24 12.90
CA ILE H 950 -36.81 6.96 12.66
C ILE H 950 -37.02 8.02 13.77
N SER H 951 -37.74 9.10 13.45
CA SER H 951 -38.16 10.17 14.38
C SER H 951 -39.58 10.67 14.05
N SER H 952 -40.24 11.35 15.00
CA SER H 952 -41.68 11.64 14.95
C SER H 952 -42.16 12.42 13.73
N THR H 953 -41.31 13.26 13.13
CA THR H 953 -41.65 14.02 11.91
C THR H 953 -41.76 13.13 10.67
N GLU H 954 -40.86 12.15 10.48
CA GLU H 954 -40.90 11.24 9.33
C GLU H 954 -41.94 10.10 9.47
N GLN H 955 -42.58 10.00 10.64
CA GLN H 955 -43.83 9.26 10.83
C GLN H 955 -45.03 10.01 10.22
N LYS H 956 -45.17 11.33 10.46
CA LYS H 956 -46.26 12.14 9.88
C LYS H 956 -46.21 12.22 8.35
N VAL H 957 -45.01 12.06 7.76
CA VAL H 957 -44.78 11.88 6.32
C VAL H 957 -45.48 10.63 5.75
N ILE H 958 -45.73 9.60 6.55
CA ILE H 958 -46.58 8.44 6.21
C ILE H 958 -48.06 8.72 6.53
N GLU H 959 -48.37 9.19 7.74
CA GLU H 959 -49.76 9.30 8.23
C GLU H 959 -50.67 10.13 7.32
N LEU H 960 -50.16 11.27 6.83
CA LEU H 960 -50.88 12.17 5.92
C LEU H 960 -51.00 11.61 4.47
N GLN H 961 -50.35 10.48 4.16
CA GLN H 961 -50.59 9.68 2.94
C GLN H 961 -51.66 8.60 3.17
N SER H 962 -51.51 7.78 4.23
CA SER H 962 -52.39 6.64 4.54
C SER H 962 -53.78 7.06 5.05
N GLN H 963 -53.93 8.29 5.57
CA GLN H 963 -55.21 8.92 5.95
C GLN H 963 -56.27 8.94 4.82
N ALA H 964 -55.86 8.81 3.55
CA ALA H 964 -56.75 8.62 2.39
C ALA H 964 -57.58 7.31 2.41
N ALA H 965 -57.53 6.51 3.49
CA ALA H 965 -58.47 5.43 3.78
C ALA H 965 -59.96 5.86 3.80
N ASN H 966 -60.27 7.16 3.98
CA ASN H 966 -61.63 7.71 3.80
C ASN H 966 -62.09 7.81 2.32
N SER H 967 -61.30 7.37 1.34
CA SER H 967 -61.71 7.31 -0.08
C SER H 967 -62.83 6.28 -0.39
N LEU H 968 -63.26 5.53 0.62
CA LEU H 968 -64.54 4.77 0.70
C LEU H 968 -65.77 5.67 1.00
N LEU H 969 -65.54 6.90 1.46
CA LEU H 969 -66.54 7.87 1.96
C LEU H 969 -66.52 9.22 1.21
N MET H 970 -65.37 9.59 0.61
CA MET H 970 -65.11 10.91 -0.02
C MET H 970 -66.06 11.34 -1.15
N ALA H 971 -66.81 10.40 -1.76
CA ALA H 971 -67.63 10.64 -2.95
C ALA H 971 -69.14 10.46 -2.70
N GLN H 972 -69.53 9.77 -1.65
CA GLN H 972 -70.82 9.09 -1.56
C GLN H 972 -72.01 10.07 -1.55
N GLY H 973 -71.84 11.28 -1.01
CA GLY H 973 -72.89 12.31 -1.07
C GLY H 973 -73.27 12.80 -2.48
N MET H 974 -72.43 12.47 -3.49
CA MET H 974 -72.72 12.64 -4.93
C MET H 974 -74.03 11.94 -5.33
N ARG H 975 -74.10 10.62 -5.08
CA ARG H 975 -75.18 9.80 -5.64
C ARG H 975 -76.53 10.25 -5.10
N THR H 976 -76.57 10.51 -3.79
CA THR H 976 -77.80 10.87 -3.09
C THR H 976 -78.29 12.26 -3.52
N ALA H 977 -77.36 13.20 -3.75
CA ALA H 977 -77.66 14.52 -4.31
C ALA H 977 -78.21 14.46 -5.75
N ALA H 978 -77.56 13.68 -6.60
CA ALA H 978 -78.00 13.38 -7.96
C ALA H 978 -79.39 12.70 -7.99
N ALA H 979 -79.62 11.72 -7.10
CA ALA H 979 -80.91 11.07 -6.94
C ALA H 979 -81.99 12.05 -6.46
N ALA H 980 -81.67 12.93 -5.49
CA ALA H 980 -82.62 13.93 -4.97
C ALA H 980 -82.97 14.98 -6.04
N LEU H 981 -82.05 15.26 -6.97
CA LEU H 981 -82.24 16.07 -8.17
C LEU H 981 -82.95 15.34 -9.33
N ASP H 982 -83.35 14.07 -9.14
CA ASP H 982 -83.99 13.25 -10.16
C ASP H 982 -85.37 12.68 -9.77
N VAL H 983 -85.49 11.94 -8.65
CA VAL H 983 -86.69 11.16 -8.28
C VAL H 983 -87.98 11.99 -8.17
N ILE H 984 -87.87 13.30 -7.93
CA ILE H 984 -89.00 14.25 -7.80
C ILE H 984 -88.73 15.56 -8.57
N PRO H 985 -89.78 16.29 -9.02
CA PRO H 985 -89.63 17.53 -9.77
C PRO H 985 -89.13 18.71 -8.91
N ASN H 986 -88.45 19.63 -9.61
CA ASN H 986 -87.94 20.95 -9.19
C ASN H 986 -89.04 22.01 -9.05
N ILE H 987 -90.10 21.87 -9.84
CA ILE H 987 -91.17 22.86 -10.03
C ILE H 987 -92.53 22.21 -10.30
N TYR H 988 -93.60 22.86 -9.82
CA TYR H 988 -95.01 22.49 -10.00
C TYR H 988 -95.82 23.73 -10.44
N GLY H 989 -96.83 23.56 -11.29
CA GLY H 989 -97.71 24.64 -11.77
C GLY H 989 -98.36 24.33 -13.12
N LEU H 990 -98.58 25.38 -13.94
CA LEU H 990 -98.98 25.23 -15.36
C LEU H 990 -97.96 24.37 -16.13
N ALA H 991 -96.68 24.54 -15.82
CA ALA H 991 -95.60 23.61 -16.17
C ALA H 991 -95.04 22.92 -14.91
N VAL H 992 -94.84 21.60 -14.97
CA VAL H 992 -94.31 20.75 -13.87
C VAL H 992 -93.11 19.94 -14.37
N GLY H 993 -92.08 19.72 -13.55
CA GLY H 993 -90.91 18.93 -13.94
C GLY H 993 -89.58 19.43 -13.35
N GLY H 994 -88.55 19.38 -14.21
CA GLY H 994 -87.18 19.79 -13.90
C GLY H 994 -86.25 18.66 -13.41
N SER H 995 -86.70 17.41 -13.41
CA SER H 995 -85.89 16.22 -13.10
C SER H 995 -84.69 16.13 -14.06
N HIS H 996 -83.47 16.21 -13.53
CA HIS H 996 -82.25 16.28 -14.34
C HIS H 996 -81.82 14.89 -14.85
N TRP H 997 -82.37 14.46 -15.99
CA TRP H 997 -82.30 13.06 -16.48
C TRP H 997 -80.95 12.35 -16.32
N GLY H 998 -79.85 12.97 -16.76
CA GLY H 998 -78.51 12.39 -16.75
C GLY H 998 -77.79 12.38 -15.39
N ALA H 999 -78.34 13.02 -14.35
CA ALA H 999 -77.63 13.28 -13.09
C ALA H 999 -76.93 12.06 -12.43
N PRO H 1000 -77.54 10.86 -12.30
CA PRO H 1000 -76.91 9.73 -11.61
C PRO H 1000 -75.74 9.16 -12.42
N LEU H 1001 -75.93 8.92 -13.72
CA LEU H 1001 -74.90 8.37 -14.59
C LEU H 1001 -73.74 9.36 -14.78
N ASN H 1002 -74.05 10.67 -14.80
CA ASN H 1002 -73.04 11.72 -14.78
C ASN H 1002 -72.23 11.72 -13.47
N ALA H 1003 -72.84 11.35 -12.34
CA ALA H 1003 -72.17 11.26 -11.04
C ALA H 1003 -71.31 10.00 -10.89
N ALA H 1004 -71.73 8.88 -11.49
CA ALA H 1004 -71.02 7.61 -11.39
C ALA H 1004 -69.54 7.70 -11.85
N ALA H 1005 -69.29 8.40 -12.94
CA ALA H 1005 -67.93 8.61 -13.47
C ALA H 1005 -66.99 9.31 -12.48
N GLU H 1006 -67.51 10.24 -11.66
CA GLU H 1006 -66.71 10.91 -10.63
C GLU H 1006 -66.38 9.96 -9.48
N ILE H 1007 -67.35 9.17 -9.04
CA ILE H 1007 -67.18 8.14 -8.00
C ILE H 1007 -66.12 7.11 -8.45
N ILE H 1008 -66.22 6.62 -9.69
CA ILE H 1008 -65.28 5.68 -10.29
C ILE H 1008 -63.87 6.28 -10.43
N MET H 1009 -63.75 7.57 -10.80
CA MET H 1009 -62.46 8.24 -10.93
C MET H 1009 -61.69 8.33 -9.60
N ILE H 1010 -62.38 8.62 -8.49
CA ILE H 1010 -61.77 8.91 -7.19
C ILE H 1010 -60.87 7.77 -6.67
N LYS H 1011 -61.18 6.51 -7.00
CA LYS H 1011 -60.40 5.32 -6.61
C LYS H 1011 -58.90 5.46 -6.95
N TYR H 1012 -58.57 5.99 -8.12
CA TYR H 1012 -57.20 6.04 -8.67
C TYR H 1012 -56.24 6.97 -7.86
N GLN H 1013 -56.68 8.16 -7.48
CA GLN H 1013 -55.93 9.16 -6.72
C GLN H 1013 -55.55 8.64 -5.32
N ALA H 1014 -56.43 7.84 -4.72
CA ALA H 1014 -56.18 7.13 -3.46
C ALA H 1014 -55.19 5.96 -3.66
N ASP H 1015 -55.44 5.03 -4.58
CA ASP H 1015 -54.58 3.85 -4.74
C ASP H 1015 -53.17 4.22 -5.25
N SER H 1016 -53.05 5.13 -6.23
CA SER H 1016 -51.76 5.69 -6.65
C SER H 1016 -51.10 6.66 -5.64
N SER H 1017 -51.67 6.85 -4.44
CA SER H 1017 -51.02 7.53 -3.30
C SER H 1017 -50.85 6.63 -2.05
N LYS H 1018 -51.64 5.56 -1.93
CA LYS H 1018 -51.33 4.35 -1.14
C LYS H 1018 -50.04 3.69 -1.63
N SER H 1019 -49.78 3.72 -2.94
CA SER H 1019 -48.51 3.29 -3.54
C SER H 1019 -47.32 4.19 -3.14
N GLU H 1020 -47.55 5.48 -2.87
CA GLU H 1020 -46.55 6.39 -2.32
C GLU H 1020 -46.31 6.12 -0.83
N SER H 1021 -47.38 5.85 -0.07
CA SER H 1021 -47.29 5.40 1.33
C SER H 1021 -46.49 4.10 1.46
N LEU H 1022 -46.80 3.07 0.66
CA LEU H 1022 -46.10 1.80 0.71
C LEU H 1022 -44.71 1.83 0.03
N SER H 1023 -44.47 2.76 -0.90
CA SER H 1023 -43.11 3.07 -1.40
C SER H 1023 -42.21 3.66 -0.31
N VAL H 1024 -42.74 4.54 0.55
CA VAL H 1024 -42.05 5.00 1.77
C VAL H 1024 -41.87 3.85 2.78
N SER H 1025 -42.87 2.97 2.91
CA SER H 1025 -42.84 1.81 3.81
C SER H 1025 -41.74 0.80 3.43
N GLU H 1026 -41.49 0.58 2.13
CA GLU H 1026 -40.31 -0.17 1.64
C GLU H 1026 -39.02 0.63 1.79
N SER H 1027 -38.99 1.92 1.43
CA SER H 1027 -37.78 2.74 1.49
C SER H 1027 -37.17 2.83 2.90
N TYR H 1028 -37.99 3.06 3.93
CA TYR H 1028 -37.53 3.05 5.33
C TYR H 1028 -36.98 1.67 5.75
N ARG H 1029 -37.51 0.57 5.20
CA ARG H 1029 -37.01 -0.80 5.42
C ARG H 1029 -35.67 -1.05 4.71
N ARG H 1030 -35.50 -0.55 3.48
CA ARG H 1030 -34.23 -0.60 2.71
C ARG H 1030 -33.11 0.25 3.36
N ARG H 1031 -33.45 1.41 3.95
CA ARG H 1031 -32.47 2.39 4.48
C ARG H 1031 -31.56 1.81 5.57
N ARG H 1032 -32.11 1.09 6.57
CA ARG H 1032 -31.34 0.56 7.72
C ARG H 1032 -30.16 -0.33 7.31
N GLN H 1033 -30.31 -1.12 6.23
CA GLN H 1033 -29.29 -2.08 5.79
C GLN H 1033 -27.95 -1.41 5.40
N GLU H 1034 -27.97 -0.18 4.88
CA GLU H 1034 -26.75 0.53 4.48
C GLU H 1034 -25.89 0.97 5.66
N TRP H 1035 -26.53 1.31 6.78
CA TRP H 1035 -25.90 1.68 8.05
C TRP H 1035 -25.51 0.45 8.89
N GLU H 1036 -26.31 -0.61 8.83
CA GLU H 1036 -26.04 -1.93 9.42
C GLU H 1036 -24.69 -2.51 8.92
N LEU H 1037 -24.47 -2.49 7.60
CA LEU H 1037 -23.20 -2.92 6.99
C LEU H 1037 -22.04 -1.97 7.34
N GLN H 1038 -22.28 -0.66 7.27
CA GLN H 1038 -21.24 0.35 7.47
C GLN H 1038 -20.65 0.34 8.90
N TYR H 1039 -21.48 0.14 9.92
CA TYR H 1039 -20.97 0.04 11.30
C TYR H 1039 -20.20 -1.27 11.53
N LYS H 1040 -20.72 -2.41 11.06
CA LYS H 1040 -20.15 -3.73 11.38
C LYS H 1040 -18.84 -4.01 10.64
N GLN H 1041 -18.70 -3.52 9.41
CA GLN H 1041 -17.40 -3.53 8.71
C GLN H 1041 -16.36 -2.65 9.43
N ALA H 1042 -16.74 -1.44 9.86
CA ALA H 1042 -15.84 -0.57 10.62
C ALA H 1042 -15.46 -1.18 11.99
N GLU H 1043 -16.42 -1.79 12.70
CA GLU H 1043 -16.21 -2.50 13.97
C GLU H 1043 -15.22 -3.67 13.82
N TRP H 1044 -15.26 -4.39 12.69
CA TRP H 1044 -14.31 -5.46 12.41
C TRP H 1044 -12.94 -4.96 11.93
N GLU H 1045 -12.83 -3.78 11.31
CA GLU H 1045 -11.52 -3.15 11.07
C GLU H 1045 -10.90 -2.56 12.36
N VAL H 1046 -11.71 -2.10 13.31
CA VAL H 1046 -11.27 -1.81 14.69
C VAL H 1046 -10.71 -3.08 15.37
N ASN H 1047 -11.24 -4.26 15.03
CA ASN H 1047 -10.67 -5.55 15.44
C ASN H 1047 -9.37 -5.88 14.67
N SER H 1048 -9.32 -5.66 13.35
CA SER H 1048 -8.14 -5.95 12.51
C SER H 1048 -6.90 -5.12 12.86
N VAL H 1049 -7.06 -3.82 13.15
CA VAL H 1049 -5.95 -2.91 13.51
C VAL H 1049 -5.22 -3.35 14.79
N GLU H 1050 -5.90 -4.06 15.70
CA GLU H 1050 -5.32 -4.49 16.97
C GLU H 1050 -4.12 -5.45 16.81
N GLN H 1051 -4.07 -6.22 15.72
CA GLN H 1051 -2.92 -7.07 15.39
C GLN H 1051 -1.67 -6.25 15.02
N GLN H 1052 -1.85 -5.16 14.26
CA GLN H 1052 -0.73 -4.33 13.77
C GLN H 1052 -0.03 -3.58 14.90
N ILE H 1053 -0.77 -3.11 15.92
CA ILE H 1053 -0.19 -2.49 17.11
C ILE H 1053 0.46 -3.52 18.05
N ASN H 1054 -0.13 -4.72 18.21
CA ASN H 1054 0.47 -5.79 19.02
C ASN H 1054 1.78 -6.36 18.42
N LEU H 1055 1.86 -6.44 17.08
CA LEU H 1055 3.08 -6.85 16.35
C LEU H 1055 4.30 -5.95 16.62
N GLN H 1056 4.11 -4.65 16.92
CA GLN H 1056 5.23 -3.71 17.04
C GLN H 1056 6.15 -3.97 18.25
N ASN H 1057 5.64 -4.66 19.28
CA ASN H 1057 6.44 -5.12 20.43
C ASN H 1057 7.65 -5.97 20.02
N MET H 1058 7.53 -6.77 18.96
CA MET H 1058 8.61 -7.65 18.50
C MET H 1058 9.80 -6.86 17.94
N GLN H 1059 9.58 -5.79 17.16
CA GLN H 1059 10.65 -4.94 16.63
C GLN H 1059 11.24 -4.02 17.71
N ILE H 1060 10.45 -3.60 18.70
CA ILE H 1060 10.95 -2.88 19.88
C ILE H 1060 11.91 -3.78 20.69
N LYS H 1061 11.55 -5.05 20.91
CA LYS H 1061 12.45 -6.05 21.52
C LYS H 1061 13.68 -6.32 20.66
N ALA H 1062 13.52 -6.48 19.34
CA ALA H 1062 14.64 -6.73 18.43
C ALA H 1062 15.67 -5.59 18.45
N ALA H 1063 15.24 -4.32 18.40
CA ALA H 1063 16.12 -3.16 18.45
C ALA H 1063 16.93 -3.07 19.76
N ASN H 1064 16.33 -3.41 20.90
CA ASN H 1064 17.04 -3.50 22.18
C ASN H 1064 18.02 -4.69 22.21
N LYS H 1065 17.60 -5.88 21.75
CA LYS H 1065 18.44 -7.08 21.63
C LYS H 1065 19.54 -6.97 20.56
N ARG H 1066 19.45 -5.98 19.66
CA ARG H 1066 20.47 -5.59 18.67
C ARG H 1066 21.55 -4.69 19.31
N LEU H 1067 21.15 -3.59 19.96
CA LEU H 1067 22.06 -2.55 20.46
C LEU H 1067 23.07 -3.09 21.51
N GLU H 1068 22.64 -3.97 22.41
CA GLU H 1068 23.48 -4.53 23.48
C GLU H 1068 24.65 -5.41 22.97
N GLN H 1069 24.58 -5.91 21.73
CA GLN H 1069 25.63 -6.75 21.15
C GLN H 1069 26.86 -5.93 20.73
N VAL H 1070 26.65 -4.68 20.28
CA VAL H 1070 27.75 -3.78 19.90
C VAL H 1070 28.54 -3.35 21.14
N GLU H 1071 27.85 -3.12 22.26
CA GLU H 1071 28.45 -2.86 23.57
C GLU H 1071 29.27 -4.06 24.08
N ALA H 1072 28.73 -5.28 23.97
CA ALA H 1072 29.43 -6.51 24.34
C ALA H 1072 30.73 -6.69 23.52
N GLN H 1073 30.64 -6.52 22.19
CA GLN H 1073 31.78 -6.56 21.26
C GLN H 1073 32.84 -5.50 21.60
N GLN H 1074 32.45 -4.25 21.86
CA GLN H 1074 33.38 -3.19 22.26
C GLN H 1074 34.14 -3.55 23.55
N GLN H 1075 33.42 -3.97 24.59
CA GLN H 1075 34.03 -4.27 25.89
C GLN H 1075 34.94 -5.52 25.85
N GLN H 1076 34.62 -6.55 25.05
CA GLN H 1076 35.54 -7.69 24.89
C GLN H 1076 36.73 -7.37 23.96
N ALA H 1077 36.60 -6.45 23.00
CA ALA H 1077 37.74 -5.93 22.24
C ALA H 1077 38.72 -5.16 23.14
N MET H 1078 38.21 -4.39 24.10
CA MET H 1078 38.99 -3.76 25.18
C MET H 1078 39.63 -4.81 26.11
N ALA H 1079 38.91 -5.88 26.46
CA ALA H 1079 39.46 -7.00 27.25
C ALA H 1079 40.56 -7.80 26.51
N LEU H 1080 40.47 -7.93 25.18
CA LEU H 1080 41.55 -8.51 24.35
C LEU H 1080 42.79 -7.61 24.33
N LEU H 1081 42.62 -6.28 24.24
CA LEU H 1081 43.74 -5.32 24.31
C LEU H 1081 44.42 -5.36 25.69
N ASP H 1082 43.66 -5.50 26.78
CA ASP H 1082 44.19 -5.78 28.13
C ASP H 1082 44.94 -7.12 28.19
N TYR H 1083 44.36 -8.21 27.69
CA TYR H 1083 45.00 -9.53 27.73
C TYR H 1083 46.30 -9.58 26.90
N PHE H 1084 46.33 -8.90 25.76
CA PHE H 1084 47.53 -8.71 24.92
C PHE H 1084 48.58 -7.82 25.59
N SER H 1085 48.20 -6.66 26.12
CA SER H 1085 49.13 -5.73 26.79
C SER H 1085 49.62 -6.24 28.17
N GLU H 1086 48.99 -7.27 28.72
CA GLU H 1086 49.43 -8.01 29.92
C GLU H 1086 50.04 -9.39 29.61
N ARG H 1087 50.35 -9.70 28.34
CA ARG H 1087 51.21 -10.83 27.91
C ARG H 1087 52.64 -10.66 28.45
N PHE H 1088 53.31 -11.75 28.84
CA PHE H 1088 54.68 -11.68 29.35
C PHE H 1088 55.66 -11.11 28.32
N THR H 1089 55.84 -11.77 27.17
CA THR H 1089 56.72 -11.32 26.07
C THR H 1089 56.09 -10.23 25.20
N ASN H 1090 55.58 -9.19 25.86
CA ASN H 1090 55.16 -7.93 25.26
C ASN H 1090 56.38 -7.07 24.85
N GLU H 1091 56.09 -5.91 24.25
CA GLU H 1091 57.04 -4.92 23.70
C GLU H 1091 58.22 -4.58 24.64
N SER H 1092 58.02 -4.62 25.96
CA SER H 1092 59.07 -4.27 26.93
C SER H 1092 60.28 -5.22 26.89
N LEU H 1093 60.09 -6.53 26.66
CA LEU H 1093 61.19 -7.50 26.79
C LEU H 1093 62.20 -7.42 25.63
N TYR H 1094 61.71 -7.31 24.39
CA TYR H 1094 62.56 -7.05 23.22
C TYR H 1094 63.29 -5.71 23.36
N THR H 1095 62.57 -4.69 23.84
CA THR H 1095 63.14 -3.34 24.11
C THR H 1095 64.26 -3.42 25.15
N TRP H 1096 64.05 -4.12 26.27
CA TRP H 1096 65.07 -4.32 27.31
C TRP H 1096 66.31 -5.08 26.78
N LEU H 1097 66.12 -6.19 26.03
CA LEU H 1097 67.24 -6.92 25.42
C LEU H 1097 68.04 -6.04 24.46
N ILE H 1098 67.41 -5.39 23.48
CA ILE H 1098 68.09 -4.60 22.45
C ILE H 1098 68.84 -3.41 23.07
N SER H 1099 68.20 -2.69 24.00
CA SER H 1099 68.79 -1.52 24.68
C SER H 1099 69.94 -1.87 25.63
N GLN H 1100 70.16 -3.14 25.98
CA GLN H 1100 71.42 -3.62 26.57
C GLN H 1100 72.41 -4.12 25.49
N LEU H 1101 71.98 -5.01 24.58
CA LEU H 1101 72.82 -5.61 23.52
C LEU H 1101 73.52 -4.58 22.62
N SER H 1102 72.93 -3.40 22.41
CA SER H 1102 73.53 -2.30 21.65
C SER H 1102 74.89 -1.84 22.21
N SER H 1103 75.11 -2.02 23.51
CA SER H 1103 76.40 -1.76 24.18
C SER H 1103 77.41 -2.90 23.98
N LEU H 1104 76.97 -4.17 24.04
CA LEU H 1104 77.83 -5.35 23.85
C LEU H 1104 78.49 -5.33 22.46
N TYR H 1105 77.74 -4.95 21.42
CA TYR H 1105 78.25 -4.84 20.05
C TYR H 1105 79.35 -3.77 19.91
N LEU H 1106 79.14 -2.56 20.44
CA LEU H 1106 80.11 -1.46 20.36
C LEU H 1106 81.37 -1.70 21.23
N GLN H 1107 81.20 -2.29 22.43
CA GLN H 1107 82.32 -2.70 23.30
C GLN H 1107 83.22 -3.77 22.66
N ALA H 1108 82.66 -4.64 21.82
CA ALA H 1108 83.42 -5.58 20.99
C ALA H 1108 84.06 -4.90 19.76
N TYR H 1109 83.31 -4.08 19.01
CA TYR H 1109 83.79 -3.43 17.78
C TYR H 1109 85.01 -2.53 17.98
N ASP H 1110 85.04 -1.67 19.02
CA ASP H 1110 86.19 -0.79 19.30
C ASP H 1110 87.44 -1.56 19.77
N ALA H 1111 87.28 -2.83 20.18
CA ALA H 1111 88.34 -3.69 20.70
C ALA H 1111 88.94 -4.66 19.66
N VAL H 1112 88.12 -5.28 18.80
CA VAL H 1112 88.55 -6.39 17.92
C VAL H 1112 89.57 -5.99 16.84
N LEU H 1113 89.51 -4.75 16.37
CA LEU H 1113 90.22 -4.27 15.17
C LEU H 1113 91.76 -4.31 15.29
N SER H 1114 92.29 -4.31 16.51
CA SER H 1114 93.73 -4.42 16.78
C SER H 1114 94.27 -5.82 16.45
N LEU H 1115 93.43 -6.86 16.50
CA LEU H 1115 93.83 -8.23 16.15
C LEU H 1115 94.14 -8.35 14.65
N CYS H 1116 93.24 -7.87 13.79
CA CYS H 1116 93.48 -7.86 12.35
C CYS H 1116 94.53 -6.81 11.94
N LEU H 1117 94.60 -5.65 12.60
CA LEU H 1117 95.67 -4.68 12.35
C LEU H 1117 97.07 -5.26 12.69
N SER H 1118 97.20 -5.94 13.82
CA SER H 1118 98.47 -6.58 14.20
C SER H 1118 98.79 -7.81 13.32
N ALA H 1119 97.78 -8.47 12.75
CA ALA H 1119 97.98 -9.47 11.70
C ALA H 1119 98.60 -8.85 10.42
N GLU H 1120 98.14 -7.67 9.96
CA GLU H 1120 98.83 -6.93 8.89
C GLU H 1120 100.27 -6.57 9.28
N ALA H 1121 100.45 -5.96 10.45
CA ALA H 1121 101.76 -5.49 10.90
C ALA H 1121 102.78 -6.63 11.02
N SER H 1122 102.35 -7.79 11.54
CA SER H 1122 103.19 -8.99 11.67
C SER H 1122 103.41 -9.70 10.34
N LEU H 1123 102.43 -9.80 9.43
CA LEU H 1123 102.62 -10.37 8.10
C LEU H 1123 103.72 -9.64 7.32
N LEU H 1124 103.60 -8.31 7.25
CA LEU H 1124 104.49 -7.45 6.47
C LEU H 1124 105.90 -7.35 7.08
N TYR H 1125 106.04 -7.50 8.39
CA TYR H 1125 107.36 -7.63 9.02
C TYR H 1125 107.96 -9.03 8.83
N GLU H 1126 107.21 -10.10 9.13
CA GLU H 1126 107.71 -11.48 9.18
C GLU H 1126 108.05 -12.04 7.78
N LEU H 1127 107.40 -11.56 6.72
CA LEU H 1127 107.80 -11.78 5.32
C LEU H 1127 108.64 -10.64 4.71
N ASN H 1128 108.90 -9.54 5.44
CA ASN H 1128 109.59 -8.33 4.96
C ASN H 1128 109.02 -7.81 3.61
N LEU H 1129 107.79 -7.30 3.61
CA LEU H 1129 107.00 -6.95 2.42
C LEU H 1129 106.60 -5.46 2.35
N GLY H 1130 106.43 -4.95 1.12
CA GLY H 1130 105.83 -3.64 0.84
C GLY H 1130 104.31 -3.57 1.11
N GLU H 1131 103.76 -2.36 1.11
CA GLU H 1131 102.39 -2.06 1.56
C GLU H 1131 101.26 -2.70 0.71
N GLN H 1132 100.19 -3.12 1.38
CA GLN H 1132 98.96 -3.66 0.77
C GLN H 1132 97.65 -3.16 1.41
N SER H 1133 97.68 -2.60 2.63
CA SER H 1133 96.57 -1.91 3.31
C SER H 1133 95.21 -2.61 3.25
N PHE H 1134 95.11 -3.81 3.83
CA PHE H 1134 93.86 -4.57 3.94
C PHE H 1134 92.90 -4.01 4.99
N VAL H 1135 93.39 -3.62 6.17
CA VAL H 1135 92.56 -3.22 7.32
C VAL H 1135 92.34 -1.71 7.34
N GLY H 1136 91.42 -1.24 6.49
CA GLY H 1136 91.00 0.16 6.42
C GLY H 1136 90.11 0.56 7.59
N GLY H 1137 90.41 1.68 8.24
CA GLY H 1137 89.62 2.24 9.34
C GLY H 1137 88.33 2.92 8.86
N GLY H 1138 87.37 3.07 9.77
CA GLY H 1138 86.12 3.82 9.54
C GLY H 1138 84.89 2.99 9.14
N GLY H 1139 84.91 1.67 9.32
CA GLY H 1139 83.85 0.73 8.89
C GLY H 1139 82.52 0.82 9.67
N TRP H 1140 82.48 1.55 10.78
CA TRP H 1140 81.26 1.79 11.59
C TRP H 1140 80.22 2.64 10.82
N ASN H 1141 78.94 2.55 11.22
CA ASN H 1141 77.84 3.31 10.62
C ASN H 1141 76.91 3.90 11.70
N ASP H 1142 76.52 5.17 11.55
CA ASP H 1142 75.69 5.93 12.51
C ASP H 1142 74.31 6.35 11.97
N LEU H 1143 73.88 5.75 10.86
CA LEU H 1143 72.47 5.70 10.44
C LEU H 1143 71.84 4.36 10.89
N TYR H 1144 72.65 3.29 10.86
CA TYR H 1144 72.28 1.89 11.03
C TYR H 1144 73.05 1.18 12.18
N GLN H 1145 73.69 1.96 13.06
CA GLN H 1145 74.29 1.54 14.34
C GLN H 1145 75.23 0.32 14.20
N GLY H 1146 76.18 0.44 13.27
CA GLY H 1146 77.26 -0.53 13.06
C GLY H 1146 76.87 -1.85 12.37
N LEU H 1147 75.65 -2.00 11.84
CA LEU H 1147 75.28 -3.16 11.03
C LEU H 1147 76.29 -3.41 9.88
N MET H 1148 76.55 -4.68 9.56
CA MET H 1148 77.55 -5.16 8.61
C MET H 1148 79.03 -4.79 8.89
N ALA H 1149 79.37 -4.11 10.01
CA ALA H 1149 80.73 -3.66 10.33
C ALA H 1149 81.71 -4.78 10.80
N GLY H 1150 81.30 -6.06 10.74
CA GLY H 1150 82.11 -7.24 11.08
C GLY H 1150 82.43 -8.14 9.87
N GLU H 1151 81.47 -8.33 8.95
CA GLU H 1151 81.62 -9.16 7.75
C GLU H 1151 82.75 -8.68 6.82
N THR H 1152 83.05 -7.38 6.83
CA THR H 1152 84.20 -6.79 6.13
C THR H 1152 85.54 -7.29 6.66
N LEU H 1153 85.64 -7.62 7.96
CA LEU H 1153 86.86 -8.13 8.60
C LEU H 1153 87.19 -9.56 8.13
N LYS H 1154 86.17 -10.41 7.89
CA LYS H 1154 86.35 -11.72 7.25
C LYS H 1154 86.98 -11.56 5.86
N LEU H 1155 86.44 -10.68 5.02
CA LEU H 1155 87.02 -10.41 3.69
C LEU H 1155 88.40 -9.73 3.78
N ALA H 1156 88.70 -8.94 4.81
CA ALA H 1156 90.05 -8.42 5.04
C ALA H 1156 91.06 -9.54 5.32
N LEU H 1157 90.70 -10.49 6.17
CA LEU H 1157 91.52 -11.67 6.48
C LEU H 1157 91.68 -12.60 5.26
N MET H 1158 90.64 -12.77 4.43
CA MET H 1158 90.74 -13.51 3.16
C MET H 1158 91.71 -12.85 2.17
N ARG H 1159 91.62 -11.52 1.99
CA ARG H 1159 92.56 -10.76 1.14
C ARG H 1159 94.00 -10.81 1.66
N MET H 1160 94.17 -10.83 2.98
CA MET H 1160 95.45 -10.93 3.68
C MET H 1160 96.09 -12.31 3.58
N GLU H 1161 95.33 -13.38 3.90
CA GLU H 1161 95.80 -14.78 3.93
C GLU H 1161 96.47 -15.21 2.62
N ARG H 1162 95.87 -14.80 1.50
CA ARG H 1162 96.33 -15.15 0.15
C ARG H 1162 97.73 -14.60 -0.19
N VAL H 1163 98.21 -13.55 0.50
CA VAL H 1163 99.61 -13.10 0.40
C VAL H 1163 100.56 -14.16 0.99
N TYR H 1164 100.16 -14.80 2.09
CA TYR H 1164 100.93 -15.87 2.72
C TYR H 1164 100.88 -17.17 1.90
N VAL H 1165 99.75 -17.47 1.25
CA VAL H 1165 99.60 -18.62 0.34
C VAL H 1165 100.60 -18.55 -0.82
N GLU H 1166 100.83 -17.36 -1.40
CA GLU H 1166 101.84 -17.15 -2.44
C GLU H 1166 103.28 -17.03 -1.89
N GLN H 1167 103.53 -16.03 -1.03
CA GLN H 1167 104.85 -15.43 -0.82
C GLN H 1167 105.72 -16.15 0.24
N ASN H 1168 105.50 -17.45 0.46
CA ASN H 1168 106.35 -18.30 1.30
C ASN H 1168 107.13 -19.31 0.44
N SER H 1169 108.45 -19.30 0.63
CA SER H 1169 109.44 -20.18 0.00
C SER H 1169 110.74 -20.13 0.82
N ARG H 1170 111.67 -21.09 0.62
CA ARG H 1170 112.99 -21.02 1.28
C ARG H 1170 113.84 -19.92 0.62
N ARG H 1171 114.08 -18.82 1.35
CA ARG H 1171 115.11 -17.84 1.00
C ARG H 1171 116.50 -18.45 1.24
N GLN H 1172 117.58 -17.84 0.76
CA GLN H 1172 118.93 -18.43 0.80
C GLN H 1172 119.50 -18.37 2.24
N GLU H 1173 119.20 -19.35 3.09
CA GLU H 1173 119.69 -19.38 4.46
C GLU H 1173 121.20 -19.68 4.54
N ILE H 1174 121.95 -18.76 5.16
CA ILE H 1174 123.40 -18.75 5.30
C ILE H 1174 123.77 -18.70 6.79
N THR H 1175 124.89 -19.34 7.14
CA THR H 1175 125.48 -19.31 8.48
C THR H 1175 126.89 -18.73 8.41
N LYS H 1176 127.28 -17.95 9.43
CA LYS H 1176 128.53 -17.18 9.46
C LYS H 1176 129.14 -17.12 10.86
N THR H 1177 130.46 -16.92 10.94
CA THR H 1177 131.18 -16.66 12.19
C THR H 1177 132.36 -15.71 11.98
N ILE H 1178 132.80 -15.03 13.04
CA ILE H 1178 133.93 -14.11 13.06
C ILE H 1178 134.64 -14.15 14.43
N SER H 1179 135.94 -13.88 14.43
CA SER H 1179 136.81 -13.65 15.59
C SER H 1179 137.17 -12.17 15.65
N LEU H 1180 137.06 -11.51 16.81
CA LEU H 1180 137.47 -10.11 16.94
C LEU H 1180 138.97 -9.90 16.67
N LYS H 1181 139.84 -10.83 17.06
CA LYS H 1181 141.27 -10.80 16.71
C LYS H 1181 141.48 -10.84 15.19
N ALA H 1182 140.75 -11.70 14.49
CA ALA H 1182 140.78 -11.79 13.02
C ALA H 1182 140.14 -10.58 12.31
N LEU H 1183 139.09 -10.00 12.91
CA LEU H 1183 138.36 -8.83 12.40
C LEU H 1183 139.19 -7.55 12.48
N LEU H 1184 139.70 -7.25 13.68
CA LEU H 1184 140.30 -5.96 14.04
C LEU H 1184 141.82 -5.92 13.86
N GLY H 1185 142.50 -7.05 14.06
CA GLY H 1185 143.97 -7.14 14.10
C GLY H 1185 144.56 -6.84 15.48
N GLU H 1186 145.82 -7.26 15.69
CA GLU H 1186 146.50 -7.37 17.00
C GLU H 1186 146.60 -6.05 17.80
N SER H 1187 146.55 -4.90 17.12
CA SER H 1187 146.52 -3.58 17.76
C SER H 1187 145.32 -3.36 18.67
N TRP H 1188 144.17 -4.02 18.42
CA TRP H 1188 142.97 -3.89 19.25
C TRP H 1188 142.97 -4.79 20.50
N PRO H 1189 143.37 -6.08 20.44
CA PRO H 1189 143.71 -6.87 21.62
C PRO H 1189 144.85 -6.29 22.48
N ALA H 1190 145.69 -5.41 21.93
CA ALA H 1190 146.64 -4.58 22.70
C ALA H 1190 145.97 -3.35 23.34
N GLU H 1191 145.15 -2.60 22.58
CA GLU H 1191 144.38 -1.44 23.06
C GLU H 1191 143.35 -1.80 24.14
N LEU H 1192 142.85 -3.03 24.11
CA LEU H 1192 141.92 -3.65 25.07
C LEU H 1192 142.36 -3.49 26.53
N ASN H 1193 143.63 -3.23 26.83
CA ASN H 1193 144.08 -2.87 28.18
C ASN H 1193 143.42 -1.59 28.76
N LYS H 1194 142.84 -0.71 27.92
CA LYS H 1194 141.85 0.31 28.36
C LYS H 1194 140.42 -0.26 28.41
N LEU H 1195 139.97 -0.91 27.33
CA LEU H 1195 138.58 -1.36 27.16
C LEU H 1195 138.15 -2.49 28.12
N LYS H 1196 139.11 -3.16 28.81
CA LYS H 1196 138.85 -4.05 29.95
C LYS H 1196 138.07 -3.36 31.07
N GLN H 1197 138.35 -2.08 31.35
CA GLN H 1197 137.80 -1.36 32.51
C GLN H 1197 136.95 -0.13 32.14
N LYS H 1198 137.39 0.69 31.18
CA LYS H 1198 136.86 2.06 30.97
C LYS H 1198 135.60 2.16 30.12
N THR H 1199 135.46 1.34 29.07
CA THR H 1199 134.47 1.51 27.99
C THR H 1199 133.90 0.18 27.50
N PRO H 1200 132.75 0.19 26.80
CA PRO H 1200 132.39 -0.87 25.87
C PRO H 1200 133.41 -1.01 24.71
N ILE H 1201 133.25 -2.08 23.93
CA ILE H 1201 133.92 -2.32 22.63
C ILE H 1201 132.89 -2.12 21.51
N ASN H 1202 133.24 -1.34 20.49
CA ASN H 1202 132.33 -0.74 19.49
C ASN H 1202 132.47 -1.40 18.10
N PHE H 1203 131.36 -1.81 17.47
CA PHE H 1203 131.35 -2.61 16.22
C PHE H 1203 130.33 -2.16 15.16
N ASN H 1204 130.56 -2.55 13.89
CA ASN H 1204 129.64 -2.45 12.76
C ASN H 1204 130.04 -3.48 11.67
N LEU H 1205 129.12 -4.35 11.23
CA LEU H 1205 129.36 -5.43 10.27
C LEU H 1205 129.42 -4.92 8.80
N GLU H 1206 130.44 -4.12 8.52
CA GLU H 1206 130.70 -3.49 7.20
C GLU H 1206 131.10 -4.52 6.10
N GLU H 1207 130.90 -4.17 4.83
CA GLU H 1207 130.89 -5.14 3.72
C GLU H 1207 132.21 -5.91 3.51
N GLN H 1208 133.38 -5.34 3.85
CA GLN H 1208 134.69 -5.94 3.53
C GLN H 1208 134.98 -7.27 4.25
N ILE H 1209 134.19 -7.60 5.29
CA ILE H 1209 134.21 -8.91 5.97
C ILE H 1209 132.88 -9.67 5.85
N PHE H 1210 131.73 -8.99 5.83
CA PHE H 1210 130.43 -9.68 5.83
C PHE H 1210 129.95 -10.08 4.42
N VAL H 1211 130.29 -9.29 3.38
CA VAL H 1211 129.74 -9.43 2.01
C VAL H 1211 130.84 -9.65 0.97
N GLU H 1212 131.84 -8.77 0.87
CA GLU H 1212 132.90 -8.84 -0.14
C GLU H 1212 133.81 -10.08 0.00
N ASP H 1213 133.87 -10.66 1.21
CA ASP H 1213 134.62 -11.89 1.51
C ASP H 1213 133.82 -13.17 1.26
N TYR H 1214 132.61 -13.04 0.70
CA TYR H 1214 131.59 -14.08 0.48
C TYR H 1214 130.89 -13.87 -0.87
N GLN H 1215 130.05 -14.80 -1.33
CA GLN H 1215 129.23 -14.60 -2.54
C GLN H 1215 128.22 -13.46 -2.36
N GLU H 1216 128.04 -12.65 -3.42
CA GLU H 1216 127.20 -11.45 -3.45
C GLU H 1216 125.68 -11.74 -3.36
N LEU H 1217 124.90 -10.72 -3.00
CA LEU H 1217 123.45 -10.79 -2.77
C LEU H 1217 122.74 -9.45 -3.06
N TYR H 1218 121.46 -9.51 -3.42
CA TYR H 1218 120.56 -8.37 -3.58
C TYR H 1218 119.91 -7.93 -2.24
N GLN H 1219 119.54 -8.90 -1.39
CA GLN H 1219 118.90 -8.67 -0.08
C GLN H 1219 119.43 -9.62 1.00
N ARG H 1220 119.21 -9.27 2.27
CA ARG H 1220 119.87 -9.81 3.49
C ARG H 1220 119.03 -9.57 4.75
N ARG H 1221 118.54 -10.61 5.46
CA ARG H 1221 117.77 -10.44 6.72
C ARG H 1221 118.14 -11.50 7.79
N ILE H 1222 118.43 -11.05 9.01
CA ILE H 1222 118.91 -11.86 10.15
C ILE H 1222 117.83 -12.83 10.65
N LYS H 1223 118.26 -13.95 11.25
CA LYS H 1223 117.43 -14.99 11.88
C LYS H 1223 117.86 -15.36 13.31
N SER H 1224 119.16 -15.42 13.61
CA SER H 1224 119.69 -15.71 14.95
C SER H 1224 121.15 -15.26 15.10
N VAL H 1225 121.63 -15.09 16.34
CA VAL H 1225 123.03 -14.78 16.68
C VAL H 1225 123.45 -15.48 18.00
N SER H 1226 124.76 -15.68 18.21
CA SER H 1226 125.33 -16.15 19.49
C SER H 1226 126.83 -15.84 19.64
N VAL H 1227 127.34 -15.96 20.88
CA VAL H 1227 128.70 -15.55 21.30
C VAL H 1227 129.41 -16.64 22.11
N SER H 1228 130.70 -16.82 21.88
CA SER H 1228 131.62 -17.59 22.73
C SER H 1228 132.84 -16.76 23.11
N LEU H 1229 133.38 -17.00 24.32
CA LEU H 1229 134.38 -16.14 24.95
C LEU H 1229 135.64 -16.94 25.35
N PRO H 1230 136.66 -17.01 24.48
CA PRO H 1230 138.02 -17.49 24.80
C PRO H 1230 138.67 -16.81 26.02
N MET H 1231 138.38 -17.32 27.20
CA MET H 1231 138.84 -16.82 28.51
C MET H 1231 139.06 -17.99 29.49
N LEU H 1232 139.96 -17.84 30.46
CA LEU H 1232 140.29 -18.90 31.44
C LEU H 1232 139.28 -18.97 32.61
N VAL H 1233 138.01 -19.25 32.28
CA VAL H 1233 136.88 -19.37 33.22
C VAL H 1233 136.39 -20.82 33.33
N GLY H 1234 136.28 -21.34 34.56
CA GLY H 1234 135.79 -22.69 34.85
C GLY H 1234 134.25 -22.79 35.00
N PRO H 1235 133.70 -24.01 35.21
CA PRO H 1235 132.26 -24.22 35.41
C PRO H 1235 131.71 -23.59 36.70
N TYR H 1236 132.56 -23.41 37.71
CA TYR H 1236 132.28 -22.89 39.06
C TYR H 1236 132.21 -21.35 39.15
N GLU H 1237 132.30 -20.61 38.03
CA GLU H 1237 132.35 -19.14 37.99
C GLU H 1237 131.53 -18.53 36.84
N ASP H 1238 131.19 -17.25 36.99
CA ASP H 1238 130.16 -16.52 36.25
C ASP H 1238 130.75 -15.50 35.26
N VAL H 1239 130.30 -15.54 33.99
CA VAL H 1239 130.78 -14.70 32.89
C VAL H 1239 129.78 -13.56 32.62
N CYS H 1240 129.66 -12.62 33.56
CA CYS H 1240 128.58 -11.62 33.65
C CYS H 1240 128.56 -10.52 32.57
N ALA H 1241 129.20 -10.72 31.42
CA ALA H 1241 129.28 -9.73 30.34
C ALA H 1241 127.92 -9.46 29.64
N GLN H 1242 127.90 -8.48 28.75
CA GLN H 1242 126.74 -7.93 28.07
C GLN H 1242 127.02 -7.72 26.57
N LEU H 1243 126.04 -8.02 25.73
CA LEU H 1243 126.00 -7.60 24.31
C LEU H 1243 124.78 -6.72 24.05
N THR H 1244 124.89 -5.83 23.07
CA THR H 1244 123.83 -4.90 22.66
C THR H 1244 123.92 -4.58 21.17
N GLN H 1245 122.78 -4.34 20.53
CA GLN H 1245 122.64 -3.61 19.26
C GLN H 1245 122.09 -2.22 19.62
N THR H 1246 122.60 -1.14 19.02
CA THR H 1246 122.17 0.24 19.34
C THR H 1246 120.64 0.38 19.37
N SER H 1247 120.09 0.95 20.45
CA SER H 1247 118.73 0.65 20.94
C SER H 1247 117.98 1.90 21.41
N SER H 1248 116.64 1.78 21.52
CA SER H 1248 115.75 2.80 22.08
C SER H 1248 114.54 2.18 22.78
N SER H 1249 113.95 2.94 23.71
CA SER H 1249 112.72 2.59 24.47
C SER H 1249 111.83 3.83 24.65
N TYR H 1250 111.77 4.67 23.62
CA TYR H 1250 111.45 6.09 23.72
C TYR H 1250 110.22 6.44 22.86
N SER H 1251 109.43 7.42 23.29
CA SER H 1251 108.09 7.68 22.77
C SER H 1251 108.05 8.94 21.89
N THR H 1252 107.48 8.80 20.68
CA THR H 1252 107.53 9.80 19.60
C THR H 1252 106.59 10.99 19.85
N ARG H 1253 107.12 12.22 19.88
CA ARG H 1253 106.34 13.46 20.14
C ARG H 1253 106.27 14.40 18.93
N ALA H 1254 105.05 14.69 18.49
CA ALA H 1254 104.73 15.62 17.40
C ALA H 1254 104.61 17.09 17.85
N ASP H 1255 104.58 18.00 16.88
CA ASP H 1255 104.39 19.45 17.01
C ASP H 1255 102.93 19.84 17.35
N LEU H 1256 102.72 20.92 18.11
CA LEU H 1256 101.46 21.67 18.23
C LEU H 1256 101.73 23.13 18.68
N LYS H 1257 100.82 24.06 18.39
CA LYS H 1257 100.87 25.47 18.81
C LYS H 1257 99.69 25.88 19.69
N HIS H 1273 115.63 2.68 29.53
CA HIS H 1273 115.68 3.53 30.72
C HIS H 1273 114.93 2.92 31.93
N LEU H 1274 115.12 3.51 33.11
CA LEU H 1274 115.01 2.89 34.44
C LEU H 1274 116.07 1.80 34.70
N VAL H 1275 116.36 1.55 35.98
CA VAL H 1275 117.56 0.84 36.49
C VAL H 1275 117.83 -0.52 35.81
N ARG H 1276 118.67 -0.51 34.76
CA ARG H 1276 119.00 -1.66 33.89
C ARG H 1276 117.75 -2.44 33.41
N SER H 1277 116.65 -1.73 33.19
CA SER H 1277 115.41 -2.32 32.65
C SER H 1277 115.55 -2.69 31.17
N ILE H 1278 114.60 -3.48 30.65
CA ILE H 1278 114.67 -4.10 29.33
C ILE H 1278 114.07 -3.16 28.27
N GLN H 1279 114.90 -2.64 27.37
CA GLN H 1279 114.42 -1.96 26.16
C GLN H 1279 113.79 -2.98 25.18
N PRO H 1280 112.70 -2.64 24.47
CA PRO H 1280 111.90 -3.61 23.71
C PRO H 1280 112.65 -4.28 22.54
N ASN H 1281 113.79 -3.72 22.12
CA ASN H 1281 114.66 -4.29 21.09
C ASN H 1281 115.56 -5.45 21.58
N GLN H 1282 115.62 -5.70 22.90
CA GLN H 1282 116.38 -6.78 23.58
C GLN H 1282 117.92 -6.64 23.52
N GLN H 1283 118.58 -6.98 24.63
CA GLN H 1283 120.02 -6.82 24.87
C GLN H 1283 120.56 -8.00 25.71
N ILE H 1284 121.23 -8.97 25.08
CA ILE H 1284 121.56 -10.26 25.71
C ILE H 1284 122.72 -10.19 26.74
N SER H 1285 122.49 -10.77 27.93
CA SER H 1285 123.46 -10.83 29.03
C SER H 1285 124.05 -12.24 29.15
N LEU H 1286 125.38 -12.34 29.14
CA LEU H 1286 126.13 -13.60 29.18
C LEU H 1286 126.14 -14.24 30.58
N SER H 1287 126.46 -15.54 30.63
CA SER H 1287 126.49 -16.35 31.86
C SER H 1287 127.58 -17.42 31.83
N THR H 1288 127.64 -18.22 30.75
CA THR H 1288 128.57 -19.34 30.54
C THR H 1288 129.87 -18.97 29.81
N GLY H 1289 129.85 -17.92 28.97
CA GLY H 1289 130.95 -17.61 28.05
C GLY H 1289 131.05 -18.55 26.84
N VAL H 1290 129.96 -19.25 26.50
CA VAL H 1290 129.80 -20.19 25.38
C VAL H 1290 128.43 -19.90 24.71
N ASN H 1291 128.18 -20.36 23.47
CA ASN H 1291 127.03 -19.98 22.64
C ASN H 1291 125.63 -20.04 23.31
N ASP H 1292 125.42 -20.82 24.37
CA ASP H 1292 124.17 -20.81 25.16
C ASP H 1292 124.00 -19.55 26.04
N SER H 1293 125.02 -18.70 26.16
CA SER H 1293 124.93 -17.29 26.57
C SER H 1293 124.29 -16.37 25.51
N GLY H 1294 124.16 -16.80 24.26
CA GLY H 1294 123.61 -16.02 23.14
C GLY H 1294 122.11 -16.21 22.89
N LEU H 1295 121.58 -17.39 23.18
CA LEU H 1295 120.14 -17.69 23.20
C LEU H 1295 119.84 -18.84 24.20
N PHE H 1296 118.64 -18.85 24.79
CA PHE H 1296 118.21 -19.83 25.82
C PHE H 1296 117.02 -20.67 25.36
N MET H 1297 117.01 -21.96 25.75
CA MET H 1297 115.94 -22.98 25.61
C MET H 1297 115.46 -23.34 24.19
N LEU H 1298 115.27 -22.34 23.32
CA LEU H 1298 114.63 -22.44 22.02
C LEU H 1298 115.51 -23.17 20.99
N ASN H 1299 114.92 -24.07 20.21
CA ASN H 1299 115.57 -24.75 19.10
C ASN H 1299 115.52 -23.89 17.82
N PHE H 1300 114.43 -24.00 17.06
CA PHE H 1300 114.24 -23.41 15.72
C PHE H 1300 112.87 -22.73 15.54
N ASP H 1301 112.05 -22.69 16.60
CA ASP H 1301 110.70 -22.09 16.64
C ASP H 1301 110.40 -21.44 18.01
N ASP H 1302 109.53 -20.43 17.99
CA ASP H 1302 108.89 -19.78 19.15
C ASP H 1302 107.63 -19.03 18.64
N GLU H 1303 106.75 -18.60 19.53
CA GLU H 1303 105.60 -17.72 19.22
C GLU H 1303 106.02 -16.32 18.74
N ARG H 1304 107.29 -15.95 18.92
CA ARG H 1304 107.83 -14.58 18.86
C ARG H 1304 109.18 -14.56 18.16
N PHE H 1305 109.49 -13.42 17.54
CA PHE H 1305 110.72 -13.19 16.79
C PHE H 1305 111.96 -13.35 17.68
N LEU H 1306 113.00 -14.04 17.20
CA LEU H 1306 114.29 -14.23 17.88
C LEU H 1306 115.13 -12.93 17.91
N PRO H 1307 116.25 -12.87 18.65
CA PRO H 1307 117.13 -11.70 18.67
C PRO H 1307 117.54 -11.22 17.28
N PHE H 1308 117.27 -9.95 16.99
CA PHE H 1308 117.50 -9.25 15.71
C PHE H 1308 116.77 -9.84 14.48
N GLU H 1309 115.85 -10.79 14.64
CA GLU H 1309 115.18 -11.46 13.52
C GLU H 1309 114.39 -10.47 12.64
N GLY H 1310 114.60 -10.53 11.32
CA GLY H 1310 113.97 -9.65 10.32
C GLY H 1310 114.70 -8.33 10.07
N SER H 1311 115.77 -8.03 10.82
CA SER H 1311 116.67 -6.90 10.59
C SER H 1311 117.65 -7.14 9.44
N GLY H 1312 118.10 -6.08 8.77
CA GLY H 1312 119.36 -6.09 8.02
C GLY H 1312 120.59 -6.12 8.95
N VAL H 1313 121.77 -6.37 8.37
CA VAL H 1313 123.07 -6.45 9.06
C VAL H 1313 123.84 -5.11 9.13
N ASP H 1314 123.23 -4.00 8.73
CA ASP H 1314 123.86 -2.67 8.67
C ASP H 1314 123.99 -1.95 10.03
N SER H 1315 123.53 -2.57 11.12
CA SER H 1315 123.52 -2.02 12.50
C SER H 1315 124.91 -1.79 13.10
N SER H 1316 124.93 -1.20 14.31
CA SER H 1316 126.10 -1.11 15.18
C SER H 1316 125.83 -1.78 16.53
N TRP H 1317 126.88 -2.36 17.12
CA TRP H 1317 126.81 -3.22 18.30
C TRP H 1317 127.84 -2.84 19.37
N ARG H 1318 127.62 -3.30 20.60
CA ARG H 1318 128.48 -3.11 21.77
C ARG H 1318 128.71 -4.42 22.52
N LEU H 1319 129.94 -4.64 22.99
CA LEU H 1319 130.30 -5.58 24.05
C LEU H 1319 130.73 -4.81 25.30
N GLN H 1320 130.13 -5.10 26.45
CA GLN H 1320 130.47 -4.50 27.75
C GLN H 1320 130.62 -5.61 28.80
N PHE H 1321 131.64 -5.54 29.65
CA PHE H 1321 131.87 -6.56 30.68
C PHE H 1321 130.99 -6.39 31.93
N THR H 1322 130.55 -5.16 32.25
CA THR H 1322 129.84 -4.85 33.51
C THR H 1322 130.66 -5.35 34.73
N ASN H 1323 130.03 -5.86 35.79
CA ASN H 1323 130.69 -6.44 36.96
C ASN H 1323 131.72 -7.55 36.64
N LEU H 1324 131.71 -8.17 35.46
CA LEU H 1324 132.77 -9.10 35.04
C LEU H 1324 134.15 -8.40 35.02
N LYS H 1325 134.20 -7.08 34.74
CA LYS H 1325 135.42 -6.26 34.80
C LYS H 1325 136.09 -6.19 36.17
N GLN H 1326 135.40 -6.60 37.24
CA GLN H 1326 135.96 -6.70 38.59
C GLN H 1326 136.80 -7.97 38.82
N ASN H 1327 136.78 -8.93 37.89
CA ASN H 1327 137.63 -10.14 37.93
C ASN H 1327 138.22 -10.55 36.55
N LEU H 1328 137.96 -9.80 35.48
CA LEU H 1328 138.52 -9.94 34.14
C LEU H 1328 140.07 -9.89 34.16
N ASP H 1329 140.72 -11.02 33.88
CA ASP H 1329 142.18 -11.17 34.02
C ASP H 1329 142.85 -12.08 32.97
N SER H 1330 142.08 -12.70 32.07
CA SER H 1330 142.50 -13.87 31.27
C SER H 1330 141.70 -14.06 29.97
N LEU H 1331 141.13 -12.98 29.42
CA LEU H 1331 140.49 -12.95 28.10
C LEU H 1331 141.54 -12.90 26.98
N ASN H 1332 141.25 -13.54 25.84
CA ASN H 1332 142.20 -13.74 24.73
C ASN H 1332 141.64 -13.34 23.36
N ASP H 1333 140.36 -13.60 23.11
CA ASP H 1333 139.62 -13.33 21.88
C ASP H 1333 138.10 -13.38 22.18
N VAL H 1334 137.26 -12.91 21.25
CA VAL H 1334 135.80 -13.12 21.29
C VAL H 1334 135.33 -13.67 19.95
N ILE H 1335 134.46 -14.68 19.99
CA ILE H 1335 133.90 -15.37 18.81
C ILE H 1335 132.40 -15.07 18.70
N LEU H 1336 131.93 -14.69 17.51
CA LEU H 1336 130.53 -14.44 17.19
C LEU H 1336 130.03 -15.38 16.08
N HIS H 1337 128.75 -15.73 16.13
CA HIS H 1337 128.04 -16.59 15.17
C HIS H 1337 126.72 -15.94 14.72
N VAL H 1338 126.37 -16.05 13.44
CA VAL H 1338 125.18 -15.42 12.81
C VAL H 1338 124.46 -16.41 11.89
N LYS H 1339 123.11 -16.41 11.95
CA LYS H 1339 122.21 -17.01 10.95
C LYS H 1339 121.43 -15.90 10.26
N TYR H 1340 121.40 -15.89 8.93
CA TYR H 1340 120.66 -14.92 8.12
C TYR H 1340 120.19 -15.52 6.80
N THR H 1341 119.20 -14.92 6.16
CA THR H 1341 118.78 -15.26 4.80
C THR H 1341 119.23 -14.19 3.82
N ALA H 1342 119.89 -14.61 2.75
CA ALA H 1342 120.11 -13.81 1.55
C ALA H 1342 118.98 -14.00 0.51
N ALA H 1343 118.99 -13.15 -0.51
CA ALA H 1343 118.29 -13.36 -1.78
C ALA H 1343 119.02 -12.63 -2.91
N VAL I 92 4.12 88.91 62.74
CA VAL I 92 3.89 89.90 61.66
C VAL I 92 4.86 91.09 61.72
N LYS I 93 6.15 90.80 61.45
CA LYS I 93 7.22 91.76 61.13
C LYS I 93 6.74 92.73 60.03
N PRO I 94 7.25 93.98 59.93
CA PRO I 94 6.61 95.09 59.21
C PRO I 94 5.95 94.73 57.85
N THR I 95 4.61 94.58 57.87
CA THR I 95 3.78 94.03 56.77
C THR I 95 2.40 94.70 56.73
N GLU I 96 1.83 94.83 55.54
CA GLU I 96 0.57 95.54 55.27
C GLU I 96 -0.53 94.62 54.67
N ASN I 97 -1.80 94.96 54.87
CA ASN I 97 -2.95 94.45 54.12
C ASN I 97 -3.98 95.56 53.82
N ILE I 98 -4.93 95.26 52.92
CA ILE I 98 -5.80 96.24 52.22
C ILE I 98 -7.29 95.81 52.35
N PRO I 99 -8.25 96.75 52.53
CA PRO I 99 -9.68 96.44 52.72
C PRO I 99 -10.43 96.11 51.42
N SER I 100 -11.63 95.54 51.54
CA SER I 100 -12.62 95.46 50.45
C SER I 100 -13.33 96.82 50.26
N PRO I 101 -13.66 97.26 49.02
CA PRO I 101 -14.30 98.56 48.76
C PRO I 101 -15.78 98.62 49.17
N ILE I 102 -16.44 97.46 49.24
CA ILE I 102 -17.80 97.25 49.75
C ILE I 102 -17.84 95.95 50.57
N LEU I 103 -18.87 95.82 51.40
CA LEU I 103 -19.17 94.63 52.21
C LEU I 103 -20.60 94.16 51.92
N VAL I 104 -20.76 93.64 50.69
CA VAL I 104 -22.02 93.31 49.97
C VAL I 104 -22.93 94.52 49.76
N GLU I 105 -23.41 95.11 50.85
CA GLU I 105 -24.22 96.33 50.89
C GLU I 105 -25.57 96.22 50.15
N ASP I 106 -26.36 95.20 50.47
CA ASP I 106 -27.76 95.08 50.06
C ASP I 106 -28.71 96.05 50.82
N LYS I 107 -30.02 95.90 50.66
CA LYS I 107 -31.08 96.87 51.02
C LYS I 107 -30.91 97.55 52.39
N TYR I 108 -31.09 96.77 53.46
CA TYR I 108 -31.56 97.20 54.78
C TYR I 108 -30.80 98.39 55.42
N THR I 109 -29.61 98.12 55.98
CA THR I 109 -28.89 98.93 56.96
C THR I 109 -28.85 100.43 56.65
N GLU I 110 -28.61 100.79 55.39
CA GLU I 110 -28.50 102.19 54.95
C GLU I 110 -29.77 103.03 55.20
N GLU I 111 -30.94 102.38 55.23
CA GLU I 111 -32.22 102.98 55.65
C GLU I 111 -32.54 102.67 57.12
N THR I 112 -32.16 101.46 57.59
CA THR I 112 -32.35 100.99 58.98
C THR I 112 -31.76 101.91 60.03
N TYR I 113 -30.66 102.61 59.71
CA TYR I 113 -30.01 103.58 60.61
C TYR I 113 -31.00 104.54 61.30
N SER I 114 -32.05 104.99 60.59
CA SER I 114 -33.03 105.98 61.07
C SER I 114 -34.22 105.40 61.85
N ARG I 115 -34.35 104.07 61.98
CA ARG I 115 -35.58 103.42 62.47
C ARG I 115 -35.82 103.69 63.99
N PRO I 116 -37.10 103.74 64.44
CA PRO I 116 -37.51 104.54 65.60
C PRO I 116 -37.03 104.10 67.00
N ASP I 117 -36.36 102.95 67.15
CA ASP I 117 -35.60 102.65 68.37
C ASP I 117 -34.24 101.97 68.08
N VAL I 118 -33.49 102.52 67.10
CA VAL I 118 -32.06 102.21 66.82
C VAL I 118 -31.12 103.26 67.44
N ASN I 119 -30.96 103.22 68.77
CA ASN I 119 -30.16 104.18 69.58
C ASN I 119 -28.64 103.87 69.58
N PHE I 120 -28.09 103.57 68.40
CA PHE I 120 -26.68 103.19 68.24
C PHE I 120 -25.77 104.43 68.07
N LYS I 121 -25.17 104.88 69.18
CA LYS I 121 -24.03 105.80 69.16
C LYS I 121 -22.77 105.02 68.81
N GLU I 122 -22.02 105.45 67.79
CA GLU I 122 -20.67 104.91 67.47
C GLU I 122 -19.61 105.22 68.56
N ASP I 123 -20.00 105.95 69.60
CA ASP I 123 -19.27 106.20 70.85
C ASP I 123 -19.70 105.27 72.01
N GLY I 124 -20.74 104.44 71.79
CA GLY I 124 -21.42 103.57 72.75
C GLY I 124 -22.61 104.24 73.46
N SER I 125 -23.50 103.45 74.06
CA SER I 125 -24.69 103.95 74.77
C SER I 125 -25.29 102.92 75.74
N GLN I 126 -26.16 103.37 76.64
CA GLN I 126 -27.14 102.51 77.33
C GLN I 126 -28.38 102.16 76.45
N GLY I 127 -28.26 102.25 75.12
CA GLY I 127 -29.34 102.03 74.16
C GLY I 127 -29.67 100.54 74.01
N ASN I 128 -30.64 100.05 74.78
CA ASN I 128 -30.97 98.62 74.90
C ASN I 128 -31.62 97.99 73.65
N LEU I 129 -31.70 98.72 72.52
CA LEU I 129 -32.18 98.25 71.21
C LEU I 129 -31.39 98.86 70.03
N SER I 130 -31.09 98.03 69.02
CA SER I 130 -30.57 98.44 67.69
C SER I 130 -30.68 97.29 66.65
N TYR I 131 -30.81 97.59 65.34
CA TYR I 131 -31.36 96.62 64.34
C TYR I 131 -30.59 96.44 63.01
N THR I 132 -29.34 96.90 62.89
CA THR I 132 -28.51 96.78 61.67
C THR I 132 -28.54 95.36 61.08
N ALA I 133 -28.75 95.20 59.79
CA ALA I 133 -28.79 93.88 59.13
C ALA I 133 -27.38 93.30 58.87
N THR I 134 -27.31 91.96 58.77
CA THR I 134 -26.05 91.21 58.68
C THR I 134 -25.35 91.39 57.33
N ARG I 135 -26.12 91.58 56.25
CA ARG I 135 -25.63 91.57 54.85
C ARG I 135 -25.01 92.89 54.34
N VAL I 136 -24.70 93.85 55.22
CA VAL I 136 -24.15 95.17 54.87
C VAL I 136 -22.77 95.45 55.49
N CYS I 137 -22.26 94.51 56.29
CA CYS I 137 -20.86 94.45 56.74
C CYS I 137 -20.23 93.07 56.38
N ALA I 138 -20.78 92.44 55.35
CA ALA I 138 -20.54 91.05 54.97
C ALA I 138 -19.26 90.85 54.14
N PRO I 139 -18.30 90.01 54.61
CA PRO I 139 -17.11 89.60 53.85
C PRO I 139 -17.32 88.36 52.96
N MET I 140 -18.39 87.59 53.22
CA MET I 140 -18.79 86.35 52.53
C MET I 140 -17.79 85.18 52.61
N TYR I 141 -18.30 83.97 52.41
CA TYR I 141 -17.60 82.69 52.54
C TYR I 141 -16.67 82.36 51.35
N ASN I 142 -15.77 81.39 51.57
CA ASN I 142 -14.79 80.93 50.59
C ASN I 142 -14.70 79.39 50.62
N HIS I 143 -14.60 78.73 49.46
CA HIS I 143 -14.38 77.28 49.35
C HIS I 143 -12.96 76.87 49.75
N TYR I 144 -12.84 75.69 50.33
CA TYR I 144 -11.60 75.04 50.76
C TYR I 144 -11.71 73.52 50.57
N VAL I 145 -10.58 72.82 50.57
CA VAL I 145 -10.55 71.36 50.61
C VAL I 145 -11.09 70.88 51.95
N GLY I 146 -12.23 70.17 51.93
CA GLY I 146 -12.99 69.74 53.09
C GLY I 146 -12.66 68.31 53.56
N ASP I 147 -11.40 68.02 53.90
CA ASP I 147 -11.01 66.69 54.41
C ASP I 147 -11.34 66.53 55.92
N LYS I 148 -12.24 65.61 56.24
CA LYS I 148 -12.99 65.54 57.52
C LYS I 148 -12.23 65.01 58.75
N THR I 149 -10.96 64.63 58.64
CA THR I 149 -10.14 64.06 59.73
C THR I 149 -9.64 65.11 60.75
N LYS I 150 -10.58 65.91 61.30
CA LYS I 150 -10.39 67.08 62.17
C LYS I 150 -11.51 67.16 63.24
N PRO I 151 -11.41 68.02 64.28
CA PRO I 151 -12.57 68.36 65.12
C PRO I 151 -13.68 68.96 64.24
N LYS I 152 -14.91 68.49 64.38
CA LYS I 152 -16.05 68.89 63.52
C LYS I 152 -16.59 70.29 63.84
N LEU I 153 -16.58 71.18 62.86
CA LEU I 153 -17.08 72.55 62.97
C LEU I 153 -18.60 72.60 62.71
N SER I 154 -19.37 73.03 63.70
CA SER I 154 -20.82 72.80 63.78
C SER I 154 -21.59 74.07 64.17
N ALA I 155 -22.93 74.08 64.03
CA ALA I 155 -23.74 75.22 64.49
C ALA I 155 -25.16 74.86 64.99
N TYR I 156 -25.59 75.53 66.06
CA TYR I 156 -26.98 75.59 66.51
C TYR I 156 -27.79 76.65 65.73
N ILE I 157 -29.13 76.51 65.71
CA ILE I 157 -30.06 77.48 65.10
C ILE I 157 -31.32 77.76 65.96
N THR I 158 -31.76 79.03 65.94
CA THR I 158 -33.03 79.54 66.52
C THR I 158 -33.88 80.27 65.46
N ASP I 159 -35.22 80.25 65.59
CA ASP I 159 -36.13 80.49 64.46
C ASP I 159 -36.56 81.95 64.17
N TRP I 160 -36.02 82.94 64.89
CA TRP I 160 -36.43 84.35 64.78
C TRP I 160 -35.23 85.30 64.78
N CYS I 161 -35.05 86.04 63.69
CA CYS I 161 -33.85 86.85 63.48
C CYS I 161 -33.91 88.14 64.31
N GLN I 162 -34.92 88.98 64.10
CA GLN I 162 -35.33 90.07 64.99
C GLN I 162 -35.95 89.50 66.29
N TYR I 163 -35.14 88.78 67.07
CA TYR I 163 -35.54 88.09 68.30
C TYR I 163 -35.99 89.10 69.37
N ASP I 164 -37.13 88.85 70.02
CA ASP I 164 -37.80 89.78 70.93
C ASP I 164 -38.87 89.05 71.76
N ALA I 165 -38.90 89.23 73.08
CA ALA I 165 -39.92 88.66 73.96
C ALA I 165 -41.35 89.08 73.52
N ARG I 166 -42.30 88.14 73.68
CA ARG I 166 -43.67 88.16 73.12
C ARG I 166 -43.73 88.59 71.65
N LEU I 167 -43.50 87.63 70.76
CA LEU I 167 -43.43 87.77 69.29
C LEU I 167 -44.80 88.12 68.65
N ASP I 168 -44.78 88.62 67.42
CA ASP I 168 -45.97 89.01 66.64
C ASP I 168 -46.09 88.22 65.33
N GLY I 169 -47.25 88.33 64.64
CA GLY I 169 -47.39 87.99 63.23
C GLY I 169 -46.66 88.96 62.28
N GLY I 170 -46.56 88.59 61.01
CA GLY I 170 -45.90 89.38 59.95
C GLY I 170 -44.37 89.53 60.10
N GLY I 171 -43.79 90.45 59.33
CA GLY I 171 -42.34 90.72 59.27
C GLY I 171 -41.99 91.98 58.46
N SER I 172 -40.68 92.20 58.26
CA SER I 172 -40.04 93.35 57.58
C SER I 172 -40.25 94.74 58.22
N LYS I 173 -40.78 94.84 59.44
CA LYS I 173 -41.28 96.10 60.04
C LYS I 173 -41.12 96.16 61.57
N GLU I 174 -39.87 96.21 62.04
CA GLU I 174 -39.40 96.30 63.45
C GLU I 174 -39.81 95.16 64.42
N GLU I 175 -41.08 94.76 64.44
CA GLU I 175 -41.56 93.75 65.38
C GLU I 175 -40.96 92.37 65.05
N GLU I 176 -40.91 92.05 63.77
CA GLU I 176 -40.14 90.97 63.15
C GLU I 176 -39.51 91.50 61.84
N ARG I 177 -38.34 90.96 61.50
CA ARG I 177 -37.44 91.22 60.37
C ARG I 177 -36.52 90.01 60.23
N GLY I 178 -36.06 89.71 59.02
CA GLY I 178 -35.13 88.60 58.74
C GLY I 178 -33.65 88.88 59.04
N ARG I 179 -33.28 90.13 59.38
CA ARG I 179 -31.89 90.64 59.52
C ARG I 179 -30.98 90.35 58.31
N GLY I 180 -31.57 90.21 57.12
CA GLY I 180 -30.89 89.78 55.90
C GLY I 180 -30.56 88.27 55.82
N PHE I 181 -30.92 87.47 56.84
CA PHE I 181 -30.74 86.02 56.87
C PHE I 181 -31.77 85.28 55.99
N ASP I 182 -31.55 85.32 54.67
CA ASP I 182 -32.06 84.32 53.73
C ASP I 182 -31.14 83.08 53.75
N LEU I 183 -31.74 81.88 53.79
CA LEU I 183 -31.04 80.59 53.70
C LEU I 183 -30.14 80.45 52.45
N ALA I 184 -30.35 81.28 51.42
CA ALA I 184 -29.55 81.35 50.19
C ALA I 184 -28.02 81.31 50.38
N THR I 185 -27.48 82.02 51.39
CA THR I 185 -26.03 82.05 51.63
C THR I 185 -25.45 80.69 52.06
N LEU I 186 -26.28 79.80 52.60
CA LEU I 186 -25.93 78.40 52.86
C LEU I 186 -26.31 77.49 51.67
N MET I 187 -27.42 77.75 50.97
CA MET I 187 -27.82 77.01 49.77
C MET I 187 -26.80 77.11 48.62
N GLN I 188 -26.07 78.23 48.49
CA GLN I 188 -24.93 78.36 47.57
C GLN I 188 -23.57 78.00 48.21
N ASN I 189 -23.55 77.61 49.50
CA ASN I 189 -22.36 77.12 50.21
C ASN I 189 -22.69 75.89 51.08
N PRO I 190 -23.27 74.80 50.54
CA PRO I 190 -23.87 73.73 51.36
C PRO I 190 -22.88 73.05 52.32
N ALA I 191 -21.60 73.02 51.95
CA ALA I 191 -20.49 72.52 52.76
C ALA I 191 -20.06 73.42 53.95
N THR I 192 -20.81 74.46 54.33
CA THR I 192 -20.38 75.44 55.37
C THR I 192 -20.21 74.82 56.78
N TYR I 193 -20.97 73.79 57.15
CA TYR I 193 -20.90 73.12 58.48
C TYR I 193 -20.87 71.59 58.41
N ASP I 194 -20.22 70.98 59.40
CA ASP I 194 -20.05 69.52 59.50
C ASP I 194 -21.23 68.85 60.22
N ARG I 195 -22.03 69.66 60.93
CA ARG I 195 -23.28 69.32 61.63
C ARG I 195 -24.11 70.59 61.85
N LEU I 196 -25.44 70.49 61.77
CA LEU I 196 -26.36 71.49 62.31
C LEU I 196 -27.21 70.92 63.46
N ILE I 197 -27.60 71.77 64.41
CA ILE I 197 -28.46 71.43 65.54
C ILE I 197 -29.68 72.36 65.61
N PHE I 198 -30.82 71.82 65.21
CA PHE I 198 -32.13 72.47 65.18
C PHE I 198 -32.74 72.66 66.59
N SER I 199 -33.74 73.53 66.72
CA SER I 199 -34.52 73.75 67.95
C SER I 199 -35.95 74.22 67.61
N PHE I 200 -37.02 73.74 68.24
CA PHE I 200 -37.16 72.69 69.25
C PHE I 200 -38.58 72.08 69.21
N LEU I 201 -38.92 71.19 70.15
CA LEU I 201 -40.30 70.71 70.42
C LEU I 201 -40.75 71.11 71.83
N GLY I 202 -42.05 71.37 71.98
CA GLY I 202 -42.70 71.46 73.29
C GLY I 202 -43.03 70.07 73.85
N ILE I 203 -43.57 70.04 75.07
CA ILE I 203 -44.05 68.82 75.74
C ILE I 203 -45.43 69.09 76.35
N CYS I 204 -46.38 68.19 76.17
CA CYS I 204 -47.71 68.27 76.77
C CYS I 204 -47.64 68.36 78.32
N GLY I 205 -48.31 69.36 78.87
CA GLY I 205 -48.25 69.71 80.31
C GLY I 205 -47.01 70.49 80.75
N ASP I 206 -46.03 70.75 79.86
CA ASP I 206 -44.81 71.47 80.21
C ASP I 206 -44.95 72.98 80.07
N ILE I 207 -45.42 73.58 81.18
CA ILE I 207 -45.45 75.03 81.44
C ILE I 207 -44.08 75.73 81.34
N GLY I 208 -42.97 74.99 81.28
CA GLY I 208 -41.62 75.56 81.14
C GLY I 208 -41.38 76.15 79.76
N ASN I 209 -41.84 75.47 78.71
CA ASN I 209 -41.75 76.00 77.34
C ASN I 209 -42.71 77.19 77.17
N LYS I 210 -44.01 76.92 77.45
CA LYS I 210 -45.11 77.89 77.57
C LYS I 210 -46.32 77.17 78.19
N SER I 211 -46.99 77.81 79.16
CA SER I 211 -48.21 77.27 79.80
C SER I 211 -49.48 77.35 78.94
N LYS I 212 -49.53 78.31 78.01
CA LYS I 212 -50.74 78.79 77.31
C LYS I 212 -50.75 78.54 75.79
N LYS I 213 -49.97 79.29 74.99
CA LYS I 213 -50.05 79.31 73.52
C LYS I 213 -49.65 77.99 72.85
N VAL I 214 -48.53 77.39 73.26
CA VAL I 214 -48.18 76.01 72.84
C VAL I 214 -49.27 75.01 73.26
N GLN I 215 -49.82 75.16 74.46
CA GLN I 215 -50.92 74.30 74.93
C GLN I 215 -52.26 74.58 74.20
N GLU I 216 -52.37 75.67 73.43
CA GLU I 216 -53.45 75.91 72.45
C GLU I 216 -53.22 75.17 71.12
N VAL I 217 -51.96 74.91 70.75
CA VAL I 217 -51.61 73.96 69.67
C VAL I 217 -51.92 72.52 70.10
N TRP I 218 -51.65 72.17 71.36
CA TRP I 218 -52.06 70.91 71.98
C TRP I 218 -53.60 70.75 72.09
N ASP I 219 -54.32 71.81 72.49
CA ASP I 219 -55.80 71.86 72.33
C ASP I 219 -56.24 71.67 70.87
N GLY I 220 -55.40 72.10 69.92
CA GLY I 220 -55.61 71.88 68.49
C GLY I 220 -55.52 70.41 68.10
N TRP I 221 -54.45 69.72 68.52
CA TRP I 221 -54.29 68.27 68.36
C TRP I 221 -55.46 67.52 68.99
N ASN I 222 -55.74 67.81 70.26
CA ASN I 222 -56.80 67.18 71.04
C ASN I 222 -58.22 67.71 70.69
N ALA I 223 -58.40 68.21 69.47
CA ALA I 223 -59.69 68.53 68.86
C ALA I 223 -59.75 68.06 67.39
N GLN I 224 -58.71 68.36 66.60
CA GLN I 224 -58.63 67.93 65.20
C GLN I 224 -58.34 66.44 65.06
N ALA I 225 -57.49 65.86 65.92
CA ALA I 225 -57.11 64.45 65.84
C ALA I 225 -58.31 63.51 65.93
N PRO I 226 -59.19 63.58 66.95
CA PRO I 226 -60.39 62.73 67.00
C PRO I 226 -61.36 62.98 65.84
N SER I 227 -61.40 64.21 65.30
CA SER I 227 -62.18 64.51 64.08
C SER I 227 -61.62 63.76 62.84
N LEU I 228 -60.30 63.62 62.77
CA LEU I 228 -59.57 62.82 61.78
C LEU I 228 -59.50 61.32 62.14
N GLY I 229 -60.06 60.91 63.28
CA GLY I 229 -59.99 59.53 63.81
C GLY I 229 -58.63 59.16 64.43
N LEU I 230 -57.71 60.11 64.50
CA LEU I 230 -56.36 60.02 65.07
C LEU I 230 -56.40 60.20 66.61
N PRO I 231 -55.42 59.66 67.37
CA PRO I 231 -55.43 59.73 68.83
C PRO I 231 -55.04 61.14 69.36
N GLN I 232 -55.84 61.64 70.31
CA GLN I 232 -55.40 62.65 71.27
C GLN I 232 -54.16 62.19 72.04
N ILE I 233 -53.36 63.16 72.50
CA ILE I 233 -52.08 62.93 73.19
C ILE I 233 -52.10 63.51 74.61
N GLY I 234 -51.51 62.78 75.56
CA GLY I 234 -51.45 63.13 76.98
C GLY I 234 -50.16 63.86 77.36
N LYS I 235 -50.04 64.25 78.64
CA LYS I 235 -48.85 64.92 79.19
C LYS I 235 -47.58 64.08 78.98
N GLY I 236 -46.45 64.74 78.73
CA GLY I 236 -45.19 64.09 78.34
C GLY I 236 -45.00 63.85 76.82
N HIS I 237 -46.04 63.86 75.98
CA HIS I 237 -45.86 63.77 74.52
C HIS I 237 -45.20 65.03 73.96
N ILE I 238 -44.38 64.94 72.91
CA ILE I 238 -43.90 66.12 72.17
C ILE I 238 -45.04 66.84 71.43
N VAL I 239 -44.92 68.16 71.25
CA VAL I 239 -45.84 68.97 70.42
C VAL I 239 -45.11 70.06 69.62
N PRO I 240 -45.59 70.38 68.40
CA PRO I 240 -45.06 71.48 67.57
C PRO I 240 -45.36 72.86 68.16
N LEU I 241 -44.45 73.80 67.90
CA LEU I 241 -44.45 75.13 68.53
C LEU I 241 -45.37 76.15 67.85
N ASP I 242 -45.41 76.17 66.52
CA ASP I 242 -46.02 77.24 65.71
C ASP I 242 -46.31 76.68 64.30
N PRO I 243 -47.39 75.88 64.08
CA PRO I 243 -47.57 75.16 62.83
C PRO I 243 -47.52 76.05 61.57
N TYR I 244 -48.05 77.27 61.63
CA TYR I 244 -48.02 78.23 60.52
C TYR I 244 -46.59 78.74 60.25
N GLY I 245 -45.86 79.14 61.29
CA GLY I 245 -44.47 79.59 61.18
C GLY I 245 -43.48 78.46 60.88
N ASP I 246 -43.78 77.23 61.29
CA ASP I 246 -42.98 76.02 61.07
C ASP I 246 -43.17 75.47 59.65
N LEU I 247 -44.42 75.27 59.21
CA LEU I 247 -44.80 74.58 57.96
C LEU I 247 -45.66 75.41 56.98
N GLY I 248 -46.31 76.49 57.41
CA GLY I 248 -47.18 77.32 56.54
C GLY I 248 -46.42 78.31 55.65
N THR I 249 -45.42 78.99 56.22
CA THR I 249 -44.62 80.05 55.57
C THR I 249 -43.69 79.53 54.45
N ALA I 250 -43.37 80.37 53.45
CA ALA I 250 -42.42 80.05 52.37
C ALA I 250 -41.26 81.05 52.14
N ARG I 251 -41.39 82.34 52.51
CA ARG I 251 -40.33 83.35 52.27
C ARG I 251 -39.09 83.12 53.15
N ASN I 252 -37.92 83.60 52.69
CA ASN I 252 -36.57 83.54 53.33
C ASN I 252 -35.98 82.16 53.67
N VAL I 253 -36.78 81.08 53.60
CA VAL I 253 -36.33 79.68 53.76
C VAL I 253 -35.89 79.02 52.44
N GLY I 254 -35.67 79.80 51.38
CA GLY I 254 -35.15 79.31 50.11
C GLY I 254 -36.16 78.57 49.23
N LEU I 255 -37.46 78.78 49.43
CA LEU I 255 -38.54 78.14 48.67
C LEU I 255 -39.14 79.10 47.62
N PRO I 256 -39.61 78.57 46.46
CA PRO I 256 -40.36 79.33 45.47
C PRO I 256 -41.68 79.89 46.06
N PRO I 257 -42.19 81.06 45.62
CA PRO I 257 -43.27 81.77 46.31
C PRO I 257 -44.57 80.99 46.47
N GLU I 258 -44.92 80.18 45.47
CA GLU I 258 -46.18 79.43 45.41
C GLU I 258 -46.27 78.28 46.45
N SER I 259 -45.15 77.94 47.12
CA SER I 259 -45.03 76.89 48.17
C SER I 259 -45.76 77.24 49.48
N ALA I 260 -46.13 78.51 49.65
CA ALA I 260 -46.90 79.11 50.74
C ALA I 260 -48.27 78.44 50.95
N ASP I 261 -48.56 77.97 52.16
CA ASP I 261 -49.74 77.17 52.52
C ASP I 261 -50.40 77.71 53.81
N THR I 262 -51.42 78.54 53.63
CA THR I 262 -52.10 79.36 54.66
C THR I 262 -53.07 78.61 55.59
N SER I 263 -53.43 77.36 55.31
CA SER I 263 -54.46 76.62 56.08
C SER I 263 -53.99 76.09 57.44
N ILE I 264 -52.68 76.14 57.71
CA ILE I 264 -52.01 75.43 58.82
C ILE I 264 -52.11 76.18 60.16
N GLU I 265 -53.34 76.54 60.53
CA GLU I 265 -53.69 77.14 61.83
C GLU I 265 -54.14 76.07 62.85
N SER I 266 -54.28 76.43 64.14
CA SER I 266 -54.46 75.49 65.26
C SER I 266 -55.64 74.51 65.17
N GLY I 267 -56.65 74.73 64.31
CA GLY I 267 -57.78 73.82 64.13
C GLY I 267 -57.62 72.79 63.01
N THR I 268 -56.68 73.00 62.08
CA THR I 268 -56.46 72.14 60.89
C THR I 268 -54.98 72.08 60.49
N PHE I 269 -54.16 71.32 61.24
CA PHE I 269 -52.73 71.17 60.96
C PHE I 269 -52.15 69.76 61.04
N LEU I 270 -52.74 68.82 61.80
CA LEU I 270 -52.12 67.50 62.03
C LEU I 270 -51.82 66.67 60.75
N PRO I 271 -52.63 66.73 59.65
CA PRO I 271 -52.33 66.00 58.42
C PRO I 271 -50.99 66.37 57.74
N TYR I 272 -50.46 67.58 58.00
CA TYR I 272 -49.16 68.02 57.48
C TYR I 272 -47.95 67.45 58.25
N TYR I 273 -48.16 66.81 59.40
CA TYR I 273 -47.12 66.53 60.40
C TYR I 273 -46.25 65.29 60.09
N GLN I 274 -45.66 65.25 58.90
CA GLN I 274 -44.68 64.25 58.43
C GLN I 274 -43.78 64.81 57.31
N GLN I 275 -42.62 64.18 57.09
CA GLN I 275 -41.60 64.61 56.13
C GLN I 275 -42.10 64.70 54.68
N ASN I 276 -43.06 63.85 54.30
CA ASN I 276 -43.72 63.84 52.98
C ASN I 276 -44.47 65.14 52.66
N ARG I 277 -44.76 65.98 53.67
CA ARG I 277 -45.42 67.30 53.55
C ARG I 277 -44.54 68.45 54.06
N ALA I 278 -43.22 68.23 54.14
CA ALA I 278 -42.23 69.21 54.62
C ALA I 278 -42.28 70.54 53.84
N ALA I 279 -42.30 71.64 54.60
CA ALA I 279 -42.41 73.01 54.13
C ALA I 279 -41.81 73.98 55.17
N GLY I 280 -41.77 75.28 54.87
CA GLY I 280 -41.01 76.24 55.65
C GLY I 280 -39.52 75.86 55.74
N LEU I 281 -38.90 76.18 56.87
CA LEU I 281 -37.51 75.81 57.15
C LEU I 281 -37.33 74.28 57.17
N LEU I 282 -38.34 73.53 57.64
CA LEU I 282 -38.33 72.06 57.64
C LEU I 282 -38.32 71.45 56.22
N GLY I 283 -38.70 72.23 55.21
CA GLY I 283 -38.39 71.98 53.80
C GLY I 283 -36.95 72.35 53.47
N GLY I 284 -36.49 73.56 53.76
CA GLY I 284 -35.15 74.04 53.41
C GLY I 284 -34.00 73.19 53.96
N LEU I 285 -34.14 72.67 55.17
CA LEU I 285 -33.18 71.74 55.78
C LEU I 285 -33.11 70.41 55.01
N ARG I 286 -34.27 69.83 54.64
CA ARG I 286 -34.36 68.57 53.90
C ARG I 286 -33.81 68.72 52.50
N GLU I 287 -34.12 69.86 51.87
CA GLU I 287 -33.56 70.28 50.59
C GLU I 287 -32.04 70.41 50.63
N LEU I 288 -31.47 71.01 51.69
CA LEU I 288 -30.02 71.12 51.84
C LEU I 288 -29.33 69.76 51.98
N GLN I 289 -29.92 68.83 52.73
CA GLN I 289 -29.33 67.50 52.93
C GLN I 289 -29.16 66.77 51.58
N LYS I 290 -30.13 66.90 50.67
CA LYS I 290 -30.04 66.37 49.31
C LYS I 290 -29.00 67.11 48.47
N LYS I 291 -29.00 68.45 48.46
CA LYS I 291 -28.10 69.27 47.62
C LYS I 291 -26.62 69.12 48.00
N ALA I 292 -26.32 69.02 49.29
CA ALA I 292 -24.96 68.74 49.78
C ALA I 292 -24.46 67.39 49.23
N HIS I 293 -25.27 66.33 49.32
CA HIS I 293 -24.96 65.02 48.74
C HIS I 293 -24.90 65.02 47.20
N ALA I 294 -25.76 65.80 46.53
CA ALA I 294 -25.78 65.92 45.08
C ALA I 294 -24.50 66.55 44.50
N MET I 295 -23.94 67.57 45.16
CA MET I 295 -22.62 68.13 44.79
C MET I 295 -21.44 67.29 45.32
N GLY I 296 -21.58 66.64 46.48
CA GLY I 296 -20.56 65.75 47.03
C GLY I 296 -20.99 65.07 48.32
N HIS I 297 -20.58 65.64 49.46
CA HIS I 297 -20.62 64.99 50.77
C HIS I 297 -21.78 65.46 51.68
N LYS I 298 -22.18 64.57 52.59
CA LYS I 298 -23.39 64.64 53.43
C LYS I 298 -23.35 65.71 54.54
N LEU I 299 -24.49 65.85 55.24
CA LEU I 299 -24.67 66.71 56.43
C LEU I 299 -25.42 66.00 57.56
N ASP I 300 -24.86 66.09 58.77
CA ASP I 300 -25.44 65.60 60.02
C ASP I 300 -26.42 66.61 60.67
N LEU I 301 -27.58 66.14 61.16
CA LEU I 301 -28.70 66.99 61.58
C LEU I 301 -29.30 66.53 62.93
N ALA I 302 -28.89 67.18 64.02
CA ALA I 302 -29.46 66.97 65.35
C ALA I 302 -30.62 67.95 65.67
N PHE I 303 -31.36 67.71 66.75
CA PHE I 303 -32.33 68.67 67.29
C PHE I 303 -32.41 68.70 68.83
N SER I 304 -32.67 69.90 69.36
CA SER I 304 -32.79 70.28 70.76
C SER I 304 -34.22 70.19 71.30
N ILE I 305 -34.38 69.79 72.57
CA ILE I 305 -35.60 69.97 73.36
C ILE I 305 -35.21 70.56 74.73
N GLY I 306 -35.77 71.73 75.07
CA GLY I 306 -35.53 72.44 76.33
C GLY I 306 -34.44 73.54 76.28
N GLY I 307 -34.17 74.13 77.45
CA GLY I 307 -33.25 75.27 77.59
C GLY I 307 -33.43 76.04 78.90
N TRP I 308 -32.90 77.27 78.95
CA TRP I 308 -32.70 78.05 80.19
C TRP I 308 -34.00 78.40 80.94
N SER I 309 -35.06 78.79 80.23
CA SER I 309 -36.42 78.93 80.79
C SER I 309 -37.30 77.71 80.52
N LEU I 310 -36.80 76.74 79.75
CA LEU I 310 -37.54 75.64 79.13
C LEU I 310 -37.15 74.27 79.72
N SER I 311 -37.17 74.16 81.06
CA SER I 311 -36.82 72.90 81.76
C SER I 311 -37.70 72.64 82.99
N SER I 312 -39.03 72.83 82.87
CA SER I 312 -39.97 72.63 83.97
C SER I 312 -40.39 71.17 84.14
N TYR I 313 -41.09 70.60 83.15
CA TYR I 313 -41.64 69.24 83.27
C TYR I 313 -40.60 68.12 83.21
N PHE I 314 -39.31 68.40 82.98
CA PHE I 314 -38.24 67.38 83.05
C PHE I 314 -38.21 66.68 84.42
N SER I 315 -38.51 67.41 85.51
CA SER I 315 -38.66 66.84 86.87
C SER I 315 -39.91 65.96 87.05
N ALA I 316 -40.96 66.10 86.21
CA ALA I 316 -42.07 65.16 86.17
C ALA I 316 -41.73 63.95 85.27
N LEU I 317 -41.32 64.24 84.04
CA LEU I 317 -40.94 63.30 82.98
C LEU I 317 -39.93 62.23 83.45
N ALA I 318 -38.75 62.65 83.90
CA ALA I 318 -37.67 61.72 84.25
C ALA I 318 -38.01 60.82 85.45
N GLU I 319 -38.71 61.40 86.44
CA GLU I 319 -38.91 60.86 87.79
C GLU I 319 -39.75 59.57 87.82
N ASN I 320 -40.68 59.38 86.88
CA ASN I 320 -41.73 58.36 86.97
C ASN I 320 -42.06 57.77 85.59
N PRO I 321 -42.15 56.42 85.45
CA PRO I 321 -42.36 55.76 84.16
C PRO I 321 -43.59 56.24 83.37
N ASP I 322 -44.67 56.63 84.06
CA ASP I 322 -45.94 56.96 83.42
C ASP I 322 -45.88 58.22 82.53
N GLU I 323 -44.94 59.12 82.79
CA GLU I 323 -44.59 60.22 81.89
C GLU I 323 -43.54 59.79 80.83
N ARG I 324 -42.54 58.97 81.23
CA ARG I 324 -41.51 58.43 80.32
C ARG I 324 -42.10 57.67 79.12
N ARG I 325 -43.11 56.81 79.35
CA ARG I 325 -43.74 56.00 78.29
C ARG I 325 -44.30 56.88 77.17
N VAL I 326 -45.13 57.86 77.52
CA VAL I 326 -45.76 58.78 76.55
C VAL I 326 -44.69 59.59 75.80
N PHE I 327 -43.65 60.03 76.49
CA PHE I 327 -42.54 60.73 75.87
C PHE I 327 -41.77 59.84 74.89
N VAL I 328 -41.28 58.67 75.31
CA VAL I 328 -40.49 57.76 74.47
C VAL I 328 -41.29 57.29 73.26
N ALA I 329 -42.58 57.00 73.44
CA ALA I 329 -43.50 56.71 72.33
C ALA I 329 -43.63 57.89 71.36
N SER I 330 -43.60 59.13 71.86
CA SER I 330 -43.60 60.34 71.04
C SER I 330 -42.28 60.62 70.32
N VAL I 331 -41.13 60.20 70.87
CA VAL I 331 -39.84 60.24 70.15
C VAL I 331 -39.81 59.21 69.02
N VAL I 332 -40.28 57.97 69.29
CA VAL I 332 -40.49 56.96 68.25
C VAL I 332 -41.42 57.48 67.14
N ASP I 333 -42.57 58.05 67.52
CA ASP I 333 -43.51 58.65 66.59
C ASP I 333 -42.92 59.82 65.78
N PHE I 334 -42.04 60.62 66.39
CA PHE I 334 -41.29 61.67 65.68
C PHE I 334 -40.37 61.09 64.60
N PHE I 335 -39.52 60.12 64.92
CA PHE I 335 -38.63 59.52 63.92
C PHE I 335 -39.36 58.66 62.88
N VAL I 336 -40.57 58.16 63.20
CA VAL I 336 -41.50 57.57 62.21
C VAL I 336 -42.04 58.64 61.26
N ARG I 337 -42.41 59.83 61.75
CA ARG I 337 -42.88 60.99 60.96
C ARG I 337 -41.78 61.70 60.16
N PHE I 338 -40.55 61.75 60.68
CA PHE I 338 -39.45 62.60 60.20
C PHE I 338 -38.09 61.89 60.27
N PRO I 339 -37.80 60.90 59.39
CA PRO I 339 -36.56 60.13 59.43
C PRO I 339 -35.26 60.91 59.13
N MET I 340 -35.33 62.09 58.50
CA MET I 340 -34.15 62.86 58.09
C MET I 340 -33.20 63.25 59.23
N PHE I 341 -33.73 63.49 60.44
CA PHE I 341 -32.91 63.81 61.62
C PHE I 341 -32.04 62.62 62.05
N SER I 342 -30.82 62.89 62.51
CA SER I 342 -29.84 61.88 62.92
C SER I 342 -29.67 61.75 64.44
N CYS I 343 -30.20 62.69 65.23
CA CYS I 343 -29.82 62.86 66.64
C CYS I 343 -30.82 63.73 67.41
N VAL I 344 -31.12 63.36 68.66
CA VAL I 344 -31.97 64.16 69.57
C VAL I 344 -31.31 64.37 70.93
N ASP I 345 -31.25 65.63 71.37
CA ASP I 345 -30.61 66.03 72.63
C ASP I 345 -31.57 66.80 73.56
N ILE I 346 -31.70 66.32 74.80
CA ILE I 346 -32.28 67.10 75.91
C ILE I 346 -31.28 68.18 76.35
N ASP I 347 -31.76 69.41 76.47
CA ASP I 347 -31.00 70.58 76.95
C ASP I 347 -31.52 71.08 78.31
N TRP I 348 -31.59 70.18 79.30
CA TRP I 348 -31.94 70.53 80.68
C TRP I 348 -30.89 71.44 81.32
N GLU I 349 -31.30 72.59 81.88
CA GLU I 349 -30.42 73.52 82.59
C GLU I 349 -30.94 73.78 84.02
N TYR I 350 -30.44 73.07 85.05
CA TYR I 350 -29.36 72.05 85.05
C TYR I 350 -29.72 70.82 85.94
N PRO I 351 -28.94 69.71 85.82
CA PRO I 351 -29.01 68.56 86.72
C PRO I 351 -28.81 68.83 88.22
N GLY I 352 -28.11 69.93 88.56
CA GLY I 352 -28.19 70.59 89.86
C GLY I 352 -29.48 71.44 89.96
N GLY I 353 -29.36 72.75 89.77
CA GLY I 353 -30.47 73.70 89.69
C GLY I 353 -30.46 74.53 88.40
N GLY I 354 -29.43 75.34 88.20
CA GLY I 354 -29.13 76.06 86.97
C GLY I 354 -30.11 77.20 86.64
N GLY I 355 -31.09 76.91 85.79
CA GLY I 355 -31.87 77.89 85.03
C GLY I 355 -32.91 78.71 85.80
N ASP I 356 -33.86 79.27 85.05
CA ASP I 356 -34.92 80.13 85.56
C ASP I 356 -35.84 79.42 86.58
N GLU I 357 -36.49 80.18 87.47
CA GLU I 357 -37.42 79.68 88.50
C GLU I 357 -38.67 78.96 87.95
N GLY I 358 -38.98 79.08 86.65
CA GLY I 358 -39.96 78.23 85.96
C GLY I 358 -39.50 76.76 85.77
N ASN I 359 -38.18 76.52 85.71
CA ASN I 359 -37.60 75.18 85.69
C ASN I 359 -37.77 74.50 87.06
N ILE I 360 -37.78 73.16 87.09
CA ILE I 360 -37.96 72.36 88.32
C ILE I 360 -36.86 71.29 88.39
N SER I 361 -36.29 71.07 89.57
CA SER I 361 -35.27 70.04 89.82
C SER I 361 -35.28 69.60 91.29
N SER I 362 -35.33 68.29 91.54
CA SER I 362 -34.85 67.67 92.77
C SER I 362 -33.39 67.23 92.60
N ASP I 363 -32.62 67.15 93.68
CA ASP I 363 -31.29 66.49 93.70
C ASP I 363 -31.30 65.13 92.97
N LYS I 364 -32.33 64.30 93.21
CA LYS I 364 -32.50 62.98 92.56
C LYS I 364 -32.78 63.05 91.05
N ASP I 365 -33.20 64.17 90.48
CA ASP I 365 -33.39 64.27 89.03
C ASP I 365 -32.07 64.11 88.25
N GLY I 366 -30.93 64.46 88.85
CA GLY I 366 -29.60 64.22 88.29
C GLY I 366 -29.27 62.75 88.07
N GLU I 367 -29.92 61.83 88.81
CA GLU I 367 -29.98 60.40 88.52
C GLU I 367 -31.18 60.03 87.64
N ASN I 368 -32.38 60.59 87.85
CA ASN I 368 -33.57 60.27 87.02
C ASN I 368 -33.34 60.52 85.52
N TYR I 369 -32.53 61.51 85.17
CA TYR I 369 -32.06 61.83 83.82
C TYR I 369 -31.25 60.70 83.17
N VAL I 370 -30.43 59.98 83.96
CA VAL I 370 -29.68 58.78 83.53
C VAL I 370 -30.64 57.63 83.21
N LEU I 371 -31.70 57.46 84.00
CA LEU I 371 -32.76 56.50 83.72
C LEU I 371 -33.52 56.89 82.45
N LEU I 372 -33.98 58.15 82.34
CA LEU I 372 -34.74 58.67 81.19
C LEU I 372 -34.01 58.44 79.86
N ILE I 373 -32.71 58.75 79.82
CA ILE I 373 -31.90 58.58 78.60
C ILE I 373 -31.58 57.11 78.29
N LYS I 374 -31.36 56.25 79.30
CA LYS I 374 -31.14 54.81 79.10
C LYS I 374 -32.40 54.09 78.61
N GLU I 375 -33.57 54.44 79.17
CA GLU I 375 -34.86 53.94 78.70
C GLU I 375 -35.12 54.36 77.25
N LEU I 376 -34.89 55.63 76.89
CA LEU I 376 -35.00 56.09 75.51
C LEU I 376 -33.98 55.39 74.58
N ARG I 377 -32.70 55.31 74.96
CA ARG I 377 -31.66 54.60 74.20
C ARG I 377 -32.07 53.16 73.90
N SER I 378 -32.62 52.45 74.89
CA SER I 378 -33.14 51.08 74.76
C SER I 378 -34.34 50.98 73.80
N ALA I 379 -35.32 51.88 73.89
CA ALA I 379 -36.48 51.89 73.00
C ALA I 379 -36.09 52.24 71.54
N LEU I 380 -35.18 53.19 71.36
CA LEU I 380 -34.67 53.59 70.04
C LEU I 380 -33.76 52.51 69.44
N ASP I 381 -32.91 51.86 70.21
CA ASP I 381 -32.17 50.66 69.78
C ASP I 381 -33.13 49.54 69.33
N SER I 382 -34.21 49.34 70.08
CA SER I 382 -35.24 48.35 69.76
C SER I 382 -35.94 48.65 68.43
N ARG I 383 -36.37 49.91 68.22
CA ARG I 383 -37.13 50.31 67.03
C ARG I 383 -36.28 50.56 65.79
N PHE I 384 -35.09 51.13 65.92
CA PHE I 384 -34.29 51.66 64.81
C PHE I 384 -32.94 50.94 64.64
N GLY I 385 -32.69 49.88 65.41
CA GLY I 385 -31.51 49.02 65.25
C GLY I 385 -30.19 49.73 65.58
N TYR I 386 -29.15 49.45 64.79
CA TYR I 386 -27.77 49.88 65.05
C TYR I 386 -27.06 50.47 63.82
N SER I 387 -27.26 49.88 62.63
CA SER I 387 -26.63 50.31 61.37
C SER I 387 -26.98 51.75 60.96
N ASN I 388 -28.11 52.29 61.44
CA ASN I 388 -28.56 53.66 61.17
C ASN I 388 -29.22 54.33 62.41
N ARG I 389 -28.72 54.02 63.62
CA ARG I 389 -29.29 54.51 64.88
C ARG I 389 -29.09 56.01 65.13
N LYS I 390 -30.02 56.63 65.86
CA LYS I 390 -30.03 58.08 66.17
C LYS I 390 -29.18 58.41 67.40
N GLU I 391 -28.30 59.40 67.29
CA GLU I 391 -27.33 59.76 68.34
C GLU I 391 -27.95 60.51 69.53
N ILE I 392 -27.29 60.43 70.69
CA ILE I 392 -27.63 61.09 71.95
C ILE I 392 -26.41 61.72 72.64
N SER I 393 -26.50 63.01 72.95
CA SER I 393 -25.43 63.83 73.57
C SER I 393 -25.96 64.73 74.67
N ILE I 394 -25.08 65.33 75.49
CA ILE I 394 -25.47 66.19 76.63
C ILE I 394 -24.86 67.59 76.56
N ALA I 395 -25.53 68.54 77.21
CA ALA I 395 -25.07 69.92 77.41
C ALA I 395 -24.49 70.09 78.83
N CYS I 396 -23.16 70.02 78.95
CA CYS I 396 -22.48 70.16 80.23
C CYS I 396 -22.28 71.63 80.61
N SER I 397 -22.33 71.92 81.92
CA SER I 397 -21.86 73.19 82.46
C SER I 397 -20.33 73.30 82.37
N GLY I 398 -19.83 74.51 82.10
CA GLY I 398 -18.40 74.85 82.17
C GLY I 398 -17.91 75.26 83.55
N VAL I 399 -18.78 75.23 84.58
CA VAL I 399 -18.49 75.62 85.96
C VAL I 399 -18.14 74.38 86.79
N LYS I 400 -17.05 74.45 87.56
CA LYS I 400 -16.38 73.28 88.15
C LYS I 400 -17.25 72.53 89.14
N ALA I 401 -18.04 73.21 89.97
CA ALA I 401 -19.03 72.55 90.82
C ALA I 401 -20.12 71.82 90.02
N LYS I 402 -20.61 72.43 88.93
CA LYS I 402 -21.79 71.96 88.20
C LYS I 402 -21.48 70.82 87.23
N LEU I 403 -20.26 70.74 86.70
CA LEU I 403 -19.81 69.55 85.97
C LEU I 403 -19.73 68.29 86.86
N LYS I 404 -19.63 68.44 88.19
CA LYS I 404 -19.86 67.33 89.14
C LYS I 404 -21.33 66.92 89.13
N LYS I 405 -22.24 67.89 89.31
CA LYS I 405 -23.71 67.68 89.36
C LYS I 405 -24.26 67.12 88.03
N SER I 406 -23.62 67.44 86.91
CA SER I 406 -23.87 66.89 85.57
C SER I 406 -23.68 65.36 85.48
N ASN I 407 -22.91 64.74 86.39
CA ASN I 407 -22.90 63.28 86.62
C ASN I 407 -22.49 62.42 85.41
N ILE I 408 -21.56 62.94 84.59
CA ILE I 408 -21.06 62.30 83.36
C ILE I 408 -20.43 60.93 83.65
N ASP I 409 -19.76 60.79 84.79
CA ASP I 409 -19.10 59.57 85.24
C ASP I 409 -20.07 58.42 85.60
N GLN I 410 -21.39 58.65 85.56
CA GLN I 410 -22.41 57.60 85.50
C GLN I 410 -22.97 57.41 84.07
N LEU I 411 -23.24 58.51 83.35
CA LEU I 411 -23.77 58.47 81.97
C LEU I 411 -22.85 57.72 81.00
N VAL I 412 -21.54 57.85 81.15
CA VAL I 412 -20.49 57.13 80.42
C VAL I 412 -20.67 55.60 80.44
N ALA I 413 -21.28 55.06 81.49
CA ALA I 413 -21.60 53.65 81.68
C ALA I 413 -23.04 53.25 81.29
N ASN I 414 -23.93 54.23 81.05
CA ASN I 414 -25.34 54.03 80.71
C ASN I 414 -25.66 54.31 79.23
N GLY I 415 -24.75 54.97 78.50
CA GLY I 415 -24.82 55.21 77.05
C GLY I 415 -24.94 56.70 76.72
N LEU I 416 -23.87 57.26 76.15
CA LEU I 416 -23.74 58.68 75.81
C LEU I 416 -22.70 58.86 74.69
N ASP I 417 -23.09 59.44 73.56
CA ASP I 417 -22.19 59.59 72.42
C ASP I 417 -21.18 60.73 72.62
N ASN I 418 -21.65 61.96 72.87
CA ASN I 418 -20.80 63.16 72.96
C ASN I 418 -21.20 64.08 74.13
N ILE I 419 -20.24 64.91 74.55
CA ILE I 419 -20.30 65.80 75.71
C ILE I 419 -20.02 67.23 75.25
N TYR I 420 -21.01 68.11 75.36
CA TYR I 420 -20.90 69.47 74.85
C TYR I 420 -20.55 70.44 75.97
N LEU I 421 -19.31 70.94 75.94
CA LEU I 421 -18.80 71.95 76.84
C LEU I 421 -19.36 73.33 76.44
N MET I 422 -20.52 73.71 76.97
CA MET I 422 -21.04 75.09 76.87
C MET I 422 -20.38 76.01 77.91
N SER I 423 -19.05 76.16 77.84
CA SER I 423 -18.23 77.01 78.70
C SER I 423 -18.30 78.50 78.33
N TYR I 424 -19.51 79.06 78.33
CA TYR I 424 -19.79 80.48 78.09
C TYR I 424 -21.03 80.98 78.87
N ASP I 425 -21.25 82.30 78.89
CA ASP I 425 -22.02 83.04 79.90
C ASP I 425 -21.31 83.17 81.27
N PHE I 426 -19.97 83.22 81.25
CA PHE I 426 -19.13 83.60 82.40
C PHE I 426 -19.17 85.11 82.70
N PHE I 427 -19.72 85.91 81.78
CA PHE I 427 -20.17 87.28 82.03
C PHE I 427 -21.49 87.59 81.30
N GLY I 428 -22.22 88.58 81.81
CA GLY I 428 -23.42 89.15 81.24
C GLY I 428 -23.66 90.54 81.83
N THR I 429 -24.33 91.40 81.06
CA THR I 429 -24.30 92.86 81.24
C THR I 429 -24.72 93.35 82.64
N ILE I 430 -25.70 92.69 83.27
CA ILE I 430 -26.39 93.16 84.47
C ILE I 430 -26.03 92.42 85.77
N TRP I 431 -25.80 91.10 85.72
CA TRP I 431 -25.83 90.24 86.92
C TRP I 431 -24.49 90.09 87.68
N ALA I 432 -23.36 90.54 87.11
CA ALA I 432 -22.07 90.60 87.82
C ALA I 432 -21.79 92.01 88.37
N ASP I 433 -21.18 92.16 89.56
CA ASP I 433 -20.95 93.47 90.20
C ASP I 433 -19.90 94.37 89.50
N TYR I 434 -19.15 93.79 88.56
CA TYR I 434 -18.01 94.37 87.85
C TYR I 434 -18.06 93.95 86.38
N ILE I 435 -17.39 94.70 85.50
CA ILE I 435 -17.18 94.32 84.09
C ILE I 435 -16.36 93.03 83.98
N GLY I 436 -16.58 92.27 82.90
CA GLY I 436 -15.96 90.95 82.68
C GLY I 436 -16.16 90.44 81.24
N HIS I 437 -15.92 89.13 81.05
CA HIS I 437 -15.76 88.49 79.72
C HIS I 437 -16.60 87.21 79.56
N HIS I 438 -17.32 87.06 78.44
CA HIS I 438 -18.32 85.96 78.25
C HIS I 438 -17.77 84.54 78.43
N THR I 439 -16.51 84.35 78.05
CA THR I 439 -15.55 83.30 78.45
C THR I 439 -14.16 83.75 77.97
N ASN I 440 -13.13 82.90 78.05
CA ASN I 440 -11.84 83.06 77.36
C ASN I 440 -10.99 81.77 77.44
N LEU I 441 -9.91 81.67 76.66
CA LEU I 441 -8.99 80.53 76.71
C LEU I 441 -8.23 80.38 78.05
N TYR I 442 -7.93 81.44 78.81
CA TYR I 442 -6.97 81.42 79.92
C TYR I 442 -7.29 82.41 81.06
N SER I 443 -7.78 81.90 82.20
CA SER I 443 -8.11 82.71 83.40
C SER I 443 -6.96 83.63 83.83
N PRO I 444 -7.22 84.84 84.37
CA PRO I 444 -6.17 85.79 84.77
C PRO I 444 -5.27 85.23 85.88
N LYS I 445 -5.86 84.54 86.87
CA LYS I 445 -5.26 83.54 87.77
C LYS I 445 -6.35 82.76 88.51
N ASP I 446 -7.36 83.51 88.96
CA ASP I 446 -8.39 83.08 89.90
C ASP I 446 -9.78 83.67 89.57
N PRO I 447 -10.90 83.01 89.95
CA PRO I 447 -12.29 83.42 89.62
C PRO I 447 -12.81 84.62 90.45
N GLY I 448 -11.95 85.62 90.72
CA GLY I 448 -12.26 86.81 91.51
C GLY I 448 -12.92 86.51 92.86
N GLU I 449 -14.07 87.13 93.12
CA GLU I 449 -14.93 86.93 94.30
C GLU I 449 -15.65 85.55 94.35
N GLN I 450 -15.03 84.49 93.80
CA GLN I 450 -15.64 83.18 93.51
C GLN I 450 -16.90 83.30 92.63
N GLU I 451 -16.87 84.24 91.69
CA GLU I 451 -17.96 84.57 90.76
C GLU I 451 -17.92 83.67 89.50
N LEU I 452 -18.83 83.92 88.55
CA LEU I 452 -18.72 83.43 87.17
C LEU I 452 -17.60 84.13 86.36
N PHE I 453 -17.30 85.42 86.63
CA PHE I 453 -16.20 86.10 85.92
C PHE I 453 -14.81 85.56 86.31
N ASP I 454 -13.81 85.87 85.49
CA ASP I 454 -12.41 85.40 85.62
C ASP I 454 -12.23 83.86 85.54
N LEU I 455 -13.26 83.14 85.08
CA LEU I 455 -13.19 81.76 84.58
C LEU I 455 -12.59 81.69 83.15
N SER I 456 -12.41 80.47 82.65
CA SER I 456 -11.88 80.17 81.33
C SER I 456 -12.08 78.70 80.93
N ALA I 457 -12.00 78.45 79.62
CA ALA I 457 -12.09 77.11 79.03
C ALA I 457 -10.93 76.17 79.43
N GLU I 458 -9.78 76.71 79.83
CA GLU I 458 -8.65 75.93 80.36
C GLU I 458 -9.04 75.10 81.60
N ALA I 459 -9.92 75.64 82.46
CA ALA I 459 -10.25 75.05 83.75
C ALA I 459 -10.96 73.67 83.64
N ALA I 460 -11.97 73.54 82.79
CA ALA I 460 -12.87 72.39 82.78
C ALA I 460 -12.19 71.09 82.31
N ILE I 461 -11.56 71.10 81.12
CA ILE I 461 -11.00 69.88 80.50
C ILE I 461 -9.92 69.20 81.35
N ASP I 462 -9.18 69.98 82.14
CA ASP I 462 -8.16 69.47 83.07
C ASP I 462 -8.78 68.51 84.10
N TYR I 463 -10.00 68.79 84.56
CA TYR I 463 -10.77 67.90 85.44
C TYR I 463 -11.49 66.79 84.65
N LEU I 464 -12.20 67.15 83.57
CA LEU I 464 -13.04 66.22 82.80
C LEU I 464 -12.24 65.06 82.22
N HIS I 465 -11.10 65.31 81.56
CA HIS I 465 -10.28 64.26 80.96
C HIS I 465 -9.61 63.32 81.97
N ASN I 466 -9.49 63.72 83.24
CA ASN I 466 -8.61 63.05 84.22
C ASN I 466 -9.35 62.55 85.47
N GLU I 467 -10.11 63.42 86.14
CA GLU I 467 -10.91 63.08 87.31
C GLU I 467 -12.27 62.46 86.93
N LEU I 468 -12.82 62.82 85.75
CA LEU I 468 -13.93 62.07 85.14
C LEU I 468 -13.48 61.10 84.02
N GLY I 469 -12.23 61.19 83.56
CA GLY I 469 -11.60 60.23 82.62
C GLY I 469 -12.03 60.31 81.16
N ILE I 470 -12.70 61.39 80.75
CA ILE I 470 -13.45 61.50 79.49
C ILE I 470 -12.52 61.56 78.25
N PRO I 471 -12.80 60.85 77.14
CA PRO I 471 -12.09 61.04 75.88
C PRO I 471 -12.36 62.42 75.26
N MET I 472 -11.31 63.14 74.86
CA MET I 472 -11.48 64.44 74.18
C MET I 472 -12.33 64.31 72.91
N GLU I 473 -12.33 63.14 72.26
CA GLU I 473 -13.13 62.86 71.07
C GLU I 473 -14.65 62.78 71.33
N LYS I 474 -15.09 62.67 72.59
CA LYS I 474 -16.49 62.93 72.99
C LYS I 474 -16.75 64.42 73.25
N ILE I 475 -15.76 65.12 73.80
CA ILE I 475 -15.87 66.51 74.19
C ILE I 475 -15.95 67.41 72.94
N HIS I 476 -16.91 68.32 72.91
CA HIS I 476 -17.01 69.37 71.90
C HIS I 476 -17.07 70.74 72.57
N LEU I 477 -16.37 71.73 71.99
CA LEU I 477 -16.24 73.08 72.54
C LEU I 477 -17.26 74.05 71.94
N GLY I 478 -18.18 74.54 72.77
CA GLY I 478 -19.15 75.56 72.41
C GLY I 478 -18.61 76.99 72.57
N TYR I 479 -19.02 77.87 71.66
CA TYR I 479 -18.66 79.30 71.69
C TYR I 479 -19.79 80.17 71.11
N ALA I 480 -19.93 81.39 71.62
CA ALA I 480 -20.86 82.40 71.13
C ALA I 480 -20.33 83.14 69.89
N ASN I 481 -21.21 83.66 69.04
CA ASN I 481 -20.83 84.45 67.85
C ASN I 481 -21.10 85.97 68.02
N TYR I 482 -21.09 86.46 69.26
CA TYR I 482 -21.46 87.83 69.64
C TYR I 482 -20.59 88.37 70.79
N GLY I 483 -20.76 89.66 71.12
CA GLY I 483 -20.14 90.31 72.27
C GLY I 483 -21.06 90.46 73.48
N ARG I 484 -20.51 90.97 74.58
CA ARG I 484 -21.23 91.32 75.83
C ARG I 484 -20.81 92.71 76.31
N SER I 485 -21.78 93.61 76.46
CA SER I 485 -21.55 95.02 76.80
C SER I 485 -21.68 95.32 78.30
N ALA I 486 -21.05 96.43 78.73
CA ALA I 486 -21.18 97.05 80.05
C ALA I 486 -20.94 98.58 79.97
N VAL I 487 -21.17 99.29 81.07
CA VAL I 487 -21.15 100.77 81.11
C VAL I 487 -20.68 101.31 82.47
N GLY I 488 -20.12 102.52 82.49
CA GLY I 488 -19.47 103.11 83.68
C GLY I 488 -18.11 102.48 84.02
N GLY I 489 -17.55 101.67 83.11
CA GLY I 489 -16.33 100.89 83.32
C GLY I 489 -15.08 101.75 83.56
N ASP I 490 -14.23 101.27 84.47
CA ASP I 490 -12.82 101.65 84.61
C ASP I 490 -11.97 100.39 84.59
N LEU I 491 -10.81 100.44 83.94
CA LEU I 491 -10.01 99.23 83.65
C LEU I 491 -9.11 98.80 84.81
N THR I 492 -8.78 99.75 85.70
CA THR I 492 -7.97 99.54 86.91
C THR I 492 -8.78 99.07 88.13
N THR I 493 -10.12 99.12 88.08
CA THR I 493 -11.01 98.76 89.20
C THR I 493 -12.28 97.98 88.82
N ARG I 494 -12.59 97.85 87.52
CA ARG I 494 -13.73 97.08 86.95
C ARG I 494 -15.14 97.44 87.46
N GLN I 495 -15.27 98.49 88.29
CA GLN I 495 -16.57 98.98 88.78
C GLN I 495 -17.49 99.31 87.59
N TYR I 496 -18.77 99.01 87.76
CA TYR I 496 -19.82 99.05 86.73
C TYR I 496 -21.02 99.86 87.24
N THR I 497 -21.74 100.58 86.36
CA THR I 497 -23.03 101.21 86.70
C THR I 497 -24.07 100.13 86.99
N LYS I 498 -24.34 99.90 88.28
CA LYS I 498 -24.97 98.68 88.86
C LYS I 498 -26.25 98.16 88.20
N ASN I 499 -27.03 99.02 87.53
CA ASN I 499 -28.25 98.66 86.80
C ASN I 499 -28.35 99.32 85.40
N GLY I 500 -27.22 99.52 84.72
CA GLY I 500 -27.17 100.08 83.36
C GLY I 500 -27.22 99.00 82.26
N PRO I 501 -28.31 98.89 81.46
CA PRO I 501 -28.46 97.88 80.41
C PRO I 501 -27.77 98.34 79.11
N ALA I 502 -26.44 98.20 79.06
CA ALA I 502 -25.58 98.69 77.97
C ALA I 502 -25.97 98.16 76.57
N LEU I 503 -25.58 98.90 75.53
CA LEU I 503 -25.99 98.67 74.14
C LEU I 503 -25.73 97.23 73.66
N GLY I 504 -26.67 96.74 72.84
CA GLY I 504 -26.48 95.61 71.95
C GLY I 504 -27.44 95.62 70.76
N THR I 505 -27.45 94.55 69.97
CA THR I 505 -28.41 94.32 68.88
C THR I 505 -29.76 93.86 69.45
N MET I 506 -30.80 93.81 68.62
CA MET I 506 -32.12 93.29 68.98
C MET I 506 -32.72 94.12 70.13
N GLU I 507 -33.06 93.50 71.28
CA GLU I 507 -33.82 94.11 72.36
C GLU I 507 -33.51 93.45 73.72
N ASN I 508 -32.80 94.16 74.61
CA ASN I 508 -32.17 93.64 75.84
C ASN I 508 -31.17 92.47 75.62
N GLY I 509 -30.61 92.36 74.40
CA GLY I 509 -29.66 91.33 73.99
C GLY I 509 -28.28 91.86 73.56
N ALA I 510 -27.35 90.93 73.30
CA ALA I 510 -25.94 91.16 72.94
C ALA I 510 -25.70 91.95 71.62
N PRO I 511 -24.62 92.77 71.53
CA PRO I 511 -24.11 93.31 70.26
C PRO I 511 -23.42 92.23 69.41
N GLU I 512 -23.70 92.16 68.10
CA GLU I 512 -22.95 91.31 67.16
C GLU I 512 -21.75 92.01 66.51
N PHE I 513 -20.76 91.22 66.12
CA PHE I 513 -19.47 91.71 65.60
C PHE I 513 -19.58 92.52 64.29
N PHE I 514 -20.53 92.22 63.41
CA PHE I 514 -20.70 92.96 62.15
C PHE I 514 -21.06 94.45 62.38
N ASP I 515 -21.98 94.73 63.32
CA ASP I 515 -22.41 96.06 63.76
C ASP I 515 -21.32 96.77 64.60
N ILE I 516 -20.41 95.98 65.19
CA ILE I 516 -19.21 96.46 65.89
C ILE I 516 -18.13 96.91 64.89
N VAL I 517 -17.81 96.13 63.85
CA VAL I 517 -16.89 96.53 62.78
C VAL I 517 -17.44 97.70 61.97
N LYS I 518 -18.76 97.77 61.81
CA LYS I 518 -19.44 98.90 61.13
C LYS I 518 -19.26 100.25 61.83
N ASN I 519 -18.94 100.27 63.13
CA ASN I 519 -19.00 101.48 63.95
C ASN I 519 -17.78 101.72 64.86
N TYR I 520 -17.30 100.70 65.55
CA TYR I 520 -16.29 100.81 66.62
C TYR I 520 -14.88 100.33 66.24
N MET I 521 -14.72 99.41 65.27
CA MET I 521 -13.50 98.59 65.20
C MET I 521 -12.89 98.45 63.79
N ASP I 522 -11.56 98.53 63.69
CA ASP I 522 -10.77 98.37 62.46
C ASP I 522 -10.68 96.89 62.01
N ALA I 523 -11.04 96.66 60.75
CA ALA I 523 -10.89 95.41 59.99
C ALA I 523 -10.31 95.71 58.58
N GLU I 524 -9.59 96.83 58.45
CA GLU I 524 -9.29 97.51 57.18
C GLU I 524 -7.82 97.90 56.98
N HIS I 525 -7.08 98.34 58.01
CA HIS I 525 -5.81 99.10 57.83
C HIS I 525 -4.65 98.64 58.75
N SER I 526 -4.23 97.38 58.63
CA SER I 526 -2.96 96.80 59.15
C SER I 526 -2.65 96.91 60.66
N LEU I 527 -3.64 97.18 61.51
CA LEU I 527 -3.53 97.17 62.97
C LEU I 527 -4.89 96.89 63.63
N SER I 528 -4.93 95.98 64.60
CA SER I 528 -6.10 95.72 65.46
C SER I 528 -6.29 96.88 66.46
N MET I 529 -7.26 97.76 66.17
CA MET I 529 -7.58 98.97 66.96
C MET I 529 -9.05 99.42 66.78
N GLY I 530 -9.49 100.36 67.61
CA GLY I 530 -10.81 101.01 67.47
C GLY I 530 -10.81 102.18 66.47
N LYS I 531 -12.01 102.66 66.12
CA LYS I 531 -12.27 103.80 65.22
C LYS I 531 -13.53 104.58 65.65
N ASN I 532 -13.73 105.78 65.11
CA ASN I 532 -14.78 106.73 65.51
C ASN I 532 -14.75 107.10 67.02
N GLY I 533 -13.62 106.91 67.70
CA GLY I 533 -13.43 107.21 69.13
C GLY I 533 -13.45 106.01 70.09
N PHE I 534 -13.76 104.78 69.63
CA PHE I 534 -13.53 103.57 70.42
C PHE I 534 -12.05 103.17 70.48
N VAL I 535 -11.66 102.37 71.48
CA VAL I 535 -10.34 101.73 71.62
C VAL I 535 -10.48 100.21 71.77
N LEU I 536 -9.41 99.45 71.48
CA LEU I 536 -9.37 97.99 71.59
C LEU I 536 -8.22 97.55 72.50
N MET I 537 -8.59 96.89 73.59
CA MET I 537 -7.74 96.51 74.73
C MET I 537 -7.42 95.01 74.72
N THR I 538 -6.33 94.62 75.38
CA THR I 538 -5.90 93.23 75.59
C THR I 538 -5.43 93.08 77.03
N ASP I 539 -6.03 92.19 77.81
CA ASP I 539 -5.71 92.04 79.24
C ASP I 539 -4.35 91.35 79.45
N THR I 540 -3.38 91.98 80.10
CA THR I 540 -2.06 91.36 80.38
C THR I 540 -2.12 90.17 81.34
N ASN I 541 -3.24 89.95 82.05
CA ASN I 541 -3.47 88.82 82.93
C ASN I 541 -4.04 87.58 82.19
N ALA I 542 -5.20 87.71 81.53
CA ALA I 542 -5.90 86.64 80.83
C ALA I 542 -5.53 86.52 79.34
N ASP I 543 -5.03 87.59 78.71
CA ASP I 543 -4.71 87.75 77.28
C ASP I 543 -5.90 87.78 76.29
N ALA I 544 -7.14 87.87 76.79
CA ALA I 544 -8.34 88.17 75.99
C ALA I 544 -8.40 89.64 75.52
N ASP I 545 -9.15 89.95 74.46
CA ASP I 545 -9.39 91.33 73.99
C ASP I 545 -10.79 91.88 74.36
N PHE I 546 -10.93 93.20 74.49
CA PHE I 546 -12.22 93.88 74.69
C PHE I 546 -12.19 95.32 74.15
N LEU I 547 -13.31 95.82 73.63
CA LEU I 547 -13.46 97.21 73.24
C LEU I 547 -13.82 98.10 74.43
N PHE I 548 -13.34 99.34 74.41
CA PHE I 548 -13.64 100.34 75.45
C PHE I 548 -13.72 101.76 74.88
N SER I 549 -14.34 102.68 75.64
CA SER I 549 -14.63 104.07 75.23
C SER I 549 -14.50 105.05 76.40
N GLU I 550 -14.00 106.26 76.12
CA GLU I 550 -13.53 107.24 77.13
C GLU I 550 -14.52 108.39 77.44
N ALA I 551 -15.80 108.22 77.11
CA ALA I 551 -16.91 108.95 77.72
C ALA I 551 -17.15 108.48 79.18
N LYS I 552 -18.40 108.25 79.61
CA LYS I 552 -18.74 107.71 80.94
C LYS I 552 -18.09 106.34 81.22
N GLY I 553 -18.05 105.45 80.21
CA GLY I 553 -17.23 104.22 80.22
C GLY I 553 -17.85 103.02 79.52
N HIS I 554 -18.25 103.14 78.24
CA HIS I 554 -18.80 102.01 77.47
C HIS I 554 -17.73 100.92 77.24
N PHE I 555 -18.09 99.68 77.50
CA PHE I 555 -17.22 98.50 77.46
C PHE I 555 -17.92 97.40 76.65
N ILE I 556 -17.20 96.69 75.79
CA ILE I 556 -17.72 95.51 75.08
C ILE I 556 -16.66 94.41 75.05
N SER I 557 -16.91 93.34 75.81
CA SER I 557 -16.28 92.04 75.62
C SER I 557 -16.67 91.46 74.25
N LEU I 558 -15.70 90.98 73.46
CA LEU I 558 -15.91 90.42 72.11
C LEU I 558 -14.80 89.46 71.65
N ASP I 559 -15.13 88.53 70.75
CA ASP I 559 -14.15 87.72 69.99
C ASP I 559 -13.60 88.47 68.78
N THR I 560 -12.49 87.98 68.22
CA THR I 560 -11.76 88.59 67.10
C THR I 560 -11.28 87.54 66.11
N PRO I 561 -10.92 87.93 64.86
CA PRO I 561 -10.28 87.01 63.92
C PRO I 561 -9.01 86.39 64.49
N ARG I 562 -8.23 87.13 65.30
CA ARG I 562 -7.02 86.66 66.00
C ARG I 562 -7.32 85.50 66.94
N THR I 563 -8.26 85.71 67.86
CA THR I 563 -8.58 84.71 68.88
C THR I 563 -9.25 83.51 68.24
N VAL I 564 -10.13 83.67 67.25
CA VAL I 564 -10.74 82.53 66.55
C VAL I 564 -9.70 81.73 65.74
N LYS I 565 -8.78 82.40 65.03
CA LYS I 565 -7.62 81.78 64.36
C LYS I 565 -6.79 80.95 65.35
N GLN I 566 -6.68 81.41 66.60
CA GLN I 566 -6.01 80.67 67.68
C GLN I 566 -6.85 79.51 68.27
N LYS I 567 -8.11 79.75 68.64
CA LYS I 567 -9.05 78.75 69.21
C LYS I 567 -9.18 77.51 68.34
N GLY I 568 -9.17 77.65 67.01
CA GLY I 568 -9.21 76.52 66.07
C GLY I 568 -7.93 75.67 66.10
N GLU I 569 -6.76 76.30 66.10
CA GLU I 569 -5.46 75.62 66.20
C GLU I 569 -5.26 74.97 67.58
N TYR I 570 -5.74 75.64 68.64
CA TYR I 570 -5.86 75.10 69.99
C TYR I 570 -6.74 73.85 70.01
N ALA I 571 -7.99 73.94 69.52
CA ALA I 571 -8.96 72.84 69.52
C ALA I 571 -8.47 71.61 68.73
N ALA I 572 -7.81 71.84 67.59
CA ALA I 572 -7.16 70.79 66.82
C ALA I 572 -6.11 70.03 67.65
N LYS I 573 -5.20 70.74 68.33
CA LYS I 573 -4.18 70.13 69.21
C LYS I 573 -4.77 69.51 70.49
N ASN I 574 -5.88 70.06 70.99
CA ASN I 574 -6.60 69.60 72.18
C ASN I 574 -7.68 68.53 71.86
N LYS I 575 -7.59 67.91 70.68
CA LYS I 575 -8.08 66.54 70.38
C LYS I 575 -9.60 66.35 70.44
N LEU I 576 -10.34 67.46 70.43
CA LEU I 576 -11.80 67.52 70.53
C LEU I 576 -12.51 66.72 69.43
N GLY I 577 -13.70 66.20 69.78
CA GLY I 577 -14.65 65.69 68.79
C GLY I 577 -15.17 66.79 67.86
N GLY I 578 -15.22 68.03 68.34
CA GLY I 578 -15.61 69.19 67.53
C GLY I 578 -15.69 70.52 68.27
N VAL I 579 -16.19 71.52 67.54
CA VAL I 579 -16.41 72.89 68.00
C VAL I 579 -17.74 73.40 67.45
N PHE I 580 -18.50 74.20 68.22
CA PHE I 580 -19.84 74.62 67.81
C PHE I 580 -20.19 76.09 68.09
N SER I 581 -20.71 76.72 67.03
CA SER I 581 -21.31 78.06 66.99
C SER I 581 -22.71 78.13 67.61
N TRP I 582 -23.05 79.34 68.05
CA TRP I 582 -24.33 79.73 68.65
C TRP I 582 -24.61 81.22 68.38
N SER I 583 -25.63 81.61 67.62
CA SER I 583 -26.48 80.85 66.67
C SER I 583 -26.08 81.16 65.22
N GLY I 584 -26.17 80.20 64.30
CA GLY I 584 -25.55 80.26 62.96
C GLY I 584 -26.03 81.38 62.01
N ASP I 585 -27.12 82.06 62.35
CA ASP I 585 -27.70 83.20 61.61
C ASP I 585 -26.98 84.55 61.86
N GLN I 586 -25.97 84.56 62.73
CA GLN I 586 -25.32 85.75 63.28
C GLN I 586 -23.96 86.11 62.65
N ASP I 587 -23.49 85.36 61.64
CA ASP I 587 -22.22 85.64 60.95
C ASP I 587 -22.31 85.53 59.43
N CYS I 588 -22.15 86.68 58.76
CA CYS I 588 -22.03 86.86 57.32
C CYS I 588 -20.64 86.49 56.75
N GLY I 589 -19.71 86.08 57.63
CA GLY I 589 -18.48 85.38 57.27
C GLY I 589 -17.22 85.88 57.99
N LEU I 590 -17.33 86.78 58.97
CA LEU I 590 -16.21 87.46 59.63
C LEU I 590 -15.35 86.49 60.47
N LEU I 591 -15.98 85.70 61.33
CA LEU I 591 -15.32 84.74 62.22
C LEU I 591 -15.43 83.29 61.69
N ALA I 592 -16.44 82.97 60.89
CA ALA I 592 -16.62 81.65 60.28
C ALA I 592 -15.55 81.31 59.22
N ASN I 593 -15.12 82.29 58.40
CA ASN I 593 -13.90 82.15 57.59
C ASN I 593 -12.70 81.84 58.53
N ALA I 594 -12.52 82.63 59.59
CA ALA I 594 -11.41 82.47 60.53
C ALA I 594 -11.44 81.11 61.25
N ALA I 595 -12.60 80.49 61.46
CA ALA I 595 -12.73 79.13 61.99
C ALA I 595 -12.17 78.07 61.02
N ARG I 596 -12.55 78.08 59.74
CA ARG I 596 -11.97 77.13 58.74
C ARG I 596 -10.46 77.33 58.61
N GLU I 597 -10.03 78.59 58.55
CA GLU I 597 -8.62 78.99 58.56
C GLU I 597 -7.89 78.66 59.88
N GLY I 598 -8.61 78.58 61.01
CA GLY I 598 -8.09 78.18 62.31
C GLY I 598 -7.94 76.66 62.44
N LEU I 599 -8.92 75.89 61.96
CA LEU I 599 -8.86 74.43 61.95
C LEU I 599 -7.89 73.88 60.87
N GLY I 600 -7.53 74.67 59.86
CA GLY I 600 -6.53 74.29 58.84
C GLY I 600 -7.13 73.71 57.55
N TYR I 601 -8.37 74.07 57.22
CA TYR I 601 -8.91 73.90 55.87
C TYR I 601 -8.25 74.92 54.92
N VAL I 602 -7.90 74.51 53.69
CA VAL I 602 -7.06 75.32 52.78
C VAL I 602 -7.39 75.12 51.28
N ALA I 603 -6.92 76.07 50.46
CA ALA I 603 -6.84 76.02 49.00
C ALA I 603 -5.67 76.92 48.54
N ASP I 604 -4.99 76.59 47.44
CA ASP I 604 -3.73 77.25 47.03
C ASP I 604 -3.96 78.70 46.56
N GLU I 608 -9.45 84.77 47.48
CA GLU I 608 -10.19 85.01 48.73
C GLU I 608 -10.95 86.33 48.71
N THR I 609 -12.09 86.41 49.39
CA THR I 609 -12.85 87.67 49.55
C THR I 609 -12.13 88.72 50.40
N ILE I 610 -11.41 88.34 51.46
CA ILE I 610 -10.62 89.25 52.34
C ILE I 610 -9.53 88.46 53.09
N ASP I 611 -8.44 89.10 53.52
CA ASP I 611 -7.36 88.46 54.30
C ASP I 611 -6.76 89.39 55.39
N MET I 612 -6.23 88.80 56.45
CA MET I 612 -6.18 89.43 57.79
C MET I 612 -4.82 89.33 58.52
N GLY I 613 -3.70 89.06 57.84
CA GLY I 613 -2.39 88.82 58.50
C GLY I 613 -1.97 89.92 59.49
N PRO I 614 -1.73 91.16 59.03
CA PRO I 614 -1.55 92.36 59.87
C PRO I 614 -2.81 92.83 60.63
N LEU I 615 -3.87 92.01 60.67
CA LEU I 615 -5.08 92.18 61.50
C LEU I 615 -5.28 91.01 62.49
N TYR I 616 -4.24 90.17 62.65
CA TYR I 616 -4.08 89.19 63.73
C TYR I 616 -3.11 89.65 64.84
N ASN I 617 -2.54 90.86 64.75
CA ASN I 617 -1.80 91.46 65.88
C ASN I 617 -2.76 91.84 67.05
N PRO I 618 -2.28 91.92 68.30
CA PRO I 618 -3.10 92.20 69.49
C PRO I 618 -3.40 93.70 69.72
N GLY I 619 -4.23 94.01 70.73
CA GLY I 619 -4.61 95.38 71.16
C GLY I 619 -3.74 95.95 72.30
N LYS I 620 -4.21 97.04 72.92
CA LYS I 620 -3.48 97.77 73.98
C LYS I 620 -3.38 96.97 75.28
N GLU I 621 -2.15 96.71 75.72
CA GLU I 621 -1.79 95.78 76.81
C GLU I 621 -2.12 96.32 78.23
N ILE I 622 -3.42 96.35 78.57
CA ILE I 622 -3.95 96.85 79.85
C ILE I 622 -3.89 95.81 80.99
N TYR I 623 -3.58 96.27 82.19
CA TYR I 623 -3.61 95.48 83.44
C TYR I 623 -5.03 95.41 84.05
N LEU I 624 -5.94 94.72 83.35
CA LEU I 624 -7.31 94.40 83.82
C LEU I 624 -7.27 93.30 84.90
N LYS I 625 -6.96 93.72 86.12
CA LYS I 625 -6.83 92.91 87.36
C LYS I 625 -8.01 91.97 87.61
N SER I 626 -7.80 90.75 88.11
CA SER I 626 -8.90 89.99 88.71
C SER I 626 -9.47 90.75 89.91
N ILE I 627 -10.71 90.50 90.36
CA ILE I 627 -11.22 91.25 91.51
C ILE I 627 -10.38 91.01 92.79
N SER I 628 -9.72 89.85 92.92
CA SER I 628 -8.73 89.57 93.97
C SER I 628 -7.53 90.52 93.91
N GLU I 629 -7.11 90.89 92.70
CA GLU I 629 -6.05 91.87 92.40
C GLU I 629 -6.53 93.34 92.48
N ILE I 630 -7.84 93.57 92.62
CA ILE I 630 -8.45 94.86 92.99
C ILE I 630 -8.67 94.98 94.51
N LYS I 631 -8.99 93.87 95.19
CA LYS I 631 -9.03 93.78 96.66
C LYS I 631 -7.63 93.86 97.31
N SER I 632 -6.59 93.33 96.66
CA SER I 632 -5.21 93.32 97.18
C SER I 632 -4.67 94.72 97.42
N TYR J 45 -26.86 76.90 -57.24
CA TYR J 45 -25.98 77.33 -56.16
C TYR J 45 -24.94 76.26 -55.76
N SER J 46 -25.25 74.96 -55.95
CA SER J 46 -24.50 73.83 -55.37
C SER J 46 -23.01 73.81 -55.68
N GLN J 47 -22.61 74.31 -56.85
CA GLN J 47 -21.21 74.41 -57.27
C GLN J 47 -20.37 75.32 -56.35
N SER J 48 -20.98 76.28 -55.66
CA SER J 48 -20.31 77.10 -54.63
C SER J 48 -19.78 76.27 -53.45
N LEU J 49 -20.36 75.10 -53.20
CA LEU J 49 -19.87 74.15 -52.22
C LEU J 49 -18.74 73.31 -52.85
N ALA J 50 -19.00 72.68 -54.00
CA ALA J 50 -18.05 71.83 -54.72
C ALA J 50 -16.74 72.52 -55.19
N ASP J 51 -16.71 73.86 -55.24
CA ASP J 51 -15.47 74.63 -55.46
C ASP J 51 -14.48 74.52 -54.28
N THR J 52 -14.95 74.47 -53.03
CA THR J 52 -14.11 74.62 -51.82
C THR J 52 -14.23 73.47 -50.82
N LEU J 53 -15.39 72.84 -50.71
CA LEU J 53 -15.53 71.54 -50.05
C LEU J 53 -14.60 70.52 -50.72
N LEU J 54 -14.61 70.48 -52.06
CA LEU J 54 -13.72 69.64 -52.88
C LEU J 54 -12.38 70.33 -53.20
N GLY J 55 -12.29 71.65 -53.00
CA GLY J 55 -11.05 72.40 -53.19
C GLY J 55 -10.02 72.14 -52.11
N LEU J 56 -10.47 72.02 -50.84
CA LEU J 56 -9.59 71.84 -49.67
C LEU J 56 -10.24 70.98 -48.57
N GLY J 57 -11.52 71.21 -48.23
CA GLY J 57 -12.13 70.72 -46.98
C GLY J 57 -12.12 69.19 -46.82
N TYR J 58 -12.60 68.49 -47.85
CA TYR J 58 -12.57 67.03 -48.01
C TYR J 58 -12.14 66.67 -49.43
N ARG J 59 -11.29 65.65 -49.59
CA ARG J 59 -10.93 65.11 -50.93
C ARG J 59 -12.16 64.65 -51.73
N SER J 60 -13.07 63.95 -51.04
CA SER J 60 -14.27 63.35 -51.61
C SER J 60 -15.33 63.10 -50.52
N ILE J 61 -16.58 62.87 -50.93
CA ILE J 61 -17.67 62.51 -50.02
C ILE J 61 -17.39 61.17 -49.32
N PHE J 62 -16.60 60.27 -49.93
CA PHE J 62 -16.23 58.97 -49.34
C PHE J 62 -15.39 59.12 -48.07
N ASP J 63 -14.61 60.20 -47.97
CA ASP J 63 -13.80 60.52 -46.79
C ASP J 63 -14.64 61.09 -45.63
N ILE J 64 -15.92 61.42 -45.84
CA ILE J 64 -16.87 61.74 -44.76
C ILE J 64 -17.17 60.50 -43.90
N ALA J 65 -16.78 59.29 -44.32
CA ALA J 65 -16.75 58.09 -43.47
C ALA J 65 -15.94 58.26 -42.16
N LYS J 66 -15.04 59.27 -42.08
CA LYS J 66 -14.35 59.68 -40.86
C LYS J 66 -15.28 60.10 -39.72
N VAL J 67 -16.36 60.81 -40.04
CA VAL J 67 -16.98 61.78 -39.09
C VAL J 67 -17.93 61.17 -38.06
N SER J 68 -18.22 61.98 -37.05
CA SER J 68 -19.43 61.93 -36.23
C SER J 68 -20.11 63.30 -36.31
N ARG J 69 -21.45 63.35 -36.20
CA ARG J 69 -22.24 64.54 -36.59
C ARG J 69 -21.76 65.84 -35.95
N GLN J 70 -21.49 65.85 -34.65
CA GLN J 70 -21.05 67.07 -33.96
C GLN J 70 -19.69 67.58 -34.49
N ARG J 71 -18.77 66.67 -34.83
CA ARG J 71 -17.48 66.98 -35.49
C ARG J 71 -17.72 67.73 -36.82
N PHE J 72 -18.63 67.20 -37.63
CA PHE J 72 -18.97 67.75 -38.95
C PHE J 72 -19.71 69.08 -38.86
N ILE J 73 -20.68 69.20 -37.95
CA ILE J 73 -21.51 70.39 -37.76
C ILE J 73 -20.65 71.59 -37.29
N LYS J 74 -19.66 71.37 -36.42
CA LYS J 74 -18.82 72.44 -35.84
C LYS J 74 -18.10 73.29 -36.90
N ARG J 75 -17.63 72.66 -37.98
CA ARG J 75 -16.68 73.26 -38.96
C ARG J 75 -17.28 74.30 -39.93
N HIS J 76 -18.62 74.40 -40.02
CA HIS J 76 -19.31 75.04 -41.15
C HIS J 76 -20.04 76.36 -40.82
N ASP J 77 -19.82 77.40 -41.64
CA ASP J 77 -20.50 78.72 -41.53
C ASP J 77 -21.97 78.68 -41.98
N GLU J 78 -22.72 79.76 -41.78
CA GLU J 78 -24.12 79.88 -42.22
C GLU J 78 -24.36 79.52 -43.70
N SER J 79 -23.43 79.84 -44.60
CA SER J 79 -23.59 79.53 -46.05
C SER J 79 -23.46 78.03 -46.37
N LEU J 80 -22.97 77.21 -45.42
CA LEU J 80 -22.99 75.75 -45.46
C LEU J 80 -24.06 75.20 -44.50
N LEU J 81 -24.02 75.58 -43.24
CA LEU J 81 -24.87 75.10 -42.16
C LEU J 81 -26.36 75.43 -42.37
N GLY J 82 -26.68 76.59 -42.96
CA GLY J 82 -28.03 76.94 -43.38
C GLY J 82 -28.56 76.15 -44.60
N ASN J 83 -27.75 75.30 -45.22
CA ASN J 83 -28.08 74.42 -46.36
C ASN J 83 -27.29 73.10 -46.29
N GLY J 84 -27.15 72.55 -45.08
CA GLY J 84 -26.27 71.42 -44.80
C GLY J 84 -26.76 70.42 -43.74
N ALA J 85 -27.73 70.81 -42.88
CA ALA J 85 -28.25 69.96 -41.82
C ALA J 85 -28.94 68.67 -42.32
N VAL J 86 -29.34 68.60 -43.60
CA VAL J 86 -29.89 67.39 -44.25
C VAL J 86 -28.82 66.38 -44.71
N ILE J 87 -27.54 66.78 -44.82
CA ILE J 87 -26.52 66.07 -45.62
C ILE J 87 -26.32 64.62 -45.15
N PHE J 88 -26.12 64.38 -43.86
CA PHE J 88 -25.80 63.05 -43.34
C PHE J 88 -26.93 62.00 -43.46
N ASP J 89 -28.16 62.38 -43.83
CA ASP J 89 -29.25 61.46 -44.19
C ASP J 89 -29.03 60.73 -45.53
N LYS J 90 -28.19 61.27 -46.43
CA LYS J 90 -27.80 60.70 -47.74
C LYS J 90 -26.28 60.59 -47.94
N ALA J 91 -25.46 61.44 -47.31
CA ALA J 91 -24.01 61.41 -47.47
C ALA J 91 -23.33 60.30 -46.66
N VAL J 92 -23.84 59.95 -45.48
CA VAL J 92 -23.37 58.75 -44.76
C VAL J 92 -23.86 57.48 -45.48
N SER J 93 -25.03 57.54 -46.10
CA SER J 93 -25.52 56.57 -47.08
C SER J 93 -24.58 56.47 -48.30
N MET J 94 -24.05 57.58 -48.85
CA MET J 94 -22.94 57.58 -49.83
C MET J 94 -21.71 56.86 -49.26
N ALA J 95 -21.35 57.13 -48.01
CA ALA J 95 -20.23 56.50 -47.30
C ALA J 95 -20.41 54.98 -47.04
N ASN J 96 -21.52 54.38 -47.47
CA ASN J 96 -21.66 52.92 -47.65
C ASN J 96 -22.35 52.53 -48.99
N GLN J 97 -22.17 53.32 -50.05
CA GLN J 97 -22.74 53.14 -51.41
C GLN J 97 -21.82 52.40 -52.41
N VAL J 98 -20.50 52.53 -52.26
CA VAL J 98 -19.49 51.76 -53.03
C VAL J 98 -19.36 50.30 -52.55
N LEU J 99 -19.95 49.95 -51.39
CA LEU J 99 -19.61 48.79 -50.53
C LEU J 99 -19.45 47.43 -51.25
N GLN J 100 -20.49 46.91 -51.92
CA GLN J 100 -20.42 45.63 -52.66
C GLN J 100 -20.04 45.76 -54.15
N LYS J 101 -19.73 46.95 -54.70
CA LYS J 101 -19.38 47.11 -56.13
C LYS J 101 -18.10 46.37 -56.56
N TYR J 102 -17.28 45.92 -55.60
CA TYR J 102 -16.10 45.06 -55.77
C TYR J 102 -16.21 43.70 -55.02
N ARG J 103 -17.40 43.31 -54.53
CA ARG J 103 -17.70 41.97 -53.94
C ARG J 103 -18.93 41.26 -54.53
N LYS J 104 -19.88 41.97 -55.15
CA LYS J 104 -21.02 41.34 -55.87
C LYS J 104 -20.55 40.44 -57.03
N ASN J 105 -19.31 40.65 -57.46
CA ASN J 105 -18.51 39.88 -58.42
C ASN J 105 -18.10 38.45 -57.99
N ARG J 106 -18.58 37.93 -56.85
CA ARG J 106 -18.25 36.60 -56.28
C ARG J 106 -18.35 35.39 -57.25
N LEU J 107 -19.10 35.50 -58.35
CA LEU J 107 -18.94 34.66 -59.54
C LEU J 107 -17.91 35.29 -60.50
N LEU J 156 -9.42 40.34 -45.17
CA LEU J 156 -8.84 39.45 -44.18
C LEU J 156 -8.26 40.21 -42.96
N ASP J 157 -8.20 39.54 -41.80
CA ASP J 157 -7.95 40.15 -40.47
C ASP J 157 -6.67 39.64 -39.80
N SER J 158 -6.06 40.50 -38.98
CA SER J 158 -4.69 40.41 -38.48
C SER J 158 -4.48 41.24 -37.19
N PRO J 159 -3.38 41.08 -36.45
CA PRO J 159 -3.06 41.96 -35.32
C PRO J 159 -2.97 43.44 -35.76
N ALA J 160 -2.54 43.68 -37.01
CA ALA J 160 -2.51 45.00 -37.62
C ALA J 160 -3.91 45.58 -37.90
N SER J 161 -4.88 44.79 -38.40
CA SER J 161 -6.24 45.33 -38.64
C SER J 161 -6.96 45.69 -37.33
N TYR J 162 -6.66 44.96 -36.24
CA TYR J 162 -7.06 45.36 -34.89
C TYR J 162 -6.37 46.66 -34.43
N LEU J 163 -5.07 46.84 -34.67
CA LEU J 163 -4.36 48.04 -34.25
C LEU J 163 -4.74 49.30 -35.06
N LEU J 164 -4.86 49.18 -36.39
CA LEU J 164 -5.15 50.33 -37.26
C LEU J 164 -6.58 50.87 -37.06
N ASP J 165 -7.52 49.98 -36.73
CA ASP J 165 -8.89 50.34 -36.32
C ASP J 165 -8.94 51.16 -35.02
N LEU J 166 -7.88 51.13 -34.21
CA LEU J 166 -7.66 52.10 -33.13
C LEU J 166 -6.92 53.34 -33.64
N TYR J 167 -5.83 53.18 -34.39
CA TYR J 167 -4.96 54.30 -34.71
C TYR J 167 -5.62 55.37 -35.60
N LYS J 168 -6.23 54.98 -36.72
CA LYS J 168 -6.96 55.93 -37.58
C LYS J 168 -8.23 56.46 -36.92
N PHE J 169 -8.74 55.80 -35.88
CA PHE J 169 -9.85 56.32 -35.08
C PHE J 169 -9.39 57.42 -34.11
N ILE J 170 -8.24 57.29 -33.45
CA ILE J 170 -7.79 58.30 -32.47
C ILE J 170 -7.32 59.59 -33.14
N GLN J 171 -6.76 59.49 -34.35
CA GLN J 171 -6.32 60.66 -35.12
C GLN J 171 -7.43 61.71 -35.33
N SER J 172 -8.67 61.29 -35.61
CA SER J 172 -9.80 62.20 -35.84
C SER J 172 -10.53 62.63 -34.55
N VAL J 173 -9.96 62.39 -33.36
CA VAL J 173 -10.44 62.99 -32.11
C VAL J 173 -9.85 64.39 -31.96
N GLU J 174 -10.20 65.27 -32.91
CA GLU J 174 -9.68 66.65 -33.03
C GLU J 174 -10.50 67.64 -32.20
N LEU J 175 -9.98 67.99 -31.02
CA LEU J 175 -10.27 69.23 -30.29
C LEU J 175 -8.95 69.86 -29.84
N ASP J 176 -8.81 71.17 -30.02
CA ASP J 176 -7.50 71.84 -30.14
C ASP J 176 -7.18 72.76 -28.93
N GLY J 177 -6.45 73.85 -29.17
CA GLY J 177 -6.07 74.83 -28.16
C GLY J 177 -4.92 74.42 -27.25
N SER J 178 -4.93 74.94 -26.03
CA SER J 178 -3.91 74.73 -25.00
C SER J 178 -3.89 73.33 -24.39
N ASN J 179 -4.87 72.46 -24.72
CA ASN J 179 -5.04 71.17 -24.05
C ASN J 179 -3.88 70.19 -24.31
N GLN J 180 -3.47 69.48 -23.25
CA GLN J 180 -2.29 68.59 -23.25
C GLN J 180 -2.33 67.43 -24.22
N ALA J 181 -3.49 66.86 -24.56
CA ALA J 181 -3.57 65.45 -24.93
C ALA J 181 -2.62 65.02 -26.08
N ARG J 182 -2.63 65.76 -27.20
CA ARG J 182 -1.68 65.48 -28.29
C ARG J 182 -0.25 65.89 -27.96
N LYS J 183 -0.09 66.94 -27.16
CA LYS J 183 1.20 67.46 -26.70
C LYS J 183 1.96 66.39 -25.92
N LEU J 184 1.28 65.74 -24.97
CA LEU J 184 1.77 64.59 -24.22
C LEU J 184 2.03 63.39 -25.11
N GLU J 185 1.09 63.03 -25.99
CA GLU J 185 1.19 61.83 -26.81
C GLU J 185 2.38 61.90 -27.78
N THR J 186 2.61 63.07 -28.37
CA THR J 186 3.77 63.35 -29.22
C THR J 186 5.08 63.51 -28.44
N ARG J 187 5.05 63.99 -27.18
CA ARG J 187 6.20 63.93 -26.25
C ARG J 187 6.57 62.50 -25.89
N ARG J 188 5.58 61.63 -25.71
CA ARG J 188 5.68 60.17 -25.51
C ARG J 188 5.98 59.43 -26.84
N ALA J 189 6.79 60.03 -27.71
CA ALA J 189 6.96 59.68 -29.13
C ALA J 189 7.18 58.18 -29.42
N ASP J 190 6.34 57.69 -30.34
CA ASP J 190 6.45 56.51 -31.20
C ASP J 190 5.47 56.69 -32.38
N ILE J 191 5.60 55.90 -33.45
CA ILE J 191 4.99 56.15 -34.77
C ILE J 191 4.42 54.85 -35.38
N PRO J 192 3.50 54.90 -36.37
CA PRO J 192 2.87 53.72 -36.97
C PRO J 192 3.82 52.67 -37.60
N LYS J 193 5.09 53.03 -37.80
CA LYS J 193 6.18 52.18 -38.32
C LYS J 193 7.41 52.27 -37.38
N LEU J 194 7.22 51.86 -36.12
CA LEU J 194 8.18 52.08 -35.02
C LEU J 194 9.62 51.63 -35.35
N SER J 195 9.77 50.35 -35.69
CA SER J 195 11.02 49.71 -36.10
C SER J 195 10.72 48.40 -36.84
N LEU J 196 11.70 47.90 -37.60
CA LEU J 196 11.66 46.62 -38.33
C LEU J 196 10.38 46.47 -39.17
N ASP J 197 9.76 45.29 -39.19
CA ASP J 197 8.49 45.01 -39.87
C ASP J 197 7.65 44.03 -39.04
N ASN J 198 6.37 43.98 -39.35
CA ASN J 198 5.29 43.35 -38.58
C ASN J 198 5.44 41.82 -38.43
N ASP J 199 6.24 41.17 -39.28
CA ASP J 199 6.54 39.73 -39.23
C ASP J 199 7.59 39.35 -38.15
N ALA J 200 8.22 40.33 -37.49
CA ALA J 200 9.15 40.10 -36.39
C ALA J 200 8.49 39.49 -35.13
N LEU J 201 7.15 39.53 -35.05
CA LEU J 201 6.33 39.29 -33.86
C LEU J 201 6.78 38.10 -32.98
N TYR J 202 7.17 36.98 -33.58
CA TYR J 202 7.59 35.78 -32.86
C TYR J 202 8.92 35.97 -32.11
N LYS J 203 9.86 36.72 -32.69
CA LYS J 203 11.13 37.14 -32.06
C LYS J 203 11.00 38.41 -31.22
N GLU J 204 9.88 39.13 -31.29
CA GLU J 204 9.62 40.29 -30.42
C GLU J 204 9.41 39.91 -28.94
N VAL J 205 9.31 38.62 -28.61
CA VAL J 205 9.23 38.14 -27.22
C VAL J 205 10.47 38.58 -26.42
N THR J 206 10.23 39.40 -25.39
CA THR J 206 11.27 40.12 -24.64
C THR J 206 10.85 40.29 -23.18
N ALA J 207 11.82 40.40 -22.28
CA ALA J 207 11.61 40.75 -20.87
C ALA J 207 11.31 42.25 -20.65
N LEU J 208 11.10 42.63 -19.39
CA LEU J 208 10.92 44.02 -18.90
C LEU J 208 11.98 45.01 -19.40
N SER J 209 13.19 44.54 -19.72
CA SER J 209 14.31 45.34 -20.24
C SER J 209 13.95 46.27 -21.42
N ILE J 210 12.91 45.92 -22.19
CA ILE J 210 12.35 46.76 -23.26
C ILE J 210 11.94 48.18 -22.80
N VAL J 211 11.57 48.33 -21.54
CA VAL J 211 11.04 49.59 -20.96
C VAL J 211 12.16 50.59 -20.66
N ASN J 212 13.34 50.09 -20.28
CA ASN J 212 14.43 50.87 -19.69
C ASN J 212 14.88 52.05 -20.57
N ASP J 213 15.07 51.84 -21.87
CA ASP J 213 15.49 52.93 -22.78
C ASP J 213 14.36 53.90 -23.14
N VAL J 214 13.09 53.51 -22.97
CA VAL J 214 11.95 54.39 -23.22
C VAL J 214 11.82 55.44 -22.11
N LEU J 215 12.15 55.09 -20.87
CA LEU J 215 12.30 56.04 -19.77
C LEU J 215 13.66 56.73 -19.79
N SER J 216 14.75 55.97 -19.66
CA SER J 216 16.10 56.52 -19.45
C SER J 216 16.64 57.26 -20.67
N GLY J 217 16.29 56.82 -21.88
CA GLY J 217 16.90 57.30 -23.13
C GLY J 217 16.53 58.75 -23.46
N SER J 218 15.34 59.22 -23.06
CA SER J 218 15.02 60.64 -23.02
C SER J 218 15.59 61.31 -21.77
N ALA J 219 15.49 60.69 -20.60
CA ALA J 219 15.91 61.27 -19.33
C ALA J 219 17.39 61.71 -19.32
N ARG J 220 18.29 60.89 -19.88
CA ARG J 220 19.73 61.17 -19.90
C ARG J 220 20.12 62.40 -20.73
N GLU J 221 19.21 62.90 -21.56
CA GLU J 221 19.41 64.13 -22.34
C GLU J 221 19.42 65.40 -21.48
N TYR J 222 18.97 65.37 -20.21
CA TYR J 222 18.89 66.59 -19.39
C TYR J 222 20.22 67.35 -19.32
N ILE J 223 21.37 66.70 -19.10
CA ILE J 223 22.66 67.41 -19.08
C ILE J 223 23.04 68.01 -20.45
N ASP J 224 22.61 67.38 -21.54
CA ASP J 224 22.83 67.86 -22.91
C ASP J 224 21.95 69.06 -23.25
N GLN J 225 20.65 68.95 -22.93
CA GLN J 225 19.60 69.95 -23.14
C GLN J 225 19.86 71.22 -22.34
N SER J 226 20.12 71.09 -21.03
CA SER J 226 20.53 72.19 -20.15
C SER J 226 21.94 72.70 -20.44
N GLY J 227 22.75 71.94 -21.21
CA GLY J 227 24.12 72.30 -21.54
C GLY J 227 25.14 72.14 -20.39
N GLN J 228 24.73 71.51 -19.29
CA GLN J 228 25.54 71.36 -18.07
C GLN J 228 26.72 70.39 -18.21
N ALA J 229 26.58 69.32 -19.00
CA ALA J 229 27.64 68.33 -19.27
C ALA J 229 27.38 67.54 -20.57
N ASP J 230 28.42 66.90 -21.11
CA ASP J 230 28.35 66.16 -22.39
C ASP J 230 29.33 64.97 -22.47
N LYS J 231 30.62 65.17 -22.16
CA LYS J 231 31.66 64.13 -22.18
C LYS J 231 31.42 62.98 -21.17
N ALA J 232 30.74 63.27 -20.07
CA ALA J 232 30.31 62.26 -19.08
C ALA J 232 29.20 61.36 -19.64
N VAL J 233 29.50 60.07 -19.86
CA VAL J 233 28.63 59.13 -20.61
C VAL J 233 27.30 58.80 -19.93
N ASN J 234 27.24 58.76 -18.60
CA ASN J 234 26.00 58.50 -17.84
C ASN J 234 26.10 58.85 -16.33
N GLN J 235 27.29 58.67 -15.74
CA GLN J 235 27.48 58.56 -14.28
C GLN J 235 27.03 59.75 -13.43
N ILE J 236 26.69 60.91 -14.04
CA ILE J 236 26.23 62.12 -13.34
C ILE J 236 25.01 61.85 -12.43
N LEU J 237 24.19 60.85 -12.76
CA LEU J 237 23.04 60.45 -11.97
C LEU J 237 23.42 59.81 -10.62
N GLY J 238 24.71 59.51 -10.38
CA GLY J 238 25.25 59.10 -9.09
C GLY J 238 25.75 60.26 -8.22
N ASP J 239 25.66 61.51 -8.69
CA ASP J 239 26.30 62.72 -8.13
C ASP J 239 25.30 63.85 -7.82
N THR J 240 24.20 63.59 -7.10
CA THR J 240 23.20 64.60 -6.69
C THR J 240 22.53 64.19 -5.37
N HIS J 241 22.03 65.14 -4.55
CA HIS J 241 21.41 64.83 -3.24
C HIS J 241 20.02 65.44 -2.99
N PHE J 242 19.86 66.76 -3.16
CA PHE J 242 18.88 67.57 -2.39
C PHE J 242 17.40 67.11 -2.50
N PRO J 243 16.87 66.67 -3.67
CA PRO J 243 15.56 66.01 -3.80
C PRO J 243 15.47 64.57 -3.21
N PHE J 244 16.26 64.28 -2.17
CA PHE J 244 16.54 62.94 -1.62
C PHE J 244 16.86 61.92 -2.72
N THR J 245 17.85 62.26 -3.54
CA THR J 245 18.15 61.65 -4.84
C THR J 245 18.81 60.25 -4.77
N LEU J 246 19.28 59.82 -3.60
CA LEU J 246 19.96 58.54 -3.36
C LEU J 246 21.23 58.36 -4.25
N PRO J 247 22.28 59.18 -4.07
CA PRO J 247 23.53 59.12 -4.85
C PRO J 247 24.34 57.84 -4.63
N TYR J 248 25.46 57.71 -5.37
CA TYR J 248 26.38 56.55 -5.36
C TYR J 248 25.76 55.20 -5.76
N SER J 249 24.48 55.17 -6.14
CA SER J 249 23.67 53.99 -6.44
C SER J 249 24.11 53.15 -7.64
N LEU J 250 25.10 53.62 -8.41
CA LEU J 250 25.63 52.92 -9.58
C LEU J 250 26.14 51.51 -9.21
N PRO J 251 25.92 50.51 -10.08
CA PRO J 251 26.14 49.10 -9.76
C PRO J 251 27.58 48.78 -9.32
N THR J 252 28.58 49.54 -9.78
CA THR J 252 29.99 49.39 -9.38
C THR J 252 30.24 49.50 -7.87
N GLN J 253 29.32 50.09 -7.10
CA GLN J 253 29.35 50.07 -5.65
C GLN J 253 28.62 48.85 -5.08
N GLN J 254 27.39 48.58 -5.55
CA GLN J 254 26.53 47.51 -5.02
C GLN J 254 27.05 46.09 -5.32
N ILE J 255 27.51 45.82 -6.55
CA ILE J 255 28.06 44.51 -6.93
C ILE J 255 29.27 44.13 -6.08
N ASN J 256 30.06 45.12 -5.66
CA ASN J 256 31.23 44.91 -4.80
C ASN J 256 30.84 44.39 -3.39
N LYS J 257 29.56 44.49 -2.98
CA LYS J 257 28.99 43.82 -1.80
C LYS J 257 28.29 42.51 -2.18
N GLY J 258 27.27 42.58 -3.04
CA GLY J 258 26.37 41.44 -3.32
C GLY J 258 27.00 40.35 -4.19
N LEU J 259 27.58 40.72 -5.34
CA LEU J 259 28.16 39.76 -6.28
C LEU J 259 29.40 39.07 -5.68
N GLY J 260 30.22 39.81 -4.94
CA GLY J 260 31.37 39.26 -4.21
C GLY J 260 31.01 38.28 -3.08
N ALA J 261 29.79 38.35 -2.54
CA ALA J 261 29.25 37.34 -1.62
C ALA J 261 28.58 36.16 -2.36
N SER J 262 27.87 36.43 -3.45
CA SER J 262 26.90 35.50 -4.08
C SER J 262 27.49 34.18 -4.60
N ASN J 263 28.79 34.13 -4.89
CA ASN J 263 29.44 32.96 -5.48
C ASN J 263 29.71 31.83 -4.47
N ILE J 264 30.52 32.13 -3.44
CA ILE J 264 31.16 31.23 -2.45
C ILE J 264 31.23 31.89 -1.04
N GLU J 265 30.53 33.01 -0.85
CA GLU J 265 30.32 33.69 0.44
C GLU J 265 31.60 34.28 1.10
N LEU J 266 32.50 34.89 0.31
CA LEU J 266 33.74 35.52 0.79
C LEU J 266 33.52 36.90 1.44
N GLY J 267 32.75 37.78 0.80
CA GLY J 267 32.56 39.19 1.23
C GLY J 267 33.83 40.05 1.17
N THR J 268 33.87 41.14 1.94
CA THR J 268 35.05 42.04 2.06
C THR J 268 36.13 41.52 3.00
N VAL J 269 35.87 40.43 3.74
CA VAL J 269 36.75 39.80 4.74
C VAL J 269 38.11 39.37 4.17
N ILE J 270 38.21 39.25 2.85
CA ILE J 270 39.44 38.95 2.10
C ILE J 270 40.63 39.85 2.50
N GLN J 271 40.39 41.09 2.92
CA GLN J 271 41.46 42.00 3.37
C GLN J 271 42.22 41.51 4.62
N ARG J 272 41.65 40.57 5.40
CA ARG J 272 42.29 39.94 6.56
C ARG J 272 43.31 38.84 6.18
N VAL J 273 43.31 38.38 4.93
CA VAL J 273 44.02 37.15 4.52
C VAL J 273 45.48 37.38 4.10
N ASP J 274 45.85 38.57 3.61
CA ASP J 274 47.12 38.84 2.90
C ASP J 274 47.78 40.18 3.25
N PRO J 275 49.08 40.40 2.93
CA PRO J 275 50.10 39.43 2.49
C PRO J 275 50.97 38.91 3.66
N GLN J 276 50.61 39.32 4.88
CA GLN J 276 51.41 39.22 6.10
C GLN J 276 51.41 37.80 6.70
N PHE J 277 52.50 37.43 7.40
CA PHE J 277 52.69 36.07 7.93
C PHE J 277 51.77 35.71 9.12
N SER J 278 51.44 36.67 10.00
CA SER J 278 50.51 36.46 11.12
C SER J 278 49.76 37.73 11.54
N TRP J 279 48.57 37.56 12.12
CA TRP J 279 47.69 38.65 12.57
C TRP J 279 48.17 39.40 13.81
N ASN J 280 49.26 38.97 14.44
CA ASN J 280 50.03 39.76 15.42
C ASN J 280 50.77 40.91 14.71
N THR J 281 50.02 41.93 14.26
CA THR J 281 50.44 42.95 13.29
C THR J 281 49.88 44.34 13.66
N THR J 282 50.51 45.40 13.17
CA THR J 282 50.30 46.80 13.60
C THR J 282 48.91 47.36 13.24
N GLN J 283 48.47 48.35 14.02
CA GLN J 283 47.08 48.85 14.08
C GLN J 283 46.44 49.19 12.74
N GLU J 284 47.19 49.71 11.77
CA GLU J 284 46.60 50.16 10.51
C GLU J 284 45.92 49.01 9.76
N LYS J 285 46.42 47.77 9.85
CA LYS J 285 45.81 46.59 9.22
C LYS J 285 44.38 46.38 9.71
N TYR J 286 44.15 46.34 11.03
CA TYR J 286 42.80 46.14 11.57
C TYR J 286 41.87 47.28 11.14
N ASN J 287 42.39 48.50 11.01
CA ASN J 287 41.64 49.65 10.51
C ASN J 287 41.28 49.55 9.02
N GLN J 288 42.03 48.81 8.20
CA GLN J 288 41.58 48.42 6.86
C GLN J 288 40.34 47.51 6.96
N VAL J 289 40.49 46.40 7.69
CA VAL J 289 39.52 45.30 7.72
C VAL J 289 38.21 45.69 8.38
N LEU J 290 38.25 46.39 9.51
CA LEU J 290 37.04 46.79 10.21
C LEU J 290 36.22 47.75 9.36
N LEU J 291 36.87 48.73 8.71
CA LEU J 291 36.20 49.59 7.74
C LEU J 291 35.67 48.80 6.53
N ALA J 292 36.41 47.80 6.03
CA ALA J 292 35.92 46.92 4.98
C ALA J 292 34.64 46.17 5.40
N TYR J 293 34.55 45.74 6.66
CA TYR J 293 33.35 45.14 7.23
C TYR J 293 32.18 46.15 7.34
N THR J 294 32.45 47.43 7.66
CA THR J 294 31.38 48.45 7.76
C THR J 294 30.66 48.68 6.43
N GLN J 295 31.31 48.44 5.28
CA GLN J 295 31.03 49.14 4.02
C GLN J 295 29.56 49.23 3.65
N LEU J 296 28.96 48.17 3.09
CA LEU J 296 27.57 48.11 2.60
C LEU J 296 27.16 49.24 1.62
N SER J 297 28.13 50.03 1.14
CA SER J 297 27.95 51.33 0.50
C SER J 297 29.24 51.71 -0.25
N SER J 298 29.91 52.81 0.11
CA SER J 298 31.17 53.27 -0.51
C SER J 298 31.86 54.37 0.32
N GLU J 299 32.87 55.04 -0.26
CA GLU J 299 33.45 56.29 0.20
C GLU J 299 32.44 57.43 0.46
N GLN J 300 31.17 57.29 0.05
CA GLN J 300 30.07 58.18 0.42
C GLN J 300 29.95 58.41 1.94
N ILE J 301 30.37 57.47 2.79
CA ILE J 301 30.34 57.62 4.26
C ILE J 301 31.16 58.82 4.77
N ALA J 302 32.05 59.39 3.96
CA ALA J 302 32.71 60.68 4.23
C ALA J 302 31.71 61.85 4.45
N LEU J 303 30.44 61.72 4.04
CA LEU J 303 29.41 62.73 4.31
C LEU J 303 29.07 62.84 5.82
N LEU J 304 29.29 61.80 6.62
CA LEU J 304 29.02 61.83 8.07
C LEU J 304 30.11 62.64 8.80
N ASN J 584 14.15 72.98 11.85
CA ASN J 584 14.41 73.49 10.50
C ASN J 584 15.57 72.73 9.81
N PHE J 585 15.77 72.98 8.51
CA PHE J 585 16.76 72.27 7.67
C PHE J 585 18.17 72.19 8.27
N ARG J 586 18.63 73.24 8.97
CA ARG J 586 19.95 73.29 9.64
C ARG J 586 20.13 72.22 10.73
N LEU J 587 19.03 71.68 11.26
CA LEU J 587 18.99 70.56 12.20
C LEU J 587 18.54 69.25 11.52
N GLU J 588 17.55 69.29 10.64
CA GLU J 588 17.06 68.10 9.94
C GLU J 588 18.12 67.48 9.02
N ARG J 589 19.02 68.29 8.45
CA ARG J 589 20.20 67.84 7.69
C ARG J 589 21.21 67.03 8.54
N LEU J 590 21.14 67.11 9.87
CA LEU J 590 21.85 66.23 10.81
C LEU J 590 21.03 64.95 11.10
N ASN J 591 19.70 65.04 11.17
CA ASN J 591 18.81 63.88 11.28
C ASN J 591 18.82 63.00 10.00
N ARG J 592 19.13 63.60 8.84
CA ARG J 592 19.37 62.88 7.58
C ARG J 592 20.45 61.79 7.70
N PHE J 593 21.43 61.89 8.62
CA PHE J 593 22.39 60.80 8.86
C PHE J 593 21.75 59.52 9.43
N ILE J 594 20.56 59.62 10.04
CA ILE J 594 19.72 58.47 10.44
C ILE J 594 18.75 58.08 9.31
N ARG J 595 18.17 59.05 8.59
CA ARG J 595 17.31 58.78 7.41
C ARG J 595 18.06 57.99 6.33
N LEU J 596 19.34 58.32 6.10
CA LEU J 596 20.27 57.65 5.17
C LEU J 596 20.81 56.30 5.70
N GLN J 597 20.16 55.68 6.69
CA GLN J 597 20.33 54.26 7.04
C GLN J 597 19.96 53.31 5.88
N ARG J 598 19.37 53.82 4.78
CA ARG J 598 18.92 53.06 3.61
C ARG J 598 19.95 52.09 3.01
N TRP J 599 21.25 52.30 3.24
CA TRP J 599 22.30 51.38 2.79
C TRP J 599 22.30 50.02 3.53
N LEU J 600 21.58 49.95 4.66
CA LEU J 600 21.52 48.83 5.60
C LEU J 600 20.06 48.42 5.85
N ASP J 601 19.79 47.13 6.05
CA ASP J 601 18.43 46.62 6.33
C ASP J 601 18.02 46.80 7.81
N LEU J 602 18.16 48.03 8.32
CA LEU J 602 17.96 48.40 9.72
C LEU J 602 16.65 49.20 9.90
N PRO J 603 15.78 48.83 10.86
CA PRO J 603 14.58 49.60 11.19
C PRO J 603 14.92 50.88 11.96
N SER J 604 14.00 51.85 11.96
CA SER J 604 14.16 53.18 12.59
C SER J 604 14.46 53.15 14.11
N HIS J 605 14.13 52.07 14.83
CA HIS J 605 14.49 51.88 16.26
C HIS J 605 15.94 51.44 16.51
N GLN J 606 16.69 51.01 15.48
CA GLN J 606 18.02 50.39 15.66
C GLN J 606 19.13 51.42 15.90
N LEU J 607 19.27 52.48 15.08
CA LEU J 607 20.44 53.37 15.15
C LEU J 607 20.58 54.12 16.50
N ASP J 608 19.50 54.55 17.15
CA ASP J 608 19.63 55.20 18.47
C ASP J 608 20.07 54.20 19.55
N LEU J 609 19.61 52.95 19.50
CA LEU J 609 20.06 51.87 20.37
C LEU J 609 21.55 51.53 20.12
N LEU J 610 21.95 51.45 18.85
CA LEU J 610 23.32 51.20 18.42
C LEU J 610 24.29 52.31 18.85
N LEU J 611 23.94 53.58 18.59
CA LEU J 611 24.85 54.72 18.71
C LEU J 611 24.96 55.29 20.12
N THR J 612 23.90 55.23 20.96
CA THR J 612 23.91 55.88 22.28
C THR J 612 24.99 55.36 23.23
N SER J 613 25.28 54.06 23.26
CA SER J 613 26.31 53.49 24.16
C SER J 613 27.73 53.96 23.80
N VAL J 614 28.12 53.86 22.53
CA VAL J 614 29.43 54.32 22.03
C VAL J 614 29.57 55.85 22.11
N MET J 615 28.49 56.62 21.87
CA MET J 615 28.48 58.08 22.06
C MET J 615 28.50 58.51 23.54
N GLN J 616 28.13 57.63 24.49
CA GLN J 616 28.32 57.87 25.93
C GLN J 616 29.75 57.49 26.39
N ALA J 617 30.32 56.43 25.81
CA ALA J 617 31.69 55.99 26.09
C ALA J 617 32.73 57.02 25.60
N ASP J 618 32.47 57.69 24.47
CA ASP J 618 33.21 58.87 24.00
C ASP J 618 32.91 60.12 24.88
N ALA J 619 33.96 60.73 25.45
CA ALA J 619 33.87 61.92 26.30
C ALA J 619 33.59 63.25 25.57
N ASP J 620 33.70 63.33 24.24
CA ASP J 620 33.52 64.57 23.46
C ASP J 620 32.08 65.14 23.54
N ASN J 621 31.93 66.46 23.45
CA ASN J 621 30.68 67.17 23.75
C ASN J 621 29.81 67.51 22.52
N SER J 622 30.39 68.03 21.44
CA SER J 622 29.66 68.57 20.28
C SER J 622 29.23 67.51 19.26
N GLN J 623 28.37 67.90 18.31
CA GLN J 623 27.72 67.02 17.31
C GLN J 623 28.69 66.30 16.35
N GLN J 624 29.96 66.71 16.30
CA GLN J 624 31.03 66.01 15.55
C GLN J 624 31.26 64.56 16.02
N GLU J 625 30.67 64.15 17.15
CA GLU J 625 30.67 62.76 17.64
C GLU J 625 30.07 61.72 16.66
N ILE J 626 29.39 62.15 15.58
CA ILE J 626 28.92 61.27 14.48
C ILE J 626 30.05 60.72 13.58
N THR J 627 31.24 61.35 13.60
CA THR J 627 32.38 61.05 12.70
C THR J 627 32.95 59.63 12.80
N GLU J 628 33.79 59.25 11.83
CA GLU J 628 34.25 57.88 11.55
C GLU J 628 34.83 57.09 12.74
N PRO J 629 35.51 57.70 13.74
CA PRO J 629 35.94 56.98 14.95
C PRO J 629 34.81 56.27 15.72
N VAL J 630 33.54 56.62 15.49
CA VAL J 630 32.37 55.85 15.95
C VAL J 630 31.86 54.84 14.92
N LEU J 631 31.85 55.21 13.63
CA LEU J 631 31.27 54.38 12.57
C LEU J 631 31.95 53.02 12.43
N LYS J 632 33.26 52.93 12.71
CA LYS J 632 34.02 51.67 12.75
C LYS J 632 33.32 50.56 13.55
N SER J 633 32.59 50.91 14.61
CA SER J 633 31.91 49.92 15.47
C SER J 633 30.81 49.11 14.75
N LEU J 634 30.17 49.63 13.69
CA LEU J 634 29.07 48.92 13.04
C LEU J 634 29.55 47.71 12.21
N GLY J 635 30.82 47.72 11.78
CA GLY J 635 31.43 46.58 11.08
C GLY J 635 31.58 45.36 12.01
N LEU J 636 31.94 45.60 13.27
CA LEU J 636 31.99 44.57 14.30
C LEU J 636 30.60 43.99 14.57
N PHE J 637 29.57 44.84 14.63
CA PHE J 637 28.18 44.39 14.71
C PHE J 637 27.80 43.52 13.49
N ARG J 638 28.05 44.01 12.27
CA ARG J 638 27.76 43.29 11.02
C ARG J 638 28.46 41.93 10.97
N HIS J 639 29.74 41.88 11.35
CA HIS J 639 30.55 40.66 11.46
C HIS J 639 29.95 39.66 12.45
N LEU J 640 29.72 40.07 13.70
CA LEU J 640 29.18 39.16 14.71
C LEU J 640 27.74 38.71 14.37
N ASN J 641 26.95 39.55 13.71
CA ASN J 641 25.63 39.22 13.17
C ASN J 641 25.72 38.13 12.09
N LEU J 642 26.52 38.35 11.04
CA LEU J 642 26.64 37.40 9.93
C LEU J 642 27.18 36.04 10.37
N GLN J 643 28.20 36.03 11.24
CA GLN J 643 28.82 34.79 11.70
C GLN J 643 28.08 34.11 12.85
N TYR J 644 27.54 34.86 13.81
CA TYR J 644 27.05 34.30 15.08
C TYR J 644 25.64 34.75 15.52
N LYS J 645 25.00 35.64 14.75
CA LYS J 645 23.61 36.12 14.96
C LYS J 645 23.36 36.71 16.36
N ILE J 646 24.20 37.66 16.76
CA ILE J 646 23.94 38.55 17.92
C ILE J 646 22.76 39.52 17.66
N THR J 647 22.43 40.35 18.65
CA THR J 647 21.34 41.35 18.57
C THR J 647 21.84 42.73 19.03
N PRO J 648 21.39 43.87 18.45
CA PRO J 648 21.90 45.21 18.78
C PRO J 648 21.78 45.56 20.27
N GLU J 649 20.78 45.02 20.96
CA GLU J 649 20.59 45.20 22.41
C GLU J 649 21.75 44.66 23.23
N ILE J 650 22.16 43.40 22.98
CA ILE J 650 23.24 42.72 23.72
C ILE J 650 24.59 43.39 23.43
N PHE J 651 24.83 43.74 22.16
CA PHE J 651 26.05 44.43 21.73
C PHE J 651 26.16 45.82 22.37
N SER J 652 25.10 46.64 22.32
CA SER J 652 25.07 47.96 22.94
C SER J 652 25.06 47.91 24.49
N SER J 653 24.56 46.82 25.09
CA SER J 653 24.60 46.56 26.54
C SER J 653 26.01 46.23 27.04
N TRP J 654 26.72 45.29 26.39
CA TRP J 654 28.10 44.97 26.79
C TRP J 654 29.07 46.11 26.48
N LEU J 655 28.83 46.88 25.40
CA LEU J 655 29.45 48.19 25.19
C LEU J 655 28.83 49.22 26.14
N ALA J 701 20.39 39.14 53.35
CA ALA J 701 21.52 39.67 52.61
C ALA J 701 21.34 39.53 51.08
N LYS J 702 22.21 40.20 50.30
CA LYS J 702 22.21 40.16 48.82
C LYS J 702 22.71 38.84 48.20
N SER J 703 23.05 37.85 49.03
CA SER J 703 23.64 36.56 48.61
C SER J 703 22.78 35.77 47.60
N VAL J 704 21.45 35.95 47.62
CA VAL J 704 20.54 35.34 46.64
C VAL J 704 20.80 35.87 45.23
N LYS J 705 20.96 37.20 45.07
CA LYS J 705 21.32 37.82 43.77
C LYS J 705 22.77 37.52 43.38
N GLN J 706 23.69 37.50 44.35
CA GLN J 706 25.09 37.10 44.15
C GLN J 706 25.22 35.67 43.61
N LEU J 707 24.34 34.75 44.04
CA LEU J 707 24.23 33.38 43.52
C LEU J 707 23.45 33.29 42.19
N CYS J 708 22.34 34.02 42.06
CA CYS J 708 21.45 33.97 40.88
C CYS J 708 22.13 34.45 39.58
N ALA J 709 23.17 35.27 39.67
CA ALA J 709 24.05 35.58 38.54
C ALA J 709 24.66 34.31 37.87
N GLY J 710 24.70 33.19 38.59
CA GLY J 710 25.15 31.87 38.13
C GLY J 710 24.22 31.15 37.13
N LEU J 711 23.11 31.76 36.70
CA LEU J 711 22.20 31.24 35.66
C LEU J 711 22.89 30.99 34.31
N ASN J 712 23.68 31.95 33.83
CA ASN J 712 24.33 31.87 32.51
C ASN J 712 25.49 30.85 32.52
N ILE J 713 26.45 31.03 33.45
CA ILE J 713 27.58 30.13 33.74
C ILE J 713 27.65 29.90 35.25
N SER J 714 27.89 28.65 35.68
CA SER J 714 27.88 28.23 37.09
C SER J 714 28.68 29.14 38.04
N ALA J 715 28.07 29.54 39.16
CA ALA J 715 28.63 30.49 40.14
C ALA J 715 29.98 30.07 40.77
N VAL J 716 30.41 28.82 40.61
CA VAL J 716 31.74 28.34 41.04
C VAL J 716 32.89 29.10 40.36
N THR J 717 32.65 29.75 39.22
CA THR J 717 33.60 30.65 38.53
C THR J 717 33.82 31.97 39.27
N PHE J 718 32.99 32.37 40.23
CA PHE J 718 33.07 33.70 40.86
C PHE J 718 34.31 33.93 41.75
N GLN J 719 35.15 32.90 41.93
CA GLN J 719 36.56 33.03 42.32
C GLN J 719 37.37 33.97 41.40
N PHE J 720 36.95 34.15 40.14
CA PHE J 720 37.51 35.10 39.17
C PHE J 720 36.81 36.48 39.17
N ILE J 721 35.66 36.61 39.84
CA ILE J 721 34.85 37.85 39.86
C ILE J 721 35.30 38.83 40.96
N ALA J 722 35.78 38.35 42.11
CA ALA J 722 36.46 39.21 43.09
C ALA J 722 37.74 39.88 42.52
N PRO J 723 38.55 39.20 41.69
CA PRO J 723 39.57 39.84 40.85
C PRO J 723 39.06 40.84 39.79
N LEU J 724 37.82 40.70 39.30
CA LEU J 724 37.20 41.62 38.31
C LEU J 724 36.78 42.95 38.95
N VAL J 725 36.13 42.93 40.12
CA VAL J 725 35.60 44.14 40.77
C VAL J 725 36.69 45.12 41.25
N GLN J 726 37.96 44.69 41.24
CA GLN J 726 39.14 45.56 41.44
C GLN J 726 39.27 46.69 40.38
N SER J 727 38.55 46.64 39.25
CA SER J 727 38.42 47.78 38.31
C SER J 727 37.54 48.92 38.87
N ALA J 728 36.80 48.67 39.95
CA ALA J 728 36.01 49.61 40.74
C ALA J 728 36.41 49.48 42.23
N LEU J 729 35.44 49.39 43.15
CA LEU J 729 35.64 48.98 44.54
C LEU J 729 34.58 47.92 44.92
N GLY J 730 34.99 46.82 45.54
CA GLY J 730 34.10 45.74 45.96
C GLY J 730 34.82 44.56 46.62
N LEU J 731 34.02 43.67 47.22
CA LEU J 731 34.40 42.44 47.92
C LEU J 731 33.36 41.35 47.61
N GLU J 732 33.65 40.06 47.86
CA GLU J 732 32.74 38.96 47.48
C GLU J 732 31.29 39.13 48.00
N ALA J 733 31.13 39.64 49.22
CA ALA J 733 29.84 40.13 49.74
C ALA J 733 29.58 41.62 49.42
N GLY J 734 30.60 42.49 49.54
CA GLY J 734 30.49 43.95 49.40
C GLY J 734 30.15 44.46 47.99
N THR J 735 30.16 43.60 46.97
CA THR J 735 29.74 43.92 45.58
C THR J 735 28.21 44.02 45.43
N LEU J 736 27.45 43.89 46.53
CA LEU J 736 25.98 43.96 46.64
C LEU J 736 25.31 45.16 45.96
N VAL J 737 26.05 46.23 45.67
CA VAL J 737 25.55 47.43 44.94
C VAL J 737 25.32 47.19 43.45
N ARG J 738 25.97 46.17 42.84
CA ARG J 738 25.83 45.74 41.43
C ARG J 738 25.83 46.90 40.40
N SER J 739 26.73 47.86 40.58
CA SER J 739 26.84 49.08 39.76
C SER J 739 27.14 48.79 38.28
N PHE J 740 26.61 49.61 37.36
CA PHE J 740 26.68 49.38 35.90
C PHE J 740 28.11 49.25 35.34
N GLU J 741 29.09 49.96 35.90
CA GLU J 741 30.51 49.83 35.50
C GLU J 741 31.07 48.42 35.81
N VAL J 742 30.54 47.75 36.84
CA VAL J 742 30.88 46.37 37.22
C VAL J 742 30.02 45.37 36.43
N VAL J 743 28.69 45.47 36.46
CA VAL J 743 27.81 44.46 35.83
C VAL J 743 27.87 44.47 34.30
N SER J 744 28.12 45.61 33.63
CA SER J 744 28.43 45.57 32.19
C SER J 744 29.73 44.84 31.87
N SER J 745 30.71 44.85 32.79
CA SER J 745 31.95 44.07 32.65
C SER J 745 31.75 42.57 32.90
N LEU J 746 30.81 42.20 33.78
CA LEU J 746 30.29 40.83 33.86
C LEU J 746 29.60 40.44 32.55
N TYR J 747 28.81 41.35 31.95
CA TYR J 747 28.14 41.12 30.68
C TYR J 747 29.14 40.89 29.53
N ARG J 748 30.24 41.66 29.47
CA ARG J 748 31.36 41.42 28.55
C ARG J 748 32.01 40.06 28.78
N LEU J 749 32.42 39.77 30.03
CA LEU J 749 33.16 38.56 30.39
C LEU J 749 32.34 37.26 30.20
N VAL J 750 31.01 37.30 30.42
CA VAL J 750 30.14 36.14 30.21
C VAL J 750 29.73 35.96 28.75
N SER J 751 29.59 37.04 27.97
CA SER J 751 29.12 36.96 26.56
C SER J 751 30.23 36.58 25.58
N ILE J 752 31.34 37.33 25.57
CA ILE J 752 32.29 37.37 24.45
C ILE J 752 33.01 36.02 24.22
N PRO J 753 33.52 35.31 25.25
CA PRO J 753 34.17 34.01 25.05
C PRO J 753 33.21 32.90 24.54
N GLN J 754 31.94 32.94 24.93
CA GLN J 754 30.95 31.92 24.54
C GLN J 754 30.60 31.94 23.05
N THR J 755 30.81 33.07 22.35
CA THR J 755 30.72 33.15 20.89
C THR J 755 31.67 32.17 20.19
N PHE J 756 32.83 31.94 20.79
CA PHE J 756 33.87 31.00 20.33
C PHE J 756 33.80 29.62 21.01
N GLY J 757 32.79 29.39 21.86
CA GLY J 757 32.61 28.14 22.62
C GLY J 757 33.57 27.96 23.81
N LEU J 758 34.29 29.01 24.21
CA LEU J 758 35.25 28.99 25.32
C LEU J 758 34.54 28.90 26.68
N SER J 759 35.15 28.20 27.65
CA SER J 759 34.81 28.39 29.07
C SER J 759 35.52 29.62 29.64
N THR J 760 35.07 30.16 30.78
CA THR J 760 35.67 31.35 31.43
C THR J 760 37.17 31.18 31.70
N GLU J 761 37.59 29.96 32.05
CA GLU J 761 39.00 29.58 32.27
C GLU J 761 39.83 29.53 30.98
N ASP J 762 39.20 29.31 29.82
CA ASP J 762 39.85 29.40 28.50
C ASP J 762 39.92 30.85 27.99
N GLY J 763 38.86 31.63 28.21
CA GLY J 763 38.83 33.06 27.86
C GLY J 763 39.91 33.85 28.61
N LEU J 764 40.07 33.61 29.92
CA LEU J 764 41.14 34.19 30.73
C LEU J 764 42.55 33.80 30.23
N ILE J 765 42.72 32.60 29.65
CA ILE J 765 43.96 32.19 29.00
C ILE J 765 44.24 33.06 27.77
N LEU J 766 43.27 33.25 26.86
CA LEU J 766 43.48 34.06 25.66
C LEU J 766 43.89 35.50 26.02
N MET J 767 43.18 36.12 26.95
CA MET J 767 43.48 37.48 27.41
C MET J 767 44.91 37.58 27.98
N ASN J 768 45.30 36.64 28.86
CA ASN J 768 46.65 36.58 29.42
C ASN J 768 47.73 36.38 28.34
N ILE J 769 47.53 35.43 27.42
CA ILE J 769 48.49 35.08 26.36
C ILE J 769 48.67 36.23 25.35
N LEU J 770 47.57 36.84 24.91
CA LEU J 770 47.57 37.90 23.90
C LEU J 770 48.00 39.28 24.44
N THR J 771 47.68 39.61 25.70
CA THR J 771 47.75 41.00 26.21
C THR J 771 48.57 41.21 27.49
N ASP J 772 48.99 40.14 28.17
CA ASP J 772 49.59 40.15 29.51
C ASP J 772 48.66 40.66 30.65
N GLU J 773 47.37 40.86 30.36
CA GLU J 773 46.35 41.34 31.30
C GLU J 773 44.94 40.81 30.93
N MET J 774 43.88 41.42 31.47
CA MET J 774 42.47 41.05 31.23
C MET J 774 41.90 41.47 29.86
N GLY J 775 42.69 42.03 28.94
CA GLY J 775 42.29 42.35 27.55
C GLY J 775 41.01 43.18 27.40
N TYR J 776 40.76 44.14 28.31
CA TYR J 776 39.53 44.94 28.43
C TYR J 776 38.24 44.17 28.79
N LEU J 777 38.29 42.89 29.13
CA LEU J 777 37.31 42.31 30.06
C LEU J 777 37.58 42.87 31.47
N ALA J 778 36.62 42.86 32.39
CA ALA J 778 36.66 43.49 33.74
C ALA J 778 36.85 45.02 33.80
N LYS J 779 37.69 45.59 32.93
CA LYS J 779 37.85 47.04 32.65
C LYS J 779 36.73 47.57 31.74
N GLN J 780 36.80 48.88 31.44
CA GLN J 780 35.93 49.57 30.47
C GLN J 780 36.11 49.04 29.02
N PRO J 781 35.14 49.23 28.09
CA PRO J 781 35.23 48.85 26.67
C PRO J 781 36.28 49.59 25.80
N ALA J 782 37.37 50.10 26.40
CA ALA J 782 38.50 50.78 25.75
C ALA J 782 38.19 52.02 24.88
N PHE J 783 36.96 52.55 24.84
CA PHE J 783 36.52 53.36 23.68
C PHE J 783 37.32 54.66 23.46
N ASP J 784 37.70 55.38 24.53
CA ASP J 784 38.60 56.55 24.49
C ASP J 784 40.09 56.20 24.70
N ASP J 785 40.42 54.94 25.00
CA ASP J 785 41.80 54.40 25.00
C ASP J 785 42.22 53.96 23.58
N LYS J 786 41.23 53.54 22.78
CA LYS J 786 41.30 53.32 21.33
C LYS J 786 41.60 54.61 20.56
N GLN J 787 41.12 55.77 21.04
CA GLN J 787 41.50 57.10 20.54
C GLN J 787 43.01 57.40 20.70
N THR J 788 43.73 56.68 21.57
CA THR J 788 45.20 56.73 21.73
C THR J 788 45.87 55.37 21.48
N GLN J 789 45.21 54.49 20.71
CA GLN J 789 45.68 53.19 20.22
C GLN J 789 46.24 52.21 21.28
N ASP J 790 45.71 52.28 22.51
CA ASP J 790 46.16 51.48 23.66
C ASP J 790 45.44 50.11 23.75
N LYS J 791 45.99 49.06 23.10
CA LYS J 791 45.52 47.65 23.11
C LYS J 791 44.03 47.45 22.75
N ASP J 792 43.49 48.25 21.83
CA ASP J 792 42.04 48.49 21.73
C ASP J 792 41.13 47.27 21.60
N PHE J 793 40.00 47.31 22.33
CA PHE J 793 38.98 46.25 22.42
C PHE J 793 38.44 45.78 21.06
N LEU J 794 38.30 46.70 20.09
CA LEU J 794 37.84 46.37 18.74
C LEU J 794 38.80 45.45 17.97
N SER J 795 40.08 45.38 18.36
CA SER J 795 41.04 44.39 17.84
C SER J 795 40.99 43.06 18.57
N ILE J 796 40.62 43.05 19.86
CA ILE J 796 40.68 41.86 20.72
C ILE J 796 39.75 40.75 20.22
N ILE J 797 38.50 41.08 19.84
CA ILE J 797 37.54 40.09 19.34
C ILE J 797 38.00 39.51 17.98
N LEU J 798 38.75 40.27 17.17
CA LEU J 798 39.37 39.74 15.95
C LEU J 798 40.47 38.73 16.29
N LYS J 799 41.30 39.00 17.29
CA LYS J 799 42.34 38.07 17.74
C LYS J 799 41.74 36.79 18.34
N MET J 800 40.66 36.91 19.12
CA MET J 800 39.90 35.76 19.64
C MET J 800 39.35 34.88 18.50
N GLU J 801 38.80 35.49 17.45
CA GLU J 801 38.34 34.74 16.28
C GLU J 801 39.49 34.07 15.53
N ALA J 802 40.58 34.79 15.24
CA ALA J 802 41.74 34.28 14.53
C ALA J 802 42.40 33.08 15.23
N LEU J 803 42.52 33.13 16.56
CA LEU J 803 42.99 31.99 17.36
C LEU J 803 41.94 30.88 17.42
N SER J 804 40.63 31.18 17.50
CA SER J 804 39.59 30.15 17.52
C SER J 804 39.57 29.32 16.23
N ALA J 805 39.89 29.93 15.09
CA ALA J 805 40.07 29.25 13.81
C ALA J 805 41.33 28.36 13.82
N TRP J 806 42.48 28.90 14.22
CA TRP J 806 43.73 28.16 14.28
C TRP J 806 43.69 26.99 15.27
N LEU J 807 43.03 27.18 16.41
CA LEU J 807 42.84 26.18 17.46
C LEU J 807 41.66 25.23 17.18
N THR J 808 40.87 25.49 16.13
CA THR J 808 39.93 24.52 15.53
C THR J 808 40.63 23.69 14.44
N LYS J 809 41.52 24.31 13.65
CA LYS J 809 42.36 23.67 12.63
C LYS J 809 43.35 22.63 13.22
N ASN J 810 43.76 22.80 14.47
CA ASN J 810 44.73 21.92 15.15
C ASN J 810 44.14 21.36 16.45
N ASN J 811 44.42 20.09 16.77
CA ASN J 811 43.78 19.34 17.86
C ASN J 811 44.35 19.65 19.27
N LEU J 812 44.98 20.82 19.44
CA LEU J 812 45.38 21.40 20.72
C LEU J 812 44.16 21.92 21.51
N THR J 813 44.42 22.41 22.73
CA THR J 813 43.41 23.00 23.64
C THR J 813 43.97 24.26 24.29
N PRO J 814 43.15 25.20 24.78
CA PRO J 814 43.65 26.39 25.46
C PRO J 814 44.53 26.05 26.67
N ALA J 815 44.14 25.05 27.46
CA ALA J 815 44.89 24.62 28.64
C ALA J 815 46.26 24.03 28.31
N SER J 816 46.35 23.20 27.27
CA SER J 816 47.64 22.66 26.80
C SER J 816 48.48 23.76 26.17
N LEU J 817 47.92 24.58 25.28
CA LEU J 817 48.66 25.64 24.61
C LEU J 817 49.22 26.67 25.59
N ALA J 818 48.48 27.04 26.64
CA ALA J 818 48.97 27.93 27.70
C ALA J 818 50.13 27.30 28.50
N LEU J 819 50.06 26.00 28.78
CA LEU J 819 51.15 25.28 29.45
C LEU J 819 52.39 25.23 28.56
N LEU J 820 52.24 24.90 27.28
CA LEU J 820 53.31 24.86 26.27
C LEU J 820 53.96 26.24 26.03
N LEU J 821 53.18 27.32 26.09
CA LEU J 821 53.65 28.72 26.08
C LEU J 821 54.21 29.19 27.45
N GLY J 822 54.16 28.35 28.48
CA GLY J 822 54.77 28.62 29.79
C GLY J 822 54.00 29.61 30.67
N VAL J 823 52.67 29.67 30.56
CA VAL J 823 51.82 30.53 31.40
C VAL J 823 51.01 29.69 32.40
N THR J 824 51.05 30.08 33.68
CA THR J 824 50.47 29.33 34.82
C THR J 824 51.02 27.89 34.87
N ARG J 825 52.34 27.77 35.10
CA ARG J 825 53.13 26.55 34.89
C ARG J 825 52.82 25.42 35.89
N LEU J 826 53.25 24.20 35.53
CA LEU J 826 53.03 22.94 36.25
C LEU J 826 53.68 22.92 37.66
N ALA J 827 53.28 21.98 38.52
CA ALA J 827 53.96 21.65 39.79
C ALA J 827 54.33 20.15 39.85
N VAL J 828 55.47 19.82 40.46
CA VAL J 828 56.03 18.46 40.51
C VAL J 828 56.79 18.21 41.83
N VAL J 829 56.92 16.95 42.24
CA VAL J 829 57.58 16.54 43.50
C VAL J 829 58.97 15.93 43.22
N PRO J 830 60.04 16.37 43.89
CA PRO J 830 61.39 15.80 43.75
C PRO J 830 61.52 14.46 44.51
N THR J 831 60.81 13.43 44.05
CA THR J 831 60.84 12.07 44.61
C THR J 831 62.24 11.46 44.48
N ASN J 832 62.75 10.80 45.53
CA ASN J 832 64.11 10.21 45.56
C ASN J 832 64.37 9.14 44.46
N ASN J 833 63.32 8.64 43.80
CA ASN J 833 63.41 7.90 42.53
C ASN J 833 64.30 8.62 41.50
N MET J 834 64.31 9.95 41.47
CA MET J 834 65.23 10.72 40.63
C MET J 834 66.70 10.43 40.93
N VAL J 835 67.07 10.29 42.22
CA VAL J 835 68.42 9.89 42.60
C VAL J 835 68.73 8.48 42.09
N THR J 836 67.77 7.56 42.14
CA THR J 836 67.97 6.19 41.61
C THR J 836 68.25 6.20 40.10
N PHE J 837 67.64 7.13 39.36
CA PHE J 837 67.90 7.38 37.95
C PHE J 837 69.27 8.01 37.70
N PHE J 838 69.63 9.09 38.40
CA PHE J 838 70.95 9.71 38.23
C PHE J 838 72.11 8.84 38.71
N LYS J 839 71.92 8.09 39.81
CA LYS J 839 72.84 7.02 40.24
C LYS J 839 72.90 5.90 39.20
N GLY J 840 71.81 5.63 38.49
CA GLY J 840 71.79 4.73 37.33
C GLY J 840 72.67 5.23 36.18
N ILE J 841 72.64 6.52 35.87
CA ILE J 841 73.56 7.15 34.90
C ILE J 841 75.02 7.04 35.39
N ALA J 842 75.29 7.36 36.66
CA ALA J 842 76.63 7.26 37.23
C ALA J 842 77.17 5.82 37.23
N ASN J 843 76.33 4.84 37.55
CA ASN J 843 76.63 3.42 37.45
C ASN J 843 76.95 3.03 36.00
N GLY J 844 76.10 3.41 35.04
CA GLY J 844 76.30 3.16 33.60
C GLY J 844 77.57 3.80 33.04
N LEU J 845 77.94 4.98 33.53
CA LEU J 845 79.21 5.67 33.26
C LEU J 845 80.43 4.92 33.87
N SER J 846 80.25 4.29 35.03
CA SER J 846 81.35 3.71 35.82
C SER J 846 81.68 2.25 35.45
N GLU J 847 80.69 1.44 35.11
CA GLU J 847 80.88 0.00 34.80
C GLU J 847 81.48 -0.20 33.39
N ASN J 848 82.81 -0.31 33.35
CA ASN J 848 83.69 -0.61 32.20
C ASN J 848 83.60 0.29 30.95
N VAL J 849 82.73 1.31 30.91
CA VAL J 849 82.71 2.30 29.82
C VAL J 849 84.02 3.12 29.76
N CYS J 850 84.73 3.26 30.90
CA CYS J 850 86.10 3.79 31.00
C CYS J 850 86.28 5.14 30.28
N LEU J 851 85.32 6.05 30.42
CA LEU J 851 85.14 7.20 29.53
C LEU J 851 86.21 8.29 29.69
N THR J 852 86.70 8.82 28.56
CA THR J 852 87.67 9.94 28.43
C THR J 852 87.15 11.31 28.93
N THR J 853 85.97 11.34 29.58
CA THR J 853 85.30 12.56 30.10
C THR J 853 86.03 13.25 31.27
N ASP J 854 87.12 12.64 31.76
CA ASP J 854 88.03 13.16 32.78
C ASP J 854 88.58 14.57 32.40
N ASP J 855 88.00 15.62 33.00
CA ASP J 855 88.14 17.05 32.64
C ASP J 855 88.07 17.29 31.12
N PHE J 856 86.94 16.92 30.49
CA PHE J 856 86.80 16.69 29.05
C PHE J 856 87.29 17.83 28.13
N GLN J 857 86.67 19.03 28.18
CA GLN J 857 86.89 20.08 27.16
C GLN J 857 88.15 20.94 27.37
N ARG J 858 88.26 21.60 28.53
CA ARG J 858 88.99 22.87 28.70
C ARG J 858 90.50 22.75 28.44
N GLN J 859 91.12 23.83 27.96
CA GLN J 859 92.46 23.83 27.35
C GLN J 859 93.58 23.25 28.24
N GLU J 860 94.57 22.64 27.60
CA GLU J 860 95.61 21.78 28.21
C GLU J 860 95.00 20.59 28.98
N LEU J 861 94.52 19.59 28.24
CA LEU J 861 93.75 18.41 28.67
C LEU J 861 94.60 17.37 29.46
N GLU J 862 95.58 17.82 30.23
CA GLU J 862 96.67 17.04 30.83
C GLU J 862 96.25 15.88 31.75
N GLY J 863 97.11 14.87 31.88
CA GLY J 863 97.04 13.83 32.92
C GLY J 863 95.97 12.75 32.75
N ALA J 864 95.51 12.50 31.51
CA ALA J 864 94.45 11.55 31.18
C ALA J 864 95.02 10.24 30.61
N ASP J 865 94.51 9.10 31.09
CA ASP J 865 95.14 7.78 30.98
C ASP J 865 95.43 7.31 29.54
N TRP J 866 94.49 7.54 28.62
CA TRP J 866 94.39 6.84 27.34
C TRP J 866 95.61 6.99 26.41
N TRP J 867 96.13 8.21 26.20
CA TRP J 867 97.31 8.41 25.34
C TRP J 867 98.65 8.10 26.03
N THR J 868 98.69 7.89 27.36
CA THR J 868 99.91 7.41 28.05
C THR J 868 100.23 5.97 27.64
N LEU J 869 99.20 5.12 27.52
CA LEU J 869 99.33 3.74 27.02
C LEU J 869 99.77 3.70 25.55
N LEU J 870 99.15 4.54 24.71
CA LEU J 870 99.42 4.65 23.27
C LEU J 870 100.58 5.62 22.91
N SER J 871 101.46 5.92 23.88
CA SER J 871 102.51 6.96 23.75
C SER J 871 103.62 6.61 22.74
N THR J 872 103.81 5.33 22.42
CA THR J 872 104.66 4.89 21.31
C THR J 872 104.13 5.33 19.93
N ASN J 873 102.84 5.65 19.82
CA ASN J 873 102.18 6.13 18.60
C ASN J 873 101.90 7.65 18.64
N GLN J 874 101.50 8.21 19.80
CA GLN J 874 101.52 9.66 20.07
C GLN J 874 101.43 10.00 21.57
N VAL J 875 102.36 10.82 22.06
CA VAL J 875 102.49 11.27 23.47
C VAL J 875 101.51 12.37 23.90
N ILE J 876 101.24 13.38 23.07
CA ILE J 876 100.76 14.72 23.51
C ILE J 876 99.29 14.79 23.99
N ASP J 877 98.99 14.06 25.07
CA ASP J 877 97.68 13.94 25.72
C ASP J 877 97.02 15.28 26.11
N ASP J 878 97.83 16.29 26.40
CA ASP J 878 97.40 17.63 26.77
C ASP J 878 96.79 18.41 25.60
N MET J 879 97.14 18.02 24.37
CA MET J 879 96.77 18.65 23.10
C MET J 879 96.98 20.17 23.06
N GLY J 880 95.94 20.96 23.32
CA GLY J 880 95.93 22.42 23.17
C GLY J 880 94.57 23.01 23.55
N LEU J 881 93.89 23.64 22.58
CA LEU J 881 92.51 24.11 22.70
C LEU J 881 91.50 22.94 22.79
N VAL J 882 90.20 23.26 22.95
CA VAL J 882 89.16 22.31 23.38
C VAL J 882 88.78 21.21 22.38
N LEU J 883 88.24 20.11 22.92
CA LEU J 883 87.80 18.90 22.21
C LEU J 883 86.27 18.70 22.38
N ASP J 884 85.46 19.58 21.79
CA ASP J 884 83.98 19.51 21.83
C ASP J 884 83.35 20.16 20.58
N ILE J 885 82.07 19.88 20.31
CA ILE J 885 81.39 20.14 19.02
C ILE J 885 80.03 20.85 19.18
N HIS J 886 79.75 21.80 18.27
CA HIS J 886 78.42 22.39 18.00
C HIS J 886 77.90 21.89 16.62
N PRO J 887 76.64 21.44 16.51
CA PRO J 887 76.09 20.96 15.23
C PRO J 887 75.96 22.07 14.18
N VAL J 888 76.06 21.68 12.89
CA VAL J 888 75.77 22.49 11.71
C VAL J 888 75.17 21.65 10.57
N TRP J 889 74.28 22.25 9.78
CA TRP J 889 73.52 21.62 8.70
C TRP J 889 74.37 21.02 7.56
N GLY J 890 73.83 20.02 6.86
CA GLY J 890 74.40 19.43 5.65
C GLY J 890 75.52 18.43 5.93
N LYS J 891 76.52 18.83 6.73
CA LYS J 891 77.63 17.98 7.20
C LYS J 891 78.27 18.51 8.48
N SER J 892 78.06 17.80 9.59
CA SER J 892 78.82 17.92 10.86
C SER J 892 79.91 16.83 10.91
N ASP J 893 79.77 15.83 11.81
CA ASP J 893 80.60 14.63 11.92
C ASP J 893 82.09 14.87 12.26
N GLU J 894 82.85 13.77 12.37
CA GLU J 894 84.26 13.73 12.78
C GLU J 894 85.22 14.55 11.88
N GLU J 895 84.83 14.93 10.67
CA GLU J 895 85.63 15.82 9.81
C GLU J 895 85.81 17.22 10.43
N MET J 896 84.81 17.74 11.15
CA MET J 896 84.94 18.99 11.90
C MET J 896 85.82 18.84 13.14
N LEU J 897 85.70 17.72 13.85
CA LEU J 897 86.55 17.40 15.00
C LEU J 897 88.02 17.26 14.58
N MET J 898 88.27 16.63 13.42
CA MET J 898 89.59 16.56 12.77
C MET J 898 90.10 17.95 12.39
N GLU J 899 89.31 18.75 11.65
CA GLU J 899 89.73 20.09 11.21
C GLU J 899 90.01 21.04 12.38
N LYS J 900 89.22 20.98 13.47
CA LYS J 900 89.47 21.77 14.68
C LYS J 900 90.83 21.41 15.30
N ILE J 901 91.14 20.13 15.54
CA ILE J 901 92.46 19.74 16.09
C ILE J 901 93.63 19.92 15.10
N GLN J 902 93.38 19.84 13.79
CA GLN J 902 94.35 20.09 12.73
C GLN J 902 94.72 21.58 12.61
N SER J 903 93.75 22.48 12.85
CA SER J 903 93.95 23.94 12.74
C SER J 903 94.88 24.52 13.83
N ILE J 904 94.88 23.93 15.04
CA ILE J 904 95.57 24.46 16.23
C ILE J 904 97.08 24.12 16.29
N GLY J 905 97.79 24.45 15.21
CA GLY J 905 99.26 24.56 15.19
C GLY J 905 100.05 23.25 15.18
N VAL J 906 99.40 22.09 15.01
CA VAL J 906 100.11 20.84 14.72
C VAL J 906 100.80 20.92 13.35
N SER J 907 102.13 20.90 13.35
CA SER J 907 102.96 20.83 12.14
C SER J 907 103.22 19.39 11.69
N ASN J 908 103.10 18.40 12.60
CA ASN J 908 103.16 16.97 12.31
C ASN J 908 101.86 16.47 11.63
N ASP J 909 101.67 16.85 10.37
CA ASP J 909 100.49 16.50 9.54
C ASP J 909 100.44 15.05 9.05
N ASN J 910 101.45 14.23 9.39
CA ASN J 910 101.50 12.80 9.06
C ASN J 910 100.48 11.96 9.89
N ASN J 911 100.53 10.63 9.73
CA ASN J 911 99.59 9.69 10.32
C ASN J 911 99.45 9.79 11.87
N THR J 912 100.46 10.31 12.59
CA THR J 912 100.35 10.53 14.05
C THR J 912 99.21 11.48 14.46
N LEU J 913 98.79 12.39 13.56
CA LEU J 913 97.61 13.25 13.75
C LEU J 913 96.30 12.52 13.38
N SER J 914 96.25 11.77 12.28
CA SER J 914 95.00 11.12 11.84
C SER J 914 94.64 9.89 12.71
N ILE J 915 95.62 9.11 13.19
CA ILE J 915 95.36 7.95 14.03
C ILE J 915 94.64 8.32 15.33
N ILE J 916 95.00 9.45 15.94
CA ILE J 916 94.36 9.93 17.18
C ILE J 916 92.95 10.52 16.98
N VAL J 917 92.47 10.67 15.73
CA VAL J 917 91.05 10.90 15.42
C VAL J 917 90.29 9.57 15.45
N GLN J 918 90.76 8.54 14.74
CA GLN J 918 90.12 7.22 14.75
C GLN J 918 90.22 6.48 16.10
N ILE J 919 91.11 6.89 17.01
CA ILE J 919 91.10 6.50 18.44
C ILE J 919 89.99 7.24 19.24
N LEU J 920 89.63 8.47 18.84
CA LEU J 920 88.72 9.38 19.56
C LEU J 920 87.22 9.17 19.23
N ILE J 921 86.88 8.71 18.02
CA ILE J 921 85.48 8.59 17.56
C ILE J 921 84.62 7.72 18.51
N GLN J 922 85.08 6.51 18.84
CA GLN J 922 84.35 5.62 19.77
C GLN J 922 84.32 6.19 21.21
N ALA J 923 85.34 6.97 21.61
CA ALA J 923 85.35 7.65 22.91
C ALA J 923 84.34 8.81 23.00
N LYS J 924 84.04 9.50 21.88
CA LYS J 924 82.91 10.46 21.80
C LYS J 924 81.57 9.73 21.86
N ASN J 925 81.40 8.66 21.08
CA ASN J 925 80.20 7.80 21.15
C ASN J 925 79.94 7.31 22.57
N ALA J 926 80.97 6.87 23.29
CA ALA J 926 80.85 6.41 24.68
C ALA J 926 80.37 7.51 25.68
N GLN J 927 80.40 8.80 25.32
CA GLN J 927 79.79 9.88 26.10
C GLN J 927 78.30 10.09 25.74
N GLU J 928 77.97 10.09 24.44
CA GLU J 928 76.62 10.34 23.90
C GLU J 928 75.65 9.14 24.07
N ASN J 929 76.13 7.92 23.78
CA ASN J 929 75.30 6.72 23.69
C ASN J 929 74.60 6.37 25.01
N LEU J 930 75.16 6.79 26.16
CA LEU J 930 74.56 6.61 27.48
C LEU J 930 73.20 7.31 27.59
N LEU J 931 73.13 8.61 27.29
CA LEU J 931 71.88 9.36 27.40
C LEU J 931 70.87 8.93 26.33
N SER J 932 71.31 8.83 25.08
CA SER J 932 70.43 8.47 23.95
C SER J 932 69.83 7.07 24.07
N GLN J 933 70.51 6.10 24.72
CA GLN J 933 69.97 4.77 24.96
C GLN J 933 69.14 4.66 26.26
N THR J 934 69.44 5.44 27.30
CA THR J 934 68.75 5.36 28.60
C THR J 934 67.49 6.21 28.71
N ILE J 935 67.55 7.53 28.45
CA ILE J 935 66.39 8.41 28.68
C ILE J 935 65.25 8.12 27.70
N SER J 936 65.58 7.50 26.56
CA SER J 936 64.59 6.96 25.62
C SER J 936 63.61 5.97 26.27
N ALA J 937 64.06 5.21 27.29
CA ALA J 937 63.25 4.27 28.06
C ALA J 937 62.51 4.93 29.26
N GLU J 938 62.89 6.14 29.66
CA GLU J 938 62.16 6.94 30.66
C GLU J 938 60.97 7.68 30.05
N TYR J 939 61.15 8.29 28.87
CA TYR J 939 60.23 9.32 28.36
C TYR J 939 59.58 9.00 27.00
N GLY J 940 59.96 7.91 26.32
CA GLY J 940 59.28 7.45 25.11
C GLY J 940 59.56 8.30 23.86
N VAL J 941 60.84 8.53 23.55
CA VAL J 941 61.34 9.20 22.33
C VAL J 941 62.45 8.37 21.67
N GLU J 942 62.53 8.38 20.34
CA GLU J 942 63.51 7.61 19.57
C GLU J 942 64.95 8.13 19.78
N ARG J 943 65.93 7.21 19.88
CA ARG J 943 67.36 7.52 20.16
C ARG J 943 68.03 8.48 19.17
N SER J 944 67.46 8.70 17.98
CA SER J 944 67.91 9.70 17.01
C SER J 944 67.47 11.15 17.35
N VAL J 945 66.47 11.33 18.21
CA VAL J 945 65.96 12.65 18.63
C VAL J 945 66.65 13.17 19.89
N VAL J 946 67.01 12.28 20.81
CA VAL J 946 67.47 12.62 22.19
C VAL J 946 68.54 13.74 22.29
N PRO J 947 69.70 13.69 21.60
CA PRO J 947 70.72 14.74 21.75
C PRO J 947 70.26 16.10 21.20
N LEU J 948 69.46 16.12 20.12
CA LEU J 948 68.86 17.34 19.59
C LEU J 948 67.78 17.89 20.53
N GLN J 949 66.94 17.05 21.12
CA GLN J 949 65.96 17.50 22.12
C GLN J 949 66.67 18.13 23.32
N LEU J 950 67.74 17.48 23.80
CA LEU J 950 68.54 17.93 24.94
C LEU J 950 69.13 19.32 24.69
N ARG J 951 69.77 19.55 23.53
CA ARG J 951 70.29 20.89 23.22
C ARG J 951 69.18 21.92 22.96
N TRP J 952 68.11 21.57 22.22
CA TRP J 952 67.02 22.52 21.93
C TRP J 952 66.22 22.95 23.18
N LEU J 953 66.17 22.09 24.20
CA LEU J 953 65.69 22.40 25.54
C LEU J 953 66.59 23.39 26.31
N GLY J 954 67.83 23.57 25.87
CA GLY J 954 68.84 24.43 26.51
C GLY J 954 69.77 23.68 27.47
N SER J 955 70.40 22.60 27.00
CA SER J 955 71.31 21.76 27.80
C SER J 955 72.51 21.25 26.98
N ASN J 956 73.51 20.70 27.66
CA ASN J 956 74.69 20.06 27.07
C ASN J 956 74.95 18.69 27.73
N VAL J 957 75.29 17.68 26.91
CA VAL J 957 75.53 16.28 27.33
C VAL J 957 76.58 16.17 28.44
N TYR J 958 77.67 16.93 28.34
CA TYR J 958 78.69 16.98 29.39
C TYR J 958 78.18 17.72 30.63
N SER J 959 77.42 18.81 30.46
CA SER J 959 76.87 19.54 31.62
C SER J 959 75.98 18.63 32.46
N VAL J 960 75.20 17.75 31.84
CA VAL J 960 74.40 16.74 32.55
C VAL J 960 75.29 15.69 33.24
N LEU J 961 76.29 15.17 32.53
CA LEU J 961 77.24 14.18 33.05
C LEU J 961 78.13 14.72 34.20
N ASN J 962 78.45 16.02 34.20
CA ASN J 962 79.17 16.69 35.28
C ASN J 962 78.37 16.71 36.60
N GLN J 963 77.05 16.55 36.57
CA GLN J 963 76.28 16.54 37.82
C GLN J 963 76.55 15.30 38.69
N VAL J 964 77.14 14.25 38.10
CA VAL J 964 77.73 13.11 38.83
C VAL J 964 78.92 13.57 39.70
N LEU J 965 79.78 14.42 39.13
CA LEU J 965 80.92 15.04 39.83
C LEU J 965 80.47 16.05 40.89
N ASN J 966 79.29 16.66 40.70
CA ASN J 966 78.59 17.48 41.70
C ASN J 966 77.79 16.66 42.73
N ASN J 967 78.06 15.35 42.86
CA ASN J 967 77.49 14.44 43.87
C ASN J 967 75.97 14.22 43.78
N THR J 968 75.35 14.40 42.60
CA THR J 968 73.93 14.08 42.39
C THR J 968 73.53 12.65 42.81
N PRO J 969 74.37 11.60 42.64
CA PRO J 969 74.04 10.25 43.10
C PRO J 969 73.86 10.08 44.61
N THR J 970 74.20 11.08 45.43
CA THR J 970 73.98 11.02 46.89
C THR J 970 72.48 11.14 47.22
N ASP J 971 71.93 10.17 47.95
CA ASP J 971 70.49 10.09 48.27
C ASP J 971 70.07 10.97 49.46
N ILE J 972 70.58 12.21 49.49
CA ILE J 972 69.89 13.32 50.15
C ILE J 972 68.70 13.73 49.28
N SER J 973 67.62 14.22 49.90
CA SER J 973 66.38 14.59 49.18
C SER J 973 66.46 15.97 48.49
N SER J 974 67.67 16.39 48.09
CA SER J 974 67.97 17.67 47.43
C SER J 974 68.95 17.45 46.27
N ILE J 975 68.69 18.09 45.12
CA ILE J 975 69.58 18.13 43.95
C ILE J 975 69.56 19.54 43.33
N VAL J 976 70.57 19.84 42.52
CA VAL J 976 70.77 21.13 41.84
C VAL J 976 69.56 21.50 40.94
N PRO J 977 69.16 22.78 40.85
CA PRO J 977 68.14 23.24 39.89
C PRO J 977 68.45 22.86 38.44
N LYS J 978 69.73 22.88 38.06
CA LYS J 978 70.28 22.44 36.76
C LYS J 978 69.85 21.03 36.35
N LEU J 979 69.45 20.18 37.31
CA LEU J 979 68.74 18.92 37.05
C LEU J 979 67.25 18.98 37.38
N SER J 980 66.90 19.42 38.59
CA SER J 980 65.53 19.29 39.10
C SER J 980 64.50 20.15 38.33
N GLU J 981 64.92 21.28 37.77
CA GLU J 981 64.10 22.09 36.86
C GLU J 981 64.28 21.73 35.38
N LEU J 982 65.47 21.24 34.99
CA LEU J 982 65.70 20.68 33.65
C LEU J 982 64.77 19.48 33.39
N THR J 983 64.66 18.57 34.36
CA THR J 983 63.82 17.38 34.29
C THR J 983 62.34 17.74 34.15
N TYR J 984 61.92 18.78 34.89
CA TYR J 984 60.59 19.36 34.79
C TYR J 984 60.35 19.97 33.41
N SER J 985 61.34 20.71 32.89
CA SER J 985 61.28 21.36 31.57
C SER J 985 61.28 20.34 30.43
N LEU J 986 61.95 19.21 30.58
CA LEU J 986 61.97 18.14 29.57
C LEU J 986 60.56 17.60 29.27
N LEU J 987 59.66 17.53 30.25
CA LEU J 987 58.30 17.00 30.04
C LEU J 987 57.44 17.93 29.18
N ILE J 988 57.54 19.24 29.38
CA ILE J 988 56.83 20.23 28.55
C ILE J 988 57.38 20.21 27.12
N TYR J 989 58.71 20.18 26.94
CA TYR J 989 59.29 20.03 25.60
C TYR J 989 59.03 18.64 24.99
N THR J 990 58.71 17.61 25.78
CA THR J 990 58.25 16.30 25.26
C THR J 990 56.84 16.41 24.67
N GLN J 991 55.95 17.19 25.27
CA GLN J 991 54.62 17.44 24.71
C GLN J 991 54.67 18.31 23.45
N LEU J 992 55.63 19.23 23.33
CA LEU J 992 55.91 19.98 22.10
C LEU J 992 56.29 19.09 20.91
N ILE J 993 56.74 17.85 21.15
CA ILE J 993 57.12 16.87 20.11
C ILE J 993 56.21 15.62 20.09
N ASN J 994 55.05 15.68 20.76
CA ASN J 994 54.03 14.60 20.74
C ASN J 994 52.59 15.08 20.55
N SER J 995 52.22 16.29 21.02
CA SER J 995 50.96 16.94 20.63
C SER J 995 50.93 17.32 19.14
N LEU J 996 52.10 17.41 18.51
CA LEU J 996 52.34 17.34 17.08
C LEU J 996 53.63 16.53 16.84
N LYS J 997 53.70 15.75 15.76
CA LYS J 997 54.88 14.93 15.41
C LYS J 997 55.65 15.58 14.26
N LEU J 998 56.97 15.69 14.39
CA LEU J 998 57.87 16.14 13.33
C LEU J 998 59.23 15.43 13.36
N ASN J 999 59.93 15.47 12.24
CA ASN J 999 61.20 14.78 11.97
C ASN J 999 62.45 15.59 12.37
N LYS J 1000 63.55 14.91 12.67
CA LYS J 1000 64.77 15.53 13.22
C LYS J 1000 65.41 16.62 12.35
N GLU J 1001 65.32 16.53 11.02
CA GLU J 1001 65.95 17.52 10.12
C GLU J 1001 65.40 18.93 10.34
N PHE J 1002 64.11 19.04 10.70
CA PHE J 1002 63.51 20.32 11.09
C PHE J 1002 64.20 20.90 12.33
N ILE J 1003 64.35 20.08 13.38
CA ILE J 1003 65.02 20.45 14.63
C ILE J 1003 66.48 20.82 14.37
N PHE J 1004 67.17 20.04 13.54
CA PHE J 1004 68.57 20.24 13.15
C PHE J 1004 68.79 21.59 12.43
N LEU J 1005 67.90 21.99 11.52
CA LEU J 1005 67.91 23.32 10.91
C LEU J 1005 67.61 24.43 11.92
N ARG J 1006 66.53 24.28 12.69
CA ARG J 1006 66.08 25.21 13.74
C ARG J 1006 67.16 25.48 14.80
N LEU J 1007 67.92 24.45 15.16
CA LEU J 1007 69.04 24.51 16.11
C LEU J 1007 70.32 25.08 15.47
N THR J 1008 70.55 24.83 14.18
CA THR J 1008 71.73 25.32 13.46
C THR J 1008 71.68 26.83 13.21
N GLN J 1009 70.56 27.34 12.67
CA GLN J 1009 70.55 28.65 12.01
C GLN J 1009 69.16 29.32 12.01
N PRO J 1010 68.70 29.87 13.14
CA PRO J 1010 67.34 30.43 13.28
C PRO J 1010 67.00 31.52 12.27
N ASN J 1011 67.88 32.51 12.04
CA ASN J 1011 67.62 33.59 11.09
C ASN J 1011 67.55 33.10 9.63
N TRP J 1012 68.31 32.05 9.30
CA TRP J 1012 68.33 31.41 7.98
C TRP J 1012 67.04 30.61 7.73
N LEU J 1013 66.52 29.93 8.75
CA LEU J 1013 65.19 29.29 8.70
C LEU J 1013 64.12 30.35 8.44
N GLY J 1014 64.23 31.48 9.13
CA GLY J 1014 63.39 32.67 8.95
C GLY J 1014 62.98 33.37 10.25
N LEU J 1015 63.53 32.98 11.41
CA LEU J 1015 63.21 33.60 12.70
C LEU J 1015 63.96 34.93 12.94
N THR J 1016 63.64 35.61 14.04
CA THR J 1016 64.37 36.79 14.54
C THR J 1016 65.50 36.39 15.51
N GLN J 1017 66.54 37.23 15.63
CA GLN J 1017 67.73 36.97 16.46
C GLN J 1017 67.44 36.57 17.93
N PRO J 1018 66.48 37.15 18.66
CA PRO J 1018 66.19 36.73 20.04
C PRO J 1018 65.79 35.25 20.19
N LYS J 1019 65.34 34.59 19.12
CA LYS J 1019 64.94 33.17 19.12
C LYS J 1019 66.09 32.19 18.91
N LEU J 1020 67.34 32.67 18.99
CA LEU J 1020 68.49 31.84 19.41
C LEU J 1020 68.35 31.39 20.88
N SER J 1021 67.57 32.09 21.72
CA SER J 1021 67.23 31.65 23.08
C SER J 1021 66.24 30.47 23.08
N THR J 1022 66.04 29.86 24.27
CA THR J 1022 65.10 28.75 24.49
C THR J 1022 63.61 29.14 24.42
N GLN J 1023 63.28 30.43 24.46
CA GLN J 1023 61.89 30.93 24.51
C GLN J 1023 61.13 30.73 23.18
N LEU J 1024 59.83 30.42 23.27
CA LEU J 1024 58.92 30.17 22.14
C LEU J 1024 57.65 31.02 22.27
N SER J 1025 57.11 31.54 21.17
CA SER J 1025 55.81 32.26 21.15
C SER J 1025 55.01 32.02 19.85
N LEU J 1026 53.72 32.38 19.89
CA LEU J 1026 52.75 32.06 18.83
C LEU J 1026 53.20 32.37 17.39
N PRO J 1027 53.91 33.49 17.10
CA PRO J 1027 54.46 33.76 15.76
C PRO J 1027 55.39 32.67 15.19
N GLU J 1028 56.05 31.87 16.02
CA GLU J 1028 56.71 30.63 15.57
C GLU J 1028 55.69 29.51 15.37
N ILE J 1029 54.82 29.29 16.36
CA ILE J 1029 53.92 28.15 16.39
C ILE J 1029 52.99 28.13 15.16
N TYR J 1030 52.46 29.27 14.70
CA TYR J 1030 51.71 29.35 13.45
C TYR J 1030 52.55 28.86 12.25
N LEU J 1031 53.76 29.42 12.10
CA LEU J 1031 54.62 29.25 10.92
C LEU J 1031 55.19 27.84 10.82
N ILE J 1032 55.63 27.26 11.94
CA ILE J 1032 56.15 25.88 11.99
C ILE J 1032 55.03 24.84 11.81
N THR J 1033 53.81 25.15 12.26
CA THR J 1033 52.64 24.29 12.05
C THR J 1033 52.18 24.33 10.60
N CYS J 1034 52.04 25.52 10.01
CA CYS J 1034 51.68 25.70 8.60
C CYS J 1034 52.77 25.19 7.64
N TYR J 1035 54.05 25.21 8.03
CA TYR J 1035 55.11 24.45 7.38
C TYR J 1035 54.87 22.94 7.48
N GLN J 1036 54.58 22.43 8.68
CA GLN J 1036 54.34 21.01 8.91
C GLN J 1036 53.10 20.45 8.18
N ASP J 1037 52.14 21.31 7.84
CA ASP J 1037 51.09 21.00 6.86
C ASP J 1037 51.61 21.08 5.42
N TRP J 1038 52.32 22.14 5.05
CA TRP J 1038 52.76 22.36 3.67
C TRP J 1038 53.75 21.30 3.15
N VAL J 1039 54.65 20.81 4.01
CA VAL J 1039 55.60 19.74 3.67
C VAL J 1039 54.89 18.41 3.33
N VAL J 1040 53.68 18.20 3.85
CA VAL J 1040 52.79 17.07 3.49
C VAL J 1040 51.94 17.40 2.26
N ASN J 1041 51.40 18.60 2.20
CA ASN J 1041 50.51 19.05 1.12
C ASN J 1041 51.21 19.21 -0.25
N ALA J 1042 52.51 19.49 -0.28
CA ALA J 1042 53.28 19.64 -1.51
C ALA J 1042 53.26 18.39 -2.41
N ASN J 1043 53.35 18.58 -3.73
CA ASN J 1043 53.11 17.54 -4.74
C ASN J 1043 54.29 16.60 -4.98
N LYS J 1044 55.34 16.63 -4.15
CA LYS J 1044 56.57 15.83 -4.29
C LYS J 1044 57.08 15.38 -2.91
N ASN J 1045 57.96 14.38 -2.88
CA ASN J 1045 58.46 13.80 -1.62
C ASN J 1045 59.27 14.79 -0.75
N GLU J 1046 59.73 14.31 0.40
CA GLU J 1046 60.33 15.09 1.50
C GLU J 1046 61.39 16.13 1.08
N ASP J 1047 62.41 15.74 0.31
CA ASP J 1047 63.69 16.45 0.35
C ASP J 1047 63.85 17.59 -0.66
N SER J 1048 63.03 17.64 -1.72
CA SER J 1048 63.12 18.65 -2.79
C SER J 1048 63.01 20.09 -2.26
N ILE J 1049 62.29 20.28 -1.15
CA ILE J 1049 62.15 21.57 -0.46
C ILE J 1049 63.51 22.06 0.06
N HIS J 1050 64.36 21.18 0.58
CA HIS J 1050 65.71 21.54 1.03
C HIS J 1050 66.57 22.01 -0.14
N GLU J 1051 66.63 21.26 -1.24
CA GLU J 1051 67.45 21.69 -2.38
C GLU J 1051 67.00 23.02 -2.98
N TYR J 1052 65.70 23.31 -2.98
CA TYR J 1052 65.18 24.61 -3.38
C TYR J 1052 65.63 25.74 -2.45
N LEU J 1053 65.47 25.59 -1.13
CA LEU J 1053 65.83 26.61 -0.13
C LEU J 1053 67.34 26.88 -0.08
N GLU J 1054 68.17 25.83 -0.18
CA GLU J 1054 69.63 25.94 -0.26
C GLU J 1054 70.07 26.73 -1.50
N PHE J 1055 69.43 26.48 -2.66
CA PHE J 1055 69.69 27.26 -3.87
C PHE J 1055 69.26 28.72 -3.72
N ALA J 1056 68.09 28.99 -3.11
CA ALA J 1056 67.61 30.36 -2.93
C ALA J 1056 68.59 31.22 -2.10
N ASN J 1057 69.32 30.60 -1.17
CA ASN J 1057 70.23 31.26 -0.24
C ASN J 1057 71.65 31.57 -0.77
N ILE J 1058 72.08 31.01 -1.92
CA ILE J 1058 73.40 31.25 -2.53
C ILE J 1058 73.69 32.74 -2.75
N LYS J 1059 74.66 33.29 -2.00
CA LYS J 1059 75.48 34.49 -2.30
C LYS J 1059 74.73 35.65 -2.96
N LYS J 1060 73.76 36.28 -2.26
CA LYS J 1060 72.95 37.33 -2.89
C LYS J 1060 73.77 38.57 -3.26
N THR J 1061 74.62 39.10 -2.37
CA THR J 1061 75.37 40.34 -2.60
C THR J 1061 76.56 40.17 -3.55
N GLU J 1062 77.41 39.17 -3.33
CA GLU J 1062 78.63 38.93 -4.13
C GLU J 1062 78.38 38.35 -5.52
N ALA J 1063 77.18 37.83 -5.82
CA ALA J 1063 76.89 37.18 -7.10
C ALA J 1063 75.43 37.35 -7.57
N GLU J 1064 74.47 36.78 -6.86
CA GLU J 1064 73.20 36.37 -7.47
C GLU J 1064 72.16 37.50 -7.66
N LYS J 1065 72.11 38.52 -6.78
CA LYS J 1065 71.04 39.54 -6.83
C LYS J 1065 71.07 40.36 -8.13
N THR J 1066 72.25 40.81 -8.55
CA THR J 1066 72.43 41.55 -9.82
C THR J 1066 72.24 40.68 -11.05
N LEU J 1067 72.37 39.35 -10.92
CA LEU J 1067 72.04 38.33 -11.92
C LEU J 1067 70.57 37.85 -11.82
N VAL J 1068 69.74 38.57 -11.05
CA VAL J 1068 68.31 38.29 -10.75
C VAL J 1068 68.06 36.85 -10.29
N ASP J 1069 69.06 36.23 -9.66
CA ASP J 1069 69.08 34.83 -9.21
C ASP J 1069 68.84 33.81 -10.36
N ASN J 1070 68.97 34.22 -11.64
CA ASN J 1070 68.38 33.55 -12.80
C ASN J 1070 66.88 33.20 -12.61
N SER J 1071 66.09 34.26 -12.37
CA SER J 1071 64.65 34.25 -12.09
C SER J 1071 63.84 33.33 -13.00
N GLU J 1072 64.21 33.23 -14.28
CA GLU J 1072 63.55 32.38 -15.29
C GLU J 1072 63.57 30.87 -14.96
N LYS J 1073 64.48 30.40 -14.11
CA LYS J 1073 64.56 28.98 -13.68
C LYS J 1073 64.58 28.76 -12.17
N CYS J 1074 65.07 29.69 -11.34
CA CYS J 1074 64.99 29.51 -9.88
C CYS J 1074 63.55 29.60 -9.37
N ALA J 1075 62.78 30.59 -9.85
CA ALA J 1075 61.35 30.75 -9.53
C ALA J 1075 60.46 29.66 -10.14
N GLU J 1076 60.99 28.89 -11.10
CA GLU J 1076 60.28 27.78 -11.71
C GLU J 1076 60.11 26.61 -10.71
N LEU J 1077 61.14 26.28 -9.92
CA LEU J 1077 61.10 25.15 -8.99
C LEU J 1077 60.12 25.38 -7.83
N LEU J 1078 59.93 26.64 -7.42
CA LEU J 1078 58.92 27.11 -6.45
C LEU J 1078 57.48 26.88 -6.93
N ALA J 1079 57.24 27.00 -8.24
CA ALA J 1079 56.00 26.59 -8.87
C ALA J 1079 55.89 25.06 -9.00
N GLU J 1080 56.98 24.38 -9.41
CA GLU J 1080 56.97 22.95 -9.69
C GLU J 1080 56.64 22.08 -8.45
N ILE J 1081 57.17 22.45 -7.28
CA ILE J 1081 56.86 21.76 -5.99
C ILE J 1081 55.38 21.85 -5.58
N LEU J 1082 54.67 22.86 -6.08
CA LEU J 1082 53.22 23.06 -5.92
C LEU J 1082 52.39 22.49 -7.09
N ALA J 1083 53.05 21.97 -8.13
CA ALA J 1083 52.46 21.67 -9.44
C ALA J 1083 51.67 22.87 -10.04
N TRP J 1084 52.09 24.10 -9.76
CA TRP J 1084 51.33 25.33 -10.03
C TRP J 1084 51.95 26.21 -11.15
N ASP J 1085 51.34 27.36 -11.42
CA ASP J 1085 51.75 28.30 -12.46
C ASP J 1085 53.07 29.04 -12.15
N ALA J 1086 54.12 28.80 -12.95
CA ALA J 1086 55.38 29.54 -12.91
C ALA J 1086 55.27 31.01 -13.40
N GLY J 1087 54.14 31.39 -13.99
CA GLY J 1087 53.83 32.74 -14.47
C GLY J 1087 53.50 33.71 -13.33
N GLU J 1088 52.27 33.70 -12.84
CA GLU J 1088 51.75 34.80 -12.01
C GLU J 1088 52.48 34.95 -10.65
N ILE J 1089 53.16 33.91 -10.18
CA ILE J 1089 54.03 33.98 -8.99
C ILE J 1089 55.15 35.02 -9.12
N LEU J 1090 55.56 35.40 -10.33
CA LEU J 1090 56.53 36.47 -10.56
C LEU J 1090 56.03 37.85 -10.14
N LYS J 1091 54.72 38.05 -9.87
CA LYS J 1091 54.18 39.28 -9.27
C LYS J 1091 54.81 39.57 -7.90
N ALA J 1092 55.39 38.59 -7.21
CA ALA J 1092 56.16 38.83 -6.00
C ALA J 1092 57.30 39.85 -6.19
N ALA J 1093 57.82 40.02 -7.42
CA ALA J 1093 58.79 41.06 -7.76
C ALA J 1093 58.29 42.51 -7.52
N SER J 1094 57.00 42.71 -7.22
CA SER J 1094 56.42 43.98 -6.77
C SER J 1094 56.75 44.35 -5.31
N LEU J 1095 57.48 43.51 -4.57
CA LEU J 1095 57.98 43.77 -3.21
C LEU J 1095 59.35 43.12 -2.94
N LEU J 1096 59.96 43.44 -1.79
CA LEU J 1096 61.25 42.93 -1.32
C LEU J 1096 62.46 43.29 -2.20
N GLY J 1097 62.68 44.60 -2.39
CA GLY J 1097 64.01 45.16 -2.67
C GLY J 1097 64.66 44.74 -3.99
N LEU J 1098 63.87 44.53 -5.05
CA LEU J 1098 64.30 44.10 -6.39
C LEU J 1098 64.95 42.70 -6.45
N ASN J 1099 64.86 41.92 -5.36
CA ASN J 1099 65.13 40.47 -5.37
C ASN J 1099 64.05 39.72 -6.22
N PRO J 1100 64.22 38.41 -6.50
CA PRO J 1100 63.23 37.63 -7.24
C PRO J 1100 61.75 37.77 -6.82
N PRO J 1101 61.38 37.93 -5.53
CA PRO J 1101 62.07 37.56 -4.28
C PRO J 1101 61.77 36.11 -3.88
N GLN J 1102 62.71 35.43 -3.23
CA GLN J 1102 62.56 34.01 -2.84
C GLN J 1102 63.31 33.61 -1.54
N ALA J 1103 64.42 34.28 -1.19
CA ALA J 1103 65.27 33.92 -0.05
C ALA J 1103 64.63 34.17 1.33
N THR J 1104 63.48 34.86 1.41
CA THR J 1104 62.63 34.90 2.62
C THR J 1104 61.95 33.53 2.76
N ASN J 1105 62.62 32.63 3.48
CA ASN J 1105 62.51 31.18 3.30
C ASN J 1105 61.18 30.51 3.69
N VAL J 1106 60.19 31.25 4.21
CA VAL J 1106 58.86 30.70 4.51
C VAL J 1106 57.71 31.60 4.06
N PHE J 1107 57.73 32.90 4.37
CA PHE J 1107 56.54 33.77 4.24
C PHE J 1107 55.93 33.82 2.83
N GLU J 1108 56.76 33.79 1.79
CA GLU J 1108 56.29 33.74 0.40
C GLU J 1108 55.56 32.43 0.07
N ILE J 1109 56.02 31.31 0.62
CA ILE J 1109 55.41 29.99 0.46
C ILE J 1109 54.09 29.94 1.26
N ASP J 1110 54.12 30.48 2.47
CA ASP J 1110 53.00 30.56 3.42
C ASP J 1110 51.83 31.38 2.85
N TRP J 1111 52.15 32.50 2.20
CA TRP J 1111 51.20 33.31 1.46
C TRP J 1111 50.67 32.58 0.20
N ILE J 1112 51.55 31.95 -0.58
CA ILE J 1112 51.19 31.20 -1.80
C ILE J 1112 50.28 30.00 -1.53
N ARG J 1113 50.35 29.38 -0.34
CA ARG J 1113 49.35 28.40 0.10
C ARG J 1113 47.93 29.01 0.04
N ARG J 1114 47.76 30.20 0.61
CA ARG J 1114 46.49 30.95 0.64
C ARG J 1114 46.11 31.51 -0.73
N LEU J 1115 47.08 31.93 -1.56
CA LEU J 1115 46.81 32.30 -2.95
C LEU J 1115 46.34 31.11 -3.79
N GLN J 1116 46.90 29.92 -3.59
CA GLN J 1116 46.47 28.71 -4.30
C GLN J 1116 45.05 28.30 -3.90
N THR J 1117 44.68 28.37 -2.61
CA THR J 1117 43.29 28.07 -2.19
C THR J 1117 42.31 29.16 -2.61
N LEU J 1118 42.64 30.46 -2.51
CA LEU J 1118 41.83 31.54 -3.06
C LEU J 1118 41.61 31.38 -4.58
N SER J 1119 42.66 30.96 -5.31
CA SER J 1119 42.60 30.65 -6.76
C SER J 1119 41.76 29.41 -7.10
N GLU J 1120 41.22 28.70 -6.09
CA GLU J 1120 40.26 27.59 -6.25
C GLU J 1120 38.86 27.93 -5.69
N LYS J 1121 38.74 28.88 -4.76
CA LYS J 1121 37.46 29.57 -4.45
C LYS J 1121 36.93 30.33 -5.67
N THR J 1122 37.81 31.05 -6.38
CA THR J 1122 37.47 31.91 -7.52
C THR J 1122 38.55 31.87 -8.59
N MET J 1123 38.18 32.19 -9.84
CA MET J 1123 39.08 32.21 -10.99
C MET J 1123 39.85 33.54 -11.17
N ILE J 1124 39.81 34.44 -10.19
CA ILE J 1124 40.54 35.72 -10.21
C ILE J 1124 42.08 35.53 -10.12
N SER J 1125 42.83 36.43 -10.75
CA SER J 1125 44.29 36.48 -10.77
C SER J 1125 44.87 37.07 -9.48
N THR J 1126 46.11 36.73 -9.14
CA THR J 1126 46.85 37.42 -8.06
C THR J 1126 47.13 38.89 -8.41
N GLU J 1127 47.20 39.22 -9.71
CA GLU J 1127 47.34 40.59 -10.20
C GLU J 1127 46.15 41.47 -9.80
N TYR J 1128 44.93 40.93 -9.85
CA TYR J 1128 43.73 41.65 -9.43
C TYR J 1128 43.57 41.67 -7.90
N LEU J 1129 43.96 40.59 -7.20
CA LEU J 1129 43.98 40.56 -5.74
C LEU J 1129 44.90 41.65 -5.12
N TRP J 1130 45.98 42.02 -5.83
CA TRP J 1130 46.78 43.20 -5.49
C TRP J 1130 46.00 44.52 -5.55
N GLN J 1131 45.16 44.70 -6.57
CA GLN J 1131 44.34 45.91 -6.71
C GLN J 1131 43.32 46.03 -5.56
N MET J 1132 42.75 44.90 -5.14
CA MET J 1132 41.85 44.82 -3.99
C MET J 1132 42.53 45.26 -2.67
N GLY J 1133 43.87 45.20 -2.59
CA GLY J 1133 44.66 45.83 -1.53
C GLY J 1133 44.86 47.34 -1.75
N ASP J 1134 45.34 47.73 -2.94
CA ASP J 1134 45.61 49.13 -3.31
C ASP J 1134 44.41 50.08 -3.15
N LEU J 1135 43.18 49.58 -3.32
CA LEU J 1135 41.93 50.33 -3.21
C LEU J 1135 41.52 50.70 -1.77
N THR J 1136 42.26 50.27 -0.75
CA THR J 1136 41.87 50.42 0.67
C THR J 1136 41.74 51.88 1.13
N GLU J 1137 42.69 52.73 0.74
CA GLU J 1137 43.04 53.94 1.49
C GLU J 1137 42.40 55.23 0.95
N ASN J 1138 41.08 55.21 0.67
CA ASN J 1138 40.41 56.28 -0.09
C ASN J 1138 41.08 56.56 -1.45
N SER J 1139 41.55 55.50 -2.12
CA SER J 1139 42.32 55.55 -3.37
C SER J 1139 41.51 56.04 -4.59
N GLU J 1140 42.20 56.27 -5.70
CA GLU J 1140 41.64 56.70 -6.99
C GLU J 1140 40.45 55.83 -7.45
N PHE J 1141 39.36 56.45 -7.93
CA PHE J 1141 38.07 55.79 -8.13
C PHE J 1141 37.96 54.89 -9.38
N SER J 1142 38.63 55.22 -10.49
CA SER J 1142 38.50 54.46 -11.74
C SER J 1142 39.00 53.01 -11.61
N LEU J 1143 40.01 52.79 -10.77
CA LEU J 1143 40.48 51.45 -10.41
C LEU J 1143 39.40 50.62 -9.68
N LYS J 1144 38.56 51.23 -8.82
CA LYS J 1144 37.44 50.52 -8.16
C LYS J 1144 36.30 50.23 -9.13
N GLU J 1145 35.96 51.22 -9.97
CA GLU J 1145 34.96 51.08 -11.03
C GLU J 1145 35.32 49.96 -12.02
N GLY J 1146 36.62 49.82 -12.35
CA GLY J 1146 37.16 48.74 -13.17
C GLY J 1146 37.23 47.38 -12.47
N VAL J 1147 37.70 47.33 -11.21
CA VAL J 1147 37.81 46.06 -10.44
C VAL J 1147 36.45 45.42 -10.18
N GLY J 1148 35.42 46.21 -9.86
CA GLY J 1148 34.05 45.70 -9.68
C GLY J 1148 33.52 45.04 -10.96
N GLU J 1149 33.70 45.69 -12.10
CA GLU J 1149 33.34 45.15 -13.42
C GLU J 1149 34.15 43.90 -13.79
N ALA J 1150 35.45 43.88 -13.48
CA ALA J 1150 36.32 42.73 -13.73
C ALA J 1150 35.92 41.50 -12.91
N VAL J 1151 35.51 41.68 -11.65
CA VAL J 1151 35.00 40.60 -10.80
C VAL J 1151 33.61 40.11 -11.27
N MET J 1152 32.75 41.01 -11.73
CA MET J 1152 31.46 40.66 -12.35
C MET J 1152 31.67 39.79 -13.59
N ALA J 1153 32.56 40.18 -14.50
CA ALA J 1153 32.88 39.41 -15.70
C ALA J 1153 33.47 38.02 -15.34
N ALA J 1154 34.31 37.95 -14.31
CA ALA J 1154 34.84 36.69 -13.82
C ALA J 1154 33.74 35.75 -13.25
N LEU J 1155 32.64 36.27 -12.72
CA LEU J 1155 31.47 35.46 -12.36
C LEU J 1155 30.66 35.03 -13.57
N LYS J 1156 30.40 35.90 -14.56
CA LYS J 1156 29.70 35.52 -15.80
C LYS J 1156 30.39 34.35 -16.51
N ALA J 1157 31.72 34.33 -16.48
CA ALA J 1157 32.55 33.24 -17.02
C ALA J 1157 32.35 31.88 -16.31
N GLN J 1158 31.64 31.85 -15.17
CA GLN J 1158 31.17 30.62 -14.51
C GLN J 1158 29.64 30.44 -14.62
N GLY J 1159 28.88 31.51 -14.35
CA GLY J 1159 27.42 31.59 -14.52
C GLY J 1159 26.61 30.65 -13.61
N ASP J 1160 25.35 30.40 -13.99
CA ASP J 1160 24.47 29.41 -13.34
C ASP J 1160 24.83 27.94 -13.68
N SER J 1161 25.66 27.73 -14.71
CA SER J 1161 26.28 26.45 -15.07
C SER J 1161 27.45 26.13 -14.11
N ASP J 1162 28.66 25.87 -14.63
CA ASP J 1162 29.91 25.85 -13.85
C ASP J 1162 31.09 26.49 -14.61
N ASN J 1163 31.37 26.03 -15.84
CA ASN J 1163 32.33 26.56 -16.80
C ASN J 1163 33.72 26.91 -16.19
N VAL J 1164 34.44 27.90 -16.73
CA VAL J 1164 35.71 28.46 -16.20
C VAL J 1164 35.91 29.90 -16.68
N MET K 1 22.90 35.97 -16.04
CA MET K 1 22.85 34.91 -15.00
C MET K 1 22.01 35.37 -13.81
N SER K 2 21.48 34.46 -13.00
CA SER K 2 20.39 34.75 -12.05
C SER K 2 20.64 35.91 -11.07
N ASN K 3 21.88 36.16 -10.65
CA ASN K 3 22.23 37.28 -9.77
C ASN K 3 22.56 38.60 -10.50
N SER K 4 22.94 38.58 -11.78
CA SER K 4 23.15 39.82 -12.56
C SER K 4 21.83 40.52 -12.90
N ILE K 5 20.72 39.77 -12.87
CA ILE K 5 19.34 40.30 -13.02
C ILE K 5 19.04 41.40 -12.01
N GLU K 6 19.53 41.27 -10.78
CA GLU K 6 19.34 42.22 -9.68
C GLU K 6 19.79 43.64 -10.05
N ALA K 7 20.92 43.76 -10.75
CA ALA K 7 21.47 45.03 -11.24
C ALA K 7 20.73 45.55 -12.50
N LYS K 8 20.29 44.67 -13.41
CA LYS K 8 19.48 45.07 -14.58
C LYS K 8 18.08 45.57 -14.18
N LEU K 9 17.55 45.13 -13.03
CA LEU K 9 16.41 45.76 -12.39
C LEU K 9 16.78 47.09 -11.71
N GLN K 10 17.78 47.10 -10.80
CA GLN K 10 18.04 48.27 -9.94
C GLN K 10 18.28 49.59 -10.69
N GLU K 11 18.91 49.54 -11.88
CA GLU K 11 19.14 50.73 -12.71
C GLU K 11 17.83 51.37 -13.24
N ASP K 12 16.73 50.61 -13.37
CA ASP K 12 15.43 51.16 -13.78
C ASP K 12 14.48 51.39 -12.59
N LEU K 13 14.59 50.57 -11.54
CA LEU K 13 13.80 50.73 -10.31
C LEU K 13 14.07 52.07 -9.61
N ARG K 14 15.32 52.56 -9.68
CA ARG K 14 15.82 53.75 -8.98
C ARG K 14 16.43 54.77 -9.92
N ASP K 15 17.63 54.50 -10.43
CA ASP K 15 18.48 55.48 -11.13
C ASP K 15 17.75 56.22 -12.26
N ALA K 16 17.19 55.47 -13.22
CA ALA K 16 16.49 56.04 -14.36
C ALA K 16 15.21 56.80 -13.98
N LEU K 17 14.63 56.55 -12.81
CA LEU K 17 13.35 57.14 -12.42
C LEU K 17 13.51 58.43 -11.61
N VAL K 18 14.36 58.44 -10.58
CA VAL K 18 14.54 59.64 -9.73
C VAL K 18 15.26 60.78 -10.45
N ASP K 19 16.32 60.48 -11.21
CA ASP K 19 17.07 61.48 -11.99
C ASP K 19 16.22 62.06 -13.13
N TYR K 20 15.30 61.27 -13.68
CA TYR K 20 14.29 61.76 -14.61
C TYR K 20 13.32 62.70 -13.90
N TYR K 21 12.77 62.26 -12.77
CA TYR K 21 11.69 62.97 -12.09
C TYR K 21 12.12 64.35 -11.64
N LEU K 22 13.26 64.44 -10.94
CA LEU K 22 13.73 65.73 -10.48
C LEU K 22 14.25 66.57 -11.64
N GLY K 23 15.13 66.00 -12.46
CA GLY K 23 15.95 66.77 -13.37
C GLY K 23 15.15 67.28 -14.55
N GLN K 24 14.39 66.39 -15.18
CA GLN K 24 13.63 66.75 -16.34
C GLN K 24 12.50 67.70 -15.99
N ILE K 25 11.75 67.39 -14.93
CA ILE K 25 10.57 68.21 -14.64
C ILE K 25 10.92 69.56 -14.05
N VAL K 26 11.76 69.58 -13.02
CA VAL K 26 11.91 70.83 -12.29
C VAL K 26 12.81 71.88 -12.92
N PRO K 27 14.11 71.61 -13.16
CA PRO K 27 14.98 72.56 -13.84
C PRO K 27 14.87 72.59 -15.35
N ASN K 28 14.96 71.40 -15.95
CA ASN K 28 15.52 71.33 -17.29
C ASN K 28 14.56 71.86 -18.37
N SER K 29 13.34 71.36 -18.35
CA SER K 29 12.47 71.37 -19.52
C SER K 29 11.71 72.63 -19.89
N LYS K 30 11.17 72.58 -21.13
CA LYS K 30 9.96 73.28 -21.60
C LYS K 30 8.97 72.23 -22.15
N ASP K 31 9.00 71.05 -21.52
CA ASP K 31 8.44 69.77 -21.99
C ASP K 31 7.37 69.26 -21.00
N PHE K 32 7.81 69.01 -19.76
CA PHE K 32 6.98 68.72 -18.58
C PHE K 32 6.73 69.98 -17.72
N THR K 33 7.68 70.92 -17.74
CA THR K 33 7.70 72.11 -16.85
C THR K 33 6.57 73.09 -17.16
N ASN K 34 6.01 73.07 -18.37
CA ASN K 34 4.78 73.79 -18.72
C ASN K 34 3.54 73.25 -17.95
N LEU K 35 3.67 72.08 -17.33
CA LEU K 35 2.64 71.32 -16.61
C LEU K 35 3.13 70.92 -15.20
N ARG K 36 4.02 71.75 -14.61
CA ARG K 36 4.81 71.48 -13.38
C ARG K 36 4.08 70.86 -12.19
N SER K 37 2.82 71.24 -11.96
CA SER K 37 2.01 70.78 -10.83
C SER K 37 1.42 69.38 -11.02
N THR K 38 1.40 68.84 -12.24
CA THR K 38 0.65 67.61 -12.59
C THR K 38 1.26 66.30 -12.07
N ILE K 39 2.56 66.27 -11.75
CA ILE K 39 3.29 65.06 -11.31
C ILE K 39 3.85 65.24 -9.90
N LYS K 40 3.54 64.30 -9.00
CA LYS K 40 4.09 64.22 -7.63
C LYS K 40 4.40 62.79 -7.16
N ASN K 41 3.92 61.76 -7.87
CA ASN K 41 4.08 60.35 -7.48
C ASN K 41 4.24 59.42 -8.71
N VAL K 42 4.74 58.20 -8.50
CA VAL K 42 4.86 57.15 -9.54
C VAL K 42 3.53 56.82 -10.23
N ASP K 43 2.39 56.96 -9.54
CA ASP K 43 1.05 56.82 -10.13
C ASP K 43 0.80 57.86 -11.25
N ASP K 44 1.36 59.06 -11.11
CA ASP K 44 1.34 60.10 -12.14
C ASP K 44 2.30 59.76 -13.28
N LEU K 45 3.49 59.21 -12.99
CA LEU K 45 4.43 58.76 -14.03
C LEU K 45 3.80 57.67 -14.91
N TYR K 46 3.11 56.72 -14.28
CA TYR K 46 2.32 55.68 -14.95
C TYR K 46 1.23 56.29 -15.84
N ASP K 47 0.39 57.16 -15.27
CA ASP K 47 -0.73 57.76 -16.00
C ASP K 47 -0.25 58.64 -17.18
N HIS K 48 0.85 59.38 -16.99
CA HIS K 48 1.37 60.34 -17.98
C HIS K 48 2.20 59.66 -19.09
N LEU K 49 3.06 58.70 -18.74
CA LEU K 49 3.93 58.00 -19.71
C LEU K 49 3.32 56.73 -20.32
N LEU K 50 2.16 56.27 -19.83
CA LEU K 50 1.48 55.04 -20.27
C LEU K 50 2.34 53.76 -20.12
N LEU K 51 3.26 53.73 -19.15
CA LEU K 51 4.24 52.64 -18.98
C LEU K 51 4.31 52.09 -17.55
N ASP K 52 4.38 50.77 -17.46
CA ASP K 52 4.33 49.95 -16.24
C ASP K 52 5.67 49.93 -15.49
N THR K 53 6.07 51.08 -14.92
CA THR K 53 7.33 51.22 -14.17
C THR K 53 7.30 50.52 -12.81
N GLN K 54 8.48 50.13 -12.31
CA GLN K 54 8.76 49.58 -10.97
C GLN K 54 8.24 48.15 -10.67
N VAL K 55 7.79 47.41 -11.69
CA VAL K 55 7.02 46.15 -11.53
C VAL K 55 7.39 45.12 -12.61
N SER K 56 6.99 43.87 -12.40
CA SER K 56 6.98 42.76 -13.39
C SER K 56 8.36 42.18 -13.78
N ALA K 57 9.29 42.11 -12.83
CA ALA K 57 10.70 41.73 -13.03
C ALA K 57 10.97 40.39 -13.77
N LYS K 58 10.02 39.45 -13.77
CA LYS K 58 10.17 38.09 -14.32
C LYS K 58 9.37 37.84 -15.62
N VAL K 59 8.51 38.77 -16.02
CA VAL K 59 7.55 38.59 -17.13
C VAL K 59 8.24 38.73 -18.49
N ILE K 60 7.77 37.95 -19.48
CA ILE K 60 8.21 38.01 -20.89
C ILE K 60 6.99 38.09 -21.83
N THR K 61 7.07 38.93 -22.86
CA THR K 61 5.97 39.15 -23.83
C THR K 61 6.46 39.85 -25.10
N SER K 62 5.67 39.85 -26.18
CA SER K 62 6.03 40.55 -27.44
C SER K 62 6.07 42.08 -27.29
N ARG K 63 6.99 42.76 -27.98
CA ARG K 63 6.97 44.24 -28.12
C ARG K 63 5.62 44.75 -28.63
N LEU K 64 4.97 44.07 -29.58
CA LEU K 64 3.63 44.44 -30.05
C LEU K 64 2.61 44.53 -28.91
N SER K 65 2.67 43.66 -27.90
CA SER K 65 1.80 43.75 -26.73
C SER K 65 2.00 45.07 -25.97
N LEU K 66 3.23 45.51 -25.72
CA LEU K 66 3.51 46.80 -25.04
C LEU K 66 3.03 48.01 -25.85
N VAL K 67 3.26 47.99 -27.16
CA VAL K 67 2.80 49.04 -28.08
C VAL K 67 1.28 49.10 -28.07
N THR K 68 0.64 47.94 -28.20
CA THR K 68 -0.82 47.80 -28.13
C THR K 68 -1.33 48.32 -26.80
N GLN K 69 -0.81 47.82 -25.67
CA GLN K 69 -1.17 48.20 -24.31
C GLN K 69 -1.16 49.72 -24.09
N SER K 70 -0.21 50.45 -24.66
CA SER K 70 -0.15 51.90 -24.48
C SER K 70 -1.36 52.63 -25.10
N VAL K 71 -1.71 52.30 -26.35
CA VAL K 71 -2.86 52.86 -27.07
C VAL K 71 -4.17 52.32 -26.52
N GLN K 72 -4.20 51.03 -26.23
CA GLN K 72 -5.27 50.30 -25.57
C GLN K 72 -5.64 50.93 -24.22
N GLN K 73 -4.65 51.28 -23.40
CA GLN K 73 -4.86 52.06 -22.18
C GLN K 73 -5.31 53.48 -22.51
N TYR K 74 -4.68 54.19 -23.45
CA TYR K 74 -5.04 55.58 -23.76
C TYR K 74 -6.50 55.72 -24.25
N ILE K 75 -6.95 54.85 -25.16
CA ILE K 75 -8.32 54.89 -25.69
C ILE K 75 -9.35 54.46 -24.62
N ASN K 76 -8.95 53.65 -23.63
CA ASN K 76 -9.70 53.55 -22.37
C ASN K 76 -9.65 54.86 -21.55
N ARG K 77 -8.46 55.41 -21.28
CA ARG K 77 -8.21 56.56 -20.38
C ARG K 77 -8.95 57.84 -20.77
N ILE K 78 -9.02 58.18 -22.05
CA ILE K 78 -9.75 59.37 -22.52
C ILE K 78 -11.27 59.25 -22.33
N ALA K 79 -11.81 58.03 -22.31
CA ALA K 79 -13.21 57.72 -22.01
C ALA K 79 -13.47 57.53 -20.50
N LEU K 80 -12.43 57.16 -19.73
CA LEU K 80 -12.44 57.00 -18.28
C LEU K 80 -12.55 58.34 -17.54
N ASN K 81 -11.83 59.37 -18.01
CA ASN K 81 -11.93 60.74 -17.48
C ASN K 81 -11.71 61.81 -18.57
N LEU K 82 -12.30 62.99 -18.39
CA LEU K 82 -12.31 64.13 -19.32
C LEU K 82 -11.21 65.19 -19.04
N GLU K 83 -10.07 64.74 -18.51
CA GLU K 83 -8.79 65.47 -18.51
C GLU K 83 -7.73 64.65 -19.29
N PRO K 84 -7.03 65.22 -20.27
CA PRO K 84 -7.13 66.59 -20.77
C PRO K 84 -8.48 66.92 -21.44
N GLY K 85 -8.73 68.19 -21.76
CA GLY K 85 -10.06 68.78 -22.05
C GLY K 85 -10.85 68.29 -23.29
N LEU K 86 -10.46 67.18 -23.92
CA LEU K 86 -11.19 66.55 -25.04
C LEU K 86 -12.61 66.08 -24.63
N SER K 87 -13.44 65.78 -25.63
CA SER K 87 -14.75 65.14 -25.47
C SER K 87 -15.02 64.12 -26.58
N ILE K 88 -15.97 63.22 -26.32
CA ILE K 88 -16.32 62.08 -27.16
C ILE K 88 -17.80 62.20 -27.58
N ASN K 89 -18.10 62.14 -28.88
CA ASN K 89 -19.48 62.23 -29.38
C ASN K 89 -20.29 60.99 -28.98
N GLN K 90 -21.63 61.09 -28.91
CA GLN K 90 -22.47 59.98 -28.44
C GLN K 90 -22.35 58.68 -29.25
N GLN K 91 -22.03 58.75 -30.55
CA GLN K 91 -21.71 57.55 -31.33
C GLN K 91 -20.40 56.89 -30.87
N GLU K 92 -19.33 57.67 -30.72
CA GLU K 92 -18.00 57.21 -30.27
C GLU K 92 -18.06 56.69 -28.81
N ALA K 93 -18.81 57.38 -27.96
CA ALA K 93 -19.19 57.04 -26.59
C ALA K 93 -20.15 55.84 -26.49
N THR K 94 -20.85 55.47 -27.56
CA THR K 94 -21.53 54.17 -27.69
C THR K 94 -20.55 53.07 -28.07
N ASP K 95 -19.62 53.35 -28.98
CA ASP K 95 -18.86 52.31 -29.66
C ASP K 95 -17.59 51.80 -28.95
N TRP K 96 -17.25 52.30 -27.76
CA TRP K 96 -16.30 51.59 -26.88
C TRP K 96 -16.80 50.20 -26.45
N GLU K 97 -18.08 49.91 -26.67
CA GLU K 97 -18.67 48.57 -26.75
C GLU K 97 -17.84 47.58 -27.59
N GLU K 98 -17.15 48.06 -28.64
CA GLU K 98 -16.27 47.27 -29.52
C GLU K 98 -14.80 47.18 -29.03
N PHE K 99 -14.47 47.62 -27.81
CA PHE K 99 -13.18 47.33 -27.18
C PHE K 99 -13.27 47.04 -25.67
N ALA K 100 -14.47 46.77 -25.17
CA ALA K 100 -14.71 46.44 -23.76
C ALA K 100 -14.00 45.14 -23.30
N ASN K 101 -14.11 44.07 -24.09
CA ASN K 101 -13.25 42.87 -24.08
C ASN K 101 -12.70 42.65 -25.50
N ARG K 102 -11.49 42.08 -25.65
CA ARG K 102 -10.65 42.37 -26.84
C ARG K 102 -10.35 41.18 -27.75
N TYR K 103 -9.46 40.26 -27.38
CA TYR K 103 -8.91 39.33 -28.38
C TYR K 103 -9.91 38.24 -28.80
N GLY K 104 -9.95 37.89 -30.09
CA GLY K 104 -10.98 37.05 -30.71
C GLY K 104 -12.36 37.72 -30.83
N TYR K 105 -12.79 38.45 -29.79
CA TYR K 105 -14.04 39.23 -29.77
C TYR K 105 -14.04 40.34 -30.84
N TRP K 106 -12.89 40.99 -31.07
CA TRP K 106 -12.73 42.01 -32.11
C TRP K 106 -12.81 41.43 -33.53
N ALA K 107 -12.07 40.34 -33.82
CA ALA K 107 -12.05 39.72 -35.16
C ALA K 107 -13.43 39.20 -35.59
N ALA K 108 -14.20 38.65 -34.63
CA ALA K 108 -15.59 38.27 -34.83
C ALA K 108 -16.51 39.44 -35.28
N ASN K 109 -16.15 40.71 -35.04
CA ASN K 109 -16.94 41.86 -35.51
C ASN K 109 -17.12 41.85 -37.03
N GLN K 110 -16.08 41.42 -37.78
CA GLN K 110 -16.11 41.19 -39.22
C GLN K 110 -16.55 39.77 -39.57
N GLN K 111 -15.86 38.73 -39.10
CA GLN K 111 -16.04 37.36 -39.63
C GLN K 111 -17.45 36.77 -39.37
N LEU K 112 -18.17 37.25 -38.34
CA LEU K 112 -19.58 36.88 -38.08
C LEU K 112 -20.60 37.54 -39.03
N ARG K 113 -20.17 38.50 -39.87
CA ARG K 113 -20.87 39.03 -41.06
C ARG K 113 -20.28 38.48 -42.37
N MET K 114 -18.95 38.40 -42.46
CA MET K 114 -18.19 38.00 -43.66
C MET K 114 -18.20 36.51 -43.99
N PHE K 115 -18.64 35.64 -43.08
CA PHE K 115 -19.02 34.25 -43.36
C PHE K 115 -20.48 33.96 -42.90
N PRO K 116 -21.49 34.19 -43.75
CA PRO K 116 -22.91 33.94 -43.44
C PRO K 116 -23.21 32.53 -42.92
N GLU K 117 -22.48 31.51 -43.38
CA GLU K 117 -22.62 30.12 -42.91
C GLU K 117 -22.34 29.93 -41.42
N ILE K 118 -21.54 30.82 -40.80
CA ILE K 118 -21.35 30.86 -39.33
C ILE K 118 -22.62 31.37 -38.65
N TYR K 119 -23.30 32.35 -39.26
CA TYR K 119 -24.46 33.03 -38.70
C TYR K 119 -25.78 32.27 -38.91
N VAL K 120 -25.93 31.54 -40.02
CA VAL K 120 -27.10 30.68 -40.31
C VAL K 120 -27.18 29.50 -39.33
N ASP K 121 -28.28 29.44 -38.59
CA ASP K 121 -28.72 28.33 -37.73
C ASP K 121 -30.26 28.35 -37.63
N PRO K 122 -30.95 27.24 -37.24
CA PRO K 122 -32.41 27.24 -37.06
C PRO K 122 -32.88 28.15 -35.91
N THR K 123 -31.98 28.57 -35.01
CA THR K 123 -32.21 29.46 -33.86
C THR K 123 -32.37 30.94 -34.29
N LEU K 124 -33.22 31.20 -35.28
CA LEU K 124 -33.54 32.53 -35.82
C LEU K 124 -34.28 33.42 -34.78
N ARG K 125 -34.39 34.71 -35.07
CA ARG K 125 -35.14 35.77 -34.33
C ARG K 125 -36.68 35.60 -34.32
N LEU K 126 -37.18 34.36 -34.39
CA LEU K 126 -38.52 33.99 -34.86
C LEU K 126 -39.67 34.84 -34.30
N THR K 127 -40.38 35.45 -35.25
CA THR K 127 -41.68 36.11 -35.12
C THR K 127 -42.86 35.15 -35.30
N LYS K 128 -42.67 34.04 -36.03
CA LYS K 128 -43.71 33.02 -36.37
C LYS K 128 -44.14 32.14 -35.19
N THR K 129 -44.13 32.67 -33.97
CA THR K 129 -44.41 31.91 -32.74
C THR K 129 -45.83 31.33 -32.71
N GLU K 130 -46.80 31.91 -33.40
CA GLU K 130 -48.16 31.36 -33.46
C GLU K 130 -48.23 29.98 -34.15
N PHE K 131 -47.26 29.59 -34.99
CA PHE K 131 -47.26 28.26 -35.64
C PHE K 131 -45.96 27.47 -35.51
N PHE K 132 -44.79 28.09 -35.39
CA PHE K 132 -43.54 27.32 -35.42
C PHE K 132 -43.36 26.43 -34.19
N PHE K 133 -43.88 26.85 -33.02
CA PHE K 133 -43.99 25.97 -31.84
C PHE K 133 -44.77 24.68 -32.13
N GLN K 134 -45.68 24.66 -33.10
CA GLN K 134 -46.49 23.47 -33.36
C GLN K 134 -45.79 22.41 -34.22
N LEU K 135 -44.63 22.72 -34.79
CA LEU K 135 -43.67 21.70 -35.22
C LEU K 135 -42.91 21.14 -34.02
N GLU K 136 -42.27 22.00 -33.22
CA GLU K 136 -41.36 21.55 -32.16
C GLU K 136 -42.03 20.68 -31.08
N SER K 137 -43.26 20.99 -30.64
CA SER K 137 -43.91 20.23 -29.55
C SER K 137 -44.20 18.75 -29.88
N ALA K 138 -44.13 18.35 -31.16
CA ALA K 138 -44.13 16.94 -31.57
C ALA K 138 -42.70 16.32 -31.61
N LEU K 139 -41.69 17.11 -31.95
CA LEU K 139 -40.26 16.73 -31.93
C LEU K 139 -39.64 16.79 -30.52
N ASN K 140 -40.40 17.27 -29.53
CA ASN K 140 -40.00 17.41 -28.12
C ASN K 140 -39.85 16.05 -27.37
N GLN K 141 -38.94 15.20 -27.85
CA GLN K 141 -38.75 13.84 -27.35
C GLN K 141 -37.26 13.53 -27.18
N GLY K 142 -36.91 12.79 -26.12
CA GLY K 142 -35.52 12.56 -25.73
C GLY K 142 -34.74 11.58 -26.63
N LYS K 143 -35.35 10.44 -26.95
CA LYS K 143 -34.87 9.49 -27.97
C LYS K 143 -36.05 9.10 -28.87
N LEU K 144 -35.87 9.16 -30.19
CA LEU K 144 -36.92 9.04 -31.21
C LEU K 144 -36.41 8.29 -32.46
N THR K 145 -37.33 8.02 -33.39
CA THR K 145 -37.09 7.23 -34.61
C THR K 145 -37.71 7.89 -35.84
N ASP K 146 -37.40 7.37 -37.04
CA ASP K 146 -37.80 7.94 -38.34
C ASP K 146 -39.33 8.10 -38.53
N ASP K 147 -40.13 7.31 -37.82
CA ASP K 147 -41.59 7.39 -37.85
C ASP K 147 -42.14 8.72 -37.30
N VAL K 148 -41.58 9.17 -36.17
CA VAL K 148 -42.12 10.26 -35.34
C VAL K 148 -42.24 11.57 -36.13
N ALA K 149 -41.27 11.82 -37.02
CA ALA K 149 -41.27 12.99 -37.87
C ALA K 149 -42.51 13.07 -38.76
N GLN K 150 -43.03 11.96 -39.29
CA GLN K 150 -44.20 12.01 -40.18
C GLN K 150 -45.45 12.49 -39.44
N LYS K 151 -45.64 12.01 -38.20
CA LYS K 151 -46.71 12.48 -37.30
C LYS K 151 -46.54 13.96 -36.96
N ALA K 152 -45.31 14.40 -36.70
CA ALA K 152 -44.99 15.81 -36.46
C ALA K 152 -45.28 16.71 -37.66
N VAL K 153 -44.87 16.28 -38.86
CA VAL K 153 -45.07 17.01 -40.12
C VAL K 153 -46.56 17.18 -40.43
N LEU K 154 -47.31 16.09 -40.46
CA LEU K 154 -48.73 16.15 -40.78
C LEU K 154 -49.53 16.92 -39.72
N GLY K 155 -49.13 16.87 -38.45
CA GLY K 155 -49.75 17.68 -37.39
C GLY K 155 -49.64 19.19 -37.63
N TYR K 156 -48.57 19.65 -38.30
CA TYR K 156 -48.43 21.04 -38.77
C TYR K 156 -49.20 21.28 -40.07
N LEU K 157 -49.11 20.36 -41.03
CA LEU K 157 -49.68 20.53 -42.35
C LEU K 157 -51.22 20.56 -42.35
N ASN K 158 -51.88 19.92 -41.38
CA ASN K 158 -53.32 20.09 -41.14
C ASN K 158 -53.67 21.55 -40.80
N ASN K 159 -52.91 22.17 -39.90
CA ASN K 159 -53.13 23.54 -39.43
C ASN K 159 -52.86 24.58 -40.54
N PHE K 160 -51.81 24.35 -41.32
CA PHE K 160 -51.30 25.29 -42.33
C PHE K 160 -52.37 25.77 -43.32
N GLU K 161 -53.23 24.87 -43.77
CA GLU K 161 -54.20 25.19 -44.82
C GLU K 161 -55.28 26.15 -44.32
N GLU K 162 -55.69 26.08 -43.05
CA GLU K 162 -56.67 27.02 -42.47
C GLU K 162 -56.16 28.46 -42.54
N VAL K 163 -54.88 28.66 -42.19
CA VAL K 163 -54.18 29.96 -42.27
C VAL K 163 -54.19 30.50 -43.69
N SER K 164 -53.88 29.65 -44.68
CA SER K 164 -53.86 30.05 -46.09
C SER K 164 -55.25 30.43 -46.64
N ASN K 165 -56.34 30.03 -45.97
CA ASN K 165 -57.72 30.35 -46.33
C ASN K 165 -58.34 31.54 -45.55
N LEU K 166 -57.58 32.22 -44.67
CA LEU K 166 -58.06 33.38 -43.92
C LEU K 166 -58.61 34.49 -44.83
N GLU K 167 -59.72 35.09 -44.42
CA GLU K 167 -60.44 36.13 -45.16
C GLU K 167 -60.39 37.50 -44.46
N ILE K 168 -59.96 38.54 -45.18
CA ILE K 168 -59.86 39.91 -44.67
C ILE K 168 -61.23 40.57 -44.67
N ILE K 169 -61.62 41.16 -43.54
CA ILE K 169 -62.95 41.74 -43.32
C ILE K 169 -62.93 43.27 -43.34
N ALA K 170 -61.94 43.91 -42.73
CA ALA K 170 -61.85 45.36 -42.65
C ALA K 170 -60.41 45.86 -42.47
N GLY K 171 -60.19 47.14 -42.76
CA GLY K 171 -58.91 47.81 -42.61
C GLY K 171 -59.05 49.25 -42.12
N TYR K 172 -58.20 49.63 -41.17
CA TYR K 172 -58.16 50.97 -40.57
C TYR K 172 -57.09 51.84 -41.24
N GLN K 173 -57.56 52.75 -42.08
CA GLN K 173 -56.78 53.89 -42.60
C GLN K 173 -56.39 54.82 -41.44
N ASP K 174 -55.30 55.59 -41.55
CA ASP K 174 -54.80 56.54 -40.55
C ASP K 174 -55.71 57.80 -40.34
N GLY K 175 -56.95 57.58 -39.89
CA GLY K 175 -57.99 58.59 -39.65
C GLY K 175 -58.48 59.24 -40.95
N ILE K 176 -57.70 60.20 -41.45
CA ILE K 176 -57.92 60.94 -42.71
C ILE K 176 -56.65 61.06 -43.59
N ASP K 177 -55.49 60.60 -43.11
CA ASP K 177 -54.21 60.72 -43.81
C ASP K 177 -53.98 59.59 -44.83
N ILE K 178 -53.08 59.85 -45.79
CA ILE K 178 -52.66 58.95 -46.87
C ILE K 178 -51.15 59.08 -47.10
N GLU K 179 -50.53 58.11 -47.78
CA GLU K 179 -49.08 57.90 -47.89
C GLU K 179 -48.37 57.46 -46.59
N ASN K 180 -47.49 56.45 -46.70
CA ASN K 180 -46.65 55.91 -45.62
C ASN K 180 -47.43 55.50 -44.36
N ASP K 181 -48.62 54.94 -44.54
CA ASP K 181 -49.52 54.45 -43.49
C ASP K 181 -49.14 53.02 -43.02
N LYS K 182 -49.34 52.70 -41.73
CA LYS K 182 -49.24 51.34 -41.18
C LYS K 182 -50.42 50.44 -41.57
N THR K 183 -51.59 51.04 -41.80
CA THR K 183 -52.82 50.43 -42.32
C THR K 183 -53.15 49.04 -41.75
N TYR K 184 -53.62 49.00 -40.50
CA TYR K 184 -54.00 47.75 -39.83
C TYR K 184 -55.19 47.07 -40.54
N PHE K 185 -55.17 45.73 -40.64
CA PHE K 185 -56.27 44.90 -41.19
C PHE K 185 -56.68 43.80 -40.20
N VAL K 186 -57.96 43.45 -40.18
CA VAL K 186 -58.54 42.34 -39.40
C VAL K 186 -59.09 41.23 -40.30
N ALA K 187 -58.86 39.97 -39.94
CA ALA K 187 -59.23 38.79 -40.73
C ALA K 187 -59.70 37.61 -39.86
N ARG K 188 -60.44 36.67 -40.46
CA ARG K 188 -60.98 35.47 -39.78
C ARG K 188 -60.95 34.21 -40.63
N THR K 189 -61.08 33.05 -39.97
CA THR K 189 -61.31 31.75 -40.63
C THR K 189 -62.71 31.69 -41.25
N ARG K 190 -62.86 31.16 -42.47
CA ARG K 190 -64.17 31.02 -43.12
C ARG K 190 -64.98 29.84 -42.60
N MET K 191 -64.33 28.71 -42.29
CA MET K 191 -65.02 27.46 -41.93
C MET K 191 -65.88 27.57 -40.66
N GLN K 192 -65.42 28.28 -39.63
CA GLN K 192 -66.27 28.84 -38.59
C GLN K 192 -65.83 30.26 -38.19
N PRO K 193 -66.73 31.14 -37.73
CA PRO K 193 -66.40 32.49 -37.25
C PRO K 193 -65.65 32.55 -35.90
N TYR K 194 -64.91 31.51 -35.53
CA TYR K 194 -64.30 31.36 -34.21
C TYR K 194 -63.00 32.16 -34.03
N ARG K 195 -62.14 32.26 -35.05
CA ARG K 195 -60.80 32.87 -34.93
C ARG K 195 -60.76 34.22 -35.61
N TYR K 196 -60.19 35.21 -34.91
CA TYR K 196 -59.92 36.55 -35.43
C TYR K 196 -58.45 36.93 -35.24
N PHE K 197 -57.91 37.68 -36.20
CA PHE K 197 -56.50 38.04 -36.25
C PHE K 197 -56.31 39.45 -36.80
N TRP K 198 -55.17 40.10 -36.50
CA TRP K 198 -54.78 41.36 -37.13
C TRP K 198 -53.34 41.35 -37.66
N ARG K 199 -53.06 42.19 -38.67
CA ARG K 199 -51.69 42.53 -39.14
C ARG K 199 -51.61 43.85 -39.92
N SER K 200 -50.43 44.17 -40.44
CA SER K 200 -49.98 45.53 -40.80
C SER K 200 -48.88 45.53 -41.89
N LEU K 201 -48.58 46.68 -42.49
CA LEU K 201 -47.52 46.82 -43.50
C LEU K 201 -46.81 48.19 -43.48
N ASP K 202 -45.56 48.22 -43.92
CA ASP K 202 -44.63 49.36 -43.86
C ASP K 202 -44.49 50.06 -45.22
N ALA K 203 -45.51 50.83 -45.62
CA ALA K 203 -45.57 51.44 -46.96
C ALA K 203 -44.41 52.42 -47.29
N SER K 204 -43.65 52.87 -46.28
CA SER K 204 -42.41 53.64 -46.44
C SER K 204 -41.19 52.81 -46.86
N GLN K 205 -41.18 51.49 -46.66
CA GLN K 205 -40.00 50.64 -46.88
C GLN K 205 -39.95 50.12 -48.33
N ARG K 206 -39.12 50.76 -49.16
CA ARG K 206 -39.11 50.65 -50.62
C ARG K 206 -37.76 51.00 -51.23
N ASN K 207 -37.62 50.80 -52.54
CA ASN K 207 -36.59 51.45 -53.35
C ASN K 207 -37.25 52.33 -54.42
N ALA K 208 -36.62 53.46 -54.77
CA ALA K 208 -37.19 54.49 -55.65
C ALA K 208 -37.11 54.16 -57.15
N ASN K 209 -36.21 53.25 -57.57
CA ASN K 209 -35.81 53.02 -58.96
C ASN K 209 -36.82 52.14 -59.73
N SER K 210 -38.11 52.50 -59.68
CA SER K 210 -39.27 51.72 -60.13
C SER K 210 -39.58 50.45 -59.33
N GLN K 211 -39.00 50.31 -58.14
CA GLN K 211 -39.36 49.28 -57.15
C GLN K 211 -40.63 49.68 -56.36
N GLU K 212 -41.13 48.76 -55.55
CA GLU K 212 -42.32 48.91 -54.70
C GLU K 212 -41.99 48.59 -53.23
N LEU K 213 -42.98 48.22 -52.41
CA LEU K 213 -42.76 47.75 -51.03
C LEU K 213 -41.79 46.57 -51.03
N TYR K 214 -40.76 46.68 -50.20
CA TYR K 214 -39.68 45.70 -50.00
C TYR K 214 -40.20 44.39 -49.38
N PRO K 215 -39.57 43.21 -49.57
CA PRO K 215 -40.12 41.93 -49.11
C PRO K 215 -40.42 41.87 -47.60
N THR K 216 -39.61 42.53 -46.77
CA THR K 216 -39.79 42.58 -45.31
C THR K 216 -40.90 43.53 -44.87
N ALA K 217 -41.43 44.38 -45.76
CA ALA K 217 -42.34 45.48 -45.44
C ALA K 217 -43.80 45.06 -45.10
N TRP K 218 -44.02 43.81 -44.72
CA TRP K 218 -45.34 43.26 -44.37
C TRP K 218 -45.21 42.41 -43.11
N SER K 219 -46.12 42.54 -42.15
CA SER K 219 -46.10 41.75 -40.91
C SER K 219 -46.89 40.43 -41.03
N GLU K 220 -46.95 39.68 -39.93
CA GLU K 220 -47.55 38.35 -39.82
C GLU K 220 -48.66 38.33 -38.77
N TRP K 221 -49.69 37.50 -38.99
CA TRP K 221 -50.93 37.54 -38.22
C TRP K 221 -50.72 37.17 -36.75
N LYS K 222 -51.29 37.99 -35.86
CA LYS K 222 -51.48 37.69 -34.44
C LYS K 222 -52.95 37.41 -34.16
N ALA K 223 -53.23 36.34 -33.42
CA ALA K 223 -54.58 36.01 -32.99
C ALA K 223 -55.08 36.94 -31.88
N ILE K 224 -56.41 37.04 -31.74
CA ILE K 224 -57.09 37.86 -30.73
C ILE K 224 -57.59 36.96 -29.58
N SER K 225 -57.27 37.35 -28.35
CA SER K 225 -57.45 36.51 -27.14
C SER K 225 -58.84 36.60 -26.49
N VAL K 226 -59.47 37.77 -26.52
CA VAL K 226 -60.70 38.05 -25.76
C VAL K 226 -61.86 37.15 -26.19
N PRO K 227 -62.57 36.47 -25.26
CA PRO K 227 -63.60 35.50 -25.60
C PRO K 227 -64.93 36.16 -26.02
N LEU K 228 -64.95 36.73 -27.24
CA LEU K 228 -66.17 37.16 -27.93
C LEU K 228 -67.04 35.95 -28.36
N GLU K 229 -68.36 36.13 -28.25
CA GLU K 229 -69.37 35.11 -28.53
C GLU K 229 -70.60 35.67 -29.27
N ASN K 230 -70.85 36.97 -29.15
CA ASN K 230 -71.91 37.72 -29.83
C ASN K 230 -71.30 38.93 -30.54
N VAL K 231 -71.81 39.24 -31.72
CA VAL K 231 -71.38 40.36 -32.58
C VAL K 231 -72.57 40.87 -33.40
N ALA K 232 -72.53 42.13 -33.82
CA ALA K 232 -73.42 42.66 -34.85
C ALA K 232 -73.07 42.07 -36.25
N ASN K 233 -73.45 40.81 -36.48
CA ASN K 233 -73.38 40.15 -37.79
C ASN K 233 -71.98 40.22 -38.44
N GLY K 234 -70.95 39.82 -37.71
CA GLY K 234 -69.55 39.83 -38.16
C GLY K 234 -68.85 41.19 -38.14
N ILE K 235 -69.55 42.28 -37.80
CA ILE K 235 -68.96 43.62 -37.69
C ILE K 235 -68.24 43.76 -36.34
N VAL K 236 -66.96 43.41 -36.33
CA VAL K 236 -65.97 43.77 -35.29
C VAL K 236 -65.03 44.82 -35.85
N ARG K 237 -64.77 45.92 -35.12
CA ARG K 237 -63.99 47.07 -35.59
C ARG K 237 -62.67 47.27 -34.82
N PRO K 238 -61.50 47.23 -35.49
CA PRO K 238 -60.22 47.66 -34.92
C PRO K 238 -60.04 49.18 -35.09
N ILE K 239 -59.30 49.80 -34.18
CA ILE K 239 -58.92 51.22 -34.24
C ILE K 239 -57.57 51.48 -33.56
N MET K 240 -56.88 52.55 -33.94
CA MET K 240 -55.59 52.94 -33.39
C MET K 240 -55.73 54.14 -32.45
N MET K 241 -55.19 54.01 -31.23
CA MET K 241 -55.29 55.00 -30.16
C MET K 241 -53.88 55.49 -29.77
N ASP K 242 -53.35 56.39 -30.60
CA ASP K 242 -51.98 56.89 -30.51
C ASP K 242 -50.92 55.78 -30.34
N ASN K 243 -50.92 54.86 -31.32
CA ASN K 243 -50.11 53.64 -31.43
C ASN K 243 -50.44 52.51 -30.43
N ARG K 244 -51.39 52.67 -29.51
CA ARG K 244 -52.10 51.50 -28.93
C ARG K 244 -53.06 50.89 -29.97
N LEU K 245 -53.39 49.61 -29.81
CA LEU K 245 -54.39 48.90 -30.61
C LEU K 245 -55.64 48.62 -29.79
N TYR K 246 -56.79 49.03 -30.31
CA TYR K 246 -58.10 48.93 -29.69
C TYR K 246 -59.06 48.18 -30.63
N ILE K 247 -60.05 47.50 -30.06
CA ILE K 247 -61.07 46.71 -30.76
C ILE K 247 -62.45 47.00 -30.13
N SER K 248 -63.55 46.82 -30.87
CA SER K 248 -64.89 47.10 -30.38
C SER K 248 -66.02 46.26 -31.02
N TRP K 249 -67.14 46.16 -30.30
CA TRP K 249 -68.35 45.43 -30.69
C TRP K 249 -69.63 46.24 -30.42
N PHE K 250 -70.66 45.93 -31.20
CA PHE K 250 -72.05 46.33 -30.93
C PHE K 250 -72.89 45.08 -30.58
N GLU K 251 -73.55 45.09 -29.43
CA GLU K 251 -74.41 43.99 -28.98
C GLU K 251 -75.78 44.00 -29.69
N VAL K 252 -76.16 42.85 -30.26
CA VAL K 252 -77.51 42.64 -30.81
C VAL K 252 -78.25 41.68 -29.88
N ALA K 253 -79.40 42.15 -29.36
CA ALA K 253 -80.11 41.50 -28.26
C ALA K 253 -81.63 41.66 -28.39
N GLU K 254 -82.38 40.79 -27.70
CA GLU K 254 -83.82 40.92 -27.54
C GLU K 254 -84.27 40.58 -26.11
N GLU K 255 -85.25 41.33 -25.63
CA GLU K 255 -86.07 41.03 -24.46
C GLU K 255 -87.48 41.62 -24.70
N LYS K 256 -88.54 41.08 -24.07
CA LYS K 256 -89.89 41.63 -24.26
C LYS K 256 -90.09 42.95 -23.48
N GLU K 257 -90.58 44.00 -24.14
CA GLU K 257 -91.26 45.12 -23.47
C GLU K 257 -92.67 44.69 -22.97
N THR K 258 -92.73 43.74 -22.04
CA THR K 258 -93.97 43.12 -21.57
C THR K 258 -94.88 44.12 -20.84
N ASP K 259 -96.08 44.32 -21.35
CA ASP K 259 -97.17 45.03 -20.68
C ASP K 259 -97.86 44.13 -19.62
N SER K 260 -98.46 44.72 -18.59
CA SER K 260 -99.18 43.98 -17.52
C SER K 260 -100.37 43.19 -18.07
N ASP K 261 -101.10 43.74 -19.05
CA ASP K 261 -102.17 43.04 -19.78
C ASP K 261 -101.65 42.04 -20.85
N GLY K 262 -100.34 42.02 -21.11
CA GLY K 262 -99.74 41.41 -22.30
C GLY K 262 -99.92 42.27 -23.55
N ASN K 263 -98.94 42.22 -24.45
CA ASN K 263 -98.87 43.03 -25.68
C ASN K 263 -98.11 42.33 -26.81
N ILE K 264 -98.37 42.72 -28.06
CA ILE K 264 -97.65 42.23 -29.25
C ILE K 264 -96.43 43.10 -29.62
N ILE K 265 -96.48 44.41 -29.36
CA ILE K 265 -95.44 45.39 -29.72
C ILE K 265 -94.33 45.42 -28.64
N VAL K 266 -93.67 44.28 -28.44
CA VAL K 266 -92.68 44.05 -27.36
C VAL K 266 -91.28 44.65 -27.64
N SER K 267 -91.21 45.75 -28.38
CA SER K 267 -90.00 46.25 -29.08
C SER K 267 -89.92 47.78 -29.12
N GLY K 268 -88.69 48.32 -29.22
CA GLY K 268 -88.43 49.77 -29.22
C GLY K 268 -87.08 50.15 -28.62
N ARG K 269 -86.99 50.11 -27.28
CA ARG K 269 -85.76 50.32 -26.50
C ARG K 269 -85.42 49.06 -25.71
N TYR K 270 -84.23 48.52 -25.96
CA TYR K 270 -83.64 47.38 -25.26
C TYR K 270 -82.30 47.78 -24.62
N ARG K 271 -81.87 47.09 -23.56
CA ARG K 271 -80.52 47.24 -22.99
C ARG K 271 -79.48 46.51 -23.85
N THR K 272 -79.37 46.93 -25.11
CA THR K 272 -78.17 46.73 -25.93
C THR K 272 -76.99 47.50 -25.30
N LYS K 273 -75.76 47.14 -25.67
CA LYS K 273 -74.52 47.74 -25.17
C LYS K 273 -73.50 47.87 -26.31
N ILE K 274 -72.50 48.70 -26.11
CA ILE K 274 -71.34 48.80 -26.99
C ILE K 274 -70.11 48.61 -26.12
N ARG K 275 -69.18 47.79 -26.60
CA ARG K 275 -68.06 47.27 -25.83
C ARG K 275 -66.74 47.61 -26.54
N LEU K 276 -65.72 47.88 -25.75
CA LEU K 276 -64.37 48.24 -26.17
C LEU K 276 -63.38 47.26 -25.54
N ALA K 277 -62.24 47.03 -26.19
CA ALA K 277 -61.10 46.30 -25.67
C ALA K 277 -59.78 46.90 -26.17
N HIS K 278 -58.68 46.60 -25.48
CA HIS K 278 -57.33 46.89 -25.97
C HIS K 278 -56.36 45.78 -25.57
N LEU K 279 -55.26 45.62 -26.30
CA LEU K 279 -54.21 44.65 -25.99
C LEU K 279 -53.01 45.37 -25.34
N GLY K 280 -52.56 44.84 -24.21
CA GLY K 280 -51.51 45.41 -23.36
C GLY K 280 -50.09 45.20 -23.90
N PHE K 281 -49.08 45.56 -23.09
CA PHE K 281 -47.68 45.58 -23.52
C PHE K 281 -47.07 44.19 -23.77
N ASP K 282 -47.77 43.08 -23.46
CA ASP K 282 -47.37 41.71 -23.84
C ASP K 282 -48.37 41.01 -24.79
N GLY K 283 -49.38 41.72 -25.30
CA GLY K 283 -50.40 41.20 -26.22
C GLY K 283 -51.66 40.60 -25.56
N VAL K 284 -51.71 40.46 -24.24
CA VAL K 284 -52.94 40.03 -23.53
C VAL K 284 -53.91 41.22 -23.37
N TRP K 285 -55.22 40.97 -23.47
CA TRP K 285 -56.25 42.00 -23.27
C TRP K 285 -56.56 42.25 -21.79
N SER K 286 -57.12 43.42 -21.46
CA SER K 286 -57.53 43.78 -20.09
C SER K 286 -58.71 44.75 -20.03
N SER K 287 -58.60 45.92 -20.68
CA SER K 287 -59.66 46.96 -20.75
C SER K 287 -60.85 46.60 -21.66
N GLY K 288 -61.37 45.37 -21.56
CA GLY K 288 -62.55 44.85 -22.26
C GLY K 288 -63.88 45.42 -21.72
N THR K 289 -63.94 46.73 -21.51
CA THR K 289 -65.00 47.43 -20.77
C THR K 289 -66.22 47.81 -21.63
N THR K 290 -67.28 48.27 -20.98
CA THR K 290 -68.56 48.65 -21.59
C THR K 290 -68.89 50.11 -21.27
N LEU K 291 -68.40 51.04 -22.09
CA LEU K 291 -68.80 52.46 -22.04
C LEU K 291 -70.26 52.66 -22.46
N ARG K 292 -70.71 51.93 -23.49
CA ARG K 292 -72.07 51.95 -24.07
C ARG K 292 -72.67 53.36 -24.31
N GLU K 293 -71.85 54.29 -24.80
CA GLU K 293 -72.29 55.61 -25.29
C GLU K 293 -73.45 55.45 -26.30
N GLU K 294 -74.63 55.95 -25.94
CA GLU K 294 -75.91 55.42 -26.42
C GLU K 294 -76.32 55.81 -27.85
N VAL K 295 -77.11 54.94 -28.51
CA VAL K 295 -77.80 55.25 -29.77
C VAL K 295 -78.97 56.21 -29.51
N LEU K 296 -78.70 57.53 -29.50
CA LEU K 296 -79.64 58.62 -29.15
C LEU K 296 -80.80 58.87 -30.16
N ALA K 297 -81.36 57.83 -30.77
CA ALA K 297 -82.45 57.88 -31.74
C ALA K 297 -83.43 56.68 -31.60
N ASP K 298 -84.66 56.84 -32.08
CA ASP K 298 -85.76 55.89 -31.89
C ASP K 298 -85.54 54.51 -32.55
N GLN K 299 -86.07 53.45 -31.93
CA GLN K 299 -86.03 52.04 -32.33
C GLN K 299 -84.61 51.53 -32.62
N MET K 300 -83.97 50.97 -31.58
CA MET K 300 -82.80 50.08 -31.75
C MET K 300 -83.25 48.71 -32.29
N GLU K 301 -82.48 47.62 -32.11
CA GLU K 301 -82.67 46.30 -32.76
C GLU K 301 -82.39 46.31 -34.28
N GLU K 302 -82.71 47.41 -34.95
CA GLU K 302 -82.40 47.68 -36.36
C GLU K 302 -80.89 47.62 -36.64
N MET K 303 -80.51 47.03 -37.78
CA MET K 303 -79.14 47.05 -38.28
C MET K 303 -78.75 48.48 -38.69
N ILE K 304 -77.70 49.01 -38.05
CA ILE K 304 -77.16 50.37 -38.25
C ILE K 304 -75.62 50.40 -38.32
N ALA K 305 -74.98 49.22 -38.42
CA ALA K 305 -73.52 49.01 -38.31
C ALA K 305 -72.92 49.57 -36.98
N VAL K 306 -71.59 49.52 -36.84
CA VAL K 306 -70.85 50.44 -35.97
C VAL K 306 -69.56 50.86 -36.68
N VAL K 307 -69.22 52.15 -36.60
CA VAL K 307 -68.26 52.82 -37.50
C VAL K 307 -67.47 53.90 -36.74
N ASP K 308 -66.29 54.30 -37.23
CA ASP K 308 -65.69 55.61 -36.90
C ASP K 308 -64.90 56.22 -38.08
N ARG K 309 -64.76 57.54 -38.09
CA ARG K 309 -63.98 58.36 -39.05
C ARG K 309 -63.12 59.39 -38.30
N MET K 310 -62.28 58.90 -37.37
CA MET K 310 -61.54 59.74 -36.40
C MET K 310 -60.62 60.78 -37.08
N GLU K 311 -60.55 61.99 -36.51
CA GLU K 311 -59.75 63.10 -37.09
C GLU K 311 -59.05 64.01 -36.05
N ASP K 312 -59.65 64.25 -34.89
CA ASP K 312 -59.08 65.09 -33.81
C ASP K 312 -59.55 64.65 -32.41
N GLU K 313 -58.73 64.97 -31.40
CA GLU K 313 -58.86 64.63 -29.97
C GLU K 313 -59.12 63.13 -29.67
N PRO K 314 -58.06 62.34 -29.39
CA PRO K 314 -58.17 60.91 -29.12
C PRO K 314 -59.14 60.52 -28.00
N ARG K 315 -59.25 61.29 -26.90
CA ARG K 315 -60.19 60.97 -25.80
C ARG K 315 -61.67 61.26 -26.14
N LEU K 316 -61.95 61.75 -27.35
CA LEU K 316 -63.29 61.93 -27.92
C LEU K 316 -63.50 61.10 -29.21
N ALA K 317 -62.78 59.99 -29.37
CA ALA K 317 -62.92 59.04 -30.48
C ALA K 317 -64.19 58.15 -30.41
N LEU K 318 -65.35 58.74 -30.09
CA LEU K 318 -66.64 58.04 -29.95
C LEU K 318 -67.14 57.45 -31.28
N VAL K 319 -67.90 56.35 -31.21
CA VAL K 319 -68.43 55.59 -32.35
C VAL K 319 -69.51 56.34 -33.16
N ALA K 320 -69.91 55.74 -34.30
CA ALA K 320 -70.90 56.23 -35.24
C ALA K 320 -71.74 55.08 -35.83
N PHE K 321 -72.87 55.42 -36.44
CA PHE K 321 -73.85 54.48 -37.01
C PHE K 321 -74.29 54.91 -38.42
N LYS K 322 -74.43 53.95 -39.33
CA LYS K 322 -74.66 54.17 -40.77
C LYS K 322 -76.14 54.31 -41.19
N GLU K 323 -77.09 54.10 -40.26
CA GLU K 323 -78.53 54.28 -40.47
C GLU K 323 -79.23 54.71 -39.18
N MET K 324 -80.40 55.38 -39.31
CA MET K 324 -81.46 55.42 -38.30
C MET K 324 -82.82 55.55 -39.02
N SER K 325 -83.68 54.54 -38.87
CA SER K 325 -85.05 54.42 -39.38
C SER K 325 -85.20 54.39 -40.91
N GLU K 326 -84.73 55.43 -41.62
CA GLU K 326 -84.96 55.60 -43.05
C GLU K 326 -83.96 56.55 -43.74
N SER K 327 -83.50 57.62 -43.08
CA SER K 327 -82.53 58.56 -43.66
C SER K 327 -81.84 59.49 -42.65
N TRP K 328 -82.59 60.02 -41.68
CA TRP K 328 -82.10 61.10 -40.80
C TRP K 328 -81.01 60.66 -39.82
N ASP K 329 -80.20 61.62 -39.40
CA ASP K 329 -79.06 61.45 -38.48
C ASP K 329 -79.47 61.46 -36.99
N VAL K 330 -78.47 61.38 -36.10
CA VAL K 330 -78.60 61.37 -34.63
C VAL K 330 -77.73 62.48 -34.01
N VAL K 331 -78.19 63.09 -32.90
CA VAL K 331 -77.49 64.20 -32.19
C VAL K 331 -76.16 63.81 -31.54
N PHE K 332 -75.91 62.50 -31.43
CA PHE K 332 -74.69 61.87 -30.92
C PHE K 332 -73.43 62.23 -31.73
N ARG K 523 -61.20 68.12 -45.65
CA ARG K 523 -61.41 66.67 -45.77
C ARG K 523 -61.29 66.19 -47.22
N ASP K 524 -61.22 64.87 -47.41
CA ASP K 524 -61.11 64.16 -48.69
C ASP K 524 -61.51 62.68 -48.52
N LYS K 525 -61.76 61.97 -49.63
CA LYS K 525 -62.05 60.52 -49.68
C LYS K 525 -61.26 59.80 -50.79
N PHE K 526 -61.12 58.48 -50.68
CA PHE K 526 -60.32 57.66 -51.59
C PHE K 526 -60.95 56.26 -51.80
N GLN K 527 -60.74 55.66 -52.97
CA GLN K 527 -61.22 54.30 -53.31
C GLN K 527 -60.35 53.17 -52.70
N ILE K 528 -60.11 53.22 -51.39
CA ILE K 528 -59.56 52.11 -50.61
C ILE K 528 -60.76 51.23 -50.19
N LYS K 529 -61.20 50.33 -51.09
CA LYS K 529 -62.58 49.82 -51.13
C LYS K 529 -62.66 48.30 -51.36
N GLN K 530 -63.84 47.75 -51.09
CA GLN K 530 -64.28 46.39 -51.47
C GLN K 530 -64.04 46.10 -52.97
N PHE K 531 -63.95 44.82 -53.34
CA PHE K 531 -63.49 44.40 -54.66
C PHE K 531 -64.14 43.10 -55.15
N SER K 532 -64.10 42.91 -56.47
CA SER K 532 -64.66 41.76 -57.19
C SER K 532 -64.00 40.41 -56.81
N GLN K 533 -64.47 39.31 -57.40
CA GLN K 533 -64.46 37.95 -56.85
C GLN K 533 -63.13 37.46 -56.25
N THR K 534 -61.95 37.88 -56.75
CA THR K 534 -60.63 37.50 -56.18
C THR K 534 -60.20 38.29 -54.93
N GLN K 535 -61.11 39.05 -54.29
CA GLN K 535 -61.00 39.60 -52.92
C GLN K 535 -59.85 40.59 -52.62
N TYR K 536 -59.09 41.07 -53.61
CA TYR K 536 -57.83 41.79 -53.36
C TYR K 536 -57.93 43.24 -52.85
N LEU K 537 -59.15 43.78 -52.67
CA LEU K 537 -59.48 45.20 -52.47
C LEU K 537 -59.02 46.13 -53.62
N GLN K 538 -59.76 47.23 -53.79
CA GLN K 538 -59.41 48.30 -54.71
C GLN K 538 -58.25 49.14 -54.14
N PHE K 539 -57.36 49.60 -55.03
CA PHE K 539 -56.31 50.55 -54.70
C PHE K 539 -56.66 51.92 -55.31
N PRO K 540 -56.58 53.04 -54.56
CA PRO K 540 -57.27 54.28 -54.91
C PRO K 540 -56.66 55.09 -56.05
N GLU K 541 -55.40 54.88 -56.44
CA GLU K 541 -54.74 55.71 -57.46
C GLU K 541 -53.72 54.95 -58.32
N ALA K 542 -53.64 55.26 -59.61
CA ALA K 542 -52.69 54.68 -60.56
C ALA K 542 -51.29 55.31 -60.40
N SER K 543 -51.23 56.63 -60.26
CA SER K 543 -50.04 57.37 -59.82
C SER K 543 -49.74 57.20 -58.31
N SER K 544 -50.24 56.11 -57.71
CA SER K 544 -50.01 55.65 -56.34
C SER K 544 -50.58 56.50 -55.21
N ALA K 545 -51.01 55.81 -54.13
CA ALA K 545 -51.31 56.41 -52.82
C ALA K 545 -50.04 56.74 -52.01
N ASP K 546 -48.87 56.26 -52.46
CA ASP K 546 -47.57 56.35 -51.79
C ASP K 546 -46.46 56.87 -52.75
N VAL K 547 -45.20 56.79 -52.31
CA VAL K 547 -44.05 57.52 -52.87
C VAL K 547 -43.89 57.36 -54.38
N TRP K 548 -43.99 56.12 -54.90
CA TRP K 548 -43.76 55.79 -56.30
C TRP K 548 -44.96 55.10 -56.95
N TYR K 549 -45.11 55.28 -58.26
CA TYR K 549 -46.25 55.05 -59.14
C TYR K 549 -46.59 53.56 -59.41
N ILE K 550 -46.77 52.77 -58.34
CA ILE K 550 -47.01 51.31 -58.37
C ILE K 550 -48.29 50.82 -59.09
N GLY K 551 -49.15 51.72 -59.59
CA GLY K 551 -50.41 51.35 -60.25
C GLY K 551 -51.54 50.99 -59.27
N LYS K 552 -52.79 51.03 -59.75
CA LYS K 552 -54.00 50.76 -58.94
C LYS K 552 -54.28 49.26 -58.73
N GLN K 553 -53.24 48.49 -58.45
CA GLN K 553 -53.26 47.02 -58.40
C GLN K 553 -52.53 46.49 -57.15
N ILE K 554 -53.12 45.46 -56.52
CA ILE K 554 -52.59 44.71 -55.37
C ILE K 554 -53.06 43.25 -55.39
N ARG K 555 -52.37 42.35 -54.69
CA ARG K 555 -52.82 40.97 -54.36
C ARG K 555 -52.75 40.72 -52.86
N LEU K 556 -53.63 39.85 -52.36
CA LEU K 556 -53.77 39.50 -50.93
C LEU K 556 -53.85 37.97 -50.73
N ASN K 557 -55.04 37.37 -50.89
CA ASN K 557 -55.31 35.95 -50.69
C ASN K 557 -54.62 35.04 -51.74
N THR K 558 -54.70 33.72 -51.57
CA THR K 558 -54.25 32.70 -52.53
C THR K 558 -55.15 31.45 -52.51
N LEU K 559 -55.23 30.73 -53.63
CA LEU K 559 -55.98 29.49 -53.79
C LEU K 559 -55.13 28.23 -53.49
N PHE K 560 -53.87 28.39 -53.06
CA PHE K 560 -52.87 27.31 -52.98
C PHE K 560 -53.35 26.02 -52.29
N ALA K 561 -54.16 26.10 -51.23
CA ALA K 561 -54.70 24.93 -50.57
C ALA K 561 -55.46 24.00 -51.53
N LYS K 562 -56.26 24.56 -52.45
CA LYS K 562 -57.02 23.80 -53.45
C LYS K 562 -56.11 23.09 -54.46
N GLU K 563 -54.88 23.56 -54.65
CA GLU K 563 -53.84 22.86 -55.42
C GLU K 563 -53.08 21.82 -54.58
N LEU K 564 -52.95 22.05 -53.28
CA LEU K 564 -52.15 21.25 -52.36
C LEU K 564 -52.87 20.02 -51.82
N ILE K 565 -54.14 20.13 -51.41
CA ILE K 565 -54.91 19.10 -50.69
C ILE K 565 -54.79 17.72 -51.35
N GLY K 566 -54.98 17.68 -52.67
CA GLY K 566 -54.79 16.46 -53.44
C GLY K 566 -53.37 15.96 -53.29
N LYS K 567 -52.40 16.69 -53.83
CA LYS K 567 -50.99 16.27 -53.91
C LYS K 567 -50.42 15.86 -52.55
N ALA K 568 -50.69 16.62 -51.49
CA ALA K 568 -50.21 16.38 -50.13
C ALA K 568 -50.87 15.15 -49.47
N SER K 569 -52.14 14.86 -49.76
CA SER K 569 -52.78 13.62 -49.31
C SER K 569 -52.32 12.39 -50.11
N ARG K 570 -51.73 12.57 -51.30
CA ARG K 570 -51.05 11.48 -52.05
C ARG K 570 -49.68 11.18 -51.45
N SER K 571 -48.74 12.13 -51.39
CA SER K 571 -47.55 11.94 -50.55
C SER K 571 -46.84 13.26 -50.22
N LEU K 572 -46.00 13.23 -49.18
CA LEU K 572 -44.98 14.23 -48.87
C LEU K 572 -43.95 14.33 -50.01
N ASP K 573 -43.55 13.19 -50.58
CA ASP K 573 -42.57 13.08 -51.65
C ASP K 573 -42.98 13.84 -52.93
N LEU K 574 -44.28 13.99 -53.19
CA LEU K 574 -44.83 14.86 -54.24
C LEU K 574 -44.83 16.35 -53.87
N VAL K 575 -44.95 16.73 -52.60
CA VAL K 575 -44.86 18.14 -52.17
C VAL K 575 -43.43 18.66 -52.34
N LEU K 576 -42.42 17.87 -51.93
CA LEU K 576 -41.02 18.16 -52.16
C LEU K 576 -40.55 17.74 -53.57
N SER K 577 -41.42 17.96 -54.57
CA SER K 577 -41.13 17.93 -56.00
C SER K 577 -41.23 19.32 -56.60
N TRP K 578 -40.17 19.74 -57.29
CA TRP K 578 -40.10 21.00 -58.02
C TRP K 578 -41.24 21.14 -59.04
N GLU K 579 -41.71 20.03 -59.60
CA GLU K 579 -42.86 20.05 -60.52
C GLU K 579 -44.18 20.38 -59.82
N THR K 580 -44.37 19.97 -58.56
CA THR K 580 -45.53 20.38 -57.75
C THR K 580 -45.46 21.86 -57.38
N GLN K 581 -44.27 22.33 -57.01
CA GLN K 581 -44.04 23.71 -56.59
C GLN K 581 -44.41 24.73 -57.69
N ASN K 582 -44.44 24.32 -58.97
CA ASN K 582 -44.69 25.20 -60.11
C ASN K 582 -46.18 25.26 -60.57
N SER K 583 -47.11 24.82 -59.71
CA SER K 583 -48.56 24.80 -59.96
C SER K 583 -49.16 26.21 -60.20
N ARG K 584 -50.25 26.28 -60.99
CA ARG K 584 -50.92 27.51 -61.47
C ARG K 584 -51.99 28.07 -60.51
N LEU K 585 -52.24 29.39 -60.58
CA LEU K 585 -53.33 30.14 -59.91
C LEU K 585 -54.09 31.00 -60.96
N GLU K 586 -54.91 31.99 -60.56
CA GLU K 586 -55.60 32.89 -61.51
C GLU K 586 -55.69 34.36 -61.02
N GLU K 587 -55.86 35.31 -61.94
CA GLU K 587 -55.77 36.75 -61.72
C GLU K 587 -56.70 37.60 -62.62
N ALA K 588 -57.41 36.99 -63.58
CA ALA K 588 -58.19 37.71 -64.62
C ALA K 588 -59.13 38.85 -64.19
N ILE K 589 -59.68 38.76 -62.97
CA ILE K 589 -60.53 39.79 -62.34
C ILE K 589 -59.81 41.13 -62.13
N LEU K 590 -58.51 41.17 -61.81
CA LEU K 590 -57.73 42.43 -61.74
C LEU K 590 -57.09 42.83 -63.08
N GLY K 591 -57.22 42.00 -64.12
CA GLY K 591 -56.61 42.23 -65.43
C GLY K 591 -55.15 41.74 -65.55
N GLY K 592 -54.83 40.55 -65.03
CA GLY K 592 -53.56 39.86 -65.31
C GLY K 592 -53.74 38.34 -65.34
N ALA K 593 -52.65 37.57 -65.35
CA ALA K 593 -52.73 36.10 -65.19
C ALA K 593 -51.66 35.55 -64.23
N ALA K 594 -52.03 34.66 -63.30
CA ALA K 594 -51.13 34.05 -62.31
C ALA K 594 -50.64 32.64 -62.73
N GLU K 595 -49.79 32.58 -63.74
CA GLU K 595 -49.31 31.34 -64.38
C GLU K 595 -48.54 30.36 -63.46
N LEU K 596 -48.15 30.80 -62.27
CA LEU K 596 -47.73 29.93 -61.17
C LEU K 596 -47.93 30.63 -59.82
N ILE K 597 -47.86 29.84 -58.75
CA ILE K 597 -47.77 30.34 -57.36
C ILE K 597 -46.57 31.29 -57.25
N ASP K 598 -46.82 32.56 -56.97
CA ASP K 598 -45.79 33.60 -56.87
C ASP K 598 -45.49 33.92 -55.40
N LEU K 599 -44.20 33.99 -55.05
CA LEU K 599 -43.69 34.17 -53.68
C LEU K 599 -43.88 35.60 -53.14
N ASP K 600 -45.04 36.22 -53.35
CA ASP K 600 -45.32 37.64 -53.01
C ASP K 600 -45.28 37.92 -51.49
N GLY K 601 -44.59 38.98 -51.08
CA GLY K 601 -44.24 39.25 -49.67
C GLY K 601 -45.40 39.25 -48.67
N ALA K 602 -46.62 39.64 -49.08
CA ALA K 602 -47.81 39.59 -48.23
C ALA K 602 -48.22 38.17 -47.78
N ASN K 603 -47.75 37.12 -48.45
CA ASN K 603 -48.09 35.71 -48.18
C ASN K 603 -46.90 34.74 -48.32
N GLY K 604 -45.78 35.19 -48.89
CA GLY K 604 -44.72 34.34 -49.42
C GLY K 604 -44.04 33.41 -48.41
N ILE K 605 -43.98 33.85 -47.15
CA ILE K 605 -43.32 33.14 -46.05
C ILE K 605 -43.92 31.74 -45.88
N TYR K 606 -45.24 31.60 -46.06
CA TYR K 606 -45.91 30.32 -45.93
C TYR K 606 -45.46 29.28 -46.96
N PHE K 607 -44.97 29.69 -48.12
CA PHE K 607 -44.33 28.75 -49.06
C PHE K 607 -42.98 28.27 -48.51
N TRP K 608 -42.14 29.18 -48.03
CA TRP K 608 -40.80 28.94 -47.48
C TRP K 608 -40.81 28.06 -46.21
N GLU K 609 -41.75 28.35 -45.34
CA GLU K 609 -42.00 27.61 -44.11
C GLU K 609 -42.32 26.13 -44.42
N LEU K 610 -43.18 25.91 -45.43
CA LEU K 610 -43.60 24.60 -45.91
C LEU K 610 -42.54 23.89 -46.77
N PHE K 611 -41.88 24.60 -47.69
CA PHE K 611 -40.93 24.08 -48.68
C PHE K 611 -39.46 24.05 -48.19
N PHE K 612 -39.15 24.47 -46.96
CA PHE K 612 -37.77 24.43 -46.46
C PHE K 612 -37.64 24.04 -44.98
N HIS K 613 -38.38 24.71 -44.09
CA HIS K 613 -38.09 24.66 -42.63
C HIS K 613 -38.52 23.37 -41.92
N MET K 614 -39.70 22.90 -42.29
CA MET K 614 -40.20 21.57 -41.95
C MET K 614 -39.26 20.46 -42.47
N PRO K 615 -38.79 20.49 -43.74
CA PRO K 615 -37.72 19.61 -44.20
C PRO K 615 -36.41 19.71 -43.42
N PHE K 616 -36.05 20.89 -42.93
CA PHE K 616 -34.78 21.14 -42.26
C PHE K 616 -34.71 20.57 -40.83
N MET K 617 -35.69 20.87 -39.96
CA MET K 617 -35.59 20.57 -38.51
C MET K 617 -35.50 19.07 -38.19
N VAL K 618 -36.23 18.26 -38.99
CA VAL K 618 -36.14 16.80 -38.94
C VAL K 618 -34.72 16.34 -39.22
N SER K 619 -34.12 16.84 -40.30
CA SER K 619 -32.75 16.48 -40.69
C SER K 619 -31.71 16.92 -39.65
N TRP K 620 -31.96 18.05 -38.98
CA TRP K 620 -31.12 18.61 -37.92
C TRP K 620 -31.13 17.73 -36.67
N ARG K 621 -32.31 17.27 -36.23
CA ARG K 621 -32.50 16.33 -35.10
C ARG K 621 -31.85 14.96 -35.39
N PHE K 622 -32.14 14.40 -36.56
CA PHE K 622 -31.66 13.09 -36.99
C PHE K 622 -30.15 13.03 -37.17
N ASN K 623 -29.51 14.11 -37.68
CA ASN K 623 -28.05 14.22 -37.79
C ASN K 623 -27.39 14.01 -36.43
N VAL K 624 -27.93 14.65 -35.41
CA VAL K 624 -27.38 14.55 -34.05
C VAL K 624 -27.58 13.15 -33.47
N GLU K 625 -28.81 12.61 -33.56
CA GLU K 625 -29.24 11.42 -32.83
C GLU K 625 -28.89 10.08 -33.51
N GLN K 626 -27.67 9.99 -34.07
CA GLN K 626 -27.10 8.80 -34.74
C GLN K 626 -27.92 8.30 -35.95
N ARG K 627 -28.80 9.13 -36.52
CA ARG K 627 -29.72 8.77 -37.62
C ARG K 627 -29.23 9.31 -38.98
N TYR K 628 -27.93 9.27 -39.21
CA TYR K 628 -27.25 9.91 -40.34
C TYR K 628 -27.89 9.64 -41.70
N GLU K 629 -28.20 8.38 -42.03
CA GLU K 629 -28.82 8.06 -43.32
C GLU K 629 -30.29 8.49 -43.41
N ASP K 630 -30.97 8.69 -42.27
CA ASP K 630 -32.31 9.24 -42.22
C ASP K 630 -32.26 10.76 -42.42
N ALA K 631 -31.28 11.43 -41.80
CA ALA K 631 -30.97 12.84 -42.08
C ALA K 631 -30.67 13.04 -43.58
N ASN K 632 -29.90 12.15 -44.20
CA ASN K 632 -29.69 12.15 -45.65
C ASN K 632 -31.01 12.02 -46.42
N ARG K 633 -31.92 11.11 -46.04
CA ARG K 633 -33.24 10.97 -46.70
C ARG K 633 -34.09 12.23 -46.63
N TRP K 634 -33.91 13.09 -45.62
CA TRP K 634 -34.54 14.42 -45.59
C TRP K 634 -33.75 15.48 -46.36
N VAL K 635 -32.41 15.51 -46.29
CA VAL K 635 -31.58 16.45 -47.07
C VAL K 635 -31.76 16.27 -48.58
N LYS K 636 -32.05 15.04 -49.02
CA LYS K 636 -32.42 14.72 -50.42
C LYS K 636 -33.69 15.40 -50.94
N TYR K 637 -34.45 16.11 -50.12
CA TYR K 637 -35.51 17.00 -50.60
C TYR K 637 -35.00 18.40 -50.99
N LEU K 638 -33.82 18.81 -50.50
CA LEU K 638 -33.16 20.05 -50.89
C LEU K 638 -32.21 19.84 -52.07
N PHE K 639 -31.29 18.88 -51.98
CA PHE K 639 -30.13 18.75 -52.87
C PHE K 639 -29.79 17.30 -53.20
N ASN K 640 -29.38 17.00 -54.45
CA ASN K 640 -29.16 15.63 -54.92
C ASN K 640 -27.88 15.43 -55.76
N PRO K 641 -26.68 15.51 -55.15
CA PRO K 641 -25.40 15.19 -55.79
C PRO K 641 -25.17 13.68 -56.01
N PHE K 642 -26.24 12.93 -56.32
CA PHE K 642 -26.25 11.48 -56.57
C PHE K 642 -27.21 11.04 -57.69
N GLU K 643 -27.94 11.96 -58.34
CA GLU K 643 -28.92 11.65 -59.38
C GLU K 643 -28.85 12.63 -60.55
N CYS K 644 -29.04 12.10 -61.77
CA CYS K 644 -28.86 12.80 -63.04
C CYS K 644 -29.86 12.33 -64.10
N GLU K 645 -30.98 11.75 -63.65
CA GLU K 645 -31.88 10.92 -64.45
C GLU K 645 -33.33 10.97 -63.92
N ASP K 646 -33.72 12.08 -63.31
CA ASP K 646 -35.09 12.39 -62.92
C ASP K 646 -36.06 12.39 -64.12
N GLU K 647 -37.35 12.27 -63.82
CA GLU K 647 -38.42 12.04 -64.79
C GLU K 647 -38.77 13.27 -65.66
N PRO K 648 -38.90 14.51 -65.12
CA PRO K 648 -39.28 15.67 -65.92
C PRO K 648 -38.08 16.26 -66.66
N ALA K 649 -38.19 16.43 -67.98
CA ALA K 649 -37.14 17.06 -68.80
C ALA K 649 -36.80 18.48 -68.35
N LEU K 650 -37.79 19.24 -67.86
CA LEU K 650 -37.58 20.57 -67.28
C LEU K 650 -36.82 20.54 -65.95
N LEU K 651 -37.03 19.50 -65.14
CA LEU K 651 -36.28 19.28 -63.88
C LEU K 651 -34.85 18.79 -64.16
N LEU K 652 -34.66 17.96 -65.20
CA LEU K 652 -33.32 17.63 -65.69
C LEU K 652 -32.57 18.88 -66.17
N GLY K 653 -33.27 19.80 -66.85
CA GLY K 653 -32.70 21.03 -67.41
C GLY K 653 -32.35 22.11 -66.38
N LYS K 654 -33.36 22.61 -65.66
CA LYS K 654 -33.29 23.99 -65.14
C LYS K 654 -32.59 24.18 -63.78
N PRO K 655 -32.89 23.44 -62.69
CA PRO K 655 -32.31 23.74 -61.36
C PRO K 655 -30.78 23.60 -61.28
N PRO K 656 -30.12 22.52 -61.76
CA PRO K 656 -30.65 21.18 -62.00
C PRO K 656 -30.60 20.29 -60.73
N TYR K 657 -29.65 20.54 -59.80
CA TYR K 657 -29.41 19.70 -58.61
C TYR K 657 -30.30 20.01 -57.40
N TRP K 658 -30.96 21.17 -57.41
CA TRP K 658 -31.68 21.75 -56.27
C TRP K 658 -33.18 21.54 -56.44
N ASN K 659 -33.88 21.10 -55.39
CA ASN K 659 -35.23 20.54 -55.52
C ASN K 659 -36.30 21.27 -54.68
N SER K 660 -35.94 22.35 -53.98
CA SER K 660 -36.88 23.36 -53.50
C SER K 660 -36.60 24.68 -54.22
N ARG K 661 -37.56 25.18 -55.01
CA ARG K 661 -37.29 26.29 -55.95
C ARG K 661 -36.87 27.62 -55.31
N PRO K 662 -37.27 27.99 -54.08
CA PRO K 662 -36.79 29.23 -53.46
C PRO K 662 -35.26 29.27 -53.19
N LEU K 663 -34.54 28.15 -53.39
CA LEU K 663 -33.08 28.11 -53.44
C LEU K 663 -32.47 28.60 -54.76
N VAL K 664 -33.30 28.97 -55.75
CA VAL K 664 -32.88 29.37 -57.11
C VAL K 664 -33.77 30.49 -57.69
N ASP K 665 -35.06 30.54 -57.34
CA ASP K 665 -36.08 31.43 -57.94
C ASP K 665 -35.84 32.93 -57.63
N GLU K 666 -36.44 33.81 -58.45
CA GLU K 666 -36.15 35.24 -58.67
C GLU K 666 -35.82 36.09 -57.40
N PRO K 667 -34.53 36.44 -57.17
CA PRO K 667 -34.09 37.39 -56.14
C PRO K 667 -33.97 38.83 -56.68
N PHE K 668 -33.86 39.84 -55.81
CA PHE K 668 -33.33 41.17 -56.16
C PHE K 668 -32.68 41.91 -54.96
N LYS K 669 -31.67 42.74 -55.25
CA LYS K 669 -30.95 43.76 -54.42
C LYS K 669 -30.71 43.50 -52.91
N GLY K 670 -31.76 43.39 -52.10
CA GLY K 670 -31.70 43.51 -50.63
C GLY K 670 -31.68 44.95 -50.10
N TYR K 671 -32.12 45.92 -50.90
CA TYR K 671 -31.93 47.37 -50.68
C TYR K 671 -32.47 47.88 -49.33
N SER K 672 -33.78 47.79 -49.07
CA SER K 672 -34.45 48.53 -47.97
C SER K 672 -34.22 47.99 -46.55
N LEU K 673 -33.15 47.21 -46.34
CA LEU K 673 -32.63 46.81 -45.03
C LEU K 673 -31.13 47.14 -44.87
N THR K 674 -30.57 47.89 -45.83
CA THR K 674 -29.15 48.26 -45.92
C THR K 674 -28.75 49.30 -44.86
N GLN K 675 -29.56 50.34 -44.62
CA GLN K 675 -29.18 51.41 -43.67
C GLN K 675 -29.01 50.96 -42.19
N PRO K 676 -29.72 49.91 -41.69
CA PRO K 676 -29.38 49.22 -40.43
C PRO K 676 -28.63 47.88 -40.62
N SER K 677 -27.94 47.68 -41.76
CA SER K 677 -27.38 46.38 -42.18
C SER K 677 -26.55 45.66 -41.09
N ASP K 678 -26.71 44.34 -41.06
CA ASP K 678 -26.26 43.37 -40.05
C ASP K 678 -26.30 41.96 -40.68
N PRO K 679 -25.66 40.93 -40.07
CA PRO K 679 -25.84 39.55 -40.51
C PRO K 679 -27.32 39.06 -40.46
N ASP K 680 -28.14 39.60 -39.56
CA ASP K 680 -29.61 39.39 -39.53
C ASP K 680 -30.32 39.83 -40.83
N ALA K 681 -29.71 40.71 -41.64
CA ALA K 681 -30.15 41.06 -42.99
C ALA K 681 -29.48 40.17 -44.06
N ILE K 682 -28.14 40.05 -44.02
CA ILE K 682 -27.32 39.42 -45.08
C ILE K 682 -27.46 37.89 -45.16
N ALA K 683 -27.83 37.20 -44.07
CA ALA K 683 -28.08 35.75 -44.05
C ALA K 683 -29.24 35.28 -44.96
N ALA K 684 -30.04 36.21 -45.50
CA ALA K 684 -31.05 35.95 -46.52
C ALA K 684 -31.17 37.10 -47.55
N SER K 685 -30.05 37.72 -47.96
CA SER K 685 -30.04 38.67 -49.11
C SER K 685 -30.26 37.94 -50.45
N ASP K 686 -29.63 36.76 -50.61
CA ASP K 686 -29.56 35.96 -51.84
C ASP K 686 -29.51 34.45 -51.51
N PRO K 687 -29.95 33.56 -52.41
CA PRO K 687 -29.98 32.13 -52.13
C PRO K 687 -28.62 31.43 -52.23
N ILE K 688 -27.62 32.01 -52.92
CA ILE K 688 -26.39 31.26 -53.26
C ILE K 688 -25.59 30.87 -52.00
N HIS K 689 -25.37 31.82 -51.09
CA HIS K 689 -24.66 31.53 -49.82
C HIS K 689 -25.52 30.69 -48.86
N TYR K 690 -26.84 30.81 -48.94
CA TYR K 690 -27.74 29.98 -48.17
C TYR K 690 -27.66 28.51 -48.66
N ARG K 691 -27.62 28.27 -49.98
CA ARG K 691 -27.46 26.91 -50.53
C ARG K 691 -26.05 26.35 -50.31
N LYS K 692 -24.99 27.18 -50.34
CA LYS K 692 -23.64 26.74 -49.94
C LYS K 692 -23.54 26.36 -48.46
N ALA K 693 -24.37 26.95 -47.61
CA ALA K 693 -24.53 26.46 -46.23
C ALA K 693 -25.21 25.06 -46.17
N VAL K 694 -26.15 24.73 -47.05
CA VAL K 694 -26.70 23.36 -47.11
C VAL K 694 -25.59 22.35 -47.44
N PHE K 695 -24.70 22.70 -48.37
CA PHE K 695 -23.51 21.91 -48.68
C PHE K 695 -22.58 21.72 -47.46
N ASN K 696 -22.38 22.76 -46.64
CA ASN K 696 -21.58 22.65 -45.42
C ASN K 696 -22.19 21.70 -44.39
N PHE K 697 -23.51 21.72 -44.21
CA PHE K 697 -24.19 20.75 -43.34
C PHE K 697 -24.07 19.31 -43.90
N LEU K 698 -24.26 19.14 -45.21
CA LEU K 698 -24.18 17.84 -45.87
C LEU K 698 -22.77 17.23 -45.79
N THR K 699 -21.72 17.98 -46.08
CA THR K 699 -20.35 17.48 -46.04
C THR K 699 -19.93 17.02 -44.65
N LYS K 700 -20.40 17.69 -43.59
CA LYS K 700 -20.24 17.20 -42.21
C LYS K 700 -20.94 15.85 -41.99
N ASN K 701 -22.18 15.69 -42.44
CA ASN K 701 -22.99 14.50 -42.18
C ASN K 701 -22.34 13.18 -42.65
N ILE K 702 -21.58 13.17 -43.75
CA ILE K 702 -20.83 11.98 -44.19
C ILE K 702 -19.73 11.64 -43.18
N ILE K 703 -18.97 12.63 -42.72
CA ILE K 703 -17.85 12.44 -41.79
C ILE K 703 -18.34 12.04 -40.40
N ASP K 704 -19.44 12.64 -39.95
CA ASP K 704 -20.08 12.31 -38.67
C ASP K 704 -20.48 10.84 -38.58
N GLN K 705 -20.91 10.21 -39.69
CA GLN K 705 -21.13 8.77 -39.76
C GLN K 705 -19.82 7.98 -39.91
N GLY K 706 -18.88 8.42 -40.74
CA GLY K 706 -17.64 7.69 -41.00
C GLY K 706 -16.88 7.34 -39.72
N ASP K 707 -16.79 8.29 -38.79
CA ASP K 707 -16.10 8.07 -37.51
C ASP K 707 -16.77 7.00 -36.63
N MET K 708 -18.08 6.81 -36.75
CA MET K 708 -18.82 5.77 -36.03
C MET K 708 -18.52 4.35 -36.56
N GLU K 709 -17.97 4.23 -37.77
CA GLU K 709 -17.41 2.97 -38.27
C GLU K 709 -15.96 2.74 -37.78
N TYR K 710 -15.18 3.81 -37.64
CA TYR K 710 -13.77 3.72 -37.23
C TYR K 710 -13.59 3.46 -35.73
N ARG K 711 -14.40 4.09 -34.86
CA ARG K 711 -14.31 3.88 -33.41
C ARG K 711 -14.91 2.53 -33.00
N LYS K 712 -14.31 1.92 -31.97
CA LYS K 712 -14.70 0.68 -31.25
C LYS K 712 -14.92 -0.62 -32.04
N LEU K 713 -15.01 -0.58 -33.36
CA LEU K 713 -15.11 -1.78 -34.20
C LEU K 713 -13.75 -2.49 -34.39
N GLN K 714 -13.72 -3.51 -35.25
CA GLN K 714 -12.55 -4.34 -35.62
C GLN K 714 -11.99 -3.99 -37.02
N PRO K 715 -10.73 -4.31 -37.37
CA PRO K 715 -10.03 -3.71 -38.52
C PRO K 715 -10.77 -3.67 -39.87
N SER K 716 -11.35 -4.77 -40.37
CA SER K 716 -12.02 -4.75 -41.68
C SER K 716 -13.36 -3.98 -41.68
N ALA K 717 -13.88 -3.62 -40.51
CA ALA K 717 -14.99 -2.69 -40.34
C ALA K 717 -14.48 -1.26 -40.12
N ARG K 718 -13.42 -1.06 -39.33
CA ARG K 718 -12.82 0.26 -39.08
C ARG K 718 -12.32 0.89 -40.37
N THR K 719 -11.58 0.12 -41.17
CA THR K 719 -11.06 0.53 -42.48
C THR K 719 -12.16 0.82 -43.52
N LEU K 720 -13.38 0.30 -43.31
CA LEU K 720 -14.52 0.60 -44.16
C LEU K 720 -14.88 2.11 -44.15
N ALA K 721 -14.54 2.83 -43.08
CA ALA K 721 -14.68 4.28 -42.99
C ALA K 721 -13.97 5.04 -44.13
N ARG K 722 -12.93 4.45 -44.74
CA ARG K 722 -12.26 5.05 -45.88
C ARG K 722 -13.16 5.18 -47.11
N LEU K 723 -14.17 4.31 -47.28
CA LEU K 723 -15.23 4.46 -48.27
C LEU K 723 -16.16 5.66 -48.02
N SER K 724 -16.15 6.24 -46.82
CA SER K 724 -16.82 7.51 -46.53
C SER K 724 -15.87 8.70 -46.68
N TYR K 725 -14.65 8.61 -46.15
CA TYR K 725 -13.69 9.72 -46.28
C TYR K 725 -13.33 10.00 -47.75
N SER K 726 -13.28 8.96 -48.59
CA SER K 726 -13.09 9.06 -50.04
C SER K 726 -14.30 9.63 -50.81
N THR K 727 -15.51 9.70 -50.22
CA THR K 727 -16.61 10.49 -50.82
C THR K 727 -16.63 11.92 -50.30
N ALA K 728 -16.36 12.13 -49.01
CA ALA K 728 -16.25 13.48 -48.45
C ALA K 728 -15.16 14.30 -49.15
N SER K 729 -13.99 13.69 -49.37
CA SER K 729 -12.89 14.30 -50.14
C SER K 729 -13.16 14.44 -51.64
N SER K 730 -14.30 13.93 -52.17
CA SER K 730 -14.77 14.23 -53.53
C SER K 730 -15.68 15.48 -53.60
N LEU K 731 -16.22 15.91 -52.46
CA LEU K 731 -16.97 17.16 -52.33
C LEU K 731 -16.05 18.30 -51.89
N LEU K 732 -15.28 18.08 -50.82
CA LEU K 732 -14.40 19.06 -50.20
C LEU K 732 -13.08 19.19 -50.99
N GLY K 733 -12.66 20.44 -51.20
CA GLY K 733 -11.37 20.78 -51.82
C GLY K 733 -10.18 20.82 -50.86
N ARG K 734 -9.02 21.22 -51.39
CA ARG K 734 -7.75 21.42 -50.67
C ARG K 734 -7.80 22.69 -49.82
N ASN K 795 -14.02 29.65 -42.37
CA ASN K 795 -13.04 28.97 -41.54
C ASN K 795 -13.41 27.49 -41.31
N GLU K 796 -14.70 27.18 -41.29
CA GLU K 796 -15.20 25.81 -41.10
C GLU K 796 -14.76 24.86 -42.21
N LEU K 797 -14.76 25.29 -43.48
CA LEU K 797 -14.26 24.47 -44.59
C LEU K 797 -12.80 24.05 -44.39
N ARG K 798 -11.96 24.99 -43.97
CA ARG K 798 -10.52 24.77 -43.78
C ARG K 798 -10.22 23.88 -42.57
N GLY K 799 -10.99 24.01 -41.49
CA GLY K 799 -10.93 23.08 -40.37
C GLY K 799 -11.44 21.67 -40.72
N LEU K 800 -12.48 21.59 -41.55
CA LEU K 800 -13.10 20.34 -41.97
C LEU K 800 -12.17 19.55 -42.88
N TRP K 801 -11.63 20.16 -43.94
CA TRP K 801 -10.78 19.40 -44.87
C TRP K 801 -9.46 18.97 -44.23
N ASP K 802 -8.91 19.77 -43.32
CA ASP K 802 -7.71 19.38 -42.57
C ASP K 802 -8.00 18.26 -41.55
N ARG K 803 -9.18 18.24 -40.92
CA ARG K 803 -9.60 17.14 -40.06
C ARG K 803 -9.66 15.82 -40.83
N ILE K 804 -10.30 15.80 -42.01
CA ILE K 804 -10.39 14.54 -42.77
C ILE K 804 -9.02 14.09 -43.28
N GLU K 805 -8.12 15.00 -43.62
CA GLU K 805 -6.74 14.66 -44.00
C GLU K 805 -5.96 13.99 -42.85
N ASN K 806 -6.10 14.52 -41.64
CA ASN K 806 -5.51 13.91 -40.44
C ASN K 806 -6.11 12.53 -40.14
N ARG K 807 -7.43 12.38 -40.26
CA ARG K 807 -8.10 11.10 -39.97
C ARG K 807 -7.78 10.03 -41.02
N ILE K 808 -7.63 10.40 -42.28
CA ILE K 808 -7.11 9.50 -43.32
C ILE K 808 -5.69 9.04 -42.97
N TYR K 809 -4.79 9.95 -42.56
CA TYR K 809 -3.43 9.58 -42.14
C TYR K 809 -3.45 8.54 -41.00
N ASN K 810 -4.30 8.74 -39.99
CA ASN K 810 -4.47 7.79 -38.90
C ASN K 810 -5.00 6.43 -39.38
N LEU K 811 -6.03 6.41 -40.22
CA LEU K 811 -6.58 5.17 -40.78
C LEU K 811 -5.56 4.44 -41.68
N ARG K 812 -4.73 5.21 -42.40
CA ARG K 812 -3.68 4.70 -43.30
C ARG K 812 -2.51 4.07 -42.55
N HIS K 813 -2.18 4.53 -41.34
CA HIS K 813 -1.38 3.77 -40.38
C HIS K 813 -2.15 2.62 -39.73
N ASN K 814 -3.46 2.78 -39.52
CA ASN K 814 -4.42 1.93 -38.81
C ASN K 814 -4.07 1.69 -37.33
N LEU K 815 -2.94 1.04 -37.08
CA LEU K 815 -2.64 0.28 -35.85
C LEU K 815 -2.47 1.15 -34.58
N THR K 816 -2.58 2.47 -34.72
CA THR K 816 -2.64 3.43 -33.61
C THR K 816 -4.04 3.50 -33.00
N LEU K 817 -5.09 3.71 -33.80
CA LEU K 817 -6.39 4.27 -33.36
C LEU K 817 -6.22 5.63 -32.64
N ASP K 818 -5.23 6.41 -33.09
CA ASP K 818 -4.59 7.56 -32.41
C ASP K 818 -3.96 7.27 -31.03
N GLY K 819 -4.17 6.07 -30.49
CA GLY K 819 -3.40 5.46 -29.41
C GLY K 819 -2.29 4.57 -29.95
N LYS K 820 -2.15 3.35 -29.38
CA LYS K 820 -1.07 2.40 -29.69
C LYS K 820 -1.55 0.92 -29.53
N GLU K 821 -2.58 0.45 -30.25
CA GLU K 821 -3.22 -0.89 -30.02
C GLU K 821 -2.21 -2.06 -30.07
N ILE K 822 -1.49 -2.21 -31.19
CA ILE K 822 -0.77 -3.45 -31.52
C ILE K 822 0.47 -3.71 -30.64
N ASN K 823 1.38 -2.72 -30.51
CA ASN K 823 2.68 -2.89 -29.88
C ASN K 823 2.77 -2.12 -28.55
N MET K 824 2.99 -2.84 -27.44
CA MET K 824 3.08 -2.31 -26.08
C MET K 824 3.73 -3.32 -25.13
N ASP K 825 4.16 -2.87 -23.95
CA ASP K 825 4.67 -3.64 -22.79
C ASP K 825 5.90 -4.56 -23.02
N LEU K 826 6.42 -4.66 -24.25
CA LEU K 826 7.61 -5.44 -24.62
C LEU K 826 8.87 -4.95 -23.90
N TYR K 827 9.75 -5.88 -23.49
CA TYR K 827 11.02 -5.56 -22.82
C TYR K 827 12.14 -6.57 -23.16
N ASP K 828 13.40 -6.16 -22.95
CA ASP K 828 14.62 -6.79 -23.51
C ASP K 828 15.74 -6.96 -22.46
N SER K 829 17.01 -7.05 -22.90
CA SER K 829 18.22 -7.25 -22.08
C SER K 829 18.27 -8.62 -21.37
N SER K 830 19.24 -8.82 -20.47
CA SER K 830 19.66 -10.10 -19.86
C SER K 830 20.20 -11.13 -20.88
N ILE K 831 20.75 -10.65 -22.01
CA ILE K 831 20.98 -11.48 -23.20
C ILE K 831 22.31 -12.26 -23.24
N SER K 832 23.37 -11.84 -22.54
CA SER K 832 24.73 -12.33 -22.81
C SER K 832 25.56 -12.69 -21.56
N PRO K 833 26.28 -13.83 -21.57
CA PRO K 833 27.47 -14.10 -20.75
C PRO K 833 28.69 -13.24 -21.14
N ARG K 834 29.87 -13.58 -20.58
CA ARG K 834 31.19 -12.96 -20.83
C ARG K 834 32.29 -14.02 -20.68
N GLY K 835 33.47 -13.79 -21.29
CA GLY K 835 34.66 -14.63 -21.14
C GLY K 835 35.29 -14.61 -19.73
N LEU K 836 36.48 -15.22 -19.61
CA LEU K 836 37.21 -15.43 -18.35
C LEU K 836 38.73 -15.30 -18.49
N MET K 837 39.43 -15.10 -17.37
CA MET K 837 40.89 -15.21 -17.30
C MET K 837 41.32 -16.69 -17.27
N LYS K 838 41.53 -17.30 -18.43
CA LYS K 838 42.08 -18.67 -18.58
C LYS K 838 43.60 -18.69 -18.31
N GLN K 839 43.99 -18.29 -17.10
CA GLN K 839 45.35 -17.93 -16.68
C GLN K 839 46.25 -19.15 -16.37
N ARG K 840 46.15 -20.20 -17.18
CA ARG K 840 46.75 -21.53 -16.94
C ARG K 840 48.23 -21.67 -17.34
N TYR K 841 48.77 -20.75 -18.15
CA TYR K 841 50.07 -20.96 -18.82
C TYR K 841 51.28 -21.13 -17.89
N GLN K 842 52.14 -22.10 -18.24
CA GLN K 842 53.44 -22.37 -17.61
C GLN K 842 54.54 -21.40 -18.05
N ARG K 843 55.66 -21.44 -17.32
CA ARG K 843 56.95 -20.81 -17.67
C ARG K 843 58.10 -21.80 -17.53
N VAL K 844 59.14 -21.64 -18.35
CA VAL K 844 60.24 -22.60 -18.53
C VAL K 844 61.54 -22.12 -17.88
N VAL K 845 62.21 -23.01 -17.14
CA VAL K 845 63.56 -22.79 -16.58
C VAL K 845 64.58 -23.67 -17.30
N THR K 846 65.64 -23.07 -17.86
CA THR K 846 66.67 -23.77 -18.65
C THR K 846 67.72 -24.45 -17.77
N ALA K 847 67.38 -25.61 -17.20
CA ALA K 847 68.27 -26.43 -16.36
C ALA K 847 69.42 -27.10 -17.15
N ARG K 848 70.47 -26.33 -17.45
CA ARG K 848 71.74 -26.77 -18.07
C ARG K 848 72.91 -25.84 -17.71
N ASN K 849 74.14 -26.26 -17.96
CA ASN K 849 75.37 -25.54 -17.56
C ASN K 849 76.39 -25.37 -18.72
N ALA K 850 77.53 -24.73 -18.42
CA ALA K 850 78.78 -24.73 -19.20
C ALA K 850 79.98 -24.53 -18.25
N SER K 851 81.19 -25.00 -18.63
CA SER K 851 82.37 -25.00 -17.75
C SER K 851 83.71 -25.11 -18.52
N LYS K 852 84.84 -24.83 -17.85
CA LYS K 852 86.19 -24.70 -18.44
C LYS K 852 87.29 -25.39 -17.60
N MET K 853 88.45 -25.64 -18.24
CA MET K 853 89.59 -26.40 -17.71
C MET K 853 90.59 -25.56 -16.87
N ASN K 854 91.56 -26.22 -16.23
CA ASN K 854 92.54 -25.64 -15.29
C ASN K 854 94.00 -26.12 -15.54
N PHE K 855 94.97 -25.41 -14.94
CA PHE K 855 96.42 -25.70 -15.04
C PHE K 855 97.14 -25.46 -13.69
N LYS K 856 98.11 -24.53 -13.62
CA LYS K 856 98.91 -24.11 -12.44
C LYS K 856 99.86 -25.19 -11.87
N VAL K 857 100.81 -24.75 -11.03
CA VAL K 857 101.89 -25.56 -10.42
C VAL K 857 101.99 -25.23 -8.91
N PRO K 858 102.17 -26.20 -8.00
CA PRO K 858 102.12 -25.95 -6.55
C PRO K 858 103.42 -25.34 -5.99
N ASN K 859 103.35 -24.79 -4.78
CA ASN K 859 104.49 -24.23 -4.04
C ASN K 859 104.71 -24.83 -2.62
N TYR K 860 103.72 -25.48 -2.01
CA TYR K 860 103.82 -26.24 -0.75
C TYR K 860 102.68 -27.28 -0.61
N ARG K 861 102.74 -28.14 0.43
CA ARG K 861 102.05 -29.45 0.49
C ARG K 861 100.51 -29.44 0.48
N PHE K 862 99.94 -30.61 0.19
CA PHE K 862 98.51 -30.89 0.03
C PHE K 862 97.65 -30.67 1.28
N GLU K 863 97.90 -31.40 2.37
CA GLU K 863 97.05 -31.34 3.57
C GLU K 863 97.01 -29.94 4.24
N PRO K 864 98.12 -29.17 4.30
CA PRO K 864 98.08 -27.78 4.74
C PRO K 864 97.12 -26.88 3.93
N MET K 865 96.82 -27.23 2.67
CA MET K 865 95.82 -26.52 1.87
C MET K 865 94.38 -27.02 2.14
N LEU K 866 94.19 -28.32 2.41
CA LEU K 866 92.92 -28.82 2.94
C LEU K 866 92.55 -28.17 4.29
N ASN K 867 93.56 -27.84 5.11
CA ASN K 867 93.38 -27.11 6.36
C ASN K 867 93.16 -25.59 6.19
N ARG K 868 93.05 -25.06 4.96
CA ARG K 868 92.75 -23.64 4.69
C ARG K 868 91.55 -23.44 3.75
N SER K 869 91.39 -24.30 2.75
CA SER K 869 90.34 -24.19 1.72
C SER K 869 88.91 -24.28 2.28
N LYS K 870 88.67 -25.05 3.35
CA LYS K 870 87.33 -25.31 3.90
C LYS K 870 86.57 -24.05 4.34
N SER K 871 87.16 -23.27 5.25
CA SER K 871 86.47 -22.15 5.93
C SER K 871 86.11 -21.01 4.98
N GLY K 872 86.93 -20.74 3.96
CA GLY K 872 86.62 -19.75 2.93
C GLY K 872 85.42 -20.15 2.06
N VAL K 873 85.30 -21.45 1.75
CA VAL K 873 84.14 -22.02 1.03
C VAL K 873 82.88 -21.97 1.89
N GLU K 874 82.93 -22.45 3.13
CA GLU K 874 81.75 -22.48 4.02
C GLU K 874 81.28 -21.07 4.45
N THR K 875 82.19 -20.10 4.51
CA THR K 875 81.84 -18.68 4.65
C THR K 875 81.05 -18.19 3.43
N LEU K 876 81.36 -18.67 2.21
CA LEU K 876 80.58 -18.32 1.01
C LEU K 876 79.17 -18.95 1.02
N ILE K 877 79.01 -20.17 1.55
CA ILE K 877 77.67 -20.76 1.82
C ILE K 877 76.89 -19.90 2.84
N GLN K 878 77.56 -19.40 3.88
CA GLN K 878 76.96 -18.50 4.87
C GLN K 878 76.57 -17.15 4.25
N PHE K 879 77.43 -16.51 3.44
CA PHE K 879 77.11 -15.27 2.73
C PHE K 879 75.98 -15.45 1.70
N GLY K 880 75.96 -16.56 0.96
CA GLY K 880 74.94 -16.84 -0.05
C GLY K 880 73.56 -17.11 0.54
N SER K 881 73.49 -17.91 1.61
CA SER K 881 72.24 -18.11 2.37
C SER K 881 71.80 -16.86 3.13
N THR K 882 72.74 -16.01 3.60
CA THR K 882 72.42 -14.68 4.14
C THR K 882 71.76 -13.79 3.07
N LEU K 883 72.36 -13.68 1.88
CA LEU K 883 71.79 -12.94 0.76
C LEU K 883 70.39 -13.45 0.36
N LEU K 884 70.22 -14.78 0.26
CA LEU K 884 68.95 -15.40 -0.13
C LEU K 884 67.83 -15.16 0.90
N SER K 885 68.12 -15.42 2.18
CA SER K 885 67.16 -15.26 3.27
C SER K 885 66.78 -13.80 3.53
N LEU K 886 67.72 -12.85 3.40
CA LEU K 886 67.40 -11.41 3.42
C LEU K 886 66.54 -10.99 2.21
N LEU K 887 66.76 -11.57 1.02
CA LEU K 887 66.01 -11.21 -0.17
C LEU K 887 64.55 -11.70 -0.12
N GLU K 888 64.27 -12.83 0.56
CA GLU K 888 62.90 -13.21 0.95
C GLU K 888 62.26 -12.19 1.91
N ARG K 889 63.02 -11.67 2.89
CA ARG K 889 62.52 -10.67 3.85
C ARG K 889 62.22 -9.32 3.16
N LYS K 890 63.08 -8.91 2.22
CA LYS K 890 62.86 -7.76 1.33
C LYS K 890 61.58 -7.91 0.51
N ASP K 891 61.47 -8.97 -0.32
CA ASP K 891 60.38 -9.07 -1.29
C ASP K 891 59.03 -9.48 -0.65
N SER K 892 59.03 -10.05 0.56
CA SER K 892 57.81 -10.24 1.37
C SER K 892 57.20 -8.91 1.82
N LEU K 893 58.00 -8.01 2.43
CA LEU K 893 57.47 -6.74 2.97
C LEU K 893 57.00 -5.77 1.87
N SER K 894 57.64 -5.78 0.70
CA SER K 894 57.17 -5.02 -0.48
C SER K 894 55.79 -5.46 -0.97
N PHE K 895 55.39 -6.72 -0.73
CA PHE K 895 54.02 -7.17 -1.00
C PHE K 895 53.04 -6.59 0.01
N ASP K 896 53.37 -6.66 1.31
CA ASP K 896 52.57 -6.09 2.41
C ASP K 896 52.34 -4.57 2.26
N ALA K 897 53.27 -3.84 1.63
CA ALA K 897 53.14 -2.42 1.29
C ALA K 897 52.08 -2.17 0.19
N TYR K 898 52.27 -2.78 -0.98
CA TYR K 898 51.43 -2.61 -2.18
C TYR K 898 49.98 -3.08 -1.97
N GLN K 899 49.78 -4.06 -1.08
CA GLN K 899 48.45 -4.55 -0.68
C GLN K 899 47.58 -3.51 0.05
N MET K 900 48.16 -2.45 0.66
CA MET K 900 47.38 -1.41 1.36
C MET K 900 46.69 -0.41 0.42
N ILE K 901 47.41 0.07 -0.61
CA ILE K 901 46.93 1.11 -1.54
C ILE K 901 45.73 0.67 -2.40
N GLN K 902 45.47 -0.65 -2.46
CA GLN K 902 44.32 -1.27 -3.13
C GLN K 902 42.95 -0.80 -2.58
N SER K 903 42.92 -0.25 -1.37
CA SER K 903 41.72 0.30 -0.73
C SER K 903 41.35 1.71 -1.22
N GLY K 904 42.28 2.47 -1.82
CA GLY K 904 42.13 3.91 -2.10
C GLY K 904 41.02 4.25 -3.09
N ASP K 905 40.91 3.51 -4.20
CA ASP K 905 39.81 3.65 -5.16
C ASP K 905 38.46 3.21 -4.57
N LEU K 906 38.47 2.14 -3.76
CA LEU K 906 37.24 1.56 -3.20
C LEU K 906 36.55 2.50 -2.22
N TYR K 907 37.30 3.24 -1.40
CA TYR K 907 36.73 4.31 -0.56
C TYR K 907 36.09 5.43 -1.40
N ARG K 908 36.75 5.87 -2.48
CA ARG K 908 36.23 6.92 -3.38
C ARG K 908 34.90 6.52 -4.00
N PHE K 909 34.84 5.32 -4.62
CA PHE K 909 33.63 4.76 -5.20
C PHE K 909 32.52 4.50 -4.14
N SER K 910 32.88 4.07 -2.93
CA SER K 910 31.92 3.84 -1.83
C SER K 910 31.22 5.12 -1.39
N ILE K 911 31.97 6.22 -1.19
CA ILE K 911 31.41 7.51 -0.80
C ILE K 911 30.55 8.09 -1.94
N ASP K 912 31.09 8.11 -3.18
CA ASP K 912 30.42 8.72 -4.33
C ASP K 912 29.23 7.91 -4.89
N LEU K 913 29.04 6.66 -4.46
CA LEU K 913 27.77 5.95 -4.59
C LEU K 913 26.80 6.29 -3.43
N GLN K 914 27.25 6.14 -2.17
CA GLN K 914 26.35 6.21 -1.01
C GLN K 914 25.83 7.62 -0.72
N GLN K 915 26.60 8.69 -0.97
CA GLN K 915 26.21 10.07 -0.62
C GLN K 915 24.83 10.48 -1.14
N GLN K 916 24.41 9.94 -2.30
CA GLN K 916 23.08 10.16 -2.88
C GLN K 916 21.92 9.78 -1.95
N ASP K 917 22.09 8.89 -0.95
CA ASP K 917 20.98 8.54 -0.05
C ASP K 917 20.56 9.69 0.90
N ILE K 918 21.43 10.69 1.14
CA ILE K 918 21.06 11.96 1.77
C ILE K 918 20.15 12.77 0.85
N ASP K 919 20.50 12.86 -0.45
CA ASP K 919 19.70 13.58 -1.45
C ASP K 919 18.36 12.90 -1.73
N ILE K 920 18.29 11.56 -1.66
CA ILE K 920 17.05 10.78 -1.74
C ILE K 920 16.21 10.97 -0.47
N ASN K 921 16.80 10.95 0.72
CA ASN K 921 16.06 11.21 1.97
C ASN K 921 15.51 12.64 2.04
N LYS K 922 16.21 13.64 1.46
CA LYS K 922 15.66 14.99 1.24
C LYS K 922 14.54 15.02 0.20
N ALA K 923 14.71 14.35 -0.94
CA ALA K 923 13.65 14.26 -1.96
C ALA K 923 12.37 13.57 -1.45
N SER K 924 12.52 12.58 -0.56
CA SER K 924 11.39 11.92 0.13
C SER K 924 10.66 12.86 1.11
N LEU K 925 11.38 13.72 1.84
CA LEU K 925 10.78 14.77 2.66
C LEU K 925 9.98 15.79 1.83
N GLU K 926 10.47 16.18 0.65
CA GLU K 926 9.69 17.00 -0.29
C GLU K 926 8.42 16.30 -0.80
N ALA K 927 8.47 14.98 -1.05
CA ALA K 927 7.29 14.19 -1.42
C ALA K 927 6.25 14.12 -0.27
N LEU K 928 6.69 14.03 0.98
CA LEU K 928 5.83 14.12 2.17
C LEU K 928 5.19 15.52 2.31
N GLN K 929 5.97 16.59 2.09
CA GLN K 929 5.46 17.96 2.04
C GLN K 929 4.44 18.20 0.92
N VAL K 930 4.59 17.53 -0.24
CA VAL K 930 3.60 17.51 -1.33
C VAL K 930 2.34 16.74 -0.95
N SER K 931 2.46 15.55 -0.33
CA SER K 931 1.31 14.71 0.02
C SER K 931 0.33 15.36 1.02
N LYS K 932 0.81 16.26 1.90
CA LYS K 932 0.00 17.00 2.89
C LYS K 932 -1.25 17.67 2.28
N GLN K 933 -1.12 18.29 1.10
CA GLN K 933 -2.21 18.95 0.38
C GLN K 933 -3.35 17.99 -0.04
N SER K 934 -3.07 16.70 -0.24
CA SER K 934 -4.09 15.72 -0.61
C SER K 934 -5.17 15.57 0.47
N ALA K 935 -4.74 15.57 1.74
CA ALA K 935 -5.59 15.61 2.92
C ALA K 935 -6.06 17.03 3.28
N GLN K 936 -5.14 18.02 3.26
CA GLN K 936 -5.44 19.40 3.68
C GLN K 936 -6.47 20.08 2.76
N ASP K 937 -6.37 19.93 1.43
CA ASP K 937 -7.35 20.48 0.48
C ASP K 937 -8.70 19.75 0.56
N ARG K 938 -8.69 18.44 0.88
CA ARG K 938 -9.90 17.64 1.13
C ARG K 938 -10.60 18.03 2.44
N TYR K 939 -9.85 18.43 3.46
CA TYR K 939 -10.37 18.98 4.72
C TYR K 939 -10.90 20.41 4.55
N ASP K 940 -10.02 21.38 4.29
CA ASP K 940 -10.24 22.79 4.66
C ASP K 940 -11.34 23.52 3.84
N HIS K 941 -11.79 22.96 2.72
CA HIS K 941 -13.00 23.39 2.02
C HIS K 941 -14.27 23.25 2.88
N PHE K 942 -14.41 22.16 3.64
CA PHE K 942 -15.74 21.71 4.12
C PHE K 942 -16.39 22.59 5.19
N LYS K 943 -15.73 23.63 5.73
CA LYS K 943 -16.42 24.69 6.50
C LYS K 943 -17.48 25.43 5.67
N GLU K 944 -17.40 25.37 4.34
CA GLU K 944 -18.43 25.82 3.39
C GLU K 944 -19.62 24.84 3.23
N LEU K 945 -19.67 23.75 4.03
CA LEU K 945 -20.72 22.71 4.00
C LEU K 945 -21.17 22.23 5.40
N TYR K 946 -20.28 22.12 6.40
CA TYR K 946 -20.71 21.94 7.81
C TYR K 946 -21.23 23.25 8.44
N ASP K 947 -21.11 24.37 7.74
CA ASP K 947 -21.76 25.66 8.01
C ASP K 947 -22.24 26.27 6.66
N GLU K 948 -23.13 27.27 6.72
CA GLU K 948 -23.90 27.83 5.59
C GLU K 948 -24.67 26.75 4.77
N ASN K 949 -25.18 25.73 5.47
CA ASN K 949 -25.88 24.55 4.94
C ASN K 949 -27.27 24.83 4.33
N ILE K 950 -27.74 26.09 4.36
CA ILE K 950 -29.02 26.60 3.83
C ILE K 950 -28.80 28.00 3.24
N SER K 951 -29.62 28.40 2.26
CA SER K 951 -29.66 29.73 1.63
C SER K 951 -31.11 30.14 1.30
N SER K 952 -31.36 31.44 1.09
CA SER K 952 -32.71 32.03 1.05
C SER K 952 -33.65 31.44 -0.01
N THR K 953 -33.13 30.93 -1.13
CA THR K 953 -33.94 30.27 -2.18
C THR K 953 -34.51 28.92 -1.75
N GLU K 954 -33.73 28.08 -1.04
CA GLU K 954 -34.20 26.78 -0.58
C GLU K 954 -35.07 26.85 0.70
N GLN K 955 -35.19 28.04 1.30
CA GLN K 955 -36.25 28.38 2.26
C GLN K 955 -37.60 28.56 1.55
N LYS K 956 -37.68 29.31 0.44
CA LYS K 956 -38.94 29.49 -0.33
C LYS K 956 -39.48 28.19 -0.92
N VAL K 957 -38.61 27.21 -1.16
CA VAL K 957 -38.96 25.82 -1.51
C VAL K 957 -39.81 25.11 -0.42
N ILE K 958 -39.68 25.52 0.85
CA ILE K 958 -40.57 25.09 1.95
C ILE K 958 -41.82 26.00 2.04
N GLU K 959 -41.64 27.33 2.06
CA GLU K 959 -42.72 28.29 2.36
C GLU K 959 -43.94 28.13 1.42
N LEU K 960 -43.69 27.96 0.12
CA LEU K 960 -44.73 27.76 -0.90
C LEU K 960 -45.41 26.36 -0.83
N GLN K 961 -44.90 25.44 0.01
CA GLN K 961 -45.57 24.18 0.39
C GLN K 961 -46.44 24.38 1.64
N SER K 962 -45.87 24.92 2.73
CA SER K 962 -46.53 25.08 4.04
C SER K 962 -47.62 26.17 4.06
N GLN K 963 -47.57 27.11 3.11
CA GLN K 963 -48.61 28.14 2.86
C GLN K 963 -50.03 27.55 2.64
N ALA K 964 -50.16 26.27 2.29
CA ALA K 964 -51.43 25.52 2.22
C ALA K 964 -52.15 25.34 3.59
N ALA K 965 -51.66 25.97 4.67
CA ALA K 965 -52.38 26.14 5.93
C ALA K 965 -53.76 26.85 5.78
N ASN K 966 -54.00 27.60 4.69
CA ASN K 966 -55.34 28.14 4.35
C ASN K 966 -56.34 27.07 3.84
N SER K 967 -55.99 25.78 3.80
CA SER K 967 -56.93 24.69 3.44
C SER K 967 -58.05 24.44 4.49
N LEU K 968 -58.03 25.19 5.60
CA LEU K 968 -59.15 25.44 6.53
C LEU K 968 -60.19 26.46 6.01
N LEU K 969 -59.83 27.23 4.97
CA LEU K 969 -60.57 28.38 4.41
C LEU K 969 -60.88 28.22 2.90
N MET K 970 -60.08 27.43 2.16
CA MET K 970 -60.11 27.27 0.69
C MET K 970 -61.45 26.81 0.08
N ALA K 971 -62.35 26.22 0.87
CA ALA K 971 -63.57 25.57 0.39
C ALA K 971 -64.86 26.26 0.89
N GLN K 972 -64.78 27.04 1.95
CA GLN K 972 -65.93 27.32 2.82
C GLN K 972 -67.04 28.13 2.11
N GLY K 973 -66.71 28.97 1.13
CA GLY K 973 -67.72 29.69 0.33
C GLY K 973 -68.62 28.78 -0.52
N MET K 974 -68.25 27.49 -0.69
CA MET K 974 -69.09 26.43 -1.26
C MET K 974 -70.42 26.28 -0.54
N ARG K 975 -70.37 26.04 0.78
CA ARG K 975 -71.55 25.65 1.55
C ARG K 975 -72.58 26.76 1.53
N THR K 976 -72.13 27.99 1.73
CA THR K 976 -72.99 29.17 1.82
C THR K 976 -73.64 29.49 0.47
N ALA K 977 -72.90 29.31 -0.64
CA ALA K 977 -73.43 29.41 -1.99
C ALA K 977 -74.50 28.36 -2.32
N ALA K 978 -74.21 27.09 -1.97
CA ALA K 978 -75.16 25.98 -2.07
C ALA K 978 -76.42 26.20 -1.21
N ALA K 979 -76.26 26.69 0.02
CA ALA K 979 -77.36 27.05 0.89
C ALA K 979 -78.18 28.21 0.32
N ALA K 980 -77.54 29.25 -0.22
CA ALA K 980 -78.24 30.40 -0.83
C ALA K 980 -79.00 30.01 -2.10
N LEU K 981 -78.53 28.98 -2.82
CA LEU K 981 -79.20 28.32 -3.95
C LEU K 981 -80.29 27.30 -3.52
N ASP K 982 -80.55 27.15 -2.21
CA ASP K 982 -81.52 26.18 -1.67
C ASP K 982 -82.62 26.81 -0.80
N VAL K 983 -82.27 27.53 0.28
CA VAL K 983 -83.20 28.00 1.33
C VAL K 983 -84.37 28.86 0.81
N ILE K 984 -84.21 29.51 -0.35
CA ILE K 984 -85.22 30.38 -1.00
C ILE K 984 -85.30 30.09 -2.51
N PRO K 985 -86.45 30.35 -3.16
CA PRO K 985 -86.65 30.11 -4.59
C PRO K 985 -85.89 31.12 -5.48
N ASN K 986 -85.56 30.62 -6.69
CA ASN K 986 -84.96 31.28 -7.87
C ASN K 986 -85.94 32.18 -8.62
N ILE K 987 -87.22 31.83 -8.57
CA ILE K 987 -88.31 32.41 -9.37
C ILE K 987 -89.66 32.42 -8.63
N TYR K 988 -90.45 33.45 -8.89
CA TYR K 988 -91.82 33.68 -8.39
C TYR K 988 -92.76 34.04 -9.55
N GLY K 989 -94.02 33.60 -9.49
CA GLY K 989 -95.05 33.90 -10.51
C GLY K 989 -96.17 32.87 -10.56
N LEU K 990 -96.73 32.63 -11.76
CA LEU K 990 -97.63 31.51 -12.03
C LEU K 990 -96.99 30.15 -11.66
N ALA K 991 -95.68 30.02 -11.92
CA ALA K 991 -94.82 28.99 -11.36
C ALA K 991 -93.78 29.63 -10.40
N VAL K 992 -93.58 29.02 -9.22
CA VAL K 992 -92.65 29.45 -8.16
C VAL K 992 -91.72 28.30 -7.77
N GLY K 993 -90.45 28.56 -7.46
CA GLY K 993 -89.51 27.51 -7.05
C GLY K 993 -88.07 27.72 -7.54
N GLY K 994 -87.45 26.61 -7.95
CA GLY K 994 -86.07 26.53 -8.46
C GLY K 994 -85.01 26.21 -7.40
N SER K 995 -85.40 25.90 -6.17
CA SER K 995 -84.49 25.44 -5.10
C SER K 995 -83.77 24.15 -5.52
N HIS K 996 -82.43 24.20 -5.63
CA HIS K 996 -81.64 23.10 -6.16
C HIS K 996 -81.41 22.00 -5.12
N TRP K 997 -82.36 21.05 -4.99
CA TRP K 997 -82.46 20.09 -3.87
C TRP K 997 -81.12 19.48 -3.39
N GLY K 998 -80.31 18.94 -4.29
CA GLY K 998 -79.05 18.26 -3.96
C GLY K 998 -77.85 19.17 -3.63
N ALA K 999 -77.96 20.49 -3.80
CA ALA K 999 -76.83 21.40 -3.73
C ALA K 999 -75.89 21.28 -2.50
N PRO K 1000 -76.37 21.17 -1.24
CA PRO K 1000 -75.49 21.12 -0.07
C PRO K 1000 -74.72 19.79 0.00
N LEU K 1001 -75.40 18.66 -0.17
CA LEU K 1001 -74.78 17.34 -0.13
C LEU K 1001 -73.82 17.12 -1.30
N ASN K 1002 -74.15 17.70 -2.47
CA ASN K 1002 -73.23 17.76 -3.60
C ASN K 1002 -71.97 18.58 -3.31
N ALA K 1003 -72.08 19.64 -2.49
CA ALA K 1003 -70.95 20.48 -2.09
C ALA K 1003 -70.07 19.82 -1.01
N ALA K 1004 -70.66 19.05 -0.11
CA ALA K 1004 -69.93 18.41 1.00
C ALA K 1004 -68.76 17.54 0.52
N ALA K 1005 -68.98 16.76 -0.54
CA ALA K 1005 -67.94 15.91 -1.13
C ALA K 1005 -66.70 16.68 -1.62
N GLU K 1006 -66.88 17.90 -2.14
CA GLU K 1006 -65.76 18.75 -2.55
C GLU K 1006 -64.98 19.27 -1.33
N ILE K 1007 -65.69 19.70 -0.28
CA ILE K 1007 -65.09 20.15 0.98
C ILE K 1007 -64.27 19.01 1.61
N ILE K 1008 -64.84 17.80 1.67
CA ILE K 1008 -64.18 16.60 2.19
C ILE K 1008 -62.96 16.21 1.35
N MET K 1009 -63.03 16.31 0.03
CA MET K 1009 -61.91 15.99 -0.87
C MET K 1009 -60.68 16.89 -0.64
N ILE K 1010 -60.89 18.20 -0.43
CA ILE K 1010 -59.82 19.20 -0.37
C ILE K 1010 -58.76 18.91 0.71
N LYS K 1011 -59.14 18.27 1.81
CA LYS K 1011 -58.24 17.89 2.91
C LYS K 1011 -57.00 17.11 2.44
N TYR K 1012 -57.17 16.17 1.51
CA TYR K 1012 -56.12 15.24 1.04
C TYR K 1012 -54.95 15.92 0.29
N GLN K 1013 -55.24 16.86 -0.62
CA GLN K 1013 -54.28 17.61 -1.43
C GLN K 1013 -53.36 18.48 -0.54
N ALA K 1014 -53.91 19.03 0.55
CA ALA K 1014 -53.17 19.74 1.57
C ALA K 1014 -52.31 18.79 2.43
N ASP K 1015 -52.88 17.75 3.04
CA ASP K 1015 -52.12 16.86 3.94
C ASP K 1015 -51.03 16.06 3.20
N SER K 1016 -51.33 15.51 2.01
CA SER K 1016 -50.33 14.90 1.13
C SER K 1016 -49.35 15.88 0.44
N SER K 1017 -49.41 17.19 0.76
CA SER K 1017 -48.37 18.18 0.40
C SER K 1017 -47.71 18.86 1.62
N LYS K 1018 -48.36 18.86 2.78
CA LYS K 1018 -47.73 18.99 4.12
C LYS K 1018 -46.73 17.86 4.36
N SER K 1019 -47.00 16.65 3.86
CA SER K 1019 -46.05 15.53 3.84
C SER K 1019 -44.83 15.76 2.94
N GLU K 1020 -44.97 16.56 1.87
CA GLU K 1020 -43.84 17.00 1.04
C GLU K 1020 -43.04 18.12 1.74
N SER K 1021 -43.72 19.05 2.42
CA SER K 1021 -43.07 20.05 3.29
C SER K 1021 -42.25 19.40 4.40
N LEU K 1022 -42.83 18.44 5.14
CA LEU K 1022 -42.13 17.75 6.23
C LEU K 1022 -41.12 16.69 5.73
N SER K 1023 -41.29 16.14 4.53
CA SER K 1023 -40.25 15.35 3.86
C SER K 1023 -39.00 16.18 3.51
N VAL K 1024 -39.18 17.43 3.07
CA VAL K 1024 -38.07 18.41 2.93
C VAL K 1024 -37.48 18.78 4.30
N SER K 1025 -38.33 18.93 5.33
CA SER K 1025 -37.91 19.25 6.70
C SER K 1025 -37.03 18.16 7.33
N GLU K 1026 -37.31 16.88 7.05
CA GLU K 1026 -36.40 15.77 7.40
C GLU K 1026 -35.17 15.73 6.49
N SER K 1027 -35.32 15.89 5.17
CA SER K 1027 -34.20 15.79 4.22
C SER K 1027 -33.09 16.82 4.50
N TYR K 1028 -33.44 18.09 4.77
CA TYR K 1028 -32.47 19.12 5.16
C TYR K 1028 -31.76 18.78 6.48
N ARG K 1029 -32.44 18.09 7.42
CA ARG K 1029 -31.86 17.59 8.68
C ARG K 1029 -30.90 16.42 8.45
N ARG K 1030 -31.24 15.48 7.56
CA ARG K 1030 -30.37 14.36 7.14
C ARG K 1030 -29.12 14.82 6.38
N ARG K 1031 -29.22 15.88 5.55
CA ARG K 1031 -28.14 16.34 4.66
C ARG K 1031 -26.86 16.74 5.40
N ARG K 1032 -26.95 17.52 6.48
CA ARG K 1032 -25.78 18.04 7.23
C ARG K 1032 -24.83 16.93 7.73
N GLN K 1033 -25.37 15.79 8.13
CA GLN K 1033 -24.59 14.68 8.70
C GLN K 1033 -23.53 14.11 7.74
N GLU K 1034 -23.78 14.13 6.42
CA GLU K 1034 -22.83 13.60 5.42
C GLU K 1034 -21.58 14.48 5.27
N TRP K 1035 -21.75 15.80 5.42
CA TRP K 1035 -20.67 16.79 5.39
C TRP K 1035 -19.96 16.92 6.75
N GLU K 1036 -20.69 16.77 7.85
CA GLU K 1036 -20.17 16.68 9.22
C GLU K 1036 -19.12 15.57 9.37
N LEU K 1037 -19.43 14.36 8.88
CA LEU K 1037 -18.50 13.22 8.86
C LEU K 1037 -17.32 13.46 7.91
N GLN K 1038 -17.60 13.98 6.70
CA GLN K 1038 -16.59 14.14 5.66
C GLN K 1038 -15.49 15.14 6.05
N TYR K 1039 -15.84 16.26 6.71
CA TYR K 1039 -14.83 17.22 7.16
C TYR K 1039 -13.99 16.65 8.32
N LYS K 1040 -14.63 16.02 9.32
CA LYS K 1040 -13.95 15.61 10.55
C LYS K 1040 -13.02 14.40 10.35
N GLN K 1041 -13.39 13.47 9.47
CA GLN K 1041 -12.48 12.40 9.04
C GLN K 1041 -11.26 12.97 8.28
N ALA K 1042 -11.46 13.92 7.37
CA ALA K 1042 -10.37 14.58 6.66
C ALA K 1042 -9.46 15.38 7.61
N GLU K 1043 -10.05 16.11 8.57
CA GLU K 1043 -9.33 16.87 9.61
C GLU K 1043 -8.45 15.96 10.49
N TRP K 1044 -8.92 14.74 10.79
CA TRP K 1044 -8.13 13.76 11.54
C TRP K 1044 -7.07 13.04 10.68
N GLU K 1045 -7.24 12.91 9.37
CA GLU K 1045 -6.15 12.47 8.48
C GLU K 1045 -5.08 13.57 8.25
N VAL K 1046 -5.47 14.85 8.27
CA VAL K 1046 -4.52 15.97 8.38
C VAL K 1046 -3.71 15.89 9.69
N ASN K 1047 -4.31 15.35 10.77
CA ASN K 1047 -3.60 15.03 12.01
C ASN K 1047 -2.68 13.78 11.84
N SER K 1048 -3.16 12.71 11.19
CA SER K 1048 -2.41 11.46 11.00
C SER K 1048 -1.16 11.62 10.13
N VAL K 1049 -1.21 12.41 9.04
CA VAL K 1049 -0.08 12.65 8.13
C VAL K 1049 1.10 13.34 8.83
N GLU K 1050 0.86 14.09 9.91
CA GLU K 1050 1.91 14.82 10.64
C GLU K 1050 2.97 13.90 11.28
N GLN K 1051 2.60 12.66 11.62
CA GLN K 1051 3.55 11.65 12.12
C GLN K 1051 4.53 11.20 11.02
N GLN K 1052 4.05 11.01 9.79
CA GLN K 1052 4.85 10.50 8.67
C GLN K 1052 5.94 11.50 8.22
N ILE K 1053 5.63 12.80 8.25
CA ILE K 1053 6.62 13.85 7.96
C ILE K 1053 7.62 14.03 9.13
N ASN K 1054 7.17 13.94 10.40
CA ASN K 1054 8.07 14.04 11.56
C ASN K 1054 9.04 12.84 11.66
N LEU K 1055 8.60 11.63 11.29
CA LEU K 1055 9.44 10.41 11.22
C LEU K 1055 10.64 10.56 10.27
N GLN K 1056 10.55 11.34 9.20
CA GLN K 1056 11.61 11.40 8.17
C GLN K 1056 12.93 12.02 8.67
N ASN K 1057 12.88 12.83 9.74
CA ASN K 1057 14.08 13.36 10.40
C ASN K 1057 15.06 12.25 10.84
N MET K 1058 14.55 11.09 11.26
CA MET K 1058 15.39 9.99 11.75
C MET K 1058 16.24 9.37 10.63
N GLN K 1059 15.70 9.18 9.43
CA GLN K 1059 16.46 8.66 8.28
C GLN K 1059 17.41 9.71 7.69
N ILE K 1060 17.05 11.00 7.76
CA ILE K 1060 17.95 12.09 7.39
C ILE K 1060 19.18 12.12 8.32
N LYS K 1061 18.97 11.96 9.64
CA LYS K 1061 20.05 11.79 10.63
C LYS K 1061 20.86 10.52 10.40
N ALA K 1062 20.20 9.39 10.14
CA ALA K 1062 20.88 8.11 9.87
C ALA K 1062 21.80 8.18 8.64
N ALA K 1063 21.34 8.76 7.53
CA ALA K 1063 22.16 8.91 6.31
C ALA K 1063 23.41 9.79 6.53
N ASN K 1064 23.32 10.86 7.33
CA ASN K 1064 24.48 11.66 7.71
C ASN K 1064 25.42 10.90 8.66
N LYS K 1065 24.88 10.23 9.69
CA LYS K 1065 25.64 9.37 10.62
C LYS K 1065 26.23 8.11 9.98
N ARG K 1066 25.76 7.72 8.79
CA ARG K 1066 26.30 6.66 7.92
C ARG K 1066 27.52 7.15 7.13
N LEU K 1067 27.37 8.25 6.38
CA LEU K 1067 28.39 8.74 5.44
C LEU K 1067 29.74 9.08 6.10
N GLU K 1068 29.72 9.68 7.29
CA GLU K 1068 30.93 10.10 8.03
C GLU K 1068 31.83 8.92 8.48
N GLN K 1069 31.30 7.70 8.54
CA GLN K 1069 32.05 6.51 8.96
C GLN K 1069 32.98 6.02 7.85
N VAL K 1070 32.59 6.16 6.58
CA VAL K 1070 33.43 5.77 5.43
C VAL K 1070 34.63 6.72 5.30
N GLU K 1071 34.43 8.01 5.58
CA GLU K 1071 35.50 9.01 5.67
C GLU K 1071 36.48 8.71 6.82
N ALA K 1072 35.97 8.37 8.01
CA ALA K 1072 36.79 7.98 9.16
C ALA K 1072 37.66 6.74 8.84
N GLN K 1073 37.06 5.70 8.25
CA GLN K 1073 37.73 4.49 7.79
C GLN K 1073 38.82 4.78 6.75
N GLN K 1074 38.53 5.61 5.73
CA GLN K 1074 39.52 6.01 4.72
C GLN K 1074 40.73 6.71 5.35
N GLN K 1075 40.49 7.71 6.21
CA GLN K 1075 41.57 8.49 6.82
C GLN K 1075 42.42 7.67 7.80
N GLN K 1076 41.84 6.73 8.56
CA GLN K 1076 42.65 5.83 9.40
C GLN K 1076 43.37 4.73 8.61
N ALA K 1077 42.85 4.29 7.46
CA ALA K 1077 43.59 3.42 6.54
C ALA K 1077 44.82 4.13 5.95
N MET K 1078 44.71 5.42 5.64
CA MET K 1078 45.84 6.29 5.28
C MET K 1078 46.82 6.47 6.45
N ALA K 1079 46.32 6.65 7.69
CA ALA K 1079 47.16 6.72 8.90
C ALA K 1079 47.90 5.40 9.22
N LEU K 1080 47.30 4.23 8.92
CA LEU K 1080 47.98 2.92 8.99
C LEU K 1080 49.09 2.79 7.95
N LEU K 1081 48.87 3.26 6.71
CA LEU K 1081 49.90 3.28 5.67
C LEU K 1081 51.07 4.21 6.03
N ASP K 1082 50.80 5.36 6.64
CA ASP K 1082 51.82 6.22 7.26
C ASP K 1082 52.57 5.52 8.41
N TYR K 1083 51.87 4.89 9.35
CA TYR K 1083 52.50 4.21 10.48
C TYR K 1083 53.38 3.02 10.05
N PHE K 1084 52.94 2.27 9.02
CA PHE K 1084 53.70 1.20 8.38
C PHE K 1084 54.92 1.72 7.60
N SER K 1085 54.74 2.74 6.75
CA SER K 1085 55.84 3.34 5.96
C SER K 1085 56.84 4.15 6.79
N GLU K 1086 56.50 4.47 8.05
CA GLU K 1086 57.40 5.07 9.05
C GLU K 1086 57.88 4.08 10.14
N ARG K 1087 57.67 2.76 9.95
CA ARG K 1087 58.31 1.66 10.71
C ARG K 1087 59.84 1.68 10.50
N PHE K 1088 60.63 1.37 11.53
CA PHE K 1088 62.10 1.35 11.40
C PHE K 1088 62.57 0.33 10.37
N THR K 1089 62.30 -0.98 10.57
CA THR K 1089 62.67 -2.06 9.65
C THR K 1089 61.72 -2.18 8.45
N ASN K 1090 61.48 -1.04 7.79
CA ASN K 1090 60.83 -0.95 6.49
C ASN K 1090 61.77 -1.41 5.35
N GLU K 1091 61.23 -1.40 4.12
CA GLU K 1091 61.87 -1.85 2.87
C GLU K 1091 63.31 -1.35 2.66
N SER K 1092 63.65 -0.16 3.16
CA SER K 1092 64.99 0.43 2.99
C SER K 1092 66.11 -0.38 3.65
N LEU K 1093 65.89 -0.99 4.83
CA LEU K 1093 66.97 -1.63 5.59
C LEU K 1093 67.43 -2.95 4.96
N TYR K 1094 66.49 -3.81 4.53
CA TYR K 1094 66.81 -5.02 3.77
C TYR K 1094 67.49 -4.67 2.44
N THR K 1095 67.00 -3.62 1.77
CA THR K 1095 67.59 -3.10 0.53
C THR K 1095 69.04 -2.63 0.74
N TRP K 1096 69.31 -1.86 1.79
CA TRP K 1096 70.65 -1.41 2.15
C TRP K 1096 71.60 -2.58 2.48
N LEU K 1097 71.16 -3.56 3.29
CA LEU K 1097 71.97 -4.75 3.59
C LEU K 1097 72.32 -5.55 2.32
N ILE K 1098 71.32 -5.92 1.51
CA ILE K 1098 71.52 -6.76 0.31
C ILE K 1098 72.42 -6.05 -0.71
N SER K 1099 72.18 -4.76 -0.97
CA SER K 1099 72.96 -3.97 -1.93
C SER K 1099 74.42 -3.68 -1.49
N GLN K 1100 74.78 -3.94 -0.22
CA GLN K 1100 76.18 -4.06 0.20
C GLN K 1100 76.69 -5.52 0.15
N LEU K 1101 75.95 -6.46 0.74
CA LEU K 1101 76.32 -7.89 0.82
C LEU K 1101 76.58 -8.55 -0.56
N SER K 1102 75.93 -8.06 -1.62
CA SER K 1102 76.15 -8.53 -3.00
C SER K 1102 77.61 -8.38 -3.46
N SER K 1103 78.33 -7.40 -2.91
CA SER K 1103 79.77 -7.20 -3.14
C SER K 1103 80.64 -8.15 -2.31
N LEU K 1104 80.30 -8.41 -1.04
CA LEU K 1104 81.06 -9.31 -0.15
C LEU K 1104 81.10 -10.74 -0.74
N TYR K 1105 79.99 -11.21 -1.31
CA TYR K 1105 79.92 -12.54 -1.96
C TYR K 1105 80.86 -12.65 -3.18
N LEU K 1106 80.83 -11.67 -4.08
CA LEU K 1106 81.68 -11.69 -5.30
C LEU K 1106 83.18 -11.48 -4.99
N GLN K 1107 83.51 -10.61 -4.02
CA GLN K 1107 84.89 -10.41 -3.55
C GLN K 1107 85.49 -11.68 -2.92
N ALA K 1108 84.67 -12.53 -2.29
CA ALA K 1108 85.07 -13.85 -1.81
C ALA K 1108 85.16 -14.88 -2.95
N TYR K 1109 84.15 -14.96 -3.83
CA TYR K 1109 84.08 -15.94 -4.93
C TYR K 1109 85.27 -15.87 -5.91
N ASP K 1110 85.66 -14.68 -6.36
CA ASP K 1110 86.81 -14.52 -7.28
C ASP K 1110 88.17 -14.85 -6.62
N ALA K 1111 88.21 -14.91 -5.28
CA ALA K 1111 89.41 -15.16 -4.48
C ALA K 1111 89.59 -16.63 -4.02
N VAL K 1112 88.51 -17.30 -3.60
CA VAL K 1112 88.59 -18.62 -2.92
C VAL K 1112 89.08 -19.76 -3.82
N LEU K 1113 88.82 -19.68 -5.12
CA LEU K 1113 89.00 -20.79 -6.07
C LEU K 1113 90.45 -21.25 -6.26
N SER K 1114 91.42 -20.39 -5.95
CA SER K 1114 92.84 -20.73 -5.99
C SER K 1114 93.25 -21.71 -4.89
N LEU K 1115 92.52 -21.76 -3.77
CA LEU K 1115 92.80 -22.70 -2.69
C LEU K 1115 92.49 -24.13 -3.11
N CYS K 1116 91.30 -24.38 -3.69
CA CYS K 1116 90.97 -25.70 -4.21
C CYS K 1116 91.74 -26.04 -5.50
N LEU K 1117 92.03 -25.07 -6.38
CA LEU K 1117 92.90 -25.31 -7.53
C LEU K 1117 94.32 -25.73 -7.12
N SER K 1118 94.92 -25.05 -6.13
CA SER K 1118 96.24 -25.43 -5.62
C SER K 1118 96.23 -26.74 -4.83
N ALA K 1119 95.09 -27.12 -4.23
CA ALA K 1119 94.89 -28.46 -3.69
C ALA K 1119 94.93 -29.54 -4.78
N GLU K 1120 94.31 -29.35 -5.95
CA GLU K 1120 94.50 -30.24 -7.11
C GLU K 1120 95.97 -30.29 -7.56
N ALA K 1121 96.58 -29.12 -7.76
CA ALA K 1121 97.95 -29.02 -8.28
C ALA K 1121 98.96 -29.72 -7.33
N SER K 1122 98.79 -29.54 -6.02
CA SER K 1122 99.64 -30.16 -5.01
C SER K 1122 99.34 -31.66 -4.82
N LEU K 1123 98.09 -32.11 -4.87
CA LEU K 1123 97.75 -33.54 -4.81
C LEU K 1123 98.43 -34.33 -5.93
N LEU K 1124 98.27 -33.86 -7.17
CA LEU K 1124 98.76 -34.54 -8.36
C LEU K 1124 100.29 -34.48 -8.48
N TYR K 1125 100.95 -33.45 -7.95
CA TYR K 1125 102.40 -33.44 -7.84
C TYR K 1125 102.91 -34.33 -6.70
N GLU K 1126 102.37 -34.19 -5.48
CA GLU K 1126 102.88 -34.84 -4.27
C GLU K 1126 102.66 -36.37 -4.26
N LEU K 1127 101.63 -36.87 -4.95
CA LEU K 1127 101.45 -38.29 -5.27
C LEU K 1127 101.97 -38.70 -6.67
N ASN K 1128 102.46 -37.75 -7.50
CA ASN K 1128 102.87 -37.97 -8.89
C ASN K 1128 101.81 -38.74 -9.72
N LEU K 1129 100.65 -38.11 -10.00
CA LEU K 1129 99.45 -38.73 -10.59
C LEU K 1129 99.02 -38.09 -11.92
N GLY K 1130 98.37 -38.89 -12.77
CA GLY K 1130 97.67 -38.44 -13.99
C GLY K 1130 96.38 -37.63 -13.71
N GLU K 1131 95.84 -37.00 -14.75
CA GLU K 1131 94.76 -36.01 -14.64
C GLU K 1131 93.40 -36.57 -14.14
N GLN K 1132 92.69 -35.77 -13.35
CA GLN K 1132 91.33 -36.06 -12.84
C GLN K 1132 90.36 -34.85 -12.88
N SER K 1133 90.86 -33.61 -13.00
CA SER K 1133 90.10 -32.37 -13.25
C SER K 1133 88.84 -32.20 -12.38
N PHE K 1134 89.01 -32.09 -11.06
CA PHE K 1134 87.92 -31.84 -10.11
C PHE K 1134 87.43 -30.39 -10.12
N VAL K 1135 88.34 -29.40 -10.19
CA VAL K 1135 88.02 -27.98 -10.03
C VAL K 1135 87.79 -27.33 -11.39
N GLY K 1136 86.60 -27.56 -11.95
CA GLY K 1136 86.15 -26.96 -13.21
C GLY K 1136 85.78 -25.48 -13.04
N GLY K 1137 86.28 -24.62 -13.92
CA GLY K 1137 85.97 -23.18 -13.95
C GLY K 1137 84.59 -22.88 -14.52
N GLY K 1138 84.05 -21.70 -14.21
CA GLY K 1138 82.80 -21.17 -14.78
C GLY K 1138 81.53 -21.38 -13.92
N GLY K 1139 81.65 -21.73 -12.64
CA GLY K 1139 80.53 -22.05 -11.74
C GLY K 1139 79.61 -20.88 -11.34
N TRP K 1140 79.99 -19.64 -11.64
CA TRP K 1140 79.19 -18.43 -11.40
C TRP K 1140 77.91 -18.41 -12.27
N ASN K 1141 76.90 -17.65 -11.84
CA ASN K 1141 75.64 -17.48 -12.56
C ASN K 1141 75.18 -16.01 -12.60
N ASP K 1142 74.74 -15.52 -13.76
CA ASP K 1142 74.33 -14.12 -14.01
C ASP K 1142 72.84 -13.94 -14.36
N LEU K 1143 72.02 -14.95 -14.09
CA LEU K 1143 70.57 -14.84 -13.94
C LEU K 1143 70.19 -14.72 -12.45
N TYR K 1144 70.95 -15.42 -11.61
CA TYR K 1144 70.72 -15.66 -10.18
C TYR K 1144 71.89 -15.22 -9.28
N GLN K 1145 72.80 -14.40 -9.82
CA GLN K 1145 73.87 -13.67 -9.10
C GLN K 1145 74.71 -14.58 -8.17
N GLY K 1146 75.22 -15.67 -8.75
CA GLY K 1146 76.15 -16.59 -8.08
C GLY K 1146 75.55 -17.53 -7.03
N LEU K 1147 74.23 -17.61 -6.87
CA LEU K 1147 73.59 -18.60 -5.98
C LEU K 1147 74.08 -20.04 -6.31
N MET K 1148 74.22 -20.86 -5.28
CA MET K 1148 74.79 -22.22 -5.30
C MET K 1148 76.24 -22.37 -5.81
N ALA K 1149 76.98 -21.28 -6.12
CA ALA K 1149 78.35 -21.33 -6.66
C ALA K 1149 79.46 -21.68 -5.63
N GLY K 1150 79.09 -22.07 -4.39
CA GLY K 1150 80.00 -22.51 -3.32
C GLY K 1150 79.83 -23.98 -2.92
N GLU K 1151 78.60 -24.50 -2.91
CA GLU K 1151 78.28 -25.89 -2.55
C GLU K 1151 78.95 -26.91 -3.49
N THR K 1152 79.19 -26.53 -4.74
CA THR K 1152 79.96 -27.33 -5.71
C THR K 1152 81.42 -27.54 -5.29
N LEU K 1153 82.03 -26.57 -4.58
CA LEU K 1153 83.41 -26.65 -4.10
C LEU K 1153 83.56 -27.70 -2.98
N LYS K 1154 82.56 -27.85 -2.10
CA LYS K 1154 82.50 -28.94 -1.13
C LYS K 1154 82.53 -30.31 -1.83
N LEU K 1155 81.67 -30.52 -2.83
CA LEU K 1155 81.69 -31.76 -3.62
C LEU K 1155 82.97 -31.93 -4.45
N ALA K 1156 83.63 -30.86 -4.89
CA ALA K 1156 84.95 -30.95 -5.54
C ALA K 1156 86.01 -31.49 -4.57
N LEU K 1157 86.04 -30.98 -3.34
CA LEU K 1157 86.94 -31.43 -2.28
C LEU K 1157 86.63 -32.88 -1.85
N MET K 1158 85.36 -33.28 -1.79
CA MET K 1158 84.97 -34.69 -1.54
C MET K 1158 85.45 -35.64 -2.63
N ARG K 1159 85.27 -35.28 -3.91
CA ARG K 1159 85.78 -36.05 -5.06
C ARG K 1159 87.31 -36.15 -5.08
N MET K 1160 87.98 -35.07 -4.65
CA MET K 1160 89.43 -34.97 -4.55
C MET K 1160 90.02 -35.80 -3.39
N GLU K 1161 89.48 -35.66 -2.18
CA GLU K 1161 89.95 -36.30 -0.95
C GLU K 1161 90.07 -37.83 -1.10
N ARG K 1162 89.06 -38.42 -1.74
CA ARG K 1162 88.95 -39.87 -1.95
C ARG K 1162 90.11 -40.47 -2.79
N VAL K 1163 90.78 -39.65 -3.62
CA VAL K 1163 92.03 -40.07 -4.30
C VAL K 1163 93.15 -40.29 -3.29
N TYR K 1164 93.23 -39.44 -2.26
CA TYR K 1164 94.23 -39.58 -1.18
C TYR K 1164 93.89 -40.75 -0.24
N VAL K 1165 92.59 -41.00 0.01
CA VAL K 1165 92.13 -42.15 0.81
C VAL K 1165 92.59 -43.49 0.19
N GLU K 1166 92.55 -43.62 -1.14
CA GLU K 1166 93.06 -44.80 -1.85
C GLU K 1166 94.59 -44.80 -2.02
N GLN K 1167 95.14 -43.79 -2.70
CA GLN K 1167 96.42 -43.85 -3.41
C GLN K 1167 97.65 -43.53 -2.54
N ASN K 1168 97.56 -43.73 -1.23
CA ASN K 1168 98.70 -43.62 -0.30
C ASN K 1168 99.12 -45.01 0.22
N SER K 1169 100.39 -45.33 0.05
CA SER K 1169 101.09 -46.54 0.50
C SER K 1169 102.60 -46.29 0.52
N ARG K 1170 103.39 -47.14 1.18
CA ARG K 1170 104.86 -47.02 1.12
C ARG K 1170 105.36 -47.48 -0.26
N ARG K 1171 105.84 -46.55 -1.08
CA ARG K 1171 106.63 -46.85 -2.30
C ARG K 1171 108.02 -47.35 -1.86
N GLN K 1172 108.80 -47.94 -2.78
CA GLN K 1172 110.08 -48.60 -2.43
C GLN K 1172 111.15 -47.54 -2.11
N GLU K 1173 111.24 -47.08 -0.87
CA GLU K 1173 112.24 -46.08 -0.47
C GLU K 1173 113.66 -46.66 -0.42
N ILE K 1174 114.57 -46.07 -1.20
CA ILE K 1174 115.96 -46.46 -1.41
C ILE K 1174 116.88 -45.29 -1.02
N THR K 1175 118.07 -45.62 -0.50
CA THR K 1175 119.13 -44.68 -0.18
C THR K 1175 120.39 -45.02 -0.98
N LYS K 1176 121.13 -44.00 -1.44
CA LYS K 1176 122.28 -44.14 -2.35
C LYS K 1176 123.38 -43.14 -2.05
N THR K 1177 124.61 -43.46 -2.43
CA THR K 1177 125.76 -42.56 -2.37
C THR K 1177 126.76 -42.81 -3.52
N ILE K 1178 127.54 -41.80 -3.88
CA ILE K 1178 128.58 -41.85 -4.91
C ILE K 1178 129.77 -40.94 -4.54
N SER K 1179 130.96 -41.32 -5.01
CA SER K 1179 132.20 -40.53 -4.99
C SER K 1179 132.52 -40.06 -6.40
N LEU K 1180 132.86 -38.79 -6.61
CA LEU K 1180 133.24 -38.31 -7.94
C LEU K 1180 134.51 -39.00 -8.48
N LYS K 1181 135.50 -39.31 -7.63
CA LYS K 1181 136.68 -40.12 -8.01
C LYS K 1181 136.26 -41.51 -8.50
N ALA K 1182 135.34 -42.18 -7.82
CA ALA K 1182 134.80 -43.47 -8.23
C ALA K 1182 133.90 -43.41 -9.48
N LEU K 1183 133.16 -42.31 -9.65
CA LEU K 1183 132.26 -42.05 -10.77
C LEU K 1183 133.02 -41.81 -12.08
N LEU K 1184 133.94 -40.85 -12.05
CA LEU K 1184 134.60 -40.28 -13.23
C LEU K 1184 135.94 -40.96 -13.57
N GLY K 1185 136.67 -41.46 -12.56
CA GLY K 1185 138.04 -41.98 -12.71
C GLY K 1185 139.12 -40.90 -12.64
N GLU K 1186 140.36 -41.32 -12.39
CA GLU K 1186 141.50 -40.48 -11.98
C GLU K 1186 141.87 -39.33 -12.95
N SER K 1187 141.53 -39.48 -14.23
CA SER K 1187 141.73 -38.44 -15.26
C SER K 1187 140.97 -37.14 -14.95
N TRP K 1188 139.84 -37.19 -14.24
CA TRP K 1188 139.06 -36.00 -13.89
C TRP K 1188 139.57 -35.26 -12.62
N PRO K 1189 139.95 -35.94 -11.52
CA PRO K 1189 140.74 -35.33 -10.45
C PRO K 1189 142.12 -34.78 -10.90
N ALA K 1190 142.65 -35.24 -12.05
CA ALA K 1190 143.80 -34.61 -12.70
C ALA K 1190 143.41 -33.37 -13.53
N GLU K 1191 142.34 -33.45 -14.33
CA GLU K 1191 141.80 -32.33 -15.14
C GLU K 1191 141.27 -31.17 -14.28
N LEU K 1192 140.84 -31.47 -13.05
CA LEU K 1192 140.38 -30.55 -12.01
C LEU K 1192 141.36 -29.39 -11.75
N ASN K 1193 142.63 -29.50 -12.11
CA ASN K 1193 143.57 -28.36 -12.07
C ASN K 1193 143.15 -27.16 -12.96
N LYS K 1194 142.27 -27.34 -13.94
CA LYS K 1194 141.51 -26.25 -14.59
C LYS K 1194 140.23 -25.89 -13.80
N LEU K 1195 139.41 -26.90 -13.49
CA LEU K 1195 138.07 -26.72 -12.89
C LEU K 1195 138.09 -26.15 -11.45
N LYS K 1196 139.25 -26.15 -10.77
CA LYS K 1196 139.49 -25.41 -9.52
C LYS K 1196 139.19 -23.92 -9.65
N GLN K 1197 139.52 -23.31 -10.80
CA GLN K 1197 139.46 -21.85 -10.99
C GLN K 1197 138.50 -21.40 -12.11
N LYS K 1198 138.51 -22.08 -13.27
CA LYS K 1198 137.91 -21.56 -14.52
C LYS K 1198 136.41 -21.82 -14.69
N THR K 1199 135.89 -22.97 -14.25
CA THR K 1199 134.56 -23.47 -14.60
C THR K 1199 133.87 -24.19 -13.42
N PRO K 1200 132.53 -24.37 -13.48
CA PRO K 1200 131.86 -25.44 -12.74
C PRO K 1200 132.35 -26.83 -13.15
N ILE K 1201 131.92 -27.85 -12.40
CA ILE K 1201 132.03 -29.28 -12.71
C ILE K 1201 130.63 -29.80 -13.10
N ASN K 1202 130.54 -30.53 -14.22
CA ASN K 1202 129.30 -30.84 -14.94
C ASN K 1202 128.89 -32.32 -14.82
N PHE K 1203 127.64 -32.62 -14.45
CA PHE K 1203 127.16 -33.98 -14.13
C PHE K 1203 125.78 -34.35 -14.73
N ASN K 1204 125.51 -35.66 -14.81
CA ASN K 1204 124.21 -36.28 -15.13
C ASN K 1204 124.18 -37.74 -14.61
N LEU K 1205 123.18 -38.09 -13.79
CA LEU K 1205 123.05 -39.42 -13.14
C LEU K 1205 122.52 -40.50 -14.10
N GLU K 1206 123.32 -40.83 -15.12
CA GLU K 1206 123.03 -41.82 -16.17
C GLU K 1206 122.99 -43.27 -15.64
N GLU K 1207 122.31 -44.17 -16.36
CA GLU K 1207 121.88 -45.47 -15.82
C GLU K 1207 123.02 -46.41 -15.40
N GLN K 1208 124.21 -46.32 -16.00
CA GLN K 1208 125.31 -47.28 -15.77
C GLN K 1208 125.89 -47.26 -14.35
N ILE K 1209 125.58 -46.21 -13.56
CA ILE K 1209 125.90 -46.11 -12.13
C ILE K 1209 124.66 -46.02 -11.24
N PHE K 1210 123.57 -45.38 -11.68
CA PHE K 1210 122.39 -45.17 -10.83
C PHE K 1210 121.40 -46.36 -10.85
N VAL K 1211 121.29 -47.08 -11.97
CA VAL K 1211 120.26 -48.10 -12.21
C VAL K 1211 120.86 -49.48 -12.53
N GLU K 1212 121.72 -49.59 -13.54
CA GLU K 1212 122.30 -50.88 -13.99
C GLU K 1212 123.22 -51.52 -12.95
N ASP K 1213 123.78 -50.73 -12.02
CA ASP K 1213 124.61 -51.18 -10.90
C ASP K 1213 123.80 -51.59 -9.65
N TYR K 1214 122.47 -51.60 -9.76
CA TYR K 1214 121.48 -51.80 -8.69
C TYR K 1214 120.29 -52.63 -9.23
N GLN K 1215 119.36 -53.07 -8.37
CA GLN K 1215 118.13 -53.74 -8.82
C GLN K 1215 117.24 -52.80 -9.65
N GLU K 1216 116.64 -53.34 -10.72
CA GLU K 1216 115.82 -52.63 -11.71
C GLU K 1216 114.47 -52.12 -11.14
N LEU K 1217 113.87 -51.15 -11.86
CA LEU K 1217 112.63 -50.46 -11.47
C LEU K 1217 111.84 -49.97 -12.69
N TYR K 1218 110.52 -49.83 -12.54
CA TYR K 1218 109.59 -49.23 -13.50
C TYR K 1218 109.51 -47.70 -13.36
N GLN K 1219 109.53 -47.18 -12.13
CA GLN K 1219 109.45 -45.75 -11.79
C GLN K 1219 110.39 -45.36 -10.64
N ARG K 1220 110.68 -44.06 -10.51
CA ARG K 1220 111.77 -43.46 -9.71
C ARG K 1220 111.49 -41.98 -9.39
N ARG K 1221 111.35 -41.58 -8.12
CA ARG K 1221 111.14 -40.16 -7.71
C ARG K 1221 111.92 -39.76 -6.45
N ILE K 1222 112.67 -38.66 -6.51
CA ILE K 1222 113.57 -38.15 -5.46
C ILE K 1222 112.79 -37.69 -4.21
N LYS K 1223 113.46 -37.74 -3.04
CA LYS K 1223 112.97 -37.29 -1.74
C LYS K 1223 113.94 -36.35 -1.00
N SER K 1224 115.24 -36.58 -1.05
CA SER K 1224 116.28 -35.73 -0.42
C SER K 1224 117.66 -35.95 -1.05
N VAL K 1225 118.58 -35.00 -0.86
CA VAL K 1225 120.00 -35.09 -1.27
C VAL K 1225 120.91 -34.37 -0.27
N SER K 1226 122.21 -34.73 -0.23
CA SER K 1226 123.25 -34.00 0.54
C SER K 1226 124.68 -34.30 0.05
N VAL K 1227 125.64 -33.46 0.47
CA VAL K 1227 127.04 -33.44 0.01
C VAL K 1227 128.04 -33.40 1.18
N SER K 1228 129.14 -34.12 1.05
CA SER K 1228 130.34 -34.01 1.90
C SER K 1228 131.60 -33.82 1.05
N LEU K 1229 132.56 -33.06 1.57
CA LEU K 1229 133.71 -32.55 0.82
C LEU K 1229 135.05 -32.96 1.49
N PRO K 1230 135.65 -34.09 1.10
CA PRO K 1230 137.03 -34.48 1.43
C PRO K 1230 138.09 -33.43 1.07
N MET K 1231 138.31 -32.48 1.99
CA MET K 1231 139.23 -31.34 1.88
C MET K 1231 139.84 -31.00 3.25
N LEU K 1232 141.06 -30.44 3.28
CA LEU K 1232 141.78 -30.12 4.53
C LEU K 1232 141.31 -28.78 5.15
N VAL K 1233 140.01 -28.71 5.52
CA VAL K 1233 139.35 -27.55 6.12
C VAL K 1233 138.98 -27.80 7.60
N GLY K 1234 139.38 -26.91 8.50
CA GLY K 1234 139.07 -26.98 9.93
C GLY K 1234 137.73 -26.34 10.34
N PRO K 1235 137.33 -26.40 11.63
CA PRO K 1235 136.08 -25.79 12.12
C PRO K 1235 136.07 -24.25 12.06
N TYR K 1236 137.25 -23.63 12.07
CA TYR K 1236 137.50 -22.19 12.09
C TYR K 1236 137.44 -21.52 10.70
N GLU K 1237 137.06 -22.24 9.63
CA GLU K 1237 137.06 -21.74 8.24
C GLU K 1237 135.84 -22.21 7.44
N ASP K 1238 135.56 -21.49 6.34
CA ASP K 1238 134.29 -21.50 5.60
C ASP K 1238 134.42 -22.17 4.22
N VAL K 1239 133.52 -23.12 3.93
CA VAL K 1239 133.49 -23.92 2.69
C VAL K 1239 132.44 -23.39 1.71
N CYS K 1240 132.68 -22.18 1.17
CA CYS K 1240 131.69 -21.35 0.45
C CYS K 1240 131.21 -21.87 -0.93
N ALA K 1241 131.35 -23.16 -1.23
CA ALA K 1241 130.99 -23.75 -2.52
C ALA K 1241 129.46 -23.75 -2.77
N GLN K 1242 129.07 -24.15 -3.97
CA GLN K 1242 127.71 -24.12 -4.51
C GLN K 1242 127.38 -25.43 -5.25
N LEU K 1243 126.15 -25.92 -5.09
CA LEU K 1243 125.55 -26.96 -5.93
C LEU K 1243 124.31 -26.42 -6.63
N THR K 1244 124.00 -26.98 -7.80
CA THR K 1244 122.83 -26.61 -8.62
C THR K 1244 122.33 -27.81 -9.43
N GLN K 1245 121.02 -27.86 -9.68
CA GLN K 1245 120.37 -28.62 -10.76
C GLN K 1245 119.97 -27.61 -11.83
N THR K 1246 120.18 -27.91 -13.11
CA THR K 1246 119.88 -26.98 -14.22
C THR K 1246 118.47 -26.35 -14.08
N SER K 1247 118.38 -25.02 -14.17
CA SER K 1247 117.34 -24.21 -13.50
C SER K 1247 116.79 -23.07 -14.38
N SER K 1248 115.62 -22.57 -14.02
CA SER K 1248 114.99 -21.39 -14.63
C SER K 1248 114.16 -20.57 -13.62
N SER K 1249 113.96 -19.29 -13.91
CA SER K 1249 113.15 -18.33 -13.14
C SER K 1249 112.38 -17.39 -14.08
N TYR K 1250 111.90 -17.96 -15.20
CA TYR K 1250 111.60 -17.22 -16.43
C TYR K 1250 110.13 -17.40 -16.83
N SER K 1251 109.54 -16.38 -17.47
CA SER K 1251 108.10 -16.25 -17.66
C SER K 1251 107.68 -16.53 -19.12
N THR K 1252 106.69 -17.42 -19.29
CA THR K 1252 106.29 -17.99 -20.59
C THR K 1252 105.50 -17.00 -21.44
N ARG K 1253 105.96 -16.71 -22.67
CA ARG K 1253 105.31 -15.76 -23.61
C ARG K 1253 104.74 -16.43 -24.87
N ALA K 1254 103.43 -16.27 -25.08
CA ALA K 1254 102.69 -16.74 -26.24
C ALA K 1254 102.72 -15.77 -27.45
N ASP K 1255 102.29 -16.25 -28.61
CA ASP K 1255 102.14 -15.54 -29.88
C ASP K 1255 100.91 -14.59 -29.88
N LEU K 1256 101.01 -13.45 -30.60
CA LEU K 1256 99.87 -12.62 -31.05
C LEU K 1256 100.26 -11.81 -32.30
N LYS K 1257 99.27 -11.37 -33.11
CA LYS K 1257 99.45 -10.52 -34.30
C LYS K 1257 98.70 -9.18 -34.19
N HIS K 1273 117.82 -14.99 -12.04
CA HIS K 1273 118.31 -13.67 -12.46
C HIS K 1273 118.11 -12.60 -11.36
N LEU K 1274 118.74 -11.42 -11.56
CA LEU K 1274 119.18 -10.47 -10.52
C LEU K 1274 120.28 -11.03 -9.60
N VAL K 1275 121.05 -10.13 -8.98
CA VAL K 1275 122.38 -10.39 -8.37
C VAL K 1275 122.38 -11.56 -7.37
N ARG K 1276 122.74 -12.76 -7.86
CA ARG K 1276 122.74 -14.05 -7.13
C ARG K 1276 121.43 -14.30 -6.36
N SER K 1277 120.30 -13.84 -6.91
CA SER K 1277 118.97 -14.08 -6.33
C SER K 1277 118.51 -15.53 -6.50
N ILE K 1278 117.46 -15.92 -5.78
CA ILE K 1278 117.02 -17.32 -5.66
C ILE K 1278 116.02 -17.66 -6.77
N GLN K 1279 116.42 -18.54 -7.69
CA GLN K 1279 115.49 -19.15 -8.65
C GLN K 1279 114.56 -20.15 -7.91
N PRO K 1280 113.26 -20.24 -8.27
CA PRO K 1280 112.25 -20.97 -7.48
C PRO K 1280 112.49 -22.49 -7.38
N ASN K 1281 113.36 -23.05 -8.23
CA ASN K 1281 113.78 -24.45 -8.19
C ASN K 1281 114.82 -24.77 -7.09
N GLN K 1282 115.40 -23.76 -6.43
CA GLN K 1282 116.39 -23.84 -5.34
C GLN K 1282 117.78 -24.41 -5.74
N GLN K 1283 118.84 -23.81 -5.17
CA GLN K 1283 120.26 -24.06 -5.48
C GLN K 1283 121.10 -23.97 -4.19
N ILE K 1284 121.50 -25.10 -3.61
CA ILE K 1284 122.08 -25.15 -2.25
C ILE K 1284 123.54 -24.66 -2.18
N SER K 1285 123.82 -23.77 -1.21
CA SER K 1285 125.15 -23.20 -0.96
C SER K 1285 125.78 -23.82 0.30
N LEU K 1286 127.00 -24.34 0.17
CA LEU K 1286 127.73 -25.04 1.22
C LEU K 1286 128.31 -24.08 2.29
N SER K 1287 128.66 -24.63 3.45
CA SER K 1287 129.18 -23.88 4.60
C SER K 1287 130.20 -24.69 5.41
N THR K 1288 129.87 -25.93 5.78
CA THR K 1288 130.65 -26.86 6.61
C THR K 1288 131.55 -27.81 5.80
N GLY K 1289 131.18 -28.14 4.55
CA GLY K 1289 131.82 -29.21 3.78
C GLY K 1289 131.46 -30.63 4.24
N VAL K 1290 130.34 -30.79 4.95
CA VAL K 1290 129.77 -32.04 5.48
C VAL K 1290 128.25 -32.03 5.22
N ASN K 1291 127.55 -33.16 5.29
CA ASN K 1291 126.15 -33.32 4.85
C ASN K 1291 125.12 -32.27 5.36
N ASP K 1292 125.37 -31.58 6.47
CA ASP K 1292 124.53 -30.45 6.93
C ASP K 1292 124.69 -29.16 6.08
N SER K 1293 125.65 -29.12 5.15
CA SER K 1293 125.70 -28.20 3.99
C SER K 1293 124.67 -28.55 2.89
N GLY K 1294 124.06 -29.74 2.91
CA GLY K 1294 123.11 -30.21 1.91
C GLY K 1294 121.63 -29.97 2.25
N LEU K 1295 121.28 -29.96 3.53
CA LEU K 1295 119.98 -29.53 4.06
C LEU K 1295 120.13 -28.99 5.49
N PHE K 1296 119.26 -28.05 5.91
CA PHE K 1296 119.29 -27.40 7.22
C PHE K 1296 118.03 -27.66 8.06
N MET K 1297 118.21 -27.80 9.38
CA MET K 1297 117.20 -27.92 10.47
C MET K 1297 116.21 -29.10 10.41
N LEU K 1298 115.67 -29.40 9.24
CA LEU K 1298 114.57 -30.33 8.99
C LEU K 1298 115.00 -31.80 9.18
N ASN K 1299 114.16 -32.58 9.86
CA ASN K 1299 114.34 -34.03 10.03
C ASN K 1299 113.77 -34.80 8.82
N PHE K 1300 112.47 -35.09 8.84
CA PHE K 1300 111.76 -35.96 7.89
C PHE K 1300 110.41 -35.37 7.43
N ASP K 1301 110.07 -34.15 7.88
CA ASP K 1301 108.84 -33.42 7.56
C ASP K 1301 109.08 -31.89 7.46
N ASP K 1302 108.25 -31.22 6.65
CA ASP K 1302 108.10 -29.77 6.54
C ASP K 1302 106.73 -29.47 5.87
N GLU K 1303 106.26 -28.23 5.92
CA GLU K 1303 105.06 -27.77 5.20
C GLU K 1303 105.21 -27.81 3.66
N ARG K 1304 106.44 -27.98 3.17
CA ARG K 1304 106.88 -27.71 1.79
C ARG K 1304 107.84 -28.79 1.30
N PHE K 1305 107.86 -29.02 -0.01
CA PHE K 1305 108.69 -30.01 -0.68
C PHE K 1305 110.18 -29.75 -0.44
N LEU K 1306 110.97 -30.80 -0.12
CA LEU K 1306 112.42 -30.74 0.06
C LEU K 1306 113.18 -30.54 -1.28
N PRO K 1307 114.51 -30.28 -1.28
CA PRO K 1307 115.28 -30.13 -2.51
C PRO K 1307 115.09 -31.31 -3.47
N PHE K 1308 114.70 -30.99 -4.71
CA PHE K 1308 114.39 -31.90 -5.82
C PHE K 1308 113.26 -32.93 -5.56
N GLU K 1309 112.49 -32.81 -4.46
CA GLU K 1309 111.46 -33.77 -4.10
C GLU K 1309 110.35 -33.89 -5.18
N GLY K 1310 110.03 -35.12 -5.60
CA GLY K 1310 109.03 -35.43 -6.63
C GLY K 1310 109.57 -35.41 -8.07
N SER K 1311 110.85 -35.05 -8.27
CA SER K 1311 111.55 -35.14 -9.56
C SER K 1311 112.01 -36.57 -9.87
N GLY K 1312 112.14 -36.91 -11.15
CA GLY K 1312 113.00 -38.01 -11.60
C GLY K 1312 114.50 -37.67 -11.47
N VAL K 1313 115.35 -38.68 -11.63
CA VAL K 1313 116.83 -38.58 -11.54
C VAL K 1313 117.53 -38.31 -12.89
N ASP K 1314 116.78 -38.01 -13.95
CA ASP K 1314 117.29 -37.81 -15.31
C ASP K 1314 117.95 -36.41 -15.56
N SER K 1315 117.97 -35.54 -14.55
CA SER K 1315 118.48 -34.16 -14.60
C SER K 1315 119.99 -34.05 -14.84
N SER K 1316 120.46 -32.81 -15.00
CA SER K 1316 121.89 -32.44 -15.00
C SER K 1316 122.19 -31.43 -13.88
N TRP K 1317 123.40 -31.51 -13.32
CA TRP K 1317 123.82 -30.79 -12.12
C TRP K 1317 125.18 -30.11 -12.29
N ARG K 1318 125.46 -29.14 -11.42
CA ARG K 1318 126.72 -28.38 -11.35
C ARG K 1318 127.26 -28.29 -9.92
N LEU K 1319 128.58 -28.41 -9.78
CA LEU K 1319 129.35 -27.98 -8.61
C LEU K 1319 130.21 -26.77 -9.00
N GLN K 1320 130.13 -25.68 -8.24
CA GLN K 1320 130.94 -24.47 -8.43
C GLN K 1320 131.52 -24.03 -7.08
N PHE K 1321 132.78 -23.63 -7.03
CA PHE K 1321 133.43 -23.21 -5.78
C PHE K 1321 133.10 -21.76 -5.38
N THR K 1322 132.79 -20.88 -6.34
CA THR K 1322 132.63 -19.42 -6.10
C THR K 1322 133.87 -18.85 -5.37
N ASN K 1323 133.72 -17.91 -4.45
CA ASN K 1323 134.80 -17.36 -3.62
C ASN K 1323 135.66 -18.40 -2.87
N LEU K 1324 135.19 -19.65 -2.69
CA LEU K 1324 136.03 -20.73 -2.13
C LEU K 1324 137.26 -20.98 -3.03
N LYS K 1325 137.17 -20.75 -4.35
CA LYS K 1325 138.30 -20.84 -5.29
C LYS K 1325 139.45 -19.87 -5.02
N GLN K 1326 139.25 -18.86 -4.16
CA GLN K 1326 140.30 -17.93 -3.72
C GLN K 1326 141.19 -18.50 -2.61
N ASN K 1327 140.83 -19.66 -2.02
CA ASN K 1327 141.66 -20.38 -1.03
C ASN K 1327 141.68 -21.92 -1.20
N LEU K 1328 140.98 -22.45 -2.20
CA LEU K 1328 140.99 -23.86 -2.61
C LEU K 1328 142.42 -24.38 -2.91
N ASP K 1329 142.92 -25.28 -2.07
CA ASP K 1329 144.33 -25.74 -2.11
C ASP K 1329 144.55 -27.21 -1.73
N SER K 1330 143.50 -27.93 -1.32
CA SER K 1330 143.61 -29.19 -0.57
C SER K 1330 142.37 -30.09 -0.68
N LEU K 1331 141.60 -29.97 -1.77
CA LEU K 1331 140.49 -30.85 -2.13
C LEU K 1331 141.01 -32.18 -2.72
N ASN K 1332 140.30 -33.29 -2.46
CA ASN K 1332 140.76 -34.65 -2.79
C ASN K 1332 139.69 -35.48 -3.53
N ASP K 1333 138.42 -35.32 -3.14
CA ASP K 1333 137.25 -36.03 -3.69
C ASP K 1333 135.98 -35.25 -3.29
N VAL K 1334 134.83 -35.57 -3.88
CA VAL K 1334 133.50 -35.09 -3.44
C VAL K 1334 132.56 -36.28 -3.28
N ILE K 1335 131.79 -36.30 -2.19
CA ILE K 1335 130.84 -37.36 -1.85
C ILE K 1335 129.41 -36.82 -1.91
N LEU K 1336 128.51 -37.53 -2.58
CA LEU K 1336 127.08 -37.21 -2.68
C LEU K 1336 126.21 -38.33 -2.09
N HIS K 1337 125.05 -37.97 -1.53
CA HIS K 1337 124.05 -38.84 -0.93
C HIS K 1337 122.65 -38.51 -1.47
N VAL K 1338 121.82 -39.54 -1.73
CA VAL K 1338 120.47 -39.42 -2.32
C VAL K 1338 119.47 -40.31 -1.58
N LYS K 1339 118.26 -39.79 -1.32
CA LYS K 1339 117.04 -40.54 -0.95
C LYS K 1339 116.03 -40.45 -2.09
N TYR K 1340 115.48 -41.57 -2.53
CA TYR K 1340 114.46 -41.64 -3.57
C TYR K 1340 113.52 -42.83 -3.38
N THR K 1341 112.34 -42.80 -3.98
CA THR K 1341 111.42 -43.95 -4.04
C THR K 1341 111.43 -44.55 -5.44
N ALA K 1342 111.62 -45.87 -5.51
CA ALA K 1342 111.34 -46.68 -6.69
C ALA K 1342 109.89 -47.24 -6.66
N ALA K 1343 109.48 -47.80 -7.79
CA ALA K 1343 108.34 -48.72 -7.89
C ALA K 1343 108.55 -49.69 -9.07
N VAL L 92 26.23 85.14 -62.65
CA VAL L 92 25.57 84.66 -63.89
C VAL L 92 26.46 84.79 -65.14
N LYS L 93 27.54 84.00 -65.16
CA LYS L 93 28.38 83.70 -66.35
C LYS L 93 27.48 83.28 -67.54
N PRO L 94 27.87 83.48 -68.81
CA PRO L 94 26.98 83.49 -69.98
C PRO L 94 25.85 82.44 -69.98
N THR L 95 24.63 82.86 -69.60
CA THR L 95 23.45 82.02 -69.33
C THR L 95 22.15 82.73 -69.72
N GLU L 96 21.14 81.97 -70.14
CA GLU L 96 19.86 82.44 -70.68
C GLU L 96 18.65 81.97 -69.84
N ASN L 97 17.54 82.72 -69.89
CA ASN L 97 16.20 82.29 -69.46
C ASN L 97 15.11 82.83 -70.41
N ILE L 98 13.90 82.29 -70.29
CA ILE L 98 12.79 82.36 -71.27
C ILE L 98 11.49 82.84 -70.59
N PRO L 99 10.65 83.69 -71.24
CA PRO L 99 9.42 84.24 -70.65
C PRO L 99 8.23 83.27 -70.65
N SER L 100 7.19 83.59 -69.88
CA SER L 100 5.86 82.99 -70.01
C SER L 100 5.08 83.58 -71.21
N PRO L 101 4.30 82.80 -71.97
CA PRO L 101 3.56 83.28 -73.16
C PRO L 101 2.37 84.18 -72.82
N ILE L 102 1.81 84.04 -71.62
CA ILE L 102 0.77 84.89 -71.03
C ILE L 102 1.09 85.13 -69.55
N LEU L 103 0.47 86.17 -68.98
CA LEU L 103 0.54 86.53 -67.56
C LEU L 103 -0.87 86.62 -66.97
N VAL L 104 -1.49 85.44 -66.87
CA VAL L 104 -2.92 85.14 -66.60
C VAL L 104 -3.88 85.72 -67.63
N GLU L 105 -3.90 87.05 -67.75
CA GLU L 105 -4.66 87.83 -68.73
C GLU L 105 -6.19 87.64 -68.65
N ASP L 106 -6.76 87.82 -67.45
CA ASP L 106 -8.21 87.92 -67.26
C ASP L 106 -8.80 89.27 -67.74
N LYS L 107 -10.07 89.56 -67.43
CA LYS L 107 -10.93 90.60 -68.03
C LYS L 107 -10.25 91.96 -68.24
N TYR L 108 -9.97 92.66 -67.15
CA TYR L 108 -9.90 94.11 -67.03
C TYR L 108 -8.97 94.83 -68.05
N THR L 109 -7.66 94.77 -67.81
CA THR L 109 -6.63 95.66 -68.38
C THR L 109 -6.74 95.94 -69.87
N GLU L 110 -7.03 94.91 -70.67
CA GLU L 110 -7.14 95.01 -72.13
C GLU L 110 -8.24 95.97 -72.61
N GLU L 111 -9.28 96.19 -71.81
CA GLU L 111 -10.30 97.22 -72.01
C GLU L 111 -10.01 98.49 -71.17
N THR L 112 -9.45 98.31 -69.96
CA THR L 112 -9.07 99.40 -69.04
C THR L 112 -8.14 100.42 -69.65
N TYR L 113 -7.27 100.02 -70.59
CA TYR L 113 -6.34 100.91 -71.31
C TYR L 113 -7.00 102.21 -71.80
N SER L 114 -8.25 102.14 -72.27
CA SER L 114 -8.99 103.27 -72.87
C SER L 114 -9.77 104.15 -71.87
N ARG L 115 -9.80 103.82 -70.57
CA ARG L 115 -10.72 104.44 -69.60
C ARG L 115 -10.36 105.92 -69.32
N PRO L 116 -11.35 106.79 -69.01
CA PRO L 116 -11.30 108.23 -69.30
C PRO L 116 -10.29 109.09 -68.51
N ASP L 117 -9.59 108.57 -67.50
CA ASP L 117 -8.39 109.22 -66.94
C ASP L 117 -7.24 108.24 -66.64
N VAL L 118 -6.95 107.34 -67.60
CA VAL L 118 -5.75 106.46 -67.65
C VAL L 118 -4.67 107.05 -68.55
N ASN L 119 -3.99 108.13 -68.12
CA ASN L 119 -2.97 108.88 -68.87
C ASN L 119 -1.55 108.23 -68.83
N PHE L 120 -1.50 106.91 -69.05
CA PHE L 120 -0.27 106.12 -68.98
C PHE L 120 0.47 106.12 -70.33
N LYS L 121 1.44 107.02 -70.49
CA LYS L 121 2.46 106.94 -71.54
C LYS L 121 3.51 105.89 -71.15
N GLU L 122 3.78 104.90 -72.00
CA GLU L 122 4.90 103.96 -71.83
C GLU L 122 6.30 104.61 -71.94
N ASP L 123 6.33 105.92 -72.21
CA ASP L 123 7.49 106.83 -72.15
C ASP L 123 7.58 107.64 -70.83
N GLY L 124 6.56 107.50 -69.97
CA GLY L 124 6.34 108.26 -68.72
C GLY L 124 5.49 109.53 -68.91
N SER L 125 4.93 110.07 -67.83
CA SER L 125 4.12 111.30 -67.86
C SER L 125 3.97 111.97 -66.48
N GLN L 126 3.51 113.22 -66.46
CA GLN L 126 2.90 113.84 -65.27
C GLN L 126 1.44 113.40 -65.03
N GLY L 127 1.01 112.26 -65.58
CA GLY L 127 -0.36 111.73 -65.51
C GLY L 127 -0.67 111.17 -64.12
N ASN L 128 -1.25 112.00 -63.24
CA ASN L 128 -1.47 111.69 -61.82
C ASN L 128 -2.55 110.61 -61.55
N LEU L 129 -3.08 109.94 -62.58
CA LEU L 129 -4.03 108.83 -62.50
C LEU L 129 -3.78 107.75 -63.58
N SER L 130 -3.88 106.47 -63.19
CA SER L 130 -3.94 105.29 -64.09
C SER L 130 -4.42 104.02 -63.35
N TYR L 131 -5.07 103.05 -64.04
CA TYR L 131 -5.94 102.04 -63.38
C TYR L 131 -5.75 100.55 -63.78
N THR L 132 -4.66 100.17 -64.46
CA THR L 132 -4.37 98.78 -64.88
C THR L 132 -4.58 97.76 -63.74
N ALA L 133 -5.30 96.66 -63.99
CA ALA L 133 -5.55 95.64 -62.98
C ALA L 133 -4.35 94.69 -62.75
N THR L 134 -4.29 94.08 -61.57
CA THR L 134 -3.15 93.28 -61.09
C THR L 134 -3.04 91.93 -61.83
N ARG L 135 -4.18 91.36 -62.24
CA ARG L 135 -4.28 89.98 -62.77
C ARG L 135 -3.94 89.81 -64.27
N VAL L 136 -3.33 90.81 -64.91
CA VAL L 136 -3.00 90.79 -66.36
C VAL L 136 -1.49 90.94 -66.64
N CYS L 137 -0.69 91.08 -65.59
CA CYS L 137 0.78 90.96 -65.61
C CYS L 137 1.25 89.92 -64.56
N ALA L 138 0.35 88.99 -64.22
CA ALA L 138 0.46 88.07 -63.09
C ALA L 138 1.32 86.83 -63.40
N PRO L 139 2.41 86.58 -62.62
CA PRO L 139 3.21 85.35 -62.69
C PRO L 139 2.68 84.21 -61.80
N MET L 140 1.83 84.53 -60.81
CA MET L 140 1.23 83.61 -59.83
C MET L 140 2.21 82.89 -58.88
N TYR L 141 1.69 82.46 -57.73
CA TYR L 141 2.42 81.85 -56.61
C TYR L 141 2.81 80.38 -56.85
N ASN L 142 3.75 79.89 -56.03
CA ASN L 142 4.28 78.52 -56.08
C ASN L 142 4.41 77.96 -54.65
N HIS L 143 4.06 76.69 -54.45
CA HIS L 143 4.25 75.97 -53.17
C HIS L 143 5.73 75.66 -52.91
N TYR L 144 6.10 75.68 -51.62
CA TYR L 144 7.43 75.35 -51.09
C TYR L 144 7.28 74.68 -49.72
N VAL L 145 8.34 74.02 -49.26
CA VAL L 145 8.42 73.49 -47.89
C VAL L 145 8.46 74.68 -46.91
N GLY L 146 7.43 74.79 -46.08
CA GLY L 146 7.20 75.91 -45.16
C GLY L 146 7.73 75.67 -43.74
N ASP L 147 9.02 75.41 -43.56
CA ASP L 147 9.61 75.22 -42.23
C ASP L 147 9.91 76.56 -41.53
N LYS L 148 9.22 76.82 -40.40
CA LYS L 148 9.05 78.15 -39.80
C LYS L 148 10.24 78.75 -39.03
N THR L 149 11.38 78.06 -38.92
CA THR L 149 12.58 78.50 -38.17
C THR L 149 13.41 79.58 -38.89
N LYS L 150 12.75 80.67 -39.30
CA LYS L 150 13.23 81.79 -40.13
C LYS L 150 12.61 83.15 -39.67
N PRO L 151 13.10 84.31 -40.14
CA PRO L 151 12.35 85.57 -39.98
C PRO L 151 10.98 85.43 -40.65
N LYS L 152 9.90 85.82 -39.96
CA LYS L 152 8.52 85.63 -40.43
C LYS L 152 8.10 86.62 -41.53
N LEU L 153 7.72 86.11 -42.69
CA LEU L 153 7.26 86.89 -43.84
C LEU L 153 5.76 87.21 -43.72
N SER L 154 5.43 88.51 -43.65
CA SER L 154 4.13 89.01 -43.18
C SER L 154 3.54 90.09 -44.10
N ALA L 155 2.26 90.45 -43.94
CA ALA L 155 1.66 91.55 -44.71
C ALA L 155 0.57 92.36 -43.98
N TYR L 156 0.58 93.67 -44.18
CA TYR L 156 -0.52 94.58 -43.85
C TYR L 156 -1.60 94.60 -44.95
N ILE L 157 -2.84 95.00 -44.61
CA ILE L 157 -3.95 95.17 -45.56
C ILE L 157 -4.78 96.45 -45.33
N THR L 158 -5.22 97.07 -46.44
CA THR L 158 -6.18 98.22 -46.52
C THR L 158 -7.40 97.86 -47.39
N ASP L 159 -8.57 98.44 -47.12
CA ASP L 159 -9.88 97.89 -47.55
C ASP L 159 -10.42 98.34 -48.93
N TRP L 160 -9.66 99.13 -49.71
CA TRP L 160 -10.11 99.71 -50.98
C TRP L 160 -9.03 99.62 -52.06
N CYS L 161 -9.32 98.89 -53.14
CA CYS L 161 -8.32 98.57 -54.17
C CYS L 161 -8.08 99.79 -55.08
N GLN L 162 -9.11 100.28 -55.77
CA GLN L 162 -9.16 101.59 -56.42
C GLN L 162 -9.21 102.71 -55.36
N TYR L 163 -8.14 102.83 -54.57
CA TYR L 163 -8.00 103.78 -53.45
C TYR L 163 -8.01 105.24 -53.96
N ASP L 164 -8.81 106.10 -53.32
CA ASP L 164 -9.08 107.47 -53.77
C ASP L 164 -9.73 108.30 -52.64
N ALA L 165 -9.24 109.50 -52.37
CA ALA L 165 -9.82 110.42 -51.38
C ALA L 165 -11.31 110.70 -51.68
N ARG L 166 -12.10 110.83 -50.60
CA ARG L 166 -13.58 110.85 -50.57
C ARG L 166 -14.22 109.77 -51.45
N LEU L 167 -14.33 108.57 -50.88
CA LEU L 167 -14.87 107.34 -51.51
C LEU L 167 -16.38 107.40 -51.81
N ASP L 168 -16.85 106.52 -52.69
CA ASP L 168 -18.26 106.42 -53.11
C ASP L 168 -18.88 105.05 -52.79
N GLY L 169 -20.20 104.92 -52.93
CA GLY L 169 -20.89 103.63 -53.05
C GLY L 169 -20.61 102.92 -54.39
N GLY L 170 -21.01 101.64 -54.48
CA GLY L 170 -20.84 100.80 -55.68
C GLY L 170 -19.38 100.43 -56.01
N GLY L 171 -19.17 99.90 -57.23
CA GLY L 171 -17.87 99.43 -57.74
C GLY L 171 -17.90 99.07 -59.23
N SER L 172 -16.78 98.51 -59.72
CA SER L 172 -16.50 98.13 -61.12
C SER L 172 -16.47 99.26 -62.16
N LYS L 173 -16.47 100.54 -61.76
CA LYS L 173 -16.73 101.69 -62.65
C LYS L 173 -15.98 102.97 -62.23
N GLU L 174 -14.65 102.95 -62.33
CA GLU L 174 -13.67 104.03 -62.03
C GLU L 174 -13.63 104.58 -60.58
N GLU L 175 -14.78 104.91 -60.00
CA GLU L 175 -14.83 105.50 -58.67
C GLU L 175 -14.37 104.51 -57.59
N GLU L 176 -14.82 103.27 -57.73
CA GLU L 176 -14.33 102.07 -57.06
C GLU L 176 -14.28 100.91 -58.09
N ARG L 177 -13.32 100.01 -57.89
CA ARG L 177 -12.95 98.81 -58.66
C ARG L 177 -12.12 97.91 -57.73
N GLY L 178 -12.17 96.59 -57.93
CA GLY L 178 -11.40 95.61 -57.14
C GLY L 178 -9.93 95.45 -57.55
N ARG L 179 -9.49 96.07 -58.66
CA ARG L 179 -8.17 95.88 -59.32
C ARG L 179 -7.80 94.41 -59.60
N GLY L 180 -8.80 93.55 -59.77
CA GLY L 180 -8.65 92.10 -59.88
C GLY L 180 -8.34 91.36 -58.57
N PHE L 181 -8.25 92.06 -57.43
CA PHE L 181 -8.04 91.49 -56.08
C PHE L 181 -9.31 90.83 -55.52
N ASP L 182 -9.63 89.64 -56.04
CA ASP L 182 -10.44 88.64 -55.33
C ASP L 182 -9.56 87.87 -54.32
N LEU L 183 -10.06 87.68 -53.10
CA LEU L 183 -9.42 86.88 -52.04
C LEU L 183 -9.08 85.43 -52.47
N ALA L 184 -9.70 84.93 -53.55
CA ALA L 184 -9.46 83.62 -54.15
C ALA L 184 -7.97 83.22 -54.30
N THR L 185 -7.10 84.15 -54.72
CA THR L 185 -5.66 83.86 -54.91
C THR L 185 -4.94 83.51 -53.61
N LEU L 186 -5.45 83.95 -52.45
CA LEU L 186 -5.01 83.52 -51.12
C LEU L 186 -5.80 82.31 -50.61
N MET L 187 -7.11 82.20 -50.91
CA MET L 187 -7.93 81.03 -50.54
C MET L 187 -7.44 79.72 -51.19
N GLN L 188 -6.85 79.76 -52.40
CA GLN L 188 -6.16 78.62 -53.00
C GLN L 188 -4.66 78.55 -52.68
N ASN L 189 -4.12 79.49 -51.90
CA ASN L 189 -2.73 79.50 -51.42
C ASN L 189 -2.66 79.92 -49.92
N PRO L 190 -3.38 79.26 -49.00
CA PRO L 190 -3.59 79.78 -47.63
C PRO L 190 -2.28 80.00 -46.85
N ALA L 191 -1.25 79.22 -47.16
CA ALA L 191 0.10 79.33 -46.61
C ALA L 191 0.95 80.54 -47.13
N THR L 192 0.38 81.51 -47.84
CA THR L 192 1.16 82.60 -48.48
C THR L 192 1.89 83.52 -47.48
N TYR L 193 1.37 83.74 -46.26
CA TYR L 193 1.96 84.61 -45.21
C TYR L 193 2.00 83.97 -43.82
N ASP L 194 3.00 84.36 -43.03
CA ASP L 194 3.23 83.85 -41.68
C ASP L 194 2.45 84.64 -40.62
N ARG L 195 1.99 85.84 -41.00
CA ARG L 195 1.11 86.76 -40.24
C ARG L 195 0.41 87.71 -41.22
N LEU L 196 -0.85 88.08 -40.92
CA LEU L 196 -1.50 89.25 -41.53
C LEU L 196 -1.82 90.32 -40.47
N ILE L 197 -1.83 91.59 -40.89
CA ILE L 197 -2.15 92.75 -40.05
C ILE L 197 -3.28 93.59 -40.70
N PHE L 198 -4.48 93.44 -40.13
CA PHE L 198 -5.70 94.13 -40.53
C PHE L 198 -5.71 95.62 -40.13
N SER L 199 -6.60 96.42 -40.73
CA SER L 199 -6.84 97.83 -40.40
C SER L 199 -8.30 98.22 -40.72
N PHE L 200 -9.04 98.97 -39.89
CA PHE L 200 -8.72 99.51 -38.55
C PHE L 200 -10.04 99.75 -37.76
N LEU L 201 -9.94 100.35 -36.57
CA LEU L 201 -11.09 100.89 -35.82
C LEU L 201 -10.97 102.42 -35.65
N GLY L 202 -12.11 103.11 -35.62
CA GLY L 202 -12.19 104.50 -35.16
C GLY L 202 -12.25 104.58 -33.63
N ILE L 203 -12.27 105.81 -33.10
CA ILE L 203 -12.40 106.11 -31.66
C ILE L 203 -13.44 107.22 -31.50
N CYS L 204 -14.37 107.08 -30.55
CA CYS L 204 -15.36 108.10 -30.21
C CYS L 204 -14.69 109.43 -29.80
N GLY L 205 -15.11 110.53 -30.43
CA GLY L 205 -14.50 111.85 -30.29
C GLY L 205 -13.19 112.08 -31.07
N ASP L 206 -12.66 111.07 -31.77
CA ASP L 206 -11.41 111.19 -32.53
C ASP L 206 -11.63 111.68 -33.96
N ILE L 207 -11.64 113.02 -34.08
CA ILE L 207 -11.60 113.79 -35.33
C ILE L 207 -10.40 113.47 -36.24
N GLY L 208 -9.39 112.76 -35.75
CA GLY L 208 -8.23 112.36 -36.56
C GLY L 208 -8.55 111.30 -37.60
N ASN L 209 -9.38 110.31 -37.24
CA ASN L 209 -9.85 109.30 -38.20
C ASN L 209 -10.82 109.94 -39.19
N LYS L 210 -11.90 110.54 -38.64
CA LYS L 210 -12.89 111.40 -39.32
C LYS L 210 -13.75 112.10 -38.25
N SER L 211 -13.99 113.40 -38.40
CA SER L 211 -14.85 114.20 -37.49
C SER L 211 -16.35 113.93 -37.63
N LYS L 212 -16.79 113.50 -38.83
CA LYS L 212 -18.19 113.51 -39.31
C LYS L 212 -18.79 112.13 -39.57
N LYS L 213 -18.40 111.45 -40.66
CA LYS L 213 -19.07 110.22 -41.16
C LYS L 213 -18.92 109.01 -40.21
N VAL L 214 -17.72 108.74 -39.70
CA VAL L 214 -17.53 107.74 -38.63
C VAL L 214 -18.33 108.12 -37.37
N GLN L 215 -18.38 109.41 -37.02
CA GLN L 215 -19.18 109.88 -35.89
C GLN L 215 -20.70 109.84 -36.17
N GLU L 216 -21.14 109.62 -37.41
CA GLU L 216 -22.52 109.26 -37.78
C GLU L 216 -22.81 107.76 -37.57
N VAL L 217 -21.79 106.90 -37.65
CA VAL L 217 -21.87 105.50 -37.19
C VAL L 217 -21.95 105.43 -35.66
N TRP L 218 -21.20 106.31 -34.96
CA TRP L 218 -21.31 106.52 -33.51
C TRP L 218 -22.67 107.11 -33.08
N ASP L 219 -23.21 108.09 -33.80
CA ASP L 219 -24.62 108.50 -33.66
C ASP L 219 -25.60 107.34 -33.90
N GLY L 220 -25.22 106.38 -34.74
CA GLY L 220 -25.95 105.14 -34.98
C GLY L 220 -26.00 104.25 -33.75
N TRP L 221 -24.84 103.96 -33.16
CA TRP L 221 -24.71 103.23 -31.89
C TRP L 221 -25.52 103.92 -30.79
N ASN L 222 -25.28 105.21 -30.58
CA ASN L 222 -25.93 106.04 -29.58
C ASN L 222 -27.38 106.43 -29.93
N ALA L 223 -28.05 105.64 -30.78
CA ALA L 223 -29.48 105.69 -31.06
C ALA L 223 -30.10 104.28 -31.10
N GLN L 224 -29.47 103.34 -31.82
CA GLN L 224 -29.93 101.95 -31.90
C GLN L 224 -29.68 101.17 -30.60
N ALA L 225 -28.55 101.38 -29.91
CA ALA L 225 -28.19 100.66 -28.70
C ALA L 225 -29.24 100.83 -27.59
N PRO L 226 -29.65 102.05 -27.18
CA PRO L 226 -30.70 102.21 -26.17
C PRO L 226 -32.06 101.65 -26.63
N SER L 227 -32.35 101.65 -27.93
CA SER L 227 -33.55 100.99 -28.48
C SER L 227 -33.50 99.46 -28.29
N LEU L 228 -32.31 98.87 -28.40
CA LEU L 228 -32.01 97.47 -28.12
C LEU L 228 -31.76 97.20 -26.62
N GLY L 229 -31.83 98.21 -25.76
CA GLY L 229 -31.52 98.15 -24.32
C GLY L 229 -30.01 98.06 -23.99
N LEU L 230 -29.16 98.13 -25.01
CA LEU L 230 -27.70 98.11 -24.96
C LEU L 230 -27.13 99.52 -24.61
N PRO L 231 -25.92 99.61 -24.02
CA PRO L 231 -25.35 100.90 -23.62
C PRO L 231 -24.83 101.73 -24.79
N GLN L 232 -25.20 103.02 -24.82
CA GLN L 232 -24.44 104.06 -25.52
C GLN L 232 -22.98 104.11 -25.05
N ILE L 233 -22.10 104.57 -25.92
CA ILE L 233 -20.65 104.62 -25.70
C ILE L 233 -20.12 106.05 -25.77
N GLY L 234 -19.19 106.39 -24.87
CA GLY L 234 -18.58 107.72 -24.75
C GLY L 234 -17.26 107.86 -25.51
N LYS L 235 -16.66 109.05 -25.47
CA LYS L 235 -15.36 109.34 -26.11
C LYS L 235 -14.26 108.41 -25.60
N GLY L 236 -13.33 108.03 -26.49
CA GLY L 236 -12.32 107.00 -26.23
C GLY L 236 -12.73 105.55 -26.54
N HIS L 237 -14.01 105.20 -26.65
CA HIS L 237 -14.43 103.85 -27.08
C HIS L 237 -14.07 103.60 -28.55
N ILE L 238 -13.73 102.37 -28.94
CA ILE L 238 -13.61 102.00 -30.36
C ILE L 238 -14.97 102.04 -31.08
N VAL L 239 -14.96 102.32 -32.39
CA VAL L 239 -16.15 102.23 -33.27
C VAL L 239 -15.83 101.68 -34.67
N PRO L 240 -16.76 100.93 -35.28
CA PRO L 240 -16.63 100.44 -36.66
C PRO L 240 -16.70 101.56 -37.70
N LEU L 241 -15.99 101.36 -38.82
CA LEU L 241 -15.77 102.38 -39.85
C LEU L 241 -16.91 102.50 -40.86
N ASP L 242 -17.46 101.39 -41.32
CA ASP L 242 -18.37 101.30 -42.47
C ASP L 242 -19.19 99.99 -42.38
N PRO L 243 -20.23 99.90 -41.52
CA PRO L 243 -20.89 98.61 -41.23
C PRO L 243 -21.36 97.85 -42.48
N TYR L 244 -21.86 98.54 -43.50
CA TYR L 244 -22.28 97.94 -44.77
C TYR L 244 -21.09 97.38 -45.56
N GLY L 245 -20.02 98.16 -45.72
CA GLY L 245 -18.80 97.73 -46.41
C GLY L 245 -17.98 96.70 -45.62
N ASP L 246 -18.07 96.71 -44.30
CA ASP L 246 -17.38 95.79 -43.38
C ASP L 246 -18.10 94.43 -43.30
N LEU L 247 -19.42 94.43 -43.06
CA LEU L 247 -20.24 93.25 -42.76
C LEU L 247 -21.43 93.01 -43.71
N GLY L 248 -21.90 94.01 -44.46
CA GLY L 248 -23.06 93.88 -45.37
C GLY L 248 -22.74 93.22 -46.72
N THR L 249 -21.61 93.59 -47.32
CA THR L 249 -21.15 93.14 -48.66
C THR L 249 -20.72 91.65 -48.70
N ALA L 250 -20.84 91.00 -49.86
CA ALA L 250 -20.39 89.61 -50.08
C ALA L 250 -19.45 89.36 -51.28
N ARG L 251 -19.44 90.20 -52.34
CA ARG L 251 -18.59 89.99 -53.53
C ARG L 251 -17.09 90.22 -53.23
N ASN L 252 -16.21 89.57 -54.03
CA ASN L 252 -14.74 89.62 -53.98
C ASN L 252 -14.03 89.20 -52.68
N VAL L 253 -14.75 89.02 -51.57
CA VAL L 253 -14.23 88.49 -50.29
C VAL L 253 -14.34 86.96 -50.18
N GLY L 254 -14.57 86.26 -51.30
CA GLY L 254 -14.58 84.79 -51.36
C GLY L 254 -15.84 84.13 -50.77
N LEU L 255 -16.96 84.85 -50.69
CA LEU L 255 -18.23 84.34 -50.18
C LEU L 255 -19.23 84.00 -51.31
N PRO L 256 -20.09 82.99 -51.12
CA PRO L 256 -21.20 82.69 -52.03
C PRO L 256 -22.19 83.87 -52.13
N PRO L 257 -22.85 84.10 -53.28
CA PRO L 257 -23.60 85.34 -53.54
C PRO L 257 -24.72 85.66 -52.54
N GLU L 258 -25.41 84.63 -52.05
CA GLU L 258 -26.57 84.75 -51.17
C GLU L 258 -26.21 85.25 -49.74
N SER L 259 -24.92 85.29 -49.39
CA SER L 259 -24.37 85.77 -48.10
C SER L 259 -24.53 87.29 -47.86
N ALA L 260 -24.84 88.02 -48.93
CA ALA L 260 -25.12 89.47 -49.01
C ALA L 260 -26.29 89.88 -48.09
N ASP L 261 -26.05 90.85 -47.19
CA ASP L 261 -26.99 91.29 -46.14
C ASP L 261 -27.09 92.83 -46.10
N THR L 262 -28.14 93.35 -46.76
CA THR L 262 -28.36 94.78 -47.07
C THR L 262 -28.86 95.65 -45.91
N SER L 263 -29.29 95.06 -44.78
CA SER L 263 -29.91 95.83 -43.67
C SER L 263 -28.93 96.63 -42.80
N ILE L 264 -27.61 96.42 -42.97
CA ILE L 264 -26.55 96.86 -42.06
C ILE L 264 -26.14 98.33 -42.31
N GLU L 265 -27.12 99.22 -42.31
CA GLU L 265 -26.95 100.68 -42.39
C GLU L 265 -26.94 101.33 -40.98
N SER L 266 -26.57 102.61 -40.87
CA SER L 266 -26.27 103.30 -39.59
C SER L 266 -27.36 103.28 -38.51
N GLY L 267 -28.62 102.97 -38.83
CA GLY L 267 -29.72 102.90 -37.85
C GLY L 267 -29.99 101.50 -37.30
N THR L 268 -29.49 100.44 -37.95
CA THR L 268 -29.74 99.03 -37.58
C THR L 268 -28.54 98.13 -37.90
N PHE L 269 -27.47 98.20 -37.09
CA PHE L 269 -26.27 97.39 -37.29
C PHE L 269 -25.66 96.72 -36.04
N LEU L 270 -25.87 97.25 -34.82
CA LEU L 270 -25.19 96.74 -33.61
C LEU L 270 -25.40 95.23 -33.32
N PRO L 271 -26.57 94.60 -33.60
CA PRO L 271 -26.75 93.16 -33.38
C PRO L 271 -25.81 92.25 -34.16
N TYR L 272 -25.25 92.72 -35.29
CA TYR L 272 -24.27 91.97 -36.10
C TYR L 272 -22.84 91.99 -35.52
N TYR L 273 -22.57 92.81 -34.51
CA TYR L 273 -21.21 93.20 -34.09
C TYR L 273 -20.50 92.17 -33.17
N GLN L 274 -20.43 90.91 -33.64
CA GLN L 274 -19.69 89.80 -33.02
C GLN L 274 -19.31 88.72 -34.06
N GLN L 275 -18.32 87.88 -33.75
CA GLN L 275 -17.77 86.86 -34.63
C GLN L 275 -18.81 85.82 -35.11
N ASN L 276 -19.81 85.53 -34.28
CA ASN L 276 -20.93 84.63 -34.60
C ASN L 276 -21.79 85.10 -35.78
N ARG L 277 -21.67 86.38 -36.18
CA ARG L 277 -22.36 86.99 -37.35
C ARG L 277 -21.38 87.54 -38.39
N ALA L 278 -20.13 87.06 -38.38
CA ALA L 278 -19.06 87.47 -39.29
C ALA L 278 -19.43 87.31 -40.78
N ALA L 279 -19.19 88.38 -41.55
CA ALA L 279 -19.51 88.52 -42.96
C ALA L 279 -18.58 89.55 -43.62
N GLY L 280 -18.69 89.77 -44.93
CA GLY L 280 -17.70 90.51 -45.69
C GLY L 280 -16.29 89.91 -45.56
N LEU L 281 -15.29 90.78 -45.59
CA LEU L 281 -13.89 90.39 -45.38
C LEU L 281 -13.68 89.79 -43.99
N LEU L 282 -14.41 90.27 -42.97
CA LEU L 282 -14.36 89.73 -41.60
C LEU L 282 -14.88 88.28 -41.51
N GLY L 283 -15.66 87.83 -42.50
CA GLY L 283 -15.93 86.42 -42.78
C GLY L 283 -14.74 85.75 -43.47
N GLY L 284 -14.24 86.29 -44.58
CA GLY L 284 -13.15 85.68 -45.37
C GLY L 284 -11.86 85.43 -44.59
N LEU L 285 -11.49 86.34 -43.67
CA LEU L 285 -10.34 86.17 -42.77
C LEU L 285 -10.55 84.99 -41.80
N ARG L 286 -11.75 84.88 -41.20
CA ARG L 286 -12.09 83.81 -40.24
C ARG L 286 -12.14 82.46 -40.95
N GLU L 287 -12.70 82.45 -42.16
CA GLU L 287 -12.70 81.32 -43.06
C GLU L 287 -11.29 80.86 -43.41
N LEU L 288 -10.37 81.77 -43.74
CA LEU L 288 -8.98 81.43 -44.02
C LEU L 288 -8.26 80.79 -42.82
N GLN L 289 -8.48 81.32 -41.61
CA GLN L 289 -7.83 80.78 -40.41
C GLN L 289 -8.17 79.29 -40.21
N LYS L 290 -9.43 78.92 -40.47
CA LYS L 290 -9.87 77.51 -40.45
C LYS L 290 -9.26 76.70 -41.59
N LYS L 291 -9.31 77.19 -42.82
CA LYS L 291 -8.83 76.44 -44.01
C LYS L 291 -7.32 76.18 -43.99
N ALA L 292 -6.53 77.15 -43.52
CA ALA L 292 -5.09 76.97 -43.32
C ALA L 292 -4.80 75.83 -42.34
N HIS L 293 -5.48 75.80 -41.19
CA HIS L 293 -5.39 74.71 -40.22
C HIS L 293 -5.95 73.37 -40.74
N ALA L 294 -7.02 73.39 -41.54
CA ALA L 294 -7.62 72.19 -42.12
C ALA L 294 -6.68 71.48 -43.11
N MET L 295 -5.93 72.22 -43.93
CA MET L 295 -4.88 71.63 -44.79
C MET L 295 -3.57 71.36 -44.04
N GLY L 296 -3.22 72.17 -43.03
CA GLY L 296 -2.04 71.94 -42.20
C GLY L 296 -1.91 72.96 -41.06
N HIS L 297 -1.10 73.99 -41.28
CA HIS L 297 -0.60 74.90 -40.24
C HIS L 297 -1.32 76.25 -40.18
N LYS L 298 -1.31 76.84 -38.99
CA LYS L 298 -2.10 78.04 -38.58
C LYS L 298 -1.65 79.38 -39.21
N LEU L 299 -2.41 80.43 -38.92
CA LEU L 299 -2.14 81.82 -39.31
C LEU L 299 -2.37 82.81 -38.15
N ASP L 300 -1.39 83.69 -37.93
CA ASP L 300 -1.41 84.78 -36.96
C ASP L 300 -2.07 86.06 -37.52
N LEU L 301 -2.94 86.72 -36.73
CA LEU L 301 -3.82 87.80 -37.19
C LEU L 301 -3.84 89.00 -36.23
N ALA L 302 -3.05 90.02 -36.53
CA ALA L 302 -3.05 91.29 -35.80
C ALA L 302 -4.01 92.34 -36.42
N PHE L 303 -4.26 93.44 -35.71
CA PHE L 303 -4.95 94.61 -36.27
C PHE L 303 -4.44 95.98 -35.77
N SER L 304 -4.49 96.96 -36.68
CA SER L 304 -4.06 98.36 -36.55
C SER L 304 -5.17 99.29 -36.05
N ILE L 305 -4.80 100.29 -35.23
CA ILE L 305 -5.62 101.48 -34.93
C ILE L 305 -4.74 102.73 -35.10
N GLY L 306 -5.14 103.65 -35.98
CA GLY L 306 -4.43 104.90 -36.26
C GLY L 306 -3.48 104.87 -37.47
N GLY L 307 -2.79 105.99 -37.69
CA GLY L 307 -1.91 106.21 -38.85
C GLY L 307 -1.58 107.69 -39.10
N TRP L 308 -1.10 107.99 -40.32
CA TRP L 308 -0.47 109.27 -40.67
C TRP L 308 -1.36 110.51 -40.54
N SER L 309 -2.63 110.42 -40.96
CA SER L 309 -3.66 111.44 -40.68
C SER L 309 -4.55 111.08 -39.48
N LEU L 310 -4.37 109.88 -38.92
CA LEU L 310 -5.27 109.20 -37.98
C LEU L 310 -4.63 109.07 -36.58
N SER L 311 -4.12 110.17 -36.02
CA SER L 311 -3.49 110.20 -34.69
C SER L 311 -3.83 111.47 -33.89
N SER L 312 -5.08 111.91 -33.89
CA SER L 312 -5.51 113.12 -33.18
C SER L 312 -5.79 112.87 -31.70
N TYR L 313 -6.81 112.07 -31.37
CA TYR L 313 -7.25 111.87 -29.99
C TYR L 313 -6.27 111.02 -29.14
N PHE L 314 -5.19 110.47 -29.69
CA PHE L 314 -4.16 109.79 -28.90
C PHE L 314 -3.57 110.68 -27.80
N SER L 315 -3.44 111.99 -28.06
CA SER L 315 -3.03 113.00 -27.06
C SER L 315 -4.09 113.28 -25.97
N ALA L 316 -5.37 112.98 -26.21
CA ALA L 316 -6.40 113.00 -25.15
C ALA L 316 -6.40 111.66 -24.39
N LEU L 317 -6.52 110.57 -25.14
CA LEU L 317 -6.56 109.18 -24.67
C LEU L 317 -5.43 108.82 -23.69
N ALA L 318 -4.17 108.94 -24.13
CA ALA L 318 -3.02 108.52 -23.33
C ALA L 318 -2.84 109.34 -22.04
N GLU L 319 -3.10 110.65 -22.14
CA GLU L 319 -2.75 111.68 -21.16
C GLU L 319 -3.47 111.53 -19.80
N ASN L 320 -4.68 110.98 -19.79
CA ASN L 320 -5.59 111.06 -18.64
C ASN L 320 -6.43 109.78 -18.48
N PRO L 321 -6.53 109.19 -17.26
CA PRO L 321 -7.21 107.92 -17.04
C PRO L 321 -8.66 107.86 -17.54
N ASP L 322 -9.39 108.98 -17.50
CA ASP L 322 -10.83 109.01 -17.81
C ASP L 322 -11.15 108.69 -19.28
N GLU L 323 -10.20 108.90 -20.19
CA GLU L 323 -10.27 108.40 -21.56
C GLU L 323 -9.72 106.97 -21.68
N ARG L 324 -8.62 106.65 -20.95
CA ARG L 324 -8.02 105.30 -20.93
C ARG L 324 -9.01 104.21 -20.52
N ARG L 325 -9.82 104.44 -19.47
CA ARG L 325 -10.80 103.45 -18.97
C ARG L 325 -11.77 103.03 -20.06
N VAL L 326 -12.43 103.97 -20.72
CA VAL L 326 -13.41 103.71 -21.79
C VAL L 326 -12.75 102.98 -22.97
N PHE L 327 -11.53 103.37 -23.32
CA PHE L 327 -10.77 102.70 -24.36
C PHE L 327 -10.42 101.25 -23.98
N VAL L 328 -9.78 101.02 -22.84
CA VAL L 328 -9.36 99.68 -22.40
C VAL L 328 -10.55 98.74 -22.23
N ALA L 329 -11.67 99.25 -21.69
CA ALA L 329 -12.94 98.52 -21.63
C ALA L 329 -13.47 98.17 -23.02
N SER L 330 -13.28 99.04 -24.01
CA SER L 330 -13.63 98.80 -25.41
C SER L 330 -12.71 97.80 -26.14
N VAL L 331 -11.43 97.70 -25.75
CA VAL L 331 -10.52 96.64 -26.23
C VAL L 331 -10.92 95.29 -25.65
N VAL L 332 -11.21 95.23 -24.34
CA VAL L 332 -11.79 94.03 -23.70
C VAL L 332 -13.09 93.61 -24.40
N ASP L 333 -14.01 94.56 -24.62
CA ASP L 333 -15.26 94.32 -25.32
C ASP L 333 -15.06 93.84 -26.78
N PHE L 334 -14.04 94.34 -27.47
CA PHE L 334 -13.66 93.85 -28.80
C PHE L 334 -13.22 92.39 -28.77
N PHE L 335 -12.29 92.00 -27.89
CA PHE L 335 -11.84 90.60 -27.83
C PHE L 335 -12.91 89.65 -27.24
N VAL L 336 -13.88 90.17 -26.47
CA VAL L 336 -15.10 89.44 -26.10
C VAL L 336 -16.00 89.21 -27.33
N ARG L 337 -16.18 90.21 -28.20
CA ARG L 337 -16.95 90.12 -29.46
C ARG L 337 -16.28 89.30 -30.56
N PHE L 338 -14.94 89.34 -30.64
CA PHE L 338 -14.14 88.84 -31.77
C PHE L 338 -12.85 88.14 -31.32
N PRO L 339 -12.90 86.93 -30.74
CA PRO L 339 -11.73 86.23 -30.21
C PRO L 339 -10.67 85.80 -31.26
N MET L 340 -11.01 85.71 -32.55
CA MET L 340 -10.10 85.22 -33.61
C MET L 340 -8.79 86.01 -33.74
N PHE L 341 -8.81 87.32 -33.49
CA PHE L 341 -7.60 88.16 -33.52
C PHE L 341 -6.61 87.78 -32.42
N SER L 342 -5.31 87.84 -32.72
CA SER L 342 -4.22 87.47 -31.81
C SER L 342 -3.47 88.67 -31.21
N CYS L 343 -3.67 89.88 -31.75
CA CYS L 343 -2.76 91.01 -31.50
C CYS L 343 -3.40 92.36 -31.88
N VAL L 344 -3.18 93.40 -31.08
CA VAL L 344 -3.63 94.77 -31.38
C VAL L 344 -2.48 95.79 -31.24
N ASP L 345 -2.28 96.61 -32.27
CA ASP L 345 -1.21 97.61 -32.35
C ASP L 345 -1.75 99.04 -32.59
N ILE L 346 -1.37 99.98 -31.72
CA ILE L 346 -1.49 101.42 -31.98
C ILE L 346 -0.42 101.83 -33.00
N ASP L 347 -0.85 102.56 -34.03
CA ASP L 347 0.02 103.14 -35.08
C ASP L 347 0.06 104.66 -35.01
N TRP L 348 0.40 105.22 -33.84
CA TRP L 348 0.62 106.65 -33.64
C TRP L 348 1.82 107.16 -34.46
N GLU L 349 1.63 108.21 -35.27
CA GLU L 349 2.68 108.85 -36.06
C GLU L 349 2.78 110.36 -35.74
N TYR L 350 3.65 110.80 -34.83
CA TYR L 350 4.68 110.04 -34.05
C TYR L 350 4.72 110.47 -32.55
N PRO L 351 5.42 109.69 -31.70
CA PRO L 351 5.74 110.06 -30.31
C PRO L 351 6.51 111.39 -30.11
N GLY L 352 7.25 111.82 -31.12
CA GLY L 352 7.67 113.21 -31.31
C GLY L 352 6.52 114.06 -31.84
N GLY L 353 6.52 114.35 -33.15
CA GLY L 353 5.43 115.04 -33.87
C GLY L 353 4.91 114.22 -35.07
N GLY L 354 5.77 113.98 -36.05
CA GLY L 354 5.54 113.08 -37.18
C GLY L 354 4.48 113.56 -38.19
N GLY L 355 3.25 113.08 -38.03
CA GLY L 355 2.21 113.07 -39.06
C GLY L 355 1.54 114.41 -39.40
N ASP L 356 0.36 114.30 -40.01
CA ASP L 356 -0.44 115.44 -40.47
C ASP L 356 -0.87 116.39 -39.32
N GLU L 357 -1.14 117.66 -39.62
CA GLU L 357 -1.57 118.70 -38.67
C GLU L 357 -2.92 118.40 -37.97
N GLY L 358 -3.72 117.44 -38.45
CA GLY L 358 -4.87 116.88 -37.73
C GLY L 358 -4.48 116.02 -36.51
N ASN L 359 -3.29 115.41 -36.53
CA ASN L 359 -2.73 114.69 -35.37
C ASN L 359 -2.32 115.67 -34.26
N ILE L 360 -2.29 115.21 -33.01
CA ILE L 360 -1.95 116.03 -31.83
C ILE L 360 -0.88 115.30 -31.00
N SER L 361 0.12 116.04 -30.50
CA SER L 361 1.16 115.51 -29.62
C SER L 361 1.75 116.60 -28.73
N SER L 362 1.83 116.36 -27.42
CA SER L 362 2.78 117.01 -26.51
C SER L 362 4.06 116.19 -26.41
N ASP L 363 5.19 116.81 -26.11
CA ASP L 363 6.43 116.11 -25.71
C ASP L 363 6.19 114.98 -24.68
N LYS L 364 5.36 115.24 -23.66
CA LYS L 364 4.97 114.28 -22.62
C LYS L 364 4.13 113.09 -23.13
N ASP L 365 3.48 113.18 -24.30
CA ASP L 365 2.74 112.03 -24.83
C ASP L 365 3.64 110.83 -25.17
N GLY L 366 4.92 111.07 -25.48
CA GLY L 366 5.92 110.02 -25.67
C GLY L 366 6.17 109.17 -24.42
N GLU L 367 5.89 109.71 -23.22
CA GLU L 367 5.76 108.94 -21.97
C GLU L 367 4.32 108.47 -21.73
N ASN L 368 3.29 109.29 -21.98
CA ASN L 368 1.89 108.90 -21.75
C ASN L 368 1.50 107.61 -22.51
N TYR L 369 2.08 107.39 -23.69
CA TYR L 369 1.96 106.19 -24.51
C TYR L 369 2.49 104.91 -23.81
N VAL L 370 3.56 105.04 -23.02
CA VAL L 370 4.11 103.96 -22.17
C VAL L 370 3.14 103.60 -21.05
N LEU L 371 2.48 104.60 -20.45
CA LEU L 371 1.42 104.37 -19.47
C LEU L 371 0.20 103.71 -20.14
N LEU L 372 -0.29 104.25 -21.26
CA LEU L 372 -1.45 103.72 -21.99
C LEU L 372 -1.30 102.23 -22.33
N ILE L 373 -0.12 101.84 -22.86
CA ILE L 373 0.14 100.45 -23.24
C ILE L 373 0.35 99.53 -22.03
N LYS L 374 0.97 100.01 -20.93
CA LYS L 374 1.13 99.22 -19.70
C LYS L 374 -0.20 98.98 -18.98
N GLU L 375 -1.06 100.01 -18.93
CA GLU L 375 -2.42 99.88 -18.40
C GLU L 375 -3.25 98.88 -19.22
N LEU L 376 -3.21 98.96 -20.56
CA LEU L 376 -3.86 97.98 -21.42
C LEU L 376 -3.27 96.57 -21.25
N ARG L 377 -1.95 96.42 -21.27
CA ARG L 377 -1.27 95.12 -21.03
C ARG L 377 -1.72 94.48 -19.72
N SER L 378 -1.83 95.26 -18.64
CA SER L 378 -2.32 94.84 -17.33
C SER L 378 -3.80 94.40 -17.34
N ALA L 379 -4.68 95.16 -17.98
CA ALA L 379 -6.10 94.81 -18.11
C ALA L 379 -6.32 93.55 -18.97
N LEU L 380 -5.58 93.42 -20.08
CA LEU L 380 -5.65 92.26 -20.96
C LEU L 380 -5.03 91.01 -20.31
N ASP L 381 -3.91 91.13 -19.58
CA ASP L 381 -3.38 90.05 -18.74
C ASP L 381 -4.41 89.60 -17.69
N SER L 382 -5.10 90.56 -17.07
CA SER L 382 -6.15 90.29 -16.09
C SER L 382 -7.32 89.51 -16.69
N ARG L 383 -7.83 89.94 -17.85
CA ARG L 383 -9.02 89.34 -18.49
C ARG L 383 -8.73 88.06 -19.27
N PHE L 384 -7.60 87.96 -19.97
CA PHE L 384 -7.32 86.91 -20.95
C PHE L 384 -6.11 86.03 -20.57
N GLY L 385 -5.55 86.21 -19.37
CA GLY L 385 -4.51 85.34 -18.81
C GLY L 385 -3.20 85.41 -19.59
N TYR L 386 -2.54 84.25 -19.76
CA TYR L 386 -1.18 84.13 -20.30
C TYR L 386 -1.02 83.04 -21.37
N SER L 387 -1.65 81.88 -21.18
CA SER L 387 -1.60 80.73 -22.11
C SER L 387 -2.11 81.04 -23.52
N ASN L 388 -2.97 82.05 -23.68
CA ASN L 388 -3.52 82.49 -24.97
C ASN L 388 -3.66 84.03 -25.07
N ARG L 389 -2.72 84.77 -24.46
CA ARG L 389 -2.75 86.24 -24.41
C ARG L 389 -2.51 86.93 -25.75
N LYS L 390 -3.10 88.12 -25.95
CA LYS L 390 -3.02 88.92 -27.18
C LYS L 390 -1.76 89.80 -27.23
N GLU L 391 -1.02 89.76 -28.33
CA GLU L 391 0.27 90.44 -28.48
C GLU L 391 0.16 91.96 -28.68
N ILE L 392 1.22 92.69 -28.33
CA ILE L 392 1.38 94.14 -28.47
C ILE L 392 2.76 94.53 -29.04
N SER L 393 2.78 95.31 -30.12
CA SER L 393 3.98 95.74 -30.84
C SER L 393 3.89 97.22 -31.24
N ILE L 394 5.01 97.83 -31.66
CA ILE L 394 5.09 99.26 -32.03
C ILE L 394 5.58 99.50 -33.46
N ALA L 395 5.19 100.65 -34.02
CA ALA L 395 5.67 101.16 -35.30
C ALA L 395 6.75 102.23 -35.10
N CYS L 396 8.02 101.84 -35.22
CA CYS L 396 9.15 102.75 -35.03
C CYS L 396 9.44 103.54 -36.31
N SER L 397 9.91 104.78 -36.14
CA SER L 397 10.52 105.56 -37.22
C SER L 397 11.89 104.97 -37.60
N GLY L 398 12.21 105.01 -38.90
CA GLY L 398 13.54 104.68 -39.42
C GLY L 398 14.53 105.85 -39.44
N VAL L 399 14.13 107.02 -38.93
CA VAL L 399 14.93 108.25 -38.88
C VAL L 399 15.61 108.39 -37.52
N LYS L 400 16.92 108.67 -37.51
CA LYS L 400 17.80 108.51 -36.34
C LYS L 400 17.39 109.39 -35.16
N ALA L 401 16.98 110.64 -35.40
CA ALA L 401 16.43 111.48 -34.35
C ALA L 401 15.13 110.91 -33.74
N LYS L 402 14.24 110.38 -34.59
CA LYS L 402 12.87 110.00 -34.19
C LYS L 402 12.80 108.63 -33.51
N LEU L 403 13.73 107.72 -33.81
CA LEU L 403 13.88 106.49 -33.02
C LEU L 403 14.33 106.76 -31.57
N LYS L 404 14.95 107.92 -31.29
CA LYS L 404 15.13 108.41 -29.91
C LYS L 404 13.79 108.78 -29.28
N LYS L 405 12.99 109.62 -29.97
CA LYS L 405 11.67 110.10 -29.52
C LYS L 405 10.67 108.96 -29.34
N SER L 406 10.80 107.88 -30.12
CA SER L 406 10.06 106.62 -30.00
C SER L 406 10.23 105.91 -28.64
N ASN L 407 11.31 106.20 -27.88
CA ASN L 407 11.46 105.85 -26.46
C ASN L 407 11.37 104.34 -26.13
N ILE L 408 11.88 103.50 -27.04
CA ILE L 408 11.88 102.03 -26.93
C ILE L 408 12.60 101.55 -25.66
N ASP L 409 13.68 102.23 -25.28
CA ASP L 409 14.49 101.93 -24.10
C ASP L 409 13.77 102.17 -22.75
N GLN L 410 12.53 102.68 -22.76
CA GLN L 410 11.60 102.61 -21.63
C GLN L 410 10.53 101.52 -21.84
N LEU L 411 9.97 101.40 -23.05
CA LEU L 411 8.94 100.40 -23.38
C LEU L 411 9.42 98.96 -23.15
N VAL L 412 10.68 98.68 -23.45
CA VAL L 412 11.37 97.39 -23.19
C VAL L 412 11.26 96.91 -21.73
N ALA L 413 11.13 97.84 -20.78
CA ALA L 413 10.94 97.59 -19.34
C ALA L 413 9.47 97.63 -18.87
N ASN L 414 8.54 98.10 -19.71
CA ASN L 414 7.11 98.24 -19.40
C ASN L 414 6.23 97.18 -20.10
N GLY L 415 6.77 96.47 -21.10
CA GLY L 415 6.12 95.34 -21.80
C GLY L 415 5.84 95.66 -23.27
N LEU L 416 6.58 94.99 -24.15
CA LEU L 416 6.54 95.17 -25.61
C LEU L 416 7.05 93.91 -26.32
N ASP L 417 6.23 93.29 -27.16
CA ASP L 417 6.61 92.04 -27.83
C ASP L 417 7.59 92.28 -28.99
N ASN L 418 7.22 93.11 -29.97
CA ASN L 418 8.01 93.33 -31.19
C ASN L 418 8.08 94.82 -31.60
N ILE L 419 9.09 95.13 -32.39
CA ILE L 419 9.48 96.49 -32.83
C ILE L 419 9.53 96.51 -34.35
N TYR L 420 8.63 97.29 -34.97
CA TYR L 420 8.49 97.31 -36.43
C TYR L 420 9.24 98.50 -37.03
N LEU L 421 10.35 98.22 -37.69
CA LEU L 421 11.15 99.18 -38.42
C LEU L 421 10.43 99.54 -39.74
N MET L 422 9.57 100.56 -39.73
CA MET L 422 9.02 101.16 -40.96
C MET L 422 10.02 102.16 -41.58
N SER L 423 11.20 101.68 -41.97
CA SER L 423 12.28 102.45 -42.61
C SER L 423 12.03 102.69 -44.10
N TYR L 424 10.91 103.34 -44.42
CA TYR L 424 10.52 103.75 -45.78
C TYR L 424 9.67 105.04 -45.78
N ASP L 425 9.44 105.63 -46.96
CA ASP L 425 9.11 107.05 -47.19
C ASP L 425 10.30 108.02 -46.97
N PHE L 426 11.52 107.53 -47.24
CA PHE L 426 12.74 108.36 -47.36
C PHE L 426 12.78 109.19 -48.66
N PHE L 427 11.90 108.89 -49.62
CA PHE L 427 11.54 109.78 -50.74
C PHE L 427 10.04 109.73 -51.03
N GLY L 428 9.55 110.79 -51.67
CA GLY L 428 8.20 110.94 -52.19
C GLY L 428 8.18 112.05 -53.25
N THR L 429 7.23 111.95 -54.19
CA THR L 429 7.29 112.63 -55.49
C THR L 429 7.45 114.16 -55.42
N ILE L 430 6.82 114.81 -54.42
CA ILE L 430 6.64 116.26 -54.35
C ILE L 430 7.50 116.97 -53.30
N TRP L 431 7.73 116.36 -52.12
CA TRP L 431 8.21 117.08 -50.93
C TRP L 431 9.73 117.19 -50.76
N ALA L 432 10.54 116.48 -51.56
CA ALA L 432 11.99 116.65 -51.59
C ALA L 432 12.44 117.54 -52.77
N ASP L 433 13.45 118.39 -52.62
CA ASP L 433 13.89 119.34 -53.66
C ASP L 433 14.55 118.69 -54.91
N TYR L 434 14.89 117.41 -54.79
CA TYR L 434 15.64 116.61 -55.76
C TYR L 434 15.02 115.21 -55.86
N ILE L 435 15.29 114.49 -56.95
CA ILE L 435 14.92 113.07 -57.10
C ILE L 435 15.67 112.20 -56.06
N GLY L 436 15.07 111.07 -55.67
CA GLY L 436 15.57 110.17 -54.64
C GLY L 436 14.86 108.83 -54.59
N HIS L 437 15.01 108.09 -53.48
CA HIS L 437 14.66 106.67 -53.36
C HIS L 437 13.86 106.35 -52.07
N HIS L 438 12.75 105.59 -52.18
CA HIS L 438 11.79 105.38 -51.06
C HIS L 438 12.40 104.82 -49.77
N THR L 439 13.41 103.97 -49.94
CA THR L 439 14.48 103.58 -48.98
C THR L 439 15.55 102.83 -49.78
N ASN L 440 16.55 102.23 -49.15
CA ASN L 440 17.47 101.23 -49.74
C ASN L 440 18.31 100.52 -48.65
N LEU L 441 19.00 99.43 -49.00
CA LEU L 441 19.90 98.72 -48.08
C LEU L 441 21.12 99.54 -47.62
N TYR L 442 21.67 100.48 -48.42
CA TYR L 442 23.00 101.09 -48.18
C TYR L 442 23.13 102.55 -48.67
N SER L 443 23.14 103.52 -47.75
CA SER L 443 23.29 104.95 -48.05
C SER L 443 24.50 105.25 -48.95
N PRO L 444 24.43 106.26 -49.86
CA PRO L 444 25.53 106.58 -50.77
C PRO L 444 26.81 106.99 -50.04
N LYS L 445 26.67 107.80 -48.98
CA LYS L 445 27.61 107.98 -47.85
C LYS L 445 26.91 108.72 -46.71
N ASP L 446 26.14 109.75 -47.07
CA ASP L 446 25.57 110.77 -46.19
C ASP L 446 24.15 111.21 -46.62
N PRO L 447 23.28 111.68 -45.70
CA PRO L 447 21.87 112.05 -45.96
C PRO L 447 21.69 113.39 -46.71
N GLY L 448 22.55 113.67 -47.69
CA GLY L 448 22.57 114.91 -48.49
C GLY L 448 22.48 116.19 -47.65
N GLU L 449 21.51 117.06 -47.95
CA GLU L 449 21.19 118.31 -47.23
C GLU L 449 20.60 118.09 -45.81
N GLN L 450 20.97 117.01 -45.12
CA GLN L 450 20.34 116.50 -43.89
C GLN L 450 18.83 116.23 -44.08
N GLU L 451 18.46 115.76 -45.28
CA GLU L 451 17.08 115.48 -45.69
C GLU L 451 16.64 114.05 -45.29
N LEU L 452 15.43 113.65 -45.68
CA LEU L 452 15.00 112.25 -45.70
C LEU L 452 15.69 111.42 -46.81
N PHE L 453 16.04 112.00 -47.96
CA PHE L 453 16.75 111.25 -49.01
C PHE L 453 18.20 110.90 -48.62
N ASP L 454 18.79 109.95 -49.34
CA ASP L 454 20.13 109.39 -49.10
C ASP L 454 20.31 108.68 -47.72
N LEU L 455 19.20 108.40 -47.03
CA LEU L 455 19.10 107.43 -45.92
C LEU L 455 19.10 105.97 -46.42
N SER L 456 19.09 105.03 -45.48
CA SER L 456 19.07 103.58 -45.73
C SER L 456 18.76 102.77 -44.48
N ALA L 457 18.33 101.52 -44.67
CA ALA L 457 18.05 100.57 -43.61
C ALA L 457 19.29 100.14 -42.80
N GLU L 458 20.50 100.28 -43.37
CA GLU L 458 21.76 100.05 -42.66
C GLU L 458 21.91 100.94 -41.41
N ALA L 459 21.43 102.19 -41.48
CA ALA L 459 21.65 103.19 -40.45
C ALA L 459 20.99 102.85 -39.09
N ALA L 460 19.72 102.44 -39.08
CA ALA L 460 18.92 102.31 -37.86
C ALA L 460 19.40 101.19 -36.93
N ILE L 461 19.51 99.95 -37.43
CA ILE L 461 19.81 98.77 -36.60
C ILE L 461 21.16 98.87 -35.86
N ASP L 462 22.13 99.56 -36.46
CA ASP L 462 23.44 99.81 -35.84
C ASP L 462 23.31 100.56 -34.50
N TYR L 463 22.35 101.50 -34.41
CA TYR L 463 22.02 102.19 -33.16
C TYR L 463 21.07 101.37 -32.27
N LEU L 464 19.99 100.83 -32.85
CA LEU L 464 18.94 100.13 -32.10
C LEU L 464 19.47 98.91 -31.34
N HIS L 465 20.25 98.04 -31.98
CA HIS L 465 20.79 96.83 -31.35
C HIS L 465 21.82 97.12 -30.23
N ASN L 466 22.43 98.31 -30.22
CA ASN L 466 23.63 98.59 -29.42
C ASN L 466 23.47 99.75 -28.43
N GLU L 467 23.01 100.91 -28.88
CA GLU L 467 22.74 102.07 -28.04
C GLU L 467 21.35 102.01 -27.37
N LEU L 468 20.37 101.33 -28.00
CA LEU L 468 19.13 100.92 -27.32
C LEU L 468 19.14 99.45 -26.86
N GLY L 469 20.10 98.63 -27.30
CA GLY L 469 20.34 97.25 -26.82
C GLY L 469 19.36 96.18 -27.32
N ILE L 470 18.55 96.48 -28.34
CA ILE L 470 17.38 95.69 -28.73
C ILE L 470 17.74 94.32 -29.36
N PRO L 471 17.06 93.21 -29.01
CA PRO L 471 17.21 91.93 -29.72
C PRO L 471 16.69 92.01 -31.16
N MET L 472 17.48 91.55 -32.14
CA MET L 472 17.02 91.51 -33.54
C MET L 472 15.74 90.68 -33.70
N GLU L 473 15.51 89.69 -32.82
CA GLU L 473 14.31 88.85 -32.82
C GLU L 473 13.02 89.59 -32.41
N LYS L 474 13.12 90.80 -31.82
CA LYS L 474 11.99 91.74 -31.70
C LYS L 474 11.81 92.59 -32.95
N ILE L 475 12.92 92.96 -33.58
CA ILE L 475 12.94 93.86 -34.74
C ILE L 475 12.35 93.14 -35.96
N HIS L 476 11.44 93.81 -36.66
CA HIS L 476 10.90 93.35 -37.95
C HIS L 476 11.09 94.45 -39.00
N LEU L 477 11.49 94.07 -40.22
CA LEU L 477 11.78 94.99 -41.33
C LEU L 477 10.58 95.20 -42.25
N GLY L 478 10.05 96.42 -42.27
CA GLY L 478 9.00 96.84 -43.18
C GLY L 478 9.51 97.30 -44.54
N TYR L 479 8.76 97.00 -45.60
CA TYR L 479 9.06 97.42 -46.97
C TYR L 479 7.78 97.65 -47.78
N ALA L 480 7.82 98.59 -48.72
CA ALA L 480 6.74 98.88 -49.67
C ALA L 480 6.73 97.89 -50.85
N ASN L 481 5.57 97.66 -51.48
CA ASN L 481 5.43 96.80 -52.67
C ASN L 481 5.22 97.60 -53.98
N TYR L 482 5.70 98.84 -54.03
CA TYR L 482 5.47 99.80 -55.12
C TYR L 482 6.71 100.68 -55.38
N GLY L 483 6.65 101.49 -56.44
CA GLY L 483 7.67 102.49 -56.78
C GLY L 483 7.29 103.92 -56.35
N ARG L 484 8.21 104.87 -56.56
CA ARG L 484 8.04 106.31 -56.36
C ARG L 484 8.58 107.09 -57.56
N SER L 485 7.72 107.89 -58.18
CA SER L 485 8.02 108.63 -59.42
C SER L 485 8.50 110.07 -59.19
N ALA L 486 9.21 110.61 -60.17
CA ALA L 486 9.59 112.02 -60.29
C ALA L 486 9.74 112.44 -61.78
N VAL L 487 9.95 113.74 -62.04
CA VAL L 487 9.95 114.30 -63.41
C VAL L 487 10.89 115.51 -63.54
N GLY L 488 11.39 115.77 -64.75
CA GLY L 488 12.43 116.77 -65.01
C GLY L 488 13.84 116.34 -64.54
N GLY L 489 14.02 115.06 -64.20
CA GLY L 489 15.24 114.53 -63.60
C GLY L 489 16.46 114.59 -64.52
N ASP L 490 17.61 114.90 -63.92
CA ASP L 490 18.95 114.65 -64.46
C ASP L 490 19.77 113.88 -63.43
N LEU L 491 20.57 112.91 -63.88
CA LEU L 491 21.22 111.93 -63.00
C LEU L 491 22.52 112.45 -62.37
N THR L 492 23.14 113.45 -63.00
CA THR L 492 24.38 114.12 -62.55
C THR L 492 24.12 115.28 -61.58
N THR L 493 22.87 115.72 -61.41
CA THR L 493 22.49 116.88 -60.57
C THR L 493 21.20 116.72 -59.76
N ARG L 494 20.40 115.67 -60.01
CA ARG L 494 19.16 115.31 -59.29
C ARG L 494 18.06 116.38 -59.22
N GLN L 495 18.22 117.52 -59.90
CA GLN L 495 17.22 118.58 -59.98
C GLN L 495 15.90 118.02 -60.52
N TYR L 496 14.78 118.51 -59.98
CA TYR L 496 13.42 118.02 -60.18
C TYR L 496 12.50 119.18 -60.56
N THR L 497 11.48 118.95 -61.39
CA THR L 497 10.41 119.93 -61.66
C THR L 497 9.59 120.16 -60.38
N LYS L 498 9.86 121.27 -59.70
CA LYS L 498 9.54 121.55 -58.28
C LYS L 498 8.10 121.25 -57.80
N ASN L 499 7.11 121.26 -58.69
CA ASN L 499 5.71 120.95 -58.39
C ASN L 499 5.05 120.03 -59.45
N GLY L 500 5.82 119.11 -60.05
CA GLY L 500 5.31 118.13 -61.03
C GLY L 500 4.86 116.80 -60.37
N PRO L 501 3.55 116.48 -60.35
CA PRO L 501 3.03 115.25 -59.74
C PRO L 501 3.14 114.05 -60.70
N ALA L 502 4.34 113.49 -60.82
CA ALA L 502 4.69 112.42 -61.77
C ALA L 502 3.79 111.17 -61.68
N LEU L 503 3.72 110.41 -62.78
CA LEU L 503 2.81 109.28 -62.94
C LEU L 503 2.88 108.24 -61.81
N GLY L 504 1.72 107.69 -61.48
CA GLY L 504 1.57 106.44 -60.74
C GLY L 504 0.22 105.77 -60.98
N THR L 505 -0.07 104.70 -60.26
CA THR L 505 -1.38 104.02 -60.24
C THR L 505 -2.38 104.83 -59.39
N MET L 506 -3.66 104.47 -59.45
CA MET L 506 -4.73 105.05 -58.64
C MET L 506 -4.85 106.56 -58.91
N GLU L 507 -4.69 107.43 -57.90
CA GLU L 507 -4.98 108.88 -58.00
C GLU L 507 -4.14 109.69 -56.98
N ASN L 508 -3.15 110.46 -57.47
CA ASN L 508 -2.08 111.10 -56.68
C ASN L 508 -1.22 110.11 -55.84
N GLY L 509 -1.18 108.83 -56.23
CA GLY L 509 -0.44 107.76 -55.56
C GLY L 509 0.64 107.08 -56.43
N ALA L 510 1.42 106.19 -55.81
CA ALA L 510 2.56 105.46 -56.37
C ALA L 510 2.26 104.54 -57.58
N PRO L 511 3.19 104.37 -58.56
CA PRO L 511 3.14 103.30 -59.56
C PRO L 511 3.46 101.92 -58.95
N GLU L 512 2.69 100.88 -59.26
CA GLU L 512 3.03 99.48 -58.91
C GLU L 512 3.86 98.76 -59.98
N PHE L 513 4.65 97.77 -59.53
CA PHE L 513 5.61 97.06 -60.38
C PHE L 513 4.97 96.28 -61.55
N PHE L 514 3.76 95.75 -61.39
CA PHE L 514 3.09 94.99 -62.48
C PHE L 514 2.81 95.87 -63.72
N ASP L 515 2.33 97.11 -63.52
CA ASP L 515 2.08 98.12 -64.55
C ASP L 515 3.39 98.72 -65.10
N ILE L 516 4.48 98.62 -64.33
CA ILE L 516 5.85 98.95 -64.74
C ILE L 516 6.44 97.88 -65.67
N VAL L 517 6.34 96.59 -65.33
CA VAL L 517 6.76 95.48 -66.22
C VAL L 517 5.90 95.41 -67.48
N LYS L 518 4.61 95.78 -67.38
CA LYS L 518 3.70 95.85 -68.53
C LYS L 518 4.10 96.89 -69.59
N ASN L 519 4.90 97.89 -69.24
CA ASN L 519 5.14 99.07 -70.08
C ASN L 519 6.62 99.50 -70.21
N TYR L 520 7.37 99.55 -69.11
CA TYR L 520 8.71 100.14 -69.02
C TYR L 520 9.86 99.14 -68.94
N MET L 521 9.66 97.92 -68.44
CA MET L 521 10.77 97.11 -67.89
C MET L 521 10.78 95.63 -68.33
N ASP L 522 11.96 95.10 -68.66
CA ASP L 522 12.21 93.70 -69.04
C ASP L 522 12.15 92.74 -67.84
N ALA L 523 11.32 91.70 -67.98
CA ALA L 523 11.20 90.54 -67.10
C ALA L 523 11.17 89.24 -67.93
N GLU L 524 11.74 89.27 -69.14
CA GLU L 524 11.50 88.33 -70.23
C GLU L 524 12.77 87.77 -70.92
N HIS L 525 13.84 88.56 -71.11
CA HIS L 525 14.92 88.23 -72.07
C HIS L 525 16.36 88.43 -71.54
N SER L 526 16.73 87.72 -70.49
CA SER L 526 18.11 87.49 -69.98
C SER L 526 19.00 88.71 -69.63
N LEU L 527 18.41 89.91 -69.45
CA LEU L 527 19.08 91.11 -68.98
C LEU L 527 18.09 92.06 -68.27
N SER L 528 18.47 92.57 -67.09
CA SER L 528 17.75 93.64 -66.38
C SER L 528 17.92 94.99 -67.10
N MET L 529 16.91 95.41 -67.85
CA MET L 529 16.89 96.64 -68.66
C MET L 529 15.46 97.18 -68.89
N GLY L 530 15.36 98.40 -69.42
CA GLY L 530 14.08 98.99 -69.84
C GLY L 530 13.64 98.56 -71.26
N LYS L 531 12.40 98.88 -71.63
CA LYS L 531 11.77 98.61 -72.94
C LYS L 531 10.76 99.72 -73.31
N ASN L 532 10.33 99.76 -74.57
CA ASN L 532 9.51 100.83 -75.15
C ASN L 532 10.11 102.26 -75.01
N GLY L 533 11.43 102.36 -74.78
CA GLY L 533 12.16 103.63 -74.63
C GLY L 533 12.55 104.02 -73.19
N PHE L 534 12.12 103.28 -72.16
CA PHE L 534 12.66 103.45 -70.79
C PHE L 534 14.07 102.82 -70.66
N VAL L 535 14.83 103.25 -69.66
CA VAL L 535 16.12 102.65 -69.23
C VAL L 535 16.09 102.26 -67.74
N LEU L 536 16.97 101.35 -67.31
CA LEU L 536 17.10 100.90 -65.92
C LEU L 536 18.52 101.10 -65.40
N MET L 537 18.63 101.93 -64.36
CA MET L 537 19.86 102.46 -63.78
C MET L 537 20.19 101.78 -62.46
N THR L 538 21.46 101.82 -62.05
CA THR L 538 21.98 101.33 -60.76
C THR L 538 22.98 102.35 -60.22
N ASP L 539 22.76 102.90 -59.03
CA ASP L 539 23.61 103.96 -58.48
C ASP L 539 24.97 103.40 -57.99
N THR L 540 26.10 103.84 -58.54
CA THR L 540 27.44 103.39 -58.08
C THR L 540 27.79 103.79 -56.65
N ASN L 541 27.04 104.72 -56.04
CA ASN L 541 27.21 105.14 -54.65
C ASN L 541 26.43 104.26 -53.65
N ALA L 542 25.10 104.16 -53.79
CA ALA L 542 24.20 103.41 -52.91
C ALA L 542 23.95 101.95 -53.35
N ASP L 543 24.14 101.63 -54.64
CA ASP L 543 23.87 100.35 -55.30
C ASP L 543 22.39 99.93 -55.46
N ALA L 544 21.45 100.83 -55.18
CA ALA L 544 20.02 100.69 -55.51
C ALA L 544 19.74 100.85 -57.03
N ASP L 545 18.62 100.33 -57.55
CA ASP L 545 18.19 100.52 -58.94
C ASP L 545 17.03 101.54 -59.09
N PHE L 546 16.92 102.18 -60.25
CA PHE L 546 15.79 103.05 -60.61
C PHE L 546 15.58 103.12 -62.13
N LEU L 547 14.33 103.26 -62.58
CA LEU L 547 14.00 103.49 -63.98
C LEU L 547 14.11 104.97 -64.35
N PHE L 548 14.51 105.24 -65.60
CA PHE L 548 14.63 106.60 -66.13
C PHE L 548 14.28 106.67 -67.62
N SER L 549 14.00 107.88 -68.11
CA SER L 549 13.54 108.14 -69.49
C SER L 549 14.10 109.47 -70.04
N GLU L 550 14.41 109.49 -71.35
CA GLU L 550 15.22 110.55 -72.01
C GLU L 550 14.40 111.59 -72.80
N ALA L 551 13.10 111.70 -72.54
CA ALA L 551 12.30 112.89 -72.83
C ALA L 551 12.67 114.06 -71.88
N LYS L 552 11.68 114.79 -71.31
CA LYS L 552 11.92 115.86 -70.31
C LYS L 552 12.65 115.36 -69.05
N GLY L 553 12.32 114.14 -68.58
CA GLY L 553 13.10 113.42 -67.56
C GLY L 553 12.29 112.59 -66.57
N HIS L 554 11.43 111.68 -67.03
CA HIS L 554 10.64 110.79 -66.15
C HIS L 554 11.56 109.81 -65.40
N PHE L 555 11.37 109.71 -64.09
CA PHE L 555 12.17 108.92 -63.16
C PHE L 555 11.24 108.08 -62.29
N ILE L 556 11.58 106.82 -62.02
CA ILE L 556 10.85 105.96 -61.09
C ILE L 556 11.84 105.15 -60.24
N SER L 557 11.94 105.50 -58.97
CA SER L 557 12.48 104.63 -57.92
C SER L 557 11.59 103.39 -57.75
N LEU L 558 12.19 102.18 -57.73
CA LEU L 558 11.47 100.89 -57.63
C LEU L 558 12.34 99.75 -57.08
N ASP L 559 11.71 98.75 -56.46
CA ASP L 559 12.34 97.45 -56.11
C ASP L 559 12.34 96.48 -57.30
N THR L 560 13.15 95.43 -57.20
CA THR L 560 13.37 94.45 -58.27
C THR L 560 13.45 93.03 -57.70
N PRO L 561 13.27 91.97 -58.53
CA PRO L 561 13.52 90.60 -58.11
C PRO L 561 14.92 90.40 -57.54
N ARG L 562 15.94 91.10 -58.09
CA ARG L 562 17.34 91.08 -57.63
C ARG L 562 17.46 91.58 -56.20
N THR L 563 16.96 92.77 -55.93
CA THR L 563 17.09 93.39 -54.61
C THR L 563 16.26 92.64 -53.59
N VAL L 564 15.05 92.17 -53.93
CA VAL L 564 14.24 91.37 -52.98
C VAL L 564 14.90 90.00 -52.69
N LYS L 565 15.45 89.31 -53.71
CA LYS L 565 16.27 88.10 -53.53
C LYS L 565 17.43 88.34 -52.58
N GLN L 566 18.02 89.55 -52.60
CA GLN L 566 19.08 89.97 -51.68
C GLN L 566 18.57 90.33 -50.27
N LYS L 567 17.55 91.20 -50.16
CA LYS L 567 16.94 91.65 -48.89
C LYS L 567 16.50 90.49 -47.99
N GLY L 568 15.99 89.40 -48.57
CA GLY L 568 15.61 88.20 -47.82
C GLY L 568 16.81 87.45 -47.23
N GLU L 569 17.88 87.27 -48.02
CA GLU L 569 19.13 86.64 -47.55
C GLU L 569 19.87 87.51 -46.54
N TYR L 570 19.83 88.83 -46.74
CA TYR L 570 20.27 89.83 -45.76
C TYR L 570 19.49 89.71 -44.44
N ALA L 571 18.16 89.77 -44.49
CA ALA L 571 17.29 89.70 -43.31
C ALA L 571 17.45 88.40 -42.51
N ALA L 572 17.61 87.28 -43.20
CA ALA L 572 17.93 86.00 -42.59
C ALA L 572 19.24 86.05 -41.78
N LYS L 573 20.32 86.58 -42.37
CA LYS L 573 21.63 86.74 -41.68
C LYS L 573 21.61 87.83 -40.60
N ASN L 574 20.76 88.84 -40.75
CA ASN L 574 20.58 89.95 -39.81
C ASN L 574 19.50 89.68 -38.74
N LYS L 575 19.13 88.40 -38.56
CA LYS L 575 18.60 87.81 -37.31
C LYS L 575 17.22 88.34 -36.86
N LEU L 576 16.51 89.00 -37.78
CA LEU L 576 15.21 89.63 -37.55
C LEU L 576 14.14 88.65 -37.04
N GLY L 577 13.21 89.18 -36.26
CA GLY L 577 11.96 88.49 -35.95
C GLY L 577 11.09 88.27 -37.19
N GLY L 578 11.19 89.17 -38.18
CA GLY L 578 10.48 89.04 -39.45
C GLY L 578 10.67 90.18 -40.44
N VAL L 579 9.90 90.11 -41.53
CA VAL L 579 9.84 91.10 -42.61
C VAL L 579 8.38 91.29 -43.05
N PHE L 580 7.98 92.51 -43.40
CA PHE L 580 6.57 92.79 -43.70
C PHE L 580 6.31 93.69 -44.92
N SER L 581 5.41 93.20 -45.77
CA SER L 581 4.81 93.87 -46.92
C SER L 581 3.77 94.93 -46.56
N TRP L 582 3.60 95.89 -47.48
CA TRP L 582 2.65 97.00 -47.43
C TRP L 582 2.25 97.42 -48.86
N SER L 583 0.99 97.27 -49.31
CA SER L 583 -0.14 96.47 -48.76
C SER L 583 -0.35 95.20 -49.61
N GLY L 584 -0.76 94.09 -49.00
CA GLY L 584 -0.73 92.74 -49.60
C GLY L 584 -1.57 92.52 -50.87
N ASP L 585 -2.46 93.44 -51.21
CA ASP L 585 -3.31 93.44 -52.41
C ASP L 585 -2.58 93.89 -53.70
N GLN L 586 -1.31 94.28 -53.59
CA GLN L 586 -0.52 94.97 -54.63
C GLN L 586 0.47 94.06 -55.40
N ASP L 587 0.53 92.76 -55.12
CA ASP L 587 1.41 91.82 -55.82
C ASP L 587 0.73 90.49 -56.20
N CYS L 588 0.58 90.30 -57.51
CA CYS L 588 0.12 89.07 -58.17
C CYS L 588 1.19 87.96 -58.25
N GLY L 589 2.40 88.22 -57.73
CA GLY L 589 3.41 87.22 -57.41
C GLY L 589 4.83 87.56 -57.86
N LEU L 590 5.09 88.79 -58.34
CA LEU L 590 6.37 89.20 -58.94
C LEU L 590 7.51 89.25 -57.91
N LEU L 591 7.29 89.94 -56.77
CA LEU L 591 8.28 90.09 -55.70
C LEU L 591 8.00 89.15 -54.52
N ALA L 592 6.75 88.71 -54.32
CA ALA L 592 6.40 87.76 -53.26
C ALA L 592 6.97 86.34 -53.47
N ASN L 593 7.02 85.85 -54.72
CA ASN L 593 7.83 84.67 -55.06
C ASN L 593 9.30 84.92 -54.67
N ALA L 594 9.86 86.07 -55.08
CA ALA L 594 11.25 86.43 -54.80
C ALA L 594 11.54 86.55 -53.30
N ALA L 595 10.57 86.92 -52.46
CA ALA L 595 10.69 86.91 -51.01
C ALA L 595 10.85 85.49 -50.42
N ARG L 596 10.01 84.52 -50.80
CA ARG L 596 10.17 83.12 -50.33
C ARG L 596 11.51 82.54 -50.82
N GLU L 597 11.85 82.80 -52.08
CA GLU L 597 13.13 82.45 -52.68
C GLU L 597 14.33 83.20 -52.07
N GLY L 598 14.12 84.38 -51.49
CA GLY L 598 15.12 85.18 -50.79
C GLY L 598 15.34 84.68 -49.35
N LEU L 599 14.27 84.34 -48.64
CA LEU L 599 14.37 83.76 -47.29
C LEU L 599 14.84 82.30 -47.30
N GLY L 600 14.76 81.58 -48.42
CA GLY L 600 15.27 80.21 -48.57
C GLY L 600 14.24 79.10 -48.36
N TYR L 601 12.96 79.39 -48.59
CA TYR L 601 11.93 78.36 -48.80
C TYR L 601 12.15 77.69 -50.16
N VAL L 602 11.98 76.36 -50.25
CA VAL L 602 12.38 75.57 -51.44
C VAL L 602 11.50 74.34 -51.69
N ALA L 603 11.58 73.82 -52.92
CA ALA L 603 11.08 72.52 -53.38
C ALA L 603 11.96 72.03 -54.56
N ASP L 604 12.15 70.72 -54.72
CA ASP L 604 13.12 70.16 -55.68
C ASP L 604 12.69 70.37 -57.15
N GLU L 608 7.86 75.36 -61.57
CA GLU L 608 7.68 76.79 -61.26
C GLU L 608 6.92 77.53 -62.37
N THR L 609 6.15 78.56 -62.03
CA THR L 609 5.48 79.42 -63.01
C THR L 609 6.45 80.28 -63.83
N ILE L 610 7.54 80.80 -63.25
CA ILE L 610 8.59 81.59 -63.93
C ILE L 610 9.90 81.56 -63.13
N ASP L 611 11.06 81.79 -63.77
CA ASP L 611 12.38 81.83 -63.11
C ASP L 611 13.33 82.88 -63.71
N MET L 612 14.26 83.40 -62.90
CA MET L 612 14.81 84.76 -63.04
C MET L 612 16.34 84.87 -62.94
N GLY L 613 17.12 83.78 -63.10
CA GLY L 613 18.58 83.79 -62.88
C GLY L 613 19.33 84.89 -63.65
N PRO L 614 19.34 84.87 -65.00
CA PRO L 614 19.80 85.97 -65.85
C PRO L 614 18.93 87.24 -65.83
N LEU L 615 18.00 87.37 -64.89
CA LEU L 615 17.21 88.57 -64.57
C LEU L 615 17.45 89.05 -63.12
N TYR L 616 18.48 88.51 -62.45
CA TYR L 616 19.09 89.01 -61.21
C TYR L 616 20.40 89.80 -61.44
N ASN L 617 20.86 89.97 -62.69
CA ASN L 617 21.96 90.88 -63.00
C ASN L 617 21.54 92.36 -62.81
N PRO L 618 22.47 93.31 -62.54
CA PRO L 618 22.17 94.73 -62.28
C PRO L 618 21.95 95.58 -63.55
N GLY L 619 21.57 96.86 -63.37
CA GLY L 619 21.37 97.87 -64.42
C GLY L 619 22.60 98.74 -64.73
N LYS L 620 22.38 99.86 -65.46
CA LYS L 620 23.44 100.77 -65.91
C LYS L 620 24.08 101.55 -64.75
N GLU L 621 25.39 101.39 -64.57
CA GLU L 621 26.17 101.86 -63.41
C GLU L 621 26.40 103.39 -63.40
N ILE L 622 25.35 104.15 -63.10
CA ILE L 622 25.35 105.63 -63.05
C ILE L 622 25.88 106.20 -61.72
N TYR L 623 26.63 107.30 -61.79
CA TYR L 623 27.11 108.08 -60.65
C TYR L 623 26.04 109.09 -60.14
N LEU L 624 24.95 108.57 -59.59
CA LEU L 624 23.89 109.34 -58.91
C LEU L 624 24.38 109.84 -57.53
N LYS L 625 25.12 110.94 -57.57
CA LYS L 625 25.76 111.65 -56.43
C LYS L 625 24.79 111.95 -55.28
N SER L 626 25.23 111.84 -54.02
CA SER L 626 24.46 112.48 -52.92
C SER L 626 24.39 113.99 -53.15
N ILE L 627 23.44 114.72 -52.56
CA ILE L 627 23.40 116.18 -52.79
C ILE L 627 24.69 116.88 -52.29
N SER L 628 25.36 116.33 -51.27
CA SER L 628 26.69 116.77 -50.83
C SER L 628 27.76 116.64 -51.93
N GLU L 629 27.66 115.59 -52.75
CA GLU L 629 28.49 115.32 -53.93
C GLU L 629 28.04 116.10 -55.19
N ILE L 630 26.89 116.77 -55.14
CA ILE L 630 26.44 117.78 -56.13
C ILE L 630 26.83 119.21 -55.69
N LYS L 631 26.83 119.50 -54.37
CA LYS L 631 27.38 120.74 -53.80
C LYS L 631 28.92 120.83 -53.90
N SER L 632 29.63 119.69 -53.80
CA SER L 632 31.10 119.65 -53.84
C SER L 632 31.65 120.19 -55.17
N TYR M 45 -49.17 -11.13 -85.83
CA TYR M 45 -47.93 -10.35 -86.01
C TYR M 45 -46.80 -10.78 -85.07
N SER M 46 -47.12 -11.31 -83.88
CA SER M 46 -46.18 -11.49 -82.76
C SER M 46 -44.93 -12.30 -83.09
N GLN M 47 -45.04 -13.26 -84.00
CA GLN M 47 -43.92 -14.08 -84.47
C GLN M 47 -42.81 -13.26 -85.15
N SER M 48 -43.13 -12.09 -85.71
CA SER M 48 -42.12 -11.15 -86.25
C SER M 48 -41.14 -10.63 -85.17
N LEU M 49 -41.55 -10.64 -83.91
CA LEU M 49 -40.69 -10.33 -82.78
C LEU M 49 -39.88 -11.58 -82.40
N ALA M 50 -40.55 -12.71 -82.16
CA ALA M 50 -39.94 -13.99 -81.76
C ALA M 50 -38.95 -14.59 -82.78
N ASP M 51 -38.97 -14.16 -84.04
CA ASP M 51 -37.93 -14.50 -85.04
C ASP M 51 -36.56 -13.90 -84.71
N THR M 52 -36.49 -12.66 -84.17
CA THR M 52 -35.25 -11.87 -84.06
C THR M 52 -34.93 -11.40 -82.64
N LEU M 53 -35.95 -11.12 -81.81
CA LEU M 53 -35.78 -10.98 -80.37
C LEU M 53 -35.17 -12.26 -79.81
N LEU M 54 -35.70 -13.43 -80.20
CA LEU M 54 -35.18 -14.75 -79.84
C LEU M 54 -34.10 -15.26 -80.81
N GLY M 55 -33.97 -14.64 -81.98
CA GLY M 55 -32.93 -14.96 -82.95
C GLY M 55 -31.54 -14.49 -82.52
N LEU M 56 -31.46 -13.29 -81.93
CA LEU M 56 -30.20 -12.66 -81.52
C LEU M 56 -30.32 -11.81 -80.25
N GLY M 57 -31.38 -10.99 -80.13
CA GLY M 57 -31.43 -9.87 -79.16
C GLY M 57 -31.33 -10.29 -77.70
N TYR M 58 -32.16 -11.27 -77.30
CA TYR M 58 -32.15 -11.95 -76.00
C TYR M 58 -32.31 -13.46 -76.20
N ARG M 59 -31.56 -14.28 -75.45
CA ARG M 59 -31.73 -15.74 -75.46
C ARG M 59 -33.17 -16.16 -75.09
N SER M 60 -33.72 -15.51 -74.06
CA SER M 60 -35.03 -15.79 -73.48
C SER M 60 -35.57 -14.57 -72.72
N ILE M 61 -36.87 -14.56 -72.43
CA ILE M 61 -37.51 -13.52 -71.61
C ILE M 61 -36.94 -13.51 -70.17
N PHE M 62 -36.43 -14.65 -69.68
CA PHE M 62 -35.83 -14.76 -68.34
C PHE M 62 -34.56 -13.91 -68.20
N ASP M 63 -33.83 -13.71 -69.31
CA ASP M 63 -32.63 -12.86 -69.34
C ASP M 63 -32.96 -11.35 -69.34
N ILE M 64 -34.23 -10.96 -69.52
CA ILE M 64 -34.68 -9.58 -69.30
C ILE M 64 -34.59 -9.18 -67.80
N ALA M 65 -34.36 -10.14 -66.89
CA ALA M 65 -33.97 -9.85 -65.50
C ALA M 65 -32.71 -8.95 -65.36
N LYS M 66 -31.89 -8.85 -66.42
CA LYS M 66 -30.78 -7.89 -66.52
C LYS M 66 -31.20 -6.42 -66.38
N VAL M 67 -32.33 -6.05 -66.98
CA VAL M 67 -32.55 -4.66 -67.45
C VAL M 67 -33.00 -3.66 -66.38
N SER M 68 -32.89 -2.39 -66.74
CA SER M 68 -33.68 -1.27 -66.23
C SER M 68 -34.37 -0.59 -67.42
N ARG M 69 -35.55 0.00 -67.21
CA ARG M 69 -36.47 0.39 -68.30
C ARG M 69 -35.81 1.25 -69.38
N GLN M 70 -35.04 2.27 -69.01
CA GLN M 70 -34.40 3.15 -69.99
C GLN M 70 -33.39 2.40 -70.86
N ARG M 71 -32.65 1.43 -70.28
CA ARG M 71 -31.74 0.52 -71.02
C ARG M 71 -32.48 -0.26 -72.09
N PHE M 72 -33.63 -0.83 -71.73
CA PHE M 72 -34.48 -1.63 -72.61
C PHE M 72 -35.16 -0.79 -73.70
N ILE M 73 -35.69 0.38 -73.34
CA ILE M 73 -36.40 1.28 -74.25
C ILE M 73 -35.47 1.82 -75.36
N LYS M 74 -34.21 2.14 -75.03
CA LYS M 74 -33.23 2.73 -75.97
C LYS M 74 -33.01 1.86 -77.22
N ARG M 75 -33.00 0.54 -77.08
CA ARG M 75 -32.52 -0.42 -78.11
C ARG M 75 -33.48 -0.65 -79.30
N HIS M 76 -34.75 -0.22 -79.20
CA HIS M 76 -35.85 -0.71 -80.05
C HIS M 76 -36.42 0.33 -81.06
N ASP M 77 -36.57 -0.06 -82.33
CA ASP M 77 -37.18 0.76 -83.39
C ASP M 77 -38.71 0.88 -83.25
N GLU M 78 -39.35 1.72 -84.08
CA GLU M 78 -40.81 1.88 -84.10
C GLU M 78 -41.60 0.56 -84.22
N SER M 79 -41.11 -0.43 -84.97
CA SER M 79 -41.81 -1.72 -85.13
C SER M 79 -41.78 -2.59 -83.86
N LEU M 80 -40.94 -2.25 -82.87
CA LEU M 80 -40.93 -2.82 -81.52
C LEU M 80 -41.53 -1.82 -80.52
N LEU M 81 -41.00 -0.61 -80.47
CA LEU M 81 -41.35 0.44 -79.51
C LEU M 81 -42.82 0.91 -79.64
N GLY M 82 -43.36 0.95 -80.87
CA GLY M 82 -44.79 1.21 -81.10
C GLY M 82 -45.73 0.06 -80.68
N ASN M 83 -45.21 -1.09 -80.24
CA ASN M 83 -45.93 -2.26 -79.74
C ASN M 83 -45.15 -2.97 -78.62
N GLY M 84 -44.53 -2.20 -77.73
CA GLY M 84 -43.58 -2.69 -76.72
C GLY M 84 -43.59 -1.96 -75.38
N ALA M 85 -44.15 -0.74 -75.31
CA ALA M 85 -44.20 0.04 -74.06
C ALA M 85 -44.98 -0.63 -72.91
N VAL M 86 -45.86 -1.60 -73.21
CA VAL M 86 -46.59 -2.40 -72.20
C VAL M 86 -45.76 -3.55 -71.60
N ILE M 87 -44.63 -3.95 -72.22
CA ILE M 87 -44.00 -5.26 -71.99
C ILE M 87 -43.59 -5.47 -70.52
N PHE M 88 -42.90 -4.52 -69.91
CA PHE M 88 -42.36 -4.69 -68.55
C PHE M 88 -43.42 -4.77 -67.43
N ASP M 89 -44.71 -4.51 -67.71
CA ASP M 89 -45.82 -4.76 -66.78
C ASP M 89 -46.14 -6.27 -66.58
N LYS M 90 -45.72 -7.13 -67.52
CA LYS M 90 -45.88 -8.61 -67.49
C LYS M 90 -44.55 -9.37 -67.70
N ALA M 91 -43.57 -8.82 -68.42
CA ALA M 91 -42.29 -9.47 -68.69
C ALA M 91 -41.33 -9.43 -67.50
N VAL M 92 -41.32 -8.36 -66.71
CA VAL M 92 -40.58 -8.36 -65.43
C VAL M 92 -41.28 -9.27 -64.41
N SER M 93 -42.60 -9.36 -64.48
CA SER M 93 -43.41 -10.38 -63.82
C SER M 93 -43.02 -11.81 -64.28
N MET M 94 -42.78 -12.05 -65.58
CA MET M 94 -42.15 -13.28 -66.09
C MET M 94 -40.78 -13.51 -65.44
N ALA M 95 -39.96 -12.46 -65.34
CA ALA M 95 -38.64 -12.49 -64.71
C ALA M 95 -38.66 -12.76 -63.18
N ASN M 96 -39.84 -12.95 -62.57
CA ASN M 96 -39.99 -13.59 -61.26
C ASN M 96 -41.15 -14.64 -61.21
N GLN M 97 -41.42 -15.33 -62.34
CA GLN M 97 -42.48 -16.36 -62.52
C GLN M 97 -42.01 -17.81 -62.31
N VAL M 98 -40.73 -18.11 -62.61
CA VAL M 98 -40.09 -19.42 -62.32
C VAL M 98 -39.74 -19.59 -60.82
N LEU M 99 -39.82 -18.51 -60.01
CA LEU M 99 -39.14 -18.33 -58.72
C LEU M 99 -39.25 -19.50 -57.71
N GLN M 100 -40.45 -19.90 -57.28
CA GLN M 100 -40.64 -21.03 -56.33
C GLN M 100 -40.88 -22.40 -57.02
N LYS M 101 -40.85 -22.52 -58.36
CA LYS M 101 -41.09 -23.83 -59.03
C LYS M 101 -40.06 -24.93 -58.71
N TYR M 102 -38.93 -24.56 -58.11
CA TYR M 102 -37.89 -25.44 -57.57
C TYR M 102 -37.65 -25.26 -56.03
N ARG M 103 -38.54 -24.56 -55.30
CA ARG M 103 -38.55 -24.45 -53.81
C ARG M 103 -39.90 -24.78 -53.14
N LYS M 104 -41.03 -24.72 -53.85
CA LYS M 104 -42.35 -25.15 -53.32
C LYS M 104 -42.36 -26.64 -52.93
N ASN M 105 -41.38 -27.38 -53.47
CA ASN M 105 -41.01 -28.77 -53.22
C ASN M 105 -40.43 -29.08 -51.81
N ARG M 106 -40.42 -28.11 -50.87
CA ARG M 106 -39.84 -28.24 -49.50
C ARG M 106 -40.28 -29.47 -48.69
N LEU M 107 -41.41 -30.12 -49.02
CA LEU M 107 -41.71 -31.51 -48.66
C LEU M 107 -41.15 -32.46 -49.73
N LEU M 156 -27.46 -20.48 -50.79
CA LEU M 156 -26.50 -20.17 -49.74
C LEU M 156 -25.52 -19.05 -50.13
N ASP M 157 -24.98 -18.32 -49.14
CA ASP M 157 -24.25 -17.05 -49.32
C ASP M 157 -22.79 -17.12 -48.83
N SER M 158 -21.94 -16.31 -49.46
CA SER M 158 -20.47 -16.41 -49.43
C SER M 158 -19.80 -15.06 -49.82
N PRO M 159 -18.48 -14.88 -49.61
CA PRO M 159 -17.78 -13.71 -50.13
C PRO M 159 -17.91 -13.57 -51.65
N ALA M 160 -18.00 -14.70 -52.35
CA ALA M 160 -18.24 -14.75 -53.79
C ALA M 160 -19.66 -14.28 -54.18
N SER M 161 -20.73 -14.64 -53.46
CA SER M 161 -22.08 -14.18 -53.80
C SER M 161 -22.24 -12.66 -53.58
N TYR M 162 -21.52 -12.10 -52.60
CA TYR M 162 -21.35 -10.65 -52.45
C TYR M 162 -20.59 -10.02 -53.63
N LEU M 163 -19.49 -10.63 -54.09
CA LEU M 163 -18.70 -10.08 -55.19
C LEU M 163 -19.40 -10.18 -56.56
N LEU M 164 -20.03 -11.31 -56.87
CA LEU M 164 -20.67 -11.54 -58.17
C LEU M 164 -21.91 -10.65 -58.38
N ASP M 165 -22.63 -10.36 -57.29
CA ASP M 165 -23.73 -9.39 -57.25
C ASP M 165 -23.28 -7.95 -57.59
N LEU M 166 -21.99 -7.64 -57.46
CA LEU M 166 -21.40 -6.44 -58.04
C LEU M 166 -20.95 -6.69 -59.48
N TYR M 167 -20.24 -7.78 -59.76
CA TYR M 167 -19.58 -7.96 -61.07
C TYR M 167 -20.58 -8.09 -62.23
N LYS M 168 -21.57 -8.98 -62.14
CA LYS M 168 -22.59 -9.10 -63.18
C LYS M 168 -23.53 -7.88 -63.25
N PHE M 169 -23.57 -7.06 -62.20
CA PHE M 169 -24.28 -5.78 -62.24
C PHE M 169 -23.51 -4.71 -63.03
N ILE M 170 -22.19 -4.60 -62.87
CA ILE M 170 -21.42 -3.54 -63.56
C ILE M 170 -21.27 -3.82 -65.06
N GLN M 171 -21.24 -5.09 -65.46
CA GLN M 171 -21.17 -5.47 -66.88
C GLN M 171 -22.28 -4.87 -67.74
N SER M 172 -23.52 -4.82 -67.23
CA SER M 172 -24.69 -4.27 -67.96
C SER M 172 -24.86 -2.75 -67.82
N VAL M 173 -23.87 -2.02 -67.29
CA VAL M 173 -23.83 -0.55 -67.35
C VAL M 173 -23.27 -0.13 -68.72
N GLU M 174 -23.98 -0.49 -69.79
CA GLU M 174 -23.58 -0.27 -71.19
C GLU M 174 -24.03 1.11 -71.71
N LEU M 175 -23.10 2.06 -71.72
CA LEU M 175 -23.12 3.25 -72.59
C LEU M 175 -21.73 3.38 -73.24
N ASP M 176 -21.71 3.66 -74.54
CA ASP M 176 -20.58 3.35 -75.43
C ASP M 176 -19.83 4.61 -75.93
N GLY M 177 -19.28 4.54 -77.14
CA GLY M 177 -18.56 5.63 -77.80
C GLY M 177 -17.13 5.86 -77.30
N SER M 178 -16.68 7.10 -77.38
CA SER M 178 -15.33 7.55 -77.02
C SER M 178 -15.04 7.53 -75.51
N ASN M 179 -16.03 7.28 -74.66
CA ASN M 179 -15.90 7.45 -73.21
C ASN M 179 -14.90 6.45 -72.57
N GLN M 180 -14.09 6.94 -71.63
CA GLN M 180 -12.98 6.20 -71.01
C GLN M 180 -13.38 4.94 -70.24
N ALA M 181 -14.57 4.87 -69.63
CA ALA M 181 -14.75 4.05 -68.42
C ALA M 181 -14.32 2.58 -68.57
N ARG M 182 -14.79 1.88 -69.62
CA ARG M 182 -14.33 0.50 -69.88
C ARG M 182 -12.90 0.43 -70.40
N LYS M 183 -12.47 1.46 -71.13
CA LYS M 183 -11.12 1.57 -71.68
C LYS M 183 -10.09 1.58 -70.55
N LEU M 184 -10.32 2.39 -69.52
CA LEU M 184 -9.55 2.44 -68.29
C LEU M 184 -9.62 1.13 -67.50
N GLU M 185 -10.83 0.59 -67.31
CA GLU M 185 -11.02 -0.60 -66.48
C GLU M 185 -10.32 -1.83 -67.06
N THR M 186 -10.36 -1.98 -68.38
CA THR M 186 -9.64 -3.03 -69.13
C THR M 186 -8.14 -2.75 -69.22
N ARG M 187 -7.68 -1.49 -69.25
CA ARG M 187 -6.26 -1.13 -69.09
C ARG M 187 -5.74 -1.49 -67.70
N ARG M 188 -6.55 -1.30 -66.66
CA ARG M 188 -6.34 -1.69 -65.26
C ARG M 188 -6.57 -3.22 -65.05
N ALA M 189 -6.18 -4.04 -66.04
CA ALA M 189 -6.57 -5.44 -66.20
C ALA M 189 -6.45 -6.33 -64.95
N ASP M 190 -7.58 -6.99 -64.66
CA ASP M 190 -7.78 -8.21 -63.87
C ASP M 190 -9.16 -8.80 -64.26
N ILE M 191 -9.43 -10.05 -63.89
CA ILE M 191 -10.53 -10.88 -64.46
C ILE M 191 -11.26 -11.67 -63.36
N PRO M 192 -12.49 -12.18 -63.59
CA PRO M 192 -13.28 -12.91 -62.57
C PRO M 192 -12.62 -14.17 -61.97
N LYS M 193 -11.54 -14.67 -62.58
CA LYS M 193 -10.72 -15.81 -62.14
C LYS M 193 -9.23 -15.41 -62.13
N LEU M 194 -8.88 -14.42 -61.29
CA LEU M 194 -7.58 -13.72 -61.29
C LEU M 194 -6.38 -14.70 -61.23
N SER M 195 -6.35 -15.52 -60.17
CA SER M 195 -5.33 -16.55 -59.91
C SER M 195 -5.87 -17.56 -58.89
N LEU M 196 -5.26 -18.75 -58.85
CA LEU M 196 -5.55 -19.83 -57.89
C LEU M 196 -7.06 -20.16 -57.82
N ASP M 197 -7.60 -20.37 -56.63
CA ASP M 197 -9.03 -20.61 -56.38
C ASP M 197 -9.45 -19.96 -55.05
N ASN M 198 -10.75 -19.79 -54.89
CA ASN M 198 -11.42 -18.98 -53.87
C ASN M 198 -11.18 -19.47 -52.43
N ASP M 199 -10.77 -20.72 -52.24
CA ASP M 199 -10.43 -21.30 -50.93
C ASP M 199 -9.04 -20.90 -50.41
N ALA M 200 -8.22 -20.20 -51.20
CA ALA M 200 -6.92 -19.67 -50.77
C ALA M 200 -7.02 -18.58 -49.69
N LEU M 201 -8.22 -18.03 -49.46
CA LEU M 201 -8.50 -16.80 -48.71
C LEU M 201 -7.72 -16.63 -47.39
N TYR M 202 -7.57 -17.70 -46.62
CA TYR M 202 -6.86 -17.68 -45.34
C TYR M 202 -5.35 -17.44 -45.49
N LYS M 203 -4.73 -18.00 -46.54
CA LYS M 203 -3.33 -17.75 -46.93
C LYS M 203 -3.14 -16.52 -47.81
N GLU M 204 -4.22 -15.92 -48.33
CA GLU M 204 -4.15 -14.65 -49.07
C GLU M 204 -3.75 -13.44 -48.19
N VAL M 205 -3.68 -13.59 -46.87
CA VAL M 205 -3.19 -12.56 -45.94
C VAL M 205 -1.75 -12.15 -46.30
N THR M 206 -1.58 -10.88 -46.68
CA THR M 206 -0.35 -10.34 -47.28
C THR M 206 -0.16 -8.87 -46.89
N ALA M 207 1.09 -8.40 -46.84
CA ALA M 207 1.42 -6.99 -46.67
C ALA M 207 1.20 -6.14 -47.95
N LEU M 208 1.50 -4.84 -47.85
CA LEU M 208 1.48 -3.85 -48.94
C LEU M 208 2.23 -4.30 -50.21
N SER M 209 3.24 -5.17 -50.08
CA SER M 209 4.05 -5.73 -51.18
C SER M 209 3.23 -6.26 -52.38
N ILE M 210 1.98 -6.68 -52.14
CA ILE M 210 1.02 -7.10 -53.17
C ILE M 210 0.79 -6.03 -54.27
N VAL M 211 0.93 -4.74 -53.94
CA VAL M 211 0.65 -3.61 -54.83
C VAL M 211 1.77 -3.38 -55.85
N ASN M 212 3.01 -3.67 -55.44
CA ASN M 212 4.23 -3.26 -56.16
C ASN M 212 4.27 -3.74 -57.63
N ASP M 213 3.93 -5.00 -57.90
CA ASP M 213 3.94 -5.53 -59.26
C ASP M 213 2.72 -5.08 -60.10
N VAL M 214 1.64 -4.62 -59.47
CA VAL M 214 0.46 -4.10 -60.19
C VAL M 214 0.76 -2.72 -60.78
N LEU M 215 1.57 -1.90 -60.09
CA LEU M 215 2.10 -0.66 -60.63
C LEU M 215 3.33 -0.91 -61.52
N SER M 216 4.41 -1.46 -60.94
CA SER M 216 5.71 -1.55 -61.61
C SER M 216 5.71 -2.54 -62.78
N GLY M 217 4.92 -3.62 -62.72
CA GLY M 217 4.98 -4.72 -63.68
C GLY M 217 4.47 -4.34 -65.08
N SER M 218 3.53 -3.40 -65.17
CA SER M 218 3.21 -2.73 -66.44
C SER M 218 4.21 -1.61 -66.75
N ALA M 219 4.59 -0.80 -65.75
CA ALA M 219 5.47 0.36 -65.95
C ALA M 219 6.82 0.00 -66.61
N ARG M 220 7.44 -1.10 -66.18
CA ARG M 220 8.75 -1.54 -66.68
C ARG M 220 8.75 -1.93 -68.16
N GLU M 221 7.57 -2.13 -68.76
CA GLU M 221 7.42 -2.43 -70.18
C GLU M 221 7.73 -1.22 -71.08
N TYR M 222 7.81 0.01 -70.57
CA TYR M 222 8.04 1.19 -71.41
C TYR M 222 9.28 1.06 -72.33
N ILE M 223 10.43 0.60 -71.83
CA ILE M 223 11.60 0.42 -72.70
C ILE M 223 11.41 -0.66 -73.77
N ASP M 224 10.60 -1.68 -73.48
CA ASP M 224 10.24 -2.76 -74.40
C ASP M 224 9.26 -2.28 -75.49
N GLN M 225 8.20 -1.59 -75.07
CA GLN M 225 7.12 -1.02 -75.89
C GLN M 225 7.65 0.04 -76.86
N SER M 226 8.41 1.02 -76.33
CA SER M 226 9.10 2.03 -77.14
C SER M 226 10.27 1.46 -77.94
N GLY M 227 10.73 0.24 -77.63
CA GLY M 227 11.86 -0.41 -78.30
C GLY M 227 13.24 0.15 -77.95
N GLN M 228 13.33 1.01 -76.92
CA GLN M 228 14.55 1.72 -76.52
C GLN M 228 15.60 0.82 -75.86
N ALA M 229 15.19 -0.20 -75.10
CA ALA M 229 16.08 -1.17 -74.45
C ALA M 229 15.36 -2.49 -74.11
N ASP M 230 16.11 -3.57 -73.86
CA ASP M 230 15.57 -4.91 -73.57
C ASP M 230 16.47 -5.77 -72.66
N LYS M 231 17.77 -5.89 -72.97
CA LYS M 231 18.75 -6.67 -72.18
C LYS M 231 18.94 -6.14 -70.74
N ALA M 232 18.75 -4.84 -70.52
CA ALA M 232 18.76 -4.21 -69.20
C ALA M 232 17.55 -4.63 -68.35
N VAL M 233 17.78 -5.41 -67.28
CA VAL M 233 16.71 -6.08 -66.51
C VAL M 233 15.76 -5.14 -65.75
N ASN M 234 16.22 -3.99 -65.27
CA ASN M 234 15.39 -2.99 -64.57
C ASN M 234 16.07 -1.60 -64.42
N GLN M 235 17.39 -1.58 -64.25
CA GLN M 235 18.15 -0.45 -63.69
C GLN M 235 18.05 0.89 -64.46
N ILE M 236 17.47 0.91 -65.67
CA ILE M 236 17.29 2.12 -66.49
C ILE M 236 16.53 3.24 -65.74
N LEU M 237 15.66 2.87 -64.79
CA LEU M 237 14.94 3.83 -63.95
C LEU M 237 15.83 4.62 -62.97
N GLY M 238 17.11 4.24 -62.84
CA GLY M 238 18.14 5.01 -62.12
C GLY M 238 18.91 6.00 -63.00
N ASP M 239 18.60 6.09 -64.30
CA ASP M 239 19.39 6.79 -65.34
C ASP M 239 18.56 7.83 -66.12
N THR M 240 17.84 8.75 -65.46
CA THR M 240 17.06 9.83 -66.10
C THR M 240 16.97 11.05 -65.17
N HIS M 241 16.80 12.28 -65.69
CA HIS M 241 16.76 13.51 -64.88
C HIS M 241 15.57 14.44 -65.12
N PHE M 242 15.32 14.85 -66.38
CA PHE M 242 14.70 16.15 -66.72
C PHE M 242 13.31 16.42 -66.09
N PRO M 243 12.37 15.44 -65.97
CA PRO M 243 11.13 15.55 -65.18
C PRO M 243 11.32 15.57 -63.64
N PHE M 244 12.46 16.06 -63.15
CA PHE M 244 12.97 15.95 -61.77
C PHE M 244 12.86 14.51 -61.24
N THR M 245 13.44 13.59 -62.00
CA THR M 245 13.22 12.13 -61.90
C THR M 245 13.88 11.43 -60.69
N LEU M 246 14.79 12.13 -59.98
CA LEU M 246 15.55 11.60 -58.83
C LEU M 246 16.36 10.32 -59.16
N PRO M 247 17.38 10.41 -60.05
CA PRO M 247 18.21 9.27 -60.45
C PRO M 247 19.09 8.68 -59.33
N TYR M 248 19.82 7.61 -59.64
CA TYR M 248 20.70 6.86 -58.71
C TYR M 248 20.01 6.25 -57.48
N SER M 249 18.69 6.36 -57.37
CA SER M 249 17.85 5.96 -56.23
C SER M 249 17.80 4.46 -55.93
N LEU M 250 18.40 3.62 -56.78
CA LEU M 250 18.45 2.17 -56.62
C LEU M 250 19.10 1.78 -55.26
N PRO M 251 18.57 0.75 -54.58
CA PRO M 251 18.94 0.43 -53.19
C PRO M 251 20.44 0.17 -53.00
N THR M 252 21.17 -0.29 -54.02
CA THR M 252 22.62 -0.52 -53.98
C THR M 252 23.45 0.73 -53.63
N GLN M 253 22.88 1.93 -53.77
CA GLN M 253 23.49 3.17 -53.28
C GLN M 253 23.06 3.46 -51.83
N GLN M 254 21.76 3.41 -51.54
CA GLN M 254 21.20 3.77 -50.23
C GLN M 254 21.61 2.80 -49.09
N ILE M 255 21.55 1.48 -49.32
CA ILE M 255 21.93 0.47 -48.31
C ILE M 255 23.39 0.63 -47.89
N ASN M 256 24.26 1.08 -48.80
CA ASN M 256 25.67 1.31 -48.52
C ASN M 256 25.89 2.47 -47.50
N LYS M 257 24.87 3.32 -47.25
CA LYS M 257 24.83 4.29 -46.14
C LYS M 257 24.06 3.73 -44.94
N GLY M 258 22.78 3.38 -45.11
CA GLY M 258 21.89 3.04 -44.00
C GLY M 258 22.15 1.67 -43.37
N LEU M 259 22.21 0.61 -44.19
CA LEU M 259 22.41 -0.75 -43.71
C LEU M 259 23.79 -0.94 -43.07
N GLY M 260 24.82 -0.32 -43.66
CA GLY M 260 26.19 -0.31 -43.10
C GLY M 260 26.33 0.43 -41.75
N ALA M 261 25.41 1.35 -41.43
CA ALA M 261 25.30 1.96 -40.11
C ALA M 261 24.43 1.13 -39.14
N SER M 262 23.33 0.54 -39.63
CA SER M 262 22.23 0.01 -38.82
C SER M 262 22.59 -1.13 -37.86
N ASN M 263 23.67 -1.87 -38.13
CA ASN M 263 24.07 -3.04 -37.34
C ASN M 263 24.76 -2.68 -36.00
N ILE M 264 25.89 -1.98 -36.08
CA ILE M 264 26.89 -1.69 -35.02
C ILE M 264 27.49 -0.27 -35.18
N GLU M 265 26.89 0.57 -36.04
CA GLU M 265 27.20 2.01 -36.23
C GLU M 265 28.61 2.33 -36.76
N LEU M 266 29.11 1.55 -37.73
CA LEU M 266 30.43 1.75 -38.37
C LEU M 266 30.45 2.90 -39.41
N GLY M 267 29.46 2.95 -40.31
CA GLY M 267 29.42 3.90 -41.44
C GLY M 267 30.55 3.72 -42.46
N THR M 268 30.85 4.77 -43.23
CA THR M 268 31.96 4.78 -44.23
C THR M 268 33.35 5.00 -43.62
N VAL M 269 33.41 5.33 -42.32
CA VAL M 269 34.63 5.65 -41.55
C VAL M 269 35.68 4.51 -41.56
N ILE M 270 35.24 3.30 -41.91
CA ILE M 270 36.09 2.10 -42.08
C ILE M 270 37.32 2.35 -42.99
N GLN M 271 37.24 3.26 -43.96
CA GLN M 271 38.37 3.59 -44.84
C GLN M 271 39.58 4.22 -44.09
N ARG M 272 39.38 4.74 -42.87
CA ARG M 272 40.45 5.28 -42.01
C ARG M 272 41.25 4.19 -41.28
N VAL M 273 40.77 2.94 -41.26
CA VAL M 273 41.29 1.88 -40.38
C VAL M 273 42.46 1.08 -40.98
N ASP M 274 42.58 0.98 -42.30
CA ASP M 274 43.46 0.02 -42.99
C ASP M 274 44.17 0.57 -44.25
N PRO M 275 45.23 -0.11 -44.76
CA PRO M 275 46.04 -1.20 -44.18
C PRO M 275 47.30 -0.69 -43.46
N GLN M 276 47.45 0.63 -43.37
CA GLN M 276 48.66 1.36 -43.00
C GLN M 276 48.94 1.35 -41.48
N PHE M 277 50.22 1.43 -41.10
CA PHE M 277 50.63 1.31 -39.69
C PHE M 277 50.26 2.52 -38.82
N SER M 278 50.28 3.76 -39.35
CA SER M 278 49.87 4.97 -38.64
C SER M 278 49.32 6.06 -39.56
N TRP M 279 48.46 6.93 -39.01
CA TRP M 279 47.79 8.04 -39.72
C TRP M 279 48.71 9.20 -40.10
N ASN M 280 49.98 9.19 -39.68
CA ASN M 280 51.04 10.05 -40.21
C ASN M 280 51.42 9.60 -41.64
N THR M 281 50.53 9.86 -42.60
CA THR M 281 50.50 9.25 -43.95
C THR M 281 50.10 10.28 -45.01
N THR M 282 50.46 10.02 -46.27
CA THR M 282 50.40 10.98 -47.39
C THR M 282 48.96 11.37 -47.80
N GLN M 283 48.83 12.57 -48.38
CA GLN M 283 47.58 13.30 -48.60
C GLN M 283 46.45 12.51 -49.25
N GLU M 284 46.75 11.60 -50.18
CA GLU M 284 45.69 10.90 -50.92
C GLU M 284 44.80 10.08 -49.99
N LYS M 285 45.34 9.51 -48.88
CA LYS M 285 44.55 8.76 -47.90
C LYS M 285 43.43 9.60 -47.29
N TYR M 286 43.75 10.80 -46.79
CA TYR M 286 42.72 11.68 -46.21
C TYR M 286 41.66 12.07 -47.24
N ASN M 287 42.07 12.21 -48.51
CA ASN M 287 41.16 12.49 -49.61
C ASN M 287 40.24 11.30 -49.96
N GLN M 288 40.63 10.05 -49.66
CA GLN M 288 39.69 8.91 -49.67
C GLN M 288 38.62 9.12 -48.58
N VAL M 289 39.07 9.28 -47.34
CA VAL M 289 38.22 9.23 -46.14
C VAL M 289 37.26 10.41 -46.07
N LEU M 290 37.73 11.63 -46.35
CA LEU M 290 36.88 12.81 -46.28
C LEU M 290 35.77 12.73 -47.32
N LEU M 291 36.08 12.29 -48.56
CA LEU M 291 35.06 12.03 -49.57
C LEU M 291 34.13 10.89 -49.14
N ALA M 292 34.63 9.83 -48.50
CA ALA M 292 33.79 8.77 -47.94
C ALA M 292 32.81 9.32 -46.89
N TYR M 293 33.23 10.27 -46.07
CA TYR M 293 32.36 10.96 -45.13
C TYR M 293 31.30 11.84 -45.82
N THR M 294 31.63 12.50 -46.95
CA THR M 294 30.66 13.34 -47.69
C THR M 294 29.47 12.54 -48.23
N GLN M 295 29.63 11.24 -48.49
CA GLN M 295 28.87 10.51 -49.51
C GLN M 295 27.35 10.76 -49.47
N LEU M 296 26.61 10.10 -48.56
CA LEU M 296 25.14 10.15 -48.44
C LEU M 296 24.36 9.87 -49.75
N SER M 297 25.04 9.41 -50.80
CA SER M 297 24.58 9.40 -52.19
C SER M 297 25.46 8.44 -53.01
N SER M 298 26.20 8.91 -54.02
CA SER M 298 27.09 8.10 -54.87
C SER M 298 28.03 8.97 -55.73
N GLU M 299 28.71 8.36 -56.71
CA GLU M 299 29.41 9.01 -57.83
C GLU M 299 28.54 10.01 -58.63
N GLN M 300 27.22 10.06 -58.41
CA GLN M 300 26.33 11.11 -58.94
C GLN M 300 26.82 12.53 -58.63
N ILE M 301 27.55 12.77 -57.54
CA ILE M 301 28.10 14.09 -57.20
C ILE M 301 29.02 14.68 -58.28
N ALA M 302 29.51 13.88 -59.23
CA ALA M 302 30.18 14.36 -60.44
C ALA M 302 29.34 15.32 -61.29
N LEU M 303 28.01 15.37 -61.10
CA LEU M 303 27.14 16.36 -61.76
C LEU M 303 27.42 17.81 -61.32
N LEU M 304 27.96 18.04 -60.12
CA LEU M 304 28.28 19.39 -59.64
C LEU M 304 29.54 19.92 -60.32
N ASN M 584 15.83 32.06 -66.26
CA ASN M 584 15.52 31.00 -67.22
C ASN M 584 16.32 29.71 -66.94
N PHE M 585 16.00 28.62 -67.63
CA PHE M 585 16.58 27.28 -67.40
C PHE M 585 18.13 27.26 -67.38
N ARG M 586 18.80 28.09 -68.20
CA ARG M 586 20.27 28.20 -68.25
C ARG M 586 20.89 28.68 -66.92
N LEU M 587 20.11 29.33 -66.06
CA LEU M 587 20.47 29.74 -64.70
C LEU M 587 19.83 28.83 -63.64
N GLU M 588 18.56 28.45 -63.80
CA GLU M 588 17.87 27.58 -62.84
C GLU M 588 18.50 26.18 -62.74
N ARG M 589 19.08 25.67 -63.84
CA ARG M 589 19.88 24.43 -63.86
C ARG M 589 21.16 24.51 -63.01
N LEU M 590 21.61 25.70 -62.63
CA LEU M 590 22.65 25.92 -61.61
C LEU M 590 22.06 26.00 -60.19
N ASN M 591 20.86 26.56 -60.04
CA ASN M 591 20.12 26.55 -58.77
C ASN M 591 19.64 25.13 -58.38
N ARG M 592 19.46 24.23 -59.37
CA ARG M 592 19.20 22.80 -59.15
C ARG M 592 20.27 22.12 -58.29
N PHE M 593 21.51 22.59 -58.24
CA PHE M 593 22.53 22.07 -57.30
C PHE M 593 22.20 22.30 -55.81
N ILE M 594 21.33 23.29 -55.51
CA ILE M 594 20.76 23.51 -54.17
C ILE M 594 19.42 22.74 -54.03
N ARG M 595 18.59 22.68 -55.07
CA ARG M 595 17.35 21.88 -55.07
C ARG M 595 17.63 20.39 -54.80
N LEU M 596 18.70 19.86 -55.40
CA LEU M 596 19.20 18.50 -55.23
C LEU M 596 19.94 18.25 -53.90
N GLN M 597 19.76 19.11 -52.90
CA GLN M 597 20.09 18.81 -51.49
C GLN M 597 19.31 17.61 -50.92
N ARG M 598 18.33 17.06 -51.66
CA ARG M 598 17.46 15.94 -51.25
C ARG M 598 18.20 14.70 -50.74
N TRP M 599 19.48 14.51 -51.07
CA TRP M 599 20.30 13.40 -50.53
C TRP M 599 20.62 13.54 -49.03
N LEU M 600 20.40 14.74 -48.48
CA LEU M 600 20.75 15.16 -47.12
C LEU M 600 19.51 15.74 -46.41
N ASP M 601 19.38 15.54 -45.09
CA ASP M 601 18.26 16.07 -44.30
C ASP M 601 18.46 17.55 -43.92
N LEU M 602 18.76 18.40 -44.91
CA LEU M 602 19.11 19.81 -44.76
C LEU M 602 17.96 20.73 -45.23
N PRO M 603 17.55 21.72 -44.42
CA PRO M 603 16.55 22.71 -44.83
C PRO M 603 17.14 23.74 -45.83
N SER M 604 16.26 24.43 -46.57
CA SER M 604 16.63 25.39 -47.62
C SER M 604 17.51 26.57 -47.14
N HIS M 605 17.51 26.92 -45.84
CA HIS M 605 18.41 27.94 -45.26
C HIS M 605 19.85 27.47 -45.01
N GLN M 606 20.15 26.17 -45.07
CA GLN M 606 21.45 25.61 -44.66
C GLN M 606 22.55 25.81 -45.72
N LEU M 607 22.32 25.44 -46.99
CA LEU M 607 23.40 25.42 -48.00
C LEU M 607 24.04 26.79 -48.27
N ASP M 608 23.30 27.89 -48.28
CA ASP M 608 23.92 29.23 -48.47
C ASP M 608 24.79 29.63 -47.26
N LEU M 609 24.36 29.29 -46.04
CA LEU M 609 25.15 29.47 -44.81
C LEU M 609 26.42 28.60 -44.85
N LEU M 610 26.29 27.34 -45.25
CA LEU M 610 27.39 26.37 -45.39
C LEU M 610 28.43 26.81 -46.44
N LEU M 611 27.97 27.18 -47.64
CA LEU M 611 28.82 27.37 -48.81
C LEU M 611 29.47 28.78 -48.90
N THR M 612 28.82 29.83 -48.39
CA THR M 612 29.34 31.21 -48.57
C THR M 612 30.71 31.45 -47.95
N SER M 613 31.03 30.90 -46.78
CA SER M 613 32.34 31.09 -46.12
C SER M 613 33.49 30.45 -46.92
N VAL M 614 33.36 29.17 -47.30
CA VAL M 614 34.35 28.46 -48.12
C VAL M 614 34.47 29.04 -49.54
N MET M 615 33.36 29.49 -50.15
CA MET M 615 33.39 30.21 -51.44
C MET M 615 33.97 31.62 -51.35
N GLN M 616 34.04 32.25 -50.17
CA GLN M 616 34.77 33.50 -49.94
C GLN M 616 36.27 33.24 -49.68
N ALA M 617 36.59 32.16 -48.97
CA ALA M 617 37.98 31.73 -48.71
C ALA M 617 38.72 31.33 -50.01
N ASP M 618 38.02 30.71 -50.96
CA ASP M 618 38.48 30.47 -52.33
C ASP M 618 38.53 31.78 -53.14
N ALA M 619 39.69 32.13 -53.70
CA ALA M 619 39.91 33.33 -54.51
C ALA M 619 39.33 33.30 -55.94
N ASP M 620 38.91 32.14 -56.47
CA ASP M 620 38.40 31.99 -57.85
C ASP M 620 37.10 32.78 -58.11
N ASN M 621 36.89 33.24 -59.35
CA ASN M 621 35.85 34.22 -59.70
C ASN M 621 34.56 33.61 -60.28
N SER M 622 34.66 32.66 -61.21
CA SER M 622 33.51 32.13 -61.97
C SER M 622 32.73 31.01 -61.25
N GLN M 623 31.55 30.65 -61.79
CA GLN M 623 30.60 29.69 -61.19
C GLN M 623 31.12 28.25 -61.01
N GLN M 624 32.27 27.91 -61.61
CA GLN M 624 32.96 26.63 -61.38
C GLN M 624 33.40 26.42 -59.91
N GLU M 625 33.32 27.44 -59.07
CA GLU M 625 33.54 27.35 -57.62
C GLU M 625 32.63 26.35 -56.86
N ILE M 626 31.57 25.82 -57.51
CA ILE M 626 30.73 24.72 -56.99
C ILE M 626 31.43 23.34 -56.96
N THR M 627 32.51 23.16 -57.72
CA THR M 627 33.20 21.87 -57.94
C THR M 627 33.81 21.23 -56.68
N GLU M 628 34.20 19.96 -56.79
CA GLU M 628 34.56 19.05 -55.68
C GLU M 628 35.59 19.58 -54.66
N PRO M 629 36.59 20.42 -55.01
CA PRO M 629 37.47 21.03 -54.02
C PRO M 629 36.76 21.83 -52.91
N VAL M 630 35.49 22.22 -53.10
CA VAL M 630 34.61 22.76 -52.04
C VAL M 630 33.77 21.67 -51.36
N LEU M 631 33.25 20.70 -52.12
CA LEU M 631 32.31 19.69 -51.60
C LEU M 631 32.91 18.83 -50.50
N LYS M 632 34.22 18.57 -50.54
CA LYS M 632 34.98 17.87 -49.48
C LYS M 632 34.68 18.40 -48.07
N SER M 633 34.42 19.70 -47.91
CA SER M 633 34.16 20.31 -46.61
C SER M 633 32.89 19.79 -45.91
N LEU M 634 31.87 19.30 -46.64
CA LEU M 634 30.61 18.87 -46.01
C LEU M 634 30.77 17.54 -45.24
N GLY M 635 31.76 16.73 -45.58
CA GLY M 635 32.08 15.49 -44.87
C GLY M 635 32.61 15.77 -43.46
N LEU M 636 33.43 16.82 -43.33
CA LEU M 636 33.91 17.30 -42.03
C LEU M 636 32.75 17.82 -41.17
N PHE M 637 31.81 18.56 -41.77
CA PHE M 637 30.57 18.95 -41.09
C PHE M 637 29.76 17.72 -40.62
N ARG M 638 29.51 16.77 -41.52
CA ARG M 638 28.76 15.53 -41.22
C ARG M 638 29.42 14.74 -40.09
N HIS M 639 30.74 14.60 -40.13
CA HIS M 639 31.56 13.95 -39.11
C HIS M 639 31.43 14.64 -37.74
N LEU M 640 31.69 15.94 -37.67
CA LEU M 640 31.61 16.67 -36.40
C LEU M 640 30.18 16.73 -35.86
N ASN M 641 29.16 16.75 -36.73
CA ASN M 641 27.76 16.65 -36.37
C ASN M 641 27.44 15.28 -35.73
N LEU M 642 27.75 14.17 -36.41
CA LEU M 642 27.45 12.82 -35.92
C LEU M 642 28.16 12.50 -34.60
N GLN M 643 29.44 12.89 -34.47
CA GLN M 643 30.22 12.60 -33.27
C GLN M 643 30.00 13.60 -32.14
N TYR M 644 29.87 14.90 -32.43
CA TYR M 644 29.94 15.96 -31.41
C TYR M 644 28.80 17.00 -31.45
N LYS M 645 27.88 16.91 -32.42
CA LYS M 645 26.68 17.75 -32.56
C LYS M 645 26.98 19.26 -32.60
N ILE M 646 27.89 19.66 -33.50
CA ILE M 646 28.09 21.07 -33.90
C ILE M 646 26.88 21.63 -34.70
N THR M 647 26.94 22.90 -35.08
CA THR M 647 25.88 23.60 -35.86
C THR M 647 26.49 24.32 -37.07
N PRO M 648 25.82 24.39 -38.24
CA PRO M 648 26.38 24.99 -39.46
C PRO M 648 26.86 26.44 -39.29
N GLU M 649 26.21 27.20 -38.38
CA GLU M 649 26.60 28.57 -38.05
C GLU M 649 28.02 28.65 -37.46
N ILE M 650 28.32 27.84 -36.44
CA ILE M 650 29.62 27.84 -35.75
C ILE M 650 30.73 27.36 -36.69
N PHE M 651 30.45 26.31 -37.47
CA PHE M 651 31.37 25.75 -38.46
C PHE M 651 31.70 26.78 -39.57
N SER M 652 30.67 27.42 -40.15
CA SER M 652 30.86 28.45 -41.17
C SER M 652 31.46 29.76 -40.61
N SER M 653 31.26 30.05 -39.32
CA SER M 653 31.88 31.19 -38.61
C SER M 653 33.38 30.99 -38.37
N TRP M 654 33.81 29.83 -37.83
CA TRP M 654 35.24 29.57 -37.63
C TRP M 654 35.98 29.36 -38.96
N LEU M 655 35.32 28.82 -39.99
CA LEU M 655 35.77 28.90 -41.38
C LEU M 655 35.54 30.31 -41.93
N ALA M 701 38.75 52.96 -22.17
CA ALA M 701 39.49 52.12 -23.11
C ALA M 701 38.73 50.81 -23.45
N LYS M 702 39.20 50.08 -24.46
CA LYS M 702 38.62 48.80 -24.93
C LYS M 702 38.87 47.60 -23.99
N SER M 703 39.53 47.82 -22.85
CA SER M 703 39.94 46.78 -21.88
C SER M 703 38.78 45.93 -21.34
N VAL M 704 37.56 46.49 -21.28
CA VAL M 704 36.35 45.75 -20.87
C VAL M 704 36.03 44.64 -21.88
N LYS M 705 36.07 44.93 -23.19
CA LYS M 705 35.88 43.92 -24.26
C LYS M 705 37.06 42.95 -24.35
N GLN M 706 38.29 43.45 -24.17
CA GLN M 706 39.51 42.63 -24.11
C GLN M 706 39.45 41.59 -22.96
N LEU M 707 38.84 41.94 -21.82
CA LEU M 707 38.57 41.02 -20.71
C LEU M 707 37.33 40.14 -20.93
N CYS M 708 36.23 40.68 -21.47
CA CYS M 708 34.96 39.98 -21.65
C CYS M 708 35.05 38.79 -22.64
N ALA M 709 36.03 38.80 -23.55
CA ALA M 709 36.38 37.62 -24.36
C ALA M 709 36.71 36.38 -23.51
N GLY M 710 37.06 36.56 -22.23
CA GLY M 710 37.31 35.52 -21.23
C GLY M 710 36.09 34.73 -20.74
N LEU M 711 34.88 34.98 -21.26
CA LEU M 711 33.66 34.23 -20.97
C LEU M 711 33.76 32.73 -21.30
N ASN M 712 34.29 32.38 -22.49
CA ASN M 712 34.36 30.99 -22.95
C ASN M 712 35.46 30.21 -22.19
N ILE M 713 36.69 30.73 -22.21
CA ILE M 713 37.87 30.24 -21.47
C ILE M 713 38.53 31.43 -20.77
N SER M 714 38.97 31.26 -19.51
CA SER M 714 39.52 32.30 -18.65
C SER M 714 40.60 33.17 -19.31
N ALA M 715 40.47 34.50 -19.22
CA ALA M 715 41.34 35.50 -19.86
C ALA M 715 42.84 35.40 -19.50
N VAL M 716 43.21 34.64 -18.46
CA VAL M 716 44.62 34.37 -18.10
C VAL M 716 45.39 33.65 -19.22
N THR M 717 44.69 32.99 -20.16
CA THR M 717 45.28 32.40 -21.37
C THR M 717 45.74 33.43 -22.41
N PHE M 718 45.34 34.70 -22.32
CA PHE M 718 45.63 35.70 -23.36
C PHE M 718 47.12 36.10 -23.49
N GLN M 719 47.98 35.58 -22.60
CA GLN M 719 49.43 35.48 -22.84
C GLN M 719 49.79 34.73 -24.15
N PHE M 720 48.90 33.87 -24.66
CA PHE M 720 49.01 33.18 -25.96
C PHE M 720 48.33 33.94 -27.12
N ILE M 721 47.53 34.99 -26.84
CA ILE M 721 46.77 35.73 -27.85
C ILE M 721 47.59 36.89 -28.46
N ALA M 722 48.50 37.53 -27.71
CA ALA M 722 49.48 38.44 -28.31
C ALA M 722 50.42 37.74 -29.34
N PRO M 723 50.86 36.48 -29.11
CA PRO M 723 51.45 35.63 -30.16
C PRO M 723 50.52 35.28 -31.34
N LEU M 724 49.19 35.25 -31.17
CA LEU M 724 48.23 34.96 -32.24
C LEU M 724 48.05 36.15 -33.20
N VAL M 725 47.92 37.38 -32.68
CA VAL M 725 47.65 38.58 -33.51
C VAL M 725 48.82 38.96 -34.44
N GLN M 726 49.99 38.34 -34.27
CA GLN M 726 51.13 38.40 -35.20
C GLN M 726 50.81 37.87 -36.62
N SER M 727 49.71 37.14 -36.83
CA SER M 727 49.19 36.80 -38.17
C SER M 727 48.57 38.01 -38.90
N ALA M 728 48.31 39.11 -38.19
CA ALA M 728 47.88 40.42 -38.67
C ALA M 728 48.83 41.50 -38.12
N LEU M 729 48.30 42.60 -37.58
CA LEU M 729 49.05 43.58 -36.76
C LEU M 729 48.24 43.89 -35.49
N GLY M 730 48.90 43.87 -34.32
CA GLY M 730 48.27 44.14 -33.03
C GLY M 730 49.23 44.02 -31.84
N LEU M 731 48.76 44.49 -30.69
CA LEU M 731 49.41 44.51 -29.37
C LEU M 731 48.36 44.21 -28.29
N GLU M 732 48.75 43.85 -27.06
CA GLU M 732 47.80 43.44 -26.01
C GLU M 732 46.67 44.47 -25.75
N ALA M 733 46.99 45.76 -25.79
CA ALA M 733 45.99 46.85 -25.86
C ALA M 733 45.59 47.22 -27.32
N GLY M 734 46.55 47.27 -28.24
CA GLY M 734 46.36 47.73 -29.63
C GLY M 734 45.48 46.84 -30.51
N THR M 735 45.11 45.64 -30.07
CA THR M 735 44.17 44.71 -30.74
C THR M 735 42.70 45.17 -30.63
N LEU M 736 42.44 46.35 -30.02
CA LEU M 736 41.14 46.99 -29.80
C LEU M 736 40.20 47.08 -31.03
N VAL M 737 40.75 46.96 -32.25
CA VAL M 737 39.98 46.96 -33.51
C VAL M 737 39.18 45.66 -33.74
N ARG M 738 39.57 44.54 -33.10
CA ARG M 738 38.89 43.22 -33.15
C ARG M 738 38.46 42.77 -34.56
N SER M 739 39.34 42.95 -35.55
CA SER M 739 39.09 42.66 -36.97
C SER M 739 38.78 41.17 -37.23
N PHE M 740 37.92 40.87 -38.21
CA PHE M 740 37.40 39.51 -38.49
C PHE M 740 38.50 38.47 -38.80
N GLU M 741 39.61 38.87 -39.43
CA GLU M 741 40.75 37.97 -39.67
C GLU M 741 41.43 37.51 -38.37
N VAL M 742 41.37 38.34 -37.32
CA VAL M 742 41.86 38.04 -35.96
C VAL M 742 40.79 37.29 -35.15
N VAL M 743 39.57 37.84 -35.01
CA VAL M 743 38.54 37.23 -34.13
C VAL M 743 37.99 35.91 -34.65
N SER M 744 37.94 35.66 -35.97
CA SER M 744 37.64 34.31 -36.47
C SER M 744 38.74 33.30 -36.11
N SER M 745 40.00 33.74 -35.99
CA SER M 745 41.11 32.89 -35.52
C SER M 745 41.05 32.62 -34.01
N LEU M 746 40.55 33.57 -33.21
CA LEU M 746 40.14 33.33 -31.82
C LEU M 746 39.00 32.30 -31.77
N TYR M 747 38.02 32.40 -32.69
CA TYR M 747 36.90 31.47 -32.79
C TYR M 747 37.37 30.04 -33.11
N ARG M 748 38.33 29.88 -34.03
CA ARG M 748 39.01 28.59 -34.31
C ARG M 748 39.75 28.06 -33.07
N LEU M 749 40.61 28.88 -32.46
CA LEU M 749 41.46 28.49 -31.34
C LEU M 749 40.67 28.14 -30.06
N VAL M 750 39.55 28.81 -29.80
CA VAL M 750 38.68 28.52 -28.65
C VAL M 750 37.73 27.34 -28.89
N SER M 751 37.26 27.11 -30.13
CA SER M 751 36.30 26.05 -30.43
C SER M 751 36.93 24.67 -30.61
N ILE M 752 37.93 24.55 -31.48
CA ILE M 752 38.36 23.25 -32.04
C ILE M 752 38.96 22.31 -30.99
N PRO M 753 39.85 22.74 -30.06
CA PRO M 753 40.41 21.85 -29.04
C PRO M 753 39.37 21.35 -28.02
N GLN M 754 38.34 22.16 -27.72
CA GLN M 754 37.31 21.81 -26.73
C GLN M 754 36.40 20.65 -27.18
N THR M 755 36.28 20.40 -28.49
CA THR M 755 35.62 19.21 -29.05
C THR M 755 36.24 17.90 -28.52
N PHE M 756 37.55 17.92 -28.30
CA PHE M 756 38.35 16.81 -27.76
C PHE M 756 38.59 16.91 -26.23
N GLY M 757 38.00 17.91 -25.56
CA GLY M 757 38.17 18.17 -24.13
C GLY M 757 39.52 18.78 -23.73
N LEU M 758 40.32 19.25 -24.68
CA LEU M 758 41.64 19.85 -24.47
C LEU M 758 41.52 21.24 -23.82
N SER M 759 42.48 21.60 -22.96
CA SER M 759 42.72 23.01 -22.60
C SER M 759 43.58 23.70 -23.68
N THR M 760 43.59 25.03 -23.73
CA THR M 760 44.37 25.82 -24.71
C THR M 760 45.86 25.44 -24.72
N GLU M 761 46.42 25.15 -23.55
CA GLU M 761 47.80 24.69 -23.35
C GLU M 761 48.06 23.27 -23.87
N ASP M 762 47.04 22.43 -23.94
CA ASP M 762 47.10 21.10 -24.57
C ASP M 762 46.93 21.17 -26.09
N GLY M 763 46.02 22.02 -26.57
CA GLY M 763 45.83 22.26 -28.01
C GLY M 763 47.10 22.80 -28.68
N LEU M 764 47.75 23.78 -28.05
CA LEU M 764 49.05 24.31 -28.49
C LEU M 764 50.15 23.23 -28.54
N ILE M 765 50.11 22.23 -27.64
CA ILE M 765 51.01 21.07 -27.69
C ILE M 765 50.75 20.25 -28.95
N LEU M 766 49.50 19.88 -29.26
CA LEU M 766 49.21 19.07 -30.45
C LEU M 766 49.68 19.77 -31.72
N MET M 767 49.38 21.05 -31.89
CA MET M 767 49.81 21.83 -33.05
C MET M 767 51.35 21.86 -33.18
N ASN M 768 52.07 22.12 -32.08
CA ASN M 768 53.53 22.10 -32.08
C ASN M 768 54.12 20.71 -32.42
N ILE M 769 53.58 19.64 -31.81
CA ILE M 769 54.06 18.27 -32.00
C ILE M 769 53.79 17.75 -33.42
N LEU M 770 52.59 18.00 -33.95
CA LEU M 770 52.18 17.52 -35.27
C LEU M 770 52.75 18.34 -36.44
N THR M 771 52.94 19.66 -36.29
CA THR M 771 53.16 20.58 -37.43
C THR M 771 54.41 21.46 -37.34
N ASP M 772 55.09 21.50 -36.19
CA ASP M 772 56.18 22.45 -35.86
C ASP M 772 55.75 23.94 -35.79
N GLU M 773 54.45 24.23 -35.86
CA GLU M 773 53.88 25.58 -35.82
C GLU M 773 52.46 25.57 -35.22
N MET M 774 51.67 26.63 -35.43
CA MET M 774 50.30 26.80 -34.93
C MET M 774 49.21 25.97 -35.67
N GLY M 775 49.56 25.12 -36.64
CA GLY M 775 48.64 24.18 -37.32
C GLY M 775 47.39 24.81 -37.93
N TYR M 776 47.49 26.04 -38.48
CA TYR M 776 46.39 26.87 -38.98
C TYR M 776 45.37 27.36 -37.93
N LEU M 777 45.59 27.16 -36.64
CA LEU M 777 45.06 28.10 -35.62
C LEU M 777 45.85 29.42 -35.73
N ALA M 778 45.31 30.54 -35.25
CA ALA M 778 45.87 31.93 -35.40
C ALA M 778 46.04 32.46 -36.84
N LYS M 779 46.45 31.63 -37.79
CA LYS M 779 46.45 31.86 -39.25
C LYS M 779 45.05 31.69 -39.87
N GLN M 780 44.95 31.89 -41.19
CA GLN M 780 43.77 31.62 -42.01
C GLN M 780 43.38 30.11 -42.03
N PRO M 781 42.12 29.74 -42.34
CA PRO M 781 41.64 28.34 -42.47
C PRO M 781 42.25 27.49 -43.63
N ALA M 782 43.46 27.80 -44.08
CA ALA M 782 44.24 27.10 -45.12
C ALA M 782 43.57 26.92 -46.50
N PHE M 783 42.41 27.51 -46.81
CA PHE M 783 41.54 26.99 -47.86
C PHE M 783 42.15 26.98 -49.28
N ASP M 784 42.90 28.03 -49.65
CA ASP M 784 43.69 28.11 -50.90
C ASP M 784 45.15 27.63 -50.76
N ASP M 785 45.60 27.30 -49.55
CA ASP M 785 46.87 26.60 -49.28
C ASP M 785 46.72 25.08 -49.41
N LYS M 786 45.51 24.58 -49.12
CA LYS M 786 44.99 23.25 -49.41
C LYS M 786 44.94 22.96 -50.90
N GLN M 787 44.66 23.97 -51.74
CA GLN M 787 44.78 23.88 -53.21
C GLN M 787 46.23 23.59 -53.69
N THR M 788 47.24 23.81 -52.85
CA THR M 788 48.66 23.45 -53.09
C THR M 788 49.21 22.49 -52.02
N GLN M 789 48.32 21.75 -51.35
CA GLN M 789 48.59 20.66 -50.37
C GLN M 789 49.55 21.03 -49.21
N ASP M 790 49.55 22.29 -48.78
CA ASP M 790 50.43 22.82 -47.73
C ASP M 790 49.84 22.65 -46.31
N LYS M 791 50.12 21.51 -45.66
CA LYS M 791 49.73 21.17 -44.26
C LYS M 791 48.22 21.31 -43.94
N ASP M 792 47.34 21.01 -44.89
CA ASP M 792 45.96 21.53 -44.92
C ASP M 792 45.10 21.29 -43.66
N PHE M 793 44.36 22.34 -43.27
CA PHE M 793 43.49 22.40 -42.09
C PHE M 793 42.46 21.25 -42.00
N LEU M 794 41.93 20.80 -43.15
CA LEU M 794 40.97 19.69 -43.22
C LEU M 794 41.59 18.35 -42.78
N SER M 795 42.92 18.20 -42.80
CA SER M 795 43.62 17.04 -42.22
C SER M 795 43.89 17.20 -40.72
N ILE M 796 44.06 18.43 -40.23
CA ILE M 796 44.48 18.72 -38.85
C ILE M 796 43.46 18.20 -37.83
N ILE M 797 42.16 18.46 -38.06
CA ILE M 797 41.10 17.99 -37.14
C ILE M 797 41.01 16.45 -37.13
N LEU M 798 41.35 15.77 -38.22
CA LEU M 798 41.46 14.31 -38.24
C LEU M 798 42.62 13.82 -37.36
N LYS M 799 43.78 14.49 -37.44
CA LYS M 799 44.94 14.17 -36.59
C LYS M 799 44.65 14.42 -35.10
N MET M 800 43.97 15.52 -34.78
CA MET M 800 43.50 15.81 -33.41
C MET M 800 42.57 14.71 -32.88
N GLU M 801 41.64 14.23 -33.69
CA GLU M 801 40.77 13.11 -33.32
C GLU M 801 41.55 11.81 -33.12
N ALA M 802 42.42 11.44 -34.07
CA ALA M 802 43.22 10.22 -34.02
C ALA M 802 44.14 10.15 -32.78
N LEU M 803 44.77 11.26 -32.42
CA LEU M 803 45.53 11.37 -31.18
C LEU M 803 44.63 11.39 -29.95
N SER M 804 43.45 12.03 -29.99
CA SER M 804 42.53 12.04 -28.84
C SER M 804 42.02 10.63 -28.49
N ALA M 805 41.84 9.76 -29.49
CA ALA M 805 41.52 8.35 -29.30
C ALA M 805 42.71 7.58 -28.68
N TRP M 806 43.91 7.71 -29.26
CA TRP M 806 45.10 7.03 -28.75
C TRP M 806 45.49 7.47 -27.34
N LEU M 807 45.33 8.76 -27.03
CA LEU M 807 45.59 9.35 -25.72
C LEU M 807 44.42 9.19 -24.73
N THR M 808 43.28 8.68 -25.19
CA THR M 808 42.20 8.13 -24.32
C THR M 808 42.44 6.64 -24.03
N LYS M 809 42.92 5.88 -25.01
CA LYS M 809 43.32 4.46 -24.89
C LYS M 809 44.47 4.23 -23.90
N ASN M 810 45.34 5.22 -23.71
CA ASN M 810 46.52 5.14 -22.84
C ASN M 810 46.51 6.25 -21.79
N ASN M 811 46.92 5.94 -20.55
CA ASN M 811 46.79 6.85 -19.39
C ASN M 811 47.86 7.97 -19.31
N LEU M 812 48.47 8.32 -20.44
CA LEU M 812 49.32 9.49 -20.62
C LEU M 812 48.51 10.80 -20.65
N THR M 813 49.21 11.94 -20.74
CA THR M 813 48.63 13.28 -20.82
C THR M 813 49.37 14.11 -21.88
N PRO M 814 48.78 15.18 -22.44
CA PRO M 814 49.48 16.02 -23.42
C PRO M 814 50.77 16.62 -22.85
N ALA M 815 50.75 17.06 -21.58
CA ALA M 815 51.91 17.66 -20.92
C ALA M 815 53.06 16.66 -20.71
N SER M 816 52.75 15.43 -20.30
CA SER M 816 53.76 14.37 -20.16
C SER M 816 54.27 13.92 -21.53
N LEU M 817 53.37 13.66 -22.49
CA LEU M 817 53.76 13.22 -23.83
C LEU M 817 54.64 14.25 -24.56
N ALA M 818 54.37 15.54 -24.43
CA ALA M 818 55.21 16.60 -24.98
C ALA M 818 56.61 16.64 -24.34
N LEU M 819 56.69 16.43 -23.02
CA LEU M 819 57.96 16.35 -22.31
C LEU M 819 58.77 15.12 -22.77
N LEU M 820 58.12 13.96 -22.86
CA LEU M 820 58.71 12.70 -23.34
C LEU M 820 59.17 12.76 -24.80
N LEU M 821 58.46 13.50 -25.67
CA LEU M 821 58.86 13.83 -27.04
C LEU M 821 59.89 14.98 -27.12
N GLY M 822 60.29 15.58 -26.00
CA GLY M 822 61.34 16.57 -25.92
C GLY M 822 60.96 17.98 -26.41
N VAL M 823 59.70 18.38 -26.28
CA VAL M 823 59.21 19.72 -26.67
C VAL M 823 58.89 20.55 -25.43
N THR M 824 59.41 21.78 -25.36
CA THR M 824 59.35 22.69 -24.20
C THR M 824 59.91 22.00 -22.93
N ARG M 825 61.22 21.69 -22.97
CA ARG M 825 61.91 20.78 -22.03
C ARG M 825 62.04 21.33 -20.60
N LEU M 826 62.31 20.41 -19.65
CA LEU M 826 62.43 20.65 -18.21
C LEU M 826 63.58 21.62 -17.85
N ALA M 827 63.58 22.15 -16.61
CA ALA M 827 64.70 22.88 -16.00
C ALA M 827 65.11 22.25 -14.65
N VAL M 828 66.41 22.24 -14.34
CA VAL M 828 66.99 21.58 -13.14
C VAL M 828 68.21 22.35 -12.62
N VAL M 829 68.52 22.18 -11.33
CA VAL M 829 69.62 22.88 -10.63
C VAL M 829 70.80 21.92 -10.39
N PRO M 830 72.05 22.27 -10.76
CA PRO M 830 73.24 21.46 -10.50
C PRO M 830 73.70 21.58 -9.04
N THR M 831 72.89 21.05 -8.11
CA THR M 831 73.18 21.03 -6.66
C THR M 831 74.43 20.18 -6.37
N ASN M 832 75.33 20.66 -5.50
CA ASN M 832 76.60 19.98 -5.17
C ASN M 832 76.43 18.56 -4.58
N ASN M 833 75.23 18.18 -4.15
CA ASN M 833 74.83 16.78 -3.90
C ASN M 833 75.23 15.84 -5.06
N MET M 834 75.18 16.31 -6.31
CA MET M 834 75.67 15.54 -7.46
C MET M 834 77.16 15.17 -7.32
N VAL M 835 78.00 16.08 -6.84
CA VAL M 835 79.41 15.78 -6.56
C VAL M 835 79.52 14.72 -5.48
N THR M 836 78.69 14.76 -4.44
CA THR M 836 78.70 13.73 -3.39
C THR M 836 78.36 12.34 -3.94
N PHE M 837 77.48 12.28 -4.95
CA PHE M 837 77.15 11.05 -5.68
C PHE M 837 78.31 10.59 -6.58
N PHE M 838 78.88 11.45 -7.41
CA PHE M 838 80.01 11.06 -8.27
C PHE M 838 81.28 10.74 -7.48
N LYS M 839 81.58 11.47 -6.40
CA LYS M 839 82.61 11.13 -5.42
C LYS M 839 82.29 9.80 -4.74
N GLY M 840 81.01 9.47 -4.54
CA GLY M 840 80.57 8.15 -4.08
C GLY M 840 80.90 7.04 -5.05
N ILE M 841 80.73 7.26 -6.36
CA ILE M 841 81.17 6.34 -7.42
C ILE M 841 82.71 6.20 -7.40
N ALA M 842 83.45 7.29 -7.32
CA ALA M 842 84.91 7.27 -7.25
C ALA M 842 85.44 6.55 -6.01
N ASN M 843 84.81 6.77 -4.86
CA ASN M 843 85.09 6.05 -3.62
C ASN M 843 84.82 4.54 -3.79
N GLY M 844 83.65 4.16 -4.33
CA GLY M 844 83.27 2.77 -4.60
C GLY M 844 84.21 2.06 -5.59
N LEU M 845 84.71 2.79 -6.58
CA LEU M 845 85.75 2.35 -7.52
C LEU M 845 87.13 2.16 -6.84
N SER M 846 87.44 3.00 -5.84
CA SER M 846 88.77 3.06 -5.21
C SER M 846 88.97 2.10 -4.04
N GLU M 847 87.95 1.85 -3.23
CA GLU M 847 88.03 0.99 -2.04
C GLU M 847 88.03 -0.51 -2.41
N ASN M 848 89.25 -1.06 -2.55
CA ASN M 848 89.61 -2.47 -2.78
C ASN M 848 89.01 -3.18 -4.02
N VAL M 849 88.17 -2.52 -4.83
CA VAL M 849 87.70 -3.09 -6.12
C VAL M 849 88.86 -3.30 -7.11
N CYS M 850 89.95 -2.53 -6.98
CA CYS M 850 91.24 -2.73 -7.68
C CYS M 850 91.09 -2.93 -9.21
N LEU M 851 90.24 -2.12 -9.84
CA LEU M 851 89.69 -2.39 -11.16
C LEU M 851 90.71 -2.24 -12.31
N THR M 852 90.71 -3.19 -13.26
CA THR M 852 91.52 -3.24 -14.50
C THR M 852 91.20 -2.12 -15.52
N THR M 853 90.37 -1.12 -15.14
CA THR M 853 89.93 0.01 -15.98
C THR M 853 91.05 1.00 -16.36
N ASP M 854 92.25 0.81 -15.82
CA ASP M 854 93.48 1.56 -16.12
C ASP M 854 93.79 1.55 -17.64
N ASP M 855 93.47 2.67 -18.33
CA ASP M 855 93.42 2.82 -19.79
C ASP M 855 92.76 1.63 -20.52
N PHE M 856 91.47 1.37 -20.19
CA PHE M 856 90.79 0.10 -20.43
C PHE M 856 90.84 -0.45 -21.87
N GLN M 857 90.27 0.26 -22.86
CA GLN M 857 90.05 -0.30 -24.21
C GLN M 857 91.26 -0.26 -25.15
N ARG M 858 91.80 0.94 -25.40
CA ARG M 858 92.51 1.29 -26.65
C ARG M 858 93.80 0.48 -26.86
N GLN M 859 94.14 0.24 -28.13
CA GLN M 859 95.14 -0.75 -28.57
C GLN M 859 96.54 -0.60 -27.92
N GLU M 860 97.21 -1.74 -27.73
CA GLU M 860 98.42 -1.90 -26.90
C GLU M 860 98.19 -1.45 -25.45
N LEU M 861 97.49 -2.29 -24.67
CA LEU M 861 96.99 -2.07 -23.31
C LEU M 861 98.10 -2.09 -22.21
N GLU M 862 99.29 -1.61 -22.55
CA GLU M 862 100.55 -1.77 -21.81
C GLU M 862 100.56 -1.26 -20.36
N GLY M 863 101.42 -1.84 -19.52
CA GLY M 863 101.80 -1.29 -18.20
C GLY M 863 100.77 -1.46 -17.08
N ALA M 864 99.87 -2.45 -17.17
CA ALA M 864 98.78 -2.70 -16.22
C ALA M 864 99.12 -3.89 -15.28
N ASP M 865 98.88 -3.70 -13.98
CA ASP M 865 99.45 -4.52 -12.90
C ASP M 865 99.15 -6.03 -12.99
N TRP M 866 97.92 -6.39 -13.34
CA TRP M 866 97.34 -7.71 -13.11
C TRP M 866 98.10 -8.88 -13.75
N TRP M 867 98.46 -8.82 -15.04
CA TRP M 867 99.20 -9.90 -15.71
C TRP M 867 100.71 -9.89 -15.41
N THR M 868 101.27 -8.85 -14.79
CA THR M 868 102.68 -8.88 -14.32
C THR M 868 102.84 -9.87 -13.16
N LEU M 869 101.87 -9.91 -12.24
CA LEU M 869 101.83 -10.90 -11.16
C LEU M 869 101.66 -12.33 -11.67
N LEU M 870 100.74 -12.53 -12.63
CA LEU M 870 100.41 -13.82 -13.26
C LEU M 870 101.32 -14.18 -14.46
N SER M 871 102.50 -13.55 -14.57
CA SER M 871 103.38 -13.66 -15.75
C SER M 871 104.02 -15.05 -15.95
N THR M 872 104.10 -15.87 -14.90
CA THR M 872 104.44 -17.29 -14.99
C THR M 872 103.41 -18.12 -15.77
N ASN M 873 102.18 -17.62 -15.89
CA ASN M 873 101.08 -18.26 -16.62
C ASN M 873 100.79 -17.57 -17.97
N GLN M 874 100.87 -16.23 -18.04
CA GLN M 874 100.96 -15.47 -19.31
C GLN M 874 101.45 -14.01 -19.12
N VAL M 875 102.49 -13.63 -19.87
CA VAL M 875 103.14 -12.30 -19.85
C VAL M 875 102.39 -11.18 -20.55
N ILE M 876 101.78 -11.42 -21.74
CA ILE M 876 101.48 -10.37 -22.75
C ILE M 876 100.32 -9.41 -22.41
N ASP M 877 100.49 -8.64 -21.33
CA ASP M 877 99.53 -7.67 -20.78
C ASP M 877 99.05 -6.60 -21.79
N ASP M 878 99.89 -6.27 -22.77
CA ASP M 878 99.61 -5.29 -23.82
C ASP M 878 98.56 -5.80 -24.83
N MET M 879 98.41 -7.13 -24.94
CA MET M 879 97.56 -7.85 -25.87
C MET M 879 97.70 -7.40 -27.33
N GLY M 880 96.82 -6.52 -27.81
CA GLY M 880 96.71 -6.11 -29.21
C GLY M 880 95.60 -5.07 -29.41
N LEU M 881 94.59 -5.42 -30.20
CA LEU M 881 93.35 -4.66 -30.37
C LEU M 881 92.48 -4.64 -29.08
N VAL M 882 91.35 -3.93 -29.11
CA VAL M 882 90.57 -3.53 -27.91
C VAL M 882 89.87 -4.67 -27.15
N LEU M 883 89.62 -4.42 -25.86
CA LEU M 883 88.96 -5.31 -24.90
C LEU M 883 87.63 -4.69 -24.40
N ASP M 884 86.62 -4.58 -25.28
CA ASP M 884 85.29 -4.05 -24.96
C ASP M 884 84.19 -4.66 -25.87
N ILE M 885 82.92 -4.54 -25.47
CA ILE M 885 81.77 -5.30 -26.04
C ILE M 885 80.56 -4.42 -26.41
N HIS M 886 79.93 -4.75 -27.55
CA HIS M 886 78.59 -4.30 -27.97
C HIS M 886 77.59 -5.47 -27.87
N PRO M 887 76.39 -5.29 -27.27
CA PRO M 887 75.40 -6.37 -27.16
C PRO M 887 74.84 -6.81 -28.51
N VAL M 888 74.43 -8.08 -28.59
CA VAL M 888 73.67 -8.70 -29.70
C VAL M 888 72.69 -9.78 -29.18
N TRP M 889 71.55 -9.92 -29.86
CA TRP M 889 70.44 -10.80 -29.49
C TRP M 889 70.79 -12.31 -29.46
N GLY M 890 70.04 -13.09 -28.67
CA GLY M 890 70.12 -14.54 -28.61
C GLY M 890 71.29 -15.07 -27.78
N LYS M 891 72.51 -14.59 -28.05
CA LYS M 891 73.73 -14.91 -27.29
C LYS M 891 74.80 -13.82 -27.47
N SER M 892 75.07 -13.07 -26.41
CA SER M 892 76.26 -12.21 -26.23
C SER M 892 77.30 -12.95 -25.38
N ASP M 893 77.55 -12.51 -24.14
CA ASP M 893 78.40 -13.14 -23.12
C ASP M 893 79.91 -13.30 -23.47
N GLU M 894 80.67 -13.88 -22.55
CA GLU M 894 82.12 -14.05 -22.62
C GLU M 894 82.63 -14.86 -23.82
N GLU M 895 81.78 -15.62 -24.52
CA GLU M 895 82.15 -16.31 -25.76
C GLU M 895 82.53 -15.34 -26.88
N MET M 896 81.88 -14.16 -26.96
CA MET M 896 82.26 -13.10 -27.91
C MET M 896 83.57 -12.42 -27.51
N LEU M 897 83.77 -12.17 -26.21
CA LEU M 897 85.01 -11.61 -25.68
C LEU M 897 86.19 -12.55 -25.92
N MET M 898 85.99 -13.87 -25.77
CA MET M 898 86.94 -14.91 -26.13
C MET M 898 87.22 -14.92 -27.64
N GLU M 899 86.19 -14.98 -28.50
CA GLU M 899 86.37 -15.00 -29.96
C GLU M 899 87.07 -13.75 -30.50
N LYS M 900 86.78 -12.57 -29.95
CA LYS M 900 87.45 -11.32 -30.32
C LYS M 900 88.95 -11.40 -30.01
N ILE M 901 89.36 -11.78 -28.80
CA ILE M 901 90.80 -11.92 -28.48
C ILE M 901 91.48 -13.12 -29.17
N GLN M 902 90.74 -14.19 -29.47
CA GLN M 902 91.22 -15.36 -30.22
C GLN M 902 91.46 -15.03 -31.71
N SER M 903 90.64 -14.16 -32.31
CA SER M 903 90.75 -13.78 -33.73
C SER M 903 92.01 -12.96 -34.06
N ILE M 904 92.51 -12.15 -33.13
CA ILE M 904 93.61 -11.18 -33.33
C ILE M 904 95.02 -11.80 -33.25
N GLY M 905 95.25 -12.85 -34.04
CA GLY M 905 96.57 -13.34 -34.39
C GLY M 905 97.33 -14.12 -33.31
N VAL M 906 96.71 -14.46 -32.17
CA VAL M 906 97.28 -15.42 -31.22
C VAL M 906 97.37 -16.82 -31.87
N SER M 907 98.60 -17.30 -32.07
CA SER M 907 98.88 -18.67 -32.54
C SER M 907 98.97 -19.68 -31.39
N ASN M 908 99.24 -19.22 -30.16
CA ASN M 908 99.22 -20.00 -28.93
C ASN M 908 97.78 -20.32 -28.48
N ASP M 909 97.09 -21.20 -29.21
CA ASP M 909 95.70 -21.60 -28.98
C ASP M 909 95.48 -22.55 -27.76
N ASN M 910 96.57 -22.92 -27.07
CA ASN M 910 96.53 -23.74 -25.85
C ASN M 910 95.93 -22.99 -24.63
N ASN M 911 95.95 -23.62 -23.46
CA ASN M 911 95.35 -23.12 -22.22
C ASN M 911 95.83 -21.71 -21.78
N THR M 912 97.01 -21.26 -22.20
CA THR M 912 97.50 -19.89 -21.90
C THR M 912 96.57 -18.79 -22.47
N LEU M 913 95.81 -19.06 -23.53
CA LEU M 913 94.77 -18.17 -24.07
C LEU M 913 93.45 -18.28 -23.30
N SER M 914 92.99 -19.49 -22.96
CA SER M 914 91.69 -19.65 -22.28
C SER M 914 91.73 -19.23 -20.80
N ILE M 915 92.83 -19.46 -20.09
CA ILE M 915 92.97 -19.07 -18.68
C ILE M 915 92.80 -17.57 -18.49
N ILE M 916 93.34 -16.75 -19.40
CA ILE M 916 93.23 -15.29 -19.32
C ILE M 916 91.85 -14.74 -19.70
N VAL M 917 90.91 -15.58 -20.17
CA VAL M 917 89.48 -15.25 -20.25
C VAL M 917 88.81 -15.45 -18.88
N GLN M 918 89.01 -16.61 -18.24
CA GLN M 918 88.45 -16.86 -16.89
C GLN M 918 89.09 -16.00 -15.78
N ILE M 919 90.26 -15.39 -16.00
CA ILE M 919 90.81 -14.30 -15.17
C ILE M 919 90.10 -12.95 -15.42
N LEU M 920 89.58 -12.71 -16.63
CA LEU M 920 89.00 -11.43 -17.07
C LEU M 920 87.50 -11.25 -16.74
N ILE M 921 86.72 -12.34 -16.65
CA ILE M 921 85.25 -12.28 -16.46
C ILE M 921 84.86 -11.48 -15.20
N GLN M 922 85.44 -11.80 -14.04
CA GLN M 922 85.17 -11.07 -12.79
C GLN M 922 85.69 -9.61 -12.83
N ALA M 923 86.75 -9.35 -13.60
CA ALA M 923 87.27 -7.99 -13.81
C ALA M 923 86.34 -7.12 -14.69
N LYS M 924 85.61 -7.72 -15.65
CA LYS M 924 84.51 -7.03 -16.37
C LYS M 924 83.33 -6.77 -15.45
N ASN M 925 82.89 -7.78 -14.68
CA ASN M 925 81.84 -7.61 -13.67
C ASN M 925 82.18 -6.47 -12.69
N ALA M 926 83.41 -6.38 -12.21
CA ALA M 926 83.86 -5.31 -11.32
C ALA M 926 83.79 -3.88 -11.92
N GLN M 927 83.64 -3.74 -13.25
CA GLN M 927 83.35 -2.44 -13.90
C GLN M 927 81.84 -2.14 -13.97
N GLU M 928 81.02 -3.14 -14.34
CA GLU M 928 79.57 -3.04 -14.51
C GLU M 928 78.78 -2.97 -13.19
N ASN M 929 79.14 -3.84 -12.23
CA ASN M 929 78.37 -4.07 -11.00
C ASN M 929 78.25 -2.81 -10.12
N LEU M 930 79.21 -1.88 -10.23
CA LEU M 930 79.18 -0.59 -9.52
C LEU M 930 77.96 0.24 -9.92
N LEU M 931 77.74 0.49 -11.21
CA LEU M 931 76.61 1.30 -11.67
C LEU M 931 75.27 0.59 -11.45
N SER M 932 75.19 -0.68 -11.84
CA SER M 932 73.95 -1.46 -11.73
C SER M 932 73.48 -1.66 -10.28
N GLN M 933 74.39 -1.70 -9.30
CA GLN M 933 74.01 -1.79 -7.88
C GLN M 933 73.76 -0.42 -7.21
N THR M 934 74.44 0.65 -7.64
CA THR M 934 74.31 1.99 -7.02
C THR M 934 73.17 2.84 -7.58
N ILE M 935 73.10 3.08 -8.89
CA ILE M 935 72.10 4.02 -9.44
C ILE M 935 70.67 3.48 -9.31
N SER M 936 70.54 2.16 -9.17
CA SER M 936 69.28 1.50 -8.80
C SER M 936 68.66 2.05 -7.50
N ALA M 937 69.49 2.47 -6.54
CA ALA M 937 69.08 3.09 -5.27
C ALA M 937 68.85 4.62 -5.36
N GLU M 938 69.34 5.28 -6.43
CA GLU M 938 69.02 6.68 -6.71
C GLU M 938 67.67 6.86 -7.40
N TYR M 939 67.36 6.01 -8.39
CA TYR M 939 66.29 6.28 -9.36
C TYR M 939 65.16 5.23 -9.41
N GLY M 940 65.27 4.12 -8.68
CA GLY M 940 64.19 3.14 -8.55
C GLY M 940 63.93 2.28 -9.79
N VAL M 941 64.97 1.65 -10.31
CA VAL M 941 64.94 0.67 -11.42
C VAL M 941 65.71 -0.61 -11.06
N GLU M 942 65.26 -1.77 -11.51
CA GLU M 942 65.89 -3.07 -11.21
C GLU M 942 67.27 -3.22 -11.87
N ARG M 943 68.24 -3.81 -11.16
CA ARG M 943 69.65 -3.97 -11.58
C ARG M 943 69.86 -4.70 -12.92
N SER M 944 68.86 -5.43 -13.41
CA SER M 944 68.86 -6.06 -14.74
C SER M 944 68.56 -5.08 -15.90
N VAL M 945 67.98 -3.91 -15.62
CA VAL M 945 67.64 -2.88 -16.62
C VAL M 945 68.76 -1.87 -16.81
N VAL M 946 69.48 -1.52 -15.74
CA VAL M 946 70.42 -0.38 -15.68
C VAL M 946 71.42 -0.27 -16.86
N PRO M 947 72.22 -1.30 -17.24
CA PRO M 947 73.19 -1.14 -18.33
C PRO M 947 72.51 -0.95 -19.70
N LEU M 948 71.35 -1.58 -19.93
CA LEU M 948 70.55 -1.37 -21.15
C LEU M 948 69.93 0.03 -21.18
N GLN M 949 69.40 0.53 -20.05
CA GLN M 949 68.89 1.89 -19.98
C GLN M 949 69.99 2.90 -20.27
N LEU M 950 71.18 2.70 -19.70
CA LEU M 950 72.36 3.55 -19.88
C LEU M 950 72.76 3.64 -21.35
N ARG M 951 72.88 2.50 -22.05
CA ARG M 951 73.21 2.54 -23.49
C ARG M 951 72.05 3.10 -24.35
N TRP M 952 70.80 2.72 -24.08
CA TRP M 952 69.66 3.20 -24.87
C TRP M 952 69.41 4.72 -24.74
N LEU M 953 69.78 5.29 -23.60
CA LEU M 953 69.86 6.74 -23.35
C LEU M 953 70.97 7.44 -24.18
N GLY M 954 71.93 6.69 -24.69
CA GLY M 954 73.08 7.19 -25.45
C GLY M 954 74.33 7.41 -24.59
N SER M 955 74.76 6.38 -23.85
CA SER M 955 75.93 6.43 -22.97
C SER M 955 76.73 5.11 -22.96
N ASN M 956 77.93 5.13 -22.38
CA ASN M 956 78.79 3.96 -22.18
C ASN M 956 79.33 3.93 -20.73
N VAL M 957 79.34 2.74 -20.12
CA VAL M 957 79.76 2.50 -18.72
C VAL M 957 81.17 3.04 -18.43
N TYR M 958 82.11 2.83 -19.35
CA TYR M 958 83.46 3.39 -19.22
C TYR M 958 83.46 4.92 -19.42
N SER M 959 82.67 5.44 -20.35
CA SER M 959 82.60 6.89 -20.56
C SER M 959 82.14 7.61 -19.30
N VAL M 960 81.21 7.03 -18.55
CA VAL M 960 80.77 7.55 -17.24
C VAL M 960 81.88 7.43 -16.18
N LEU M 961 82.55 6.27 -16.11
CA LEU M 961 83.65 6.02 -15.18
C LEU M 961 84.90 6.88 -15.44
N ASN M 962 85.16 7.26 -16.70
CA ASN M 962 86.23 8.17 -17.10
C ASN M 962 86.02 9.59 -16.54
N GLN M 963 84.80 9.98 -16.18
CA GLN M 963 84.58 11.33 -15.63
C GLN M 963 85.21 11.52 -14.24
N VAL M 964 85.53 10.42 -13.55
CA VAL M 964 86.39 10.41 -12.36
C VAL M 964 87.81 10.89 -12.70
N LEU M 965 88.37 10.42 -13.82
CA LEU M 965 89.67 10.84 -14.36
C LEU M 965 89.65 12.29 -14.87
N ASN M 966 88.48 12.77 -15.30
CA ASN M 966 88.21 14.18 -15.61
C ASN M 966 87.89 15.04 -14.38
N ASN M 967 88.23 14.57 -13.17
CA ASN M 967 88.13 15.30 -11.89
C ASN M 967 86.69 15.69 -11.46
N THR M 968 85.67 14.97 -11.92
CA THR M 968 84.29 15.19 -11.45
C THR M 968 84.12 15.16 -9.91
N PRO M 969 84.85 14.33 -9.14
CA PRO M 969 84.76 14.33 -7.68
C PRO M 969 85.19 15.63 -6.99
N THR M 970 85.81 16.58 -7.70
CA THR M 970 86.17 17.89 -7.12
C THR M 970 84.93 18.76 -6.88
N ASP M 971 84.73 19.22 -5.64
CA ASP M 971 83.53 19.99 -5.23
C ASP M 971 83.60 21.48 -5.59
N ILE M 972 84.04 21.78 -6.81
CA ILE M 972 83.64 23.00 -7.50
C ILE M 972 82.19 22.84 -7.98
N SER M 973 81.43 23.93 -8.05
CA SER M 973 80.00 23.89 -8.42
C SER M 973 79.77 23.78 -9.95
N SER M 974 80.71 23.17 -10.67
CA SER M 974 80.69 22.95 -12.12
C SER M 974 81.14 21.52 -12.47
N ILE M 975 80.44 20.87 -13.40
CA ILE M 975 80.80 19.57 -13.98
C ILE M 975 80.50 19.55 -15.48
N VAL M 976 81.10 18.61 -16.20
CA VAL M 976 80.99 18.44 -17.65
C VAL M 976 79.51 18.24 -18.09
N PRO M 977 79.06 18.76 -19.25
CA PRO M 977 77.74 18.48 -19.82
C PRO M 977 77.46 16.98 -19.99
N LYS M 978 78.50 16.21 -20.35
CA LYS M 978 78.50 14.74 -20.46
C LYS M 978 77.97 14.02 -19.21
N LEU M 979 78.00 14.67 -18.04
CA LEU M 979 77.28 14.23 -16.85
C LEU M 979 76.05 15.07 -16.53
N SER M 980 76.19 16.40 -16.48
CA SER M 980 75.13 17.28 -15.97
C SER M 980 73.87 17.30 -16.84
N GLU M 981 73.99 17.09 -18.16
CA GLU M 981 72.86 16.91 -19.08
C GLU M 981 72.47 15.43 -19.26
N LEU M 982 73.40 14.49 -19.14
CA LEU M 982 73.10 13.05 -19.08
C LEU M 982 72.18 12.71 -17.91
N THR M 983 72.48 13.25 -16.73
CA THR M 983 71.71 13.06 -15.49
C THR M 983 70.30 13.61 -15.64
N TYR M 984 70.17 14.77 -16.27
CA TYR M 984 68.89 15.37 -16.63
C TYR M 984 68.11 14.50 -17.62
N SER M 985 68.80 13.98 -18.64
CA SER M 985 68.22 13.10 -19.66
C SER M 985 67.79 11.74 -19.10
N LEU M 986 68.49 11.21 -18.10
CA LEU M 986 68.14 9.96 -17.45
C LEU M 986 66.73 9.99 -16.82
N LEU M 987 66.30 11.13 -16.28
CA LEU M 987 64.99 11.25 -15.62
C LEU M 987 63.83 11.16 -16.62
N ILE M 988 63.96 11.78 -17.80
CA ILE M 988 62.96 11.68 -18.87
C ILE M 988 62.90 10.25 -19.42
N TYR M 989 64.05 9.61 -19.66
CA TYR M 989 64.07 8.19 -20.06
C TYR M 989 63.62 7.26 -18.93
N THR M 990 63.67 7.66 -17.66
CA THR M 990 63.07 6.90 -16.55
C THR M 990 61.54 6.93 -16.60
N GLN M 991 60.94 8.06 -16.98
CA GLN M 991 59.49 8.15 -17.17
C GLN M 991 59.02 7.37 -18.41
N LEU M 992 59.84 7.27 -19.47
CA LEU M 992 59.58 6.38 -20.62
C LEU M 992 59.49 4.90 -20.24
N ILE M 993 60.03 4.49 -19.08
CA ILE M 993 59.99 3.10 -18.57
C ILE M 993 59.18 2.95 -17.27
N ASN M 994 58.38 3.96 -16.91
CA ASN M 994 57.47 3.91 -15.75
C ASN M 994 56.05 4.44 -16.01
N SER M 995 55.86 5.41 -16.92
CA SER M 995 54.53 5.77 -17.44
C SER M 995 53.91 4.65 -18.29
N LEU M 996 54.74 3.73 -18.76
CA LEU M 996 54.38 2.38 -19.21
C LEU M 996 55.51 1.42 -18.75
N LYS M 997 55.17 0.18 -18.40
CA LYS M 997 56.14 -0.84 -17.95
C LYS M 997 56.36 -1.87 -19.07
N LEU M 998 57.63 -2.19 -19.34
CA LEU M 998 58.03 -3.26 -20.28
C LEU M 998 59.31 -3.98 -19.82
N ASN M 999 59.51 -5.18 -20.34
CA ASN M 999 60.59 -6.11 -20.00
C ASN M 999 61.86 -5.91 -20.84
N LYS M 1000 63.02 -6.31 -20.29
CA LYS M 1000 64.35 -6.04 -20.89
C LYS M 1000 64.56 -6.63 -22.28
N GLU M 1001 63.95 -7.76 -22.64
CA GLU M 1001 64.16 -8.38 -23.95
C GLU M 1001 63.69 -7.49 -25.10
N PHE M 1002 62.66 -6.68 -24.87
CA PHE M 1002 62.23 -5.66 -25.82
C PHE M 1002 63.32 -4.62 -26.07
N ILE M 1003 63.90 -4.08 -24.99
CA ILE M 1003 65.00 -3.11 -25.03
C ILE M 1003 66.23 -3.72 -25.71
N PHE M 1004 66.56 -4.96 -25.37
CA PHE M 1004 67.68 -5.72 -25.92
C PHE M 1004 67.58 -5.92 -27.45
N LEU M 1005 66.39 -6.23 -27.96
CA LEU M 1005 66.12 -6.28 -29.42
C LEU M 1005 66.21 -4.89 -30.06
N ARG M 1006 65.52 -3.90 -29.48
CA ARG M 1006 65.50 -2.50 -29.92
C ARG M 1006 66.90 -1.87 -30.00
N LEU M 1007 67.77 -2.21 -29.06
CA LEU M 1007 69.17 -1.79 -28.99
C LEU M 1007 70.09 -2.58 -29.94
N THR M 1008 69.79 -3.86 -30.17
CA THR M 1008 70.59 -4.72 -31.07
C THR M 1008 70.39 -4.35 -32.55
N GLN M 1009 69.14 -4.23 -33.01
CA GLN M 1009 68.84 -4.31 -34.45
C GLN M 1009 67.55 -3.56 -34.83
N PRO M 1010 67.55 -2.22 -34.89
CA PRO M 1010 66.35 -1.41 -35.13
C PRO M 1010 65.61 -1.76 -36.42
N ASN M 1011 66.31 -1.90 -37.56
CA ASN M 1011 65.67 -2.23 -38.84
C ASN M 1011 65.04 -3.64 -38.86
N TRP M 1012 65.63 -4.58 -38.12
CA TRP M 1012 65.14 -5.95 -37.95
C TRP M 1012 63.88 -6.00 -37.09
N LEU M 1013 63.82 -5.19 -36.02
CA LEU M 1013 62.61 -5.00 -35.23
C LEU M 1013 61.48 -4.44 -36.12
N GLY M 1014 61.82 -3.47 -36.96
CA GLY M 1014 60.95 -2.89 -37.99
C GLY M 1014 61.07 -1.37 -38.15
N LEU M 1015 62.05 -0.72 -37.49
CA LEU M 1015 62.23 0.74 -37.59
C LEU M 1015 63.00 1.16 -38.86
N THR M 1016 63.11 2.47 -39.09
CA THR M 1016 63.96 3.08 -40.13
C THR M 1016 65.38 3.36 -39.63
N GLN M 1017 66.36 3.39 -40.55
CA GLN M 1017 67.79 3.58 -40.23
C GLN M 1017 68.12 4.79 -39.32
N PRO M 1018 67.50 5.99 -39.47
CA PRO M 1018 67.79 7.12 -38.57
C PRO M 1018 67.53 6.85 -37.08
N LYS M 1019 66.69 5.85 -36.75
CA LYS M 1019 66.36 5.47 -35.36
C LYS M 1019 67.37 4.50 -34.71
N LEU M 1020 68.54 4.31 -35.33
CA LEU M 1020 69.78 3.96 -34.62
C LEU M 1020 70.24 5.10 -33.69
N SER M 1021 69.84 6.36 -33.95
CA SER M 1021 70.07 7.49 -33.03
C SER M 1021 69.20 7.42 -31.76
N THR M 1022 69.49 8.26 -30.77
CA THR M 1022 68.74 8.39 -29.50
C THR M 1022 67.34 9.00 -29.64
N GLN M 1023 67.01 9.63 -30.78
CA GLN M 1023 65.75 10.35 -30.99
C GLN M 1023 64.53 9.41 -31.12
N LEU M 1024 63.39 9.85 -30.59
CA LEU M 1024 62.11 9.10 -30.57
C LEU M 1024 60.96 9.98 -31.10
N SER M 1025 60.02 9.43 -31.86
CA SER M 1025 58.80 10.13 -32.32
C SER M 1025 57.56 9.22 -32.38
N LEU M 1026 56.38 9.84 -32.48
CA LEU M 1026 55.09 9.16 -32.38
C LEU M 1026 54.93 7.88 -33.22
N PRO M 1027 55.43 7.78 -34.48
CA PRO M 1027 55.41 6.54 -35.26
C PRO M 1027 56.06 5.32 -34.60
N GLU M 1028 57.02 5.50 -33.69
CA GLU M 1028 57.48 4.42 -32.80
C GLU M 1028 56.49 4.21 -31.65
N ILE M 1029 56.09 5.28 -30.97
CA ILE M 1029 55.30 5.21 -29.75
C ILE M 1029 53.96 4.48 -29.97
N TYR M 1030 53.27 4.69 -31.11
CA TYR M 1030 52.07 3.92 -31.47
C TYR M 1030 52.39 2.41 -31.55
N LEU M 1031 53.42 2.06 -32.32
CA LEU M 1031 53.75 0.67 -32.70
C LEU M 1031 54.28 -0.14 -31.51
N ILE M 1032 55.15 0.44 -30.68
CA ILE M 1032 55.68 -0.20 -29.47
C ILE M 1032 54.60 -0.33 -28.37
N THR M 1033 53.65 0.60 -28.31
CA THR M 1033 52.51 0.51 -27.38
C THR M 1033 51.51 -0.55 -27.82
N CYS M 1034 51.12 -0.56 -29.10
CA CYS M 1034 50.24 -1.58 -29.67
C CYS M 1034 50.87 -2.98 -29.70
N TYR M 1035 52.19 -3.09 -29.79
CA TYR M 1035 52.93 -4.31 -29.49
C TYR M 1035 52.80 -4.70 -28.00
N GLN M 1036 53.00 -3.75 -27.09
CA GLN M 1036 52.93 -4.00 -25.65
C GLN M 1036 51.51 -4.37 -25.18
N ASP M 1037 50.46 -4.01 -25.92
CA ASP M 1037 49.13 -4.59 -25.78
C ASP M 1037 49.03 -5.99 -26.41
N TRP M 1038 49.52 -6.17 -27.64
CA TRP M 1038 49.36 -7.43 -28.37
C TRP M 1038 50.10 -8.62 -27.72
N VAL M 1039 51.27 -8.39 -27.13
CA VAL M 1039 52.04 -9.41 -26.41
C VAL M 1039 51.30 -9.93 -25.17
N VAL M 1040 50.39 -9.14 -24.59
CA VAL M 1040 49.47 -9.55 -23.52
C VAL M 1040 48.20 -10.17 -24.09
N ASN M 1041 47.63 -9.58 -25.14
CA ASN M 1041 46.39 -10.02 -25.76
C ASN M 1041 46.48 -11.39 -26.48
N ALA M 1042 47.66 -11.79 -26.96
CA ALA M 1042 47.88 -13.06 -27.65
C ALA M 1042 47.54 -14.28 -26.77
N ASN M 1043 47.10 -15.37 -27.40
CA ASN M 1043 46.50 -16.54 -26.72
C ASN M 1043 47.52 -17.53 -26.12
N LYS M 1044 48.81 -17.18 -26.07
CA LYS M 1044 49.91 -18.02 -25.56
C LYS M 1044 50.93 -17.19 -24.77
N ASN M 1045 51.78 -17.84 -23.98
CA ASN M 1045 52.75 -17.16 -23.11
C ASN M 1045 53.81 -16.33 -23.88
N GLU M 1046 54.70 -15.68 -23.13
CA GLU M 1046 55.66 -14.68 -23.60
C GLU M 1046 56.44 -15.02 -24.88
N ASP M 1047 57.08 -16.19 -24.94
CA ASP M 1047 58.27 -16.36 -25.81
C ASP M 1047 57.98 -16.87 -27.23
N SER M 1048 56.81 -17.46 -27.48
CA SER M 1048 56.44 -18.03 -28.79
C SER M 1048 56.52 -17.01 -29.93
N ILE M 1049 56.28 -15.74 -29.62
CA ILE M 1049 56.39 -14.62 -30.56
C ILE M 1049 57.84 -14.47 -31.09
N HIS M 1050 58.84 -14.66 -30.23
CA HIS M 1050 60.25 -14.62 -30.65
C HIS M 1050 60.58 -15.75 -31.62
N GLU M 1051 60.21 -17.00 -31.29
CA GLU M 1051 60.51 -18.12 -32.20
C GLU M 1051 59.82 -17.98 -33.56
N TYR M 1052 58.62 -17.41 -33.61
CA TYR M 1052 57.95 -17.08 -34.86
C TYR M 1052 58.70 -16.02 -35.68
N LEU M 1053 59.08 -14.90 -35.07
CA LEU M 1053 59.78 -13.80 -35.77
C LEU M 1053 61.18 -14.19 -36.24
N GLU M 1054 61.93 -14.95 -35.43
CA GLU M 1054 63.23 -15.51 -35.81
C GLU M 1054 63.13 -16.44 -37.02
N PHE M 1055 62.10 -17.29 -37.07
CA PHE M 1055 61.83 -18.14 -38.24
C PHE M 1055 61.46 -17.32 -39.48
N ALA M 1056 60.62 -16.29 -39.33
CA ALA M 1056 60.22 -15.45 -40.47
C ALA M 1056 61.42 -14.78 -41.15
N ASN M 1057 62.47 -14.46 -40.40
CA ASN M 1057 63.66 -13.74 -40.85
C ASN M 1057 64.74 -14.59 -41.56
N ILE M 1058 64.70 -15.93 -41.49
CA ILE M 1058 65.67 -16.85 -42.12
C ILE M 1058 65.81 -16.59 -43.63
N LYS M 1059 66.98 -16.08 -44.05
CA LYS M 1059 67.59 -16.20 -45.40
C LYS M 1059 66.61 -16.07 -46.58
N LYS M 1060 65.98 -14.89 -46.77
CA LYS M 1060 64.95 -14.75 -47.82
C LYS M 1060 65.54 -14.90 -49.23
N THR M 1061 66.66 -14.25 -49.57
CA THR M 1061 67.22 -14.26 -50.93
C THR M 1061 67.95 -15.56 -51.28
N GLU M 1062 68.84 -16.04 -50.41
CA GLU M 1062 69.65 -17.25 -50.66
C GLU M 1062 68.89 -18.57 -50.55
N ALA M 1063 67.69 -18.59 -49.95
CA ALA M 1063 66.93 -19.83 -49.72
C ALA M 1063 65.40 -19.65 -49.79
N GLU M 1064 64.81 -18.90 -48.86
CA GLU M 1064 63.41 -19.12 -48.49
C GLU M 1064 62.36 -18.50 -49.42
N LYS M 1065 62.62 -17.35 -50.06
CA LYS M 1065 61.59 -16.63 -50.85
C LYS M 1065 61.09 -17.47 -52.04
N THR M 1066 62.00 -18.07 -52.80
CA THR M 1066 61.65 -18.95 -53.94
C THR M 1066 61.01 -20.28 -53.51
N LEU M 1067 61.22 -20.69 -52.25
CA LEU M 1067 60.53 -21.81 -51.58
C LEU M 1067 59.25 -21.37 -50.85
N VAL M 1068 58.75 -20.15 -51.13
CA VAL M 1068 57.58 -19.49 -50.53
C VAL M 1068 57.56 -19.52 -48.99
N ASP M 1069 58.75 -19.58 -48.38
CA ASP M 1069 58.98 -19.73 -46.93
C ASP M 1069 58.33 -20.99 -46.32
N ASN M 1070 57.94 -21.98 -47.15
CA ASN M 1070 56.96 -23.02 -46.81
C ASN M 1070 55.67 -22.45 -46.18
N SER M 1071 55.01 -21.57 -46.94
CA SER M 1071 53.79 -20.81 -46.60
C SER M 1071 52.71 -21.65 -45.91
N GLU M 1072 52.54 -22.91 -46.30
CA GLU M 1072 51.57 -23.85 -45.74
C GLU M 1072 51.75 -24.14 -44.24
N LYS M 1073 52.94 -23.91 -43.66
CA LYS M 1073 53.22 -24.09 -42.22
C LYS M 1073 53.84 -22.88 -41.52
N CYS M 1074 54.59 -22.00 -42.19
CA CYS M 1074 55.10 -20.79 -41.52
C CYS M 1074 53.97 -19.80 -41.20
N ALA M 1075 53.04 -19.58 -42.15
CA ALA M 1075 51.86 -18.73 -41.95
C ALA M 1075 50.83 -19.34 -40.99
N GLU M 1076 50.95 -20.62 -40.68
CA GLU M 1076 50.09 -21.31 -39.73
C GLU M 1076 50.35 -20.82 -38.30
N LEU M 1077 51.62 -20.64 -37.90
CA LEU M 1077 51.98 -20.24 -36.53
C LEU M 1077 51.53 -18.80 -36.19
N LEU M 1078 51.48 -17.93 -37.21
CA LEU M 1078 50.92 -16.57 -37.15
C LEU M 1078 49.41 -16.55 -36.85
N ALA M 1079 48.68 -17.54 -37.36
CA ALA M 1079 47.30 -17.79 -36.98
C ALA M 1079 47.19 -18.43 -35.59
N GLU M 1080 48.04 -19.40 -35.27
CA GLU M 1080 47.96 -20.18 -34.02
C GLU M 1080 48.18 -19.32 -32.76
N ILE M 1081 49.11 -18.36 -32.79
CA ILE M 1081 49.35 -17.41 -31.69
C ILE M 1081 48.15 -16.50 -31.38
N LEU M 1082 47.28 -16.29 -32.38
CA LEU M 1082 45.99 -15.56 -32.26
C LEU M 1082 44.79 -16.47 -31.98
N ALA M 1083 45.00 -17.80 -31.95
CA ALA M 1083 43.96 -18.82 -32.00
C ALA M 1083 42.96 -18.62 -33.18
N TRP M 1084 43.43 -18.07 -34.31
CA TRP M 1084 42.58 -17.58 -35.41
C TRP M 1084 42.69 -18.43 -36.69
N ASP M 1085 42.00 -18.02 -37.76
CA ASP M 1085 41.94 -18.72 -39.05
C ASP M 1085 43.26 -18.65 -39.85
N ALA M 1086 43.91 -19.80 -40.06
CA ALA M 1086 45.07 -19.94 -40.95
C ALA M 1086 44.73 -19.78 -42.46
N GLY M 1087 43.45 -19.74 -42.82
CA GLY M 1087 42.95 -19.55 -44.17
C GLY M 1087 43.07 -18.10 -44.65
N GLU M 1088 42.13 -17.23 -44.27
CA GLU M 1088 41.96 -15.92 -44.92
C GLU M 1088 43.15 -14.96 -44.75
N ILE M 1089 44.00 -15.18 -43.74
CA ILE M 1089 45.26 -14.46 -43.55
C ILE M 1089 46.21 -14.58 -44.76
N LEU M 1090 46.10 -15.64 -45.57
CA LEU M 1090 46.87 -15.79 -46.81
C LEU M 1090 46.53 -14.73 -47.87
N LYS M 1091 45.44 -13.96 -47.74
CA LYS M 1091 45.15 -12.80 -48.59
C LYS M 1091 46.26 -11.74 -48.53
N ALA M 1092 47.09 -11.72 -47.48
CA ALA M 1092 48.27 -10.87 -47.42
C ALA M 1092 49.22 -11.06 -48.62
N ALA M 1093 49.21 -12.23 -49.28
CA ALA M 1093 49.94 -12.49 -50.53
C ALA M 1093 49.53 -11.57 -51.71
N SER M 1094 48.46 -10.79 -51.58
CA SER M 1094 48.07 -9.72 -52.52
C SER M 1094 48.94 -8.45 -52.44
N LEU M 1095 49.92 -8.39 -51.53
CA LEU M 1095 50.91 -7.30 -51.41
C LEU M 1095 52.29 -7.81 -50.94
N LEU M 1096 53.29 -6.92 -50.96
CA LEU M 1096 54.69 -7.15 -50.55
C LEU M 1096 55.44 -8.21 -51.38
N GLY M 1097 55.54 -7.97 -52.69
CA GLY M 1097 56.63 -8.48 -53.53
C GLY M 1097 56.72 -10.00 -53.68
N LEU M 1098 55.58 -10.70 -53.70
CA LEU M 1098 55.46 -12.16 -53.81
C LEU M 1098 56.07 -12.96 -52.64
N ASN M 1099 56.43 -12.28 -51.55
CA ASN M 1099 56.71 -12.92 -50.25
C ASN M 1099 55.41 -13.55 -49.65
N PRO M 1100 55.48 -14.33 -48.55
CA PRO M 1100 54.31 -14.90 -47.90
C PRO M 1100 53.11 -13.96 -47.65
N PRO M 1101 53.28 -12.66 -47.32
CA PRO M 1101 54.41 -11.97 -46.68
C PRO M 1101 54.33 -12.06 -45.14
N GLN M 1102 55.46 -12.09 -44.45
CA GLN M 1102 55.52 -12.21 -42.98
C GLN M 1102 56.72 -11.52 -42.30
N ALA M 1103 57.87 -11.37 -42.99
CA ALA M 1103 59.10 -10.83 -42.42
C ALA M 1103 59.06 -9.32 -42.10
N THR M 1104 58.01 -8.59 -42.52
CA THR M 1104 57.70 -7.24 -42.01
C THR M 1104 57.17 -7.37 -40.59
N ASN M 1105 58.09 -7.32 -39.62
CA ASN M 1105 57.97 -7.98 -38.32
C ASN M 1105 56.91 -7.41 -37.34
N VAL M 1106 56.18 -6.34 -37.70
CA VAL M 1106 55.09 -5.81 -36.86
C VAL M 1106 53.84 -5.45 -37.65
N PHE M 1107 53.94 -4.71 -38.77
CA PHE M 1107 52.78 -4.08 -39.41
C PHE M 1107 51.67 -5.06 -39.82
N GLU M 1108 52.01 -6.26 -40.28
CA GLU M 1108 51.04 -7.30 -40.62
C GLU M 1108 50.27 -7.81 -39.38
N ILE M 1109 50.94 -7.91 -38.24
CA ILE M 1109 50.34 -8.31 -36.96
C ILE M 1109 49.45 -7.18 -36.43
N ASP M 1110 49.95 -5.95 -36.53
CA ASP M 1110 49.28 -4.70 -36.11
C ASP M 1110 47.96 -4.47 -36.87
N TRP M 1111 47.97 -4.73 -38.18
CA TRP M 1111 46.78 -4.74 -39.02
C TRP M 1111 45.82 -5.89 -38.65
N ILE M 1112 46.34 -7.10 -38.47
CA ILE M 1112 45.55 -8.30 -38.13
C ILE M 1112 44.85 -8.18 -36.77
N ARG M 1113 45.40 -7.42 -35.81
CA ARG M 1113 44.67 -7.04 -34.59
C ARG M 1113 43.34 -6.36 -34.94
N ARG M 1114 43.37 -5.37 -35.83
CA ARG M 1114 42.19 -4.62 -36.30
C ARG M 1114 41.29 -5.46 -37.21
N LEU M 1115 41.85 -6.35 -38.03
CA LEU M 1115 41.05 -7.31 -38.80
C LEU M 1115 40.31 -8.31 -37.89
N GLN M 1116 40.93 -8.78 -36.82
CA GLN M 1116 40.30 -9.67 -35.85
C GLN M 1116 39.16 -8.97 -35.10
N THR M 1117 39.31 -7.72 -34.68
CA THR M 1117 38.23 -6.96 -34.02
C THR M 1117 37.11 -6.57 -35.01
N LEU M 1118 37.44 -6.13 -36.24
CA LEU M 1118 36.44 -5.92 -37.30
C LEU M 1118 35.65 -7.20 -37.61
N SER M 1119 36.33 -8.35 -37.64
CA SER M 1119 35.72 -9.69 -37.81
C SER M 1119 34.84 -10.14 -36.63
N GLU M 1120 34.76 -9.34 -35.56
CA GLU M 1120 33.85 -9.54 -34.42
C GLU M 1120 32.77 -8.44 -34.31
N LYS M 1121 33.01 -7.24 -34.88
CA LYS M 1121 31.93 -6.27 -35.19
C LYS M 1121 30.94 -6.85 -36.21
N THR M 1122 31.45 -7.50 -37.26
CA THR M 1122 30.67 -8.04 -38.38
C THR M 1122 31.24 -9.36 -38.87
N MET M 1123 30.40 -10.18 -39.51
CA MET M 1123 30.78 -11.49 -40.08
C MET M 1123 31.38 -11.42 -41.49
N ILE M 1124 31.71 -10.23 -42.00
CA ILE M 1124 32.34 -10.04 -43.31
C ILE M 1124 33.79 -10.58 -43.37
N SER M 1125 34.21 -11.06 -44.54
CA SER M 1125 35.55 -11.59 -44.83
C SER M 1125 36.57 -10.46 -45.06
N THR M 1126 37.85 -10.75 -44.84
CA THR M 1126 38.94 -9.83 -45.25
C THR M 1126 39.02 -9.69 -46.78
N GLU M 1127 38.57 -10.71 -47.52
CA GLU M 1127 38.47 -10.67 -48.98
C GLU M 1127 37.50 -9.58 -49.47
N TYR M 1128 36.38 -9.38 -48.77
CA TYR M 1128 35.42 -8.33 -49.10
C TYR M 1128 35.87 -6.96 -48.58
N LEU M 1129 36.54 -6.89 -47.43
CA LEU M 1129 37.13 -5.65 -46.92
C LEU M 1129 38.19 -5.05 -47.88
N TRP M 1130 38.90 -5.89 -48.64
CA TRP M 1130 39.74 -5.46 -49.75
C TRP M 1130 38.97 -4.76 -50.87
N GLN M 1131 37.78 -5.26 -51.24
CA GLN M 1131 36.95 -4.63 -52.27
C GLN M 1131 36.46 -3.25 -51.84
N MET M 1132 36.13 -3.10 -50.55
CA MET M 1132 35.76 -1.81 -49.94
C MET M 1132 36.89 -0.77 -50.03
N GLY M 1133 38.16 -1.19 -50.17
CA GLY M 1133 39.29 -0.34 -50.55
C GLY M 1133 39.35 -0.05 -52.05
N ASP M 1134 39.30 -1.09 -52.89
CA ASP M 1134 39.37 -0.98 -54.36
C ASP M 1134 38.31 -0.06 -54.98
N LEU M 1135 37.13 0.03 -54.36
CA LEU M 1135 36.00 0.86 -54.82
C LEU M 1135 36.17 2.38 -54.62
N THR M 1136 37.27 2.83 -54.01
CA THR M 1136 37.46 4.23 -53.62
C THR M 1136 37.50 5.21 -54.80
N GLU M 1137 38.19 4.86 -55.87
CA GLU M 1137 38.78 5.83 -56.81
C GLU M 1137 37.94 6.06 -58.08
N ASN M 1138 36.63 6.29 -57.93
CA ASN M 1138 35.67 6.28 -59.06
C ASN M 1138 35.75 4.96 -59.89
N SER M 1139 35.95 3.83 -59.21
CA SER M 1139 36.16 2.50 -59.78
C SER M 1139 34.92 1.93 -60.51
N GLU M 1140 35.12 0.81 -61.20
CA GLU M 1140 34.08 0.07 -61.94
C GLU M 1140 32.82 -0.22 -61.08
N PHE M 1141 31.62 -0.03 -61.64
CA PHE M 1141 30.37 0.02 -60.87
C PHE M 1141 29.81 -1.34 -60.43
N SER M 1142 29.98 -2.41 -61.21
CA SER M 1142 29.38 -3.72 -60.90
C SER M 1142 29.93 -4.32 -59.60
N LEU M 1143 31.19 -4.04 -59.27
CA LEU M 1143 31.80 -4.39 -57.99
C LEU M 1143 31.12 -3.68 -56.80
N LYS M 1144 30.67 -2.43 -56.94
CA LYS M 1144 29.92 -1.71 -55.88
C LYS M 1144 28.49 -2.25 -55.74
N GLU M 1145 27.83 -2.48 -56.87
CA GLU M 1145 26.48 -3.08 -56.93
C GLU M 1145 26.47 -4.48 -56.28
N GLY M 1146 27.53 -5.27 -56.47
CA GLY M 1146 27.73 -6.57 -55.83
C GLY M 1146 28.11 -6.50 -54.34
N VAL M 1147 29.03 -5.61 -53.96
CA VAL M 1147 29.47 -5.45 -52.56
C VAL M 1147 28.34 -4.98 -51.64
N GLY M 1148 27.50 -4.04 -52.10
CA GLY M 1148 26.33 -3.59 -51.34
C GLY M 1148 25.35 -4.74 -51.05
N GLU M 1149 25.05 -5.54 -52.06
CA GLU M 1149 24.21 -6.74 -51.94
C GLU M 1149 24.85 -7.82 -51.03
N ALA M 1150 26.17 -8.01 -51.12
CA ALA M 1150 26.90 -8.97 -50.29
C ALA M 1150 26.88 -8.58 -48.80
N VAL M 1151 26.99 -7.28 -48.49
CA VAL M 1151 26.89 -6.77 -47.12
C VAL M 1151 25.44 -6.86 -46.59
N MET M 1152 24.45 -6.60 -47.43
CA MET M 1152 23.03 -6.81 -47.09
C MET M 1152 22.75 -8.27 -46.73
N ALA M 1153 23.20 -9.22 -47.55
CA ALA M 1153 23.05 -10.66 -47.28
C ALA M 1153 23.75 -11.07 -45.97
N ALA M 1154 24.94 -10.51 -45.70
CA ALA M 1154 25.66 -10.74 -44.45
C ALA M 1154 24.89 -10.22 -43.21
N LEU M 1155 24.08 -9.17 -43.34
CA LEU M 1155 23.17 -8.73 -42.27
C LEU M 1155 21.95 -9.65 -42.14
N LYS M 1156 21.31 -10.08 -43.23
CA LYS M 1156 20.18 -11.03 -43.17
C LYS M 1156 20.57 -12.33 -42.44
N ALA M 1157 21.80 -12.79 -42.63
CA ALA M 1157 22.38 -13.94 -41.92
C ALA M 1157 22.51 -13.77 -40.40
N GLN M 1158 22.31 -12.55 -39.87
CA GLN M 1158 22.16 -12.27 -38.44
C GLN M 1158 20.73 -11.87 -38.05
N GLY M 1159 20.10 -10.98 -38.83
CA GLY M 1159 18.69 -10.57 -38.71
C GLY M 1159 18.33 -9.86 -37.40
N ASP M 1160 17.03 -9.82 -37.08
CA ASP M 1160 16.50 -9.31 -35.80
C ASP M 1160 16.73 -10.28 -34.61
N SER M 1161 17.10 -11.53 -34.90
CA SER M 1161 17.56 -12.54 -33.92
C SER M 1161 19.02 -12.25 -33.51
N ASP M 1162 19.93 -13.21 -33.64
CA ASP M 1162 21.39 -13.00 -33.57
C ASP M 1162 22.16 -13.85 -34.61
N ASN M 1163 21.93 -15.16 -34.64
CA ASN M 1163 22.43 -16.15 -35.62
C ASN M 1163 23.95 -15.98 -35.97
N VAL M 1164 24.37 -16.34 -37.19
CA VAL M 1164 25.73 -16.14 -37.73
C VAL M 1164 25.69 -16.08 -39.27
N MET N 1 13.82 -8.65 -42.53
CA MET N 1 14.22 -8.13 -41.19
C MET N 1 13.90 -6.64 -41.09
N SER N 2 13.75 -6.10 -39.88
CA SER N 2 13.12 -4.78 -39.65
C SER N 2 13.71 -3.60 -40.46
N ASN N 3 15.01 -3.59 -40.76
CA ASN N 3 15.65 -2.55 -41.56
C ASN N 3 15.62 -2.81 -43.08
N SER N 4 15.47 -4.05 -43.55
CA SER N 4 15.32 -4.32 -44.99
C SER N 4 13.96 -3.89 -45.54
N ILE N 5 12.97 -3.74 -44.66
CA ILE N 5 11.64 -3.20 -44.96
C ILE N 5 11.72 -1.80 -45.60
N GLU N 6 12.66 -0.98 -45.16
CA GLU N 6 12.89 0.38 -45.64
C GLU N 6 13.12 0.42 -47.16
N ALA N 7 13.89 -0.53 -47.70
CA ALA N 7 14.16 -0.68 -49.12
C ALA N 7 12.99 -1.30 -49.90
N LYS N 8 12.24 -2.24 -49.31
CA LYS N 8 11.03 -2.81 -49.92
C LYS N 8 9.89 -1.79 -50.03
N LEU N 9 9.86 -0.78 -49.16
CA LEU N 9 9.05 0.42 -49.34
C LEU N 9 9.63 1.36 -50.41
N GLN N 10 10.89 1.78 -50.29
CA GLN N 10 11.45 2.86 -51.12
C GLN N 10 11.34 2.61 -52.65
N GLU N 11 11.45 1.35 -53.09
CA GLU N 11 11.31 1.00 -54.51
C GLU N 11 9.88 1.25 -55.07
N ASP N 12 8.84 1.24 -54.23
CA ASP N 12 7.47 1.57 -54.65
C ASP N 12 7.06 3.01 -54.31
N LEU N 13 7.59 3.57 -53.22
CA LEU N 13 7.34 4.96 -52.84
C LEU N 13 7.83 5.97 -53.90
N ARG N 14 8.94 5.63 -54.57
CA ARG N 14 9.65 6.50 -55.54
C ARG N 14 9.81 5.84 -56.90
N ASP N 15 10.72 4.88 -57.02
CA ASP N 15 11.21 4.34 -58.31
C ASP N 15 10.07 3.90 -59.23
N ALA N 16 9.19 3.01 -58.76
CA ALA N 16 8.09 2.49 -59.56
C ALA N 16 7.03 3.55 -59.92
N LEU N 17 6.98 4.67 -59.21
CA LEU N 17 5.94 5.68 -59.41
C LEU N 17 6.37 6.80 -60.37
N VAL N 18 7.56 7.38 -60.18
CA VAL N 18 8.02 8.49 -61.04
C VAL N 18 8.37 8.03 -62.45
N ASP N 19 9.06 6.89 -62.61
CA ASP N 19 9.42 6.32 -63.91
C ASP N 19 8.18 5.86 -64.71
N TYR N 20 7.13 5.42 -63.99
CA TYR N 20 5.82 5.18 -64.58
C TYR N 20 5.18 6.48 -65.06
N TYR N 21 5.14 7.48 -64.18
CA TYR N 21 4.39 8.70 -64.43
C TYR N 21 4.93 9.44 -65.65
N LEU N 22 6.24 9.67 -65.69
CA LEU N 22 6.83 10.37 -66.82
C LEU N 22 6.84 9.51 -68.06
N GLY N 23 7.33 8.27 -67.95
CA GLY N 23 7.70 7.48 -69.11
C GLY N 23 6.49 6.95 -69.84
N GLN N 24 5.57 6.34 -69.09
CA GLN N 24 4.40 5.76 -69.69
C GLN N 24 3.48 6.82 -70.26
N ILE N 25 3.22 7.89 -69.50
CA ILE N 25 2.22 8.84 -69.96
C ILE N 25 2.75 9.72 -71.08
N VAL N 26 3.92 10.32 -70.90
CA VAL N 26 4.32 11.36 -71.85
C VAL N 26 4.87 10.87 -73.18
N PRO N 27 5.98 10.10 -73.23
CA PRO N 27 6.48 9.56 -74.48
C PRO N 27 5.79 8.32 -74.99
N ASN N 28 5.65 7.33 -74.10
CA ASN N 28 5.64 5.96 -74.56
C ASN N 28 4.34 5.57 -75.25
N SER N 29 3.23 5.84 -74.57
CA SER N 29 1.97 5.14 -74.82
C SER N 29 1.09 5.56 -76.00
N LYS N 30 0.11 4.68 -76.27
CA LYS N 30 -1.20 4.96 -76.87
C LYS N 30 -2.30 4.45 -75.91
N ASP N 31 -2.00 4.55 -74.60
CA ASP N 31 -2.67 3.88 -73.48
C ASP N 31 -3.25 4.92 -72.51
N PHE N 32 -2.36 5.74 -71.93
CA PHE N 32 -2.64 6.95 -71.14
C PHE N 32 -2.56 8.23 -71.98
N THR N 33 -1.72 8.23 -73.03
CA THR N 33 -1.38 9.42 -73.83
C THR N 33 -2.57 9.92 -74.66
N ASN N 34 -3.55 9.06 -74.95
CA ASN N 34 -4.84 9.47 -75.51
C ASN N 34 -5.66 10.38 -74.56
N LEU N 35 -5.27 10.44 -73.29
CA LEU N 35 -5.92 11.14 -72.18
C LEU N 35 -4.89 12.03 -71.43
N ARG N 36 -3.87 12.52 -72.14
CA ARG N 36 -2.65 13.18 -71.63
C ARG N 36 -2.85 14.24 -70.53
N SER N 37 -3.91 15.03 -70.60
CA SER N 37 -4.21 16.12 -69.66
C SER N 37 -4.79 15.66 -68.31
N THR N 38 -5.27 14.42 -68.22
CA THR N 38 -6.06 13.93 -67.07
C THR N 38 -5.27 13.67 -65.78
N ILE N 39 -3.95 13.47 -65.87
CA ILE N 39 -3.07 13.14 -64.73
C ILE N 39 -2.01 14.22 -64.52
N LYS N 40 -1.91 14.75 -63.30
CA LYS N 40 -0.87 15.71 -62.87
C LYS N 40 -0.36 15.47 -61.42
N ASN N 41 -1.05 14.66 -60.63
CA ASN N 41 -0.72 14.40 -59.22
C ASN N 41 -1.03 12.96 -58.78
N VAL N 42 -0.46 12.51 -57.66
CA VAL N 42 -0.73 11.20 -57.05
C VAL N 42 -2.22 10.95 -56.74
N ASP N 43 -3.00 12.00 -56.46
CA ASP N 43 -4.45 11.92 -56.31
C ASP N 43 -5.16 11.43 -57.59
N ASP N 44 -4.61 11.80 -58.76
CA ASP N 44 -5.06 11.30 -60.06
C ASP N 44 -4.62 9.85 -60.29
N LEU N 45 -3.40 9.48 -59.88
CA LEU N 45 -2.94 8.09 -59.95
C LEU N 45 -3.83 7.15 -59.13
N TYR N 46 -4.20 7.58 -57.92
CA TYR N 46 -5.16 6.91 -57.04
C TYR N 46 -6.52 6.77 -57.72
N ASP N 47 -7.10 7.87 -58.20
CA ASP N 47 -8.43 7.86 -58.81
C ASP N 47 -8.47 7.01 -60.09
N HIS N 48 -7.41 7.05 -60.91
CA HIS N 48 -7.35 6.37 -62.21
C HIS N 48 -7.01 4.87 -62.09
N LEU N 49 -6.05 4.50 -61.23
CA LEU N 49 -5.61 3.11 -61.04
C LEU N 49 -6.38 2.34 -59.96
N LEU N 50 -7.24 3.00 -59.18
CA LEU N 50 -8.01 2.42 -58.06
C LEU N 50 -7.13 1.76 -56.97
N LEU N 51 -5.90 2.25 -56.76
CA LEU N 51 -4.90 1.64 -55.88
C LEU N 51 -4.26 2.64 -54.90
N ASP N 52 -4.13 2.21 -53.66
CA ASP N 52 -3.67 2.97 -52.49
C ASP N 52 -2.14 3.13 -52.44
N THR N 53 -1.59 3.89 -53.38
CA THR N 53 -0.14 4.14 -53.48
C THR N 53 0.39 5.06 -52.38
N GLN N 54 1.68 4.92 -52.04
CA GLN N 54 2.48 5.77 -51.13
C GLN N 54 2.16 5.70 -49.62
N VAL N 55 1.36 4.71 -49.20
CA VAL N 55 0.75 4.65 -47.85
C VAL N 55 0.69 3.22 -47.31
N SER N 56 0.44 3.07 -46.01
CA SER N 56 0.07 1.82 -45.31
C SER N 56 1.20 0.78 -45.14
N ALA N 57 2.42 1.23 -44.91
CA ALA N 57 3.65 0.42 -44.86
C ALA N 57 3.64 -0.81 -43.90
N LYS N 58 2.80 -0.81 -42.87
CA LYS N 58 2.74 -1.84 -41.80
C LYS N 58 1.51 -2.76 -41.86
N VAL N 59 0.54 -2.46 -42.72
CA VAL N 59 -0.78 -3.12 -42.76
C VAL N 59 -0.68 -4.49 -43.45
N ILE N 60 -1.48 -5.47 -42.97
CA ILE N 60 -1.63 -6.81 -43.56
C ILE N 60 -3.12 -7.14 -43.74
N THR N 61 -3.48 -7.76 -44.88
CA THR N 61 -4.87 -8.11 -45.23
C THR N 61 -4.94 -9.12 -46.38
N SER N 62 -6.09 -9.76 -46.60
CA SER N 62 -6.28 -10.71 -47.72
C SER N 62 -6.22 -10.03 -49.10
N ARG N 63 -5.66 -10.71 -50.12
CA ARG N 63 -5.79 -10.28 -51.53
C ARG N 63 -7.24 -10.03 -51.96
N LEU N 64 -8.19 -10.88 -51.52
CA LEU N 64 -9.61 -10.65 -51.80
C LEU N 64 -10.11 -9.28 -51.33
N SER N 65 -9.62 -8.76 -50.20
CA SER N 65 -9.97 -7.41 -49.75
C SER N 65 -9.53 -6.34 -50.76
N LEU N 66 -8.30 -6.40 -51.30
CA LEU N 66 -7.81 -5.45 -52.31
C LEU N 66 -8.61 -5.52 -53.62
N VAL N 67 -8.90 -6.75 -54.09
CA VAL N 67 -9.72 -6.98 -55.28
C VAL N 67 -11.11 -6.39 -55.07
N THR N 68 -11.72 -6.71 -53.94
CA THR N 68 -13.03 -6.18 -53.53
C THR N 68 -12.99 -4.66 -53.50
N GLN N 69 -12.05 -4.07 -52.75
CA GLN N 69 -11.86 -2.63 -52.60
C GLN N 69 -11.80 -1.88 -53.93
N SER N 70 -11.17 -2.45 -54.96
CA SER N 70 -11.08 -1.78 -56.27
C SER N 70 -12.46 -1.61 -56.93
N VAL N 71 -13.26 -2.68 -56.99
CA VAL N 71 -14.61 -2.68 -57.56
C VAL N 71 -15.59 -1.93 -56.66
N GLN N 72 -15.47 -2.15 -55.35
CA GLN N 72 -16.18 -1.47 -54.28
C GLN N 72 -16.00 0.05 -54.36
N GLN N 73 -14.78 0.53 -54.57
CA GLN N 73 -14.51 1.93 -54.87
C GLN N 73 -15.08 2.34 -56.22
N TYR N 74 -14.90 1.57 -57.29
CA TYR N 74 -15.39 1.94 -58.62
C TYR N 74 -16.92 2.10 -58.68
N ILE N 75 -17.67 1.16 -58.09
CA ILE N 75 -19.14 1.21 -58.06
C ILE N 75 -19.66 2.34 -57.14
N ASN N 76 -18.88 2.75 -56.13
CA ASN N 76 -19.06 4.06 -55.50
C ASN N 76 -18.73 5.22 -56.47
N ARG N 77 -17.55 5.24 -57.08
CA ARG N 77 -16.99 6.34 -57.89
C ARG N 77 -17.86 6.74 -59.09
N ILE N 78 -18.43 5.79 -59.82
CA ILE N 78 -19.32 6.09 -60.95
C ILE N 78 -20.65 6.75 -60.53
N ALA N 79 -21.09 6.51 -59.29
CA ALA N 79 -22.26 7.16 -58.68
C ALA N 79 -21.90 8.47 -57.96
N LEU N 80 -20.63 8.62 -57.53
CA LEU N 80 -20.06 9.82 -56.90
C LEU N 80 -19.91 10.98 -57.89
N ASN N 81 -19.46 10.71 -59.12
CA ASN N 81 -19.37 11.69 -60.20
C ASN N 81 -19.63 11.08 -61.59
N LEU N 82 -20.13 11.88 -62.54
CA LEU N 82 -20.54 11.50 -63.89
C LEU N 82 -19.45 11.74 -64.96
N GLU N 83 -18.18 11.61 -64.56
CA GLU N 83 -17.02 11.44 -65.46
C GLU N 83 -16.33 10.08 -65.12
N PRO N 84 -16.08 9.20 -66.10
CA PRO N 84 -16.41 9.32 -67.52
C PRO N 84 -17.92 9.34 -67.82
N GLY N 85 -18.31 9.63 -69.07
CA GLY N 85 -19.66 10.07 -69.49
C GLY N 85 -20.86 9.11 -69.31
N LEU N 86 -20.72 8.02 -68.55
CA LEU N 86 -21.82 7.10 -68.21
C LEU N 86 -22.95 7.77 -67.41
N SER N 87 -24.10 7.11 -67.32
CA SER N 87 -25.23 7.48 -66.44
C SER N 87 -25.88 6.24 -65.82
N ILE N 88 -26.63 6.47 -64.74
CA ILE N 88 -27.25 5.46 -63.89
C ILE N 88 -28.78 5.68 -63.89
N ASN N 89 -29.57 4.65 -64.23
CA ASN N 89 -31.04 4.74 -64.24
C ASN N 89 -31.59 4.91 -62.82
N GLN N 90 -32.79 5.49 -62.66
CA GLN N 90 -33.36 5.78 -61.34
C GLN N 90 -33.54 4.56 -60.43
N GLN N 91 -33.75 3.35 -60.96
CA GLN N 91 -33.74 2.12 -60.16
C GLN N 91 -32.33 1.82 -59.62
N GLU N 92 -31.31 1.84 -60.48
CA GLU N 92 -29.91 1.60 -60.13
C GLU N 92 -29.37 2.67 -59.15
N ALA N 93 -29.74 3.93 -59.38
CA ALA N 93 -29.54 5.11 -58.55
C ALA N 93 -30.36 5.10 -57.24
N THR N 94 -31.42 4.29 -57.13
CA THR N 94 -32.06 3.96 -55.86
C THR N 94 -31.27 2.87 -55.12
N ASP N 95 -30.78 1.86 -55.84
CA ASP N 95 -30.33 0.61 -55.23
C ASP N 95 -28.86 0.58 -54.73
N TRP N 96 -28.10 1.67 -54.86
CA TRP N 96 -26.85 1.82 -54.07
C TRP N 96 -27.11 1.87 -52.55
N GLU N 97 -28.37 2.02 -52.14
CA GLU N 97 -28.91 1.67 -50.82
C GLU N 97 -28.45 0.27 -50.32
N GLU N 98 -28.24 -0.69 -51.23
CA GLU N 98 -27.76 -2.05 -50.92
C GLU N 98 -26.21 -2.18 -50.92
N PHE N 99 -25.45 -1.09 -50.99
CA PHE N 99 -24.00 -1.13 -50.72
C PHE N 99 -23.48 0.09 -49.95
N ALA N 100 -24.39 0.86 -49.32
CA ALA N 100 -24.05 2.04 -48.52
C ALA N 100 -23.17 1.69 -47.28
N ASN N 101 -23.55 0.66 -46.53
CA ASN N 101 -22.73 -0.08 -45.55
C ASN N 101 -22.78 -1.58 -45.90
N ARG N 102 -21.73 -2.35 -45.62
CA ARG N 102 -21.42 -3.56 -46.42
C ARG N 102 -21.48 -4.89 -45.68
N TYR N 103 -20.48 -5.23 -44.85
CA TYR N 103 -20.35 -6.63 -44.40
C TYR N 103 -21.40 -7.04 -43.35
N GLY N 104 -21.93 -8.25 -43.45
CA GLY N 104 -23.10 -8.72 -42.70
C GLY N 104 -24.44 -8.09 -43.14
N TYR N 105 -24.45 -6.78 -43.40
CA TYR N 105 -25.60 -6.03 -43.91
C TYR N 105 -26.06 -6.54 -45.29
N TRP N 106 -25.11 -6.90 -46.16
CA TRP N 106 -25.40 -7.47 -47.48
C TRP N 106 -26.01 -8.88 -47.40
N ALA N 107 -25.43 -9.79 -46.61
CA ALA N 107 -25.92 -11.17 -46.48
C ALA N 107 -27.34 -11.24 -45.90
N ALA N 108 -27.65 -10.36 -44.95
CA ALA N 108 -29.00 -10.16 -44.43
C ALA N 108 -30.05 -9.79 -45.50
N ASN N 109 -29.65 -9.25 -46.68
CA ASN N 109 -30.60 -8.95 -47.76
C ASN N 109 -31.36 -10.20 -48.23
N GLN N 110 -30.69 -11.36 -48.25
CA GLN N 110 -31.28 -12.67 -48.50
C GLN N 110 -31.79 -13.34 -47.22
N GLN N 111 -30.93 -13.57 -46.21
CA GLN N 111 -31.28 -14.45 -45.08
C GLN N 111 -32.45 -13.95 -44.22
N LEU N 112 -32.72 -12.63 -44.20
CA LEU N 112 -33.90 -12.04 -43.54
C LEU N 112 -35.24 -12.25 -44.29
N ARG N 113 -35.19 -12.77 -45.54
CA ARG N 113 -36.32 -13.35 -46.31
C ARG N 113 -36.28 -14.89 -46.33
N MET N 114 -35.09 -15.47 -46.49
CA MET N 114 -34.85 -16.91 -46.67
C MET N 114 -34.96 -17.75 -45.38
N PHE N 115 -34.97 -17.12 -44.20
CA PHE N 115 -35.41 -17.74 -42.93
C PHE N 115 -36.56 -16.93 -42.27
N PRO N 116 -37.83 -17.22 -42.60
CA PRO N 116 -38.99 -16.54 -42.02
C PRO N 116 -39.03 -16.50 -40.48
N GLU N 117 -38.52 -17.54 -39.82
CA GLU N 117 -38.43 -17.60 -38.35
C GLU N 117 -37.57 -16.48 -37.73
N ILE N 118 -36.62 -15.91 -38.48
CA ILE N 118 -35.87 -14.70 -38.07
C ILE N 118 -36.79 -13.47 -38.10
N TYR N 119 -37.68 -13.40 -39.10
CA TYR N 119 -38.54 -12.24 -39.35
C TYR N 119 -39.81 -12.23 -38.49
N VAL N 120 -40.38 -13.40 -38.16
CA VAL N 120 -41.53 -13.56 -37.26
C VAL N 120 -41.19 -13.13 -35.83
N ASP N 121 -41.91 -12.12 -35.34
CA ASP N 121 -41.95 -11.63 -33.96
C ASP N 121 -43.33 -10.97 -33.68
N PRO N 122 -43.77 -10.81 -32.41
CA PRO N 122 -45.04 -10.14 -32.11
C PRO N 122 -45.05 -8.64 -32.50
N THR N 123 -43.89 -8.04 -32.73
CA THR N 123 -43.67 -6.64 -33.15
C THR N 123 -44.02 -6.41 -34.64
N LEU N 124 -45.20 -6.86 -35.06
CA LEU N 124 -45.74 -6.71 -36.42
C LEU N 124 -46.02 -5.23 -36.78
N ARG N 125 -46.27 -4.97 -38.07
CA ARG N 125 -46.71 -3.67 -38.66
C ARG N 125 -48.10 -3.18 -38.26
N LEU N 126 -48.56 -3.51 -37.05
CA LEU N 126 -49.97 -3.57 -36.62
C LEU N 126 -50.82 -2.37 -37.05
N THR N 127 -51.87 -2.71 -37.81
CA THR N 127 -53.03 -1.89 -38.16
C THR N 127 -54.15 -1.97 -37.12
N LYS N 128 -54.26 -3.09 -36.37
CA LYS N 128 -55.30 -3.38 -35.37
C LYS N 128 -55.22 -2.53 -34.08
N THR N 129 -54.75 -1.28 -34.18
CA THR N 129 -54.50 -0.42 -33.01
C THR N 129 -55.77 -0.10 -32.22
N GLU N 130 -56.95 -0.14 -32.83
CA GLU N 130 -58.21 0.10 -32.12
C GLU N 130 -58.51 -0.98 -31.04
N PHE N 131 -57.94 -2.19 -31.12
CA PHE N 131 -58.16 -3.23 -30.10
C PHE N 131 -56.89 -3.87 -29.54
N PHE N 132 -55.78 -3.96 -30.28
CA PHE N 132 -54.63 -4.72 -29.77
C PHE N 132 -53.96 -4.06 -28.58
N PHE N 133 -53.99 -2.72 -28.50
CA PHE N 133 -53.60 -1.99 -27.28
C PHE N 133 -54.40 -2.44 -26.03
N GLN N 134 -55.62 -2.95 -26.18
CA GLN N 134 -56.45 -3.32 -25.03
C GLN N 134 -56.10 -4.69 -24.44
N LEU N 135 -55.27 -5.49 -25.12
CA LEU N 135 -54.53 -6.58 -24.47
C LEU N 135 -53.35 -6.02 -23.67
N GLU N 136 -52.47 -5.25 -24.33
CA GLU N 136 -51.21 -4.83 -23.70
C GLU N 136 -51.38 -3.99 -22.43
N SER N 137 -52.33 -3.05 -22.37
CA SER N 137 -52.48 -2.17 -21.19
C SER N 137 -52.84 -2.89 -19.88
N ALA N 138 -53.27 -4.16 -19.94
CA ALA N 138 -53.39 -5.04 -18.76
C ALA N 138 -52.09 -5.80 -18.43
N LEU N 139 -51.31 -6.18 -19.46
CA LEU N 139 -49.99 -6.80 -19.34
C LEU N 139 -48.86 -5.79 -19.04
N ASN N 140 -49.18 -4.49 -19.03
CA ASN N 140 -48.25 -3.38 -18.75
C ASN N 140 -47.79 -3.29 -17.27
N GLN N 141 -47.12 -4.34 -16.78
CA GLN N 141 -46.71 -4.48 -15.39
C GLN N 141 -45.27 -4.98 -15.29
N GLY N 142 -44.51 -4.47 -14.32
CA GLY N 142 -43.07 -4.72 -14.20
C GLY N 142 -42.68 -6.12 -13.72
N LYS N 143 -43.35 -6.61 -12.67
CA LYS N 143 -43.28 -8.00 -12.20
C LYS N 143 -44.71 -8.49 -11.94
N LEU N 144 -45.06 -9.67 -12.45
CA LEU N 144 -46.42 -10.21 -12.52
C LEU N 144 -46.43 -11.74 -12.31
N THR N 145 -47.63 -12.31 -12.22
CA THR N 145 -47.87 -13.74 -11.92
C THR N 145 -48.94 -14.33 -12.84
N ASP N 146 -49.12 -15.66 -12.80
CA ASP N 146 -50.02 -16.43 -13.69
C ASP N 146 -51.49 -15.98 -13.65
N ASP N 147 -51.93 -15.38 -12.54
CA ASP N 147 -53.30 -14.85 -12.39
C ASP N 147 -53.61 -13.69 -13.35
N VAL N 148 -52.66 -12.75 -13.49
CA VAL N 148 -52.87 -11.46 -14.14
C VAL N 148 -53.31 -11.60 -15.59
N ALA N 149 -52.78 -12.62 -16.28
CA ALA N 149 -53.14 -12.93 -17.66
C ALA N 149 -54.64 -13.22 -17.82
N GLN N 150 -55.30 -13.89 -16.88
CA GLN N 150 -56.72 -14.22 -17.02
C GLN N 150 -57.59 -12.96 -17.01
N LYS N 151 -57.27 -12.00 -16.12
CA LYS N 151 -57.90 -10.67 -16.08
C LYS N 151 -57.65 -9.90 -17.38
N ALA N 152 -56.43 -9.95 -17.91
CA ALA N 152 -56.08 -9.34 -19.18
C ALA N 152 -56.85 -9.94 -20.37
N VAL N 153 -56.94 -11.26 -20.43
CA VAL N 153 -57.63 -12.01 -21.50
C VAL N 153 -59.12 -11.69 -21.51
N LEU N 154 -59.80 -11.83 -20.37
CA LEU N 154 -61.23 -11.58 -20.29
C LEU N 154 -61.56 -10.10 -20.54
N GLY N 155 -60.70 -9.17 -20.13
CA GLY N 155 -60.87 -7.74 -20.43
C GLY N 155 -60.90 -7.43 -21.94
N TYR N 156 -60.20 -8.22 -22.76
CA TYR N 156 -60.29 -8.16 -24.22
C TYR N 156 -61.52 -8.91 -24.75
N LEU N 157 -61.78 -10.11 -24.23
CA LEU N 157 -62.84 -10.98 -24.73
C LEU N 157 -64.25 -10.41 -24.49
N ASN N 158 -64.46 -9.58 -23.47
CA ASN N 158 -65.69 -8.80 -23.31
C ASN N 158 -65.92 -7.85 -24.50
N ASN N 159 -64.87 -7.12 -24.91
CA ASN N 159 -64.94 -6.12 -25.99
C ASN N 159 -65.14 -6.79 -27.36
N PHE N 160 -64.47 -7.93 -27.58
CA PHE N 160 -64.44 -8.62 -28.88
C PHE N 160 -65.83 -8.92 -29.47
N GLU N 161 -66.77 -9.33 -28.64
CA GLU N 161 -68.08 -9.76 -29.11
C GLU N 161 -68.90 -8.59 -29.66
N GLU N 162 -68.78 -7.39 -29.12
CA GLU N 162 -69.47 -6.20 -29.63
C GLU N 162 -69.06 -5.90 -31.08
N VAL N 163 -67.76 -5.98 -31.36
CA VAL N 163 -67.18 -5.82 -32.71
C VAL N 163 -67.76 -6.84 -33.68
N SER N 164 -67.83 -8.10 -33.27
CA SER N 164 -68.39 -9.18 -34.10
C SER N 164 -69.89 -9.02 -34.40
N ASN N 165 -70.61 -8.20 -33.63
CA ASN N 165 -72.04 -7.89 -33.83
C ASN N 165 -72.32 -6.58 -34.56
N LEU N 166 -71.31 -5.83 -35.03
CA LEU N 166 -71.48 -4.59 -35.79
C LEU N 166 -72.36 -4.77 -37.02
N GLU N 167 -73.25 -3.79 -37.27
CA GLU N 167 -74.23 -3.79 -38.36
C GLU N 167 -73.93 -2.70 -39.41
N ILE N 168 -73.84 -3.09 -40.68
CA ILE N 168 -73.59 -2.19 -41.80
C ILE N 168 -74.87 -1.45 -42.18
N ILE N 169 -74.79 -0.12 -42.29
CA ILE N 169 -75.95 0.76 -42.54
C ILE N 169 -75.99 1.29 -43.98
N ALA N 170 -74.84 1.70 -44.52
CA ALA N 170 -74.77 2.28 -45.86
C ALA N 170 -73.38 2.09 -46.51
N GLY N 171 -73.33 2.24 -47.83
CA GLY N 171 -72.11 2.16 -48.63
C GLY N 171 -72.08 3.16 -49.78
N TYR N 172 -70.93 3.82 -49.96
CA TYR N 172 -70.69 4.81 -51.01
C TYR N 172 -70.00 4.17 -52.22
N GLN N 173 -70.78 3.96 -53.27
CA GLN N 173 -70.30 3.65 -54.62
C GLN N 173 -69.51 4.85 -55.18
N ASP N 174 -68.57 4.64 -56.10
CA ASP N 174 -67.75 5.69 -56.74
C ASP N 174 -68.53 6.64 -57.69
N GLY N 175 -69.48 7.40 -57.13
CA GLY N 175 -70.38 8.34 -57.83
C GLY N 175 -71.36 7.63 -58.76
N ILE N 176 -70.87 7.29 -59.95
CA ILE N 176 -71.58 6.55 -61.02
C ILE N 176 -70.75 5.40 -61.63
N ASP N 177 -69.48 5.23 -61.24
CA ASP N 177 -68.59 4.21 -61.80
C ASP N 177 -68.76 2.83 -61.13
N ILE N 178 -68.32 1.78 -61.83
CA ILE N 178 -68.33 0.37 -61.41
C ILE N 178 -67.03 -0.32 -61.87
N GLU N 179 -66.71 -1.47 -61.30
CA GLU N 179 -65.41 -2.17 -61.38
C GLU N 179 -64.24 -1.46 -60.66
N ASN N 180 -63.45 -2.24 -59.91
CA ASN N 180 -62.23 -1.82 -59.19
C ASN N 180 -62.44 -0.61 -58.25
N ASP N 181 -63.60 -0.55 -57.60
CA ASP N 181 -64.00 0.50 -56.64
C ASP N 181 -63.42 0.24 -55.24
N LYS N 182 -63.09 1.30 -54.48
CA LYS N 182 -62.75 1.23 -53.05
C LYS N 182 -63.97 0.99 -52.13
N THR N 183 -65.15 1.43 -52.57
CA THR N 183 -66.48 1.19 -51.98
C THR N 183 -66.52 1.29 -50.45
N TYR N 184 -66.45 2.51 -49.91
CA TYR N 184 -66.51 2.77 -48.47
C TYR N 184 -67.85 2.33 -47.87
N PHE N 185 -67.85 1.75 -46.66
CA PHE N 185 -69.05 1.37 -45.89
C PHE N 185 -69.01 1.94 -44.47
N VAL N 186 -70.17 2.29 -43.93
CA VAL N 186 -70.37 2.77 -42.53
C VAL N 186 -71.21 1.78 -41.72
N ALA N 187 -70.81 1.54 -40.47
CA ALA N 187 -71.43 0.55 -39.56
C ALA N 187 -71.50 1.04 -38.10
N ARG N 188 -72.38 0.44 -37.30
CA ARG N 188 -72.59 0.77 -35.88
C ARG N 188 -72.85 -0.43 -34.98
N THR N 189 -72.68 -0.25 -33.68
CA THR N 189 -73.12 -1.21 -32.65
C THR N 189 -74.66 -1.25 -32.56
N ARG N 190 -75.25 -2.45 -32.45
CA ARG N 190 -76.72 -2.59 -32.31
C ARG N 190 -77.22 -2.29 -30.90
N MET N 191 -76.47 -2.67 -29.86
CA MET N 191 -76.94 -2.58 -28.46
C MET N 191 -77.23 -1.14 -28.01
N GLN N 192 -76.41 -0.16 -28.40
CA GLN N 192 -76.81 1.25 -28.44
C GLN N 192 -76.28 1.95 -29.70
N PRO N 193 -76.95 3.00 -30.21
CA PRO N 193 -76.50 3.78 -31.37
C PRO N 193 -75.29 4.70 -31.10
N TYR N 194 -74.42 4.36 -30.14
CA TYR N 194 -73.34 5.22 -29.67
C TYR N 194 -72.08 5.21 -30.57
N ARG N 195 -71.72 4.07 -31.15
CA ARG N 195 -70.44 3.91 -31.90
C ARG N 195 -70.70 3.82 -33.39
N TYR N 196 -69.93 4.58 -34.16
CA TYR N 196 -69.92 4.52 -35.63
C TYR N 196 -68.51 4.30 -36.15
N PHE N 197 -68.41 3.57 -37.26
CA PHE N 197 -67.14 3.15 -37.85
C PHE N 197 -67.22 3.12 -39.38
N TRP N 198 -66.07 3.21 -40.06
CA TRP N 198 -65.99 3.01 -41.52
C TRP N 198 -64.88 2.03 -41.92
N ARG N 199 -65.04 1.37 -43.08
CA ARG N 199 -63.98 0.61 -43.77
C ARG N 199 -64.24 0.39 -45.28
N SER N 200 -63.37 -0.35 -45.95
CA SER N 200 -63.14 -0.32 -47.41
C SER N 200 -62.55 -1.65 -47.94
N LEU N 201 -62.55 -1.85 -49.27
CA LEU N 201 -61.96 -3.05 -49.90
C LEU N 201 -61.34 -2.77 -51.28
N ASP N 202 -60.37 -3.59 -51.67
CA ASP N 202 -59.52 -3.45 -52.86
C ASP N 202 -59.95 -4.41 -53.98
N ALA N 203 -61.06 -4.10 -54.66
CA ALA N 203 -61.66 -5.00 -55.66
C ALA N 203 -60.75 -5.34 -56.88
N SER N 204 -59.67 -4.58 -57.08
CA SER N 204 -58.61 -4.87 -58.05
C SER N 204 -57.63 -5.99 -57.63
N GLN N 205 -57.51 -6.30 -56.34
CA GLN N 205 -56.49 -7.21 -55.82
C GLN N 205 -57.00 -8.67 -55.82
N ARG N 206 -56.56 -9.44 -56.82
CA ARG N 206 -57.15 -10.74 -57.20
C ARG N 206 -56.16 -11.62 -57.96
N ASN N 207 -56.54 -12.87 -58.23
CA ASN N 207 -55.92 -13.69 -59.28
C ASN N 207 -56.98 -14.06 -60.34
N ALA N 208 -56.56 -14.16 -61.60
CA ALA N 208 -57.47 -14.33 -62.75
C ALA N 208 -57.97 -15.77 -62.96
N ASN N 209 -57.28 -16.78 -62.40
CA ASN N 209 -57.45 -18.20 -62.71
C ASN N 209 -58.66 -18.83 -61.97
N SER N 210 -59.83 -18.20 -62.09
CA SER N 210 -61.07 -18.45 -61.31
C SER N 210 -61.01 -18.12 -59.82
N GLN N 211 -60.00 -17.36 -59.39
CA GLN N 211 -59.92 -16.76 -58.06
C GLN N 211 -60.78 -15.48 -57.95
N GLU N 212 -60.89 -14.94 -56.73
CA GLU N 212 -61.65 -13.74 -56.39
C GLU N 212 -60.75 -12.71 -55.67
N LEU N 213 -61.34 -11.80 -54.89
CA LEU N 213 -60.58 -10.87 -54.04
C LEU N 213 -59.66 -11.65 -53.10
N TYR N 214 -58.39 -11.26 -53.11
CA TYR N 214 -57.30 -11.84 -52.31
C TYR N 214 -57.50 -11.60 -50.80
N PRO N 215 -56.96 -12.42 -49.87
CA PRO N 215 -57.26 -12.30 -48.44
C PRO N 215 -56.94 -10.92 -47.84
N THR N 216 -55.87 -10.27 -48.30
CA THR N 216 -55.46 -8.93 -47.85
C THR N 216 -56.34 -7.79 -48.40
N ALA N 217 -57.20 -8.06 -49.39
CA ALA N 217 -57.95 -7.05 -50.16
C ALA N 217 -59.13 -6.38 -49.41
N TRP N 218 -59.17 -6.46 -48.08
CA TRP N 218 -60.22 -5.88 -47.24
C TRP N 218 -59.57 -5.16 -46.05
N SER N 219 -60.05 -3.96 -45.71
CA SER N 219 -59.52 -3.20 -44.56
C SER N 219 -60.26 -3.50 -43.26
N GLU N 220 -59.86 -2.81 -42.19
CA GLU N 220 -60.33 -2.99 -40.82
C GLU N 220 -60.94 -1.71 -40.26
N TRP N 221 -61.95 -1.84 -39.39
CA TRP N 221 -62.78 -0.71 -38.96
C TRP N 221 -62.01 0.34 -38.17
N LYS N 222 -62.20 1.61 -38.54
CA LYS N 222 -61.80 2.78 -37.77
C LYS N 222 -63.04 3.44 -37.17
N ALA N 223 -62.98 3.79 -35.89
CA ALA N 223 -64.05 4.51 -35.20
C ALA N 223 -64.09 5.99 -35.61
N ILE N 224 -65.25 6.63 -35.45
CA ILE N 224 -65.51 8.03 -35.76
C ILE N 224 -65.49 8.86 -34.46
N SER N 225 -64.72 9.95 -34.47
CA SER N 225 -64.39 10.75 -33.27
C SER N 225 -65.40 11.83 -32.90
N VAL N 226 -66.03 12.47 -33.89
CA VAL N 226 -66.87 13.66 -33.71
C VAL N 226 -68.09 13.37 -32.81
N PRO N 227 -68.35 14.17 -31.75
CA PRO N 227 -69.42 13.89 -30.79
C PRO N 227 -70.81 14.25 -31.33
N LEU N 228 -71.32 13.43 -32.25
CA LEU N 228 -72.73 13.42 -32.66
C LEU N 228 -73.67 12.93 -31.55
N GLU N 229 -74.84 13.55 -31.45
CA GLU N 229 -75.85 13.29 -30.43
C GLU N 229 -77.29 13.30 -30.99
N ASN N 230 -77.51 13.98 -32.11
CA ASN N 230 -78.76 14.05 -32.86
C ASN N 230 -78.52 13.67 -34.33
N VAL N 231 -79.46 12.95 -34.92
CA VAL N 231 -79.42 12.48 -36.31
C VAL N 231 -80.86 12.38 -36.85
N ALA N 232 -81.02 12.47 -38.17
CA ALA N 232 -82.26 12.09 -38.85
C ALA N 232 -82.46 10.57 -38.83
N ASN N 233 -82.88 10.03 -37.67
CA ASN N 233 -83.32 8.65 -37.50
C ASN N 233 -82.28 7.62 -38.01
N GLY N 234 -81.03 7.72 -37.57
CA GLY N 234 -79.93 6.83 -37.96
C GLY N 234 -79.31 7.10 -39.34
N ILE N 235 -79.85 8.05 -40.13
CA ILE N 235 -79.30 8.43 -41.44
C ILE N 235 -78.11 9.38 -41.23
N VAL N 236 -76.92 8.80 -41.11
CA VAL N 236 -75.63 9.47 -41.27
C VAL N 236 -74.99 9.04 -42.60
N ARG N 237 -74.49 9.99 -43.41
CA ARG N 237 -73.99 9.72 -44.78
C ARG N 237 -72.49 9.99 -44.92
N PRO N 238 -71.67 8.97 -45.30
CA PRO N 238 -70.30 9.17 -45.73
C PRO N 238 -70.22 9.51 -47.23
N ILE N 239 -69.20 10.26 -47.63
CA ILE N 239 -68.91 10.60 -49.03
C ILE N 239 -67.41 10.80 -49.26
N MET N 240 -66.97 10.62 -50.51
CA MET N 240 -65.56 10.77 -50.90
C MET N 240 -65.35 12.08 -51.68
N MET N 241 -64.37 12.88 -51.25
CA MET N 241 -64.07 14.21 -51.80
C MET N 241 -62.64 14.21 -52.37
N ASP N 242 -62.49 13.64 -53.56
CA ASP N 242 -61.20 13.42 -54.23
C ASP N 242 -60.14 12.77 -53.32
N ASN N 243 -60.50 11.59 -52.79
CA ASN N 243 -59.78 10.76 -51.82
C ASN N 243 -59.65 11.31 -50.39
N ARG N 244 -60.18 12.51 -50.07
CA ARG N 244 -60.56 12.82 -48.68
C ARG N 244 -61.83 12.05 -48.29
N LEU N 245 -62.04 11.83 -46.99
CA LEU N 245 -63.26 11.24 -46.44
C LEU N 245 -64.08 12.29 -45.70
N TYR N 246 -65.35 12.41 -46.06
CA TYR N 246 -66.31 13.37 -45.53
C TYR N 246 -67.54 12.63 -45.00
N ILE N 247 -68.21 13.22 -44.01
CA ILE N 247 -69.40 12.69 -43.33
C ILE N 247 -70.43 13.84 -43.16
N SER N 248 -71.72 13.52 -43.06
CA SER N 248 -72.78 14.53 -42.93
C SER N 248 -74.04 14.07 -42.18
N TRP N 249 -74.78 15.06 -41.65
CA TRP N 249 -76.03 14.88 -40.90
C TRP N 249 -77.12 15.86 -41.35
N PHE N 250 -78.37 15.46 -41.16
CA PHE N 250 -79.55 16.32 -41.20
C PHE N 250 -80.15 16.46 -39.79
N GLU N 251 -80.31 17.70 -39.30
CA GLU N 251 -80.89 17.99 -37.99
C GLU N 251 -82.43 17.86 -37.99
N VAL N 252 -82.97 17.09 -37.06
CA VAL N 252 -84.42 17.02 -36.81
C VAL N 252 -84.72 17.73 -35.50
N ALA N 253 -85.58 18.76 -35.56
CA ALA N 253 -85.79 19.72 -34.48
C ALA N 253 -87.23 20.22 -34.42
N GLU N 254 -87.62 20.75 -33.27
CA GLU N 254 -88.89 21.46 -33.09
C GLU N 254 -88.73 22.72 -32.24
N GLU N 255 -89.47 23.76 -32.60
CA GLU N 255 -89.75 24.95 -31.80
C GLU N 255 -91.15 25.45 -32.18
N LYS N 256 -91.86 26.18 -31.30
CA LYS N 256 -93.19 26.70 -31.65
C LYS N 256 -93.10 27.92 -32.58
N GLU N 257 -93.84 27.92 -33.70
CA GLU N 257 -94.24 29.15 -34.40
C GLU N 257 -95.32 29.92 -33.61
N THR N 258 -94.98 30.39 -32.41
CA THR N 258 -95.93 31.02 -31.47
C THR N 258 -96.49 32.33 -32.01
N ASP N 259 -97.81 32.39 -32.15
CA ASP N 259 -98.57 33.63 -32.41
C ASP N 259 -98.76 34.45 -31.12
N SER N 260 -98.92 35.77 -31.22
CA SER N 260 -99.14 36.66 -30.07
C SER N 260 -100.43 36.33 -29.30
N ASP N 261 -101.49 35.95 -30.02
CA ASP N 261 -102.76 35.45 -29.44
C ASP N 261 -102.68 33.98 -28.95
N GLY N 262 -101.57 33.29 -29.22
CA GLY N 262 -101.47 31.82 -29.15
C GLY N 262 -102.15 31.12 -30.34
N ASN N 263 -101.61 29.98 -30.75
CA ASN N 263 -102.04 29.22 -31.93
C ASN N 263 -101.77 27.71 -31.77
N ILE N 264 -102.51 26.88 -32.50
CA ILE N 264 -102.31 25.41 -32.56
C ILE N 264 -101.35 24.98 -33.69
N ILE N 265 -101.33 25.70 -34.82
CA ILE N 265 -100.53 25.38 -36.02
C ILE N 265 -99.10 25.92 -35.88
N VAL N 266 -98.37 25.44 -34.86
CA VAL N 266 -97.04 25.92 -34.45
C VAL N 266 -95.88 25.41 -35.33
N SER N 267 -96.13 25.15 -36.62
CA SER N 267 -95.31 24.30 -37.51
C SER N 267 -95.29 24.81 -38.96
N GLY N 268 -94.22 24.48 -39.71
CA GLY N 268 -94.02 24.92 -41.10
C GLY N 268 -92.55 25.10 -41.47
N ARG N 269 -91.94 26.20 -41.02
CA ARG N 269 -90.51 26.51 -41.15
C ARG N 269 -89.85 26.59 -39.78
N TYR N 270 -88.83 25.77 -39.56
CA TYR N 270 -87.98 25.73 -38.36
C TYR N 270 -86.52 25.94 -38.76
N ARG N 271 -85.69 26.45 -37.84
CA ARG N 271 -84.23 26.51 -38.01
C ARG N 271 -83.59 25.13 -37.79
N THR N 272 -84.00 24.16 -38.62
CA THR N 272 -83.22 22.95 -38.90
C THR N 272 -81.90 23.36 -39.61
N LYS N 273 -80.91 22.47 -39.59
CA LYS N 273 -79.58 22.67 -40.20
C LYS N 273 -79.11 21.38 -40.87
N ILE N 274 -78.12 21.51 -41.74
CA ILE N 274 -77.41 20.36 -42.32
C ILE N 274 -75.93 20.61 -42.05
N ARG N 275 -75.24 19.56 -41.60
CA ARG N 275 -73.90 19.63 -41.06
C ARG N 275 -72.98 18.68 -41.83
N LEU N 276 -71.73 19.08 -42.00
CA LEU N 276 -70.66 18.39 -42.69
C LEU N 276 -69.48 18.20 -41.73
N ALA N 277 -68.69 17.15 -41.93
CA ALA N 277 -67.42 16.92 -41.26
C ALA N 277 -66.41 16.24 -42.21
N HIS N 278 -65.12 16.33 -41.90
CA HIS N 278 -64.08 15.53 -42.54
C HIS N 278 -63.00 15.12 -41.55
N LEU N 279 -62.28 14.04 -41.82
CA LEU N 279 -61.16 13.58 -40.99
C LEU N 279 -59.83 13.97 -41.64
N GLY N 280 -58.96 14.58 -40.85
CA GLY N 280 -57.67 15.15 -41.28
C GLY N 280 -56.57 14.10 -41.50
N PHE N 281 -55.34 14.56 -41.74
CA PHE N 281 -54.22 13.71 -42.13
C PHE N 281 -53.72 12.76 -41.02
N ASP N 282 -54.21 12.87 -39.78
CA ASP N 282 -53.97 11.89 -38.69
C ASP N 282 -55.24 11.17 -38.19
N GLY N 283 -56.38 11.36 -38.86
CA GLY N 283 -57.67 10.75 -38.50
C GLY N 283 -58.55 11.54 -37.52
N VAL N 284 -58.08 12.64 -36.94
CA VAL N 284 -58.91 13.53 -36.10
C VAL N 284 -59.77 14.45 -36.99
N TRP N 285 -61.01 14.74 -36.58
CA TRP N 285 -61.91 15.67 -37.29
C TRP N 285 -61.61 17.14 -36.99
N SER N 286 -62.03 18.04 -37.87
CA SER N 286 -61.88 19.50 -37.68
C SER N 286 -62.96 20.34 -38.37
N SER N 287 -63.15 20.17 -39.69
CA SER N 287 -64.17 20.87 -40.50
C SER N 287 -65.61 20.38 -40.27
N GLY N 288 -66.02 20.20 -39.00
CA GLY N 288 -67.37 19.83 -38.55
C GLY N 288 -68.39 20.97 -38.68
N THR N 289 -68.40 21.66 -39.83
CA THR N 289 -69.10 22.94 -40.06
C THR N 289 -70.56 22.77 -40.49
N THR N 290 -71.30 23.89 -40.51
CA THR N 290 -72.72 23.95 -40.86
C THR N 290 -72.94 24.88 -42.05
N LEU N 291 -72.83 24.35 -43.27
CA LEU N 291 -73.21 25.06 -44.50
C LEU N 291 -74.73 25.29 -44.60
N ARG N 292 -75.53 24.30 -44.16
CA ARG N 292 -77.01 24.30 -44.16
C ARG N 292 -77.69 24.83 -45.44
N GLU N 293 -77.16 24.46 -46.61
CA GLU N 293 -77.79 24.68 -47.93
C GLU N 293 -79.25 24.17 -47.90
N GLU N 294 -80.20 25.08 -48.06
CA GLU N 294 -81.55 24.93 -47.51
C GLU N 294 -82.50 24.00 -48.27
N VAL N 295 -83.46 23.40 -47.56
CA VAL N 295 -84.60 22.67 -48.14
C VAL N 295 -85.61 23.66 -48.76
N LEU N 296 -85.38 24.06 -50.02
CA LEU N 296 -86.13 25.09 -50.77
C LEU N 296 -87.61 24.74 -51.13
N ALA N 297 -88.33 24.03 -50.26
CA ALA N 297 -89.72 23.62 -50.46
C ALA N 297 -90.52 23.64 -49.13
N ASP N 298 -91.86 23.73 -49.24
CA ASP N 298 -92.77 23.94 -48.10
C ASP N 298 -92.79 22.78 -47.08
N GLN N 299 -93.01 23.12 -45.80
CA GLN N 299 -93.10 22.23 -44.63
C GLN N 299 -91.89 21.29 -44.49
N MET N 300 -90.88 21.74 -43.73
CA MET N 300 -89.84 20.85 -43.17
C MET N 300 -90.43 20.04 -41.99
N GLU N 301 -89.63 19.53 -41.05
CA GLU N 301 -90.02 18.55 -40.01
C GLU N 301 -90.37 17.15 -40.56
N GLU N 302 -90.96 17.09 -41.75
CA GLU N 302 -91.23 15.87 -42.52
C GLU N 302 -89.95 15.07 -42.80
N MET N 303 -90.03 13.73 -42.69
CA MET N 303 -88.98 12.82 -43.11
C MET N 303 -88.81 12.86 -44.64
N ILE N 304 -87.61 13.23 -45.09
CA ILE N 304 -87.23 13.37 -46.51
C ILE N 304 -85.84 12.77 -46.81
N ALA N 305 -85.26 12.02 -45.87
CA ALA N 305 -83.87 11.52 -45.88
C ALA N 305 -82.81 12.64 -46.06
N VAL N 306 -81.54 12.27 -46.18
CA VAL N 306 -80.54 13.10 -46.88
C VAL N 306 -79.64 12.18 -47.72
N VAL N 307 -79.32 12.60 -48.94
CA VAL N 307 -78.81 11.74 -50.03
C VAL N 307 -77.82 12.50 -50.92
N ASP N 308 -76.95 11.81 -51.64
CA ASP N 308 -76.30 12.36 -52.85
C ASP N 308 -76.04 11.28 -53.93
N ARG N 309 -75.95 11.71 -55.20
CA ARG N 309 -75.64 10.92 -56.41
C ARG N 309 -74.57 11.63 -57.26
N MET N 310 -73.42 11.95 -56.63
CA MET N 310 -72.38 12.83 -57.21
C MET N 310 -71.84 12.30 -58.56
N GLU N 311 -71.57 13.20 -59.52
CA GLU N 311 -71.11 12.84 -60.87
C GLU N 311 -70.08 13.81 -61.49
N ASP N 312 -70.18 15.12 -61.23
CA ASP N 312 -69.25 16.14 -61.74
C ASP N 312 -69.11 17.35 -60.80
N GLU N 313 -67.98 18.04 -60.90
CA GLU N 313 -67.51 19.18 -60.09
C GLU N 313 -67.59 18.99 -58.56
N PRO N 314 -66.50 18.55 -57.91
CA PRO N 314 -66.46 18.29 -56.47
C PRO N 314 -66.89 19.47 -55.58
N ARG N 315 -66.58 20.73 -55.92
CA ARG N 315 -67.01 21.89 -55.09
C ARG N 315 -68.50 22.23 -55.23
N LEU N 316 -69.25 21.48 -56.04
CA LEU N 316 -70.71 21.53 -56.18
C LEU N 316 -71.39 20.21 -55.78
N ALA N 317 -70.76 19.39 -54.93
CA ALA N 317 -71.31 18.14 -54.38
C ALA N 317 -72.42 18.33 -53.31
N LEU N 318 -73.38 19.23 -53.57
CA LEU N 318 -74.49 19.56 -52.66
C LEU N 318 -75.46 18.37 -52.47
N VAL N 319 -76.10 18.31 -51.29
CA VAL N 319 -77.02 17.23 -50.88
C VAL N 319 -78.34 17.20 -51.66
N ALA N 320 -79.14 16.16 -51.41
CA ALA N 320 -80.44 15.88 -52.01
C ALA N 320 -81.41 15.24 -50.99
N PHE N 321 -82.71 15.25 -51.32
CA PHE N 321 -83.80 14.76 -50.47
C PHE N 321 -84.77 13.87 -51.26
N LYS N 322 -85.25 12.78 -50.65
CA LYS N 322 -86.02 11.70 -51.29
C LYS N 322 -87.55 11.94 -51.32
N GLU N 323 -88.05 12.99 -50.65
CA GLU N 323 -89.46 13.40 -50.65
C GLU N 323 -89.62 14.92 -50.51
N MET N 324 -90.74 15.46 -50.97
CA MET N 324 -91.34 16.73 -50.51
C MET N 324 -92.86 16.65 -50.64
N SER N 325 -93.56 16.71 -49.50
CA SER N 325 -95.02 16.71 -49.33
C SER N 325 -95.76 15.44 -49.78
N GLU N 326 -95.65 15.05 -51.06
CA GLU N 326 -96.42 13.96 -51.65
C GLU N 326 -95.80 13.36 -52.93
N SER N 327 -95.15 14.16 -53.78
CA SER N 327 -94.50 13.66 -55.01
C SER N 327 -93.50 14.63 -55.64
N TRP N 328 -93.81 15.92 -55.70
CA TRP N 328 -93.06 16.90 -56.50
C TRP N 328 -91.64 17.19 -55.95
N ASP N 329 -90.76 17.62 -56.83
CA ASP N 329 -89.34 17.94 -56.57
C ASP N 329 -89.14 19.36 -56.02
N VAL N 330 -87.87 19.73 -55.81
CA VAL N 330 -87.41 21.04 -55.31
C VAL N 330 -86.39 21.67 -56.28
N VAL N 331 -86.39 23.01 -56.40
CA VAL N 331 -85.50 23.78 -57.32
C VAL N 331 -84.01 23.72 -56.96
N PHE N 332 -83.70 23.24 -55.75
CA PHE N 332 -82.37 23.02 -55.20
C PHE N 332 -81.54 22.01 -56.01
N ARG N 523 -75.93 7.86 -68.11
CA ARG N 523 -76.13 7.29 -66.77
C ARG N 523 -76.58 5.82 -66.82
N ASP N 524 -76.56 5.16 -65.67
CA ASP N 524 -76.95 3.75 -65.45
C ASP N 524 -77.21 3.50 -63.95
N LYS N 525 -77.86 2.37 -63.62
CA LYS N 525 -78.10 1.90 -62.24
C LYS N 525 -77.79 0.41 -62.07
N PHE N 526 -77.60 -0.04 -60.83
CA PHE N 526 -77.20 -1.41 -60.49
C PHE N 526 -77.82 -1.88 -59.17
N GLN N 527 -78.08 -3.18 -59.02
CA GLN N 527 -78.61 -3.79 -57.79
C GLN N 527 -77.54 -4.01 -56.70
N ILE N 528 -76.81 -2.95 -56.34
CA ILE N 528 -75.97 -2.89 -55.14
C ILE N 528 -76.88 -2.43 -53.99
N LYS N 529 -77.61 -3.37 -53.38
CA LYS N 529 -78.89 -3.10 -52.68
C LYS N 529 -79.01 -3.83 -51.34
N GLN N 530 -79.98 -3.37 -50.53
CA GLN N 530 -80.50 -4.05 -49.33
C GLN N 530 -80.86 -5.52 -49.59
N PHE N 531 -80.89 -6.35 -48.54
CA PHE N 531 -80.98 -7.80 -48.66
C PHE N 531 -81.73 -8.47 -47.50
N SER N 532 -82.22 -9.69 -47.76
CA SER N 532 -82.99 -10.52 -46.84
C SER N 532 -82.19 -10.93 -45.57
N GLN N 533 -82.83 -11.68 -44.67
CA GLN N 533 -82.56 -11.71 -43.22
C GLN N 533 -81.09 -11.85 -42.80
N THR N 534 -80.21 -12.54 -43.54
CA THR N 534 -78.77 -12.68 -43.23
C THR N 534 -77.91 -11.46 -43.63
N GLN N 535 -78.51 -10.31 -43.97
CA GLN N 535 -77.88 -8.97 -44.04
C GLN N 535 -76.73 -8.76 -45.06
N TYR N 536 -76.43 -9.71 -45.95
CA TYR N 536 -75.20 -9.68 -46.75
C TYR N 536 -75.13 -8.66 -47.91
N LEU N 537 -76.19 -7.87 -48.15
CA LEU N 537 -76.45 -7.06 -49.35
C LEU N 537 -76.51 -7.87 -50.66
N GLN N 538 -77.28 -7.35 -51.62
CA GLN N 538 -77.35 -7.87 -52.98
C GLN N 538 -76.07 -7.49 -53.76
N PHE N 539 -75.62 -8.39 -54.63
CA PHE N 539 -74.55 -8.13 -55.59
C PHE N 539 -75.15 -8.02 -57.01
N PRO N 540 -74.80 -7.00 -57.81
CA PRO N 540 -75.62 -6.60 -58.96
C PRO N 540 -75.53 -7.50 -60.20
N GLU N 541 -74.51 -8.36 -60.34
CA GLU N 541 -74.32 -9.16 -61.55
C GLU N 541 -73.70 -10.54 -61.30
N ALA N 542 -74.16 -11.57 -62.03
CA ALA N 542 -73.64 -12.93 -61.96
C ALA N 542 -72.30 -13.05 -62.72
N SER N 543 -72.23 -12.48 -63.93
CA SER N 543 -70.98 -12.25 -64.66
C SER N 543 -70.10 -11.13 -64.05
N SER N 544 -70.30 -10.83 -62.77
CA SER N 544 -69.54 -9.91 -61.91
C SER N 544 -69.64 -8.41 -62.24
N ALA N 545 -69.59 -7.60 -61.18
CA ALA N 545 -69.37 -6.16 -61.25
C ALA N 545 -67.89 -5.79 -61.51
N ASP N 546 -66.98 -6.77 -61.40
CA ASP N 546 -65.53 -6.63 -61.47
C ASP N 546 -64.90 -7.65 -62.46
N VAL N 547 -63.56 -7.76 -62.45
CA VAL N 547 -62.75 -8.38 -63.52
C VAL N 547 -63.19 -9.80 -63.88
N TRP N 548 -63.45 -10.65 -62.89
CA TRP N 548 -63.79 -12.06 -63.08
C TRP N 548 -65.13 -12.44 -62.45
N TYR N 549 -65.78 -13.44 -63.03
CA TYR N 549 -67.17 -13.88 -62.92
C TYR N 549 -67.55 -14.53 -61.56
N ILE N 550 -67.27 -13.86 -60.44
CA ILE N 550 -67.46 -14.33 -59.06
C ILE N 550 -68.91 -14.66 -58.62
N GLY N 551 -69.93 -14.46 -59.48
CA GLY N 551 -71.34 -14.71 -59.15
C GLY N 551 -71.97 -13.60 -58.30
N LYS N 552 -73.31 -13.54 -58.28
CA LYS N 552 -74.10 -12.52 -57.57
C LYS N 552 -74.24 -12.79 -56.05
N GLN N 553 -73.15 -13.22 -55.42
CA GLN N 553 -73.11 -13.70 -54.04
C GLN N 553 -71.94 -13.09 -53.25
N ILE N 554 -72.21 -12.72 -51.99
CA ILE N 554 -71.24 -12.19 -51.01
C ILE N 554 -71.66 -12.59 -49.58
N ARG N 555 -70.72 -12.56 -48.62
CA ARG N 555 -70.97 -12.63 -47.15
C ARG N 555 -70.31 -11.45 -46.44
N LEU N 556 -70.89 -11.02 -45.32
CA LEU N 556 -70.45 -9.88 -44.50
C LEU N 556 -70.41 -10.25 -43.01
N ASN N 557 -71.55 -10.17 -42.31
CA ASN N 557 -71.67 -10.44 -40.87
C ASN N 557 -71.44 -11.91 -40.48
N THR N 558 -71.41 -12.23 -39.18
CA THR N 558 -71.35 -13.59 -38.63
C THR N 558 -72.13 -13.71 -37.32
N LEU N 559 -72.63 -14.91 -37.01
CA LEU N 559 -73.36 -15.24 -35.77
C LEU N 559 -72.43 -15.75 -34.65
N PHE N 560 -71.09 -15.77 -34.86
CA PHE N 560 -70.12 -16.45 -34.00
C PHE N 560 -70.26 -16.17 -32.50
N ALA N 561 -70.58 -14.94 -32.09
CA ALA N 561 -70.78 -14.61 -30.68
C ALA N 561 -71.85 -15.50 -30.01
N LYS N 562 -72.96 -15.79 -30.70
CA LYS N 562 -74.03 -16.67 -30.20
C LYS N 562 -73.57 -18.13 -30.03
N GLU N 563 -72.53 -18.56 -30.73
CA GLU N 563 -71.86 -19.85 -30.50
C GLU N 563 -70.80 -19.79 -29.39
N LEU N 564 -70.18 -18.62 -29.20
CA LEU N 564 -69.06 -18.42 -28.29
C LEU N 564 -69.47 -18.14 -26.84
N ILE N 565 -70.49 -17.30 -26.61
CA ILE N 565 -70.88 -16.79 -25.28
C ILE N 565 -71.00 -17.91 -24.24
N GLY N 566 -71.70 -18.99 -24.59
CA GLY N 566 -71.79 -20.17 -23.75
C GLY N 566 -70.41 -20.73 -23.48
N LYS N 567 -69.75 -21.27 -24.50
CA LYS N 567 -68.48 -22.00 -24.36
C LYS N 567 -67.39 -21.18 -23.64
N ALA N 568 -67.26 -19.90 -23.95
CA ALA N 568 -66.28 -19.00 -23.34
C ALA N 568 -66.59 -18.64 -21.88
N SER N 569 -67.87 -18.54 -21.49
CA SER N 569 -68.25 -18.39 -20.08
C SER N 569 -68.09 -19.69 -19.28
N ARG N 570 -68.03 -20.86 -19.94
CA ARG N 570 -67.68 -22.14 -19.29
C ARG N 570 -66.18 -22.23 -19.04
N SER N 571 -65.31 -22.17 -20.06
CA SER N 571 -63.88 -21.94 -19.82
C SER N 571 -63.14 -21.42 -21.04
N LEU N 572 -61.96 -20.84 -20.81
CA LEU N 572 -60.92 -20.58 -21.81
C LEU N 572 -60.41 -21.88 -22.45
N ASP N 573 -60.25 -22.93 -21.64
CA ASP N 573 -59.77 -24.24 -22.06
C ASP N 573 -60.66 -24.91 -23.12
N LEU N 574 -61.97 -24.62 -23.13
CA LEU N 574 -62.91 -25.00 -24.19
C LEU N 574 -62.81 -24.14 -25.46
N VAL N 575 -62.42 -22.86 -25.37
CA VAL N 575 -62.20 -22.00 -26.55
C VAL N 575 -60.97 -22.47 -27.32
N LEU N 576 -59.87 -22.78 -26.63
CA LEU N 576 -58.66 -23.36 -27.22
C LEU N 576 -58.79 -24.90 -27.36
N SER N 577 -59.99 -25.36 -27.75
CA SER N 577 -60.28 -26.71 -28.23
C SER N 577 -60.64 -26.68 -29.71
N TRP N 578 -59.95 -27.49 -30.51
CA TRP N 578 -60.20 -27.68 -31.94
C TRP N 578 -61.67 -28.09 -32.20
N GLU N 579 -62.29 -28.82 -31.28
CA GLU N 579 -63.70 -29.18 -31.41
C GLU N 579 -64.65 -27.98 -31.27
N THR N 580 -64.32 -26.99 -30.45
CA THR N 580 -65.08 -25.73 -30.36
C THR N 580 -64.90 -24.90 -31.62
N GLN N 581 -63.68 -24.83 -32.13
CA GLN N 581 -63.34 -24.04 -33.32
C GLN N 581 -64.13 -24.48 -34.56
N ASN N 582 -64.66 -25.71 -34.61
CA ASN N 582 -65.37 -26.28 -35.76
C ASN N 582 -66.91 -26.12 -35.72
N SER N 583 -67.41 -25.21 -34.87
CA SER N 583 -68.84 -24.91 -34.69
C SER N 583 -69.52 -24.39 -35.98
N ARG N 584 -70.83 -24.65 -36.12
CA ARG N 584 -71.68 -24.37 -37.31
C ARG N 584 -72.29 -22.95 -37.34
N LEU N 585 -72.59 -22.44 -38.55
CA LEU N 585 -73.35 -21.21 -38.85
C LEU N 585 -74.48 -21.50 -39.86
N GLU N 586 -75.10 -20.51 -40.51
CA GLU N 586 -76.13 -20.75 -41.55
C GLU N 586 -76.06 -19.75 -42.72
N GLU N 587 -76.60 -20.14 -43.88
CA GLU N 587 -76.46 -19.44 -45.17
C GLU N 587 -77.70 -19.57 -46.09
N ALA N 588 -78.71 -20.36 -45.73
CA ALA N 588 -79.85 -20.72 -46.61
C ALA N 588 -80.58 -19.59 -47.37
N ILE N 589 -80.61 -18.38 -46.80
CA ILE N 589 -81.16 -17.15 -47.40
C ILE N 589 -80.45 -16.73 -48.71
N LEU N 590 -79.13 -16.91 -48.85
CA LEU N 590 -78.42 -16.66 -50.12
C LEU N 590 -78.37 -17.90 -51.05
N GLY N 591 -78.88 -19.05 -50.60
CA GLY N 591 -78.84 -20.31 -51.33
C GLY N 591 -77.53 -21.11 -51.17
N GLY N 592 -77.00 -21.21 -49.95
CA GLY N 592 -75.93 -22.17 -49.61
C GLY N 592 -76.07 -22.69 -48.17
N ALA N 593 -75.04 -23.37 -47.64
CA ALA N 593 -75.02 -23.74 -46.22
C ALA N 593 -73.64 -23.51 -45.57
N ALA N 594 -73.60 -22.91 -44.37
CA ALA N 594 -72.36 -22.60 -43.63
C ALA N 594 -72.04 -23.65 -42.54
N GLU N 595 -71.66 -24.86 -42.96
CA GLU N 595 -71.44 -26.03 -42.10
C GLU N 595 -70.34 -25.87 -41.02
N LEU N 596 -69.52 -24.83 -41.09
CA LEU N 596 -68.68 -24.36 -39.99
C LEU N 596 -68.36 -22.88 -40.16
N ILE N 597 -67.85 -22.26 -39.09
CA ILE N 597 -67.24 -20.93 -39.12
C ILE N 597 -66.11 -20.91 -40.17
N ASP N 598 -66.26 -20.11 -41.21
CA ASP N 598 -65.30 -20.00 -42.31
C ASP N 598 -64.46 -18.73 -42.18
N LEU N 599 -63.14 -18.87 -42.34
CA LEU N 599 -62.14 -17.82 -42.14
C LEU N 599 -62.14 -16.75 -43.26
N ASP N 600 -63.30 -16.28 -43.71
CA ASP N 600 -63.46 -15.37 -44.86
C ASP N 600 -62.84 -13.99 -44.64
N GLY N 601 -62.06 -13.48 -45.61
CA GLY N 601 -61.20 -12.30 -45.45
C GLY N 601 -61.87 -11.03 -44.92
N ALA N 602 -63.16 -10.80 -45.22
CA ALA N 602 -63.92 -9.66 -44.69
C ALA N 602 -64.07 -9.65 -43.16
N ASN N 603 -63.88 -10.79 -42.48
CA ASN N 603 -64.05 -10.94 -41.02
C ASN N 603 -62.99 -11.86 -40.36
N GLY N 604 -62.20 -12.57 -41.15
CA GLY N 604 -61.40 -13.72 -40.72
C GLY N 604 -60.36 -13.44 -39.63
N ILE N 605 -59.81 -12.22 -39.65
CA ILE N 605 -58.77 -11.77 -38.73
C ILE N 605 -59.22 -11.94 -37.28
N TYR N 606 -60.49 -11.66 -36.98
CA TYR N 606 -61.03 -11.78 -35.63
C TYR N 606 -60.99 -13.21 -35.08
N PHE N 607 -61.01 -14.24 -35.93
CA PHE N 607 -60.77 -15.61 -35.47
C PHE N 607 -59.29 -15.80 -35.07
N TRP N 608 -58.36 -15.35 -35.90
CA TRP N 608 -56.90 -15.46 -35.72
C TRP N 608 -56.39 -14.68 -34.49
N GLU N 609 -56.93 -13.49 -34.30
CA GLU N 609 -56.64 -12.62 -33.17
C GLU N 609 -57.03 -13.32 -31.85
N LEU N 610 -58.21 -13.95 -31.84
CA LEU N 610 -58.74 -14.70 -30.69
C LEU N 610 -58.09 -16.09 -30.50
N PHE N 611 -57.88 -16.85 -31.58
CA PHE N 611 -57.37 -18.22 -31.57
C PHE N 611 -55.83 -18.35 -31.64
N PHE N 612 -55.08 -17.24 -31.67
CA PHE N 612 -53.61 -17.32 -31.70
C PHE N 612 -52.90 -16.23 -30.87
N HIS N 613 -53.24 -14.96 -31.07
CA HIS N 613 -52.39 -13.85 -30.60
C HIS N 613 -52.48 -13.56 -29.09
N MET N 614 -53.71 -13.62 -28.58
CA MET N 614 -54.00 -13.64 -27.15
C MET N 614 -53.31 -14.83 -26.45
N PRO N 615 -53.37 -16.08 -26.97
CA PRO N 615 -52.55 -17.18 -26.49
C PRO N 615 -51.04 -16.94 -26.53
N PHE N 616 -50.55 -16.22 -27.54
CA PHE N 616 -49.12 -16.01 -27.75
C PHE N 616 -48.48 -15.01 -26.76
N MET N 617 -49.03 -13.80 -26.59
CA MET N 617 -48.38 -12.71 -25.86
C MET N 617 -48.14 -13.02 -24.37
N VAL N 618 -49.08 -13.73 -23.76
CA VAL N 618 -48.96 -14.26 -22.40
C VAL N 618 -47.74 -15.18 -22.31
N SER N 619 -47.64 -16.14 -23.22
CA SER N 619 -46.52 -17.10 -23.24
C SER N 619 -45.17 -16.41 -23.48
N TRP N 620 -45.17 -15.34 -24.27
CA TRP N 620 -43.99 -14.52 -24.59
C TRP N 620 -43.47 -13.76 -23.35
N ARG N 621 -44.38 -13.13 -22.58
CA ARG N 621 -44.08 -12.45 -21.30
C ARG N 621 -43.56 -13.44 -20.23
N PHE N 622 -44.28 -14.54 -20.06
CA PHE N 622 -43.98 -15.57 -19.06
C PHE N 622 -42.64 -16.28 -19.32
N ASN N 623 -42.30 -16.54 -20.59
CA ASN N 623 -41.00 -17.12 -20.97
C ASN N 623 -39.85 -16.27 -20.44
N VAL N 624 -39.96 -14.96 -20.61
CA VAL N 624 -38.91 -14.03 -20.15
C VAL N 624 -38.84 -13.98 -18.63
N GLU N 625 -39.99 -13.82 -17.97
CA GLU N 625 -40.07 -13.47 -16.54
C GLU N 625 -39.98 -14.68 -15.58
N GLN N 626 -39.08 -15.62 -15.88
CA GLN N 626 -38.79 -16.84 -15.10
C GLN N 626 -40.00 -17.78 -14.89
N ARG N 627 -41.05 -17.64 -15.71
CA ARG N 627 -42.32 -18.39 -15.58
C ARG N 627 -42.43 -19.53 -16.61
N TYR N 628 -41.31 -20.21 -16.86
CA TYR N 628 -41.16 -21.18 -17.95
C TYR N 628 -42.27 -22.23 -18.03
N GLU N 629 -42.66 -22.85 -16.92
CA GLU N 629 -43.73 -23.86 -16.95
C GLU N 629 -45.13 -23.25 -17.13
N ASP N 630 -45.30 -21.97 -16.83
CA ASP N 630 -46.54 -21.23 -17.10
C ASP N 630 -46.60 -20.85 -18.58
N ALA N 631 -45.48 -20.44 -19.17
CA ALA N 631 -45.34 -20.27 -20.61
C ALA N 631 -45.65 -21.58 -21.36
N ASN N 632 -45.16 -22.72 -20.85
CA ASN N 632 -45.55 -24.04 -21.37
C ASN N 632 -47.07 -24.28 -21.28
N ARG N 633 -47.73 -23.96 -20.16
CA ARG N 633 -49.19 -24.11 -20.03
C ARG N 633 -49.98 -23.28 -21.04
N TRP N 634 -49.44 -22.16 -21.53
CA TRP N 634 -50.04 -21.43 -22.65
C TRP N 634 -49.64 -21.97 -24.02
N VAL N 635 -48.39 -22.38 -24.25
CA VAL N 635 -47.95 -23.00 -25.52
C VAL N 635 -48.71 -24.30 -25.81
N LYS N 636 -49.12 -25.03 -24.78
CA LYS N 636 -50.00 -26.21 -24.88
C LYS N 636 -51.38 -25.96 -25.46
N TYR N 637 -51.78 -24.71 -25.72
CA TYR N 637 -52.97 -24.42 -26.54
C TYR N 637 -52.69 -24.42 -28.05
N LEU N 638 -51.42 -24.27 -28.46
CA LEU N 638 -51.00 -24.39 -29.86
C LEU N 638 -50.59 -25.82 -30.22
N PHE N 639 -49.68 -26.41 -29.44
CA PHE N 639 -48.97 -27.65 -29.81
C PHE N 639 -48.75 -28.59 -28.62
N ASN N 640 -48.85 -29.91 -28.83
CA ASN N 640 -48.80 -30.91 -27.75
C ASN N 640 -47.95 -32.16 -28.05
N PRO N 641 -46.61 -32.03 -28.13
CA PRO N 641 -45.67 -33.16 -28.26
C PRO N 641 -45.51 -33.98 -26.95
N PHE N 642 -46.60 -34.15 -26.19
CA PHE N 642 -46.66 -34.89 -24.93
C PHE N 642 -47.98 -35.66 -24.73
N GLU N 643 -48.92 -35.62 -25.68
CA GLU N 643 -50.24 -36.27 -25.55
C GLU N 643 -50.65 -36.95 -26.87
N CYS N 644 -51.29 -38.12 -26.75
CA CYS N 644 -51.64 -39.03 -27.85
C CYS N 644 -52.97 -39.76 -27.59
N GLU N 645 -53.81 -39.17 -26.72
CA GLU N 645 -54.93 -39.85 -26.06
C GLU N 645 -56.05 -38.85 -25.68
N ASP N 646 -56.20 -37.78 -26.46
CA ASP N 646 -57.32 -36.83 -26.39
C ASP N 646 -58.69 -37.52 -26.62
N GLU N 647 -59.75 -36.84 -26.19
CA GLU N 647 -61.10 -37.38 -26.12
C GLU N 647 -61.80 -37.54 -27.49
N PRO N 648 -61.74 -36.58 -28.44
CA PRO N 648 -62.43 -36.70 -29.73
C PRO N 648 -61.63 -37.56 -30.73
N ALA N 649 -62.25 -38.59 -31.29
CA ALA N 649 -61.63 -39.44 -32.32
C ALA N 649 -61.18 -38.65 -33.56
N LEU N 650 -61.91 -37.59 -33.92
CA LEU N 650 -61.53 -36.68 -35.01
C LEU N 650 -60.31 -35.82 -34.66
N LEU N 651 -60.15 -35.43 -33.40
CA LEU N 651 -58.97 -34.70 -32.91
C LEU N 651 -57.74 -35.64 -32.78
N LEU N 652 -57.95 -36.89 -32.38
CA LEU N 652 -56.92 -37.93 -32.46
C LEU N 652 -56.45 -38.15 -33.91
N GLY N 653 -57.38 -38.13 -34.87
CA GLY N 653 -57.12 -38.36 -36.28
C GLY N 653 -56.42 -37.21 -37.01
N LYS N 654 -57.06 -36.04 -37.08
CA LYS N 654 -56.84 -35.10 -38.20
C LYS N 654 -55.65 -34.12 -38.04
N PRO N 655 -55.49 -33.35 -36.94
CA PRO N 655 -54.44 -32.31 -36.89
C PRO N 655 -52.99 -32.83 -36.98
N PRO N 656 -52.55 -33.89 -36.25
CA PRO N 656 -53.10 -34.41 -34.99
C PRO N 656 -52.53 -33.66 -33.76
N TYR N 657 -51.30 -33.11 -33.84
CA TYR N 657 -50.59 -32.49 -32.71
C TYR N 657 -50.94 -31.01 -32.46
N TRP N 658 -51.57 -30.36 -33.42
CA TRP N 658 -51.80 -28.91 -33.46
C TRP N 658 -53.24 -28.59 -33.08
N ASN N 659 -53.46 -27.61 -32.20
CA ASN N 659 -54.74 -27.44 -31.50
C ASN N 659 -55.41 -26.07 -31.71
N SER N 660 -54.82 -25.20 -32.55
CA SER N 660 -55.53 -24.07 -33.18
C SER N 660 -55.59 -24.30 -34.68
N ARG N 661 -56.80 -24.45 -35.26
CA ARG N 661 -56.94 -24.95 -36.64
C ARG N 661 -56.35 -24.06 -37.73
N PRO N 662 -56.23 -22.72 -37.61
CA PRO N 662 -55.58 -21.91 -38.64
C PRO N 662 -54.07 -22.21 -38.83
N LEU N 663 -53.46 -23.04 -37.97
CA LEU N 663 -52.13 -23.63 -38.20
C LEU N 663 -52.12 -24.80 -39.20
N VAL N 664 -53.27 -25.22 -39.72
CA VAL N 664 -53.43 -26.38 -40.62
C VAL N 664 -54.50 -26.16 -41.70
N ASP N 665 -55.55 -25.38 -41.42
CA ASP N 665 -56.74 -25.19 -42.27
C ASP N 665 -56.45 -24.46 -43.61
N GLU N 666 -57.34 -24.64 -44.58
CA GLU N 666 -57.20 -24.39 -46.04
C GLU N 666 -56.42 -23.12 -46.47
N PRO N 667 -55.15 -23.24 -46.93
CA PRO N 667 -54.37 -22.16 -47.54
C PRO N 667 -54.51 -22.14 -49.08
N PHE N 668 -54.08 -21.05 -49.75
CA PHE N 668 -53.77 -21.05 -51.20
C PHE N 668 -52.72 -19.99 -51.59
N LYS N 669 -51.92 -20.29 -52.63
CA LYS N 669 -50.96 -19.47 -53.42
C LYS N 669 -50.15 -18.35 -52.72
N GLY N 670 -50.79 -17.32 -52.18
CA GLY N 670 -50.15 -16.04 -51.81
C GLY N 670 -49.97 -15.05 -52.98
N TYR N 671 -50.71 -15.23 -54.08
CA TYR N 671 -50.48 -14.57 -55.37
C TYR N 671 -50.47 -13.03 -55.31
N SER N 672 -51.56 -12.37 -54.93
CA SER N 672 -51.76 -10.92 -55.15
C SER N 672 -50.97 -9.98 -54.21
N LEU N 673 -49.90 -10.46 -53.59
CA LEU N 673 -48.88 -9.68 -52.87
C LEU N 673 -47.45 -9.96 -53.39
N THR N 674 -47.34 -10.71 -54.49
CA THR N 674 -46.07 -11.15 -55.10
C THR N 674 -45.32 -10.01 -55.78
N GLN N 675 -45.99 -9.12 -56.53
CA GLN N 675 -45.31 -8.05 -57.28
C GLN N 675 -44.56 -7.01 -56.40
N PRO N 676 -44.98 -6.70 -55.14
CA PRO N 676 -44.16 -6.00 -54.15
C PRO N 676 -43.50 -6.93 -53.09
N SER N 677 -43.31 -8.23 -53.40
CA SER N 677 -42.94 -9.26 -52.41
C SER N 677 -41.73 -8.90 -51.53
N ASP N 678 -41.83 -9.30 -50.27
CA ASP N 678 -40.99 -8.95 -49.11
C ASP N 678 -41.23 -9.99 -47.99
N PRO N 679 -40.39 -10.08 -46.95
CA PRO N 679 -40.69 -10.90 -45.77
C PRO N 679 -42.00 -10.51 -45.06
N ASP N 680 -42.43 -9.24 -45.12
CA ASP N 680 -43.76 -8.77 -44.68
C ASP N 680 -44.93 -9.48 -45.40
N ALA N 681 -44.72 -10.06 -46.58
CA ALA N 681 -45.66 -10.94 -47.27
C ALA N 681 -45.44 -12.43 -46.91
N ILE N 682 -44.20 -12.91 -47.02
CA ILE N 682 -43.84 -14.34 -46.93
C ILE N 682 -43.96 -14.92 -45.50
N ALA N 683 -43.85 -14.11 -44.44
CA ALA N 683 -44.04 -14.54 -43.04
C ALA N 683 -45.45 -15.08 -42.71
N ALA N 684 -46.42 -14.92 -43.62
CA ALA N 684 -47.75 -15.52 -43.54
C ALA N 684 -48.29 -15.95 -44.94
N SER N 685 -47.44 -16.48 -45.84
CA SER N 685 -47.91 -17.11 -47.09
C SER N 685 -48.62 -18.44 -46.82
N ASP N 686 -48.07 -19.24 -45.89
CA ASP N 686 -48.48 -20.62 -45.56
C ASP N 686 -48.25 -20.90 -44.05
N PRO N 687 -48.99 -21.86 -43.45
CA PRO N 687 -48.88 -22.13 -42.02
C PRO N 687 -47.65 -22.97 -41.65
N ILE N 688 -47.01 -23.71 -42.57
CA ILE N 688 -45.99 -24.71 -42.19
C ILE N 688 -44.76 -24.05 -41.55
N HIS N 689 -44.22 -23.00 -42.17
CA HIS N 689 -43.06 -22.27 -41.59
C HIS N 689 -43.44 -21.45 -40.35
N TYR N 690 -44.70 -21.00 -40.27
CA TYR N 690 -45.21 -20.33 -39.08
C TYR N 690 -45.28 -21.32 -37.91
N ARG N 691 -45.76 -22.56 -38.12
CA ARG N 691 -45.79 -23.58 -37.07
C ARG N 691 -44.40 -24.11 -36.71
N LYS N 692 -43.46 -24.20 -37.66
CA LYS N 692 -42.05 -24.52 -37.36
C LYS N 692 -41.37 -23.42 -36.54
N ALA N 693 -41.81 -22.16 -36.65
CA ALA N 693 -41.40 -21.11 -35.73
C ALA N 693 -41.96 -21.32 -34.29
N VAL N 694 -43.17 -21.87 -34.11
CA VAL N 694 -43.66 -22.23 -32.77
C VAL N 694 -42.75 -23.28 -32.12
N PHE N 695 -42.30 -24.27 -32.91
CA PHE N 695 -41.31 -25.25 -32.46
C PHE N 695 -39.97 -24.62 -32.05
N ASN N 696 -39.49 -23.60 -32.77
CA ASN N 696 -38.27 -22.87 -32.41
C ASN N 696 -38.40 -22.12 -31.08
N PHE N 697 -39.55 -21.48 -30.82
CA PHE N 697 -39.80 -20.87 -29.51
C PHE N 697 -39.87 -21.91 -28.39
N LEU N 698 -40.57 -23.03 -28.63
CA LEU N 698 -40.71 -24.10 -27.65
C LEU N 698 -39.38 -24.76 -27.28
N THR N 699 -38.55 -25.11 -28.27
CA THR N 699 -37.24 -25.76 -28.02
C THR N 699 -36.31 -24.87 -27.20
N LYS N 700 -36.34 -23.55 -27.40
CA LYS N 700 -35.64 -22.60 -26.50
C LYS N 700 -36.15 -22.67 -25.07
N ASN N 701 -37.48 -22.67 -24.86
CA ASN N 701 -38.08 -22.60 -23.52
C ASN N 701 -37.64 -23.71 -22.56
N ILE N 702 -37.38 -24.94 -23.05
CA ILE N 702 -36.83 -26.02 -22.21
C ILE N 702 -35.41 -25.67 -21.74
N ILE N 703 -34.55 -25.19 -22.64
CA ILE N 703 -33.16 -24.85 -22.35
C ILE N 703 -33.06 -23.63 -21.43
N ASP N 704 -33.89 -22.64 -21.66
CA ASP N 704 -33.97 -21.42 -20.83
C ASP N 704 -34.27 -21.75 -19.35
N GLN N 705 -35.08 -22.79 -19.07
CA GLN N 705 -35.28 -23.30 -17.72
C GLN N 705 -34.12 -24.18 -17.25
N GLY N 706 -33.59 -25.07 -18.09
CA GLY N 706 -32.53 -26.00 -17.71
C GLY N 706 -31.31 -25.31 -17.09
N ASP N 707 -30.89 -24.19 -17.67
CA ASP N 707 -29.75 -23.42 -17.17
C ASP N 707 -29.99 -22.83 -15.77
N MET N 708 -31.24 -22.53 -15.41
CA MET N 708 -31.60 -22.03 -14.09
C MET N 708 -31.51 -23.11 -12.99
N GLU N 709 -31.47 -24.39 -13.37
CA GLU N 709 -31.12 -25.49 -12.46
C GLU N 709 -29.60 -25.66 -12.33
N TYR N 710 -28.84 -25.44 -13.41
CA TYR N 710 -27.38 -25.61 -13.42
C TYR N 710 -26.63 -24.49 -12.72
N ARG N 711 -27.04 -23.23 -12.88
CA ARG N 711 -26.38 -22.09 -12.22
C ARG N 711 -26.73 -22.02 -10.74
N LYS N 712 -25.77 -21.57 -9.92
CA LYS N 712 -25.81 -21.26 -8.47
C LYS N 712 -26.29 -22.35 -7.49
N LEU N 713 -26.89 -23.44 -7.94
CA LEU N 713 -27.29 -24.56 -7.08
C LEU N 713 -26.09 -25.48 -6.73
N GLN N 714 -26.37 -26.60 -6.06
CA GLN N 714 -25.42 -27.64 -5.59
C GLN N 714 -25.48 -28.92 -6.49
N PRO N 715 -24.45 -29.79 -6.52
CA PRO N 715 -24.26 -30.80 -7.56
C PRO N 715 -25.48 -31.67 -7.92
N SER N 716 -26.17 -32.30 -6.97
CA SER N 716 -27.32 -33.18 -7.31
C SER N 716 -28.57 -32.42 -7.80
N ALA N 717 -28.59 -31.09 -7.66
CA ALA N 717 -29.57 -30.21 -8.29
C ALA N 717 -29.06 -29.67 -9.63
N ARG N 718 -27.77 -29.31 -9.73
CA ARG N 718 -27.15 -28.83 -10.97
C ARG N 718 -27.22 -29.88 -12.07
N THR N 719 -26.84 -31.11 -11.74
CA THR N 719 -26.89 -32.27 -12.64
C THR N 719 -28.30 -32.65 -13.07
N LEU N 720 -29.34 -32.23 -12.32
CA LEU N 720 -30.73 -32.44 -12.69
C LEU N 720 -31.10 -31.75 -14.01
N ALA N 721 -30.38 -30.69 -14.40
CA ALA N 721 -30.51 -30.02 -15.69
C ALA N 721 -30.33 -30.98 -16.89
N ARG N 722 -29.59 -32.09 -16.72
CA ARG N 722 -29.44 -33.09 -17.77
C ARG N 722 -30.76 -33.77 -18.14
N LEU N 723 -31.73 -33.88 -17.22
CA LEU N 723 -33.10 -34.30 -17.50
C LEU N 723 -33.89 -33.31 -18.38
N SER N 724 -33.42 -32.06 -18.52
CA SER N 724 -33.95 -31.11 -19.50
C SER N 724 -33.17 -31.14 -20.81
N TYR N 725 -31.83 -31.16 -20.76
CA TYR N 725 -31.02 -31.20 -21.99
C TYR N 725 -31.29 -32.49 -22.79
N SER N 726 -31.53 -33.61 -22.10
CA SER N 726 -31.94 -34.88 -22.72
C SER N 726 -33.37 -34.89 -23.31
N THR N 727 -34.25 -33.94 -22.98
CA THR N 727 -35.52 -33.76 -23.72
C THR N 727 -35.37 -32.78 -24.87
N ALA N 728 -34.62 -31.70 -24.69
CA ALA N 728 -34.33 -30.75 -25.77
C ALA N 728 -33.63 -31.45 -26.94
N SER N 729 -32.62 -32.28 -26.65
CA SER N 729 -31.93 -33.10 -27.65
C SER N 729 -32.78 -34.25 -28.23
N SER N 730 -34.01 -34.47 -27.74
CA SER N 730 -35.00 -35.37 -28.39
C SER N 730 -35.89 -34.66 -29.42
N LEU N 731 -35.95 -33.32 -29.37
CA LEU N 731 -36.62 -32.47 -30.35
C LEU N 731 -35.61 -32.01 -31.42
N LEU N 732 -34.50 -31.45 -30.98
CA LEU N 732 -33.47 -30.88 -31.85
C LEU N 732 -32.57 -31.96 -32.45
N GLY N 733 -32.30 -31.83 -33.74
CA GLY N 733 -31.37 -32.70 -34.49
C GLY N 733 -29.89 -32.29 -34.39
N ARG N 734 -29.04 -33.01 -35.14
CA ARG N 734 -27.60 -32.77 -35.31
C ARG N 734 -27.34 -31.55 -36.20
N ASN N 795 -30.31 -20.38 -39.17
CA ASN N 795 -29.05 -20.27 -38.42
C ASN N 795 -29.26 -20.49 -36.91
N GLU N 796 -30.44 -20.12 -36.40
CA GLU N 796 -30.80 -20.27 -34.99
C GLU N 796 -30.79 -21.74 -34.54
N LEU N 797 -31.31 -22.67 -35.36
CA LEU N 797 -31.27 -24.10 -35.04
C LEU N 797 -29.84 -24.61 -34.84
N ARG N 798 -28.92 -24.21 -35.72
CA ARG N 798 -27.52 -24.63 -35.69
C ARG N 798 -26.74 -24.03 -34.51
N GLY N 799 -27.04 -22.79 -34.15
CA GLY N 799 -26.51 -22.19 -32.92
C GLY N 799 -27.08 -22.82 -31.64
N LEU N 800 -28.36 -23.19 -31.67
CA LEU N 800 -29.06 -23.79 -30.54
C LEU N 800 -28.55 -25.20 -30.25
N TRP N 801 -28.48 -26.08 -31.27
CA TRP N 801 -28.05 -27.45 -31.01
C TRP N 801 -26.57 -27.54 -30.62
N ASP N 802 -25.73 -26.65 -31.15
CA ASP N 802 -24.33 -26.59 -30.74
C ASP N 802 -24.15 -26.02 -29.31
N ARG N 803 -25.00 -25.07 -28.90
CA ARG N 803 -25.01 -24.59 -27.52
C ARG N 803 -25.34 -25.71 -26.54
N ILE N 804 -26.38 -26.51 -26.79
CA ILE N 804 -26.74 -27.59 -25.87
C ILE N 804 -25.68 -28.68 -25.85
N GLU N 805 -24.99 -28.95 -26.96
CA GLU N 805 -23.88 -29.90 -26.99
C GLU N 805 -22.69 -29.44 -26.12
N ASN N 806 -22.34 -28.16 -26.18
CA ASN N 806 -21.32 -27.56 -25.33
C ASN N 806 -21.72 -27.60 -23.85
N ARG N 807 -22.98 -27.29 -23.52
CA ARG N 807 -23.44 -27.28 -22.13
C ARG N 807 -23.54 -28.67 -21.53
N ILE N 808 -23.91 -29.68 -22.32
CA ILE N 808 -23.81 -31.10 -21.91
C ILE N 808 -22.36 -31.46 -21.62
N TYR N 809 -21.40 -31.10 -22.47
CA TYR N 809 -19.97 -31.36 -22.21
C TYR N 809 -19.51 -30.77 -20.87
N ASN N 810 -19.90 -29.52 -20.58
CA ASN N 810 -19.61 -28.87 -19.31
C ASN N 810 -20.24 -29.60 -18.12
N LEU N 811 -21.52 -29.96 -18.20
CA LEU N 811 -22.22 -30.70 -17.14
C LEU N 811 -21.62 -32.10 -16.94
N ARG N 812 -21.15 -32.74 -18.02
CA ARG N 812 -20.53 -34.06 -18.02
C ARG N 812 -19.15 -34.08 -17.38
N HIS N 813 -18.38 -32.98 -17.48
CA HIS N 813 -17.24 -32.73 -16.58
C HIS N 813 -17.67 -32.32 -15.16
N ASN N 814 -18.79 -31.62 -15.03
CA ASN N 814 -19.37 -30.98 -13.84
C ASN N 814 -18.47 -29.92 -13.19
N LEU N 815 -17.32 -30.34 -12.68
CA LEU N 815 -16.52 -29.68 -11.64
C LEU N 815 -15.90 -28.33 -12.05
N THR N 816 -16.09 -27.91 -13.30
CA THR N 816 -15.74 -26.59 -13.82
C THR N 816 -16.78 -25.53 -13.45
N LEU N 817 -18.06 -25.78 -13.73
CA LEU N 817 -19.09 -24.73 -13.89
C LEU N 817 -18.70 -23.68 -14.94
N ASP N 818 -17.98 -24.13 -15.98
CA ASP N 818 -17.16 -23.35 -16.94
C ASP N 818 -16.03 -22.49 -16.32
N GLY N 819 -15.97 -22.41 -14.99
CA GLY N 819 -14.84 -21.97 -14.19
C GLY N 819 -13.99 -23.17 -13.73
N LYS N 820 -13.61 -23.17 -12.44
CA LYS N 820 -12.71 -24.18 -11.83
C LYS N 820 -13.05 -24.41 -10.32
N GLU N 821 -14.29 -24.83 -9.95
CA GLU N 821 -14.73 -24.90 -8.52
C GLU N 821 -13.80 -25.73 -7.62
N ILE N 822 -13.57 -27.01 -7.97
CA ILE N 822 -13.01 -28.01 -7.04
C ILE N 822 -11.52 -27.79 -6.73
N ASN N 823 -10.67 -27.64 -7.75
CA ASN N 823 -9.20 -27.62 -7.59
C ASN N 823 -8.62 -26.23 -7.89
N MET N 824 -7.97 -25.63 -6.90
CA MET N 824 -7.37 -24.29 -6.96
C MET N 824 -6.36 -24.09 -5.81
N ASP N 825 -5.52 -23.05 -5.92
CA ASP N 825 -4.57 -22.53 -4.90
C ASP N 825 -3.50 -23.51 -4.33
N LEU N 826 -3.51 -24.79 -4.72
CA LEU N 826 -2.55 -25.81 -4.32
C LEU N 826 -1.11 -25.47 -4.75
N TYR N 827 -0.12 -25.78 -3.91
CA TYR N 827 1.31 -25.53 -4.20
C TYR N 827 2.23 -26.59 -3.55
N ASP N 828 3.46 -26.72 -4.07
CA ASP N 828 4.37 -27.86 -3.88
C ASP N 828 5.82 -27.43 -3.56
N SER N 829 6.80 -28.30 -3.84
CA SER N 829 8.24 -28.10 -3.58
C SER N 829 8.61 -28.00 -2.07
N SER N 830 9.86 -27.66 -1.76
CA SER N 830 10.52 -27.76 -0.44
C SER N 830 10.64 -29.20 0.10
N ILE N 831 10.69 -30.19 -0.80
CA ILE N 831 10.45 -31.61 -0.48
C ILE N 831 11.68 -32.40 0.01
N SER N 832 12.92 -32.02 -0.32
CA SER N 832 14.08 -32.93 -0.18
C SER N 832 15.34 -32.27 0.42
N PRO N 833 16.03 -32.97 1.35
CA PRO N 833 17.45 -32.78 1.68
C PRO N 833 18.40 -33.24 0.54
N ARG N 834 19.70 -33.30 0.85
CA ARG N 834 20.81 -33.76 -0.03
C ARG N 834 21.91 -34.42 0.82
N GLY N 835 22.75 -35.27 0.21
CA GLY N 835 23.91 -35.88 0.85
C GLY N 835 25.05 -34.90 1.18
N LEU N 836 26.21 -35.44 1.60
CA LEU N 836 27.37 -34.69 2.09
C LEU N 836 28.71 -35.31 1.65
N MET N 837 29.80 -34.52 1.72
CA MET N 837 31.17 -35.04 1.61
C MET N 837 31.61 -35.70 2.92
N LYS N 838 31.36 -37.02 3.07
CA LYS N 838 31.84 -37.83 4.20
C LYS N 838 33.35 -38.14 4.06
N GLN N 839 34.17 -37.10 4.02
CA GLN N 839 35.58 -37.10 3.60
C GLN N 839 36.55 -37.60 4.68
N ARG N 840 36.17 -38.65 5.41
CA ARG N 840 36.86 -39.14 6.62
C ARG N 840 38.05 -40.07 6.36
N TYR N 841 38.22 -40.62 5.16
CA TYR N 841 39.15 -41.74 4.93
C TYR N 841 40.63 -41.44 5.18
N GLN N 842 41.30 -42.40 5.81
CA GLN N 842 42.75 -42.42 6.06
C GLN N 842 43.58 -42.84 4.83
N ARG N 843 44.90 -42.62 4.92
CA ARG N 843 45.92 -43.15 4.00
C ARG N 843 47.06 -43.82 4.78
N VAL N 844 47.69 -44.83 4.18
CA VAL N 844 48.65 -45.73 4.84
C VAL N 844 50.09 -45.46 4.39
N VAL N 845 51.03 -45.40 5.35
CA VAL N 845 52.48 -45.31 5.10
C VAL N 845 53.15 -46.62 5.51
N THR N 846 53.89 -47.25 4.60
CA THR N 846 54.54 -48.56 4.81
C THR N 846 55.88 -48.43 5.56
N ALA N 847 55.82 -48.25 6.88
CA ALA N 847 56.97 -48.15 7.76
C ALA N 847 57.75 -49.48 7.94
N ARG N 848 58.58 -49.83 6.94
CA ARG N 848 59.51 -50.97 6.94
C ARG N 848 60.69 -50.74 5.99
N ASN N 849 61.75 -51.56 6.10
CA ASN N 849 63.00 -51.39 5.36
C ASN N 849 63.49 -52.68 4.65
N ALA N 850 64.63 -52.60 3.96
CA ALA N 850 65.47 -53.71 3.50
C ALA N 850 66.95 -53.25 3.42
N SER N 851 67.92 -54.18 3.53
CA SER N 851 69.36 -53.86 3.62
C SER N 851 70.29 -55.03 3.26
N LYS N 852 71.59 -54.75 3.01
CA LYS N 852 72.58 -55.70 2.47
C LYS N 852 73.95 -55.64 3.21
N MET N 853 74.76 -56.68 3.05
CA MET N 853 76.05 -56.91 3.74
C MET N 853 77.26 -56.24 3.06
N ASN N 854 78.44 -56.28 3.72
CA ASN N 854 79.69 -55.62 3.33
C ASN N 854 80.94 -56.52 3.45
N PHE N 855 82.05 -56.10 2.83
CA PHE N 855 83.36 -56.81 2.83
C PHE N 855 84.54 -55.82 2.92
N LYS N 856 85.43 -55.76 1.92
CA LYS N 856 86.61 -54.88 1.78
C LYS N 856 87.74 -55.13 2.80
N VAL N 857 88.94 -54.59 2.53
CA VAL N 857 90.19 -54.74 3.30
C VAL N 857 90.86 -53.36 3.47
N PRO N 858 91.42 -53.00 4.65
CA PRO N 858 91.93 -51.65 4.90
C PRO N 858 93.33 -51.42 4.31
N ASN N 859 93.74 -50.15 4.20
CA ASN N 859 95.06 -49.71 3.75
C ASN N 859 95.83 -48.79 4.71
N TYR N 860 95.17 -48.15 5.69
CA TYR N 860 95.79 -47.39 6.80
C TYR N 860 94.83 -47.24 8.01
N ARG N 861 95.31 -46.69 9.14
CA ARG N 861 94.73 -46.87 10.49
C ARG N 861 93.32 -46.32 10.73
N PHE N 862 92.71 -46.80 11.82
CA PHE N 862 91.34 -46.54 12.25
C PHE N 862 91.03 -45.07 12.62
N GLU N 863 91.71 -44.49 13.61
CA GLU N 863 91.40 -43.13 14.09
C GLU N 863 91.60 -42.04 13.02
N PRO N 864 92.61 -42.10 12.14
CA PRO N 864 92.72 -41.19 10.99
C PRO N 864 91.50 -41.22 10.06
N MET N 865 90.73 -42.31 10.01
CA MET N 865 89.47 -42.38 9.27
C MET N 865 88.28 -41.82 10.06
N LEU N 866 88.24 -42.00 11.38
CA LEU N 866 87.29 -41.28 12.23
C LEU N 866 87.47 -39.75 12.15
N ASN N 867 88.70 -39.29 11.93
CA ASN N 867 89.02 -37.87 11.70
C ASN N 867 88.71 -37.38 10.26
N ARG N 868 88.11 -38.20 9.38
CA ARG N 868 87.69 -37.81 8.03
C ARG N 868 86.21 -38.11 7.72
N SER N 869 85.70 -39.22 8.23
CA SER N 869 84.32 -39.69 7.96
C SER N 869 83.23 -38.73 8.46
N LYS N 870 83.45 -38.01 9.57
CA LYS N 870 82.45 -37.16 10.23
C LYS N 870 81.90 -36.05 9.32
N SER N 871 82.77 -35.19 8.80
CA SER N 871 82.38 -33.96 8.11
C SER N 871 81.64 -34.21 6.79
N GLY N 872 81.99 -35.28 6.06
CA GLY N 872 81.27 -35.69 4.85
C GLY N 872 79.83 -36.15 5.14
N VAL N 873 79.63 -36.86 6.27
CA VAL N 873 78.30 -37.27 6.75
C VAL N 873 77.48 -36.06 7.21
N GLU N 874 78.03 -35.19 8.05
CA GLU N 874 77.30 -34.02 8.56
C GLU N 874 77.00 -32.96 7.48
N THR N 875 77.84 -32.88 6.44
CA THR N 875 77.52 -32.12 5.22
C THR N 875 76.31 -32.70 4.50
N LEU N 876 76.12 -34.03 4.49
CA LEU N 876 74.92 -34.66 3.90
C LEU N 876 73.65 -34.36 4.73
N ILE N 877 73.74 -34.31 6.07
CA ILE N 877 72.63 -33.82 6.92
C ILE N 877 72.29 -32.36 6.59
N GLN N 878 73.31 -31.51 6.36
CA GLN N 878 73.12 -30.11 5.95
C GLN N 878 72.48 -30.01 4.55
N PHE N 879 72.94 -30.78 3.54
CA PHE N 879 72.34 -30.81 2.20
C PHE N 879 70.89 -31.35 2.23
N GLY N 880 70.61 -32.39 3.02
CA GLY N 880 69.28 -33.01 3.12
C GLY N 880 68.25 -32.10 3.80
N SER N 881 68.63 -31.45 4.91
CA SER N 881 67.80 -30.43 5.55
C SER N 881 67.66 -29.16 4.71
N THR N 882 68.68 -28.78 3.92
CA THR N 882 68.57 -27.70 2.92
C THR N 882 67.53 -28.06 1.85
N LEU N 883 67.60 -29.26 1.26
CA LEU N 883 66.61 -29.75 0.29
C LEU N 883 65.19 -29.77 0.87
N LEU N 884 65.02 -30.28 2.10
CA LEU N 884 63.71 -30.40 2.75
C LEU N 884 63.08 -29.03 3.06
N SER N 885 63.86 -28.12 3.67
CA SER N 885 63.40 -26.78 4.05
C SER N 885 63.12 -25.88 2.84
N LEU N 886 63.91 -25.98 1.76
CA LEU N 886 63.58 -25.33 0.47
C LEU N 886 62.32 -25.89 -0.17
N LEU N 887 62.07 -27.21 -0.06
CA LEU N 887 60.89 -27.83 -0.65
C LEU N 887 59.59 -27.45 0.06
N GLU N 888 59.62 -27.20 1.38
CA GLU N 888 58.53 -26.50 2.09
C GLU N 888 58.29 -25.07 1.57
N ARG N 889 59.36 -24.31 1.28
CA ARG N 889 59.25 -22.93 0.75
C ARG N 889 58.67 -22.93 -0.68
N LYS N 890 59.08 -23.89 -1.52
CA LYS N 890 58.50 -24.15 -2.85
C LYS N 890 57.00 -24.47 -2.76
N ASP N 891 56.60 -25.52 -2.03
CA ASP N 891 55.22 -26.00 -2.07
C ASP N 891 54.24 -25.12 -1.26
N SER N 892 54.73 -24.29 -0.32
CA SER N 892 53.94 -23.22 0.32
C SER N 892 53.53 -22.13 -0.67
N LEU N 893 54.47 -21.56 -1.43
CA LEU N 893 54.18 -20.44 -2.36
C LEU N 893 53.29 -20.86 -3.53
N SER N 894 53.40 -22.10 -4.03
CA SER N 894 52.49 -22.65 -5.04
C SER N 894 51.04 -22.75 -4.55
N PHE N 895 50.80 -22.87 -3.23
CA PHE N 895 49.44 -22.78 -2.69
C PHE N 895 48.92 -21.34 -2.71
N ASP N 896 49.74 -20.37 -2.29
CA ASP N 896 49.42 -18.93 -2.33
C ASP N 896 49.11 -18.42 -3.75
N ALA N 897 49.71 -19.02 -4.78
CA ALA N 897 49.41 -18.74 -6.19
C ALA N 897 48.00 -19.20 -6.61
N TYR N 898 47.73 -20.51 -6.46
CA TYR N 898 46.49 -21.17 -6.87
C TYR N 898 45.24 -20.65 -6.12
N GLN N 899 45.43 -20.16 -4.89
CA GLN N 899 44.39 -19.55 -4.08
C GLN N 899 43.85 -18.22 -4.67
N MET N 900 44.59 -17.51 -5.55
CA MET N 900 44.13 -16.25 -6.14
C MET N 900 43.09 -16.45 -7.27
N ILE N 901 43.34 -17.41 -8.17
CA ILE N 901 42.50 -17.64 -9.37
C ILE N 901 41.08 -18.12 -9.04
N GLN N 902 40.85 -18.56 -7.80
CA GLN N 902 39.54 -18.97 -7.25
C GLN N 902 38.50 -17.83 -7.27
N SER N 903 38.93 -16.57 -7.37
CA SER N 903 38.06 -15.39 -7.48
C SER N 903 37.49 -15.16 -8.90
N GLY N 904 38.09 -15.73 -9.95
CA GLY N 904 37.80 -15.38 -11.35
C GLY N 904 36.38 -15.71 -11.81
N ASP N 905 35.87 -16.89 -11.47
CA ASP N 905 34.48 -17.28 -11.73
C ASP N 905 33.47 -16.45 -10.90
N LEU N 906 33.83 -16.15 -9.65
CA LEU N 906 32.93 -15.45 -8.72
C LEU N 906 32.67 -14.01 -9.15
N TYR N 907 33.66 -13.30 -9.69
CA TYR N 907 33.44 -11.98 -10.31
C TYR N 907 32.49 -12.06 -11.52
N ARG N 908 32.66 -13.07 -12.40
CA ARG N 908 31.81 -13.26 -13.58
C ARG N 908 30.34 -13.47 -13.19
N PHE N 909 30.08 -14.41 -12.29
CA PHE N 909 28.75 -14.68 -11.75
C PHE N 909 28.16 -13.48 -10.98
N SER N 910 28.98 -12.73 -10.23
CA SER N 910 28.53 -11.53 -9.49
C SER N 910 28.03 -10.43 -10.43
N ILE N 911 28.77 -10.12 -11.49
CA ILE N 911 28.37 -9.10 -12.48
C ILE N 911 27.13 -9.56 -13.26
N ASP N 912 27.13 -10.81 -13.77
CA ASP N 912 26.04 -11.34 -14.60
C ASP N 912 24.75 -11.68 -13.84
N LEU N 913 24.77 -11.72 -12.50
CA LEU N 913 23.57 -11.63 -11.67
C LEU N 913 23.14 -10.17 -11.44
N GLN N 914 24.05 -9.30 -10.97
CA GLN N 914 23.68 -7.96 -10.50
C GLN N 914 23.27 -7.00 -11.62
N GLN N 915 23.85 -7.09 -12.82
CA GLN N 915 23.61 -6.15 -13.93
C GLN N 915 22.11 -5.96 -14.25
N GLN N 916 21.29 -7.00 -14.06
CA GLN N 916 19.83 -6.94 -14.24
C GLN N 916 19.14 -5.86 -13.39
N ASP N 917 19.71 -5.39 -12.26
CA ASP N 917 19.06 -4.35 -11.44
C ASP N 917 19.02 -2.97 -12.14
N ILE N 918 19.89 -2.71 -13.12
CA ILE N 918 19.76 -1.56 -14.04
C ILE N 918 18.53 -1.73 -14.95
N ASP N 919 18.35 -2.92 -15.51
CA ASP N 919 17.21 -3.24 -16.38
C ASP N 919 15.88 -3.26 -15.61
N ILE N 920 15.88 -3.66 -14.34
CA ILE N 920 14.72 -3.58 -13.43
C ILE N 920 14.44 -2.11 -13.05
N ASN N 921 15.46 -1.31 -12.74
CA ASN N 921 15.27 0.12 -12.44
C ASN N 921 14.76 0.90 -13.66
N LYS N 922 15.14 0.52 -14.89
CA LYS N 922 14.52 1.04 -16.13
C LYS N 922 13.07 0.56 -16.31
N ALA N 923 12.79 -0.74 -16.09
CA ALA N 923 11.42 -1.27 -16.17
C ALA N 923 10.47 -0.62 -15.15
N SER N 924 10.97 -0.27 -13.95
CA SER N 924 10.23 0.48 -12.93
C SER N 924 9.92 1.92 -13.35
N LEU N 925 10.85 2.60 -14.04
CA LEU N 925 10.60 3.92 -14.64
C LEU N 925 9.51 3.86 -15.73
N GLU N 926 9.48 2.82 -16.56
CA GLU N 926 8.37 2.61 -17.50
C GLU N 926 7.02 2.35 -16.80
N ALA N 927 7.00 1.63 -15.67
CA ALA N 927 5.79 1.45 -14.86
C ALA N 927 5.28 2.77 -14.24
N LEU N 928 6.20 3.66 -13.81
CA LEU N 928 5.86 5.03 -13.36
C LEU N 928 5.30 5.89 -14.51
N GLN N 929 5.89 5.81 -15.71
CA GLN N 929 5.38 6.47 -16.92
C GLN N 929 3.99 5.95 -17.33
N VAL N 930 3.70 4.66 -17.12
CA VAL N 930 2.35 4.06 -17.31
C VAL N 930 1.36 4.56 -16.25
N SER N 931 1.75 4.61 -14.97
CA SER N 931 0.86 5.02 -13.87
C SER N 931 0.34 6.46 -13.99
N LYS N 932 1.10 7.37 -14.60
CA LYS N 932 0.71 8.79 -14.84
C LYS N 932 -0.69 8.95 -15.44
N GLN N 933 -1.04 8.13 -16.43
CA GLN N 933 -2.34 8.14 -17.10
C GLN N 933 -3.53 7.83 -16.17
N SER N 934 -3.32 7.09 -15.07
CA SER N 934 -4.39 6.76 -14.11
C SER N 934 -4.95 8.03 -13.43
N ALA N 935 -4.04 8.96 -13.09
CA ALA N 935 -4.37 10.30 -12.59
C ALA N 935 -4.69 11.29 -13.73
N GLN N 936 -3.88 11.32 -14.80
CA GLN N 936 -4.03 12.29 -15.89
C GLN N 936 -5.35 12.12 -16.66
N ASP N 937 -5.78 10.89 -16.98
CA ASP N 937 -7.07 10.63 -17.63
C ASP N 937 -8.27 10.91 -16.70
N ARG N 938 -8.10 10.71 -15.39
CA ARG N 938 -9.09 11.06 -14.36
C ARG N 938 -9.23 12.57 -14.17
N TYR N 939 -8.14 13.33 -14.33
CA TYR N 939 -8.14 14.79 -14.34
C TYR N 939 -8.73 15.36 -15.64
N ASP N 940 -8.04 15.18 -16.77
CA ASP N 940 -8.15 16.11 -17.92
C ASP N 940 -9.49 16.06 -18.68
N HIS N 941 -10.33 15.04 -18.46
CA HIS N 941 -11.74 15.05 -18.89
C HIS N 941 -12.55 16.17 -18.26
N PHE N 942 -12.36 16.48 -16.98
CA PHE N 942 -13.38 17.19 -16.19
C PHE N 942 -13.58 18.67 -16.53
N LYS N 943 -12.80 19.29 -17.43
CA LYS N 943 -13.14 20.58 -18.05
C LYS N 943 -14.46 20.52 -18.84
N GLU N 944 -14.91 19.33 -19.23
CA GLU N 944 -16.24 19.06 -19.78
C GLU N 944 -17.37 18.98 -18.72
N LEU N 945 -17.07 19.28 -17.44
CA LEU N 945 -18.03 19.26 -16.31
C LEU N 945 -17.88 20.44 -15.33
N TYR N 946 -16.67 20.94 -15.05
CA TYR N 946 -16.50 22.23 -14.35
C TYR N 946 -16.76 23.44 -15.26
N ASP N 947 -16.96 23.20 -16.56
CA ASP N 947 -17.48 24.14 -17.55
C ASP N 947 -18.47 23.39 -18.49
N GLU N 948 -19.29 24.12 -19.25
CA GLU N 948 -20.46 23.64 -20.00
C GLU N 948 -21.45 22.80 -19.16
N ASN N 949 -21.62 23.22 -17.89
CA ASN N 949 -22.44 22.57 -16.85
C ASN N 949 -23.97 22.65 -17.08
N ILE N 950 -24.43 23.31 -18.16
CA ILE N 950 -25.82 23.49 -18.59
C ILE N 950 -25.89 23.44 -20.14
N SER N 951 -27.04 23.03 -20.69
CA SER N 951 -27.36 23.01 -22.13
C SER N 951 -28.83 23.38 -22.37
N SER N 952 -29.17 23.76 -23.61
CA SER N 952 -30.44 24.44 -23.94
C SER N 952 -31.72 23.65 -23.59
N THR N 953 -31.67 22.32 -23.56
CA THR N 953 -32.80 21.47 -23.17
C THR N 953 -33.11 21.54 -21.67
N GLU N 954 -32.11 21.56 -20.80
CA GLU N 954 -32.32 21.64 -19.34
C GLU N 954 -32.61 23.07 -18.85
N GLN N 955 -32.52 24.06 -19.74
CA GLN N 955 -33.12 25.39 -19.56
C GLN N 955 -34.65 25.34 -19.73
N LYS N 956 -35.19 24.68 -20.78
CA LYS N 956 -36.65 24.55 -21.00
C LYS N 956 -37.34 23.76 -19.89
N VAL N 957 -36.61 22.88 -19.21
CA VAL N 957 -37.03 22.19 -17.96
C VAL N 957 -37.37 23.17 -16.82
N ILE N 958 -36.76 24.36 -16.78
CA ILE N 958 -37.14 25.47 -15.88
C ILE N 958 -38.27 26.33 -16.49
N GLU N 959 -38.13 26.76 -17.75
CA GLU N 959 -39.03 27.76 -18.36
C GLU N 959 -40.52 27.33 -18.32
N LEU N 960 -40.80 26.07 -18.63
CA LEU N 960 -42.15 25.50 -18.60
C LEU N 960 -42.71 25.27 -17.17
N GLN N 961 -41.89 25.47 -16.12
CA GLN N 961 -42.32 25.57 -14.72
C GLN N 961 -42.64 27.03 -14.34
N SER N 962 -41.69 27.97 -14.58
CA SER N 962 -41.79 29.38 -14.19
C SER N 962 -42.81 30.19 -15.02
N GLN N 963 -43.16 29.71 -16.21
CA GLN N 963 -44.24 30.24 -17.06
C GLN N 963 -45.62 30.35 -16.36
N ALA N 964 -45.84 29.60 -15.26
CA ALA N 964 -47.01 29.73 -14.38
C ALA N 964 -47.13 31.10 -13.65
N ALA N 965 -46.28 32.09 -13.95
CA ALA N 965 -46.45 33.49 -13.57
C ALA N 965 -47.78 34.12 -14.05
N ASN N 966 -48.46 33.54 -15.07
CA ASN N 966 -49.84 33.91 -15.45
C ASN N 966 -50.94 33.45 -14.47
N SER N 967 -50.60 32.81 -13.34
CA SER N 967 -51.57 32.45 -12.28
C SER N 967 -52.18 33.65 -11.52
N LEU N 968 -51.74 34.87 -11.85
CA LEU N 968 -52.42 36.16 -11.59
C LEU N 968 -53.61 36.46 -12.54
N LEU N 969 -53.70 35.73 -13.66
CA LEU N 969 -54.62 35.92 -14.79
C LEU N 969 -55.50 34.69 -15.08
N MET N 970 -55.04 33.48 -14.74
CA MET N 970 -55.64 32.17 -15.06
C MET N 970 -57.11 31.95 -14.61
N ALA N 971 -57.60 32.73 -13.65
CA ALA N 971 -58.90 32.52 -13.00
C ALA N 971 -59.91 33.66 -13.26
N GLN N 972 -59.43 34.84 -13.65
CA GLN N 972 -60.15 36.10 -13.44
C GLN N 972 -61.47 36.19 -14.23
N GLY N 973 -61.57 35.53 -15.39
CA GLY N 973 -62.83 35.47 -16.15
C GLY N 973 -63.98 34.73 -15.44
N MET N 974 -63.67 33.98 -14.36
CA MET N 974 -64.64 33.39 -13.42
C MET N 974 -65.57 34.44 -12.83
N ARG N 975 -65.00 35.46 -12.18
CA ARG N 975 -65.78 36.40 -11.35
C ARG N 975 -66.76 37.16 -12.22
N THR N 976 -66.30 37.61 -13.38
CA THR N 976 -67.08 38.45 -14.31
C THR N 976 -68.22 37.64 -14.93
N ALA N 977 -67.97 36.36 -15.25
CA ALA N 977 -68.99 35.42 -15.71
C ALA N 977 -70.07 35.13 -14.66
N ALA N 978 -69.64 34.86 -13.42
CA ALA N 978 -70.52 34.70 -12.27
C ALA N 978 -71.34 35.96 -11.97
N ALA N 979 -70.72 37.14 -12.05
CA ALA N 979 -71.41 38.43 -11.90
C ALA N 979 -72.42 38.66 -13.04
N ALA N 980 -72.07 38.34 -14.29
CA ALA N 980 -72.98 38.50 -15.44
C ALA N 980 -74.17 37.53 -15.37
N LEU N 981 -73.99 36.37 -14.72
CA LEU N 981 -75.03 35.40 -14.37
C LEU N 981 -75.84 35.78 -13.11
N ASP N 982 -75.56 36.93 -12.49
CA ASP N 982 -76.21 37.39 -11.26
C ASP N 982 -76.89 38.77 -11.36
N VAL N 983 -76.16 39.84 -11.74
CA VAL N 983 -76.63 41.24 -11.67
C VAL N 983 -77.92 41.53 -12.44
N ILE N 984 -78.25 40.72 -13.46
CA ILE N 984 -79.46 40.84 -14.30
C ILE N 984 -80.12 39.46 -14.54
N PRO N 985 -81.44 39.42 -14.79
CA PRO N 985 -82.18 38.17 -15.01
C PRO N 985 -81.85 37.50 -16.36
N ASN N 986 -82.02 36.16 -16.35
CA ASN N 986 -81.95 35.18 -17.45
C ASN N 986 -83.17 35.23 -18.37
N ILE N 987 -84.31 35.60 -17.82
CA ILE N 987 -85.64 35.50 -18.45
C ILE N 987 -86.59 36.63 -17.98
N TYR N 988 -87.45 37.07 -18.90
CA TYR N 988 -88.51 38.08 -18.71
C TYR N 988 -89.85 37.55 -19.27
N GLY N 989 -90.98 37.89 -18.64
CA GLY N 989 -92.32 37.49 -19.08
C GLY N 989 -93.34 37.46 -17.94
N LEU N 990 -94.32 36.55 -18.03
CA LEU N 990 -95.24 36.23 -16.91
C LEU N 990 -94.46 35.82 -15.65
N ALA N 991 -93.37 35.07 -15.83
CA ALA N 991 -92.32 34.87 -14.84
C ALA N 991 -91.00 35.55 -15.28
N VAL N 992 -90.34 36.27 -14.36
CA VAL N 992 -89.08 37.01 -14.56
C VAL N 992 -88.05 36.59 -13.52
N GLY N 993 -86.77 36.49 -13.88
CA GLY N 993 -85.71 36.12 -12.93
C GLY N 993 -84.58 35.26 -13.52
N GLY N 994 -84.15 34.28 -12.73
CA GLY N 994 -83.08 33.32 -13.05
C GLY N 994 -81.68 33.73 -12.58
N SER N 995 -81.54 34.82 -11.83
CA SER N 995 -80.28 35.25 -11.19
C SER N 995 -79.74 34.14 -10.26
N HIS N 996 -78.56 33.59 -10.56
CA HIS N 996 -78.01 32.44 -9.85
C HIS N 996 -77.36 32.86 -8.51
N TRP N 997 -78.15 32.95 -7.44
CA TRP N 997 -77.79 33.59 -6.16
C TRP N 997 -76.36 33.31 -5.66
N GLY N 998 -75.95 32.04 -5.59
CA GLY N 998 -74.65 31.63 -5.05
C GLY N 998 -73.44 31.82 -5.99
N ALA N 999 -73.64 32.20 -7.25
CA ALA N 999 -72.59 32.19 -8.28
C ALA N 999 -71.25 32.86 -7.90
N PRO N 1000 -71.19 34.08 -7.32
CA PRO N 1000 -69.91 34.74 -7.02
C PRO N 1000 -69.14 34.04 -5.89
N LEU N 1001 -69.81 33.72 -4.79
CA LEU N 1001 -69.19 33.05 -3.65
C LEU N 1001 -68.77 31.62 -4.00
N ASN N 1002 -69.54 30.95 -4.86
CA ASN N 1002 -69.15 29.66 -5.44
C ASN N 1002 -67.89 29.77 -6.32
N ALA N 1003 -67.70 30.90 -7.02
CA ALA N 1003 -66.53 31.15 -7.85
C ALA N 1003 -65.28 31.52 -7.04
N ALA N 1004 -65.43 32.22 -5.92
CA ALA N 1004 -64.31 32.68 -5.09
C ALA N 1004 -63.41 31.52 -4.63
N ALA N 1005 -64.01 30.40 -4.21
CA ALA N 1005 -63.26 29.21 -3.79
C ALA N 1005 -62.34 28.63 -4.88
N GLU N 1006 -62.73 28.71 -6.15
CA GLU N 1006 -61.89 28.27 -7.27
C GLU N 1006 -60.71 29.23 -7.47
N ILE N 1007 -60.96 30.53 -7.42
CA ILE N 1007 -59.92 31.57 -7.52
C ILE N 1007 -58.89 31.40 -6.39
N ILE N 1008 -59.36 31.21 -5.15
CA ILE N 1008 -58.52 30.98 -3.97
C ILE N 1008 -57.72 29.67 -4.09
N MET N 1009 -58.31 28.60 -4.61
CA MET N 1009 -57.62 27.32 -4.79
C MET N 1009 -56.42 27.41 -5.76
N ILE N 1010 -56.56 28.14 -6.87
CA ILE N 1010 -55.58 28.18 -7.97
C ILE N 1010 -54.18 28.62 -7.51
N LYS N 1011 -54.08 29.46 -6.48
CA LYS N 1011 -52.81 29.95 -5.92
C LYS N 1011 -51.83 28.81 -5.57
N TYR N 1012 -52.33 27.73 -4.96
CA TYR N 1012 -51.53 26.61 -4.44
C TYR N 1012 -50.77 25.79 -5.51
N GLN N 1013 -51.42 25.46 -6.63
CA GLN N 1013 -50.87 24.70 -7.76
C GLN N 1013 -49.70 25.46 -8.42
N ALA N 1014 -49.79 26.79 -8.48
CA ALA N 1014 -48.73 27.67 -8.94
C ALA N 1014 -47.57 27.75 -7.91
N ASP N 1015 -47.83 28.10 -6.65
CA ASP N 1015 -46.75 28.26 -5.65
C ASP N 1015 -46.03 26.94 -5.33
N SER N 1016 -46.76 25.83 -5.18
CA SER N 1016 -46.17 24.49 -5.05
C SER N 1016 -45.56 23.92 -6.36
N SER N 1017 -45.52 24.70 -7.46
CA SER N 1017 -44.73 24.38 -8.67
C SER N 1017 -43.67 25.44 -9.02
N LYS N 1018 -43.80 26.66 -8.52
CA LYS N 1018 -42.71 27.63 -8.30
C LYS N 1018 -41.66 27.06 -7.34
N SER N 1019 -42.08 26.28 -6.34
CA SER N 1019 -41.17 25.52 -5.45
C SER N 1019 -40.42 24.40 -6.18
N GLU N 1020 -40.99 23.82 -7.25
CA GLU N 1020 -40.30 22.87 -8.12
C GLU N 1020 -39.30 23.59 -9.06
N SER N 1021 -39.68 24.76 -9.58
CA SER N 1021 -38.78 25.65 -10.34
C SER N 1021 -37.56 26.06 -9.51
N LEU N 1022 -37.79 26.54 -8.27
CA LEU N 1022 -36.69 26.98 -7.40
C LEU N 1022 -35.94 25.81 -6.74
N SER N 1023 -36.55 24.64 -6.60
CA SER N 1023 -35.84 23.39 -6.25
C SER N 1023 -34.85 22.96 -7.35
N VAL N 1024 -35.21 23.10 -8.63
CA VAL N 1024 -34.27 22.94 -9.77
C VAL N 1024 -33.22 24.04 -9.76
N SER N 1025 -33.59 25.28 -9.42
CA SER N 1025 -32.67 26.43 -9.33
C SER N 1025 -31.59 26.26 -8.26
N GLU N 1026 -31.91 25.65 -7.12
CA GLU N 1026 -30.92 25.21 -6.12
C GLU N 1026 -30.14 23.98 -6.59
N SER N 1027 -30.81 22.95 -7.14
CA SER N 1027 -30.15 21.71 -7.56
C SER N 1027 -29.05 21.93 -8.61
N TYR N 1028 -29.29 22.75 -9.64
CA TYR N 1028 -28.28 23.12 -10.63
C TYR N 1028 -27.09 23.88 -9.99
N ARG N 1029 -27.33 24.67 -8.94
CA ARG N 1029 -26.29 25.36 -8.15
C ARG N 1029 -25.47 24.39 -7.30
N ARG N 1030 -26.11 23.39 -6.66
CA ARG N 1030 -25.45 22.31 -5.90
C ARG N 1030 -24.61 21.37 -6.79
N ARG N 1031 -25.05 21.10 -8.03
CA ARG N 1031 -24.43 20.11 -8.94
C ARG N 1031 -22.97 20.43 -9.27
N ARG N 1032 -22.64 21.68 -9.63
CA ARG N 1032 -21.28 22.10 -10.07
C ARG N 1032 -20.19 21.79 -9.04
N GLN N 1033 -20.50 21.90 -7.74
CA GLN N 1033 -19.53 21.70 -6.65
C GLN N 1033 -18.91 20.29 -6.63
N GLU N 1034 -19.66 19.26 -7.04
CA GLU N 1034 -19.17 17.87 -7.03
C GLU N 1034 -18.11 17.61 -8.10
N TRP N 1035 -18.24 18.29 -9.24
CA TRP N 1035 -17.29 18.24 -10.36
C TRP N 1035 -16.10 19.19 -10.15
N GLU N 1036 -16.34 20.35 -9.52
CA GLU N 1036 -15.31 21.31 -9.08
C GLU N 1036 -14.26 20.65 -8.16
N LEU N 1037 -14.70 19.90 -7.15
CA LEU N 1037 -13.83 19.13 -6.26
C LEU N 1037 -13.13 17.98 -7.00
N GLN N 1038 -13.87 17.23 -7.83
CA GLN N 1038 -13.36 16.04 -8.50
C GLN N 1038 -12.22 16.35 -9.48
N TYR N 1039 -12.31 17.45 -10.24
CA TYR N 1039 -11.22 17.84 -11.15
C TYR N 1039 -9.99 18.32 -10.39
N LYS N 1040 -10.17 19.17 -9.36
CA LYS N 1040 -9.05 19.83 -8.68
C LYS N 1040 -8.24 18.89 -7.78
N GLN N 1041 -8.90 17.92 -7.14
CA GLN N 1041 -8.21 16.83 -6.45
C GLN N 1041 -7.41 15.95 -7.43
N ALA N 1042 -7.97 15.58 -8.58
CA ALA N 1042 -7.26 14.83 -9.61
C ALA N 1042 -6.07 15.62 -10.20
N GLU N 1043 -6.25 16.92 -10.47
CA GLU N 1043 -5.21 17.84 -10.93
C GLU N 1043 -4.03 17.95 -9.95
N TRP N 1044 -4.31 17.92 -8.64
CA TRP N 1044 -3.27 17.92 -7.61
C TRP N 1044 -2.61 16.54 -7.40
N GLU N 1045 -3.28 15.42 -7.68
CA GLU N 1045 -2.61 14.11 -7.75
C GLU N 1045 -1.76 13.94 -9.02
N VAL N 1046 -2.13 14.56 -10.15
CA VAL N 1046 -1.24 14.74 -11.32
C VAL N 1046 0.01 15.54 -10.94
N ASN N 1047 -0.09 16.48 -9.99
CA ASN N 1047 1.05 17.17 -9.38
C ASN N 1047 1.86 16.24 -8.45
N SER N 1048 1.19 15.46 -7.58
CA SER N 1048 1.84 14.56 -6.61
C SER N 1048 2.65 13.42 -7.26
N VAL N 1049 2.14 12.81 -8.34
CA VAL N 1049 2.82 11.71 -9.05
C VAL N 1049 4.17 12.14 -9.66
N GLU N 1050 4.35 13.43 -9.97
CA GLU N 1050 5.58 13.94 -10.57
C GLU N 1050 6.82 13.78 -9.68
N GLN N 1051 6.66 13.75 -8.35
CA GLN N 1051 7.75 13.47 -7.42
C GLN N 1051 8.23 12.01 -7.52
N GLN N 1052 7.31 11.05 -7.67
CA GLN N 1052 7.62 9.62 -7.69
C GLN N 1052 8.41 9.21 -8.95
N ILE N 1053 8.11 9.81 -10.10
CA ILE N 1053 8.88 9.62 -11.33
C ILE N 1053 10.26 10.32 -11.30
N ASN N 1054 10.35 11.53 -10.72
CA ASN N 1054 11.63 12.25 -10.57
C ASN N 1054 12.59 11.56 -9.58
N LEU N 1055 12.07 10.94 -8.51
CA LEU N 1055 12.83 10.14 -7.55
C LEU N 1055 13.57 8.94 -8.19
N GLN N 1056 13.04 8.34 -9.26
CA GLN N 1056 13.61 7.11 -9.82
C GLN N 1056 15.00 7.28 -10.45
N ASN N 1057 15.36 8.52 -10.85
CA ASN N 1057 16.71 8.85 -11.33
C ASN N 1057 17.81 8.48 -10.32
N MET N 1058 17.54 8.59 -9.02
CA MET N 1058 18.52 8.30 -7.97
C MET N 1058 18.89 6.81 -7.90
N GLN N 1059 17.92 5.91 -8.04
CA GLN N 1059 18.18 4.45 -8.05
C GLN N 1059 18.79 4.00 -9.38
N ILE N 1060 18.46 4.65 -10.49
CA ILE N 1060 19.12 4.42 -11.79
C ILE N 1060 20.61 4.79 -11.71
N LYS N 1061 20.93 5.94 -11.10
CA LYS N 1061 22.32 6.34 -10.80
C LYS N 1061 23.01 5.38 -9.82
N ALA N 1062 22.34 4.97 -8.75
CA ALA N 1062 22.87 4.04 -7.76
C ALA N 1062 23.24 2.68 -8.38
N ALA N 1063 22.38 2.10 -9.22
CA ALA N 1063 22.63 0.83 -9.90
C ALA N 1063 23.86 0.88 -10.84
N ASN N 1064 24.04 2.00 -11.56
CA ASN N 1064 25.25 2.21 -12.38
C ASN N 1064 26.51 2.40 -11.52
N LYS N 1065 26.43 3.22 -10.46
CA LYS N 1065 27.53 3.44 -9.49
C LYS N 1065 27.84 2.22 -8.61
N ARG N 1066 26.95 1.22 -8.58
CA ARG N 1066 27.13 -0.12 -7.97
C ARG N 1066 27.92 -1.05 -8.89
N LEU N 1067 27.47 -1.23 -10.13
CA LEU N 1067 28.02 -2.23 -11.07
C LEU N 1067 29.51 -2.01 -11.39
N GLU N 1068 29.95 -0.76 -11.55
CA GLU N 1068 31.34 -0.41 -11.89
C GLU N 1068 32.38 -0.78 -10.80
N GLN N 1069 31.93 -0.98 -9.55
CA GLN N 1069 32.83 -1.33 -8.44
C GLN N 1069 33.26 -2.80 -8.50
N VAL N 1070 32.39 -3.69 -8.99
CA VAL N 1070 32.72 -5.11 -9.15
C VAL N 1070 33.76 -5.31 -10.27
N GLU N 1071 33.64 -4.53 -11.35
CA GLU N 1071 34.64 -4.46 -12.43
C GLU N 1071 35.99 -3.93 -11.93
N ALA N 1072 36.01 -2.86 -11.14
CA ALA N 1072 37.23 -2.32 -10.53
C ALA N 1072 37.93 -3.36 -9.63
N GLN N 1073 37.16 -4.02 -8.76
CA GLN N 1073 37.64 -5.10 -7.90
C GLN N 1073 38.23 -6.29 -8.70
N GLN N 1074 37.53 -6.75 -9.75
CA GLN N 1074 38.03 -7.82 -10.62
C GLN N 1074 39.38 -7.45 -11.27
N GLN N 1075 39.47 -6.26 -11.87
CA GLN N 1075 40.68 -5.83 -12.57
C GLN N 1075 41.86 -5.59 -11.63
N GLN N 1076 41.66 -5.09 -10.41
CA GLN N 1076 42.76 -4.98 -9.44
C GLN N 1076 43.14 -6.33 -8.79
N ALA N 1077 42.22 -7.30 -8.68
CA ALA N 1077 42.56 -8.68 -8.29
C ALA N 1077 43.44 -9.36 -9.35
N MET N 1078 43.18 -9.10 -10.64
CA MET N 1078 44.05 -9.49 -11.75
C MET N 1078 45.42 -8.77 -11.71
N ALA N 1079 45.44 -7.47 -11.38
CA ALA N 1079 46.68 -6.71 -11.18
C ALA N 1079 47.52 -7.18 -9.97
N LEU N 1080 46.89 -7.66 -8.88
CA LEU N 1080 47.56 -8.31 -7.75
C LEU N 1080 48.18 -9.67 -8.16
N LEU N 1081 47.49 -10.47 -8.98
CA LEU N 1081 48.01 -11.73 -9.51
C LEU N 1081 49.21 -11.49 -10.44
N ASP N 1082 49.18 -10.44 -11.27
CA ASP N 1082 50.33 -9.96 -12.04
C ASP N 1082 51.49 -9.51 -11.13
N TYR N 1083 51.23 -8.67 -10.12
CA TYR N 1083 52.28 -8.18 -9.21
C TYR N 1083 52.94 -9.31 -8.39
N PHE N 1084 52.16 -10.31 -7.97
CA PHE N 1084 52.62 -11.53 -7.31
C PHE N 1084 53.43 -12.44 -8.26
N SER N 1085 52.90 -12.73 -9.46
CA SER N 1085 53.58 -13.58 -10.45
C SER N 1085 54.82 -12.92 -11.10
N GLU N 1086 54.99 -11.61 -10.94
CA GLU N 1086 56.20 -10.84 -11.31
C GLU N 1086 57.09 -10.45 -10.10
N ARG N 1087 56.85 -11.02 -8.90
CA ARG N 1087 57.78 -11.00 -7.75
C ARG N 1087 59.08 -11.72 -8.09
N PHE N 1088 60.23 -11.23 -7.60
CA PHE N 1088 61.54 -11.88 -7.87
C PHE N 1088 61.58 -13.31 -7.33
N THR N 1089 61.44 -13.51 -6.00
CA THR N 1089 61.46 -14.84 -5.37
C THR N 1089 60.12 -15.58 -5.49
N ASN N 1090 59.61 -15.64 -6.72
CA ASN N 1090 58.50 -16.49 -7.14
C ASN N 1090 58.91 -17.97 -7.23
N GLU N 1091 57.95 -18.82 -7.55
CA GLU N 1091 58.04 -20.29 -7.66
C GLU N 1091 59.27 -20.81 -8.44
N SER N 1092 59.76 -20.06 -9.43
CA SER N 1092 60.90 -20.47 -10.26
C SER N 1092 62.21 -20.60 -9.48
N LEU N 1093 62.49 -19.74 -8.49
CA LEU N 1093 63.80 -19.71 -7.82
C LEU N 1093 64.01 -20.90 -6.88
N TYR N 1094 63.00 -21.25 -6.07
CA TYR N 1094 63.02 -22.46 -5.24
C TYR N 1094 63.11 -23.71 -6.12
N THR N 1095 62.37 -23.73 -7.24
CA THR N 1095 62.41 -24.81 -8.23
C THR N 1095 63.81 -24.97 -8.83
N TRP N 1096 64.46 -23.88 -9.25
CA TRP N 1096 65.82 -23.89 -9.77
C TRP N 1096 66.85 -24.37 -8.73
N LEU N 1097 66.79 -23.88 -7.48
CA LEU N 1097 67.68 -24.36 -6.42
C LEU N 1097 67.52 -25.86 -6.15
N ILE N 1098 66.29 -26.34 -5.91
CA ILE N 1098 66.03 -27.74 -5.56
C ILE N 1098 66.44 -28.69 -6.70
N SER N 1099 66.09 -28.34 -7.95
CA SER N 1099 66.40 -29.15 -9.13
C SER N 1099 67.90 -29.19 -9.50
N GLN N 1100 68.75 -28.33 -8.90
CA GLN N 1100 70.21 -28.51 -8.88
C GLN N 1100 70.68 -29.27 -7.63
N LEU N 1101 70.26 -28.85 -6.42
CA LEU N 1101 70.67 -29.45 -5.14
C LEU N 1101 70.39 -30.96 -5.03
N SER N 1102 69.35 -31.47 -5.72
CA SER N 1102 69.02 -32.89 -5.77
C SER N 1102 70.18 -33.76 -6.32
N SER N 1103 71.04 -33.19 -7.16
CA SER N 1103 72.26 -33.82 -7.66
C SER N 1103 73.42 -33.77 -6.65
N LEU N 1104 73.61 -32.66 -5.95
CA LEU N 1104 74.67 -32.50 -4.93
C LEU N 1104 74.53 -33.55 -3.81
N TYR N 1105 73.29 -33.81 -3.36
CA TYR N 1105 73.01 -34.82 -2.34
C TYR N 1105 73.39 -36.25 -2.78
N LEU N 1106 72.98 -36.66 -4.00
CA LEU N 1106 73.29 -38.01 -4.52
C LEU N 1106 74.78 -38.20 -4.86
N GLN N 1107 75.44 -37.18 -5.41
CA GLN N 1107 76.88 -37.19 -5.67
C GLN N 1107 77.72 -37.33 -4.38
N ALA N 1108 77.24 -36.80 -3.25
CA ALA N 1108 77.82 -37.03 -1.93
C ALA N 1108 77.48 -38.43 -1.36
N TYR N 1109 76.20 -38.84 -1.41
CA TYR N 1109 75.74 -40.12 -0.85
C TYR N 1109 76.44 -41.36 -1.43
N ASP N 1110 76.60 -41.46 -2.76
CA ASP N 1110 77.29 -42.59 -3.39
C ASP N 1110 78.81 -42.64 -3.10
N ALA N 1111 79.38 -41.52 -2.62
CA ALA N 1111 80.80 -41.35 -2.32
C ALA N 1111 81.18 -41.56 -0.84
N VAL N 1112 80.38 -41.06 0.11
CA VAL N 1112 80.75 -41.00 1.55
C VAL N 1112 80.88 -42.36 2.23
N LEU N 1113 80.12 -43.36 1.77
CA LEU N 1113 79.93 -44.65 2.46
C LEU N 1113 81.21 -45.50 2.58
N SER N 1114 82.20 -45.26 1.72
CA SER N 1114 83.50 -45.93 1.78
C SER N 1114 84.33 -45.49 2.99
N LEU N 1115 84.11 -44.30 3.52
CA LEU N 1115 84.82 -43.80 4.71
C LEU N 1115 84.39 -44.59 5.96
N CYS N 1116 83.09 -44.75 6.19
CA CYS N 1116 82.60 -45.57 7.30
C CYS N 1116 82.81 -47.07 7.07
N LEU N 1117 82.72 -47.57 5.82
CA LEU N 1117 83.07 -48.96 5.52
C LEU N 1117 84.55 -49.28 5.82
N SER N 1118 85.45 -48.38 5.41
CA SER N 1118 86.89 -48.56 5.70
C SER N 1118 87.21 -48.37 7.19
N ALA N 1119 86.42 -47.58 7.93
CA ALA N 1119 86.48 -47.54 9.39
C ALA N 1119 86.12 -48.89 10.03
N GLU N 1120 85.07 -49.60 9.56
CA GLU N 1120 84.82 -50.99 9.99
C GLU N 1120 85.99 -51.91 9.63
N ALA N 1121 86.45 -51.89 8.37
CA ALA N 1121 87.50 -52.77 7.89
C ALA N 1121 88.81 -52.58 8.67
N SER N 1122 89.18 -51.33 8.97
CA SER N 1122 90.38 -51.00 9.74
C SER N 1122 90.22 -51.27 11.23
N LEU N 1123 89.06 -51.04 11.86
CA LEU N 1123 88.80 -51.40 13.25
C LEU N 1123 89.01 -52.90 13.51
N LEU N 1124 88.36 -53.72 12.70
CA LEU N 1124 88.35 -55.17 12.84
C LEU N 1124 89.71 -55.80 12.49
N TYR N 1125 90.49 -55.20 11.60
CA TYR N 1125 91.88 -55.62 11.38
C TYR N 1125 92.82 -55.15 12.50
N GLU N 1126 92.79 -53.86 12.87
CA GLU N 1126 93.76 -53.24 13.78
C GLU N 1126 93.60 -53.72 15.25
N LEU N 1127 92.40 -54.12 15.66
CA LEU N 1127 92.14 -54.87 16.90
C LEU N 1127 92.07 -56.40 16.72
N ASN N 1128 92.17 -56.94 15.50
CA ASN N 1128 92.01 -58.37 15.16
C ASN N 1128 90.72 -58.98 15.79
N LEU N 1129 89.55 -58.57 15.30
CA LEU N 1129 88.23 -58.87 15.88
C LEU N 1129 87.28 -59.62 14.93
N GLY N 1130 86.36 -60.42 15.50
CA GLY N 1130 85.23 -61.05 14.80
C GLY N 1130 84.15 -60.06 14.35
N GLU N 1131 83.21 -60.51 13.51
CA GLU N 1131 82.24 -59.67 12.81
C GLU N 1131 81.21 -58.97 13.72
N GLN N 1132 80.85 -57.73 13.35
CA GLN N 1132 79.81 -56.93 14.02
C GLN N 1132 78.87 -56.17 13.05
N SER N 1133 79.25 -55.99 11.77
CA SER N 1133 78.42 -55.46 10.67
C SER N 1133 77.60 -54.21 11.00
N PHE N 1134 78.27 -53.10 11.31
CA PHE N 1134 77.64 -51.80 11.58
C PHE N 1134 77.14 -51.09 10.30
N VAL N 1135 77.93 -51.12 9.22
CA VAL N 1135 77.67 -50.34 7.99
C VAL N 1135 76.90 -51.20 6.97
N GLY N 1136 75.58 -51.34 7.21
CA GLY N 1136 74.66 -52.02 6.30
C GLY N 1136 74.36 -51.20 5.05
N GLY N 1137 74.45 -51.83 3.88
CA GLY N 1137 74.12 -51.21 2.59
C GLY N 1137 72.60 -51.09 2.35
N GLY N 1138 72.21 -50.20 1.44
CA GLY N 1138 70.83 -50.04 0.97
C GLY N 1138 70.00 -48.94 1.67
N GLY N 1139 70.63 -48.01 2.39
CA GLY N 1139 69.96 -46.95 3.18
C GLY N 1139 69.24 -45.85 2.37
N TRP N 1140 69.44 -45.79 1.05
CA TRP N 1140 68.77 -44.84 0.14
C TRP N 1140 67.25 -45.12 0.05
N ASN N 1141 66.46 -44.11 -0.35
CA ASN N 1141 65.01 -44.22 -0.52
C ASN N 1141 64.55 -43.55 -1.83
N ASP N 1142 63.67 -44.21 -2.59
CA ASP N 1142 63.16 -43.77 -3.91
C ASP N 1142 61.65 -43.46 -3.94
N LEU N 1143 61.03 -43.31 -2.77
CA LEU N 1143 59.75 -42.62 -2.60
C LEU N 1143 59.99 -41.17 -2.15
N TYR N 1144 61.04 -40.97 -1.35
CA TYR N 1144 61.39 -39.74 -0.61
C TYR N 1144 62.82 -39.23 -0.93
N GLN N 1145 63.42 -39.72 -2.01
CA GLN N 1145 64.66 -39.22 -2.63
C GLN N 1145 65.82 -39.05 -1.62
N GLY N 1146 66.09 -40.12 -0.88
CA GLY N 1146 67.23 -40.24 0.03
C GLY N 1146 67.12 -39.46 1.36
N LEU N 1147 65.97 -38.87 1.71
CA LEU N 1147 65.76 -38.26 3.03
C LEU N 1147 66.12 -39.24 4.17
N MET N 1148 66.68 -38.71 5.25
CA MET N 1148 67.22 -39.43 6.42
C MET N 1148 68.36 -40.45 6.14
N ALA N 1149 68.88 -40.57 4.90
CA ALA N 1149 69.93 -41.54 4.54
C ALA N 1149 71.37 -41.18 5.03
N GLY N 1150 71.53 -40.13 5.85
CA GLY N 1150 72.79 -39.71 6.46
C GLY N 1150 72.84 -39.85 7.99
N GLU N 1151 71.73 -39.58 8.68
CA GLU N 1151 71.61 -39.68 10.14
C GLU N 1151 71.87 -41.10 10.68
N THR N 1152 71.60 -42.12 9.87
CA THR N 1152 71.94 -43.52 10.15
C THR N 1152 73.45 -43.76 10.25
N LEU N 1153 74.27 -43.01 9.49
CA LEU N 1153 75.73 -43.12 9.49
C LEU N 1153 76.34 -42.60 10.80
N LYS N 1154 75.76 -41.55 11.40
CA LYS N 1154 76.12 -41.09 12.76
C LYS N 1154 75.91 -42.21 13.78
N LEU N 1155 74.73 -42.84 13.78
CA LEU N 1155 74.46 -43.97 14.67
C LEU N 1155 75.32 -45.22 14.35
N ALA N 1156 75.72 -45.44 13.10
CA ALA N 1156 76.68 -46.49 12.75
C ALA N 1156 78.06 -46.24 13.38
N LEU N 1157 78.56 -45.00 13.31
CA LEU N 1157 79.82 -44.59 13.94
C LEU N 1157 79.73 -44.64 15.48
N MET N 1158 78.60 -44.28 16.09
CA MET N 1158 78.38 -44.43 17.53
C MET N 1158 78.41 -45.91 17.98
N ARG N 1159 77.73 -46.81 17.25
CA ARG N 1159 77.76 -48.26 17.52
C ARG N 1159 79.16 -48.86 17.33
N MET N 1160 79.92 -48.34 16.36
CA MET N 1160 81.30 -48.72 16.06
C MET N 1160 82.31 -48.25 17.12
N GLU N 1161 82.29 -46.96 17.46
CA GLU N 1161 83.24 -46.32 18.39
C GLU N 1161 83.31 -47.04 19.74
N ARG N 1162 82.15 -47.45 20.26
CA ARG N 1162 82.02 -48.14 21.55
C ARG N 1162 82.75 -49.48 21.64
N VAL N 1163 83.02 -50.14 20.50
CA VAL N 1163 83.91 -51.32 20.45
C VAL N 1163 85.35 -50.94 20.80
N TYR N 1164 85.80 -49.77 20.34
CA TYR N 1164 87.14 -49.25 20.66
C TYR N 1164 87.23 -48.75 22.10
N VAL N 1165 86.16 -48.17 22.64
CA VAL N 1165 86.07 -47.74 24.06
C VAL N 1165 86.29 -48.93 25.01
N GLU N 1166 85.72 -50.10 24.70
CA GLU N 1166 85.95 -51.33 25.48
C GLU N 1166 87.29 -52.03 25.17
N GLN N 1167 87.49 -52.43 23.91
CA GLN N 1167 88.39 -53.52 23.52
C GLN N 1167 89.86 -53.10 23.31
N ASN N 1168 90.30 -52.00 23.94
CA ASN N 1168 91.70 -51.59 23.95
C ASN N 1168 92.33 -51.80 25.34
N SER N 1169 93.44 -52.51 25.37
CA SER N 1169 94.29 -52.82 26.53
C SER N 1169 95.68 -53.26 26.05
N ARG N 1170 96.69 -53.29 26.92
CA ARG N 1170 98.02 -53.82 26.55
C ARG N 1170 97.94 -55.36 26.45
N ARG N 1171 98.03 -55.88 25.22
CA ARG N 1171 98.29 -57.32 24.97
C ARG N 1171 99.75 -57.63 25.34
N GLN N 1172 100.12 -58.91 25.46
CA GLN N 1172 101.45 -59.31 25.96
C GLN N 1172 102.54 -59.04 24.92
N GLU N 1173 103.09 -57.83 24.88
CA GLU N 1173 104.14 -57.47 23.92
C GLU N 1173 105.48 -58.15 24.24
N ILE N 1174 106.00 -58.92 23.28
CA ILE N 1174 107.21 -59.74 23.34
C ILE N 1174 108.18 -59.31 22.22
N THR N 1175 109.47 -59.41 22.52
CA THR N 1175 110.56 -59.17 21.55
C THR N 1175 111.40 -60.43 21.40
N LYS N 1176 111.88 -60.71 20.18
CA LYS N 1176 112.57 -61.96 19.82
C LYS N 1176 113.69 -61.72 18.80
N THR N 1177 114.68 -62.61 18.78
CA THR N 1177 115.73 -62.63 17.75
C THR N 1177 116.19 -64.06 17.46
N ILE N 1178 116.76 -64.28 16.26
CA ILE N 1178 117.30 -65.56 15.79
C ILE N 1178 118.51 -65.33 14.87
N SER N 1179 119.43 -66.30 14.87
CA SER N 1179 120.57 -66.44 13.94
C SER N 1179 120.29 -67.60 12.99
N LEU N 1180 120.49 -67.43 11.68
CA LEU N 1180 120.31 -68.53 10.72
C LEU N 1180 121.28 -69.70 10.98
N LYS N 1181 122.52 -69.43 11.39
CA LYS N 1181 123.48 -70.47 11.81
C LYS N 1181 122.94 -71.27 13.01
N ALA N 1182 122.37 -70.59 14.01
CA ALA N 1182 121.75 -71.23 15.17
C ALA N 1182 120.43 -71.96 14.84
N LEU N 1183 119.65 -71.43 13.89
CA LEU N 1183 118.37 -71.98 13.44
C LEU N 1183 118.56 -73.28 12.65
N LEU N 1184 119.40 -73.24 11.61
CA LEU N 1184 119.52 -74.27 10.59
C LEU N 1184 120.62 -75.30 10.89
N GLY N 1185 121.71 -74.87 11.55
CA GLY N 1185 122.92 -75.68 11.76
C GLY N 1185 123.91 -75.61 10.60
N GLU N 1186 125.17 -76.00 10.86
CA GLU N 1186 126.36 -75.74 10.03
C GLU N 1186 126.29 -76.28 8.59
N SER N 1187 125.47 -77.32 8.36
CA SER N 1187 125.23 -77.88 7.02
C SER N 1187 124.62 -76.87 6.03
N TRP N 1188 123.85 -75.88 6.51
CA TRP N 1188 123.25 -74.85 5.65
C TRP N 1188 124.19 -73.68 5.30
N PRO N 1189 124.99 -73.12 6.23
CA PRO N 1189 126.14 -72.26 5.88
C PRO N 1189 127.21 -72.94 4.99
N ALA N 1190 127.26 -74.28 4.95
CA ALA N 1190 128.03 -75.02 3.95
C ALA N 1190 127.31 -75.14 2.59
N GLU N 1191 126.02 -75.47 2.58
CA GLU N 1191 125.17 -75.55 1.38
C GLU N 1191 125.00 -74.21 0.66
N LEU N 1192 125.09 -73.10 1.42
CA LEU N 1192 125.06 -71.70 0.98
C LEU N 1192 126.03 -71.40 -0.17
N ASN N 1193 127.06 -72.21 -0.41
CA ASN N 1193 127.91 -72.09 -1.61
C ASN N 1193 127.15 -72.26 -2.95
N LYS N 1194 125.95 -72.85 -2.96
CA LYS N 1194 124.97 -72.73 -4.06
C LYS N 1194 124.10 -71.48 -3.92
N LEU N 1195 123.49 -71.28 -2.74
CA LEU N 1195 122.49 -70.22 -2.48
C LEU N 1195 123.06 -68.79 -2.54
N LYS N 1196 124.40 -68.61 -2.51
CA LYS N 1196 125.09 -67.35 -2.83
C LYS N 1196 124.72 -66.81 -4.21
N GLN N 1197 124.56 -67.69 -5.21
CA GLN N 1197 124.39 -67.30 -6.62
C GLN N 1197 123.06 -67.75 -7.25
N LYS N 1198 122.63 -69.00 -6.99
CA LYS N 1198 121.58 -69.67 -7.78
C LYS N 1198 120.13 -69.37 -7.35
N THR N 1199 119.87 -69.24 -6.05
CA THR N 1199 118.51 -69.23 -5.48
C THR N 1199 118.36 -68.25 -4.31
N PRO N 1200 117.12 -67.87 -3.94
CA PRO N 1200 116.81 -67.39 -2.59
C PRO N 1200 117.13 -68.45 -1.50
N ILE N 1201 117.06 -68.02 -0.24
CA ILE N 1201 117.09 -68.86 0.97
C ILE N 1201 115.66 -68.88 1.56
N ASN N 1202 115.14 -70.08 1.87
CA ASN N 1202 113.73 -70.36 2.13
C ASN N 1202 113.44 -70.67 3.62
N PHE N 1203 112.44 -70.01 4.23
CA PHE N 1203 112.17 -70.06 5.68
C PHE N 1203 110.68 -70.22 6.06
N ASN N 1204 110.42 -70.69 7.30
CA ASN N 1204 109.13 -70.72 7.98
C ASN N 1204 109.34 -70.79 9.51
N LEU N 1205 108.76 -69.86 10.28
CA LEU N 1205 108.92 -69.76 11.75
C LEU N 1205 108.07 -70.78 12.53
N GLU N 1206 108.42 -72.06 12.35
CA GLU N 1206 107.77 -73.23 12.97
C GLU N 1206 107.97 -73.30 14.51
N GLU N 1207 107.08 -74.01 15.23
CA GLU N 1207 106.94 -73.88 16.68
C GLU N 1207 108.18 -74.26 17.50
N GLN N 1208 109.03 -75.18 17.02
CA GLN N 1208 110.16 -75.73 17.81
C GLN N 1208 111.26 -74.70 18.16
N ILE N 1209 111.26 -73.54 17.50
CA ILE N 1209 112.12 -72.37 17.82
C ILE N 1209 111.32 -71.13 18.24
N PHE N 1210 110.13 -70.88 17.68
CA PHE N 1210 109.37 -69.66 17.97
C PHE N 1210 108.48 -69.75 19.23
N VAL N 1211 107.96 -70.95 19.55
CA VAL N 1211 106.95 -71.16 20.60
C VAL N 1211 107.40 -72.16 21.66
N GLU N 1212 107.81 -73.37 21.28
CA GLU N 1212 108.19 -74.44 22.24
C GLU N 1212 109.46 -74.12 23.03
N ASP N 1213 110.31 -73.23 22.51
CA ASP N 1213 111.54 -72.73 23.15
C ASP N 1213 111.30 -71.51 24.08
N TYR N 1214 110.03 -71.13 24.27
CA TYR N 1214 109.54 -69.94 24.97
C TYR N 1214 108.26 -70.28 25.78
N GLN N 1215 107.75 -69.37 26.61
CA GLN N 1215 106.47 -69.57 27.30
C GLN N 1215 105.29 -69.61 26.30
N GLU N 1216 104.34 -70.52 26.55
CA GLU N 1216 103.17 -70.81 25.71
C GLU N 1216 102.15 -69.66 25.64
N LEU N 1217 101.29 -69.70 24.61
CA LEU N 1217 100.28 -68.67 24.29
C LEU N 1217 99.06 -69.25 23.57
N TYR N 1218 97.90 -68.60 23.72
CA TYR N 1218 96.65 -68.87 23.00
C TYR N 1218 96.60 -68.16 21.63
N GLN N 1219 97.10 -66.91 21.55
CA GLN N 1219 97.12 -66.07 20.34
C GLN N 1219 98.42 -65.27 20.20
N ARG N 1220 98.71 -64.79 18.99
CA ARG N 1220 100.01 -64.28 18.51
C ARG N 1220 99.84 -63.34 17.30
N ARG N 1221 100.20 -62.06 17.37
CA ARG N 1221 100.13 -61.11 16.22
C ARG N 1221 101.34 -60.16 16.13
N ILE N 1222 101.96 -60.08 14.96
CA ILE N 1222 103.19 -59.31 14.68
C ILE N 1222 102.97 -57.79 14.79
N LYS N 1223 104.03 -57.05 15.11
CA LYS N 1223 104.09 -55.58 15.21
C LYS N 1223 105.25 -54.94 14.42
N SER N 1224 106.43 -55.55 14.40
CA SER N 1224 107.61 -55.06 13.65
C SER N 1224 108.64 -56.17 13.41
N VAL N 1225 109.53 -56.00 12.44
CA VAL N 1225 110.68 -56.89 12.14
C VAL N 1225 111.89 -56.08 11.65
N SER N 1226 113.11 -56.65 11.78
CA SER N 1226 114.35 -56.09 11.19
C SER N 1226 115.48 -57.13 11.06
N VAL N 1227 116.50 -56.80 10.26
CA VAL N 1227 117.61 -57.69 9.86
C VAL N 1227 118.99 -57.02 10.04
N SER N 1228 119.97 -57.80 10.49
CA SER N 1228 121.40 -57.46 10.47
C SER N 1228 122.22 -58.56 9.79
N LEU N 1229 123.29 -58.19 9.10
CA LEU N 1229 124.04 -59.06 8.19
C LEU N 1229 125.54 -59.11 8.55
N PRO N 1230 125.96 -60.08 9.39
CA PRO N 1230 127.37 -60.43 9.63
C PRO N 1230 128.19 -60.72 8.35
N MET N 1231 128.72 -59.67 7.74
CA MET N 1231 129.49 -59.67 6.49
C MET N 1231 130.59 -58.59 6.53
N LEU N 1232 131.70 -58.79 5.81
CA LEU N 1232 132.85 -57.85 5.81
C LEU N 1232 132.63 -56.65 4.84
N VAL N 1233 131.58 -55.86 5.11
CA VAL N 1233 131.18 -54.67 4.35
C VAL N 1233 131.42 -53.37 5.13
N GLY N 1234 132.12 -52.41 4.52
CA GLY N 1234 132.40 -51.09 5.12
C GLY N 1234 131.31 -50.03 4.87
N PRO N 1235 131.46 -48.80 5.43
CA PRO N 1235 130.49 -47.70 5.24
C PRO N 1235 130.41 -47.19 3.79
N TYR N 1236 131.49 -47.37 3.02
CA TYR N 1236 131.69 -46.91 1.64
C TYR N 1236 131.06 -47.84 0.56
N GLU N 1237 130.31 -48.88 0.95
CA GLU N 1237 129.76 -49.89 0.03
C GLU N 1237 128.33 -50.33 0.41
N ASP N 1238 127.63 -50.89 -0.58
CA ASP N 1238 126.17 -51.08 -0.61
C ASP N 1238 125.76 -52.56 -0.45
N VAL N 1239 124.84 -52.84 0.47
CA VAL N 1239 124.35 -54.19 0.82
C VAL N 1239 122.99 -54.45 0.18
N CYS N 1240 122.96 -54.56 -1.15
CA CYS N 1240 121.75 -54.52 -2.01
C CYS N 1240 120.78 -55.72 -1.91
N ALA N 1241 120.82 -56.50 -0.82
CA ALA N 1241 119.99 -57.69 -0.64
C ALA N 1241 118.49 -57.37 -0.46
N GLN N 1242 117.66 -58.41 -0.43
CA GLN N 1242 116.21 -58.37 -0.40
C GLN N 1242 115.66 -59.37 0.63
N LEU N 1243 114.59 -58.98 1.33
CA LEU N 1243 113.74 -59.87 2.12
C LEU N 1243 112.30 -59.83 1.60
N THR N 1244 111.58 -60.93 1.79
CA THR N 1244 110.17 -61.07 1.37
C THR N 1244 109.42 -62.03 2.30
N GLN N 1245 108.12 -61.80 2.48
CA GLN N 1245 107.13 -62.76 2.95
C GLN N 1245 106.30 -63.17 1.72
N THR N 1246 105.99 -64.46 1.54
CA THR N 1246 105.26 -64.95 0.36
C THR N 1246 104.01 -64.10 0.05
N SER N 1247 103.86 -63.66 -1.20
CA SER N 1247 103.13 -62.41 -1.55
C SER N 1247 102.27 -62.56 -2.80
N SER N 1248 101.31 -61.63 -2.96
CA SER N 1248 100.47 -61.50 -4.16
C SER N 1248 100.08 -60.04 -4.44
N SER N 1249 99.76 -59.75 -5.70
CA SER N 1249 99.29 -58.44 -6.20
C SER N 1249 98.17 -58.62 -7.24
N TYR N 1250 97.32 -59.62 -7.02
CA TYR N 1250 96.53 -60.30 -8.05
C TYR N 1250 95.02 -60.18 -7.77
N SER N 1251 94.22 -60.15 -8.84
CA SER N 1251 92.81 -59.74 -8.77
C SER N 1251 91.86 -60.94 -8.92
N THR N 1252 90.91 -61.07 -7.98
CA THR N 1252 90.03 -62.25 -7.82
C THR N 1252 88.95 -62.34 -8.89
N ARG N 1253 88.88 -63.44 -9.64
CA ARG N 1253 87.89 -63.67 -10.72
C ARG N 1253 86.89 -64.80 -10.43
N ALA N 1254 85.60 -64.45 -10.43
CA ALA N 1254 84.47 -65.36 -10.24
C ALA N 1254 84.00 -66.04 -11.55
N ASP N 1255 83.17 -67.06 -11.41
CA ASP N 1255 82.50 -67.83 -12.46
C ASP N 1255 81.35 -67.05 -13.15
N LEU N 1256 81.12 -67.28 -14.45
CA LEU N 1256 79.88 -66.96 -15.19
C LEU N 1256 79.74 -67.87 -16.42
N LYS N 1257 78.50 -68.05 -16.92
CA LYS N 1257 78.17 -68.82 -18.15
C LYS N 1257 77.49 -67.96 -19.23
N HIS N 1273 103.92 -57.92 -9.71
CA HIS N 1273 104.18 -57.97 -11.16
C HIS N 1273 104.39 -56.56 -11.76
N LEU N 1274 104.86 -56.53 -13.02
CA LEU N 1274 105.65 -55.44 -13.65
C LEU N 1274 107.04 -55.26 -13.00
N VAL N 1275 107.97 -54.67 -13.75
CA VAL N 1275 109.44 -54.71 -13.54
C VAL N 1275 109.87 -54.29 -12.13
N ARG N 1276 110.03 -55.28 -11.24
CA ARG N 1276 110.35 -55.13 -9.80
C ARG N 1276 109.45 -54.08 -9.09
N SER N 1277 108.20 -53.99 -9.51
CA SER N 1277 107.20 -53.11 -8.88
C SER N 1277 106.76 -53.63 -7.50
N ILE N 1278 106.08 -52.77 -6.72
CA ILE N 1278 105.76 -53.02 -5.32
C ILE N 1278 104.42 -53.75 -5.20
N GLN N 1279 104.44 -55.00 -4.75
CA GLN N 1279 103.23 -55.72 -4.34
C GLN N 1279 102.68 -55.13 -3.02
N PRO N 1280 101.35 -55.00 -2.83
CA PRO N 1280 100.75 -54.24 -1.73
C PRO N 1280 101.06 -54.79 -0.33
N ASN N 1281 101.53 -56.04 -0.22
CA ASN N 1281 101.97 -56.66 1.02
C ASN N 1281 103.37 -56.22 1.51
N GLN N 1282 104.13 -55.49 0.69
CA GLN N 1282 105.48 -54.95 0.96
C GLN N 1282 106.61 -55.98 1.12
N GLN N 1283 107.79 -55.65 0.58
CA GLN N 1283 108.98 -56.52 0.46
C GLN N 1283 110.26 -55.68 0.66
N ILE N 1284 110.88 -55.75 1.85
CA ILE N 1284 111.95 -54.81 2.24
C ILE N 1284 113.31 -55.08 1.56
N SER N 1285 113.93 -54.03 1.02
CA SER N 1285 115.23 -54.07 0.33
C SER N 1285 116.32 -53.44 1.22
N LEU N 1286 117.40 -54.19 1.46
CA LEU N 1286 118.51 -53.81 2.33
C LEU N 1286 119.43 -52.74 1.70
N SER N 1287 120.23 -52.07 2.53
CA SER N 1287 121.14 -50.99 2.13
C SER N 1287 122.42 -50.96 2.98
N THR N 1288 122.29 -50.97 4.31
CA THR N 1288 123.36 -50.90 5.32
C THR N 1288 123.89 -52.26 5.79
N GLY N 1289 123.07 -53.32 5.73
CA GLY N 1289 123.37 -54.61 6.37
C GLY N 1289 123.26 -54.60 7.90
N VAL N 1290 122.52 -53.65 8.48
CA VAL N 1290 122.24 -53.46 9.91
C VAL N 1290 120.74 -53.13 10.06
N ASN N 1291 120.15 -53.24 11.26
CA ASN N 1291 118.69 -53.17 11.50
C ASN N 1291 117.92 -51.99 10.85
N ASP N 1292 118.57 -50.86 10.53
CA ASP N 1292 117.95 -49.76 9.78
C ASP N 1292 117.73 -50.06 8.28
N SER N 1293 118.25 -51.19 7.77
CA SER N 1293 117.81 -51.86 6.54
C SER N 1293 116.44 -52.57 6.66
N GLY N 1294 115.92 -52.77 7.88
CA GLY N 1294 114.66 -53.47 8.15
C GLY N 1294 113.42 -52.56 8.28
N LEU N 1295 113.62 -51.32 8.75
CA LEU N 1295 112.61 -50.25 8.75
C LEU N 1295 113.31 -48.87 8.69
N PHE N 1296 112.64 -47.86 8.10
CA PHE N 1296 113.18 -46.51 7.92
C PHE N 1296 112.36 -45.44 8.65
N MET N 1297 113.04 -44.41 9.19
CA MET N 1297 112.54 -43.16 9.82
C MET N 1297 111.64 -43.29 11.06
N LEU N 1298 110.69 -44.22 11.05
CA LEU N 1298 109.61 -44.38 12.02
C LEU N 1298 110.11 -44.91 13.37
N ASN N 1299 109.64 -44.31 14.46
CA ASN N 1299 109.90 -44.77 15.82
C ASN N 1299 108.92 -45.89 16.24
N PHE N 1300 107.74 -45.52 16.74
CA PHE N 1300 106.73 -46.40 17.35
C PHE N 1300 105.30 -46.09 16.88
N ASP N 1301 105.13 -45.15 15.95
CA ASP N 1301 103.85 -44.70 15.37
C ASP N 1301 104.00 -44.31 13.88
N ASP N 1302 102.90 -44.45 13.13
CA ASP N 1302 102.68 -43.97 11.76
C ASP N 1302 101.16 -43.94 11.50
N GLU N 1303 100.71 -43.26 10.45
CA GLU N 1303 99.31 -43.29 9.97
C GLU N 1303 98.84 -44.68 9.48
N ARG N 1304 99.78 -45.61 9.27
CA ARG N 1304 99.63 -46.85 8.50
C ARG N 1304 100.36 -48.01 9.17
N PHE N 1305 99.86 -49.21 8.95
CA PHE N 1305 100.39 -50.46 9.52
C PHE N 1305 101.85 -50.69 9.11
N LEU N 1306 102.72 -51.08 10.04
CA LEU N 1306 104.13 -51.43 9.81
C LEU N 1306 104.29 -52.77 9.06
N PRO N 1307 105.51 -53.15 8.60
CA PRO N 1307 105.73 -54.43 7.92
C PRO N 1307 105.21 -55.62 8.73
N PHE N 1308 104.35 -56.42 8.08
CA PHE N 1308 103.65 -57.61 8.63
C PHE N 1308 102.73 -57.35 9.85
N GLU N 1309 102.47 -56.09 10.23
CA GLU N 1309 101.68 -55.76 11.43
C GLU N 1309 100.25 -56.35 11.35
N GLY N 1310 99.82 -57.04 12.41
CA GLY N 1310 98.50 -57.68 12.52
C GLY N 1310 98.43 -59.11 11.94
N SER N 1311 99.51 -59.60 11.33
CA SER N 1311 99.65 -60.99 10.88
C SER N 1311 99.99 -61.95 12.03
N GLY N 1312 99.61 -63.22 11.89
CA GLY N 1312 100.25 -64.32 12.63
C GLY N 1312 101.67 -64.61 12.09
N VAL N 1313 102.42 -65.44 12.85
CA VAL N 1313 103.81 -65.84 12.53
C VAL N 1313 103.91 -67.15 11.72
N ASP N 1314 102.80 -67.69 11.22
CA ASP N 1314 102.74 -68.97 10.50
C ASP N 1314 103.20 -68.89 9.01
N SER N 1315 103.59 -67.71 8.53
CA SER N 1315 104.01 -67.44 7.15
C SER N 1315 105.30 -68.14 6.71
N SER N 1316 105.65 -67.98 5.42
CA SER N 1316 106.94 -68.35 4.85
C SER N 1316 107.63 -67.13 4.23
N TRP N 1317 108.96 -67.12 4.29
CA TRP N 1317 109.80 -65.96 3.94
C TRP N 1317 110.97 -66.35 3.02
N ARG N 1318 111.56 -65.35 2.36
CA ARG N 1318 112.71 -65.46 1.47
C ARG N 1318 113.76 -64.39 1.77
N LEU N 1319 115.03 -64.79 1.70
CA LEU N 1319 116.20 -63.89 1.55
C LEU N 1319 116.81 -64.09 0.16
N GLN N 1320 117.00 -63.01 -0.58
CA GLN N 1320 117.63 -63.02 -1.91
C GLN N 1320 118.69 -61.90 -1.97
N PHE N 1321 119.86 -62.16 -2.53
CA PHE N 1321 120.94 -61.17 -2.62
C PHE N 1321 120.76 -60.17 -3.79
N THR N 1322 120.07 -60.56 -4.87
CA THR N 1322 119.99 -59.76 -6.12
C THR N 1322 121.39 -59.37 -6.60
N ASN N 1323 121.60 -58.17 -7.16
CA ASN N 1323 122.90 -57.65 -7.58
C ASN N 1323 124.01 -57.70 -6.51
N LEU N 1324 123.69 -57.83 -5.21
CA LEU N 1324 124.70 -58.06 -4.16
C LEU N 1324 125.50 -59.35 -4.42
N LYS N 1325 124.88 -60.37 -5.06
CA LYS N 1325 125.55 -61.61 -5.48
C LYS N 1325 126.69 -61.44 -6.48
N GLN N 1326 126.81 -60.27 -7.10
CA GLN N 1326 127.92 -59.91 -8.00
C GLN N 1326 129.20 -59.48 -7.24
N ASN N 1327 129.14 -59.28 -5.92
CA ASN N 1327 130.30 -58.99 -5.06
C ASN N 1327 130.29 -59.71 -3.70
N LEU N 1328 129.27 -60.52 -3.41
CA LEU N 1328 129.15 -61.39 -2.23
C LEU N 1328 130.35 -62.34 -2.09
N ASP N 1329 131.19 -62.13 -1.06
CA ASP N 1329 132.46 -62.85 -0.90
C ASP N 1329 132.86 -63.14 0.58
N SER N 1330 132.07 -62.68 1.55
CA SER N 1330 132.49 -62.54 2.95
C SER N 1330 131.33 -62.53 3.96
N LEU N 1331 130.20 -63.14 3.61
CA LEU N 1331 129.06 -63.38 4.50
C LEU N 1331 129.34 -64.56 5.45
N ASN N 1332 128.83 -64.49 6.69
CA ASN N 1332 129.15 -65.43 7.77
C ASN N 1332 127.89 -66.00 8.47
N ASP N 1333 126.87 -65.16 8.68
CA ASP N 1333 125.60 -65.46 9.34
C ASP N 1333 124.57 -64.38 8.96
N VAL N 1334 123.29 -64.60 9.26
CA VAL N 1334 122.24 -63.57 9.18
C VAL N 1334 121.46 -63.53 10.49
N ILE N 1335 121.19 -62.33 11.00
CA ILE N 1335 120.47 -62.09 12.25
C ILE N 1335 119.12 -61.43 11.97
N LEU N 1336 118.04 -61.94 12.57
CA LEU N 1336 116.69 -61.40 12.47
C LEU N 1336 116.14 -61.00 13.85
N HIS N 1337 115.29 -59.97 13.89
CA HIS N 1337 114.63 -59.42 15.07
C HIS N 1337 113.12 -59.26 14.83
N VAL N 1338 112.28 -59.57 15.82
CA VAL N 1338 110.81 -59.55 15.74
C VAL N 1338 110.20 -58.88 16.99
N LYS N 1339 109.17 -58.04 16.78
CA LYS N 1339 108.23 -57.56 17.80
C LYS N 1339 106.84 -58.14 17.52
N TYR N 1340 106.19 -58.73 18.51
CA TYR N 1340 104.85 -59.30 18.40
C TYR N 1340 104.09 -59.22 19.73
N THR N 1341 102.77 -59.32 19.70
CA THR N 1341 101.93 -59.47 20.91
C THR N 1341 101.41 -60.88 21.00
N ALA N 1342 101.58 -61.50 22.17
CA ALA N 1342 100.89 -62.71 22.58
C ALA N 1342 99.58 -62.37 23.35
N ALA N 1343 98.77 -63.40 23.58
CA ALA N 1343 97.70 -63.42 24.57
C ALA N 1343 97.46 -64.86 25.05
N VAL O 92 -2.72 -31.70 -104.14
CA VAL O 92 -3.80 -32.71 -104.00
C VAL O 92 -3.48 -34.05 -104.68
N LYS O 93 -2.48 -34.75 -104.13
CA LYS O 93 -2.16 -36.18 -104.38
C LYS O 93 -3.45 -37.03 -104.23
N PRO O 94 -3.59 -38.18 -104.90
CA PRO O 94 -4.87 -38.85 -105.15
C PRO O 94 -5.89 -38.86 -103.98
N THR O 95 -6.86 -37.94 -104.05
CA THR O 95 -7.83 -37.59 -102.97
C THR O 95 -9.19 -37.20 -103.55
N GLU O 96 -10.26 -37.49 -102.81
CA GLU O 96 -11.67 -37.31 -103.21
C GLU O 96 -12.43 -36.33 -102.30
N ASN O 97 -13.49 -35.70 -102.83
CA ASN O 97 -14.54 -35.01 -102.07
C ASN O 97 -15.93 -35.24 -102.70
N ILE O 98 -16.99 -34.91 -101.95
CA ILE O 98 -18.39 -35.33 -102.15
C ILE O 98 -19.33 -34.09 -102.16
N PRO O 99 -20.38 -34.04 -103.02
CA PRO O 99 -21.30 -32.89 -103.14
C PRO O 99 -22.37 -32.82 -102.03
N SER O 100 -23.03 -31.66 -101.90
CA SER O 100 -24.29 -31.52 -101.16
C SER O 100 -25.48 -32.06 -101.98
N PRO O 101 -26.48 -32.72 -101.37
CA PRO O 101 -27.64 -33.30 -102.08
C PRO O 101 -28.63 -32.26 -102.62
N ILE O 102 -28.66 -31.07 -102.00
CA ILE O 102 -29.41 -29.89 -102.42
C ILE O 102 -28.53 -28.64 -102.21
N LEU O 103 -28.91 -27.55 -102.87
CA LEU O 103 -28.28 -26.23 -102.76
C LEU O 103 -29.36 -25.18 -102.42
N VAL O 104 -29.86 -25.30 -101.18
CA VAL O 104 -31.06 -24.67 -100.57
C VAL O 104 -32.36 -25.00 -101.30
N GLU O 105 -32.46 -24.61 -102.57
CA GLU O 105 -33.57 -24.88 -103.48
C GLU O 105 -34.93 -24.34 -103.02
N ASP O 106 -34.99 -23.05 -102.70
CA ASP O 106 -36.25 -22.32 -102.49
C ASP O 106 -37.02 -22.03 -103.81
N LYS O 107 -38.07 -21.20 -103.75
CA LYS O 107 -39.13 -21.03 -104.78
C LYS O 107 -38.62 -20.95 -106.22
N TYR O 108 -37.95 -19.86 -106.56
CA TYR O 108 -37.87 -19.25 -107.89
C TYR O 108 -37.44 -20.18 -109.05
N THR O 109 -36.14 -20.47 -109.13
CA THR O 109 -35.43 -20.99 -110.31
C THR O 109 -36.14 -22.13 -111.04
N GLU O 110 -36.68 -23.09 -110.30
CA GLU O 110 -37.36 -24.27 -110.86
C GLU O 110 -38.58 -23.93 -111.73
N GLU O 111 -39.23 -22.79 -111.49
CA GLU O 111 -40.27 -22.21 -112.34
C GLU O 111 -39.71 -21.15 -113.29
N THR O 112 -38.72 -20.37 -112.83
CA THR O 112 -38.04 -19.31 -113.59
C THR O 112 -37.44 -19.79 -114.91
N TYR O 113 -37.01 -21.06 -114.98
CA TYR O 113 -36.46 -21.67 -116.21
C TYR O 113 -37.30 -21.38 -117.47
N SER O 114 -38.62 -21.37 -117.35
CA SER O 114 -39.56 -21.20 -118.47
C SER O 114 -39.91 -19.74 -118.83
N ARG O 115 -39.43 -18.74 -118.09
CA ARG O 115 -39.90 -17.35 -118.19
C ARG O 115 -39.50 -16.69 -119.54
N PRO O 116 -40.31 -15.75 -120.07
CA PRO O 116 -40.40 -15.48 -121.51
C PRO O 116 -39.19 -14.84 -122.22
N ASP O 117 -38.14 -14.42 -121.51
CA ASP O 117 -36.84 -14.13 -122.14
C ASP O 117 -35.64 -14.65 -121.33
N VAL O 118 -35.73 -15.90 -120.85
CA VAL O 118 -34.62 -16.69 -120.26
C VAL O 118 -33.99 -17.65 -121.28
N ASN O 119 -33.23 -17.11 -122.25
CA ASN O 119 -32.60 -17.85 -123.37
C ASN O 119 -31.27 -18.57 -122.99
N PHE O 120 -31.27 -19.26 -121.84
CA PHE O 120 -30.09 -19.93 -121.30
C PHE O 120 -29.95 -21.35 -121.86
N LYS O 121 -29.14 -21.50 -122.91
CA LYS O 121 -28.61 -22.81 -123.36
C LYS O 121 -27.47 -23.22 -122.42
N GLU O 122 -27.53 -24.42 -121.84
CA GLU O 122 -26.41 -25.02 -121.08
C GLU O 122 -25.18 -25.37 -121.97
N ASP O 123 -25.29 -25.13 -123.28
CA ASP O 123 -24.23 -25.17 -124.29
C ASP O 123 -23.64 -23.76 -124.62
N GLY O 124 -24.24 -22.70 -124.04
CA GLY O 124 -23.98 -21.27 -124.30
C GLY O 124 -24.86 -20.67 -125.41
N SER O 125 -24.97 -19.35 -125.46
CA SER O 125 -25.76 -18.62 -126.47
C SER O 125 -25.36 -17.15 -126.61
N GLN O 126 -25.80 -16.50 -127.69
CA GLN O 126 -25.92 -15.02 -127.77
C GLN O 126 -27.16 -14.46 -127.04
N GLY O 127 -27.74 -15.20 -126.08
CA GLY O 127 -28.95 -14.84 -125.35
C GLY O 127 -28.69 -13.75 -124.31
N ASN O 128 -28.89 -12.49 -124.70
CA ASN O 128 -28.53 -11.31 -123.91
C ASN O 128 -29.38 -11.07 -122.63
N LEU O 129 -30.26 -12.02 -122.26
CA LEU O 129 -31.07 -12.03 -121.04
C LEU O 129 -31.24 -13.44 -120.44
N SER O 130 -31.15 -13.54 -119.10
CA SER O 130 -31.52 -14.73 -118.29
C SER O 130 -31.64 -14.39 -116.79
N TYR O 131 -32.48 -15.11 -116.01
CA TYR O 131 -33.00 -14.60 -114.71
C TYR O 131 -32.94 -15.55 -113.49
N THR O 132 -32.19 -16.67 -113.54
CA THR O 132 -32.06 -17.65 -112.44
C THR O 132 -31.79 -16.98 -111.08
N ALA O 133 -32.51 -17.34 -110.02
CA ALA O 133 -32.31 -16.75 -108.69
C ALA O 133 -31.10 -17.34 -107.94
N THR O 134 -30.57 -16.57 -107.00
CA THR O 134 -29.31 -16.86 -106.28
C THR O 134 -29.47 -18.03 -105.30
N ARG O 135 -30.66 -18.18 -104.70
CA ARG O 135 -30.93 -19.12 -103.57
C ARG O 135 -31.19 -20.58 -103.97
N VAL O 136 -30.92 -20.99 -105.21
CA VAL O 136 -31.18 -22.35 -105.72
C VAL O 136 -29.90 -23.08 -106.20
N CYS O 137 -28.76 -22.41 -106.13
CA CYS O 137 -27.42 -23.00 -106.27
C CYS O 137 -26.54 -22.65 -105.04
N ALA O 138 -27.21 -22.37 -103.91
CA ALA O 138 -26.65 -21.80 -102.70
C ALA O 138 -25.95 -22.82 -101.80
N PRO O 139 -24.63 -22.63 -101.49
CA PRO O 139 -23.90 -23.43 -100.50
C PRO O 139 -23.99 -22.90 -99.06
N MET O 140 -24.40 -21.63 -98.89
CA MET O 140 -24.55 -20.91 -97.62
C MET O 140 -23.25 -20.70 -96.80
N TYR O 141 -23.27 -19.69 -95.93
CA TYR O 141 -22.14 -19.22 -95.12
C TYR O 141 -21.84 -20.11 -93.89
N ASN O 142 -20.64 -19.93 -93.33
CA ASN O 142 -20.14 -20.66 -92.17
C ASN O 142 -19.43 -19.70 -91.19
N HIS O 143 -19.64 -19.87 -89.87
CA HIS O 143 -18.95 -19.09 -88.82
C HIS O 143 -17.48 -19.51 -88.68
N TYR O 144 -16.64 -18.53 -88.35
CA TYR O 144 -15.20 -18.67 -88.10
C TYR O 144 -14.77 -17.70 -86.99
N VAL O 145 -13.60 -17.92 -86.40
CA VAL O 145 -12.97 -16.97 -85.48
C VAL O 145 -12.58 -15.71 -86.26
N GLY O 146 -13.21 -14.58 -85.93
CA GLY O 146 -13.09 -13.29 -86.62
C GLY O 146 -12.04 -12.35 -86.01
N ASP O 147 -10.77 -12.76 -85.92
CA ASP O 147 -9.69 -11.90 -85.41
C ASP O 147 -9.17 -10.91 -86.48
N LYS O 148 -9.38 -9.61 -86.24
CA LYS O 148 -9.33 -8.53 -87.25
C LYS O 148 -7.95 -8.08 -87.74
N THR O 149 -6.84 -8.64 -87.26
CA THR O 149 -5.46 -8.26 -87.61
C THR O 149 -5.01 -8.79 -88.99
N LYS O 150 -5.80 -8.50 -90.03
CA LYS O 150 -5.71 -8.97 -91.43
C LYS O 150 -6.13 -7.86 -92.44
N PRO O 151 -5.90 -7.99 -93.76
CA PRO O 151 -6.55 -7.14 -94.75
C PRO O 151 -8.08 -7.27 -94.62
N LYS O 152 -8.81 -6.15 -94.56
CA LYS O 152 -10.26 -6.13 -94.31
C LYS O 152 -11.10 -6.55 -95.53
N LEU O 153 -11.90 -7.60 -95.36
CA LEU O 153 -12.80 -8.14 -96.39
C LEU O 153 -14.13 -7.38 -96.41
N SER O 154 -14.44 -6.73 -97.53
CA SER O 154 -15.46 -5.67 -97.62
C SER O 154 -16.39 -5.85 -98.83
N ALA O 155 -17.51 -5.13 -98.90
CA ALA O 155 -18.40 -5.17 -100.08
C ALA O 155 -19.13 -3.85 -100.39
N TYR O 156 -19.23 -3.54 -101.70
CA TYR O 156 -20.14 -2.53 -102.24
C TYR O 156 -21.57 -3.08 -102.44
N ILE O 157 -22.58 -2.20 -102.49
CA ILE O 157 -23.98 -2.55 -102.78
C ILE O 157 -24.68 -1.59 -103.75
N THR O 158 -25.55 -2.14 -104.63
CA THR O 158 -26.48 -1.45 -105.56
C THR O 158 -27.94 -1.90 -105.32
N ASP O 159 -28.92 -1.03 -105.57
CA ASP O 159 -30.28 -1.14 -104.98
C ASP O 159 -31.33 -1.97 -105.77
N TRP O 160 -30.95 -2.61 -106.87
CA TRP O 160 -31.90 -3.33 -107.76
C TRP O 160 -31.32 -4.68 -108.21
N CYS O 161 -32.00 -5.77 -107.84
CA CYS O 161 -31.47 -7.12 -108.06
C CYS O 161 -31.63 -7.54 -109.52
N GLN O 162 -32.87 -7.58 -110.04
CA GLN O 162 -33.20 -7.64 -111.47
C GLN O 162 -32.85 -6.30 -112.15
N TYR O 163 -31.57 -5.95 -112.17
CA TYR O 163 -31.04 -4.71 -112.71
C TYR O 163 -31.28 -4.59 -114.23
N ASP O 164 -31.78 -3.44 -114.69
CA ASP O 164 -32.24 -3.23 -116.06
C ASP O 164 -32.41 -1.73 -116.34
N ALA O 165 -31.88 -1.23 -117.46
CA ALA O 165 -32.06 0.17 -117.89
C ALA O 165 -33.55 0.55 -118.00
N ARG O 166 -33.85 1.80 -117.63
CA ARG O 166 -35.20 2.38 -117.40
C ARG O 166 -36.11 1.45 -116.57
N LEU O 167 -35.95 1.53 -115.25
CA LEU O 167 -36.66 0.73 -114.23
C LEU O 167 -38.17 1.04 -114.13
N ASP O 168 -38.94 0.13 -113.53
CA ASP O 168 -40.40 0.23 -113.35
C ASP O 168 -40.79 0.22 -111.84
N GLY O 169 -42.06 0.53 -111.55
CA GLY O 169 -42.70 0.19 -110.27
C GLY O 169 -42.96 -1.31 -110.10
N GLY O 170 -43.34 -1.73 -108.89
CA GLY O 170 -43.62 -3.13 -108.52
C GLY O 170 -42.41 -4.07 -108.54
N GLY O 171 -42.67 -5.38 -108.48
CA GLY O 171 -41.68 -6.45 -108.42
C GLY O 171 -42.27 -7.86 -108.59
N SER O 172 -41.43 -8.88 -108.41
CA SER O 172 -41.71 -10.34 -108.56
C SER O 172 -42.12 -10.82 -109.96
N LYS O 173 -42.00 -10.00 -111.02
CA LYS O 173 -42.62 -10.25 -112.34
C LYS O 173 -41.80 -9.68 -113.51
N GLU O 174 -40.61 -10.25 -113.75
CA GLU O 174 -39.62 -9.94 -114.82
C GLU O 174 -39.04 -8.52 -114.86
N GLU O 175 -39.86 -7.48 -114.78
CA GLU O 175 -39.40 -6.10 -114.89
C GLU O 175 -38.52 -5.71 -113.69
N GLU O 176 -38.97 -6.12 -112.50
CA GLU O 176 -38.22 -6.17 -111.24
C GLU O 176 -38.55 -7.50 -110.52
N ARG O 177 -37.56 -8.00 -109.77
CA ARG O 177 -37.50 -9.24 -108.98
C ARG O 177 -36.35 -9.06 -107.98
N GLY O 178 -36.43 -9.70 -106.81
CA GLY O 178 -35.40 -9.66 -105.77
C GLY O 178 -34.20 -10.60 -106.00
N ARG O 179 -34.25 -11.48 -107.02
CA ARG O 179 -33.29 -12.58 -107.28
C ARG O 179 -33.03 -13.50 -106.06
N GLY O 180 -33.99 -13.61 -105.15
CA GLY O 180 -33.85 -14.29 -103.86
C GLY O 180 -33.04 -13.55 -102.80
N PHE O 181 -32.52 -12.34 -103.09
CA PHE O 181 -31.79 -11.48 -102.15
C PHE O 181 -32.72 -10.78 -101.14
N ASP O 182 -33.18 -11.55 -100.14
CA ASP O 182 -33.63 -11.01 -98.85
C ASP O 182 -32.39 -10.75 -97.96
N LEU O 183 -32.37 -9.60 -97.28
CA LEU O 183 -31.35 -9.21 -96.31
C LEU O 183 -31.17 -10.24 -95.15
N ALA O 184 -32.14 -11.13 -94.94
CA ALA O 184 -32.12 -12.21 -93.95
C ALA O 184 -30.81 -13.03 -93.90
N THR O 185 -30.20 -13.35 -95.04
CA THR O 185 -28.94 -14.14 -95.06
C THR O 185 -27.76 -13.41 -94.44
N LEU O 186 -27.79 -12.07 -94.38
CA LEU O 186 -26.84 -11.25 -93.62
C LEU O 186 -27.34 -10.97 -92.19
N MET O 187 -28.65 -10.80 -91.97
CA MET O 187 -29.23 -10.63 -90.62
C MET O 187 -29.00 -11.83 -89.70
N GLN O 188 -28.94 -13.06 -90.24
CA GLN O 188 -28.52 -14.25 -89.48
C GLN O 188 -27.01 -14.55 -89.57
N ASN O 189 -26.23 -13.72 -90.28
CA ASN O 189 -24.77 -13.79 -90.36
C ASN O 189 -24.12 -12.38 -90.27
N PRO O 190 -24.40 -11.57 -89.22
CA PRO O 190 -24.07 -10.13 -89.23
C PRO O 190 -22.57 -9.85 -89.39
N ALA O 191 -21.71 -10.78 -88.94
CA ALA O 191 -20.26 -10.74 -89.09
C ALA O 191 -19.72 -11.04 -90.52
N THR O 192 -20.55 -11.10 -91.57
CA THR O 192 -20.11 -11.51 -92.92
C THR O 192 -19.07 -10.57 -93.56
N TYR O 193 -19.07 -9.26 -93.27
CA TYR O 193 -18.14 -8.26 -93.84
C TYR O 193 -17.54 -7.32 -92.79
N ASP O 194 -16.33 -6.85 -93.06
CA ASP O 194 -15.56 -5.96 -92.18
C ASP O 194 -15.89 -4.48 -92.44
N ARG O 195 -16.49 -4.20 -93.60
CA ARG O 195 -17.02 -2.91 -94.07
C ARG O 195 -18.07 -3.14 -95.15
N LEU O 196 -19.12 -2.30 -95.18
CA LEU O 196 -19.99 -2.15 -96.36
C LEU O 196 -19.89 -0.73 -96.95
N ILE O 197 -20.10 -0.62 -98.28
CA ILE O 197 -20.10 0.64 -99.02
C ILE O 197 -21.41 0.80 -99.82
N PHE O 198 -22.28 1.66 -99.30
CA PHE O 198 -23.58 2.01 -99.87
C PHE O 198 -23.47 2.90 -101.12
N SER O 199 -24.55 3.00 -101.91
CA SER O 199 -24.67 3.89 -103.06
C SER O 199 -26.14 4.28 -103.29
N PHE O 200 -26.52 5.53 -103.59
CA PHE O 200 -25.72 6.76 -103.70
C PHE O 200 -26.61 8.01 -103.45
N LEU O 201 -26.08 9.22 -103.63
CA LEU O 201 -26.85 10.48 -103.69
C LEU O 201 -26.71 11.14 -105.07
N GLY O 202 -27.76 11.82 -105.51
CA GLY O 202 -27.70 12.76 -106.64
C GLY O 202 -27.15 14.13 -106.21
N ILE O 203 -26.98 15.03 -107.17
CA ILE O 203 -26.56 16.42 -106.95
C ILE O 203 -27.47 17.35 -107.76
N CYS O 204 -27.94 18.44 -107.16
CA CYS O 204 -28.74 19.47 -107.83
C CYS O 204 -28.00 20.06 -109.04
N GLY O 205 -28.67 20.08 -110.20
CA GLY O 205 -28.08 20.48 -111.49
C GLY O 205 -27.21 19.41 -112.17
N ASP O 206 -26.96 18.25 -111.55
CA ASP O 206 -26.12 17.20 -112.13
C ASP O 206 -26.90 16.23 -113.02
N ILE O 207 -26.98 16.63 -114.29
CA ILE O 207 -27.46 15.83 -115.43
C ILE O 207 -26.71 14.50 -115.64
N GLY O 208 -25.57 14.29 -114.98
CA GLY O 208 -24.80 13.04 -115.07
C GLY O 208 -25.49 11.87 -114.38
N ASN O 209 -26.08 12.11 -113.21
CA ASN O 209 -26.86 11.09 -112.50
C ASN O 209 -28.16 10.82 -113.26
N LYS O 210 -28.95 11.89 -113.46
CA LYS O 210 -30.15 11.97 -114.30
C LYS O 210 -30.53 13.46 -114.47
N SER O 211 -30.86 13.90 -115.69
CA SER O 211 -31.30 15.28 -115.98
C SER O 211 -32.74 15.60 -115.54
N LYS O 212 -33.60 14.57 -115.45
CA LYS O 212 -35.07 14.67 -115.39
C LYS O 212 -35.68 14.15 -114.09
N LYS O 213 -35.75 12.82 -113.88
CA LYS O 213 -36.52 12.18 -112.79
C LYS O 213 -35.98 12.48 -111.39
N VAL O 214 -34.68 12.40 -111.15
CA VAL O 214 -34.04 12.89 -109.91
C VAL O 214 -34.30 14.39 -109.71
N GLN O 215 -34.24 15.18 -110.79
CA GLN O 215 -34.53 16.61 -110.72
C GLN O 215 -36.04 16.91 -110.52
N GLU O 216 -36.93 15.91 -110.65
CA GLU O 216 -38.34 15.96 -110.20
C GLU O 216 -38.49 15.69 -108.70
N VAL O 217 -37.56 14.93 -108.09
CA VAL O 217 -37.42 14.84 -106.62
C VAL O 217 -36.88 16.16 -106.06
N TRP O 218 -35.94 16.82 -106.75
CA TRP O 218 -35.48 18.17 -106.45
C TRP O 218 -36.56 19.25 -106.62
N ASP O 219 -37.38 19.18 -107.69
CA ASP O 219 -38.63 19.96 -107.79
C ASP O 219 -39.58 19.68 -106.62
N GLY O 220 -39.55 18.46 -106.08
CA GLY O 220 -40.29 18.06 -104.89
C GLY O 220 -39.82 18.80 -103.64
N TRP O 221 -38.51 18.79 -103.37
CA TRP O 221 -37.88 19.57 -102.30
C TRP O 221 -38.20 21.06 -102.44
N ASN O 222 -37.93 21.62 -103.61
CA ASN O 222 -38.17 23.03 -103.93
C ASN O 222 -39.65 23.39 -104.18
N ALA O 223 -40.57 22.60 -103.61
CA ALA O 223 -42.00 22.89 -103.51
C ALA O 223 -42.55 22.56 -102.11
N GLN O 224 -42.22 21.38 -101.57
CA GLN O 224 -42.65 20.97 -100.24
C GLN O 224 -41.88 21.69 -99.12
N ALA O 225 -40.58 21.96 -99.29
CA ALA O 225 -39.76 22.61 -98.27
C ALA O 225 -40.30 23.99 -97.89
N PRO O 226 -40.54 24.94 -98.82
CA PRO O 226 -41.10 26.24 -98.45
C PRO O 226 -42.51 26.13 -97.87
N SER O 227 -43.30 25.11 -98.25
CA SER O 227 -44.60 24.83 -97.61
C SER O 227 -44.45 24.41 -96.15
N LEU O 228 -43.38 23.66 -95.83
CA LEU O 228 -42.95 23.29 -94.48
C LEU O 228 -42.13 24.39 -93.77
N GLY O 229 -41.88 25.53 -94.42
CA GLY O 229 -41.02 26.63 -93.94
C GLY O 229 -39.51 26.34 -94.00
N LEU O 230 -39.13 25.18 -94.54
CA LEU O 230 -37.77 24.70 -94.77
C LEU O 230 -37.14 25.31 -96.03
N PRO O 231 -35.81 25.43 -96.14
CA PRO O 231 -35.15 26.04 -97.29
C PRO O 231 -35.15 25.15 -98.54
N GLN O 232 -35.53 25.73 -99.69
CA GLN O 232 -35.14 25.24 -101.01
C GLN O 232 -33.62 25.16 -101.15
N ILE O 233 -33.16 24.25 -102.01
CA ILE O 233 -31.75 23.94 -102.23
C ILE O 233 -31.33 24.23 -103.67
N GLY O 234 -30.12 24.78 -103.84
CA GLY O 234 -29.55 25.17 -105.14
C GLY O 234 -28.64 24.09 -105.74
N LYS O 235 -28.10 24.36 -106.93
CA LYS O 235 -27.18 23.45 -107.63
C LYS O 235 -25.93 23.13 -106.79
N GLY O 236 -25.43 21.90 -106.87
CA GLY O 236 -24.35 21.39 -106.01
C GLY O 236 -24.82 20.73 -104.69
N HIS O 237 -26.04 20.97 -104.18
CA HIS O 237 -26.55 20.26 -103.00
C HIS O 237 -26.80 18.76 -103.31
N ILE O 238 -26.61 17.86 -102.36
CA ILE O 238 -27.05 16.46 -102.50
C ILE O 238 -28.57 16.32 -102.55
N VAL O 239 -29.10 15.32 -103.24
CA VAL O 239 -30.53 14.96 -103.26
C VAL O 239 -30.76 13.44 -103.26
N PRO O 240 -31.85 12.96 -102.61
CA PRO O 240 -32.26 11.55 -102.62
C PRO O 240 -32.75 11.09 -104.00
N LEU O 241 -32.54 9.82 -104.31
CA LEU O 241 -32.78 9.24 -105.63
C LEU O 241 -34.23 8.82 -105.88
N ASP O 242 -34.89 8.22 -104.89
CA ASP O 242 -36.17 7.52 -105.05
C ASP O 242 -36.85 7.41 -103.66
N PRO O 243 -37.47 8.48 -103.12
CA PRO O 243 -37.93 8.49 -101.73
C PRO O 243 -38.83 7.30 -101.34
N TYR O 244 -39.71 6.86 -102.26
CA TYR O 244 -40.58 5.70 -102.03
C TYR O 244 -39.79 4.38 -101.97
N GLY O 245 -38.89 4.15 -102.93
CA GLY O 245 -38.03 2.97 -102.96
C GLY O 245 -36.93 2.97 -101.88
N ASP O 246 -36.49 4.15 -101.43
CA ASP O 246 -35.47 4.35 -100.39
C ASP O 246 -36.07 4.17 -98.98
N LEU O 247 -37.19 4.85 -98.69
CA LEU O 247 -37.79 4.96 -97.35
C LEU O 247 -39.26 4.49 -97.24
N GLY O 248 -40.01 4.38 -98.35
CA GLY O 248 -41.43 3.96 -98.33
C GLY O 248 -41.65 2.45 -98.20
N THR O 249 -40.86 1.66 -98.94
CA THR O 249 -40.95 0.19 -99.04
C THR O 249 -40.53 -0.55 -97.75
N ALA O 250 -41.08 -1.75 -97.51
CA ALA O 250 -40.72 -2.61 -96.36
C ALA O 250 -40.32 -4.07 -96.68
N ARG O 251 -40.75 -4.67 -97.81
CA ARG O 251 -40.44 -6.06 -98.15
C ARG O 251 -38.95 -6.26 -98.51
N ASN O 252 -38.44 -7.49 -98.32
CA ASN O 252 -37.06 -7.97 -98.61
C ASN O 252 -35.88 -7.26 -97.89
N VAL O 253 -36.10 -6.12 -97.25
CA VAL O 253 -35.13 -5.39 -96.41
C VAL O 253 -35.13 -5.83 -94.94
N GLY O 254 -35.77 -6.96 -94.62
CA GLY O 254 -35.77 -7.56 -93.27
C GLY O 254 -36.67 -6.85 -92.26
N LEU O 255 -37.69 -6.11 -92.71
CA LEU O 255 -38.65 -5.41 -91.86
C LEU O 255 -39.99 -6.15 -91.76
N PRO O 256 -40.70 -6.04 -90.60
CA PRO O 256 -42.06 -6.55 -90.44
C PRO O 256 -43.04 -5.84 -91.40
N PRO O 257 -44.12 -6.50 -91.89
CA PRO O 257 -44.93 -6.00 -92.99
C PRO O 257 -45.57 -4.62 -92.77
N GLU O 258 -45.98 -4.34 -91.54
CA GLU O 258 -46.71 -3.11 -91.17
C GLU O 258 -45.83 -1.84 -91.22
N SER O 259 -44.50 -1.99 -91.37
CA SER O 259 -43.50 -0.89 -91.48
C SER O 259 -43.59 -0.07 -92.78
N ALA O 260 -44.31 -0.61 -93.76
CA ALA O 260 -44.65 -0.05 -95.08
C ALA O 260 -45.36 1.32 -94.97
N ASP O 261 -44.82 2.36 -95.62
CA ASP O 261 -45.28 3.75 -95.52
C ASP O 261 -45.40 4.39 -96.92
N THR O 262 -46.63 4.39 -97.45
CA THR O 262 -47.00 4.73 -98.84
C THR O 262 -47.02 6.22 -99.17
N SER O 263 -46.95 7.14 -98.20
CA SER O 263 -47.11 8.59 -98.42
C SER O 263 -45.89 9.27 -99.06
N ILE O 264 -44.74 8.58 -99.13
CA ILE O 264 -43.41 9.15 -99.42
C ILE O 264 -43.17 9.33 -100.94
N GLU O 265 -44.10 10.01 -101.60
CA GLU O 265 -44.00 10.42 -103.01
C GLU O 265 -43.46 11.86 -103.15
N SER O 266 -43.11 12.31 -104.37
CA SER O 266 -42.35 13.54 -104.64
C SER O 266 -42.93 14.86 -104.08
N GLY O 267 -44.20 14.92 -103.69
CA GLY O 267 -44.83 16.12 -103.12
C GLY O 267 -44.82 16.18 -101.58
N THR O 268 -44.59 15.05 -100.89
CA THR O 268 -44.64 14.94 -99.43
C THR O 268 -43.63 13.90 -98.90
N PHE O 269 -42.34 14.24 -98.88
CA PHE O 269 -41.28 13.34 -98.39
C PHE O 269 -40.22 13.96 -97.46
N LEU O 270 -39.95 15.26 -97.51
CA LEU O 270 -38.84 15.86 -96.75
C LEU O 270 -38.87 15.64 -95.22
N PRO O 271 -40.03 15.59 -94.53
CA PRO O 271 -40.09 15.30 -93.09
C PRO O 271 -39.51 13.96 -92.65
N TYR O 272 -39.45 12.97 -93.56
CA TYR O 272 -38.83 11.65 -93.29
C TYR O 272 -37.30 11.64 -93.36
N TYR O 273 -36.68 12.72 -93.83
CA TYR O 273 -35.28 12.73 -94.28
C TYR O 273 -34.24 12.88 -93.15
N GLN O 274 -34.31 11.99 -92.14
CA GLN O 274 -33.36 11.84 -91.03
C GLN O 274 -33.41 10.42 -90.43
N GLN O 275 -32.34 10.03 -89.71
CA GLN O 275 -32.17 8.69 -89.14
C GLN O 275 -33.28 8.27 -88.16
N ASN O 276 -33.87 9.24 -87.46
CA ASN O 276 -34.99 9.03 -86.53
C ASN O 276 -36.27 8.49 -87.22
N ARG O 277 -36.35 8.58 -88.56
CA ARG O 277 -37.46 8.06 -89.40
C ARG O 277 -36.98 7.02 -90.42
N ALA O 278 -35.81 6.40 -90.18
CA ALA O 278 -35.19 5.39 -91.04
C ALA O 278 -36.12 4.19 -91.32
N ALA O 279 -36.22 3.82 -92.60
CA ALA O 279 -37.09 2.79 -93.14
C ALA O 279 -36.51 2.27 -94.47
N GLY O 280 -37.14 1.27 -95.08
CA GLY O 280 -36.55 0.53 -96.19
C GLY O 280 -35.19 -0.07 -95.83
N LEU O 281 -34.30 -0.14 -96.82
CA LEU O 281 -32.93 -0.60 -96.62
C LEU O 281 -32.16 0.29 -95.63
N LEU O 282 -32.44 1.60 -95.62
CA LEU O 282 -31.85 2.55 -94.68
C LEU O 282 -32.25 2.30 -93.22
N GLY O 283 -33.35 1.55 -93.00
CA GLY O 283 -33.66 0.89 -91.74
C GLY O 283 -32.83 -0.38 -91.54
N GLY O 284 -32.82 -1.31 -92.49
CA GLY O 284 -32.12 -2.60 -92.37
C GLY O 284 -30.60 -2.49 -92.09
N LEU O 285 -29.93 -1.49 -92.69
CA LEU O 285 -28.53 -1.19 -92.43
C LEU O 285 -28.30 -0.72 -90.98
N ARG O 286 -29.17 0.18 -90.48
CA ARG O 286 -29.08 0.73 -89.11
C ARG O 286 -29.37 -0.35 -88.09
N GLU O 287 -30.35 -1.19 -88.37
CA GLU O 287 -30.69 -2.40 -87.62
C GLU O 287 -29.52 -3.37 -87.55
N LEU O 288 -28.82 -3.62 -88.66
CA LEU O 288 -27.64 -4.50 -88.67
C LEU O 288 -26.49 -3.97 -87.80
N GLN O 289 -26.23 -2.65 -87.85
CA GLN O 289 -25.15 -2.06 -87.06
C GLN O 289 -25.35 -2.31 -85.56
N LYS O 290 -26.60 -2.22 -85.08
CA LYS O 290 -26.96 -2.56 -83.70
C LYS O 290 -26.82 -4.05 -83.42
N LYS O 291 -27.37 -4.93 -84.28
CA LYS O 291 -27.37 -6.39 -84.05
C LYS O 291 -25.97 -7.01 -84.05
N ALA O 292 -25.09 -6.54 -84.93
CA ALA O 292 -23.68 -6.93 -84.95
C ALA O 292 -23.00 -6.62 -83.61
N HIS O 293 -23.17 -5.40 -83.09
CA HIS O 293 -22.67 -5.00 -81.76
C HIS O 293 -23.36 -5.74 -80.60
N ALA O 294 -24.66 -6.04 -80.71
CA ALA O 294 -25.41 -6.76 -79.69
C ALA O 294 -24.92 -8.22 -79.50
N MET O 295 -24.57 -8.91 -80.59
CA MET O 295 -23.93 -10.24 -80.51
C MET O 295 -22.42 -10.16 -80.21
N GLY O 296 -21.73 -9.12 -80.69
CA GLY O 296 -20.31 -8.91 -80.40
C GLY O 296 -19.77 -7.61 -81.00
N HIS O 297 -19.14 -7.72 -82.17
CA HIS O 297 -18.29 -6.67 -82.75
C HIS O 297 -18.96 -5.85 -83.86
N LYS O 298 -18.50 -4.61 -84.04
CA LYS O 298 -19.09 -3.54 -84.88
C LYS O 298 -18.96 -3.75 -86.40
N LEU O 299 -19.58 -2.85 -87.16
CA LEU O 299 -19.51 -2.75 -88.63
C LEU O 299 -19.29 -1.31 -89.12
N ASP O 300 -18.32 -1.15 -90.03
CA ASP O 300 -18.00 0.09 -90.72
C ASP O 300 -18.85 0.32 -91.98
N LEU O 301 -19.36 1.55 -92.18
CA LEU O 301 -20.38 1.87 -93.19
C LEU O 301 -20.04 3.14 -93.99
N ALA O 302 -19.47 2.97 -95.18
CA ALA O 302 -19.21 4.06 -96.12
C ALA O 302 -20.36 4.27 -97.12
N PHE O 303 -20.34 5.38 -97.88
CA PHE O 303 -21.23 5.57 -99.04
C PHE O 303 -20.60 6.31 -100.22
N SER O 304 -21.03 5.92 -101.43
CA SER O 304 -20.61 6.40 -102.75
C SER O 304 -21.46 7.57 -103.28
N ILE O 305 -20.82 8.50 -103.99
CA ILE O 305 -21.49 9.49 -104.85
C ILE O 305 -20.78 9.49 -106.22
N GLY O 306 -21.51 9.22 -107.30
CA GLY O 306 -21.01 9.18 -108.68
C GLY O 306 -20.61 7.80 -109.21
N GLY O 307 -20.10 7.77 -110.44
CA GLY O 307 -19.75 6.55 -111.17
C GLY O 307 -19.59 6.75 -112.68
N TRP O 308 -19.63 5.66 -113.45
CA TRP O 308 -19.21 5.60 -114.86
C TRP O 308 -20.01 6.49 -115.81
N SER O 309 -21.34 6.55 -115.66
CA SER O 309 -22.20 7.53 -116.34
C SER O 309 -22.54 8.75 -115.46
N LEU O 310 -22.13 8.72 -114.19
CA LEU O 310 -22.56 9.59 -113.10
C LEU O 310 -21.42 10.52 -112.62
N SER O 311 -20.77 11.22 -113.55
CA SER O 311 -19.66 12.16 -113.23
C SER O 311 -19.68 13.43 -114.10
N SER O 312 -20.85 14.04 -114.30
CA SER O 312 -21.00 15.25 -115.12
C SER O 312 -20.67 16.53 -114.36
N TYR O 313 -21.45 16.87 -113.33
CA TYR O 313 -21.29 18.15 -112.61
C TYR O 313 -20.05 18.22 -111.71
N PHE O 314 -19.26 17.15 -111.57
CA PHE O 314 -17.98 17.21 -110.83
C PHE O 314 -17.03 18.28 -111.40
N SER O 315 -17.05 18.49 -112.73
CA SER O 315 -16.31 19.56 -113.41
C SER O 315 -16.86 20.98 -113.13
N ALA O 316 -18.12 21.13 -112.72
CA ALA O 316 -18.65 22.40 -112.22
C ALA O 316 -18.32 22.58 -110.72
N LEU O 317 -18.69 21.57 -109.92
CA LEU O 317 -18.51 21.47 -108.48
C LEU O 317 -17.07 21.77 -108.02
N ALA O 318 -16.09 20.99 -108.48
CA ALA O 318 -14.72 21.11 -108.01
C ALA O 318 -14.06 22.45 -108.38
N GLU O 319 -14.37 22.95 -109.58
CA GLU O 319 -13.69 24.04 -110.27
C GLU O 319 -13.81 25.41 -109.58
N ASN O 320 -14.91 25.65 -108.86
CA ASN O 320 -15.29 26.99 -108.40
C ASN O 320 -15.96 26.96 -107.01
N PRO O 321 -15.56 27.81 -106.05
CA PRO O 321 -16.07 27.78 -104.68
C PRO O 321 -17.60 27.85 -104.54
N ASP O 322 -18.28 28.57 -105.45
CA ASP O 322 -19.73 28.82 -105.33
C ASP O 322 -20.60 27.57 -105.47
N GLU O 323 -20.08 26.52 -106.13
CA GLU O 323 -20.68 25.18 -106.10
C GLU O 323 -20.17 24.35 -104.91
N ARG O 324 -18.87 24.46 -104.55
CA ARG O 324 -18.28 23.77 -103.39
C ARG O 324 -19.00 24.09 -102.08
N ARG O 325 -19.33 25.35 -101.81
CA ARG O 325 -20.01 25.77 -100.58
C ARG O 325 -21.33 25.02 -100.36
N VAL O 326 -22.21 25.04 -101.36
CA VAL O 326 -23.53 24.37 -101.30
C VAL O 326 -23.37 22.87 -101.12
N PHE O 327 -22.40 22.27 -101.81
CA PHE O 327 -22.09 20.85 -101.65
C PHE O 327 -21.59 20.52 -100.24
N VAL O 328 -20.54 21.18 -99.74
CA VAL O 328 -19.95 20.92 -98.42
C VAL O 328 -20.96 21.14 -97.31
N ALA O 329 -21.78 22.20 -97.42
CA ALA O 329 -22.90 22.44 -96.51
C ALA O 329 -23.93 21.30 -96.55
N SER O 330 -24.16 20.70 -97.72
CA SER O 330 -25.04 19.53 -97.89
C SER O 330 -24.44 18.21 -97.36
N VAL O 331 -23.11 18.06 -97.36
CA VAL O 331 -22.45 16.92 -96.68
C VAL O 331 -22.54 17.06 -95.16
N VAL O 332 -22.29 18.27 -94.63
CA VAL O 332 -22.54 18.58 -93.21
C VAL O 332 -24.00 18.30 -92.84
N ASP O 333 -24.96 18.78 -93.63
CA ASP O 333 -26.39 18.54 -93.42
C ASP O 333 -26.75 17.04 -93.50
N PHE O 334 -26.10 16.26 -94.36
CA PHE O 334 -26.27 14.81 -94.41
C PHE O 334 -25.82 14.14 -93.11
N PHE O 335 -24.61 14.42 -92.62
CA PHE O 335 -24.14 13.80 -91.37
C PHE O 335 -24.87 14.33 -90.12
N VAL O 336 -25.45 15.53 -90.19
CA VAL O 336 -26.42 16.03 -89.18
C VAL O 336 -27.72 15.20 -89.22
N ARG O 337 -28.25 14.88 -90.40
CA ARG O 337 -29.46 14.05 -90.60
C ARG O 337 -29.26 12.55 -90.33
N PHE O 338 -28.06 12.03 -90.59
CA PHE O 338 -27.76 10.59 -90.65
C PHE O 338 -26.36 10.26 -90.07
N PRO O 339 -26.15 10.32 -88.74
CA PRO O 339 -24.85 10.09 -88.11
C PRO O 339 -24.27 8.67 -88.23
N MET O 340 -25.10 7.65 -88.53
CA MET O 340 -24.68 6.23 -88.58
C MET O 340 -23.54 5.94 -89.57
N PHE O 341 -23.48 6.65 -90.70
CA PHE O 341 -22.41 6.50 -91.69
C PHE O 341 -21.05 6.94 -91.15
N SER O 342 -19.99 6.24 -91.51
CA SER O 342 -18.62 6.50 -91.05
C SER O 342 -17.72 7.19 -92.09
N CYS O 343 -18.14 7.25 -93.35
CA CYS O 343 -17.24 7.55 -94.47
C CYS O 343 -18.01 7.95 -95.75
N VAL O 344 -17.52 8.95 -96.50
CA VAL O 344 -18.08 9.35 -97.80
C VAL O 344 -17.01 9.44 -98.89
N ASP O 345 -17.25 8.78 -100.02
CA ASP O 345 -16.32 8.70 -101.15
C ASP O 345 -16.94 9.21 -102.47
N ILE O 346 -16.28 10.18 -103.12
CA ILE O 346 -16.53 10.53 -104.53
C ILE O 346 -15.95 9.42 -105.42
N ASP O 347 -16.77 8.95 -106.37
CA ASP O 347 -16.41 7.95 -107.38
C ASP O 347 -16.38 8.57 -108.81
N TRP O 348 -15.63 9.65 -108.98
CA TRP O 348 -15.38 10.28 -110.29
C TRP O 348 -14.61 9.33 -111.22
N GLU O 349 -15.13 9.08 -112.43
CA GLU O 349 -14.49 8.27 -113.47
C GLU O 349 -14.32 9.07 -114.77
N TYR O 350 -13.17 9.70 -115.04
CA TYR O 350 -11.90 9.72 -114.25
C TYR O 350 -11.28 11.14 -114.16
N PRO O 351 -10.29 11.35 -113.27
CA PRO O 351 -9.45 12.56 -113.21
C PRO O 351 -8.70 12.94 -114.49
N GLY O 352 -8.43 11.97 -115.36
CA GLY O 352 -8.14 12.17 -116.79
C GLY O 352 -9.44 12.45 -117.56
N GLY O 353 -9.96 11.43 -118.26
CA GLY O 353 -11.27 11.45 -118.95
C GLY O 353 -12.19 10.32 -118.51
N GLY O 354 -11.78 9.07 -118.75
CA GLY O 354 -12.42 7.84 -118.25
C GLY O 354 -13.80 7.54 -118.85
N GLY O 355 -14.86 7.94 -118.15
CA GLY O 355 -16.21 7.42 -118.30
C GLY O 355 -17.00 7.86 -119.55
N ASP O 356 -18.32 7.72 -119.45
CA ASP O 356 -19.27 8.04 -120.53
C ASP O 356 -19.23 9.53 -120.96
N GLU O 357 -19.63 9.84 -122.19
CA GLU O 357 -19.68 11.19 -122.76
C GLU O 357 -20.64 12.15 -122.04
N GLY O 358 -21.53 11.68 -121.16
CA GLY O 358 -22.29 12.51 -120.22
C GLY O 358 -21.43 13.09 -119.08
N ASN O 359 -20.34 12.43 -118.71
CA ASN O 359 -19.35 12.95 -117.76
C ASN O 359 -18.56 14.12 -118.38
N ILE O 360 -18.02 15.01 -117.54
CA ILE O 360 -17.27 16.20 -117.97
C ILE O 360 -15.94 16.27 -117.20
N SER O 361 -14.85 16.61 -117.89
CA SER O 361 -13.52 16.80 -117.28
C SER O 361 -12.66 17.75 -118.10
N SER O 362 -12.07 18.76 -117.45
CA SER O 362 -10.86 19.44 -117.93
C SER O 362 -9.62 18.76 -117.33
N ASP O 363 -8.46 18.85 -118.00
CA ASP O 363 -7.15 18.49 -117.43
C ASP O 363 -6.95 19.04 -116.00
N LYS O 364 -7.32 20.32 -115.77
CA LYS O 364 -7.25 20.99 -114.45
C LYS O 364 -8.19 20.42 -113.39
N ASP O 365 -9.24 19.66 -113.74
CA ASP O 365 -10.11 19.06 -112.73
C ASP O 365 -9.37 18.01 -111.88
N GLY O 366 -8.32 17.37 -112.41
CA GLY O 366 -7.46 16.45 -111.67
C GLY O 366 -6.71 17.13 -110.51
N GLU O 367 -6.51 18.46 -110.58
CA GLU O 367 -6.12 19.29 -109.43
C GLU O 367 -7.34 19.85 -108.67
N ASN O 368 -8.41 20.30 -109.35
CA ASN O 368 -9.60 20.85 -108.66
C ASN O 368 -10.22 19.86 -107.65
N TYR O 369 -10.14 18.56 -107.94
CA TYR O 369 -10.54 17.45 -107.07
C TYR O 369 -9.75 17.41 -105.74
N VAL O 370 -8.46 17.74 -105.78
CA VAL O 370 -7.60 17.87 -104.58
C VAL O 370 -8.03 19.06 -103.71
N LEU O 371 -8.42 20.17 -104.33
CA LEU O 371 -9.01 21.32 -103.63
C LEU O 371 -10.37 20.93 -103.02
N LEU O 372 -11.28 20.35 -103.82
CA LEU O 372 -12.62 19.93 -103.37
C LEU O 372 -12.57 19.03 -102.13
N ILE O 373 -11.70 18.02 -102.13
CA ILE O 373 -11.57 17.09 -101.01
C ILE O 373 -10.87 17.71 -99.79
N LYS O 374 -9.88 18.60 -99.98
CA LYS O 374 -9.23 19.31 -98.87
C LYS O 374 -10.18 20.32 -98.19
N GLU O 375 -10.96 21.05 -98.97
CA GLU O 375 -12.01 21.95 -98.46
C GLU O 375 -13.05 21.17 -97.66
N LEU O 376 -13.55 20.03 -98.19
CA LEU O 376 -14.46 19.17 -97.45
C LEU O 376 -13.82 18.58 -96.18
N ARG O 377 -12.60 18.03 -96.26
CA ARG O 377 -11.86 17.53 -95.10
C ARG O 377 -11.75 18.58 -93.99
N SER O 378 -11.44 19.82 -94.35
CA SER O 378 -11.35 20.97 -93.44
C SER O 378 -12.71 21.31 -92.78
N ALA O 379 -13.79 21.37 -93.56
CA ALA O 379 -15.14 21.64 -93.03
C ALA O 379 -15.66 20.52 -92.12
N LEU O 380 -15.40 19.26 -92.49
CA LEU O 380 -15.77 18.09 -91.68
C LEU O 380 -14.92 17.97 -90.42
N ASP O 381 -13.62 18.23 -90.47
CA ASP O 381 -12.76 18.37 -89.28
C ASP O 381 -13.28 19.47 -88.35
N SER O 382 -13.70 20.61 -88.91
CA SER O 382 -14.27 21.73 -88.15
C SER O 382 -15.57 21.35 -87.44
N ARG O 383 -16.50 20.68 -88.14
CA ARG O 383 -17.83 20.34 -87.60
C ARG O 383 -17.84 19.08 -86.71
N PHE O 384 -17.07 18.06 -87.04
CA PHE O 384 -17.17 16.72 -86.43
C PHE O 384 -15.89 16.29 -85.68
N GLY O 385 -14.91 17.19 -85.55
CA GLY O 385 -13.71 16.97 -84.74
C GLY O 385 -12.81 15.86 -85.27
N TYR O 386 -12.24 15.06 -84.36
CA TYR O 386 -11.21 14.05 -84.66
C TYR O 386 -11.46 12.68 -84.03
N SER O 387 -11.93 12.64 -82.78
CA SER O 387 -12.21 11.41 -82.03
C SER O 387 -13.25 10.48 -82.69
N ASN O 388 -14.13 11.02 -83.54
CA ASN O 388 -15.15 10.29 -84.28
C ASN O 388 -15.35 10.82 -85.72
N ARG O 389 -14.27 11.28 -86.37
CA ARG O 389 -14.33 11.88 -87.72
C ARG O 389 -14.64 10.88 -88.85
N LYS O 390 -15.29 11.37 -89.90
CA LYS O 390 -15.73 10.58 -91.07
C LYS O 390 -14.61 10.42 -92.11
N GLU O 391 -14.37 9.19 -92.56
CA GLU O 391 -13.26 8.85 -93.46
C GLU O 391 -13.48 9.27 -94.93
N ILE O 392 -12.38 9.47 -95.66
CA ILE O 392 -12.33 9.83 -97.09
C ILE O 392 -11.29 8.99 -97.86
N SER O 393 -11.73 8.34 -98.94
CA SER O 393 -10.91 7.45 -99.79
C SER O 393 -11.19 7.69 -101.28
N ILE O 394 -10.34 7.14 -102.17
CA ILE O 394 -10.45 7.34 -103.63
C ILE O 394 -10.57 6.02 -104.41
N ALA O 395 -11.17 6.10 -105.60
CA ALA O 395 -11.26 5.02 -106.58
C ALA O 395 -10.20 5.21 -107.68
N CYS O 396 -9.07 4.51 -107.56
CA CYS O 396 -7.99 4.60 -108.55
C CYS O 396 -8.24 3.69 -109.75
N SER O 397 -7.78 4.13 -110.92
CA SER O 397 -7.66 3.26 -112.10
C SER O 397 -6.55 2.22 -111.91
N GLY O 398 -6.76 1.02 -112.43
CA GLY O 398 -5.73 -0.03 -112.51
C GLY O 398 -4.86 0.03 -113.77
N VAL O 399 -5.06 1.05 -114.63
CA VAL O 399 -4.33 1.25 -115.90
C VAL O 399 -3.17 2.23 -115.68
N LYS O 400 -1.98 1.88 -116.16
CA LYS O 400 -0.71 2.51 -115.77
C LYS O 400 -0.63 3.98 -116.14
N ALA O 401 -1.14 4.39 -117.31
CA ALA O 401 -1.25 5.81 -117.64
C ALA O 401 -2.20 6.57 -116.70
N LYS O 402 -3.34 5.97 -116.33
CA LYS O 402 -4.42 6.65 -115.63
C LYS O 402 -4.19 6.77 -114.12
N LEU O 403 -3.43 5.84 -113.52
CA LEU O 403 -2.95 6.02 -112.14
C LEU O 403 -1.97 7.20 -111.99
N LYS O 404 -1.32 7.64 -113.08
CA LYS O 404 -0.62 8.95 -113.11
C LYS O 404 -1.61 10.10 -113.03
N LYS O 405 -2.65 10.09 -113.89
CA LYS O 405 -3.69 11.14 -113.97
C LYS O 405 -4.51 11.23 -112.70
N SER O 406 -4.67 10.12 -111.97
CA SER O 406 -5.28 10.01 -110.64
C SER O 406 -4.56 10.86 -109.55
N ASN O 407 -3.28 11.22 -109.75
CA ASN O 407 -2.58 12.27 -108.99
C ASN O 407 -2.49 12.03 -107.46
N ILE O 408 -2.35 10.75 -107.07
CA ILE O 408 -2.27 10.31 -105.65
C ILE O 408 -1.09 10.95 -104.91
N ASP O 409 0.02 11.16 -105.60
CA ASP O 409 1.24 11.76 -105.07
C ASP O 409 1.11 13.27 -104.73
N GLN O 410 -0.05 13.89 -105.01
CA GLN O 410 -0.45 15.17 -104.40
C GLN O 410 -1.49 14.96 -103.28
N LEU O 411 -2.49 14.08 -103.48
CA LEU O 411 -3.54 13.80 -102.48
C LEU O 411 -2.97 13.29 -101.15
N VAL O 412 -1.91 12.48 -101.19
CA VAL O 412 -1.14 11.99 -100.03
C VAL O 412 -0.67 13.10 -99.09
N ALA O 413 -0.43 14.31 -99.62
CA ALA O 413 -0.03 15.51 -98.87
C ALA O 413 -1.20 16.45 -98.51
N ASN O 414 -2.39 16.25 -99.07
CA ASN O 414 -3.60 17.07 -98.86
C ASN O 414 -4.65 16.39 -97.96
N GLY O 415 -4.54 15.08 -97.72
CA GLY O 415 -5.37 14.30 -96.79
C GLY O 415 -6.22 13.26 -97.52
N LEU O 416 -5.87 11.98 -97.32
CA LEU O 416 -6.48 10.82 -97.96
C LEU O 416 -6.27 9.57 -97.11
N ASP O 417 -7.33 8.90 -96.67
CA ASP O 417 -7.22 7.73 -95.80
C ASP O 417 -6.78 6.48 -96.56
N ASN O 418 -7.53 6.07 -97.59
CA ASN O 418 -7.29 4.82 -98.33
C ASN O 418 -7.42 5.00 -99.86
N ILE O 419 -6.81 4.07 -100.59
CA ILE O 419 -6.66 4.06 -102.04
C ILE O 419 -7.22 2.75 -102.58
N TYR O 420 -8.31 2.82 -103.36
CA TYR O 420 -9.00 1.63 -103.84
C TYR O 420 -8.58 1.29 -105.27
N LEU O 421 -7.82 0.21 -105.41
CA LEU O 421 -7.40 -0.34 -106.68
C LEU O 421 -8.58 -1.09 -107.32
N MET O 422 -9.40 -0.39 -108.13
CA MET O 422 -10.40 -1.02 -109.00
C MET O 422 -9.75 -1.55 -110.30
N SER O 423 -8.81 -2.48 -110.17
CA SER O 423 -8.09 -3.13 -111.28
C SER O 423 -8.91 -4.24 -111.97
N TYR O 424 -10.10 -3.87 -112.48
CA TYR O 424 -10.99 -4.74 -113.25
C TYR O 424 -11.80 -3.97 -114.30
N ASP O 425 -12.49 -4.69 -115.20
CA ASP O 425 -12.92 -4.24 -116.54
C ASP O 425 -11.76 -4.12 -117.56
N PHE O 426 -10.74 -4.96 -117.41
CA PHE O 426 -9.69 -5.20 -118.42
C PHE O 426 -10.19 -6.02 -119.63
N PHE O 427 -11.37 -6.64 -119.52
CA PHE O 427 -12.15 -7.14 -120.65
C PHE O 427 -13.66 -6.88 -120.45
N GLY O 428 -14.38 -6.86 -121.57
CA GLY O 428 -15.82 -6.76 -121.66
C GLY O 428 -16.29 -7.26 -123.02
N THR O 429 -17.53 -7.77 -123.09
CA THR O 429 -18.00 -8.66 -124.16
C THR O 429 -17.86 -8.08 -125.58
N ILE O 430 -18.08 -6.77 -125.74
CA ILE O 430 -18.26 -6.10 -127.05
C ILE O 430 -17.05 -5.25 -127.50
N TRP O 431 -16.37 -4.54 -126.59
CA TRP O 431 -15.49 -3.42 -126.94
C TRP O 431 -14.02 -3.79 -127.25
N ALA O 432 -13.58 -5.01 -126.97
CA ALA O 432 -12.25 -5.50 -127.39
C ALA O 432 -12.34 -6.35 -128.68
N ASP O 433 -11.35 -6.27 -129.59
CA ASP O 433 -11.40 -6.97 -130.89
C ASP O 433 -11.26 -8.51 -130.81
N TYR O 434 -10.87 -9.02 -129.64
CA TYR O 434 -10.55 -10.40 -129.34
C TYR O 434 -11.10 -10.78 -127.96
N ILE O 435 -11.28 -12.08 -127.70
CA ILE O 435 -11.64 -12.60 -126.38
C ILE O 435 -10.52 -12.30 -125.34
N GLY O 436 -10.90 -12.17 -124.07
CA GLY O 436 -9.99 -11.78 -122.97
C GLY O 436 -10.61 -11.98 -121.59
N HIS O 437 -10.01 -11.36 -120.57
CA HIS O 437 -10.25 -11.66 -119.15
C HIS O 437 -10.47 -10.38 -118.30
N HIS O 438 -11.50 -10.36 -117.44
CA HIS O 438 -11.95 -9.14 -116.72
C HIS O 438 -10.85 -8.46 -115.87
N THR O 439 -9.96 -9.26 -115.31
CA THR O 439 -8.61 -8.98 -114.80
C THR O 439 -7.92 -10.32 -114.56
N ASN O 440 -6.73 -10.36 -113.95
CA ASN O 440 -6.09 -11.56 -113.37
C ASN O 440 -4.88 -11.18 -112.50
N LEU O 441 -4.35 -12.14 -111.71
CA LEU O 441 -3.15 -11.92 -110.90
C LEU O 441 -1.86 -11.67 -111.71
N TYR O 442 -1.70 -12.20 -112.93
CA TYR O 442 -0.41 -12.26 -113.65
C TYR O 442 -0.51 -12.18 -115.18
N SER O 443 -0.17 -11.03 -115.77
CA SER O 443 -0.18 -10.81 -117.24
C SER O 443 0.57 -11.91 -118.02
N PRO O 444 0.13 -12.29 -119.24
CA PRO O 444 0.76 -13.36 -120.02
C PRO O 444 2.22 -13.02 -120.38
N LYS O 445 2.49 -11.77 -120.77
CA LYS O 445 3.79 -11.07 -120.72
C LYS O 445 3.57 -9.56 -120.91
N ASP O 446 2.69 -9.23 -121.85
CA ASP O 446 2.50 -7.89 -122.42
C ASP O 446 1.02 -7.60 -122.73
N PRO O 447 0.56 -6.32 -122.72
CA PRO O 447 -0.84 -5.90 -122.91
C PRO O 447 -1.34 -5.99 -124.37
N GLY O 448 -0.94 -7.03 -125.11
CA GLY O 448 -1.27 -7.27 -126.52
C GLY O 448 -1.04 -6.04 -127.42
N GLU O 449 -2.09 -5.64 -128.16
CA GLU O 449 -2.12 -4.44 -129.03
C GLU O 449 -2.11 -3.09 -128.27
N GLN O 450 -1.46 -3.03 -127.10
CA GLN O 450 -1.56 -1.94 -126.10
C GLN O 450 -3.00 -1.65 -125.67
N GLU O 451 -3.80 -2.72 -125.57
CA GLU O 451 -5.23 -2.70 -125.22
C GLU O 451 -5.43 -2.72 -123.68
N LEU O 452 -6.69 -2.77 -123.23
CA LEU O 452 -7.05 -3.15 -121.86
C LEU O 452 -6.83 -4.65 -121.57
N PHE O 453 -6.99 -5.56 -122.56
CA PHE O 453 -6.73 -6.98 -122.33
C PHE O 453 -5.24 -7.28 -122.11
N ASP O 454 -4.95 -8.47 -121.56
CA ASP O 454 -3.61 -8.95 -121.18
C ASP O 454 -2.88 -8.09 -120.11
N LEU O 455 -3.62 -7.21 -119.42
CA LEU O 455 -3.25 -6.58 -118.14
C LEU O 455 -3.42 -7.55 -116.96
N SER O 456 -3.03 -7.09 -115.76
CA SER O 456 -3.11 -7.83 -114.50
C SER O 456 -2.88 -6.94 -113.29
N ALA O 457 -3.32 -7.41 -112.12
CA ALA O 457 -3.14 -6.75 -110.83
C ALA O 457 -1.66 -6.66 -110.37
N GLU O 458 -0.78 -7.53 -110.89
CA GLU O 458 0.67 -7.45 -110.65
C GLU O 458 1.26 -6.10 -111.09
N ALA O 459 0.76 -5.54 -112.20
CA ALA O 459 1.35 -4.36 -112.83
C ALA O 459 1.29 -3.09 -111.96
N ALA O 460 0.14 -2.78 -111.36
CA ALA O 460 -0.11 -1.48 -110.71
C ALA O 460 0.72 -1.27 -109.43
N ILE O 461 0.66 -2.19 -108.46
CA ILE O 461 1.29 -2.02 -107.14
C ILE O 461 2.82 -1.84 -107.21
N ASP O 462 3.46 -2.44 -108.22
CA ASP O 462 4.90 -2.29 -108.46
C ASP O 462 5.29 -0.81 -108.70
N TYR O 463 4.42 -0.04 -109.38
CA TYR O 463 4.58 1.39 -109.56
C TYR O 463 4.08 2.19 -108.34
N LEU O 464 2.88 1.89 -107.85
CA LEU O 464 2.22 2.65 -106.78
C LEU O 464 3.04 2.66 -105.48
N HIS O 465 3.53 1.51 -105.01
CA HIS O 465 4.31 1.42 -103.77
C HIS O 465 5.68 2.11 -103.85
N ASN O 466 6.22 2.34 -105.05
CA ASN O 466 7.63 2.70 -105.26
C ASN O 466 7.84 4.04 -105.96
N GLU O 467 7.21 4.23 -107.12
CA GLU O 467 7.27 5.49 -107.88
C GLU O 467 6.26 6.52 -107.36
N LEU O 468 5.13 6.09 -106.79
CA LEU O 468 4.27 6.97 -105.97
C LEU O 468 4.49 6.82 -104.44
N GLY O 469 5.22 5.79 -103.99
CA GLY O 469 5.67 5.61 -102.60
C GLY O 469 4.59 5.15 -101.60
N ILE O 470 3.44 4.66 -102.08
CA ILE O 470 2.23 4.46 -101.28
C ILE O 470 2.36 3.29 -100.27
N PRO O 471 1.90 3.42 -99.01
CA PRO O 471 1.79 2.29 -98.09
C PRO O 471 0.74 1.26 -98.54
N MET O 472 1.09 -0.03 -98.58
CA MET O 472 0.12 -1.09 -98.92
C MET O 472 -1.10 -1.07 -97.99
N GLU O 473 -0.94 -0.60 -96.75
CA GLU O 473 -2.02 -0.48 -95.77
C GLU O 473 -3.06 0.61 -96.10
N LYS O 474 -2.78 1.52 -97.04
CA LYS O 474 -3.79 2.38 -97.68
C LYS O 474 -4.47 1.68 -98.85
N ILE O 475 -3.70 0.88 -99.60
CA ILE O 475 -4.16 0.22 -100.81
C ILE O 475 -5.16 -0.89 -100.46
N HIS O 476 -6.30 -0.92 -101.15
CA HIS O 476 -7.29 -2.00 -101.06
C HIS O 476 -7.56 -2.57 -102.46
N LEU O 477 -7.66 -3.89 -102.58
CA LEU O 477 -7.85 -4.61 -103.84
C LEU O 477 -9.33 -4.90 -104.15
N GLY O 478 -9.85 -4.28 -105.20
CA GLY O 478 -11.20 -4.53 -105.71
C GLY O 478 -11.26 -5.71 -106.68
N TYR O 479 -12.36 -6.46 -106.61
CA TYR O 479 -12.64 -7.58 -107.51
C TYR O 479 -14.15 -7.74 -107.78
N ALA O 480 -14.50 -8.21 -108.97
CA ALA O 480 -15.87 -8.53 -109.37
C ALA O 480 -16.32 -9.91 -108.83
N ASN O 481 -17.63 -10.12 -108.64
CA ASN O 481 -18.21 -11.40 -108.21
C ASN O 481 -18.92 -12.15 -109.34
N TYR O 482 -18.53 -11.92 -110.59
CA TYR O 482 -19.21 -12.41 -111.82
C TYR O 482 -18.19 -12.75 -112.93
N GLY O 483 -18.69 -13.34 -114.01
CA GLY O 483 -17.91 -13.63 -115.23
C GLY O 483 -18.13 -12.60 -116.35
N ARG O 484 -17.39 -12.76 -117.45
CA ARG O 484 -17.50 -11.99 -118.71
C ARG O 484 -17.50 -12.93 -119.91
N SER O 485 -18.55 -12.87 -120.72
CA SER O 485 -18.78 -13.76 -121.85
C SER O 485 -18.29 -13.20 -123.20
N ALA O 486 -18.03 -14.09 -124.15
CA ALA O 486 -17.77 -13.82 -125.57
C ALA O 486 -18.23 -15.00 -126.47
N VAL O 487 -18.17 -14.83 -127.79
CA VAL O 487 -18.73 -15.79 -128.77
C VAL O 487 -17.94 -15.79 -130.08
N GLY O 488 -17.97 -16.91 -130.81
CA GLY O 488 -17.13 -17.14 -132.00
C GLY O 488 -15.65 -17.40 -131.69
N GLY O 489 -15.31 -17.62 -130.41
CA GLY O 489 -13.94 -17.75 -129.93
C GLY O 489 -13.18 -18.95 -130.49
N ASP O 490 -11.90 -18.74 -130.77
CA ASP O 490 -10.88 -19.77 -130.94
C ASP O 490 -9.70 -19.47 -130.01
N LEU O 491 -9.11 -20.50 -129.40
CA LEU O 491 -8.15 -20.32 -128.31
C LEU O 491 -6.71 -20.06 -128.80
N THR O 492 -6.42 -20.47 -130.05
CA THR O 492 -5.13 -20.27 -130.73
C THR O 492 -5.00 -18.91 -131.43
N THR O 493 -6.10 -18.16 -131.59
CA THR O 493 -6.15 -16.87 -132.33
C THR O 493 -7.01 -15.78 -131.69
N ARG O 494 -7.81 -16.09 -130.67
CA ARG O 494 -8.66 -15.16 -129.88
C ARG O 494 -9.68 -14.32 -130.68
N GLN O 495 -9.82 -14.54 -131.98
CA GLN O 495 -10.80 -13.85 -132.83
C GLN O 495 -12.21 -14.06 -132.26
N TYR O 496 -13.04 -13.01 -132.36
CA TYR O 496 -14.36 -12.88 -131.73
C TYR O 496 -15.38 -12.45 -132.79
N THR O 497 -16.65 -12.89 -132.67
CA THR O 497 -17.76 -12.37 -133.50
C THR O 497 -18.01 -10.90 -133.15
N LYS O 498 -17.53 -9.99 -134.00
CA LYS O 498 -17.26 -8.56 -133.75
C LYS O 498 -18.38 -7.75 -133.06
N ASN O 499 -19.65 -8.15 -133.21
CA ASN O 499 -20.81 -7.51 -132.58
C ASN O 499 -21.81 -8.52 -131.97
N GLY O 500 -21.32 -9.65 -131.43
CA GLY O 500 -22.14 -10.67 -130.77
C GLY O 500 -22.27 -10.43 -129.25
N PRO O 501 -23.46 -10.07 -128.71
CA PRO O 501 -23.66 -9.80 -127.28
C PRO O 501 -23.91 -11.12 -126.50
N ALA O 502 -22.83 -11.86 -126.22
CA ALA O 502 -22.86 -13.19 -125.60
C ALA O 502 -23.62 -13.24 -124.25
N LEU O 503 -24.10 -14.45 -123.89
CA LEU O 503 -24.97 -14.68 -122.75
C LEU O 503 -24.43 -14.12 -121.43
N GLY O 504 -25.35 -13.62 -120.61
CA GLY O 504 -25.16 -13.39 -119.18
C GLY O 504 -26.49 -13.37 -118.42
N THR O 505 -26.44 -13.04 -117.13
CA THR O 505 -27.62 -12.80 -116.28
C THR O 505 -28.23 -11.43 -116.58
N MET O 506 -29.42 -11.15 -116.05
CA MET O 506 -30.10 -9.85 -116.15
C MET O 506 -30.36 -9.49 -117.62
N GLU O 507 -29.83 -8.36 -118.13
CA GLU O 507 -30.17 -7.81 -119.45
C GLU O 507 -29.03 -6.93 -120.00
N ASN O 508 -28.33 -7.41 -121.05
CA ASN O 508 -27.04 -6.89 -121.56
C ASN O 508 -25.90 -6.83 -120.51
N GLY O 509 -25.98 -7.66 -119.46
CA GLY O 509 -25.00 -7.75 -118.36
C GLY O 509 -24.35 -9.13 -118.21
N ALA O 510 -23.37 -9.20 -117.30
CA ALA O 510 -22.51 -10.36 -117.00
C ALA O 510 -23.25 -11.63 -116.49
N PRO O 511 -22.77 -12.86 -116.81
CA PRO O 511 -23.18 -14.09 -116.14
C PRO O 511 -22.62 -14.20 -114.71
N GLU O 512 -23.42 -14.59 -113.72
CA GLU O 512 -22.93 -14.91 -112.36
C GLU O 512 -22.57 -16.39 -112.18
N PHE O 513 -21.64 -16.65 -111.24
CA PHE O 513 -21.08 -17.99 -111.01
C PHE O 513 -22.11 -19.05 -110.56
N PHE O 514 -23.15 -18.68 -109.83
CA PHE O 514 -24.16 -19.65 -109.37
C PHE O 514 -24.93 -20.29 -110.55
N ASP O 515 -25.33 -19.49 -111.54
CA ASP O 515 -25.99 -19.91 -112.79
C ASP O 515 -25.01 -20.63 -113.75
N ILE O 516 -23.71 -20.40 -113.58
CA ILE O 516 -22.62 -21.12 -114.26
C ILE O 516 -22.43 -22.52 -113.67
N VAL O 517 -22.35 -22.67 -112.35
CA VAL O 517 -22.28 -23.99 -111.67
C VAL O 517 -23.56 -24.79 -111.88
N LYS O 518 -24.72 -24.12 -111.98
CA LYS O 518 -26.01 -24.75 -112.27
C LYS O 518 -26.08 -25.42 -113.65
N ASN O 519 -25.23 -25.03 -114.60
CA ASN O 519 -25.37 -25.40 -116.01
C ASN O 519 -24.08 -25.89 -116.70
N TYR O 520 -22.96 -25.19 -116.50
CA TYR O 520 -21.72 -25.38 -117.26
C TYR O 520 -20.59 -26.08 -116.48
N MET O 521 -20.55 -26.03 -115.14
CA MET O 521 -19.29 -26.27 -114.41
C MET O 521 -19.42 -27.18 -113.18
N ASP O 522 -18.45 -28.09 -113.00
CA ASP O 522 -18.34 -29.02 -111.86
C ASP O 522 -17.89 -28.33 -110.56
N ALA O 523 -18.69 -28.53 -109.50
CA ALA O 523 -18.42 -28.16 -108.12
C ALA O 523 -18.75 -29.35 -107.17
N GLU O 524 -18.69 -30.57 -107.70
CA GLU O 524 -19.32 -31.77 -107.15
C GLU O 524 -18.41 -33.02 -107.07
N HIS O 525 -17.52 -33.28 -108.04
CA HIS O 525 -16.90 -34.62 -108.22
C HIS O 525 -15.38 -34.59 -108.49
N SER O 526 -14.60 -34.08 -107.53
CA SER O 526 -13.13 -34.23 -107.39
C SER O 526 -12.21 -33.79 -108.56
N LEU O 527 -12.71 -32.99 -109.50
CA LEU O 527 -11.93 -32.37 -110.58
C LEU O 527 -12.58 -31.07 -111.07
N SER O 528 -11.79 -30.00 -111.22
CA SER O 528 -12.20 -28.74 -111.85
C SER O 528 -12.35 -28.91 -113.37
N MET O 529 -13.60 -29.04 -113.84
CA MET O 529 -13.96 -29.28 -115.25
C MET O 529 -15.38 -28.77 -115.58
N GLY O 530 -15.72 -28.73 -116.88
CA GLY O 530 -17.07 -28.43 -117.35
C GLY O 530 -18.02 -29.65 -117.35
N LYS O 531 -19.31 -29.40 -117.55
CA LYS O 531 -20.40 -30.40 -117.63
C LYS O 531 -21.49 -29.95 -118.61
N ASN O 532 -22.39 -30.85 -119.00
CA ASN O 532 -23.41 -30.66 -120.05
C ASN O 532 -22.83 -30.24 -121.42
N GLY O 533 -21.54 -30.47 -121.67
CA GLY O 533 -20.83 -30.13 -122.92
C GLY O 533 -19.92 -28.89 -122.87
N PHE O 534 -19.89 -28.12 -121.78
CA PHE O 534 -18.86 -27.09 -121.56
C PHE O 534 -17.50 -27.71 -121.17
N VAL O 535 -16.41 -26.96 -121.37
CA VAL O 535 -15.04 -27.28 -120.89
C VAL O 535 -14.48 -26.13 -120.03
N LEU O 536 -13.48 -26.41 -119.19
CA LEU O 536 -12.80 -25.44 -118.33
C LEU O 536 -11.30 -25.42 -118.59
N MET O 537 -10.80 -24.27 -119.04
CA MET O 537 -9.46 -24.02 -119.54
C MET O 537 -8.61 -23.24 -118.53
N THR O 538 -7.29 -23.33 -118.64
CA THR O 538 -6.29 -22.60 -117.85
C THR O 538 -5.19 -22.11 -118.79
N ASP O 539 -4.94 -20.82 -118.87
CA ASP O 539 -3.96 -20.25 -119.81
C ASP O 539 -2.51 -20.53 -119.36
N THR O 540 -1.70 -21.24 -120.15
CA THR O 540 -0.28 -21.49 -119.79
C THR O 540 0.60 -20.23 -119.75
N ASN O 541 0.13 -19.10 -120.29
CA ASN O 541 0.82 -17.81 -120.25
C ASN O 541 0.52 -17.00 -118.96
N ALA O 542 -0.76 -16.69 -118.70
CA ALA O 542 -1.21 -15.89 -117.56
C ALA O 542 -1.58 -16.70 -116.32
N ASP O 543 -1.90 -17.99 -116.48
CA ASP O 543 -2.38 -18.95 -115.44
C ASP O 543 -3.80 -18.70 -114.87
N ALA O 544 -4.57 -17.79 -115.46
CA ALA O 544 -6.02 -17.62 -115.20
C ALA O 544 -6.87 -18.77 -115.80
N ASP O 545 -8.08 -19.01 -115.29
CA ASP O 545 -9.05 -19.98 -115.86
C ASP O 545 -10.19 -19.32 -116.66
N PHE O 546 -10.77 -20.03 -117.64
CA PHE O 546 -11.97 -19.61 -118.37
C PHE O 546 -12.76 -20.82 -118.89
N LEU O 547 -14.09 -20.71 -118.97
CA LEU O 547 -14.95 -21.71 -119.59
C LEU O 547 -15.03 -21.52 -121.11
N PHE O 548 -15.16 -22.63 -121.83
CA PHE O 548 -15.29 -22.62 -123.28
C PHE O 548 -16.20 -23.76 -123.79
N SER O 549 -16.69 -23.64 -125.02
CA SER O 549 -17.66 -24.56 -125.65
C SER O 549 -17.40 -24.74 -127.15
N GLU O 550 -17.62 -25.96 -127.66
CA GLU O 550 -17.18 -26.42 -128.99
C GLU O 550 -18.25 -26.44 -130.09
N ALA O 551 -19.35 -25.70 -129.88
CA ALA O 551 -20.24 -25.23 -130.95
C ALA O 551 -19.55 -24.11 -131.79
N LYS O 552 -20.25 -23.01 -132.12
CA LYS O 552 -19.67 -21.83 -132.81
C LYS O 552 -18.48 -21.21 -132.06
N GLY O 553 -18.57 -21.13 -130.72
CA GLY O 553 -17.44 -20.80 -129.84
C GLY O 553 -17.78 -19.96 -128.61
N HIS O 554 -18.73 -20.38 -127.77
CA HIS O 554 -19.07 -19.68 -126.53
C HIS O 554 -17.91 -19.72 -125.52
N PHE O 555 -17.57 -18.57 -124.96
CA PHE O 555 -16.44 -18.35 -124.06
C PHE O 555 -16.94 -17.58 -122.83
N ILE O 556 -16.49 -17.93 -121.63
CA ILE O 556 -16.77 -17.18 -120.40
C ILE O 556 -15.50 -17.12 -119.54
N SER O 557 -14.91 -15.93 -119.45
CA SER O 557 -13.99 -15.54 -118.39
C SER O 557 -14.71 -15.54 -117.03
N LEU O 558 -14.12 -16.18 -116.01
CA LEU O 558 -14.71 -16.31 -114.66
C LEU O 558 -13.65 -16.57 -113.56
N ASP O 559 -13.97 -16.18 -112.32
CA ASP O 559 -13.23 -16.58 -111.11
C ASP O 559 -13.67 -17.97 -110.59
N THR O 560 -12.86 -18.56 -109.73
CA THR O 560 -13.05 -19.92 -109.19
C THR O 560 -12.71 -19.99 -107.70
N PRO O 561 -13.18 -21.01 -106.97
CA PRO O 561 -12.75 -21.24 -105.59
C PRO O 561 -11.22 -21.34 -105.45
N ARG O 562 -10.54 -21.91 -106.45
CA ARG O 562 -9.07 -22.03 -106.53
C ARG O 562 -8.40 -20.65 -106.52
N THR O 563 -8.78 -19.81 -107.47
CA THR O 563 -8.17 -18.49 -107.62
C THR O 563 -8.51 -17.59 -106.46
N VAL O 564 -9.74 -17.63 -105.93
CA VAL O 564 -10.08 -16.83 -104.73
C VAL O 564 -9.33 -17.30 -103.48
N LYS O 565 -9.21 -18.63 -103.27
CA LYS O 565 -8.36 -19.22 -102.21
C LYS O 565 -6.91 -18.74 -102.33
N GLN O 566 -6.43 -18.52 -103.55
CA GLN O 566 -5.09 -17.96 -103.81
C GLN O 566 -5.02 -16.43 -103.61
N LYS O 567 -5.93 -15.64 -104.20
CA LYS O 567 -6.00 -14.17 -104.10
C LYS O 567 -6.03 -13.67 -102.66
N GLY O 568 -6.70 -14.39 -101.74
CA GLY O 568 -6.72 -14.05 -100.32
C GLY O 568 -5.36 -14.25 -99.63
N GLU O 569 -4.68 -15.37 -99.89
CA GLU O 569 -3.34 -15.67 -99.37
C GLU O 569 -2.28 -14.73 -99.97
N TYR O 570 -2.43 -14.40 -101.26
CA TYR O 570 -1.67 -13.35 -101.93
C TYR O 570 -1.86 -11.98 -101.26
N ALA O 571 -3.10 -11.52 -101.11
CA ALA O 571 -3.44 -10.23 -100.51
C ALA O 571 -2.94 -10.08 -99.06
N ALA O 572 -3.04 -11.14 -98.27
CA ALA O 572 -2.46 -11.20 -96.93
C ALA O 572 -0.95 -10.96 -96.93
N LYS O 573 -0.20 -11.65 -97.81
CA LYS O 573 1.26 -11.47 -97.94
C LYS O 573 1.65 -10.13 -98.58
N ASN O 574 0.78 -9.59 -99.44
CA ASN O 574 0.96 -8.31 -100.14
C ASN O 574 0.40 -7.10 -99.35
N LYS O 575 0.16 -7.30 -98.04
CA LYS O 575 0.17 -6.25 -96.99
C LYS O 575 -0.93 -5.18 -97.10
N LEU O 576 -1.95 -5.46 -97.90
CA LEU O 576 -3.08 -4.57 -98.19
C LEU O 576 -3.84 -4.12 -96.94
N GLY O 577 -4.40 -2.92 -97.01
CA GLY O 577 -5.41 -2.45 -96.06
C GLY O 577 -6.69 -3.29 -96.12
N GLY O 578 -7.01 -3.85 -97.30
CA GLY O 578 -8.16 -4.74 -97.49
C GLY O 578 -8.41 -5.22 -98.91
N VAL O 579 -9.54 -5.91 -99.06
CA VAL O 579 -10.04 -6.45 -100.32
C VAL O 579 -11.56 -6.24 -100.40
N PHE O 580 -12.10 -5.95 -101.59
CA PHE O 580 -13.52 -5.60 -101.72
C PHE O 580 -14.25 -6.22 -102.92
N SER O 581 -15.41 -6.80 -102.58
CA SER O 581 -16.44 -7.34 -103.49
C SER O 581 -17.27 -6.26 -104.19
N TRP O 582 -17.81 -6.63 -105.34
CA TRP O 582 -18.69 -5.84 -106.19
C TRP O 582 -19.64 -6.77 -106.99
N SER O 583 -20.97 -6.76 -106.78
CA SER O 583 -21.76 -6.18 -105.69
C SER O 583 -22.26 -7.30 -104.75
N GLY O 584 -22.37 -7.03 -103.44
CA GLY O 584 -22.54 -8.07 -102.39
C GLY O 584 -23.81 -8.94 -102.46
N ASP O 585 -24.79 -8.57 -103.29
CA ASP O 585 -26.05 -9.30 -103.54
C ASP O 585 -25.90 -10.50 -104.51
N GLN O 586 -24.69 -10.72 -105.05
CA GLN O 586 -24.40 -11.64 -106.16
C GLN O 586 -23.76 -12.98 -105.73
N ASP O 587 -23.56 -13.24 -104.44
CA ASP O 587 -22.99 -14.50 -103.94
C ASP O 587 -23.75 -15.09 -102.73
N CYS O 588 -24.40 -16.23 -102.95
CA CYS O 588 -25.05 -17.08 -101.95
C CYS O 588 -24.07 -17.93 -101.13
N GLY O 589 -22.76 -17.82 -101.40
CA GLY O 589 -21.67 -18.28 -100.53
C GLY O 589 -20.55 -19.04 -101.24
N LEU O 590 -20.54 -19.10 -102.58
CA LEU O 590 -19.62 -19.92 -103.37
C LEU O 590 -18.16 -19.43 -103.28
N LEU O 591 -17.93 -18.12 -103.50
CA LEU O 591 -16.60 -17.49 -103.45
C LEU O 591 -16.38 -16.73 -102.14
N ALA O 592 -17.42 -16.28 -101.46
CA ALA O 592 -17.31 -15.59 -100.17
C ALA O 592 -16.83 -16.50 -99.01
N ASN O 593 -17.27 -17.77 -98.98
CA ASN O 593 -16.63 -18.78 -98.13
C ASN O 593 -15.13 -18.88 -98.48
N ALA O 594 -14.80 -19.01 -99.77
CA ALA O 594 -13.43 -19.14 -100.24
C ALA O 594 -12.56 -17.91 -99.91
N ALA O 595 -13.14 -16.71 -99.81
CA ALA O 595 -12.45 -15.51 -99.35
C ALA O 595 -12.04 -15.58 -97.87
N ARG O 596 -12.94 -15.96 -96.94
CA ARG O 596 -12.58 -16.14 -95.52
C ARG O 596 -11.53 -17.25 -95.36
N GLU O 597 -11.72 -18.35 -96.08
CA GLU O 597 -10.76 -19.46 -96.17
C GLU O 597 -9.43 -19.09 -96.85
N GLY O 598 -9.43 -18.09 -97.73
CA GLY O 598 -8.25 -17.54 -98.41
C GLY O 598 -7.48 -16.58 -97.50
N LEU O 599 -8.17 -15.69 -96.77
CA LEU O 599 -7.54 -14.79 -95.82
C LEU O 599 -7.07 -15.50 -94.53
N GLY O 600 -7.58 -16.70 -94.22
CA GLY O 600 -7.12 -17.52 -93.08
C GLY O 600 -7.96 -17.38 -91.81
N TYR O 601 -9.23 -17.02 -91.95
CA TYR O 601 -10.23 -17.20 -90.89
C TYR O 601 -10.55 -18.71 -90.74
N VAL O 602 -10.70 -19.21 -89.52
CA VAL O 602 -10.78 -20.66 -89.24
C VAL O 602 -11.66 -21.01 -88.03
N ALA O 603 -12.06 -22.29 -87.97
CA ALA O 603 -12.66 -22.98 -86.82
C ALA O 603 -12.32 -24.49 -86.91
N ASP O 604 -12.16 -25.18 -85.77
CA ASP O 604 -11.63 -26.56 -85.74
C ASP O 604 -12.61 -27.59 -86.35
N GLU O 608 -18.93 -27.81 -91.63
CA GLU O 608 -19.01 -26.95 -92.82
C GLU O 608 -20.15 -27.37 -93.76
N THR O 609 -20.75 -26.42 -94.47
CA THR O 609 -21.78 -26.71 -95.48
C THR O 609 -21.24 -27.44 -96.71
N ILE O 610 -20.02 -27.13 -97.18
CA ILE O 610 -19.34 -27.80 -98.33
C ILE O 610 -17.82 -27.60 -98.25
N ASP O 611 -17.01 -28.48 -98.87
CA ASP O 611 -15.55 -28.37 -98.90
C ASP O 611 -14.93 -28.83 -100.24
N MET O 612 -13.78 -28.28 -100.60
CA MET O 612 -13.36 -28.09 -102.00
C MET O 612 -11.91 -28.51 -102.33
N GLY O 613 -11.24 -29.33 -101.51
CA GLY O 613 -9.81 -29.66 -101.68
C GLY O 613 -9.44 -30.19 -103.09
N PRO O 614 -9.97 -31.35 -103.51
CA PRO O 614 -9.91 -31.86 -104.90
C PRO O 614 -10.73 -31.05 -105.93
N LEU O 615 -11.22 -29.86 -105.57
CA LEU O 615 -11.85 -28.86 -106.46
C LEU O 615 -11.07 -27.52 -106.46
N TYR O 616 -9.85 -27.52 -105.91
CA TYR O 616 -8.82 -26.49 -106.07
C TYR O 616 -7.72 -26.86 -107.09
N ASN O 617 -7.79 -28.04 -107.74
CA ASN O 617 -6.92 -28.36 -108.88
C ASN O 617 -7.28 -27.51 -110.12
N PRO O 618 -6.34 -27.26 -111.07
CA PRO O 618 -6.55 -26.40 -112.24
C PRO O 618 -7.27 -27.10 -113.42
N GLY O 619 -7.58 -26.33 -114.48
CA GLY O 619 -8.22 -26.79 -115.73
C GLY O 619 -7.22 -27.17 -116.86
N LYS O 620 -7.74 -27.32 -118.09
CA LYS O 620 -6.96 -27.75 -119.27
C LYS O 620 -5.94 -26.68 -119.72
N GLU O 621 -4.66 -27.06 -119.73
CA GLU O 621 -3.50 -26.17 -119.92
C GLU O 621 -3.32 -25.68 -121.37
N ILE O 622 -4.18 -24.76 -121.81
CA ILE O 622 -4.21 -24.17 -123.16
C ILE O 622 -3.22 -23.01 -123.33
N TYR O 623 -2.58 -22.94 -124.51
CA TYR O 623 -1.71 -21.84 -124.95
C TYR O 623 -2.51 -20.65 -125.53
N LEU O 624 -3.29 -19.98 -124.68
CA LEU O 624 -4.01 -18.73 -124.99
C LEU O 624 -3.04 -17.54 -125.08
N LYS O 625 -2.39 -17.43 -126.25
CA LYS O 625 -1.38 -16.43 -126.65
C LYS O 625 -1.83 -14.98 -126.38
N SER O 626 -0.93 -14.09 -125.94
CA SER O 626 -1.21 -12.65 -126.03
C SER O 626 -1.40 -12.26 -127.51
N ILE O 627 -2.06 -11.13 -127.83
CA ILE O 627 -2.22 -10.79 -129.26
C ILE O 627 -0.87 -10.56 -129.96
N SER O 628 0.16 -10.13 -129.23
CA SER O 628 1.56 -10.06 -129.71
C SER O 628 2.10 -11.44 -130.14
N GLU O 629 1.71 -12.49 -129.42
CA GLU O 629 2.02 -13.89 -129.68
C GLU O 629 1.09 -14.53 -130.74
N ILE O 630 0.03 -13.83 -131.16
CA ILE O 630 -0.79 -14.14 -132.35
C ILE O 630 -0.29 -13.39 -133.60
N LYS O 631 0.21 -12.15 -133.44
CA LYS O 631 0.91 -11.40 -134.50
C LYS O 631 2.28 -11.99 -134.86
N SER O 632 3.01 -12.57 -133.90
CA SER O 632 4.34 -13.16 -134.12
C SER O 632 4.33 -14.30 -135.14
#